data_5NVU
#
_entry.id   5NVU
#
loop_
_entity.id
_entity.type
_entity.pdbx_description
1 polymer 'Dynein motor domain'
2 polymer 'Dynein tail heavy chain'
3 polymer 'Dynein intermediate chain'
4 polymer 'Dynein tail heavy chain'
5 polymer 'Dynein light intermediate chain'
6 polymer 'Dynein light intermediate chain'
7 polymer 'N-terminal dimerization domain'
8 polymer 'N-terminal dimerization domain'
9 polymer LC8
10 polymer Tctex
11 polymer Tctex
12 polymer 'Intermediate chain N-terminus peptides'
13 polymer 'Intermediate chain N-terminus peptides'
14 polymer Robl
#
loop_
_entity_poly.entity_id
_entity_poly.type
_entity_poly.pdbx_seq_one_letter_code
_entity_poly.pdbx_strand_id
1 'polypeptide(L)'
;(UNK)(UNK)(UNK)(UNK)(UNK)(UNK)(UNK)(UNK)(UNK)(UNK)(UNK)(UNK)(UNK)(UNK)(UNK)(UNK)
(UNK)(UNK)(UNK)(UNK)(UNK)(UNK)(UNK)(UNK)(UNK)(UNK)(UNK)(UNK)(UNK)(UNK)(UNK)(UNK)
(UNK)(UNK)(UNK)(UNK)(UNK)(UNK)(UNK)(UNK)(UNK)(UNK)(UNK)(UNK)(UNK)(UNK)(UNK)(UNK)
(UNK)(UNK)(UNK)(UNK)(UNK)(UNK)(UNK)(UNK)(UNK)(UNK)(UNK)(UNK)(UNK)(UNK)(UNK)(UNK)
(UNK)(UNK)(UNK)(UNK)(UNK)(UNK)(UNK)(UNK)(UNK)(UNK)(UNK)(UNK)(UNK)(UNK)(UNK)(UNK)
(UNK)(UNK)(UNK)(UNK)(UNK)(UNK)(UNK)(UNK)(UNK)(UNK)(UNK)(UNK)(UNK)(UNK)(UNK)(UNK)
(UNK)(UNK)(UNK)(UNK)(UNK)(UNK)(UNK)(UNK)(UNK)(UNK)(UNK)(UNK)(UNK)(UNK)(UNK)(UNK)
(UNK)(UNK)(UNK)(UNK)(UNK)(UNK)(UNK)(UNK)(UNK)(UNK)(UNK)(UNK)(UNK)(UNK)(UNK)(UNK)
(UNK)(UNK)(UNK)(UNK)(UNK)(UNK)(UNK)(UNK)(UNK)(UNK)(UNK)(UNK)(UNK)(UNK)(UNK)(UNK)
(UNK)(UNK)(UNK)(UNK)(UNK)(UNK)(UNK)(UNK)(UNK)(UNK)(UNK)(UNK)(UNK)(UNK)(UNK)(UNK)
(UNK)(UNK)(UNK)(UNK)(UNK)(UNK)(UNK)(UNK)(UNK)(UNK)(UNK)(UNK)(UNK)(UNK)(UNK)(UNK)
(UNK)(UNK)(UNK)(UNK)(UNK)(UNK)(UNK)(UNK)(UNK)(UNK)(UNK)(UNK)(UNK)(UNK)(UNK)(UNK)
(UNK)(UNK)(UNK)(UNK)(UNK)(UNK)(UNK)(UNK)(UNK)(UNK)(UNK)(UNK)(UNK)(UNK)(UNK)(UNK)
(UNK)(UNK)(UNK)(UNK)(UNK)(UNK)(UNK)(UNK)(UNK)(UNK)(UNK)(UNK)(UNK)(UNK)(UNK)(UNK)
(UNK)(UNK)(UNK)(UNK)(UNK)(UNK)(UNK)(UNK)(UNK)(UNK)(UNK)(UNK)(UNK)(UNK)(UNK)(UNK)
(UNK)(UNK)(UNK)(UNK)(UNK)(UNK)(UNK)(UNK)(UNK)(UNK)(UNK)(UNK)(UNK)(UNK)(UNK)(UNK)
(UNK)(UNK)(UNK)(UNK)(UNK)(UNK)(UNK)(UNK)(UNK)(UNK)(UNK)(UNK)(UNK)(UNK)(UNK)(UNK)
(UNK)(UNK)(UNK)(UNK)(UNK)(UNK)(UNK)(UNK)(UNK)(UNK)(UNK)(UNK)(UNK)(UNK)(UNK)(UNK)
(UNK)(UNK)(UNK)(UNK)(UNK)(UNK)(UNK)(UNK)(UNK)(UNK)(UNK)(UNK)(UNK)(UNK)(UNK)(UNK)
(UNK)(UNK)(UNK)(UNK)(UNK)(UNK)(UNK)(UNK)(UNK)(UNK)(UNK)(UNK)(UNK)(UNK)(UNK)(UNK)
(UNK)(UNK)(UNK)(UNK)(UNK)(UNK)(UNK)(UNK)(UNK)(UNK)(UNK)(UNK)(UNK)(UNK)(UNK)(UNK)
(UNK)(UNK)(UNK)(UNK)(UNK)(UNK)(UNK)(UNK)(UNK)(UNK)(UNK)(UNK)(UNK)(UNK)(UNK)(UNK)
(UNK)(UNK)(UNK)(UNK)(UNK)(UNK)(UNK)(UNK)(UNK)(UNK)(UNK)(UNK)(UNK)(UNK)(UNK)(UNK)
(UNK)(UNK)(UNK)(UNK)(UNK)(UNK)(UNK)(UNK)(UNK)(UNK)(UNK)(UNK)(UNK)(UNK)(UNK)(UNK)
(UNK)(UNK)(UNK)(UNK)(UNK)(UNK)(UNK)(UNK)(UNK)(UNK)(UNK)(UNK)(UNK)(UNK)(UNK)(UNK)
(UNK)(UNK)(UNK)(UNK)(UNK)(UNK)(UNK)(UNK)(UNK)(UNK)(UNK)(UNK)(UNK)(UNK)(UNK)(UNK)
(UNK)(UNK)(UNK)(UNK)(UNK)(UNK)(UNK)(UNK)(UNK)(UNK)(UNK)(UNK)(UNK)(UNK)(UNK)(UNK)
(UNK)(UNK)(UNK)(UNK)(UNK)(UNK)(UNK)(UNK)(UNK)(UNK)(UNK)(UNK)(UNK)(UNK)(UNK)(UNK)
(UNK)(UNK)(UNK)(UNK)(UNK)(UNK)(UNK)(UNK)(UNK)(UNK)(UNK)(UNK)(UNK)(UNK)(UNK)(UNK)
(UNK)(UNK)(UNK)(UNK)(UNK)(UNK)(UNK)(UNK)(UNK)(UNK)(UNK)(UNK)(UNK)(UNK)(UNK)(UNK)
(UNK)(UNK)(UNK)(UNK)(UNK)(UNK)(UNK)(UNK)(UNK)(UNK)(UNK)(UNK)(UNK)(UNK)(UNK)(UNK)
(UNK)(UNK)(UNK)(UNK)(UNK)(UNK)(UNK)(UNK)(UNK)(UNK)(UNK)(UNK)(UNK)(UNK)(UNK)(UNK)
(UNK)(UNK)(UNK)(UNK)(UNK)(UNK)(UNK)(UNK)(UNK)(UNK)(UNK)(UNK)(UNK)(UNK)(UNK)(UNK)
(UNK)(UNK)(UNK)(UNK)(UNK)(UNK)(UNK)(UNK)(UNK)(UNK)(UNK)(UNK)(UNK)(UNK)(UNK)(UNK)
(UNK)(UNK)(UNK)(UNK)(UNK)(UNK)(UNK)(UNK)(UNK)(UNK)(UNK)(UNK)(UNK)(UNK)(UNK)(UNK)
(UNK)(UNK)(UNK)(UNK)(UNK)(UNK)(UNK)(UNK)(UNK)(UNK)(UNK)(UNK)(UNK)(UNK)(UNK)(UNK)
(UNK)(UNK)(UNK)(UNK)(UNK)(UNK)(UNK)(UNK)(UNK)(UNK)(UNK)(UNK)(UNK)(UNK)(UNK)(UNK)
(UNK)(UNK)(UNK)(UNK)(UNK)(UNK)(UNK)(UNK)(UNK)(UNK)(UNK)(UNK)(UNK)(UNK)(UNK)(UNK)
(UNK)(UNK)(UNK)(UNK)(UNK)(UNK)(UNK)(UNK)(UNK)(UNK)(UNK)(UNK)(UNK)(UNK)(UNK)(UNK)
(UNK)(UNK)(UNK)(UNK)(UNK)(UNK)(UNK)(UNK)(UNK)(UNK)(UNK)(UNK)(UNK)(UNK)(UNK)(UNK)
(UNK)(UNK)(UNK)(UNK)(UNK)(UNK)(UNK)(UNK)(UNK)(UNK)(UNK)(UNK)(UNK)(UNK)(UNK)(UNK)
(UNK)(UNK)(UNK)(UNK)(UNK)(UNK)(UNK)(UNK)(UNK)(UNK)(UNK)(UNK)(UNK)(UNK)(UNK)(UNK)
(UNK)(UNK)(UNK)(UNK)(UNK)(UNK)(UNK)(UNK)(UNK)(UNK)(UNK)(UNK)(UNK)(UNK)(UNK)(UNK)
(UNK)(UNK)(UNK)(UNK)(UNK)(UNK)(UNK)(UNK)(UNK)(UNK)(UNK)(UNK)(UNK)(UNK)(UNK)(UNK)
(UNK)(UNK)(UNK)(UNK)(UNK)(UNK)(UNK)(UNK)(UNK)(UNK)(UNK)(UNK)(UNK)(UNK)(UNK)(UNK)
(UNK)(UNK)(UNK)(UNK)(UNK)(UNK)(UNK)(UNK)(UNK)(UNK)(UNK)(UNK)(UNK)(UNK)(UNK)(UNK)
(UNK)(UNK)(UNK)(UNK)(UNK)(UNK)(UNK)(UNK)(UNK)(UNK)(UNK)(UNK)(UNK)(UNK)(UNK)(UNK)
(UNK)(UNK)(UNK)(UNK)(UNK)(UNK)(UNK)(UNK)(UNK)(UNK)(UNK)(UNK)(UNK)(UNK)(UNK)(UNK)
(UNK)(UNK)(UNK)(UNK)(UNK)(UNK)(UNK)(UNK)(UNK)(UNK)(UNK)(UNK)(UNK)(UNK)(UNK)(UNK)
(UNK)(UNK)(UNK)(UNK)(UNK)(UNK)(UNK)(UNK)(UNK)(UNK)(UNK)(UNK)(UNK)(UNK)(UNK)(UNK)
(UNK)(UNK)(UNK)(UNK)(UNK)(UNK)(UNK)(UNK)(UNK)(UNK)(UNK)(UNK)(UNK)(UNK)(UNK)(UNK)
(UNK)(UNK)(UNK)(UNK)(UNK)(UNK)(UNK)(UNK)(UNK)(UNK)(UNK)(UNK)(UNK)(UNK)(UNK)(UNK)
(UNK)(UNK)(UNK)(UNK)(UNK)(UNK)(UNK)(UNK)(UNK)(UNK)(UNK)(UNK)(UNK)(UNK)(UNK)(UNK)
(UNK)(UNK)(UNK)(UNK)(UNK)(UNK)(UNK)(UNK)(UNK)(UNK)(UNK)(UNK)(UNK)(UNK)(UNK)(UNK)
(UNK)(UNK)(UNK)(UNK)(UNK)(UNK)(UNK)(UNK)(UNK)(UNK)(UNK)(UNK)(UNK)(UNK)(UNK)(UNK)
(UNK)(UNK)(UNK)(UNK)(UNK)(UNK)(UNK)(UNK)(UNK)(UNK)(UNK)(UNK)(UNK)(UNK)(UNK)(UNK)
(UNK)(UNK)(UNK)(UNK)(UNK)(UNK)(UNK)(UNK)(UNK)(UNK)(UNK)(UNK)(UNK)(UNK)(UNK)(UNK)
(UNK)(UNK)(UNK)(UNK)(UNK)(UNK)(UNK)(UNK)(UNK)(UNK)(UNK)(UNK)(UNK)(UNK)(UNK)(UNK)
(UNK)(UNK)(UNK)(UNK)(UNK)(UNK)(UNK)(UNK)(UNK)(UNK)(UNK)(UNK)(UNK)(UNK)(UNK)(UNK)
(UNK)(UNK)(UNK)(UNK)(UNK)(UNK)(UNK)(UNK)(UNK)(UNK)(UNK)(UNK)(UNK)(UNK)(UNK)(UNK)
(UNK)(UNK)(UNK)(UNK)(UNK)(UNK)(UNK)(UNK)(UNK)(UNK)(UNK)(UNK)(UNK)(UNK)(UNK)(UNK)
(UNK)(UNK)(UNK)(UNK)(UNK)(UNK)(UNK)(UNK)(UNK)(UNK)(UNK)(UNK)(UNK)(UNK)(UNK)(UNK)
(UNK)(UNK)(UNK)(UNK)(UNK)(UNK)(UNK)(UNK)(UNK)(UNK)(UNK)(UNK)(UNK)(UNK)(UNK)(UNK)
(UNK)(UNK)(UNK)(UNK)(UNK)(UNK)(UNK)(UNK)(UNK)(UNK)(UNK)(UNK)(UNK)(UNK)(UNK)(UNK)
(UNK)(UNK)(UNK)(UNK)(UNK)(UNK)(UNK)(UNK)(UNK)(UNK)(UNK)(UNK)(UNK)(UNK)(UNK)(UNK)
(UNK)(UNK)(UNK)(UNK)(UNK)(UNK)(UNK)(UNK)(UNK)(UNK)(UNK)(UNK)(UNK)(UNK)(UNK)(UNK)
(UNK)(UNK)(UNK)(UNK)(UNK)(UNK)(UNK)(UNK)(UNK)(UNK)(UNK)(UNK)(UNK)(UNK)(UNK)(UNK)
(UNK)(UNK)(UNK)(UNK)(UNK)(UNK)(UNK)(UNK)(UNK)(UNK)(UNK)(UNK)(UNK)(UNK)(UNK)(UNK)
(UNK)(UNK)(UNK)(UNK)(UNK)(UNK)(UNK)(UNK)(UNK)(UNK)(UNK)(UNK)(UNK)(UNK)(UNK)(UNK)
(UNK)(UNK)(UNK)(UNK)(UNK)(UNK)(UNK)(UNK)(UNK)(UNK)(UNK)(UNK)(UNK)(UNK)(UNK)(UNK)
(UNK)(UNK)(UNK)(UNK)(UNK)(UNK)(UNK)(UNK)(UNK)(UNK)(UNK)(UNK)(UNK)(UNK)(UNK)(UNK)
(UNK)(UNK)(UNK)(UNK)(UNK)(UNK)(UNK)(UNK)(UNK)(UNK)(UNK)(UNK)(UNK)(UNK)(UNK)(UNK)
(UNK)(UNK)(UNK)(UNK)(UNK)(UNK)(UNK)(UNK)(UNK)(UNK)(UNK)(UNK)(UNK)(UNK)(UNK)(UNK)
(UNK)(UNK)(UNK)(UNK)(UNK)(UNK)(UNK)(UNK)(UNK)(UNK)(UNK)(UNK)(UNK)(UNK)(UNK)(UNK)
(UNK)(UNK)(UNK)(UNK)(UNK)(UNK)(UNK)(UNK)(UNK)(UNK)(UNK)(UNK)(UNK)(UNK)(UNK)(UNK)
(UNK)(UNK)(UNK)(UNK)(UNK)(UNK)(UNK)(UNK)(UNK)(UNK)(UNK)(UNK)(UNK)(UNK)(UNK)(UNK)
(UNK)(UNK)(UNK)(UNK)(UNK)(UNK)(UNK)(UNK)(UNK)(UNK)(UNK)(UNK)(UNK)(UNK)(UNK)(UNK)
(UNK)(UNK)(UNK)(UNK)(UNK)(UNK)(UNK)(UNK)(UNK)(UNK)(UNK)(UNK)(UNK)(UNK)(UNK)(UNK)
(UNK)(UNK)(UNK)(UNK)(UNK)(UNK)(UNK)(UNK)(UNK)(UNK)(UNK)(UNK)(UNK)(UNK)(UNK)(UNK)
(UNK)(UNK)(UNK)(UNK)(UNK)(UNK)(UNK)(UNK)(UNK)(UNK)(UNK)(UNK)(UNK)(UNK)(UNK)(UNK)
(UNK)(UNK)(UNK)(UNK)(UNK)(UNK)(UNK)(UNK)(UNK)(UNK)(UNK)(UNK)(UNK)(UNK)(UNK)(UNK)
(UNK)(UNK)(UNK)(UNK)(UNK)(UNK)(UNK)(UNK)(UNK)(UNK)(UNK)(UNK)(UNK)(UNK)(UNK)(UNK)
(UNK)(UNK)(UNK)(UNK)(UNK)(UNK)(UNK)(UNK)(UNK)(UNK)(UNK)(UNK)(UNK)(UNK)(UNK)(UNK)
(UNK)(UNK)(UNK)(UNK)(UNK)(UNK)(UNK)(UNK)(UNK)(UNK)(UNK)(UNK)(UNK)(UNK)(UNK)(UNK)
(UNK)(UNK)(UNK)(UNK)(UNK)(UNK)(UNK)(UNK)(UNK)(UNK)(UNK)(UNK)(UNK)(UNK)(UNK)(UNK)
(UNK)(UNK)(UNK)(UNK)(UNK)(UNK)(UNK)(UNK)(UNK)(UNK)(UNK)(UNK)(UNK)(UNK)(UNK)(UNK)
(UNK)(UNK)(UNK)(UNK)(UNK)(UNK)(UNK)(UNK)(UNK)(UNK)(UNK)(UNK)(UNK)(UNK)(UNK)(UNK)
(UNK)(UNK)(UNK)(UNK)(UNK)(UNK)(UNK)(UNK)(UNK)(UNK)(UNK)(UNK)(UNK)(UNK)(UNK)(UNK)
(UNK)(UNK)(UNK)(UNK)(UNK)(UNK)(UNK)(UNK)(UNK)(UNK)(UNK)(UNK)(UNK)(UNK)(UNK)(UNK)
(UNK)(UNK)(UNK)(UNK)(UNK)(UNK)(UNK)(UNK)(UNK)(UNK)(UNK)(UNK)(UNK)(UNK)(UNK)(UNK)
(UNK)(UNK)(UNK)(UNK)(UNK)(UNK)(UNK)(UNK)(UNK)(UNK)(UNK)(UNK)(UNK)(UNK)(UNK)(UNK)
(UNK)(UNK)(UNK)(UNK)(UNK)(UNK)(UNK)(UNK)(UNK)(UNK)(UNK)(UNK)(UNK)(UNK)(UNK)(UNK)
(UNK)(UNK)(UNK)(UNK)(UNK)(UNK)(UNK)(UNK)(UNK)(UNK)(UNK)(UNK)(UNK)(UNK)(UNK)(UNK)
(UNK)(UNK)(UNK)(UNK)(UNK)(UNK)(UNK)(UNK)(UNK)(UNK)(UNK)(UNK)(UNK)(UNK)(UNK)(UNK)
(UNK)(UNK)(UNK)(UNK)(UNK)(UNK)(UNK)(UNK)(UNK)(UNK)(UNK)(UNK)(UNK)(UNK)(UNK)(UNK)
(UNK)(UNK)(UNK)(UNK)(UNK)(UNK)(UNK)(UNK)(UNK)(UNK)(UNK)(UNK)(UNK)(UNK)(UNK)(UNK)
(UNK)(UNK)(UNK)(UNK)(UNK)(UNK)(UNK)(UNK)(UNK)(UNK)(UNK)(UNK)(UNK)(UNK)(UNK)(UNK)
(UNK)(UNK)(UNK)(UNK)(UNK)(UNK)(UNK)(UNK)(UNK)(UNK)(UNK)(UNK)(UNK)(UNK)(UNK)(UNK)
(UNK)(UNK)(UNK)(UNK)(UNK)(UNK)(UNK)(UNK)(UNK)(UNK)(UNK)(UNK)(UNK)(UNK)(UNK)(UNK)
(UNK)(UNK)(UNK)(UNK)(UNK)(UNK)(UNK)(UNK)(UNK)(UNK)(UNK)(UNK)(UNK)(UNK)(UNK)(UNK)
(UNK)(UNK)(UNK)(UNK)(UNK)(UNK)(UNK)(UNK)(UNK)(UNK)(UNK)(UNK)(UNK)(UNK)(UNK)(UNK)
(UNK)(UNK)(UNK)(UNK)(UNK)(UNK)(UNK)(UNK)(UNK)(UNK)(UNK)(UNK)(UNK)(UNK)(UNK)(UNK)
(UNK)(UNK)(UNK)(UNK)(UNK)(UNK)(UNK)(UNK)(UNK)(UNK)(UNK)(UNK)(UNK)(UNK)(UNK)(UNK)
(UNK)(UNK)(UNK)(UNK)(UNK)(UNK)(UNK)(UNK)(UNK)(UNK)(UNK)(UNK)(UNK)(UNK)(UNK)(UNK)
(UNK)(UNK)(UNK)(UNK)(UNK)(UNK)(UNK)(UNK)(UNK)(UNK)(UNK)(UNK)(UNK)(UNK)(UNK)(UNK)
(UNK)(UNK)(UNK)(UNK)(UNK)(UNK)(UNK)(UNK)(UNK)(UNK)(UNK)(UNK)(UNK)(UNK)(UNK)(UNK)
(UNK)(UNK)(UNK)(UNK)(UNK)(UNK)(UNK)(UNK)(UNK)(UNK)(UNK)(UNK)(UNK)(UNK)(UNK)(UNK)
(UNK)(UNK)(UNK)(UNK)(UNK)(UNK)(UNK)(UNK)(UNK)(UNK)(UNK)(UNK)(UNK)(UNK)(UNK)(UNK)
(UNK)(UNK)(UNK)(UNK)(UNK)(UNK)(UNK)(UNK)(UNK)(UNK)(UNK)(UNK)(UNK)(UNK)(UNK)(UNK)
(UNK)(UNK)(UNK)(UNK)(UNK)(UNK)(UNK)(UNK)(UNK)(UNK)(UNK)(UNK)(UNK)(UNK)(UNK)(UNK)
(UNK)(UNK)(UNK)(UNK)(UNK)(UNK)(UNK)(UNK)(UNK)(UNK)(UNK)(UNK)(UNK)(UNK)(UNK)(UNK)
(UNK)(UNK)(UNK)(UNK)(UNK)(UNK)(UNK)(UNK)(UNK)(UNK)(UNK)(UNK)(UNK)(UNK)(UNK)(UNK)
(UNK)(UNK)(UNK)(UNK)(UNK)(UNK)(UNK)(UNK)(UNK)(UNK)(UNK)(UNK)(UNK)(UNK)(UNK)(UNK)
(UNK)(UNK)(UNK)(UNK)(UNK)(UNK)(UNK)(UNK)(UNK)(UNK)(UNK)(UNK)(UNK)(UNK)(UNK)(UNK)
(UNK)(UNK)(UNK)(UNK)(UNK)(UNK)(UNK)(UNK)(UNK)(UNK)(UNK)(UNK)(UNK)(UNK)(UNK)(UNK)
(UNK)(UNK)(UNK)(UNK)(UNK)(UNK)(UNK)(UNK)(UNK)(UNK)(UNK)(UNK)(UNK)(UNK)(UNK)(UNK)
(UNK)(UNK)(UNK)(UNK)(UNK)(UNK)(UNK)(UNK)(UNK)(UNK)(UNK)(UNK)(UNK)(UNK)(UNK)(UNK)
(UNK)(UNK)(UNK)(UNK)(UNK)(UNK)(UNK)(UNK)(UNK)(UNK)(UNK)(UNK)(UNK)(UNK)(UNK)(UNK)
(UNK)(UNK)(UNK)(UNK)(UNK)(UNK)(UNK)(UNK)(UNK)(UNK)(UNK)(UNK)(UNK)(UNK)(UNK)(UNK)
(UNK)(UNK)(UNK)(UNK)(UNK)(UNK)(UNK)(UNK)(UNK)(UNK)(UNK)(UNK)(UNK)(UNK)(UNK)(UNK)
(UNK)(UNK)(UNK)(UNK)(UNK)(UNK)(UNK)(UNK)(UNK)(UNK)(UNK)(UNK)(UNK)(UNK)(UNK)(UNK)
(UNK)(UNK)(UNK)(UNK)(UNK)(UNK)(UNK)(UNK)(UNK)(UNK)(UNK)(UNK)(UNK)(UNK)(UNK)(UNK)
(UNK)(UNK)(UNK)(UNK)(UNK)(UNK)(UNK)(UNK)(UNK)(UNK)(UNK)(UNK)(UNK)(UNK)(UNK)(UNK)
(UNK)(UNK)(UNK)(UNK)(UNK)(UNK)(UNK)(UNK)(UNK)(UNK)(UNK)(UNK)(UNK)(UNK)(UNK)(UNK)
(UNK)(UNK)(UNK)(UNK)(UNK)(UNK)(UNK)(UNK)(UNK)(UNK)(UNK)(UNK)(UNK)(UNK)(UNK)(UNK)
(UNK)(UNK)(UNK)(UNK)(UNK)(UNK)(UNK)(UNK)(UNK)(UNK)(UNK)(UNK)(UNK)(UNK)(UNK)(UNK)
(UNK)(UNK)(UNK)(UNK)(UNK)(UNK)(UNK)(UNK)(UNK)(UNK)(UNK)(UNK)(UNK)(UNK)(UNK)(UNK)
(UNK)(UNK)(UNK)(UNK)(UNK)(UNK)(UNK)(UNK)(UNK)(UNK)(UNK)(UNK)(UNK)(UNK)(UNK)(UNK)
(UNK)(UNK)(UNK)(UNK)(UNK)(UNK)(UNK)(UNK)(UNK)(UNK)(UNK)(UNK)(UNK)(UNK)(UNK)(UNK)
(UNK)(UNK)(UNK)(UNK)(UNK)(UNK)(UNK)(UNK)(UNK)(UNK)(UNK)(UNK)(UNK)(UNK)(UNK)(UNK)
(UNK)(UNK)(UNK)(UNK)(UNK)(UNK)(UNK)(UNK)(UNK)(UNK)(UNK)(UNK)(UNK)(UNK)(UNK)(UNK)
(UNK)(UNK)(UNK)(UNK)(UNK)(UNK)(UNK)(UNK)(UNK)(UNK)(UNK)(UNK)(UNK)(UNK)(UNK)(UNK)
(UNK)(UNK)(UNK)(UNK)(UNK)(UNK)(UNK)(UNK)(UNK)(UNK)(UNK)(UNK)(UNK)(UNK)(UNK)(UNK)
(UNK)(UNK)(UNK)(UNK)(UNK)(UNK)(UNK)(UNK)(UNK)(UNK)(UNK)(UNK)(UNK)(UNK)(UNK)(UNK)
(UNK)(UNK)(UNK)(UNK)(UNK)(UNK)(UNK)(UNK)(UNK)(UNK)(UNK)(UNK)(UNK)(UNK)(UNK)(UNK)
(UNK)(UNK)(UNK)(UNK)(UNK)(UNK)(UNK)(UNK)(UNK)(UNK)(UNK)(UNK)(UNK)(UNK)(UNK)(UNK)
(UNK)(UNK)(UNK)(UNK)(UNK)(UNK)(UNK)(UNK)(UNK)(UNK)(UNK)(UNK)(UNK)(UNK)(UNK)(UNK)
(UNK)(UNK)(UNK)(UNK)(UNK)(UNK)(UNK)(UNK)(UNK)(UNK)(UNK)(UNK)(UNK)(UNK)(UNK)(UNK)
(UNK)(UNK)(UNK)(UNK)(UNK)(UNK)(UNK)(UNK)(UNK)(UNK)(UNK)(UNK)(UNK)(UNK)(UNK)(UNK)
(UNK)(UNK)(UNK)(UNK)(UNK)(UNK)(UNK)(UNK)(UNK)(UNK)(UNK)(UNK)(UNK)(UNK)(UNK)(UNK)
(UNK)(UNK)(UNK)(UNK)(UNK)(UNK)(UNK)(UNK)(UNK)(UNK)(UNK)(UNK)(UNK)(UNK)(UNK)(UNK)
(UNK)(UNK)(UNK)(UNK)(UNK)(UNK)(UNK)(UNK)(UNK)(UNK)(UNK)(UNK)(UNK)(UNK)(UNK)(UNK)
(UNK)(UNK)(UNK)(UNK)(UNK)(UNK)(UNK)(UNK)(UNK)(UNK)(UNK)(UNK)(UNK)(UNK)(UNK)(UNK)
(UNK)(UNK)(UNK)(UNK)(UNK)(UNK)(UNK)(UNK)(UNK)(UNK)(UNK)(UNK)(UNK)(UNK)(UNK)(UNK)
(UNK)(UNK)(UNK)(UNK)(UNK)(UNK)(UNK)(UNK)(UNK)(UNK)(UNK)(UNK)(UNK)(UNK)(UNK)(UNK)
(UNK)(UNK)(UNK)(UNK)(UNK)(UNK)(UNK)(UNK)(UNK)(UNK)(UNK)(UNK)(UNK)(UNK)(UNK)(UNK)
(UNK)(UNK)(UNK)(UNK)(UNK)(UNK)(UNK)(UNK)(UNK)(UNK)(UNK)(UNK)(UNK)(UNK)(UNK)(UNK)
(UNK)(UNK)(UNK)(UNK)(UNK)(UNK)(UNK)(UNK)(UNK)(UNK)(UNK)(UNK)(UNK)(UNK)(UNK)(UNK)
(UNK)(UNK)(UNK)(UNK)(UNK)(UNK)(UNK)(UNK)(UNK)(UNK)(UNK)(UNK)(UNK)(UNK)(UNK)(UNK)
(UNK)(UNK)(UNK)(UNK)(UNK)(UNK)(UNK)(UNK)(UNK)(UNK)(UNK)(UNK)(UNK)(UNK)(UNK)(UNK)
(UNK)(UNK)(UNK)(UNK)(UNK)(UNK)(UNK)(UNK)(UNK)(UNK)(UNK)(UNK)(UNK)(UNK)(UNK)(UNK)
(UNK)(UNK)(UNK)(UNK)(UNK)(UNK)(UNK)(UNK)(UNK)(UNK)(UNK)(UNK)(UNK)(UNK)(UNK)(UNK)
(UNK)(UNK)(UNK)(UNK)(UNK)(UNK)(UNK)(UNK)(UNK)(UNK)(UNK)(UNK)(UNK)(UNK)(UNK)(UNK)
(UNK)(UNK)(UNK)(UNK)(UNK)(UNK)(UNK)(UNK)(UNK)(UNK)(UNK)(UNK)(UNK)(UNK)(UNK)(UNK)
(UNK)(UNK)(UNK)(UNK)(UNK)(UNK)(UNK)(UNK)(UNK)(UNK)(UNK)(UNK)(UNK)(UNK)(UNK)(UNK)
(UNK)(UNK)(UNK)(UNK)(UNK)(UNK)(UNK)(UNK)(UNK)(UNK)(UNK)(UNK)(UNK)(UNK)(UNK)(UNK)
(UNK)(UNK)(UNK)(UNK)(UNK)(UNK)(UNK)(UNK)(UNK)(UNK)(UNK)(UNK)(UNK)(UNK)(UNK)(UNK)
(UNK)(UNK)(UNK)(UNK)(UNK)(UNK)(UNK)(UNK)(UNK)(UNK)(UNK)(UNK)(UNK)(UNK)(UNK)(UNK)
(UNK)(UNK)(UNK)(UNK)(UNK)(UNK)(UNK)(UNK)(UNK)(UNK)(UNK)(UNK)(UNK)(UNK)(UNK)(UNK)
(UNK)(UNK)(UNK)(UNK)(UNK)(UNK)(UNK)(UNK)(UNK)(UNK)(UNK)(UNK)(UNK)(UNK)(UNK)(UNK)
(UNK)(UNK)(UNK)(UNK)(UNK)(UNK)(UNK)(UNK)(UNK)(UNK)(UNK)(UNK)(UNK)(UNK)(UNK)(UNK)
(UNK)(UNK)(UNK)(UNK)(UNK)(UNK)(UNK)(UNK)(UNK)(UNK)(UNK)(UNK)(UNK)(UNK)(UNK)(UNK)
(UNK)(UNK)(UNK)(UNK)(UNK)(UNK)(UNK)(UNK)(UNK)(UNK)(UNK)(UNK)(UNK)(UNK)(UNK)(UNK)
(UNK)(UNK)(UNK)(UNK)(UNK)(UNK)(UNK)(UNK)(UNK)(UNK)(UNK)(UNK)(UNK)(UNK)(UNK)(UNK)
(UNK)(UNK)(UNK)(UNK)(UNK)(UNK)(UNK)(UNK)(UNK)(UNK)(UNK)(UNK)(UNK)(UNK)(UNK)(UNK)
(UNK)(UNK)(UNK)(UNK)(UNK)(UNK)(UNK)(UNK)(UNK)(UNK)(UNK)(UNK)(UNK)(UNK)(UNK)(UNK)
(UNK)(UNK)(UNK)(UNK)(UNK)(UNK)(UNK)(UNK)(UNK)(UNK)(UNK)(UNK)(UNK)(UNK)(UNK)(UNK)
(UNK)(UNK)(UNK)(UNK)(UNK)(UNK)(UNK)(UNK)(UNK)(UNK)(UNK)(UNK)(UNK)(UNK)(UNK)(UNK)
(UNK)(UNK)(UNK)(UNK)(UNK)(UNK)(UNK)(UNK)(UNK)(UNK)(UNK)(UNK)(UNK)(UNK)(UNK)(UNK)
(UNK)(UNK)(UNK)(UNK)(UNK)(UNK)(UNK)(UNK)(UNK)(UNK)(UNK)(UNK)(UNK)(UNK)(UNK)(UNK)
(UNK)(UNK)(UNK)(UNK)(UNK)(UNK)(UNK)(UNK)(UNK)(UNK)(UNK)(UNK)(UNK)(UNK)(UNK)(UNK)
(UNK)(UNK)(UNK)(UNK)(UNK)(UNK)(UNK)(UNK)(UNK)(UNK)(UNK)(UNK)(UNK)(UNK)(UNK)(UNK)
(UNK)(UNK)(UNK)(UNK)(UNK)(UNK)(UNK)(UNK)(UNK)(UNK)(UNK)(UNK)(UNK)(UNK)(UNK)(UNK)
(UNK)(UNK)(UNK)(UNK)(UNK)(UNK)(UNK)(UNK)(UNK)(UNK)(UNK)(UNK)(UNK)(UNK)(UNK)(UNK)
(UNK)(UNK)(UNK)(UNK)(UNK)(UNK)(UNK)(UNK)(UNK)(UNK)(UNK)(UNK)(UNK)(UNK)(UNK)(UNK)
(UNK)(UNK)(UNK)(UNK)(UNK)(UNK)(UNK)(UNK)(UNK)(UNK)(UNK)(UNK)(UNK)(UNK)(UNK)(UNK)
(UNK)(UNK)(UNK)(UNK)(UNK)(UNK)(UNK)(UNK)(UNK)(UNK)(UNK)(UNK)(UNK)(UNK)(UNK)(UNK)
(UNK)(UNK)(UNK)(UNK)(UNK)(UNK)(UNK)(UNK)(UNK)(UNK)(UNK)(UNK)(UNK)(UNK)(UNK)(UNK)
(UNK)(UNK)(UNK)(UNK)(UNK)(UNK)(UNK)(UNK)(UNK)(UNK)(UNK)(UNK)(UNK)(UNK)(UNK)(UNK)
(UNK)(UNK)(UNK)(UNK)(UNK)(UNK)(UNK)(UNK)(UNK)(UNK)(UNK)(UNK)(UNK)(UNK)(UNK)(UNK)
(UNK)(UNK)(UNK)(UNK)(UNK)(UNK)(UNK)(UNK)(UNK)(UNK)(UNK)(UNK)(UNK)(UNK)(UNK)(UNK)
(UNK)(UNK)(UNK)(UNK)(UNK)(UNK)(UNK)(UNK)(UNK)(UNK)(UNK)(UNK)(UNK)(UNK)(UNK)(UNK)
(UNK)(UNK)(UNK)(UNK)(UNK)(UNK)(UNK)(UNK)(UNK)(UNK)(UNK)(UNK)(UNK)(UNK)(UNK)(UNK)
(UNK)(UNK)(UNK)(UNK)(UNK)(UNK)(UNK)(UNK)(UNK)(UNK)(UNK)(UNK)(UNK)(UNK)(UNK)(UNK)
(UNK)(UNK)(UNK)(UNK)(UNK)(UNK)(UNK)(UNK)(UNK)(UNK)(UNK)(UNK)(UNK)(UNK)(UNK)(UNK)
(UNK)(UNK)(UNK)(UNK)(UNK)(UNK)(UNK)(UNK)(UNK)(UNK)(UNK)(UNK)(UNK)(UNK)(UNK)(UNK)
(UNK)(UNK)(UNK)(UNK)(UNK)(UNK)(UNK)(UNK)(UNK)(UNK)(UNK)(UNK)(UNK)(UNK)(UNK)(UNK)
(UNK)(UNK)(UNK)(UNK)(UNK)(UNK)(UNK)(UNK)(UNK)(UNK)(UNK)(UNK)(UNK)(UNK)(UNK)(UNK)
(UNK)(UNK)(UNK)(UNK)(UNK)(UNK)(UNK)(UNK)(UNK)(UNK)(UNK)(UNK)(UNK)(UNK)(UNK)(UNK)
(UNK)(UNK)(UNK)(UNK)(UNK)(UNK)(UNK)(UNK)(UNK)(UNK)(UNK)(UNK)(UNK)(UNK)(UNK)(UNK)
(UNK)(UNK)(UNK)(UNK)(UNK)(UNK)(UNK)(UNK)(UNK)(UNK)(UNK)(UNK)(UNK)(UNK)(UNK)(UNK)
(UNK)(UNK)(UNK)(UNK)(UNK)(UNK)(UNK)(UNK)(UNK)(UNK)(UNK)(UNK)(UNK)(UNK)(UNK)(UNK)
(UNK)(UNK)(UNK)(UNK)(UNK)(UNK)(UNK)(UNK)(UNK)(UNK)(UNK)(UNK)(UNK)(UNK)(UNK)(UNK)
(UNK)(UNK)(UNK)(UNK)(UNK)(UNK)(UNK)(UNK)(UNK)(UNK)(UNK)(UNK)(UNK)(UNK)(UNK)(UNK)
(UNK)(UNK)(UNK)(UNK)(UNK)(UNK)(UNK)(UNK)(UNK)(UNK)(UNK)(UNK)(UNK)(UNK)(UNK)(UNK)
(UNK)(UNK)(UNK)(UNK)(UNK)(UNK)(UNK)(UNK)(UNK)(UNK)(UNK)(UNK)(UNK)(UNK)(UNK)(UNK)
(UNK)(UNK)(UNK)(UNK)(UNK)(UNK)(UNK)(UNK)(UNK)(UNK)(UNK)(UNK)(UNK)(UNK)(UNK)(UNK)
(UNK)(UNK)(UNK)(UNK)(UNK)(UNK)(UNK)(UNK)(UNK)(UNK)(UNK)(UNK)(UNK)(UNK)(UNK)(UNK)
(UNK)
;
A,B
2 'polypeptide(L)'
;(UNK)(UNK)(UNK)(UNK)(UNK)(UNK)(UNK)(UNK)(UNK)(UNK)(UNK)(UNK)(UNK)(UNK)(UNK)(UNK)
(UNK)(UNK)(UNK)(UNK)(UNK)(UNK)(UNK)(UNK)(UNK)(UNK)(UNK)(UNK)(UNK)(UNK)(UNK)(UNK)
(UNK)(UNK)(UNK)(UNK)(UNK)(UNK)(UNK)(UNK)(UNK)(UNK)(UNK)(UNK)(UNK)(UNK)(UNK)(UNK)
(UNK)(UNK)(UNK)(UNK)(UNK)(UNK)(UNK)(UNK)(UNK)(UNK)(UNK)(UNK)(UNK)(UNK)(UNK)(UNK)
(UNK)(UNK)(UNK)(UNK)(UNK)(UNK)(UNK)(UNK)(UNK)(UNK)(UNK)(UNK)(UNK)(UNK)(UNK)(UNK)
(UNK)(UNK)(UNK)(UNK)(UNK)(UNK)(UNK)(UNK)(UNK)(UNK)(UNK)(UNK)(UNK)(UNK)(UNK)(UNK)
(UNK)(UNK)(UNK)(UNK)(UNK)(UNK)(UNK)(UNK)(UNK)(UNK)(UNK)(UNK)(UNK)(UNK)(UNK)(UNK)
(UNK)(UNK)(UNK)(UNK)(UNK)(UNK)(UNK)(UNK)(UNK)(UNK)(UNK)(UNK)(UNK)(UNK)(UNK)(UNK)
(UNK)(UNK)(UNK)(UNK)(UNK)(UNK)(UNK)(UNK)(UNK)(UNK)(UNK)(UNK)(UNK)(UNK)(UNK)(UNK)
(UNK)(UNK)(UNK)(UNK)(UNK)(UNK)(UNK)(UNK)(UNK)(UNK)(UNK)(UNK)(UNK)(UNK)(UNK)(UNK)
(UNK)(UNK)(UNK)(UNK)(UNK)(UNK)(UNK)(UNK)(UNK)(UNK)(UNK)(UNK)(UNK)(UNK)(UNK)(UNK)
(UNK)(UNK)(UNK)(UNK)(UNK)(UNK)(UNK)(UNK)(UNK)(UNK)(UNK)(UNK)(UNK)(UNK)(UNK)(UNK)
(UNK)(UNK)(UNK)(UNK)(UNK)(UNK)(UNK)(UNK)(UNK)(UNK)(UNK)(UNK)(UNK)(UNK)(UNK)(UNK)
(UNK)(UNK)(UNK)(UNK)(UNK)(UNK)(UNK)(UNK)(UNK)(UNK)(UNK)(UNK)(UNK)(UNK)(UNK)(UNK)
(UNK)(UNK)(UNK)(UNK)(UNK)(UNK)(UNK)(UNK)(UNK)(UNK)(UNK)(UNK)(UNK)(UNK)(UNK)(UNK)
(UNK)(UNK)(UNK)(UNK)(UNK)(UNK)(UNK)(UNK)(UNK)(UNK)(UNK)(UNK)(UNK)(UNK)(UNK)(UNK)
(UNK)(UNK)(UNK)(UNK)(UNK)(UNK)(UNK)(UNK)(UNK)(UNK)(UNK)(UNK)(UNK)(UNK)(UNK)(UNK)
(UNK)(UNK)(UNK)(UNK)(UNK)(UNK)(UNK)(UNK)(UNK)(UNK)(UNK)(UNK)(UNK)(UNK)(UNK)(UNK)
(UNK)(UNK)(UNK)(UNK)(UNK)(UNK)(UNK)(UNK)(UNK)(UNK)(UNK)(UNK)(UNK)(UNK)(UNK)(UNK)
(UNK)(UNK)(UNK)(UNK)(UNK)(UNK)(UNK)(UNK)(UNK)(UNK)(UNK)(UNK)(UNK)(UNK)(UNK)(UNK)
(UNK)(UNK)(UNK)(UNK)(UNK)(UNK)(UNK)(UNK)(UNK)(UNK)(UNK)(UNK)(UNK)(UNK)(UNK)(UNK)
(UNK)(UNK)(UNK)(UNK)(UNK)(UNK)(UNK)(UNK)(UNK)(UNK)(UNK)(UNK)(UNK)(UNK)(UNK)(UNK)
(UNK)(UNK)(UNK)(UNK)(UNK)(UNK)(UNK)(UNK)(UNK)(UNK)(UNK)(UNK)(UNK)(UNK)(UNK)(UNK)
(UNK)(UNK)(UNK)(UNK)(UNK)(UNK)(UNK)(UNK)(UNK)(UNK)(UNK)(UNK)(UNK)(UNK)(UNK)(UNK)
(UNK)(UNK)(UNK)(UNK)(UNK)(UNK)(UNK)(UNK)(UNK)(UNK)(UNK)(UNK)(UNK)(UNK)(UNK)(UNK)
(UNK)(UNK)(UNK)(UNK)(UNK)(UNK)(UNK)(UNK)(UNK)(UNK)(UNK)(UNK)(UNK)(UNK)(UNK)(UNK)
(UNK)(UNK)(UNK)(UNK)(UNK)(UNK)(UNK)(UNK)(UNK)(UNK)(UNK)(UNK)(UNK)(UNK)(UNK)(UNK)
(UNK)(UNK)(UNK)(UNK)(UNK)(UNK)(UNK)(UNK)(UNK)(UNK)(UNK)(UNK)(UNK)(UNK)(UNK)(UNK)
(UNK)(UNK)(UNK)(UNK)(UNK)(UNK)(UNK)(UNK)(UNK)(UNK)(UNK)(UNK)(UNK)(UNK)(UNK)(UNK)
(UNK)(UNK)(UNK)(UNK)(UNK)(UNK)(UNK)(UNK)(UNK)(UNK)(UNK)(UNK)(UNK)(UNK)(UNK)(UNK)
(UNK)(UNK)(UNK)(UNK)(UNK)(UNK)(UNK)(UNK)(UNK)(UNK)(UNK)(UNK)(UNK)(UNK)(UNK)(UNK)
(UNK)(UNK)(UNK)(UNK)(UNK)(UNK)(UNK)(UNK)(UNK)(UNK)(UNK)(UNK)(UNK)(UNK)(UNK)(UNK)
(UNK)(UNK)(UNK)(UNK)(UNK)(UNK)(UNK)(UNK)(UNK)(UNK)(UNK)(UNK)(UNK)(UNK)(UNK)(UNK)
(UNK)(UNK)(UNK)(UNK)(UNK)(UNK)(UNK)(UNK)(UNK)(UNK)(UNK)(UNK)(UNK)(UNK)(UNK)(UNK)
(UNK)(UNK)(UNK)(UNK)(UNK)(UNK)(UNK)(UNK)(UNK)(UNK)(UNK)(UNK)(UNK)(UNK)(UNK)(UNK)
(UNK)(UNK)(UNK)(UNK)(UNK)(UNK)(UNK)(UNK)(UNK)(UNK)(UNK)(UNK)(UNK)(UNK)(UNK)(UNK)
(UNK)(UNK)(UNK)(UNK)(UNK)(UNK)(UNK)(UNK)(UNK)(UNK)(UNK)(UNK)(UNK)(UNK)(UNK)(UNK)
(UNK)(UNK)(UNK)(UNK)(UNK)(UNK)(UNK)(UNK)(UNK)(UNK)(UNK)(UNK)(UNK)(UNK)(UNK)(UNK)
(UNK)(UNK)(UNK)(UNK)(UNK)(UNK)(UNK)(UNK)(UNK)(UNK)(UNK)(UNK)(UNK)(UNK)(UNK)(UNK)
(UNK)(UNK)(UNK)(UNK)(UNK)(UNK)(UNK)(UNK)(UNK)(UNK)(UNK)(UNK)(UNK)(UNK)(UNK)(UNK)
(UNK)(UNK)(UNK)(UNK)(UNK)(UNK)(UNK)(UNK)(UNK)(UNK)(UNK)(UNK)(UNK)(UNK)(UNK)(UNK)
(UNK)(UNK)(UNK)(UNK)(UNK)(UNK)(UNK)(UNK)(UNK)(UNK)(UNK)(UNK)(UNK)(UNK)(UNK)(UNK)
(UNK)(UNK)(UNK)(UNK)(UNK)(UNK)(UNK)(UNK)(UNK)(UNK)(UNK)(UNK)(UNK)(UNK)(UNK)(UNK)
(UNK)(UNK)(UNK)(UNK)(UNK)(UNK)(UNK)(UNK)(UNK)(UNK)(UNK)(UNK)(UNK)(UNK)(UNK)(UNK)
(UNK)(UNK)(UNK)(UNK)(UNK)(UNK)(UNK)(UNK)(UNK)(UNK)(UNK)(UNK)(UNK)(UNK)(UNK)(UNK)
(UNK)(UNK)(UNK)(UNK)(UNK)(UNK)(UNK)(UNK)(UNK)(UNK)(UNK)(UNK)(UNK)(UNK)(UNK)(UNK)
(UNK)(UNK)(UNK)(UNK)(UNK)(UNK)(UNK)(UNK)(UNK)(UNK)(UNK)(UNK)(UNK)(UNK)(UNK)(UNK)
(UNK)(UNK)(UNK)(UNK)(UNK)(UNK)(UNK)(UNK)(UNK)(UNK)(UNK)(UNK)(UNK)(UNK)(UNK)(UNK)
(UNK)(UNK)(UNK)(UNK)(UNK)(UNK)(UNK)(UNK)(UNK)(UNK)(UNK)(UNK)(UNK)(UNK)(UNK)(UNK)
(UNK)(UNK)(UNK)(UNK)(UNK)(UNK)(UNK)(UNK)(UNK)(UNK)(UNK)(UNK)(UNK)(UNK)(UNK)(UNK)
(UNK)(UNK)(UNK)(UNK)(UNK)(UNK)(UNK)(UNK)(UNK)(UNK)(UNK)(UNK)(UNK)(UNK)(UNK)(UNK)
(UNK)(UNK)(UNK)(UNK)(UNK)(UNK)(UNK)(UNK)(UNK)(UNK)(UNK)(UNK)(UNK)(UNK)(UNK)(UNK)
(UNK)(UNK)(UNK)(UNK)(UNK)(UNK)(UNK)(UNK)(UNK)(UNK)(UNK)(UNK)(UNK)(UNK)(UNK)(UNK)
(UNK)(UNK)(UNK)(UNK)(UNK)(UNK)(UNK)(UNK)(UNK)(UNK)(UNK)(UNK)(UNK)(UNK)(UNK)(UNK)
(UNK)(UNK)(UNK)(UNK)(UNK)(UNK)(UNK)(UNK)(UNK)(UNK)(UNK)(UNK)(UNK)(UNK)(UNK)(UNK)
(UNK)(UNK)(UNK)(UNK)(UNK)(UNK)(UNK)(UNK)(UNK)(UNK)(UNK)(UNK)(UNK)(UNK)(UNK)(UNK)
(UNK)(UNK)(UNK)(UNK)(UNK)(UNK)(UNK)(UNK)(UNK)(UNK)(UNK)(UNK)(UNK)(UNK)(UNK)(UNK)
(UNK)(UNK)(UNK)(UNK)(UNK)(UNK)(UNK)(UNK)(UNK)(UNK)(UNK)(UNK)(UNK)(UNK)(UNK)(UNK)
(UNK)(UNK)(UNK)(UNK)
;
C
3 'polypeptide(L)'
;(UNK)(UNK)(UNK)(UNK)(UNK)(UNK)(UNK)(UNK)(UNK)(UNK)(UNK)(UNK)(UNK)(UNK)(UNK)(UNK)
(UNK)(UNK)(UNK)(UNK)(UNK)(UNK)(UNK)(UNK)(UNK)(UNK)(UNK)(UNK)(UNK)(UNK)(UNK)(UNK)
(UNK)(UNK)(UNK)(UNK)(UNK)(UNK)(UNK)(UNK)(UNK)(UNK)(UNK)(UNK)(UNK)(UNK)(UNK)(UNK)
(UNK)(UNK)(UNK)(UNK)(UNK)(UNK)(UNK)(UNK)(UNK)(UNK)(UNK)(UNK)(UNK)(UNK)(UNK)(UNK)
(UNK)(UNK)(UNK)(UNK)(UNK)(UNK)(UNK)(UNK)(UNK)(UNK)(UNK)(UNK)(UNK)(UNK)(UNK)(UNK)
(UNK)(UNK)(UNK)(UNK)(UNK)(UNK)(UNK)(UNK)(UNK)(UNK)(UNK)(UNK)(UNK)(UNK)(UNK)(UNK)
(UNK)(UNK)(UNK)(UNK)(UNK)(UNK)(UNK)(UNK)(UNK)(UNK)(UNK)(UNK)(UNK)(UNK)(UNK)(UNK)
(UNK)(UNK)(UNK)(UNK)(UNK)(UNK)(UNK)(UNK)(UNK)(UNK)(UNK)(UNK)(UNK)(UNK)(UNK)(UNK)
(UNK)(UNK)(UNK)(UNK)(UNK)(UNK)(UNK)(UNK)(UNK)(UNK)(UNK)(UNK)(UNK)(UNK)(UNK)(UNK)
(UNK)(UNK)(UNK)(UNK)(UNK)(UNK)(UNK)(UNK)(UNK)(UNK)(UNK)(UNK)(UNK)(UNK)(UNK)(UNK)
(UNK)(UNK)(UNK)(UNK)(UNK)(UNK)(UNK)(UNK)(UNK)(UNK)(UNK)(UNK)(UNK)(UNK)(UNK)(UNK)
(UNK)(UNK)(UNK)(UNK)(UNK)(UNK)(UNK)(UNK)(UNK)(UNK)(UNK)(UNK)(UNK)(UNK)(UNK)(UNK)
(UNK)(UNK)(UNK)(UNK)(UNK)(UNK)(UNK)(UNK)(UNK)(UNK)(UNK)(UNK)(UNK)(UNK)(UNK)(UNK)
(UNK)(UNK)(UNK)(UNK)(UNK)(UNK)(UNK)(UNK)(UNK)(UNK)(UNK)(UNK)(UNK)(UNK)(UNK)(UNK)
(UNK)(UNK)(UNK)(UNK)(UNK)(UNK)(UNK)(UNK)(UNK)(UNK)(UNK)(UNK)(UNK)(UNK)(UNK)(UNK)
(UNK)(UNK)(UNK)(UNK)(UNK)(UNK)(UNK)(UNK)(UNK)(UNK)(UNK)(UNK)(UNK)(UNK)(UNK)(UNK)
(UNK)(UNK)(UNK)(UNK)(UNK)(UNK)(UNK)(UNK)(UNK)(UNK)(UNK)(UNK)(UNK)(UNK)(UNK)(UNK)
(UNK)(UNK)(UNK)(UNK)(UNK)(UNK)(UNK)(UNK)(UNK)(UNK)(UNK)(UNK)(UNK)(UNK)(UNK)(UNK)
(UNK)(UNK)(UNK)(UNK)(UNK)(UNK)(UNK)(UNK)(UNK)(UNK)(UNK)(UNK)(UNK)(UNK)(UNK)(UNK)
(UNK)(UNK)(UNK)(UNK)(UNK)(UNK)(UNK)(UNK)(UNK)(UNK)(UNK)(UNK)(UNK)(UNK)(UNK)(UNK)
(UNK)(UNK)(UNK)(UNK)(UNK)(UNK)(UNK)(UNK)(UNK)(UNK)(UNK)(UNK)(UNK)(UNK)(UNK)(UNK)
(UNK)(UNK)(UNK)(UNK)(UNK)(UNK)(UNK)(UNK)(UNK)(UNK)(UNK)(UNK)(UNK)(UNK)
;
D,E
4 'polypeptide(L)'
;(UNK)(UNK)(UNK)(UNK)(UNK)(UNK)(UNK)(UNK)(UNK)(UNK)(UNK)(UNK)(UNK)(UNK)(UNK)(UNK)
(UNK)(UNK)(UNK)(UNK)(UNK)(UNK)(UNK)(UNK)(UNK)(UNK)(UNK)(UNK)(UNK)(UNK)(UNK)(UNK)
(UNK)(UNK)(UNK)(UNK)(UNK)(UNK)(UNK)(UNK)(UNK)(UNK)(UNK)(UNK)(UNK)(UNK)(UNK)(UNK)
(UNK)(UNK)(UNK)(UNK)(UNK)(UNK)(UNK)(UNK)(UNK)(UNK)(UNK)(UNK)(UNK)(UNK)(UNK)(UNK)
(UNK)(UNK)(UNK)(UNK)(UNK)(UNK)(UNK)(UNK)(UNK)(UNK)(UNK)(UNK)(UNK)(UNK)(UNK)(UNK)
(UNK)(UNK)(UNK)(UNK)(UNK)(UNK)(UNK)(UNK)(UNK)(UNK)(UNK)(UNK)(UNK)(UNK)(UNK)(UNK)
(UNK)(UNK)(UNK)(UNK)(UNK)(UNK)(UNK)(UNK)(UNK)(UNK)(UNK)(UNK)(UNK)(UNK)(UNK)(UNK)
(UNK)(UNK)(UNK)(UNK)(UNK)(UNK)(UNK)(UNK)(UNK)(UNK)(UNK)(UNK)(UNK)(UNK)(UNK)(UNK)
(UNK)(UNK)(UNK)(UNK)(UNK)(UNK)(UNK)(UNK)(UNK)(UNK)(UNK)(UNK)(UNK)(UNK)(UNK)(UNK)
(UNK)(UNK)(UNK)(UNK)(UNK)(UNK)(UNK)(UNK)(UNK)(UNK)(UNK)(UNK)(UNK)(UNK)(UNK)(UNK)
(UNK)(UNK)(UNK)(UNK)(UNK)(UNK)(UNK)(UNK)(UNK)(UNK)(UNK)(UNK)(UNK)(UNK)(UNK)(UNK)
(UNK)(UNK)(UNK)(UNK)(UNK)(UNK)(UNK)(UNK)(UNK)(UNK)(UNK)(UNK)(UNK)(UNK)(UNK)(UNK)
(UNK)(UNK)(UNK)(UNK)(UNK)(UNK)(UNK)(UNK)(UNK)(UNK)(UNK)(UNK)(UNK)(UNK)(UNK)(UNK)
(UNK)(UNK)(UNK)(UNK)(UNK)(UNK)(UNK)(UNK)(UNK)(UNK)(UNK)(UNK)(UNK)(UNK)(UNK)(UNK)
(UNK)(UNK)(UNK)(UNK)(UNK)(UNK)(UNK)(UNK)(UNK)(UNK)(UNK)(UNK)(UNK)(UNK)(UNK)(UNK)
(UNK)(UNK)(UNK)(UNK)(UNK)(UNK)(UNK)(UNK)(UNK)(UNK)(UNK)(UNK)(UNK)(UNK)(UNK)(UNK)
(UNK)(UNK)(UNK)(UNK)(UNK)(UNK)(UNK)(UNK)(UNK)(UNK)(UNK)(UNK)(UNK)(UNK)(UNK)(UNK)
(UNK)(UNK)(UNK)(UNK)(UNK)(UNK)(UNK)(UNK)(UNK)(UNK)(UNK)(UNK)(UNK)(UNK)(UNK)(UNK)
(UNK)(UNK)(UNK)(UNK)(UNK)(UNK)(UNK)(UNK)(UNK)(UNK)(UNK)(UNK)(UNK)(UNK)(UNK)(UNK)
(UNK)(UNK)(UNK)(UNK)(UNK)(UNK)(UNK)(UNK)(UNK)(UNK)(UNK)(UNK)(UNK)(UNK)(UNK)(UNK)
(UNK)(UNK)(UNK)(UNK)(UNK)(UNK)(UNK)(UNK)(UNK)(UNK)(UNK)(UNK)(UNK)(UNK)(UNK)(UNK)
(UNK)(UNK)(UNK)(UNK)(UNK)(UNK)(UNK)(UNK)(UNK)(UNK)(UNK)(UNK)(UNK)(UNK)(UNK)(UNK)
(UNK)(UNK)(UNK)(UNK)(UNK)(UNK)(UNK)(UNK)(UNK)(UNK)(UNK)(UNK)(UNK)(UNK)(UNK)(UNK)
(UNK)(UNK)(UNK)(UNK)(UNK)(UNK)(UNK)(UNK)(UNK)(UNK)(UNK)(UNK)(UNK)(UNK)(UNK)(UNK)
(UNK)(UNK)(UNK)(UNK)(UNK)(UNK)(UNK)(UNK)(UNK)(UNK)(UNK)(UNK)(UNK)(UNK)(UNK)(UNK)
(UNK)(UNK)(UNK)(UNK)(UNK)(UNK)(UNK)(UNK)(UNK)(UNK)(UNK)(UNK)(UNK)(UNK)(UNK)(UNK)
(UNK)(UNK)(UNK)(UNK)(UNK)(UNK)(UNK)(UNK)(UNK)(UNK)(UNK)(UNK)(UNK)(UNK)(UNK)(UNK)
(UNK)(UNK)(UNK)(UNK)(UNK)(UNK)(UNK)(UNK)(UNK)(UNK)(UNK)(UNK)(UNK)(UNK)(UNK)(UNK)
(UNK)(UNK)(UNK)(UNK)(UNK)(UNK)(UNK)(UNK)(UNK)(UNK)(UNK)(UNK)(UNK)(UNK)(UNK)(UNK)
(UNK)(UNK)(UNK)(UNK)(UNK)(UNK)(UNK)(UNK)(UNK)(UNK)(UNK)(UNK)(UNK)(UNK)(UNK)(UNK)
(UNK)(UNK)(UNK)(UNK)(UNK)(UNK)(UNK)(UNK)(UNK)(UNK)(UNK)(UNK)(UNK)(UNK)(UNK)(UNK)
(UNK)(UNK)(UNK)(UNK)(UNK)(UNK)(UNK)(UNK)(UNK)(UNK)(UNK)(UNK)(UNK)(UNK)(UNK)(UNK)
(UNK)(UNK)(UNK)(UNK)(UNK)(UNK)(UNK)(UNK)(UNK)(UNK)(UNK)(UNK)(UNK)(UNK)(UNK)(UNK)
(UNK)(UNK)(UNK)(UNK)(UNK)(UNK)(UNK)(UNK)(UNK)(UNK)(UNK)(UNK)(UNK)(UNK)(UNK)(UNK)
(UNK)(UNK)(UNK)(UNK)(UNK)(UNK)(UNK)(UNK)(UNK)(UNK)(UNK)(UNK)(UNK)(UNK)(UNK)(UNK)
(UNK)(UNK)(UNK)(UNK)(UNK)(UNK)(UNK)(UNK)(UNK)(UNK)(UNK)(UNK)(UNK)(UNK)(UNK)(UNK)
(UNK)(UNK)(UNK)(UNK)(UNK)(UNK)(UNK)(UNK)(UNK)(UNK)(UNK)(UNK)(UNK)(UNK)(UNK)(UNK)
(UNK)(UNK)(UNK)(UNK)(UNK)(UNK)(UNK)(UNK)(UNK)(UNK)(UNK)(UNK)(UNK)(UNK)(UNK)(UNK)
(UNK)(UNK)(UNK)(UNK)(UNK)(UNK)(UNK)(UNK)(UNK)(UNK)(UNK)(UNK)(UNK)(UNK)(UNK)(UNK)
(UNK)(UNK)(UNK)(UNK)(UNK)(UNK)(UNK)(UNK)(UNK)(UNK)(UNK)(UNK)(UNK)(UNK)(UNK)(UNK)
(UNK)(UNK)(UNK)(UNK)(UNK)(UNK)(UNK)(UNK)(UNK)(UNK)(UNK)(UNK)(UNK)(UNK)(UNK)(UNK)
(UNK)(UNK)(UNK)(UNK)(UNK)(UNK)(UNK)(UNK)(UNK)(UNK)(UNK)(UNK)(UNK)(UNK)(UNK)(UNK)
(UNK)(UNK)(UNK)(UNK)(UNK)(UNK)(UNK)(UNK)(UNK)(UNK)(UNK)(UNK)(UNK)(UNK)(UNK)(UNK)
(UNK)(UNK)(UNK)(UNK)(UNK)(UNK)(UNK)(UNK)(UNK)(UNK)(UNK)(UNK)(UNK)(UNK)(UNK)(UNK)
(UNK)(UNK)(UNK)(UNK)(UNK)(UNK)(UNK)(UNK)(UNK)(UNK)(UNK)(UNK)(UNK)(UNK)(UNK)(UNK)
(UNK)(UNK)(UNK)(UNK)(UNK)(UNK)(UNK)(UNK)(UNK)(UNK)(UNK)(UNK)(UNK)(UNK)(UNK)(UNK)
(UNK)(UNK)(UNK)(UNK)(UNK)(UNK)(UNK)(UNK)(UNK)(UNK)(UNK)(UNK)(UNK)(UNK)(UNK)(UNK)
(UNK)(UNK)(UNK)(UNK)(UNK)(UNK)(UNK)(UNK)(UNK)(UNK)(UNK)(UNK)(UNK)(UNK)(UNK)(UNK)
(UNK)(UNK)(UNK)(UNK)(UNK)(UNK)(UNK)(UNK)(UNK)(UNK)(UNK)(UNK)(UNK)(UNK)(UNK)(UNK)
(UNK)(UNK)(UNK)(UNK)(UNK)(UNK)(UNK)(UNK)(UNK)(UNK)(UNK)(UNK)(UNK)(UNK)(UNK)(UNK)
(UNK)(UNK)(UNK)(UNK)(UNK)(UNK)(UNK)(UNK)(UNK)(UNK)(UNK)(UNK)(UNK)(UNK)(UNK)(UNK)
(UNK)(UNK)(UNK)(UNK)(UNK)(UNK)(UNK)(UNK)(UNK)(UNK)(UNK)(UNK)(UNK)(UNK)(UNK)(UNK)
(UNK)(UNK)(UNK)(UNK)(UNK)(UNK)(UNK)(UNK)(UNK)(UNK)(UNK)(UNK)(UNK)(UNK)(UNK)(UNK)
(UNK)(UNK)(UNK)(UNK)(UNK)(UNK)(UNK)(UNK)(UNK)(UNK)(UNK)(UNK)(UNK)(UNK)(UNK)(UNK)
(UNK)(UNK)(UNK)(UNK)(UNK)(UNK)(UNK)(UNK)(UNK)(UNK)(UNK)(UNK)(UNK)(UNK)(UNK)(UNK)
(UNK)(UNK)(UNK)(UNK)(UNK)(UNK)(UNK)(UNK)(UNK)(UNK)(UNK)(UNK)(UNK)
;
F
5 'polypeptide(L)'
;(UNK)(UNK)(UNK)(UNK)(UNK)(UNK)(UNK)(UNK)(UNK)(UNK)(UNK)(UNK)(UNK)(UNK)(UNK)(UNK)
(UNK)(UNK)(UNK)(UNK)(UNK)(UNK)(UNK)(UNK)(UNK)(UNK)(UNK)(UNK)(UNK)(UNK)(UNK)(UNK)
(UNK)(UNK)(UNK)(UNK)(UNK)(UNK)(UNK)(UNK)(UNK)(UNK)(UNK)(UNK)(UNK)(UNK)(UNK)(UNK)
(UNK)(UNK)(UNK)(UNK)(UNK)(UNK)(UNK)(UNK)(UNK)(UNK)(UNK)(UNK)(UNK)(UNK)(UNK)(UNK)
(UNK)(UNK)(UNK)(UNK)(UNK)(UNK)(UNK)(UNK)(UNK)(UNK)(UNK)(UNK)(UNK)(UNK)(UNK)(UNK)
(UNK)(UNK)(UNK)(UNK)(UNK)(UNK)(UNK)(UNK)(UNK)(UNK)(UNK)(UNK)(UNK)(UNK)(UNK)(UNK)
(UNK)(UNK)(UNK)(UNK)(UNK)(UNK)(UNK)(UNK)(UNK)(UNK)(UNK)(UNK)(UNK)(UNK)(UNK)(UNK)
(UNK)(UNK)(UNK)(UNK)(UNK)(UNK)(UNK)(UNK)(UNK)(UNK)(UNK)(UNK)(UNK)(UNK)(UNK)(UNK)
(UNK)(UNK)(UNK)(UNK)(UNK)(UNK)(UNK)(UNK)(UNK)(UNK)(UNK)(UNK)(UNK)(UNK)(UNK)(UNK)
(UNK)(UNK)(UNK)(UNK)(UNK)(UNK)(UNK)(UNK)(UNK)(UNK)(UNK)(UNK)(UNK)(UNK)(UNK)(UNK)
(UNK)(UNK)(UNK)(UNK)(UNK)(UNK)(UNK)(UNK)(UNK)(UNK)(UNK)(UNK)(UNK)(UNK)(UNK)(UNK)
(UNK)(UNK)(UNK)(UNK)(UNK)(UNK)(UNK)(UNK)(UNK)(UNK)(UNK)(UNK)(UNK)(UNK)(UNK)(UNK)
(UNK)(UNK)(UNK)(UNK)(UNK)(UNK)(UNK)(UNK)(UNK)(UNK)(UNK)(UNK)(UNK)(UNK)(UNK)(UNK)
(UNK)(UNK)(UNK)(UNK)(UNK)(UNK)(UNK)(UNK)(UNK)(UNK)(UNK)(UNK)(UNK)(UNK)(UNK)(UNK)
(UNK)(UNK)(UNK)(UNK)(UNK)(UNK)(UNK)(UNK)(UNK)(UNK)(UNK)(UNK)(UNK)(UNK)(UNK)(UNK)
(UNK)(UNK)(UNK)(UNK)(UNK)(UNK)(UNK)(UNK)(UNK)(UNK)(UNK)(UNK)(UNK)(UNK)(UNK)(UNK)
(UNK)(UNK)(UNK)(UNK)(UNK)(UNK)(UNK)(UNK)(UNK)(UNK)(UNK)(UNK)(UNK)(UNK)(UNK)(UNK)
(UNK)(UNK)(UNK)(UNK)(UNK)(UNK)(UNK)(UNK)(UNK)(UNK)(UNK)(UNK)(UNK)(UNK)(UNK)(UNK)
(UNK)(UNK)(UNK)(UNK)(UNK)(UNK)(UNK)(UNK)(UNK)(UNK)
;
G
6 'polypeptide(L)'
;(UNK)(UNK)(UNK)(UNK)(UNK)(UNK)(UNK)(UNK)(UNK)(UNK)(UNK)(UNK)(UNK)(UNK)(UNK)(UNK)
(UNK)(UNK)(UNK)(UNK)(UNK)(UNK)(UNK)(UNK)(UNK)(UNK)(UNK)(UNK)(UNK)(UNK)(UNK)(UNK)
(UNK)(UNK)(UNK)(UNK)(UNK)(UNK)(UNK)(UNK)(UNK)(UNK)(UNK)(UNK)(UNK)(UNK)(UNK)(UNK)
(UNK)(UNK)(UNK)(UNK)(UNK)(UNK)(UNK)(UNK)(UNK)(UNK)(UNK)(UNK)(UNK)(UNK)(UNK)(UNK)
(UNK)(UNK)(UNK)(UNK)(UNK)(UNK)(UNK)(UNK)(UNK)(UNK)(UNK)(UNK)(UNK)(UNK)(UNK)(UNK)
(UNK)(UNK)(UNK)(UNK)(UNK)(UNK)(UNK)(UNK)(UNK)(UNK)(UNK)(UNK)(UNK)(UNK)(UNK)(UNK)
(UNK)(UNK)(UNK)(UNK)(UNK)(UNK)(UNK)(UNK)(UNK)(UNK)(UNK)(UNK)(UNK)(UNK)(UNK)(UNK)
(UNK)(UNK)(UNK)(UNK)(UNK)(UNK)(UNK)(UNK)(UNK)(UNK)(UNK)(UNK)(UNK)(UNK)(UNK)(UNK)
(UNK)(UNK)(UNK)(UNK)(UNK)(UNK)(UNK)(UNK)(UNK)(UNK)(UNK)(UNK)(UNK)(UNK)(UNK)(UNK)
(UNK)(UNK)(UNK)(UNK)(UNK)(UNK)(UNK)(UNK)(UNK)(UNK)(UNK)(UNK)(UNK)(UNK)(UNK)(UNK)
(UNK)(UNK)(UNK)(UNK)(UNK)(UNK)(UNK)(UNK)(UNK)(UNK)(UNK)(UNK)(UNK)(UNK)(UNK)(UNK)
(UNK)(UNK)(UNK)(UNK)(UNK)(UNK)(UNK)(UNK)(UNK)(UNK)(UNK)(UNK)(UNK)(UNK)(UNK)(UNK)
(UNK)(UNK)(UNK)(UNK)(UNK)(UNK)(UNK)(UNK)(UNK)(UNK)(UNK)(UNK)(UNK)(UNK)(UNK)(UNK)
(UNK)(UNK)(UNK)(UNK)(UNK)(UNK)(UNK)(UNK)(UNK)(UNK)(UNK)(UNK)(UNK)(UNK)(UNK)(UNK)
(UNK)(UNK)(UNK)(UNK)(UNK)(UNK)(UNK)(UNK)(UNK)(UNK)(UNK)(UNK)(UNK)(UNK)(UNK)(UNK)
(UNK)(UNK)(UNK)(UNK)(UNK)(UNK)(UNK)(UNK)(UNK)(UNK)(UNK)(UNK)(UNK)(UNK)(UNK)(UNK)
(UNK)(UNK)(UNK)(UNK)(UNK)(UNK)(UNK)(UNK)(UNK)(UNK)(UNK)(UNK)(UNK)(UNK)(UNK)(UNK)
(UNK)(UNK)(UNK)(UNK)(UNK)(UNK)(UNK)(UNK)(UNK)(UNK)(UNK)(UNK)(UNK)(UNK)(UNK)(UNK)
(UNK)(UNK)(UNK)(UNK)(UNK)(UNK)(UNK)
;
H
7 'polypeptide(L)'
;(UNK)(UNK)(UNK)(UNK)(UNK)(UNK)(UNK)(UNK)(UNK)(UNK)(UNK)(UNK)(UNK)(UNK)(UNK)(UNK)
(UNK)(UNK)(UNK)(UNK)(UNK)(UNK)(UNK)(UNK)(UNK)(UNK)(UNK)(UNK)(UNK)(UNK)(UNK)(UNK)
(UNK)(UNK)(UNK)(UNK)(UNK)(UNK)(UNK)(UNK)(UNK)(UNK)(UNK)(UNK)(UNK)(UNK)(UNK)(UNK)
(UNK)(UNK)(UNK)(UNK)(UNK)(UNK)(UNK)(UNK)(UNK)(UNK)(UNK)(UNK)(UNK)(UNK)(UNK)(UNK)
(UNK)(UNK)(UNK)(UNK)(UNK)(UNK)(UNK)(UNK)(UNK)(UNK)(UNK)(UNK)(UNK)(UNK)(UNK)(UNK)
(UNK)(UNK)(UNK)(UNK)(UNK)(UNK)(UNK)(UNK)(UNK)(UNK)(UNK)(UNK)(UNK)(UNK)(UNK)(UNK)
(UNK)(UNK)(UNK)(UNK)(UNK)(UNK)(UNK)(UNK)(UNK)(UNK)(UNK)(UNK)(UNK)(UNK)(UNK)(UNK)
(UNK)(UNK)(UNK)(UNK)(UNK)(UNK)(UNK)(UNK)(UNK)(UNK)(UNK)(UNK)(UNK)
;
I
8 'polypeptide(L)'
;(UNK)(UNK)(UNK)(UNK)(UNK)(UNK)(UNK)(UNK)(UNK)(UNK)(UNK)(UNK)(UNK)(UNK)(UNK)(UNK)
(UNK)(UNK)(UNK)(UNK)(UNK)(UNK)(UNK)(UNK)(UNK)(UNK)(UNK)(UNK)(UNK)(UNK)(UNK)(UNK)
(UNK)(UNK)(UNK)(UNK)(UNK)(UNK)(UNK)(UNK)(UNK)(UNK)(UNK)(UNK)(UNK)(UNK)(UNK)(UNK)
(UNK)(UNK)(UNK)(UNK)(UNK)(UNK)(UNK)(UNK)(UNK)(UNK)(UNK)(UNK)(UNK)(UNK)(UNK)(UNK)
(UNK)(UNK)(UNK)(UNK)(UNK)(UNK)(UNK)(UNK)(UNK)(UNK)(UNK)(UNK)(UNK)(UNK)(UNK)(UNK)
(UNK)(UNK)(UNK)(UNK)(UNK)(UNK)(UNK)(UNK)(UNK)(UNK)(UNK)(UNK)(UNK)(UNK)(UNK)(UNK)
(UNK)(UNK)(UNK)(UNK)(UNK)(UNK)(UNK)(UNK)(UNK)(UNK)(UNK)(UNK)(UNK)(UNK)(UNK)(UNK)
(UNK)(UNK)(UNK)(UNK)(UNK)(UNK)(UNK)(UNK)(UNK)(UNK)(UNK)(UNK)
;
J
9 'polypeptide(L)'
;(UNK)(UNK)(UNK)(UNK)(UNK)(UNK)(UNK)(UNK)(UNK)(UNK)(UNK)(UNK)(UNK)(UNK)(UNK)(UNK)
(UNK)(UNK)(UNK)(UNK)(UNK)(UNK)(UNK)(UNK)(UNK)(UNK)(UNK)(UNK)(UNK)(UNK)(UNK)(UNK)
(UNK)(UNK)(UNK)(UNK)(UNK)(UNK)(UNK)(UNK)(UNK)(UNK)(UNK)(UNK)(UNK)(UNK)(UNK)(UNK)
(UNK)(UNK)(UNK)(UNK)(UNK)(UNK)(UNK)(UNK)(UNK)(UNK)(UNK)(UNK)(UNK)(UNK)(UNK)(UNK)
(UNK)(UNK)(UNK)(UNK)(UNK)(UNK)(UNK)(UNK)(UNK)(UNK)(UNK)(UNK)(UNK)(UNK)(UNK)(UNK)
(UNK)(UNK)(UNK)(UNK)(UNK)
;
K,L
10 'polypeptide(L)'
;(UNK)(UNK)(UNK)(UNK)(UNK)(UNK)(UNK)(UNK)(UNK)(UNK)(UNK)(UNK)(UNK)(UNK)(UNK)(UNK)
(UNK)(UNK)(UNK)(UNK)(UNK)(UNK)(UNK)(UNK)(UNK)(UNK)(UNK)(UNK)(UNK)(UNK)(UNK)(UNK)
(UNK)(UNK)(UNK)(UNK)(UNK)(UNK)(UNK)(UNK)(UNK)(UNK)(UNK)(UNK)(UNK)(UNK)(UNK)(UNK)
(UNK)(UNK)(UNK)(UNK)(UNK)(UNK)(UNK)(UNK)(UNK)(UNK)(UNK)(UNK)(UNK)(UNK)(UNK)(UNK)
(UNK)(UNK)(UNK)(UNK)(UNK)(UNK)(UNK)(UNK)(UNK)(UNK)(UNK)(UNK)(UNK)(UNK)(UNK)(UNK)
(UNK)(UNK)(UNK)(UNK)(UNK)(UNK)(UNK)(UNK)(UNK)(UNK)(UNK)(UNK)(UNK)(UNK)(UNK)(UNK)
(UNK)(UNK)(UNK)(UNK)(UNK)(UNK)(UNK)
;
M
11 'polypeptide(L)'
;(UNK)(UNK)(UNK)(UNK)(UNK)(UNK)(UNK)(UNK)(UNK)(UNK)(UNK)(UNK)(UNK)(UNK)(UNK)(UNK)
(UNK)(UNK)(UNK)(UNK)(UNK)(UNK)(UNK)(UNK)(UNK)(UNK)(UNK)(UNK)(UNK)(UNK)(UNK)(UNK)
(UNK)(UNK)(UNK)(UNK)(UNK)(UNK)(UNK)(UNK)(UNK)(UNK)(UNK)(UNK)(UNK)(UNK)(UNK)(UNK)
(UNK)(UNK)(UNK)(UNK)(UNK)(UNK)(UNK)(UNK)(UNK)(UNK)(UNK)(UNK)(UNK)(UNK)(UNK)(UNK)
(UNK)(UNK)(UNK)(UNK)(UNK)(UNK)(UNK)(UNK)(UNK)(UNK)(UNK)(UNK)(UNK)(UNK)(UNK)(UNK)
(UNK)(UNK)(UNK)(UNK)(UNK)(UNK)(UNK)(UNK)(UNK)(UNK)(UNK)(UNK)(UNK)(UNK)(UNK)(UNK)
(UNK)(UNK)(UNK)(UNK)(UNK)(UNK)(UNK)(UNK)
;
N
12 'polypeptide(L)'
;(UNK)(UNK)(UNK)(UNK)(UNK)(UNK)(UNK)(UNK)(UNK)(UNK)(UNK)(UNK)(UNK)(UNK)(UNK)(UNK)
(UNK)(UNK)(UNK)(UNK)(UNK)(UNK)(UNK)(UNK)(UNK)(UNK)(UNK)
;
O
13 'polypeptide(L)'
;(UNK)(UNK)(UNK)(UNK)(UNK)(UNK)(UNK)(UNK)(UNK)(UNK)(UNK)(UNK)(UNK)(UNK)(UNK)(UNK)
(UNK)(UNK)(UNK)(UNK)(UNK)(UNK)(UNK)(UNK)(UNK)(UNK)(UNK)(UNK)(UNK)
;
P
14 'polypeptide(L)'
;(UNK)(UNK)(UNK)(UNK)(UNK)(UNK)(UNK)(UNK)(UNK)(UNK)(UNK)(UNK)(UNK)(UNK)(UNK)(UNK)
(UNK)(UNK)(UNK)(UNK)(UNK)(UNK)(UNK)(UNK)(UNK)(UNK)(UNK)(UNK)(UNK)(UNK)(UNK)(UNK)
(UNK)(UNK)(UNK)(UNK)(UNK)(UNK)(UNK)(UNK)(UNK)(UNK)(UNK)(UNK)(UNK)(UNK)(UNK)(UNK)
(UNK)(UNK)(UNK)(UNK)(UNK)(UNK)(UNK)(UNK)(UNK)(UNK)(UNK)(UNK)(UNK)(UNK)(UNK)(UNK)
(UNK)(UNK)(UNK)(UNK)(UNK)(UNK)(UNK)(UNK)(UNK)(UNK)(UNK)(UNK)(UNK)(UNK)(UNK)(UNK)
(UNK)(UNK)(UNK)(UNK)(UNK)(UNK)(UNK)(UNK)(UNK)(UNK)(UNK)(UNK)(UNK)(UNK)(UNK)(UNK)
(UNK)(UNK)(UNK)(UNK)(UNK)(UNK)(UNK)(UNK)(UNK)(UNK)(UNK)(UNK)(UNK)(UNK)(UNK)(UNK)
(UNK)(UNK)(UNK)(UNK)(UNK)(UNK)(UNK)(UNK)
;
Q,R
#
# COMPACT_ATOMS: atom_id res chain seq x y z
N UNK A 1 -12.84 -30.01 -10.93
CA UNK A 1 -11.76 -29.25 -11.62
C UNK A 1 -10.40 -29.44 -10.93
N UNK A 2 -10.38 -29.34 -9.61
CA UNK A 2 -9.15 -29.52 -8.82
C UNK A 2 -8.63 -30.96 -8.84
N UNK A 3 -9.51 -31.94 -9.05
CA UNK A 3 -9.12 -33.35 -9.23
C UNK A 3 -8.26 -33.53 -10.49
N UNK A 4 -8.64 -32.83 -11.55
CA UNK A 4 -7.84 -32.79 -12.78
C UNK A 4 -6.50 -32.10 -12.62
N UNK A 5 -6.47 -31.02 -11.82
CA UNK A 5 -5.25 -30.26 -11.55
C UNK A 5 -4.60 -30.59 -10.19
N UNK A 6 -4.71 -31.85 -9.74
CA UNK A 6 -4.00 -32.36 -8.56
C UNK A 6 -2.72 -33.07 -9.00
N UNK A 7 -2.86 -33.99 -9.97
CA UNK A 7 -1.71 -34.72 -10.52
C UNK A 7 -0.68 -33.83 -11.25
N UNK A 8 -1.14 -32.74 -11.85
CA UNK A 8 -0.26 -31.77 -12.54
C UNK A 8 0.29 -30.65 -11.67
N UNK A 9 0.04 -30.74 -10.36
CA UNK A 9 0.62 -29.84 -9.38
C UNK A 9 2.15 -29.86 -9.46
N UNK A 10 2.67 -31.09 -9.53
CA UNK A 10 4.12 -31.32 -9.62
C UNK A 10 4.69 -30.62 -10.86
N UNK A 11 3.99 -30.82 -11.96
CA UNK A 11 4.35 -30.24 -13.26
C UNK A 11 4.44 -28.72 -13.14
N UNK A 12 3.40 -28.16 -12.52
CA UNK A 12 3.28 -26.72 -12.32
C UNK A 12 4.49 -26.20 -11.53
N UNK A 13 4.80 -26.93 -10.47
CA UNK A 13 5.92 -26.60 -9.58
C UNK A 13 7.22 -26.57 -10.37
N UNK A 14 7.39 -27.60 -11.20
CA UNK A 14 8.58 -27.74 -12.04
C UNK A 14 8.72 -26.55 -12.97
N UNK A 15 7.60 -26.18 -13.57
CA UNK A 15 7.52 -25.05 -14.49
C UNK A 15 7.97 -23.76 -13.79
N UNK A 16 7.42 -23.51 -12.60
CA UNK A 16 7.79 -22.32 -11.82
C UNK A 16 9.05 -22.59 -10.99
N UNK A 17 10.20 -22.55 -11.67
CA UNK A 17 11.50 -22.82 -11.04
C UNK A 17 12.62 -22.08 -11.78
N UNK A 18 13.84 -22.21 -11.26
CA UNK A 18 15.03 -21.58 -11.86
C UNK A 18 15.42 -22.13 -13.25
N UNK A 19 15.06 -23.37 -13.55
CA UNK A 19 15.43 -24.03 -14.80
C UNK A 19 14.77 -23.45 -16.05
N UNK A 20 13.52 -23.01 -15.94
CA UNK A 20 12.76 -22.52 -17.08
C UNK A 20 13.16 -21.08 -17.47
N UNK A 21 13.11 -20.80 -18.78
CA UNK A 21 13.50 -19.52 -19.37
C UNK A 21 12.51 -19.15 -20.48
N UNK A 22 12.70 -17.97 -21.08
CA UNK A 22 11.89 -17.46 -22.18
C UNK A 22 11.90 -18.40 -23.36
N UNK A 23 13.08 -18.95 -23.64
CA UNK A 23 13.25 -19.91 -24.74
C UNK A 23 12.34 -21.13 -24.50
N UNK A 24 12.34 -21.61 -23.26
CA UNK A 24 11.52 -22.77 -22.94
C UNK A 24 10.05 -22.48 -23.09
N UNK A 25 9.65 -21.28 -22.68
CA UNK A 25 8.26 -20.82 -22.84
C UNK A 25 7.86 -20.84 -24.32
N UNK A 26 8.76 -20.31 -25.13
CA UNK A 26 8.58 -20.24 -26.58
C UNK A 26 8.37 -21.63 -27.16
N UNK A 27 9.22 -22.54 -26.71
CA UNK A 27 9.20 -23.94 -27.15
C UNK A 27 7.84 -24.56 -26.81
N UNK A 28 7.40 -24.31 -25.59
CA UNK A 28 6.13 -24.81 -25.08
C UNK A 28 4.98 -24.32 -25.96
N UNK A 29 5.04 -23.03 -26.27
CA UNK A 29 4.04 -22.36 -27.11
C UNK A 29 3.96 -23.04 -28.48
N UNK A 30 5.15 -23.27 -29.03
CA UNK A 30 5.30 -23.92 -30.34
C UNK A 30 4.77 -25.35 -30.45
N UNK A 31 5.34 -26.24 -29.62
CA UNK A 31 5.09 -27.69 -29.71
C UNK A 31 3.64 -28.08 -29.42
N UNK A 32 3.00 -27.37 -28.48
CA UNK A 32 1.58 -27.60 -28.15
C UNK A 32 0.59 -27.01 -29.16
N UNK A 33 1.08 -26.22 -30.13
CA UNK A 33 0.26 -25.52 -31.13
C UNK A 33 -0.67 -24.50 -30.46
N UNK A 34 -0.03 -23.55 -29.77
CA UNK A 34 -0.71 -22.53 -28.97
C UNK A 34 -0.17 -21.15 -29.37
N UNK A 35 -1.02 -20.13 -29.25
CA UNK A 35 -0.66 -18.74 -29.62
C UNK A 35 -1.04 -17.73 -28.53
N UNK A 36 -0.33 -17.80 -27.41
CA UNK A 36 -0.42 -16.82 -26.32
C UNK A 36 0.93 -16.12 -26.13
N UNK A 37 0.90 -14.82 -25.86
CA UNK A 37 2.12 -14.04 -25.61
C UNK A 37 2.69 -14.35 -24.22
N UNK A 38 4.02 -14.38 -24.12
CA UNK A 38 4.70 -14.83 -22.89
C UNK A 38 4.75 -13.81 -21.75
N UNK A 39 4.50 -12.53 -22.04
CA UNK A 39 4.55 -11.47 -21.03
C UNK A 39 3.37 -11.56 -20.06
N UNK A 40 2.16 -11.49 -20.61
CA UNK A 40 0.92 -11.57 -19.82
C UNK A 40 0.44 -13.02 -19.77
N UNK A 41 0.95 -13.76 -18.79
CA UNK A 41 0.58 -15.16 -18.56
C UNK A 41 0.15 -15.40 -17.11
N UNK A 42 -0.77 -16.34 -16.93
CA UNK A 42 -1.31 -16.71 -15.61
C UNK A 42 -1.53 -18.24 -15.55
N UNK A 43 -2.09 -18.70 -14.44
CA UNK A 43 -2.52 -20.07 -14.26
C UNK A 43 -3.58 -20.46 -15.27
N UNK A 44 -4.44 -19.52 -15.68
CA UNK A 44 -5.52 -19.77 -16.59
C UNK A 44 -4.99 -20.35 -17.90
N UNK A 45 -3.95 -19.69 -18.40
CA UNK A 45 -3.31 -20.08 -19.66
C UNK A 45 -2.81 -21.52 -19.56
N UNK A 46 -2.14 -21.80 -18.43
CA UNK A 46 -1.58 -23.13 -18.18
C UNK A 46 -2.68 -24.17 -18.19
N UNK A 47 -3.79 -23.85 -17.53
CA UNK A 47 -4.95 -24.71 -17.42
C UNK A 47 -5.72 -24.75 -18.74
N UNK A 48 -5.74 -23.68 -19.53
CA UNK A 48 -6.49 -23.62 -20.79
C UNK A 48 -6.20 -24.82 -21.70
N UNK A 49 -4.93 -25.07 -21.97
CA UNK A 49 -4.50 -26.31 -22.63
C UNK A 49 -4.59 -27.45 -21.62
N UNK A 50 -5.13 -28.59 -22.06
CA UNK A 50 -5.42 -29.70 -21.16
C UNK A 50 -4.11 -30.37 -20.69
N UNK A 51 -3.73 -30.10 -19.45
CA UNK A 51 -2.48 -30.61 -18.87
C UNK A 51 -2.54 -32.10 -18.52
N UNK A 52 -3.74 -32.67 -18.42
CA UNK A 52 -3.89 -34.12 -18.28
C UNK A 52 -3.52 -34.84 -19.57
N UNK A 53 -3.99 -34.31 -20.70
CA UNK A 53 -3.74 -34.91 -22.01
C UNK A 53 -2.35 -34.53 -22.54
N UNK A 54 -2.07 -33.23 -22.60
CA UNK A 54 -0.80 -32.70 -23.09
C UNK A 54 0.22 -32.48 -21.95
N UNK A 55 0.61 -33.59 -21.32
CA UNK A 55 1.56 -33.57 -20.20
C UNK A 55 2.98 -33.86 -20.74
N UNK A 56 3.05 -34.88 -21.58
CA UNK A 56 4.28 -35.46 -22.04
C UNK A 56 5.25 -34.48 -22.67
N UNK A 57 4.75 -33.70 -23.62
CA UNK A 57 5.57 -32.70 -24.33
C UNK A 57 6.17 -31.71 -23.34
N UNK A 58 5.30 -31.25 -22.44
CA UNK A 58 5.68 -30.28 -21.41
C UNK A 58 6.81 -30.85 -20.55
N UNK A 59 6.62 -32.11 -20.15
CA UNK A 59 7.59 -32.83 -19.32
C UNK A 59 8.93 -32.88 -20.02
N UNK A 60 8.88 -33.22 -21.30
CA UNK A 60 10.07 -33.34 -22.14
C UNK A 60 10.83 -32.01 -22.17
N UNK A 61 10.05 -30.96 -22.36
CA UNK A 61 10.58 -29.59 -22.42
C UNK A 61 11.31 -29.25 -21.12
N UNK A 62 10.64 -29.58 -20.03
CA UNK A 62 11.18 -29.34 -18.68
C UNK A 62 12.52 -30.05 -18.51
N UNK A 63 12.53 -31.31 -18.94
CA UNK A 63 13.73 -32.16 -18.86
C UNK A 63 14.88 -31.51 -19.62
N UNK A 64 14.56 -31.05 -20.82
CA UNK A 64 15.52 -30.39 -21.71
C UNK A 64 16.12 -29.17 -21.02
N UNK A 65 15.23 -28.38 -20.43
CA UNK A 65 15.60 -27.17 -19.71
C UNK A 65 16.58 -27.48 -18.59
N UNK A 66 16.23 -28.53 -17.85
CA UNK A 66 17.03 -29.01 -16.72
C UNK A 66 18.44 -29.37 -17.19
N UNK A 67 18.46 -30.10 -18.29
CA UNK A 67 19.72 -30.56 -18.91
C UNK A 67 20.60 -29.35 -19.24
N UNK A 68 19.95 -28.38 -19.88
CA UNK A 68 20.61 -27.14 -20.31
C UNK A 68 21.21 -26.42 -19.11
N UNK A 69 20.39 -26.34 -18.06
CA UNK A 69 20.72 -25.68 -16.81
C UNK A 69 21.90 -26.34 -16.22
N UNK A 70 22.00 -27.68 -16.22
CA UNK A 70 23.15 -28.35 -15.64
C UNK A 70 24.46 -27.88 -16.29
N UNK A 71 24.39 -27.87 -17.62
CA UNK A 71 25.53 -27.46 -18.46
C UNK A 71 25.94 -26.04 -18.11
N UNK A 72 24.92 -25.18 -18.01
CA UNK A 72 25.12 -23.76 -17.69
C UNK A 72 25.84 -23.62 -16.35
N UNK A 73 25.35 -24.39 -15.39
CA UNK A 73 25.91 -24.40 -14.02
C UNK A 73 27.38 -24.79 -14.06
N UNK A 74 27.65 -25.83 -14.82
CA UNK A 74 29.01 -26.37 -14.99
C UNK A 74 29.94 -25.26 -15.53
N UNK A 75 29.42 -24.59 -16.56
CA UNK A 75 30.15 -23.51 -17.22
C UNK A 75 30.49 -22.40 -16.22
N UNK A 76 29.48 -22.06 -15.44
CA UNK A 76 29.60 -21.03 -14.40
C UNK A 76 30.70 -21.38 -13.41
N UNK A 77 30.65 -22.64 -12.99
CA UNK A 77 31.62 -23.19 -12.03
C UNK A 77 33.04 -23.05 -12.58
N UNK A 78 33.17 -23.43 -13.85
CA UNK A 78 34.45 -23.38 -14.56
C UNK A 78 34.99 -21.94 -14.56
N UNK A 79 34.09 -21.03 -14.89
CA UNK A 79 34.40 -19.59 -14.95
C UNK A 79 34.92 -19.11 -13.59
N UNK A 80 34.20 -19.52 -12.55
CA UNK A 80 34.53 -19.16 -11.18
C UNK A 80 35.94 -19.63 -10.83
N UNK A 81 36.21 -20.89 -11.21
CA UNK A 81 37.46 -21.54 -10.83
C UNK A 81 38.65 -20.78 -11.37
N UNK A 82 38.53 -20.36 -12.63
CA UNK A 82 39.59 -19.62 -13.31
C UNK A 82 39.60 -18.14 -12.94
N UNK A 83 38.44 -17.51 -12.82
CA UNK A 83 38.38 -16.08 -12.42
C UNK A 83 38.87 -15.81 -11.00
N UNK A 84 38.81 -16.81 -10.11
CA UNK A 84 39.29 -16.69 -8.72
C UNK A 84 40.62 -17.41 -8.43
N UNK A 85 41.17 -18.13 -9.42
CA UNK A 85 42.44 -18.86 -9.22
C UNK A 85 43.60 -17.88 -9.17
N UNK A 86 44.65 -18.29 -8.46
CA UNK A 86 45.91 -17.54 -8.41
C UNK A 86 47.11 -18.49 -8.44
N UNK A 87 48.17 -18.06 -9.11
CA UNK A 87 49.46 -18.73 -9.01
C UNK A 87 49.98 -18.50 -7.60
N UNK A 88 50.23 -19.59 -6.87
CA UNK A 88 50.80 -19.49 -5.54
C UNK A 88 52.29 -19.20 -5.69
N UNK A 89 52.74 -18.04 -5.19
CA UNK A 89 54.12 -17.59 -5.32
C UNK A 89 54.97 -17.98 -4.11
N UNK A 90 56.28 -18.09 -4.34
CA UNK A 90 57.25 -18.31 -3.27
C UNK A 90 58.46 -17.41 -3.51
N UNK A 91 58.95 -16.79 -2.44
CA UNK A 91 60.16 -15.97 -2.48
C UNK A 91 61.39 -16.87 -2.55
N UNK A 92 62.05 -16.89 -3.71
CA UNK A 92 63.28 -17.67 -3.91
C UNK A 92 64.50 -16.80 -3.61
N UNK A 93 65.03 -16.94 -2.40
CA UNK A 93 66.18 -16.18 -1.89
C UNK A 93 66.26 -14.70 -2.33
N UNK A 94 65.13 -14.00 -2.16
CA UNK A 94 65.04 -12.53 -2.24
C UNK A 94 65.18 -11.84 -3.61
N UNK A 95 65.58 -12.56 -4.66
CA UNK A 95 65.73 -11.95 -6.00
C UNK A 95 64.37 -11.69 -6.64
N UNK A 96 63.54 -12.73 -6.69
CA UNK A 96 62.20 -12.65 -7.25
C UNK A 96 61.31 -13.72 -6.63
N UNK A 97 60.06 -13.78 -7.07
CA UNK A 97 59.07 -14.74 -6.55
C UNK A 97 58.68 -15.76 -7.62
N UNK A 98 59.10 -17.02 -7.42
CA UNK A 98 58.85 -18.11 -8.37
C UNK A 98 57.53 -18.81 -8.07
N UNK A 99 57.12 -19.71 -8.97
CA UNK A 99 55.85 -20.43 -8.85
C UNK A 99 56.03 -21.74 -8.08
N UNK A 100 54.97 -22.19 -7.42
CA UNK A 100 54.89 -23.52 -6.80
C UNK A 100 53.56 -24.18 -7.18
N UNK A 101 53.40 -25.45 -6.79
CA UNK A 101 52.13 -26.17 -6.95
C UNK A 101 51.71 -26.36 -8.39
N UNK A 102 52.66 -26.83 -9.20
CA UNK A 102 52.49 -27.00 -10.62
C UNK A 102 51.57 -28.18 -10.92
N UNK A 103 51.82 -29.28 -10.20
CA UNK A 103 51.08 -30.52 -10.38
C UNK A 103 49.59 -30.29 -10.18
N UNK A 104 49.28 -29.58 -9.10
CA UNK A 104 47.91 -29.26 -8.74
C UNK A 104 47.22 -28.49 -9.87
N UNK A 105 47.95 -27.50 -10.37
CA UNK A 105 47.49 -26.65 -11.48
C UNK A 105 47.15 -27.50 -12.70
N UNK A 106 48.08 -28.40 -13.00
CA UNK A 106 47.96 -29.31 -14.14
C UNK A 106 46.68 -30.15 -14.01
N UNK A 107 46.50 -30.67 -12.80
CA UNK A 107 45.37 -31.55 -12.49
C UNK A 107 44.05 -30.83 -12.74
N UNK A 108 44.00 -29.59 -12.26
CA UNK A 108 42.80 -28.75 -12.41
C UNK A 108 42.47 -28.57 -13.89
N UNK A 109 43.52 -28.27 -14.65
CA UNK A 109 43.40 -28.04 -16.09
C UNK A 109 42.82 -29.29 -16.76
N UNK A 110 43.38 -30.43 -16.38
CA UNK A 110 42.96 -31.74 -16.90
C UNK A 110 41.48 -31.96 -16.64
N UNK A 111 41.08 -31.66 -15.41
CA UNK A 111 39.71 -31.81 -14.96
C UNK A 111 38.67 -31.21 -15.88
N UNK A 112 38.93 -29.97 -16.35
CA UNK A 112 37.92 -29.18 -17.03
C UNK A 112 37.87 -29.53 -18.50
N UNK A 113 39.04 -29.66 -19.10
CA UNK A 113 39.17 -29.99 -20.52
C UNK A 113 38.47 -31.32 -20.83
N UNK A 114 38.75 -32.29 -19.96
CA UNK A 114 38.18 -33.62 -20.08
C UNK A 114 36.65 -33.56 -20.04
N UNK A 115 36.16 -32.78 -19.09
CA UNK A 115 34.72 -32.58 -18.89
C UNK A 115 34.09 -32.01 -20.15
N UNK A 116 34.76 -31.00 -20.69
CA UNK A 116 34.32 -30.31 -21.91
C UNK A 116 34.21 -31.31 -23.06
N UNK A 117 35.24 -32.13 -23.17
CA UNK A 117 35.32 -33.16 -24.22
C UNK A 117 34.13 -34.11 -24.11
N UNK A 118 33.89 -34.53 -22.88
CA UNK A 118 32.78 -35.45 -22.54
C UNK A 118 31.44 -34.82 -22.97
N UNK A 119 31.30 -33.57 -22.58
CA UNK A 119 30.10 -32.78 -22.84
C UNK A 119 29.79 -32.72 -24.33
N UNK A 120 30.79 -32.45 -25.17
CA UNK A 120 30.59 -32.25 -26.62
C UNK A 120 29.57 -33.16 -27.31
N UNK A 121 29.50 -34.42 -26.90
CA UNK A 121 28.66 -35.42 -27.57
C UNK A 121 27.15 -35.14 -27.42
N UNK A 122 26.64 -35.23 -26.21
CA UNK A 122 25.19 -35.26 -25.96
C UNK A 122 24.82 -34.35 -24.77
N UNK A 123 23.58 -33.84 -24.69
CA UNK A 123 22.55 -33.89 -25.76
C UNK A 123 22.28 -32.54 -26.43
N UNK A 124 22.38 -31.45 -25.66
CA UNK A 124 21.92 -30.13 -26.08
C UNK A 124 23.13 -29.21 -26.30
N UNK A 125 24.15 -29.73 -26.96
CA UNK A 125 25.43 -29.03 -27.10
C UNK A 125 25.36 -27.82 -28.03
N UNK A 126 24.44 -27.84 -29.00
CA UNK A 126 24.26 -26.72 -29.95
C UNK A 126 23.93 -25.37 -29.30
N UNK A 127 23.37 -25.39 -28.08
CA UNK A 127 23.10 -24.18 -27.32
C UNK A 127 24.40 -23.52 -26.83
N UNK A 128 25.30 -24.32 -26.26
CA UNK A 128 26.53 -23.84 -25.62
C UNK A 128 27.80 -24.05 -26.45
N UNK A 129 27.67 -24.54 -27.68
CA UNK A 129 28.83 -24.85 -28.54
C UNK A 129 29.71 -23.63 -28.84
N UNK A 130 29.10 -22.45 -28.90
CA UNK A 130 29.85 -21.20 -29.12
C UNK A 130 30.82 -20.89 -27.98
N UNK A 131 30.36 -21.05 -26.74
CA UNK A 131 31.11 -20.65 -25.56
C UNK A 131 32.00 -21.79 -25.10
N UNK A 132 31.44 -23.00 -25.08
CA UNK A 132 32.11 -24.17 -24.55
C UNK A 132 33.43 -24.41 -25.28
N UNK A 133 33.35 -24.33 -26.61
CA UNK A 133 34.50 -24.53 -27.48
C UNK A 133 35.60 -23.53 -27.14
N UNK A 134 35.17 -22.27 -27.00
CA UNK A 134 36.08 -21.17 -26.67
C UNK A 134 36.80 -21.45 -25.35
N UNK A 135 36.01 -21.89 -24.38
CA UNK A 135 36.52 -22.22 -23.04
C UNK A 135 37.58 -23.30 -23.13
N UNK A 136 37.26 -24.32 -23.91
CA UNK A 136 38.16 -25.46 -24.15
C UNK A 136 39.49 -24.98 -24.72
N UNK A 137 39.37 -24.12 -25.72
CA UNK A 137 40.52 -23.54 -26.42
C UNK A 137 41.41 -22.81 -25.43
N UNK A 138 40.76 -22.00 -24.59
CA UNK A 138 41.44 -21.20 -23.57
C UNK A 138 42.22 -22.11 -22.63
N UNK A 139 41.55 -23.17 -22.20
CA UNK A 139 42.13 -24.17 -21.29
C UNK A 139 43.39 -24.76 -21.90
N UNK A 140 43.26 -25.14 -23.17
CA UNK A 140 44.35 -25.75 -23.94
C UNK A 140 45.55 -24.81 -23.97
N UNK A 141 45.25 -23.54 -24.26
CA UNK A 141 46.28 -22.52 -24.36
C UNK A 141 47.01 -22.38 -23.02
N UNK A 142 46.23 -22.37 -21.95
CA UNK A 142 46.76 -22.26 -20.59
C UNK A 142 47.72 -23.41 -20.30
N UNK A 143 47.27 -24.60 -20.67
CA UNK A 143 48.05 -25.84 -20.47
C UNK A 143 49.38 -25.72 -21.19
N UNK A 144 49.31 -25.26 -22.43
CA UNK A 144 50.48 -25.09 -23.30
C UNK A 144 51.48 -24.15 -22.62
N UNK A 145 50.94 -23.05 -22.13
CA UNK A 145 51.74 -22.01 -21.47
C UNK A 145 52.46 -22.62 -20.24
N UNK A 146 51.71 -23.38 -19.48
CA UNK A 146 52.25 -24.01 -18.30
C UNK A 146 53.38 -24.97 -18.63
N UNK A 147 53.23 -25.75 -19.71
CA UNK A 147 54.16 -26.82 -20.00
C UNK A 147 55.57 -26.26 -20.21
N UNK A 148 55.63 -25.23 -21.03
CA UNK A 148 56.91 -24.55 -21.31
C UNK A 148 57.41 -23.90 -19.99
N UNK A 149 56.47 -23.28 -19.27
CA UNK A 149 56.78 -22.37 -18.21
C UNK A 149 57.48 -23.10 -17.10
N UNK A 150 56.94 -24.27 -16.72
CA UNK A 150 57.50 -25.06 -15.63
C UNK A 150 58.95 -25.43 -15.94
N UNK A 151 59.15 -25.87 -17.17
CA UNK A 151 60.47 -26.27 -17.66
C UNK A 151 61.45 -25.11 -17.54
N UNK A 152 60.98 -23.95 -18.00
CA UNK A 152 61.79 -22.74 -18.07
C UNK A 152 62.27 -22.35 -16.68
N UNK A 153 61.34 -22.41 -15.72
CA UNK A 153 61.63 -22.06 -14.33
C UNK A 153 62.76 -22.95 -13.79
N UNK A 154 62.59 -24.24 -14.07
CA UNK A 154 63.55 -25.26 -13.63
C UNK A 154 64.93 -24.96 -14.19
N UNK A 155 64.94 -24.63 -15.48
CA UNK A 155 66.18 -24.31 -16.20
C UNK A 155 66.87 -23.13 -15.54
N UNK A 156 66.07 -22.12 -15.24
CA UNK A 156 66.54 -20.88 -14.62
C UNK A 156 67.19 -21.20 -13.28
N UNK A 157 66.53 -22.04 -12.49
CA UNK A 157 66.82 -22.03 -11.02
C UNK A 157 68.24 -22.55 -10.82
N UNK A 158 68.55 -23.65 -11.46
CA UNK A 158 69.90 -24.20 -11.25
C UNK A 158 70.96 -23.30 -11.84
N UNK A 159 70.65 -22.67 -12.97
CA UNK A 159 71.56 -21.75 -13.63
C UNK A 159 71.93 -20.61 -12.70
N UNK A 160 70.91 -20.06 -12.05
CA UNK A 160 71.07 -18.96 -11.11
C UNK A 160 72.03 -19.34 -9.99
N UNK A 161 71.79 -20.54 -9.47
CA UNK A 161 72.63 -21.11 -8.40
C UNK A 161 74.07 -21.19 -8.85
N UNK A 162 74.26 -21.69 -10.07
CA UNK A 162 75.58 -21.80 -10.69
C UNK A 162 76.30 -20.47 -10.82
N UNK A 163 75.65 -19.50 -11.44
CA UNK A 163 76.26 -18.23 -11.83
C UNK A 163 76.53 -17.26 -10.68
N UNK A 164 75.92 -17.50 -9.51
CA UNK A 164 76.25 -16.79 -8.28
C UNK A 164 77.23 -17.57 -7.38
N UNK A 165 77.93 -18.55 -7.95
CA UNK A 165 78.96 -19.29 -7.23
C UNK A 165 80.27 -18.54 -7.18
N UNK A 166 81.37 -19.23 -7.47
CA UNK A 166 82.71 -18.62 -7.44
C UNK A 166 82.96 -17.79 -8.70
N UNK A 167 83.40 -16.55 -8.50
CA UNK A 167 83.86 -15.70 -9.61
C UNK A 167 85.16 -16.27 -10.18
N UNK A 168 85.39 -15.98 -11.46
CA UNK A 168 86.31 -16.67 -12.40
C UNK A 168 85.52 -17.48 -13.41
N UNK A 169 84.30 -17.88 -13.07
CA UNK A 169 83.32 -18.38 -14.04
C UNK A 169 82.96 -17.26 -15.02
N UNK A 170 82.86 -16.04 -14.51
CA UNK A 170 82.62 -14.84 -15.32
C UNK A 170 83.75 -14.58 -16.33
N UNK A 171 84.99 -14.91 -15.95
CA UNK A 171 86.15 -14.82 -16.85
C UNK A 171 86.34 -16.04 -17.76
N UNK A 172 85.97 -17.23 -17.29
CA UNK A 172 86.19 -18.48 -18.04
C UNK A 172 85.30 -18.58 -19.28
N UNK A 173 84.01 -18.32 -19.11
CA UNK A 173 83.02 -18.36 -20.21
C UNK A 173 82.32 -17.00 -20.32
N UNK A 174 83.03 -15.98 -20.82
CA UNK A 174 82.58 -14.61 -20.57
C UNK A 174 81.37 -14.27 -21.41
N UNK A 175 81.45 -14.66 -22.68
CA UNK A 175 80.36 -14.43 -23.64
C UNK A 175 79.09 -15.12 -23.15
N UNK A 176 79.25 -16.36 -22.71
CA UNK A 176 78.16 -17.18 -22.21
C UNK A 176 77.49 -16.48 -21.03
N UNK A 177 78.33 -16.00 -20.12
CA UNK A 177 77.88 -15.30 -18.91
C UNK A 177 77.05 -14.08 -19.29
N UNK A 178 77.58 -13.34 -20.25
CA UNK A 178 76.92 -12.12 -20.75
C UNK A 178 75.54 -12.45 -21.29
N UNK A 179 75.49 -13.53 -22.07
CA UNK A 179 74.25 -14.01 -22.68
C UNK A 179 73.22 -14.33 -21.61
N UNK A 180 73.70 -15.03 -20.59
CA UNK A 180 72.88 -15.44 -19.45
C UNK A 180 72.27 -14.22 -18.77
N UNK A 181 73.14 -13.24 -18.56
CA UNK A 181 72.77 -11.97 -17.91
C UNK A 181 71.65 -11.30 -18.70
N UNK A 182 71.85 -11.26 -20.01
CA UNK A 182 70.92 -10.63 -20.95
C UNK A 182 69.54 -11.33 -20.83
N UNK A 183 69.59 -12.66 -20.81
CA UNK A 183 68.31 -13.37 -20.79
C UNK A 183 67.64 -13.16 -19.42
N UNK A 184 68.46 -13.30 -18.36
CA UNK A 184 68.00 -13.45 -17.01
C UNK A 184 67.20 -12.25 -16.58
N UNK A 185 67.64 -11.05 -16.96
CA UNK A 185 66.98 -9.80 -16.61
C UNK A 185 65.53 -9.82 -17.08
N UNK A 186 65.36 -10.25 -18.34
CA UNK A 186 64.05 -10.34 -18.98
C UNK A 186 63.13 -11.26 -18.17
N UNK A 187 63.70 -12.40 -17.81
CA UNK A 187 62.99 -13.42 -17.03
C UNK A 187 62.51 -12.84 -15.71
N UNK A 188 63.42 -12.13 -15.06
CA UNK A 188 63.16 -11.48 -13.77
C UNK A 188 61.98 -10.51 -13.90
N UNK A 189 62.05 -9.72 -14.96
CA UNK A 189 61.02 -8.72 -15.27
C UNK A 189 59.66 -9.39 -15.42
N UNK A 190 59.67 -10.48 -16.17
CA UNK A 190 58.47 -11.27 -16.43
C UNK A 190 57.86 -11.77 -15.12
N UNK A 191 58.73 -12.28 -14.28
CA UNK A 191 58.36 -12.81 -12.96
C UNK A 191 57.69 -11.73 -12.14
N UNK A 192 58.32 -10.56 -12.15
CA UNK A 192 57.82 -9.38 -11.42
C UNK A 192 56.41 -9.02 -11.88
N UNK A 193 56.26 -9.02 -13.20
CA UNK A 193 54.98 -8.70 -13.84
C UNK A 193 53.89 -9.68 -13.37
N UNK A 194 54.27 -10.95 -13.38
CA UNK A 194 53.38 -12.04 -12.96
C UNK A 194 52.92 -11.82 -11.53
N UNK A 195 53.89 -11.48 -10.67
CA UNK A 195 53.67 -11.25 -9.26
C UNK A 195 52.71 -10.13 -9.02
N UNK A 196 52.79 -9.07 -9.84
CA UNK A 196 51.82 -7.96 -9.78
C UNK A 196 50.37 -8.46 -9.85
N UNK A 197 50.07 -9.38 -10.76
CA UNK A 197 48.72 -9.94 -10.93
C UNK A 197 48.74 -11.49 -10.92
N UNK A 198 48.64 -12.10 -9.71
CA UNK A 198 48.67 -13.57 -9.54
C UNK A 198 47.65 -14.42 -10.31
N UNK A 199 46.55 -13.84 -10.80
CA UNK A 199 45.53 -14.61 -11.52
C UNK A 199 46.10 -15.22 -12.81
N UNK A 200 45.77 -16.49 -13.07
CA UNK A 200 46.31 -17.21 -14.21
C UNK A 200 45.78 -16.67 -15.51
N UNK A 201 44.48 -16.32 -15.52
CA UNK A 201 43.84 -15.72 -16.69
C UNK A 201 44.56 -14.44 -17.08
N UNK A 202 44.84 -13.63 -16.08
CA UNK A 202 45.53 -12.34 -16.26
C UNK A 202 46.89 -12.56 -16.92
N UNK A 203 47.59 -13.54 -16.39
CA UNK A 203 48.93 -13.92 -16.88
C UNK A 203 48.85 -14.30 -18.35
N UNK A 204 47.86 -15.13 -18.65
CA UNK A 204 47.62 -15.62 -20.01
C UNK A 204 47.41 -14.44 -20.96
N UNK A 205 46.57 -13.51 -20.50
CA UNK A 205 46.20 -12.35 -21.31
C UNK A 205 47.42 -11.53 -21.72
N UNK A 206 48.41 -11.36 -20.83
CA UNK A 206 49.59 -10.49 -21.08
C UNK A 206 50.19 -10.75 -22.47
N UNK A 207 50.58 -9.67 -23.16
CA UNK A 207 50.95 -9.72 -24.57
C UNK A 207 52.24 -10.51 -24.82
N UNK A 208 52.18 -11.43 -25.77
CA UNK A 208 53.34 -12.19 -26.23
C UNK A 208 54.01 -13.10 -25.21
N UNK A 209 53.23 -13.61 -24.26
CA UNK A 209 53.76 -14.49 -23.21
C UNK A 209 54.11 -15.86 -23.79
N UNK A 210 53.23 -16.36 -24.66
CA UNK A 210 53.48 -17.61 -25.39
C UNK A 210 54.75 -17.52 -26.23
N UNK A 211 54.99 -16.36 -26.84
CA UNK A 211 56.24 -16.09 -27.57
C UNK A 211 57.43 -15.96 -26.64
N UNK A 212 57.28 -15.18 -25.56
CA UNK A 212 58.38 -14.83 -24.66
C UNK A 212 59.11 -16.03 -24.07
N UNK A 213 58.35 -17.03 -23.64
CA UNK A 213 58.93 -18.24 -23.07
C UNK A 213 59.51 -19.18 -24.12
N UNK A 214 58.83 -19.31 -25.25
CA UNK A 214 59.36 -20.10 -26.38
C UNK A 214 60.69 -19.55 -26.88
N UNK A 215 60.88 -18.24 -26.78
CA UNK A 215 62.19 -17.62 -27.02
C UNK A 215 63.16 -17.98 -25.89
N UNK A 216 62.70 -17.93 -24.64
CA UNK A 216 63.50 -18.24 -23.47
C UNK A 216 63.98 -19.67 -23.39
N UNK A 217 63.05 -20.61 -23.59
CA UNK A 217 63.31 -22.03 -23.37
C UNK A 217 64.46 -22.49 -24.26
N UNK A 218 64.35 -22.09 -25.53
CA UNK A 218 65.36 -22.44 -26.55
C UNK A 218 66.73 -21.88 -26.16
N UNK A 219 66.70 -20.63 -25.73
CA UNK A 219 67.89 -19.88 -25.32
C UNK A 219 68.61 -20.62 -24.20
N UNK A 220 67.80 -21.01 -23.22
CA UNK A 220 68.30 -21.73 -22.04
C UNK A 220 68.97 -23.03 -22.45
N UNK A 221 68.31 -23.73 -23.36
CA UNK A 221 68.77 -25.02 -23.88
C UNK A 221 70.15 -24.82 -24.55
N UNK A 222 70.25 -23.77 -25.35
CA UNK A 222 71.53 -23.56 -26.02
C UNK A 222 72.64 -23.15 -25.07
N UNK A 223 72.28 -22.39 -24.03
CA UNK A 223 73.22 -22.04 -22.96
C UNK A 223 73.73 -23.31 -22.29
N UNK A 224 72.82 -24.23 -22.02
CA UNK A 224 73.11 -25.50 -21.38
C UNK A 224 74.27 -26.26 -22.00
N UNK A 225 74.29 -26.32 -23.33
CA UNK A 225 75.38 -26.96 -24.09
C UNK A 225 76.77 -26.39 -23.75
N UNK A 226 76.85 -25.06 -23.63
CA UNK A 226 78.13 -24.36 -23.41
C UNK A 226 78.74 -24.55 -22.03
N UNK A 227 77.91 -24.95 -21.05
CA UNK A 227 78.38 -25.16 -19.68
C UNK A 227 79.22 -26.43 -19.51
N UNK A 228 79.05 -27.41 -20.38
CA UNK A 228 79.83 -28.65 -20.38
C UNK A 228 81.34 -28.47 -20.38
N UNK A 229 81.80 -27.40 -21.04
CA UNK A 229 83.19 -26.98 -21.00
C UNK A 229 83.63 -26.62 -19.58
N UNK A 230 82.78 -25.86 -18.88
CA UNK A 230 83.01 -25.48 -17.48
C UNK A 230 82.83 -26.65 -16.50
N UNK A 231 81.83 -27.49 -16.76
CA UNK A 231 81.53 -28.65 -15.90
C UNK A 231 82.74 -29.56 -15.63
N UNK A 232 83.65 -29.66 -16.58
CA UNK A 232 84.72 -30.66 -16.48
C UNK A 232 85.65 -30.37 -15.34
N UNK A 233 85.94 -29.10 -15.12
CA UNK A 233 86.76 -28.65 -13.98
C UNK A 233 86.09 -29.08 -12.68
N UNK A 234 84.78 -28.80 -12.62
CA UNK A 234 83.96 -29.16 -11.45
C UNK A 234 84.01 -30.67 -11.23
N UNK A 235 83.87 -31.40 -12.33
CA UNK A 235 83.89 -32.87 -12.31
C UNK A 235 85.20 -33.37 -11.72
N UNK A 236 86.28 -32.76 -12.19
CA UNK A 236 87.64 -33.09 -11.76
C UNK A 236 87.76 -32.91 -10.25
N UNK A 237 87.26 -31.78 -9.78
CA UNK A 237 87.25 -31.48 -8.34
C UNK A 237 86.61 -32.59 -7.50
N UNK A 238 85.45 -33.13 -7.92
CA UNK A 238 84.74 -34.20 -7.18
C UNK A 238 84.58 -35.51 -7.99
N UNK A 239 85.23 -36.61 -7.57
CA UNK A 239 85.39 -37.82 -8.41
C UNK A 239 84.14 -38.53 -8.93
N UNK A 240 83.02 -38.38 -8.23
CA UNK A 240 81.80 -39.10 -8.58
C UNK A 240 80.93 -38.41 -9.64
N UNK A 241 81.25 -37.17 -9.97
CA UNK A 241 80.54 -36.46 -11.04
C UNK A 241 80.84 -36.97 -12.46
N UNK A 242 81.82 -37.87 -12.62
CA UNK A 242 81.98 -38.64 -13.87
C UNK A 242 80.84 -39.64 -14.14
N UNK A 243 80.01 -39.92 -13.14
CA UNK A 243 78.92 -40.86 -13.29
C UNK A 243 77.55 -40.22 -13.45
N UNK A 244 77.48 -38.88 -13.43
CA UNK A 244 76.21 -38.18 -13.74
C UNK A 244 76.40 -37.25 -14.93
N UNK A 245 75.30 -37.05 -15.66
CA UNK A 245 75.34 -36.36 -16.93
C UNK A 245 75.32 -34.86 -16.77
N UNK A 246 75.46 -34.17 -17.89
CA UNK A 246 75.57 -32.72 -17.92
C UNK A 246 74.22 -31.99 -17.80
N UNK A 247 73.16 -32.73 -17.47
CA UNK A 247 71.90 -32.14 -17.00
C UNK A 247 71.57 -32.48 -15.55
N UNK A 248 72.16 -33.55 -15.01
CA UNK A 248 72.01 -33.92 -13.61
C UNK A 248 72.97 -33.11 -12.75
N UNK A 249 74.21 -33.01 -13.23
CA UNK A 249 75.29 -32.32 -12.53
C UNK A 249 74.90 -30.87 -12.31
N UNK A 250 74.35 -30.25 -13.38
CA UNK A 250 73.97 -28.84 -13.35
C UNK A 250 73.01 -28.56 -12.21
N UNK A 251 72.00 -29.44 -12.10
CA UNK A 251 70.98 -29.32 -11.07
C UNK A 251 71.61 -29.34 -9.68
N UNK A 252 72.53 -30.29 -9.51
CA UNK A 252 73.26 -30.48 -8.26
C UNK A 252 74.01 -29.20 -7.90
N UNK A 253 74.69 -28.66 -8.90
CA UNK A 253 75.48 -27.44 -8.70
C UNK A 253 74.60 -26.29 -8.28
N UNK A 254 73.45 -26.18 -8.94
CA UNK A 254 72.45 -25.14 -8.65
C UNK A 254 71.80 -25.23 -7.29
N UNK A 255 71.18 -26.38 -7.08
CA UNK A 255 70.34 -26.63 -5.92
C UNK A 255 71.12 -26.95 -4.63
N UNK A 256 72.45 -26.82 -4.64
CA UNK A 256 73.28 -26.87 -3.42
C UNK A 256 72.67 -26.11 -2.24
N UNK A 257 72.09 -24.94 -2.52
CA UNK A 257 71.41 -24.13 -1.52
C UNK A 257 70.07 -24.75 -1.09
N UNK A 258 69.27 -25.18 -2.06
CA UNK A 258 67.96 -25.79 -1.78
C UNK A 258 68.06 -27.16 -1.12
N UNK A 259 69.01 -27.97 -1.57
CA UNK A 259 69.44 -29.22 -0.91
C UNK A 259 68.46 -30.41 -0.94
N UNK A 260 67.16 -30.15 -0.78
CA UNK A 260 66.13 -31.19 -0.89
C UNK A 260 66.01 -31.76 -2.30
N UNK A 261 66.28 -30.92 -3.30
CA UNK A 261 66.24 -31.32 -4.71
C UNK A 261 67.37 -32.29 -5.07
N UNK A 262 68.48 -32.23 -4.34
CA UNK A 262 69.59 -33.18 -4.53
C UNK A 262 69.28 -34.63 -4.12
N UNK A 263 68.33 -34.82 -3.20
CA UNK A 263 68.09 -36.15 -2.61
C UNK A 263 67.65 -37.25 -3.58
N UNK A 264 67.13 -36.90 -4.75
CA UNK A 264 66.92 -37.89 -5.81
C UNK A 264 68.25 -38.33 -6.45
N UNK A 265 69.19 -37.38 -6.59
CA UNK A 265 70.43 -37.60 -7.37
C UNK A 265 71.51 -38.48 -6.73
N UNK A 266 71.34 -38.90 -5.48
CA UNK A 266 72.35 -39.78 -4.83
C UNK A 266 72.29 -41.24 -5.29
N UNK A 267 71.11 -41.69 -5.73
CA UNK A 267 70.98 -42.93 -6.52
C UNK A 267 72.01 -43.02 -7.65
N UNK A 268 72.28 -41.88 -8.29
CA UNK A 268 73.24 -41.80 -9.41
C UNK A 268 74.67 -42.10 -8.95
N UNK A 269 75.08 -41.47 -7.84
CA UNK A 269 76.49 -41.39 -7.49
C UNK A 269 77.01 -42.57 -6.66
N UNK A 270 76.38 -42.82 -5.51
CA UNK A 270 76.81 -43.89 -4.57
C UNK A 270 75.98 -45.15 -4.81
N UNK A 271 76.40 -46.25 -4.17
CA UNK A 271 75.74 -47.54 -4.36
C UNK A 271 74.41 -47.58 -3.61
N UNK A 272 74.48 -47.71 -2.29
CA UNK A 272 73.29 -47.85 -1.48
C UNK A 272 72.53 -46.57 -1.27
N UNK A 273 73.24 -45.43 -1.29
CA UNK A 273 72.73 -44.19 -0.72
C UNK A 273 71.61 -43.59 -1.55
N UNK A 274 70.38 -43.71 -1.04
CA UNK A 274 69.23 -43.08 -1.66
C UNK A 274 69.20 -41.62 -1.25
N UNK A 275 69.07 -41.39 0.05
CA UNK A 275 68.88 -40.03 0.59
C UNK A 275 69.83 -39.77 1.76
N UNK A 276 69.86 -38.51 2.19
CA UNK A 276 70.73 -38.07 3.28
C UNK A 276 69.92 -37.34 4.33
N UNK A 277 69.90 -37.89 5.55
CA UNK A 277 69.10 -37.34 6.64
C UNK A 277 69.72 -36.04 7.12
N UNK A 278 68.96 -34.96 6.98
CA UNK A 278 69.44 -33.60 7.20
C UNK A 278 68.66 -32.95 8.35
N UNK A 279 69.29 -31.97 9.00
CA UNK A 279 68.71 -31.30 10.17
C UNK A 279 67.57 -30.35 9.77
N UNK A 280 66.67 -30.09 10.72
CA UNK A 280 65.52 -29.20 10.50
C UNK A 280 65.88 -27.79 10.03
N UNK A 281 67.07 -27.32 10.39
CA UNK A 281 67.57 -26.00 9.97
C UNK A 281 68.02 -25.92 8.50
N UNK A 282 68.18 -27.06 7.84
CA UNK A 282 68.77 -27.16 6.48
C UNK A 282 70.22 -26.66 6.44
N UNK A 283 70.95 -26.93 7.53
CA UNK A 283 72.35 -26.52 7.67
C UNK A 283 73.33 -27.64 8.12
N UNK A 284 72.81 -28.82 8.45
CA UNK A 284 73.60 -29.87 9.09
C UNK A 284 73.10 -31.25 8.62
N UNK A 285 74.03 -32.18 8.36
CA UNK A 285 73.70 -33.51 7.83
C UNK A 285 73.81 -34.55 8.94
N UNK A 286 72.66 -34.96 9.48
CA UNK A 286 72.61 -35.96 10.55
C UNK A 286 73.10 -37.34 10.13
N UNK A 287 72.74 -37.77 8.92
CA UNK A 287 73.10 -39.12 8.48
C UNK A 287 72.80 -39.44 7.03
N UNK A 288 72.84 -40.74 6.73
CA UNK A 288 72.62 -41.28 5.39
C UNK A 288 71.48 -42.29 5.45
N UNK A 289 70.85 -42.54 4.30
CA UNK A 289 69.72 -43.46 4.23
C UNK A 289 69.58 -44.16 2.88
N UNK A 290 69.47 -45.48 2.95
CA UNK A 290 69.27 -46.33 1.77
C UNK A 290 67.85 -46.24 1.24
N UNK A 291 67.67 -46.70 0.00
CA UNK A 291 66.35 -46.76 -0.65
C UNK A 291 65.46 -47.82 0.01
N UNK A 292 66.07 -48.88 0.53
CA UNK A 292 65.33 -50.00 1.11
C UNK A 292 64.67 -49.66 2.44
N UNK A 293 65.38 -48.90 3.29
CA UNK A 293 64.81 -48.44 4.56
C UNK A 293 65.84 -48.00 5.58
N UNK A 294 66.79 -48.88 5.86
CA UNK A 294 67.81 -48.66 6.92
C UNK A 294 68.64 -47.41 6.71
N UNK A 295 69.17 -46.89 7.81
CA UNK A 295 69.86 -45.60 7.83
C UNK A 295 70.95 -45.54 8.90
N UNK A 296 72.12 -45.06 8.51
CA UNK A 296 73.23 -44.84 9.43
C UNK A 296 73.29 -43.35 9.78
N UNK A 297 73.44 -43.05 11.06
CA UNK A 297 73.62 -41.68 11.54
C UNK A 297 75.12 -41.40 11.65
N UNK A 298 75.52 -40.18 11.30
CA UNK A 298 76.92 -39.77 11.40
C UNK A 298 77.36 -39.56 12.85
N UNK A 299 78.67 -39.57 13.04
CA UNK A 299 79.28 -39.14 14.28
C UNK A 299 79.45 -37.63 14.23
N UNK A 300 80.08 -37.13 13.17
CA UNK A 300 80.22 -35.69 12.92
C UNK A 300 79.06 -35.21 12.05
N UNK A 301 78.27 -34.23 12.52
CA UNK A 301 77.14 -33.75 11.71
C UNK A 301 77.44 -32.98 10.41
N UNK A 302 78.72 -32.64 10.16
CA UNK A 302 79.14 -31.90 8.95
C UNK A 302 78.50 -30.48 8.92
N UNK A 303 78.72 -29.72 7.84
CA UNK A 303 78.55 -28.27 7.90
C UNK A 303 78.08 -27.66 6.59
N UNK A 304 76.76 -27.57 6.45
CA UNK A 304 76.16 -26.70 5.44
C UNK A 304 76.01 -25.30 6.06
N UNK A 305 76.08 -25.19 7.40
CA UNK A 305 76.10 -23.90 8.10
C UNK A 305 77.35 -23.06 7.78
N UNK A 306 78.50 -23.74 7.64
CA UNK A 306 79.75 -23.08 7.23
C UNK A 306 79.69 -22.61 5.78
N UNK A 307 78.94 -23.34 4.95
CA UNK A 307 78.85 -23.13 3.51
C UNK A 307 80.21 -23.16 2.80
N UNK A 308 80.94 -24.29 2.92
CA UNK A 308 81.99 -24.52 1.92
C UNK A 308 81.32 -24.86 0.59
N UNK A 309 82.03 -24.65 -0.52
CA UNK A 309 81.43 -24.83 -1.85
C UNK A 309 81.00 -26.29 -2.07
N UNK A 310 79.85 -26.46 -2.72
CA UNK A 310 79.17 -27.75 -2.92
C UNK A 310 80.07 -28.99 -2.92
N UNK A 311 81.11 -28.98 -3.76
CA UNK A 311 81.94 -30.16 -3.99
C UNK A 311 82.80 -30.56 -2.80
N UNK A 312 83.16 -29.55 -1.99
CA UNK A 312 83.92 -29.77 -0.76
C UNK A 312 83.16 -30.65 0.24
N UNK A 313 81.96 -30.17 0.60
CA UNK A 313 81.17 -30.79 1.66
C UNK A 313 80.76 -32.19 1.29
N UNK A 314 80.47 -32.42 0.01
CA UNK A 314 80.12 -33.76 -0.49
C UNK A 314 81.25 -34.74 -0.19
N UNK A 315 82.46 -34.28 -0.50
CA UNK A 315 83.69 -35.07 -0.29
C UNK A 315 83.82 -35.45 1.17
N UNK A 316 83.60 -34.45 2.03
CA UNK A 316 83.68 -34.61 3.49
C UNK A 316 82.70 -35.68 3.95
N UNK A 317 81.49 -35.57 3.43
CA UNK A 317 80.40 -36.50 3.73
C UNK A 317 80.80 -37.93 3.38
N UNK A 318 81.36 -38.05 2.19
CA UNK A 318 81.82 -39.33 1.65
C UNK A 318 82.86 -39.95 2.58
N UNK A 319 83.79 -39.11 2.99
CA UNK A 319 84.90 -39.49 3.87
C UNK A 319 84.32 -40.04 5.19
N UNK A 320 83.38 -39.28 5.71
CA UNK A 320 82.80 -39.54 7.03
C UNK A 320 82.08 -40.86 7.01
N UNK A 321 81.36 -41.15 5.92
CA UNK A 321 80.51 -42.32 5.82
C UNK A 321 81.31 -43.59 6.07
N UNK A 322 82.47 -43.65 5.40
CA UNK A 322 83.39 -44.78 5.48
C UNK A 322 83.82 -44.99 6.94
N UNK A 323 84.18 -43.88 7.56
CA UNK A 323 84.66 -43.89 8.96
C UNK A 323 83.55 -44.45 9.86
N UNK A 324 82.35 -43.89 9.65
CA UNK A 324 81.20 -44.21 10.48
C UNK A 324 80.89 -45.69 10.42
N UNK A 325 80.89 -46.19 9.19
CA UNK A 325 80.61 -47.63 8.92
C UNK A 325 81.63 -48.48 9.64
N UNK A 326 82.89 -48.09 9.54
CA UNK A 326 84.00 -48.80 10.17
C UNK A 326 83.77 -48.90 11.67
N UNK A 327 83.41 -47.74 12.24
CA UNK A 327 83.15 -47.62 13.67
C UNK A 327 82.04 -48.59 14.09
N UNK A 328 80.99 -48.58 13.29
CA UNK A 328 79.81 -49.44 13.53
C UNK A 328 80.23 -50.90 13.54
N UNK A 329 81.03 -51.26 12.56
CA UNK A 329 81.55 -52.63 12.40
C UNK A 329 82.32 -53.04 13.65
N UNK A 330 83.18 -52.12 14.09
CA UNK A 330 84.01 -52.32 15.27
C UNK A 330 83.13 -52.61 16.50
N UNK A 331 82.11 -51.78 16.62
CA UNK A 331 81.15 -51.88 17.72
C UNK A 331 80.48 -53.25 17.72
N UNK A 332 80.07 -53.66 16.53
CA UNK A 332 79.40 -54.94 16.32
C UNK A 332 80.30 -56.08 16.76
N UNK A 333 81.57 -55.99 16.36
CA UNK A 333 82.59 -56.97 16.75
C UNK A 333 82.70 -57.05 18.28
N UNK A 334 82.73 -55.88 18.89
CA UNK A 334 82.82 -55.73 20.34
C UNK A 334 81.65 -56.42 21.01
N UNK A 335 80.47 -56.20 20.47
CA UNK A 335 79.23 -56.83 20.94
C UNK A 335 79.37 -58.35 20.88
N UNK A 336 79.91 -58.82 19.75
CA UNK A 336 80.12 -60.24 19.53
C UNK A 336 81.01 -60.83 20.62
N UNK A 337 82.09 -60.10 20.90
CA UNK A 337 83.06 -60.49 21.94
C UNK A 337 82.37 -60.68 23.30
N UNK A 338 81.49 -59.75 23.68
CA UNK A 338 80.69 -59.88 24.93
C UNK A 338 79.48 -60.83 24.80
N UNK A 339 78.99 -61.07 23.57
CA UNK A 339 78.16 -62.23 23.25
C UNK A 339 78.98 -63.50 23.53
N UNK A 340 78.33 -64.66 23.43
CA UNK A 340 79.05 -65.91 23.19
C UNK A 340 79.78 -65.72 21.86
N UNK A 341 79.05 -65.62 20.75
CA UNK A 341 77.64 -66.03 20.64
C UNK A 341 77.62 -67.56 20.53
N UNK A 342 78.62 -68.08 19.80
CA UNK A 342 78.90 -69.51 19.66
C UNK A 342 78.70 -70.39 20.90
N UNK A 343 79.24 -69.96 22.04
CA UNK A 343 79.33 -70.79 23.24
C UNK A 343 77.97 -71.20 23.82
N UNK A 344 77.17 -70.20 24.20
CA UNK A 344 75.82 -70.42 24.76
C UNK A 344 74.87 -69.33 24.24
N UNK A 345 73.82 -69.76 23.53
CA UNK A 345 72.96 -68.84 22.79
C UNK A 345 71.80 -68.24 23.59
N UNK A 346 71.21 -67.19 23.03
CA UNK A 346 69.95 -66.61 23.50
C UNK A 346 69.32 -65.81 22.35
N UNK A 347 68.17 -66.28 21.82
CA UNK A 347 67.59 -65.67 20.61
C UNK A 347 66.98 -64.28 20.80
N UNK A 348 66.69 -63.87 22.04
CA UNK A 348 66.11 -62.56 22.32
C UNK A 348 67.09 -61.39 22.18
N UNK A 349 68.39 -61.66 22.26
CA UNK A 349 69.43 -60.62 22.19
C UNK A 349 70.07 -60.53 20.81
N UNK A 350 70.21 -61.67 20.16
CA UNK A 350 70.74 -61.76 18.80
C UNK A 350 69.91 -60.89 17.85
N UNK A 351 68.59 -61.06 17.98
CA UNK A 351 67.63 -60.34 17.15
C UNK A 351 67.80 -58.83 17.34
N UNK A 352 67.93 -58.44 18.61
CA UNK A 352 68.11 -57.04 18.98
C UNK A 352 69.37 -56.48 18.33
N UNK A 353 70.43 -57.26 18.41
CA UNK A 353 71.73 -56.90 17.83
C UNK A 353 71.59 -56.66 16.34
N UNK A 354 70.90 -57.59 15.70
CA UNK A 354 70.65 -57.54 14.25
C UNK A 354 69.93 -56.24 13.89
N UNK A 355 68.90 -55.95 14.68
CA UNK A 355 68.08 -54.75 14.50
C UNK A 355 68.94 -53.50 14.57
N UNK A 356 69.79 -53.49 15.59
CA UNK A 356 70.71 -52.38 15.87
C UNK A 356 71.57 -51.92 14.71
N UNK A 357 72.41 -52.82 14.22
CA UNK A 357 73.42 -52.47 13.21
C UNK A 357 72.88 -52.68 11.81
N UNK A 358 73.62 -52.18 10.82
CA UNK A 358 73.14 -52.14 9.44
C UNK A 358 73.58 -53.37 8.65
N UNK A 359 72.66 -53.87 7.82
CA UNK A 359 72.73 -55.20 7.21
C UNK A 359 74.10 -55.64 6.74
N UNK A 360 74.65 -54.85 5.84
CA UNK A 360 75.95 -55.12 5.21
C UNK A 360 77.03 -55.28 6.28
N UNK A 361 77.00 -54.31 7.20
CA UNK A 361 77.98 -54.26 8.29
C UNK A 361 77.88 -55.53 9.14
N UNK A 362 76.64 -55.89 9.44
CA UNK A 362 76.33 -56.96 10.38
C UNK A 362 76.96 -58.27 9.91
N UNK A 363 76.70 -58.54 8.64
CA UNK A 363 77.18 -59.77 7.98
C UNK A 363 78.70 -59.84 8.05
N UNK A 364 79.31 -58.70 7.74
CA UNK A 364 80.78 -58.57 7.75
C UNK A 364 81.32 -58.90 9.13
N UNK A 365 80.67 -58.32 10.13
CA UNK A 365 81.03 -58.50 11.54
C UNK A 365 81.00 -59.97 11.90
N UNK A 366 79.90 -60.60 11.49
CA UNK A 366 79.67 -62.03 11.74
C UNK A 366 80.80 -62.86 11.15
N UNK A 367 81.14 -62.52 9.91
CA UNK A 367 82.19 -63.20 9.17
C UNK A 367 83.51 -63.11 9.92
N UNK A 368 83.79 -61.88 10.37
CA UNK A 368 85.02 -61.57 11.11
C UNK A 368 85.11 -62.44 12.36
N UNK A 369 83.98 -62.49 13.06
CA UNK A 369 83.85 -63.26 14.30
C UNK A 369 84.17 -64.73 14.04
N UNK A 370 83.59 -65.24 12.96
CA UNK A 370 83.75 -66.64 12.57
C UNK A 370 85.26 -66.92 12.31
N UNK A 371 85.84 -66.00 11.58
CA UNK A 371 87.15 -66.19 10.97
C UNK A 371 88.20 -66.35 12.05
N UNK A 372 88.13 -65.43 13.02
CA UNK A 372 89.07 -65.40 14.15
C UNK A 372 88.99 -66.72 14.92
N UNK A 373 87.75 -67.14 15.16
CA UNK A 373 87.48 -68.39 15.89
C UNK A 373 88.13 -69.57 15.18
N UNK A 374 87.92 -69.59 13.86
CA UNK A 374 88.45 -70.64 13.00
C UNK A 374 89.98 -70.69 13.10
N UNK A 375 90.57 -69.51 13.04
CA UNK A 375 92.03 -69.34 13.13
C UNK A 375 92.54 -69.93 14.44
N UNK A 376 91.84 -69.57 15.51
CA UNK A 376 92.17 -70.01 16.86
C UNK A 376 92.15 -71.55 16.93
N UNK A 377 91.10 -72.10 16.36
CA UNK A 377 90.89 -73.56 16.32
C UNK A 377 92.06 -74.22 15.61
N UNK A 378 92.43 -73.64 14.48
CA UNK A 378 93.53 -74.13 13.65
C UNK A 378 94.82 -74.16 14.45
N UNK A 379 95.06 -73.05 15.15
CA UNK A 379 96.23 -72.87 16.00
C UNK A 379 96.31 -73.97 17.05
N UNK A 380 95.18 -74.24 17.72
CA UNK A 380 95.09 -75.27 18.78
C UNK A 380 95.99 -74.94 19.97
N UNK A 381 90.43 -80.95 16.69
CA UNK A 381 89.21 -81.52 16.14
C UNK A 381 88.01 -81.11 16.95
N UNK A 382 88.17 -81.23 18.27
CA UNK A 382 87.12 -80.84 19.23
C UNK A 382 86.67 -79.42 19.02
N UNK A 383 87.66 -78.50 18.85
CA UNK A 383 87.33 -77.08 18.65
C UNK A 383 86.49 -76.91 17.40
N UNK A 384 86.91 -77.61 16.34
CA UNK A 384 86.21 -77.56 15.05
C UNK A 384 84.77 -78.01 15.21
N UNK A 385 84.61 -79.11 15.93
CA UNK A 385 83.30 -79.69 16.20
C UNK A 385 82.40 -78.68 16.91
N UNK A 386 82.99 -78.04 17.92
CA UNK A 386 82.31 -77.03 18.72
C UNK A 386 81.81 -75.90 17.83
N UNK A 387 82.71 -75.45 16.96
CA UNK A 387 82.44 -74.37 16.02
C UNK A 387 81.25 -74.72 15.13
N UNK A 388 81.29 -75.96 14.63
CA UNK A 388 80.25 -76.50 13.76
C UNK A 388 78.90 -76.46 14.46
N UNK A 389 78.93 -76.92 15.71
CA UNK A 389 77.74 -76.97 16.56
C UNK A 389 77.14 -75.57 16.71
N UNK A 390 78.03 -74.62 16.99
CA UNK A 390 77.66 -73.22 17.17
C UNK A 390 76.96 -72.69 15.92
N UNK A 391 77.58 -73.00 14.79
CA UNK A 391 77.08 -72.59 13.48
C UNK A 391 75.67 -73.12 13.26
N UNK A 392 75.51 -74.40 13.58
CA UNK A 392 74.23 -75.11 13.44
C UNK A 392 73.16 -74.41 14.27
N UNK A 393 73.54 -74.10 15.51
CA UNK A 393 72.65 -73.43 16.47
C UNK A 393 72.18 -72.09 15.89
N UNK A 394 73.15 -71.35 15.36
CA UNK A 394 72.90 -70.04 14.77
C UNK A 394 71.89 -70.15 13.64
N UNK A 395 72.14 -71.15 12.79
CA UNK A 395 71.28 -71.43 11.63
C UNK A 395 69.85 -71.69 12.08
N UNK A 396 69.74 -72.53 13.11
CA UNK A 396 68.44 -72.90 13.69
C UNK A 396 67.70 -71.66 14.16
N UNK A 397 68.45 -70.81 14.87
CA UNK A 397 67.91 -69.56 15.42
C UNK A 397 67.35 -68.69 14.29
N UNK A 398 68.16 -68.58 13.23
CA UNK A 398 67.80 -67.79 12.05
C UNK A 398 66.49 -68.30 11.44
N UNK A 399 66.43 -69.62 11.32
CA UNK A 399 65.26 -70.31 10.76
C UNK A 399 64.02 -69.97 11.58
N UNK A 400 64.18 -70.05 12.89
CA UNK A 400 63.10 -69.77 13.84
C UNK A 400 62.59 -68.35 13.63
N UNK A 401 63.54 -67.43 13.52
CA UNK A 401 63.26 -66.00 13.33
C UNK A 401 62.43 -65.81 12.06
N UNK A 402 62.88 -66.47 11.00
CA UNK A 402 62.25 -66.42 9.68
C UNK A 402 60.80 -66.88 9.79
N UNK A 403 60.63 -67.99 10.48
CA UNK A 403 59.31 -68.60 10.71
C UNK A 403 58.37 -67.60 11.41
N UNK A 404 58.87 -66.88 12.41
CA UNK A 404 58.09 -65.77 13.01
C UNK A 404 57.87 -64.63 12.01
N UNK A 405 56.75 -63.93 12.14
CA UNK A 405 56.45 -62.76 11.28
C UNK A 405 57.49 -61.66 11.52
N UNK A 406 57.85 -60.95 10.45
CA UNK A 406 58.91 -59.94 10.51
C UNK A 406 58.61 -58.74 9.60
N UNK A 407 59.01 -57.52 10.03
CA UNK A 407 59.11 -56.36 9.14
C UNK A 407 60.02 -56.60 7.92
N UNK A 408 59.82 -55.82 6.84
CA UNK A 408 60.49 -56.08 5.56
C UNK A 408 62.01 -55.93 5.56
N UNK A 409 62.57 -55.11 6.45
CA UNK A 409 64.00 -54.86 6.50
C UNK A 409 64.77 -56.09 6.99
N UNK A 410 64.47 -56.51 8.21
CA UNK A 410 65.22 -57.59 8.87
C UNK A 410 65.05 -58.95 8.20
N UNK A 411 63.91 -59.18 7.57
CA UNK A 411 63.66 -60.41 6.80
C UNK A 411 64.83 -60.69 5.86
N UNK A 412 65.13 -59.71 5.00
CA UNK A 412 66.29 -59.77 4.10
C UNK A 412 67.60 -59.87 4.86
N UNK A 413 67.71 -59.06 5.91
CA UNK A 413 68.91 -59.04 6.77
C UNK A 413 69.28 -60.41 7.30
N UNK A 414 68.27 -61.27 7.55
CA UNK A 414 68.51 -62.67 7.91
C UNK A 414 68.85 -63.53 6.70
N UNK A 415 68.05 -63.43 5.64
CA UNK A 415 68.26 -64.24 4.42
C UNK A 415 69.64 -64.08 3.76
N UNK A 416 70.34 -62.99 4.05
CA UNK A 416 71.74 -62.79 3.63
C UNK A 416 72.62 -63.63 4.62
N UNK A 417 72.38 -63.30 5.89
CA UNK A 417 73.19 -63.80 6.99
C UNK A 417 73.14 -65.32 7.03
N UNK A 418 71.93 -65.86 6.87
CA UNK A 418 71.69 -67.30 6.90
C UNK A 418 72.53 -67.99 5.84
N UNK A 419 72.51 -67.42 4.65
CA UNK A 419 73.25 -67.92 3.49
C UNK A 419 74.75 -68.03 3.83
N UNK A 420 75.23 -66.92 4.39
CA UNK A 420 76.64 -66.79 4.77
C UNK A 420 77.02 -67.88 5.76
N UNK A 421 76.14 -68.06 6.75
CA UNK A 421 76.32 -69.05 7.81
C UNK A 421 76.44 -70.44 7.21
N UNK A 422 75.52 -70.72 6.28
CA UNK A 422 75.46 -72.00 5.58
C UNK A 422 76.78 -72.26 4.86
N UNK A 423 77.25 -71.24 4.17
CA UNK A 423 78.52 -71.31 3.43
C UNK A 423 79.68 -71.73 4.38
N UNK A 424 79.68 -70.96 5.47
CA UNK A 424 80.70 -71.12 6.53
C UNK A 424 80.62 -72.51 7.10
N UNK A 425 79.40 -72.96 7.35
CA UNK A 425 79.13 -74.30 7.90
C UNK A 425 79.74 -75.36 7.01
N UNK A 426 79.46 -75.21 5.71
CA UNK A 426 79.94 -76.14 4.68
C UNK A 426 81.47 -76.20 4.71
N UNK A 427 82.06 -75.02 4.78
CA UNK A 427 83.52 -74.88 4.81
C UNK A 427 84.10 -75.65 6.01
N UNK A 428 83.45 -75.43 7.15
CA UNK A 428 83.85 -76.05 8.41
C UNK A 428 83.82 -77.57 8.28
N UNK A 429 82.73 -78.04 7.69
CA UNK A 429 82.51 -79.48 7.48
C UNK A 429 83.63 -80.05 6.63
N UNK A 430 83.95 -79.33 5.57
CA UNK A 430 85.00 -79.73 4.63
C UNK A 430 86.33 -79.86 5.37
N UNK A 431 86.61 -78.85 6.19
CA UNK A 431 87.83 -78.79 6.99
C UNK A 431 87.93 -80.03 7.88
N UNK A 432 86.81 -80.31 8.54
CA UNK A 432 86.78 -81.37 9.57
C UNK A 432 87.10 -82.71 8.93
N UNK A 433 86.49 -82.95 7.75
CA UNK A 433 86.68 -84.21 7.03
C UNK A 433 88.17 -84.37 6.68
N UNK A 434 88.75 -83.30 6.15
CA UNK A 434 90.18 -83.25 5.88
C UNK A 434 90.98 -83.10 7.17
N UNK A 435 92.30 -83.13 7.06
CA UNK A 435 93.18 -83.00 8.22
C UNK A 435 93.78 -81.60 8.26
N UNK A 436 94.08 -81.13 9.47
CA UNK A 436 94.73 -79.84 9.69
C UNK A 436 95.64 -79.88 10.91
N UNK A 437 96.73 -79.12 10.85
CA UNK A 437 97.58 -78.89 12.02
C UNK A 437 98.32 -77.54 12.01
N UNK A 438 97.83 -76.58 11.21
CA UNK A 438 98.53 -75.31 11.00
C UNK A 438 97.72 -74.31 10.20
N UNK A 439 97.92 -73.03 10.49
CA UNK A 439 97.29 -71.93 9.75
C UNK A 439 97.82 -71.81 8.31
N UNK A 440 99.03 -72.31 8.07
CA UNK A 440 99.68 -72.22 6.77
C UNK A 440 99.14 -73.23 5.74
N UNK A 441 98.26 -74.13 6.16
CA UNK A 441 97.63 -75.07 5.22
C UNK A 441 96.70 -74.33 4.26
N UNK A 442 96.80 -74.69 2.98
CA UNK A 442 96.10 -74.00 1.89
C UNK A 442 94.59 -74.20 1.94
N UNK A 443 94.15 -75.37 2.41
CA UNK A 443 92.72 -75.68 2.54
C UNK A 443 91.95 -74.64 3.38
N UNK A 444 92.64 -74.01 4.33
CA UNK A 444 92.12 -72.86 5.07
C UNK A 444 92.35 -71.54 4.32
N UNK A 445 93.56 -71.34 3.79
CA UNK A 445 93.90 -70.10 3.09
C UNK A 445 93.05 -69.86 1.83
N UNK A 446 92.60 -70.94 1.20
CA UNK A 446 91.70 -70.86 0.05
C UNK A 446 90.47 -70.02 0.34
N UNK A 447 89.73 -70.42 1.38
CA UNK A 447 88.41 -69.85 1.67
C UNK A 447 88.62 -68.47 2.29
N UNK A 448 87.75 -67.52 1.93
CA UNK A 448 87.95 -66.12 2.30
C UNK A 448 87.90 -65.88 3.81
N UNK A 449 89.03 -65.48 4.36
CA UNK A 449 89.17 -65.21 5.78
C UNK A 449 89.09 -63.71 6.00
N UNK A 450 88.59 -63.33 7.17
CA UNK A 450 88.62 -61.95 7.65
C UNK A 450 89.48 -61.85 8.91
N UNK A 451 90.45 -60.95 8.92
CA UNK A 451 91.26 -60.69 10.10
C UNK A 451 91.28 -59.19 10.37
N UNK A 452 91.27 -58.79 11.64
CA UNK A 452 91.41 -57.37 11.96
C UNK A 452 91.93 -57.10 13.39
N UNK A 453 92.50 -55.91 13.56
CA UNK A 453 93.18 -55.50 14.77
C UNK A 453 92.48 -54.28 15.38
N UNK A 454 91.91 -54.42 16.60
CA UNK A 454 91.30 -53.25 17.25
C UNK A 454 92.31 -52.20 17.74
N UNK A 455 93.57 -52.61 17.96
CA UNK A 455 94.64 -51.70 18.38
C UNK A 455 95.08 -50.70 17.29
N UNK A 456 94.84 -51.02 16.01
CA UNK A 456 95.28 -50.19 14.87
C UNK A 456 94.85 -48.72 15.01
N UNK A 457 95.74 -47.81 14.59
CA UNK A 457 95.54 -46.36 14.75
C UNK A 457 94.34 -45.80 13.99
N UNK A 458 94.12 -46.29 12.77
CA UNK A 458 92.98 -45.90 11.94
C UNK A 458 92.00 -47.06 11.80
N UNK A 459 90.76 -46.81 12.22
CA UNK A 459 89.66 -47.78 12.07
C UNK A 459 89.28 -48.04 10.60
N UNK A 460 89.60 -47.09 9.72
CA UNK A 460 89.38 -47.23 8.28
C UNK A 460 90.21 -48.34 7.64
N UNK A 461 91.47 -48.46 8.07
CA UNK A 461 92.41 -49.46 7.51
C UNK A 461 92.38 -50.83 8.20
N UNK A 462 91.82 -50.92 9.40
CA UNK A 462 92.04 -52.09 10.27
C UNK A 462 91.56 -53.43 9.72
N UNK A 463 90.46 -53.44 8.99
CA UNK A 463 89.86 -54.67 8.48
C UNK A 463 90.62 -55.23 7.27
N UNK A 464 91.18 -56.43 7.45
CA UNK A 464 91.84 -57.16 6.38
C UNK A 464 91.01 -58.37 5.98
N UNK A 465 90.93 -58.60 4.67
CA UNK A 465 90.33 -59.79 4.10
C UNK A 465 91.43 -60.52 3.36
N UNK A 466 91.44 -61.85 3.45
CA UNK A 466 92.48 -62.63 2.78
C UNK A 466 91.90 -63.87 2.11
N UNK A 467 92.27 -64.04 0.84
CA UNK A 467 92.23 -65.32 0.16
C UNK A 467 93.65 -65.59 -0.32
N UNK A 468 94.03 -66.87 -0.27
CA UNK A 468 95.42 -67.33 -0.42
C UNK A 468 96.25 -66.49 -1.37
N UNK A 469 97.40 -65.99 -0.89
CA UNK A 469 98.30 -65.11 -1.63
C UNK A 469 97.84 -63.65 -1.55
N UNK A 470 96.59 -63.38 -1.93
CA UNK A 470 96.01 -62.03 -1.89
C UNK A 470 95.75 -61.52 -0.48
N UNK A 471 95.49 -60.21 -0.37
CA UNK A 471 95.31 -59.54 0.93
C UNK A 471 94.69 -58.14 0.74
N UNK A 472 93.37 -58.04 0.92
CA UNK A 472 92.63 -56.80 0.68
C UNK A 472 92.26 -56.04 1.92
N UNK A 473 92.20 -54.72 1.77
CA UNK A 473 91.72 -53.81 2.80
C UNK A 473 90.37 -53.23 2.38
N UNK A 474 89.41 -53.32 3.30
CA UNK A 474 88.00 -53.06 3.02
C UNK A 474 87.74 -51.59 2.67
N UNK A 475 86.87 -51.36 1.68
CA UNK A 475 86.71 -50.04 1.05
C UNK A 475 85.71 -49.10 1.71
N UNK A 476 84.65 -49.67 2.28
CA UNK A 476 83.73 -48.96 3.19
C UNK A 476 82.76 -47.99 2.52
N UNK A 477 82.28 -48.37 1.34
CA UNK A 477 81.15 -47.68 0.71
C UNK A 477 79.87 -48.32 1.24
N UNK A 478 78.86 -47.48 1.46
CA UNK A 478 77.58 -47.92 2.02
C UNK A 478 76.77 -48.71 0.99
N UNK A 479 76.74 -50.02 1.15
CA UNK A 479 75.88 -50.87 0.32
C UNK A 479 74.42 -50.79 0.71
N UNK A 480 74.13 -50.68 1.99
CA UNK A 480 72.75 -50.71 2.47
C UNK A 480 72.25 -52.13 2.64
N UNK A 481 71.45 -52.62 1.69
CA UNK A 481 70.93 -53.99 1.73
C UNK A 481 71.53 -54.82 0.59
N UNK A 482 71.06 -54.57 -0.64
CA UNK A 482 71.44 -55.35 -1.84
C UNK A 482 71.08 -56.85 -1.75
N UNK A 483 71.37 -57.58 -2.82
CA UNK A 483 71.25 -59.04 -2.82
C UNK A 483 72.41 -59.66 -2.05
N UNK A 484 72.27 -60.96 -1.78
CA UNK A 484 73.39 -61.79 -1.33
C UNK A 484 73.38 -63.07 -2.14
N UNK A 485 74.47 -63.32 -2.86
CA UNK A 485 74.58 -64.43 -3.79
C UNK A 485 75.06 -65.64 -3.03
N UNK A 486 74.62 -66.81 -3.47
CA UNK A 486 74.95 -68.07 -2.81
C UNK A 486 76.41 -68.38 -3.06
N UNK A 487 77.08 -68.97 -2.07
CA UNK A 487 78.49 -69.34 -2.18
C UNK A 487 78.65 -70.77 -2.71
N UNK A 488 78.47 -70.92 -4.02
CA UNK A 488 78.66 -72.20 -4.70
C UNK A 488 80.14 -72.58 -4.78
N UNK A 489 80.45 -73.79 -5.28
CA UNK A 489 81.85 -74.11 -5.55
C UNK A 489 82.37 -73.28 -6.71
N UNK A 490 81.55 -73.17 -7.74
CA UNK A 490 81.91 -72.43 -8.96
C UNK A 490 82.19 -70.97 -8.60
N UNK A 491 81.29 -70.42 -7.79
CA UNK A 491 81.44 -69.01 -7.40
C UNK A 491 82.69 -68.82 -6.58
N UNK A 492 82.98 -69.76 -5.69
CA UNK A 492 84.20 -69.73 -4.87
C UNK A 492 85.43 -69.71 -5.77
N UNK A 493 85.41 -70.57 -6.77
CA UNK A 493 86.50 -70.68 -7.75
C UNK A 493 86.72 -69.34 -8.44
N UNK A 494 85.60 -68.75 -8.86
CA UNK A 494 85.59 -67.45 -9.54
C UNK A 494 86.22 -66.39 -8.67
N UNK A 495 85.86 -66.39 -7.40
CA UNK A 495 86.38 -65.46 -6.41
C UNK A 495 87.90 -65.60 -6.32
N UNK A 496 88.30 -66.85 -6.16
CA UNK A 496 89.72 -67.19 -5.91
C UNK A 496 90.55 -66.77 -7.10
N UNK A 497 90.06 -66.99 -8.31
CA UNK A 497 90.79 -66.59 -9.51
C UNK A 497 90.89 -65.05 -9.54
N UNK A 498 89.72 -64.44 -9.35
CA UNK A 498 89.56 -62.99 -9.41
C UNK A 498 90.46 -62.33 -8.37
N UNK A 499 90.41 -62.89 -7.16
CA UNK A 499 91.20 -62.36 -6.03
C UNK A 499 92.68 -62.43 -6.37
N UNK A 500 93.09 -63.56 -6.94
CA UNK A 500 94.49 -63.78 -7.33
C UNK A 500 94.93 -62.72 -8.33
N UNK A 501 94.06 -62.49 -9.31
CA UNK A 501 94.29 -61.50 -10.37
C UNK A 501 94.51 -60.11 -9.74
N UNK A 502 93.62 -59.79 -8.82
CA UNK A 502 93.62 -58.50 -8.11
C UNK A 502 94.95 -58.18 -7.47
N UNK A 503 95.53 -59.12 -6.73
CA UNK A 503 96.81 -58.87 -6.07
C UNK A 503 97.98 -58.78 -7.06
N UNK A 504 97.85 -59.41 -8.23
CA UNK A 504 98.78 -59.20 -9.36
C UNK A 504 98.44 -57.95 -10.20
N UNK A 505 97.39 -57.24 -9.80
CA UNK A 505 96.94 -55.99 -10.42
C UNK A 505 96.51 -56.15 -11.88
N UNK A 506 96.07 -57.36 -12.25
CA UNK A 506 95.45 -57.60 -13.54
C UNK A 506 93.95 -57.45 -13.40
N UNK A 507 93.28 -57.37 -14.55
CA UNK A 507 91.83 -57.35 -14.59
C UNK A 507 91.25 -58.75 -14.48
N UNK A 508 89.96 -58.80 -14.14
CA UNK A 508 89.25 -60.06 -13.91
C UNK A 508 88.20 -60.37 -14.94
N UNK A 509 88.53 -61.28 -15.88
CA UNK A 509 87.63 -61.61 -17.00
C UNK A 509 87.05 -63.04 -17.02
N UNK A 510 85.94 -63.25 -16.30
CA UNK A 510 85.25 -64.52 -16.45
C UNK A 510 84.54 -64.59 -17.78
N UNK A 511 84.53 -65.78 -18.39
CA UNK A 511 83.67 -66.02 -19.55
C UNK A 511 82.81 -67.24 -19.32
N UNK A 512 81.96 -67.50 -20.29
CA UNK A 512 81.01 -68.61 -20.26
C UNK A 512 79.64 -68.09 -20.66
N UNK A 513 78.75 -68.96 -21.17
CA UNK A 513 77.43 -68.55 -21.66
C UNK A 513 76.63 -67.66 -20.70
N UNK A 514 75.62 -66.99 -21.24
CA UNK A 514 74.75 -66.15 -20.42
C UNK A 514 73.84 -66.99 -19.52
N UNK A 515 73.44 -66.40 -18.41
CA UNK A 515 72.72 -67.12 -17.36
C UNK A 515 73.49 -68.21 -16.63
N UNK A 516 74.80 -68.05 -16.49
CA UNK A 516 75.63 -68.92 -15.65
C UNK A 516 75.88 -68.23 -14.33
N UNK A 517 76.40 -67.01 -14.40
CA UNK A 517 76.46 -66.11 -13.25
C UNK A 517 77.80 -65.43 -13.14
N UNK A 518 78.04 -64.42 -13.97
CA UNK A 518 79.37 -63.91 -14.12
C UNK A 518 79.29 -62.52 -13.50
N UNK A 519 78.50 -61.67 -14.11
CA UNK A 519 78.39 -60.25 -13.75
C UNK A 519 77.95 -60.15 -12.29
N UNK A 520 76.89 -60.90 -12.01
CA UNK A 520 76.31 -60.86 -10.65
C UNK A 520 77.30 -61.37 -9.64
N UNK A 521 78.04 -62.42 -9.99
CA UNK A 521 79.08 -63.00 -9.14
C UNK A 521 80.12 -61.92 -8.79
N UNK A 522 80.54 -61.23 -9.84
CA UNK A 522 81.54 -60.17 -9.74
C UNK A 522 81.06 -59.09 -8.76
N UNK A 523 79.80 -58.71 -8.94
CA UNK A 523 79.15 -57.68 -8.12
C UNK A 523 79.17 -58.10 -6.65
N UNK A 524 78.81 -59.36 -6.44
CA UNK A 524 78.76 -59.96 -5.10
C UNK A 524 80.13 -59.88 -4.45
N UNK A 525 81.14 -60.25 -5.22
CA UNK A 525 82.53 -60.24 -4.77
C UNK A 525 82.93 -58.84 -4.32
N UNK A 526 82.57 -57.87 -5.17
CA UNK A 526 82.86 -56.46 -4.93
C UNK A 526 82.24 -56.02 -3.60
N UNK A 527 80.98 -56.40 -3.44
CA UNK A 527 80.22 -56.08 -2.23
C UNK A 527 80.91 -56.63 -0.98
N UNK A 528 81.33 -57.88 -1.11
CA UNK A 528 82.03 -58.58 -0.03
C UNK A 528 83.29 -57.84 0.36
N UNK A 529 84.03 -57.43 -0.66
CA UNK A 529 85.28 -56.68 -0.50
C UNK A 529 85.03 -55.27 0.01
N UNK A 530 83.82 -54.75 -0.21
CA UNK A 530 83.40 -53.46 0.37
C UNK A 530 83.70 -52.27 -0.50
N UNK A 531 83.67 -52.53 -1.80
CA UNK A 531 84.06 -51.58 -2.84
C UNK A 531 82.81 -51.07 -3.50
N UNK A 532 82.90 -49.89 -4.09
CA UNK A 532 81.83 -49.38 -4.93
C UNK A 532 81.94 -50.04 -6.30
N UNK A 533 80.81 -50.56 -6.80
CA UNK A 533 80.77 -51.33 -8.04
C UNK A 533 79.76 -50.75 -9.04
N UNK A 534 80.15 -50.73 -10.31
CA UNK A 534 79.31 -50.19 -11.38
C UNK A 534 79.48 -51.08 -12.60
N UNK A 535 78.38 -51.40 -13.25
CA UNK A 535 78.42 -52.13 -14.53
C UNK A 535 77.91 -51.24 -15.66
N UNK A 536 78.29 -51.62 -16.88
CA UNK A 536 77.70 -51.06 -18.09
C UNK A 536 77.83 -52.04 -19.24
N UNK A 537 76.68 -52.47 -19.74
CA UNK A 537 76.60 -53.41 -20.83
C UNK A 537 76.78 -52.59 -22.10
N UNK A 538 78.05 -52.46 -22.50
CA UNK A 538 78.46 -51.53 -23.55
C UNK A 538 78.30 -52.13 -24.92
N UNK A 539 78.13 -51.25 -25.91
CA UNK A 539 77.93 -51.63 -27.29
C UNK A 539 78.94 -50.93 -28.20
N UNK A 540 78.80 -51.14 -29.50
CA UNK A 540 79.59 -50.47 -30.53
C UNK A 540 79.62 -48.94 -30.39
N UNK A 541 78.58 -48.38 -29.78
CA UNK A 541 78.50 -46.95 -29.39
C UNK A 541 79.69 -46.39 -28.59
N UNK A 542 80.32 -47.23 -27.77
CA UNK A 542 81.46 -46.83 -26.93
C UNK A 542 82.71 -46.54 -27.75
N UNK A 543 82.96 -45.25 -27.95
CA UNK A 543 84.21 -44.75 -28.52
C UNK A 543 85.34 -44.98 -27.49
N UNK A 544 86.56 -45.13 -27.99
CA UNK A 544 87.77 -45.17 -27.18
C UNK A 544 87.82 -43.99 -26.21
N UNK A 545 87.45 -42.82 -26.73
CA UNK A 545 87.39 -41.59 -25.94
C UNK A 545 86.42 -41.78 -24.78
N UNK A 546 85.26 -42.34 -25.11
CA UNK A 546 84.21 -42.59 -24.12
C UNK A 546 84.73 -43.50 -23.00
N UNK A 547 85.43 -44.55 -23.43
CA UNK A 547 86.01 -45.53 -22.51
C UNK A 547 86.98 -44.84 -21.56
N UNK A 548 87.82 -44.00 -22.15
CA UNK A 548 88.82 -43.23 -21.40
C UNK A 548 88.15 -42.38 -20.33
N UNK A 549 87.09 -41.71 -20.76
CA UNK A 549 86.30 -40.82 -19.90
C UNK A 549 85.76 -41.62 -18.71
N UNK A 550 85.21 -42.79 -19.03
CA UNK A 550 84.61 -43.59 -17.95
C UNK A 550 85.70 -44.07 -16.99
N UNK A 551 86.86 -44.42 -17.51
CA UNK A 551 87.91 -44.94 -16.67
C UNK A 551 88.41 -43.98 -15.63
N UNK A 552 88.56 -42.71 -15.99
CA UNK A 552 89.21 -41.73 -15.10
C UNK A 552 88.46 -41.62 -13.79
N UNK A 553 87.14 -41.65 -13.85
CA UNK A 553 86.28 -41.59 -12.67
C UNK A 553 86.61 -42.73 -11.72
N UNK A 554 86.72 -43.92 -12.31
CA UNK A 554 87.02 -45.14 -11.55
C UNK A 554 88.35 -45.00 -10.83
N UNK A 555 89.32 -44.49 -11.57
CA UNK A 555 90.68 -44.27 -11.06
C UNK A 555 90.64 -43.34 -9.86
N UNK A 556 89.89 -42.26 -10.03
CA UNK A 556 89.72 -41.24 -8.99
C UNK A 556 88.96 -41.82 -7.77
N UNK A 557 87.79 -42.36 -8.06
CA UNK A 557 86.87 -42.88 -7.05
C UNK A 557 87.44 -44.05 -6.25
N UNK A 558 88.06 -44.99 -6.95
CA UNK A 558 88.46 -46.26 -6.36
C UNK A 558 87.27 -47.18 -6.45
N UNK A 559 86.78 -47.34 -7.68
CA UNK A 559 85.57 -48.08 -7.97
C UNK A 559 85.90 -49.28 -8.86
N UNK A 560 85.15 -50.36 -8.70
CA UNK A 560 85.33 -51.49 -9.58
C UNK A 560 84.60 -51.22 -10.86
N UNK A 561 85.13 -51.77 -11.95
CA UNK A 561 84.54 -51.64 -13.29
C UNK A 561 84.35 -53.00 -13.98
N UNK A 562 83.16 -53.55 -13.81
CA UNK A 562 82.75 -54.73 -14.55
C UNK A 562 82.15 -54.26 -15.88
N UNK A 563 82.47 -54.99 -16.96
CA UNK A 563 82.05 -54.65 -18.32
C UNK A 563 81.47 -55.89 -18.98
N UNK A 564 80.18 -55.88 -19.24
CA UNK A 564 79.50 -57.03 -19.84
C UNK A 564 79.45 -56.90 -21.34
N UNK A 565 79.41 -58.05 -22.01
CA UNK A 565 79.48 -58.15 -23.47
C UNK A 565 80.64 -57.32 -24.05
N UNK A 566 81.78 -57.39 -23.36
CA UNK A 566 83.00 -56.70 -23.76
C UNK A 566 83.67 -57.43 -24.91
N UNK A 567 83.12 -58.57 -25.32
CA UNK A 567 83.53 -59.16 -26.59
C UNK A 567 83.29 -58.18 -27.75
N UNK A 568 82.21 -57.39 -27.70
CA UNK A 568 81.77 -56.56 -28.85
C UNK A 568 82.00 -55.07 -28.70
N UNK A 569 83.11 -54.69 -28.10
CA UNK A 569 83.53 -53.30 -28.09
C UNK A 569 84.16 -52.99 -29.46
N UNK A 570 83.28 -52.89 -30.46
CA UNK A 570 83.60 -52.88 -31.89
C UNK A 570 84.68 -53.92 -32.33
N UNK A 571 85.97 -53.56 -32.26
CA UNK A 571 87.10 -54.46 -32.62
C UNK A 571 88.41 -53.65 -32.65
N UNK A 572 88.40 -52.62 -33.49
CA UNK A 572 89.48 -51.66 -33.63
C UNK A 572 89.68 -50.89 -32.31
N UNK A 573 88.56 -50.39 -31.82
CA UNK A 573 88.48 -49.65 -30.56
C UNK A 573 89.05 -50.46 -29.41
N UNK A 574 88.75 -51.76 -29.41
CA UNK A 574 89.15 -52.68 -28.37
C UNK A 574 90.67 -52.65 -28.20
N UNK A 575 91.35 -52.74 -29.34
CA UNK A 575 92.82 -52.74 -29.39
C UNK A 575 93.36 -51.46 -28.76
N UNK A 576 92.75 -50.35 -29.15
CA UNK A 576 93.13 -49.03 -28.67
C UNK A 576 93.01 -48.97 -27.15
N UNK A 577 91.88 -49.47 -26.68
CA UNK A 577 91.57 -49.51 -25.25
C UNK A 577 92.64 -50.23 -24.42
N UNK A 578 93.32 -51.19 -25.06
CA UNK A 578 94.34 -52.01 -24.43
C UNK A 578 95.43 -51.15 -23.83
N UNK A 579 95.88 -50.18 -24.63
CA UNK A 579 96.94 -49.26 -24.22
C UNK A 579 96.52 -48.52 -22.95
N UNK A 580 95.29 -48.03 -22.99
CA UNK A 580 94.71 -47.28 -21.86
C UNK A 580 94.71 -48.12 -20.60
N UNK A 581 94.27 -49.37 -20.79
CA UNK A 581 94.19 -50.35 -19.70
C UNK A 581 95.57 -50.54 -19.06
N UNK A 582 96.55 -50.71 -19.95
CA UNK A 582 97.95 -50.92 -19.55
C UNK A 582 98.43 -49.75 -18.71
N UNK A 583 98.12 -48.55 -19.20
CA UNK A 583 98.50 -47.30 -18.54
C UNK A 583 97.92 -47.25 -17.14
N UNK A 584 96.65 -47.62 -17.05
CA UNK A 584 96.03 -47.71 -15.69
C UNK A 584 96.68 -48.87 -14.93
N UNK A 585 96.89 -50.01 -15.60
CA UNK A 585 97.23 -51.27 -14.95
C UNK A 585 98.52 -51.15 -14.17
N UNK A 586 99.49 -50.48 -14.77
CA UNK A 586 100.81 -50.29 -14.19
C UNK A 586 100.83 -49.43 -12.94
N UNK A 587 99.87 -48.52 -12.86
CA UNK A 587 99.70 -47.63 -11.72
C UNK A 587 99.53 -48.45 -10.44
N UNK A 588 98.67 -49.45 -10.54
CA UNK A 588 98.37 -50.34 -9.42
C UNK A 588 99.64 -51.03 -8.94
N UNK A 589 100.40 -51.53 -9.91
CA UNK A 589 101.67 -52.22 -9.65
C UNK A 589 102.62 -51.30 -8.90
N UNK A 590 102.71 -50.08 -9.38
CA UNK A 590 103.57 -49.04 -8.80
C UNK A 590 103.19 -48.81 -7.34
N UNK A 591 101.89 -48.69 -7.12
CA UNK A 591 101.32 -48.47 -5.79
C UNK A 591 101.73 -49.60 -4.85
N UNK A 592 101.58 -50.81 -5.36
CA UNK A 592 101.94 -52.03 -4.62
C UNK A 592 103.40 -51.99 -4.15
N UNK A 593 104.32 -51.54 -5.00
CA UNK A 593 105.72 -51.26 -4.61
C UNK A 593 106.47 -52.52 -4.16
N UNK A 594 100.51 -40.76 -4.41
CA UNK A 594 101.06 -39.74 -5.30
C UNK A 594 101.32 -40.27 -6.72
N UNK A 595 100.40 -41.09 -7.23
CA UNK A 595 100.58 -41.79 -8.50
C UNK A 595 99.85 -41.07 -9.63
N UNK A 596 100.42 -41.12 -10.83
CA UNK A 596 99.87 -40.47 -12.02
C UNK A 596 100.03 -41.35 -13.26
N UNK A 597 98.96 -41.45 -14.03
CA UNK A 597 98.97 -42.14 -15.34
C UNK A 597 98.10 -41.39 -16.35
N UNK A 598 98.62 -41.25 -17.57
CA UNK A 598 97.98 -40.42 -18.61
C UNK A 598 96.86 -41.17 -19.33
N UNK A 599 95.62 -40.98 -18.88
CA UNK A 599 94.43 -41.51 -19.53
C UNK A 599 93.68 -40.35 -20.17
N UNK A 600 93.51 -40.40 -21.48
CA UNK A 600 92.87 -39.32 -22.28
C UNK A 600 93.69 -38.01 -22.31
N UNK A 601 95.01 -38.16 -22.41
CA UNK A 601 95.95 -37.02 -22.52
C UNK A 601 95.94 -36.07 -21.31
N UNK A 602 95.95 -36.65 -20.11
CA UNK A 602 95.99 -35.89 -18.85
C UNK A 602 96.18 -36.86 -17.68
N UNK A 603 97.02 -36.49 -16.71
CA UNK A 603 97.33 -37.36 -15.57
C UNK A 603 96.24 -37.32 -14.50
N UNK A 604 96.05 -38.46 -13.83
CA UNK A 604 95.01 -38.64 -12.82
C UNK A 604 95.49 -39.52 -11.67
N UNK A 605 95.01 -39.24 -10.46
CA UNK A 605 95.29 -40.08 -9.28
C UNK A 605 94.49 -41.38 -9.36
N UNK A 606 95.20 -42.50 -9.48
CA UNK A 606 94.60 -43.82 -9.50
C UNK A 606 94.58 -44.35 -8.07
N UNK A 607 93.37 -44.41 -7.49
CA UNK A 607 93.16 -44.97 -6.16
C UNK A 607 93.42 -46.49 -6.18
N UNK A 608 94.04 -47.03 -5.10
CA UNK A 608 94.34 -48.47 -5.05
C UNK A 608 93.14 -49.39 -5.30
N UNK A 609 91.98 -48.98 -4.82
CA UNK A 609 90.78 -49.82 -4.86
C UNK A 609 90.21 -50.15 -6.25
N UNK A 610 90.64 -49.42 -7.29
CA UNK A 610 90.06 -49.63 -8.63
C UNK A 610 90.58 -50.89 -9.32
N UNK A 611 89.73 -51.44 -10.20
CA UNK A 611 90.05 -52.63 -10.98
C UNK A 611 89.04 -52.76 -12.12
N UNK A 612 89.50 -53.37 -13.21
CA UNK A 612 88.68 -53.57 -14.40
C UNK A 612 88.31 -55.04 -14.46
N UNK A 613 87.07 -55.32 -14.82
CA UNK A 613 86.63 -56.69 -15.05
C UNK A 613 86.00 -56.77 -16.44
N UNK A 614 85.90 -57.98 -16.99
CA UNK A 614 85.41 -58.20 -18.35
C UNK A 614 84.59 -59.49 -18.42
N UNK A 615 83.37 -59.37 -18.91
CA UNK A 615 82.35 -60.37 -18.68
C UNK A 615 81.68 -60.67 -20.02
N UNK A 616 82.12 -61.75 -20.68
CA UNK A 616 81.88 -61.92 -22.12
C UNK A 616 81.74 -63.35 -22.61
N UNK A 617 80.53 -63.75 -22.96
CA UNK A 617 80.32 -65.06 -23.57
C UNK A 617 80.62 -64.96 -25.06
N UNK A 618 81.62 -65.71 -25.55
CA UNK A 618 81.86 -65.73 -26.98
C UNK A 618 81.00 -66.79 -27.66
N UNK A 619 80.86 -66.66 -28.98
CA UNK A 619 80.12 -67.62 -29.80
C UNK A 619 78.70 -67.17 -30.08
N UNK A 620 77.89 -67.09 -29.02
CA UNK A 620 76.46 -66.73 -29.12
C UNK A 620 76.22 -65.37 -29.77
N UNK A 621 77.15 -64.45 -29.56
CA UNK A 621 77.19 -63.22 -30.34
C UNK A 621 77.62 -63.51 -31.78
N UNK A 622 78.76 -64.20 -31.93
CA UNK A 622 79.41 -64.36 -33.23
C UNK A 622 79.99 -63.02 -33.62
N UNK A 623 80.77 -62.44 -32.71
CA UNK A 623 81.15 -61.04 -32.77
C UNK A 623 82.51 -60.70 -32.15
N UNK A 624 83.37 -60.11 -32.99
CA UNK A 624 84.47 -59.22 -32.59
C UNK A 624 85.79 -59.87 -32.11
N UNK A 625 85.75 -60.59 -31.00
CA UNK A 625 86.97 -61.17 -30.37
C UNK A 625 87.86 -60.12 -29.73
N UNK A 626 88.67 -60.53 -28.74
CA UNK A 626 89.65 -59.63 -28.13
C UNK A 626 90.98 -59.78 -28.85
N UNK A 627 91.62 -58.66 -29.24
CA UNK A 627 92.99 -58.69 -29.76
C UNK A 627 94.00 -59.21 -28.74
N UNK A 628 94.92 -60.06 -29.18
CA UNK A 628 95.67 -60.93 -28.27
C UNK A 628 96.68 -60.22 -27.36
N UNK A 629 96.86 -58.90 -27.52
CA UNK A 629 97.51 -58.10 -26.49
C UNK A 629 96.61 -57.86 -25.25
N UNK A 630 95.29 -57.92 -25.41
CA UNK A 630 94.36 -57.71 -24.29
C UNK A 630 94.29 -58.89 -23.32
N UNK A 631 94.22 -60.11 -23.84
CA UNK A 631 94.18 -61.31 -22.97
C UNK A 631 95.38 -61.45 -22.02
N UNK A 632 96.47 -60.74 -22.29
CA UNK A 632 97.56 -60.58 -21.33
C UNK A 632 97.13 -59.76 -20.12
N UNK A 633 96.28 -58.75 -20.35
CA UNK A 633 95.82 -57.87 -19.27
C UNK A 633 94.70 -58.42 -18.39
N UNK A 634 94.03 -59.49 -18.81
CA UNK A 634 92.89 -60.03 -18.05
C UNK A 634 93.00 -61.55 -17.77
N UNK A 635 92.49 -61.98 -16.63
CA UNK A 635 92.55 -63.38 -16.21
C UNK A 635 91.20 -64.08 -16.37
N UNK A 636 91.24 -65.33 -16.86
CA UNK A 636 90.02 -66.00 -17.35
C UNK A 636 89.44 -67.09 -16.44
N UNK A 637 88.12 -67.18 -16.44
CA UNK A 637 87.37 -68.28 -15.83
C UNK A 637 86.47 -68.87 -16.87
N UNK A 638 86.37 -70.19 -16.85
CA UNK A 638 85.18 -70.85 -17.36
C UNK A 638 84.12 -70.75 -16.27
N UNK A 639 82.87 -70.55 -16.69
CA UNK A 639 81.71 -70.70 -15.84
C UNK A 639 80.66 -71.34 -16.73
N UNK A 640 80.87 -72.63 -17.01
CA UNK A 640 80.06 -73.34 -17.99
C UNK A 640 78.70 -73.73 -17.42
N UNK A 641 78.66 -74.18 -16.16
CA UNK A 641 77.42 -74.60 -15.53
C UNK A 641 77.43 -74.36 -14.00
N UNK A 642 76.55 -73.48 -13.51
CA UNK A 642 76.43 -73.20 -12.07
C UNK A 642 75.65 -74.28 -11.31
N UNK A 643 75.84 -74.33 -9.99
CA UNK A 643 75.22 -75.33 -9.13
C UNK A 643 73.77 -74.97 -8.77
N UNK A 644 72.85 -75.41 -9.62
CA UNK A 644 71.41 -75.17 -9.44
C UNK A 644 70.82 -75.85 -8.19
N UNK A 645 71.40 -76.99 -7.79
CA UNK A 645 71.00 -77.68 -6.56
C UNK A 645 71.29 -76.84 -5.32
N UNK A 646 72.54 -76.40 -5.22
CA UNK A 646 73.04 -75.66 -4.05
C UNK A 646 72.59 -74.18 -4.02
N UNK A 647 72.33 -73.60 -5.19
CA UNK A 647 71.83 -72.22 -5.28
C UNK A 647 70.40 -72.10 -4.78
N UNK A 648 69.61 -73.16 -4.95
CA UNK A 648 68.18 -73.12 -4.71
C UNK A 648 67.86 -73.55 -3.30
N UNK A 649 68.52 -74.62 -2.86
CA UNK A 649 68.34 -75.19 -1.53
C UNK A 649 68.49 -74.12 -0.43
N UNK A 650 69.63 -73.45 -0.52
CA UNK A 650 69.97 -72.40 0.48
C UNK A 650 68.93 -71.29 0.44
N UNK A 651 68.56 -70.91 -0.79
CA UNK A 651 67.56 -69.86 -1.00
C UNK A 651 66.24 -70.26 -0.35
N UNK A 652 65.86 -71.50 -0.58
CA UNK A 652 64.61 -72.07 -0.03
C UNK A 652 64.63 -71.98 1.49
N UNK A 653 65.76 -72.38 2.05
CA UNK A 653 65.99 -72.38 3.50
C UNK A 653 65.79 -70.97 4.06
N UNK A 654 66.41 -70.02 3.36
CA UNK A 654 66.35 -68.60 3.72
C UNK A 654 64.90 -68.13 3.75
N UNK A 655 64.18 -68.50 2.70
CA UNK A 655 62.81 -68.02 2.49
C UNK A 655 61.75 -68.63 3.40
N UNK A 656 61.94 -69.90 3.78
CA UNK A 656 61.11 -70.53 4.80
C UNK A 656 60.21 -71.64 4.28
N UNK A 657 60.77 -72.84 4.23
CA UNK A 657 60.02 -74.08 4.00
C UNK A 657 60.65 -75.17 4.86
N UNK A 658 59.81 -76.01 5.47
CA UNK A 658 60.30 -77.07 6.35
C UNK A 658 60.98 -78.17 5.55
N UNK A 659 60.25 -78.71 4.57
CA UNK A 659 60.80 -79.70 3.64
C UNK A 659 61.53 -78.95 2.52
N UNK A 660 62.70 -78.42 2.84
CA UNK A 660 63.41 -77.53 1.92
C UNK A 660 64.24 -78.35 0.94
N UNK A 661 64.97 -79.31 1.52
CA UNK A 661 65.90 -80.15 0.78
C UNK A 661 65.18 -80.89 -0.33
N UNK A 662 64.03 -81.45 0.04
CA UNK A 662 63.19 -82.22 -0.88
C UNK A 662 62.78 -81.35 -2.06
N UNK A 663 62.25 -80.18 -1.74
CA UNK A 663 61.75 -79.24 -2.75
C UNK A 663 62.88 -78.86 -3.72
N UNK A 664 64.02 -78.56 -3.12
CA UNK A 664 65.22 -78.16 -3.88
C UNK A 664 65.62 -79.30 -4.83
N UNK A 665 65.61 -80.50 -4.28
CA UNK A 665 66.06 -81.70 -4.97
C UNK A 665 65.15 -81.91 -6.20
N UNK A 666 63.84 -81.75 -5.99
CA UNK A 666 62.91 -82.11 -7.04
C UNK A 666 63.07 -81.09 -8.20
N UNK A 667 63.04 -79.82 -7.82
CA UNK A 667 62.72 -78.74 -8.77
C UNK A 667 63.79 -78.64 -9.82
N UNK A 668 65.06 -78.84 -9.44
CA UNK A 668 66.15 -78.74 -10.39
C UNK A 668 66.00 -79.84 -11.46
N UNK A 669 65.82 -81.09 -11.01
CA UNK A 669 65.50 -82.14 -11.94
C UNK A 669 64.32 -81.90 -12.82
N UNK A 670 63.26 -81.33 -12.29
CA UNK A 670 62.07 -80.95 -13.08
C UNK A 670 62.46 -80.02 -14.22
N UNK A 671 63.25 -79.01 -13.83
CA UNK A 671 63.74 -77.99 -14.77
C UNK A 671 64.53 -78.65 -15.90
N UNK A 672 65.41 -79.56 -15.49
CA UNK A 672 66.27 -80.30 -16.41
C UNK A 672 65.41 -81.06 -17.43
N UNK A 673 64.40 -81.73 -16.89
CA UNK A 673 63.45 -82.52 -17.68
C UNK A 673 62.78 -81.66 -18.72
N UNK A 674 62.31 -80.49 -18.26
CA UNK A 674 61.38 -79.67 -19.08
C UNK A 674 62.05 -78.91 -20.22
N UNK A 675 63.39 -78.90 -20.22
CA UNK A 675 64.16 -78.45 -21.36
C UNK A 675 64.03 -79.42 -22.54
N UNK A 676 64.13 -80.71 -22.24
CA UNK A 676 64.21 -81.75 -23.27
C UNK A 676 62.86 -82.35 -23.66
N UNK A 677 62.01 -82.58 -22.65
CA UNK A 677 60.69 -83.19 -22.89
C UNK A 677 59.74 -82.30 -23.67
N UNK A 678 59.71 -81.02 -23.35
CA UNK A 678 58.81 -80.07 -24.01
C UNK A 678 59.37 -79.77 -25.40
N UNK A 679 58.48 -79.72 -26.39
CA UNK A 679 58.88 -79.55 -27.80
C UNK A 679 59.63 -78.24 -28.00
N UNK A 680 60.79 -78.33 -28.67
CA UNK A 680 61.76 -77.25 -28.71
C UNK A 680 61.35 -76.11 -29.64
N UNK A 681 60.64 -75.14 -29.06
CA UNK A 681 60.44 -73.83 -29.65
C UNK A 681 61.58 -72.92 -29.21
N UNK A 682 61.62 -71.69 -29.74
CA UNK A 682 62.73 -70.76 -29.50
C UNK A 682 62.64 -70.01 -28.17
N UNK A 683 61.44 -69.54 -27.84
CA UNK A 683 61.19 -68.70 -26.65
C UNK A 683 61.37 -69.38 -25.29
N UNK A 684 61.42 -70.71 -25.26
CA UNK A 684 61.64 -71.45 -24.01
C UNK A 684 63.03 -71.20 -23.39
N UNK A 685 63.04 -70.97 -22.07
CA UNK A 685 64.26 -70.90 -21.29
C UNK A 685 64.01 -71.44 -19.88
N UNK A 686 64.89 -72.33 -19.42
CA UNK A 686 64.79 -72.93 -18.09
C UNK A 686 66.14 -72.93 -17.36
N UNK A 687 66.97 -71.92 -17.64
CA UNK A 687 68.26 -71.78 -16.99
C UNK A 687 68.14 -71.12 -15.62
N UNK A 688 69.28 -70.86 -14.99
CA UNK A 688 69.30 -70.31 -13.63
C UNK A 688 68.83 -68.87 -13.52
N UNK A 689 68.57 -68.21 -14.64
CA UNK A 689 67.93 -66.90 -14.63
C UNK A 689 66.45 -66.97 -14.27
N UNK A 690 65.75 -67.98 -14.78
CA UNK A 690 64.32 -68.18 -14.50
C UNK A 690 64.09 -68.88 -13.17
N UNK A 691 64.99 -69.80 -12.84
CA UNK A 691 64.91 -70.60 -11.63
C UNK A 691 64.82 -69.72 -10.40
N UNK A 692 65.71 -68.74 -10.37
CA UNK A 692 65.80 -67.77 -9.27
C UNK A 692 64.47 -67.05 -9.09
N UNK A 693 63.94 -66.61 -10.22
CA UNK A 693 62.66 -65.89 -10.26
C UNK A 693 61.55 -66.75 -9.67
N UNK A 694 61.54 -67.99 -10.11
CA UNK A 694 60.55 -69.00 -9.66
C UNK A 694 60.61 -69.14 -8.15
N UNK A 695 61.84 -69.26 -7.66
CA UNK A 695 62.12 -69.47 -6.23
C UNK A 695 61.63 -68.24 -5.47
N UNK A 696 62.04 -67.07 -5.96
CA UNK A 696 61.64 -65.82 -5.30
C UNK A 696 60.13 -65.67 -5.32
N UNK A 697 59.56 -65.98 -6.49
CA UNK A 697 58.11 -65.94 -6.70
C UNK A 697 57.43 -66.87 -5.73
N UNK A 698 57.99 -68.08 -5.60
CA UNK A 698 57.45 -69.09 -4.70
C UNK A 698 57.40 -68.57 -3.27
N UNK A 699 58.51 -67.97 -2.88
CA UNK A 699 58.67 -67.38 -1.53
C UNK A 699 57.59 -66.34 -1.28
N UNK A 700 57.41 -65.49 -2.29
CA UNK A 700 56.42 -64.41 -2.24
C UNK A 700 55.03 -64.98 -2.02
N UNK A 701 54.74 -66.01 -2.81
CA UNK A 701 53.44 -66.69 -2.76
C UNK A 701 53.20 -67.25 -1.37
N UNK A 702 54.23 -67.88 -0.82
CA UNK A 702 54.18 -68.49 0.52
C UNK A 702 53.85 -67.42 1.55
N UNK A 703 54.54 -66.29 1.42
CA UNK A 703 54.36 -65.14 2.32
C UNK A 703 52.91 -64.67 2.29
N UNK A 704 52.41 -64.56 1.07
CA UNK A 704 51.03 -64.11 0.83
C UNK A 704 50.04 -65.05 1.51
N UNK A 705 50.29 -66.34 1.34
CA UNK A 705 49.47 -67.40 1.91
C UNK A 705 49.42 -67.27 3.43
N UNK A 706 50.61 -67.06 3.99
CA UNK A 706 50.77 -66.90 5.44
C UNK A 706 49.94 -65.72 5.94
N UNK A 707 50.05 -64.63 5.20
CA UNK A 707 49.35 -63.39 5.53
C UNK A 707 47.82 -63.64 5.54
N UNK A 708 47.39 -64.35 4.51
CA UNK A 708 45.99 -64.50 4.17
C UNK A 708 45.28 -65.22 5.28
N UNK A 709 45.86 -66.31 5.75
CA UNK A 709 45.27 -67.13 6.82
C UNK A 709 45.05 -66.27 8.06
N UNK A 710 46.09 -65.51 8.39
CA UNK A 710 46.09 -64.63 9.55
C UNK A 710 44.94 -63.62 9.45
N UNK A 711 44.84 -63.04 8.25
CA UNK A 711 43.81 -62.05 7.94
C UNK A 711 42.41 -62.64 8.16
N UNK A 712 42.25 -63.85 7.64
CA UNK A 712 40.98 -64.57 7.68
C UNK A 712 40.53 -64.95 9.09
N UNK A 713 41.37 -65.70 9.79
CA UNK A 713 41.05 -66.21 11.12
C UNK A 713 41.07 -65.10 12.16
N UNK A 714 49.79 -71.06 10.27
CA UNK A 714 51.12 -71.20 10.85
C UNK A 714 51.57 -72.66 10.91
N UNK A 715 52.80 -72.87 11.35
CA UNK A 715 53.39 -74.19 11.57
C UNK A 715 53.60 -75.01 10.29
N UNK A 716 52.59 -75.76 9.85
CA UNK A 716 52.76 -76.75 8.79
C UNK A 716 52.77 -76.13 7.39
N UNK A 717 51.60 -75.62 6.98
CA UNK A 717 51.39 -75.01 5.64
C UNK A 717 51.45 -76.01 4.48
N UNK A 718 50.93 -75.61 3.28
CA UNK A 718 50.98 -76.50 2.11
C UNK A 718 52.39 -76.68 1.52
N UNK A 719 53.09 -75.57 1.30
CA UNK A 719 54.47 -75.54 0.75
C UNK A 719 54.68 -76.01 -0.70
N UNK A 720 54.53 -77.32 -0.87
CA UNK A 720 54.71 -77.98 -2.15
C UNK A 720 53.81 -77.36 -3.22
N UNK A 721 52.56 -77.22 -2.82
CA UNK A 721 51.50 -76.65 -3.67
C UNK A 721 51.89 -75.25 -4.10
N UNK A 722 52.33 -74.48 -3.12
CA UNK A 722 52.75 -73.09 -3.31
C UNK A 722 53.87 -73.03 -4.36
N UNK A 723 54.84 -73.92 -4.18
CA UNK A 723 56.00 -74.01 -5.06
C UNK A 723 55.55 -74.28 -6.49
N UNK A 724 54.63 -75.24 -6.61
CA UNK A 724 54.08 -75.65 -7.90
C UNK A 724 53.42 -74.46 -8.59
N UNK A 725 52.63 -73.73 -7.80
CA UNK A 725 51.92 -72.54 -8.28
C UNK A 725 52.87 -71.55 -8.92
N UNK A 726 53.99 -71.28 -8.25
CA UNK A 726 54.99 -70.33 -8.73
C UNK A 726 55.48 -70.74 -10.13
N UNK A 727 55.80 -72.03 -10.21
CA UNK A 727 56.31 -72.64 -11.45
C UNK A 727 55.29 -72.47 -12.56
N UNK A 728 54.04 -72.75 -12.23
CA UNK A 728 52.92 -72.64 -13.16
C UNK A 728 52.83 -71.22 -13.72
N UNK A 729 52.92 -70.27 -12.78
CA UNK A 729 52.84 -68.85 -13.09
C UNK A 729 53.95 -68.47 -14.09
N UNK A 730 55.15 -68.95 -13.78
CA UNK A 730 56.29 -68.61 -14.64
C UNK A 730 56.13 -69.22 -16.02
N UNK A 731 55.60 -70.43 -16.07
CA UNK A 731 55.72 -71.31 -17.25
C UNK A 731 54.59 -71.13 -18.22
N UNK A 732 53.39 -71.56 -17.83
CA UNK A 732 52.24 -71.72 -18.74
C UNK A 732 52.17 -70.70 -19.90
N UNK A 733 52.31 -69.40 -19.58
CA UNK A 733 52.54 -68.35 -20.57
C UNK A 733 53.64 -68.62 -21.65
N UNK A 734 54.80 -69.17 -21.27
CA UNK A 734 55.76 -69.70 -22.27
C UNK A 734 55.14 -70.78 -23.14
N UNK A 735 54.53 -71.76 -22.48
CA UNK A 735 54.21 -73.05 -23.06
C UNK A 735 53.26 -72.95 -24.23
N UNK A 736 53.65 -73.52 -25.37
CA UNK A 736 52.75 -73.62 -26.53
C UNK A 736 51.65 -74.65 -26.29
N UNK A 737 50.59 -74.53 -27.09
CA UNK A 737 49.36 -75.32 -26.91
C UNK A 737 49.60 -76.80 -26.64
N UNK A 738 50.43 -77.43 -27.46
CA UNK A 738 50.70 -78.87 -27.36
C UNK A 738 51.45 -79.31 -26.11
N UNK A 739 52.23 -78.41 -25.52
CA UNK A 739 53.16 -78.73 -24.45
C UNK A 739 52.63 -78.56 -23.05
N UNK A 740 51.61 -77.71 -22.91
CA UNK A 740 51.10 -77.32 -21.59
C UNK A 740 50.62 -78.56 -20.85
N UNK A 741 49.85 -79.41 -21.59
CA UNK A 741 49.32 -80.63 -20.99
C UNK A 741 50.44 -81.52 -20.50
N UNK A 742 51.47 -81.65 -21.33
CA UNK A 742 52.65 -82.47 -21.01
C UNK A 742 53.30 -81.97 -19.73
N UNK A 743 53.45 -80.66 -19.67
CA UNK A 743 54.06 -79.99 -18.51
C UNK A 743 53.28 -80.32 -17.24
N UNK A 744 51.96 -80.20 -17.36
CA UNK A 744 51.04 -80.47 -16.26
C UNK A 744 51.23 -81.90 -15.76
N UNK A 745 51.28 -82.81 -16.73
CA UNK A 745 51.46 -84.24 -16.45
C UNK A 745 52.75 -84.47 -15.67
N UNK A 746 53.80 -83.82 -16.14
CA UNK A 746 55.13 -83.92 -15.53
C UNK A 746 55.07 -83.47 -14.08
N UNK A 747 54.41 -82.33 -13.89
CA UNK A 747 54.25 -81.73 -12.56
C UNK A 747 53.56 -82.71 -11.63
N UNK A 748 52.48 -83.30 -12.15
CA UNK A 748 51.67 -84.28 -11.41
C UNK A 748 52.55 -85.44 -10.95
N UNK A 749 53.34 -85.93 -11.90
CA UNK A 749 54.22 -87.07 -11.68
C UNK A 749 55.22 -86.74 -10.56
N UNK A 750 55.77 -85.53 -10.64
CA UNK A 750 56.82 -85.16 -9.70
C UNK A 750 56.15 -84.98 -8.32
N UNK A 751 55.05 -84.23 -8.34
CA UNK A 751 54.42 -83.65 -7.16
C UNK A 751 52.96 -84.08 -7.11
N UNK A 752 52.69 -85.34 -6.67
CA UNK A 752 51.32 -85.86 -6.67
C UNK A 752 50.41 -85.15 -5.66
N UNK A 753 49.11 -85.15 -5.95
CA UNK A 753 48.12 -84.43 -5.16
C UNK A 753 48.11 -82.93 -5.41
N UNK A 754 48.52 -82.53 -6.61
CA UNK A 754 48.61 -81.12 -6.99
C UNK A 754 48.24 -81.03 -8.49
N UNK A 755 47.16 -80.34 -8.90
CA UNK A 755 46.21 -79.54 -8.10
C UNK A 755 46.82 -78.29 -7.44
N UNK A 756 47.33 -77.27 -8.15
CA UNK A 756 47.22 -76.86 -9.60
C UNK A 756 47.07 -75.34 -9.77
N UNK A 757 46.74 -74.64 -8.68
CA UNK A 757 45.73 -73.58 -8.68
C UNK A 757 45.72 -72.55 -9.82
N UNK A 758 44.52 -72.24 -10.30
CA UNK A 758 44.27 -71.24 -11.34
C UNK A 758 43.76 -69.94 -10.73
N UNK A 759 43.91 -68.85 -11.49
CA UNK A 759 43.60 -67.51 -11.00
C UNK A 759 42.13 -67.13 -11.04
N UNK A 760 41.53 -67.01 -9.85
CA UNK A 760 40.16 -66.48 -9.71
C UNK A 760 40.23 -64.97 -9.46
N UNK A 761 40.62 -64.24 -10.52
CA UNK A 761 40.85 -62.80 -10.48
C UNK A 761 39.53 -62.13 -10.86
N UNK A 762 38.60 -62.02 -9.91
CA UNK A 762 37.18 -61.93 -10.31
C UNK A 762 36.82 -60.48 -10.67
N UNK A 763 37.22 -59.59 -9.77
CA UNK A 763 37.03 -58.14 -9.95
C UNK A 763 37.71 -57.68 -11.24
N UNK A 764 38.95 -58.14 -11.38
CA UNK A 764 39.77 -57.80 -12.56
C UNK A 764 39.08 -58.27 -13.83
N UNK A 765 38.58 -59.49 -13.78
CA UNK A 765 37.88 -60.11 -14.90
C UNK A 765 36.68 -59.25 -15.31
N UNK A 766 35.94 -58.85 -14.29
CA UNK A 766 34.73 -58.02 -14.46
C UNK A 766 35.10 -56.72 -15.17
N UNK A 767 36.18 -56.12 -14.67
CA UNK A 767 36.68 -54.85 -15.22
C UNK A 767 37.02 -55.00 -16.70
N UNK A 768 37.71 -56.10 -16.98
CA UNK A 768 38.13 -56.44 -18.35
C UNK A 768 36.91 -56.54 -19.27
N UNK A 769 35.91 -57.24 -18.75
CA UNK A 769 34.64 -57.45 -19.48
C UNK A 769 34.00 -56.12 -19.81
N UNK A 770 33.97 -55.25 -18.80
CA UNK A 770 33.43 -53.89 -18.97
C UNK A 770 34.07 -53.15 -20.13
N UNK A 771 35.40 -53.22 -20.24
CA UNK A 771 36.14 -52.53 -21.28
C UNK A 771 35.97 -53.22 -22.63
N UNK A 772 35.81 -54.54 -22.64
CA UNK A 772 35.65 -55.25 -23.89
C UNK A 772 34.41 -54.80 -24.63
N UNK A 773 33.33 -54.61 -23.88
CA UNK A 773 32.06 -54.11 -24.44
C UNK A 773 32.28 -52.76 -25.11
N UNK A 774 32.99 -51.91 -24.39
CA UNK A 774 33.32 -50.56 -24.85
C UNK A 774 34.08 -50.61 -26.17
N UNK A 775 35.07 -51.52 -26.23
CA UNK A 775 35.98 -51.67 -27.39
C UNK A 775 35.56 -52.73 -28.43
N UNK A 776 34.29 -53.12 -28.44
CA UNK A 776 33.74 -54.04 -29.45
C UNK A 776 34.40 -55.43 -29.51
N UNK A 777 34.92 -55.90 -28.38
CA UNK A 777 35.60 -57.19 -28.28
C UNK A 777 34.74 -58.26 -27.61
N UNK A 778 35.18 -59.50 -27.73
CA UNK A 778 34.40 -60.69 -27.30
C UNK A 778 34.91 -61.30 -26.00
N UNK A 779 34.33 -60.84 -24.88
CA UNK A 779 34.73 -61.29 -23.55
C UNK A 779 34.25 -62.70 -23.25
N UNK A 780 35.20 -63.60 -23.01
CA UNK A 780 34.91 -65.01 -22.74
C UNK A 780 34.94 -65.31 -21.26
N UNK A 781 34.01 -66.14 -20.81
CA UNK A 781 33.86 -66.48 -19.39
C UNK A 781 34.99 -67.41 -18.91
N UNK A 782 35.44 -68.30 -19.79
CA UNK A 782 36.45 -69.30 -19.44
C UNK A 782 36.39 -70.55 -20.31
N UNK A 783 35.17 -70.98 -20.65
CA UNK A 783 34.96 -72.19 -21.45
C UNK A 783 33.77 -72.03 -22.42
N UNK A 784 34.00 -71.63 -23.67
CA UNK A 784 35.32 -71.23 -24.20
C UNK A 784 35.19 -70.46 -25.53
N UNK A 785 34.23 -69.55 -25.63
CA UNK A 785 33.95 -68.85 -26.90
C UNK A 785 35.04 -67.82 -27.27
N UNK A 786 35.44 -67.01 -26.29
CA UNK A 786 36.60 -66.10 -26.41
C UNK A 786 37.42 -66.10 -25.14
N UNK A 787 37.42 -67.25 -24.46
CA UNK A 787 37.98 -67.41 -23.15
C UNK A 787 39.47 -67.49 -23.16
N UNK A 788 40.05 -68.08 -24.21
CA UNK A 788 41.49 -68.22 -24.36
C UNK A 788 42.16 -66.84 -24.29
N UNK A 789 41.57 -65.91 -25.05
CA UNK A 789 42.09 -64.54 -25.14
C UNK A 789 42.08 -63.90 -23.75
N UNK A 790 40.98 -64.09 -23.05
CA UNK A 790 40.83 -63.53 -21.70
C UNK A 790 41.88 -64.09 -20.76
N UNK A 791 42.10 -65.39 -20.87
CA UNK A 791 43.10 -66.11 -20.06
C UNK A 791 44.47 -65.53 -20.32
N UNK A 792 44.78 -65.27 -21.59
CA UNK A 792 46.03 -64.68 -22.02
C UNK A 792 46.29 -63.36 -21.28
N UNK A 793 45.23 -62.54 -21.23
CA UNK A 793 45.30 -61.25 -20.57
C UNK A 793 45.66 -61.42 -19.09
N UNK A 794 44.99 -62.36 -18.47
CA UNK A 794 45.21 -62.69 -17.06
C UNK A 794 46.65 -63.09 -16.82
N UNK A 795 47.15 -63.94 -17.70
CA UNK A 795 48.54 -64.42 -17.65
C UNK A 795 49.50 -63.25 -17.69
N UNK A 796 49.23 -62.35 -18.64
CA UNK A 796 50.03 -61.14 -18.86
C UNK A 796 50.09 -60.32 -17.57
N UNK A 797 48.91 -60.14 -16.98
CA UNK A 797 48.74 -59.38 -15.75
C UNK A 797 49.60 -59.98 -14.64
N UNK A 798 49.50 -61.30 -14.53
CA UNK A 798 50.23 -62.07 -13.53
C UNK A 798 51.74 -61.83 -13.68
N UNK A 799 52.17 -61.90 -14.93
CA UNK A 799 53.58 -61.71 -15.29
C UNK A 799 54.09 -60.34 -14.89
N UNK A 800 53.32 -59.31 -15.26
CA UNK A 800 53.75 -57.93 -15.06
C UNK A 800 53.97 -57.64 -13.59
N UNK A 801 53.06 -58.12 -12.77
CA UNK A 801 53.12 -58.00 -11.31
C UNK A 801 54.47 -58.44 -10.75
N UNK A 802 54.95 -59.62 -11.14
CA UNK A 802 56.24 -60.15 -10.64
C UNK A 802 57.46 -59.71 -11.46
N UNK A 803 57.34 -59.82 -12.78
CA UNK A 803 58.49 -59.69 -13.66
C UNK A 803 58.62 -58.27 -14.15
N UNK A 804 59.83 -57.74 -14.00
CA UNK A 804 60.19 -56.43 -14.54
C UNK A 804 59.94 -56.32 -16.06
N UNK A 805 60.30 -57.39 -16.80
CA UNK A 805 60.18 -57.44 -18.26
C UNK A 805 59.58 -58.73 -18.81
N UNK A 806 59.00 -58.63 -20.01
CA UNK A 806 58.26 -59.73 -20.60
C UNK A 806 58.06 -59.55 -22.10
N UNK A 807 57.56 -60.60 -22.74
CA UNK A 807 57.33 -60.62 -24.19
C UNK A 807 56.05 -61.37 -24.53
N UNK A 808 55.48 -61.01 -25.68
CA UNK A 808 54.32 -61.67 -26.25
C UNK A 808 54.66 -62.09 -27.67
N UNK A 809 54.78 -63.39 -27.85
CA UNK A 809 55.42 -63.94 -29.01
C UNK A 809 54.36 -64.60 -29.89
N UNK A 810 53.27 -63.89 -30.15
CA UNK A 810 52.27 -64.37 -31.09
C UNK A 810 52.72 -64.24 -32.53
N UNK A 811 52.19 -65.06 -33.41
CA UNK A 811 52.24 -64.72 -34.82
C UNK A 811 51.36 -63.51 -35.12
N UNK A 812 51.35 -63.08 -36.37
CA UNK A 812 50.53 -61.94 -36.75
C UNK A 812 49.06 -62.28 -36.59
N UNK A 813 48.27 -61.29 -36.16
CA UNK A 813 46.84 -61.49 -35.89
C UNK A 813 46.56 -62.54 -34.85
N UNK A 814 47.35 -62.53 -33.78
CA UNK A 814 47.18 -63.44 -32.68
C UNK A 814 46.60 -62.72 -31.48
N UNK A 815 46.23 -61.46 -31.65
CA UNK A 815 45.53 -60.73 -30.62
C UNK A 815 46.38 -60.22 -29.48
N UNK A 816 47.69 -60.01 -29.74
CA UNK A 816 48.59 -59.61 -28.66
C UNK A 816 48.40 -58.13 -28.42
N UNK A 817 48.55 -57.36 -29.48
CA UNK A 817 48.56 -55.90 -29.35
C UNK A 817 47.35 -55.47 -28.51
N UNK A 818 46.19 -56.02 -28.88
CA UNK A 818 44.93 -55.64 -28.28
C UNK A 818 44.96 -55.99 -26.80
N UNK A 819 45.48 -57.18 -26.48
CA UNK A 819 45.39 -57.75 -25.16
C UNK A 819 46.01 -56.81 -24.13
N UNK A 820 47.21 -56.33 -24.48
CA UNK A 820 47.94 -55.43 -23.58
C UNK A 820 47.14 -54.16 -23.32
N UNK A 821 46.56 -53.63 -24.40
CA UNK A 821 45.74 -52.42 -24.34
C UNK A 821 44.57 -52.63 -23.38
N UNK A 822 43.92 -53.79 -23.54
CA UNK A 822 42.77 -54.16 -22.73
C UNK A 822 43.16 -54.20 -21.25
N UNK A 823 44.32 -54.82 -21.00
CA UNK A 823 44.85 -54.96 -19.65
C UNK A 823 45.07 -53.59 -19.03
N UNK A 824 45.65 -52.69 -19.82
CA UNK A 824 46.00 -51.36 -19.36
C UNK A 824 44.77 -50.62 -18.79
N UNK A 825 43.74 -50.58 -19.62
CA UNK A 825 42.51 -49.82 -19.32
C UNK A 825 41.77 -50.37 -18.12
N UNK A 826 41.83 -51.70 -17.95
CA UNK A 826 41.24 -52.39 -16.81
C UNK A 826 42.04 -52.06 -15.55
N UNK A 827 43.36 -52.06 -15.67
CA UNK A 827 44.18 -51.69 -14.50
C UNK A 827 43.94 -50.28 -14.06
N UNK A 828 43.77 -49.38 -15.04
CA UNK A 828 43.43 -47.98 -14.79
C UNK A 828 42.16 -47.88 -13.95
N UNK A 829 41.16 -48.65 -14.36
CA UNK A 829 39.88 -48.73 -13.63
C UNK A 829 39.99 -49.28 -12.19
N UNK A 830 40.53 -50.48 -12.09
CA UNK A 830 40.60 -51.21 -10.83
C UNK A 830 41.32 -50.42 -9.75
N UNK A 831 42.53 -49.96 -10.07
CA UNK A 831 43.41 -49.33 -9.10
C UNK A 831 43.26 -47.80 -9.03
N UNK A 832 42.68 -47.20 -10.07
CA UNK A 832 42.61 -45.75 -10.17
C UNK A 832 43.97 -45.13 -10.50
N UNK A 833 44.83 -45.91 -11.14
CA UNK A 833 46.19 -45.48 -11.48
C UNK A 833 46.26 -45.36 -12.99
N UNK A 834 46.16 -44.13 -13.48
CA UNK A 834 46.06 -43.86 -14.92
C UNK A 834 47.28 -44.37 -15.70
N UNK A 835 47.15 -45.57 -16.26
CA UNK A 835 48.18 -46.15 -17.10
C UNK A 835 48.29 -45.44 -18.44
N UNK A 836 49.52 -45.24 -18.89
CA UNK A 836 49.80 -44.58 -20.16
C UNK A 836 50.97 -45.29 -20.84
N UNK A 837 50.69 -45.94 -21.96
CA UNK A 837 51.68 -46.79 -22.63
C UNK A 837 52.38 -46.08 -23.77
N UNK A 838 53.67 -45.81 -23.57
CA UNK A 838 54.56 -45.45 -24.66
C UNK A 838 54.81 -46.68 -25.52
N UNK A 839 54.79 -46.50 -26.84
CA UNK A 839 54.98 -47.62 -27.75
C UNK A 839 55.89 -47.26 -28.94
N UNK A 840 57.02 -47.99 -29.00
CA UNK A 840 58.05 -47.82 -30.03
C UNK A 840 58.06 -49.04 -30.95
N UNK A 841 58.62 -48.85 -32.14
CA UNK A 841 59.20 -49.96 -32.90
C UNK A 841 60.63 -49.57 -33.34
N UNK A 842 61.65 -50.34 -32.88
CA UNK A 842 63.03 -49.95 -33.00
C UNK A 842 63.73 -50.53 -34.23
N UNK A 843 62.97 -50.82 -35.27
CA UNK A 843 63.54 -51.10 -36.58
C UNK A 843 63.30 -49.95 -37.55
N UNK A 844 62.14 -49.30 -37.44
CA UNK A 844 61.88 -48.06 -38.17
C UNK A 844 63.07 -47.14 -38.02
N UNK A 845 63.36 -46.77 -36.78
CA UNK A 845 64.47 -45.86 -36.49
C UNK A 845 65.76 -46.65 -36.39
N UNK A 846 66.88 -45.94 -36.48
CA UNK A 846 68.21 -46.55 -36.40
C UNK A 846 68.52 -46.96 -34.95
N UNK A 847 69.74 -47.43 -34.70
CA UNK A 847 70.15 -47.75 -33.33
C UNK A 847 70.42 -46.46 -32.56
N UNK A 848 71.16 -45.57 -33.23
CA UNK A 848 71.55 -44.28 -32.65
C UNK A 848 70.29 -43.48 -32.29
N UNK A 849 69.34 -43.47 -33.22
CA UNK A 849 68.11 -42.73 -33.00
C UNK A 849 67.33 -43.29 -31.82
N UNK A 850 67.31 -44.62 -31.73
CA UNK A 850 66.64 -45.32 -30.63
C UNK A 850 67.25 -44.90 -29.30
N UNK A 851 68.59 -44.86 -29.28
CA UNK A 851 69.30 -44.86 -27.95
C UNK A 851 69.95 -43.56 -27.57
N UNK A 852 70.78 -43.09 -28.50
CA UNK A 852 71.47 -41.81 -28.40
C UNK A 852 72.84 -41.93 -29.02
N UNK A 853 73.60 -40.87 -28.91
CA UNK A 853 74.99 -40.90 -29.32
C UNK A 853 75.82 -39.83 -28.62
N UNK A 854 77.10 -40.17 -28.48
CA UNK A 854 78.12 -39.27 -28.01
C UNK A 854 78.88 -38.91 -29.27
N UNK A 855 78.86 -37.63 -29.65
CA UNK A 855 79.47 -37.18 -30.91
C UNK A 855 81.01 -37.28 -30.80
N UNK A 856 81.70 -37.77 -31.86
CA UNK A 856 83.18 -37.85 -31.77
C UNK A 856 83.89 -36.50 -31.64
N UNK A 857 83.37 -35.47 -32.31
CA UNK A 857 83.84 -34.10 -32.18
C UNK A 857 82.85 -33.31 -31.32
N UNK A 858 83.36 -32.42 -30.46
CA UNK A 858 82.54 -31.67 -29.49
C UNK A 858 81.72 -32.66 -28.64
N UNK A 859 82.42 -33.39 -27.79
CA UNK A 859 81.90 -34.64 -27.25
C UNK A 859 80.80 -34.43 -26.21
N UNK A 860 79.58 -34.26 -26.72
CA UNK A 860 78.36 -34.18 -25.93
C UNK A 860 77.40 -35.32 -26.27
N UNK A 861 76.70 -35.81 -25.25
CA UNK A 861 75.71 -36.87 -25.42
C UNK A 861 74.42 -36.25 -25.91
N UNK A 862 73.69 -37.01 -26.72
CA UNK A 862 72.27 -36.69 -26.97
C UNK A 862 71.45 -37.93 -26.66
N UNK A 863 70.16 -37.74 -26.41
CA UNK A 863 69.25 -38.87 -26.20
C UNK A 863 68.67 -39.41 -27.52
N UNK A 864 68.35 -40.69 -27.49
CA UNK A 864 67.55 -41.33 -28.53
C UNK A 864 66.11 -41.42 -28.04
N UNK A 865 65.27 -42.20 -28.70
CA UNK A 865 63.83 -42.17 -28.39
C UNK A 865 63.58 -42.83 -27.04
N UNK A 866 64.15 -44.04 -26.91
CA UNK A 866 63.86 -44.88 -25.73
C UNK A 866 64.43 -44.18 -24.50
N UNK A 867 65.71 -43.82 -24.63
CA UNK A 867 66.50 -43.24 -23.53
C UNK A 867 65.83 -41.99 -23.04
N UNK A 868 65.43 -41.14 -23.97
CA UNK A 868 64.76 -39.88 -23.69
C UNK A 868 63.50 -40.11 -22.85
N UNK A 869 62.73 -41.08 -23.33
CA UNK A 869 61.47 -41.48 -22.70
C UNK A 869 61.71 -41.90 -21.25
N UNK A 870 62.74 -42.73 -21.09
CA UNK A 870 63.13 -43.25 -19.79
C UNK A 870 63.47 -42.08 -18.84
N UNK A 871 64.25 -41.17 -19.38
CA UNK A 871 64.78 -40.01 -18.68
C UNK A 871 63.65 -39.18 -18.16
N UNK A 872 62.65 -38.95 -19.04
CA UNK A 872 61.49 -38.13 -18.65
C UNK A 872 60.78 -38.74 -17.45
N UNK A 873 60.60 -40.06 -17.55
CA UNK A 873 59.93 -40.84 -16.50
C UNK A 873 60.67 -40.68 -15.18
N UNK A 874 61.99 -40.80 -15.27
CA UNK A 874 62.88 -40.71 -14.12
C UNK A 874 62.71 -39.33 -13.45
N UNK A 875 62.70 -38.31 -14.30
CA UNK A 875 62.62 -36.94 -13.82
C UNK A 875 61.29 -36.71 -13.12
N UNK A 876 60.20 -37.19 -13.73
CA UNK A 876 58.84 -37.05 -13.18
C UNK A 876 58.43 -35.60 -12.92
N UNK A 877 58.64 -34.75 -13.92
CA UNK A 877 58.27 -33.34 -13.81
C UNK A 877 56.75 -33.22 -13.68
N UNK A 878 56.04 -33.77 -14.64
CA UNK A 878 54.58 -33.63 -14.74
C UNK A 878 53.80 -34.82 -14.17
N UNK A 879 54.44 -35.61 -13.30
CA UNK A 879 53.78 -36.67 -12.55
C UNK A 879 53.78 -38.02 -13.24
N UNK A 880 54.97 -38.54 -13.52
CA UNK A 880 55.14 -39.83 -14.20
C UNK A 880 55.47 -40.95 -13.21
N UNK A 881 56.27 -40.63 -12.19
CA UNK A 881 56.53 -41.53 -11.06
C UNK A 881 55.27 -41.74 -10.21
N UNK A 882 54.32 -40.81 -10.31
CA UNK A 882 52.97 -41.00 -9.80
C UNK A 882 52.27 -42.18 -10.51
N UNK A 883 52.21 -42.11 -11.83
CA UNK A 883 51.38 -43.00 -12.65
C UNK A 883 52.04 -44.33 -13.02
N UNK A 884 51.22 -45.23 -13.60
CA UNK A 884 51.71 -46.43 -14.27
C UNK A 884 52.31 -46.03 -15.61
N UNK A 885 53.39 -46.71 -16.01
CA UNK A 885 54.19 -46.31 -17.17
C UNK A 885 54.73 -47.53 -17.93
N UNK A 886 54.15 -47.83 -19.09
CA UNK A 886 54.54 -48.99 -19.87
C UNK A 886 55.30 -48.56 -21.14
N UNK A 887 56.45 -49.17 -21.36
CA UNK A 887 57.14 -49.09 -22.65
C UNK A 887 56.90 -50.44 -23.30
N UNK A 888 56.46 -50.45 -24.56
CA UNK A 888 56.31 -51.71 -25.29
C UNK A 888 56.95 -51.60 -26.64
N UNK A 889 57.67 -52.66 -27.04
CA UNK A 889 58.33 -52.67 -28.35
C UNK A 889 57.49 -53.49 -29.33
N UNK A 890 56.82 -52.79 -30.23
CA UNK A 890 55.92 -53.42 -31.21
C UNK A 890 56.66 -53.57 -32.53
N UNK A 891 57.76 -54.33 -32.48
CA UNK A 891 58.61 -54.50 -33.65
C UNK A 891 59.34 -55.82 -33.60
N UNK A 892 60.62 -55.77 -33.99
CA UNK A 892 61.43 -56.97 -34.23
C UNK A 892 62.60 -57.04 -33.26
N UNK A 893 62.92 -58.25 -32.82
CA UNK A 893 63.95 -58.46 -31.83
C UNK A 893 65.13 -59.17 -32.45
N UNK A 894 66.21 -58.39 -32.64
CA UNK A 894 67.49 -58.92 -33.09
C UNK A 894 68.49 -58.85 -31.93
N UNK A 895 69.78 -59.09 -32.19
CA UNK A 895 70.75 -58.72 -31.15
C UNK A 895 71.10 -57.23 -31.16
N UNK A 896 71.30 -56.66 -32.34
CA UNK A 896 71.83 -55.29 -32.52
C UNK A 896 71.32 -54.22 -31.54
N UNK A 897 70.02 -54.22 -31.24
CA UNK A 897 69.41 -53.18 -30.39
C UNK A 897 68.95 -53.63 -29.01
N UNK A 898 68.51 -54.88 -28.84
CA UNK A 898 68.06 -55.36 -27.53
C UNK A 898 69.23 -55.60 -26.59
N UNK A 899 70.36 -56.00 -27.13
CA UNK A 899 71.51 -56.28 -26.29
C UNK A 899 72.05 -55.08 -25.50
N UNK A 900 71.64 -53.87 -25.84
CA UNK A 900 71.79 -52.73 -24.92
C UNK A 900 70.91 -52.96 -23.68
N UNK A 901 69.65 -53.29 -23.95
CA UNK A 901 68.62 -53.39 -22.94
C UNK A 901 68.73 -54.56 -22.00
N UNK A 902 69.70 -55.46 -22.23
CA UNK A 902 69.83 -56.62 -21.38
C UNK A 902 70.11 -56.24 -19.94
N UNK A 903 70.98 -55.24 -19.77
CA UNK A 903 71.33 -54.71 -18.45
C UNK A 903 70.07 -54.21 -17.75
N UNK A 904 69.28 -53.45 -18.50
CA UNK A 904 68.03 -52.86 -18.02
C UNK A 904 67.10 -53.96 -17.52
N UNK A 905 66.99 -54.99 -18.35
CA UNK A 905 66.10 -56.12 -18.08
C UNK A 905 66.46 -56.79 -16.76
N UNK A 906 67.75 -57.06 -16.54
CA UNK A 906 68.23 -57.76 -15.34
C UNK A 906 67.89 -57.03 -14.03
N UNK A 907 67.89 -57.78 -12.93
CA UNK A 907 67.73 -57.24 -11.58
C UNK A 907 68.59 -56.01 -11.22
N UNK A 908 69.66 -55.75 -11.97
CA UNK A 908 70.38 -54.48 -11.87
C UNK A 908 69.50 -53.25 -12.14
N UNK A 909 68.56 -53.40 -13.08
CA UNK A 909 67.57 -52.37 -13.41
C UNK A 909 68.23 -51.04 -13.80
N UNK A 910 69.28 -51.16 -14.59
CA UNK A 910 70.19 -50.06 -14.85
C UNK A 910 70.28 -49.87 -16.35
N UNK A 911 69.97 -48.66 -16.82
CA UNK A 911 70.19 -48.32 -18.23
C UNK A 911 71.53 -47.63 -18.31
N UNK A 912 72.38 -48.11 -19.21
CA UNK A 912 73.76 -47.65 -19.29
C UNK A 912 74.07 -47.04 -20.64
N UNK A 913 74.81 -45.94 -20.62
CA UNK A 913 75.16 -45.23 -21.85
C UNK A 913 76.66 -45.00 -21.88
N UNK A 914 77.23 -44.69 -23.06
CA UNK A 914 78.68 -44.51 -23.16
C UNK A 914 79.18 -43.29 -22.41
N UNK A 915 78.44 -42.19 -22.55
CA UNK A 915 78.47 -41.07 -21.61
C UNK A 915 79.13 -41.41 -20.27
N UNK A 916 78.62 -42.47 -19.63
CA UNK A 916 78.98 -42.85 -18.27
C UNK A 916 77.79 -42.57 -17.39
N UNK A 917 77.12 -41.45 -17.65
CA UNK A 917 75.82 -41.13 -17.11
C UNK A 917 74.87 -42.32 -17.16
N UNK A 918 74.21 -42.59 -16.05
CA UNK A 918 73.46 -43.83 -15.88
C UNK A 918 72.07 -43.64 -15.29
N UNK A 919 71.06 -43.76 -16.16
CA UNK A 919 69.66 -43.79 -15.74
C UNK A 919 69.40 -45.10 -15.00
N UNK A 920 68.87 -44.95 -13.79
CA UNK A 920 68.25 -46.07 -13.08
C UNK A 920 66.94 -46.40 -13.81
N UNK A 921 66.17 -47.31 -13.24
CA UNK A 921 64.87 -47.65 -13.76
C UNK A 921 63.90 -47.63 -12.59
N UNK A 922 62.79 -46.89 -12.69
CA UNK A 922 61.86 -46.84 -11.57
C UNK A 922 60.94 -48.08 -11.51
N UNK A 923 60.17 -48.23 -10.42
CA UNK A 923 59.24 -49.35 -10.32
C UNK A 923 57.95 -49.18 -11.14
N UNK A 924 57.69 -47.97 -11.63
CA UNK A 924 56.55 -47.70 -12.52
C UNK A 924 56.73 -48.32 -13.88
N UNK A 925 57.96 -48.28 -14.38
CA UNK A 925 58.29 -48.73 -15.73
C UNK A 925 58.18 -50.23 -15.87
N UNK A 926 57.48 -50.66 -16.91
CA UNK A 926 57.63 -52.02 -17.42
C UNK A 926 58.06 -51.90 -18.88
N UNK A 927 58.78 -52.92 -19.34
CA UNK A 927 59.30 -52.99 -20.70
C UNK A 927 58.80 -54.26 -21.34
N UNK A 928 57.81 -54.15 -22.22
CA UNK A 928 57.26 -55.29 -22.92
C UNK A 928 57.78 -55.36 -24.36
N UNK A 929 57.66 -56.54 -24.94
CA UNK A 929 57.98 -56.75 -26.35
C UNK A 929 56.82 -57.48 -26.99
N UNK A 930 56.11 -56.78 -27.87
CA UNK A 930 55.05 -57.37 -28.66
C UNK A 930 55.72 -57.83 -29.95
N UNK A 931 55.80 -59.15 -30.15
CA UNK A 931 56.76 -59.68 -31.12
C UNK A 931 56.25 -60.88 -31.92
N UNK A 932 56.61 -60.89 -33.21
CA UNK A 932 56.19 -61.93 -34.14
C UNK A 932 56.82 -63.27 -33.79
N UNK A 933 58.15 -63.30 -33.73
CA UNK A 933 58.91 -64.51 -33.37
C UNK A 933 60.36 -64.18 -33.04
N UNK A 934 60.97 -65.04 -32.24
CA UNK A 934 62.33 -64.87 -31.76
C UNK A 934 63.27 -65.86 -32.47
N UNK A 935 63.30 -65.80 -33.79
CA UNK A 935 64.23 -66.59 -34.59
C UNK A 935 65.65 -66.22 -34.24
N UNK A 936 65.96 -64.95 -34.47
CA UNK A 936 67.33 -64.45 -34.39
C UNK A 936 67.69 -63.85 -33.03
N UNK A 937 66.78 -63.93 -32.07
CA UNK A 937 67.05 -63.48 -30.71
C UNK A 937 67.89 -64.52 -29.97
N UNK A 938 69.06 -64.10 -29.52
CA UNK A 938 69.90 -64.93 -28.66
C UNK A 938 69.26 -65.11 -27.28
N UNK A 939 69.69 -66.15 -26.56
CA UNK A 939 69.14 -66.47 -25.24
C UNK A 939 69.44 -65.40 -24.19
N UNK A 940 70.61 -64.76 -24.31
CA UNK A 940 70.99 -63.68 -23.40
C UNK A 940 69.95 -62.54 -23.37
N UNK A 941 69.27 -62.32 -24.50
CA UNK A 941 68.12 -61.42 -24.54
C UNK A 941 66.91 -62.06 -23.86
N UNK A 942 66.53 -63.24 -24.32
CA UNK A 942 65.22 -63.80 -24.00
C UNK A 942 65.06 -64.27 -22.55
N UNK A 943 66.18 -64.61 -21.89
CA UNK A 943 66.15 -65.16 -20.54
C UNK A 943 65.69 -64.17 -19.47
N UNK A 944 66.02 -62.88 -19.66
CA UNK A 944 65.64 -61.84 -18.71
C UNK A 944 64.15 -61.48 -18.71
N UNK A 945 63.45 -61.77 -19.80
CA UNK A 945 62.03 -61.44 -19.94
C UNK A 945 61.13 -62.67 -19.71
N UNK A 946 59.98 -62.46 -19.03
CA UNK A 946 58.92 -63.49 -18.96
C UNK A 946 58.26 -63.61 -20.32
N UNK A 947 57.50 -64.66 -20.60
CA UNK A 947 56.90 -64.83 -21.93
C UNK A 947 55.42 -65.06 -21.83
N UNK A 948 54.68 -64.74 -22.90
CA UNK A 948 53.23 -64.98 -22.97
C UNK A 948 52.84 -65.44 -24.37
N UNK A 949 52.58 -66.73 -24.53
CA UNK A 949 52.38 -67.29 -25.85
C UNK A 949 50.97 -67.06 -26.39
N UNK A 950 50.84 -66.14 -27.35
CA UNK A 950 49.61 -65.98 -28.11
C UNK A 950 49.64 -66.96 -29.28
N UNK A 951 48.97 -68.10 -29.16
CA UNK A 951 48.82 -69.04 -30.28
C UNK A 951 47.80 -68.50 -31.27
N UNK A 952 48.02 -68.79 -32.55
CA UNK A 952 47.13 -68.36 -33.63
C UNK A 952 45.67 -68.71 -33.39
N UNK A 953 45.46 -69.86 -32.74
CA UNK A 953 44.11 -70.32 -32.35
C UNK A 953 43.43 -69.54 -31.20
N UNK A 954 44.17 -68.67 -30.50
CA UNK A 954 43.62 -67.90 -29.37
C UNK A 954 42.54 -66.95 -29.88
N UNK A 955 42.92 -66.11 -30.83
CA UNK A 955 41.98 -65.32 -31.59
C UNK A 955 41.37 -66.29 -32.60
N UNK A 956 40.07 -66.55 -32.47
CA UNK A 956 39.42 -67.66 -33.19
C UNK A 956 39.35 -67.47 -34.71
N UNK A 957 38.75 -66.33 -35.08
CA UNK A 957 38.12 -66.00 -36.40
C UNK A 957 36.69 -65.51 -36.17
N UNK A 958 35.99 -66.31 -35.37
CA UNK A 958 34.60 -65.96 -34.95
C UNK A 958 34.62 -64.65 -34.20
N UNK A 959 35.59 -64.50 -33.30
CA UNK A 959 35.75 -63.29 -32.49
C UNK A 959 35.92 -62.08 -33.39
N UNK A 960 36.80 -62.25 -34.38
CA UNK A 960 37.12 -61.21 -35.35
C UNK A 960 35.85 -60.77 -36.08
N UNK A 961 35.10 -61.77 -36.51
CA UNK A 961 33.84 -61.57 -37.23
C UNK A 961 32.88 -60.74 -36.40
N UNK A 962 32.77 -61.14 -35.13
CA UNK A 962 31.90 -60.48 -34.16
C UNK A 962 32.27 -59.01 -34.03
N UNK A 963 33.58 -58.79 -33.90
CA UNK A 963 34.14 -57.44 -33.76
C UNK A 963 33.75 -56.59 -34.96
N UNK A 964 33.92 -57.18 -36.14
CA UNK A 964 33.61 -56.52 -37.41
C UNK A 964 32.13 -56.10 -37.43
N UNK A 965 31.31 -57.05 -37.04
CA UNK A 965 29.85 -56.94 -37.03
C UNK A 965 29.45 -55.86 -36.06
N UNK A 966 30.01 -55.95 -34.84
CA UNK A 966 29.74 -54.95 -33.79
C UNK A 966 30.14 -53.57 -34.28
N UNK A 967 31.32 -53.49 -34.91
CA UNK A 967 31.85 -52.24 -35.44
C UNK A 967 30.87 -51.63 -36.45
N UNK A 968 30.41 -52.50 -37.33
CA UNK A 968 29.47 -52.15 -38.39
C UNK A 968 28.20 -51.57 -37.80
N UNK A 969 27.71 -52.25 -36.77
CA UNK A 969 26.49 -51.85 -36.07
C UNK A 969 26.62 -50.49 -35.39
N UNK A 970 27.82 -50.02 -35.07
CA UNK A 970 27.98 -48.73 -34.39
C UNK A 970 29.35 -48.06 -34.59
N UNK A 971 29.68 -47.67 -35.84
CA UNK A 971 30.80 -46.74 -36.04
C UNK A 971 30.35 -45.33 -35.62
N UNK A 972 29.37 -44.68 -36.28
CA UNK A 972 28.74 -45.08 -37.54
C UNK A 972 29.49 -44.48 -38.72
N UNK A 973 29.44 -45.17 -39.86
CA UNK A 973 30.42 -45.00 -40.95
C UNK A 973 30.92 -43.57 -41.18
N UNK A 974 29.99 -42.64 -41.41
CA UNK A 974 30.33 -41.24 -41.69
C UNK A 974 30.80 -40.53 -40.42
N UNK A 975 31.97 -39.92 -40.48
CA UNK A 975 32.55 -39.20 -39.34
C UNK A 975 31.82 -37.87 -39.12
N UNK A 976 17.18 -44.00 -34.27
CA UNK A 976 18.52 -43.96 -34.85
C UNK A 976 18.91 -42.52 -35.18
N UNK A 977 20.20 -42.22 -35.04
CA UNK A 977 20.75 -40.90 -35.34
C UNK A 977 20.87 -40.68 -36.83
N UNK A 978 21.57 -41.59 -37.51
CA UNK A 978 21.86 -41.50 -38.93
C UNK A 978 21.10 -42.55 -39.75
N UNK A 979 20.74 -42.22 -41.02
CA UNK A 979 20.24 -43.22 -41.95
C UNK A 979 21.32 -44.20 -42.34
N UNK A 980 22.56 -43.74 -42.46
CA UNK A 980 23.69 -44.59 -42.79
C UNK A 980 23.84 -45.71 -41.76
N UNK A 981 23.73 -45.32 -40.50
CA UNK A 981 23.84 -46.25 -39.38
C UNK A 981 22.77 -47.33 -39.49
N UNK A 982 21.57 -46.88 -39.77
CA UNK A 982 20.39 -47.76 -39.92
C UNK A 982 20.65 -48.78 -41.03
N UNK A 983 21.16 -48.27 -42.15
CA UNK A 983 21.48 -49.08 -43.32
C UNK A 983 22.48 -50.17 -42.95
N UNK A 984 23.51 -49.75 -42.22
CA UNK A 984 24.57 -50.64 -41.76
C UNK A 984 24.00 -51.76 -40.92
N UNK A 985 23.13 -51.36 -40.00
CA UNK A 985 22.45 -52.29 -39.08
C UNK A 985 21.67 -53.34 -39.87
N UNK A 986 20.94 -52.85 -40.87
CA UNK A 986 20.13 -53.68 -41.74
C UNK A 986 21.00 -54.72 -42.44
N UNK A 987 22.12 -54.23 -42.96
CA UNK A 987 23.09 -55.05 -43.67
C UNK A 987 23.60 -56.18 -42.77
N UNK A 988 23.93 -55.78 -41.53
CA UNK A 988 24.66 -56.69 -40.62
C UNK A 988 23.83 -57.92 -40.33
N UNK A 989 22.55 -57.69 -40.05
CA UNK A 989 21.61 -58.76 -39.69
C UNK A 989 21.54 -59.76 -40.87
N UNK A 990 21.40 -59.20 -42.06
CA UNK A 990 21.29 -60.06 -43.25
C UNK A 990 22.56 -60.87 -43.45
N UNK A 991 23.69 -60.23 -43.23
CA UNK A 991 25.00 -60.90 -43.34
C UNK A 991 25.08 -62.06 -42.35
N UNK A 992 24.70 -61.77 -41.10
CA UNK A 992 25.09 -62.56 -39.91
C UNK A 992 25.02 -64.11 -40.00
N UNK A 993 23.98 -64.68 -40.65
CA UNK A 993 23.96 -66.14 -40.92
C UNK A 993 25.19 -66.70 -41.64
N UNK A 994 25.82 -65.91 -42.49
CA UNK A 994 26.96 -66.37 -43.30
C UNK A 994 28.25 -66.52 -42.49
N UNK A 995 28.55 -65.52 -41.64
CA UNK A 995 29.82 -65.49 -40.91
C UNK A 995 29.96 -66.55 -39.82
N UNK A 996 28.88 -66.79 -39.08
CA UNK A 996 28.96 -67.52 -37.82
C UNK A 996 29.36 -68.99 -37.95
N UNK A 997 30.17 -69.43 -36.97
CA UNK A 997 30.57 -70.83 -36.80
C UNK A 997 31.26 -71.42 -38.04
N UNK A 998 30.61 -72.35 -38.74
CA UNK A 998 31.16 -72.94 -39.97
C UNK A 998 30.70 -72.10 -41.16
N UNK A 999 29.37 -71.93 -41.27
CA UNK A 999 28.75 -71.00 -42.21
C UNK A 999 29.27 -70.99 -43.64
N UNK A 1000 29.33 -69.79 -44.22
CA UNK A 1000 29.82 -69.57 -45.59
C UNK A 1000 31.28 -69.17 -45.58
N UNK A 1001 31.59 -68.05 -44.92
CA UNK A 1001 32.87 -67.37 -45.10
C UNK A 1001 34.04 -68.16 -44.53
N UNK A 1002 33.88 -68.65 -43.30
CA UNK A 1002 34.87 -69.50 -42.67
C UNK A 1002 35.12 -70.76 -43.50
N UNK A 1003 34.02 -71.35 -43.95
CA UNK A 1003 34.04 -72.55 -44.79
C UNK A 1003 34.84 -72.28 -46.06
N UNK A 1004 34.54 -71.15 -46.67
CA UNK A 1004 35.18 -70.70 -47.91
C UNK A 1004 36.71 -70.60 -47.69
N UNK A 1005 37.06 -69.97 -46.58
CA UNK A 1005 38.44 -69.69 -46.25
C UNK A 1005 39.35 -70.88 -46.26
N UNK A 1006 38.92 -71.96 -45.62
CA UNK A 1006 39.79 -73.13 -45.43
C UNK A 1006 40.35 -73.72 -46.73
N UNK A 1007 39.59 -73.59 -47.83
CA UNK A 1007 40.05 -74.02 -49.16
C UNK A 1007 40.88 -72.94 -49.88
N UNK A 1008 40.62 -71.66 -49.61
CA UNK A 1008 41.43 -70.57 -50.15
C UNK A 1008 42.91 -70.72 -49.83
N UNK A 1009 43.21 -71.16 -48.59
CA UNK A 1009 44.59 -71.41 -48.15
C UNK A 1009 45.30 -72.49 -48.97
N UNK A 1010 44.55 -73.46 -49.48
CA UNK A 1010 45.12 -74.53 -50.31
C UNK A 1010 45.60 -74.03 -51.67
N UNK A 1011 44.97 -72.97 -52.19
CA UNK A 1011 45.41 -72.35 -53.45
C UNK A 1011 46.70 -71.56 -53.25
N UNK A 1012 47.45 -71.38 -54.34
CA UNK A 1012 48.68 -70.62 -54.32
C UNK A 1012 48.44 -69.17 -54.75
N UNK A 1013 49.01 -68.25 -53.98
CA UNK A 1013 48.92 -66.83 -54.24
C UNK A 1013 50.31 -66.30 -54.55
N UNK A 1014 50.45 -64.99 -54.55
CA UNK A 1014 51.76 -64.35 -54.60
C UNK A 1014 52.26 -64.22 -53.16
N UNK A 1015 51.51 -63.47 -52.34
CA UNK A 1015 51.92 -63.15 -50.98
C UNK A 1015 51.37 -64.27 -50.09
N UNK A 1016 52.14 -64.70 -49.09
CA UNK A 1016 51.72 -65.82 -48.22
C UNK A 1016 50.43 -65.47 -47.47
N UNK A 1017 49.48 -66.40 -47.45
CA UNK A 1017 48.12 -66.13 -46.99
C UNK A 1017 48.03 -66.18 -45.47
N UNK A 1018 47.31 -65.22 -44.90
CA UNK A 1018 46.89 -65.26 -43.49
C UNK A 1018 45.56 -64.52 -43.31
N UNK A 1019 44.71 -65.06 -42.43
CA UNK A 1019 43.35 -64.56 -42.14
C UNK A 1019 43.14 -63.09 -42.38
N UNK A 1020 43.95 -62.29 -41.70
CA UNK A 1020 43.71 -60.86 -41.56
C UNK A 1020 43.84 -60.09 -42.87
N UNK A 1021 44.65 -60.57 -43.80
CA UNK A 1021 44.73 -59.93 -45.12
C UNK A 1021 43.40 -60.02 -45.85
N UNK A 1022 42.91 -61.25 -45.99
CA UNK A 1022 41.65 -61.53 -46.67
C UNK A 1022 40.47 -60.88 -45.96
N UNK A 1023 40.33 -61.17 -44.67
CA UNK A 1023 39.30 -60.53 -43.84
C UNK A 1023 39.45 -59.02 -43.85
N UNK A 1024 40.68 -58.53 -43.94
CA UNK A 1024 40.98 -57.11 -44.14
C UNK A 1024 40.40 -56.51 -45.41
N UNK A 1025 40.38 -57.28 -46.48
CA UNK A 1025 39.81 -56.81 -47.73
C UNK A 1025 38.30 -56.98 -47.70
N UNK A 1026 37.87 -58.17 -47.27
CA UNK A 1026 36.47 -58.56 -47.27
C UNK A 1026 35.64 -57.58 -46.46
N UNK A 1027 36.17 -57.29 -45.27
CA UNK A 1027 35.50 -56.36 -44.33
C UNK A 1027 35.35 -55.00 -44.97
N UNK A 1028 36.42 -54.55 -45.62
CA UNK A 1028 36.45 -53.25 -46.30
C UNK A 1028 35.36 -53.19 -47.36
N UNK A 1029 35.29 -54.27 -48.13
CA UNK A 1029 34.32 -54.41 -49.22
C UNK A 1029 32.90 -54.28 -48.65
N UNK A 1030 32.68 -55.00 -47.56
CA UNK A 1030 31.38 -55.02 -46.88
C UNK A 1030 30.99 -53.60 -46.45
N UNK A 1031 31.96 -52.92 -45.86
CA UNK A 1031 31.80 -51.55 -45.38
C UNK A 1031 31.36 -50.64 -46.54
N UNK A 1032 32.07 -50.80 -47.65
CA UNK A 1032 31.83 -50.01 -48.86
C UNK A 1032 30.51 -50.30 -49.55
N UNK A 1033 29.99 -51.51 -49.33
CA UNK A 1033 28.64 -51.90 -49.74
C UNK A 1033 27.61 -50.92 -49.13
N UNK A 1034 27.80 -50.68 -47.84
CA UNK A 1034 26.92 -49.79 -47.07
C UNK A 1034 26.93 -48.39 -47.69
N UNK A 1035 28.14 -47.94 -47.99
CA UNK A 1035 28.36 -46.62 -48.60
C UNK A 1035 27.61 -46.51 -49.92
N UNK A 1036 27.74 -47.56 -50.72
CA UNK A 1036 27.09 -47.66 -52.03
C UNK A 1036 25.58 -47.54 -51.87
N UNK A 1037 25.07 -48.28 -50.90
CA UNK A 1037 23.63 -48.31 -50.59
C UNK A 1037 23.15 -46.89 -50.24
N UNK A 1038 23.93 -46.24 -49.40
CA UNK A 1038 23.65 -44.87 -48.95
C UNK A 1038 23.55 -43.93 -50.16
N UNK A 1039 24.54 -44.07 -51.02
CA UNK A 1039 24.66 -43.27 -52.25
C UNK A 1039 23.46 -43.47 -53.12
N UNK A 1040 23.00 -44.71 -53.25
CA UNK A 1040 21.81 -45.07 -54.01
C UNK A 1040 20.61 -44.26 -53.52
N UNK A 1041 20.46 -44.21 -52.21
CA UNK A 1041 19.36 -43.47 -51.58
C UNK A 1041 19.39 -42.01 -51.99
N UNK A 1042 20.59 -41.45 -51.91
CA UNK A 1042 20.86 -40.05 -52.26
C UNK A 1042 20.43 -39.79 -53.70
N UNK A 1043 20.85 -40.71 -54.56
CA UNK A 1043 20.56 -40.63 -56.00
C UNK A 1043 19.04 -40.60 -56.22
N UNK A 1044 18.32 -41.51 -55.56
CA UNK A 1044 16.87 -41.66 -55.67
C UNK A 1044 16.17 -41.18 -54.39
N UNK A 1045 16.12 -39.84 -54.15
CA UNK A 1045 15.67 -39.32 -52.84
C UNK A 1045 14.24 -39.69 -52.43
N UNK A 1046 13.35 -39.86 -53.41
CA UNK A 1046 11.96 -40.24 -53.15
C UNK A 1046 11.86 -41.69 -52.67
N UNK A 1047 12.53 -42.59 -53.38
CA UNK A 1047 12.48 -44.04 -53.10
C UNK A 1047 13.73 -44.50 -52.34
N UNK A 1048 13.60 -44.76 -51.01
CA UNK A 1048 14.70 -45.39 -50.30
C UNK A 1048 14.82 -46.88 -50.65
N UNK A 1049 15.96 -47.47 -50.31
CA UNK A 1049 16.26 -48.85 -50.68
C UNK A 1049 15.32 -49.83 -49.97
N UNK A 1050 14.63 -50.64 -50.76
CA UNK A 1050 13.75 -51.69 -50.24
C UNK A 1050 14.59 -52.80 -49.63
N UNK A 1051 14.09 -53.40 -48.55
CA UNK A 1051 14.86 -54.34 -47.76
C UNK A 1051 15.10 -55.62 -48.51
N UNK A 1052 14.10 -56.07 -49.30
CA UNK A 1052 14.22 -57.28 -50.08
C UNK A 1052 15.42 -57.19 -51.03
N UNK A 1053 15.51 -56.03 -51.69
CA UNK A 1053 16.58 -55.76 -52.64
C UNK A 1053 17.94 -55.88 -51.95
N UNK A 1054 18.01 -55.27 -50.78
CA UNK A 1054 19.23 -55.28 -49.95
C UNK A 1054 19.64 -56.71 -49.64
N UNK A 1055 18.65 -57.48 -49.22
CA UNK A 1055 18.83 -58.89 -48.86
C UNK A 1055 19.42 -59.66 -50.03
N UNK A 1056 18.82 -59.42 -51.20
CA UNK A 1056 19.32 -60.05 -52.45
C UNK A 1056 20.68 -59.47 -52.90
N UNK A 1057 20.74 -58.15 -53.05
CA UNK A 1057 21.96 -57.39 -53.42
C UNK A 1057 23.20 -57.79 -52.62
N UNK A 1058 23.08 -57.78 -51.29
CA UNK A 1058 24.22 -58.05 -50.41
C UNK A 1058 24.62 -59.53 -50.41
N UNK A 1059 23.67 -60.46 -50.53
CA UNK A 1059 24.05 -61.88 -50.64
C UNK A 1059 24.60 -62.30 -52.02
N UNK A 1060 24.67 -61.33 -52.95
CA UNK A 1060 25.47 -61.42 -54.17
C UNK A 1060 26.78 -60.65 -53.97
N UNK A 1061 26.65 -59.44 -53.41
CA UNK A 1061 27.78 -58.56 -53.18
C UNK A 1061 28.83 -59.23 -52.31
N UNK A 1062 28.35 -59.86 -51.25
CA UNK A 1062 29.20 -60.58 -50.29
C UNK A 1062 30.00 -61.66 -51.02
N UNK A 1063 29.28 -62.41 -51.85
CA UNK A 1063 29.86 -63.51 -52.64
C UNK A 1063 30.97 -62.98 -53.53
N UNK A 1064 30.67 -61.86 -54.19
CA UNK A 1064 31.59 -61.20 -55.10
C UNK A 1064 32.88 -60.82 -54.35
N UNK A 1065 32.68 -60.25 -53.17
CA UNK A 1065 33.72 -59.62 -52.39
C UNK A 1065 34.64 -60.65 -51.78
N UNK A 1066 34.07 -61.77 -51.31
CA UNK A 1066 34.88 -62.82 -50.71
C UNK A 1066 35.86 -63.38 -51.72
N UNK A 1067 35.37 -63.57 -52.95
CA UNK A 1067 36.17 -64.17 -54.01
C UNK A 1067 37.39 -63.28 -54.30
N UNK A 1068 37.14 -61.97 -54.36
CA UNK A 1068 38.22 -61.04 -54.69
C UNK A 1068 39.23 -61.04 -53.56
N UNK A 1069 38.72 -60.92 -52.33
CA UNK A 1069 39.58 -60.87 -51.14
C UNK A 1069 40.43 -62.12 -51.04
N UNK A 1070 39.78 -63.26 -51.23
CA UNK A 1070 40.42 -64.54 -51.04
C UNK A 1070 41.26 -64.98 -52.25
N UNK A 1071 40.95 -64.49 -53.45
CA UNK A 1071 41.67 -64.90 -54.67
C UNK A 1071 42.16 -63.80 -55.63
N UNK A 1072 42.09 -62.54 -55.21
CA UNK A 1072 42.68 -61.43 -55.97
C UNK A 1072 44.20 -61.44 -55.89
N UNK A 1073 44.72 -62.12 -54.87
CA UNK A 1073 46.16 -62.33 -54.72
C UNK A 1073 46.69 -63.34 -55.74
N UNK A 1074 45.81 -64.24 -56.20
CA UNK A 1074 46.22 -65.43 -56.96
C UNK A 1074 46.04 -65.30 -58.47
N UNK A 1075 46.53 -66.32 -59.17
CA UNK A 1075 46.41 -66.43 -60.64
C UNK A 1075 44.94 -66.60 -61.05
N UNK A 1076 44.68 -66.48 -62.34
CA UNK A 1076 43.30 -66.45 -62.85
C UNK A 1076 42.65 -67.81 -62.66
N UNK A 1077 43.40 -68.85 -63.00
CA UNK A 1077 42.93 -70.23 -62.91
C UNK A 1077 42.55 -70.53 -61.45
N UNK A 1078 43.43 -70.13 -60.54
CA UNK A 1078 43.18 -70.43 -59.14
C UNK A 1078 41.95 -69.68 -58.65
N UNK A 1079 41.77 -68.44 -59.10
CA UNK A 1079 40.58 -67.70 -58.68
C UNK A 1079 39.33 -68.36 -59.21
N UNK A 1080 39.39 -68.86 -60.44
CA UNK A 1080 38.28 -69.58 -61.06
C UNK A 1080 37.91 -70.80 -60.21
N UNK A 1081 38.94 -71.53 -59.81
CA UNK A 1081 38.82 -72.73 -58.99
C UNK A 1081 38.10 -72.39 -57.68
N UNK A 1082 38.57 -71.30 -57.08
CA UNK A 1082 38.00 -70.81 -55.81
C UNK A 1082 36.52 -70.52 -55.96
N UNK A 1083 36.20 -69.83 -57.05
CA UNK A 1083 34.83 -69.45 -57.38
C UNK A 1083 33.95 -70.71 -57.48
N UNK A 1084 34.48 -71.69 -58.19
CA UNK A 1084 33.81 -72.97 -58.41
C UNK A 1084 33.50 -73.63 -57.07
N UNK A 1085 34.51 -73.63 -56.21
CA UNK A 1085 34.42 -74.21 -54.87
C UNK A 1085 33.30 -73.55 -54.08
N UNK A 1086 33.31 -72.23 -54.15
CA UNK A 1086 32.31 -71.39 -53.47
C UNK A 1086 30.90 -71.77 -53.92
N UNK A 1087 30.77 -71.90 -55.24
CA UNK A 1087 29.50 -72.24 -55.87
C UNK A 1087 29.00 -73.60 -55.35
N UNK A 1088 29.94 -74.53 -55.31
CA UNK A 1088 29.67 -75.90 -54.84
C UNK A 1088 29.15 -75.86 -53.40
N UNK A 1089 29.84 -75.08 -52.59
CA UNK A 1089 29.49 -74.90 -51.18
C UNK A 1089 28.07 -74.38 -51.03
N UNK A 1090 27.80 -73.28 -51.71
CA UNK A 1090 26.81 -72.32 -51.24
C UNK A 1090 25.37 -72.66 -51.61
N UNK A 1091 24.49 -72.52 -50.62
CA UNK A 1091 23.03 -72.53 -50.83
C UNK A 1091 22.47 -71.11 -51.06
N UNK A 1092 23.36 -70.13 -51.21
CA UNK A 1092 22.97 -68.74 -51.55
C UNK A 1092 22.17 -68.73 -52.86
N UNK A 1093 21.19 -67.79 -52.98
CA UNK A 1093 20.04 -68.01 -53.86
C UNK A 1093 20.25 -68.11 -55.37
N UNK A 1094 21.42 -67.73 -55.89
CA UNK A 1094 21.67 -67.82 -57.34
C UNK A 1094 23.09 -68.27 -57.71
N UNK A 1095 23.20 -69.06 -58.80
CA UNK A 1095 24.35 -69.13 -59.69
C UNK A 1095 24.02 -68.52 -61.06
N UNK A 1096 25.04 -68.08 -61.79
CA UNK A 1096 24.85 -67.45 -63.12
C UNK A 1096 24.72 -68.54 -64.21
N UNK A 1097 24.96 -68.18 -65.48
CA UNK A 1097 25.08 -69.18 -66.55
C UNK A 1097 26.25 -70.12 -66.28
N UNK A 1098 26.11 -71.43 -66.59
CA UNK A 1098 26.97 -72.45 -65.99
C UNK A 1098 28.45 -72.46 -66.39
N UNK A 1099 28.75 -72.17 -67.65
CA UNK A 1099 30.11 -72.32 -68.19
C UNK A 1099 31.11 -71.25 -67.73
N UNK A 1100 30.68 -69.98 -67.73
CA UNK A 1100 31.56 -68.84 -67.45
C UNK A 1100 31.78 -68.72 -65.93
N UNK A 1101 32.99 -68.31 -65.49
CA UNK A 1101 33.23 -68.11 -64.04
C UNK A 1101 32.45 -66.97 -63.38
N UNK A 1102 32.69 -66.78 -62.09
CA UNK A 1102 31.92 -65.85 -61.26
C UNK A 1102 32.42 -64.42 -61.45
N UNK A 1103 33.74 -64.26 -61.28
CA UNK A 1103 34.43 -62.97 -61.39
C UNK A 1103 34.21 -62.20 -62.69
N UNK A 1104 33.80 -62.89 -63.75
CA UNK A 1104 33.45 -62.23 -65.01
C UNK A 1104 32.12 -61.44 -64.96
N UNK A 1105 31.33 -61.66 -63.90
CA UNK A 1105 30.11 -60.87 -63.67
C UNK A 1105 30.30 -59.87 -62.52
N UNK A 1106 30.18 -58.59 -62.85
CA UNK A 1106 30.08 -57.51 -61.86
C UNK A 1106 28.75 -57.63 -61.13
N UNK A 1107 28.79 -57.63 -59.81
CA UNK A 1107 27.54 -57.56 -59.03
C UNK A 1107 26.91 -56.18 -59.22
N UNK A 1108 25.62 -56.16 -59.53
CA UNK A 1108 24.91 -54.93 -59.91
C UNK A 1108 24.48 -54.13 -58.69
N UNK A 1109 23.91 -52.95 -58.95
CA UNK A 1109 23.29 -52.13 -57.92
C UNK A 1109 21.94 -52.77 -57.50
N UNK A 1110 21.21 -53.32 -58.48
CA UNK A 1110 20.00 -54.09 -58.23
C UNK A 1110 20.34 -55.57 -58.25
N UNK A 1111 20.11 -56.26 -57.13
CA UNK A 1111 20.76 -57.53 -56.78
C UNK A 1111 20.71 -58.72 -57.72
N UNK A 1112 21.31 -58.56 -58.90
CA UNK A 1112 21.48 -59.62 -59.89
C UNK A 1112 22.68 -59.24 -60.75
N UNK A 1113 23.69 -60.10 -60.81
CA UNK A 1113 24.98 -59.70 -61.37
C UNK A 1113 24.90 -59.46 -62.88
N UNK A 1114 25.47 -58.34 -63.32
CA UNK A 1114 25.65 -58.03 -64.75
C UNK A 1114 26.98 -58.63 -65.22
N UNK A 1115 27.14 -58.90 -66.53
CA UNK A 1115 28.48 -59.25 -67.03
C UNK A 1115 29.42 -58.03 -67.09
N UNK A 1116 30.71 -58.25 -66.78
CA UNK A 1116 31.71 -57.17 -66.87
C UNK A 1116 31.91 -56.73 -68.31
N UNK A 1117 32.28 -57.69 -69.15
CA UNK A 1117 32.75 -57.44 -70.52
C UNK A 1117 31.92 -56.49 -71.38
N UNK A 1118 30.61 -56.42 -71.11
CA UNK A 1118 29.70 -55.49 -71.81
C UNK A 1118 29.68 -54.06 -71.23
N UNK A 1119 30.69 -53.69 -70.43
CA UNK A 1119 30.74 -52.38 -69.78
C UNK A 1119 32.02 -51.64 -70.13
N UNK A 1120 32.25 -51.42 -71.44
CA UNK A 1120 33.44 -50.68 -71.89
C UNK A 1120 33.27 -49.87 -73.22
N UNK A 1121 33.17 -50.46 -74.43
CA UNK A 1121 33.60 -51.80 -74.81
C UNK A 1121 34.39 -51.87 -76.13
N UNK A 1122 34.37 -50.80 -76.95
CA UNK A 1122 34.83 -50.89 -78.34
C UNK A 1122 35.53 -49.62 -78.86
N UNK A 1123 36.71 -49.83 -79.46
CA UNK A 1123 37.39 -48.90 -80.40
C UNK A 1123 36.95 -47.42 -80.41
N UNK A 1124 37.17 -46.74 -79.28
CA UNK A 1124 37.03 -45.29 -79.19
C UNK A 1124 38.39 -44.67 -78.91
N UNK A 1125 38.80 -43.71 -79.74
CA UNK A 1125 40.14 -43.14 -79.70
C UNK A 1125 40.23 -41.86 -80.54
N UNK A 1126 41.17 -40.98 -80.18
CA UNK A 1126 41.55 -39.85 -81.02
C UNK A 1126 42.99 -40.01 -81.48
N UNK A 1127 43.27 -39.65 -82.73
CA UNK A 1127 44.57 -39.91 -83.36
C UNK A 1127 45.73 -39.05 -82.83
N UNK A 1128 45.44 -37.97 -82.11
CA UNK A 1128 46.48 -37.13 -81.48
C UNK A 1128 47.21 -37.93 -80.41
N UNK A 1129 46.45 -38.42 -79.44
CA UNK A 1129 46.96 -39.36 -78.44
C UNK A 1129 46.80 -40.77 -78.98
N UNK A 1130 47.68 -41.13 -79.91
CA UNK A 1130 47.62 -42.44 -80.57
C UNK A 1130 47.85 -43.59 -79.58
N UNK A 1131 48.78 -43.40 -78.65
CA UNK A 1131 49.09 -44.38 -77.61
C UNK A 1131 49.90 -43.70 -76.52
N UNK A 1132 49.31 -42.66 -75.95
CA UNK A 1132 49.98 -41.78 -74.99
C UNK A 1132 50.08 -42.45 -73.61
N UNK A 1133 50.86 -41.85 -72.67
CA UNK A 1133 50.95 -42.40 -71.31
C UNK A 1133 49.65 -42.29 -70.50
N UNK A 1134 48.86 -41.25 -70.75
CA UNK A 1134 47.57 -41.06 -70.07
C UNK A 1134 46.50 -42.01 -70.60
N UNK A 1135 46.46 -42.17 -71.93
CA UNK A 1135 45.39 -42.93 -72.61
C UNK A 1135 45.32 -44.36 -72.12
N UNK A 1136 44.14 -44.72 -71.63
CA UNK A 1136 43.89 -46.05 -71.09
C UNK A 1136 43.41 -46.94 -72.22
N UNK A 1137 43.67 -48.24 -72.04
CA UNK A 1137 43.11 -49.28 -72.88
C UNK A 1137 41.59 -49.42 -72.59
N UNK A 1138 40.93 -50.45 -73.17
CA UNK A 1138 39.58 -50.80 -72.72
C UNK A 1138 39.48 -51.99 -71.77
N UNK A 1139 40.17 -53.07 -72.10
CA UNK A 1139 39.77 -54.47 -71.77
C UNK A 1139 39.09 -54.81 -70.43
N UNK A 1140 38.31 -55.91 -70.49
CA UNK A 1140 37.72 -56.59 -69.34
C UNK A 1140 38.53 -56.52 -68.06
N UNK A 1141 39.78 -56.97 -68.14
CA UNK A 1141 40.68 -57.03 -66.97
C UNK A 1141 41.03 -55.67 -66.37
N UNK A 1142 40.95 -54.60 -67.17
CA UNK A 1142 41.15 -53.24 -66.66
C UNK A 1142 40.10 -52.90 -65.62
N UNK A 1143 38.83 -52.98 -66.02
CA UNK A 1143 37.72 -52.54 -65.17
C UNK A 1143 37.44 -53.41 -63.96
N UNK A 1144 37.76 -54.70 -64.05
CA UNK A 1144 37.65 -55.61 -62.90
C UNK A 1144 38.55 -55.18 -61.75
N UNK A 1145 39.77 -54.77 -62.08
CA UNK A 1145 40.77 -54.36 -61.09
C UNK A 1145 40.54 -52.92 -60.69
N UNK A 1146 40.24 -52.07 -61.67
CA UNK A 1146 40.08 -50.64 -61.47
C UNK A 1146 39.00 -50.36 -60.43
N UNK A 1147 37.88 -51.06 -60.62
CA UNK A 1147 36.72 -50.92 -59.73
C UNK A 1147 37.09 -51.34 -58.32
N UNK A 1148 37.79 -52.48 -58.25
CA UNK A 1148 38.25 -53.05 -56.98
C UNK A 1148 39.15 -52.06 -56.25
N UNK A 1149 40.07 -51.48 -57.03
CA UNK A 1149 41.03 -50.50 -56.50
C UNK A 1149 40.29 -49.32 -55.91
N UNK A 1150 39.31 -48.85 -56.66
CA UNK A 1150 38.47 -47.71 -56.25
C UNK A 1150 37.79 -47.99 -54.93
N UNK A 1151 37.23 -49.20 -54.85
CA UNK A 1151 36.54 -49.68 -53.65
C UNK A 1151 37.43 -49.59 -52.42
N UNK A 1152 38.68 -50.03 -52.57
CA UNK A 1152 39.67 -49.84 -51.52
C UNK A 1152 39.97 -48.37 -51.18
N UNK A 1153 40.32 -47.60 -52.20
CA UNK A 1153 40.96 -46.30 -52.00
C UNK A 1153 40.03 -45.35 -51.29
N UNK A 1154 38.76 -45.33 -51.69
CA UNK A 1154 37.73 -44.53 -51.01
C UNK A 1154 37.78 -44.64 -49.47
N UNK A 1155 38.12 -45.82 -48.97
CA UNK A 1155 38.23 -46.08 -47.54
C UNK A 1155 39.58 -45.66 -46.95
N UNK A 1156 40.48 -45.20 -47.82
CA UNK A 1156 41.84 -44.80 -47.47
C UNK A 1156 42.63 -45.95 -46.83
N UNK A 1157 42.33 -47.17 -47.25
CA UNK A 1157 43.08 -48.34 -46.81
C UNK A 1157 44.35 -48.43 -47.62
N UNK A 1158 45.39 -49.09 -47.06
CA UNK A 1158 46.54 -49.42 -47.88
C UNK A 1158 46.23 -50.57 -48.84
N UNK A 1159 46.95 -50.64 -49.95
CA UNK A 1159 46.89 -51.80 -50.83
C UNK A 1159 48.21 -52.02 -51.55
N UNK A 1160 48.40 -53.21 -52.06
CA UNK A 1160 49.60 -53.53 -52.83
C UNK A 1160 49.22 -54.07 -54.21
N UNK A 1161 49.91 -53.60 -55.24
CA UNK A 1161 49.67 -54.06 -56.61
C UNK A 1161 50.87 -54.84 -57.11
N UNK A 1162 51.02 -56.06 -56.61
CA UNK A 1162 52.10 -56.91 -57.10
C UNK A 1162 51.80 -57.38 -58.50
N UNK A 1163 52.77 -57.22 -59.39
CA UNK A 1163 52.61 -57.67 -60.77
C UNK A 1163 53.88 -57.57 -61.58
N UNK A 1164 54.13 -58.55 -62.46
CA UNK A 1164 55.40 -58.54 -63.19
C UNK A 1164 55.49 -57.34 -64.12
N UNK A 1165 56.71 -56.77 -64.28
CA UNK A 1165 56.88 -55.47 -64.93
C UNK A 1165 56.12 -55.38 -66.24
N UNK A 1166 55.30 -54.34 -66.38
CA UNK A 1166 54.45 -54.19 -67.55
C UNK A 1166 53.29 -55.16 -67.43
N UNK A 1167 52.41 -54.90 -66.47
CA UNK A 1167 51.19 -55.69 -66.31
C UNK A 1167 50.00 -54.77 -66.08
N UNK A 1168 50.15 -53.51 -66.51
CA UNK A 1168 49.24 -52.44 -66.16
C UNK A 1168 49.06 -52.11 -64.68
N UNK A 1169 49.98 -52.55 -63.80
CA UNK A 1169 49.76 -52.40 -62.35
C UNK A 1169 49.90 -50.95 -61.87
N UNK A 1170 50.60 -50.13 -62.64
CA UNK A 1170 50.60 -48.69 -62.39
C UNK A 1170 49.43 -48.04 -63.11
N UNK A 1171 49.26 -48.43 -64.39
CA UNK A 1171 48.27 -47.82 -65.26
C UNK A 1171 46.87 -47.97 -64.68
N UNK A 1172 46.60 -49.19 -64.22
CA UNK A 1172 45.31 -49.54 -63.62
C UNK A 1172 45.03 -48.64 -62.41
N UNK A 1173 46.06 -48.51 -61.59
CA UNK A 1173 46.00 -47.70 -60.36
C UNK A 1173 45.65 -46.26 -60.73
N UNK A 1174 46.35 -45.75 -61.74
CA UNK A 1174 46.13 -44.38 -62.17
C UNK A 1174 44.71 -44.18 -62.67
N UNK A 1175 44.22 -45.15 -63.42
CA UNK A 1175 42.85 -45.15 -63.94
C UNK A 1175 41.85 -45.05 -62.79
N UNK A 1176 42.10 -45.88 -61.78
CA UNK A 1176 41.26 -45.94 -60.58
C UNK A 1176 41.22 -44.57 -59.90
N UNK A 1177 42.39 -44.00 -59.77
CA UNK A 1177 42.60 -42.70 -59.12
C UNK A 1177 41.75 -41.61 -59.74
N UNK A 1178 41.77 -41.47 -61.07
CA UNK A 1178 41.19 -40.27 -61.72
C UNK A 1178 39.69 -40.02 -61.41
N UNK A 1179 38.96 -41.08 -61.08
CA UNK A 1179 37.57 -40.96 -60.61
C UNK A 1179 37.45 -40.38 -59.19
N UNK A 1180 38.49 -40.59 -58.36
CA UNK A 1180 38.59 -39.95 -57.04
C UNK A 1180 39.27 -38.58 -57.20
N UNK A 1181 38.50 -37.47 -57.11
CA UNK A 1181 39.14 -36.16 -57.28
C UNK A 1181 39.87 -35.64 -56.04
N UNK A 1182 39.70 -36.31 -54.91
CA UNK A 1182 40.33 -35.90 -53.64
C UNK A 1182 41.76 -36.45 -53.46
N UNK A 1183 42.15 -37.39 -54.33
CA UNK A 1183 43.46 -38.03 -54.25
C UNK A 1183 44.50 -37.31 -55.10
N UNK A 1184 45.63 -36.99 -54.47
CA UNK A 1184 46.78 -36.42 -55.13
C UNK A 1184 47.88 -37.48 -55.00
N UNK A 1185 48.41 -37.93 -56.12
CA UNK A 1185 49.41 -39.00 -56.12
C UNK A 1185 50.81 -38.45 -55.93
N UNK A 1186 51.66 -39.20 -55.23
CA UNK A 1186 53.09 -38.94 -55.18
C UNK A 1186 53.85 -40.23 -55.47
N UNK A 1187 54.82 -40.13 -56.38
CA UNK A 1187 55.63 -41.27 -56.77
C UNK A 1187 56.87 -41.42 -55.91
N UNK A 1188 57.21 -42.67 -55.58
CA UNK A 1188 58.50 -43.02 -54.98
C UNK A 1188 59.06 -44.26 -55.65
N UNK A 1189 60.39 -44.35 -55.72
CA UNK A 1189 61.08 -45.54 -56.21
C UNK A 1189 62.07 -46.03 -55.19
N UNK A 1190 61.78 -47.18 -54.60
CA UNK A 1190 62.61 -47.75 -53.57
C UNK A 1190 63.75 -48.52 -54.23
N UNK A 1191 64.77 -48.81 -53.44
CA UNK A 1191 66.03 -49.32 -53.95
C UNK A 1191 66.62 -50.29 -52.94
N UNK A 1192 67.86 -50.72 -53.16
CA UNK A 1192 68.65 -51.33 -52.11
C UNK A 1192 68.86 -50.31 -51.00
N UNK A 1193 69.14 -49.06 -51.39
CA UNK A 1193 69.51 -48.00 -50.46
C UNK A 1193 68.31 -47.16 -49.97
N UNK A 1194 67.21 -47.84 -49.68
CA UNK A 1194 66.05 -47.17 -49.14
C UNK A 1194 66.20 -47.08 -47.62
N UNK A 1195 65.59 -46.04 -47.05
CA UNK A 1195 65.51 -45.86 -45.60
C UNK A 1195 64.38 -44.85 -45.34
N UNK A 1196 63.77 -44.86 -44.14
CA UNK A 1196 62.69 -43.92 -43.91
C UNK A 1196 63.05 -42.45 -44.08
N UNK A 1197 64.33 -42.16 -44.31
CA UNK A 1197 64.77 -40.83 -44.61
C UNK A 1197 64.09 -40.28 -45.86
N UNK A 1198 63.99 -41.15 -46.88
CA UNK A 1198 63.42 -40.78 -48.16
C UNK A 1198 61.96 -40.34 -47.98
N UNK A 1199 61.24 -41.17 -47.24
CA UNK A 1199 59.82 -40.91 -46.96
C UNK A 1199 59.66 -39.60 -46.22
N UNK A 1200 60.54 -39.40 -45.23
CA UNK A 1200 60.54 -38.17 -44.42
C UNK A 1200 60.73 -36.95 -45.32
N UNK A 1201 61.70 -37.07 -46.22
CA UNK A 1201 62.04 -36.02 -47.17
C UNK A 1201 60.83 -35.65 -48.01
N UNK A 1202 60.17 -36.71 -48.50
CA UNK A 1202 58.98 -36.57 -49.35
C UNK A 1202 57.90 -35.80 -48.60
N UNK A 1203 57.71 -36.18 -47.34
CA UNK A 1203 56.68 -35.55 -46.51
C UNK A 1203 56.97 -34.06 -46.36
N UNK A 1204 58.25 -33.74 -46.13
CA UNK A 1204 58.63 -32.33 -46.01
C UNK A 1204 58.34 -31.47 -47.24
N UNK A 1205 58.22 -32.04 -48.43
CA UNK A 1205 57.81 -31.27 -49.61
C UNK A 1205 56.29 -31.13 -49.73
N UNK A 1206 55.59 -32.25 -49.58
CA UNK A 1206 54.14 -32.31 -49.78
C UNK A 1206 53.28 -32.09 -48.53
N UNK A 1207 53.90 -31.95 -47.36
CA UNK A 1207 53.15 -31.82 -46.09
C UNK A 1207 53.83 -30.88 -45.10
N UNK A 1208 53.13 -30.59 -44.00
CA UNK A 1208 53.63 -29.72 -42.92
C UNK A 1208 53.40 -30.36 -41.56
N UNK A 1209 54.26 -30.05 -40.59
CA UNK A 1209 54.07 -30.49 -39.20
C UNK A 1209 53.27 -29.46 -38.41
N UNK A 1210 51.95 -29.65 -38.37
CA UNK A 1210 51.06 -28.74 -37.67
C UNK A 1210 50.96 -29.16 -36.20
N UNK A 1211 51.15 -28.22 -35.28
CA UNK A 1211 51.06 -28.50 -33.85
C UNK A 1211 49.64 -28.28 -33.33
N UNK A 1212 49.15 -29.21 -32.51
CA UNK A 1212 47.78 -29.20 -31.97
C UNK A 1212 47.80 -29.44 -30.45
N UNK A 1213 46.63 -29.40 -29.79
CA UNK A 1213 46.59 -29.74 -28.36
C UNK A 1213 46.92 -31.20 -28.04
N UNK A 1214 46.51 -32.12 -28.90
CA UNK A 1214 46.71 -33.56 -28.68
C UNK A 1214 48.17 -33.96 -28.85
N UNK A 1215 48.74 -33.60 -30.01
CA UNK A 1215 50.15 -33.79 -30.30
C UNK A 1215 50.55 -32.96 -31.50
N UNK A 1216 51.27 -33.59 -32.44
CA UNK A 1216 51.56 -32.99 -33.74
C UNK A 1216 50.81 -33.78 -34.79
N UNK A 1217 50.40 -33.11 -35.86
CA UNK A 1217 49.89 -33.80 -37.04
C UNK A 1217 50.73 -33.46 -38.26
N UNK A 1218 51.16 -34.51 -38.96
CA UNK A 1218 51.76 -34.36 -40.28
C UNK A 1218 50.64 -34.52 -41.28
N UNK A 1219 50.45 -33.52 -42.12
CA UNK A 1219 49.31 -33.51 -43.02
C UNK A 1219 49.57 -32.64 -44.24
N UNK A 1220 48.89 -32.95 -45.37
CA UNK A 1220 49.22 -32.26 -46.61
C UNK A 1220 48.77 -30.81 -46.64
N UNK A 1221 49.45 -30.04 -47.47
CA UNK A 1221 49.26 -28.60 -47.56
C UNK A 1221 47.99 -28.28 -48.34
N UNK A 1222 47.75 -29.03 -49.42
CA UNK A 1222 46.47 -29.00 -50.11
C UNK A 1222 45.35 -29.40 -49.15
N UNK A 1223 44.40 -28.47 -48.93
CA UNK A 1223 43.29 -28.71 -48.02
C UNK A 1223 42.20 -29.53 -48.70
N UNK A 1224 41.56 -30.41 -47.93
CA UNK A 1224 40.53 -31.31 -48.45
C UNK A 1224 41.04 -32.29 -49.50
N UNK A 1225 42.28 -32.75 -49.32
CA UNK A 1225 42.94 -33.66 -50.25
C UNK A 1225 43.73 -34.72 -49.50
N UNK A 1226 43.62 -35.96 -49.97
CA UNK A 1226 44.39 -37.08 -49.43
C UNK A 1226 45.62 -37.33 -50.30
N UNK A 1227 46.79 -37.27 -49.67
CA UNK A 1227 48.03 -37.61 -50.33
C UNK A 1227 48.08 -39.14 -50.48
N UNK A 1228 48.37 -39.62 -51.68
CA UNK A 1228 48.51 -41.06 -51.92
C UNK A 1228 49.95 -41.35 -52.32
N UNK A 1229 50.64 -42.12 -51.47
CA UNK A 1229 52.04 -42.47 -51.69
C UNK A 1229 52.16 -43.77 -52.48
N UNK A 1230 52.58 -43.62 -53.73
CA UNK A 1230 52.75 -44.73 -54.66
C UNK A 1230 54.21 -45.13 -54.62
N UNK A 1231 54.46 -46.22 -53.92
CA UNK A 1231 55.80 -46.71 -53.71
C UNK A 1231 56.03 -47.82 -54.73
N UNK A 1232 56.91 -47.55 -55.69
CA UNK A 1232 56.99 -48.36 -56.90
C UNK A 1232 57.52 -49.78 -56.68
N UNK A 1233 58.50 -49.95 -55.80
CA UNK A 1233 59.15 -51.26 -55.64
C UNK A 1233 59.23 -51.71 -54.18
N UNK A 1234 58.16 -51.54 -53.44
CA UNK A 1234 58.19 -51.68 -51.96
C UNK A 1234 58.95 -52.88 -51.42
N UNK A 1235 58.99 -53.97 -52.16
CA UNK A 1235 59.66 -55.18 -51.70
C UNK A 1235 61.15 -55.33 -52.11
N UNK A 1236 61.74 -54.25 -52.63
CA UNK A 1236 63.20 -54.17 -52.93
C UNK A 1236 64.21 -53.88 -51.81
N UNK A 1237 63.88 -53.02 -50.83
CA UNK A 1237 64.81 -52.53 -49.80
C UNK A 1237 65.57 -53.63 -49.10
N UNK A 1238 66.88 -53.44 -48.97
CA UNK A 1238 67.73 -54.51 -48.45
C UNK A 1238 67.33 -54.89 -47.04
N UNK A 1239 67.40 -56.19 -46.76
CA UNK A 1239 67.07 -56.72 -45.46
C UNK A 1239 68.27 -56.57 -44.52
N UNK A 1240 67.96 -56.33 -43.25
CA UNK A 1240 68.92 -56.48 -42.17
C UNK A 1240 69.43 -57.92 -42.21
N UNK A 1241 70.59 -58.13 -41.63
CA UNK A 1241 71.18 -59.46 -41.53
C UNK A 1241 70.30 -60.46 -40.75
N UNK A 1242 69.34 -59.98 -39.95
CA UNK A 1242 68.52 -60.85 -39.11
C UNK A 1242 67.24 -60.20 -38.54
N UNK A 1243 66.20 -59.98 -39.33
CA UNK A 1243 66.15 -60.17 -40.79
C UNK A 1243 64.94 -59.39 -41.30
N UNK A 1244 65.14 -58.08 -41.53
CA UNK A 1244 64.06 -57.08 -41.46
C UNK A 1244 64.30 -55.82 -42.29
N UNK A 1245 63.35 -55.50 -43.17
CA UNK A 1245 63.38 -54.27 -43.99
C UNK A 1245 62.96 -53.07 -43.16
N UNK A 1246 63.71 -51.97 -43.24
CA UNK A 1246 63.49 -50.86 -42.32
C UNK A 1246 62.33 -50.01 -42.80
N UNK A 1247 62.31 -49.73 -44.09
CA UNK A 1247 61.25 -48.90 -44.66
C UNK A 1247 59.90 -49.54 -44.49
N UNK A 1248 59.86 -50.86 -44.70
CA UNK A 1248 58.60 -51.63 -44.53
C UNK A 1248 58.11 -51.51 -43.10
N UNK A 1249 59.04 -51.65 -42.17
CA UNK A 1249 58.75 -51.54 -40.73
C UNK A 1249 58.15 -50.18 -40.41
N UNK A 1250 58.78 -49.16 -40.96
CA UNK A 1250 58.37 -47.77 -40.77
C UNK A 1250 56.91 -47.59 -41.26
N UNK A 1251 56.67 -48.13 -42.44
CA UNK A 1251 55.31 -47.97 -42.98
C UNK A 1251 54.29 -48.72 -42.18
N UNK A 1252 54.66 -49.88 -41.67
CA UNK A 1252 53.79 -50.66 -40.76
C UNK A 1252 53.44 -49.84 -39.54
N UNK A 1253 54.46 -49.20 -38.98
CA UNK A 1253 54.34 -48.34 -37.79
C UNK A 1253 53.33 -47.23 -38.08
N UNK A 1254 53.45 -46.61 -39.23
CA UNK A 1254 52.58 -45.53 -39.66
C UNK A 1254 51.15 -45.99 -39.79
N UNK A 1255 50.98 -47.18 -40.37
CA UNK A 1255 49.67 -47.75 -40.65
C UNK A 1255 48.91 -48.25 -39.43
N UNK A 1256 49.55 -49.13 -38.64
CA UNK A 1256 48.93 -49.65 -37.42
C UNK A 1256 48.73 -48.53 -36.40
N UNK A 1257 49.78 -47.77 -36.12
CA UNK A 1257 49.73 -46.79 -35.06
C UNK A 1257 49.34 -45.38 -35.50
N UNK A 1258 49.16 -45.16 -36.79
CA UNK A 1258 48.74 -43.85 -37.30
C UNK A 1258 49.81 -42.78 -37.21
N UNK A 1259 51.08 -43.20 -37.14
CA UNK A 1259 52.17 -42.24 -36.99
C UNK A 1259 53.54 -42.82 -36.77
N UNK A 1260 54.49 -41.93 -36.50
CA UNK A 1260 55.89 -42.28 -36.28
C UNK A 1260 56.49 -41.30 -35.28
N UNK A 1261 57.79 -41.41 -35.03
CA UNK A 1261 58.49 -40.40 -34.24
C UNK A 1261 59.39 -39.56 -35.12
N UNK A 1262 59.22 -38.24 -35.07
CA UNK A 1262 60.17 -37.32 -35.70
C UNK A 1262 61.38 -37.27 -34.78
N UNK A 1263 62.55 -37.56 -35.33
CA UNK A 1263 63.72 -37.88 -34.52
C UNK A 1263 64.37 -36.66 -33.84
N UNK A 1264 64.25 -35.49 -34.48
CA UNK A 1264 64.79 -34.24 -33.93
C UNK A 1264 64.45 -34.01 -32.45
N UNK A 1265 63.18 -34.25 -32.11
CA UNK A 1265 62.63 -33.90 -30.79
C UNK A 1265 62.14 -35.10 -29.96
N UNK A 1266 62.26 -36.32 -30.49
CA UNK A 1266 61.70 -37.52 -29.88
C UNK A 1266 60.24 -37.27 -29.49
N UNK A 1267 59.40 -37.13 -30.51
CA UNK A 1267 57.99 -36.73 -30.35
C UNK A 1267 57.11 -37.48 -31.33
N UNK A 1268 55.92 -37.86 -30.87
CA UNK A 1268 54.98 -38.60 -31.70
C UNK A 1268 54.28 -37.69 -32.68
N UNK A 1269 54.31 -38.07 -33.96
CA UNK A 1269 53.65 -37.33 -35.01
C UNK A 1269 52.47 -38.16 -35.45
N UNK A 1270 51.28 -37.59 -35.36
CA UNK A 1270 50.06 -38.25 -35.81
C UNK A 1270 49.91 -37.97 -37.32
N UNK A 1271 49.36 -38.91 -38.07
CA UNK A 1271 49.11 -38.72 -39.51
C UNK A 1271 47.65 -38.41 -39.76
N UNK A 1272 47.40 -37.46 -40.66
CA UNK A 1272 46.05 -36.99 -40.93
C UNK A 1272 45.49 -37.57 -42.23
N UNK A 1273 46.12 -37.23 -43.36
CA UNK A 1273 45.60 -37.57 -44.67
C UNK A 1273 46.69 -38.14 -45.57
N UNK A 1274 46.94 -39.43 -45.43
CA UNK A 1274 47.91 -40.12 -46.26
C UNK A 1274 47.42 -41.54 -46.51
N UNK A 1275 47.60 -42.02 -47.75
CA UNK A 1275 47.49 -43.46 -48.03
C UNK A 1275 48.86 -44.03 -48.42
N UNK A 1276 48.88 -45.36 -48.54
CA UNK A 1276 49.99 -46.06 -49.18
C UNK A 1276 49.46 -47.00 -50.25
N UNK A 1277 50.10 -46.98 -51.41
CA UNK A 1277 49.72 -47.90 -52.48
C UNK A 1277 50.97 -48.45 -53.16
N UNK A 1278 51.57 -49.43 -52.49
CA UNK A 1278 52.78 -50.08 -52.94
C UNK A 1278 52.57 -50.89 -54.20
N UNK A 1279 53.15 -50.42 -55.30
CA UNK A 1279 53.36 -51.29 -56.44
C UNK A 1279 54.50 -52.19 -56.06
N UNK A 1280 54.58 -53.36 -56.68
CA UNK A 1280 55.78 -54.18 -56.60
C UNK A 1280 55.69 -55.30 -57.62
N UNK A 1281 56.78 -56.03 -57.72
CA UNK A 1281 56.80 -57.23 -58.51
C UNK A 1281 56.70 -58.42 -57.57
N UNK A 1282 56.60 -59.63 -58.12
CA UNK A 1282 56.57 -60.80 -57.25
C UNK A 1282 57.86 -61.03 -56.47
N UNK A 1283 57.77 -61.66 -55.29
CA UNK A 1283 58.95 -61.97 -54.49
C UNK A 1283 59.86 -63.04 -55.11
N UNK A 1284 59.33 -63.79 -56.06
CA UNK A 1284 60.10 -64.80 -56.77
C UNK A 1284 61.08 -64.20 -57.78
N UNK A 1285 60.87 -62.94 -58.17
CA UNK A 1285 61.80 -62.23 -59.05
C UNK A 1285 63.15 -62.03 -58.35
N UNK A 1286 64.25 -61.90 -59.12
CA UNK A 1286 65.60 -62.08 -58.58
C UNK A 1286 66.01 -61.14 -57.45
N UNK A 1287 65.96 -59.84 -57.73
CA UNK A 1287 66.35 -58.83 -56.76
C UNK A 1287 65.44 -58.76 -55.55
N UNK A 1288 64.14 -58.98 -55.77
CA UNK A 1288 63.12 -58.65 -54.78
C UNK A 1288 63.19 -59.58 -53.57
N UNK A 1289 62.45 -59.22 -52.54
CA UNK A 1289 62.40 -59.97 -51.29
C UNK A 1289 60.99 -59.89 -50.74
N UNK A 1290 60.52 -60.94 -50.04
CA UNK A 1290 59.12 -60.96 -49.62
C UNK A 1290 58.86 -60.04 -48.43
N UNK A 1291 57.67 -59.46 -48.40
CA UNK A 1291 57.27 -58.51 -47.35
C UNK A 1291 56.93 -59.28 -46.08
N UNK A 1292 57.10 -58.63 -44.92
CA UNK A 1292 56.72 -59.26 -43.64
C UNK A 1292 55.21 -59.35 -43.49
N UNK A 1293 54.75 -60.44 -42.91
CA UNK A 1293 53.32 -60.63 -42.62
C UNK A 1293 52.76 -59.50 -41.77
N UNK A 1294 53.55 -59.02 -40.81
CA UNK A 1294 53.09 -58.00 -39.86
C UNK A 1294 52.77 -56.68 -40.54
N UNK A 1295 53.51 -56.34 -41.59
CA UNK A 1295 53.17 -55.22 -42.45
C UNK A 1295 51.99 -55.58 -43.33
N UNK A 1296 52.08 -56.75 -43.96
CA UNK A 1296 51.10 -57.18 -44.94
C UNK A 1296 49.69 -57.29 -44.37
N UNK A 1297 49.59 -57.72 -43.11
CA UNK A 1297 48.32 -57.85 -42.38
C UNK A 1297 47.34 -56.71 -42.66
N UNK A 1298 47.82 -55.50 -42.48
CA UNK A 1298 46.97 -54.34 -42.62
C UNK A 1298 46.60 -54.01 -44.06
N UNK A 1299 47.25 -54.64 -45.04
CA UNK A 1299 47.19 -54.18 -46.43
C UNK A 1299 46.76 -55.30 -47.41
N UNK A 1300 45.59 -55.11 -48.08
CA UNK A 1300 45.25 -55.93 -49.23
C UNK A 1300 46.31 -55.99 -50.31
N UNK A 1301 46.17 -56.99 -51.16
CA UNK A 1301 47.07 -57.13 -52.29
C UNK A 1301 46.33 -57.68 -53.49
N UNK A 1302 46.57 -57.10 -54.66
CA UNK A 1302 45.99 -57.60 -55.90
C UNK A 1302 47.07 -57.95 -56.87
N UNK A 1303 46.81 -59.01 -57.62
CA UNK A 1303 47.74 -59.50 -58.61
C UNK A 1303 47.19 -59.11 -59.95
N UNK A 1304 48.08 -58.62 -60.80
CA UNK A 1304 47.80 -58.54 -62.22
C UNK A 1304 48.85 -59.41 -62.89
N UNK A 1305 48.54 -59.86 -64.09
CA UNK A 1305 49.50 -60.55 -64.95
C UNK A 1305 49.45 -59.97 -66.35
N UNK A 1306 50.49 -60.25 -67.12
CA UNK A 1306 50.59 -59.85 -68.52
C UNK A 1306 49.26 -60.13 -69.23
N UNK A 1307 48.64 -59.09 -69.82
CA UNK A 1307 47.30 -59.14 -70.44
C UNK A 1307 46.90 -60.45 -71.15
N UNK A 1308 47.82 -61.04 -71.90
CA UNK A 1308 47.60 -62.38 -72.50
C UNK A 1308 47.31 -62.34 -73.99
N UNK A 1309 47.48 -63.49 -74.68
CA UNK A 1309 47.55 -63.51 -76.15
C UNK A 1309 46.26 -63.11 -76.86
N UNK A 1310 45.16 -63.77 -76.49
CA UNK A 1310 43.84 -63.47 -77.06
C UNK A 1310 43.28 -62.12 -76.59
N UNK A 1311 43.78 -61.62 -75.47
CA UNK A 1311 43.44 -60.28 -74.97
C UNK A 1311 44.22 -59.21 -75.74
N UNK A 1312 45.54 -59.35 -75.76
CA UNK A 1312 46.46 -58.41 -76.42
C UNK A 1312 46.07 -58.02 -77.85
N UNK A 1313 45.54 -58.99 -78.60
CA UNK A 1313 45.19 -58.76 -80.01
C UNK A 1313 44.11 -57.68 -80.22
N UNK A 1314 43.19 -57.53 -79.27
CA UNK A 1314 42.19 -56.44 -79.31
C UNK A 1314 42.65 -55.18 -78.57
N UNK A 1315 43.56 -55.34 -77.61
CA UNK A 1315 44.08 -54.22 -76.81
C UNK A 1315 45.07 -53.40 -77.63
N UNK A 1316 45.93 -54.09 -78.37
CA UNK A 1316 46.75 -53.44 -79.41
C UNK A 1316 46.09 -53.32 -80.77
N UNK A 1317 45.06 -54.14 -81.00
CA UNK A 1317 44.24 -54.06 -82.19
C UNK A 1317 43.62 -52.68 -82.34
N UNK A 1318 43.09 -52.20 -81.22
CA UNK A 1318 42.44 -50.87 -81.17
C UNK A 1318 43.44 -49.80 -81.56
N UNK A 1319 44.64 -49.91 -80.99
CA UNK A 1319 45.73 -48.97 -81.25
C UNK A 1319 46.05 -48.93 -82.74
N UNK A 1320 46.15 -50.12 -83.31
CA UNK A 1320 46.47 -50.30 -84.72
C UNK A 1320 45.41 -49.60 -85.59
N UNK A 1321 44.16 -49.83 -85.21
CA UNK A 1321 43.01 -49.25 -85.90
C UNK A 1321 43.10 -47.73 -85.89
N UNK A 1322 43.41 -47.21 -84.70
CA UNK A 1322 43.55 -45.77 -84.48
C UNK A 1322 44.62 -45.19 -85.41
N UNK A 1323 45.73 -45.90 -85.45
CA UNK A 1323 46.89 -45.54 -86.28
C UNK A 1323 46.53 -45.46 -87.77
N UNK A 1324 45.95 -46.52 -88.31
CA UNK A 1324 45.82 -46.67 -89.78
C UNK A 1324 44.53 -46.07 -90.35
N UNK A 1325 44.20 -44.84 -89.92
CA UNK A 1325 43.09 -44.06 -90.47
C UNK A 1325 43.55 -43.04 -91.51
N UNK A 1326 44.80 -42.59 -91.40
CA UNK A 1326 45.34 -41.57 -92.31
C UNK A 1326 45.50 -42.09 -93.74
N UNK A 1327 46.04 -43.31 -93.85
CA UNK A 1327 46.31 -43.95 -95.15
C UNK A 1327 45.22 -44.99 -95.42
N UNK A 1328 44.53 -44.86 -96.58
CA UNK A 1328 43.37 -45.71 -96.85
C UNK A 1328 43.70 -47.17 -97.17
N UNK A 1329 44.77 -47.40 -97.94
CA UNK A 1329 45.14 -48.74 -98.39
C UNK A 1329 45.58 -49.67 -97.25
N UNK A 1330 46.18 -49.10 -96.20
CA UNK A 1330 46.73 -49.89 -95.10
C UNK A 1330 45.68 -50.43 -94.11
N UNK A 1331 44.47 -49.88 -94.13
CA UNK A 1331 43.41 -50.30 -93.21
C UNK A 1331 43.10 -51.80 -93.25
N UNK A 1332 43.10 -52.37 -94.46
CA UNK A 1332 42.94 -53.82 -94.65
C UNK A 1332 44.12 -54.61 -94.06
N UNK A 1333 45.32 -54.04 -94.16
CA UNK A 1333 46.55 -54.64 -93.61
C UNK A 1333 46.78 -54.41 -92.11
N UNK A 1334 45.75 -53.94 -91.38
CA UNK A 1334 45.95 -53.52 -89.99
C UNK A 1334 45.82 -54.73 -89.07
N UNK A 1335 44.78 -55.53 -89.33
CA UNK A 1335 44.41 -56.65 -88.49
C UNK A 1335 45.60 -57.64 -88.44
N UNK A 1336 46.16 -57.91 -89.63
CA UNK A 1336 47.27 -58.87 -89.61
C UNK A 1336 48.48 -58.35 -88.88
N UNK A 1337 48.72 -57.05 -89.06
CA UNK A 1337 49.83 -56.35 -88.39
C UNK A 1337 49.71 -56.50 -86.87
N UNK A 1338 48.49 -56.25 -86.40
CA UNK A 1338 48.17 -56.34 -84.97
C UNK A 1338 48.49 -57.73 -84.44
N UNK A 1339 48.04 -58.72 -85.21
CA UNK A 1339 48.25 -60.14 -84.88
C UNK A 1339 49.76 -60.42 -84.88
N UNK A 1340 50.39 -59.97 -85.95
CA UNK A 1340 51.79 -60.30 -86.24
C UNK A 1340 52.68 -59.85 -85.10
N UNK A 1341 52.44 -58.60 -84.70
CA UNK A 1341 53.22 -57.98 -83.60
C UNK A 1341 53.09 -58.80 -82.33
N UNK A 1342 51.84 -59.18 -82.05
CA UNK A 1342 51.51 -59.98 -80.86
C UNK A 1342 52.29 -61.30 -80.88
N UNK A 1343 52.26 -61.92 -82.04
CA UNK A 1343 52.94 -63.21 -82.27
C UNK A 1343 54.43 -63.06 -81.97
N UNK A 1344 54.99 -61.99 -82.52
CA UNK A 1344 56.42 -61.68 -82.35
C UNK A 1344 56.77 -61.55 -80.88
N UNK A 1345 55.91 -60.81 -80.19
CA UNK A 1345 56.06 -60.54 -78.75
C UNK A 1345 56.09 -61.86 -77.98
N UNK A 1346 55.13 -62.72 -78.33
CA UNK A 1346 54.99 -64.03 -77.70
C UNK A 1346 56.26 -64.85 -77.89
N UNK A 1347 56.76 -64.81 -79.12
CA UNK A 1347 57.98 -65.54 -79.49
C UNK A 1347 59.15 -65.07 -78.63
N UNK A 1348 59.25 -63.75 -78.51
CA UNK A 1348 60.30 -63.09 -77.74
C UNK A 1348 60.25 -63.57 -76.29
N UNK A 1349 59.04 -63.58 -75.75
CA UNK A 1349 58.77 -64.00 -74.37
C UNK A 1349 59.26 -65.42 -74.17
N UNK A 1350 58.89 -66.27 -75.12
CA UNK A 1350 59.25 -67.69 -75.11
C UNK A 1350 60.76 -67.85 -75.06
N UNK A 1351 61.42 -67.08 -75.91
CA UNK A 1351 62.89 -67.10 -76.04
C UNK A 1351 63.74 -66.59 -74.87
N UNK A 1352 63.70 -65.28 -74.63
CA UNK A 1352 64.67 -64.59 -73.78
C UNK A 1352 64.19 -64.42 -72.35
N UNK A 1353 64.15 -65.56 -71.66
CA UNK A 1353 63.73 -65.61 -70.25
C UNK A 1353 64.80 -64.98 -69.35
N UNK A 1354 64.32 -64.38 -68.26
CA UNK A 1354 65.13 -63.50 -67.39
C UNK A 1354 66.41 -64.14 -66.83
N UNK A 1355 66.38 -65.45 -66.61
CA UNK A 1355 67.57 -66.18 -66.12
C UNK A 1355 68.71 -66.24 -67.15
N UNK A 1356 68.40 -66.13 -68.43
CA UNK A 1356 69.40 -66.08 -69.50
C UNK A 1356 70.31 -64.85 -69.36
N UNK A 1357 69.70 -63.69 -69.11
CA UNK A 1357 70.44 -62.45 -68.88
C UNK A 1357 69.55 -61.50 -68.05
N UNK A 1358 70.11 -60.86 -67.00
CA UNK A 1358 69.30 -60.17 -65.97
C UNK A 1358 68.31 -59.10 -66.45
N UNK A 1359 68.66 -58.38 -67.52
CA UNK A 1359 67.82 -57.30 -68.05
C UNK A 1359 66.77 -57.73 -69.11
N UNK A 1360 66.84 -58.96 -69.59
CA UNK A 1360 65.82 -59.49 -70.54
C UNK A 1360 64.47 -59.69 -69.86
N UNK A 1361 63.61 -58.67 -69.94
CA UNK A 1361 62.28 -58.70 -69.36
C UNK A 1361 61.31 -58.00 -70.28
N UNK A 1362 60.85 -58.72 -71.30
CA UNK A 1362 59.92 -58.16 -72.26
C UNK A 1362 58.55 -57.96 -71.63
N UNK A 1363 57.80 -57.00 -72.19
CA UNK A 1363 56.57 -56.51 -71.57
C UNK A 1363 55.79 -55.59 -72.52
N UNK A 1364 54.47 -55.42 -72.29
CA UNK A 1364 53.64 -54.58 -73.15
C UNK A 1364 54.05 -53.13 -73.29
N UNK A 1365 54.99 -52.70 -72.42
CA UNK A 1365 55.65 -51.42 -72.56
C UNK A 1365 56.30 -51.29 -73.94
N UNK A 1366 56.99 -52.35 -74.34
CA UNK A 1366 57.68 -52.42 -75.62
C UNK A 1366 56.69 -52.19 -76.76
N UNK A 1367 55.58 -52.88 -76.65
CA UNK A 1367 54.50 -52.82 -77.66
C UNK A 1367 54.01 -51.38 -77.79
N UNK A 1368 53.79 -50.77 -76.63
CA UNK A 1368 53.31 -49.38 -76.57
C UNK A 1368 54.28 -48.45 -77.27
N UNK A 1369 55.57 -48.66 -76.97
CA UNK A 1369 56.65 -47.87 -77.56
C UNK A 1369 56.80 -48.14 -79.03
N UNK A 1370 56.63 -49.40 -79.42
CA UNK A 1370 56.69 -49.85 -80.80
C UNK A 1370 55.66 -49.06 -81.63
N UNK A 1371 54.45 -49.02 -81.09
CA UNK A 1371 53.38 -48.34 -81.84
C UNK A 1371 53.66 -46.87 -81.95
N UNK A 1372 54.20 -46.26 -80.91
CA UNK A 1372 54.60 -44.85 -80.92
C UNK A 1372 55.60 -44.60 -82.04
N UNK A 1373 56.58 -45.49 -82.11
CA UNK A 1373 57.65 -45.42 -83.11
C UNK A 1373 57.06 -45.46 -84.51
N UNK A 1374 56.13 -46.40 -84.69
CA UNK A 1374 55.44 -46.60 -85.97
C UNK A 1374 54.72 -45.32 -86.37
N UNK A 1375 54.02 -44.74 -85.40
CA UNK A 1375 53.26 -43.50 -85.59
C UNK A 1375 54.18 -42.38 -86.07
N UNK A 1376 55.31 -42.29 -85.39
CA UNK A 1376 56.34 -41.28 -85.67
C UNK A 1376 56.98 -41.42 -87.04
N UNK A 1377 57.08 -42.67 -87.49
CA UNK A 1377 57.48 -42.96 -88.88
C UNK A 1377 56.42 -42.44 -89.84
N UNK A 1378 55.19 -42.81 -89.54
CA UNK A 1378 54.02 -42.41 -90.32
C UNK A 1378 53.79 -40.88 -90.34
N UNK A 1379 53.74 -40.29 -89.15
CA UNK A 1379 53.17 -38.95 -88.89
C UNK A 1379 53.22 -37.94 -90.04
N UNK A 1380 54.42 -37.57 -90.53
CA UNK A 1380 54.51 -36.50 -91.51
C UNK A 1380 54.49 -36.93 -92.98
N UNK A 1381 54.20 -38.21 -93.25
CA UNK A 1381 54.47 -38.80 -94.56
C UNK A 1381 53.31 -38.59 -95.55
N UNK A 1382 52.08 -38.91 -95.10
CA UNK A 1382 50.85 -38.76 -95.92
C UNK A 1382 50.75 -39.72 -97.12
N UNK A 1383 51.63 -40.73 -97.19
CA UNK A 1383 51.68 -41.66 -98.32
C UNK A 1383 52.57 -42.84 -97.96
N UNK A 1384 52.11 -44.06 -98.27
CA UNK A 1384 52.90 -45.26 -98.06
C UNK A 1384 52.45 -46.39 -98.98
N UNK A 1385 53.42 -47.19 -99.48
CA UNK A 1385 53.09 -48.54 -99.87
C UNK A 1385 53.11 -49.45 -98.65
N UNK A 1386 52.56 -50.64 -98.81
CA UNK A 1386 52.52 -51.67 -97.79
C UNK A 1386 53.94 -52.11 -97.44
N UNK A 1387 54.78 -52.25 -98.47
CA UNK A 1387 56.14 -52.73 -98.31
C UNK A 1387 56.91 -51.82 -97.35
N UNK A 1388 56.75 -50.52 -97.58
CA UNK A 1388 57.41 -49.49 -96.76
C UNK A 1388 57.02 -49.65 -95.30
N UNK A 1389 55.72 -49.82 -95.11
CA UNK A 1389 55.13 -49.98 -93.77
C UNK A 1389 55.75 -51.19 -93.07
N UNK A 1390 55.82 -52.27 -93.82
CA UNK A 1390 56.38 -53.54 -93.34
C UNK A 1390 57.81 -53.34 -92.89
N UNK A 1391 58.56 -52.64 -93.72
CA UNK A 1391 59.98 -52.35 -93.47
C UNK A 1391 60.12 -51.58 -92.16
N UNK A 1392 59.26 -50.57 -92.02
CA UNK A 1392 59.32 -49.73 -90.81
C UNK A 1392 59.02 -50.56 -89.58
N UNK A 1393 58.03 -51.43 -89.69
CA UNK A 1393 57.64 -52.33 -88.60
C UNK A 1393 58.83 -53.19 -88.19
N UNK A 1394 59.49 -53.73 -89.20
CA UNK A 1394 60.67 -54.59 -89.00
C UNK A 1394 61.75 -53.85 -88.25
N UNK A 1395 61.98 -52.63 -88.69
CA UNK A 1395 62.99 -51.73 -88.11
C UNK A 1395 62.69 -51.52 -86.62
N UNK A 1396 61.42 -51.24 -86.35
CA UNK A 1396 60.99 -50.99 -84.97
C UNK A 1396 61.21 -52.22 -84.11
N UNK A 1397 60.88 -53.37 -84.67
CA UNK A 1397 61.06 -54.67 -83.99
C UNK A 1397 62.53 -54.86 -83.62
N UNK A 1398 63.38 -54.58 -84.60
CA UNK A 1398 64.82 -54.75 -84.45
C UNK A 1398 65.32 -53.83 -83.31
N UNK A 1399 64.83 -52.60 -83.32
CA UNK A 1399 65.29 -51.64 -82.34
C UNK A 1399 64.83 -52.05 -80.95
N UNK A 1400 63.58 -52.46 -80.79
CA UNK A 1400 63.07 -52.81 -79.46
C UNK A 1400 63.60 -54.12 -78.92
N UNK A 1401 63.80 -55.09 -79.80
CA UNK A 1401 64.06 -56.46 -79.39
C UNK A 1401 65.51 -56.91 -79.57
N UNK A 1402 66.21 -56.38 -80.58
CA UNK A 1402 67.57 -56.82 -80.86
C UNK A 1402 68.60 -56.11 -79.97
N UNK A 1403 68.44 -54.80 -79.77
CA UNK A 1403 69.41 -53.98 -78.99
C UNK A 1403 69.77 -54.55 -77.63
N UNK A 1404 68.75 -54.96 -76.88
CA UNK A 1404 68.92 -55.57 -75.57
C UNK A 1404 69.86 -56.75 -75.65
N UNK A 1405 69.73 -57.55 -76.71
CA UNK A 1405 70.43 -58.83 -76.82
C UNK A 1405 71.94 -58.68 -76.80
N UNK A 1406 72.61 -59.67 -76.19
CA UNK A 1406 74.03 -59.63 -75.93
C UNK A 1406 74.82 -60.24 -77.10
N UNK A 1407 74.62 -61.54 -77.31
CA UNK A 1407 75.46 -62.34 -78.23
C UNK A 1407 75.20 -62.02 -79.70
N UNK A 1408 76.03 -62.60 -80.57
CA UNK A 1408 75.83 -62.55 -82.03
C UNK A 1408 74.99 -63.74 -82.54
N UNK A 1409 75.14 -64.89 -81.88
CA UNK A 1409 74.30 -66.06 -82.17
C UNK A 1409 72.86 -65.87 -81.70
N UNK A 1410 72.68 -64.95 -80.76
CA UNK A 1410 71.36 -64.59 -80.25
C UNK A 1410 70.69 -63.48 -81.08
N UNK A 1411 71.49 -62.59 -81.68
CA UNK A 1411 70.97 -61.50 -82.52
C UNK A 1411 70.39 -61.98 -83.85
N UNK A 1412 71.09 -62.91 -84.50
CA UNK A 1412 70.63 -63.49 -85.77
C UNK A 1412 69.24 -64.14 -85.68
N UNK A 1413 68.94 -64.66 -84.49
CA UNK A 1413 67.67 -65.30 -84.21
C UNK A 1413 66.49 -64.39 -84.53
N UNK A 1414 66.58 -63.15 -84.06
CA UNK A 1414 65.54 -62.14 -84.27
C UNK A 1414 65.45 -61.72 -85.72
N UNK A 1415 66.62 -61.60 -86.36
CA UNK A 1415 66.73 -61.27 -87.78
C UNK A 1415 65.95 -62.28 -88.61
N UNK A 1416 66.17 -63.55 -88.29
CA UNK A 1416 65.53 -64.68 -88.98
C UNK A 1416 64.06 -64.75 -88.61
N UNK A 1417 63.80 -64.60 -87.30
CA UNK A 1417 62.45 -64.71 -86.75
C UNK A 1417 61.54 -63.69 -87.40
N UNK A 1418 62.05 -62.46 -87.51
CA UNK A 1418 61.30 -61.36 -88.12
C UNK A 1418 60.91 -61.70 -89.55
N UNK A 1419 61.90 -62.22 -90.27
CA UNK A 1419 61.72 -62.62 -91.68
C UNK A 1419 60.61 -63.67 -91.78
N UNK A 1420 60.69 -64.64 -90.89
CA UNK A 1420 59.73 -65.75 -90.84
C UNK A 1420 58.31 -65.20 -90.63
N UNK A 1421 58.22 -64.27 -89.68
CA UNK A 1421 56.96 -63.62 -89.34
C UNK A 1421 56.36 -62.92 -90.55
N UNK A 1422 57.24 -62.20 -91.26
CA UNK A 1422 56.87 -61.47 -92.46
C UNK A 1422 56.16 -62.35 -93.49
N UNK A 1423 56.69 -63.56 -93.72
CA UNK A 1423 56.06 -64.44 -94.69
C UNK A 1423 54.67 -64.87 -94.16
N UNK A 1424 54.65 -65.25 -92.90
CA UNK A 1424 53.49 -65.83 -92.27
C UNK A 1424 52.27 -64.91 -92.34
N UNK A 1425 52.42 -63.65 -91.95
CA UNK A 1425 51.27 -62.74 -91.83
C UNK A 1425 51.01 -61.84 -93.05
N UNK A 1426 51.95 -61.81 -93.99
CA UNK A 1426 51.81 -61.01 -95.21
C UNK A 1426 52.26 -61.82 -96.44
N UNK A 1427 51.32 -62.39 -97.22
CA UNK A 1427 51.67 -63.00 -98.50
C UNK A 1427 51.94 -61.97 -99.59
N UNK A 1428 52.20 -62.45 -100.82
CA UNK A 1428 52.45 -61.63 -102.03
C UNK A 1428 53.59 -60.60 -102.02
N UNK A 1429 53.69 -59.81 -100.94
CA UNK A 1429 54.83 -58.91 -100.68
C UNK A 1429 56.22 -59.51 -101.00
N UNK A 1430 57.08 -58.70 -101.61
CA UNK A 1430 58.44 -59.11 -101.96
C UNK A 1430 59.33 -59.11 -100.72
N UNK A 1431 60.03 -60.22 -100.47
CA UNK A 1431 60.93 -60.34 -99.32
C UNK A 1431 62.14 -59.41 -99.43
N UNK A 1432 62.71 -59.32 -100.63
CA UNK A 1432 63.89 -58.48 -100.89
C UNK A 1432 63.58 -56.98 -100.81
N UNK A 1433 62.44 -56.56 -101.35
CA UNK A 1433 62.02 -55.15 -101.34
C UNK A 1433 61.64 -54.65 -99.95
N UNK A 1434 61.07 -55.54 -99.14
CA UNK A 1434 60.51 -55.18 -97.82
C UNK A 1434 61.54 -55.18 -96.71
N UNK A 1435 62.34 -56.25 -96.63
CA UNK A 1435 63.29 -56.43 -95.52
C UNK A 1435 64.38 -55.36 -95.47
N UNK A 1436 65.03 -55.13 -96.61
CA UNK A 1436 66.12 -54.13 -96.74
C UNK A 1436 67.25 -54.42 -95.75
N UNK A 1437 68.12 -55.37 -96.12
CA UNK A 1437 69.14 -55.91 -95.22
C UNK A 1437 70.15 -54.89 -94.66
N UNK A 1438 70.48 -53.82 -95.42
CA UNK A 1438 71.19 -52.71 -94.78
C UNK A 1438 70.44 -52.14 -93.57
N UNK A 1439 69.14 -51.85 -93.77
CA UNK A 1439 68.23 -51.29 -92.75
C UNK A 1439 68.54 -49.78 -92.48
N UNK A 1440 68.28 -49.26 -91.27
CA UNK A 1440 68.49 -47.86 -90.89
C UNK A 1440 67.35 -46.96 -91.35
N UNK A 1441 66.90 -46.11 -90.43
CA UNK A 1441 66.06 -44.96 -90.72
C UNK A 1441 66.70 -43.75 -90.04
N UNK A 1442 66.37 -42.55 -90.52
CA UNK A 1442 66.89 -41.32 -89.94
C UNK A 1442 66.06 -40.10 -90.32
N UNK A 1443 66.30 -39.02 -89.58
CA UNK A 1443 65.75 -37.71 -89.92
C UNK A 1443 66.86 -36.68 -90.20
N UNK A 1444 68.09 -37.16 -90.40
CA UNK A 1444 69.23 -36.28 -90.64
C UNK A 1444 69.33 -35.80 -92.09
N UNK A 1445 69.01 -36.67 -93.04
CA UNK A 1445 69.15 -36.35 -94.46
C UNK A 1445 68.01 -35.47 -94.96
N UNK A 1446 66.77 -35.93 -94.77
CA UNK A 1446 65.58 -35.17 -95.13
C UNK A 1446 64.91 -34.58 -93.89
N UNK A 1447 63.79 -33.90 -94.08
CA UNK A 1447 62.95 -33.42 -92.98
C UNK A 1447 62.22 -34.58 -92.31
N UNK A 1448 61.61 -35.43 -93.13
CA UNK A 1448 60.84 -36.58 -92.65
C UNK A 1448 61.74 -37.72 -92.17
N UNK A 1449 61.23 -38.49 -91.21
CA UNK A 1449 61.90 -39.70 -90.74
C UNK A 1449 61.70 -40.78 -91.80
N UNK A 1450 62.77 -41.17 -92.49
CA UNK A 1450 62.69 -42.01 -93.70
C UNK A 1450 63.88 -42.96 -93.81
N UNK A 1451 63.76 -44.01 -94.66
CA UNK A 1451 64.88 -44.97 -94.76
C UNK A 1451 66.05 -44.46 -95.58
N UNK A 1452 67.23 -45.04 -95.34
CA UNK A 1452 68.47 -44.60 -95.98
C UNK A 1452 69.42 -45.77 -96.27
N UNK A 1453 70.10 -45.70 -97.41
CA UNK A 1453 71.22 -46.59 -97.71
C UNK A 1453 72.43 -46.08 -96.93
N UNK A 1454 73.31 -47.00 -96.57
CA UNK A 1454 74.42 -46.72 -95.67
C UNK A 1454 75.35 -45.60 -96.17
N UNK A 1455 75.71 -45.65 -97.44
CA UNK A 1455 76.91 -44.95 -97.93
C UNK A 1455 76.75 -43.45 -97.78
N UNK A 1456 75.59 -42.98 -98.21
CA UNK A 1456 75.22 -41.56 -98.11
C UNK A 1456 75.26 -41.12 -96.67
N UNK A 1457 74.66 -41.96 -95.82
CA UNK A 1457 74.58 -41.69 -94.37
C UNK A 1457 75.97 -41.58 -93.79
N UNK A 1458 76.82 -42.51 -94.19
CA UNK A 1458 78.22 -42.57 -93.74
C UNK A 1458 78.94 -41.28 -94.10
N UNK A 1459 78.73 -40.86 -95.34
CA UNK A 1459 79.34 -39.64 -95.88
C UNK A 1459 78.93 -38.44 -95.02
N UNK A 1460 77.62 -38.39 -94.76
CA UNK A 1460 77.03 -37.31 -93.97
C UNK A 1460 77.67 -37.25 -92.58
N UNK A 1461 77.81 -38.43 -91.99
CA UNK A 1461 78.37 -38.52 -90.64
C UNK A 1461 79.82 -38.05 -90.65
N UNK A 1462 80.56 -38.44 -91.68
CA UNK A 1462 81.95 -38.03 -91.85
C UNK A 1462 82.05 -36.50 -91.91
N UNK A 1463 81.15 -35.93 -92.70
CA UNK A 1463 81.08 -34.48 -92.89
C UNK A 1463 80.85 -33.78 -91.55
N UNK A 1464 79.91 -34.34 -90.80
CA UNK A 1464 79.54 -33.82 -89.49
C UNK A 1464 80.76 -33.82 -88.56
N UNK A 1465 81.45 -34.95 -88.58
CA UNK A 1465 82.66 -35.16 -87.76
C UNK A 1465 83.69 -34.10 -88.09
N UNK A 1466 83.88 -33.88 -89.39
CA UNK A 1466 84.83 -32.88 -89.89
C UNK A 1466 84.53 -31.50 -89.31
N UNK A 1467 83.26 -31.15 -89.19
CA UNK A 1467 82.92 -29.94 -88.43
C UNK A 1467 83.23 -30.15 -86.94
N UNK A 1468 82.76 -31.29 -86.41
CA UNK A 1468 82.84 -31.62 -84.97
C UNK A 1468 84.23 -31.53 -84.32
N UNK A 1469 85.28 -31.84 -85.08
CA UNK A 1469 86.65 -31.78 -84.54
C UNK A 1469 87.15 -30.35 -84.29
N UNK A 1470 86.55 -29.37 -84.97
CA UNK A 1470 86.94 -27.97 -84.86
C UNK A 1470 86.23 -27.20 -83.76
N UNK A 1471 85.18 -27.78 -83.17
CA UNK A 1471 84.43 -27.14 -82.07
C UNK A 1471 84.52 -27.92 -80.76
N UNK A 1472 84.10 -29.18 -80.79
CA UNK A 1472 84.06 -30.06 -79.62
C UNK A 1472 85.37 -30.86 -79.50
N UNK A 1473 85.39 -31.90 -78.66
CA UNK A 1473 86.62 -32.65 -78.38
C UNK A 1473 87.27 -33.25 -79.62
N UNK A 1474 88.56 -32.98 -79.78
CA UNK A 1474 89.34 -33.44 -80.93
C UNK A 1474 89.74 -34.89 -80.73
N UNK A 1475 89.18 -35.76 -81.56
CA UNK A 1475 89.52 -37.18 -81.56
C UNK A 1475 89.42 -37.69 -83.00
N UNK A 1476 90.53 -38.20 -83.56
CA UNK A 1476 90.40 -38.72 -84.93
C UNK A 1476 89.57 -40.01 -84.98
N UNK A 1477 88.25 -39.84 -84.97
CA UNK A 1477 87.34 -40.99 -84.95
C UNK A 1477 87.23 -41.67 -86.30
N UNK A 1478 86.73 -42.90 -86.28
CA UNK A 1478 86.60 -43.75 -87.46
C UNK A 1478 85.20 -44.35 -87.50
N UNK A 1479 84.65 -44.43 -88.70
CA UNK A 1479 83.30 -44.92 -88.91
C UNK A 1479 83.35 -46.29 -89.55
N UNK A 1480 82.91 -47.29 -88.79
CA UNK A 1480 82.54 -48.58 -89.36
C UNK A 1480 81.02 -48.77 -89.21
N UNK A 1481 80.48 -49.82 -89.82
CA UNK A 1481 79.06 -50.02 -89.99
C UNK A 1481 78.35 -50.01 -88.64
N UNK A 1482 78.95 -50.72 -87.70
CA UNK A 1482 78.41 -50.82 -86.32
C UNK A 1482 78.31 -49.44 -85.70
N UNK A 1483 79.38 -48.66 -85.89
CA UNK A 1483 79.46 -47.30 -85.35
C UNK A 1483 78.33 -46.45 -85.91
N UNK A 1484 78.13 -46.57 -87.22
CA UNK A 1484 77.09 -45.84 -87.93
C UNK A 1484 75.72 -46.17 -87.36
N UNK A 1485 75.51 -47.47 -87.15
CA UNK A 1485 74.26 -48.01 -86.61
C UNK A 1485 74.00 -47.37 -85.23
N UNK A 1486 75.04 -47.37 -84.42
CA UNK A 1486 74.99 -46.99 -83.03
C UNK A 1486 74.49 -45.59 -82.88
N UNK A 1487 75.00 -44.68 -83.72
CA UNK A 1487 74.64 -43.24 -83.59
C UNK A 1487 73.15 -43.07 -83.80
N UNK A 1488 72.61 -43.76 -84.80
CA UNK A 1488 71.18 -43.68 -85.11
C UNK A 1488 70.36 -44.15 -83.92
N UNK A 1489 70.80 -45.25 -83.33
CA UNK A 1489 70.14 -45.85 -82.16
C UNK A 1489 70.11 -44.84 -81.02
N UNK A 1490 71.27 -44.21 -80.80
CA UNK A 1490 71.45 -43.24 -79.74
C UNK A 1490 70.45 -42.07 -79.94
N UNK A 1491 70.38 -41.63 -81.18
CA UNK A 1491 69.73 -40.40 -81.57
C UNK A 1491 68.26 -40.41 -81.16
N UNK A 1492 67.62 -41.56 -81.37
CA UNK A 1492 66.19 -41.70 -81.18
C UNK A 1492 65.80 -41.34 -79.75
N UNK A 1493 66.58 -41.88 -78.81
CA UNK A 1493 66.34 -41.67 -77.38
C UNK A 1493 66.44 -40.18 -77.06
N UNK A 1494 67.47 -39.55 -77.62
CA UNK A 1494 67.66 -38.11 -77.37
C UNK A 1494 66.50 -37.31 -77.90
N UNK A 1495 66.05 -37.69 -79.10
CA UNK A 1495 64.88 -37.04 -79.74
C UNK A 1495 63.65 -37.12 -78.83
N UNK A 1496 63.33 -38.30 -78.29
CA UNK A 1496 62.07 -38.48 -77.53
C UNK A 1496 62.20 -38.03 -76.06
N UNK A 1497 61.08 -37.71 -75.39
CA UNK A 1497 61.14 -37.13 -74.05
C UNK A 1497 61.25 -38.18 -72.95
N UNK A 1498 61.68 -37.74 -71.77
CA UNK A 1498 62.04 -38.62 -70.64
C UNK A 1498 62.97 -39.75 -71.10
N UNK A 1499 63.88 -39.38 -71.99
CA UNK A 1499 64.73 -40.33 -72.69
C UNK A 1499 65.99 -40.52 -71.91
N UNK A 1500 66.19 -41.73 -71.40
CA UNK A 1500 67.41 -42.10 -70.71
C UNK A 1500 68.04 -43.27 -71.41
N UNK A 1501 69.32 -43.44 -71.16
CA UNK A 1501 70.16 -44.35 -71.88
C UNK A 1501 71.00 -45.16 -70.91
N UNK A 1502 71.59 -46.24 -71.40
CA UNK A 1502 72.45 -47.07 -70.58
C UNK A 1502 73.37 -47.88 -71.46
N UNK A 1503 74.52 -47.33 -71.81
CA UNK A 1503 75.38 -47.99 -72.79
C UNK A 1503 76.29 -49.00 -72.13
N UNK A 1504 75.90 -50.27 -72.26
CA UNK A 1504 76.69 -51.37 -71.74
C UNK A 1504 77.76 -51.71 -72.77
N UNK A 1505 79.03 -51.71 -72.36
CA UNK A 1505 80.09 -52.14 -73.27
C UNK A 1505 81.48 -52.12 -72.66
N UNK A 1506 82.48 -52.31 -73.51
CA UNK A 1506 83.86 -52.37 -73.06
C UNK A 1506 84.54 -51.03 -73.23
N UNK A 1507 85.25 -50.59 -72.18
CA UNK A 1507 85.91 -49.28 -72.19
C UNK A 1507 86.88 -49.16 -73.35
N UNK A 1508 86.96 -47.97 -73.89
CA UNK A 1508 87.58 -47.75 -75.19
C UNK A 1508 86.71 -48.24 -76.35
N UNK A 1509 85.39 -48.32 -76.14
CA UNK A 1509 84.47 -48.65 -77.22
C UNK A 1509 84.17 -47.42 -78.04
N UNK A 1510 84.12 -46.28 -77.36
CA UNK A 1510 83.50 -45.10 -77.91
C UNK A 1510 82.03 -45.17 -77.61
N UNK A 1511 81.72 -45.12 -76.32
CA UNK A 1511 80.35 -45.06 -75.89
C UNK A 1511 80.14 -43.58 -75.61
N UNK A 1512 80.91 -43.07 -74.64
CA UNK A 1512 80.68 -41.73 -74.10
C UNK A 1512 80.90 -40.71 -75.23
N UNK A 1513 81.97 -40.90 -75.99
CA UNK A 1513 82.31 -39.94 -77.02
C UNK A 1513 81.22 -39.90 -78.11
N UNK A 1514 80.75 -41.09 -78.48
CA UNK A 1514 79.68 -41.17 -79.48
C UNK A 1514 78.43 -40.50 -78.96
N UNK A 1515 78.12 -40.72 -77.69
CA UNK A 1515 76.96 -40.09 -77.06
C UNK A 1515 77.05 -38.57 -77.14
N UNK A 1516 78.25 -38.08 -76.83
CA UNK A 1516 78.55 -36.64 -76.87
C UNK A 1516 78.29 -36.08 -78.25
N UNK A 1517 78.80 -36.82 -79.24
CA UNK A 1517 78.68 -36.45 -80.65
C UNK A 1517 77.20 -36.34 -81.03
N UNK A 1518 76.45 -37.35 -80.60
CA UNK A 1518 75.01 -37.40 -80.90
C UNK A 1518 74.30 -36.20 -80.29
N UNK A 1519 74.66 -35.89 -79.05
CA UNK A 1519 74.10 -34.76 -78.33
C UNK A 1519 74.35 -33.46 -79.10
N UNK A 1520 75.59 -33.33 -79.55
CA UNK A 1520 76.03 -32.15 -80.31
C UNK A 1520 75.17 -32.00 -81.58
N UNK A 1521 75.00 -33.13 -82.25
CA UNK A 1521 74.21 -33.20 -83.49
C UNK A 1521 72.79 -32.71 -83.23
N UNK A 1522 72.23 -33.22 -82.14
CA UNK A 1522 70.88 -32.88 -81.72
C UNK A 1522 70.82 -31.54 -81.07
N UNK A 1523 71.89 -31.07 -80.45
CA UNK A 1523 71.94 -29.74 -79.85
C UNK A 1523 71.62 -29.79 -78.37
N UNK A 1524 72.32 -30.67 -77.66
CA UNK A 1524 72.16 -30.89 -76.23
C UNK A 1524 73.50 -30.64 -75.59
N UNK A 1525 73.50 -29.82 -74.54
CA UNK A 1525 74.72 -29.54 -73.79
C UNK A 1525 75.11 -30.79 -73.02
N UNK A 1526 76.29 -31.32 -73.30
CA UNK A 1526 76.84 -32.39 -72.50
C UNK A 1526 77.29 -31.80 -71.18
N UNK A 1527 77.11 -32.58 -70.11
CA UNK A 1527 77.67 -32.25 -68.81
C UNK A 1527 78.11 -33.53 -68.13
N UNK A 1528 79.38 -33.57 -67.72
CA UNK A 1528 79.91 -34.69 -66.95
C UNK A 1528 80.17 -34.20 -65.53
N UNK A 1529 80.55 -35.12 -64.63
CA UNK A 1529 80.62 -34.79 -63.20
C UNK A 1529 82.01 -34.39 -62.67
N UNK A 1530 83.08 -34.65 -63.43
CA UNK A 1530 84.46 -34.22 -63.07
C UNK A 1530 84.86 -34.63 -61.65
N UNK A 1531 84.74 -35.92 -61.38
CA UNK A 1531 84.99 -36.46 -60.05
C UNK A 1531 86.48 -36.40 -59.66
N UNK A 1532 86.75 -36.22 -58.37
CA UNK A 1532 88.10 -36.36 -57.79
C UNK A 1532 88.13 -37.57 -56.88
N UNK A 1533 89.32 -37.86 -56.37
CA UNK A 1533 89.45 -38.49 -55.05
C UNK A 1533 89.38 -37.33 -54.07
N UNK A 1534 88.64 -37.51 -52.98
CA UNK A 1534 88.16 -36.43 -52.09
C UNK A 1534 86.95 -35.75 -52.76
N UNK A 1535 85.89 -36.54 -52.94
CA UNK A 1535 84.64 -36.10 -53.57
C UNK A 1535 83.46 -36.75 -52.87
N UNK A 1536 82.64 -35.94 -52.22
CA UNK A 1536 81.60 -36.43 -51.33
C UNK A 1536 80.33 -36.69 -52.09
N UNK A 1537 79.35 -37.22 -51.37
CA UNK A 1537 77.97 -37.26 -51.82
C UNK A 1537 77.39 -35.87 -51.94
N UNK A 1538 77.75 -34.99 -51.00
CA UNK A 1538 77.25 -33.63 -50.97
C UNK A 1538 77.58 -32.91 -52.27
N UNK A 1539 78.83 -33.06 -52.68
CA UNK A 1539 79.34 -32.44 -53.91
C UNK A 1539 78.53 -32.90 -55.11
N UNK A 1540 78.30 -34.21 -55.15
CA UNK A 1540 77.53 -34.86 -56.23
C UNK A 1540 76.14 -34.26 -56.29
N UNK A 1541 75.53 -34.15 -55.12
CA UNK A 1541 74.18 -33.61 -55.00
C UNK A 1541 74.13 -32.17 -55.54
N UNK A 1542 75.12 -31.39 -55.16
CA UNK A 1542 75.27 -30.01 -55.60
C UNK A 1542 75.32 -29.94 -57.13
N UNK A 1543 76.15 -30.81 -57.67
CA UNK A 1543 76.34 -30.92 -59.13
C UNK A 1543 75.01 -31.19 -59.82
N UNK A 1544 74.31 -32.16 -59.26
CA UNK A 1544 72.99 -32.59 -59.76
C UNK A 1544 72.04 -31.41 -59.79
N UNK A 1545 72.03 -30.67 -58.69
CA UNK A 1545 71.18 -29.49 -58.51
C UNK A 1545 71.44 -28.50 -59.59
N UNK A 1546 72.73 -28.25 -59.89
CA UNK A 1546 73.09 -27.27 -60.93
C UNK A 1546 72.50 -27.68 -62.27
N UNK A 1547 72.65 -28.97 -62.56
CA UNK A 1547 72.15 -29.56 -63.81
C UNK A 1547 70.64 -29.35 -63.92
N UNK A 1548 69.97 -29.63 -62.81
CA UNK A 1548 68.51 -29.50 -62.71
C UNK A 1548 68.09 -28.06 -63.02
N UNK A 1549 68.82 -27.15 -62.40
CA UNK A 1549 68.58 -25.71 -62.55
C UNK A 1549 68.69 -25.32 -64.03
N UNK A 1550 69.76 -25.81 -64.64
CA UNK A 1550 70.05 -25.54 -66.05
C UNK A 1550 68.90 -26.03 -66.92
N UNK A 1551 68.45 -27.24 -66.62
CA UNK A 1551 67.34 -27.87 -67.33
C UNK A 1551 65.99 -27.18 -67.04
N UNK A 1552 65.59 -27.24 -65.77
CA UNK A 1552 64.25 -26.87 -65.35
C UNK A 1552 63.88 -25.41 -65.52
N UNK A 1553 64.82 -24.53 -65.19
CA UNK A 1553 64.58 -23.09 -65.19
C UNK A 1553 64.98 -22.39 -66.48
N UNK A 1554 66.12 -22.78 -67.05
CA UNK A 1554 66.64 -22.16 -68.26
C UNK A 1554 66.30 -22.99 -69.51
N UNK A 1555 65.14 -23.65 -69.51
CA UNK A 1555 64.77 -24.72 -70.46
C UNK A 1555 65.84 -25.21 -71.46
N UNK A 1556 67.00 -25.57 -70.90
CA UNK A 1556 68.17 -25.94 -71.68
C UNK A 1556 68.18 -27.45 -71.87
N UNK A 1557 68.34 -27.90 -73.12
CA UNK A 1557 68.48 -29.32 -73.42
C UNK A 1557 69.85 -29.80 -72.94
N UNK A 1558 69.85 -30.79 -72.06
CA UNK A 1558 71.09 -31.27 -71.45
C UNK A 1558 71.20 -32.79 -71.51
N UNK A 1559 72.31 -33.23 -72.08
CA UNK A 1559 72.79 -34.58 -71.95
C UNK A 1559 73.74 -34.64 -70.74
N UNK A 1560 73.52 -35.65 -69.91
CA UNK A 1560 74.25 -35.86 -68.68
C UNK A 1560 74.96 -37.17 -68.97
N UNK A 1561 76.28 -37.18 -69.04
CA UNK A 1561 77.02 -38.40 -69.41
C UNK A 1561 77.85 -38.84 -68.22
N UNK A 1562 77.56 -40.01 -67.68
CA UNK A 1562 77.96 -40.29 -66.32
C UNK A 1562 78.38 -41.74 -66.15
N UNK A 1563 79.63 -42.05 -66.46
CA UNK A 1563 80.11 -43.44 -66.45
C UNK A 1563 79.98 -44.03 -65.06
N UNK A 1564 79.52 -45.27 -64.95
CA UNK A 1564 79.34 -45.91 -63.64
C UNK A 1564 80.66 -46.13 -62.91
N UNK A 1565 81.77 -46.02 -63.63
CA UNK A 1565 83.08 -45.84 -63.01
C UNK A 1565 83.14 -44.57 -62.14
N UNK A 1566 82.66 -43.46 -62.68
CA UNK A 1566 82.66 -42.16 -61.98
C UNK A 1566 81.60 -42.05 -60.88
N UNK A 1567 80.68 -43.02 -60.81
CA UNK A 1567 79.86 -43.23 -59.60
C UNK A 1567 80.70 -43.93 -58.54
N UNK A 1568 80.59 -43.45 -57.30
CA UNK A 1568 81.35 -43.98 -56.17
C UNK A 1568 80.52 -44.95 -55.33
N UNK A 1569 79.56 -44.40 -54.59
CA UNK A 1569 78.81 -45.14 -53.57
C UNK A 1569 77.33 -45.21 -53.93
N UNK A 1570 76.60 -46.10 -53.24
CA UNK A 1570 75.14 -46.20 -53.39
C UNK A 1570 74.40 -44.93 -52.93
N UNK A 1571 75.05 -44.10 -52.12
CA UNK A 1571 74.57 -42.76 -51.82
C UNK A 1571 74.37 -41.85 -53.02
N UNK A 1572 75.14 -42.07 -54.08
CA UNK A 1572 74.94 -41.38 -55.35
C UNK A 1572 73.67 -41.89 -56.01
N UNK A 1573 73.55 -43.21 -56.09
CA UNK A 1573 72.66 -43.83 -57.02
C UNK A 1573 71.22 -43.64 -56.68
N UNK A 1574 70.89 -43.53 -55.38
CA UNK A 1574 69.53 -43.32 -54.93
C UNK A 1574 68.96 -42.03 -55.55
N UNK A 1575 69.77 -40.99 -55.49
CA UNK A 1575 69.40 -39.68 -56.01
C UNK A 1575 69.10 -39.77 -57.51
N UNK A 1576 70.00 -40.48 -58.20
CA UNK A 1576 69.90 -40.69 -59.65
C UNK A 1576 68.57 -41.39 -59.98
N UNK A 1577 68.29 -42.42 -59.19
CA UNK A 1577 67.15 -43.30 -59.38
C UNK A 1577 65.85 -42.51 -59.46
N UNK A 1578 65.68 -41.63 -58.47
CA UNK A 1578 64.47 -40.80 -58.36
C UNK A 1578 64.34 -39.94 -59.59
N UNK A 1579 65.46 -39.36 -60.02
CA UNK A 1579 65.50 -38.41 -61.12
C UNK A 1579 64.94 -39.05 -62.39
N UNK A 1580 65.39 -40.28 -62.64
CA UNK A 1580 65.06 -41.00 -63.85
C UNK A 1580 63.63 -41.47 -63.83
N UNK A 1581 63.23 -42.01 -62.69
CA UNK A 1581 61.87 -42.50 -62.48
C UNK A 1581 60.78 -41.45 -62.65
N UNK A 1582 60.89 -40.36 -61.89
CA UNK A 1582 59.84 -39.34 -61.81
C UNK A 1582 60.34 -37.91 -61.59
N UNK A 1583 61.36 -37.52 -62.37
CA UNK A 1583 61.66 -36.11 -62.63
C UNK A 1583 62.26 -35.24 -61.54
N UNK A 1584 61.63 -35.24 -60.37
CA UNK A 1584 62.10 -34.47 -59.22
C UNK A 1584 62.86 -35.39 -58.27
N UNK A 1585 63.77 -34.79 -57.50
CA UNK A 1585 64.51 -35.50 -56.47
C UNK A 1585 64.06 -34.89 -55.15
N UNK A 1586 63.25 -35.62 -54.38
CA UNK A 1586 62.78 -35.06 -53.12
C UNK A 1586 63.92 -34.84 -52.12
N UNK A 1587 63.98 -33.62 -51.57
CA UNK A 1587 65.01 -33.26 -50.59
C UNK A 1587 66.34 -32.77 -51.17
N UNK A 1588 66.42 -32.61 -52.48
CA UNK A 1588 67.63 -32.14 -53.13
C UNK A 1588 67.79 -30.65 -52.91
N UNK A 1589 66.67 -29.93 -53.07
CA UNK A 1589 66.58 -28.51 -52.74
C UNK A 1589 65.85 -28.36 -51.42
N UNK A 1590 66.46 -27.64 -50.48
CA UNK A 1590 65.86 -27.40 -49.18
C UNK A 1590 66.51 -26.21 -48.48
N UNK A 1591 65.69 -25.42 -47.80
CA UNK A 1591 66.16 -24.24 -47.07
C UNK A 1591 66.55 -23.10 -48.00
N UNK A 1592 67.69 -22.49 -47.71
CA UNK A 1592 68.23 -21.36 -48.49
C UNK A 1592 68.21 -21.55 -50.01
N UNK A 1593 68.55 -22.75 -50.46
CA UNK A 1593 68.62 -23.08 -51.86
C UNK A 1593 67.24 -23.15 -52.48
N UNK A 1594 66.28 -23.68 -51.71
CA UNK A 1594 64.93 -23.92 -52.21
C UNK A 1594 64.30 -22.61 -52.70
N UNK A 1595 64.46 -21.58 -51.87
CA UNK A 1595 63.93 -20.24 -52.15
C UNK A 1595 64.50 -19.73 -53.48
N UNK A 1596 65.81 -19.89 -53.61
CA UNK A 1596 66.55 -19.46 -54.81
C UNK A 1596 65.99 -20.15 -56.03
N UNK A 1597 65.81 -21.46 -55.89
CA UNK A 1597 65.28 -22.32 -56.96
C UNK A 1597 63.92 -21.81 -57.41
N UNK A 1598 63.07 -21.51 -56.42
CA UNK A 1598 61.73 -21.02 -56.67
C UNK A 1598 61.78 -19.73 -57.49
N UNK A 1599 62.67 -18.85 -57.05
CA UNK A 1599 62.86 -17.54 -57.73
C UNK A 1599 63.25 -17.75 -59.18
N UNK A 1600 64.19 -18.67 -59.37
CA UNK A 1600 64.71 -19.02 -60.70
C UNK A 1600 63.57 -19.48 -61.59
N UNK A 1601 62.76 -20.36 -61.02
CA UNK A 1601 61.87 -21.06 -61.89
C UNK A 1601 60.73 -20.16 -62.33
N UNK A 1602 60.29 -19.22 -61.49
CA UNK A 1602 59.18 -18.37 -61.87
C UNK A 1602 59.50 -17.54 -63.11
N UNK A 1603 60.73 -17.02 -63.14
CA UNK A 1603 61.22 -16.23 -64.27
C UNK A 1603 61.16 -17.07 -65.55
N UNK A 1604 61.63 -18.30 -65.42
CA UNK A 1604 61.66 -19.27 -66.54
C UNK A 1604 60.26 -19.49 -67.07
N UNK A 1605 59.34 -19.69 -66.13
CA UNK A 1605 57.92 -19.93 -66.43
C UNK A 1605 57.36 -18.74 -67.24
N UNK A 1606 57.67 -17.56 -66.74
CA UNK A 1606 57.22 -16.30 -67.36
C UNK A 1606 57.72 -16.22 -68.80
N UNK A 1607 58.99 -16.54 -68.95
CA UNK A 1607 59.65 -16.53 -70.27
C UNK A 1607 58.93 -17.46 -71.23
N UNK A 1608 58.65 -18.66 -70.73
CA UNK A 1608 57.95 -19.70 -71.48
C UNK A 1608 56.60 -19.19 -71.96
N UNK A 1609 55.86 -18.52 -71.06
CA UNK A 1609 54.53 -17.98 -71.35
C UNK A 1609 53.45 -18.34 -70.34
N UNK A 1610 53.74 -19.28 -69.44
CA UNK A 1610 52.75 -19.77 -68.47
C UNK A 1610 52.42 -18.79 -67.36
N UNK A 1611 51.36 -19.12 -66.63
CA UNK A 1611 50.90 -18.39 -65.45
C UNK A 1611 50.99 -19.29 -64.23
N UNK A 1612 52.03 -19.09 -63.42
CA UNK A 1612 52.20 -19.83 -62.16
C UNK A 1612 52.36 -18.86 -61.00
N UNK A 1613 52.12 -19.37 -59.78
CA UNK A 1613 52.09 -18.54 -58.57
C UNK A 1613 52.42 -19.29 -57.29
N UNK A 1614 51.66 -20.36 -57.01
CA UNK A 1614 51.86 -21.15 -55.81
C UNK A 1614 53.13 -21.95 -55.97
N UNK A 1615 53.81 -22.19 -54.86
CA UNK A 1615 55.08 -22.88 -54.88
C UNK A 1615 54.94 -24.30 -55.39
N UNK A 1616 53.79 -24.94 -55.14
CA UNK A 1616 53.58 -26.32 -55.47
C UNK A 1616 53.42 -26.50 -56.98
N UNK A 1617 52.54 -25.65 -57.51
CA UNK A 1617 52.25 -25.63 -58.96
C UNK A 1617 53.53 -25.36 -59.75
N UNK A 1618 54.27 -24.37 -59.26
CA UNK A 1618 55.54 -23.96 -59.88
C UNK A 1618 56.51 -25.14 -59.92
N UNK A 1619 56.59 -25.83 -58.79
CA UNK A 1619 57.47 -27.00 -58.64
C UNK A 1619 57.10 -28.06 -59.65
N UNK A 1620 55.80 -28.30 -59.79
CA UNK A 1620 55.26 -29.28 -60.72
C UNK A 1620 55.72 -28.96 -62.15
N UNK A 1621 55.56 -27.68 -62.48
CA UNK A 1621 55.94 -27.16 -63.80
C UNK A 1621 57.42 -27.42 -64.07
N UNK A 1622 58.21 -27.11 -63.06
CA UNK A 1622 59.67 -27.28 -63.10
C UNK A 1622 60.02 -28.74 -63.40
N UNK A 1623 59.35 -29.61 -62.67
CA UNK A 1623 59.53 -31.06 -62.78
C UNK A 1623 59.24 -31.51 -64.22
N UNK A 1624 58.12 -31.00 -64.73
CA UNK A 1624 57.67 -31.30 -66.09
C UNK A 1624 58.74 -30.89 -67.11
N UNK A 1625 59.25 -29.68 -66.90
CA UNK A 1625 60.29 -29.11 -67.75
C UNK A 1625 61.52 -30.01 -67.78
N UNK A 1626 61.91 -30.44 -66.58
CA UNK A 1626 63.06 -31.30 -66.37
C UNK A 1626 62.88 -32.60 -67.15
N UNK A 1627 61.68 -33.17 -67.05
CA UNK A 1627 61.46 -34.44 -67.76
C UNK A 1627 61.55 -34.26 -69.25
N UNK A 1628 61.03 -33.14 -69.75
CA UNK A 1628 61.12 -32.80 -71.18
C UNK A 1628 62.56 -32.73 -71.61
N UNK A 1629 63.36 -32.05 -70.79
CA UNK A 1629 64.75 -31.69 -71.17
C UNK A 1629 65.79 -32.78 -70.96
N UNK A 1630 66.02 -33.06 -69.68
CA UNK A 1630 67.18 -33.82 -69.21
C UNK A 1630 67.24 -35.24 -69.73
N UNK A 1631 68.40 -35.59 -70.24
CA UNK A 1631 68.70 -36.94 -70.67
C UNK A 1631 69.92 -37.42 -69.92
N UNK A 1632 69.85 -38.65 -69.43
CA UNK A 1632 70.93 -39.25 -68.72
C UNK A 1632 71.51 -40.32 -69.60
N UNK A 1633 72.82 -40.41 -69.59
CA UNK A 1633 73.54 -41.42 -70.31
C UNK A 1633 74.53 -42.06 -69.34
N UNK A 1634 74.10 -43.19 -68.79
CA UNK A 1634 74.99 -44.06 -68.07
C UNK A 1634 75.81 -44.86 -69.05
N UNK A 1635 77.02 -45.16 -68.61
CA UNK A 1635 77.94 -45.94 -69.37
C UNK A 1635 78.59 -46.88 -68.37
N UNK A 1636 78.25 -48.17 -68.44
CA UNK A 1636 78.77 -49.16 -67.51
C UNK A 1636 79.33 -50.40 -68.18
N UNK A 1637 80.18 -51.10 -67.44
CA UNK A 1637 81.19 -51.96 -68.00
C UNK A 1637 81.32 -53.31 -67.27
N UNK A 1638 80.70 -54.38 -67.78
CA UNK A 1638 79.47 -54.33 -68.55
C UNK A 1638 78.60 -55.53 -68.12
N UNK A 1639 78.95 -56.74 -68.57
CA UNK A 1639 78.17 -57.96 -68.27
C UNK A 1639 78.53 -58.67 -66.96
N UNK A 1640 79.69 -58.35 -66.40
CA UNK A 1640 80.28 -59.05 -65.23
C UNK A 1640 79.30 -59.74 -64.24
N UNK A 1641 78.29 -58.99 -63.80
CA UNK A 1641 77.37 -59.28 -62.65
C UNK A 1641 77.14 -58.00 -61.81
N UNK A 1642 77.98 -56.99 -62.06
CA UNK A 1642 77.69 -55.61 -61.68
C UNK A 1642 76.32 -55.18 -62.19
N UNK A 1643 76.03 -55.56 -63.43
CA UNK A 1643 74.75 -55.27 -64.07
C UNK A 1643 73.62 -55.87 -63.25
N UNK A 1644 73.81 -57.12 -62.88
CA UNK A 1644 72.83 -57.89 -62.07
C UNK A 1644 72.56 -57.16 -60.77
N UNK A 1645 73.64 -56.73 -60.13
CA UNK A 1645 73.58 -56.01 -58.86
C UNK A 1645 72.75 -54.75 -59.00
N UNK A 1646 73.03 -54.03 -60.08
CA UNK A 1646 72.39 -52.74 -60.36
C UNK A 1646 70.88 -52.78 -60.38
N UNK A 1647 70.31 -53.91 -60.80
CA UNK A 1647 68.84 -54.12 -60.75
C UNK A 1647 68.25 -53.67 -59.43
N UNK A 1648 68.81 -54.17 -58.33
CA UNK A 1648 68.38 -53.78 -56.98
C UNK A 1648 68.80 -52.34 -56.63
N UNK A 1649 70.06 -52.00 -56.92
CA UNK A 1649 70.63 -50.72 -56.48
C UNK A 1649 69.96 -49.52 -57.15
N UNK A 1650 69.39 -49.72 -58.34
CA UNK A 1650 68.64 -48.65 -59.00
C UNK A 1650 67.67 -49.23 -60.00
N UNK A 1651 66.37 -48.97 -59.80
CA UNK A 1651 65.45 -49.15 -60.89
C UNK A 1651 64.46 -47.96 -61.07
N UNK A 1652 64.64 -47.04 -62.06
CA UNK A 1652 65.68 -47.07 -63.11
C UNK A 1652 65.76 -48.50 -63.64
N UNK A 1653 66.94 -49.07 -63.88
CA UNK A 1653 67.95 -48.52 -64.75
C UNK A 1653 67.67 -49.28 -66.04
N UNK A 1654 66.97 -50.41 -65.89
CA UNK A 1654 66.50 -51.22 -67.00
C UNK A 1654 64.97 -51.12 -67.18
N UNK A 1655 64.25 -50.72 -66.13
CA UNK A 1655 62.81 -50.52 -66.20
C UNK A 1655 62.43 -49.21 -66.91
N UNK A 1656 63.22 -48.16 -66.69
CA UNK A 1656 62.95 -46.84 -67.27
C UNK A 1656 63.78 -46.58 -68.53
N UNK A 1657 65.10 -46.69 -68.38
CA UNK A 1657 66.04 -46.31 -69.43
C UNK A 1657 66.05 -47.32 -70.59
N UNK A 1658 66.61 -46.89 -71.72
CA UNK A 1658 66.67 -47.68 -72.94
C UNK A 1658 68.03 -48.36 -73.07
N UNK A 1659 68.07 -49.63 -72.67
CA UNK A 1659 69.33 -50.36 -72.53
C UNK A 1659 69.90 -50.75 -73.89
N UNK A 1660 70.91 -50.02 -74.34
CA UNK A 1660 71.70 -50.41 -75.50
C UNK A 1660 72.77 -51.38 -75.06
N UNK A 1661 73.56 -51.86 -76.02
CA UNK A 1661 74.68 -52.74 -75.72
C UNK A 1661 75.71 -52.71 -76.85
N UNK A 1662 76.76 -51.93 -76.63
CA UNK A 1662 77.89 -51.88 -77.55
C UNK A 1662 78.67 -53.18 -77.43
N UNK A 1663 78.83 -53.65 -76.19
CA UNK A 1663 79.66 -54.80 -75.89
C UNK A 1663 81.11 -54.45 -76.15
N UNK A 1664 81.88 -55.44 -76.56
CA UNK A 1664 83.16 -55.20 -77.20
C UNK A 1664 82.90 -55.09 -78.70
N UNK A 1665 83.91 -54.62 -79.43
CA UNK A 1665 83.82 -54.54 -80.90
C UNK A 1665 83.81 -55.93 -81.53
N UNK A 1666 83.04 -56.04 -82.60
CA UNK A 1666 82.95 -57.28 -83.36
C UNK A 1666 84.19 -57.47 -84.21
N UNK A 1667 84.41 -58.71 -84.62
CA UNK A 1667 85.53 -59.05 -85.50
C UNK A 1667 85.44 -58.27 -86.81
N UNK A 1668 84.21 -58.21 -87.35
CA UNK A 1668 83.94 -57.48 -88.58
C UNK A 1668 84.33 -56.01 -88.42
N UNK A 1669 83.92 -55.45 -87.28
CA UNK A 1669 84.19 -54.05 -86.96
C UNK A 1669 85.70 -53.80 -86.96
N UNK A 1670 86.41 -54.71 -86.31
CA UNK A 1670 87.86 -54.61 -86.15
C UNK A 1670 88.53 -54.55 -87.50
N UNK A 1671 88.10 -55.46 -88.37
CA UNK A 1671 88.64 -55.59 -89.74
C UNK A 1671 88.43 -54.26 -90.48
N UNK A 1672 87.21 -53.76 -90.35
CA UNK A 1672 86.78 -52.55 -91.04
C UNK A 1672 87.67 -51.36 -90.61
N UNK A 1673 87.86 -51.28 -89.31
CA UNK A 1673 88.66 -50.19 -88.74
C UNK A 1673 90.09 -50.27 -89.24
N UNK A 1674 90.61 -51.51 -89.26
CA UNK A 1674 92.00 -51.74 -89.68
C UNK A 1674 92.17 -51.29 -91.14
N UNK A 1675 91.20 -51.67 -91.96
CA UNK A 1675 91.29 -51.56 -93.40
C UNK A 1675 91.42 -50.11 -93.80
N UNK A 1676 90.55 -49.30 -93.21
CA UNK A 1676 90.51 -47.85 -93.50
C UNK A 1676 91.84 -47.22 -93.15
N UNK A 1677 92.35 -47.59 -91.98
CA UNK A 1677 93.63 -47.09 -91.49
C UNK A 1677 94.75 -47.41 -92.47
N UNK A 1678 94.74 -48.66 -92.93
CA UNK A 1678 95.72 -49.16 -93.88
C UNK A 1678 95.69 -48.34 -95.16
N UNK A 1679 94.50 -48.04 -95.69
CA UNK A 1679 94.34 -47.41 -97.03
C UNK A 1679 95.31 -46.27 -97.37
N UNK A 1680 95.75 -45.51 -96.37
CA UNK A 1680 96.69 -44.41 -96.59
C UNK A 1680 98.09 -44.91 -96.95
N UNK A 1681 98.65 -45.77 -96.10
CA UNK A 1681 99.98 -46.35 -96.34
C UNK A 1681 100.00 -47.30 -97.55
N UNK A 1682 101.11 -47.26 -98.30
CA UNK A 1682 101.27 -48.06 -99.53
C UNK A 1682 101.73 -49.48 -99.19
N UNK A 1683 100.87 -50.46 -99.43
CA UNK A 1683 101.15 -51.88 -99.13
C UNK A 1683 101.13 -52.80 -100.35
N UNK A 1684 100.74 -52.28 -101.51
CA UNK A 1684 100.26 -53.11 -102.61
C UNK A 1684 101.37 -53.81 -103.37
N UNK A 1685 101.58 -55.10 -103.05
CA UNK A 1685 102.40 -55.98 -103.86
C UNK A 1685 101.49 -56.68 -104.88
N UNK A 1686 101.77 -56.54 -106.19
CA UNK A 1686 101.01 -57.32 -107.18
C UNK A 1686 101.21 -58.83 -107.06
N UNK A 1687 102.46 -59.25 -106.91
CA UNK A 1687 102.80 -60.67 -106.78
C UNK A 1687 102.65 -61.17 -105.33
N UNK A 1688 101.42 -61.54 -104.98
CA UNK A 1688 101.12 -62.17 -103.70
C UNK A 1688 99.85 -63.01 -103.80
N UNK A 1689 100.02 -64.32 -103.96
CA UNK A 1689 98.92 -65.29 -103.92
C UNK A 1689 99.43 -66.60 -103.30
N UNK A 1690 99.18 -66.79 -102.00
CA UNK A 1690 99.36 -68.10 -101.34
C UNK A 1690 98.21 -68.44 -100.37
N UNK A 1691 96.96 -68.50 -100.90
CA UNK A 1691 95.89 -69.11 -100.09
C UNK A 1691 95.98 -70.64 -100.01
N UNK A 1692 96.57 -71.14 -98.92
CA UNK A 1692 96.56 -72.57 -98.59
C UNK A 1692 96.41 -72.70 -97.07
N UNK A 1693 95.32 -73.32 -96.64
CA UNK A 1693 94.82 -73.22 -95.26
C UNK A 1693 94.40 -71.76 -95.01
N UNK A 1694 95.31 -70.93 -94.47
CA UNK A 1694 95.08 -69.49 -94.26
C UNK A 1694 93.79 -69.22 -93.47
N UNK A 1695 93.82 -69.45 -92.14
CA UNK A 1695 92.59 -69.43 -91.36
C UNK A 1695 92.00 -68.02 -91.24
N UNK A 1696 91.02 -67.75 -92.09
CA UNK A 1696 90.35 -66.44 -92.10
C UNK A 1696 89.55 -66.21 -90.82
N UNK A 1697 89.98 -65.22 -90.04
CA UNK A 1697 89.33 -64.89 -88.78
C UNK A 1697 88.09 -64.06 -89.07
N UNK A 1698 88.27 -62.97 -89.80
CA UNK A 1698 87.16 -62.18 -90.31
C UNK A 1698 86.53 -62.91 -91.50
N UNK A 1699 85.28 -63.35 -91.35
CA UNK A 1699 84.52 -63.94 -92.46
C UNK A 1699 83.93 -62.84 -93.35
N UNK A 1700 83.42 -63.25 -94.52
CA UNK A 1700 82.85 -62.31 -95.50
C UNK A 1700 83.88 -61.39 -96.19
N UNK A 1701 85.17 -61.73 -96.08
CA UNK A 1701 86.22 -61.05 -96.83
C UNK A 1701 86.24 -61.54 -98.29
N UNK A 1702 86.86 -60.77 -99.21
CA UNK A 1702 86.99 -61.26 -100.59
C UNK A 1702 87.95 -62.45 -100.74
N UNK A 1703 87.61 -63.38 -101.63
CA UNK A 1703 88.44 -64.56 -101.93
C UNK A 1703 88.62 -64.67 -103.44
N UNK A 1704 89.85 -64.67 -103.97
CA UNK A 1704 91.10 -64.54 -103.21
C UNK A 1704 91.37 -63.11 -102.73
N UNK A 1705 91.98 -62.96 -101.54
CA UNK A 1705 92.27 -61.64 -101.00
C UNK A 1705 93.54 -61.02 -101.60
N UNK A 1706 93.55 -59.70 -101.72
CA UNK A 1706 94.77 -58.97 -102.10
C UNK A 1706 95.76 -58.93 -100.93
N UNK A 1707 96.86 -58.19 -101.07
CA UNK A 1707 97.82 -58.01 -99.98
C UNK A 1707 97.31 -57.08 -98.88
N UNK A 1708 96.69 -55.97 -99.27
CA UNK A 1708 96.12 -55.03 -98.28
C UNK A 1708 95.02 -55.69 -97.43
N UNK A 1709 94.33 -56.66 -98.00
CA UNK A 1709 93.29 -57.42 -97.31
C UNK A 1709 93.92 -58.39 -96.33
N UNK A 1710 94.98 -59.07 -96.78
CA UNK A 1710 95.65 -60.09 -96.02
C UNK A 1710 96.11 -59.58 -94.67
N UNK A 1711 96.76 -58.41 -94.68
CA UNK A 1711 97.43 -57.88 -93.49
C UNK A 1711 96.42 -57.38 -92.48
N UNK A 1712 95.30 -56.84 -92.92
CA UNK A 1712 94.24 -56.46 -91.99
C UNK A 1712 93.73 -57.67 -91.24
N UNK A 1713 93.56 -58.77 -91.96
CA UNK A 1713 93.14 -60.05 -91.37
C UNK A 1713 94.14 -60.47 -90.30
N UNK A 1714 95.41 -60.36 -90.65
CA UNK A 1714 96.51 -60.72 -89.75
C UNK A 1714 96.43 -59.90 -88.47
N UNK A 1715 96.22 -58.61 -88.65
CA UNK A 1715 96.09 -57.64 -87.55
C UNK A 1715 94.97 -58.07 -86.61
N UNK A 1716 93.84 -58.40 -87.22
CA UNK A 1716 92.64 -58.82 -86.50
C UNK A 1716 92.94 -60.06 -85.66
N UNK A 1717 93.63 -61.00 -86.29
CA UNK A 1717 94.03 -62.26 -85.65
C UNK A 1717 94.88 -61.98 -84.43
N UNK A 1718 95.84 -61.09 -84.61
CA UNK A 1718 96.77 -60.67 -83.56
C UNK A 1718 95.99 -60.10 -82.38
N UNK A 1719 95.05 -59.24 -82.71
CA UNK A 1719 94.19 -58.59 -81.71
C UNK A 1719 93.44 -59.62 -80.89
N UNK A 1720 92.88 -60.59 -81.62
CA UNK A 1720 92.11 -61.68 -81.02
C UNK A 1720 92.97 -62.45 -80.04
N UNK A 1721 94.20 -62.75 -80.48
CA UNK A 1721 95.12 -63.57 -79.71
C UNK A 1721 95.32 -63.01 -78.30
N UNK A 1722 95.39 -61.70 -78.19
CA UNK A 1722 95.58 -61.08 -76.89
C UNK A 1722 94.39 -61.34 -76.00
N UNK A 1723 93.21 -61.14 -76.57
CA UNK A 1723 91.92 -61.35 -75.89
C UNK A 1723 91.84 -62.78 -75.37
N UNK A 1724 92.19 -63.71 -76.25
CA UNK A 1724 92.17 -65.14 -75.97
C UNK A 1724 93.19 -65.48 -74.87
N UNK A 1725 94.38 -64.91 -75.00
CA UNK A 1725 95.49 -65.15 -74.09
C UNK A 1725 95.12 -64.90 -72.64
N UNK A 1726 94.23 -63.92 -72.42
CA UNK A 1726 93.75 -63.62 -71.08
C UNK A 1726 93.07 -64.84 -70.46
N UNK A 1727 92.24 -65.49 -71.27
CA UNK A 1727 91.52 -66.70 -70.85
C UNK A 1727 92.51 -67.77 -70.42
N UNK A 1728 93.53 -67.95 -71.24
CA UNK A 1728 94.58 -68.94 -70.99
C UNK A 1728 95.26 -68.66 -69.65
N UNK A 1729 95.57 -67.39 -69.46
CA UNK A 1729 96.24 -66.90 -68.24
C UNK A 1729 95.29 -67.01 -67.05
N UNK A 1730 94.01 -66.73 -67.26
CA UNK A 1730 92.99 -66.80 -66.20
C UNK A 1730 92.75 -68.19 -65.60
N UNK A 1731 93.13 -69.25 -66.32
CA UNK A 1731 93.12 -70.62 -65.75
C UNK A 1731 94.13 -70.78 -64.62
N UNK A 1732 95.33 -70.22 -64.81
CA UNK A 1732 96.34 -70.16 -63.74
C UNK A 1732 95.88 -69.28 -62.58
N UNK A 1733 95.15 -68.21 -62.91
CA UNK A 1733 94.59 -67.30 -61.91
C UNK A 1733 95.50 -66.13 -61.57
N UNK A 1734 96.21 -65.62 -62.57
CA UNK A 1734 97.03 -64.42 -62.42
C UNK A 1734 96.21 -63.17 -62.64
N UNK A 1735 96.88 -62.01 -62.61
CA UNK A 1735 96.22 -60.73 -62.80
C UNK A 1735 96.20 -60.44 -64.28
N UNK A 1736 94.99 -60.20 -64.81
CA UNK A 1736 94.80 -59.81 -66.20
C UNK A 1736 94.09 -58.47 -66.26
N UNK A 1737 94.28 -57.75 -67.37
CA UNK A 1737 93.74 -56.39 -67.52
C UNK A 1737 93.16 -56.24 -68.91
N UNK A 1738 92.11 -55.41 -68.97
CA UNK A 1738 91.19 -55.36 -70.10
C UNK A 1738 91.85 -55.02 -71.43
N UNK A 1739 91.80 -55.97 -72.36
CA UNK A 1739 92.13 -55.73 -73.74
C UNK A 1739 90.91 -55.04 -74.33
N UNK A 1740 91.16 -53.90 -74.96
CA UNK A 1740 90.09 -53.01 -75.42
C UNK A 1740 90.26 -52.73 -76.90
N UNK A 1741 89.22 -52.19 -77.54
CA UNK A 1741 89.43 -51.67 -78.89
C UNK A 1741 90.32 -50.42 -78.94
N UNK A 1742 90.53 -49.77 -77.79
CA UNK A 1742 91.47 -48.68 -77.74
C UNK A 1742 92.87 -49.13 -78.06
N UNK A 1743 93.25 -50.30 -77.56
CA UNK A 1743 94.55 -50.90 -77.85
C UNK A 1743 94.73 -51.07 -79.36
N UNK A 1744 93.68 -51.61 -79.98
CA UNK A 1744 93.64 -51.86 -81.41
C UNK A 1744 93.87 -50.57 -82.18
N UNK A 1745 93.15 -49.54 -81.74
CA UNK A 1745 93.26 -48.20 -82.33
C UNK A 1745 94.64 -47.61 -82.19
N UNK A 1746 95.30 -47.90 -81.08
CA UNK A 1746 96.72 -47.58 -80.88
C UNK A 1746 97.51 -48.41 -81.88
N UNK A 1747 97.30 -49.72 -81.82
CA UNK A 1747 98.10 -50.69 -82.54
C UNK A 1747 98.31 -50.42 -84.00
N UNK A 1748 97.24 -50.04 -84.71
CA UNK A 1748 97.33 -49.66 -86.12
C UNK A 1748 97.95 -48.30 -86.30
N UNK A 1749 97.69 -47.37 -85.38
CA UNK A 1749 98.44 -46.10 -85.37
C UNK A 1749 99.92 -46.34 -85.20
N UNK A 1750 100.24 -47.25 -84.28
CA UNK A 1750 101.62 -47.70 -84.02
C UNK A 1750 102.24 -48.23 -85.30
N UNK A 1751 101.47 -49.08 -85.96
CA UNK A 1751 101.87 -49.78 -87.18
C UNK A 1751 102.20 -48.85 -88.33
N UNK A 1752 101.25 -47.99 -88.66
CA UNK A 1752 101.33 -47.09 -89.81
C UNK A 1752 102.57 -46.21 -89.68
N UNK A 1753 102.74 -45.66 -88.47
CA UNK A 1753 103.88 -44.78 -88.21
C UNK A 1753 105.20 -45.52 -88.41
N UNK A 1754 105.23 -46.74 -87.91
CA UNK A 1754 106.41 -47.62 -87.95
C UNK A 1754 106.80 -47.84 -89.42
N UNK A 1755 105.79 -48.28 -90.16
CA UNK A 1755 105.93 -48.64 -91.57
C UNK A 1755 106.46 -47.44 -92.36
N UNK A 1756 105.85 -46.29 -92.09
CA UNK A 1756 106.20 -45.04 -92.76
C UNK A 1756 107.67 -44.72 -92.50
N UNK A 1757 108.07 -44.87 -91.24
CA UNK A 1757 109.44 -44.60 -90.83
C UNK A 1757 110.43 -45.50 -91.57
N UNK A 1758 110.27 -46.80 -91.29
CA UNK A 1758 111.32 -47.80 -91.62
C UNK A 1758 111.55 -47.81 -93.11
N UNK A 1759 110.46 -47.78 -93.87
CA UNK A 1759 110.51 -47.80 -95.33
C UNK A 1759 111.32 -46.60 -95.83
N UNK A 1760 111.00 -45.44 -95.24
CA UNK A 1760 111.65 -44.18 -95.60
C UNK A 1760 113.15 -44.28 -95.36
N UNK A 1761 113.48 -44.83 -94.19
CA UNK A 1761 114.88 -45.02 -93.78
C UNK A 1761 115.62 -45.87 -94.79
N UNK A 1762 114.95 -46.97 -95.16
CA UNK A 1762 115.50 -47.93 -96.13
C UNK A 1762 115.80 -47.24 -97.44
N UNK A 1763 114.84 -46.45 -97.88
CA UNK A 1763 114.93 -45.69 -99.13
C UNK A 1763 116.15 -44.77 -99.10
N UNK A 1764 116.28 -44.08 -97.97
CA UNK A 1764 117.38 -43.14 -97.75
C UNK A 1764 118.73 -43.87 -97.87
N UNK A 1765 118.78 -45.02 -97.21
CA UNK A 1765 119.97 -45.86 -97.20
C UNK A 1765 120.36 -46.26 -98.61
N UNK A 1766 119.34 -46.67 -99.36
CA UNK A 1766 119.50 -47.11 -100.76
C UNK A 1766 120.10 -45.98 -101.58
N UNK A 1767 119.54 -44.79 -101.38
CA UNK A 1767 119.97 -43.57 -102.09
C UNK A 1767 121.45 -43.32 -101.82
N UNK A 1768 121.79 -43.41 -100.54
CA UNK A 1768 123.16 -43.18 -100.06
C UNK A 1768 124.12 -44.15 -100.75
N UNK A 1769 123.69 -45.41 -100.79
CA UNK A 1769 124.48 -46.49 -101.40
C UNK A 1769 124.74 -46.18 -102.87
N UNK A 1770 123.67 -45.76 -103.53
CA UNK A 1770 123.72 -45.40 -104.96
C UNK A 1770 124.74 -44.29 -105.19
N UNK A 1771 124.65 -43.29 -104.33
CA UNK A 1771 125.55 -42.12 -104.39
C UNK A 1771 127.00 -42.57 -104.27
N UNK A 1772 127.23 -43.46 -103.29
CA UNK A 1772 128.55 -44.00 -103.02
C UNK A 1772 129.11 -44.71 -104.27
N UNK A 1773 128.23 -45.52 -104.83
CA UNK A 1773 128.53 -46.42 -105.94
C UNK A 1773 128.93 -45.62 -107.12
N UNK A 1774 128.13 -44.59 -107.45
CA UNK A 1774 128.40 -43.68 -108.57
C UNK A 1774 129.78 -43.04 -108.40
N UNK A 1775 130.02 -42.57 -107.18
CA UNK A 1775 131.22 -41.84 -106.82
C UNK A 1775 132.44 -42.68 -107.07
N UNK A 1776 132.37 -43.94 -106.62
CA UNK A 1776 133.51 -44.86 -106.76
C UNK A 1776 133.84 -45.05 -108.24
N UNK A 1777 132.78 -45.24 -109.03
CA UNK A 1777 132.91 -45.43 -110.47
C UNK A 1777 133.60 -44.23 -111.11
N UNK A 1778 133.14 -43.05 -110.71
CA UNK A 1778 133.67 -41.77 -111.20
C UNK A 1778 135.16 -41.69 -110.91
N UNK A 1779 135.51 -42.03 -109.68
CA UNK A 1779 136.89 -42.02 -109.20
C UNK A 1779 137.76 -42.92 -110.08
N UNK A 1780 137.23 -44.12 -110.33
CA UNK A 1780 137.89 -45.13 -111.15
C UNK A 1780 138.18 -44.56 -112.54
N UNK A 1781 137.14 -43.94 -113.09
CA UNK A 1781 137.20 -43.35 -114.43
C UNK A 1781 138.31 -42.30 -114.49
N UNK A 1782 138.32 -41.46 -113.46
CA UNK A 1782 139.31 -40.39 -113.33
C UNK A 1782 140.72 -40.95 -113.33
N UNK A 1783 140.88 -42.01 -112.54
CA UNK A 1783 142.16 -42.71 -112.41
C UNK A 1783 142.63 -43.21 -113.77
N UNK A 1784 141.69 -43.83 -114.47
CA UNK A 1784 141.94 -44.38 -115.80
C UNK A 1784 142.37 -43.28 -116.75
N UNK A 1785 141.56 -42.22 -116.73
CA UNK A 1785 141.80 -41.00 -117.54
C UNK A 1785 143.17 -40.42 -117.14
N UNK A 1786 143.40 -40.36 -115.83
CA UNK A 1786 144.48 -39.63 -115.23
C UNK A 1786 145.77 -40.24 -115.65
N UNK A 1787 145.88 -41.58 -115.63
CA UNK A 1787 147.13 -42.25 -116.00
C UNK A 1787 147.52 -41.87 -117.45
N UNK A 1788 146.52 -41.94 -118.31
CA UNK A 1788 146.67 -41.62 -119.72
C UNK A 1788 147.18 -40.20 -119.90
N UNK A 1789 146.54 -39.31 -119.16
CA UNK A 1789 146.88 -37.87 -119.17
C UNK A 1789 148.34 -37.68 -118.79
N UNK A 1790 148.72 -38.36 -117.72
CA UNK A 1790 150.09 -38.32 -117.18
C UNK A 1790 151.08 -38.74 -118.25
N UNK A 1791 150.74 -39.85 -118.90
CA UNK A 1791 151.56 -40.42 -119.96
C UNK A 1791 151.78 -39.40 -121.07
N UNK A 1792 150.66 -38.78 -121.46
CA UNK A 1792 150.65 -37.77 -122.52
C UNK A 1792 151.58 -36.61 -122.17
N UNK A 1793 151.46 -36.17 -120.92
CA UNK A 1793 152.27 -35.08 -120.38
C UNK A 1793 153.74 -35.41 -120.47
N UNK A 1794 154.05 -36.64 -120.07
CA UNK A 1794 155.43 -37.15 -120.07
C UNK A 1794 155.99 -37.10 -121.49
N UNK A 1795 155.17 -37.56 -122.42
CA UNK A 1795 155.54 -37.59 -123.85
C UNK A 1795 155.87 -36.17 -124.34
N UNK A 1796 154.98 -35.27 -123.97
CA UNK A 1796 155.09 -33.84 -124.34
C UNK A 1796 156.39 -33.28 -123.79
N UNK A 1797 156.65 -33.60 -122.53
CA UNK A 1797 157.86 -33.15 -121.82
C UNK A 1797 159.10 -33.60 -122.58
N UNK A 1798 159.08 -34.88 -122.95
CA UNK A 1798 160.19 -35.50 -123.68
C UNK A 1798 160.44 -34.76 -124.98
N UNK A 1799 159.34 -34.49 -125.68
CA UNK A 1799 159.38 -33.78 -126.97
C UNK A 1799 160.04 -32.41 -126.79
N UNK A 1800 159.59 -31.73 -125.75
CA UNK A 1800 160.10 -30.39 -125.41
C UNK A 1800 161.60 -30.43 -125.18
N UNK A 1801 162.01 -31.43 -124.42
CA UNK A 1801 163.42 -31.65 -124.07
C UNK A 1801 164.24 -31.82 -125.34
N UNK A 1802 163.71 -32.65 -126.23
CA UNK A 1802 164.35 -32.96 -127.52
C UNK A 1802 164.55 -31.67 -128.32
N UNK A 1803 163.48 -30.88 -128.34
CA UNK A 1803 163.47 -29.60 -129.06
C UNK A 1803 164.57 -28.69 -128.53
N UNK A 1804 164.62 -28.63 -127.21
CA UNK A 1804 165.60 -27.81 -126.49
C UNK A 1804 167.02 -28.21 -126.89
N UNK A 1805 167.23 -29.53 -126.89
CA UNK A 1805 168.52 -30.12 -127.24
C UNK A 1805 168.94 -29.70 -128.64
N UNK A 1806 167.97 -29.81 -129.54
CA UNK A 1806 168.15 -29.46 -130.95
C UNK A 1806 168.58 -27.99 -131.08
N UNK A 1807 167.87 -27.14 -130.34
CA UNK A 1807 168.12 -25.70 -130.32
C UNK A 1807 169.56 -25.43 -129.88
N UNK A 1808 169.93 -26.12 -128.81
CA UNK A 1808 171.28 -26.01 -128.22
C UNK A 1808 172.33 -26.35 -129.26
N UNK A 1809 172.08 -27.46 -129.94
CA UNK A 1809 172.98 -27.97 -130.98
C UNK A 1809 173.17 -26.92 -132.08
N UNK A 1810 172.03 -26.36 -132.49
CA UNK A 1810 171.99 -25.32 -133.53
C UNK A 1810 172.86 -24.13 -133.12
N UNK A 1811 172.67 -23.72 -131.87
CA UNK A 1811 173.40 -22.60 -131.28
C UNK A 1811 174.90 -22.86 -131.34
N UNK A 1812 175.26 -24.06 -130.94
CA UNK A 1812 176.66 -24.51 -130.92
C UNK A 1812 177.27 -24.40 -132.32
N UNK A 1813 176.50 -24.91 -133.28
CA UNK A 1813 176.89 -24.91 -134.69
C UNK A 1813 177.17 -23.47 -135.16
N UNK A 1814 176.23 -22.60 -134.81
CA UNK A 1814 176.30 -21.18 -135.16
C UNK A 1814 177.59 -20.57 -134.61
N UNK A 1815 177.84 -20.88 -133.35
CA UNK A 1815 179.02 -20.39 -132.63
C UNK A 1815 180.30 -20.81 -133.36
N UNK A 1816 180.31 -22.09 -133.73
CA UNK A 1816 181.44 -22.70 -134.44
C UNK A 1816 181.69 -21.96 -135.75
N UNK A 1817 180.60 -21.72 -136.46
CA UNK A 1817 180.63 -21.02 -137.75
C UNK A 1817 181.26 -19.63 -137.57
N UNK A 1818 180.79 -18.95 -136.53
CA UNK A 1818 181.26 -17.61 -136.19
C UNK A 1818 182.77 -17.62 -135.96
N UNK A 1819 183.19 -18.60 -135.18
CA UNK A 1819 184.60 -18.79 -134.83
C UNK A 1819 185.44 -18.96 -136.09
N UNK A 1820 184.85 -19.64 -137.08
CA UNK A 1820 185.48 -19.74 -138.40
C UNK A 1820 185.63 -18.29 -138.89
N UNK A 1821 184.64 -17.44 -138.59
CA UNK A 1821 184.65 -16.02 -138.87
C UNK A 1821 185.78 -15.34 -138.06
N UNK A 1822 186.02 -15.82 -136.83
CA UNK A 1822 187.19 -15.46 -136.04
C UNK A 1822 188.48 -15.84 -136.76
N UNK A 1823 188.50 -17.00 -137.42
CA UNK A 1823 189.66 -17.42 -138.21
C UNK A 1823 189.87 -16.45 -139.40
N UNK A 1824 188.75 -15.99 -139.97
CA UNK A 1824 188.76 -14.99 -141.04
C UNK A 1824 189.33 -13.68 -140.50
N UNK A 1825 188.99 -13.33 -139.25
CA UNK A 1825 189.51 -12.17 -138.55
C UNK A 1825 191.01 -12.30 -138.36
N UNK A 1826 191.47 -13.52 -138.08
CA UNK A 1826 192.90 -13.84 -137.95
C UNK A 1826 193.59 -13.61 -139.30
N UNK A 1827 192.90 -13.99 -140.39
CA UNK A 1827 193.37 -13.76 -141.76
C UNK A 1827 193.47 -12.25 -142.02
N UNK A 1828 192.50 -11.49 -141.49
CA UNK A 1828 192.48 -10.03 -141.57
C UNK A 1828 193.68 -9.46 -140.82
N UNK A 1829 194.04 -10.07 -139.69
CA UNK A 1829 195.21 -9.70 -138.89
C UNK A 1829 196.48 -9.96 -139.70
N UNK A 1830 196.48 -11.06 -140.47
CA UNK A 1830 197.58 -11.39 -141.39
C UNK A 1830 197.69 -10.30 -142.46
N UNK A 1831 196.53 -9.83 -142.94
CA UNK A 1831 196.46 -8.73 -143.91
C UNK A 1831 197.03 -7.45 -143.29
N UNK A 1832 196.74 -7.25 -142.00
CA UNK A 1832 197.22 -6.11 -141.21
C UNK A 1832 198.75 -6.15 -141.13
N UNK A 1833 199.32 -7.36 -141.01
CA UNK A 1833 200.78 -7.52 -141.07
C UNK A 1833 200.93 -7.01 -142.49
N UNK A 1834 199.95 -7.41 -143.31
CA UNK A 1834 199.77 -6.90 -144.68
C UNK A 1834 199.66 -5.36 -144.74
N UNK A 1835 198.83 -4.80 -143.85
CA UNK A 1835 198.64 -3.34 -143.79
C UNK A 1835 199.91 -2.63 -143.32
N UNK A 1836 200.63 -3.25 -142.37
CA UNK A 1836 201.96 -2.71 -141.97
C UNK A 1836 202.89 -2.63 -143.20
N UNK A 1837 203.01 -3.77 -143.90
CA UNK A 1837 203.75 -3.82 -145.18
C UNK A 1837 203.32 -2.72 -146.17
N UNK A 1838 202.00 -2.62 -146.39
CA UNK A 1838 201.42 -1.56 -147.26
C UNK A 1838 201.85 -0.16 -146.82
N UNK A 1839 201.72 0.14 -145.52
CA UNK A 1839 202.12 1.44 -144.97
C UNK A 1839 203.63 1.70 -145.13
N UNK A 1840 204.46 0.70 -144.82
CA UNK A 1840 205.91 0.85 -145.04
C UNK A 1840 206.26 1.29 -146.46
N UNK A 1841 205.85 0.50 -147.46
CA UNK A 1841 206.14 0.79 -148.88
C UNK A 1841 205.45 2.06 -149.40
N UNK A 1842 204.22 2.26 -148.91
CA UNK A 1842 203.41 3.44 -149.25
C UNK A 1842 203.94 4.74 -148.63
N UNK A 1843 204.42 4.63 -147.39
CA UNK A 1843 205.11 5.73 -146.70
C UNK A 1843 206.36 6.13 -147.50
N UNK A 1844 207.16 5.13 -147.88
CA UNK A 1844 208.35 5.32 -148.73
C UNK A 1844 208.05 5.92 -150.13
N UNK A 1845 207.06 5.31 -150.82
CA UNK A 1845 206.56 5.84 -152.12
C UNK A 1845 206.10 7.31 -151.97
N UNK A 1846 205.36 7.58 -150.89
CA UNK A 1846 204.91 8.95 -150.62
C UNK A 1846 206.07 9.91 -150.28
N UNK A 1847 207.08 9.43 -149.53
CA UNK A 1847 208.32 10.19 -149.31
C UNK A 1847 208.98 10.54 -150.65
N UNK A 1848 209.09 9.53 -151.52
CA UNK A 1848 209.61 9.78 -152.88
C UNK A 1848 208.75 10.82 -153.65
N UNK A 1849 207.42 10.69 -153.54
CA UNK A 1849 206.52 11.66 -154.19
C UNK A 1849 206.74 13.08 -153.63
N UNK A 1850 206.86 13.22 -152.32
CA UNK A 1850 207.17 14.50 -151.68
C UNK A 1850 208.50 15.01 -152.21
N UNK A 1851 209.47 14.10 -152.33
CA UNK A 1851 210.77 14.43 -152.91
C UNK A 1851 210.64 14.99 -154.34
N UNK A 1852 209.80 14.36 -155.17
CA UNK A 1852 209.69 14.79 -156.58
C UNK A 1852 208.63 15.84 -156.90
N UNK A 1853 207.42 15.63 -156.36
CA UNK A 1853 206.17 16.12 -156.99
C UNK A 1853 205.63 17.52 -156.61
N UNK A 1854 205.84 17.99 -155.36
CA UNK A 1854 205.36 19.35 -155.01
C UNK A 1854 205.86 20.38 -156.02
N UNK A 1855 207.08 20.15 -156.49
CA UNK A 1855 207.72 20.99 -157.48
C UNK A 1855 206.96 20.85 -158.82
N UNK A 1856 206.67 19.61 -159.23
CA UNK A 1856 205.83 19.30 -160.43
C UNK A 1856 204.53 20.08 -160.39
N UNK A 1857 203.89 20.05 -159.22
CA UNK A 1857 202.65 20.81 -159.02
C UNK A 1857 202.86 22.33 -159.08
N UNK A 1858 203.80 22.87 -158.30
CA UNK A 1858 204.09 24.33 -158.25
C UNK A 1858 204.19 24.94 -159.63
N UNK A 1859 205.02 24.29 -160.45
CA UNK A 1859 205.22 24.68 -161.84
C UNK A 1859 203.90 24.69 -162.58
N UNK A 1860 203.13 23.61 -162.42
CA UNK A 1860 201.87 23.45 -163.15
C UNK A 1860 200.74 24.34 -162.59
N UNK A 1861 200.98 24.96 -161.44
CA UNK A 1861 200.11 26.03 -160.90
C UNK A 1861 200.55 27.35 -161.54
N UNK A 1862 201.85 27.61 -161.48
CA UNK A 1862 202.41 28.76 -162.21
C UNK A 1862 201.94 28.77 -163.69
N UNK A 1863 201.85 27.59 -164.31
CA UNK A 1863 201.22 27.41 -165.64
C UNK A 1863 199.85 28.07 -165.73
N UNK A 1864 198.98 27.73 -164.78
CA UNK A 1864 197.62 28.26 -164.76
C UNK A 1864 197.70 29.76 -164.56
N UNK A 1865 198.62 30.17 -163.68
CA UNK A 1865 198.85 31.59 -163.41
C UNK A 1865 199.13 32.46 -164.64
N UNK A 1866 199.93 31.96 -165.60
CA UNK A 1866 200.48 32.83 -166.65
C UNK A 1866 199.48 33.39 -167.65
N UNK A 1867 199.63 34.70 -167.86
CA UNK A 1867 198.62 35.60 -168.40
C UNK A 1867 198.41 35.38 -169.88
N UNK A 1868 197.43 36.08 -170.47
CA UNK A 1868 197.36 36.14 -171.93
C UNK A 1868 198.42 37.08 -172.51
N UNK A 1869 198.56 38.27 -171.94
CA UNK A 1869 199.47 39.30 -172.48
C UNK A 1869 200.88 38.77 -172.69
N UNK A 1870 201.44 38.24 -171.61
CA UNK A 1870 202.85 37.85 -171.53
C UNK A 1870 203.29 36.90 -172.65
N UNK A 1871 202.36 36.06 -173.09
CA UNK A 1871 202.63 35.06 -174.11
C UNK A 1871 202.11 35.51 -175.49
N UNK A 1872 200.94 36.13 -175.50
CA UNK A 1872 200.34 36.68 -176.72
C UNK A 1872 201.25 37.70 -177.38
N UNK A 1873 201.83 38.58 -176.56
CA UNK A 1873 202.78 39.59 -177.06
C UNK A 1873 204.01 38.96 -177.73
N UNK A 1874 204.58 37.94 -177.09
CA UNK A 1874 205.83 37.33 -177.57
C UNK A 1874 205.58 36.39 -178.74
N UNK A 1875 204.46 35.67 -178.71
CA UNK A 1875 204.08 34.86 -179.88
C UNK A 1875 204.17 35.68 -181.18
N UNK A 1876 203.79 36.95 -181.14
CA UNK A 1876 203.78 37.82 -182.34
C UNK A 1876 205.16 38.42 -182.71
N UNK A 1877 206.19 38.13 -181.91
CA UNK A 1877 207.51 38.74 -182.13
C UNK A 1877 208.18 38.26 -183.42
N UNK A 1878 208.85 39.17 -184.14
CA UNK A 1878 209.60 38.81 -185.38
C UNK A 1878 210.63 37.71 -185.19
N UNK A 1879 211.54 37.95 -184.26
CA UNK A 1879 212.63 37.01 -183.98
C UNK A 1879 212.42 36.36 -182.63
N UNK A 1880 212.97 35.16 -182.45
CA UNK A 1880 213.01 34.55 -181.13
C UNK A 1880 214.37 34.72 -180.49
N UNK A 1881 214.41 35.18 -179.22
CA UNK A 1881 215.69 35.07 -178.50
C UNK A 1881 216.18 33.64 -178.31
N UNK A 1882 217.43 33.53 -177.85
CA UNK A 1882 218.13 32.25 -177.83
C UNK A 1882 217.76 31.44 -176.60
N UNK A 1883 217.70 32.07 -175.42
CA UNK A 1883 217.25 31.37 -174.21
C UNK A 1883 215.84 30.84 -174.44
N UNK A 1884 214.99 31.73 -174.97
CA UNK A 1884 213.63 31.39 -175.36
C UNK A 1884 213.53 30.24 -176.39
N UNK A 1885 214.14 30.39 -177.57
CA UNK A 1885 214.10 29.29 -178.57
C UNK A 1885 214.65 27.99 -177.96
N UNK A 1886 215.75 28.13 -177.22
CA UNK A 1886 216.40 27.03 -176.48
C UNK A 1886 215.46 26.28 -175.54
N UNK A 1887 214.90 26.97 -174.54
CA UNK A 1887 214.01 26.26 -173.58
C UNK A 1887 212.65 25.89 -174.23
N UNK A 1888 212.21 26.67 -175.23
CA UNK A 1888 210.95 26.40 -175.94
C UNK A 1888 210.97 25.20 -176.89
N UNK A 1889 211.95 25.13 -177.78
CA UNK A 1889 211.90 24.14 -178.88
C UNK A 1889 211.63 22.69 -178.43
N UNK A 1890 212.29 22.24 -177.37
CA UNK A 1890 212.20 20.84 -176.91
C UNK A 1890 210.83 20.42 -176.38
N UNK A 1891 210.15 21.38 -175.75
CA UNK A 1891 208.81 21.17 -175.23
C UNK A 1891 207.86 20.76 -176.37
N UNK A 1892 208.07 21.27 -177.57
CA UNK A 1892 207.30 20.84 -178.74
C UNK A 1892 207.76 19.46 -179.29
N UNK A 1893 208.98 19.01 -178.97
CA UNK A 1893 209.36 17.59 -179.16
C UNK A 1893 208.59 16.76 -178.14
N UNK A 1894 208.43 17.30 -176.94
CA UNK A 1894 207.60 16.66 -175.91
C UNK A 1894 206.11 16.64 -176.30
N UNK A 1895 205.62 17.66 -177.02
CA UNK A 1895 204.18 17.79 -177.38
C UNK A 1895 203.80 17.38 -178.82
N UNK A 1896 204.61 16.56 -179.47
CA UNK A 1896 204.10 15.75 -180.58
C UNK A 1896 204.29 16.21 -182.01
N UNK A 1897 204.33 17.52 -182.25
CA UNK A 1897 204.78 18.01 -183.54
C UNK A 1897 206.23 18.45 -183.33
N UNK A 1898 207.12 17.46 -183.21
CA UNK A 1898 208.55 17.68 -182.99
C UNK A 1898 209.09 18.45 -184.19
N UNK A 1899 209.25 19.74 -183.98
CA UNK A 1899 209.52 20.67 -185.06
C UNK A 1899 210.40 21.80 -184.51
N UNK A 1900 211.60 21.87 -185.06
CA UNK A 1900 212.57 22.88 -184.66
C UNK A 1900 212.14 24.27 -185.16
N UNK A 1901 211.18 24.28 -186.08
CA UNK A 1901 210.72 25.50 -186.75
C UNK A 1901 210.08 26.49 -185.79
N UNK A 1902 210.39 27.77 -185.97
CA UNK A 1902 209.75 28.83 -185.20
C UNK A 1902 208.25 28.93 -185.54
N UNK A 1903 207.91 28.97 -186.82
CA UNK A 1903 206.50 29.13 -187.26
C UNK A 1903 205.65 27.92 -186.86
N UNK A 1904 206.27 26.75 -186.73
CA UNK A 1904 205.58 25.59 -186.15
C UNK A 1904 205.23 25.87 -184.68
N UNK A 1905 206.12 26.54 -183.95
CA UNK A 1905 205.82 27.01 -182.58
C UNK A 1905 204.72 28.07 -182.65
N UNK A 1906 204.80 29.00 -183.60
CA UNK A 1906 203.72 29.98 -183.83
C UNK A 1906 202.36 29.30 -183.97
N UNK A 1907 202.23 28.49 -185.02
CA UNK A 1907 200.99 27.77 -185.32
C UNK A 1907 200.56 26.88 -184.15
N UNK A 1908 201.49 26.11 -183.60
CA UNK A 1908 201.20 25.16 -182.51
C UNK A 1908 200.68 25.89 -181.27
N UNK A 1909 201.34 26.99 -180.95
CA UNK A 1909 201.06 27.69 -179.72
C UNK A 1909 199.96 28.76 -179.91
N UNK A 1910 199.56 29.00 -181.16
CA UNK A 1910 198.51 29.96 -181.47
C UNK A 1910 197.10 29.48 -181.04
N UNK A 1911 196.93 28.17 -180.83
CA UNK A 1911 195.60 27.60 -180.46
C UNK A 1911 195.14 27.96 -179.04
N UNK A 1912 193.87 28.32 -178.88
CA UNK A 1912 193.29 28.62 -177.56
C UNK A 1912 193.24 27.35 -176.70
N UNK A 1913 193.01 26.21 -177.36
CA UNK A 1913 193.07 24.88 -176.73
C UNK A 1913 194.38 24.60 -176.02
N UNK A 1914 195.46 25.26 -176.45
CA UNK A 1914 196.72 25.19 -175.72
C UNK A 1914 196.52 25.64 -174.27
N UNK A 1915 195.74 26.71 -174.05
CA UNK A 1915 195.39 27.15 -172.68
C UNK A 1915 194.79 26.01 -171.86
N UNK A 1916 194.21 25.01 -172.54
CA UNK A 1916 193.83 23.73 -171.94
C UNK A 1916 195.05 22.80 -171.84
N UNK A 1917 195.85 22.73 -172.90
CA UNK A 1917 196.98 21.78 -172.97
C UNK A 1917 198.08 22.02 -171.92
N UNK A 1918 198.25 23.28 -171.53
CA UNK A 1918 199.29 23.74 -170.59
C UNK A 1918 199.43 22.89 -169.32
N UNK A 1919 198.30 22.49 -168.75
CA UNK A 1919 198.29 21.66 -167.55
C UNK A 1919 198.12 20.17 -167.86
N UNK A 1920 197.85 19.83 -169.12
CA UNK A 1920 197.40 18.45 -169.48
C UNK A 1920 198.48 17.38 -169.57
N UNK A 1921 199.69 17.78 -169.95
CA UNK A 1921 200.75 16.81 -170.19
C UNK A 1921 201.10 16.04 -168.90
N UNK A 1922 201.42 14.76 -169.07
CA UNK A 1922 201.72 13.86 -167.96
C UNK A 1922 203.10 13.25 -168.11
N UNK A 1923 203.59 12.60 -167.07
CA UNK A 1923 205.01 12.22 -166.99
C UNK A 1923 205.34 10.82 -167.52
N UNK A 1924 204.50 9.83 -167.23
CA UNK A 1924 204.72 8.46 -167.71
C UNK A 1924 204.63 8.34 -169.25
N UNK A 1925 204.07 9.36 -169.92
CA UNK A 1925 204.00 9.41 -171.41
C UNK A 1925 205.36 9.55 -172.10
N UNK A 1926 206.33 10.15 -171.40
CA UNK A 1926 207.62 10.48 -172.02
C UNK A 1926 208.38 9.22 -172.39
N UNK A 1927 209.17 9.28 -173.47
CA UNK A 1927 209.98 8.15 -173.95
C UNK A 1927 211.49 8.39 -173.71
N UNK A 1928 212.21 7.31 -173.43
CA UNK A 1928 213.61 7.39 -172.96
C UNK A 1928 214.57 8.09 -173.91
N UNK A 1929 214.40 7.88 -175.22
CA UNK A 1929 215.21 8.62 -176.18
C UNK A 1929 214.87 10.12 -176.12
N UNK A 1930 213.58 10.45 -175.89
CA UNK A 1930 213.17 11.84 -175.70
C UNK A 1930 213.85 12.40 -174.42
N UNK A 1931 213.78 11.61 -173.33
CA UNK A 1931 214.46 11.94 -172.05
C UNK A 1931 215.97 12.18 -172.19
N UNK A 1932 216.65 11.26 -172.85
CA UNK A 1932 218.10 11.39 -173.08
C UNK A 1932 218.45 12.56 -174.02
N UNK A 1933 217.69 12.68 -175.11
CA UNK A 1933 217.84 13.82 -176.04
C UNK A 1933 217.71 15.14 -175.30
N UNK A 1934 216.66 15.24 -174.49
CA UNK A 1934 216.45 16.43 -173.67
C UNK A 1934 217.51 16.58 -172.55
N UNK A 1935 218.04 15.48 -172.01
CA UNK A 1935 219.16 15.55 -171.02
C UNK A 1935 220.48 16.06 -171.65
N UNK A 1936 220.81 15.57 -172.85
CA UNK A 1936 221.95 16.15 -173.59
C UNK A 1936 221.61 17.61 -173.99
N UNK A 1937 220.35 17.88 -174.34
CA UNK A 1937 219.88 19.25 -174.60
C UNK A 1937 220.05 20.16 -173.36
N UNK A 1938 219.94 19.55 -172.17
CA UNK A 1938 220.25 20.20 -170.90
C UNK A 1938 221.75 20.45 -170.85
N UNK A 1939 222.55 19.40 -171.08
CA UNK A 1939 224.02 19.60 -171.15
C UNK A 1939 224.38 20.80 -172.06
N UNK A 1940 223.75 20.88 -173.22
CA UNK A 1940 223.90 22.05 -174.12
C UNK A 1940 223.42 23.33 -173.43
N UNK A 1941 222.20 23.31 -172.89
CA UNK A 1941 221.58 24.51 -172.31
C UNK A 1941 221.58 24.56 -170.79
N UNK A 1942 222.55 23.87 -170.15
CA UNK A 1942 222.58 23.77 -168.68
C UNK A 1942 222.68 25.14 -168.02
N UNK A 1943 223.52 26.00 -168.56
CA UNK A 1943 223.52 27.41 -168.20
C UNK A 1943 222.22 28.11 -168.59
N UNK A 1944 221.71 27.83 -169.79
CA UNK A 1944 220.52 28.51 -170.34
C UNK A 1944 219.25 28.10 -169.61
N UNK A 1945 219.28 26.88 -169.09
CA UNK A 1945 218.20 26.40 -168.26
C UNK A 1945 218.44 26.79 -166.81
N UNK A 1946 218.06 28.01 -166.47
CA UNK A 1946 217.99 28.40 -165.07
C UNK A 1946 216.75 29.24 -165.01
N UNK A 1947 215.75 28.82 -164.20
CA UNK A 1947 214.45 29.51 -164.21
C UNK A 1947 214.56 31.02 -163.99
N UNK A 1948 215.26 31.44 -162.95
CA UNK A 1948 215.36 32.86 -162.59
C UNK A 1948 216.07 33.64 -163.68
N UNK A 1949 217.08 33.00 -164.26
CA UNK A 1949 217.83 33.58 -165.37
C UNK A 1949 216.92 33.73 -166.60
N UNK A 1950 216.10 32.73 -166.82
CA UNK A 1950 215.17 32.70 -167.94
C UNK A 1950 214.04 33.72 -167.79
N UNK A 1951 213.54 33.91 -166.55
CA UNK A 1951 212.40 34.84 -166.31
C UNK A 1951 212.66 36.21 -166.89
N UNK A 1952 213.93 36.58 -166.84
CA UNK A 1952 214.36 37.90 -167.23
C UNK A 1952 214.17 38.09 -168.73
N UNK A 1953 214.21 36.99 -169.48
CA UNK A 1953 213.82 37.02 -170.89
C UNK A 1953 212.32 37.34 -171.05
N UNK A 1954 211.50 36.80 -170.14
CA UNK A 1954 210.05 37.02 -170.20
C UNK A 1954 209.36 36.62 -168.90
N UNK A 1955 208.45 37.47 -168.42
CA UNK A 1955 207.58 37.15 -167.29
C UNK A 1955 206.93 35.79 -167.51
N UNK A 1956 206.50 35.59 -168.75
CA UNK A 1956 205.89 34.33 -169.20
C UNK A 1956 206.82 33.12 -169.10
N UNK A 1957 208.13 33.36 -169.22
CA UNK A 1957 209.13 32.30 -169.36
C UNK A 1957 209.32 31.41 -168.14
N UNK A 1958 209.79 32.02 -167.05
CA UNK A 1958 210.37 31.29 -165.92
C UNK A 1958 209.56 30.10 -165.41
N UNK A 1959 208.24 30.29 -165.23
CA UNK A 1959 207.44 29.18 -164.75
C UNK A 1959 207.62 27.89 -165.56
N UNK A 1960 207.90 28.04 -166.86
CA UNK A 1960 207.92 26.90 -167.76
C UNK A 1960 209.29 26.25 -167.82
N UNK A 1961 210.26 26.81 -167.06
CA UNK A 1961 211.58 26.22 -166.97
C UNK A 1961 211.54 25.04 -166.00
N UNK A 1962 211.28 25.32 -164.72
CA UNK A 1962 211.21 24.24 -163.74
C UNK A 1962 210.17 23.18 -164.14
N UNK A 1963 209.14 23.60 -164.89
CA UNK A 1963 208.12 22.70 -165.48
C UNK A 1963 208.76 21.51 -166.20
N UNK A 1964 209.76 21.76 -167.04
CA UNK A 1964 210.37 20.67 -167.80
C UNK A 1964 211.24 19.81 -166.89
N UNK A 1965 212.11 20.49 -166.13
CA UNK A 1965 213.02 19.86 -165.15
C UNK A 1965 212.28 18.84 -164.27
N UNK A 1966 211.18 19.28 -163.65
CA UNK A 1966 210.43 18.39 -162.76
C UNK A 1966 209.94 17.14 -163.47
N UNK A 1967 209.33 17.33 -164.64
CA UNK A 1967 208.69 16.23 -165.39
C UNK A 1967 209.65 15.09 -165.68
N UNK A 1968 210.83 15.45 -166.16
CA UNK A 1968 211.81 14.47 -166.58
C UNK A 1968 212.44 13.78 -165.38
N UNK A 1969 212.68 14.55 -164.32
CA UNK A 1969 213.29 14.00 -163.11
C UNK A 1969 212.39 12.89 -162.55
N UNK A 1970 211.09 13.10 -162.64
CA UNK A 1970 210.13 12.07 -162.25
C UNK A 1970 210.36 10.85 -163.13
N UNK A 1971 210.59 11.12 -164.41
CA UNK A 1971 210.85 10.07 -165.40
C UNK A 1971 212.13 9.32 -165.06
N UNK A 1972 212.15 8.03 -165.40
CA UNK A 1972 213.27 7.16 -165.02
C UNK A 1972 213.16 6.85 -163.53
N UNK A 1973 213.12 7.89 -162.71
CA UNK A 1973 212.90 7.74 -161.29
C UNK A 1973 211.51 7.13 -161.07
N UNK A 1974 210.55 7.59 -161.87
CA UNK A 1974 209.19 7.06 -161.83
C UNK A 1974 209.18 5.56 -162.09
N UNK A 1975 210.03 5.09 -163.00
CA UNK A 1975 210.09 3.68 -163.34
C UNK A 1975 210.46 2.87 -162.11
N UNK A 1976 211.41 3.38 -161.32
CA UNK A 1976 211.71 2.80 -160.03
C UNK A 1976 210.39 2.60 -159.30
N UNK A 1977 209.59 3.65 -159.29
CA UNK A 1977 208.28 3.61 -158.64
C UNK A 1977 207.34 2.58 -159.30
N UNK A 1978 207.65 2.13 -160.53
CA UNK A 1978 206.88 1.03 -161.19
C UNK A 1978 206.88 -0.29 -160.38
N UNK A 1979 208.06 -0.91 -160.16
CA UNK A 1979 207.93 -2.12 -159.34
C UNK A 1979 207.24 -1.82 -158.00
N UNK A 1980 207.68 -0.77 -157.31
CA UNK A 1980 207.10 -0.42 -156.01
C UNK A 1980 205.58 -0.22 -156.05
N UNK A 1981 205.12 0.53 -157.04
CA UNK A 1981 203.71 0.87 -157.17
C UNK A 1981 202.87 -0.33 -157.65
N UNK A 1982 203.41 -1.15 -158.56
CA UNK A 1982 202.73 -2.41 -158.93
C UNK A 1982 202.65 -3.39 -157.74
N UNK A 1983 203.75 -3.49 -156.98
CA UNK A 1983 203.79 -4.20 -155.71
C UNK A 1983 202.67 -3.69 -154.80
N UNK A 1984 202.62 -2.37 -154.66
CA UNK A 1984 201.58 -1.73 -153.86
C UNK A 1984 200.15 -2.09 -154.33
N UNK A 1985 199.91 -1.98 -155.64
CA UNK A 1985 198.61 -2.37 -156.23
C UNK A 1985 198.24 -3.80 -155.83
N UNK A 1986 199.16 -4.74 -156.07
CA UNK A 1986 198.98 -6.13 -155.65
C UNK A 1986 198.57 -6.26 -154.19
N UNK A 1987 199.41 -5.74 -153.29
CA UNK A 1987 199.12 -5.78 -151.83
C UNK A 1987 197.73 -5.23 -151.52
N UNK A 1988 197.51 -4.00 -151.99
CA UNK A 1988 196.25 -3.30 -151.76
C UNK A 1988 195.03 -4.10 -152.24
N UNK A 1989 195.07 -4.59 -153.48
CA UNK A 1989 193.94 -5.38 -154.04
C UNK A 1989 193.57 -6.56 -153.13
N UNK A 1990 194.57 -7.42 -152.94
CA UNK A 1990 194.43 -8.60 -152.10
C UNK A 1990 194.25 -8.18 -150.65
N UNK A 1991 195.02 -7.19 -150.23
CA UNK A 1991 194.93 -6.68 -148.87
C UNK A 1991 193.57 -6.05 -148.63
N UNK A 1992 193.10 -5.29 -149.62
CA UNK A 1992 191.80 -4.63 -149.52
C UNK A 1992 190.71 -5.68 -149.44
N UNK A 1993 190.83 -6.72 -150.24
CA UNK A 1993 189.85 -7.80 -150.25
C UNK A 1993 189.83 -8.50 -148.90
N UNK A 1994 191.01 -8.71 -148.33
CA UNK A 1994 191.13 -9.36 -147.03
C UNK A 1994 190.46 -8.51 -145.97
N UNK A 1995 190.68 -7.20 -146.04
CA UNK A 1995 190.09 -6.28 -145.09
C UNK A 1995 188.57 -6.32 -145.20
N UNK A 1996 188.06 -6.38 -146.43
CA UNK A 1996 186.64 -6.43 -146.67
C UNK A 1996 186.06 -7.72 -146.07
N UNK A 1997 186.78 -8.82 -146.25
CA UNK A 1997 186.35 -10.10 -145.73
C UNK A 1997 186.29 -10.05 -144.21
N UNK A 1998 187.29 -9.42 -143.60
CA UNK A 1998 187.34 -9.29 -142.15
C UNK A 1998 186.16 -8.47 -141.67
N UNK A 1999 185.86 -7.40 -142.39
CA UNK A 1999 184.75 -6.53 -142.03
C UNK A 1999 183.45 -7.30 -142.12
N UNK A 2000 183.30 -8.12 -143.15
CA UNK A 2000 182.09 -8.93 -143.33
C UNK A 2000 181.95 -9.92 -142.18
N UNK A 2001 183.07 -10.51 -141.78
CA UNK A 2001 183.07 -11.46 -140.69
C UNK A 2001 182.63 -10.78 -139.40
N UNK A 2002 183.13 -9.57 -139.17
CA UNK A 2002 182.75 -8.83 -137.98
C UNK A 2002 181.26 -8.52 -138.02
N UNK A 2003 180.80 -8.11 -139.19
CA UNK A 2003 179.38 -7.99 -139.49
C UNK A 2003 178.66 -9.33 -139.46
N UNK A 2004 179.28 -10.37 -139.99
CA UNK A 2004 178.62 -11.67 -139.99
C UNK A 2004 178.71 -12.32 -138.62
N UNK A 2005 179.89 -12.19 -138.00
CA UNK A 2005 180.14 -12.78 -136.69
C UNK A 2005 179.14 -12.24 -135.66
N UNK A 2006 178.95 -10.92 -135.72
CA UNK A 2006 178.03 -10.22 -134.81
C UNK A 2006 176.61 -10.78 -134.98
N UNK A 2007 176.23 -10.92 -136.24
CA UNK A 2007 174.91 -11.45 -136.61
C UNK A 2007 174.71 -12.84 -136.01
N UNK A 2008 175.74 -13.66 -136.19
CA UNK A 2008 175.75 -15.04 -135.69
C UNK A 2008 175.54 -15.06 -134.19
N UNK A 2009 176.27 -14.18 -133.51
CA UNK A 2009 176.22 -14.04 -132.06
C UNK A 2009 174.80 -13.70 -131.62
N UNK A 2010 174.22 -12.74 -132.33
CA UNK A 2010 172.86 -12.27 -132.07
C UNK A 2010 171.87 -13.44 -132.18
N UNK A 2011 172.04 -14.20 -133.25
CA UNK A 2011 171.21 -15.37 -133.54
C UNK A 2011 171.28 -16.37 -132.39
N UNK A 2012 172.50 -16.61 -131.96
CA UNK A 2012 172.80 -17.53 -130.86
C UNK A 2012 172.07 -17.09 -129.60
N UNK A 2013 172.17 -15.80 -129.32
CA UNK A 2013 171.54 -15.17 -128.15
C UNK A 2013 170.03 -15.41 -128.19
N UNK A 2014 169.47 -15.17 -129.37
CA UNK A 2014 168.04 -15.33 -129.61
C UNK A 2014 167.61 -16.78 -129.31
N UNK A 2015 168.41 -17.70 -129.82
CA UNK A 2015 168.18 -19.13 -129.65
C UNK A 2015 168.20 -19.49 -128.19
N UNK A 2016 169.15 -18.95 -127.46
CA UNK A 2016 169.31 -19.16 -126.01
C UNK A 2016 168.08 -18.73 -125.30
N UNK A 2017 167.52 -17.58 -125.67
CA UNK A 2017 166.27 -17.07 -125.09
C UNK A 2017 165.16 -18.08 -125.33
N UNK A 2018 165.09 -18.59 -126.55
CA UNK A 2018 164.07 -19.58 -126.92
C UNK A 2018 164.18 -20.82 -126.04
N UNK A 2019 165.42 -21.26 -125.88
CA UNK A 2019 165.76 -22.43 -125.08
C UNK A 2019 165.32 -22.23 -123.66
N UNK A 2020 165.55 -21.04 -123.11
CA UNK A 2020 165.16 -20.66 -121.76
C UNK A 2020 163.66 -20.90 -121.56
N UNK A 2021 162.91 -20.39 -122.51
CA UNK A 2021 161.45 -20.52 -122.54
C UNK A 2021 161.05 -22.00 -122.54
N UNK A 2022 161.73 -22.73 -123.41
CA UNK A 2022 161.49 -24.17 -123.58
C UNK A 2022 161.77 -24.89 -122.26
N UNK A 2023 162.88 -24.51 -121.63
CA UNK A 2023 163.29 -25.10 -120.36
C UNK A 2023 162.22 -24.88 -119.30
N UNK A 2024 161.71 -23.65 -119.26
CA UNK A 2024 160.66 -23.24 -118.33
C UNK A 2024 159.43 -24.11 -118.51
N UNK A 2025 159.07 -24.28 -119.79
CA UNK A 2025 157.90 -25.08 -120.16
C UNK A 2025 158.06 -26.52 -119.64
N UNK A 2026 159.25 -27.05 -119.88
CA UNK A 2026 159.62 -28.40 -119.47
C UNK A 2026 159.45 -28.56 -117.97
N UNK A 2027 159.98 -27.57 -117.25
CA UNK A 2027 159.93 -27.55 -115.79
C UNK A 2027 158.50 -27.56 -115.31
N UNK A 2028 157.68 -26.75 -115.95
CA UNK A 2028 156.24 -26.65 -115.63
C UNK A 2028 155.59 -28.05 -115.76
N UNK A 2029 155.89 -28.63 -116.91
CA UNK A 2029 155.37 -29.97 -117.26
C UNK A 2029 155.86 -30.98 -116.24
N UNK A 2030 157.14 -30.88 -115.87
CA UNK A 2030 157.75 -31.77 -114.89
C UNK A 2030 157.01 -31.70 -113.56
N UNK A 2031 156.74 -30.46 -113.16
CA UNK A 2031 156.03 -30.17 -111.91
C UNK A 2031 154.66 -30.84 -111.92
N UNK A 2032 153.98 -30.67 -113.05
CA UNK A 2032 152.64 -31.22 -113.27
C UNK A 2032 152.68 -32.74 -113.10
N UNK A 2033 153.68 -33.34 -113.74
CA UNK A 2033 153.90 -34.79 -113.71
C UNK A 2033 154.07 -35.27 -112.27
N UNK A 2034 154.90 -34.53 -111.55
CA UNK A 2034 155.21 -34.81 -110.14
C UNK A 2034 153.92 -34.81 -109.32
N UNK A 2035 153.13 -33.78 -109.55
CA UNK A 2035 151.85 -33.58 -108.86
C UNK A 2035 150.94 -34.79 -109.11
N UNK A 2036 150.88 -35.19 -110.37
CA UNK A 2036 150.06 -36.31 -110.83
C UNK A 2036 150.48 -37.58 -110.10
N UNK A 2037 151.80 -37.79 -110.02
CA UNK A 2037 152.34 -39.11 -109.61
C UNK A 2037 151.91 -39.47 -108.22
N UNK A 2038 152.04 -38.50 -107.31
CA UNK A 2038 151.54 -38.62 -105.93
C UNK A 2038 150.05 -38.97 -105.93
N UNK A 2039 149.32 -38.23 -106.76
CA UNK A 2039 147.88 -38.45 -106.96
C UNK A 2039 147.55 -39.87 -107.33
N UNK A 2040 148.32 -40.47 -108.22
CA UNK A 2040 148.07 -41.83 -108.70
C UNK A 2040 148.11 -42.80 -107.53
N UNK A 2041 149.13 -42.65 -106.69
CA UNK A 2041 149.30 -43.49 -105.51
C UNK A 2041 148.12 -43.30 -104.56
N UNK A 2042 147.86 -42.01 -104.32
CA UNK A 2042 146.74 -41.61 -103.42
C UNK A 2042 145.42 -42.14 -103.98
N UNK A 2043 145.26 -41.98 -105.29
CA UNK A 2043 144.06 -42.44 -105.98
C UNK A 2043 143.87 -43.93 -105.78
N UNK A 2044 144.96 -44.66 -105.95
CA UNK A 2044 144.98 -46.12 -105.80
C UNK A 2044 144.53 -46.50 -104.40
N UNK A 2045 145.09 -45.80 -103.43
CA UNK A 2045 144.79 -46.01 -102.02
C UNK A 2045 143.28 -45.83 -101.76
N UNK A 2046 142.78 -44.74 -102.32
CA UNK A 2046 141.36 -44.38 -102.21
C UNK A 2046 140.48 -45.50 -102.75
N UNK A 2047 140.87 -45.98 -103.93
CA UNK A 2047 140.17 -47.06 -104.63
C UNK A 2047 140.12 -48.30 -103.74
N UNK A 2048 141.26 -48.62 -103.17
CA UNK A 2048 141.42 -49.78 -102.29
C UNK A 2048 140.45 -49.66 -101.11
N UNK A 2049 140.44 -48.48 -100.52
CA UNK A 2049 139.58 -48.16 -99.38
C UNK A 2049 138.12 -48.39 -99.73
N UNK A 2050 137.75 -47.89 -100.90
CA UNK A 2050 136.39 -48.00 -101.43
C UNK A 2050 136.00 -49.46 -101.57
N UNK A 2051 136.92 -50.23 -102.12
CA UNK A 2051 136.74 -51.67 -102.34
C UNK A 2051 136.47 -52.37 -101.01
N UNK A 2052 137.30 -52.01 -100.03
CA UNK A 2052 137.20 -52.56 -98.67
C UNK A 2052 135.82 -52.28 -98.09
N UNK A 2053 135.39 -51.04 -98.25
CA UNK A 2053 134.03 -50.59 -97.97
C UNK A 2053 132.98 -51.31 -98.86
N UNK A 2054 133.18 -51.22 -100.18
CA UNK A 2054 132.21 -51.61 -101.21
C UNK A 2054 131.72 -53.05 -101.12
N UNK A 2055 132.56 -53.95 -100.60
CA UNK A 2055 132.15 -55.33 -100.30
C UNK A 2055 130.90 -55.37 -99.40
N UNK A 2056 130.80 -54.43 -98.47
CA UNK A 2056 129.58 -54.23 -97.67
C UNK A 2056 128.49 -53.57 -98.51
N UNK A 2057 128.83 -52.46 -99.16
CA UNK A 2057 127.85 -51.62 -99.89
C UNK A 2057 127.28 -52.27 -101.16
N UNK A 2058 127.97 -53.28 -101.70
CA UNK A 2058 127.48 -54.06 -102.83
C UNK A 2058 126.27 -54.90 -102.44
N UNK A 2059 126.41 -55.61 -101.33
CA UNK A 2059 125.34 -56.46 -100.79
C UNK A 2059 124.17 -55.65 -100.25
N UNK A 2060 124.48 -54.46 -99.73
CA UNK A 2060 123.50 -53.62 -99.08
C UNK A 2060 122.37 -53.26 -100.05
N UNK A 2061 122.76 -52.92 -101.27
CA UNK A 2061 121.80 -52.56 -102.32
C UNK A 2061 120.84 -53.73 -102.58
N UNK A 2062 121.44 -54.91 -102.68
CA UNK A 2062 120.70 -56.15 -102.92
C UNK A 2062 119.67 -56.37 -101.82
N UNK A 2063 120.14 -56.19 -100.59
CA UNK A 2063 119.32 -56.36 -99.40
C UNK A 2063 118.11 -55.43 -99.45
N UNK A 2064 118.41 -54.18 -99.80
CA UNK A 2064 117.39 -53.12 -99.92
C UNK A 2064 116.33 -53.53 -100.92
N UNK A 2065 116.81 -54.02 -102.07
CA UNK A 2065 115.91 -54.50 -103.14
C UNK A 2065 115.00 -55.60 -102.63
N UNK A 2066 115.61 -56.53 -101.90
CA UNK A 2066 114.88 -57.62 -101.22
C UNK A 2066 114.10 -57.22 -99.95
N UNK A 2067 114.57 -56.20 -99.23
CA UNK A 2067 114.00 -55.78 -97.92
C UNK A 2067 112.62 -55.15 -98.03
N UNK A 2068 112.50 -54.10 -98.84
CA UNK A 2068 111.27 -53.29 -98.91
C UNK A 2068 109.98 -54.11 -99.13
N UNK A 2069 110.11 -55.27 -99.76
CA UNK A 2069 109.01 -56.25 -99.85
C UNK A 2069 108.60 -56.80 -98.48
N UNK A 2070 109.59 -57.16 -97.65
CA UNK A 2070 109.36 -57.80 -96.34
C UNK A 2070 109.06 -56.82 -95.19
N UNK A 2071 108.87 -55.54 -95.49
CA UNK A 2071 108.88 -54.49 -94.47
C UNK A 2071 107.58 -54.51 -93.69
N UNK A 2072 106.47 -54.66 -94.42
CA UNK A 2072 105.13 -54.64 -93.84
C UNK A 2072 104.99 -55.71 -92.77
N UNK A 2073 105.45 -56.91 -93.13
CA UNK A 2073 105.41 -58.07 -92.25
C UNK A 2073 106.20 -57.79 -90.96
N UNK A 2074 107.38 -57.23 -91.17
CA UNK A 2074 108.32 -56.91 -90.10
C UNK A 2074 107.65 -55.95 -89.11
N UNK A 2075 107.02 -54.93 -89.68
CA UNK A 2075 106.38 -53.89 -88.87
C UNK A 2075 105.26 -54.52 -88.03
N UNK A 2076 104.49 -55.41 -88.66
CA UNK A 2076 103.24 -55.87 -88.10
C UNK A 2076 103.50 -56.58 -86.77
N UNK A 2077 104.54 -57.40 -86.73
CA UNK A 2077 104.86 -58.10 -85.49
C UNK A 2077 105.34 -57.08 -84.48
N UNK A 2078 106.31 -56.28 -84.91
CA UNK A 2078 107.01 -55.34 -84.06
C UNK A 2078 106.02 -54.36 -83.43
N UNK A 2079 105.15 -53.84 -84.30
CA UNK A 2079 104.13 -52.87 -83.89
C UNK A 2079 103.23 -53.48 -82.83
N UNK A 2080 102.82 -54.72 -83.09
CA UNK A 2080 101.95 -55.48 -82.18
C UNK A 2080 102.60 -55.61 -80.81
N UNK A 2081 103.88 -55.96 -80.84
CA UNK A 2081 104.68 -56.15 -79.64
C UNK A 2081 104.62 -54.97 -78.70
N UNK A 2082 104.66 -53.74 -79.22
CA UNK A 2082 104.64 -52.57 -78.36
C UNK A 2082 103.28 -52.39 -77.70
N UNK A 2083 102.28 -52.10 -78.52
CA UNK A 2083 100.97 -51.70 -78.03
C UNK A 2083 100.27 -52.80 -77.24
N UNK A 2084 100.58 -54.06 -77.54
CA UNK A 2084 99.86 -55.19 -76.94
C UNK A 2084 100.62 -55.91 -75.82
N UNK A 2085 101.95 -56.05 -75.94
CA UNK A 2085 102.72 -56.91 -75.01
C UNK A 2085 103.28 -56.20 -73.78
N UNK A 2086 102.69 -55.07 -73.40
CA UNK A 2086 103.23 -54.23 -72.34
C UNK A 2086 103.38 -54.94 -71.01
N UNK A 2087 102.27 -55.46 -70.50
CA UNK A 2087 102.21 -55.95 -69.11
C UNK A 2087 102.98 -57.26 -68.87
N UNK A 2088 103.12 -58.06 -69.92
CA UNK A 2088 103.42 -59.48 -69.75
C UNK A 2088 104.88 -59.72 -69.32
N UNK A 2089 105.18 -60.97 -68.99
CA UNK A 2089 106.51 -61.39 -68.55
C UNK A 2089 107.28 -61.93 -69.76
N UNK A 2090 108.47 -62.47 -69.53
CA UNK A 2090 109.28 -63.07 -70.58
C UNK A 2090 108.55 -64.12 -71.41
N UNK A 2091 107.97 -65.09 -70.72
CA UNK A 2091 107.46 -66.31 -71.36
C UNK A 2091 106.35 -65.93 -72.34
N UNK A 2092 105.46 -65.03 -71.89
CA UNK A 2092 104.19 -64.79 -72.57
C UNK A 2092 104.35 -63.85 -73.73
N UNK A 2093 105.22 -62.87 -73.60
CA UNK A 2093 105.52 -61.93 -74.68
C UNK A 2093 105.99 -62.67 -75.92
N UNK A 2094 106.94 -63.58 -75.66
CA UNK A 2094 107.55 -64.40 -76.71
C UNK A 2094 106.46 -65.23 -77.40
N UNK A 2095 105.63 -65.83 -76.56
CA UNK A 2095 104.56 -66.72 -77.00
C UNK A 2095 103.62 -66.01 -77.94
N UNK A 2096 103.24 -64.80 -77.53
CA UNK A 2096 102.34 -63.95 -78.32
C UNK A 2096 102.97 -63.68 -79.69
N UNK A 2097 104.22 -63.21 -79.59
CA UNK A 2097 105.01 -62.86 -80.79
C UNK A 2097 105.16 -64.06 -81.68
N UNK A 2098 105.47 -65.20 -81.06
CA UNK A 2098 105.67 -66.47 -81.77
C UNK A 2098 104.41 -66.82 -82.54
N UNK A 2099 103.28 -66.69 -81.84
CA UNK A 2099 101.97 -67.03 -82.42
C UNK A 2099 101.71 -66.15 -83.64
N UNK A 2100 102.00 -64.86 -83.47
CA UNK A 2100 101.80 -63.88 -84.55
C UNK A 2100 102.63 -64.26 -85.77
N UNK A 2101 103.88 -64.63 -85.50
CA UNK A 2101 104.83 -65.04 -86.54
C UNK A 2101 104.29 -66.22 -87.32
N UNK A 2102 103.79 -67.18 -86.56
CA UNK A 2102 103.22 -68.42 -87.11
C UNK A 2102 102.06 -68.08 -88.05
N UNK A 2103 101.20 -67.20 -87.55
CA UNK A 2103 100.03 -66.75 -88.30
C UNK A 2103 100.45 -66.12 -89.62
N UNK A 2104 101.46 -65.26 -89.54
CA UNK A 2104 102.00 -64.56 -90.70
C UNK A 2104 102.50 -65.56 -91.72
N UNK A 2105 103.23 -66.55 -91.24
CA UNK A 2105 103.80 -67.62 -92.06
C UNK A 2105 102.68 -68.34 -92.82
N UNK A 2106 101.63 -68.66 -92.06
CA UNK A 2106 100.47 -69.36 -92.59
C UNK A 2106 99.84 -68.55 -93.73
N UNK A 2107 99.69 -67.26 -93.46
CA UNK A 2107 99.11 -66.31 -94.42
C UNK A 2107 99.93 -66.30 -95.70
N UNK A 2108 101.23 -66.12 -95.45
CA UNK A 2108 102.29 -65.90 -96.42
C UNK A 2108 102.51 -64.40 -96.72
N UNK A 2109 102.40 -63.57 -95.68
CA UNK A 2109 103.05 -62.26 -95.66
C UNK A 2109 104.48 -62.53 -95.23
N UNK A 2110 105.45 -62.13 -96.05
CA UNK A 2110 106.86 -62.38 -95.74
C UNK A 2110 107.39 -61.36 -94.73
N UNK A 2111 108.17 -61.85 -93.77
CA UNK A 2111 108.76 -61.03 -92.70
C UNK A 2111 110.17 -61.57 -92.44
N UNK A 2112 111.02 -60.74 -91.85
CA UNK A 2112 112.37 -61.17 -91.48
C UNK A 2112 112.31 -62.22 -90.38
N UNK A 2113 112.72 -63.45 -90.71
CA UNK A 2113 112.68 -64.59 -89.78
C UNK A 2113 113.62 -64.36 -88.59
N UNK A 2114 114.88 -64.07 -88.90
CA UNK A 2114 115.87 -63.69 -87.89
C UNK A 2114 115.70 -62.21 -87.54
N UNK A 2115 115.09 -61.95 -86.38
CA UNK A 2115 114.94 -60.58 -85.88
C UNK A 2115 114.74 -60.57 -84.36
N UNK A 2116 115.72 -60.00 -83.66
CA UNK A 2116 115.55 -59.59 -82.27
C UNK A 2116 114.93 -58.19 -82.33
N UNK A 2117 113.61 -58.13 -82.15
CA UNK A 2117 112.86 -56.88 -82.30
C UNK A 2117 113.50 -55.70 -81.55
N UNK A 2118 114.02 -55.97 -80.35
CA UNK A 2118 114.76 -54.97 -79.57
C UNK A 2118 115.86 -54.25 -80.36
N UNK A 2119 116.60 -54.99 -81.19
CA UNK A 2119 117.64 -54.41 -82.05
C UNK A 2119 117.07 -53.65 -83.23
N UNK A 2120 115.91 -54.10 -83.73
CA UNK A 2120 115.27 -53.48 -84.91
C UNK A 2120 114.73 -52.07 -84.63
N UNK A 2121 114.02 -51.90 -83.51
CA UNK A 2121 113.30 -50.64 -83.25
C UNK A 2121 114.23 -49.53 -82.78
N UNK A 2122 115.05 -49.82 -81.78
CA UNK A 2122 116.05 -48.87 -81.32
C UNK A 2122 117.26 -48.83 -82.25
N UNK A 2123 118.04 -47.76 -82.12
CA UNK A 2123 119.35 -47.65 -82.77
C UNK A 2123 120.38 -48.34 -81.89
N UNK A 2124 121.66 -48.16 -82.18
CA UNK A 2124 122.74 -48.60 -81.30
C UNK A 2124 123.11 -47.53 -80.31
N UNK A 2125 123.22 -46.30 -80.83
CA UNK A 2125 123.56 -45.12 -80.02
C UNK A 2125 122.54 -44.95 -78.91
N UNK A 2126 121.27 -45.06 -79.29
CA UNK A 2126 120.14 -44.92 -78.38
C UNK A 2126 120.25 -45.94 -77.24
N UNK A 2127 120.53 -47.17 -77.65
CA UNK A 2127 120.69 -48.30 -76.72
C UNK A 2127 121.79 -48.00 -75.71
N UNK A 2128 122.90 -47.51 -76.24
CA UNK A 2128 124.08 -47.16 -75.43
C UNK A 2128 123.70 -46.12 -74.39
N UNK A 2129 122.98 -45.11 -74.85
CA UNK A 2129 122.51 -44.00 -74.01
C UNK A 2129 121.72 -44.52 -72.81
N UNK A 2130 120.79 -45.43 -73.08
CA UNK A 2130 119.94 -45.97 -72.01
C UNK A 2130 120.80 -46.69 -70.97
N UNK A 2131 121.75 -47.47 -71.48
CA UNK A 2131 122.69 -48.21 -70.63
C UNK A 2131 123.44 -47.26 -69.72
N UNK A 2132 123.93 -46.18 -70.33
CA UNK A 2132 124.66 -45.13 -69.60
C UNK A 2132 123.80 -44.56 -68.47
N UNK A 2133 122.52 -44.32 -68.75
CA UNK A 2133 121.58 -43.73 -67.78
C UNK A 2133 120.80 -44.78 -66.95
N UNK A 2134 121.54 -45.63 -66.24
CA UNK A 2134 121.00 -46.56 -65.23
C UNK A 2134 120.06 -47.70 -65.72
N UNK A 2135 119.73 -47.73 -67.01
CA UNK A 2135 118.80 -48.74 -67.54
C UNK A 2135 119.57 -50.06 -67.65
N UNK A 2136 119.01 -51.16 -67.12
CA UNK A 2136 119.75 -52.43 -67.17
C UNK A 2136 120.06 -53.00 -68.58
N UNK A 2137 120.89 -54.04 -68.61
CA UNK A 2137 121.40 -54.60 -69.86
C UNK A 2137 120.42 -55.52 -70.59
N UNK A 2138 119.56 -56.21 -69.84
CA UNK A 2138 118.72 -57.28 -70.40
C UNK A 2138 117.73 -56.83 -71.48
N UNK A 2139 117.26 -57.81 -72.25
CA UNK A 2139 116.44 -57.58 -73.44
C UNK A 2139 115.07 -57.06 -73.08
N UNK A 2140 114.50 -57.57 -71.99
CA UNK A 2140 113.20 -57.14 -71.49
C UNK A 2140 113.24 -55.64 -71.19
N UNK A 2141 114.30 -55.25 -70.50
CA UNK A 2141 114.50 -53.85 -70.12
C UNK A 2141 114.56 -52.96 -71.35
N UNK A 2142 115.30 -53.43 -72.34
CA UNK A 2142 115.48 -52.72 -73.61
C UNK A 2142 114.12 -52.50 -74.28
N UNK A 2143 113.34 -53.57 -74.29
CA UNK A 2143 112.00 -53.58 -74.87
C UNK A 2143 111.13 -52.52 -74.20
N UNK A 2144 111.20 -52.53 -72.87
CA UNK A 2144 110.44 -51.59 -72.04
C UNK A 2144 110.81 -50.15 -72.39
N UNK A 2145 112.10 -49.93 -72.51
CA UNK A 2145 112.67 -48.61 -72.85
C UNK A 2145 112.12 -48.14 -74.18
N UNK A 2146 112.13 -49.06 -75.14
CA UNK A 2146 111.63 -48.82 -76.50
C UNK A 2146 110.18 -48.38 -76.46
N UNK A 2147 109.41 -49.13 -75.68
CA UNK A 2147 107.97 -48.89 -75.49
C UNK A 2147 107.75 -47.47 -74.95
N UNK A 2148 108.54 -47.15 -73.94
CA UNK A 2148 108.49 -45.84 -73.28
C UNK A 2148 108.75 -44.73 -74.29
N UNK A 2149 109.77 -44.94 -75.09
CA UNK A 2149 110.17 -44.00 -76.14
C UNK A 2149 109.02 -43.76 -77.11
N UNK A 2150 108.39 -44.86 -77.55
CA UNK A 2150 107.47 -44.88 -78.69
C UNK A 2150 105.97 -44.80 -78.37
N UNK A 2151 105.60 -44.63 -77.10
CA UNK A 2151 104.18 -44.76 -76.69
C UNK A 2151 103.16 -43.93 -77.45
N UNK A 2152 101.92 -44.40 -77.43
CA UNK A 2152 100.75 -43.64 -77.87
C UNK A 2152 99.88 -43.27 -76.66
N UNK A 2153 99.28 -44.27 -76.02
CA UNK A 2153 98.55 -44.06 -74.76
C UNK A 2153 99.63 -43.96 -73.71
N UNK A 2154 99.49 -43.02 -72.78
CA UNK A 2154 100.62 -42.67 -71.90
C UNK A 2154 101.13 -43.84 -71.08
N UNK A 2155 102.45 -43.86 -70.80
CA UNK A 2155 102.98 -45.00 -70.10
C UNK A 2155 102.63 -45.02 -68.62
N UNK A 2156 101.84 -46.02 -68.23
CA UNK A 2156 101.75 -46.43 -66.84
C UNK A 2156 102.86 -47.44 -66.60
N UNK A 2157 103.51 -47.33 -65.47
CA UNK A 2157 104.65 -48.19 -65.18
C UNK A 2157 104.44 -48.96 -63.88
N UNK A 2158 104.80 -50.23 -63.95
CA UNK A 2158 104.99 -51.05 -62.78
C UNK A 2158 106.49 -51.11 -62.58
N UNK A 2159 106.94 -50.89 -61.35
CA UNK A 2159 108.36 -50.94 -61.06
C UNK A 2159 108.58 -51.33 -59.59
N UNK A 2160 108.84 -52.62 -59.33
CA UNK A 2160 109.10 -53.02 -57.96
C UNK A 2160 110.40 -52.46 -57.38
N UNK A 2161 111.46 -52.48 -58.18
CA UNK A 2161 112.79 -52.10 -57.70
C UNK A 2161 113.00 -50.59 -57.60
N UNK A 2162 112.21 -49.81 -58.37
CA UNK A 2162 112.46 -48.37 -58.59
C UNK A 2162 113.53 -48.02 -59.64
N UNK A 2163 114.22 -49.06 -60.11
CA UNK A 2163 115.30 -48.92 -61.06
C UNK A 2163 114.81 -48.21 -62.32
N UNK A 2164 113.66 -48.67 -62.81
CA UNK A 2164 113.03 -48.11 -64.02
C UNK A 2164 112.76 -46.62 -63.83
N UNK A 2165 112.21 -46.31 -62.66
CA UNK A 2165 111.87 -44.93 -62.29
C UNK A 2165 113.12 -44.06 -62.33
N UNK A 2166 114.18 -44.59 -61.73
CA UNK A 2166 115.48 -43.92 -61.66
C UNK A 2166 115.99 -43.61 -63.06
N UNK A 2167 115.89 -44.62 -63.92
CA UNK A 2167 116.32 -44.53 -65.32
C UNK A 2167 115.57 -43.41 -66.02
N UNK A 2168 114.27 -43.40 -65.81
CA UNK A 2168 113.38 -42.40 -66.40
C UNK A 2168 113.82 -41.00 -65.99
N UNK A 2169 114.08 -40.86 -64.70
CA UNK A 2169 114.53 -39.59 -64.11
C UNK A 2169 115.81 -39.12 -64.78
N UNK A 2170 116.74 -40.06 -64.91
CA UNK A 2170 118.04 -39.80 -65.53
C UNK A 2170 117.86 -39.29 -66.95
N UNK A 2171 116.98 -39.97 -67.68
CA UNK A 2171 116.66 -39.64 -69.07
C UNK A 2171 116.15 -38.21 -69.16
N UNK A 2172 115.17 -37.84 -68.36
CA UNK A 2172 114.50 -36.54 -68.54
C UNK A 2172 115.08 -35.40 -67.68
N UNK A 2173 116.32 -35.56 -67.20
CA UNK A 2173 117.03 -34.49 -66.49
C UNK A 2173 117.31 -33.30 -67.42
N UNK A 2174 117.47 -33.58 -68.71
CA UNK A 2174 117.66 -32.56 -69.74
C UNK A 2174 116.41 -31.67 -69.89
N UNK A 2175 115.24 -32.29 -69.99
CA UNK A 2175 113.96 -31.57 -70.04
C UNK A 2175 113.47 -31.04 -68.69
N UNK A 2176 114.06 -31.54 -67.59
CA UNK A 2176 113.67 -31.22 -66.21
C UNK A 2176 112.29 -31.78 -65.89
N UNK A 2177 112.30 -33.01 -65.38
CA UNK A 2177 111.07 -33.72 -64.99
C UNK A 2177 110.79 -33.55 -63.51
N UNK A 2178 109.50 -33.46 -63.19
CA UNK A 2178 109.01 -33.25 -61.83
C UNK A 2178 108.50 -34.59 -61.29
N UNK A 2179 108.94 -34.95 -60.10
CA UNK A 2179 108.46 -36.13 -59.40
C UNK A 2179 107.34 -35.70 -58.46
N UNK A 2180 106.29 -36.52 -58.36
CA UNK A 2180 105.16 -36.23 -57.49
C UNK A 2180 104.32 -37.48 -57.22
N UNK A 2181 103.30 -37.34 -56.39
CA UNK A 2181 102.36 -38.42 -56.12
C UNK A 2181 100.95 -38.01 -56.50
N UNK A 2182 100.07 -39.01 -56.57
CA UNK A 2182 98.64 -38.79 -56.66
C UNK A 2182 98.12 -38.34 -55.30
N UNK A 2183 98.46 -39.12 -54.27
CA UNK A 2183 97.98 -38.86 -52.90
C UNK A 2183 98.57 -37.61 -52.22
N UNK A 2184 99.65 -37.05 -52.76
CA UNK A 2184 100.24 -35.82 -52.24
C UNK A 2184 99.34 -34.61 -52.56
N UNK A 2185 99.27 -33.66 -51.63
CA UNK A 2185 98.46 -32.45 -51.79
C UNK A 2185 98.93 -31.62 -52.97
N UNK A 2186 100.24 -31.48 -53.12
CA UNK A 2186 100.84 -30.77 -54.24
C UNK A 2186 100.94 -31.66 -55.48
N UNK A 2187 99.79 -32.18 -55.91
CA UNK A 2187 99.73 -33.04 -57.07
C UNK A 2187 99.14 -32.19 -58.16
N UNK A 2188 97.91 -31.76 -57.91
CA UNK A 2188 97.07 -31.13 -58.92
C UNK A 2188 97.76 -29.90 -59.50
N UNK A 2189 98.28 -29.09 -58.59
CA UNK A 2189 98.98 -27.84 -58.94
C UNK A 2189 100.16 -28.15 -59.85
N UNK A 2190 100.92 -29.17 -59.44
CA UNK A 2190 102.10 -29.61 -60.19
C UNK A 2190 101.71 -30.01 -61.60
N UNK A 2191 100.65 -30.79 -61.68
CA UNK A 2191 100.11 -31.28 -62.95
C UNK A 2191 99.78 -30.11 -63.86
N UNK A 2192 99.09 -29.15 -63.28
CA UNK A 2192 98.65 -27.93 -63.98
C UNK A 2192 99.86 -27.21 -64.57
N UNK A 2193 100.88 -27.07 -63.71
CA UNK A 2193 102.13 -26.40 -64.09
C UNK A 2193 102.76 -27.09 -65.28
N UNK A 2194 102.81 -28.41 -65.19
CA UNK A 2194 103.38 -29.27 -66.23
C UNK A 2194 102.66 -29.03 -67.55
N UNK A 2195 101.34 -29.01 -67.46
CA UNK A 2195 100.46 -28.81 -68.63
C UNK A 2195 100.78 -27.47 -69.29
N UNK A 2196 100.90 -26.46 -68.43
CA UNK A 2196 101.20 -25.09 -68.87
C UNK A 2196 102.55 -24.92 -69.57
N UNK A 2197 103.60 -25.25 -68.84
CA UNK A 2197 104.98 -24.94 -69.24
C UNK A 2197 105.50 -25.89 -70.29
N UNK A 2198 104.91 -27.08 -70.39
CA UNK A 2198 105.35 -28.09 -71.34
C UNK A 2198 106.53 -28.86 -70.78
N UNK A 2199 106.28 -29.48 -69.63
CA UNK A 2199 107.26 -30.33 -69.00
C UNK A 2199 106.88 -31.79 -69.14
N UNK A 2200 107.83 -32.68 -68.85
CA UNK A 2200 107.47 -34.04 -68.50
C UNK A 2200 107.04 -34.11 -67.04
N UNK A 2201 106.29 -35.14 -66.68
CA UNK A 2201 105.76 -35.28 -65.33
C UNK A 2201 105.68 -36.74 -64.93
N UNK A 2202 106.55 -37.17 -64.03
CA UNK A 2202 106.44 -38.51 -63.47
C UNK A 2202 105.61 -38.42 -62.21
N UNK A 2203 104.64 -39.31 -62.09
CA UNK A 2203 103.68 -39.32 -60.99
C UNK A 2203 103.80 -40.69 -60.36
N UNK A 2204 103.51 -40.77 -59.06
CA UNK A 2204 103.62 -42.01 -58.30
C UNK A 2204 102.34 -42.41 -57.59
N UNK A 2205 102.36 -43.66 -57.12
CA UNK A 2205 101.33 -44.24 -56.24
C UNK A 2205 100.00 -44.42 -56.97
N UNK A 2206 100.09 -44.84 -58.23
CA UNK A 2206 98.95 -44.98 -59.14
C UNK A 2206 97.89 -45.97 -58.64
N UNK A 2207 98.31 -46.91 -57.79
CA UNK A 2207 97.39 -47.66 -56.92
C UNK A 2207 96.27 -46.74 -56.41
N UNK A 2208 96.69 -45.67 -55.74
CA UNK A 2208 95.78 -44.64 -55.23
C UNK A 2208 95.68 -43.52 -56.26
N UNK A 2209 94.87 -43.76 -57.27
CA UNK A 2209 94.72 -42.86 -58.43
C UNK A 2209 93.88 -41.62 -58.10
N UNK A 2210 93.92 -40.63 -58.99
CA UNK A 2210 93.03 -39.49 -58.97
C UNK A 2210 92.47 -39.27 -60.38
N UNK A 2211 91.16 -39.46 -60.57
CA UNK A 2211 90.56 -39.40 -61.89
C UNK A 2211 90.36 -37.99 -62.45
N UNK A 2212 90.97 -36.97 -61.82
CA UNK A 2212 91.13 -35.66 -62.44
C UNK A 2212 91.87 -35.72 -63.78
N UNK A 2213 92.80 -36.67 -63.90
CA UNK A 2213 93.64 -36.80 -65.09
C UNK A 2213 92.99 -37.42 -66.33
N UNK A 2214 91.72 -37.85 -66.25
CA UNK A 2214 91.17 -38.78 -67.23
C UNK A 2214 91.18 -38.15 -68.60
N UNK A 2215 90.79 -36.84 -68.67
CA UNK A 2215 90.77 -36.15 -69.95
C UNK A 2215 92.16 -36.11 -70.56
N UNK A 2216 93.14 -35.83 -69.72
CA UNK A 2216 94.54 -35.74 -70.13
C UNK A 2216 94.98 -37.09 -70.73
N UNK A 2217 94.62 -38.15 -70.02
CA UNK A 2217 95.02 -39.49 -70.50
C UNK A 2217 94.37 -39.81 -71.82
N UNK A 2218 93.11 -39.42 -71.97
CA UNK A 2218 92.37 -39.61 -73.22
C UNK A 2218 92.87 -38.69 -74.30
N UNK A 2219 93.31 -37.49 -73.91
CA UNK A 2219 93.70 -36.42 -74.84
C UNK A 2219 92.44 -35.85 -75.49
N UNK A 2220 91.53 -35.40 -74.63
CA UNK A 2220 90.31 -34.74 -75.04
C UNK A 2220 90.64 -33.25 -75.04
N UNK A 2221 90.63 -32.64 -76.23
CA UNK A 2221 91.19 -31.30 -76.46
C UNK A 2221 90.22 -30.40 -77.23
N UNK A 2222 89.62 -29.45 -76.51
CA UNK A 2222 88.83 -28.40 -77.15
C UNK A 2222 89.78 -27.47 -77.89
N UNK A 2223 89.32 -26.92 -79.02
CA UNK A 2223 90.11 -26.01 -79.85
C UNK A 2223 89.31 -24.78 -80.29
N UNK A 2224 89.28 -23.79 -79.39
CA UNK A 2224 88.70 -22.47 -79.68
C UNK A 2224 89.73 -21.67 -80.49
N UNK A 2225 89.76 -21.94 -81.80
CA UNK A 2225 90.71 -21.31 -82.70
C UNK A 2225 92.12 -21.83 -82.48
N UNK A 2226 93.09 -20.91 -82.41
CA UNK A 2226 94.48 -21.26 -82.18
C UNK A 2226 94.77 -21.81 -80.80
N UNK A 2227 93.88 -21.54 -79.83
CA UNK A 2227 94.00 -22.11 -78.49
C UNK A 2227 93.84 -23.63 -78.51
N UNK A 2228 94.47 -24.28 -77.54
CA UNK A 2228 94.50 -25.74 -77.43
C UNK A 2228 94.16 -26.11 -75.99
N UNK A 2229 92.85 -26.19 -75.71
CA UNK A 2229 92.37 -26.36 -74.34
C UNK A 2229 92.47 -27.81 -73.85
N UNK A 2230 92.29 -28.01 -72.55
CA UNK A 2230 92.21 -29.34 -71.96
C UNK A 2230 91.50 -29.31 -70.61
N UNK A 2231 90.17 -29.25 -70.67
CA UNK A 2231 89.31 -28.96 -69.51
C UNK A 2231 89.54 -29.91 -68.34
N UNK A 2232 90.49 -29.53 -67.48
CA UNK A 2232 90.88 -30.33 -66.33
C UNK A 2232 90.12 -29.84 -65.10
N UNK A 2233 88.98 -30.48 -64.84
CA UNK A 2233 88.15 -30.15 -63.67
C UNK A 2233 87.42 -28.82 -63.82
N UNK A 2234 87.44 -28.03 -62.75
CA UNK A 2234 86.87 -26.67 -62.76
C UNK A 2234 87.70 -25.70 -63.60
N UNK A 2235 89.00 -25.96 -63.68
CA UNK A 2235 89.95 -25.12 -64.44
C UNK A 2235 89.79 -25.32 -65.94
N UNK A 2236 90.48 -24.46 -66.69
CA UNK A 2236 90.82 -24.69 -68.09
C UNK A 2236 92.27 -24.27 -68.27
N UNK A 2237 93.04 -25.07 -69.01
CA UNK A 2237 94.45 -24.83 -69.19
C UNK A 2237 94.80 -24.97 -70.67
N UNK A 2238 95.83 -24.25 -71.10
CA UNK A 2238 96.37 -24.38 -72.45
C UNK A 2238 97.38 -25.53 -72.48
N UNK A 2239 97.05 -26.58 -73.23
CA UNK A 2239 97.90 -27.76 -73.34
C UNK A 2239 99.15 -27.44 -74.14
N UNK A 2240 100.32 -27.70 -73.56
CA UNK A 2240 101.58 -27.55 -74.28
C UNK A 2240 101.77 -28.73 -75.24
N UNK A 2241 102.38 -28.48 -76.42
CA UNK A 2241 102.65 -29.58 -77.36
C UNK A 2241 103.57 -30.66 -76.80
N UNK A 2242 104.58 -30.28 -76.02
CA UNK A 2242 105.57 -31.21 -75.47
C UNK A 2242 105.29 -31.59 -74.01
N UNK A 2243 104.04 -31.95 -73.74
CA UNK A 2243 103.66 -32.54 -72.45
C UNK A 2243 103.89 -34.05 -72.52
N UNK A 2244 104.20 -34.64 -71.37
CA UNK A 2244 104.28 -36.10 -71.24
C UNK A 2244 104.21 -36.47 -69.77
N UNK A 2245 103.62 -37.63 -69.49
CA UNK A 2245 103.33 -38.04 -68.13
C UNK A 2245 103.73 -39.49 -67.90
N UNK A 2246 104.03 -39.86 -66.66
CA UNK A 2246 104.39 -41.26 -66.32
C UNK A 2246 103.87 -41.70 -64.95
N UNK A 2247 102.76 -42.43 -64.94
CA UNK A 2247 102.17 -42.83 -63.67
C UNK A 2247 102.80 -44.15 -63.26
N UNK A 2248 103.56 -44.14 -62.17
CA UNK A 2248 104.34 -45.32 -61.75
C UNK A 2248 103.75 -46.03 -60.54
N UNK A 2249 104.21 -47.26 -60.35
CA UNK A 2249 103.78 -48.11 -59.24
C UNK A 2249 104.93 -48.87 -58.64
N UNK A 2250 104.82 -49.09 -57.33
CA UNK A 2250 105.70 -50.00 -56.62
C UNK A 2250 105.23 -51.41 -56.89
N UNK A 2251 103.95 -51.66 -56.61
CA UNK A 2251 103.40 -53.02 -56.61
C UNK A 2251 102.98 -53.53 -58.00
N UNK A 2252 103.54 -54.66 -58.43
CA UNK A 2252 102.93 -55.41 -59.53
C UNK A 2252 101.55 -56.00 -59.26
N UNK A 2253 101.36 -56.60 -58.08
CA UNK A 2253 100.13 -57.33 -57.76
C UNK A 2253 98.96 -56.38 -57.44
N UNK A 2254 98.52 -55.64 -58.45
CA UNK A 2254 97.49 -54.61 -58.31
C UNK A 2254 96.44 -54.82 -59.39
N UNK A 2255 95.18 -54.89 -59.00
CA UNK A 2255 94.09 -54.99 -59.95
C UNK A 2255 93.60 -53.58 -60.27
N UNK A 2256 94.04 -53.07 -61.41
CA UNK A 2256 93.59 -51.78 -61.92
C UNK A 2256 92.18 -51.94 -62.45
N UNK A 2257 91.34 -50.88 -62.33
CA UNK A 2257 90.00 -50.95 -62.91
C UNK A 2257 90.07 -50.85 -64.44
N UNK A 2258 89.23 -51.62 -65.16
CA UNK A 2258 89.30 -51.71 -66.62
C UNK A 2258 89.06 -50.38 -67.36
N UNK A 2259 88.35 -49.46 -66.73
CA UNK A 2259 88.16 -48.12 -67.27
C UNK A 2259 89.48 -47.37 -67.42
N UNK A 2260 90.31 -47.37 -66.36
CA UNK A 2260 91.67 -46.79 -66.43
C UNK A 2260 92.57 -47.57 -67.39
N UNK A 2261 92.49 -48.90 -67.32
CA UNK A 2261 93.33 -49.79 -68.11
C UNK A 2261 93.38 -49.47 -69.59
N UNK A 2262 92.23 -49.13 -70.17
CA UNK A 2262 92.16 -48.79 -71.59
C UNK A 2262 92.99 -47.56 -71.92
N UNK A 2263 92.90 -46.55 -71.06
CA UNK A 2263 93.45 -45.22 -71.35
C UNK A 2263 94.97 -45.10 -71.29
N UNK A 2264 95.65 -46.13 -70.81
CA UNK A 2264 97.04 -46.04 -70.43
C UNK A 2264 97.79 -47.24 -71.00
N UNK A 2265 98.96 -47.00 -71.60
CA UNK A 2265 99.83 -48.12 -72.02
C UNK A 2265 100.55 -48.66 -70.81
N UNK A 2266 100.28 -49.92 -70.48
CA UNK A 2266 101.00 -50.61 -69.43
C UNK A 2266 102.44 -50.83 -69.85
N UNK A 2267 103.35 -50.71 -68.89
CA UNK A 2267 104.69 -51.25 -69.02
C UNK A 2267 105.00 -51.96 -67.71
N UNK A 2268 105.65 -53.12 -67.82
CA UNK A 2268 106.03 -53.91 -66.66
C UNK A 2268 107.50 -54.25 -66.73
N UNK A 2269 108.25 -53.80 -65.73
CA UNK A 2269 109.64 -54.19 -65.57
C UNK A 2269 109.70 -55.41 -64.68
N UNK A 2270 109.51 -56.56 -65.30
CA UNK A 2270 109.65 -57.83 -64.63
C UNK A 2270 111.14 -58.13 -64.44
N UNK A 2271 111.42 -59.08 -63.55
CA UNK A 2271 112.76 -59.64 -63.36
C UNK A 2271 112.82 -61.01 -64.06
N UNK A 2272 113.69 -61.12 -65.07
CA UNK A 2272 113.88 -62.36 -65.82
C UNK A 2272 115.00 -63.17 -65.19
N UNK A 2273 115.25 -64.37 -65.72
CA UNK A 2273 116.20 -65.29 -65.10
C UNK A 2273 117.63 -64.90 -65.50
N UNK A 2274 117.79 -64.70 -66.80
CA UNK A 2274 119.06 -64.32 -67.39
C UNK A 2274 119.58 -63.03 -66.77
N UNK A 2275 118.67 -62.06 -66.69
CA UNK A 2275 118.96 -60.75 -66.12
C UNK A 2275 119.46 -60.89 -64.69
N UNK A 2276 118.74 -61.72 -63.94
CA UNK A 2276 119.06 -61.99 -62.53
C UNK A 2276 120.47 -62.54 -62.41
N UNK A 2277 120.75 -63.50 -63.28
CA UNK A 2277 122.06 -64.18 -63.32
C UNK A 2277 123.16 -63.16 -63.56
N UNK A 2278 122.90 -62.29 -64.53
CA UNK A 2278 123.83 -61.23 -64.91
C UNK A 2278 124.14 -60.32 -63.72
N UNK A 2279 123.07 -59.95 -63.04
CA UNK A 2279 123.13 -59.10 -61.85
C UNK A 2279 124.01 -59.74 -60.79
N UNK A 2280 123.76 -61.02 -60.58
CA UNK A 2280 124.49 -61.80 -59.57
C UNK A 2280 125.97 -61.81 -59.89
N UNK A 2281 126.28 -62.16 -61.14
CA UNK A 2281 127.63 -62.56 -61.53
C UNK A 2281 128.63 -61.44 -61.20
N UNK A 2282 128.23 -60.24 -61.60
CA UNK A 2282 129.05 -59.04 -61.41
C UNK A 2282 129.31 -58.82 -59.92
N UNK A 2283 128.23 -58.96 -59.15
CA UNK A 2283 128.27 -58.76 -57.70
C UNK A 2283 129.18 -59.78 -57.05
N UNK A 2284 129.15 -61.01 -57.54
CA UNK A 2284 130.02 -62.08 -57.05
C UNK A 2284 131.48 -61.68 -57.19
N UNK A 2285 131.79 -61.12 -58.37
CA UNK A 2285 133.16 -60.70 -58.68
C UNK A 2285 133.63 -59.64 -57.69
N UNK A 2286 132.82 -58.62 -57.43
CA UNK A 2286 133.28 -57.46 -56.65
C UNK A 2286 133.76 -57.82 -55.24
N UNK A 2287 133.28 -58.95 -54.72
CA UNK A 2287 133.82 -59.55 -53.50
C UNK A 2287 134.99 -60.48 -53.80
N UNK A 2288 134.81 -61.37 -54.77
CA UNK A 2288 135.79 -62.41 -55.07
C UNK A 2288 137.05 -61.89 -55.76
N UNK A 2289 136.89 -61.36 -56.98
CA UNK A 2289 138.00 -60.85 -57.79
C UNK A 2289 137.86 -59.32 -57.93
N UNK A 2290 138.32 -58.55 -56.92
CA UNK A 2290 138.06 -57.10 -56.88
C UNK A 2290 138.70 -56.26 -57.99
N UNK A 2291 139.78 -56.77 -58.59
CA UNK A 2291 140.45 -56.11 -59.70
C UNK A 2291 139.78 -56.50 -61.02
N UNK A 2292 139.44 -57.79 -61.14
CA UNK A 2292 138.98 -58.35 -62.39
C UNK A 2292 137.72 -57.65 -62.85
N UNK A 2293 136.78 -57.46 -61.90
CA UNK A 2293 135.49 -56.87 -62.20
C UNK A 2293 135.66 -55.48 -62.79
N UNK A 2294 136.53 -54.71 -62.13
CA UNK A 2294 136.81 -53.33 -62.53
C UNK A 2294 137.35 -53.30 -63.97
N UNK A 2295 138.28 -54.22 -64.22
CA UNK A 2295 138.90 -54.37 -65.54
C UNK A 2295 137.85 -54.64 -66.60
N UNK A 2296 136.96 -55.56 -66.26
CA UNK A 2296 135.88 -56.00 -67.14
C UNK A 2296 134.99 -54.81 -67.49
N UNK A 2297 134.67 -54.01 -66.46
CA UNK A 2297 133.77 -52.88 -66.63
C UNK A 2297 134.43 -51.88 -67.60
N UNK A 2298 135.65 -51.53 -67.22
CA UNK A 2298 136.44 -50.51 -67.92
C UNK A 2298 136.63 -50.94 -69.39
N UNK A 2299 136.96 -52.21 -69.57
CA UNK A 2299 137.19 -52.72 -70.92
C UNK A 2299 135.92 -52.65 -71.74
N UNK A 2300 134.81 -52.99 -71.12
CA UNK A 2300 133.49 -52.91 -71.77
C UNK A 2300 133.22 -51.48 -72.25
N UNK A 2301 133.50 -50.55 -71.35
CA UNK A 2301 133.31 -49.11 -71.62
C UNK A 2301 134.14 -48.70 -72.83
N UNK A 2302 135.38 -49.14 -72.81
CA UNK A 2302 136.34 -48.85 -73.88
C UNK A 2302 135.81 -49.36 -75.21
N UNK A 2303 135.32 -50.58 -75.18
CA UNK A 2303 134.76 -51.26 -76.37
C UNK A 2303 133.62 -50.42 -76.94
N UNK A 2304 132.74 -50.00 -76.03
CA UNK A 2304 131.57 -49.19 -76.36
C UNK A 2304 132.00 -47.91 -77.08
N UNK A 2305 133.00 -47.27 -76.48
CA UNK A 2305 133.56 -46.02 -76.98
C UNK A 2305 134.08 -46.22 -78.41
N UNK A 2306 134.81 -47.31 -78.58
CA UNK A 2306 135.40 -47.64 -79.88
C UNK A 2306 134.31 -47.83 -80.92
N UNK A 2307 133.25 -48.53 -80.52
CA UNK A 2307 132.11 -48.78 -81.39
C UNK A 2307 131.49 -47.45 -81.85
N UNK A 2308 131.33 -46.57 -80.87
CA UNK A 2308 130.76 -45.23 -81.11
C UNK A 2308 131.60 -44.47 -82.12
N UNK A 2309 132.90 -44.53 -81.91
CA UNK A 2309 133.89 -43.88 -82.77
C UNK A 2309 133.76 -44.38 -84.20
N UNK A 2310 133.66 -45.69 -84.32
CA UNK A 2310 133.51 -46.38 -85.61
C UNK A 2310 132.27 -45.85 -86.34
N UNK A 2311 131.19 -45.79 -85.58
CA UNK A 2311 129.89 -45.33 -86.08
C UNK A 2311 130.03 -43.89 -86.64
N UNK A 2312 130.69 -43.07 -85.84
CA UNK A 2312 130.93 -41.66 -86.18
C UNK A 2312 131.70 -41.56 -87.49
N UNK A 2313 132.73 -42.38 -87.58
CA UNK A 2313 133.60 -42.45 -88.77
C UNK A 2313 132.78 -42.78 -90.00
N UNK A 2314 131.93 -43.79 -89.84
CA UNK A 2314 131.05 -44.26 -90.91
C UNK A 2314 130.16 -43.12 -91.40
N UNK A 2315 129.58 -42.43 -90.42
CA UNK A 2315 128.68 -41.30 -90.68
C UNK A 2315 129.41 -40.23 -91.50
N UNK A 2316 130.62 -39.94 -91.06
CA UNK A 2316 131.48 -38.93 -91.71
C UNK A 2316 131.73 -39.31 -93.16
N UNK A 2317 132.05 -40.58 -93.35
CA UNK A 2317 132.32 -41.14 -94.68
C UNK A 2317 131.11 -40.95 -95.58
N UNK A 2318 129.95 -41.28 -95.03
CA UNK A 2318 128.67 -41.16 -95.73
C UNK A 2318 128.45 -39.73 -96.19
N UNK A 2319 128.69 -38.82 -95.26
CA UNK A 2319 128.54 -37.38 -95.48
C UNK A 2319 129.42 -36.93 -96.64
N UNK A 2320 130.67 -37.39 -96.60
CA UNK A 2320 131.70 -36.85 -97.50
C UNK A 2320 131.36 -37.13 -98.93
N UNK A 2321 130.93 -38.37 -99.18
CA UNK A 2321 130.53 -38.79 -100.54
C UNK A 2321 129.24 -38.13 -101.06
N UNK A 2322 128.44 -37.50 -100.19
CA UNK A 2322 127.25 -36.74 -100.63
C UNK A 2322 127.52 -35.30 -101.07
N UNK A 2323 128.71 -34.77 -100.77
CA UNK A 2323 129.06 -33.38 -101.14
C UNK A 2323 129.36 -33.25 -102.64
N UNK A 2324 130.43 -33.91 -103.10
CA UNK A 2324 130.82 -33.92 -104.52
C UNK A 2324 131.17 -32.52 -105.06
N UNK A 2325 130.29 -31.91 -105.87
CA UNK A 2325 130.55 -30.64 -106.55
C UNK A 2325 131.91 -30.59 -107.27
N UNK A 2326 132.08 -31.48 -108.24
CA UNK A 2326 133.28 -31.54 -109.10
C UNK A 2326 133.95 -32.91 -109.12
N UNK A 2327 135.22 -32.91 -109.52
CA UNK A 2327 136.03 -34.14 -109.54
C UNK A 2327 136.43 -34.55 -108.12
N UNK A 2328 136.97 -35.77 -108.02
CA UNK A 2328 137.35 -36.34 -106.72
C UNK A 2328 138.73 -35.83 -106.31
N UNK A 2329 139.70 -35.93 -107.22
CA UNK A 2329 141.08 -35.50 -106.94
C UNK A 2329 141.28 -33.99 -106.93
N UNK A 2330 140.44 -33.25 -107.64
CA UNK A 2330 140.48 -31.77 -107.61
C UNK A 2330 140.18 -31.21 -106.22
N UNK A 2331 139.33 -31.91 -105.47
CA UNK A 2331 139.13 -31.64 -104.04
C UNK A 2331 140.30 -32.22 -103.24
N UNK A 2332 140.70 -31.51 -102.18
CA UNK A 2332 141.73 -31.91 -101.24
C UNK A 2332 141.13 -32.37 -99.93
N UNK A 2333 140.05 -31.70 -99.49
CA UNK A 2333 139.38 -32.01 -98.24
C UNK A 2333 138.93 -33.47 -98.23
N UNK A 2334 138.33 -33.88 -99.35
CA UNK A 2334 137.83 -35.24 -99.53
C UNK A 2334 138.95 -36.25 -99.34
N UNK A 2335 140.06 -35.94 -99.99
CA UNK A 2335 141.27 -36.79 -99.95
C UNK A 2335 141.75 -36.94 -98.52
N UNK A 2336 141.78 -35.81 -97.82
CA UNK A 2336 142.23 -35.75 -96.42
C UNK A 2336 141.34 -36.55 -95.47
N UNK A 2337 140.04 -36.53 -95.79
CA UNK A 2337 139.03 -37.31 -95.08
C UNK A 2337 139.36 -38.78 -95.15
N UNK A 2338 139.88 -39.26 -96.29
CA UNK A 2338 140.20 -40.65 -96.47
C UNK A 2338 141.22 -41.11 -95.42
N UNK A 2339 142.23 -40.27 -95.24
CA UNK A 2339 143.30 -40.55 -94.27
C UNK A 2339 142.72 -40.70 -92.87
N UNK A 2340 141.84 -39.76 -92.54
CA UNK A 2340 141.16 -39.73 -91.24
C UNK A 2340 140.39 -41.03 -91.02
N UNK A 2341 139.67 -41.42 -92.06
CA UNK A 2341 138.85 -42.64 -92.05
C UNK A 2341 139.74 -43.86 -91.76
N UNK A 2342 140.86 -43.89 -92.46
CA UNK A 2342 141.84 -44.98 -92.34
C UNK A 2342 142.36 -45.05 -90.92
N UNK A 2343 142.65 -43.89 -90.35
CA UNK A 2343 143.03 -43.75 -88.94
C UNK A 2343 141.92 -44.29 -88.05
N UNK A 2344 140.67 -43.97 -88.39
CA UNK A 2344 139.54 -44.53 -87.65
C UNK A 2344 139.51 -46.04 -87.75
N UNK A 2345 139.79 -46.56 -88.93
CA UNK A 2345 139.88 -48.02 -89.15
C UNK A 2345 140.94 -48.62 -88.25
N UNK A 2346 142.08 -47.96 -88.19
CA UNK A 2346 143.23 -48.37 -87.37
C UNK A 2346 142.79 -48.47 -85.91
N UNK A 2347 142.11 -47.43 -85.48
CA UNK A 2347 141.60 -47.32 -84.10
C UNK A 2347 140.68 -48.50 -83.78
N UNK A 2348 139.79 -48.76 -84.73
CA UNK A 2348 138.81 -49.85 -84.63
C UNK A 2348 139.53 -51.18 -84.46
N UNK A 2349 140.56 -51.38 -85.27
CA UNK A 2349 141.39 -52.57 -85.26
C UNK A 2349 141.95 -52.84 -83.88
N UNK A 2350 142.31 -51.78 -83.15
CA UNK A 2350 142.85 -51.89 -81.82
C UNK A 2350 141.86 -52.54 -80.89
N UNK A 2351 140.57 -52.20 -81.03
CA UNK A 2351 139.51 -52.69 -80.18
C UNK A 2351 139.27 -54.16 -80.35
N UNK A 2352 139.58 -54.74 -81.51
CA UNK A 2352 139.49 -56.17 -81.74
C UNK A 2352 140.34 -56.92 -80.71
N UNK A 2353 141.56 -56.43 -80.54
CA UNK A 2353 142.51 -57.02 -79.60
C UNK A 2353 141.96 -56.95 -78.17
N UNK A 2354 141.49 -55.75 -77.85
CA UNK A 2354 140.88 -55.45 -76.55
C UNK A 2354 139.70 -56.36 -76.30
N UNK A 2355 138.86 -56.51 -77.32
CA UNK A 2355 137.66 -57.35 -77.26
C UNK A 2355 138.05 -58.78 -76.95
N UNK A 2356 139.08 -59.25 -77.65
CA UNK A 2356 139.61 -60.60 -77.50
C UNK A 2356 140.05 -60.83 -76.05
N UNK A 2357 140.78 -59.84 -75.55
CA UNK A 2357 141.31 -59.87 -74.18
C UNK A 2357 140.15 -60.01 -73.18
N UNK A 2358 139.14 -59.19 -73.41
CA UNK A 2358 137.93 -59.16 -72.58
C UNK A 2358 137.28 -60.54 -72.54
N UNK A 2359 137.16 -61.11 -73.73
CA UNK A 2359 136.56 -62.44 -73.93
C UNK A 2359 137.32 -63.48 -73.12
N UNK A 2360 138.64 -63.40 -73.22
CA UNK A 2360 139.55 -64.32 -72.55
C UNK A 2360 139.34 -64.22 -71.03
N UNK A 2361 139.24 -62.99 -70.55
CA UNK A 2361 139.16 -62.77 -69.13
C UNK A 2361 137.77 -63.26 -68.66
N UNK A 2362 136.78 -62.67 -69.33
CA UNK A 2362 135.38 -62.81 -68.97
C UNK A 2362 134.94 -64.24 -69.07
N UNK A 2363 135.42 -64.97 -70.09
CA UNK A 2363 135.10 -66.38 -70.27
C UNK A 2363 135.52 -67.17 -69.04
N UNK A 2364 136.72 -66.90 -68.58
CA UNK A 2364 137.30 -67.54 -67.40
C UNK A 2364 136.39 -67.35 -66.19
N UNK A 2365 135.98 -66.11 -66.02
CA UNK A 2365 135.10 -65.68 -64.92
C UNK A 2365 133.81 -66.47 -64.97
N UNK A 2366 133.16 -66.42 -66.12
CA UNK A 2366 131.84 -67.04 -66.33
C UNK A 2366 131.92 -68.54 -66.02
N UNK A 2367 132.96 -69.15 -66.56
CA UNK A 2367 133.21 -70.59 -66.41
C UNK A 2367 133.34 -70.92 -64.91
N UNK A 2368 134.12 -70.10 -64.23
CA UNK A 2368 134.32 -70.31 -62.79
C UNK A 2368 133.03 -70.20 -62.01
N UNK A 2369 132.29 -69.11 -62.26
CA UNK A 2369 131.29 -68.61 -61.32
C UNK A 2369 129.82 -68.70 -61.74
N UNK A 2370 129.51 -68.77 -63.03
CA UNK A 2370 128.16 -68.55 -63.51
C UNK A 2370 127.23 -69.65 -63.07
N UNK A 2371 127.72 -70.86 -62.72
CA UNK A 2371 126.82 -71.83 -62.13
C UNK A 2371 126.25 -71.37 -60.81
N UNK A 2372 127.09 -70.70 -60.02
CA UNK A 2372 126.64 -70.10 -58.75
C UNK A 2372 125.52 -69.10 -59.00
N UNK A 2373 125.76 -68.27 -60.02
CA UNK A 2373 124.80 -67.23 -60.42
C UNK A 2373 123.45 -67.87 -60.77
N UNK A 2374 123.55 -68.92 -61.57
CA UNK A 2374 122.38 -69.69 -62.03
C UNK A 2374 121.59 -70.19 -60.83
N UNK A 2375 122.33 -70.77 -59.89
CA UNK A 2375 121.76 -71.34 -58.66
C UNK A 2375 121.00 -70.25 -57.89
N UNK A 2376 121.65 -69.11 -57.78
CA UNK A 2376 121.10 -67.95 -57.07
C UNK A 2376 119.78 -67.53 -57.71
N UNK A 2377 119.80 -67.46 -59.03
CA UNK A 2377 118.63 -67.09 -59.83
C UNK A 2377 117.47 -68.04 -59.55
N UNK A 2378 117.81 -69.32 -59.56
CA UNK A 2378 116.84 -70.39 -59.31
C UNK A 2378 116.19 -70.22 -57.95
N UNK A 2379 117.04 -69.94 -56.97
CA UNK A 2379 116.63 -69.75 -55.57
C UNK A 2379 115.63 -68.60 -55.50
N UNK A 2380 116.00 -67.51 -56.18
CA UNK A 2380 115.19 -66.29 -56.18
C UNK A 2380 113.81 -66.61 -56.78
N UNK A 2381 113.82 -67.35 -57.87
CA UNK A 2381 112.55 -67.67 -58.54
C UNK A 2381 111.69 -68.54 -57.65
N UNK A 2382 112.31 -69.48 -56.95
CA UNK A 2382 111.60 -70.36 -56.02
C UNK A 2382 110.93 -69.51 -54.92
N UNK A 2383 111.70 -68.56 -54.41
CA UNK A 2383 111.19 -67.73 -53.34
C UNK A 2383 110.02 -66.88 -53.83
N UNK A 2384 110.12 -66.39 -55.05
CA UNK A 2384 109.04 -65.61 -55.68
C UNK A 2384 107.78 -66.44 -55.78
N UNK A 2385 107.97 -67.68 -56.22
CA UNK A 2385 106.88 -68.66 -56.38
C UNK A 2385 106.26 -69.18 -55.09
N UNK A 2386 107.00 -69.03 -54.01
CA UNK A 2386 106.51 -69.27 -52.65
C UNK A 2386 105.17 -68.55 -52.39
N UNK A 2387 105.09 -67.30 -52.82
CA UNK A 2387 103.84 -66.52 -52.99
C UNK A 2387 102.55 -67.28 -53.34
N UNK A 2388 102.64 -68.31 -54.17
CA UNK A 2388 101.46 -69.11 -54.54
C UNK A 2388 100.90 -69.97 -53.41
N UNK A 2389 101.70 -70.25 -52.38
CA UNK A 2389 101.30 -71.25 -51.38
C UNK A 2389 100.41 -70.68 -50.27
N UNK A 2390 100.61 -69.40 -49.94
CA UNK A 2390 99.91 -68.74 -48.82
C UNK A 2390 100.30 -67.26 -48.76
N UNK A 2391 99.33 -66.36 -48.85
CA UNK A 2391 99.58 -64.94 -48.55
C UNK A 2391 100.39 -64.85 -47.27
N UNK A 2392 101.29 -63.87 -47.18
CA UNK A 2392 102.35 -63.77 -46.15
C UNK A 2392 103.72 -64.14 -46.72
N UNK A 2393 103.77 -64.49 -48.00
CA UNK A 2393 105.02 -64.84 -48.65
C UNK A 2393 105.25 -64.03 -49.90
N UNK A 2394 105.23 -62.70 -49.76
CA UNK A 2394 105.87 -61.88 -50.75
C UNK A 2394 107.29 -61.55 -50.28
N UNK A 2395 108.24 -61.60 -51.22
CA UNK A 2395 109.65 -61.37 -50.96
C UNK A 2395 110.23 -60.60 -52.12
N UNK A 2396 110.81 -59.44 -51.85
CA UNK A 2396 111.39 -58.59 -52.89
C UNK A 2396 112.73 -59.10 -53.40
N UNK A 2397 113.18 -58.49 -54.49
CA UNK A 2397 114.55 -58.64 -54.98
C UNK A 2397 115.54 -58.05 -54.02
N UNK A 2398 115.19 -56.90 -53.43
CA UNK A 2398 116.04 -56.23 -52.44
C UNK A 2398 116.32 -57.16 -51.28
N UNK A 2399 115.27 -57.82 -50.80
CA UNK A 2399 115.35 -58.76 -49.69
C UNK A 2399 116.37 -59.87 -50.01
N UNK A 2400 116.22 -60.39 -51.22
CA UNK A 2400 117.06 -61.48 -51.72
C UNK A 2400 118.49 -60.99 -51.91
N UNK A 2401 118.64 -59.80 -52.47
CA UNK A 2401 119.96 -59.22 -52.66
C UNK A 2401 120.69 -59.05 -51.34
N UNK A 2402 119.95 -58.61 -50.32
CA UNK A 2402 120.49 -58.54 -48.96
C UNK A 2402 120.59 -59.91 -48.27
N UNK A 2403 120.61 -61.00 -49.05
CA UNK A 2403 121.31 -62.23 -48.68
C UNK A 2403 122.74 -62.14 -49.24
N UNK A 2404 122.87 -61.82 -50.54
CA UNK A 2404 124.18 -61.59 -51.18
C UNK A 2404 125.08 -60.67 -50.36
N UNK A 2405 124.63 -59.44 -50.16
CA UNK A 2405 125.41 -58.45 -49.44
C UNK A 2405 125.62 -58.82 -47.97
N UNK A 2406 124.81 -59.75 -47.45
CA UNK A 2406 125.05 -60.39 -46.15
C UNK A 2406 125.48 -61.87 -46.25
N UNK A 2407 126.25 -62.19 -47.29
CA UNK A 2407 126.89 -63.51 -47.47
C UNK A 2407 128.36 -63.31 -47.85
N UNK A 2408 128.59 -62.71 -49.01
CA UNK A 2408 129.94 -62.41 -49.52
C UNK A 2408 130.81 -61.61 -48.54
N UNK A 2409 130.19 -60.74 -47.74
CA UNK A 2409 130.90 -59.90 -46.77
C UNK A 2409 130.81 -60.38 -45.31
N UNK A 2410 129.77 -61.15 -44.96
CA UNK A 2410 129.57 -61.60 -43.57
C UNK A 2410 130.31 -62.90 -43.22
N UNK A 2411 130.18 -63.91 -44.08
CA UNK A 2411 130.66 -65.27 -43.78
C UNK A 2411 132.19 -65.39 -43.62
N UNK A 2412 132.67 -66.52 -43.03
CA UNK A 2412 134.10 -66.85 -42.92
C UNK A 2412 134.96 -66.52 -44.16
N UNK A 2413 136.11 -65.83 -44.03
CA UNK A 2413 136.67 -65.36 -42.74
C UNK A 2413 137.73 -64.25 -42.88
N UNK A 2414 138.91 -64.51 -43.48
CA UNK A 2414 139.35 -65.80 -44.03
C UNK A 2414 140.39 -66.42 -43.11
N UNK A 2415 140.70 -68.78 -45.44
CA UNK A 2415 140.85 -69.51 -46.68
C UNK A 2415 141.74 -68.74 -47.65
N UNK A 2416 141.31 -67.52 -48.01
CA UNK A 2416 142.06 -66.57 -48.85
C UNK A 2416 142.74 -67.12 -50.13
N UNK A 2417 142.01 -67.99 -50.84
CA UNK A 2417 142.39 -68.43 -52.19
C UNK A 2417 141.14 -68.68 -53.02
N UNK A 2418 141.24 -68.45 -54.32
CA UNK A 2418 140.06 -68.31 -55.18
C UNK A 2418 139.33 -69.61 -55.56
N UNK A 2419 139.94 -70.77 -55.30
CA UNK A 2419 139.35 -72.07 -55.67
C UNK A 2419 138.25 -72.51 -54.70
N UNK A 2420 138.62 -72.60 -53.42
CA UNK A 2420 137.74 -73.07 -52.39
C UNK A 2420 136.75 -72.03 -51.95
N UNK A 2421 137.11 -70.74 -52.08
CA UNK A 2421 136.32 -69.65 -51.56
C UNK A 2421 134.92 -69.68 -52.15
N UNK A 2422 134.88 -69.86 -53.47
CA UNK A 2422 133.62 -69.92 -54.22
C UNK A 2422 132.72 -71.03 -53.67
N UNK A 2423 133.36 -72.19 -53.48
CA UNK A 2423 132.69 -73.39 -52.97
C UNK A 2423 132.09 -73.11 -51.59
N UNK A 2424 132.89 -72.46 -50.76
CA UNK A 2424 132.49 -72.09 -49.39
C UNK A 2424 131.24 -71.21 -49.45
N UNK A 2425 131.32 -70.22 -50.33
CA UNK A 2425 130.23 -69.25 -50.52
C UNK A 2425 128.94 -69.98 -50.90
N UNK A 2426 129.08 -70.92 -51.84
CA UNK A 2426 127.94 -71.62 -52.39
C UNK A 2426 127.17 -72.36 -51.33
N UNK A 2427 127.92 -73.01 -50.43
CA UNK A 2427 127.33 -73.75 -49.31
C UNK A 2427 126.56 -72.88 -48.31
N UNK A 2428 127.25 -71.89 -47.75
CA UNK A 2428 126.69 -71.07 -46.66
C UNK A 2428 125.58 -70.16 -47.13
N UNK A 2429 125.67 -69.71 -48.38
CA UNK A 2429 124.72 -68.78 -48.97
C UNK A 2429 123.30 -69.33 -48.88
N UNK A 2430 123.20 -70.59 -49.29
CA UNK A 2430 121.92 -71.33 -49.30
C UNK A 2430 121.32 -71.35 -47.90
N UNK A 2431 122.18 -71.67 -46.94
CA UNK A 2431 121.80 -71.75 -45.53
C UNK A 2431 121.24 -70.42 -45.06
N UNK A 2432 121.97 -69.37 -45.41
CA UNK A 2432 121.61 -67.99 -45.05
C UNK A 2432 120.22 -67.66 -45.59
N UNK A 2433 120.03 -68.01 -46.86
CA UNK A 2433 118.76 -67.76 -47.56
C UNK A 2433 117.61 -68.46 -46.80
N UNK A 2434 117.87 -69.71 -46.48
CA UNK A 2434 116.88 -70.60 -45.88
C UNK A 2434 116.48 -70.05 -44.54
N UNK A 2435 117.46 -69.63 -43.75
CA UNK A 2435 117.20 -69.09 -42.41
C UNK A 2435 116.31 -67.86 -42.51
N UNK A 2436 116.63 -67.00 -43.47
CA UNK A 2436 115.85 -65.77 -43.67
C UNK A 2436 114.42 -66.10 -44.03
N UNK A 2437 114.26 -67.09 -44.91
CA UNK A 2437 112.94 -67.55 -45.35
C UNK A 2437 112.13 -68.03 -44.13
N UNK A 2438 112.79 -68.82 -43.31
CA UNK A 2438 112.25 -69.51 -42.17
C UNK A 2438 111.63 -68.55 -41.21
N UNK A 2439 112.32 -67.44 -40.95
CA UNK A 2439 111.85 -66.41 -40.02
C UNK A 2439 110.46 -65.91 -40.40
N UNK A 2440 110.24 -65.71 -41.70
CA UNK A 2440 108.94 -65.31 -42.23
C UNK A 2440 107.96 -66.42 -42.60
N UNK A 2441 108.32 -67.67 -42.33
CA UNK A 2441 107.53 -68.85 -42.75
C UNK A 2441 106.72 -69.45 -41.63
N UNK A 2442 105.94 -70.48 -41.95
CA UNK A 2442 105.27 -71.30 -40.96
C UNK A 2442 105.80 -72.74 -41.03
N UNK A 2443 105.79 -73.44 -39.89
CA UNK A 2443 106.53 -74.71 -39.74
C UNK A 2443 106.02 -75.86 -40.63
N UNK A 2444 104.75 -75.82 -41.02
CA UNK A 2444 104.22 -76.78 -42.00
C UNK A 2444 104.84 -76.63 -43.39
N UNK A 2445 105.21 -75.39 -43.74
CA UNK A 2445 105.78 -75.07 -45.05
C UNK A 2445 107.31 -75.23 -45.09
N UNK A 2446 107.96 -75.15 -43.92
CA UNK A 2446 109.41 -75.07 -43.79
C UNK A 2446 110.07 -76.15 -44.64
N UNK A 2447 109.53 -77.37 -44.49
CA UNK A 2447 110.11 -78.54 -45.13
C UNK A 2447 110.11 -78.35 -46.65
N UNK A 2448 108.98 -77.87 -47.16
CA UNK A 2448 108.73 -77.83 -48.58
C UNK A 2448 109.77 -76.97 -49.30
N UNK A 2449 109.98 -75.80 -48.72
CA UNK A 2449 110.93 -74.81 -49.25
C UNK A 2449 112.33 -75.41 -49.30
N UNK A 2450 112.69 -76.08 -48.20
CA UNK A 2450 113.99 -76.73 -48.06
C UNK A 2450 114.19 -77.76 -49.17
N UNK A 2451 113.14 -78.55 -49.36
CA UNK A 2451 113.13 -79.61 -50.38
C UNK A 2451 113.36 -79.02 -51.75
N UNK A 2452 112.65 -77.92 -52.02
CA UNK A 2452 112.77 -77.20 -53.30
C UNK A 2452 114.19 -76.76 -53.54
N UNK A 2453 115.23 -75.50 -51.38
CA UNK A 2453 116.47 -75.13 -52.02
C UNK A 2453 117.27 -76.34 -52.51
N UNK A 2454 116.90 -77.53 -52.04
CA UNK A 2454 117.67 -78.76 -52.34
C UNK A 2454 117.49 -79.23 -53.77
N UNK A 2455 116.26 -79.29 -54.26
CA UNK A 2455 116.00 -79.72 -55.64
C UNK A 2455 116.78 -78.86 -56.62
N UNK A 2456 116.92 -77.57 -56.31
CA UNK A 2456 117.85 -76.70 -57.08
C UNK A 2456 119.32 -77.09 -56.88
N UNK A 2457 119.71 -77.39 -55.64
CA UNK A 2457 121.12 -77.76 -55.36
C UNK A 2457 121.61 -79.05 -56.04
N UNK A 2458 120.69 -79.92 -56.48
CA UNK A 2458 121.03 -81.07 -57.31
C UNK A 2458 121.49 -80.68 -58.70
N UNK A 2459 120.72 -79.80 -59.35
CA UNK A 2459 121.03 -79.30 -60.70
C UNK A 2459 122.49 -78.84 -60.85
N UNK A 2460 122.94 -78.03 -59.89
CA UNK A 2460 124.31 -77.50 -59.90
C UNK A 2460 125.40 -78.54 -59.71
N UNK A 2461 125.18 -79.47 -58.78
CA UNK A 2461 126.15 -80.53 -58.48
C UNK A 2461 126.17 -81.60 -59.56
N UNK A 2462 127.95 -84.35 -61.37
CA UNK A 2462 128.15 -85.17 -60.19
C UNK A 2462 127.10 -86.26 -60.04
N UNK A 2463 125.83 -85.84 -60.03
CA UNK A 2463 124.67 -86.74 -59.86
C UNK A 2463 123.90 -87.08 -61.15
N UNK A 2464 123.87 -86.15 -62.12
CA UNK A 2464 122.75 -85.96 -63.04
C UNK A 2464 121.42 -86.62 -62.63
N UNK A 2465 120.60 -85.85 -61.91
CA UNK A 2465 119.35 -86.36 -61.34
C UNK A 2465 118.33 -86.68 -62.41
N UNK A 2466 117.67 -87.82 -62.26
CA UNK A 2466 116.64 -88.26 -63.20
C UNK A 2466 115.32 -87.62 -62.82
N UNK A 2467 114.72 -86.92 -63.78
CA UNK A 2467 113.60 -86.05 -63.56
C UNK A 2467 112.31 -86.82 -63.51
N UNK A 2468 112.20 -87.92 -64.26
CA UNK A 2468 110.97 -88.68 -64.37
C UNK A 2468 110.49 -89.13 -63.00
N UNK A 2469 111.44 -89.67 -62.24
CA UNK A 2469 111.20 -90.17 -60.88
C UNK A 2469 110.64 -89.06 -60.01
N UNK A 2470 111.30 -87.91 -60.10
CA UNK A 2470 110.94 -86.71 -59.33
C UNK A 2470 109.50 -86.32 -59.65
N UNK A 2471 109.20 -86.31 -60.95
CA UNK A 2471 107.87 -85.95 -61.46
C UNK A 2471 106.82 -86.87 -60.86
N UNK A 2472 107.14 -88.16 -60.88
CA UNK A 2472 106.26 -89.20 -60.36
C UNK A 2472 105.97 -88.95 -58.88
N UNK A 2473 107.03 -88.65 -58.16
CA UNK A 2473 106.96 -88.37 -56.72
C UNK A 2473 106.02 -87.19 -56.46
N UNK A 2474 106.21 -86.13 -57.24
CA UNK A 2474 105.77 -84.78 -56.87
C UNK A 2474 104.34 -84.46 -57.29
N UNK A 2475 103.97 -84.83 -58.51
CA UNK A 2475 102.58 -84.74 -58.98
C UNK A 2475 101.99 -86.04 -59.55
N UNK A 2476 102.79 -87.11 -59.58
CA UNK A 2476 102.37 -88.36 -60.22
C UNK A 2476 101.51 -89.29 -59.38
N UNK A 2477 101.18 -88.88 -58.14
CA UNK A 2477 100.21 -89.61 -57.32
C UNK A 2477 98.78 -89.60 -57.90
N UNK A 2478 98.47 -88.58 -58.70
CA UNK A 2478 97.20 -88.48 -59.43
C UNK A 2478 97.10 -89.38 -60.67
N UNK A 2479 98.15 -90.15 -60.99
CA UNK A 2479 98.13 -91.15 -62.07
C UNK A 2479 96.95 -92.10 -61.96
N UNK A 2480 96.27 -92.33 -63.08
CA UNK A 2480 95.14 -93.27 -63.14
C UNK A 2480 95.68 -94.68 -63.44
N UNK A 2481 95.22 -95.66 -62.66
CA UNK A 2481 95.53 -97.06 -62.91
C UNK A 2481 94.62 -97.56 -64.02
N UNK A 2482 95.12 -98.50 -64.83
CA UNK A 2482 94.32 -99.12 -65.89
C UNK A 2482 93.14 -99.87 -65.26
N UNK A 2483 91.93 -99.36 -65.50
CA UNK A 2483 90.71 -99.74 -64.75
C UNK A 2483 90.59 -101.22 -64.36
N UNK A 2484 90.47 -101.47 -63.06
CA UNK A 2484 90.24 -102.82 -62.51
C UNK A 2484 91.46 -103.54 -61.92
N UNK A 2485 92.63 -102.89 -61.96
CA UNK A 2485 93.87 -103.50 -61.45
C UNK A 2485 93.92 -103.44 -59.92
N UNK A 2486 93.83 -104.61 -59.28
CA UNK A 2486 93.94 -104.74 -57.82
C UNK A 2486 94.83 -105.95 -57.49
N UNK A 2487 96.17 -105.73 -57.40
CA UNK A 2487 97.19 -106.76 -57.10
C UNK A 2487 97.06 -107.53 -55.78
N UNK A 2488 98.11 -108.28 -55.44
CA UNK A 2488 98.16 -109.12 -54.24
C UNK A 2488 98.04 -108.31 -52.95
N UNK A 2489 97.33 -108.88 -51.98
CA UNK A 2489 97.01 -108.22 -50.71
C UNK A 2489 97.37 -109.13 -49.52
N UNK A 2490 98.52 -109.81 -49.62
CA UNK A 2490 98.98 -110.72 -48.56
C UNK A 2490 99.58 -109.90 -47.41
N UNK A 2491 100.64 -109.15 -47.72
CA UNK A 2491 101.24 -108.21 -46.79
C UNK A 2491 100.60 -106.82 -46.86
N UNK A 2492 100.31 -106.38 -48.08
CA UNK A 2492 99.75 -105.05 -48.35
C UNK A 2492 98.29 -104.89 -47.92
N UNK A 2493 97.84 -103.64 -47.89
CA UNK A 2493 96.43 -103.27 -47.80
C UNK A 2493 96.06 -102.54 -49.09
N UNK A 2494 94.77 -102.24 -49.26
CA UNK A 2494 94.27 -101.60 -50.49
C UNK A 2494 94.80 -100.17 -50.64
N UNK A 2495 95.02 -99.49 -49.51
CA UNK A 2495 95.64 -98.16 -49.49
C UNK A 2495 97.07 -98.21 -50.04
N UNK A 2496 97.85 -99.18 -49.56
CA UNK A 2496 99.26 -99.34 -49.97
C UNK A 2496 99.40 -99.96 -51.36
N UNK A 2497 98.55 -100.94 -51.66
CA UNK A 2497 98.56 -101.64 -52.95
C UNK A 2497 98.08 -100.78 -54.13
N UNK A 2498 97.28 -99.75 -53.84
CA UNK A 2498 96.78 -98.84 -54.89
C UNK A 2498 97.89 -98.08 -55.63
N UNK A 2499 98.92 -97.69 -54.88
CA UNK A 2499 100.05 -96.93 -55.45
C UNK A 2499 101.15 -97.80 -56.07
N UNK A 2500 101.20 -99.09 -55.72
CA UNK A 2500 102.29 -99.98 -56.12
C UNK A 2500 102.33 -100.23 -57.65
N UNK A 2501 101.16 -100.38 -58.28
CA UNK A 2501 101.08 -100.47 -59.75
C UNK A 2501 101.46 -99.14 -60.37
N UNK A 2502 100.96 -98.04 -59.81
CA UNK A 2502 101.33 -96.68 -60.21
C UNK A 2502 102.85 -96.46 -60.12
N UNK A 2503 103.45 -96.94 -59.03
CA UNK A 2503 104.90 -96.85 -58.81
C UNK A 2503 105.68 -97.72 -59.80
N UNK A 2504 105.23 -98.97 -59.95
CA UNK A 2504 105.95 -99.96 -60.78
C UNK A 2504 105.94 -99.70 -62.30
N UNK A 2505 105.13 -98.73 -62.76
CA UNK A 2505 105.19 -98.27 -64.16
C UNK A 2505 106.49 -97.55 -64.53
N UNK A 2506 107.24 -97.08 -63.54
CA UNK A 2506 108.54 -96.45 -63.78
C UNK A 2506 109.59 -97.44 -64.27
N UNK A 2507 110.70 -96.95 -64.88
CA UNK A 2507 111.73 -97.86 -65.41
C UNK A 2507 112.49 -98.67 -64.35
N UNK A 2508 112.98 -98.00 -63.31
CA UNK A 2508 113.82 -98.63 -62.28
C UNK A 2508 113.08 -99.53 -61.30
N UNK A 2509 111.74 -99.43 -61.24
CA UNK A 2509 110.91 -100.24 -60.34
C UNK A 2509 110.02 -101.22 -61.12
N UNK A 2510 110.59 -101.89 -62.11
CA UNK A 2510 109.88 -102.93 -62.86
C UNK A 2510 109.58 -104.15 -62.00
N UNK A 2511 110.53 -104.50 -61.12
CA UNK A 2511 110.45 -105.69 -60.27
C UNK A 2511 109.94 -105.40 -58.85
N UNK A 2512 109.05 -104.42 -58.71
CA UNK A 2512 108.52 -104.02 -57.40
C UNK A 2512 107.48 -105.01 -56.88
N UNK A 2513 106.56 -105.43 -57.76
CA UNK A 2513 105.51 -106.39 -57.42
C UNK A 2513 106.08 -107.80 -57.20
N UNK A 2514 107.22 -108.11 -57.83
CA UNK A 2514 107.97 -109.33 -57.54
C UNK A 2514 108.68 -109.26 -56.18
N UNK A 2515 109.20 -108.08 -55.84
CA UNK A 2515 109.95 -107.87 -54.59
C UNK A 2515 109.12 -108.01 -53.31
N UNK A 2516 107.80 -107.76 -53.38
CA UNK A 2516 106.93 -107.89 -52.20
C UNK A 2516 106.76 -109.34 -51.74
N UNK A 2517 106.77 -110.28 -52.68
CA UNK A 2517 106.71 -111.71 -52.38
C UNK A 2517 108.10 -112.29 -52.12
N UNK A 2518 109.10 -111.80 -52.87
CA UNK A 2518 110.50 -112.20 -52.68
C UNK A 2518 111.04 -111.76 -51.32
N UNK A 2519 110.71 -110.53 -50.91
CA UNK A 2519 111.01 -109.99 -49.58
C UNK A 2519 109.76 -109.98 -48.70
N UNK A 2520 109.05 -111.12 -48.67
CA UNK A 2520 107.84 -111.27 -47.87
C UNK A 2520 108.16 -111.59 -46.40
N UNK A 2521 109.36 -112.10 -46.13
CA UNK A 2521 109.82 -112.38 -44.76
C UNK A 2521 110.02 -111.09 -43.96
N UNK A 2522 110.65 -110.10 -44.57
CA UNK A 2522 110.90 -108.80 -43.94
C UNK A 2522 109.66 -107.89 -44.03
N UNK A 2523 108.86 -107.89 -42.97
CA UNK A 2523 107.70 -107.00 -42.84
C UNK A 2523 107.75 -106.19 -41.55
N UNK A 2524 108.95 -105.70 -41.22
CA UNK A 2524 109.18 -104.89 -40.01
C UNK A 2524 109.03 -103.40 -40.29
N UNK A 2525 109.60 -102.95 -41.41
CA UNK A 2525 109.39 -101.58 -41.89
C UNK A 2525 107.97 -101.37 -42.44
N UNK A 2526 107.39 -102.43 -42.98
CA UNK A 2526 105.98 -102.40 -43.41
C UNK A 2526 105.01 -102.25 -42.25
N UNK A 2527 105.38 -102.80 -41.08
CA UNK A 2527 104.54 -102.75 -39.87
C UNK A 2527 105.25 -102.10 -38.67
N UNK A 2528 104.89 -100.86 -38.37
CA UNK A 2528 105.33 -100.14 -37.15
C UNK A 2528 106.78 -99.63 -37.22
N UNK A 2529 107.28 -99.13 -36.08
CA UNK A 2529 108.66 -98.64 -35.93
C UNK A 2529 108.86 -97.28 -36.61
N UNK A 2530 110.11 -96.94 -36.94
CA UNK A 2530 110.46 -95.74 -37.70
C UNK A 2530 111.10 -96.13 -39.06
N UNK A 2531 110.26 -96.43 -40.08
CA UNK A 2531 110.75 -96.82 -41.42
C UNK A 2531 111.66 -95.85 -42.17
N UNK A 2532 111.65 -94.57 -41.80
CA UNK A 2532 112.53 -93.58 -42.41
C UNK A 2532 114.02 -93.86 -42.19
N UNK A 2533 114.37 -94.37 -41.01
CA UNK A 2533 115.76 -94.71 -40.67
C UNK A 2533 116.25 -95.97 -41.40
N UNK A 2534 115.47 -97.05 -41.32
CA UNK A 2534 115.80 -98.33 -41.96
C UNK A 2534 114.79 -98.66 -43.06
N UNK A 2535 115.22 -98.49 -44.31
CA UNK A 2535 114.38 -98.76 -45.49
C UNK A 2535 114.78 -100.10 -46.13
N UNK A 2536 113.85 -101.08 -46.19
CA UNK A 2536 114.13 -102.35 -46.88
C UNK A 2536 114.25 -102.23 -48.40
N UNK A 2537 114.72 -103.30 -49.04
CA UNK A 2537 114.86 -103.40 -50.51
C UNK A 2537 115.93 -102.44 -51.06
N UNK A 2538 115.96 -102.31 -52.39
CA UNK A 2538 116.80 -101.33 -53.07
C UNK A 2538 116.05 -100.75 -54.28
N UNK A 2539 116.69 -99.80 -54.97
CA UNK A 2539 116.08 -99.14 -56.12
C UNK A 2539 116.02 -100.07 -57.33
N UNK A 2540 122.23 -100.38 -61.74
CA UNK A 2540 123.25 -100.02 -60.76
C UNK A 2540 122.72 -98.97 -59.76
N UNK A 2541 123.07 -99.10 -58.46
CA UNK A 2541 122.60 -98.13 -57.46
C UNK A 2541 123.33 -96.78 -57.49
N UNK A 2542 124.66 -96.81 -57.65
CA UNK A 2542 125.51 -95.62 -57.73
C UNK A 2542 125.48 -94.72 -56.47
N UNK A 2543 124.93 -93.51 -56.57
CA UNK A 2543 125.10 -92.47 -55.53
C UNK A 2543 124.13 -92.62 -54.36
N UNK A 2544 124.48 -92.07 -53.18
CA UNK A 2544 123.59 -92.11 -52.02
C UNK A 2544 122.41 -91.13 -52.07
N UNK A 2545 122.54 -90.07 -52.88
CA UNK A 2545 121.42 -89.14 -53.11
C UNK A 2545 120.32 -89.81 -53.94
N UNK A 2546 120.75 -90.57 -54.95
CA UNK A 2546 119.87 -91.44 -55.71
C UNK A 2546 119.17 -92.43 -54.78
N UNK A 2547 119.97 -93.02 -53.90
CA UNK A 2547 119.48 -93.99 -52.92
C UNK A 2547 118.39 -93.37 -52.05
N UNK A 2548 118.69 -92.17 -51.59
CA UNK A 2548 117.77 -91.39 -50.74
C UNK A 2548 116.45 -91.17 -51.45
N UNK A 2549 116.57 -90.77 -52.72
CA UNK A 2549 115.41 -90.51 -53.58
C UNK A 2549 114.54 -91.77 -53.68
N UNK A 2550 115.22 -92.88 -53.93
CA UNK A 2550 114.58 -94.18 -54.06
C UNK A 2550 113.79 -94.52 -52.80
N UNK A 2551 114.45 -94.30 -51.67
CA UNK A 2551 113.87 -94.55 -50.35
C UNK A 2551 112.58 -93.74 -50.17
N UNK A 2552 112.70 -92.47 -50.54
CA UNK A 2552 111.58 -91.52 -50.45
C UNK A 2552 110.40 -92.03 -51.26
N UNK A 2553 110.71 -92.46 -52.48
CA UNK A 2553 109.72 -92.99 -53.42
C UNK A 2553 108.99 -94.17 -52.81
N UNK A 2554 109.79 -95.07 -52.23
CA UNK A 2554 109.30 -96.28 -51.58
C UNK A 2554 108.32 -95.92 -50.46
N UNK A 2555 108.73 -94.95 -49.67
CA UNK A 2555 107.94 -94.45 -48.54
C UNK A 2555 106.59 -93.94 -49.02
N UNK A 2556 106.58 -92.89 -49.83
CA UNK A 2556 105.32 -92.24 -50.27
C UNK A 2556 104.22 -93.25 -50.64
N UNK A 2557 104.59 -94.29 -51.38
CA UNK A 2557 103.64 -95.33 -51.80
C UNK A 2557 103.20 -96.20 -50.64
N UNK A 2558 104.17 -96.78 -49.93
CA UNK A 2558 103.89 -97.75 -48.87
C UNK A 2558 103.50 -97.06 -47.56
N UNK A 2559 104.43 -96.28 -47.03
CA UNK A 2559 104.31 -95.65 -45.71
C UNK A 2559 104.00 -94.15 -45.83
N UNK A 2560 102.75 -93.74 -45.53
CA UNK A 2560 102.41 -92.32 -45.65
C UNK A 2560 102.88 -91.44 -44.49
N UNK A 2561 102.83 -91.96 -43.26
CA UNK A 2561 103.02 -91.14 -42.05
C UNK A 2561 104.42 -90.56 -41.85
N UNK A 2562 105.45 -91.26 -42.33
CA UNK A 2562 106.84 -90.83 -42.14
C UNK A 2562 107.33 -89.87 -43.24
N UNK A 2563 106.42 -89.37 -44.10
CA UNK A 2563 106.85 -88.76 -45.35
C UNK A 2563 107.58 -87.46 -45.11
N UNK A 2564 107.05 -86.67 -44.17
CA UNK A 2564 107.68 -85.41 -43.77
C UNK A 2564 109.10 -85.66 -43.26
N UNK A 2565 109.20 -86.68 -42.41
CA UNK A 2565 110.48 -87.09 -41.82
C UNK A 2565 111.48 -87.44 -42.91
N UNK A 2566 110.99 -88.23 -43.86
CA UNK A 2566 111.80 -88.67 -45.00
C UNK A 2566 112.34 -87.48 -45.77
N UNK A 2567 111.44 -86.54 -46.02
CA UNK A 2567 111.76 -85.30 -46.74
C UNK A 2567 112.87 -84.55 -46.03
N UNK A 2568 112.71 -84.43 -44.71
CA UNK A 2568 113.65 -83.75 -43.83
C UNK A 2568 115.04 -84.39 -43.97
N UNK A 2569 115.02 -85.72 -43.91
CA UNK A 2569 116.24 -86.53 -44.00
C UNK A 2569 116.96 -86.24 -45.31
N UNK A 2570 116.16 -86.24 -46.37
CA UNK A 2570 116.65 -85.99 -47.74
C UNK A 2570 117.34 -84.63 -47.81
N UNK A 2571 116.66 -83.64 -47.23
CA UNK A 2571 117.14 -82.26 -47.18
C UNK A 2571 118.50 -82.20 -46.48
N UNK A 2572 118.57 -82.89 -45.36
CA UNK A 2572 119.77 -82.97 -44.54
C UNK A 2572 120.93 -83.53 -45.36
N UNK A 2573 120.62 -84.62 -46.05
CA UNK A 2573 121.64 -85.38 -46.79
C UNK A 2573 122.24 -84.49 -47.87
N UNK A 2574 121.36 -83.78 -48.58
CA UNK A 2574 121.77 -82.93 -49.70
C UNK A 2574 122.56 -81.68 -49.26
N UNK A 2575 121.93 -80.89 -48.41
CA UNK A 2575 122.40 -79.55 -48.05
C UNK A 2575 123.41 -79.54 -46.90
N UNK A 2576 123.08 -80.28 -45.84
CA UNK A 2576 123.92 -80.36 -44.64
C UNK A 2576 123.18 -80.91 -43.43
N UNK A 2577 123.90 -81.59 -42.55
CA UNK A 2577 123.30 -82.27 -41.39
C UNK A 2577 122.58 -81.31 -40.44
N UNK A 2578 123.18 -80.14 -40.21
CA UNK A 2578 122.62 -79.10 -39.37
C UNK A 2578 122.25 -77.86 -40.21
N UNK A 2579 121.49 -78.10 -41.27
CA UNK A 2579 121.00 -77.04 -42.17
C UNK A 2579 119.67 -76.52 -41.65
N UNK A 2580 118.75 -77.45 -41.42
CA UNK A 2580 117.42 -77.15 -40.88
C UNK A 2580 117.40 -76.89 -39.37
N UNK A 2581 118.46 -77.30 -38.67
CA UNK A 2581 118.46 -77.39 -37.21
C UNK A 2581 118.32 -76.05 -36.46
N UNK A 2582 118.73 -74.96 -37.09
CA UNK A 2582 118.76 -73.65 -36.41
C UNK A 2582 117.38 -73.03 -36.09
N UNK A 2583 116.31 -73.54 -36.69
CA UNK A 2583 114.95 -73.02 -36.44
C UNK A 2583 114.19 -73.77 -35.35
N UNK A 2584 114.52 -75.05 -35.14
CA UNK A 2584 114.04 -75.79 -33.97
C UNK A 2584 114.70 -75.26 -32.69
N UNK A 2585 115.89 -74.68 -32.83
CA UNK A 2585 116.50 -73.87 -31.77
C UNK A 2585 115.67 -72.59 -31.56
N UNK A 2586 115.78 -71.96 -30.37
CA UNK A 2586 114.99 -70.75 -30.12
C UNK A 2586 115.51 -69.54 -30.89
N UNK A 2587 114.60 -68.68 -31.34
CA UNK A 2587 114.94 -67.60 -32.27
C UNK A 2587 115.57 -66.41 -31.58
N UNK A 2588 116.78 -66.04 -32.04
CA UNK A 2588 117.46 -64.83 -31.59
C UNK A 2588 116.84 -63.63 -32.28
N UNK A 2589 116.34 -62.68 -31.49
CA UNK A 2589 115.72 -61.46 -32.00
C UNK A 2589 116.69 -60.29 -31.97
N UNK A 2590 117.56 -60.25 -30.95
CA UNK A 2590 118.48 -59.14 -30.71
C UNK A 2590 119.40 -58.86 -31.90
N UNK A 2591 120.10 -59.90 -32.32
CA UNK A 2591 121.13 -59.79 -33.35
C UNK A 2591 120.49 -59.27 -34.65
N UNK A 2592 119.35 -59.84 -34.99
CA UNK A 2592 118.78 -59.69 -36.34
C UNK A 2592 118.38 -58.24 -36.52
N UNK A 2593 117.65 -57.72 -35.54
CA UNK A 2593 117.20 -56.32 -35.61
C UNK A 2593 118.40 -55.38 -35.63
N UNK A 2594 119.40 -55.70 -34.81
CA UNK A 2594 120.60 -54.90 -34.69
C UNK A 2594 121.30 -54.72 -36.03
N UNK A 2595 121.49 -55.84 -36.74
CA UNK A 2595 122.40 -55.92 -37.89
C UNK A 2595 121.71 -56.09 -39.25
N UNK A 2596 120.91 -57.15 -39.39
CA UNK A 2596 120.37 -57.57 -40.70
C UNK A 2596 119.46 -56.52 -41.36
N UNK A 2597 118.48 -56.03 -40.60
CA UNK A 2597 117.43 -55.16 -41.16
C UNK A 2597 117.90 -53.72 -41.35
N UNK A 2598 117.36 -53.06 -42.37
CA UNK A 2598 117.68 -51.67 -42.67
C UNK A 2598 116.67 -50.77 -41.98
N UNK A 2599 117.13 -49.63 -41.41
CA UNK A 2599 116.27 -48.75 -40.60
C UNK A 2599 115.09 -48.08 -41.33
N UNK A 2600 115.12 -48.02 -42.65
CA UNK A 2600 113.95 -47.62 -43.46
C UNK A 2600 113.05 -48.80 -43.88
N UNK A 2601 113.32 -49.99 -43.33
CA UNK A 2601 112.56 -51.21 -43.61
C UNK A 2601 112.12 -51.86 -42.29
N UNK A 2602 110.81 -51.90 -42.02
CA UNK A 2602 110.36 -52.19 -40.67
C UNK A 2602 110.45 -53.66 -40.33
N UNK A 2603 110.54 -53.95 -39.04
CA UNK A 2603 110.34 -55.30 -38.56
C UNK A 2603 108.84 -55.52 -38.58
N UNK A 2604 108.42 -56.71 -39.02
CA UNK A 2604 106.99 -57.02 -39.18
C UNK A 2604 106.67 -58.35 -38.51
N UNK A 2605 105.99 -58.28 -37.36
CA UNK A 2605 105.82 -59.44 -36.48
C UNK A 2605 104.47 -60.12 -36.64
N UNK A 2606 104.39 -60.99 -37.65
CA UNK A 2606 103.20 -61.76 -37.91
C UNK A 2606 103.12 -62.89 -36.92
N UNK A 2607 101.91 -63.20 -36.47
CA UNK A 2607 101.72 -64.35 -35.58
C UNK A 2607 100.36 -65.00 -35.78
N UNK A 2608 100.33 -66.33 -35.72
CA UNK A 2608 99.07 -67.06 -35.70
C UNK A 2608 98.30 -66.76 -34.41
N UNK A 2609 96.96 -66.94 -34.40
CA UNK A 2609 96.18 -66.54 -33.23
C UNK A 2609 96.44 -67.38 -31.98
N UNK A 2610 96.19 -66.80 -30.82
CA UNK A 2610 96.54 -67.40 -29.54
C UNK A 2610 98.03 -67.35 -29.26
N UNK A 2611 98.72 -66.37 -29.84
CA UNK A 2611 100.14 -66.16 -29.61
C UNK A 2611 100.53 -64.77 -30.13
N UNK A 2612 101.14 -63.96 -29.28
CA UNK A 2612 101.47 -62.57 -29.61
C UNK A 2612 102.94 -62.27 -29.40
N UNK A 2613 103.44 -61.28 -30.13
CA UNK A 2613 104.85 -60.87 -30.10
C UNK A 2613 105.06 -59.42 -29.64
N UNK A 2614 104.05 -58.82 -28.99
CA UNK A 2614 104.18 -57.45 -28.46
C UNK A 2614 105.21 -57.38 -27.34
N UNK A 2615 105.22 -58.40 -26.49
CA UNK A 2615 106.06 -58.47 -25.34
C UNK A 2615 107.51 -58.70 -25.68
N UNK A 2616 107.77 -59.44 -26.77
CA UNK A 2616 109.11 -59.76 -27.20
C UNK A 2616 109.92 -58.48 -27.42
N UNK A 2617 109.28 -57.55 -28.13
CA UNK A 2617 109.90 -56.26 -28.47
C UNK A 2617 110.28 -55.52 -27.19
N UNK A 2618 109.34 -55.52 -26.25
CA UNK A 2618 109.50 -54.85 -24.96
C UNK A 2618 110.72 -55.43 -24.23
N UNK A 2619 110.77 -56.76 -24.23
CA UNK A 2619 111.85 -57.51 -23.59
C UNK A 2619 113.19 -57.10 -24.17
N UNK A 2620 113.22 -57.05 -25.50
CA UNK A 2620 114.42 -56.68 -26.26
C UNK A 2620 114.89 -55.29 -25.85
N UNK A 2621 113.93 -54.38 -25.77
CA UNK A 2621 114.18 -52.99 -25.39
C UNK A 2621 114.89 -52.89 -24.05
N UNK A 2622 114.41 -53.66 -23.08
CA UNK A 2622 115.00 -53.66 -21.73
C UNK A 2622 116.47 -54.09 -21.82
N UNK A 2623 116.68 -55.16 -22.58
CA UNK A 2623 117.99 -55.81 -22.71
C UNK A 2623 118.98 -54.82 -23.29
N UNK A 2624 118.54 -54.14 -24.36
CA UNK A 2624 119.42 -53.25 -25.12
C UNK A 2624 119.51 -51.80 -24.62
N UNK A 2625 118.62 -51.44 -23.69
CA UNK A 2625 118.47 -50.06 -23.18
C UNK A 2625 118.11 -49.04 -24.27
N UNK A 2626 117.30 -49.48 -25.24
CA UNK A 2626 116.78 -48.61 -26.29
C UNK A 2626 115.45 -48.01 -25.83
N UNK A 2627 115.24 -46.73 -26.16
CA UNK A 2627 113.99 -46.05 -25.86
C UNK A 2627 112.97 -46.35 -26.95
N UNK A 2628 111.89 -47.05 -26.59
CA UNK A 2628 110.80 -47.36 -27.55
C UNK A 2628 109.58 -46.49 -27.28
N UNK A 2629 108.59 -46.60 -28.16
CA UNK A 2629 107.33 -45.87 -28.05
C UNK A 2629 106.20 -46.81 -28.47
N UNK A 2630 105.62 -47.51 -27.50
CA UNK A 2630 104.57 -48.49 -27.75
C UNK A 2630 103.22 -47.81 -27.99
N UNK A 2631 102.59 -48.13 -29.12
CA UNK A 2631 101.31 -47.55 -29.50
C UNK A 2631 100.42 -48.63 -30.13
N UNK A 2632 99.15 -48.66 -29.72
CA UNK A 2632 98.17 -49.58 -30.31
C UNK A 2632 97.44 -48.88 -31.43
N UNK A 2633 97.37 -49.54 -32.59
CA UNK A 2633 96.62 -49.02 -33.73
C UNK A 2633 95.14 -49.24 -33.49
N UNK A 2634 94.38 -48.17 -33.57
CA UNK A 2634 92.94 -48.26 -33.43
C UNK A 2634 92.23 -46.96 -33.76
N UNK A 2635 92.10 -46.12 -32.74
CA UNK A 2635 91.33 -44.88 -32.85
C UNK A 2635 92.00 -43.83 -33.73
N UNK A 2636 91.26 -42.76 -34.01
CA UNK A 2636 91.79 -41.59 -34.69
C UNK A 2636 92.84 -40.86 -33.83
N UNK A 2637 92.65 -40.93 -32.51
CA UNK A 2637 93.65 -40.43 -31.55
C UNK A 2637 94.97 -41.18 -31.63
N UNK A 2638 94.92 -42.46 -31.99
CA UNK A 2638 96.08 -43.30 -31.99
C UNK A 2638 96.94 -43.06 -33.22
N UNK A 2639 96.28 -42.86 -34.37
CA UNK A 2639 96.98 -42.74 -35.64
C UNK A 2639 97.96 -41.57 -35.61
N UNK A 2640 97.47 -40.46 -35.07
CA UNK A 2640 98.29 -39.24 -34.98
C UNK A 2640 99.52 -39.50 -34.12
N UNK A 2641 99.28 -40.17 -33.00
CA UNK A 2641 100.35 -40.54 -32.05
C UNK A 2641 101.41 -41.38 -32.76
N UNK A 2642 100.89 -42.37 -33.47
CA UNK A 2642 101.72 -43.34 -34.20
C UNK A 2642 102.62 -42.63 -35.18
N UNK A 2643 102.02 -41.70 -35.93
CA UNK A 2643 102.75 -40.80 -36.83
C UNK A 2643 103.88 -40.06 -36.09
N UNK A 2644 103.47 -39.31 -35.07
CA UNK A 2644 104.37 -38.35 -34.41
C UNK A 2644 105.57 -39.08 -33.84
N UNK A 2645 105.27 -40.20 -33.17
CA UNK A 2645 106.31 -41.03 -32.53
C UNK A 2645 107.29 -41.51 -33.59
N UNK A 2646 106.74 -41.97 -34.71
CA UNK A 2646 107.55 -42.47 -35.84
C UNK A 2646 108.50 -41.39 -36.32
N UNK A 2647 107.93 -40.20 -36.48
CA UNK A 2647 108.67 -39.02 -36.95
C UNK A 2647 109.85 -38.74 -36.02
N UNK A 2648 109.53 -38.77 -34.73
CA UNK A 2648 110.52 -38.51 -33.67
C UNK A 2648 111.66 -39.53 -33.77
N UNK A 2649 111.20 -40.79 -33.85
CA UNK A 2649 112.09 -41.95 -33.80
C UNK A 2649 113.10 -41.88 -34.95
N UNK A 2650 112.56 -41.59 -36.13
CA UNK A 2650 113.38 -41.49 -37.36
C UNK A 2650 114.45 -40.43 -37.19
N UNK A 2651 114.02 -39.28 -36.65
CA UNK A 2651 114.91 -38.15 -36.40
C UNK A 2651 116.05 -38.43 -35.41
N UNK A 2652 115.65 -38.83 -34.21
CA UNK A 2652 116.56 -39.01 -33.08
C UNK A 2652 117.27 -40.35 -33.11
N UNK A 2653 116.48 -41.42 -33.21
CA UNK A 2653 116.97 -42.79 -33.11
C UNK A 2653 116.31 -43.67 -32.05
N UNK A 2654 115.10 -43.30 -31.61
CA UNK A 2654 114.29 -44.17 -30.76
C UNK A 2654 113.69 -45.32 -31.58
N UNK A 2655 112.99 -46.23 -30.90
CA UNK A 2655 112.16 -47.23 -31.57
C UNK A 2655 110.69 -46.88 -31.46
N UNK A 2656 109.88 -47.63 -32.19
CA UNK A 2656 108.43 -47.54 -32.11
C UNK A 2656 107.81 -48.86 -32.60
N UNK A 2657 107.07 -49.53 -31.70
CA UNK A 2657 106.28 -50.67 -32.07
C UNK A 2657 104.84 -50.23 -32.16
N UNK A 2658 104.24 -50.42 -33.33
CA UNK A 2658 102.80 -50.28 -33.49
C UNK A 2658 102.15 -51.66 -33.36
N UNK A 2659 101.11 -51.74 -32.52
CA UNK A 2659 100.46 -53.01 -32.22
C UNK A 2659 99.10 -53.12 -32.89
N UNK A 2660 98.73 -54.33 -33.29
CA UNK A 2660 97.46 -54.60 -33.96
C UNK A 2660 97.30 -53.79 -35.25
N UNK A 2661 98.35 -53.82 -36.07
CA UNK A 2661 98.40 -53.04 -37.31
C UNK A 2661 97.45 -53.59 -38.38
N UNK A 2662 97.27 -54.91 -38.37
CA UNK A 2662 96.29 -55.58 -39.23
C UNK A 2662 94.84 -55.11 -39.11
N UNK A 2663 94.49 -54.42 -38.02
CA UNK A 2663 93.14 -53.90 -37.83
C UNK A 2663 92.89 -52.52 -38.45
N UNK A 2664 93.75 -52.06 -39.36
CA UNK A 2664 93.47 -50.87 -40.15
C UNK A 2664 94.27 -50.87 -41.45
N UNK A 2665 93.94 -51.80 -42.36
CA UNK A 2665 94.70 -52.02 -43.59
C UNK A 2665 94.90 -50.78 -44.44
N UNK A 2666 93.89 -49.92 -44.52
CA UNK A 2666 93.99 -48.66 -45.26
C UNK A 2666 95.20 -47.82 -44.88
N UNK A 2667 95.49 -47.79 -43.58
CA UNK A 2667 96.54 -46.98 -43.04
C UNK A 2667 97.90 -47.59 -43.33
N UNK A 2668 97.99 -48.92 -43.28
CA UNK A 2668 99.27 -49.61 -43.38
C UNK A 2668 99.97 -49.26 -44.69
N UNK A 2669 99.19 -49.29 -45.76
CA UNK A 2669 99.69 -48.98 -47.11
C UNK A 2669 100.26 -47.57 -47.14
N UNK A 2670 99.50 -46.65 -46.56
CA UNK A 2670 99.89 -45.24 -46.49
C UNK A 2670 101.22 -45.09 -45.76
N UNK A 2671 101.30 -45.78 -44.64
CA UNK A 2671 102.50 -45.78 -43.79
C UNK A 2671 103.71 -46.25 -44.58
N UNK A 2672 103.50 -47.34 -45.32
CA UNK A 2672 104.54 -47.93 -46.17
C UNK A 2672 105.12 -46.91 -47.14
N UNK A 2673 104.24 -46.16 -47.80
CA UNK A 2673 104.67 -45.16 -48.78
C UNK A 2673 105.58 -44.12 -48.12
N UNK A 2674 105.13 -43.68 -46.95
CA UNK A 2674 105.87 -42.69 -46.15
C UNK A 2674 107.26 -43.21 -45.81
N UNK A 2675 107.28 -44.46 -45.38
CA UNK A 2675 108.52 -45.15 -44.99
C UNK A 2675 109.48 -45.16 -46.16
N UNK A 2676 108.94 -45.52 -47.34
CA UNK A 2676 109.74 -45.66 -48.54
C UNK A 2676 110.41 -44.35 -48.89
N UNK A 2677 109.63 -43.28 -48.80
CA UNK A 2677 110.11 -41.93 -49.12
C UNK A 2677 111.12 -41.45 -48.07
N UNK A 2678 110.85 -41.75 -46.81
CA UNK A 2678 111.65 -41.28 -45.67
C UNK A 2678 113.02 -41.94 -45.57
N UNK A 2679 114.06 -41.13 -45.37
CA UNK A 2679 115.44 -41.59 -45.14
C UNK A 2679 115.84 -41.30 -43.68
N UNK A 2680 116.09 -42.35 -42.87
CA UNK A 2680 116.18 -42.16 -41.42
C UNK A 2680 117.58 -42.15 -40.80
N UNK A 2681 117.58 -41.97 -39.47
CA UNK A 2681 118.76 -42.15 -38.63
C UNK A 2681 118.94 -43.65 -38.42
N UNK A 2682 120.20 -44.07 -38.27
CA UNK A 2682 120.56 -45.50 -38.30
C UNK A 2682 120.17 -46.31 -37.05
N UNK A 2683 119.80 -45.63 -35.96
CA UNK A 2683 119.48 -46.30 -34.69
C UNK A 2683 117.98 -46.60 -34.48
N UNK A 2684 117.18 -46.46 -35.54
CA UNK A 2684 115.71 -46.55 -35.46
C UNK A 2684 115.21 -47.79 -36.22
N UNK A 2685 114.28 -48.51 -35.59
CA UNK A 2685 113.72 -49.73 -36.15
C UNK A 2685 112.22 -49.75 -35.86
N UNK A 2686 111.41 -49.50 -36.89
CA UNK A 2686 109.96 -49.52 -36.75
C UNK A 2686 109.46 -50.96 -36.64
N UNK A 2687 108.88 -51.30 -35.49
CA UNK A 2687 108.22 -52.59 -35.32
C UNK A 2687 106.70 -52.45 -35.57
N UNK A 2688 106.11 -53.40 -36.29
CA UNK A 2688 104.65 -53.49 -36.46
C UNK A 2688 104.21 -54.91 -36.13
N UNK A 2689 103.32 -55.09 -35.15
CA UNK A 2689 102.90 -56.46 -34.79
C UNK A 2689 101.50 -56.84 -35.32
N UNK A 2690 101.43 -58.07 -35.85
CA UNK A 2690 100.36 -58.52 -36.74
C UNK A 2690 99.84 -59.90 -36.38
N UNK A 2691 98.56 -60.11 -36.62
CA UNK A 2691 98.03 -61.45 -36.81
C UNK A 2691 98.33 -61.84 -38.25
N UNK A 2692 98.04 -63.08 -38.60
CA UNK A 2692 98.14 -63.50 -39.99
C UNK A 2692 96.77 -63.31 -40.61
N UNK A 2693 96.60 -62.16 -41.24
CA UNK A 2693 95.31 -61.62 -41.65
C UNK A 2693 95.41 -61.06 -43.08
N UNK A 2694 94.70 -61.69 -44.04
CA UNK A 2694 94.89 -61.34 -45.46
C UNK A 2694 94.43 -59.93 -45.86
N UNK A 2695 93.69 -59.25 -44.99
CA UNK A 2695 93.37 -57.83 -45.18
C UNK A 2695 94.63 -56.96 -45.22
N UNK A 2696 95.68 -57.39 -44.49
CA UNK A 2696 97.00 -56.74 -44.51
C UNK A 2696 97.47 -56.55 -45.95
N UNK A 2697 97.79 -55.30 -46.34
CA UNK A 2697 98.25 -55.11 -47.71
C UNK A 2697 99.60 -55.75 -48.02
N UNK A 2698 99.80 -56.05 -49.30
CA UNK A 2698 100.90 -56.84 -49.75
C UNK A 2698 102.18 -56.05 -49.81
N UNK A 2699 102.09 -54.75 -50.15
CA UNK A 2699 103.25 -53.90 -50.31
C UNK A 2699 104.08 -53.87 -49.02
N UNK A 2700 103.34 -53.67 -47.93
CA UNK A 2700 103.94 -53.59 -46.58
C UNK A 2700 104.68 -54.89 -46.27
N UNK A 2701 104.02 -56.00 -46.57
CA UNK A 2701 104.58 -57.34 -46.36
C UNK A 2701 105.89 -57.49 -47.11
N UNK A 2702 105.86 -57.07 -48.37
CA UNK A 2702 107.01 -57.15 -49.26
C UNK A 2702 108.18 -56.36 -48.67
N UNK A 2703 107.86 -55.16 -48.19
CA UNK A 2703 108.86 -54.23 -47.69
C UNK A 2703 109.54 -54.84 -46.48
N UNK A 2704 108.79 -55.02 -45.41
CA UNK A 2704 109.35 -55.41 -44.13
C UNK A 2704 109.81 -56.85 -44.05
N UNK A 2705 110.92 -57.06 -43.34
CA UNK A 2705 111.37 -58.40 -42.98
C UNK A 2705 110.30 -58.99 -42.07
N UNK A 2706 109.79 -60.16 -42.46
CA UNK A 2706 108.65 -60.76 -41.77
C UNK A 2706 109.23 -61.67 -40.70
N UNK A 2707 108.58 -61.70 -39.54
CA UNK A 2707 108.88 -62.69 -38.51
C UNK A 2707 107.60 -63.38 -38.11
N UNK A 2708 107.70 -64.66 -37.82
CA UNK A 2708 106.56 -65.49 -37.52
C UNK A 2708 106.76 -66.13 -36.17
N UNK A 2709 105.66 -66.28 -35.46
CA UNK A 2709 105.63 -66.91 -34.18
C UNK A 2709 104.53 -67.94 -34.23
N UNK A 2710 104.91 -69.15 -34.63
CA UNK A 2710 104.12 -70.32 -34.34
C UNK A 2710 104.38 -70.55 -32.85
N UNK A 2711 103.34 -70.92 -32.07
CA UNK A 2711 103.70 -71.51 -30.79
C UNK A 2711 104.53 -72.76 -31.08
N UNK A 2712 105.78 -72.82 -30.58
CA UNK A 2712 106.84 -73.64 -31.19
C UNK A 2712 106.50 -75.13 -31.38
N UNK A 2713 107.10 -75.76 -32.42
CA UNK A 2713 106.80 -77.15 -32.73
C UNK A 2713 107.65 -78.10 -31.89
N UNK A 2714 107.01 -79.11 -31.29
CA UNK A 2714 107.73 -80.10 -30.48
C UNK A 2714 108.04 -79.65 -29.06
N UNK A 2715 108.41 -80.61 -28.23
CA UNK A 2715 108.52 -80.39 -26.79
C UNK A 2715 109.82 -79.64 -26.50
N UNK A 2716 110.89 -80.16 -27.08
CA UNK A 2716 112.25 -79.71 -26.84
C UNK A 2716 112.37 -78.22 -27.14
N UNK A 2717 111.84 -77.86 -28.31
CA UNK A 2717 111.86 -76.48 -28.80
C UNK A 2717 111.16 -75.56 -27.81
N UNK A 2718 109.99 -76.03 -27.37
CA UNK A 2718 109.16 -75.29 -26.41
C UNK A 2718 109.94 -75.02 -25.13
N UNK A 2719 110.59 -76.09 -24.66
CA UNK A 2719 111.39 -76.05 -23.44
C UNK A 2719 112.50 -74.99 -23.57
N UNK A 2720 113.15 -75.04 -24.71
CA UNK A 2720 114.29 -74.15 -24.98
C UNK A 2720 113.85 -72.70 -24.92
N UNK A 2721 112.70 -72.43 -25.55
CA UNK A 2721 112.14 -71.07 -25.55
C UNK A 2721 111.95 -70.53 -24.13
N UNK A 2722 111.38 -71.35 -23.26
CA UNK A 2722 110.91 -70.89 -21.96
C UNK A 2722 112.08 -70.36 -21.14
N UNK A 2723 113.14 -71.17 -21.13
CA UNK A 2723 114.36 -70.84 -20.38
C UNK A 2723 114.94 -69.53 -20.88
N UNK A 2724 114.98 -69.39 -22.20
CA UNK A 2724 115.50 -68.19 -22.85
C UNK A 2724 114.72 -66.97 -22.41
N UNK A 2725 113.40 -67.13 -22.41
CA UNK A 2725 112.47 -66.07 -22.01
C UNK A 2725 112.76 -65.62 -20.58
N UNK A 2726 112.89 -66.57 -19.66
CA UNK A 2726 113.04 -66.25 -18.22
C UNK A 2726 114.45 -65.71 -17.93
N UNK A 2727 114.55 -64.56 -17.21
CA UNK A 2727 115.88 -64.03 -16.89
C UNK A 2727 116.66 -64.90 -15.90
N UNK A 2728 117.99 -64.80 -15.95
CA UNK A 2728 118.89 -65.69 -15.23
C UNK A 2728 118.97 -65.32 -13.73
N UNK A 2729 118.99 -64.02 -13.43
CA UNK A 2729 119.05 -63.55 -12.04
C UNK A 2729 117.83 -63.97 -11.21
N UNK A 2730 116.67 -64.09 -11.86
CA UNK A 2730 115.43 -64.49 -11.20
C UNK A 2730 115.48 -65.96 -10.75
N UNK A 2731 115.76 -66.85 -11.69
CA UNK A 2731 115.79 -68.30 -11.42
C UNK A 2731 116.96 -68.74 -10.52
N UNK A 2732 118.11 -68.07 -10.63
CA UNK A 2732 119.30 -68.41 -9.86
C UNK A 2732 119.22 -68.10 -8.35
N UNK A 2733 118.28 -67.23 -7.95
CA UNK A 2733 118.14 -66.84 -6.54
C UNK A 2733 117.70 -68.02 -5.66
N UNK A 2734 118.17 -68.02 -4.42
CA UNK A 2734 117.84 -69.06 -3.44
C UNK A 2734 116.34 -69.13 -3.16
N UNK A 2735 115.79 -70.32 -2.88
CA UNK A 2735 116.53 -71.59 -2.74
C UNK A 2735 116.90 -72.28 -4.06
N UNK A 2736 117.69 -73.34 -3.94
CA UNK A 2736 118.20 -74.09 -5.10
C UNK A 2736 117.14 -74.93 -5.80
N UNK A 2737 116.08 -75.31 -5.07
CA UNK A 2737 114.94 -76.04 -5.64
C UNK A 2737 114.06 -75.22 -6.60
N UNK A 2738 114.21 -73.89 -6.53
CA UNK A 2738 113.45 -72.96 -7.32
C UNK A 2738 113.60 -73.27 -8.81
N UNK A 2739 114.85 -73.47 -9.21
CA UNK A 2739 115.20 -73.77 -10.59
C UNK A 2739 114.48 -75.04 -11.06
N UNK A 2740 114.55 -76.04 -10.20
CA UNK A 2740 113.92 -77.34 -10.46
C UNK A 2740 112.42 -77.16 -10.69
N UNK A 2741 111.82 -76.38 -9.80
CA UNK A 2741 110.38 -76.09 -9.84
C UNK A 2741 110.02 -75.45 -11.18
N UNK A 2742 110.84 -74.47 -11.55
CA UNK A 2742 110.67 -73.73 -12.81
C UNK A 2742 110.68 -74.68 -13.99
N UNK A 2743 111.67 -75.57 -13.96
CA UNK A 2743 111.88 -76.59 -15.01
C UNK A 2743 110.63 -77.45 -15.14
N UNK A 2744 110.14 -77.89 -13.99
CA UNK A 2744 108.95 -78.74 -13.90
C UNK A 2744 107.76 -78.04 -14.55
N UNK A 2745 107.61 -76.77 -14.18
CA UNK A 2745 106.53 -75.93 -14.68
C UNK A 2745 106.58 -75.86 -16.22
N UNK A 2746 107.79 -75.61 -16.68
CA UNK A 2746 108.12 -75.39 -18.09
C UNK A 2746 107.73 -76.62 -18.87
N UNK A 2747 108.14 -77.78 -18.36
CA UNK A 2747 107.87 -79.08 -18.99
C UNK A 2747 106.36 -79.26 -19.16
N UNK A 2748 105.66 -78.97 -18.07
CA UNK A 2748 104.20 -79.10 -18.02
C UNK A 2748 103.55 -78.23 -19.10
N UNK A 2749 104.04 -77.00 -19.16
CA UNK A 2749 103.54 -76.01 -20.13
C UNK A 2749 103.73 -76.53 -21.55
N UNK A 2750 104.92 -77.06 -21.79
CA UNK A 2750 105.29 -77.61 -23.10
C UNK A 2750 104.32 -78.72 -23.49
N UNK A 2751 104.07 -79.61 -22.53
CA UNK A 2751 103.37 -80.87 -22.83
C UNK A 2751 101.97 -80.56 -23.32
N UNK A 2752 101.30 -79.67 -22.59
CA UNK A 2752 99.93 -79.28 -22.92
C UNK A 2752 99.87 -78.68 -24.32
N UNK A 2753 100.84 -77.81 -24.61
CA UNK A 2753 100.94 -77.16 -25.90
C UNK A 2753 101.06 -78.19 -27.02
N UNK A 2754 101.94 -79.16 -26.77
CA UNK A 2754 102.19 -80.25 -27.71
C UNK A 2754 100.92 -81.02 -27.99
N UNK A 2755 100.21 -81.32 -26.92
CA UNK A 2755 98.93 -82.05 -26.98
C UNK A 2755 97.94 -81.30 -27.87
N UNK A 2756 97.87 -79.99 -27.62
CA UNK A 2756 96.98 -79.11 -28.39
C UNK A 2756 96.93 -79.36 -29.89
N UNK A 2757 98.07 -79.62 -30.56
CA UNK A 2757 98.07 -79.99 -31.99
C UNK A 2757 97.29 -81.27 -32.28
N UNK A 2758 97.47 -82.26 -31.41
CA UNK A 2758 96.84 -83.58 -31.56
C UNK A 2758 95.37 -83.61 -31.15
N UNK A 2759 94.79 -82.46 -30.79
CA UNK A 2759 93.35 -82.29 -30.56
C UNK A 2759 92.52 -82.83 -31.73
N UNK A 2760 91.33 -83.38 -31.47
CA UNK A 2760 90.59 -83.24 -30.22
C UNK A 2760 90.84 -84.30 -29.14
N UNK A 2761 91.87 -85.15 -29.29
CA UNK A 2761 92.18 -86.14 -28.24
C UNK A 2761 92.90 -85.51 -27.07
N UNK A 2762 93.95 -84.72 -27.39
CA UNK A 2762 94.79 -84.06 -26.38
C UNK A 2762 94.02 -83.23 -25.40
N UNK A 2763 93.06 -82.47 -25.92
CA UNK A 2763 92.03 -81.83 -25.12
C UNK A 2763 90.81 -81.75 -26.00
N UNK A 2764 89.64 -81.55 -25.39
CA UNK A 2764 88.39 -81.46 -26.17
C UNK A 2764 88.43 -80.30 -27.15
N UNK A 2765 88.62 -79.08 -26.63
CA UNK A 2765 88.71 -77.90 -27.46
C UNK A 2765 90.12 -77.35 -27.48
N UNK A 2766 90.41 -76.54 -28.50
CA UNK A 2766 91.72 -75.92 -28.68
C UNK A 2766 91.80 -74.61 -27.89
N UNK A 2767 92.28 -74.71 -26.65
CA UNK A 2767 92.37 -73.56 -25.74
C UNK A 2767 93.57 -72.68 -26.06
N UNK A 2768 93.74 -71.61 -25.28
CA UNK A 2768 94.91 -70.75 -25.37
C UNK A 2768 95.79 -70.93 -24.15
N UNK A 2769 96.90 -71.64 -24.34
CA UNK A 2769 97.97 -71.70 -23.37
C UNK A 2769 99.16 -70.99 -23.99
N UNK A 2770 99.74 -70.03 -23.26
CA UNK A 2770 100.91 -69.29 -23.76
C UNK A 2770 101.72 -68.68 -22.64
N UNK A 2771 102.66 -67.81 -23.00
CA UNK A 2771 103.52 -67.12 -22.02
C UNK A 2771 102.75 -66.19 -21.07
N UNK A 2772 101.57 -65.74 -21.49
CA UNK A 2772 100.65 -65.01 -20.60
C UNK A 2772 100.35 -65.79 -19.33
N UNK A 2773 100.13 -67.09 -19.49
CA UNK A 2773 99.80 -67.99 -18.40
C UNK A 2773 101.06 -68.43 -17.69
N UNK A 2774 102.10 -68.75 -18.48
CA UNK A 2774 103.32 -69.31 -17.93
C UNK A 2774 103.96 -68.35 -16.96
N UNK A 2775 103.99 -67.08 -17.34
CA UNK A 2775 104.56 -66.02 -16.49
C UNK A 2775 103.82 -65.96 -15.16
N UNK A 2776 102.50 -66.00 -15.26
CA UNK A 2776 101.62 -65.96 -14.09
C UNK A 2776 101.94 -67.11 -13.14
N UNK A 2777 102.07 -68.29 -13.75
CA UNK A 2777 102.39 -69.52 -13.02
C UNK A 2777 103.69 -69.36 -12.25
N UNK A 2778 104.68 -68.84 -12.97
CA UNK A 2778 106.02 -68.60 -12.42
C UNK A 2778 105.94 -67.68 -11.20
N UNK A 2779 105.17 -66.62 -11.37
CA UNK A 2779 104.96 -65.61 -10.33
C UNK A 2779 104.37 -66.26 -9.09
N UNK A 2780 103.36 -67.10 -9.32
CA UNK A 2780 102.68 -67.81 -8.24
C UNK A 2780 103.67 -68.67 -7.45
N UNK A 2781 104.50 -69.38 -8.22
CA UNK A 2781 105.53 -70.26 -7.67
C UNK A 2781 106.48 -69.47 -6.77
N UNK A 2782 107.00 -68.40 -7.34
CA UNK A 2782 108.01 -67.56 -6.67
C UNK A 2782 107.45 -67.01 -5.38
N UNK A 2783 106.22 -66.52 -5.46
CA UNK A 2783 105.53 -65.93 -4.31
C UNK A 2783 105.39 -66.98 -3.20
N UNK A 2784 104.99 -68.18 -3.61
CA UNK A 2784 104.81 -69.28 -2.65
C UNK A 2784 106.13 -69.60 -1.97
N UNK A 2785 107.19 -69.64 -2.76
CA UNK A 2785 108.53 -69.99 -2.25
C UNK A 2785 109.13 -68.96 -1.31
N UNK A 2786 108.72 -67.70 -1.49
CA UNK A 2786 109.07 -66.61 -0.57
C UNK A 2786 108.28 -66.72 0.71
N UNK A 2787 106.99 -67.03 0.58
CA UNK A 2787 106.09 -67.20 1.72
C UNK A 2787 106.63 -68.30 2.64
N UNK A 2788 107.02 -69.40 2.02
CA UNK A 2788 107.49 -70.59 2.73
C UNK A 2788 108.76 -70.41 3.57
N UNK A 2789 109.86 -70.01 2.93
CA UNK A 2789 111.17 -69.98 3.57
C UNK A 2789 111.80 -68.58 3.54
N UNK A 2790 112.95 -68.44 4.19
CA UNK A 2790 113.70 -67.20 4.20
C UNK A 2790 115.19 -67.46 4.41
N UNK A 2791 115.99 -67.11 3.39
CA UNK A 2791 117.46 -67.17 3.50
C UNK A 2791 118.12 -68.53 3.28
N UNK A 2792 117.34 -69.60 3.21
CA UNK A 2792 117.89 -70.95 3.09
C UNK A 2792 118.35 -71.23 1.67
N UNK A 2793 119.51 -71.86 1.55
CA UNK A 2793 120.02 -72.32 0.25
C UNK A 2793 119.19 -73.50 -0.28
N UNK A 2794 118.65 -74.32 0.61
CA UNK A 2794 117.77 -75.42 0.24
C UNK A 2794 116.67 -75.69 1.27
N UNK A 2795 115.54 -76.21 0.78
CA UNK A 2795 114.39 -76.56 1.61
C UNK A 2795 114.09 -78.04 1.36
N UNK A 2796 113.50 -78.71 2.36
CA UNK A 2796 113.09 -80.10 2.23
C UNK A 2796 111.99 -80.24 1.17
N UNK A 2797 112.01 -81.34 0.37
CA UNK A 2797 111.00 -81.57 -0.68
C UNK A 2797 109.55 -81.41 -0.24
N UNK A 2798 109.19 -82.05 0.86
CA UNK A 2798 107.82 -82.03 1.38
C UNK A 2798 107.34 -80.66 1.89
N UNK A 2799 108.26 -79.86 2.42
CA UNK A 2799 107.93 -78.54 2.99
C UNK A 2799 107.53 -77.48 1.96
N UNK A 2800 107.91 -77.66 0.70
CA UNK A 2800 107.43 -76.82 -0.39
C UNK A 2800 105.97 -77.21 -0.61
N UNK A 2801 105.01 -76.32 -0.28
CA UNK A 2801 103.61 -76.70 -0.23
C UNK A 2801 103.10 -77.16 -1.60
N UNK A 2802 103.12 -78.46 -1.82
CA UNK A 2802 102.91 -79.04 -3.15
C UNK A 2802 101.44 -78.96 -3.54
N UNK A 2803 100.59 -79.32 -2.57
CA UNK A 2803 99.14 -79.31 -2.78
C UNK A 2803 98.68 -77.88 -3.12
N UNK A 2804 99.22 -76.93 -2.35
CA UNK A 2804 98.73 -75.56 -2.37
C UNK A 2804 98.95 -74.95 -3.73
N UNK A 2805 100.19 -75.10 -4.20
CA UNK A 2805 100.62 -74.60 -5.53
C UNK A 2805 99.73 -75.23 -6.61
N UNK A 2806 99.56 -76.54 -6.48
CA UNK A 2806 98.83 -77.35 -7.45
C UNK A 2806 97.38 -76.94 -7.65
N UNK A 2807 96.66 -76.87 -6.53
CA UNK A 2807 95.25 -76.48 -6.51
C UNK A 2807 95.09 -75.10 -7.13
N UNK A 2808 95.97 -74.19 -6.69
CA UNK A 2808 95.97 -72.80 -7.15
C UNK A 2808 96.17 -72.76 -8.67
N UNK A 2809 97.13 -73.55 -9.12
CA UNK A 2809 97.47 -73.64 -10.54
C UNK A 2809 96.24 -74.09 -11.35
N UNK A 2810 95.60 -75.11 -10.82
CA UNK A 2810 94.45 -75.73 -11.48
C UNK A 2810 93.35 -74.76 -11.79
N UNK A 2811 92.98 -73.95 -10.81
CA UNK A 2811 91.76 -73.11 -10.87
C UNK A 2811 92.03 -71.71 -11.42
N UNK A 2812 92.99 -71.01 -10.81
CA UNK A 2812 93.35 -69.65 -11.20
C UNK A 2812 93.95 -69.58 -12.60
N UNK A 2813 94.69 -70.62 -12.99
CA UNK A 2813 95.56 -70.54 -14.15
C UNK A 2813 95.09 -71.45 -15.29
N UNK A 2814 95.65 -72.65 -15.42
CA UNK A 2814 95.49 -73.41 -16.66
C UNK A 2814 94.11 -74.04 -16.85
N UNK A 2815 93.41 -74.35 -15.77
CA UNK A 2815 91.99 -74.71 -15.84
C UNK A 2815 91.09 -73.50 -15.98
N UNK A 2816 91.61 -72.33 -15.61
CA UNK A 2816 90.95 -71.04 -15.80
C UNK A 2816 90.24 -70.85 -17.12
N UNK A 2817 90.83 -71.35 -18.19
CA UNK A 2817 90.18 -71.35 -19.51
C UNK A 2817 89.98 -72.79 -19.98
N UNK A 2818 89.20 -73.54 -19.20
CA UNK A 2818 88.81 -74.91 -19.53
C UNK A 2818 87.34 -75.10 -19.16
N UNK A 2819 86.49 -75.34 -20.16
CA UNK A 2819 85.04 -75.44 -19.97
C UNK A 2819 84.61 -76.78 -19.38
N UNK A 2820 85.15 -77.87 -19.93
CA UNK A 2820 84.64 -79.20 -19.65
C UNK A 2820 85.28 -79.73 -18.37
N UNK A 2821 84.48 -80.43 -17.56
CA UNK A 2821 84.93 -81.04 -16.31
C UNK A 2821 86.02 -82.05 -16.58
N UNK A 2822 85.83 -82.85 -17.63
CA UNK A 2822 86.77 -83.89 -18.02
C UNK A 2822 88.16 -83.28 -18.27
N UNK A 2823 88.14 -82.19 -19.02
CA UNK A 2823 89.37 -81.47 -19.38
C UNK A 2823 90.09 -81.01 -18.13
N UNK A 2824 89.31 -80.45 -17.21
CA UNK A 2824 89.83 -79.95 -15.93
C UNK A 2824 90.50 -81.08 -15.16
N UNK A 2825 89.82 -82.21 -15.12
CA UNK A 2825 90.30 -83.41 -14.43
C UNK A 2825 91.64 -83.84 -15.01
N UNK A 2826 91.69 -83.86 -16.34
CA UNK A 2826 92.90 -84.23 -17.09
C UNK A 2826 94.06 -83.33 -16.70
N UNK A 2827 93.77 -82.04 -16.67
CA UNK A 2827 94.73 -80.99 -16.32
C UNK A 2827 95.30 -81.25 -14.93
N UNK A 2828 94.39 -81.54 -14.01
CA UNK A 2828 94.72 -81.81 -12.62
C UNK A 2828 95.66 -82.99 -12.53
N UNK A 2829 95.34 -84.04 -13.27
CA UNK A 2829 96.01 -85.32 -13.21
C UNK A 2829 97.50 -85.16 -13.44
N UNK A 2830 97.81 -84.41 -14.49
CA UNK A 2830 99.19 -84.14 -14.90
C UNK A 2830 99.95 -83.46 -13.76
N UNK A 2831 99.28 -82.47 -13.18
CA UNK A 2831 99.83 -81.68 -12.08
C UNK A 2831 100.17 -82.60 -10.90
N UNK A 2832 99.21 -83.47 -10.60
CA UNK A 2832 99.33 -84.44 -9.51
C UNK A 2832 100.55 -85.32 -9.73
N UNK A 2833 100.68 -85.79 -10.95
CA UNK A 2833 101.77 -86.68 -11.36
C UNK A 2833 103.10 -85.97 -11.14
N UNK A 2834 103.16 -84.71 -11.57
CA UNK A 2834 104.43 -83.98 -11.63
C UNK A 2834 104.87 -83.35 -10.32
N UNK A 2835 104.00 -82.60 -9.67
CA UNK A 2835 104.40 -81.76 -8.53
C UNK A 2835 104.72 -82.57 -7.25
N UNK A 2836 103.99 -83.66 -7.03
CA UNK A 2836 103.99 -84.36 -5.74
C UNK A 2836 105.32 -85.03 -5.34
N UNK A 2837 105.69 -86.10 -6.05
CA UNK A 2837 106.83 -86.99 -5.68
C UNK A 2837 108.14 -86.23 -5.45
N UNK A 2838 108.37 -85.21 -6.28
CA UNK A 2838 109.24 -84.08 -5.93
C UNK A 2838 110.71 -84.22 -6.36
N UNK A 2839 111.56 -83.34 -5.82
CA UNK A 2839 112.96 -83.23 -6.18
C UNK A 2839 113.83 -84.41 -5.76
N UNK A 2840 113.73 -84.80 -4.49
CA UNK A 2840 114.62 -85.81 -3.89
C UNK A 2840 114.57 -87.19 -4.55
N UNK A 2841 113.41 -87.55 -5.12
CA UNK A 2841 113.24 -88.86 -5.76
C UNK A 2841 114.07 -88.99 -7.05
N UNK A 2842 115.15 -89.76 -6.97
CA UNK A 2842 115.98 -90.07 -8.13
C UNK A 2842 115.29 -91.11 -9.01
N UNK A 2843 115.60 -91.08 -10.30
CA UNK A 2843 114.94 -91.92 -11.31
C UNK A 2843 113.43 -91.65 -11.39
N UNK A 2844 113.05 -90.38 -11.27
CA UNK A 2844 111.64 -89.97 -11.35
C UNK A 2844 111.22 -89.86 -12.81
N UNK A 2845 110.14 -90.55 -13.16
CA UNK A 2845 109.72 -90.70 -14.55
C UNK A 2845 108.77 -89.58 -14.98
N UNK A 2846 108.96 -89.10 -16.21
CA UNK A 2846 108.03 -88.19 -16.87
C UNK A 2846 107.19 -88.97 -17.86
N UNK A 2847 107.87 -89.59 -18.83
CA UNK A 2847 107.23 -90.37 -19.88
C UNK A 2847 107.59 -91.85 -19.74
N UNK A 2848 106.57 -92.66 -19.48
CA UNK A 2848 106.67 -94.12 -19.48
C UNK A 2848 105.93 -94.64 -20.71
N UNK A 2849 106.34 -94.14 -21.87
CA UNK A 2849 105.62 -94.35 -23.13
C UNK A 2849 105.89 -95.72 -23.72
N UNK A 2850 107.09 -95.89 -24.28
CA UNK A 2850 107.47 -97.11 -25.00
C UNK A 2850 108.36 -97.95 -24.09
N UNK A 2851 108.13 -99.27 -24.11
CA UNK A 2851 108.91 -100.21 -23.30
C UNK A 2851 110.33 -100.36 -23.87
N UNK A 2852 110.41 -100.64 -25.16
CA UNK A 2852 111.68 -100.78 -25.86
C UNK A 2852 112.33 -99.44 -26.15
N UNK A 2853 113.17 -98.98 -25.23
CA UNK A 2853 113.95 -97.74 -25.38
C UNK A 2853 113.10 -96.47 -25.42
N UNK A 2854 112.69 -96.01 -24.25
CA UNK A 2854 112.02 -94.72 -24.09
C UNK A 2854 112.06 -94.26 -22.63
N UNK A 2855 111.24 -94.87 -21.78
CA UNK A 2855 111.17 -94.59 -20.33
C UNK A 2855 112.05 -93.42 -19.86
N UNK A 2856 111.56 -92.20 -20.07
CA UNK A 2856 112.37 -90.99 -19.85
C UNK A 2856 112.54 -90.73 -18.35
N UNK A 2857 113.77 -90.33 -17.97
CA UNK A 2857 114.11 -90.01 -16.58
C UNK A 2857 114.46 -88.53 -16.45
N UNK A 2858 114.19 -87.97 -15.28
CA UNK A 2858 114.43 -86.56 -15.00
C UNK A 2858 115.88 -86.34 -14.59
N UNK A 2859 116.51 -85.22 -15.02
CA UNK A 2859 117.89 -84.95 -14.61
C UNK A 2859 117.99 -84.51 -13.14
N UNK A 2860 119.04 -84.94 -12.47
CA UNK A 2860 119.27 -84.65 -11.06
C UNK A 2860 119.82 -83.23 -10.80
N UNK A 2861 120.62 -82.72 -11.75
CA UNK A 2861 121.30 -81.43 -11.62
C UNK A 2861 120.46 -80.31 -11.02
N UNK A 2862 120.76 -79.98 -9.76
CA UNK A 2862 119.93 -79.05 -8.97
C UNK A 2862 119.78 -77.62 -9.54
N UNK A 2863 120.82 -77.12 -10.20
CA UNK A 2863 120.87 -75.71 -10.65
C UNK A 2863 120.66 -75.54 -12.16
N UNK A 2864 120.46 -74.28 -12.56
CA UNK A 2864 119.98 -73.87 -13.89
C UNK A 2864 120.61 -74.55 -15.12
N UNK A 2865 121.95 -74.52 -15.20
CA UNK A 2865 122.66 -74.86 -16.43
C UNK A 2865 122.59 -76.33 -16.79
N UNK A 2866 122.56 -77.17 -15.74
CA UNK A 2866 122.47 -78.62 -15.89
C UNK A 2866 121.22 -78.99 -16.69
N UNK A 2867 120.11 -78.37 -16.30
CA UNK A 2867 118.81 -78.60 -16.94
C UNK A 2867 118.88 -78.27 -18.42
N UNK A 2868 119.50 -77.13 -18.72
CA UNK A 2868 119.67 -76.65 -20.09
C UNK A 2868 120.42 -77.69 -20.92
N UNK A 2869 121.50 -78.18 -20.33
CA UNK A 2869 122.35 -79.19 -20.99
C UNK A 2869 121.53 -80.42 -21.34
N UNK A 2870 120.75 -80.86 -20.35
CA UNK A 2870 119.88 -82.03 -20.49
C UNK A 2870 118.92 -81.84 -21.65
N UNK A 2871 118.31 -80.65 -21.67
CA UNK A 2871 117.34 -80.28 -22.70
C UNK A 2871 117.99 -80.38 -24.09
N UNK A 2872 119.20 -79.83 -24.17
CA UNK A 2872 119.97 -79.81 -25.40
C UNK A 2872 120.21 -81.24 -25.89
N UNK A 2873 120.61 -82.08 -24.95
CA UNK A 2873 120.89 -83.50 -25.20
C UNK A 2873 119.73 -84.39 -25.65
N UNK A 2874 118.49 -83.93 -25.54
CA UNK A 2874 117.31 -84.78 -25.77
C UNK A 2874 117.25 -85.38 -27.18
N UNK A 2875 116.55 -86.53 -27.33
CA UNK A 2875 116.37 -87.11 -28.67
C UNK A 2875 115.54 -86.20 -29.57
N UNK A 2876 115.92 -86.13 -30.85
CA UNK A 2876 115.32 -85.20 -31.79
C UNK A 2876 113.89 -85.57 -32.14
N UNK A 2877 113.70 -86.83 -32.53
CA UNK A 2877 112.39 -87.32 -32.97
C UNK A 2877 111.48 -87.62 -31.78
N UNK A 2878 110.65 -86.64 -31.41
CA UNK A 2878 109.61 -86.85 -30.40
C UNK A 2878 108.40 -87.56 -31.01
N UNK A 2879 107.56 -88.11 -30.15
CA UNK A 2879 106.33 -88.79 -30.54
C UNK A 2879 105.16 -88.22 -29.72
N UNK A 2880 103.92 -88.50 -30.13
CA UNK A 2880 102.77 -88.21 -29.26
C UNK A 2880 102.77 -89.05 -27.97
N UNK A 2881 103.41 -90.21 -28.01
CA UNK A 2881 103.51 -91.12 -26.86
C UNK A 2881 104.20 -90.50 -25.65
N UNK A 2882 105.08 -89.52 -25.88
CA UNK A 2882 105.70 -88.73 -24.81
C UNK A 2882 104.65 -88.00 -23.94
N UNK A 2883 103.60 -87.50 -24.61
CA UNK A 2883 102.54 -86.72 -23.98
C UNK A 2883 101.46 -87.61 -23.36
N UNK A 2884 101.53 -88.92 -23.63
CA UNK A 2884 100.63 -89.92 -23.06
C UNK A 2884 99.76 -90.59 -24.11
N UNK A 2885 99.58 -89.94 -25.26
CA UNK A 2885 98.56 -90.32 -26.23
C UNK A 2885 98.93 -91.59 -27.01
N UNK A 2886 97.94 -92.21 -27.68
CA UNK A 2886 98.26 -93.28 -28.63
C UNK A 2886 98.92 -92.75 -29.90
N UNK A 2887 99.39 -93.66 -30.75
CA UNK A 2887 100.09 -93.30 -32.00
C UNK A 2887 99.28 -93.75 -33.22
N UNK A 2888 98.25 -92.98 -33.56
CA UNK A 2888 97.41 -93.23 -34.75
C UNK A 2888 96.82 -91.94 -35.33
N UNK A 2889 96.26 -91.13 -34.45
CA UNK A 2889 95.85 -89.77 -34.75
C UNK A 2889 97.02 -88.96 -35.29
N UNK A 2890 98.14 -89.09 -34.58
CA UNK A 2890 99.39 -88.40 -34.93
C UNK A 2890 99.83 -88.79 -36.34
N UNK A 2891 99.78 -90.09 -36.59
CA UNK A 2891 100.15 -90.67 -37.88
C UNK A 2891 99.31 -90.07 -38.99
N UNK A 2892 98.01 -90.01 -38.73
CA UNK A 2892 97.02 -89.47 -39.66
C UNK A 2892 97.37 -88.02 -40.00
N UNK A 2893 97.67 -87.27 -38.94
CA UNK A 2893 98.02 -85.86 -39.06
C UNK A 2893 99.24 -85.69 -39.96
N UNK A 2894 100.23 -86.53 -39.70
CA UNK A 2894 101.49 -86.54 -40.44
C UNK A 2894 101.23 -86.77 -41.92
N UNK A 2895 100.38 -87.76 -42.18
CA UNK A 2895 99.98 -88.15 -43.54
C UNK A 2895 99.36 -86.95 -44.26
N UNK A 2896 98.45 -86.30 -43.54
CA UNK A 2896 97.74 -85.12 -44.06
C UNK A 2896 98.73 -84.03 -44.45
N UNK A 2897 99.67 -83.80 -43.55
CA UNK A 2897 100.72 -82.79 -43.73
C UNK A 2897 101.52 -83.09 -45.00
N UNK A 2898 101.89 -84.36 -45.13
CA UNK A 2898 102.65 -84.85 -46.28
C UNK A 2898 101.90 -84.56 -47.57
N UNK A 2899 100.62 -84.88 -47.54
CA UNK A 2899 99.72 -84.68 -48.68
C UNK A 2899 99.71 -83.20 -49.09
N UNK A 2900 99.57 -82.36 -48.07
CA UNK A 2900 99.54 -80.91 -48.24
C UNK A 2900 100.81 -80.42 -48.92
N UNK A 2901 101.92 -80.93 -48.42
CA UNK A 2901 103.27 -80.60 -48.92
C UNK A 2901 103.35 -80.95 -50.40
N UNK A 2902 102.88 -82.15 -50.71
CA UNK A 2902 102.89 -82.68 -52.08
C UNK A 2902 102.11 -81.74 -53.01
N UNK A 2903 100.93 -81.35 -52.51
CA UNK A 2903 100.02 -80.45 -53.24
C UNK A 2903 100.73 -79.14 -53.54
N UNK A 2904 101.39 -78.61 -52.52
CA UNK A 2904 102.14 -77.35 -52.59
C UNK A 2904 103.20 -77.44 -53.69
N UNK A 2905 103.92 -78.55 -53.64
CA UNK A 2905 105.00 -78.84 -54.59
C UNK A 2905 104.46 -78.83 -56.01
N UNK A 2906 103.32 -79.49 -56.18
CA UNK A 2906 102.64 -79.51 -57.49
C UNK A 2906 102.43 -78.14 -58.10
N UNK A 2907 101.99 -77.18 -57.31
CA UNK A 2907 101.74 -75.81 -57.78
C UNK A 2907 102.99 -75.22 -58.41
N UNK A 2908 104.09 -75.38 -57.67
CA UNK A 2908 105.41 -74.89 -58.09
C UNK A 2908 105.79 -75.49 -59.44
N UNK A 2909 105.60 -76.81 -59.52
CA UNK A 2909 105.90 -77.57 -60.74
C UNK A 2909 105.11 -77.02 -61.92
N UNK A 2910 103.82 -76.79 -61.67
CA UNK A 2910 102.90 -76.28 -62.67
C UNK A 2910 103.38 -75.02 -63.36
N UNK A 2911 103.79 -74.04 -62.55
CA UNK A 2911 104.26 -72.75 -63.08
C UNK A 2911 105.45 -72.96 -64.02
N UNK A 2912 106.36 -73.80 -63.55
CA UNK A 2912 107.58 -74.13 -64.30
C UNK A 2912 107.34 -74.83 -65.64
N UNK A 2913 106.65 -75.97 -65.60
CA UNK A 2913 106.56 -76.89 -66.74
C UNK A 2913 105.80 -76.32 -67.94
N UNK A 2914 104.60 -75.81 -67.70
CA UNK A 2914 103.74 -75.30 -68.77
C UNK A 2914 104.25 -73.95 -69.30
N UNK A 2915 105.14 -74.01 -70.29
CA UNK A 2915 105.66 -72.83 -70.99
C UNK A 2915 105.71 -73.06 -72.50
N UNK A 2916 104.72 -73.80 -73.02
CA UNK A 2916 104.64 -74.15 -74.44
C UNK A 2916 103.20 -74.04 -74.95
N UNK A 2917 103.02 -74.29 -76.25
CA UNK A 2917 101.72 -74.23 -76.93
C UNK A 2917 101.16 -72.80 -76.98
N UNK A 2918 100.04 -72.52 -76.29
CA UNK A 2918 99.37 -71.21 -76.29
C UNK A 2918 98.71 -70.85 -77.63
N UNK A 2919 97.62 -70.08 -77.55
CA UNK A 2919 96.87 -69.61 -78.71
C UNK A 2919 96.23 -70.76 -79.51
N UNK A 2920 96.47 -70.82 -80.84
CA UNK A 2920 95.90 -71.85 -81.73
C UNK A 2920 94.36 -71.81 -81.78
N UNK A 2921 93.80 -70.61 -81.93
CA UNK A 2921 92.35 -70.37 -82.00
C UNK A 2921 91.63 -70.66 -80.68
N UNK A 2922 90.31 -70.41 -80.65
CA UNK A 2922 89.50 -70.63 -79.45
C UNK A 2922 89.24 -72.11 -79.20
N UNK A 2923 88.40 -72.73 -80.03
CA UNK A 2923 88.03 -74.14 -79.93
C UNK A 2923 87.40 -74.51 -78.58
N UNK A 2924 75.48 -80.40 -69.42
CA UNK A 2924 75.53 -79.21 -68.57
C UNK A 2924 75.57 -79.57 -67.09
N UNK A 2925 75.77 -78.56 -66.25
CA UNK A 2925 75.79 -78.72 -64.80
C UNK A 2925 74.39 -79.00 -64.28
N UNK A 2926 73.42 -78.28 -64.82
CA UNK A 2926 72.02 -78.39 -64.40
C UNK A 2926 71.53 -79.83 -64.59
N UNK A 2927 71.86 -80.37 -65.76
CA UNK A 2927 71.47 -81.74 -66.13
C UNK A 2927 72.04 -82.73 -65.11
N UNK A 2928 73.32 -82.53 -64.81
CA UNK A 2928 74.04 -83.38 -63.86
C UNK A 2928 73.34 -83.35 -62.50
N UNK A 2929 73.01 -82.15 -62.09
CA UNK A 2929 72.33 -81.91 -60.81
C UNK A 2929 71.01 -82.68 -60.76
N UNK A 2930 70.27 -82.56 -61.85
CA UNK A 2930 68.98 -83.23 -62.01
C UNK A 2930 69.13 -84.74 -61.86
N UNK A 2931 70.15 -85.25 -62.54
CA UNK A 2931 70.47 -86.67 -62.52
C UNK A 2931 70.74 -87.14 -61.08
N UNK A 2932 71.54 -86.34 -60.40
CA UNK A 2932 71.92 -86.61 -59.01
C UNK A 2932 70.67 -86.70 -58.13
N UNK A 2933 69.79 -85.73 -58.34
CA UNK A 2933 68.55 -85.60 -57.60
C UNK A 2933 67.69 -86.82 -57.77
N UNK A 2934 67.65 -87.43 -58.96
CA UNK A 2934 66.79 -88.56 -59.18
C UNK A 2934 67.18 -89.72 -58.31
N UNK A 2935 68.49 -89.93 -58.11
CA UNK A 2935 68.99 -91.04 -57.32
C UNK A 2935 68.43 -90.99 -55.91
N UNK A 2936 68.45 -89.79 -55.34
CA UNK A 2936 68.31 -89.65 -53.87
C UNK A 2936 66.93 -89.97 -53.25
N UNK A 2937 65.82 -89.34 -53.70
CA UNK A 2937 64.54 -89.59 -53.01
C UNK A 2937 63.96 -90.98 -53.29
N UNK A 2938 64.48 -91.95 -52.55
CA UNK A 2938 64.04 -93.35 -52.62
C UNK A 2938 63.87 -93.95 -51.22
N UNK A 2939 64.83 -93.70 -50.34
CA UNK A 2939 64.68 -93.96 -48.89
C UNK A 2939 63.58 -93.13 -48.23
N UNK A 2940 63.32 -91.93 -48.76
CA UNK A 2940 62.38 -90.97 -48.17
C UNK A 2940 61.02 -90.99 -48.91
N UNK A 2941 60.44 -92.17 -49.05
CA UNK A 2941 59.21 -92.35 -49.83
C UNK A 2941 57.99 -91.88 -49.03
N UNK A 2942 57.83 -92.46 -47.84
CA UNK A 2942 56.69 -92.16 -46.96
C UNK A 2942 57.16 -91.90 -45.54
N UNK A 2943 56.24 -91.47 -44.68
CA UNK A 2943 56.50 -91.33 -43.24
C UNK A 2943 55.17 -91.24 -42.47
N UNK A 2944 55.02 -92.09 -41.44
CA UNK A 2944 53.81 -92.14 -40.61
C UNK A 2944 53.94 -91.23 -39.40
N UNK A 2945 53.02 -90.26 -39.28
CA UNK A 2945 53.05 -89.27 -38.19
C UNK A 2945 52.74 -89.85 -36.81
N UNK A 2946 52.03 -90.99 -36.77
CA UNK A 2946 51.66 -91.70 -35.53
C UNK A 2946 50.82 -90.84 -34.57
N UNK A 2947 47.03 -91.95 -30.11
CA UNK A 2947 48.26 -91.16 -30.08
C UNK A 2947 48.30 -90.22 -28.87
N UNK A 2948 48.08 -90.79 -27.68
CA UNK A 2948 48.10 -90.02 -26.44
C UNK A 2948 48.20 -90.93 -25.19
N UNK A 2949 49.38 -90.92 -24.56
CA UNK A 2949 49.65 -91.72 -23.36
C UNK A 2949 50.39 -90.90 -22.30
N UNK A 2950 50.32 -91.38 -21.06
CA UNK A 2950 50.93 -90.70 -19.91
C UNK A 2950 52.44 -90.96 -19.77
N UNK A 2951 52.90 -92.12 -20.24
CA UNK A 2951 54.30 -92.54 -20.10
C UNK A 2951 55.26 -91.67 -20.93
N UNK A 2952 56.52 -91.53 -20.47
CA UNK A 2952 57.44 -90.58 -21.08
C UNK A 2952 58.01 -90.98 -22.44
N UNK A 2953 58.08 -92.29 -22.70
CA UNK A 2953 58.81 -92.80 -23.86
C UNK A 2953 58.07 -92.55 -25.16
N UNK A 2954 56.82 -93.03 -25.21
CA UNK A 2954 56.02 -93.01 -26.44
C UNK A 2954 55.85 -91.57 -26.92
N UNK A 2955 55.53 -90.69 -25.98
CA UNK A 2955 55.31 -89.29 -26.32
C UNK A 2955 56.59 -88.67 -26.87
N UNK A 2956 57.71 -89.01 -26.24
CA UNK A 2956 59.03 -88.53 -26.67
C UNK A 2956 59.29 -88.96 -28.13
N UNK A 2957 58.99 -90.22 -28.38
CA UNK A 2957 59.22 -90.78 -29.72
C UNK A 2957 58.35 -90.07 -30.74
N UNK A 2958 57.11 -89.81 -30.36
CA UNK A 2958 56.16 -89.09 -31.22
C UNK A 2958 56.72 -87.71 -31.57
N UNK A 2959 57.22 -87.04 -30.55
CA UNK A 2959 57.81 -85.71 -30.67
C UNK A 2959 58.96 -85.74 -31.67
N UNK A 2960 59.80 -86.74 -31.51
CA UNK A 2960 60.96 -86.96 -32.38
C UNK A 2960 60.53 -87.32 -33.79
N UNK A 2961 59.51 -88.19 -33.85
CA UNK A 2961 58.93 -88.62 -35.13
C UNK A 2961 58.26 -87.42 -35.79
N UNK A 2962 57.58 -86.58 -35.02
CA UNK A 2962 56.96 -85.35 -35.52
C UNK A 2962 58.01 -84.47 -36.18
N UNK A 2963 59.12 -84.32 -35.48
CA UNK A 2963 60.25 -83.50 -35.95
C UNK A 2963 60.76 -84.03 -37.28
N UNK A 2964 60.90 -85.35 -37.33
CA UNK A 2964 61.38 -86.06 -38.52
C UNK A 2964 60.46 -85.75 -39.71
N UNK A 2965 59.17 -85.86 -39.44
CA UNK A 2965 58.12 -85.60 -40.44
C UNK A 2965 58.24 -84.19 -40.99
N UNK A 2966 58.32 -83.25 -40.06
CA UNK A 2966 58.37 -81.82 -40.34
C UNK A 2966 59.53 -81.44 -41.27
N UNK A 2967 60.67 -82.10 -41.08
CA UNK A 2967 61.89 -81.77 -41.81
C UNK A 2967 61.97 -82.58 -43.10
N UNK A 2968 61.70 -83.88 -42.94
CA UNK A 2968 61.80 -84.84 -44.04
C UNK A 2968 60.90 -84.43 -45.20
N UNK A 2969 59.67 -84.09 -44.82
CA UNK A 2969 58.65 -83.68 -45.79
C UNK A 2969 59.12 -82.46 -46.57
N UNK A 2970 59.67 -81.51 -45.82
CA UNK A 2970 60.18 -80.25 -46.39
C UNK A 2970 61.27 -80.55 -47.41
N UNK A 2971 62.17 -81.44 -47.00
CA UNK A 2971 63.31 -81.85 -47.83
C UNK A 2971 62.80 -82.45 -49.14
N UNK A 2972 61.81 -83.32 -49.01
CA UNK A 2972 61.17 -84.00 -50.14
C UNK A 2972 60.60 -82.98 -51.12
N UNK A 2973 59.90 -82.01 -50.54
CA UNK A 2973 59.27 -80.93 -51.30
C UNK A 2973 60.31 -80.17 -52.11
N UNK A 2974 61.40 -79.85 -51.42
CA UNK A 2974 62.53 -79.12 -52.01
C UNK A 2974 63.09 -79.89 -53.20
N UNK A 2975 63.27 -81.18 -52.99
CA UNK A 2975 63.80 -82.08 -54.01
C UNK A 2975 62.90 -82.06 -55.24
N UNK A 2976 61.60 -82.15 -54.98
CA UNK A 2976 60.57 -82.14 -56.02
C UNK A 2976 60.68 -80.86 -56.86
N UNK A 2977 60.80 -79.76 -56.14
CA UNK A 2977 60.89 -78.42 -56.73
C UNK A 2977 62.11 -78.36 -57.66
N UNK A 2978 63.23 -78.88 -57.15
CA UNK A 2978 64.48 -78.85 -57.89
C UNK A 2978 64.34 -79.69 -59.17
N UNK A 2979 63.68 -80.83 -59.05
CA UNK A 2979 63.41 -81.73 -60.19
C UNK A 2979 62.63 -80.98 -61.26
N UNK A 2980 61.58 -80.29 -60.78
CA UNK A 2980 60.70 -79.51 -61.65
C UNK A 2980 61.50 -78.47 -62.43
N UNK A 2981 62.36 -77.78 -61.68
CA UNK A 2981 63.21 -76.73 -62.23
C UNK A 2981 64.11 -77.30 -63.34
N UNK A 2982 64.68 -78.46 -63.04
CA UNK A 2982 65.56 -79.17 -63.97
C UNK A 2982 64.82 -79.48 -65.27
N UNK A 2983 63.63 -80.07 -65.16
CA UNK A 2983 62.85 -80.50 -66.32
C UNK A 2983 61.48 -79.82 -66.26
N UNK A 2984 61.34 -78.73 -67.00
CA UNK A 2984 60.17 -77.85 -66.92
C UNK A 2984 58.82 -78.54 -67.08
N UNK A 2985 57.73 -77.94 -66.60
CA UNK A 2985 57.65 -76.52 -66.20
C UNK A 2985 58.11 -76.22 -64.77
N UNK A 2986 59.05 -75.27 -64.65
CA UNK A 2986 59.10 -74.30 -63.55
C UNK A 2986 60.19 -73.25 -63.74
N UNK A 2987 59.78 -71.98 -63.79
CA UNK A 2987 60.72 -70.86 -63.72
C UNK A 2987 61.19 -70.73 -62.27
N UNK A 2988 62.45 -70.34 -62.09
CA UNK A 2988 63.11 -70.35 -60.78
C UNK A 2988 62.65 -69.20 -59.88
N UNK A 2989 62.54 -69.48 -58.59
CA UNK A 2989 62.38 -68.44 -57.56
C UNK A 2989 63.75 -68.17 -56.93
N UNK A 2990 63.79 -67.29 -55.92
CA UNK A 2990 65.05 -66.94 -55.27
C UNK A 2990 65.54 -68.10 -54.40
N UNK A 2991 64.60 -68.64 -53.63
CA UNK A 2991 64.87 -69.76 -52.72
C UNK A 2991 65.43 -70.94 -53.50
N UNK A 2992 64.74 -71.23 -54.61
CA UNK A 2992 65.12 -72.36 -55.48
C UNK A 2992 66.53 -72.16 -56.00
N UNK A 2993 66.81 -70.93 -56.43
CA UNK A 2993 68.13 -70.56 -56.95
C UNK A 2993 69.20 -70.82 -55.91
N UNK A 2994 68.91 -70.38 -54.69
CA UNK A 2994 69.81 -70.53 -53.55
C UNK A 2994 70.12 -72.01 -53.32
N UNK A 2995 69.06 -72.80 -53.35
CA UNK A 2995 69.14 -74.24 -53.14
C UNK A 2995 70.06 -74.86 -54.19
N UNK A 2996 69.84 -74.46 -55.43
CA UNK A 2996 70.62 -74.93 -56.58
C UNK A 2996 72.11 -74.64 -56.36
N UNK A 2997 72.35 -73.40 -55.95
CA UNK A 2997 73.72 -72.92 -55.68
C UNK A 2997 74.39 -73.80 -54.63
N UNK A 2998 73.64 -74.05 -53.58
CA UNK A 2998 74.10 -74.87 -52.44
C UNK A 2998 74.50 -76.26 -52.94
N UNK A 2999 73.62 -76.82 -53.76
CA UNK A 2999 73.80 -78.15 -54.34
C UNK A 2999 75.10 -78.20 -55.14
N UNK A 3000 75.27 -77.16 -55.96
CA UNK A 3000 76.45 -77.01 -56.82
C UNK A 3000 77.72 -77.01 -55.96
N UNK A 3001 77.66 -76.22 -54.89
CA UNK A 3001 78.76 -76.08 -53.95
C UNK A 3001 79.14 -77.44 -53.36
N UNK A 3002 78.11 -78.20 -52.98
CA UNK A 3002 78.27 -79.42 -52.20
C UNK A 3002 78.01 -79.17 -50.71
N UNK A 3003 77.66 -77.93 -50.37
CA UNK A 3003 77.43 -77.53 -48.99
C UNK A 3003 75.95 -77.75 -48.67
N UNK A 3004 75.69 -78.39 -47.53
CA UNK A 3004 74.32 -78.54 -47.03
C UNK A 3004 73.74 -77.17 -46.71
N UNK A 3005 72.51 -76.90 -47.16
CA UNK A 3005 71.91 -75.58 -46.97
C UNK A 3005 71.44 -75.32 -45.53
N UNK A 3006 71.32 -74.05 -45.18
CA UNK A 3006 70.91 -73.65 -43.83
C UNK A 3006 69.46 -74.03 -43.49
N UNK A 3007 68.63 -74.23 -44.52
CA UNK A 3007 67.25 -74.68 -44.33
C UNK A 3007 67.17 -76.06 -43.66
N UNK A 3008 67.98 -77.00 -44.16
CA UNK A 3008 67.94 -78.39 -43.68
C UNK A 3008 68.82 -78.62 -42.44
N UNK A 3009 69.68 -77.66 -42.09
CA UNK A 3009 70.58 -77.80 -40.95
C UNK A 3009 69.82 -77.71 -39.64
N UNK A 3010 69.70 -78.86 -38.97
CA UNK A 3010 69.17 -78.94 -37.62
C UNK A 3010 70.10 -79.86 -36.84
N UNK A 3011 69.74 -80.19 -35.60
CA UNK A 3011 70.56 -81.05 -34.72
C UNK A 3011 72.06 -80.65 -34.74
N UNK A 3012 72.98 -81.58 -35.01
CA UNK A 3012 74.38 -81.26 -35.27
C UNK A 3012 74.76 -81.83 -36.62
N UNK A 3013 75.60 -81.10 -37.38
CA UNK A 3013 75.91 -81.47 -38.77
C UNK A 3013 76.80 -82.74 -38.89
N UNK A 3014 77.98 -82.81 -38.26
CA UNK A 3014 78.77 -81.69 -37.72
C UNK A 3014 79.93 -81.33 -38.64
N UNK A 3015 80.59 -80.21 -38.33
CA UNK A 3015 81.86 -79.81 -38.96
C UNK A 3015 81.81 -79.55 -40.49
N UNK A 3016 80.63 -79.21 -41.01
CA UNK A 3016 80.47 -78.90 -42.43
C UNK A 3016 80.73 -80.08 -43.36
N UNK A 3017 80.14 -81.23 -43.05
CA UNK A 3017 80.18 -82.39 -43.94
C UNK A 3017 79.40 -82.08 -45.23
N UNK A 3018 79.89 -82.59 -46.36
CA UNK A 3018 79.29 -82.33 -47.66
C UNK A 3018 77.88 -82.93 -47.77
N UNK A 3019 77.09 -82.41 -48.70
CA UNK A 3019 75.69 -82.80 -48.84
C UNK A 3019 75.49 -84.30 -49.11
N UNK A 3020 76.40 -84.92 -49.85
CA UNK A 3020 76.28 -86.35 -50.19
C UNK A 3020 76.59 -87.25 -48.97
N UNK A 3021 77.50 -86.79 -48.12
CA UNK A 3021 77.81 -87.46 -46.85
C UNK A 3021 76.62 -87.43 -45.88
N UNK A 3022 75.90 -86.31 -45.88
CA UNK A 3022 74.88 -86.01 -44.91
C UNK A 3022 73.54 -86.58 -45.34
N UNK A 3023 73.26 -86.62 -46.65
CA UNK A 3023 71.99 -87.10 -47.13
C UNK A 3023 71.77 -88.55 -46.73
N UNK A 3024 72.83 -89.36 -46.86
CA UNK A 3024 72.79 -90.77 -46.48
C UNK A 3024 72.42 -90.91 -45.00
N UNK A 3025 73.08 -90.10 -44.20
CA UNK A 3025 72.88 -90.08 -42.74
C UNK A 3025 71.42 -89.77 -42.43
N UNK A 3026 70.91 -88.75 -43.12
CA UNK A 3026 69.53 -88.30 -42.96
C UNK A 3026 68.56 -89.44 -43.26
N UNK A 3027 68.84 -90.11 -44.37
CA UNK A 3027 68.04 -91.24 -44.83
C UNK A 3027 67.99 -92.33 -43.77
N UNK A 3028 69.17 -92.62 -43.23
CA UNK A 3028 69.35 -93.63 -42.19
C UNK A 3028 68.47 -93.29 -40.97
N UNK A 3029 68.56 -92.01 -40.59
CA UNK A 3029 67.81 -91.49 -39.45
C UNK A 3029 66.30 -91.70 -39.66
N UNK A 3030 65.88 -91.35 -40.86
CA UNK A 3030 64.48 -91.47 -41.28
C UNK A 3030 64.03 -92.89 -41.19
N UNK A 3031 64.85 -93.81 -41.63
CA UNK A 3031 64.59 -95.25 -41.61
C UNK A 3031 64.29 -95.69 -40.16
N UNK A 3032 65.18 -95.23 -39.27
CA UNK A 3032 65.05 -95.55 -37.84
C UNK A 3032 63.74 -95.03 -37.30
N UNK A 3033 63.41 -93.80 -37.68
CA UNK A 3033 62.16 -93.15 -37.27
C UNK A 3033 60.96 -93.99 -37.69
N UNK A 3034 61.02 -94.42 -38.95
CA UNK A 3034 59.96 -95.24 -39.55
C UNK A 3034 59.77 -96.53 -38.75
N UNK A 3035 60.90 -97.14 -38.43
CA UNK A 3035 60.93 -98.39 -37.66
C UNK A 3035 60.25 -98.18 -36.31
N UNK A 3036 60.62 -97.08 -35.67
CA UNK A 3036 60.08 -96.72 -34.36
C UNK A 3036 58.57 -96.58 -34.44
N UNK A 3037 58.12 -95.88 -35.48
CA UNK A 3037 56.70 -95.65 -35.74
C UNK A 3037 55.95 -96.98 -35.86
N UNK A 3038 56.56 -97.86 -36.64
CA UNK A 3038 56.02 -99.21 -36.89
C UNK A 3038 55.84 -99.96 -35.57
N UNK A 3039 56.89 -99.89 -34.76
CA UNK A 3039 56.93 -100.53 -33.45
C UNK A 3039 55.75 -100.12 -32.57
N UNK A 3040 55.44 -98.81 -32.50
CA UNK A 3040 54.39 -98.28 -31.62
C UNK A 3040 53.00 -98.89 -31.85
N UNK A 3041 52.65 -99.13 -33.12
CA UNK A 3041 51.37 -99.73 -33.49
C UNK A 3041 51.34 -101.24 -33.19
N UNK A 3042 52.42 -101.94 -33.56
CA UNK A 3042 52.56 -103.40 -33.37
C UNK A 3042 51.52 -104.19 -34.16
N UNK A 3043 54.72 -101.20 -22.33
CA UNK A 3043 54.50 -100.85 -23.73
C UNK A 3043 55.40 -101.65 -24.67
N UNK A 3044 55.02 -101.67 -25.94
CA UNK A 3044 55.79 -102.38 -26.98
C UNK A 3044 57.08 -101.66 -27.37
N UNK A 3045 57.12 -100.33 -27.19
CA UNK A 3045 58.24 -99.50 -27.65
C UNK A 3045 59.51 -99.58 -26.76
N UNK A 3046 59.38 -100.11 -25.55
CA UNK A 3046 60.54 -100.41 -24.70
C UNK A 3046 61.41 -101.53 -25.29
N UNK A 3047 60.76 -102.52 -25.90
CA UNK A 3047 61.43 -103.74 -26.36
C UNK A 3047 62.44 -103.56 -27.50
N UNK A 3048 62.24 -102.53 -28.34
CA UNK A 3048 63.10 -102.34 -29.52
C UNK A 3048 64.52 -101.88 -29.15
N UNK A 3049 65.48 -102.28 -30.00
CA UNK A 3049 66.88 -101.87 -29.83
C UNK A 3049 67.09 -100.54 -30.54
N UNK A 3050 67.19 -99.48 -29.75
CA UNK A 3050 67.44 -98.14 -30.26
C UNK A 3050 68.91 -97.97 -30.69
N UNK A 3051 69.13 -97.14 -31.71
CA UNK A 3051 70.47 -96.64 -32.03
C UNK A 3051 70.47 -95.14 -31.76
N UNK A 3052 71.52 -94.67 -31.10
CA UNK A 3052 71.58 -93.28 -30.63
C UNK A 3052 71.87 -92.31 -31.77
N UNK A 3053 72.79 -92.70 -32.66
CA UNK A 3053 73.16 -91.90 -33.83
C UNK A 3053 72.00 -91.53 -34.74
N UNK A 3054 71.07 -92.46 -34.92
CA UNK A 3054 69.89 -92.24 -35.77
C UNK A 3054 68.85 -91.26 -35.23
N UNK A 3055 68.84 -91.03 -33.92
CA UNK A 3055 67.92 -90.08 -33.29
C UNK A 3055 68.49 -88.67 -33.36
N UNK A 3056 67.61 -87.68 -33.45
CA UNK A 3056 68.03 -86.28 -33.52
C UNK A 3056 68.64 -85.80 -32.21
N UNK A 3057 67.80 -85.52 -31.21
CA UNK A 3057 68.28 -84.98 -29.94
C UNK A 3057 68.68 -86.19 -29.07
N UNK A 3058 70.00 -86.36 -28.83
CA UNK A 3058 70.50 -87.59 -28.23
C UNK A 3058 70.33 -87.71 -26.71
N UNK A 3059 70.79 -86.70 -25.97
CA UNK A 3059 70.66 -86.66 -24.50
C UNK A 3059 69.21 -86.76 -23.99
N UNK A 3060 68.28 -86.34 -24.85
CA UNK A 3060 66.87 -86.36 -24.56
C UNK A 3060 66.41 -87.78 -24.28
N UNK A 3061 66.90 -88.74 -25.08
CA UNK A 3061 66.53 -90.13 -24.94
C UNK A 3061 66.86 -90.63 -23.54
N UNK A 3062 68.06 -90.29 -23.09
CA UNK A 3062 68.53 -90.72 -21.77
C UNK A 3062 67.60 -90.18 -20.68
N UNK A 3063 67.24 -88.90 -20.83
CA UNK A 3063 66.34 -88.28 -19.85
C UNK A 3063 65.00 -88.96 -19.84
N UNK A 3064 64.50 -89.29 -21.02
CA UNK A 3064 63.23 -90.01 -21.18
C UNK A 3064 63.28 -91.35 -20.43
N UNK A 3065 64.38 -92.05 -20.64
CA UNK A 3065 64.63 -93.35 -20.02
C UNK A 3065 64.58 -93.22 -18.50
N UNK A 3066 65.26 -92.19 -18.01
CA UNK A 3066 65.34 -91.90 -16.58
C UNK A 3066 63.95 -91.69 -16.01
N UNK A 3067 63.18 -90.89 -16.74
CA UNK A 3067 61.79 -90.55 -16.37
C UNK A 3067 60.96 -91.82 -16.25
N UNK A 3068 61.12 -92.68 -17.24
CA UNK A 3068 60.41 -93.96 -17.31
C UNK A 3068 60.72 -94.79 -16.09
N UNK A 3069 62.02 -94.85 -15.78
CA UNK A 3069 62.52 -95.62 -14.63
C UNK A 3069 61.87 -95.12 -13.35
N UNK A 3070 61.85 -93.80 -13.22
CA UNK A 3070 61.27 -93.12 -12.06
C UNK A 3070 59.81 -93.51 -11.90
N UNK A 3071 59.10 -93.47 -13.02
CA UNK A 3071 57.68 -93.80 -13.07
C UNK A 3071 57.46 -95.23 -12.59
N UNK A 3072 58.30 -96.12 -13.08
CA UNK A 3072 58.26 -97.54 -12.75
C UNK A 3072 58.49 -97.87 -11.28
N UNK A 3073 59.64 -97.46 -10.74
CA UNK A 3073 59.96 -97.73 -9.32
C UNK A 3073 59.30 -96.76 -8.33
N UNK A 3074 58.72 -95.66 -8.83
CA UNK A 3074 58.18 -94.57 -8.01
C UNK A 3074 59.30 -93.92 -7.18
N UNK A 3075 60.43 -93.68 -7.85
CA UNK A 3075 61.67 -93.22 -7.21
C UNK A 3075 62.00 -91.78 -7.64
N UNK A 3076 62.88 -91.14 -6.89
CA UNK A 3076 63.30 -89.76 -7.16
C UNK A 3076 64.24 -89.69 -8.35
N UNK A 3077 64.13 -88.61 -9.13
CA UNK A 3077 64.85 -88.46 -10.39
C UNK A 3077 66.36 -88.24 -10.20
N UNK A 3078 66.71 -87.40 -9.23
CA UNK A 3078 68.12 -87.06 -8.97
C UNK A 3078 68.93 -88.22 -8.40
N UNK A 3079 68.29 -89.11 -7.64
CA UNK A 3079 68.97 -90.22 -6.98
C UNK A 3079 69.47 -91.33 -7.92
N UNK A 3080 68.87 -91.45 -9.11
CA UNK A 3080 69.18 -92.56 -10.02
C UNK A 3080 70.56 -92.42 -10.67
N UNK A 3081 71.39 -93.46 -10.53
CA UNK A 3081 72.71 -93.54 -11.14
C UNK A 3081 72.66 -94.40 -12.41
N UNK A 3082 73.80 -94.51 -13.09
CA UNK A 3082 73.94 -95.37 -14.27
C UNK A 3082 75.11 -96.35 -14.09
N UNK A 3083 74.93 -97.56 -14.65
CA UNK A 3083 75.96 -98.61 -14.63
C UNK A 3083 75.87 -99.41 -15.93
N UNK A 3084 76.77 -99.12 -16.87
CA UNK A 3084 76.67 -99.63 -18.24
C UNK A 3084 77.38 -100.98 -18.39
N UNK A 3085 76.69 -101.92 -19.05
CA UNK A 3085 77.24 -103.22 -19.44
C UNK A 3085 77.29 -103.34 -20.97
N UNK A 3086 78.13 -104.25 -21.46
CA UNK A 3086 78.32 -104.46 -22.90
C UNK A 3086 77.22 -105.37 -23.45
N UNK A 3087 67.56 -100.32 -17.82
CA UNK A 3087 67.71 -101.61 -18.47
C UNK A 3087 67.40 -101.50 -19.96
N UNK A 3088 68.19 -100.68 -20.66
CA UNK A 3088 67.98 -100.37 -22.08
C UNK A 3088 69.27 -100.55 -22.89
N UNK A 3089 69.17 -101.25 -24.02
CA UNK A 3089 70.31 -101.46 -24.91
C UNK A 3089 70.39 -100.40 -26.01
N UNK A 3090 71.59 -99.91 -26.26
CA UNK A 3090 71.85 -98.91 -27.32
C UNK A 3090 72.92 -99.42 -28.28
N UNK A 3091 72.73 -99.16 -29.57
CA UNK A 3091 73.59 -99.71 -30.63
C UNK A 3091 74.22 -98.63 -31.50
N UNK A 3092 75.27 -99.03 -32.23
CA UNK A 3092 75.88 -98.19 -33.26
C UNK A 3092 76.59 -96.96 -32.74
N UNK A 3093 77.16 -98.15 -29.99
CA UNK A 3093 78.16 -97.11 -29.74
C UNK A 3093 79.53 -97.52 -30.27
N UNK A 3094 80.43 -96.55 -30.31
CA UNK A 3094 81.83 -96.76 -30.63
C UNK A 3094 82.68 -96.32 -29.44
N UNK A 3095 83.85 -96.93 -29.30
CA UNK A 3095 84.87 -96.43 -28.37
C UNK A 3095 85.94 -95.70 -29.14
N UNK A 3096 86.64 -94.80 -28.45
CA UNK A 3096 87.84 -94.16 -28.95
C UNK A 3096 88.93 -94.47 -27.96
N UNK A 3097 89.93 -95.24 -28.40
CA UNK A 3097 91.11 -95.56 -27.61
C UNK A 3097 91.01 -96.74 -26.65
N UNK A 3098 90.08 -97.67 -26.92
CA UNK A 3098 89.87 -98.82 -26.04
C UNK A 3098 89.10 -99.97 -26.68
N UNK A 3099 89.21 -101.15 -26.07
CA UNK A 3099 88.45 -102.35 -26.48
C UNK A 3099 87.84 -103.07 -25.26
N UNK A 3100 86.60 -103.53 -25.44
CA UNK A 3100 85.79 -104.12 -24.37
C UNK A 3100 85.90 -105.64 -24.37
N UNK A 3101 86.01 -106.21 -23.18
CA UNK A 3101 85.84 -107.65 -22.98
C UNK A 3101 85.55 -107.94 -21.50
N UNK A 3102 84.41 -108.58 -21.24
CA UNK A 3102 83.93 -108.89 -19.87
C UNK A 3102 83.76 -107.64 -19.00
N UNK A 3103 83.38 -106.52 -19.62
CA UNK A 3103 83.28 -105.21 -18.96
C UNK A 3103 84.58 -104.81 -18.24
N UNK A 3104 85.68 -104.90 -18.98
CA UNK A 3104 87.00 -104.46 -18.54
C UNK A 3104 87.72 -103.84 -19.73
N UNK A 3105 87.75 -102.51 -19.78
CA UNK A 3105 88.24 -101.79 -20.97
C UNK A 3105 89.76 -101.87 -21.08
N UNK A 3106 90.22 -102.60 -22.10
CA UNK A 3106 91.65 -102.70 -22.38
C UNK A 3106 92.07 -101.59 -23.32
N UNK A 3107 93.24 -101.01 -23.06
CA UNK A 3107 93.83 -100.01 -23.94
C UNK A 3107 94.29 -100.66 -25.24
N UNK A 3108 94.32 -99.87 -26.31
CA UNK A 3108 94.69 -100.36 -27.64
C UNK A 3108 95.41 -99.30 -28.45
N UNK A 3109 96.41 -99.73 -29.22
CA UNK A 3109 97.09 -98.87 -30.19
C UNK A 3109 96.21 -98.57 -31.41
N UNK A 3110 95.18 -99.40 -31.63
CA UNK A 3110 94.15 -99.12 -32.62
C UNK A 3110 93.28 -97.93 -32.21
N UNK A 3111 92.60 -97.34 -33.18
CA UNK A 3111 91.85 -96.10 -32.97
C UNK A 3111 90.55 -96.36 -32.23
N UNK A 3112 89.67 -97.13 -32.87
CA UNK A 3112 88.28 -97.30 -32.43
C UNK A 3112 87.76 -98.71 -32.61
N UNK A 3113 86.65 -98.99 -31.94
CA UNK A 3113 85.90 -100.24 -32.11
C UNK A 3113 84.44 -100.02 -31.77
N UNK A 3114 83.56 -100.75 -32.47
CA UNK A 3114 82.12 -100.64 -32.28
C UNK A 3114 81.64 -101.68 -31.28
N UNK A 3115 80.82 -101.25 -30.32
CA UNK A 3115 80.18 -102.15 -29.37
C UNK A 3115 78.81 -102.50 -29.95
N UNK A 3116 78.48 -103.82 -30.09
CA UNK A 3116 77.26 -104.17 -30.83
C UNK A 3116 75.98 -103.69 -30.16
N UNK A 3117 75.84 -103.98 -28.87
CA UNK A 3117 74.77 -103.42 -28.04
C UNK A 3117 75.27 -103.29 -26.60
N UNK A 3118 74.84 -102.23 -25.93
CA UNK A 3118 75.33 -101.89 -24.59
C UNK A 3118 74.17 -101.56 -23.63
N UNK A 3119 73.87 -102.50 -22.74
CA UNK A 3119 72.79 -102.37 -21.77
C UNK A 3119 73.23 -101.52 -20.60
N UNK A 3120 72.30 -100.80 -19.97
CA UNK A 3120 72.58 -100.10 -18.71
C UNK A 3120 71.34 -100.08 -17.81
N UNK A 3121 71.53 -100.52 -16.56
CA UNK A 3121 70.47 -100.56 -15.56
C UNK A 3121 70.61 -99.38 -14.60
N UNK A 3122 69.48 -98.95 -14.03
CA UNK A 3122 69.42 -97.76 -13.18
C UNK A 3122 69.21 -98.15 -11.72
N UNK A 3123 70.11 -97.71 -10.85
CA UNK A 3123 70.06 -98.00 -9.41
C UNK A 3123 70.32 -96.71 -8.62
N UNK A 3124 69.75 -96.62 -7.42
CA UNK A 3124 69.91 -95.44 -6.55
C UNK A 3124 71.32 -95.30 -5.97
N UNK A 3125 71.82 -96.39 -5.40
CA UNK A 3125 73.14 -96.43 -4.77
C UNK A 3125 73.95 -97.62 -5.29
N UNK A 3126 88.25 -98.87 -8.02
CA UNK A 3126 88.99 -98.22 -9.10
C UNK A 3126 88.26 -98.36 -10.43
N UNK A 3127 87.55 -97.30 -10.82
CA UNK A 3127 86.78 -97.26 -12.07
C UNK A 3127 87.06 -95.98 -12.86
N UNK A 3128 87.03 -96.10 -14.18
CA UNK A 3128 87.22 -94.98 -15.10
C UNK A 3128 85.86 -94.40 -15.44
N UNK A 3129 85.73 -93.07 -15.33
CA UNK A 3129 84.54 -92.37 -15.77
C UNK A 3129 84.85 -91.70 -17.11
N UNK A 3130 84.29 -92.25 -18.18
CA UNK A 3130 84.42 -91.68 -19.52
C UNK A 3130 83.31 -90.66 -19.78
N UNK A 3131 83.55 -89.74 -20.73
CA UNK A 3131 82.49 -88.99 -21.37
C UNK A 3131 81.94 -89.77 -22.54
N UNK A 3132 80.66 -89.56 -22.83
CA UNK A 3132 80.05 -90.00 -24.09
C UNK A 3132 79.71 -88.75 -24.90
N UNK A 3133 80.54 -88.44 -25.87
CA UNK A 3133 80.32 -87.30 -26.75
C UNK A 3133 79.34 -87.66 -27.86
N UNK A 3134 78.89 -86.64 -28.58
CA UNK A 3134 77.97 -86.83 -29.71
C UNK A 3134 78.67 -87.48 -30.90
N UNK A 3135 79.82 -86.94 -31.30
CA UNK A 3135 80.53 -87.39 -32.51
C UNK A 3135 82.05 -87.23 -32.38
N UNK A 3136 82.77 -87.38 -33.49
CA UNK A 3136 84.23 -87.32 -33.51
C UNK A 3136 84.86 -85.98 -33.09
N UNK A 3137 84.13 -84.87 -33.27
CA UNK A 3137 84.60 -83.53 -32.87
C UNK A 3137 84.81 -83.36 -31.37
N UNK A 3138 84.07 -84.14 -30.59
CA UNK A 3138 84.15 -84.15 -29.13
C UNK A 3138 83.67 -82.82 -28.56
N UNK A 3139 82.66 -82.24 -29.20
CA UNK A 3139 82.12 -80.94 -28.83
C UNK A 3139 80.96 -81.08 -27.85
N UNK A 3140 79.85 -81.67 -28.33
CA UNK A 3140 78.62 -81.80 -27.55
C UNK A 3140 78.66 -83.07 -26.70
N UNK A 3141 78.70 -82.91 -25.38
CA UNK A 3141 78.70 -84.02 -24.43
C UNK A 3141 77.28 -84.51 -24.20
N UNK A 3142 77.13 -85.83 -24.12
CA UNK A 3142 75.84 -86.45 -23.83
C UNK A 3142 75.80 -86.78 -22.34
N UNK A 3143 76.59 -87.76 -21.91
CA UNK A 3143 76.52 -88.28 -20.54
C UNK A 3143 77.80 -89.01 -20.11
N UNK A 3144 77.93 -89.19 -18.79
CA UNK A 3144 79.08 -89.88 -18.20
C UNK A 3144 78.88 -91.39 -18.26
N UNK A 3145 79.99 -92.14 -18.31
CA UNK A 3145 79.93 -93.62 -18.31
C UNK A 3145 81.02 -94.20 -17.40
N UNK A 3146 80.58 -94.88 -16.34
CA UNK A 3146 81.49 -95.58 -15.44
C UNK A 3146 81.85 -96.97 -16.00
N UNK A 3147 83.12 -97.37 -15.82
CA UNK A 3147 83.58 -98.70 -16.20
C UNK A 3147 84.71 -99.17 -15.29
N UNK A 3148 84.68 -100.45 -14.93
CA UNK A 3148 85.79 -101.08 -14.20
C UNK A 3148 86.95 -101.28 -15.17
N UNK A 3149 88.13 -100.77 -14.81
CA UNK A 3149 89.30 -100.79 -15.69
C UNK A 3149 89.88 -102.20 -15.84
N UNK A 3150 90.64 -102.41 -16.91
CA UNK A 3150 91.41 -103.65 -17.12
C UNK A 3150 92.35 -103.97 -15.96
N UNK A 3151 92.83 -105.22 -15.93
CA UNK A 3151 93.56 -105.77 -14.77
C UNK A 3151 94.80 -104.97 -14.36
N UNK A 3152 95.74 -104.83 -15.29
CA UNK A 3152 97.04 -104.22 -15.01
C UNK A 3152 97.09 -102.69 -15.22
N UNK A 3153 96.23 -102.16 -16.08
CA UNK A 3153 96.31 -100.75 -16.50
C UNK A 3153 95.82 -99.77 -15.44
N UNK A 3154 96.40 -98.57 -15.44
CA UNK A 3154 96.15 -97.52 -14.44
C UNK A 3154 95.08 -96.53 -14.94
N UNK A 3155 94.33 -95.87 -14.02
CA UNK A 3155 93.33 -94.93 -14.46
C UNK A 3155 93.94 -93.65 -14.97
N UNK A 3156 95.01 -93.19 -14.33
CA UNK A 3156 95.64 -91.91 -14.68
C UNK A 3156 96.08 -91.93 -16.15
N UNK A 3157 96.73 -93.03 -16.51
CA UNK A 3157 97.23 -93.23 -17.87
C UNK A 3157 96.08 -93.16 -18.87
N UNK A 3158 95.01 -93.84 -18.53
CA UNK A 3158 93.79 -93.90 -19.34
C UNK A 3158 93.26 -92.48 -19.58
N UNK A 3159 93.19 -91.73 -18.48
CA UNK A 3159 92.71 -90.35 -18.48
C UNK A 3159 93.54 -89.50 -19.44
N UNK A 3160 94.84 -89.67 -19.30
CA UNK A 3160 95.82 -88.95 -20.13
C UNK A 3160 95.58 -89.23 -21.61
N UNK A 3161 95.40 -90.51 -21.89
CA UNK A 3161 95.14 -90.99 -23.25
C UNK A 3161 93.89 -90.33 -23.83
N UNK A 3162 92.86 -90.23 -23.01
CA UNK A 3162 91.61 -89.58 -23.40
C UNK A 3162 90.74 -90.56 -24.15
N UNK A 3163 90.50 -91.70 -23.51
CA UNK A 3163 89.65 -92.74 -24.06
C UNK A 3163 88.22 -92.21 -23.96
N UNK A 3164 87.37 -92.52 -24.94
CA UNK A 3164 86.00 -91.95 -24.94
C UNK A 3164 84.95 -92.80 -25.66
N UNK A 3165 83.70 -92.31 -25.68
CA UNK A 3165 82.58 -93.02 -26.31
C UNK A 3165 81.92 -92.14 -27.36
N UNK A 3166 81.76 -92.68 -28.57
CA UNK A 3166 81.25 -91.95 -29.73
C UNK A 3166 80.03 -92.64 -30.32
N UNK A 3167 78.89 -91.96 -30.36
CA UNK A 3167 77.67 -92.50 -30.95
C UNK A 3167 77.65 -92.31 -32.46
N UNK A 3168 77.64 -91.05 -32.88
CA UNK A 3168 77.46 -90.69 -34.29
C UNK A 3168 78.75 -90.87 -35.09
N UNK A 3169 78.82 -91.98 -35.82
CA UNK A 3169 79.93 -92.24 -36.75
C UNK A 3169 79.54 -93.30 -37.78
N UNK B 1 4.02 1.45 10.72
CA UNK B 1 4.99 0.58 9.98
C UNK B 1 4.82 0.71 8.46
N UNK B 2 3.58 0.67 7.98
CA UNK B 2 3.27 0.80 6.56
C UNK B 2 3.58 2.20 6.00
N UNK B 3 3.55 3.23 6.85
CA UNK B 3 3.95 4.60 6.47
C UNK B 3 5.44 4.65 6.11
N UNK B 4 6.26 3.92 6.86
CA UNK B 4 7.68 3.77 6.55
C UNK B 4 7.93 2.99 5.27
N UNK B 5 7.12 1.96 5.02
CA UNK B 5 7.23 1.12 3.81
C UNK B 5 6.21 1.47 2.71
N UNK B 6 5.85 2.76 2.61
CA UNK B 6 5.03 3.28 1.50
C UNK B 6 5.93 3.87 0.42
N UNK B 7 6.84 4.75 0.84
CA UNK B 7 7.82 5.37 -0.08
C UNK B 7 8.78 4.37 -0.74
N UNK B 8 9.10 3.27 -0.05
CA UNK B 8 9.99 2.22 -0.58
C UNK B 8 9.28 1.10 -1.35
N UNK B 9 7.98 1.28 -1.58
CA UNK B 9 7.20 0.39 -2.41
C UNK B 9 7.81 0.30 -3.82
N UNK B 10 8.14 1.47 -4.35
CA UNK B 10 8.74 1.60 -5.67
C UNK B 10 10.04 0.80 -5.74
N UNK B 11 10.85 0.99 -4.71
CA UNK B 11 12.15 0.32 -4.57
C UNK B 11 11.96 -1.19 -4.61
N UNK B 12 10.98 -1.64 -3.83
CA UNK B 12 10.65 -3.06 -3.72
C UNK B 12 10.29 -3.63 -5.09
N UNK B 13 9.45 -2.87 -5.79
CA UNK B 13 8.98 -3.23 -7.13
C UNK B 13 10.17 -3.40 -8.08
N UNK B 14 11.07 -2.43 -8.00
CA UNK B 14 12.28 -2.40 -8.83
C UNK B 14 13.11 -3.66 -8.58
N UNK B 15 13.27 -3.96 -7.29
CA UNK B 15 14.03 -5.14 -6.85
C UNK B 15 13.43 -6.42 -7.44
N UNK B 16 12.11 -6.57 -7.34
CA UNK B 16 11.42 -7.74 -7.89
C UNK B 16 11.09 -7.52 -9.37
N UNK B 17 12.12 -7.68 -10.21
CA UNK B 17 12.00 -7.48 -11.66
C UNK B 17 13.03 -8.33 -12.42
N UNK B 18 12.97 -8.26 -13.75
CA UNK B 18 13.91 -9.01 -14.62
C UNK B 18 15.38 -8.57 -14.52
N UNK B 19 15.62 -7.31 -14.14
CA UNK B 19 16.97 -6.73 -14.09
C UNK B 19 17.87 -7.34 -13.01
N UNK B 20 17.30 -7.67 -11.85
CA UNK B 20 18.07 -8.17 -10.71
C UNK B 20 18.47 -9.65 -10.88
N UNK B 21 19.66 -9.98 -10.37
CA UNK B 21 20.25 -11.32 -10.46
C UNK B 21 20.92 -11.67 -9.13
N UNK B 22 21.47 -12.89 -9.05
CA UNK B 22 22.17 -13.40 -7.87
C UNK B 22 23.35 -12.51 -7.51
N UNK B 23 24.07 -12.06 -8.55
CA UNK B 23 25.22 -11.18 -8.36
C UNK B 23 24.76 -9.88 -7.67
N UNK B 24 23.64 -9.35 -8.12
CA UNK B 24 23.14 -8.11 -7.53
C UNK B 24 22.76 -8.31 -6.09
N UNK B 25 22.15 -9.45 -5.78
CA UNK B 25 21.79 -9.82 -4.42
C UNK B 25 23.03 -9.84 -3.52
N UNK B 26 24.06 -10.48 -4.06
CA UNK B 26 25.35 -10.61 -3.38
C UNK B 26 25.93 -9.23 -3.05
N UNK B 27 25.87 -8.36 -4.05
CA UNK B 27 26.36 -6.99 -3.94
C UNK B 27 25.63 -6.26 -2.82
N UNK B 28 24.31 -6.43 -2.83
CA UNK B 28 23.43 -5.81 -1.84
C UNK B 28 23.83 -6.25 -0.43
N UNK B 29 24.04 -7.55 -0.31
CA UNK B 29 24.44 -8.19 0.95
C UNK B 29 25.74 -7.57 1.46
N UNK B 30 26.69 -7.45 0.54
CA UNK B 30 28.01 -6.89 0.81
C UNK B 30 28.03 -5.42 1.27
N UNK B 31 27.51 -4.54 0.41
CA UNK B 31 27.61 -3.08 0.61
C UNK B 31 26.87 -2.58 1.85
N UNK B 32 25.73 -3.19 2.15
CA UNK B 32 24.94 -2.85 3.34
C UNK B 32 25.51 -3.41 4.66
N UNK B 33 26.52 -4.28 4.57
CA UNK B 33 27.12 -4.97 5.73
C UNK B 33 26.10 -5.88 6.41
N UNK B 34 25.61 -6.84 5.63
CA UNK B 34 24.55 -7.77 6.03
C UNK B 34 25.02 -9.20 5.74
N UNK B 35 24.54 -10.16 6.54
CA UNK B 35 24.91 -11.57 6.41
C UNK B 35 23.68 -12.51 6.43
N UNK B 36 22.88 -12.43 5.37
CA UNK B 36 21.76 -13.35 5.13
C UNK B 36 22.01 -14.13 3.83
N UNK B 37 21.65 -15.42 3.83
CA UNK B 37 21.78 -16.26 2.64
C UNK B 37 20.69 -15.93 1.62
N UNK B 38 21.05 -15.98 0.33
CA UNK B 38 20.17 -15.52 -0.76
C UNK B 38 19.04 -16.49 -1.16
N UNK B 39 19.15 -17.76 -0.76
CA UNK B 39 18.14 -18.78 -1.10
C UNK B 39 16.83 -18.55 -0.34
N UNK B 40 16.93 -18.56 1.00
CA UNK B 40 15.77 -18.35 1.87
C UNK B 40 15.65 -16.87 2.23
N UNK B 41 14.96 -16.11 1.37
CA UNK B 41 14.72 -14.68 1.58
C UNK B 41 13.23 -14.35 1.45
N UNK B 42 12.81 -13.33 2.21
CA UNK B 42 11.43 -12.87 2.23
C UNK B 42 11.40 -11.33 2.34
N UNK B 43 10.20 -10.77 2.46
CA UNK B 43 9.99 -9.36 2.73
C UNK B 43 10.60 -8.94 4.05
N UNK B 44 10.61 -9.85 5.03
CA UNK B 44 11.11 -9.55 6.36
C UNK B 44 12.56 -9.09 6.30
N UNK B 45 13.34 -9.84 5.52
CA UNK B 45 14.78 -9.56 5.34
C UNK B 45 14.95 -8.16 4.77
N UNK B 46 14.14 -7.88 3.74
CA UNK B 46 14.20 -6.57 3.05
C UNK B 46 13.90 -5.45 4.03
N UNK B 47 12.87 -5.67 4.87
CA UNK B 47 12.44 -4.72 5.87
C UNK B 47 13.41 -4.69 7.05
N UNK B 48 14.05 -5.80 7.39
CA UNK B 48 14.98 -5.86 8.54
C UNK B 48 16.01 -4.73 8.52
N UNK B 49 16.73 -4.60 7.41
CA UNK B 49 17.58 -3.43 7.18
C UNK B 49 16.69 -2.22 6.85
N UNK B 50 17.00 -1.07 7.45
CA UNK B 50 16.12 0.11 7.35
C UNK B 50 16.19 0.69 5.94
N UNK B 51 15.14 0.45 5.16
CA UNK B 51 15.07 0.91 3.77
C UNK B 51 14.83 2.41 3.62
N UNK B 52 14.36 3.07 4.68
CA UNK B 52 14.28 4.53 4.70
C UNK B 52 15.66 5.17 4.76
N UNK B 53 16.53 4.62 5.62
CA UNK B 53 17.88 5.12 5.82
C UNK B 53 18.81 4.62 4.72
N UNK B 54 18.88 3.30 4.55
CA UNK B 54 19.75 2.66 3.55
C UNK B 54 19.01 2.43 2.22
N UNK B 55 18.63 3.53 1.57
CA UNK B 55 17.91 3.49 0.29
C UNK B 55 18.93 3.66 -0.87
N UNK B 56 19.82 4.63 -0.68
CA UNK B 56 20.72 5.09 -1.70
C UNK B 56 21.56 4.01 -2.35
N UNK B 57 22.23 3.23 -1.51
CA UNK B 57 23.10 2.14 -1.98
C UNK B 57 22.31 1.16 -2.83
N UNK B 58 21.14 0.80 -2.31
CA UNK B 58 20.23 -0.13 -2.98
C UNK B 58 19.85 0.39 -4.36
N UNK B 59 19.51 1.68 -4.38
CA UNK B 59 19.11 2.37 -5.61
C UNK B 59 20.24 2.29 -6.64
N UNK B 60 21.44 2.57 -6.16
CA UNK B 60 22.65 2.56 -6.98
C UNK B 60 22.84 1.18 -7.61
N UNK B 61 22.68 0.17 -6.77
CA UNK B 61 22.82 -1.23 -7.17
C UNK B 61 21.83 -1.56 -8.29
N UNK B 62 20.60 -1.12 -8.07
CA UNK B 62 19.51 -1.33 -9.02
C UNK B 62 19.86 -0.71 -10.36
N UNK B 63 20.35 0.51 -10.30
CA UNK B 63 20.76 1.28 -11.48
C UNK B 63 21.82 0.51 -12.27
N UNK B 64 22.80 0.02 -11.52
CA UNK B 64 23.91 -0.74 -12.08
C UNK B 64 23.39 -1.97 -12.82
N UNK B 65 22.47 -2.66 -12.16
CA UNK B 65 21.84 -3.87 -12.69
C UNK B 65 21.16 -3.57 -14.01
N UNK B 66 20.42 -2.46 -14.00
CA UNK B 66 19.66 -1.99 -15.17
C UNK B 66 20.61 -1.76 -16.34
N UNK B 67 21.71 -1.08 -16.02
CA UNK B 67 22.75 -0.76 -17.00
C UNK B 67 23.29 -2.04 -17.65
N UNK B 68 23.59 -2.98 -16.77
CA UNK B 68 24.13 -4.28 -17.17
C UNK B 68 23.16 -4.99 -18.11
N UNK B 69 21.89 -4.96 -17.71
CA UNK B 69 20.78 -5.58 -18.41
C UNK B 69 20.69 -4.97 -19.76
N UNK B 70 20.82 -3.66 -19.93
CA UNK B 70 20.72 -3.02 -21.23
C UNK B 70 21.74 -3.62 -22.21
N UNK B 71 22.96 -3.69 -21.69
CA UNK B 71 24.12 -4.23 -22.43
C UNK B 71 23.83 -5.66 -22.87
N UNK B 72 23.33 -6.44 -21.92
CA UNK B 72 22.98 -7.84 -22.14
C UNK B 72 21.97 -7.97 -23.27
N UNK B 73 20.96 -7.12 -23.19
CA UNK B 73 19.88 -7.08 -24.18
C UNK B 73 20.44 -6.81 -25.56
N UNK B 74 21.33 -5.83 -25.62
CA UNK B 74 21.99 -5.40 -26.85
C UNK B 74 22.73 -6.60 -27.47
N UNK B 75 23.48 -7.28 -26.60
CA UNK B 75 24.27 -8.44 -27.00
C UNK B 75 23.37 -9.51 -27.60
N UNK B 76 22.26 -9.75 -26.92
CA UNK B 76 21.26 -10.74 -27.34
C UNK B 76 20.74 -10.41 -28.72
N UNK B 77 20.42 -9.13 -28.90
CA UNK B 77 19.90 -8.61 -30.17
C UNK B 77 20.89 -8.88 -31.29
N UNK B 78 22.15 -8.57 -30.99
CA UNK B 78 23.25 -8.75 -31.94
C UNK B 78 23.33 -10.22 -32.37
N UNK B 79 23.26 -11.08 -31.37
CA UNK B 79 23.32 -12.53 -31.56
C UNK B 79 22.21 -12.99 -32.50
N UNK B 80 21.02 -12.48 -32.22
CA UNK B 80 19.81 -12.79 -32.98
C UNK B 80 20.01 -12.39 -34.44
N UNK B 81 20.54 -11.19 -34.62
CA UNK B 81 20.65 -10.62 -35.96
C UNK B 81 21.53 -11.48 -36.85
N UNK B 82 22.63 -11.96 -36.28
CA UNK B 82 23.58 -12.81 -37.00
C UNK B 82 23.14 -14.25 -37.06
N UNK B 83 22.58 -14.80 -35.98
CA UNK B 83 22.09 -16.19 -35.99
C UNK B 83 20.90 -16.43 -36.94
N UNK B 84 20.12 -15.39 -37.23
CA UNK B 84 18.98 -15.47 -38.16
C UNK B 84 19.21 -14.83 -39.54
N UNK B 85 20.38 -14.20 -39.75
CA UNK B 85 20.69 -13.56 -41.04
C UNK B 85 20.97 -14.61 -42.11
N UNK B 86 20.69 -14.25 -43.36
CA UNK B 86 21.03 -15.08 -44.51
C UNK B 86 21.53 -14.23 -45.67
N UNK B 87 22.50 -14.77 -46.42
CA UNK B 87 22.90 -14.19 -47.69
C UNK B 87 21.75 -14.38 -48.65
N UNK B 88 21.24 -13.28 -49.20
CA UNK B 88 20.16 -13.36 -50.20
C UNK B 88 20.81 -13.76 -51.52
N UNK B 89 20.40 -14.92 -52.05
CA UNK B 89 20.97 -15.47 -53.28
C UNK B 89 20.16 -15.09 -54.51
N UNK B 90 20.84 -15.09 -55.67
CA UNK B 90 20.19 -14.88 -56.96
C UNK B 90 20.76 -15.88 -57.96
N UNK B 91 19.88 -16.47 -58.76
CA UNK B 91 20.29 -17.39 -59.83
C UNK B 91 20.84 -16.59 -61.02
N UNK B 92 22.15 -16.67 -61.23
CA UNK B 92 22.81 -15.98 -62.34
C UNK B 92 22.90 -16.92 -63.54
N UNK B 93 21.96 -16.75 -64.47
CA UNK B 93 21.81 -17.58 -65.70
C UNK B 93 22.16 -19.08 -65.54
N UNK B 94 21.55 -19.69 -64.51
CA UNK B 94 21.49 -21.15 -64.31
C UNK B 94 22.78 -21.92 -63.93
N UNK B 95 23.95 -21.29 -63.98
CA UNK B 95 25.21 -21.97 -63.62
C UNK B 95 25.32 -22.16 -62.12
N UNK B 96 25.15 -21.07 -61.38
CA UNK B 96 25.22 -21.08 -59.92
C UNK B 96 24.40 -19.92 -59.35
N UNK B 97 24.39 -19.78 -58.03
CA UNK B 97 23.63 -18.74 -57.34
C UNK B 97 24.56 -17.74 -56.65
N UNK B 98 24.62 -16.51 -57.18
CA UNK B 98 25.50 -15.46 -56.66
C UNK B 98 24.81 -14.65 -55.57
N UNK B 99 25.57 -13.76 -54.92
CA UNK B 99 25.08 -12.95 -53.81
C UNK B 99 24.52 -11.61 -54.32
N UNK B 100 23.57 -11.06 -53.57
CA UNK B 100 23.05 -9.70 -53.78
C UNK B 100 22.99 -8.96 -52.45
N UNK B 101 22.66 -7.66 -52.49
CA UNK B 101 22.42 -6.87 -51.28
C UNK B 101 23.64 -6.71 -50.39
N UNK B 102 24.75 -6.35 -51.02
CA UNK B 102 26.04 -6.24 -50.37
C UNK B 102 26.09 -5.02 -49.48
N UNK B 103 25.58 -3.91 -50.02
CA UNK B 103 25.59 -2.63 -49.32
C UNK B 103 24.87 -2.73 -47.98
N UNK B 104 23.71 -3.37 -48.04
CA UNK B 104 22.87 -3.58 -46.86
C UNK B 104 23.63 -4.34 -45.79
N UNK B 105 24.29 -5.41 -46.24
CA UNK B 105 25.10 -6.28 -45.38
C UNK B 105 26.18 -5.46 -44.68
N UNK B 106 26.85 -4.65 -45.49
CA UNK B 106 27.94 -3.80 -45.02
C UNK B 106 27.44 -2.86 -43.91
N UNK B 107 26.28 -2.27 -44.20
CA UNK B 107 25.67 -1.29 -43.29
C UNK B 107 25.41 -1.93 -41.93
N UNK B 108 24.84 -3.13 -41.99
CA UNK B 108 24.51 -3.88 -40.77
C UNK B 108 25.76 -4.12 -39.95
N UNK B 109 26.81 -4.54 -40.65
CA UNK B 109 28.11 -4.82 -40.02
C UNK B 109 28.62 -3.57 -39.30
N UNK B 110 28.54 -2.46 -40.02
CA UNK B 110 28.99 -1.16 -39.51
C UNK B 110 28.24 -0.82 -38.22
N UNK B 111 26.93 -1.02 -38.27
CA UNK B 111 26.04 -0.74 -37.14
C UNK B 111 26.51 -1.32 -35.83
N UNK B 112 26.95 -2.59 -35.84
CA UNK B 112 27.18 -3.35 -34.61
C UNK B 112 28.55 -3.07 -34.07
N UNK B 113 29.53 -3.05 -34.96
CA UNK B 113 30.94 -2.81 -34.61
C UNK B 113 31.06 -1.44 -33.91
N UNK B 114 30.42 -0.46 -34.53
CA UNK B 114 30.43 0.92 -34.02
C UNK B 114 29.87 0.95 -32.60
N UNK B 115 28.75 0.27 -32.44
CA UNK B 115 28.06 0.18 -31.14
C UNK B 115 28.98 -0.40 -30.08
N UNK B 116 29.64 -1.48 -30.48
CA UNK B 116 30.58 -2.20 -29.61
C UNK B 116 31.70 -1.25 -29.15
N UNK B 117 32.21 -0.51 -30.11
CA UNK B 117 33.29 0.45 -29.87
C UNK B 117 32.84 1.49 -28.85
N UNK B 118 31.64 1.99 -29.07
CA UNK B 118 31.02 3.00 -28.20
C UNK B 118 30.91 2.45 -26.77
N UNK B 119 30.40 1.23 -26.71
CA UNK B 119 30.17 0.51 -25.45
C UNK B 119 31.45 0.41 -24.64
N UNK B 120 32.57 0.02 -25.27
CA UNK B 120 33.85 -0.24 -24.57
C UNK B 120 34.20 0.71 -23.41
N UNK B 121 33.89 1.99 -23.56
CA UNK B 121 34.29 3.01 -22.59
C UNK B 121 33.62 2.87 -21.21
N UNK B 122 32.31 3.05 -21.17
CA UNK B 122 31.57 3.18 -19.91
C UNK B 122 30.27 2.37 -19.92
N UNK B 123 29.73 1.97 -18.76
CA UNK B 123 30.39 2.03 -17.43
C UNK B 123 30.82 0.67 -16.87
N UNK B 124 30.06 -0.38 -17.18
CA UNK B 124 30.20 -1.69 -16.54
C UNK B 124 30.75 -2.71 -17.54
N UNK B 125 31.77 -2.29 -18.30
CA UNK B 125 32.29 -3.09 -19.41
C UNK B 125 33.04 -4.34 -18.96
N UNK B 126 33.63 -4.30 -17.76
CA UNK B 126 34.37 -5.45 -17.22
C UNK B 126 33.56 -6.74 -17.05
N UNK B 127 32.23 -6.62 -16.96
CA UNK B 127 31.34 -7.77 -16.91
C UNK B 127 31.29 -8.50 -18.26
N UNK B 128 31.11 -7.72 -19.34
CA UNK B 128 30.90 -8.27 -20.69
C UNK B 128 32.14 -8.19 -21.61
N UNK B 129 33.27 -7.75 -21.07
CA UNK B 129 34.50 -7.56 -21.88
C UNK B 129 34.99 -8.86 -22.53
N UNK B 130 34.77 -10.00 -21.89
CA UNK B 130 35.14 -11.30 -22.45
C UNK B 130 34.39 -11.63 -23.75
N UNK B 131 33.08 -11.38 -23.75
CA UNK B 131 32.21 -11.77 -24.84
C UNK B 131 32.16 -10.68 -25.90
N UNK B 132 32.04 -9.44 -25.44
CA UNK B 132 31.85 -8.29 -26.30
C UNK B 132 33.01 -8.18 -27.29
N UNK B 133 34.22 -8.32 -26.74
CA UNK B 133 35.45 -8.25 -27.54
C UNK B 133 35.43 -9.30 -28.63
N UNK B 134 35.06 -10.51 -28.22
CA UNK B 134 34.98 -11.67 -29.12
C UNK B 134 34.03 -11.37 -30.28
N UNK B 135 32.88 -10.83 -29.91
CA UNK B 135 31.82 -10.47 -30.86
C UNK B 135 32.36 -9.48 -31.88
N UNK B 136 33.05 -8.47 -31.36
CA UNK B 136 33.65 -7.42 -32.17
C UNK B 136 34.61 -8.02 -33.19
N UNK B 137 35.44 -8.92 -32.69
CA UNK B 137 36.45 -9.62 -33.50
C UNK B 137 35.78 -10.35 -34.64
N UNK B 138 34.72 -11.07 -34.28
CA UNK B 138 33.93 -11.87 -35.23
C UNK B 138 33.39 -10.98 -36.34
N UNK B 139 32.84 -9.84 -35.91
CA UNK B 139 32.25 -8.85 -36.82
C UNK B 139 33.30 -8.37 -37.81
N UNK B 140 34.47 -8.06 -37.27
CA UNK B 140 35.61 -7.57 -38.05
C UNK B 140 35.98 -8.60 -39.12
N UNK B 141 36.07 -9.84 -38.68
CA UNK B 141 36.44 -10.95 -39.56
C UNK B 141 35.43 -11.07 -40.70
N UNK B 142 34.15 -10.97 -40.34
CA UNK B 142 33.06 -11.05 -41.30
C UNK B 142 33.21 -9.96 -42.35
N UNK B 143 33.48 -8.76 -41.87
CA UNK B 143 33.65 -7.57 -42.72
C UNK B 143 34.78 -7.81 -43.72
N UNK B 144 35.88 -8.33 -43.19
CA UNK B 144 37.07 -8.63 -43.99
C UNK B 144 36.72 -9.61 -45.11
N UNK B 145 36.00 -10.64 -44.71
CA UNK B 145 35.58 -11.70 -45.63
C UNK B 145 34.74 -11.09 -46.78
N UNK B 146 33.82 -10.24 -46.37
CA UNK B 146 32.94 -9.59 -47.33
C UNK B 146 33.70 -8.73 -48.32
N UNK B 147 34.72 -8.01 -47.84
CA UNK B 147 35.38 -7.01 -48.66
C UNK B 147 36.03 -7.68 -49.88
N UNK B 148 36.75 -8.75 -49.59
CA UNK B 148 37.40 -9.54 -50.66
C UNK B 148 36.30 -10.15 -51.57
N UNK B 149 35.25 -10.66 -50.90
CA UNK B 149 34.29 -11.54 -51.52
C UNK B 149 33.55 -10.81 -52.59
N UNK B 150 33.09 -9.59 -52.27
CA UNK B 150 32.32 -8.79 -53.22
C UNK B 150 33.14 -8.54 -54.49
N UNK B 151 34.39 -8.18 -54.27
CA UNK B 151 35.34 -7.90 -55.35
C UNK B 151 35.48 -9.12 -56.26
N UNK B 152 35.67 -10.26 -55.60
CA UNK B 152 35.91 -11.53 -56.28
C UNK B 152 34.76 -11.88 -57.18
N UNK B 153 33.55 -11.72 -56.65
CA UNK B 153 32.31 -12.01 -57.39
C UNK B 153 32.26 -11.18 -58.68
N UNK B 154 32.55 -9.89 -58.49
CA UNK B 154 32.55 -8.92 -59.59
C UNK B 154 33.53 -9.36 -60.68
N UNK B 155 34.72 -9.74 -60.22
CA UNK B 155 35.80 -10.19 -61.10
C UNK B 155 35.33 -11.38 -61.93
N UNK B 156 34.70 -12.33 -61.24
CA UNK B 156 34.20 -13.56 -61.83
C UNK B 156 33.19 -13.23 -62.91
N UNK B 157 32.28 -12.29 -62.62
CA UNK B 157 31.01 -12.25 -63.40
C UNK B 157 31.34 -11.83 -64.83
N UNK B 158 32.13 -10.79 -64.94
CA UNK B 158 32.44 -10.32 -66.30
C UNK B 158 33.29 -11.32 -67.06
N UNK B 159 34.20 -11.98 -66.33
CA UNK B 159 35.08 -13.00 -66.91
C UNK B 159 34.25 -14.12 -67.53
N UNK B 160 33.24 -14.56 -66.76
CA UNK B 160 32.34 -15.63 -67.19
C UNK B 160 31.65 -15.25 -68.49
N UNK B 161 31.17 -14.02 -68.52
CA UNK B 161 30.49 -13.47 -69.70
C UNK B 161 31.41 -13.50 -70.91
N UNK B 162 32.65 -13.08 -70.67
CA UNK B 162 33.70 -13.10 -71.71
C UNK B 162 33.97 -14.48 -72.28
N UNK B 163 34.26 -15.42 -71.39
CA UNK B 163 34.76 -16.76 -71.76
C UNK B 163 33.69 -17.68 -72.37
N UNK B 164 32.42 -17.34 -72.21
CA UNK B 164 31.32 -18.02 -72.91
C UNK B 164 30.87 -17.27 -74.19
N UNK B 165 31.71 -16.37 -74.70
CA UNK B 165 31.45 -15.66 -75.94
C UNK B 165 31.80 -16.51 -77.15
N UNK B 166 32.50 -15.92 -78.11
CA UNK B 166 32.89 -16.61 -79.35
C UNK B 166 34.10 -17.52 -79.11
N UNK B 167 33.98 -18.78 -79.53
CA UNK B 167 35.11 -19.72 -79.52
C UNK B 167 36.13 -19.27 -80.56
N UNK B 168 37.39 -19.64 -80.32
CA UNK B 168 38.63 -19.06 -80.90
C UNK B 168 39.38 -18.25 -79.84
N UNK B 169 38.66 -17.75 -78.83
CA UNK B 169 39.26 -17.23 -77.61
C UNK B 169 39.98 -18.37 -76.87
N UNK B 170 39.37 -19.56 -76.89
CA UNK B 170 39.97 -20.76 -76.32
C UNK B 170 41.29 -21.16 -77.01
N UNK B 171 41.38 -20.89 -78.32
CA UNK B 171 42.61 -21.12 -79.09
C UNK B 171 43.62 -19.96 -79.02
N UNK B 172 43.13 -18.72 -78.89
CA UNK B 172 44.00 -17.53 -78.90
C UNK B 172 44.87 -17.43 -77.64
N UNK B 173 44.24 -17.59 -76.47
CA UNK B 173 44.93 -17.53 -75.17
C UNK B 173 44.70 -18.84 -74.41
N UNK B 174 45.34 -19.95 -74.85
CA UNK B 174 44.85 -21.25 -74.44
C UNK B 174 45.20 -21.54 -73.00
N UNK B 175 46.45 -21.23 -72.65
CA UNK B 175 46.95 -21.42 -71.28
C UNK B 175 46.10 -20.63 -70.30
N UNK B 176 45.84 -19.38 -70.67
CA UNK B 176 45.04 -18.46 -69.85
C UNK B 176 43.65 -19.04 -69.60
N UNK B 177 43.07 -19.55 -70.69
CA UNK B 177 41.73 -20.15 -70.66
C UNK B 177 41.71 -21.32 -69.69
N UNK B 178 42.74 -22.15 -69.80
CA UNK B 178 42.90 -23.33 -68.96
C UNK B 178 42.94 -22.93 -67.49
N UNK B 179 43.74 -21.90 -67.23
CA UNK B 179 43.92 -21.36 -65.88
C UNK B 179 42.57 -20.92 -65.31
N UNK B 180 41.83 -20.19 -66.15
CA UNK B 180 40.51 -19.67 -65.79
C UNK B 180 39.58 -20.81 -65.42
N UNK B 181 39.61 -21.84 -66.24
CA UNK B 181 38.79 -23.04 -66.05
C UNK B 181 39.09 -23.67 -64.69
N UNK B 182 40.39 -23.79 -64.42
CA UNK B 182 40.90 -24.39 -63.19
C UNK B 182 40.36 -23.59 -61.99
N UNK B 183 40.45 -22.28 -62.10
CA UNK B 183 40.05 -21.47 -60.94
C UNK B 183 38.52 -21.56 -60.79
N UNK B 184 37.83 -21.43 -61.93
CA UNK B 184 36.41 -21.18 -61.97
C UNK B 184 35.64 -22.30 -61.32
N UNK B 185 36.07 -23.54 -61.54
CA UNK B 185 35.42 -24.72 -60.98
C UNK B 185 35.36 -24.62 -59.46
N UNK B 186 36.50 -24.26 -58.89
CA UNK B 186 36.67 -24.09 -57.44
C UNK B 186 35.66 -23.08 -56.91
N UNK B 187 35.60 -21.96 -57.63
CA UNK B 187 34.70 -20.85 -57.29
C UNK B 187 33.25 -21.33 -57.27
N UNK B 188 32.91 -22.08 -58.31
CA UNK B 188 31.56 -22.63 -58.48
C UNK B 188 31.22 -23.53 -57.29
N UNK B 189 32.17 -24.37 -56.94
CA UNK B 189 32.03 -25.31 -55.82
C UNK B 189 31.74 -24.55 -54.53
N UNK B 190 32.53 -23.49 -54.33
CA UNK B 190 32.43 -22.63 -53.15
C UNK B 190 31.02 -22.03 -53.06
N UNK B 191 30.57 -21.54 -54.21
CA UNK B 191 29.25 -20.92 -54.35
C UNK B 191 28.16 -21.91 -53.94
N UNK B 192 28.31 -23.12 -54.46
CA UNK B 192 27.37 -24.22 -54.20
C UNK B 192 27.29 -24.49 -52.70
N UNK B 193 28.46 -24.56 -52.10
CA UNK B 193 28.61 -24.82 -50.66
C UNK B 193 27.86 -23.74 -49.86
N UNK B 194 28.09 -22.50 -50.28
CA UNK B 194 27.47 -21.33 -49.65
C UNK B 194 25.95 -21.44 -49.71
N UNK B 195 25.47 -21.81 -50.89
CA UNK B 195 24.05 -21.96 -51.16
C UNK B 195 23.41 -22.99 -50.30
N UNK B 196 24.13 -24.09 -50.03
CA UNK B 196 23.67 -25.12 -49.09
C UNK B 196 23.26 -24.53 -47.73
N UNK B 197 24.09 -23.63 -47.18
CA UNK B 197 23.81 -22.98 -45.88
C UNK B 197 23.91 -21.44 -45.99
N UNK B 198 22.81 -20.76 -46.35
CA UNK B 198 22.76 -19.30 -46.50
C UNK B 198 23.19 -18.42 -45.32
N UNK B 199 23.23 -18.94 -44.10
CA UNK B 199 23.60 -18.12 -42.93
C UNK B 199 25.05 -17.63 -43.04
N UNK B 200 25.26 -16.35 -42.71
CA UNK B 200 26.57 -15.73 -42.85
C UNK B 200 27.57 -16.30 -41.87
N UNK B 201 27.11 -16.55 -40.65
CA UNK B 201 27.94 -17.16 -39.61
C UNK B 201 28.46 -18.50 -40.07
N UNK B 202 27.56 -19.29 -40.64
CA UNK B 202 27.88 -20.62 -41.15
C UNK B 202 28.98 -20.54 -42.21
N UNK B 203 28.79 -19.58 -43.11
CA UNK B 203 29.73 -19.33 -44.20
C UNK B 203 31.12 -19.02 -43.64
N UNK B 204 31.12 -18.14 -42.65
CA UNK B 204 32.34 -17.70 -41.97
C UNK B 204 33.07 -18.91 -41.38
N UNK B 205 32.29 -19.74 -40.72
CA UNK B 205 32.83 -20.91 -40.03
C UNK B 205 33.58 -21.84 -40.98
N UNK B 206 33.07 -22.05 -42.20
CA UNK B 206 33.66 -22.99 -43.18
C UNK B 206 35.18 -22.86 -43.28
N UNK B 207 35.88 -24.00 -43.34
CA UNK B 207 37.34 -24.04 -43.20
C UNK B 207 38.07 -23.36 -44.36
N UNK B 208 39.00 -22.48 -44.02
CA UNK B 208 39.89 -21.84 -44.98
C UNK B 208 39.24 -20.92 -46.01
N UNK B 209 38.10 -20.32 -45.64
CA UNK B 209 37.37 -19.43 -46.55
C UNK B 209 38.13 -18.12 -46.73
N UNK B 210 38.68 -17.60 -45.64
CA UNK B 210 39.54 -16.41 -45.68
C UNK B 210 40.75 -16.64 -46.58
N UNK B 211 41.32 -17.84 -46.52
CA UNK B 211 42.41 -18.23 -47.42
C UNK B 211 41.95 -18.40 -48.86
N UNK B 212 40.83 -19.11 -49.05
CA UNK B 212 40.34 -19.50 -50.39
C UNK B 212 40.13 -18.32 -51.33
N UNK B 213 39.54 -17.24 -50.82
CA UNK B 213 39.29 -16.05 -51.62
C UNK B 213 40.55 -15.22 -51.84
N UNK B 214 41.37 -15.09 -50.81
CA UNK B 214 42.66 -14.40 -50.95
C UNK B 214 43.56 -15.06 -52.01
N UNK B 215 43.44 -16.37 -52.16
CA UNK B 215 44.07 -17.10 -53.27
C UNK B 215 43.38 -16.76 -54.59
N UNK B 216 42.04 -16.71 -54.58
CA UNK B 216 41.24 -16.42 -55.76
C UNK B 216 41.44 -15.01 -56.30
N UNK B 217 41.37 -14.02 -55.42
CA UNK B 217 41.36 -12.62 -55.81
C UNK B 217 42.62 -12.28 -56.60
N UNK B 218 43.74 -12.73 -56.04
CA UNK B 218 45.07 -12.51 -56.64
C UNK B 218 45.13 -13.14 -58.02
N UNK B 219 44.63 -14.38 -58.09
CA UNK B 219 44.60 -15.18 -59.30
C UNK B 219 43.86 -14.43 -60.41
N UNK B 220 42.69 -13.94 -60.02
CA UNK B 220 41.80 -13.20 -60.93
C UNK B 220 42.53 -11.98 -61.48
N UNK B 221 43.20 -11.27 -60.58
CA UNK B 221 43.94 -10.06 -60.89
C UNK B 221 45.01 -10.38 -61.94
N UNK B 222 45.72 -11.48 -61.70
CA UNK B 222 46.78 -11.82 -62.66
C UNK B 222 46.23 -12.26 -64.00
N UNK B 223 45.09 -12.93 -63.99
CA UNK B 223 44.39 -13.29 -65.23
C UNK B 223 44.03 -12.03 -66.00
N UNK B 224 43.53 -11.04 -65.29
CA UNK B 224 43.11 -9.76 -65.84
C UNK B 224 44.16 -9.13 -66.76
N UNK B 225 45.42 -9.13 -66.31
CA UNK B 225 46.54 -8.60 -67.11
C UNK B 225 46.67 -9.25 -68.49
N UNK B 226 46.49 -10.58 -68.54
CA UNK B 226 46.67 -11.36 -69.78
C UNK B 226 45.59 -11.15 -70.85
N UNK B 227 44.44 -10.64 -70.44
CA UNK B 227 43.32 -10.40 -71.35
C UNK B 227 43.54 -9.19 -72.27
N UNK B 228 44.38 -8.23 -71.84
CA UNK B 228 44.72 -7.05 -72.65
C UNK B 228 45.24 -7.35 -74.05
N UNK B 229 45.94 -8.48 -74.19
CA UNK B 229 46.35 -9.00 -75.50
C UNK B 229 45.15 -9.32 -76.38
N UNK B 230 44.14 -9.97 -75.79
CA UNK B 230 42.88 -10.30 -76.48
C UNK B 230 41.98 -9.08 -76.69
N UNK B 231 41.94 -8.17 -75.72
CA UNK B 231 41.12 -6.97 -75.80
C UNK B 231 41.35 -6.13 -77.07
N UNK B 232 42.56 -6.14 -77.60
CA UNK B 232 42.92 -5.22 -78.68
C UNK B 232 42.14 -5.51 -79.93
N UNK B 233 41.95 -6.80 -80.22
CA UNK B 233 41.13 -7.25 -81.36
C UNK B 233 39.71 -6.70 -81.21
N UNK B 234 39.18 -6.88 -79.99
CA UNK B 234 37.83 -6.40 -79.66
C UNK B 234 37.75 -4.89 -79.86
N UNK B 235 38.79 -4.21 -79.37
CA UNK B 235 38.87 -2.75 -79.47
C UNK B 235 38.82 -2.32 -80.93
N UNK B 236 39.60 -3.03 -81.75
CA UNK B 236 39.67 -2.77 -83.19
C UNK B 236 38.29 -2.89 -83.82
N UNK B 237 37.59 -3.95 -83.45
CA UNK B 237 36.22 -4.18 -83.93
C UNK B 237 35.30 -2.99 -83.67
N UNK B 238 35.33 -2.39 -82.47
CA UNK B 238 34.46 -1.22 -82.12
C UNK B 238 35.26 0.05 -81.75
N UNK B 239 35.16 1.12 -82.57
CA UNK B 239 36.10 2.27 -82.49
C UNK B 239 36.20 3.04 -81.17
N UNK B 240 35.15 3.02 -80.36
CA UNK B 240 35.11 3.80 -79.13
C UNK B 240 35.75 3.12 -77.92
N UNK B 241 36.10 1.84 -78.04
CA UNK B 241 36.79 1.13 -76.96
C UNK B 241 38.27 1.54 -76.77
N UNK B 242 38.81 2.36 -77.67
CA UNK B 242 40.09 3.05 -77.42
C UNK B 242 40.02 4.12 -76.31
N UNK B 243 38.82 4.52 -75.91
CA UNK B 243 38.66 5.52 -74.88
C UNK B 243 38.29 4.97 -73.52
N UNK B 244 38.15 3.65 -73.38
CA UNK B 244 37.95 3.02 -72.06
C UNK B 244 39.05 2.03 -71.76
N UNK B 245 39.35 1.87 -70.49
CA UNK B 245 40.50 1.10 -70.03
C UNK B 245 40.24 -0.37 -70.00
N UNK B 246 41.29 -1.12 -69.70
CA UNK B 246 41.25 -2.58 -69.72
C UNK B 246 40.62 -3.20 -68.47
N UNK B 247 40.00 -2.38 -67.62
CA UNK B 247 39.09 -2.85 -66.57
C UNK B 247 37.63 -2.41 -66.79
N UNK B 248 37.41 -1.35 -67.58
CA UNK B 248 36.07 -0.92 -67.95
C UNK B 248 35.54 -1.74 -69.11
N UNK B 249 36.41 -1.95 -70.11
CA UNK B 249 36.07 -2.69 -71.31
C UNK B 249 35.64 -4.09 -70.96
N UNK B 250 36.39 -4.73 -70.04
CA UNK B 250 36.14 -6.10 -69.63
C UNK B 250 34.73 -6.24 -69.10
N UNK B 251 34.34 -5.30 -68.25
CA UNK B 251 33.01 -5.28 -67.65
C UNK B 251 31.93 -5.26 -68.73
N UNK B 252 32.15 -4.37 -69.69
CA UNK B 252 31.25 -4.16 -70.81
C UNK B 252 31.08 -5.47 -71.59
N UNK B 253 32.21 -6.11 -71.84
CA UNK B 253 32.21 -7.37 -72.59
C UNK B 253 31.43 -8.43 -71.84
N UNK B 254 31.64 -8.49 -70.54
CA UNK B 254 30.95 -9.44 -69.66
C UNK B 254 29.46 -9.24 -69.52
N UNK B 255 29.13 -8.03 -69.08
CA UNK B 255 27.77 -7.67 -68.71
C UNK B 255 26.86 -7.34 -69.90
N UNK B 256 27.32 -7.58 -71.13
CA UNK B 256 26.46 -7.52 -72.33
C UNK B 256 25.10 -8.18 -72.14
N UNK B 257 25.09 -9.31 -71.44
CA UNK B 257 23.85 -10.01 -71.12
C UNK B 257 23.03 -9.29 -70.04
N UNK B 258 23.69 -8.85 -68.97
CA UNK B 258 23.02 -8.13 -67.87
C UNK B 258 22.54 -6.74 -68.27
N UNK B 259 23.34 -6.02 -69.04
CA UNK B 259 22.96 -4.77 -69.74
C UNK B 259 22.75 -3.52 -68.87
N UNK B 260 22.13 -3.68 -67.70
CA UNK B 260 21.94 -2.57 -66.75
C UNK B 260 23.26 -2.07 -66.17
N UNK B 261 24.23 -2.98 -66.02
CA UNK B 261 25.57 -2.64 -65.52
C UNK B 261 26.37 -1.78 -66.50
N UNK B 262 26.06 -1.87 -67.80
CA UNK B 262 26.69 -1.02 -68.82
C UNK B 262 26.30 0.46 -68.74
N UNK B 263 25.13 0.77 -68.18
CA UNK B 263 24.59 2.14 -68.23
C UNK B 263 25.42 3.23 -67.54
N UNK B 264 26.31 2.85 -66.62
CA UNK B 264 27.31 3.79 -66.11
C UNK B 264 28.39 4.10 -67.16
N UNK B 265 28.79 3.09 -67.94
CA UNK B 265 29.95 3.18 -68.83
C UNK B 265 29.79 4.01 -70.11
N UNK B 266 28.59 4.51 -70.42
CA UNK B 266 28.39 5.34 -71.62
C UNK B 266 28.91 6.78 -71.48
N UNK B 267 28.95 7.28 -70.26
CA UNK B 267 29.72 8.49 -69.92
C UNK B 267 31.14 8.45 -70.49
N UNK B 268 31.76 7.26 -70.46
CA UNK B 268 33.13 7.06 -70.96
C UNK B 268 33.21 7.28 -72.48
N UNK B 269 32.27 6.69 -73.21
CA UNK B 269 32.41 6.51 -74.66
C UNK B 269 31.91 7.69 -75.49
N UNK B 270 30.64 8.04 -75.33
CA UNK B 270 29.98 9.12 -76.10
C UNK B 270 30.00 10.42 -75.31
N UNK B 271 29.64 11.52 -75.97
CA UNK B 271 29.67 12.84 -75.36
C UNK B 271 28.52 13.02 -74.38
N UNK B 272 27.31 13.21 -74.91
CA UNK B 272 26.16 13.48 -74.09
C UNK B 272 25.61 12.26 -73.38
N UNK B 273 25.80 11.09 -73.98
CA UNK B 273 24.99 9.91 -73.64
C UNK B 273 25.33 9.35 -72.27
N UNK B 274 24.45 9.57 -71.30
CA UNK B 274 24.59 9.00 -69.98
C UNK B 274 24.09 7.58 -70.02
N UNK B 275 22.81 7.42 -70.33
CA UNK B 275 22.15 6.11 -70.28
C UNK B 275 21.35 5.84 -71.56
N UNK B 276 20.87 4.60 -71.68
CA UNK B 276 20.13 4.16 -72.86
C UNK B 276 18.80 3.54 -72.42
N UNK B 277 17.70 4.14 -72.86
CA UNK B 277 16.35 3.72 -72.47
C UNK B 277 16.03 2.40 -73.15
N UNK B 278 15.84 1.37 -72.34
CA UNK B 278 15.69 -0.01 -72.80
C UNK B 278 14.29 -0.55 -72.43
N UNK B 279 13.83 -1.54 -73.20
CA UNK B 279 12.49 -2.11 -73.03
C UNK B 279 12.41 -2.98 -71.78
N UNK B 280 11.19 -3.13 -71.25
CA UNK B 280 10.93 -3.95 -70.05
C UNK B 280 11.40 -5.40 -70.15
N UNK B 281 11.44 -5.94 -71.37
CA UNK B 281 11.91 -7.31 -71.62
C UNK B 281 13.44 -7.50 -71.52
N UNK B 282 14.19 -6.40 -71.50
CA UNK B 282 15.67 -6.42 -71.59
C UNK B 282 16.17 -7.01 -72.91
N UNK B 283 15.42 -6.75 -73.98
CA UNK B 283 15.74 -7.25 -75.32
C UNK B 283 15.74 -6.19 -76.45
N UNK B 284 15.33 -4.96 -76.14
CA UNK B 284 15.08 -3.93 -77.16
C UNK B 284 15.46 -2.55 -76.59
N UNK B 285 16.09 -1.71 -77.41
CA UNK B 285 16.56 -0.38 -77.00
C UNK B 285 15.63 0.71 -77.53
N UNK B 286 14.77 1.23 -76.66
CA UNK B 286 13.81 2.28 -77.04
C UNK B 286 14.48 3.59 -77.43
N UNK B 287 15.51 3.99 -76.68
CA UNK B 287 16.15 5.28 -76.93
C UNK B 287 17.43 5.56 -76.17
N UNK B 288 17.80 6.84 -76.17
CA UNK B 288 19.03 7.32 -75.51
C UNK B 288 18.65 8.41 -74.53
N UNK B 289 19.52 8.65 -73.55
CA UNK B 289 19.27 9.65 -72.52
C UNK B 289 20.54 10.28 -71.95
N UNK B 290 20.53 11.62 -71.93
CA UNK B 290 21.62 12.41 -71.38
C UNK B 290 21.62 12.40 -69.86
N UNK B 291 22.76 12.81 -69.28
CA UNK B 291 22.90 12.93 -67.83
C UNK B 291 22.07 14.09 -67.27
N UNK B 292 21.86 15.12 -68.08
CA UNK B 292 21.15 16.33 -67.65
C UNK B 292 19.65 16.09 -67.47
N UNK B 293 19.05 15.33 -68.40
CA UNK B 293 17.63 14.97 -68.29
C UNK B 293 17.00 14.51 -69.59
N UNK B 294 17.12 15.35 -70.62
CA UNK B 294 16.46 15.09 -71.92
C UNK B 294 16.86 13.77 -72.57
N UNK B 295 15.97 13.27 -73.43
CA UNK B 295 16.10 11.95 -74.02
C UNK B 295 15.47 11.86 -75.39
N UNK B 296 16.21 11.28 -76.34
CA UNK B 296 15.71 11.02 -77.69
C UNK B 296 15.30 9.55 -77.78
N UNK B 297 14.13 9.31 -78.36
CA UNK B 297 13.65 7.96 -78.63
C UNK B 297 14.04 7.57 -80.04
N UNK B 298 14.41 6.31 -80.23
CA UNK B 298 14.78 5.80 -81.56
C UNK B 298 13.56 5.64 -82.46
N UNK B 299 13.84 5.56 -83.76
CA UNK B 299 12.85 5.15 -84.74
C UNK B 299 12.85 3.63 -84.82
N UNK B 300 14.03 3.03 -85.01
CA UNK B 300 14.19 1.58 -84.98
C UNK B 300 14.58 1.14 -83.56
N UNK B 301 13.80 0.24 -82.94
CA UNK B 301 14.13 -0.20 -81.57
C UNK B 301 15.40 -1.05 -81.37
N UNK B 302 16.06 -1.49 -82.45
CA UNK B 302 17.28 -2.32 -82.39
C UNK B 302 16.98 -3.68 -81.72
N UNK B 303 18.00 -4.52 -81.50
CA UNK B 303 17.80 -5.94 -81.30
C UNK B 303 18.82 -6.58 -80.36
N UNK B 304 18.49 -6.58 -79.08
CA UNK B 304 19.15 -7.46 -78.12
C UNK B 304 18.43 -8.82 -78.13
N UNK B 305 17.19 -8.85 -78.64
CA UNK B 305 16.45 -10.11 -78.84
C UNK B 305 17.12 -11.05 -79.87
N UNK B 306 17.69 -10.46 -80.93
CA UNK B 306 18.45 -11.23 -81.93
C UNK B 306 19.77 -11.77 -81.33
N UNK B 307 20.33 -11.02 -80.38
CA UNK B 307 21.63 -11.31 -79.78
C UNK B 307 22.77 -11.40 -80.81
N UNK B 308 23.00 -10.32 -81.59
CA UNK B 308 24.30 -10.22 -82.23
C UNK B 308 25.35 -9.90 -81.16
N UNK B 309 26.61 -10.23 -81.42
CA UNK B 309 27.66 -10.06 -80.41
C UNK B 309 27.83 -8.59 -80.00
N UNK B 310 28.05 -8.37 -78.70
CA UNK B 310 28.09 -7.04 -78.07
C UNK B 310 28.49 -5.87 -78.98
N UNK B 311 29.63 -6.00 -79.65
CA UNK B 311 30.23 -4.89 -80.41
C UNK B 311 29.43 -4.51 -81.65
N UNK B 312 28.74 -5.49 -82.22
CA UNK B 312 27.87 -5.27 -83.37
C UNK B 312 26.72 -4.29 -83.06
N UNK B 313 25.94 -4.66 -82.04
CA UNK B 313 24.73 -3.93 -81.70
C UNK B 313 25.02 -2.53 -81.25
N UNK B 314 26.13 -2.34 -80.54
CA UNK B 314 26.58 -1.00 -80.12
C UNK B 314 26.76 -0.10 -81.33
N UNK B 315 27.43 -0.65 -82.32
CA UNK B 315 27.71 0.06 -83.58
C UNK B 315 26.41 0.49 -84.24
N UNK B 316 25.48 -0.45 -84.28
CA UNK B 316 24.15 -0.22 -84.87
C UNK B 316 23.45 0.94 -84.17
N UNK B 317 23.51 0.90 -82.85
CA UNK B 317 22.91 1.91 -81.98
C UNK B 317 23.48 3.29 -82.31
N UNK B 318 24.81 3.31 -82.42
CA UNK B 318 25.56 4.54 -82.73
C UNK B 318 25.09 5.11 -84.06
N UNK B 319 24.97 4.22 -85.03
CA UNK B 319 24.56 4.58 -86.39
C UNK B 319 23.17 5.22 -86.34
N UNK B 320 22.29 4.57 -85.61
CA UNK B 320 20.88 4.93 -85.53
C UNK B 320 20.75 6.29 -84.91
N UNK B 321 21.54 6.59 -83.88
CA UNK B 321 21.43 7.81 -83.11
C UNK B 321 21.55 9.03 -84.02
N UNK B 322 22.59 8.97 -84.86
CA UNK B 322 22.91 10.03 -85.81
C UNK B 322 21.71 10.29 -86.72
N UNK B 323 21.17 9.18 -87.22
CA UNK B 323 20.03 9.22 -88.16
C UNK B 323 18.84 9.90 -87.47
N UNK B 324 18.59 9.43 -86.25
CA UNK B 324 17.43 9.87 -85.46
C UNK B 324 17.50 11.37 -85.23
N UNK B 325 18.68 11.81 -84.84
CA UNK B 325 18.93 13.24 -84.54
C UNK B 325 18.68 14.06 -85.79
N UNK B 326 19.18 13.56 -86.92
CA UNK B 326 19.03 14.23 -88.22
C UNK B 326 17.54 14.41 -88.53
N UNK B 327 16.81 13.32 -88.33
CA UNK B 327 15.37 13.29 -88.59
C UNK B 327 14.66 14.35 -87.74
N UNK B 328 15.04 14.38 -86.47
CA UNK B 328 14.48 15.33 -85.50
C UNK B 328 14.71 16.76 -85.97
N UNK B 329 15.94 17.00 -86.40
CA UNK B 329 16.37 18.32 -86.89
C UNK B 329 15.49 18.75 -88.07
N UNK B 330 15.31 17.79 -88.99
CA UNK B 330 14.50 17.99 -90.20
C UNK B 330 13.08 18.40 -89.81
N UNK B 331 12.54 17.65 -88.85
CA UNK B 331 11.18 17.87 -88.33
C UNK B 331 11.06 19.29 -87.78
N UNK B 332 12.06 19.67 -87.00
CA UNK B 332 12.13 20.99 -86.37
C UNK B 332 12.10 22.07 -87.42
N UNK B 333 12.90 21.86 -88.47
CA UNK B 333 12.95 22.80 -89.61
C UNK B 333 11.58 22.95 -90.24
N UNK B 334 10.93 21.80 -90.43
CA UNK B 334 9.59 21.73 -91.01
C UNK B 334 8.61 22.52 -90.19
N UNK B 335 8.69 22.35 -88.88
CA UNK B 335 7.86 23.09 -87.91
C UNK B 335 8.08 24.60 -88.11
N UNK B 336 9.36 24.98 -88.24
CA UNK B 336 9.74 26.37 -88.43
C UNK B 336 9.07 26.94 -89.68
N UNK B 337 9.13 26.16 -90.75
CA UNK B 337 8.52 26.52 -92.02
C UNK B 337 7.02 26.83 -91.87
N UNK B 338 6.29 25.99 -91.13
CA UNK B 338 4.86 26.23 -90.82
C UNK B 338 4.63 27.26 -89.69
N UNK B 339 5.63 27.47 -88.82
CA UNK B 339 5.71 28.68 -87.99
C UNK B 339 5.84 29.89 -88.92
N UNK B 340 5.79 31.09 -88.34
CA UNK B 340 6.36 32.27 -89.00
C UNK B 340 7.83 31.97 -89.20
N UNK B 341 8.62 31.86 -88.12
CA UNK B 341 8.26 32.37 -86.79
C UNK B 341 8.47 33.88 -86.81
N UNK B 342 9.52 34.29 -87.52
CA UNK B 342 9.86 35.69 -87.80
C UNK B 342 8.69 36.65 -88.08
N UNK B 343 7.78 36.23 -88.96
CA UNK B 343 6.75 37.13 -89.51
C UNK B 343 5.77 37.65 -88.46
N UNK B 344 5.07 36.74 -87.79
CA UNK B 344 4.09 37.07 -86.74
C UNK B 344 4.17 36.05 -85.62
N UNK B 345 4.50 36.51 -84.41
CA UNK B 345 4.84 35.62 -83.29
C UNK B 345 3.65 35.14 -82.46
N UNK B 346 3.89 34.11 -81.65
CA UNK B 346 2.97 33.65 -80.62
C UNK B 346 3.77 32.84 -79.58
N UNK B 347 3.90 33.35 -78.34
CA UNK B 347 4.79 32.73 -77.35
C UNK B 347 4.31 31.40 -76.77
N UNK B 348 3.02 31.08 -76.92
CA UNK B 348 2.46 29.83 -76.40
C UNK B 348 2.85 28.59 -77.21
N UNK B 349 3.24 28.77 -78.48
CA UNK B 349 3.59 27.64 -79.36
C UNK B 349 5.09 27.44 -79.49
N UNK B 350 5.83 28.55 -79.43
CA UNK B 350 7.29 28.52 -79.47
C UNK B 350 7.84 27.67 -78.32
N UNK B 351 7.28 27.94 -77.14
CA UNK B 351 7.66 27.24 -75.91
C UNK B 351 7.44 25.75 -76.07
N UNK B 352 6.27 25.41 -76.61
CA UNK B 352 5.88 24.02 -76.85
C UNK B 352 6.89 23.33 -77.76
N UNK B 353 7.23 24.05 -78.82
CA UNK B 353 8.20 23.56 -79.83
C UNK B 353 9.53 23.25 -79.15
N UNK B 354 9.95 24.20 -78.33
CA UNK B 354 11.23 24.10 -77.59
C UNK B 354 11.21 22.84 -76.72
N UNK B 355 10.11 22.66 -76.02
CA UNK B 355 9.91 21.52 -75.13
C UNK B 355 10.03 20.22 -75.89
N UNK B 356 9.38 20.19 -77.05
CA UNK B 356 9.36 19.03 -77.95
C UNK B 356 10.71 18.45 -78.32
N UNK B 357 11.52 19.26 -78.99
CA UNK B 357 12.79 18.79 -79.56
C UNK B 357 13.92 18.97 -78.57
N UNK B 358 15.07 18.38 -78.90
CA UNK B 358 16.19 18.30 -77.96
C UNK B 358 17.17 19.46 -78.16
N UNK B 359 17.67 19.97 -77.04
CA UNK B 359 18.35 21.27 -76.95
C UNK B 359 19.30 21.59 -78.09
N UNK B 360 20.28 20.72 -78.26
CA UNK B 360 21.34 20.87 -79.27
C UNK B 360 20.71 20.99 -80.66
N UNK B 361 19.78 20.07 -80.91
CA UNK B 361 19.10 20.01 -82.21
C UNK B 361 18.35 21.32 -82.47
N UNK B 362 17.67 21.79 -81.43
CA UNK B 362 16.76 22.91 -81.53
C UNK B 362 17.50 24.15 -82.01
N UNK B 363 18.63 24.38 -81.34
CA UNK B 363 19.51 25.54 -81.62
C UNK B 363 19.96 25.50 -83.08
N UNK B 364 20.38 24.30 -83.48
CA UNK B 364 20.87 24.07 -84.85
C UNK B 364 19.79 24.42 -85.86
N UNK B 365 18.59 23.94 -85.56
CA UNK B 365 17.41 24.17 -86.41
C UNK B 365 17.16 25.66 -86.57
N UNK B 366 17.21 26.35 -85.44
CA UNK B 366 17.00 27.80 -85.38
C UNK B 366 18.00 28.51 -86.28
N UNK B 367 19.25 28.09 -86.13
CA UNK B 367 20.38 28.65 -86.90
C UNK B 367 20.12 28.50 -88.39
N UNK B 368 19.70 27.29 -88.75
CA UNK B 368 19.40 26.92 -90.14
C UNK B 368 18.32 27.84 -90.70
N UNK B 369 17.28 28.01 -89.90
CA UNK B 369 16.14 28.85 -90.25
C UNK B 369 16.59 30.27 -90.53
N UNK B 370 17.44 30.77 -89.63
CA UNK B 370 17.96 32.13 -89.72
C UNK B 370 18.75 32.29 -91.05
N UNK B 371 19.57 31.30 -91.29
CA UNK B 371 20.60 31.37 -92.32
C UNK B 371 19.96 31.51 -93.69
N UNK B 372 18.97 30.64 -93.92
CA UNK B 372 18.23 30.60 -95.19
C UNK B 372 17.58 31.95 -95.44
N UNK B 373 16.96 32.48 -94.39
CA UNK B 373 16.27 33.77 -94.46
C UNK B 373 17.25 34.87 -94.88
N UNK B 374 18.41 34.84 -94.22
CA UNK B 374 19.48 35.81 -94.48
C UNK B 374 19.90 35.75 -95.94
N UNK B 375 20.08 34.52 -96.41
CA UNK B 375 20.49 34.26 -97.79
C UNK B 375 19.48 34.86 -98.77
N UNK B 376 18.21 34.61 -98.46
CA UNK B 376 17.09 35.10 -99.27
C UNK B 376 17.14 36.63 -99.35
N UNK B 377 17.34 37.24 -98.20
CA UNK B 377 17.42 38.69 -98.06
C UNK B 377 18.53 39.24 -98.95
N UNK B 378 19.68 38.57 -98.86
CA UNK B 378 20.87 38.95 -99.62
C UNK B 378 20.56 38.92 -101.12
N UNK B 379 19.91 37.84 -101.52
CA UNK B 379 19.52 37.61 -102.92
C UNK B 379 18.63 38.76 -103.41
N UNK B 380 17.63 39.14 -102.60
CA UNK B 380 16.69 40.21 -102.93
C UNK B 380 15.85 39.88 -104.17
N UNK B 381 17.43 46.11 -98.13
CA UNK B 381 17.57 46.74 -96.83
C UNK B 381 16.36 46.46 -95.96
N UNK B 382 15.18 46.63 -96.58
CA UNK B 382 13.91 46.37 -95.91
C UNK B 382 13.85 44.97 -95.34
N UNK B 383 14.28 43.99 -96.16
CA UNK B 383 14.25 42.59 -95.72
C UNK B 383 15.13 42.40 -94.49
N UNK B 384 16.31 43.01 -94.54
CA UNK B 384 17.28 42.96 -93.44
C UNK B 384 16.66 43.51 -92.17
N UNK B 385 16.01 44.65 -92.33
CA UNK B 385 15.34 45.35 -91.22
C UNK B 385 14.30 44.45 -90.58
N UNK B 386 13.51 43.82 -91.45
CA UNK B 386 12.45 42.89 -91.04
C UNK B 386 13.03 41.76 -90.21
N UNK B 387 14.13 41.21 -90.73
CA UNK B 387 14.85 40.10 -90.09
C UNK B 387 15.28 40.50 -88.68
N UNK B 388 15.85 41.70 -88.61
CA UNK B 388 16.35 42.28 -87.36
C UNK B 388 15.22 42.36 -86.34
N UNK B 389 14.10 42.88 -86.83
CA UNK B 389 12.90 43.06 -86.01
C UNK B 389 12.45 41.72 -85.43
N UNK B 390 12.43 40.73 -86.31
CA UNK B 390 12.03 39.36 -85.96
C UNK B 390 12.91 38.82 -84.83
N UNK B 391 14.21 39.03 -85.03
CA UNK B 391 15.24 38.58 -84.09
C UNK B 391 14.99 39.21 -82.72
N UNK B 392 14.73 40.50 -82.75
CA UNK B 392 14.47 41.30 -81.54
C UNK B 392 13.28 40.72 -80.79
N UNK B 393 12.22 40.45 -81.56
CA UNK B 393 10.97 39.89 -81.03
C UNK B 393 11.26 38.57 -80.32
N UNK B 394 12.03 37.74 -81.01
CA UNK B 394 12.40 36.41 -80.51
C UNK B 394 13.13 36.55 -79.17
N UNK B 395 14.07 37.48 -79.15
CA UNK B 395 14.88 37.76 -77.96
C UNK B 395 13.99 38.14 -76.80
N UNK B 396 13.04 39.03 -77.09
CA UNK B 396 12.08 39.53 -76.10
C UNK B 396 11.29 38.38 -75.51
N UNK B 397 10.83 37.51 -76.41
CA UNK B 397 10.05 36.33 -76.03
C UNK B 397 10.85 35.45 -75.08
N UNK B 398 12.11 35.24 -75.45
CA UNK B 398 13.03 34.41 -74.67
C UNK B 398 13.19 34.98 -73.26
N UNK B 399 13.37 36.30 -73.22
CA UNK B 399 13.54 37.04 -71.97
C UNK B 399 12.33 36.82 -71.07
N UNK B 400 11.16 36.96 -71.68
CA UNK B 400 9.88 36.81 -70.99
C UNK B 400 9.79 35.41 -70.37
N UNK B 401 10.16 34.43 -71.18
CA UNK B 401 10.14 33.02 -70.77
C UNK B 401 11.04 32.82 -69.56
N UNK B 402 12.22 33.40 -69.64
CA UNK B 402 13.23 33.33 -68.58
C UNK B 402 12.66 33.89 -67.28
N UNK B 403 12.04 35.05 -67.42
CA UNK B 403 11.42 35.76 -66.30
C UNK B 403 10.37 34.86 -65.61
N UNK B 404 9.55 34.15 -66.39
CA UNK B 404 8.63 33.14 -65.82
C UNK B 404 9.42 31.98 -65.21
N UNK B 405 8.86 31.37 -64.16
CA UNK B 405 9.48 30.18 -63.53
C UNK B 405 9.54 29.02 -64.53
N UNK B 406 10.61 28.23 -64.46
CA UNK B 406 10.85 27.16 -65.42
C UNK B 406 11.50 25.93 -64.76
N UNK B 407 11.15 24.71 -65.22
CA UNK B 407 11.94 23.50 -64.94
C UNK B 407 13.40 23.62 -65.38
N UNK B 408 14.29 22.80 -64.78
CA UNK B 408 15.74 22.95 -64.98
C UNK B 408 16.26 22.68 -66.40
N UNK B 409 15.56 21.87 -67.17
CA UNK B 409 15.99 21.52 -68.53
C UNK B 409 15.89 22.71 -69.48
N UNK B 410 14.66 23.22 -69.65
CA UNK B 410 14.39 24.28 -70.63
C UNK B 410 15.05 25.61 -70.32
N UNK B 411 15.27 25.89 -69.02
CA UNK B 411 15.98 27.09 -68.59
C UNK B 411 17.28 27.23 -69.38
N UNK B 412 18.12 26.20 -69.31
CA UNK B 412 19.38 26.14 -70.08
C UNK B 412 19.12 26.17 -71.58
N UNK B 413 18.11 25.41 -72.00
CA UNK B 413 17.73 25.34 -73.41
C UNK B 413 17.45 26.72 -74.02
N UNK B 414 16.93 27.65 -73.21
CA UNK B 414 16.78 29.05 -73.63
C UNK B 414 18.09 29.82 -73.57
N UNK B 415 18.81 29.73 -72.46
CA UNK B 415 20.07 30.46 -72.26
C UNK B 415 21.16 30.18 -73.32
N UNK B 416 21.05 29.04 -74.01
CA UNK B 416 21.91 28.73 -75.17
C UNK B 416 21.35 29.54 -76.38
N UNK B 417 20.05 29.30 -76.59
CA UNK B 417 19.34 29.80 -77.75
C UNK B 417 19.40 31.30 -77.79
N UNK B 418 19.15 31.93 -76.63
CA UNK B 418 19.16 33.38 -76.49
C UNK B 418 20.48 33.96 -76.95
N UNK B 419 21.56 33.33 -76.47
CA UNK B 419 22.92 33.72 -76.79
C UNK B 419 23.14 33.74 -78.31
N UNK B 420 22.70 32.63 -78.90
CA UNK B 420 22.82 32.41 -80.35
C UNK B 420 22.10 33.52 -81.11
N UNK B 421 20.89 33.81 -80.64
CA UNK B 421 20.03 34.84 -81.23
C UNK B 421 20.73 36.18 -81.19
N UNK B 422 21.31 36.48 -80.03
CA UNK B 422 22.04 37.73 -79.80
C UNK B 422 23.18 37.87 -80.79
N UNK B 423 23.91 36.77 -80.94
CA UNK B 423 25.05 36.72 -81.87
C UNK B 423 24.60 37.09 -83.31
N UNK B 424 23.51 36.37 -83.65
CA UNK B 424 22.89 36.53 -84.99
C UNK B 424 22.42 37.94 -85.18
N UNK B 425 21.79 38.49 -84.14
CA UNK B 425 21.28 39.87 -84.16
C UNK B 425 22.41 40.84 -84.46
N UNK B 426 23.52 40.64 -83.75
CA UNK B 426 24.71 41.48 -83.89
C UNK B 426 25.21 41.44 -85.33
N UNK B 427 25.27 40.22 -85.85
CA UNK B 427 25.74 39.98 -87.22
C UNK B 427 24.87 40.75 -88.22
N UNK B 428 23.56 40.64 -88.00
CA UNK B 428 22.57 41.29 -88.84
C UNK B 428 22.78 42.80 -88.84
N UNK B 429 22.98 43.33 -87.63
CA UNK B 429 23.21 44.76 -87.42
C UNK B 429 24.44 45.22 -88.21
N UNK B 430 25.50 44.41 -88.10
CA UNK B 430 26.77 44.68 -88.78
C UNK B 430 26.54 44.76 -90.29
N UNK B 431 25.79 43.78 -90.78
CA UNK B 431 25.47 43.67 -92.21
C UNK B 431 24.75 44.93 -92.68
N UNK B 432 23.77 45.33 -91.87
CA UNK B 432 22.87 46.44 -92.24
C UNK B 432 23.68 47.72 -92.39
N UNK B 433 24.58 47.94 -91.44
CA UNK B 433 25.41 49.16 -91.43
C UNK B 433 26.28 49.19 -92.69
N UNK B 434 26.89 48.05 -93.00
CA UNK B 434 27.64 47.87 -94.25
C UNK B 434 26.69 47.75 -95.43
N UNK B 435 27.24 47.68 -96.63
CA UNK B 435 26.46 47.54 -97.86
C UNK B 435 26.53 46.11 -98.36
N UNK B 436 25.47 45.68 -99.03
CA UNK B 436 25.40 44.35 -99.65
C UNK B 436 24.57 44.39 -100.93
N UNK B 437 24.94 43.55 -101.90
CA UNK B 437 24.12 43.31 -103.09
C UNK B 437 24.29 41.92 -103.70
N UNK B 438 24.80 40.96 -102.93
CA UNK B 438 25.15 39.63 -103.46
C UNK B 438 25.56 38.65 -102.35
N UNK B 439 25.25 37.37 -102.57
CA UNK B 439 25.66 36.28 -101.67
C UNK B 439 27.17 36.06 -101.66
N UNK B 440 27.84 36.46 -102.74
CA UNK B 440 29.29 36.26 -102.89
C UNK B 440 30.13 37.24 -102.08
N UNK B 441 29.51 38.23 -101.44
CA UNK B 441 30.23 39.17 -100.57
C UNK B 441 30.77 38.45 -99.33
N UNK B 442 32.02 38.73 -99.00
CA UNK B 442 32.74 38.05 -97.93
C UNK B 442 32.19 38.35 -96.54
N UNK B 443 31.69 39.57 -96.35
CA UNK B 443 31.09 39.99 -95.07
C UNK B 443 29.97 39.05 -94.59
N UNK B 444 29.27 38.42 -95.54
CA UNK B 444 28.32 37.35 -95.24
C UNK B 444 28.99 35.99 -95.13
N UNK B 445 29.89 35.67 -96.07
CA UNK B 445 30.59 34.38 -96.09
C UNK B 445 31.45 34.14 -94.85
N UNK B 446 31.97 35.21 -94.25
CA UNK B 446 32.73 35.15 -93.01
C UNK B 446 31.97 34.41 -91.92
N UNK B 447 30.77 34.92 -91.61
CA UNK B 447 30.00 34.45 -90.44
C UNK B 447 29.39 33.09 -90.79
N UNK B 448 29.36 32.20 -89.81
CA UNK B 448 28.99 30.80 -90.04
C UNK B 448 27.54 30.64 -90.50
N UNK B 449 27.38 30.18 -91.74
CA UNK B 449 26.09 29.98 -92.35
C UNK B 449 25.74 28.51 -92.28
N UNK B 450 24.45 28.22 -92.20
CA UNK B 450 23.91 26.87 -92.32
C UNK B 450 23.02 26.77 -93.56
N UNK B 451 23.29 25.80 -94.42
CA UNK B 451 22.44 25.54 -95.59
C UNK B 451 22.09 24.07 -95.62
N UNK B 452 20.87 23.73 -96.04
CA UNK B 452 20.51 22.32 -96.21
C UNK B 452 19.34 22.09 -97.18
N UNK B 453 19.28 20.86 -97.71
CA UNK B 453 18.35 20.47 -98.76
C UNK B 453 17.46 19.33 -98.24
N UNK B 454 16.13 19.58 -98.14
CA UNK B 454 15.23 18.49 -97.74
C UNK B 454 15.04 17.38 -98.80
N UNK B 455 15.30 17.72 -100.07
CA UNK B 455 15.22 16.76 -101.18
C UNK B 455 16.31 15.67 -101.16
N UNK B 456 17.45 15.94 -100.51
CA UNK B 456 18.60 15.03 -100.49
C UNK B 456 18.23 13.60 -100.05
N UNK B 457 18.86 12.62 -100.70
CA UNK B 457 18.54 11.19 -100.49
C UNK B 457 18.79 10.68 -99.07
N UNK B 458 19.90 11.12 -98.47
CA UNK B 458 20.25 10.77 -97.09
C UNK B 458 20.12 11.99 -96.19
N UNK B 459 19.30 11.86 -95.16
CA UNK B 459 19.11 12.89 -94.13
C UNK B 459 20.38 13.11 -93.27
N UNK B 460 21.25 12.09 -93.22
CA UNK B 460 22.53 12.18 -92.51
C UNK B 460 23.50 13.20 -93.13
N UNK B 461 23.54 13.25 -94.46
CA UNK B 461 24.45 14.14 -95.19
C UNK B 461 23.90 15.55 -95.47
N UNK B 462 22.58 15.73 -95.37
CA UNK B 462 21.93 16.92 -95.94
C UNK B 462 22.38 18.27 -95.38
N UNK B 463 22.68 18.31 -94.08
CA UNK B 463 23.04 19.57 -93.41
C UNK B 463 24.47 20.01 -93.72
N UNK B 464 24.59 21.18 -94.37
CA UNK B 464 25.86 21.81 -94.65
C UNK B 464 26.04 23.05 -93.79
N UNK B 465 27.26 23.22 -93.28
CA UNK B 465 27.67 24.42 -92.58
C UNK B 465 28.79 25.03 -93.38
N UNK B 466 28.81 26.35 -93.50
CA UNK B 466 29.85 27.03 -94.27
C UNK B 466 30.37 28.26 -93.57
N UNK B 467 31.69 28.35 -93.47
CA UNK B 467 32.41 29.60 -93.27
C UNK B 467 33.36 29.74 -94.44
N UNK B 468 33.55 30.98 -94.87
CA UNK B 468 34.19 31.34 -96.15
C UNK B 468 35.32 30.39 -96.55
N UNK B 469 35.21 29.84 -97.77
CA UNK B 469 36.16 28.86 -98.31
C UNK B 469 35.82 27.44 -97.83
N UNK B 470 35.73 27.24 -96.52
CA UNK B 470 35.39 25.94 -95.92
C UNK B 470 33.94 25.52 -96.15
N UNK B 471 33.66 24.24 -95.87
CA UNK B 471 32.34 23.65 -96.12
C UNK B 471 32.21 22.29 -95.40
N UNK B 472 31.57 22.30 -94.23
CA UNK B 472 31.46 21.10 -93.39
C UNK B 472 30.10 20.43 -93.44
N UNK B 473 30.13 19.11 -93.26
CA UNK B 473 28.93 18.30 -93.12
C UNK B 473 28.82 17.80 -91.69
N UNK B 474 27.63 18.00 -91.12
CA UNK B 474 27.39 17.83 -89.69
C UNK B 474 27.52 16.36 -89.24
N UNK B 475 28.14 16.15 -88.08
CA UNK B 475 28.58 14.81 -87.64
C UNK B 475 27.54 13.99 -86.88
N UNK B 476 26.69 14.66 -86.12
CA UNK B 476 25.46 14.05 -85.53
C UNK B 476 25.70 13.13 -84.35
N UNK B 477 26.66 13.48 -83.49
CA UNK B 477 26.80 12.85 -82.20
C UNK B 477 25.91 13.60 -81.20
N UNK B 478 25.30 12.86 -80.30
CA UNK B 478 24.37 13.41 -79.33
C UNK B 478 25.10 14.20 -78.24
N UNK B 479 25.04 15.52 -78.34
CA UNK B 479 25.59 16.39 -77.29
C UNK B 479 24.72 16.44 -76.05
N UNK B 480 23.39 16.41 -76.22
CA UNK B 480 22.48 16.56 -75.10
C UNK B 480 22.26 18.02 -74.77
N UNK B 481 22.90 18.52 -73.70
CA UNK B 481 22.79 19.93 -73.30
C UNK B 481 24.12 20.66 -73.51
N UNK B 482 25.09 20.37 -72.63
CA UNK B 482 26.38 21.06 -72.60
C UNK B 482 26.29 22.58 -72.38
N UNK B 483 27.44 23.24 -72.31
CA UNK B 483 27.52 24.70 -72.28
C UNK B 483 27.24 25.28 -73.66
N UNK B 484 27.03 26.59 -73.69
CA UNK B 484 27.05 27.36 -74.93
C UNK B 484 27.90 28.60 -74.71
N UNK B 485 28.97 28.73 -75.49
CA UNK B 485 29.95 29.78 -75.32
C UNK B 485 29.49 31.00 -76.10
N UNK B 486 29.84 32.17 -75.59
CA UNK B 486 29.43 33.44 -76.19
C UNK B 486 30.18 33.62 -77.49
N UNK B 487 29.53 34.21 -78.49
CA UNK B 487 30.15 34.47 -79.78
C UNK B 487 30.80 35.85 -79.83
N UNK B 488 31.97 35.96 -79.21
CA UNK B 488 32.76 37.19 -79.21
C UNK B 488 33.39 37.45 -80.58
N UNK B 489 34.04 38.62 -80.76
CA UNK B 489 34.79 38.82 -81.99
C UNK B 489 36.00 37.89 -82.04
N UNK B 490 36.69 37.80 -80.90
CA UNK B 490 37.89 36.97 -80.78
C UNK B 490 37.54 35.50 -81.10
N UNK B 491 36.43 35.06 -80.51
CA UNK B 491 36.02 33.68 -80.72
C UNK B 491 35.68 33.42 -82.17
N UNK B 492 35.01 34.39 -82.79
CA UNK B 492 34.67 34.31 -84.21
C UNK B 492 35.92 34.15 -85.05
N UNK B 493 36.92 34.97 -84.73
CA UNK B 493 38.22 34.95 -85.41
C UNK B 493 38.84 33.56 -85.32
N UNK B 494 38.80 33.04 -84.09
CA UNK B 494 39.36 31.72 -83.77
C UNK B 494 38.68 30.65 -84.62
N UNK B 495 37.37 30.74 -84.72
CA UNK B 495 36.55 29.83 -85.50
C UNK B 495 37.00 29.86 -86.97
N UNK B 496 37.09 31.08 -87.47
CA UNK B 496 37.36 31.34 -88.89
C UNK B 496 38.73 30.79 -89.24
N UNK B 497 39.71 31.00 -88.36
CA UNK B 497 41.05 30.48 -88.61
C UNK B 497 41.00 28.95 -88.61
N UNK B 498 40.38 28.43 -87.55
CA UNK B 498 40.28 26.99 -87.31
C UNK B 498 39.56 26.32 -88.48
N UNK B 499 38.46 26.94 -88.88
CA UNK B 499 37.64 26.42 -89.99
C UNK B 499 38.47 26.36 -91.26
N UNK B 500 39.22 27.43 -91.50
CA UNK B 500 40.10 27.52 -92.68
C UNK B 500 41.10 26.38 -92.69
N UNK B 501 41.69 26.17 -91.52
CA UNK B 501 42.69 25.11 -91.33
C UNK B 501 42.09 23.74 -91.67
N UNK B 502 40.89 23.54 -91.15
CA UNK B 502 40.16 22.30 -91.34
C UNK B 502 39.98 21.91 -92.79
N UNK B 503 39.55 22.84 -93.64
CA UNK B 503 39.35 22.52 -95.05
C UNK B 503 40.69 22.31 -95.80
N UNK B 504 41.78 22.89 -95.30
CA UNK B 504 43.14 22.56 -95.76
C UNK B 504 43.72 21.28 -95.10
N UNK B 505 42.92 20.67 -94.20
CA UNK B 505 43.27 19.43 -93.50
C UNK B 505 44.50 19.55 -92.61
N UNK B 506 44.78 20.76 -92.13
CA UNK B 506 45.79 21.00 -91.11
C UNK B 506 45.14 20.95 -89.74
N UNK B 507 45.96 20.87 -88.71
CA UNK B 507 45.50 20.95 -87.34
C UNK B 507 45.30 22.40 -86.91
N UNK B 508 44.54 22.56 -85.82
CA UNK B 508 44.17 23.87 -85.31
C UNK B 508 44.79 24.21 -83.97
N UNK B 509 45.85 25.04 -84.00
CA UNK B 509 46.63 25.38 -82.78
C UNK B 509 46.54 26.84 -82.30
N UNK B 510 45.49 27.17 -81.54
CA UNK B 510 45.49 28.47 -80.90
C UNK B 510 46.50 28.53 -79.77
N UNK B 511 47.15 29.68 -79.60
CA UNK B 511 47.95 29.93 -78.42
C UNK B 511 47.53 31.22 -77.75
N UNK B 512 48.16 31.50 -76.63
CA UNK B 512 47.89 32.67 -75.80
C UNK B 512 47.75 32.23 -74.36
N UNK B 513 47.99 33.13 -73.39
CA UNK B 513 47.96 32.79 -71.96
C UNK B 513 46.73 32.02 -71.50
N UNK B 514 46.83 31.40 -70.33
CA UNK B 514 45.70 30.65 -69.76
C UNK B 514 44.61 31.60 -69.28
N UNK B 515 43.38 31.10 -69.26
CA UNK B 515 42.20 31.92 -68.98
C UNK B 515 41.86 32.99 -70.01
N UNK B 516 42.18 32.74 -71.28
CA UNK B 516 41.73 33.60 -72.38
C UNK B 516 40.54 32.96 -73.05
N UNK B 517 40.70 31.69 -73.45
CA UNK B 517 39.57 30.85 -73.86
C UNK B 517 39.88 30.09 -75.12
N UNK B 518 40.68 29.02 -75.01
CA UNK B 518 41.23 28.40 -76.18
C UNK B 518 40.52 27.07 -76.25
N UNK B 519 40.77 26.24 -75.25
CA UNK B 519 40.29 24.86 -75.20
C UNK B 519 38.76 24.85 -75.29
N UNK B 520 38.19 25.69 -74.44
CA UNK B 520 36.71 25.76 -74.37
C UNK B 520 36.15 26.25 -75.68
N UNK B 521 36.81 27.23 -76.29
CA UNK B 521 36.41 27.77 -77.59
C UNK B 521 36.37 26.64 -78.64
N UNK B 522 37.44 25.86 -78.61
CA UNK B 522 37.61 24.74 -79.54
C UNK B 522 36.46 23.75 -79.37
N UNK B 523 36.17 23.45 -78.11
CA UNK B 523 35.10 22.52 -77.75
C UNK B 523 33.77 23.01 -78.30
N UNK B 524 33.53 24.30 -78.10
CA UNK B 524 32.30 24.97 -78.55
C UNK B 524 32.15 24.81 -80.06
N UNK B 525 33.26 25.07 -80.75
CA UNK B 525 33.31 24.99 -82.21
C UNK B 525 32.94 23.59 -82.66
N UNK B 526 33.53 22.61 -81.99
CA UNK B 526 33.30 21.20 -82.27
C UNK B 526 31.82 20.86 -82.13
N UNK B 527 31.26 21.35 -81.04
CA UNK B 527 29.84 21.14 -80.72
C UNK B 527 28.96 21.70 -81.83
N UNK B 528 29.30 22.90 -82.24
CA UNK B 528 28.58 23.62 -83.31
C UNK B 528 28.60 22.79 -84.58
N UNK B 529 29.78 22.29 -84.90
CA UNK B 529 30.01 21.46 -86.10
C UNK B 529 29.33 20.09 -85.96
N UNK B 530 29.09 19.64 -84.73
CA UNK B 530 28.31 18.43 -84.48
C UNK B 530 29.15 17.18 -84.39
N UNK B 531 30.39 17.37 -83.92
CA UNK B 531 31.40 16.34 -83.88
C UNK B 531 31.56 15.89 -82.45
N UNK B 532 32.06 14.68 -82.27
CA UNK B 532 32.44 14.21 -80.94
C UNK B 532 33.81 14.79 -80.60
N UNK B 533 33.92 15.36 -79.40
CA UNK B 533 35.14 16.08 -78.97
C UNK B 533 35.67 15.52 -77.65
N UNK B 534 36.99 15.40 -77.56
CA UNK B 534 37.67 14.88 -76.39
C UNK B 534 38.93 15.69 -76.17
N UNK B 535 39.19 16.07 -74.92
CA UNK B 535 40.44 16.72 -74.55
C UNK B 535 41.27 15.81 -73.63
N UNK B 536 42.56 16.11 -73.59
CA UNK B 536 43.46 15.53 -72.59
C UNK B 536 44.64 16.44 -72.34
N UNK B 537 44.74 16.94 -71.12
CA UNK B 537 45.81 17.83 -70.71
C UNK B 537 47.00 16.92 -70.40
N UNK B 538 47.80 16.67 -71.44
CA UNK B 538 48.86 15.68 -71.41
C UNK B 538 50.13 16.22 -70.82
N UNK B 539 50.93 15.30 -70.26
CA UNK B 539 52.19 15.62 -69.61
C UNK B 539 53.33 14.82 -70.22
N UNK B 540 54.52 14.98 -69.64
CA UNK B 540 55.71 14.19 -69.98
C UNK B 540 55.47 12.67 -69.99
N UNK B 541 54.51 12.21 -69.19
CA UNK B 541 54.02 10.82 -69.17
C UNK B 541 53.63 10.22 -70.55
N UNK B 542 53.14 11.06 -71.46
CA UNK B 542 52.72 10.60 -72.80
C UNK B 542 53.90 10.19 -73.67
N UNK B 543 54.08 8.88 -73.77
CA UNK B 543 55.01 8.26 -74.71
C UNK B 543 54.45 8.46 -76.13
N UNK B 544 55.36 8.49 -77.12
CA UNK B 544 55.01 8.49 -78.53
C UNK B 544 54.05 7.36 -78.87
N UNK B 545 54.33 6.19 -78.28
CA UNK B 545 53.46 5.01 -78.44
C UNK B 545 52.06 5.32 -77.94
N UNK B 546 52.01 5.95 -76.77
CA UNK B 546 50.74 6.33 -76.14
C UNK B 546 49.94 7.25 -77.06
N UNK B 547 50.65 8.22 -77.62
CA UNK B 547 50.07 9.21 -78.54
C UNK B 547 49.45 8.50 -79.74
N UNK B 548 50.23 7.56 -80.28
CA UNK B 548 49.82 6.76 -81.43
C UNK B 548 48.53 6.02 -81.13
N UNK B 549 48.52 5.41 -79.96
CA UNK B 549 47.38 4.62 -79.48
C UNK B 549 46.13 5.52 -79.43
N UNK B 550 46.32 6.70 -78.87
CA UNK B 550 45.17 7.60 -78.72
C UNK B 550 44.68 8.05 -80.10
N UNK B 551 45.60 8.28 -81.02
CA UNK B 551 45.22 8.77 -82.33
C UNK B 551 44.33 7.82 -83.10
N UNK B 552 44.64 6.52 -83.06
CA UNK B 552 43.96 5.55 -83.92
C UNK B 552 42.47 5.57 -83.68
N UNK B 553 42.07 5.68 -82.41
CA UNK B 553 40.66 5.74 -82.02
C UNK B 553 39.97 6.91 -82.71
N UNK B 554 40.64 8.05 -82.66
CA UNK B 554 40.13 9.29 -83.28
C UNK B 554 39.90 9.08 -84.77
N UNK B 555 40.89 8.48 -85.40
CA UNK B 555 40.87 8.18 -86.83
C UNK B 555 39.67 7.31 -87.17
N UNK B 556 39.49 6.29 -86.35
CA UNK B 556 38.38 5.34 -86.50
C UNK B 556 37.03 6.02 -86.25
N UNK B 557 36.93 6.64 -85.08
CA UNK B 557 35.71 7.27 -84.59
C UNK B 557 35.24 8.42 -85.47
N UNK B 558 36.17 9.29 -85.85
CA UNK B 558 35.84 10.56 -86.50
C UNK B 558 35.58 11.56 -85.40
N UNK B 559 36.57 11.69 -84.53
CA UNK B 559 36.49 12.50 -83.32
C UNK B 559 37.51 13.63 -83.38
N UNK B 560 37.19 14.76 -82.80
CA UNK B 560 38.15 15.84 -82.71
C UNK B 560 39.08 15.55 -81.56
N UNK B 561 40.32 16.01 -81.72
CA UNK B 561 41.37 15.86 -80.69
C UNK B 561 42.04 17.18 -80.33
N UNK B 562 41.51 17.84 -79.31
CA UNK B 562 42.16 18.99 -78.73
C UNK B 562 43.15 18.50 -77.68
N UNK B 563 44.32 19.15 -77.64
CA UNK B 563 45.43 18.78 -76.76
C UNK B 563 45.94 20.03 -76.05
N UNK B 564 45.73 20.10 -74.73
CA UNK B 564 46.14 21.26 -73.97
C UNK B 564 47.52 21.06 -73.38
N UNK B 565 48.22 22.18 -73.17
CA UNK B 565 49.61 22.20 -72.74
C UNK B 565 50.49 21.25 -73.57
N UNK B 566 50.24 21.28 -74.88
CA UNK B 566 51.00 20.49 -75.84
C UNK B 566 52.35 21.11 -76.11
N UNK B 567 52.63 22.26 -75.51
CA UNK B 567 54.00 22.75 -75.47
C UNK B 567 54.94 21.74 -74.81
N UNK B 568 54.46 21.03 -73.77
CA UNK B 568 55.32 20.18 -72.92
C UNK B 568 55.16 18.69 -73.10
N UNK B 569 54.95 18.26 -74.34
CA UNK B 569 54.98 16.84 -74.66
C UNK B 569 56.46 16.42 -74.75
N UNK B 570 57.08 16.34 -73.57
CA UNK B 570 58.54 16.24 -73.38
C UNK B 570 59.40 17.17 -74.28
N UNK B 571 59.75 16.72 -75.50
CA UNK B 571 60.54 17.52 -76.48
C UNK B 571 60.95 16.62 -77.65
N UNK B 572 61.66 15.55 -77.30
CA UNK B 572 62.11 14.51 -78.23
C UNK B 572 60.89 13.79 -78.83
N UNK B 573 60.00 13.41 -77.92
CA UNK B 573 58.75 12.73 -78.25
C UNK B 573 57.92 13.55 -79.21
N UNK B 574 57.91 14.86 -79.01
CA UNK B 574 57.15 15.81 -79.79
C UNK B 574 57.51 15.68 -81.27
N UNK B 575 58.82 15.66 -81.51
CA UNK B 575 59.36 15.55 -82.87
C UNK B 575 58.88 14.27 -83.53
N UNK B 576 58.96 13.20 -82.77
CA UNK B 576 58.53 11.86 -83.23
C UNK B 576 57.07 11.89 -83.65
N UNK B 577 56.26 12.50 -82.78
CA UNK B 577 54.82 12.63 -82.98
C UNK B 577 54.48 13.31 -84.31
N UNK B 578 55.37 14.18 -84.79
CA UNK B 578 55.20 14.97 -85.97
C UNK B 578 54.95 14.06 -87.16
N UNK B 579 55.78 13.02 -87.26
CA UNK B 579 55.69 12.04 -88.36
C UNK B 579 54.31 11.39 -88.37
N UNK B 580 53.89 11.00 -87.18
CA UNK B 580 52.59 10.35 -86.99
C UNK B 580 51.47 11.26 -87.48
N UNK B 581 51.58 12.52 -87.07
CA UNK B 581 50.59 13.55 -87.42
C UNK B 581 50.50 13.67 -88.94
N UNK B 582 51.67 13.73 -89.55
CA UNK B 582 51.79 13.85 -91.01
C UNK B 582 51.09 12.69 -91.70
N UNK B 583 51.36 11.50 -91.18
CA UNK B 583 50.79 10.25 -91.70
C UNK B 583 49.27 10.33 -91.64
N UNK B 584 48.76 10.78 -90.50
CA UNK B 584 47.30 11.00 -90.40
C UNK B 584 46.88 12.14 -91.33
N UNK B 585 47.67 13.22 -91.36
CA UNK B 585 47.27 14.49 -91.96
C UNK B 585 46.97 14.32 -93.43
N UNK B 586 47.83 13.55 -94.11
CA UNK B 586 47.73 13.29 -95.54
C UNK B 586 46.50 12.49 -95.94
N UNK B 587 46.02 11.65 -95.01
CA UNK B 587 44.83 10.84 -95.22
C UNK B 587 43.63 11.74 -95.55
N UNK B 588 43.51 12.79 -94.75
CA UNK B 588 42.41 13.76 -94.90
C UNK B 588 42.45 14.37 -96.30
N UNK B 589 43.66 14.76 -96.71
CA UNK B 589 43.91 15.38 -98.01
C UNK B 589 43.47 14.43 -99.12
N UNK B 590 43.86 13.17 -98.96
CA UNK B 590 43.54 12.11 -99.93
C UNK B 590 42.03 11.98 -100.08
N UNK B 591 41.36 11.97 -98.92
CA UNK B 591 39.90 11.86 -98.84
C UNK B 591 39.25 13.00 -99.61
N UNK B 592 39.77 14.20 -99.36
CA UNK B 592 39.28 15.42 -100.00
C UNK B 592 39.34 15.29 -101.54
N UNK B 593 40.42 14.74 -102.08
CA UNK B 593 40.53 14.38 -103.51
C UNK B 593 40.44 15.60 -104.44
N UNK B 594 37.78 4.31 -98.18
CA UNK B 594 38.73 3.21 -98.33
C UNK B 594 40.19 3.64 -98.11
N UNK B 595 40.41 4.50 -97.12
CA UNK B 595 41.71 5.12 -96.87
C UNK B 595 42.46 4.40 -95.76
N UNK B 596 43.79 4.34 -95.88
CA UNK B 596 44.65 3.69 -94.91
C UNK B 596 45.93 4.48 -94.67
N UNK B 597 46.30 4.63 -93.41
CA UNK B 597 47.58 5.25 -92.99
C UNK B 597 48.17 4.51 -91.79
N UNK B 598 49.48 4.27 -91.84
CA UNK B 598 50.17 3.45 -90.83
C UNK B 598 50.52 4.24 -89.57
N UNK B 599 49.65 4.15 -88.57
CA UNK B 599 49.89 4.74 -87.25
C UNK B 599 50.15 3.60 -86.27
N UNK B 600 51.32 3.60 -85.65
CA UNK B 600 51.77 2.54 -84.72
C UNK B 600 51.98 1.17 -85.41
N UNK B 601 52.55 1.21 -86.62
CA UNK B 601 52.88 0.01 -87.41
C UNK B 601 51.68 -0.88 -87.77
N UNK B 602 50.61 -0.24 -88.23
CA UNK B 602 49.38 -0.93 -88.67
C UNK B 602 48.42 0.08 -89.30
N UNK B 603 47.78 -0.31 -90.41
CA UNK B 603 46.89 0.59 -91.15
C UNK B 603 45.51 0.68 -90.50
N UNK B 604 44.90 1.87 -90.61
CA UNK B 604 43.60 2.17 -89.99
C UNK B 604 42.75 3.08 -90.89
N UNK B 605 41.43 2.89 -90.84
CA UNK B 605 40.50 3.76 -91.55
C UNK B 605 40.38 5.11 -90.85
N UNK B 606 40.82 6.16 -91.53
CA UNK B 606 40.73 7.53 -91.03
C UNK B 606 39.41 8.13 -91.52
N UNK B 607 38.47 8.30 -90.61
CA UNK B 607 37.19 8.94 -90.90
C UNK B 607 37.40 10.43 -91.22
N UNK B 608 36.64 10.98 -92.20
CA UNK B 608 36.81 12.40 -92.56
C UNK B 608 36.68 13.38 -91.41
N UNK B 609 35.81 13.09 -90.46
CA UNK B 609 35.50 14.01 -89.37
C UNK B 609 36.63 14.30 -88.38
N UNK B 610 37.69 13.50 -88.37
CA UNK B 610 38.76 13.69 -87.38
C UNK B 610 39.68 14.87 -87.69
N UNK B 611 40.25 15.43 -86.61
CA UNK B 611 41.18 16.55 -86.69
C UNK B 611 41.90 16.70 -85.37
N UNK B 612 43.12 17.21 -85.44
CA UNK B 612 43.96 17.42 -84.27
C UNK B 612 44.01 18.91 -83.97
N UNK B 613 43.94 19.26 -82.71
CA UNK B 613 44.10 20.64 -82.28
C UNK B 613 45.18 20.70 -81.22
N UNK B 614 45.74 21.89 -81.00
CA UNK B 614 46.87 22.08 -80.07
C UNK B 614 46.76 23.42 -79.33
N UNK B 615 46.78 23.35 -78.02
CA UNK B 615 46.28 24.44 -77.20
C UNK B 615 47.33 24.72 -76.11
N UNK B 616 48.17 25.74 -76.36
CA UNK B 616 49.45 25.84 -75.63
C UNK B 616 49.95 27.25 -75.41
N UNK B 617 49.90 27.72 -74.16
CA UNK B 617 50.48 29.02 -73.83
C UNK B 617 51.99 28.83 -73.58
N UNK B 618 52.84 29.47 -74.39
CA UNK B 618 54.26 29.41 -74.10
C UNK B 618 54.68 30.49 -73.12
N UNK B 619 55.85 30.31 -72.53
CA UNK B 619 56.44 31.28 -71.60
C UNK B 619 56.18 30.92 -70.14
N UNK B 620 54.90 30.95 -69.75
CA UNK B 620 54.47 30.69 -68.37
C UNK B 620 54.89 29.32 -67.84
N UNK B 621 54.97 28.34 -68.74
CA UNK B 621 55.61 27.07 -68.44
C UNK B 621 57.13 27.27 -68.36
N UNK B 622 57.71 27.85 -69.41
CA UNK B 622 59.17 27.91 -69.58
C UNK B 622 59.64 26.51 -69.91
N UNK B 623 59.01 25.93 -70.93
CA UNK B 623 59.09 24.48 -71.19
C UNK B 623 58.96 24.08 -72.66
N UNK B 624 60.00 23.40 -73.14
CA UNK B 624 59.94 22.45 -74.27
C UNK B 624 60.00 23.02 -75.69
N UNK B 625 58.99 23.80 -76.10
CA UNK B 625 58.86 24.33 -77.48
C UNK B 625 58.50 23.24 -78.50
N UNK B 626 57.89 23.63 -79.61
CA UNK B 626 57.59 22.70 -80.69
C UNK B 626 58.74 22.73 -81.70
N UNK B 627 59.24 21.54 -82.10
CA UNK B 627 60.21 21.45 -83.21
C UNK B 627 59.63 21.94 -84.52
N UNK B 628 60.42 22.69 -85.28
CA UNK B 628 59.88 23.55 -86.34
C UNK B 628 59.34 22.82 -87.57
N UNK B 629 59.45 21.50 -87.61
CA UNK B 629 58.65 20.70 -88.54
C UNK B 629 57.17 20.58 -88.13
N UNK B 630 56.87 20.74 -86.83
CA UNK B 630 55.48 20.64 -86.34
C UNK B 630 54.63 21.87 -86.67
N UNK B 631 55.19 23.08 -86.49
CA UNK B 631 54.45 24.31 -86.81
C UNK B 631 53.97 24.42 -88.28
N UNK B 632 54.56 23.61 -89.18
CA UNK B 632 54.01 23.42 -90.52
C UNK B 632 52.68 22.69 -90.49
N UNK B 633 52.52 21.74 -89.57
CA UNK B 633 51.30 20.94 -89.46
C UNK B 633 50.12 21.62 -88.76
N UNK B 634 50.36 22.72 -88.04
CA UNK B 634 49.30 23.38 -87.26
C UNK B 634 49.19 24.88 -87.54
N UNK B 635 47.96 25.42 -87.49
CA UNK B 635 47.70 26.83 -87.76
C UNK B 635 47.44 27.61 -86.48
N UNK B 636 47.99 28.83 -86.39
CA UNK B 636 48.09 29.57 -85.12
C UNK B 636 47.11 30.73 -84.95
N UNK B 637 46.66 30.92 -83.71
CA UNK B 637 45.91 32.10 -83.28
C UNK B 637 46.61 32.70 -82.11
N UNK B 638 46.65 34.03 -82.09
CA UNK B 638 46.76 34.74 -80.84
C UNK B 638 45.37 34.77 -80.21
N UNK B 639 45.33 34.64 -78.90
CA UNK B 639 44.14 34.93 -78.11
C UNK B 639 44.65 35.59 -76.84
N UNK B 640 45.09 36.83 -77.01
CA UNK B 640 45.77 37.57 -75.94
C UNK B 640 44.80 38.07 -74.89
N UNK B 641 43.65 38.59 -75.32
CA UNK B 641 42.64 39.12 -74.39
C UNK B 641 41.22 38.97 -74.93
N UNK B 642 40.37 38.16 -74.23
CA UNK B 642 38.98 37.97 -74.61
C UNK B 642 38.06 39.14 -74.20
N UNK B 643 36.90 39.25 -74.84
CA UNK B 643 35.94 40.34 -74.61
C UNK B 643 35.09 40.09 -73.36
N UNK B 644 35.60 40.56 -72.22
CA UNK B 644 34.91 40.42 -70.93
C UNK B 644 33.59 41.21 -70.85
N UNK B 645 33.50 42.32 -71.57
CA UNK B 645 32.25 43.11 -71.67
C UNK B 645 31.13 42.31 -72.34
N UNK B 646 31.44 41.78 -73.52
CA UNK B 646 30.47 41.06 -74.36
C UNK B 646 30.18 39.63 -73.87
N UNK B 647 31.14 39.01 -73.19
CA UNK B 647 30.96 37.66 -72.62
C UNK B 647 30.00 37.67 -71.45
N UNK B 648 29.96 38.78 -70.71
CA UNK B 648 29.24 38.85 -69.45
C UNK B 648 27.84 39.38 -69.66
N UNK B 649 27.73 40.42 -70.48
CA UNK B 649 26.45 41.06 -70.81
C UNK B 649 25.41 40.04 -71.28
N UNK B 650 25.84 39.29 -72.28
CA UNK B 650 24.95 38.27 -72.90
C UNK B 650 24.54 37.24 -71.85
N UNK B 651 25.53 36.82 -71.06
CA UNK B 651 25.30 35.83 -69.99
C UNK B 651 24.27 36.36 -69.01
N UNK B 652 24.44 37.62 -68.63
CA UNK B 652 23.55 38.31 -67.70
C UNK B 652 22.12 38.29 -68.24
N UNK B 653 22.02 38.63 -69.51
CA UNK B 653 20.74 38.68 -70.22
C UNK B 653 20.04 37.32 -70.16
N UNK B 654 20.84 36.30 -70.44
CA UNK B 654 20.38 34.90 -70.45
C UNK B 654 19.82 34.54 -69.08
N UNK B 655 20.58 34.91 -68.06
CA UNK B 655 20.27 34.52 -66.68
C UNK B 655 19.11 35.25 -66.04
N UNK B 656 18.90 36.52 -66.41
CA UNK B 656 17.70 37.27 -66.01
C UNK B 656 17.96 38.40 -65.05
N UNK B 657 18.29 39.56 -65.62
CA UNK B 657 18.34 40.84 -64.90
C UNK B 657 17.81 41.92 -65.84
N UNK B 658 17.03 42.85 -65.31
CA UNK B 658 16.44 43.91 -66.13
C UNK B 658 17.51 44.92 -66.54
N UNK B 659 18.21 45.46 -65.55
CA UNK B 659 19.34 46.36 -65.78
C UNK B 659 20.59 45.51 -66.04
N UNK B 660 20.66 44.90 -67.21
CA UNK B 660 21.70 43.92 -67.52
C UNK B 660 22.95 44.63 -68.00
N UNK B 661 22.74 45.56 -68.93
CA UNK B 661 23.81 46.29 -69.59
C UNK B 661 24.65 47.04 -68.56
N UNK B 662 23.95 47.69 -67.64
CA UNK B 662 24.58 48.47 -66.57
C UNK B 662 25.48 47.58 -65.73
N UNK B 663 24.91 46.46 -65.29
CA UNK B 663 25.62 45.51 -64.43
C UNK B 663 26.89 45.01 -65.12
N UNK B 664 26.70 44.65 -66.39
CA UNK B 664 27.79 44.13 -67.23
C UNK B 664 28.90 45.19 -67.33
N UNK B 665 28.47 46.41 -67.57
CA UNK B 665 29.36 47.55 -67.80
C UNK B 665 30.20 47.76 -66.53
N UNK B 666 29.55 47.70 -65.37
CA UNK B 666 30.24 48.08 -64.16
C UNK B 666 31.32 46.99 -63.85
N UNK B 667 30.84 45.74 -63.89
CA UNK B 667 31.54 44.65 -63.21
C UNK B 667 32.90 44.42 -63.85
N UNK B 668 32.99 44.54 -65.16
CA UNK B 668 34.25 44.32 -65.85
C UNK B 668 35.28 45.37 -65.39
N UNK B 669 34.88 46.65 -65.45
CA UNK B 669 35.72 47.69 -64.87
C UNK B 669 36.12 47.49 -63.45
N UNK B 670 35.21 47.01 -62.61
CA UNK B 670 35.52 46.70 -61.21
C UNK B 670 36.65 45.66 -61.14
N UNK B 671 36.49 44.63 -61.95
CA UNK B 671 37.46 43.54 -62.03
C UNK B 671 38.83 44.07 -62.41
N UNK B 672 38.82 44.93 -63.42
CA UNK B 672 40.04 45.56 -63.94
C UNK B 672 40.74 46.34 -62.82
N UNK B 673 39.94 47.10 -62.09
CA UNK B 673 40.41 47.93 -60.98
C UNK B 673 41.09 47.05 -59.93
N UNK B 674 40.42 45.95 -59.61
CA UNK B 674 40.80 45.16 -58.40
C UNK B 674 42.05 44.30 -58.60
N UNK B 675 42.51 44.19 -59.84
CA UNK B 675 43.81 43.62 -60.15
C UNK B 675 44.94 44.55 -59.67
N UNK B 676 44.79 45.84 -59.93
CA UNK B 676 45.85 46.82 -59.70
C UNK B 676 45.78 47.50 -58.33
N UNK B 677 44.58 47.84 -57.89
CA UNK B 677 44.38 48.52 -56.61
C UNK B 677 44.73 47.67 -55.39
N UNK B 678 44.31 46.41 -55.41
CA UNK B 678 44.57 45.49 -54.30
C UNK B 678 46.04 45.09 -54.32
N UNK B 679 46.65 45.06 -53.15
CA UNK B 679 48.08 44.79 -53.02
C UNK B 679 48.46 43.41 -53.58
N UNK B 680 49.47 43.39 -54.44
CA UNK B 680 49.78 42.24 -55.28
C UNK B 680 50.42 41.09 -54.51
N UNK B 681 49.56 40.21 -54.00
CA UNK B 681 49.96 38.88 -53.54
C UNK B 681 49.87 37.91 -54.72
N UNK B 682 50.29 36.67 -54.51
CA UNK B 682 50.38 35.67 -55.58
C UNK B 682 49.05 35.00 -55.93
N UNK B 683 48.30 34.63 -54.89
CA UNK B 683 47.03 33.87 -55.04
C UNK B 683 45.87 34.60 -55.71
N UNK B 684 45.95 35.92 -55.84
CA UNK B 684 44.91 36.71 -56.51
C UNK B 684 44.79 36.39 -58.02
N UNK B 685 43.54 36.23 -58.47
CA UNK B 685 43.23 36.10 -59.89
C UNK B 685 41.87 36.73 -60.17
N UNK B 686 41.81 37.58 -61.21
CA UNK B 686 40.57 38.25 -61.60
C UNK B 686 40.34 38.19 -63.11
N UNK B 687 40.83 37.12 -63.74
CA UNK B 687 40.65 36.90 -65.18
C UNK B 687 39.28 36.33 -65.50
N UNK B 688 39.07 36.02 -66.78
CA UNK B 688 37.77 35.54 -67.24
C UNK B 688 37.39 34.14 -66.77
N UNK B 689 38.31 33.45 -66.10
CA UNK B 689 37.98 32.18 -65.44
C UNK B 689 37.13 32.39 -64.18
N UNK B 690 37.45 33.41 -63.41
CA UNK B 690 36.71 33.73 -62.17
C UNK B 690 35.43 34.52 -62.45
N UNK B 691 35.49 35.38 -63.47
CA UNK B 691 34.39 36.24 -63.84
C UNK B 691 33.15 35.43 -64.15
N UNK B 692 33.36 34.38 -64.95
CA UNK B 692 32.28 33.48 -65.37
C UNK B 692 31.61 32.87 -64.14
N UNK B 693 32.46 32.40 -63.23
CA UNK B 693 32.01 31.78 -61.97
C UNK B 693 31.13 32.74 -61.20
N UNK B 694 31.63 33.98 -61.10
CA UNK B 694 30.93 35.05 -60.38
C UNK B 694 29.55 35.27 -60.97
N UNK B 695 29.52 35.33 -62.29
CA UNK B 695 28.31 35.58 -63.06
C UNK B 695 27.34 34.44 -62.81
N UNK B 696 27.86 33.21 -62.97
CA UNK B 696 27.00 32.03 -62.76
C UNK B 696 26.49 31.98 -61.33
N UNK B 697 27.42 32.27 -60.40
CA UNK B 697 27.11 32.32 -58.96
C UNK B 697 26.04 33.36 -58.71
N UNK B 698 26.19 34.52 -59.35
CA UNK B 698 25.24 35.62 -59.21
C UNK B 698 23.85 35.18 -59.63
N UNK B 699 23.81 34.50 -60.78
CA UNK B 699 22.57 33.99 -61.37
C UNK B 699 21.88 33.04 -60.39
N UNK B 700 22.70 32.15 -59.83
CA UNK B 700 22.24 31.15 -58.87
C UNK B 700 21.60 31.83 -57.66
N UNK B 701 22.30 32.85 -57.18
CA UNK B 701 21.86 33.61 -56.01
C UNK B 701 20.51 34.26 -56.29
N UNK B 702 20.41 34.84 -57.49
CA UNK B 702 19.18 35.51 -57.93
C UNK B 702 18.02 34.53 -57.93
N UNK B 703 18.29 33.34 -58.48
CA UNK B 703 17.31 32.27 -58.57
C UNK B 703 16.80 31.90 -57.17
N UNK B 704 17.77 31.75 -56.27
CA UNK B 704 17.49 31.40 -54.87
C UNK B 704 16.57 32.43 -54.24
N UNK B 705 16.92 33.68 -54.47
CA UNK B 705 16.17 34.84 -53.96
C UNK B 705 14.73 34.78 -54.44
N UNK B 706 14.59 34.52 -55.74
CA UNK B 706 13.28 34.43 -56.39
C UNK B 706 12.44 33.34 -55.72
N UNK B 707 13.09 32.19 -55.51
CA UNK B 707 12.46 31.02 -54.90
C UNK B 707 11.94 31.40 -53.49
N UNK B 708 12.80 32.08 -52.76
CA UNK B 708 12.65 32.31 -51.35
C UNK B 708 11.42 33.13 -51.10
N UNK B 709 11.26 34.20 -51.86
CA UNK B 709 10.11 35.11 -51.72
C UNK B 709 8.81 34.34 -51.91
N UNK B 710 8.81 33.53 -52.97
CA UNK B 710 7.65 32.70 -53.32
C UNK B 710 7.28 31.78 -52.16
N UNK B 711 8.32 31.15 -51.61
CA UNK B 711 8.19 30.22 -50.49
C UNK B 711 7.55 30.93 -49.30
N UNK B 712 8.06 32.11 -49.03
CA UNK B 712 7.65 32.92 -47.89
C UNK B 712 6.20 33.40 -47.97
N UNK B 713 5.88 34.11 -49.04
CA UNK B 713 4.56 34.72 -49.23
C UNK B 713 3.52 33.66 -49.56
N UNK B 714 8.72 38.88 -57.36
CA UNK B 714 8.64 38.94 -58.81
C UNK B 714 8.85 40.37 -59.33
N UNK B 715 8.89 40.51 -60.65
CA UNK B 715 8.97 41.80 -61.34
C UNK B 715 10.30 42.54 -61.14
N UNK B 716 10.42 43.34 -60.07
CA UNK B 716 11.55 44.26 -59.92
C UNK B 716 12.81 43.57 -59.39
N UNK B 717 12.75 43.12 -58.14
CA UNK B 717 13.89 42.46 -57.45
C UNK B 717 15.08 43.40 -57.15
N UNK B 718 15.98 42.98 -56.22
CA UNK B 718 17.16 43.80 -55.90
C UNK B 718 18.21 43.86 -57.02
N UNK B 719 18.57 42.68 -57.54
CA UNK B 719 19.56 42.53 -58.65
C UNK B 719 21.02 42.92 -58.36
N UNK B 720 21.23 44.22 -58.22
CA UNK B 720 22.54 44.80 -57.99
C UNK B 720 23.18 44.19 -56.73
N UNK B 721 22.37 44.17 -55.70
CA UNK B 721 22.76 43.64 -54.38
C UNK B 721 23.19 42.18 -54.52
N UNK B 722 22.38 41.43 -55.24
CA UNK B 722 22.61 40.00 -55.50
C UNK B 722 23.96 39.81 -56.16
N UNK B 723 24.18 40.64 -57.19
CA UNK B 723 25.42 40.60 -57.97
C UNK B 723 26.62 40.83 -57.06
N UNK B 724 26.48 41.85 -56.22
CA UNK B 724 27.53 42.23 -55.27
C UNK B 724 27.86 41.07 -54.35
N UNK B 725 26.81 40.44 -53.85
CA UNK B 725 26.92 39.27 -52.97
C UNK B 725 27.77 38.18 -53.58
N UNK B 726 27.52 37.87 -54.84
CA UNK B 726 28.25 36.83 -55.56
C UNK B 726 29.76 37.14 -55.56
N UNK B 727 30.02 38.39 -55.89
CA UNK B 727 31.41 38.91 -55.96
C UNK B 727 32.09 38.75 -54.62
N UNK B 728 31.37 39.13 -53.59
CA UNK B 728 31.85 39.06 -52.20
C UNK B 728 32.22 37.62 -51.86
N UNK B 729 31.33 36.72 -52.21
CA UNK B 729 31.48 35.29 -51.95
C UNK B 729 32.77 34.79 -52.64
N UNK B 730 32.93 35.20 -53.89
CA UNK B 730 34.09 34.72 -54.63
C UNK B 730 35.37 35.28 -54.02
N UNK B 731 35.33 36.52 -53.57
CA UNK B 731 36.53 37.33 -53.33
C UNK B 731 37.04 37.19 -51.91
N UNK B 732 36.30 37.73 -50.95
CA UNK B 732 36.76 37.92 -49.57
C UNK B 732 37.74 36.85 -49.04
N UNK B 733 37.41 35.56 -49.22
CA UNK B 733 38.34 34.45 -49.05
C UNK B 733 39.75 34.58 -49.70
N UNK B 734 39.83 35.07 -50.95
CA UNK B 734 41.13 35.48 -51.53
C UNK B 734 41.81 36.55 -50.69
N UNK B 735 41.06 37.60 -50.41
CA UNK B 735 41.58 38.89 -49.97
C UNK B 735 42.34 38.79 -48.67
N UNK B 736 43.58 39.28 -48.67
CA UNK B 736 44.36 39.39 -47.43
C UNK B 736 43.84 40.50 -46.53
N UNK B 737 44.20 40.43 -45.26
CA UNK B 737 43.68 41.30 -44.20
C UNK B 737 43.60 42.77 -44.59
N UNK B 738 44.71 43.31 -45.13
CA UNK B 738 44.80 44.72 -45.48
C UNK B 738 43.93 45.17 -46.66
N UNK B 739 43.58 44.24 -47.54
CA UNK B 739 42.93 44.56 -48.80
C UNK B 739 41.42 44.49 -48.77
N UNK B 740 40.87 43.72 -47.82
CA UNK B 740 39.44 43.43 -47.78
C UNK B 740 38.66 44.74 -47.66
N UNK B 741 39.16 45.61 -46.73
CA UNK B 741 38.49 46.90 -46.51
C UNK B 741 38.48 47.73 -47.77
N UNK B 742 39.63 47.74 -48.45
CA UNK B 742 39.81 48.47 -49.70
C UNK B 742 38.79 48.00 -50.73
N UNK B 743 38.69 46.68 -50.83
CA UNK B 743 37.77 46.03 -51.77
C UNK B 743 36.33 46.48 -51.50
N UNK B 744 35.99 46.46 -50.22
CA UNK B 744 34.66 46.84 -49.75
C UNK B 744 34.36 48.27 -50.17
N UNK B 745 35.33 49.14 -49.94
CA UNK B 745 35.24 50.56 -50.27
C UNK B 745 34.97 50.74 -51.75
N UNK B 746 35.73 49.99 -52.55
CA UNK B 746 35.63 50.02 -54.01
C UNK B 746 34.22 49.65 -54.44
N UNK B 747 33.73 48.58 -53.83
CA UNK B 747 32.39 48.05 -54.10
C UNK B 747 31.34 49.12 -53.83
N UNK B 748 31.50 49.76 -52.68
CA UNK B 748 30.60 50.83 -52.23
C UNK B 748 30.57 51.96 -53.27
N UNK B 749 31.76 52.33 -53.69
CA UNK B 749 31.94 53.42 -54.66
C UNK B 749 31.21 53.07 -55.96
N UNK B 750 31.39 51.83 -56.40
CA UNK B 750 30.84 51.42 -57.68
C UNK B 750 29.31 51.36 -57.53
N UNK B 751 28.90 50.69 -56.45
CA UNK B 751 27.53 50.23 -56.25
C UNK B 751 27.00 50.76 -54.91
N UNK B 752 26.60 52.05 -54.89
CA UNK B 752 26.16 52.66 -53.64
C UNK B 752 24.85 52.07 -53.09
N UNK B 753 24.67 52.16 -51.77
CA UNK B 753 23.54 51.56 -51.08
C UNK B 753 23.66 50.04 -50.92
N UNK B 754 24.90 49.56 -50.86
CA UNK B 754 25.19 48.12 -50.75
C UNK B 754 26.45 47.99 -49.87
N UNK B 755 26.43 47.36 -48.68
CA UNK B 755 25.29 46.68 -48.03
C UNK B 755 24.79 45.41 -48.78
N UNK B 756 25.55 44.32 -48.95
CA UNK B 756 26.84 43.87 -48.32
C UNK B 756 26.84 42.34 -48.04
N UNK B 757 25.66 41.73 -48.08
CA UNK B 757 25.23 40.73 -47.08
C UNK B 757 26.23 39.65 -46.63
N UNK B 758 26.23 39.41 -45.31
CA UNK B 758 27.05 38.39 -44.67
C UNK B 758 26.21 37.16 -44.34
N UNK B 759 26.90 36.03 -44.15
CA UNK B 759 26.23 34.73 -43.97
C UNK B 759 25.73 34.47 -42.56
N UNK B 760 24.41 34.43 -42.40
CA UNK B 760 23.77 34.01 -41.15
C UNK B 760 23.46 32.51 -41.23
N UNK B 761 24.53 31.72 -41.18
CA UNK B 761 24.45 30.25 -41.34
C UNK B 761 24.32 29.66 -39.95
N UNK B 762 23.11 29.68 -39.39
CA UNK B 762 22.98 29.67 -37.92
C UNK B 762 23.07 28.24 -37.39
N UNK B 763 22.32 27.36 -38.03
CA UNK B 763 22.32 25.93 -37.72
C UNK B 763 23.72 25.35 -37.87
N UNK B 764 24.32 25.71 -39.00
CA UNK B 764 25.68 25.25 -39.35
C UNK B 764 26.65 25.71 -38.29
N UNK B 765 26.53 26.96 -37.90
CA UNK B 765 27.39 27.58 -36.88
C UNK B 765 27.28 26.79 -35.57
N UNK B 766 26.05 26.50 -35.21
CA UNK B 766 25.74 25.75 -33.99
C UNK B 766 26.43 24.38 -34.01
N UNK B 767 26.30 23.74 -35.16
CA UNK B 767 26.89 22.41 -35.39
C UNK B 767 28.40 22.47 -35.20
N UNK B 768 28.99 23.49 -35.79
CA UNK B 768 30.43 23.73 -35.72
C UNK B 768 30.88 23.87 -34.27
N UNK B 769 30.11 24.67 -33.55
CA UNK B 769 30.35 24.95 -32.12
C UNK B 769 30.35 23.64 -31.33
N UNK B 770 29.34 22.82 -31.61
CA UNK B 770 29.22 21.50 -30.98
C UNK B 770 30.47 20.66 -31.14
N UNK B 771 31.03 20.63 -32.35
CA UNK B 771 32.21 19.84 -32.64
C UNK B 771 33.46 20.46 -32.05
N UNK B 772 33.52 21.79 -31.97
CA UNK B 772 34.68 22.45 -31.42
C UNK B 772 34.92 22.06 -29.97
N UNK B 773 33.83 21.99 -29.21
CA UNK B 773 33.89 21.56 -27.81
C UNK B 773 34.48 20.15 -27.71
N UNK B 774 33.99 19.29 -28.58
CA UNK B 774 34.43 17.89 -28.67
C UNK B 774 35.94 17.83 -28.93
N UNK B 775 36.40 18.66 -29.87
CA UNK B 775 37.81 18.69 -30.32
C UNK B 775 38.72 19.72 -29.62
N UNK B 776 38.32 20.20 -28.44
CA UNK B 776 39.14 21.11 -27.62
C UNK B 776 39.53 22.44 -28.30
N UNK B 777 38.68 22.93 -29.20
CA UNK B 777 38.92 24.17 -29.94
C UNK B 777 38.06 25.33 -29.41
N UNK B 778 38.41 26.54 -29.85
CA UNK B 778 37.84 27.79 -29.34
C UNK B 778 36.83 28.42 -30.29
N UNK B 779 35.55 28.07 -30.12
CA UNK B 779 34.48 28.55 -30.99
C UNK B 779 34.14 30.00 -30.70
N UNK B 780 34.30 30.85 -31.72
CA UNK B 780 34.05 32.28 -31.61
C UNK B 780 32.69 32.66 -32.19
N UNK B 781 32.01 33.57 -31.51
CA UNK B 781 30.66 33.98 -31.88
C UNK B 781 30.66 34.86 -33.14
N UNK B 782 31.70 35.66 -33.30
CA UNK B 782 31.80 36.62 -34.42
C UNK B 782 32.68 37.82 -34.12
N UNK B 783 32.61 38.32 -32.89
CA UNK B 783 33.37 39.50 -32.48
C UNK B 783 33.86 39.37 -31.02
N UNK B 784 35.08 38.89 -30.77
CA UNK B 784 36.00 38.38 -31.79
C UNK B 784 37.16 37.55 -31.18
N UNK B 785 36.85 36.71 -30.19
CA UNK B 785 37.89 35.97 -29.46
C UNK B 785 38.53 34.86 -30.30
N UNK B 786 37.70 34.07 -30.98
CA UNK B 786 38.15 33.07 -31.97
C UNK B 786 37.23 33.07 -33.18
N UNK B 787 36.69 34.26 -33.48
CA UNK B 787 35.66 34.44 -34.46
C UNK B 787 36.19 34.41 -35.87
N UNK B 788 37.42 34.90 -36.06
CA UNK B 788 38.06 34.92 -37.37
C UNK B 788 38.13 33.50 -37.96
N UNK B 789 38.57 32.59 -37.10
CA UNK B 789 38.74 31.18 -37.47
C UNK B 789 37.37 30.61 -37.92
N UNK B 790 36.36 30.92 -37.14
CA UNK B 790 35.01 30.43 -37.45
C UNK B 790 34.53 30.96 -38.79
N UNK B 791 34.80 32.25 -39.02
CA UNK B 791 34.45 32.92 -40.27
C UNK B 791 35.12 32.24 -41.43
N UNK B 792 36.39 31.89 -41.27
CA UNK B 792 37.19 31.18 -42.26
C UNK B 792 36.48 29.89 -42.69
N UNK B 793 36.02 29.15 -41.68
CA UNK B 793 35.34 27.89 -41.91
C UNK B 793 34.09 28.10 -42.78
N UNK B 794 33.34 29.13 -42.41
CA UNK B 794 32.11 29.52 -43.11
C UNK B 794 32.42 29.82 -44.57
N UNK B 795 33.48 30.59 -44.77
CA UNK B 795 33.95 30.97 -46.11
C UNK B 795 34.24 29.73 -46.94
N UNK B 796 34.95 28.81 -46.31
CA UNK B 796 35.36 27.54 -46.92
C UNK B 796 34.11 26.77 -47.39
N UNK B 797 33.14 26.71 -46.48
CA UNK B 797 31.87 26.03 -46.72
C UNK B 797 31.17 26.61 -47.93
N UNK B 798 31.14 27.93 -47.95
CA UNK B 798 30.50 28.71 -49.03
C UNK B 798 31.15 28.35 -50.37
N UNK B 799 32.47 28.34 -50.34
CA UNK B 799 33.28 28.02 -51.52
C UNK B 799 32.98 26.64 -52.07
N UNK B 800 33.00 25.64 -51.17
CA UNK B 800 32.85 24.25 -51.57
C UNK B 800 31.53 24.01 -52.28
N UNK B 801 30.48 24.61 -51.73
CA UNK B 801 29.14 24.55 -52.29
C UNK B 801 29.09 24.93 -53.78
N UNK B 802 29.72 26.04 -54.15
CA UNK B 802 29.72 26.50 -55.55
C UNK B 802 30.88 25.93 -56.38
N UNK B 803 32.09 25.99 -55.83
CA UNK B 803 33.30 25.73 -56.59
C UNK B 803 33.71 24.28 -56.46
N UNK B 804 33.94 23.67 -57.62
CA UNK B 804 34.47 22.32 -57.70
C UNK B 804 35.82 22.17 -56.93
N UNK B 805 36.70 23.15 -57.07
CA UNK B 805 38.03 23.15 -56.44
C UNK B 805 38.43 24.45 -55.76
N UNK B 806 39.34 24.33 -54.79
CA UNK B 806 39.72 25.44 -53.94
C UNK B 806 41.04 25.21 -53.22
N UNK B 807 41.55 26.26 -52.59
CA UNK B 807 42.82 26.23 -51.87
C UNK B 807 42.75 27.04 -50.59
N UNK B 808 43.61 26.67 -49.64
CA UNK B 808 43.78 27.39 -48.38
C UNK B 808 45.26 27.70 -48.24
N UNK B 809 45.56 28.98 -48.34
CA UNK B 809 46.91 29.43 -48.56
C UNK B 809 47.42 30.12 -47.31
N UNK B 810 47.23 29.47 -46.17
CA UNK B 810 47.80 29.98 -44.92
C UNK B 810 49.30 29.74 -44.84
N UNK B 811 50.00 30.56 -44.06
CA UNK B 811 51.32 30.14 -43.61
C UNK B 811 51.20 28.99 -42.62
N UNK B 812 52.33 28.50 -42.14
CA UNK B 812 52.33 27.40 -41.19
C UNK B 812 51.69 27.86 -39.88
N UNK B 813 50.95 26.96 -39.25
CA UNK B 813 50.22 27.26 -38.02
C UNK B 813 49.22 28.39 -38.18
N UNK B 814 48.49 28.37 -39.28
CA UNK B 814 47.46 29.34 -39.56
C UNK B 814 46.10 28.72 -39.39
N UNK B 815 46.05 27.49 -38.91
CA UNK B 815 44.77 26.87 -38.59
C UNK B 815 43.98 26.35 -39.77
N UNK B 816 44.65 26.03 -40.87
CA UNK B 816 43.91 25.62 -42.08
C UNK B 816 43.53 24.18 -41.92
N UNK B 817 44.51 23.34 -41.64
CA UNK B 817 44.29 21.90 -41.63
C UNK B 817 43.06 21.60 -40.77
N UNK B 818 43.05 22.21 -39.58
CA UNK B 818 42.01 21.95 -38.59
C UNK B 818 40.67 22.37 -39.14
N UNK B 819 40.64 23.52 -39.81
CA UNK B 819 39.40 24.17 -40.22
C UNK B 819 38.58 23.24 -41.11
N UNK B 820 39.29 22.66 -42.08
CA UNK B 820 38.64 21.76 -43.04
C UNK B 820 38.04 20.56 -42.31
N UNK B 821 38.80 20.03 -41.36
CA UNK B 821 38.37 18.88 -40.56
C UNK B 821 37.09 19.22 -39.81
N UNK B 822 37.11 20.41 -39.21
CA UNK B 822 35.97 20.91 -38.43
C UNK B 822 34.72 20.99 -39.32
N UNK B 823 34.93 21.54 -40.51
CA UNK B 823 33.86 21.71 -41.50
C UNK B 823 33.26 20.35 -41.85
N UNK B 824 34.14 19.38 -42.07
CA UNK B 824 33.73 18.05 -42.48
C UNK B 824 32.72 17.43 -41.50
N UNK B 825 33.14 17.43 -40.23
CA UNK B 825 32.38 16.78 -39.16
C UNK B 825 31.04 17.44 -38.91
N UNK B 826 31.01 18.77 -39.09
CA UNK B 826 29.78 19.56 -38.98
C UNK B 826 28.84 19.23 -40.14
N UNK B 827 29.41 19.12 -41.33
CA UNK B 827 28.58 18.76 -42.49
C UNK B 827 27.99 17.40 -42.35
N UNK B 828 28.77 16.46 -41.80
CA UNK B 828 28.32 15.10 -41.51
C UNK B 828 27.09 15.15 -40.61
N UNK B 829 27.19 15.95 -39.56
CA UNK B 829 26.07 16.17 -38.63
C UNK B 829 24.80 16.77 -39.26
N UNK B 830 24.98 17.94 -39.86
CA UNK B 830 23.88 18.71 -40.40
C UNK B 830 23.06 17.94 -41.42
N UNK B 831 23.74 17.38 -42.41
CA UNK B 831 23.09 16.72 -43.54
C UNK B 831 22.86 15.22 -43.35
N UNK B 832 23.59 14.61 -42.41
CA UNK B 832 23.56 13.17 -42.24
C UNK B 832 24.29 12.43 -43.35
N UNK B 833 25.25 13.12 -43.98
CA UNK B 833 25.99 12.58 -45.12
C UNK B 833 27.44 12.38 -44.65
N UNK B 834 27.77 11.13 -44.32
CA UNK B 834 29.06 10.80 -43.71
C UNK B 834 30.25 11.18 -44.60
N UNK B 835 30.81 12.36 -44.35
CA UNK B 835 32.00 12.82 -45.05
C UNK B 835 33.24 12.04 -44.65
N UNK B 836 34.07 11.73 -45.64
CA UNK B 836 35.31 10.99 -45.42
C UNK B 836 36.39 11.57 -46.32
N UNK B 837 37.39 12.19 -45.70
CA UNK B 837 38.41 12.93 -46.43
C UNK B 837 39.68 12.12 -46.66
N UNK B 838 39.92 11.77 -47.92
CA UNK B 838 41.23 11.28 -48.36
C UNK B 838 42.20 12.45 -48.34
N UNK B 839 43.42 12.20 -47.86
CA UNK B 839 44.42 13.26 -47.77
C UNK B 839 45.81 12.79 -48.20
N UNK B 840 46.32 13.41 -49.26
CA UNK B 840 47.62 13.13 -49.87
C UNK B 840 48.56 14.30 -49.61
N UNK B 841 49.86 14.01 -49.72
CA UNK B 841 50.86 15.03 -50.04
C UNK B 841 51.73 14.52 -51.22
N UNK B 842 51.71 15.24 -52.36
CA UNK B 842 52.27 14.75 -53.59
C UNK B 842 53.70 15.21 -53.85
N UNK B 843 54.43 15.50 -52.80
CA UNK B 843 55.87 15.68 -52.88
C UNK B 843 56.62 14.50 -52.26
N UNK B 844 56.07 13.94 -51.18
CA UNK B 844 56.57 12.69 -50.62
C UNK B 844 56.79 11.68 -51.73
N UNK B 845 55.70 11.36 -52.42
CA UNK B 845 55.74 10.40 -53.51
C UNK B 845 56.15 11.09 -54.80
N UNK B 846 56.57 10.30 -55.78
CA UNK B 846 56.99 10.82 -57.09
C UNK B 846 55.78 11.28 -57.90
N UNK B 847 56.00 11.67 -59.16
CA UNK B 847 54.89 12.03 -60.03
C UNK B 847 54.16 10.75 -60.49
N UNK B 848 54.98 9.78 -60.91
CA UNK B 848 54.48 8.50 -61.41
C UNK B 848 53.65 7.81 -60.31
N UNK B 849 54.19 7.82 -59.10
CA UNK B 849 53.50 7.18 -57.99
C UNK B 849 52.18 7.85 -57.70
N UNK B 850 52.18 9.18 -57.76
CA UNK B 850 50.97 9.98 -57.57
C UNK B 850 49.91 9.59 -58.58
N UNK B 851 50.34 9.46 -59.85
CA UNK B 851 49.34 9.47 -60.97
C UNK B 851 49.12 8.15 -61.64
N UNK B 852 50.24 7.57 -62.07
CA UNK B 852 50.29 6.26 -62.68
C UNK B 852 51.36 6.25 -63.76
N UNK B 853 51.43 5.14 -64.46
CA UNK B 853 52.30 5.05 -65.61
C UNK B 853 51.86 3.96 -66.58
N UNK B 854 52.19 4.20 -67.84
CA UNK B 854 52.04 3.26 -68.92
C UNK B 854 53.46 2.80 -69.16
N UNK B 855 53.71 1.50 -68.96
CA UNK B 855 55.07 0.94 -69.07
C UNK B 855 55.51 0.93 -70.55
N UNK B 856 56.77 1.31 -70.85
CA UNK B 856 57.21 1.29 -72.26
C UNK B 856 57.22 -0.09 -72.92
N UNK B 857 57.61 -1.11 -72.15
CA UNK B 857 57.54 -2.52 -72.56
C UNK B 857 56.34 -3.18 -71.89
N UNK B 858 55.65 -4.06 -72.62
CA UNK B 858 54.40 -4.70 -72.17
C UNK B 858 53.40 -3.62 -71.73
N UNK B 859 52.90 -2.90 -72.73
CA UNK B 859 52.30 -1.59 -72.49
C UNK B 859 50.94 -1.66 -71.82
N UNK B 860 50.98 -1.76 -70.49
CA UNK B 860 49.81 -1.73 -69.61
C UNK B 860 49.88 -0.53 -68.65
N UNK B 861 48.72 0.06 -68.38
CA UNK B 861 48.61 1.18 -67.45
C UNK B 861 48.58 0.63 -66.03
N UNK B 862 49.15 1.40 -65.10
CA UNK B 862 48.86 1.17 -63.68
C UNK B 862 48.38 2.47 -63.08
N UNK B 863 47.68 2.39 -61.95
CA UNK B 863 47.26 3.60 -61.23
C UNK B 863 48.32 4.10 -60.26
N UNK B 864 48.28 5.42 -60.03
CA UNK B 864 49.03 6.05 -58.95
C UNK B 864 48.07 6.27 -57.79
N UNK B 865 48.46 7.08 -56.80
CA UNK B 865 47.68 7.17 -55.56
C UNK B 865 46.37 7.92 -55.83
N UNK B 866 46.54 9.08 -56.47
CA UNK B 866 45.39 10.00 -56.65
C UNK B 866 44.39 9.32 -57.58
N UNK B 867 44.93 8.87 -58.71
CA UNK B 867 44.13 8.29 -59.80
C UNK B 867 43.34 7.10 -59.29
N UNK B 868 44.02 6.25 -58.54
CA UNK B 868 43.43 5.04 -57.95
C UNK B 868 42.23 5.42 -57.08
N UNK B 869 42.48 6.42 -56.24
CA UNK B 869 41.48 6.93 -55.29
C UNK B 869 40.24 7.40 -56.06
N UNK B 870 40.50 8.15 -57.11
CA UNK B 870 39.45 8.71 -57.96
C UNK B 870 38.60 7.59 -58.56
N UNK B 871 39.32 6.59 -59.05
CA UNK B 871 38.75 5.43 -59.74
C UNK B 871 37.82 4.71 -58.81
N UNK B 872 38.28 4.50 -57.56
CA UNK B 872 37.46 3.79 -56.56
C UNK B 872 36.15 4.52 -56.34
N UNK B 873 36.26 5.84 -56.21
CA UNK B 873 35.10 6.72 -55.99
C UNK B 873 34.11 6.57 -57.13
N UNK B 874 34.66 6.60 -58.34
CA UNK B 874 33.88 6.49 -59.58
C UNK B 874 33.11 5.16 -59.58
N UNK B 875 33.82 4.11 -59.22
CA UNK B 875 33.25 2.77 -59.26
C UNK B 875 32.12 2.67 -58.22
N UNK B 876 32.34 3.19 -57.01
CA UNK B 876 31.34 3.18 -55.93
C UNK B 876 30.86 1.78 -55.56
N UNK B 877 31.81 0.87 -55.37
CA UNK B 877 31.48 -0.50 -54.99
C UNK B 877 30.82 -0.50 -53.62
N UNK B 878 31.53 0.05 -52.63
CA UNK B 878 31.10 0.00 -51.22
C UNK B 878 30.38 1.27 -50.76
N UNK B 879 29.85 2.05 -51.70
CA UNK B 879 28.98 3.20 -51.41
C UNK B 879 29.73 4.51 -51.23
N UNK B 880 30.45 4.93 -52.26
CA UNK B 880 31.23 6.17 -52.26
C UNK B 880 30.50 7.31 -52.97
N UNK B 881 29.80 6.98 -54.04
CA UNK B 881 28.90 7.91 -54.74
C UNK B 881 27.68 8.26 -53.86
N UNK B 882 27.38 7.40 -52.90
CA UNK B 882 26.44 7.70 -51.82
C UNK B 882 26.95 8.90 -50.98
N UNK B 883 28.16 8.76 -50.46
CA UNK B 883 28.71 9.67 -49.43
C UNK B 883 29.37 10.93 -50.00
N UNK B 884 29.71 11.85 -49.07
CA UNK B 884 30.59 12.99 -49.36
C UNK B 884 32.02 12.48 -49.43
N UNK B 885 32.81 13.05 -50.33
CA UNK B 885 34.15 12.55 -50.65
C UNK B 885 35.13 13.69 -50.96
N UNK B 886 36.04 13.95 -50.03
CA UNK B 886 36.98 15.05 -50.18
C UNK B 886 38.39 14.51 -50.44
N UNK B 887 39.05 15.03 -51.46
CA UNK B 887 40.49 14.83 -51.66
C UNK B 887 41.11 16.16 -51.26
N UNK B 888 42.14 16.14 -50.42
CA UNK B 888 42.86 17.36 -50.08
C UNK B 888 44.35 17.14 -50.21
N UNK B 889 45.04 18.11 -50.79
CA UNK B 889 46.49 18.03 -50.95
C UNK B 889 47.17 18.85 -49.87
N UNK B 890 47.75 18.16 -48.89
CA UNK B 890 48.38 18.82 -47.74
C UNK B 890 49.89 18.84 -47.98
N UNK B 891 50.28 19.51 -49.06
CA UNK B 891 51.68 19.56 -49.45
C UNK B 891 51.99 20.82 -50.23
N UNK B 892 52.79 20.67 -51.29
CA UNK B 892 53.37 21.79 -52.02
C UNK B 892 52.87 21.83 -53.46
N UNK B 893 52.66 23.03 -53.97
CA UNK B 893 52.09 23.21 -55.29
C UNK B 893 53.14 23.80 -56.23
N UNK B 894 53.64 22.95 -57.12
CA UNK B 894 54.54 23.35 -58.19
C UNK B 894 53.79 23.28 -59.52
N UNK B 895 54.50 23.40 -60.65
CA UNK B 895 53.83 23.02 -61.90
C UNK B 895 53.85 21.51 -62.15
N UNK B 896 54.99 20.87 -61.91
CA UNK B 896 55.22 19.45 -62.27
C UNK B 896 54.07 18.48 -62.08
N UNK B 897 53.33 18.58 -60.96
CA UNK B 897 52.26 17.64 -60.64
C UNK B 897 50.84 18.18 -60.70
N UNK B 898 50.63 19.46 -60.42
CA UNK B 898 49.27 20.04 -60.48
C UNK B 898 48.80 20.25 -61.92
N UNK B 899 49.73 20.53 -62.81
CA UNK B 899 49.37 20.77 -64.18
C UNK B 899 48.73 19.58 -64.90
N UNK B 900 48.82 18.38 -64.35
CA UNK B 900 47.92 17.28 -64.75
C UNK B 900 46.48 17.63 -64.38
N UNK B 901 46.33 18.03 -63.12
CA UNK B 901 45.03 18.26 -62.51
C UNK B 901 44.28 19.48 -63.00
N UNK B 902 44.88 20.29 -63.87
CA UNK B 902 44.22 21.48 -64.35
C UNK B 902 42.94 21.14 -65.10
N UNK B 903 43.01 20.10 -65.92
CA UNK B 903 41.86 19.60 -66.67
C UNK B 903 40.72 19.23 -65.72
N UNK B 904 41.11 18.50 -64.69
CA UNK B 904 40.18 18.02 -63.66
C UNK B 904 39.47 19.22 -63.00
N UNK B 905 40.28 20.21 -62.67
CA UNK B 905 39.80 21.41 -61.98
C UNK B 905 38.75 22.12 -62.82
N UNK B 906 39.01 22.31 -64.12
CA UNK B 906 38.09 23.03 -65.02
C UNK B 906 36.70 22.39 -65.11
N UNK B 907 35.73 23.19 -65.54
CA UNK B 907 34.36 22.73 -65.84
C UNK B 907 34.25 21.46 -66.70
N UNK B 908 35.29 21.09 -67.43
CA UNK B 908 35.36 19.77 -68.08
C UNK B 908 35.21 18.61 -67.09
N UNK B 909 35.79 18.76 -65.89
CA UNK B 909 35.68 17.79 -64.79
C UNK B 909 36.16 16.41 -65.21
N UNK B 910 37.28 16.41 -65.93
CA UNK B 910 37.76 15.24 -66.63
C UNK B 910 39.19 14.96 -66.19
N UNK B 911 39.43 13.76 -65.68
CA UNK B 911 40.80 13.34 -65.36
C UNK B 911 41.29 12.55 -66.56
N UNK B 912 42.45 12.92 -67.06
CA UNK B 912 42.97 12.35 -68.30
C UNK B 912 44.29 11.66 -68.09
N UNK B 913 44.46 10.52 -68.73
CA UNK B 913 45.68 9.72 -68.59
C UNK B 913 46.21 9.37 -69.98
N UNK B 914 47.49 8.98 -70.09
CA UNK B 914 48.07 8.67 -71.40
C UNK B 914 47.45 7.47 -72.06
N UNK B 915 47.24 6.42 -71.27
CA UNK B 915 46.30 5.35 -71.57
C UNK B 915 45.30 5.71 -72.67
N UNK B 916 44.60 6.83 -72.47
CA UNK B 916 43.48 7.25 -73.30
C UNK B 916 42.22 7.11 -72.48
N UNK B 917 42.15 6.02 -71.71
CA UNK B 917 41.16 5.82 -70.66
C UNK B 917 40.99 7.08 -69.82
N UNK B 918 39.73 7.45 -69.59
CA UNK B 918 39.41 8.74 -69.03
C UNK B 918 38.36 8.68 -67.91
N UNK B 919 38.83 8.84 -66.67
CA UNK B 919 37.97 8.99 -65.51
C UNK B 919 37.28 10.34 -65.58
N UNK B 920 35.94 10.30 -65.50
CA UNK B 920 35.14 11.48 -65.22
C UNK B 920 35.41 11.88 -63.77
N UNK B 921 34.67 12.87 -63.29
CA UNK B 921 34.74 13.27 -61.90
C UNK B 921 33.31 13.39 -61.40
N UNK B 922 32.96 12.72 -60.29
CA UNK B 922 31.58 12.80 -59.82
C UNK B 922 31.30 14.09 -59.05
N UNK B 923 30.03 14.36 -58.71
CA UNK B 923 29.70 15.55 -57.92
C UNK B 923 30.01 15.43 -56.43
N UNK B 924 30.30 14.22 -55.95
CA UNK B 924 30.70 13.98 -54.56
C UNK B 924 32.09 14.52 -54.28
N UNK B 925 32.98 14.38 -55.27
CA UNK B 925 34.38 14.73 -55.11
C UNK B 925 34.58 16.23 -55.05
N UNK B 926 35.35 16.66 -54.06
CA UNK B 926 35.98 17.97 -54.08
C UNK B 926 37.48 17.75 -53.97
N UNK B 927 38.24 18.69 -54.54
CA UNK B 927 39.68 18.64 -54.55
C UNK B 927 40.20 19.93 -53.92
N UNK B 928 40.67 19.83 -52.68
CA UNK B 928 41.23 20.98 -51.98
C UNK B 928 42.75 20.94 -51.97
N UNK B 929 43.35 22.10 -51.71
CA UNK B 929 44.79 22.21 -51.52
C UNK B 929 45.03 22.99 -50.25
N UNK B 930 45.57 22.30 -49.25
CA UNK B 930 45.99 22.93 -48.02
C UNK B 930 47.46 23.27 -48.22
N UNK B 931 47.76 24.57 -48.29
CA UNK B 931 49.05 24.99 -48.88
C UNK B 931 49.70 26.17 -48.18
N UNK B 932 51.03 26.10 -48.06
CA UNK B 932 51.84 27.12 -47.41
C UNK B 932 51.83 28.42 -48.18
N UNK B 933 52.22 28.36 -49.45
CA UNK B 933 52.23 29.53 -50.34
C UNK B 933 52.41 29.11 -51.80
N UNK B 934 51.92 29.96 -52.70
CA UNK B 934 51.95 29.72 -54.13
C UNK B 934 52.99 30.60 -54.81
N UNK B 935 54.24 30.47 -54.36
CA UNK B 935 55.36 31.16 -54.99
C UNK B 935 55.50 30.69 -56.44
N UNK B 936 55.73 29.39 -56.59
CA UNK B 936 56.09 28.81 -57.87
C UNK B 936 54.91 28.26 -58.65
N UNK B 937 53.69 28.44 -58.13
CA UNK B 937 52.48 28.05 -58.83
C UNK B 937 52.16 29.06 -59.93
N UNK B 938 52.11 28.58 -61.17
CA UNK B 938 51.64 29.39 -62.29
C UNK B 938 50.15 29.69 -62.19
N UNK B 939 49.70 30.71 -62.89
CA UNK B 939 48.30 31.13 -62.85
C UNK B 939 47.35 30.11 -63.45
N UNK B 940 47.81 29.39 -64.46
CA UNK B 940 47.02 28.32 -65.08
C UNK B 940 46.54 27.27 -64.07
N UNK B 941 47.34 27.03 -63.03
CA UNK B 941 46.93 26.21 -61.89
C UNK B 941 45.92 26.98 -61.03
N UNK B 942 46.31 28.16 -60.56
CA UNK B 942 45.59 28.83 -59.48
C UNK B 942 44.21 29.38 -59.86
N UNK B 943 44.01 29.66 -61.16
CA UNK B 943 42.77 30.29 -61.63
C UNK B 943 41.55 29.38 -61.52
N UNK B 944 41.74 28.08 -61.70
CA UNK B 944 40.65 27.11 -61.62
C UNK B 944 40.10 26.87 -60.21
N UNK B 945 40.91 27.13 -59.18
CA UNK B 945 40.52 26.91 -57.78
C UNK B 945 40.08 28.22 -57.09
N UNK B 946 39.04 28.12 -56.24
CA UNK B 946 38.68 29.23 -55.33
C UNK B 946 39.74 29.32 -54.24
N UNK B 947 39.80 30.42 -53.49
CA UNK B 947 40.87 30.56 -52.47
C UNK B 947 40.27 30.90 -51.12
N UNK B 948 41.00 30.58 -50.05
CA UNK B 948 40.57 30.92 -48.68
C UNK B 948 41.78 31.34 -47.85
N UNK B 949 41.94 32.63 -47.61
CA UNK B 949 43.15 33.14 -46.99
C UNK B 949 43.15 32.98 -45.47
N UNK B 950 43.93 32.02 -44.98
CA UNK B 950 44.22 31.92 -43.55
C UNK B 950 45.40 32.84 -43.23
N UNK B 951 45.12 34.03 -42.70
CA UNK B 951 46.19 34.92 -42.21
C UNK B 951 46.72 34.41 -40.88
N UNK B 952 48.02 34.61 -40.66
CA UNK B 952 48.70 34.19 -39.43
C UNK B 952 47.99 34.67 -38.15
N UNK B 953 47.39 35.86 -38.24
CA UNK B 953 46.59 36.43 -37.14
C UNK B 953 45.22 35.76 -36.87
N UNK B 954 44.77 34.87 -37.76
CA UNK B 954 43.47 34.21 -37.60
C UNK B 954 43.51 33.31 -36.36
N UNK B 955 44.46 32.40 -36.35
CA UNK B 955 44.79 31.65 -35.15
C UNK B 955 45.59 32.61 -34.29
N UNK B 956 45.05 32.96 -33.13
CA UNK B 956 45.57 34.07 -32.32
C UNK B 956 46.95 33.81 -31.72
N UNK B 957 47.01 32.72 -30.97
CA UNK B 957 48.02 32.37 -29.91
C UNK B 957 47.27 31.99 -28.63
N UNK B 958 46.33 32.87 -28.28
CA UNK B 958 45.44 32.65 -27.12
C UNK B 958 44.65 31.37 -27.33
N UNK B 959 44.13 31.21 -28.55
CA UNK B 959 43.34 30.03 -28.91
C UNK B 959 44.16 28.76 -28.71
N UNK B 960 45.39 28.83 -29.18
CA UNK B 960 46.34 27.71 -29.10
C UNK B 960 46.55 27.33 -27.63
N UNK B 961 46.77 28.37 -26.83
CA UNK B 961 47.00 28.21 -25.39
C UNK B 961 45.82 27.50 -24.74
N UNK B 962 44.64 27.97 -25.10
CA UNK B 962 43.37 27.42 -24.59
C UNK B 962 43.28 25.94 -24.91
N UNK B 963 43.59 25.63 -26.16
CA UNK B 963 43.56 24.26 -26.67
C UNK B 963 44.49 23.37 -25.85
N UNK B 964 45.68 23.89 -25.62
CA UNK B 964 46.72 23.19 -24.86
C UNK B 964 46.21 22.88 -23.45
N UNK B 965 45.61 23.90 -22.86
CA UNK B 965 45.10 23.90 -21.49
C UNK B 965 43.98 22.91 -21.40
N UNK B 966 43.03 23.01 -22.35
CA UNK B 966 41.88 22.08 -22.42
C UNK B 966 42.39 20.66 -22.56
N UNK B 967 43.37 20.47 -23.43
CA UNK B 967 43.96 19.16 -23.67
C UNK B 967 44.52 18.57 -22.37
N UNK B 968 45.26 19.43 -21.69
CA UNK B 968 45.91 19.08 -20.42
C UNK B 968 44.87 18.63 -19.40
N UNK B 969 43.77 19.40 -19.33
CA UNK B 969 42.68 19.13 -18.42
C UNK B 969 41.99 17.79 -18.71
N UNK B 970 42.07 17.25 -19.92
CA UNK B 970 41.40 15.99 -20.24
C UNK B 970 42.01 15.22 -21.43
N UNK B 971 43.25 14.74 -21.28
CA UNK B 971 43.78 13.72 -22.20
C UNK B 971 43.12 12.36 -21.86
N UNK B 972 43.35 11.76 -20.68
CA UNK B 972 44.34 12.14 -19.67
C UNK B 972 45.66 11.43 -19.93
N UNK B 973 46.77 12.06 -19.53
CA UNK B 973 48.11 11.77 -20.06
C UNK B 973 48.39 10.30 -20.36
N UNK B 974 48.23 9.43 -19.37
CA UNK B 974 48.50 8.00 -19.52
C UNK B 974 47.42 7.32 -20.37
N UNK B 975 47.84 6.62 -21.42
CA UNK B 975 46.92 5.92 -22.32
C UNK B 975 46.36 4.67 -21.64
N UNK B 976 37.22 12.07 -9.94
CA UNK B 976 38.21 11.90 -10.99
C UNK B 976 38.56 10.42 -11.17
N UNK B 977 38.86 10.04 -12.42
CA UNK B 977 39.22 8.66 -12.75
C UNK B 977 40.66 8.35 -12.34
N UNK B 978 41.60 9.19 -12.80
CA UNK B 978 43.02 9.00 -12.57
C UNK B 978 43.60 10.07 -11.62
N UNK B 979 44.64 9.71 -10.83
CA UNK B 979 45.41 10.69 -10.09
C UNK B 979 46.21 11.56 -11.01
N UNK B 980 46.72 11.01 -12.11
CA UNK B 980 47.48 11.76 -13.10
C UNK B 980 46.66 12.91 -13.64
N UNK B 981 45.41 12.59 -13.98
CA UNK B 981 44.46 13.57 -14.51
C UNK B 981 44.27 14.73 -13.52
N UNK B 982 44.08 14.34 -12.27
CA UNK B 982 43.89 15.29 -11.16
C UNK B 982 45.09 16.24 -11.08
N UNK B 983 46.26 15.64 -11.14
CA UNK B 983 47.53 16.36 -11.07
C UNK B 983 47.60 17.40 -12.19
N UNK B 984 47.26 16.93 -13.38
CA UNK B 984 47.25 17.77 -14.59
C UNK B 984 46.35 18.97 -14.40
N UNK B 985 45.16 18.69 -13.88
CA UNK B 985 44.13 19.70 -13.61
C UNK B 985 44.68 20.76 -12.66
N UNK B 986 45.32 20.27 -11.61
CA UNK B 986 45.92 21.12 -10.58
C UNK B 986 46.96 22.07 -11.21
N UNK B 987 47.78 21.47 -12.05
CA UNK B 987 48.84 22.19 -12.76
C UNK B 987 48.25 23.31 -13.60
N UNK B 988 47.18 22.96 -14.32
CA UNK B 988 46.66 23.85 -15.37
C UNK B 988 46.18 25.14 -14.75
N UNK B 989 45.45 25.02 -13.65
CA UNK B 989 44.88 26.17 -12.94
C UNK B 989 46.01 27.12 -12.52
N UNK B 990 47.06 26.52 -11.95
CA UNK B 990 48.18 27.32 -11.47
C UNK B 990 48.87 28.02 -12.62
N UNK B 991 49.02 27.31 -13.74
CA UNK B 991 49.61 27.88 -14.95
C UNK B 991 48.80 29.08 -15.43
N UNK B 992 47.48 28.88 -15.49
CA UNK B 992 46.56 29.70 -16.31
C UNK B 992 46.73 31.24 -16.30
N UNK B 993 47.02 31.86 -15.13
CA UNK B 993 47.36 33.30 -15.09
C UNK B 993 48.50 33.73 -16.02
N UNK B 994 49.47 32.85 -16.27
CA UNK B 994 50.64 33.19 -17.08
C UNK B 994 50.34 33.28 -18.58
N UNK B 995 49.58 32.32 -19.10
CA UNK B 995 49.33 32.22 -20.54
C UNK B 995 48.45 33.33 -21.11
N UNK B 996 47.39 33.67 -20.36
CA UNK B 996 46.29 34.45 -20.92
C UNK B 996 46.65 35.89 -21.32
N UNK B 997 46.05 36.33 -22.44
CA UNK B 997 46.13 37.70 -22.94
C UNK B 997 47.57 38.19 -23.19
N UNK B 998 48.07 39.12 -22.38
CA UNK B 998 49.45 39.60 -22.50
C UNK B 998 50.34 38.74 -21.61
N UNK B 999 49.97 38.66 -20.33
CA UNK B 999 50.57 37.73 -19.36
C UNK B 999 52.09 37.61 -19.35
N UNK B 1000 52.56 36.39 -19.15
CA UNK B 1000 54.00 36.07 -19.12
C UNK B 1000 54.48 35.54 -20.46
N UNK B 1001 53.87 34.45 -20.92
CA UNK B 1001 54.44 33.68 -22.03
C UNK B 1001 54.37 34.40 -23.36
N UNK B 1002 53.19 34.97 -23.66
CA UNK B 1002 53.00 35.78 -24.85
C UNK B 1002 53.96 36.96 -24.86
N UNK B 1003 54.04 37.61 -23.70
CA UNK B 1003 54.93 38.76 -23.50
C UNK B 1003 56.37 38.37 -23.79
N UNK B 1004 56.75 37.24 -23.24
CA UNK B 1004 58.10 36.68 -23.39
C UNK B 1004 58.42 36.48 -24.88
N UNK B 1005 57.45 35.89 -25.55
CA UNK B 1005 57.60 35.52 -26.96
C UNK B 1005 58.02 36.65 -27.86
N UNK B 1006 57.34 37.79 -27.74
CA UNK B 1006 57.55 38.90 -28.69
C UNK B 1006 59.01 39.38 -28.78
N UNK B 1007 59.77 39.25 -27.69
CA UNK B 1007 61.19 39.57 -27.67
C UNK B 1007 62.08 38.41 -28.14
N UNK B 1008 61.64 37.17 -27.93
CA UNK B 1008 62.35 35.99 -28.44
C UNK B 1008 62.57 36.05 -29.96
N UNK B 1009 61.55 36.52 -30.68
CA UNK B 1009 61.62 36.70 -32.13
C UNK B 1009 62.71 37.68 -32.57
N UNK B 1010 63.00 38.68 -31.74
CA UNK B 1010 64.06 39.66 -32.03
C UNK B 1010 65.46 39.05 -31.99
N UNK B 1011 65.65 38.03 -31.17
CA UNK B 1011 66.93 37.32 -31.11
C UNK B 1011 67.14 36.45 -32.34
N UNK B 1012 68.40 36.16 -32.65
CA UNK B 1012 68.76 35.31 -33.78
C UNK B 1012 68.97 33.86 -33.32
N UNK B 1013 68.39 32.95 -34.08
CA UNK B 1013 68.49 31.52 -33.82
C UNK B 1013 69.22 30.88 -35.00
N UNK B 1014 69.18 29.56 -35.07
CA UNK B 1014 69.63 28.83 -36.24
C UNK B 1014 68.44 28.73 -37.20
N UNK B 1015 67.37 28.09 -36.75
CA UNK B 1015 66.21 27.81 -37.59
C UNK B 1015 65.26 29.00 -37.44
N UNK B 1016 64.63 29.43 -38.54
CA UNK B 1016 63.75 30.61 -38.51
C UNK B 1016 62.58 30.39 -37.54
N UNK B 1017 62.30 31.39 -36.71
CA UNK B 1017 61.38 31.24 -35.58
C UNK B 1017 59.92 31.38 -36.03
N UNK B 1018 59.08 30.49 -35.50
CA UNK B 1018 57.62 30.64 -35.60
C UNK B 1018 56.94 30.01 -34.38
N UNK B 1019 55.86 30.65 -33.94
CA UNK B 1019 55.08 30.27 -32.73
C UNK B 1019 55.13 28.80 -32.37
N UNK B 1020 54.72 27.98 -33.33
CA UNK B 1020 54.40 26.58 -33.07
C UNK B 1020 55.61 25.74 -32.71
N UNK B 1021 56.80 26.12 -33.16
CA UNK B 1021 58.02 25.41 -32.75
C UNK B 1021 58.25 25.56 -31.25
N UNK B 1022 58.30 26.81 -30.81
CA UNK B 1022 58.53 27.15 -29.40
C UNK B 1022 57.40 26.62 -28.51
N UNK B 1023 56.16 26.97 -28.85
CA UNK B 1023 54.99 26.46 -28.14
C UNK B 1023 54.94 24.94 -28.19
N UNK B 1024 55.42 24.36 -29.30
CA UNK B 1024 55.60 22.92 -29.43
C UNK B 1024 56.54 22.29 -28.42
N UNK B 1025 57.60 23.01 -28.06
CA UNK B 1025 58.54 22.53 -27.08
C UNK B 1025 58.00 22.80 -25.67
N UNK B 1026 57.54 24.04 -25.49
CA UNK B 1026 57.08 24.53 -24.20
C UNK B 1026 55.96 23.64 -23.66
N UNK B 1027 55.01 23.38 -24.54
CA UNK B 1027 53.84 22.56 -24.21
C UNK B 1027 54.29 21.18 -23.77
N UNK B 1028 55.23 20.62 -24.53
CA UNK B 1028 55.78 19.29 -24.25
C UNK B 1028 56.40 19.26 -22.85
N UNK B 1029 57.17 20.29 -22.58
CA UNK B 1029 57.86 20.45 -21.29
C UNK B 1029 56.84 20.45 -20.15
N UNK B 1030 55.79 21.24 -20.37
CA UNK B 1030 54.71 21.39 -19.39
C UNK B 1030 54.06 20.04 -19.11
N UNK B 1031 53.81 19.30 -20.18
CA UNK B 1031 53.20 17.98 -20.12
C UNK B 1031 54.06 17.05 -19.28
N UNK B 1032 55.36 17.09 -19.56
CA UNK B 1032 56.36 16.27 -18.87
C UNK B 1032 56.57 16.62 -17.41
N UNK B 1033 56.28 17.87 -17.05
CA UNK B 1033 56.22 18.33 -15.68
C UNK B 1033 55.22 17.47 -14.88
N UNK B 1034 54.05 17.28 -15.49
CA UNK B 1034 52.98 16.49 -14.89
C UNK B 1034 53.46 15.07 -14.61
N UNK B 1035 54.13 14.51 -15.61
CA UNK B 1035 54.67 13.16 -15.54
C UNK B 1035 55.64 13.04 -14.37
N UNK B 1036 56.51 14.04 -14.27
CA UNK B 1036 57.52 14.12 -13.21
C UNK B 1036 56.85 14.10 -11.84
N UNK B 1037 55.81 14.93 -11.75
CA UNK B 1037 55.02 15.07 -10.52
C UNK B 1037 54.43 13.72 -10.10
N UNK B 1038 53.87 13.05 -11.11
CA UNK B 1038 53.25 11.73 -10.92
C UNK B 1038 54.28 10.74 -10.37
N UNK B 1039 55.44 10.77 -10.99
CA UNK B 1039 56.57 9.90 -10.63
C UNK B 1039 56.99 10.15 -9.22
N UNK B 1040 57.03 11.40 -8.80
CA UNK B 1040 57.37 11.82 -7.45
C UNK B 1040 56.44 11.12 -6.44
N UNK B 1041 55.15 11.15 -6.77
CA UNK B 1041 54.13 10.53 -5.92
C UNK B 1041 54.42 9.04 -5.74
N UNK B 1042 54.72 8.41 -6.85
CA UNK B 1042 55.04 6.97 -6.91
C UNK B 1042 56.23 6.66 -6.00
N UNK B 1043 57.24 7.51 -6.14
CA UNK B 1043 58.47 7.39 -5.35
C UNK B 1043 58.16 7.45 -3.85
N UNK B 1044 57.35 8.44 -3.47
CA UNK B 1044 56.97 8.69 -2.08
C UNK B 1044 55.50 8.32 -1.84
N UNK B 1045 55.16 7.01 -1.81
CA UNK B 1045 53.75 6.58 -1.82
C UNK B 1045 52.89 7.09 -0.64
N UNK B 1046 53.52 7.26 0.52
CA UNK B 1046 52.81 7.77 1.71
C UNK B 1046 52.44 9.24 1.58
N UNK B 1047 53.40 10.06 1.14
CA UNK B 1047 53.22 11.51 1.01
C UNK B 1047 52.97 11.91 -0.44
N UNK B 1048 51.70 12.24 -0.79
CA UNK B 1048 51.46 12.83 -2.10
C UNK B 1048 51.93 14.28 -2.17
N UNK B 1049 52.06 14.81 -3.38
CA UNK B 1049 52.60 16.15 -3.60
C UNK B 1049 51.68 17.22 -3.01
N UNK B 1050 52.26 18.05 -2.14
CA UNK B 1050 51.54 19.19 -1.55
C UNK B 1050 51.33 20.26 -2.61
N UNK B 1051 50.19 20.94 -2.55
CA UNK B 1051 49.78 21.86 -3.59
C UNK B 1051 50.65 23.09 -3.61
N UNK B 1052 51.08 23.56 -2.43
CA UNK B 1052 51.95 24.72 -2.34
C UNK B 1052 53.25 24.50 -3.11
N UNK B 1053 53.81 23.30 -2.90
CA UNK B 1053 55.05 22.90 -3.57
C UNK B 1053 54.89 22.97 -5.09
N UNK B 1054 53.77 22.41 -5.53
CA UNK B 1054 53.42 22.36 -6.96
C UNK B 1054 53.36 23.77 -7.53
N UNK B 1055 52.69 24.64 -6.78
CA UNK B 1055 52.51 26.05 -7.15
C UNK B 1055 53.86 26.71 -7.32
N UNK B 1056 54.74 26.46 -6.35
CA UNK B 1056 56.12 26.99 -6.42
C UNK B 1056 56.99 26.30 -7.50
N UNK B 1057 57.03 24.96 -7.44
CA UNK B 1057 57.75 24.11 -8.43
C UNK B 1057 57.45 24.46 -9.88
N UNK B 1058 56.17 24.52 -10.24
CA UNK B 1058 55.77 24.76 -11.61
C UNK B 1058 56.00 26.20 -12.06
N UNK B 1059 55.86 27.18 -11.18
CA UNK B 1059 56.18 28.57 -11.56
C UNK B 1059 57.71 28.87 -11.61
N UNK B 1060 58.53 27.86 -11.32
CA UNK B 1060 59.95 27.83 -11.64
C UNK B 1060 60.16 26.98 -12.90
N UNK B 1061 59.51 25.82 -12.91
CA UNK B 1061 59.62 24.86 -14.00
C UNK B 1061 59.21 25.50 -15.32
N UNK B 1062 58.10 26.21 -15.27
CA UNK B 1062 57.55 26.91 -16.44
C UNK B 1062 58.58 27.90 -16.99
N UNK B 1063 59.16 28.65 -16.07
CA UNK B 1063 60.18 29.67 -16.38
C UNK B 1063 61.36 29.01 -17.09
N UNK B 1064 61.79 27.89 -16.52
CA UNK B 1064 62.92 27.12 -17.02
C UNK B 1064 62.63 26.69 -18.48
N UNK B 1065 61.41 26.19 -18.67
CA UNK B 1065 61.01 25.52 -19.89
C UNK B 1065 60.82 26.53 -21.02
N UNK B 1066 60.26 27.70 -20.70
CA UNK B 1066 60.06 28.71 -21.73
C UNK B 1066 61.39 29.16 -22.32
N UNK B 1067 62.38 29.33 -21.44
CA UNK B 1067 63.69 29.80 -21.84
C UNK B 1067 64.31 28.81 -22.84
N UNK B 1068 64.19 27.53 -22.53
CA UNK B 1068 64.80 26.51 -23.37
C UNK B 1068 64.10 26.48 -24.72
N UNK B 1069 62.76 26.47 -24.65
CA UNK B 1069 61.94 26.42 -25.87
C UNK B 1069 62.23 27.60 -26.77
N UNK B 1070 62.27 28.77 -26.16
CA UNK B 1070 62.41 30.01 -26.88
C UNK B 1070 63.85 30.33 -27.27
N UNK B 1071 64.83 29.80 -26.52
CA UNK B 1071 66.25 30.11 -26.80
C UNK B 1071 67.25 28.92 -26.87
N UNK B 1072 66.74 27.69 -26.89
CA UNK B 1072 67.58 26.51 -27.12
C UNK B 1072 68.01 26.40 -28.57
N UNK B 1073 67.30 27.10 -29.45
CA UNK B 1073 67.66 27.22 -30.86
C UNK B 1073 68.88 28.13 -31.04
N UNK B 1074 69.07 29.07 -30.11
CA UNK B 1074 70.00 30.19 -30.29
C UNK B 1074 71.35 30.00 -29.59
N UNK B 1075 72.25 30.95 -29.85
CA UNK B 1075 73.58 30.99 -29.23
C UNK B 1075 73.48 31.24 -27.73
N UNK B 1076 74.58 31.08 -27.02
CA UNK B 1076 74.58 31.12 -25.56
C UNK B 1076 74.27 32.53 -25.08
N UNK B 1077 74.93 33.50 -25.71
CA UNK B 1077 74.78 34.91 -25.37
C UNK B 1077 73.30 35.32 -25.55
N UNK B 1078 72.73 34.90 -26.66
CA UNK B 1078 71.36 35.29 -26.95
C UNK B 1078 70.41 34.65 -25.92
N UNK B 1079 70.68 33.40 -25.54
CA UNK B 1079 69.84 32.78 -24.52
C UNK B 1079 69.95 33.49 -23.20
N UNK B 1080 71.15 33.92 -22.85
CA UNK B 1080 71.40 34.71 -21.63
C UNK B 1080 70.57 35.98 -21.65
N UNK B 1081 70.61 36.64 -22.79
CA UNK B 1081 69.87 37.89 -23.02
C UNK B 1081 68.38 37.67 -22.79
N UNK B 1082 67.89 36.58 -23.38
CA UNK B 1082 66.49 36.19 -23.27
C UNK B 1082 66.09 36.01 -21.82
N UNK B 1083 66.95 35.30 -21.11
CA UNK B 1083 66.76 35.00 -19.67
C UNK B 1083 66.64 36.30 -18.90
N UNK B 1084 67.56 37.20 -19.19
CA UNK B 1084 67.62 38.52 -18.54
C UNK B 1084 66.31 39.27 -18.76
N UNK B 1085 65.86 39.24 -20.00
CA UNK B 1085 64.61 39.89 -20.42
C UNK B 1085 63.44 39.35 -19.61
N UNK B 1086 63.41 38.03 -19.51
CA UNK B 1086 62.36 37.30 -18.78
C UNK B 1086 62.33 37.76 -17.33
N UNK B 1087 63.52 37.82 -16.75
CA UNK B 1087 63.71 38.24 -15.36
C UNK B 1087 63.14 39.64 -15.14
N UNK B 1088 63.50 40.52 -16.08
CA UNK B 1088 63.06 41.91 -16.06
C UNK B 1088 61.54 42.00 -16.07
N UNK B 1089 60.95 41.20 -16.96
CA UNK B 1089 59.50 41.12 -17.13
C UNK B 1089 58.83 40.71 -15.82
N UNK B 1090 59.30 39.59 -15.27
CA UNK B 1090 58.45 38.74 -14.46
C UNK B 1090 58.32 39.16 -13.00
N UNK B 1091 57.09 39.13 -12.51
CA UNK B 1091 56.78 39.24 -11.09
C UNK B 1091 56.70 37.86 -10.41
N UNK B 1092 57.07 36.80 -11.13
CA UNK B 1092 57.16 35.44 -10.58
C UNK B 1092 58.11 35.40 -9.37
N UNK B 1093 57.81 34.54 -8.38
CA UNK B 1093 58.25 34.80 -7.00
C UNK B 1093 59.75 34.81 -6.68
N UNK B 1094 60.62 34.32 -7.57
CA UNK B 1094 62.07 34.32 -7.30
C UNK B 1094 62.94 34.65 -8.52
N UNK B 1095 64.05 35.39 -8.28
CA UNK B 1095 65.28 35.32 -9.05
C UNK B 1095 66.41 34.67 -8.24
N UNK B 1096 67.42 34.12 -8.91
CA UNK B 1096 68.54 33.44 -8.25
C UNK B 1096 69.59 34.47 -7.79
N UNK B 1097 70.84 34.05 -7.56
CA UNK B 1097 71.96 34.97 -7.34
C UNK B 1097 72.17 35.85 -8.59
N UNK B 1098 72.52 37.14 -8.41
CA UNK B 1098 72.32 38.13 -9.47
C UNK B 1098 73.21 38.01 -10.73
N UNK B 1099 74.47 37.64 -10.55
CA UNK B 1099 75.45 37.66 -11.64
C UNK B 1099 75.29 36.54 -12.69
N UNK B 1100 75.05 35.31 -12.21
CA UNK B 1100 75.01 34.12 -13.08
C UNK B 1100 73.66 34.06 -13.81
N UNK B 1101 73.63 33.58 -15.08
CA UNK B 1101 72.35 33.44 -15.80
C UNK B 1101 71.38 32.39 -15.23
N UNK B 1102 70.23 32.25 -15.91
CA UNK B 1102 69.12 31.42 -15.43
C UNK B 1102 69.37 29.95 -15.76
N UNK B 1103 69.66 29.71 -17.04
CA UNK B 1103 69.90 28.37 -17.59
C UNK B 1103 71.00 27.56 -16.90
N UNK B 1104 71.90 28.22 -16.16
CA UNK B 1104 72.91 27.53 -15.36
C UNK B 1104 72.34 26.84 -14.11
N UNK B 1105 71.09 27.16 -13.74
CA UNK B 1105 70.40 26.47 -12.66
C UNK B 1105 69.32 25.52 -13.17
N UNK B 1106 69.50 24.23 -12.88
CA UNK B 1106 68.45 23.22 -13.08
C UNK B 1106 67.32 23.47 -12.09
N UNK B 1107 66.09 23.53 -12.59
CA UNK B 1107 64.94 23.59 -11.69
C UNK B 1107 64.79 22.24 -10.97
N UNK B 1108 64.64 22.31 -9.64
CA UNK B 1108 64.67 21.12 -8.79
C UNK B 1108 63.32 20.41 -8.77
N UNK B 1109 63.29 19.27 -8.08
CA UNK B 1109 62.04 18.55 -7.82
C UNK B 1109 61.24 19.30 -6.74
N UNK B 1110 61.93 19.85 -5.75
CA UNK B 1110 61.33 20.72 -4.73
C UNK B 1110 61.58 22.17 -5.12
N UNK B 1111 60.49 22.93 -5.33
CA UNK B 1111 60.49 24.17 -6.13
C UNK B 1111 61.44 25.31 -5.81
N UNK B 1112 62.74 25.05 -5.95
CA UNK B 1112 63.80 26.05 -5.82
C UNK B 1112 64.99 25.53 -6.62
N UNK B 1113 65.46 26.31 -7.59
CA UNK B 1113 66.40 25.80 -8.59
C UNK B 1113 67.76 25.49 -7.97
N UNK B 1114 68.30 24.30 -8.28
CA UNK B 1114 69.68 23.92 -7.94
C UNK B 1114 70.61 24.39 -9.06
N UNK B 1115 71.92 24.59 -8.77
CA UNK B 1115 72.87 24.80 -9.86
C UNK B 1115 73.16 23.54 -10.67
N UNK B 1116 73.33 23.67 -11.98
CA UNK B 1116 73.67 22.52 -12.84
C UNK B 1116 75.07 21.99 -12.50
N UNK B 1117 76.05 22.88 -12.60
CA UNK B 1117 77.48 22.53 -12.55
C UNK B 1117 77.93 21.61 -11.42
N UNK B 1118 77.22 21.64 -10.29
CA UNK B 1118 77.50 20.74 -9.16
C UNK B 1118 76.83 19.35 -9.27
N UNK B 1119 76.42 18.95 -10.46
CA UNK B 1119 75.73 17.67 -10.67
C UNK B 1119 76.45 16.82 -11.71
N UNK B 1120 77.73 16.53 -11.46
CA UNK B 1120 78.51 15.67 -12.38
C UNK B 1120 79.65 14.81 -11.71
N UNK B 1121 80.78 15.34 -11.23
CA UNK B 1121 81.38 16.63 -11.57
C UNK B 1121 82.90 16.58 -11.85
N UNK B 1122 83.58 15.48 -11.50
CA UNK B 1122 85.05 15.46 -11.44
C UNK B 1122 85.69 14.12 -11.85
N UNK B 1123 86.67 14.22 -12.76
CA UNK B 1123 87.71 13.20 -13.01
C UNK B 1123 87.46 11.75 -12.53
N UNK B 1124 86.44 11.12 -13.10
CA UNK B 1124 86.19 9.68 -12.92
C UNK B 1124 86.36 8.98 -14.26
N UNK B 1125 87.21 7.96 -14.30
CA UNK B 1125 87.60 7.30 -15.55
C UNK B 1125 88.31 5.96 -15.27
N UNK B 1126 88.25 5.05 -16.24
CA UNK B 1126 89.08 3.84 -16.24
C UNK B 1126 90.03 3.88 -17.44
N UNK B 1127 91.26 3.43 -17.23
CA UNK B 1127 92.31 3.57 -18.25
C UNK B 1127 92.17 2.66 -19.48
N UNK B 1128 91.31 1.63 -19.40
CA UNK B 1128 91.02 0.77 -20.55
C UNK B 1128 90.33 1.56 -21.65
N UNK B 1129 89.18 2.15 -21.31
CA UNK B 1129 88.50 3.09 -22.19
C UNK B 1129 89.05 4.49 -21.91
N UNK B 1130 90.25 4.74 -22.42
CA UNK B 1130 90.95 6.01 -22.20
C UNK B 1130 90.18 7.19 -22.82
N UNK B 1131 89.62 6.98 -24.00
CA UNK B 1131 88.82 7.99 -24.71
C UNK B 1131 88.03 7.31 -25.82
N UNK B 1132 87.21 6.33 -25.41
CA UNK B 1132 86.48 5.47 -26.33
C UNK B 1132 85.26 6.18 -26.94
N UNK B 1133 84.63 5.59 -27.97
CA UNK B 1133 83.42 6.19 -28.54
C UNK B 1133 82.20 6.22 -27.61
N UNK B 1134 82.09 5.23 -26.73
CA UNK B 1134 80.99 5.16 -25.76
C UNK B 1134 81.20 6.16 -24.61
N UNK B 1135 82.43 6.25 -24.12
CA UNK B 1135 82.75 7.06 -22.93
C UNK B 1135 82.37 8.51 -23.09
N UNK B 1136 81.53 8.99 -22.18
CA UNK B 1136 81.04 10.35 -22.21
C UNK B 1136 81.98 11.22 -21.40
N UNK B 1137 82.00 12.49 -21.77
CA UNK B 1137 82.68 13.54 -21.01
C UNK B 1137 81.90 13.80 -19.71
N UNK B 1138 82.28 14.83 -18.94
CA UNK B 1138 81.42 15.31 -17.85
C UNK B 1138 80.58 16.55 -18.14
N UNK B 1139 81.21 17.56 -18.72
CA UNK B 1139 80.86 19.00 -18.52
C UNK B 1139 79.40 19.46 -18.38
N UNK B 1140 79.26 20.61 -17.69
CA UNK B 1140 78.02 21.38 -17.56
C UNK B 1140 77.10 21.32 -18.77
N UNK B 1141 77.64 21.67 -19.94
CA UNK B 1141 76.86 21.72 -21.18
C UNK B 1141 76.33 20.37 -21.66
N UNK B 1142 76.97 19.27 -21.24
CA UNK B 1142 76.46 17.94 -21.54
C UNK B 1142 75.10 17.72 -20.90
N UNK B 1143 75.04 17.87 -19.59
CA UNK B 1143 73.84 17.55 -18.81
C UNK B 1143 72.66 18.50 -19.03
N UNK B 1144 72.95 19.76 -19.36
CA UNK B 1144 71.90 20.73 -19.70
C UNK B 1144 71.10 20.30 -20.92
N UNK B 1145 71.81 19.78 -21.93
CA UNK B 1145 71.19 19.34 -23.18
C UNK B 1145 70.64 17.95 -23.05
N UNK B 1146 71.40 17.08 -22.37
CA UNK B 1146 71.06 15.68 -22.22
C UNK B 1146 69.68 15.53 -21.56
N UNK B 1147 69.52 16.29 -20.48
CA UNK B 1147 68.28 16.28 -19.70
C UNK B 1147 67.11 16.74 -20.57
N UNK B 1148 67.38 17.83 -21.29
CA UNK B 1148 66.39 18.44 -22.20
C UNK B 1148 65.95 17.42 -23.24
N UNK B 1149 66.96 16.74 -23.80
CA UNK B 1149 66.72 15.72 -24.83
C UNK B 1149 65.82 14.62 -24.30
N UNK B 1150 66.15 14.18 -23.09
CA UNK B 1150 65.40 13.12 -22.38
C UNK B 1150 63.95 13.53 -22.23
N UNK B 1151 63.77 14.78 -21.80
CA UNK B 1151 62.44 15.36 -21.58
C UNK B 1151 61.60 15.27 -22.84
N UNK B 1152 62.19 15.61 -23.98
CA UNK B 1152 61.53 15.40 -25.27
C UNK B 1152 61.21 13.92 -25.60
N UNK B 1153 62.25 13.09 -25.52
CA UNK B 1153 62.18 11.76 -26.13
C UNK B 1153 61.13 10.92 -25.46
N UNK B 1154 61.06 10.96 -24.13
CA UNK B 1154 60.01 10.28 -23.37
C UNK B 1154 58.60 10.46 -23.95
N UNK B 1155 58.34 11.64 -24.49
CA UNK B 1155 57.05 11.96 -25.12
C UNK B 1155 56.94 11.48 -26.56
N UNK B 1156 58.03 10.91 -27.09
CA UNK B 1156 58.13 10.43 -28.46
C UNK B 1156 57.88 11.54 -29.48
N UNK B 1157 58.26 12.77 -29.11
CA UNK B 1157 58.19 13.89 -30.03
C UNK B 1157 59.41 13.85 -30.95
N UNK B 1158 59.28 14.46 -32.13
CA UNK B 1158 60.47 14.68 -32.95
C UNK B 1158 61.35 15.79 -32.38
N UNK B 1159 62.64 15.76 -32.67
CA UNK B 1159 63.53 16.87 -32.37
C UNK B 1159 64.67 16.95 -33.37
N UNK B 1160 65.29 18.11 -33.42
CA UNK B 1160 66.45 18.29 -34.29
C UNK B 1160 67.65 18.79 -33.48
N UNK B 1161 68.83 18.22 -33.75
CA UNK B 1161 70.05 18.63 -33.07
C UNK B 1161 70.99 19.30 -34.05
N UNK B 1162 70.66 20.53 -34.43
CA UNK B 1162 71.54 21.27 -35.30
C UNK B 1162 72.80 21.69 -34.56
N UNK B 1163 73.96 21.42 -35.16
CA UNK B 1163 75.22 21.81 -34.54
C UNK B 1163 76.41 21.57 -35.45
N UNK B 1164 77.39 22.49 -35.43
CA UNK B 1164 78.51 22.36 -36.35
C UNK B 1164 79.33 21.10 -36.06
N UNK B 1165 79.85 20.44 -37.11
CA UNK B 1165 80.43 19.09 -36.98
C UNK B 1165 81.39 19.00 -35.82
N UNK B 1166 81.17 18.02 -34.95
CA UNK B 1166 81.95 17.86 -33.73
C UNK B 1166 81.51 18.93 -32.73
N UNK B 1167 80.29 18.78 -32.23
CA UNK B 1167 79.77 19.67 -31.19
C UNK B 1167 79.08 18.84 -30.11
N UNK B 1168 79.44 17.57 -30.03
CA UNK B 1168 78.72 16.57 -29.25
C UNK B 1168 77.26 16.33 -29.59
N UNK B 1169 76.78 16.75 -30.77
CA UNK B 1169 75.33 16.68 -31.06
C UNK B 1169 74.83 15.26 -31.28
N UNK B 1170 75.73 14.34 -31.62
CA UNK B 1170 75.40 12.93 -31.65
C UNK B 1170 75.62 12.34 -30.27
N UNK B 1171 76.78 12.66 -29.69
CA UNK B 1171 77.22 12.10 -28.42
C UNK B 1171 76.20 12.37 -27.33
N UNK B 1172 75.77 13.62 -27.30
CA UNK B 1172 74.79 14.10 -26.31
C UNK B 1172 73.50 13.28 -26.42
N UNK B 1173 73.07 13.11 -27.67
CA UNK B 1173 71.85 12.38 -27.99
C UNK B 1173 71.96 10.94 -27.47
N UNK B 1174 73.11 10.34 -27.75
CA UNK B 1174 73.35 8.96 -27.32
C UNK B 1174 73.31 8.84 -25.82
N UNK B 1175 73.91 9.81 -25.14
CA UNK B 1175 73.92 9.88 -23.68
C UNK B 1175 72.49 9.91 -23.14
N UNK B 1176 71.70 10.77 -23.77
CA UNK B 1176 70.29 10.96 -23.41
C UNK B 1176 69.53 9.62 -23.53
N UNK B 1177 69.78 8.97 -24.65
CA UNK B 1177 69.16 7.69 -25.00
C UNK B 1177 69.36 6.65 -23.93
N UNK B 1178 70.60 6.43 -23.48
CA UNK B 1178 70.92 5.25 -22.65
C UNK B 1178 70.10 5.13 -21.34
N UNK B 1179 69.62 6.25 -20.82
CA UNK B 1179 68.68 6.25 -19.68
C UNK B 1179 67.27 5.76 -20.05
N UNK B 1180 66.86 5.94 -21.31
CA UNK B 1180 65.62 5.35 -21.84
C UNK B 1180 65.91 3.93 -22.34
N UNK B 1181 65.48 2.89 -21.60
CA UNK B 1181 65.77 1.53 -22.07
C UNK B 1181 64.82 1.01 -23.16
N UNK B 1182 63.74 1.75 -23.44
CA UNK B 1182 62.74 1.36 -24.45
C UNK B 1182 63.12 1.82 -25.86
N UNK B 1183 64.14 2.67 -25.99
CA UNK B 1183 64.56 3.23 -27.28
C UNK B 1183 65.66 2.39 -27.91
N UNK B 1184 65.44 2.03 -29.16
CA UNK B 1184 66.41 1.34 -29.99
C UNK B 1184 66.73 2.32 -31.12
N UNK B 1185 68.01 2.68 -31.25
CA UNK B 1185 68.42 3.68 -32.24
C UNK B 1185 68.69 3.03 -33.58
N UNK B 1186 68.39 3.76 -34.66
CA UNK B 1186 68.82 3.38 -36.00
C UNK B 1186 69.44 4.60 -36.68
N UNK B 1187 70.62 4.39 -37.26
CA UNK B 1187 71.34 5.45 -37.94
C UNK B 1187 70.98 5.56 -39.41
N UNK B 1188 70.88 6.79 -39.91
CA UNK B 1188 70.79 7.07 -41.35
C UNK B 1188 71.69 8.24 -41.70
N UNK B 1189 72.22 8.22 -42.92
CA UNK B 1189 73.00 9.34 -43.45
C UNK B 1189 72.43 9.80 -44.77
N UNK B 1190 71.86 11.00 -44.75
CA UNK B 1190 71.21 11.57 -45.92
C UNK B 1190 72.29 12.21 -46.79
N UNK B 1191 71.92 12.47 -48.04
CA UNK B 1191 72.87 12.85 -49.07
C UNK B 1191 72.20 13.84 -50.03
N UNK B 1192 72.87 14.17 -51.11
CA UNK B 1192 72.19 14.76 -52.27
C UNK B 1192 71.15 13.79 -52.80
N UNK B 1193 71.52 12.51 -52.85
CA UNK B 1193 70.71 11.46 -53.46
C UNK B 1193 69.77 10.75 -52.48
N UNK B 1194 69.17 11.51 -51.58
CA UNK B 1194 68.21 10.95 -50.66
C UNK B 1194 66.84 10.93 -51.32
N UNK B 1195 66.03 9.97 -50.90
CA UNK B 1195 64.63 9.86 -51.31
C UNK B 1195 63.92 8.95 -50.30
N UNK B 1196 62.59 9.08 -50.15
CA UNK B 1196 61.94 8.22 -49.16
C UNK B 1196 62.11 6.72 -49.37
N UNK B 1197 62.75 6.33 -50.48
CA UNK B 1197 63.08 4.95 -50.71
C UNK B 1197 63.98 4.40 -49.61
N UNK B 1198 64.96 5.22 -49.21
CA UNK B 1198 65.94 4.83 -48.21
C UNK B 1198 65.24 4.50 -46.89
N UNK B 1199 64.35 5.42 -46.51
CA UNK B 1199 63.57 5.28 -45.26
C UNK B 1199 62.74 4.01 -45.31
N UNK B 1200 62.11 3.80 -46.46
CA UNK B 1200 61.26 2.62 -46.68
C UNK B 1200 62.07 1.35 -46.49
N UNK B 1201 63.26 1.35 -47.10
CA UNK B 1201 64.20 0.23 -47.03
C UNK B 1201 64.54 -0.09 -45.58
N UNK B 1202 64.85 0.99 -44.85
CA UNK B 1202 65.22 0.90 -43.44
C UNK B 1202 64.09 0.25 -42.64
N UNK B 1203 62.87 0.70 -42.92
CA UNK B 1203 61.69 0.18 -42.22
C UNK B 1203 61.55 -1.30 -42.48
N UNK B 1204 61.75 -1.71 -43.72
CA UNK B 1204 61.68 -3.14 -44.06
C UNK B 1204 62.66 -4.04 -43.31
N UNK B 1205 63.78 -3.52 -42.81
CA UNK B 1205 64.68 -4.31 -41.98
C UNK B 1205 64.26 -4.35 -40.51
N UNK B 1206 63.96 -3.17 -39.96
CA UNK B 1206 63.65 -3.01 -38.53
C UNK B 1206 62.16 -3.12 -38.16
N UNK B 1207 61.26 -3.23 -39.14
CA UNK B 1207 59.82 -3.26 -38.86
C UNK B 1207 59.06 -4.20 -39.80
N UNK B 1208 57.77 -4.38 -39.53
CA UNK B 1208 56.87 -5.22 -40.33
C UNK B 1208 55.55 -4.50 -40.61
N UNK B 1209 54.91 -4.83 -41.74
CA UNK B 1209 53.60 -4.29 -42.07
C UNK B 1209 52.51 -5.23 -41.54
N UNK B 1210 52.03 -4.95 -40.33
CA UNK B 1210 50.99 -5.76 -39.69
C UNK B 1210 49.61 -5.25 -40.14
N UNK B 1211 48.75 -6.15 -40.57
CA UNK B 1211 47.40 -5.79 -41.02
C UNK B 1211 46.41 -5.90 -39.86
N UNK B 1212 45.54 -4.89 -39.73
CA UNK B 1212 44.56 -4.78 -38.63
C UNK B 1212 43.17 -4.46 -39.20
N UNK B 1213 42.13 -4.38 -38.33
CA UNK B 1213 40.81 -3.97 -38.81
C UNK B 1213 40.72 -2.53 -39.31
N UNK B 1214 41.46 -1.62 -38.66
CA UNK B 1214 41.42 -0.19 -39.00
C UNK B 1214 42.12 0.09 -40.33
N UNK B 1215 43.36 -0.37 -40.43
CA UNK B 1215 44.14 -0.30 -41.67
C UNK B 1215 45.34 -1.20 -41.58
N UNK B 1216 46.52 -0.68 -41.96
CA UNK B 1216 47.79 -1.36 -41.75
C UNK B 1216 48.58 -0.58 -40.72
N UNK B 1217 49.39 -1.26 -39.93
CA UNK B 1217 50.36 -0.59 -39.07
C UNK B 1217 51.77 -1.06 -39.41
N UNK B 1218 52.65 -0.08 -39.63
CA UNK B 1218 54.08 -0.33 -39.73
C UNK B 1218 54.63 -0.14 -38.34
N UNK B 1219 55.28 -1.17 -37.81
CA UNK B 1219 55.74 -1.14 -36.44
C UNK B 1219 56.91 -2.09 -36.20
N UNK B 1220 57.76 -1.78 -35.19
CA UNK B 1220 58.98 -2.56 -35.03
C UNK B 1220 58.74 -3.98 -34.53
N UNK B 1221 59.71 -4.84 -34.84
CA UNK B 1221 59.61 -6.26 -34.55
C UNK B 1221 59.89 -6.51 -33.07
N UNK B 1222 60.86 -5.80 -32.52
CA UNK B 1222 61.08 -5.78 -31.07
C UNK B 1222 59.81 -5.26 -30.39
N UNK B 1223 59.23 -6.10 -29.53
CA UNK B 1223 58.00 -5.73 -28.81
C UNK B 1223 58.32 -4.87 -27.60
N UNK B 1224 57.44 -3.91 -27.30
CA UNK B 1224 57.64 -2.97 -26.21
C UNK B 1224 58.86 -2.09 -26.37
N UNK B 1225 59.16 -1.71 -27.62
CA UNK B 1225 60.32 -0.89 -27.96
C UNK B 1225 59.97 0.15 -29.01
N UNK B 1226 60.45 1.37 -28.81
CA UNK B 1226 60.30 2.45 -29.78
C UNK B 1226 61.55 2.57 -30.63
N UNK B 1227 61.37 2.45 -31.94
CA UNK B 1227 62.44 2.67 -32.88
C UNK B 1227 62.69 4.18 -32.97
N UNK B 1228 63.96 4.58 -32.85
CA UNK B 1228 64.34 5.99 -32.97
C UNK B 1228 65.22 6.17 -34.19
N UNK B 1229 64.72 6.92 -35.16
CA UNK B 1229 65.43 7.15 -36.41
C UNK B 1229 66.31 8.41 -36.31
N UNK B 1230 67.62 8.16 -36.27
CA UNK B 1230 68.62 9.20 -36.16
C UNK B 1230 69.12 9.50 -37.56
N UNK B 1231 68.62 10.61 -38.09
CA UNK B 1231 68.93 11.00 -39.44
C UNK B 1231 70.03 12.05 -39.35
N UNK B 1232 71.22 11.67 -39.83
CA UNK B 1232 72.45 12.41 -39.53
C UNK B 1232 72.52 13.80 -40.17
N UNK B 1233 72.04 13.95 -41.41
CA UNK B 1233 72.22 15.22 -42.13
C UNK B 1233 70.92 15.72 -42.74
N UNK B 1234 69.83 15.66 -41.98
CA UNK B 1234 68.48 15.87 -42.53
C UNK B 1234 68.31 17.04 -43.50
N UNK B 1235 69.10 18.09 -43.33
CA UNK B 1235 68.98 19.27 -44.18
C UNK B 1235 69.90 19.29 -45.44
N UNK B 1236 70.50 18.15 -45.76
CA UNK B 1236 71.28 17.95 -47.01
C UNK B 1236 70.57 17.64 -48.34
N UNK B 1237 69.47 16.84 -48.32
CA UNK B 1237 68.79 16.36 -49.53
C UNK B 1237 68.48 17.42 -50.55
N UNK B 1238 68.80 17.15 -51.81
CA UNK B 1238 68.68 18.19 -52.83
C UNK B 1238 67.24 18.66 -52.97
N UNK B 1239 67.11 19.96 -53.21
CA UNK B 1239 65.80 20.57 -53.38
C UNK B 1239 65.34 20.38 -54.81
N UNK B 1240 64.02 20.24 -54.95
CA UNK B 1240 63.34 20.38 -56.24
C UNK B 1240 63.66 21.76 -56.77
N UNK B 1241 63.54 21.92 -58.08
CA UNK B 1241 63.75 23.20 -58.72
C UNK B 1241 62.80 24.31 -58.23
N UNK B 1242 61.68 23.94 -57.59
CA UNK B 1242 60.66 24.90 -57.16
C UNK B 1242 59.64 24.38 -56.12
N UNK B 1243 60.01 24.19 -54.85
CA UNK B 1243 61.37 24.31 -54.31
C UNK B 1243 61.37 23.59 -52.97
N UNK B 1244 61.56 22.27 -53.00
CA UNK B 1244 61.05 21.36 -51.97
C UNK B 1244 61.83 20.05 -51.85
N UNK B 1245 62.30 19.74 -50.63
CA UNK B 1245 62.99 18.48 -50.31
C UNK B 1245 61.98 17.35 -50.14
N UNK B 1246 62.24 16.19 -50.76
CA UNK B 1246 61.21 15.16 -50.82
C UNK B 1246 61.20 14.37 -49.52
N UNK B 1247 62.39 14.03 -49.04
CA UNK B 1247 62.49 13.24 -47.81
C UNK B 1247 61.91 14.00 -46.64
N UNK B 1248 62.19 15.30 -46.58
CA UNK B 1248 61.66 16.16 -45.52
C UNK B 1248 60.14 16.14 -45.54
N UNK B 1249 59.60 16.27 -46.75
CA UNK B 1249 58.15 16.26 -46.98
C UNK B 1249 57.54 14.96 -46.45
N UNK B 1250 58.20 13.86 -46.80
CA UNK B 1250 57.78 12.52 -46.41
C UNK B 1250 57.73 12.43 -44.87
N UNK B 1251 58.79 12.93 -44.26
CA UNK B 1251 58.81 12.84 -42.79
C UNK B 1251 57.76 13.70 -42.15
N UNK B 1252 57.49 14.85 -42.74
CA UNK B 1252 56.40 15.73 -42.28
C UNK B 1252 55.08 15.00 -42.34
N UNK B 1253 54.86 14.32 -43.46
CA UNK B 1253 53.64 13.53 -43.70
C UNK B 1253 53.47 12.48 -42.60
N UNK B 1254 54.56 11.80 -42.29
CA UNK B 1254 54.59 10.77 -41.27
C UNK B 1254 54.24 11.32 -39.91
N UNK B 1255 54.81 12.49 -39.61
CA UNK B 1255 54.67 13.14 -38.31
C UNK B 1255 53.30 13.76 -38.05
N UNK B 1256 52.84 14.62 -38.97
CA UNK B 1256 51.52 15.24 -38.85
C UNK B 1256 50.42 14.20 -38.96
N UNK B 1257 50.47 13.38 -40.00
CA UNK B 1257 49.37 12.45 -40.28
C UNK B 1257 49.56 11.06 -39.69
N UNK B 1258 50.70 10.79 -39.05
CA UNK B 1258 50.93 9.48 -38.41
C UNK B 1258 51.14 8.34 -39.39
N UNK B 1259 51.54 8.67 -40.62
CA UNK B 1259 51.71 7.65 -41.65
C UNK B 1259 52.01 8.14 -43.04
N UNK B 1260 52.02 7.20 -43.98
CA UNK B 1260 52.33 7.46 -45.39
C UNK B 1260 51.53 6.49 -46.24
N UNK B 1261 51.75 6.51 -47.55
CA UNK B 1261 51.18 5.50 -48.43
C UNK B 1261 52.26 4.55 -48.93
N UNK B 1262 52.06 3.25 -48.72
CA UNK B 1262 52.90 2.23 -49.34
C UNK B 1262 52.46 2.15 -50.79
N UNK B 1263 53.41 2.33 -51.70
CA UNK B 1263 53.07 2.59 -53.10
C UNK B 1263 52.56 1.36 -53.88
N UNK B 1264 53.05 0.18 -53.49
CA UNK B 1264 52.62 -1.08 -54.13
C UNK B 1264 51.10 -1.21 -54.30
N UNK B 1265 50.36 -0.87 -53.26
CA UNK B 1265 48.92 -1.10 -53.18
C UNK B 1265 48.05 0.16 -53.06
N UNK B 1266 48.68 1.34 -53.07
CA UNK B 1266 48.00 2.61 -52.81
C UNK B 1266 47.11 2.49 -51.57
N UNK B 1267 47.78 2.35 -50.41
CA UNK B 1267 47.11 2.07 -49.14
C UNK B 1267 47.77 2.83 -48.01
N UNK B 1268 46.96 3.31 -47.07
CA UNK B 1268 47.47 4.08 -45.94
C UNK B 1268 48.08 3.18 -44.90
N UNK B 1269 49.30 3.49 -44.50
CA UNK B 1269 50.01 2.75 -43.48
C UNK B 1269 50.08 3.64 -42.26
N UNK B 1270 49.54 3.17 -41.15
CA UNK B 1270 49.59 3.89 -39.89
C UNK B 1270 50.92 3.54 -39.21
N UNK B 1271 51.51 4.48 -38.48
CA UNK B 1271 52.75 4.23 -37.73
C UNK B 1271 52.46 4.02 -36.27
N UNK B 1272 53.15 3.05 -35.67
CA UNK B 1272 52.91 2.66 -34.28
C UNK B 1272 53.98 3.22 -33.34
N UNK B 1273 55.21 2.78 -33.52
CA UNK B 1273 56.29 3.09 -32.58
C UNK B 1273 57.56 3.53 -33.33
N UNK B 1274 57.60 4.81 -33.67
CA UNK B 1274 58.76 5.39 -34.32
C UNK B 1274 58.93 6.83 -33.85
N UNK B 1275 60.18 7.24 -33.62
CA UNK B 1275 60.52 8.65 -33.48
C UNK B 1275 61.39 9.11 -34.65
N UNK B 1276 61.61 10.42 -34.70
CA UNK B 1276 62.64 11.01 -35.56
C UNK B 1276 63.52 11.93 -34.73
N UNK B 1277 64.83 11.82 -34.93
CA UNK B 1277 65.77 12.70 -34.25
C UNK B 1277 66.87 13.12 -35.20
N UNK B 1278 66.51 14.09 -36.05
CA UNK B 1278 67.41 14.62 -37.05
C UNK B 1278 68.57 15.38 -36.46
N UNK B 1279 69.77 14.82 -36.59
CA UNK B 1279 70.97 15.62 -36.43
C UNK B 1279 71.07 16.45 -37.68
N UNK B 1280 71.76 17.56 -37.60
CA UNK B 1280 72.16 18.30 -38.79
C UNK B 1280 73.16 19.38 -38.41
N UNK B 1281 73.69 20.03 -39.42
CA UNK B 1281 74.52 21.18 -39.24
C UNK B 1281 73.68 22.41 -39.53
N UNK B 1282 74.26 23.61 -39.32
CA UNK B 1282 73.51 24.81 -39.64
C UNK B 1282 73.25 24.99 -41.13
N UNK B 1283 72.15 25.68 -41.49
CA UNK B 1283 71.84 25.95 -42.89
C UNK B 1283 72.80 26.91 -43.57
N UNK B 1284 73.56 27.66 -42.79
CA UNK B 1284 74.57 28.56 -43.31
C UNK B 1284 75.82 27.85 -43.85
N UNK B 1285 76.01 26.59 -43.46
CA UNK B 1285 77.11 25.78 -43.98
C UNK B 1285 76.90 25.51 -45.48
N UNK B 1286 77.99 25.25 -46.23
CA UNK B 1286 77.97 25.38 -47.70
C UNK B 1286 76.99 24.46 -48.42
N UNK B 1287 77.13 23.15 -48.21
CA UNK B 1287 76.29 22.17 -48.86
C UNK B 1287 74.84 22.22 -48.43
N UNK B 1288 74.61 22.54 -47.15
CA UNK B 1288 73.31 22.33 -46.52
C UNK B 1288 72.27 23.30 -47.06
N UNK B 1289 71.02 23.05 -46.71
CA UNK B 1289 69.88 23.87 -47.14
C UNK B 1289 68.88 23.91 -46.00
N UNK B 1290 68.14 25.01 -45.85
CA UNK B 1290 67.26 25.17 -44.70
C UNK B 1290 66.00 24.34 -44.81
N UNK B 1291 65.51 23.84 -43.68
CA UNK B 1291 64.33 22.98 -43.64
C UNK B 1291 63.07 23.83 -43.79
N UNK B 1292 62.00 23.23 -44.33
CA UNK B 1292 60.72 23.93 -44.45
C UNK B 1292 60.07 24.15 -43.09
N UNK B 1293 59.43 25.30 -42.92
CA UNK B 1293 58.69 25.61 -41.70
C UNK B 1293 57.62 24.56 -41.40
N UNK B 1294 56.95 24.08 -42.45
CA UNK B 1294 55.84 23.14 -42.31
C UNK B 1294 56.27 21.82 -41.71
N UNK B 1295 57.48 21.38 -42.02
CA UNK B 1295 58.09 20.23 -41.34
C UNK B 1295 58.54 20.63 -39.94
N UNK B 1296 59.25 21.75 -39.87
CA UNK B 1296 59.85 22.21 -38.62
C UNK B 1296 58.83 22.46 -37.52
N UNK B 1297 57.65 22.95 -37.89
CA UNK B 1297 56.54 23.21 -36.95
C UNK B 1297 56.37 22.14 -35.89
N UNK B 1298 56.30 20.90 -36.33
CA UNK B 1298 56.05 19.80 -35.43
C UNK B 1298 57.25 19.43 -34.57
N UNK B 1299 58.44 19.96 -34.87
CA UNK B 1299 59.68 19.43 -34.30
C UNK B 1299 60.53 20.53 -33.61
N UNK B 1300 60.74 20.40 -32.29
CA UNK B 1300 61.75 21.18 -31.59
C UNK B 1300 63.14 21.12 -32.21
N UNK B 1301 63.96 22.07 -31.83
CA UNK B 1301 65.33 22.09 -32.30
C UNK B 1301 66.24 22.63 -31.21
N UNK B 1302 67.38 21.98 -31.00
CA UNK B 1302 68.37 22.46 -30.04
C UNK B 1302 69.68 22.68 -30.74
N UNK B 1303 70.37 23.72 -30.29
CA UNK B 1303 71.65 24.09 -30.84
C UNK B 1303 72.69 23.68 -29.84
N UNK B 1304 73.76 23.07 -30.34
CA UNK B 1304 74.98 22.94 -29.59
C UNK B 1304 76.03 23.71 -30.38
N UNK B 1305 77.08 24.12 -29.69
CA UNK B 1305 78.26 24.70 -30.33
C UNK B 1305 79.51 24.05 -29.76
N UNK B 1306 80.62 24.21 -30.49
CA UNK B 1306 81.93 23.74 -30.06
C UNK B 1306 82.16 24.08 -28.59
N UNK B 1307 82.42 23.05 -27.75
CA UNK B 1307 82.54 23.18 -26.29
C UNK B 1307 83.17 24.47 -25.72
N UNK B 1308 84.23 24.97 -26.35
CA UNK B 1308 84.80 26.28 -26.00
C UNK B 1308 86.10 26.19 -25.21
N UNK B 1309 86.89 27.29 -25.18
CA UNK B 1309 88.29 27.23 -24.75
C UNK B 1309 88.47 26.89 -23.27
N UNK B 1310 87.80 27.64 -22.40
CA UNK B 1310 87.85 27.40 -20.95
C UNK B 1310 87.13 26.12 -20.53
N UNK B 1311 86.21 25.65 -21.36
CA UNK B 1311 85.53 24.37 -21.14
C UNK B 1311 86.44 23.20 -21.55
N UNK B 1312 86.93 23.26 -22.79
CA UNK B 1312 87.79 22.21 -23.37
C UNK B 1312 88.97 21.79 -22.49
N UNK B 1313 89.57 22.74 -21.79
CA UNK B 1313 90.74 22.47 -20.95
C UNK B 1313 90.49 21.47 -19.81
N UNK B 1314 89.27 21.43 -19.28
CA UNK B 1314 88.89 20.42 -18.27
C UNK B 1314 88.27 19.16 -18.89
N UNK B 1315 87.68 19.30 -20.09
CA UNK B 1315 87.05 18.19 -20.80
C UNK B 1315 88.09 17.27 -21.39
N UNK B 1316 89.13 17.86 -21.98
CA UNK B 1316 90.34 17.10 -22.36
C UNK B 1316 91.38 16.95 -21.25
N UNK B 1317 91.30 17.83 -20.24
CA UNK B 1317 92.13 17.76 -19.06
C UNK B 1317 91.95 16.41 -18.37
N UNK B 1318 90.69 16.03 -18.23
CA UNK B 1318 90.32 14.76 -17.57
C UNK B 1318 90.96 13.60 -18.32
N UNK B 1319 90.84 13.65 -19.64
CA UNK B 1319 91.39 12.62 -20.53
C UNK B 1319 92.89 12.48 -20.31
N UNK B 1320 93.55 13.64 -20.27
CA UNK B 1320 94.99 13.72 -20.07
C UNK B 1320 95.38 13.06 -18.75
N UNK B 1321 94.61 13.40 -17.72
CA UNK B 1321 94.82 12.86 -16.38
C UNK B 1321 94.73 11.34 -16.39
N UNK B 1322 93.69 10.87 -17.05
CA UNK B 1322 93.43 9.43 -17.20
C UNK B 1322 94.62 8.74 -17.85
N UNK B 1323 95.10 9.35 -18.92
CA UNK B 1323 96.26 8.88 -19.68
C UNK B 1323 97.51 8.74 -18.83
N UNK B 1324 97.90 9.81 -18.15
CA UNK B 1324 99.23 9.90 -17.54
C UNK B 1324 99.28 9.36 -16.09
N UNK B 1325 98.67 8.19 -15.87
CA UNK B 1325 98.76 7.47 -14.59
C UNK B 1325 99.81 6.36 -14.62
N UNK B 1326 100.11 5.82 -15.79
CA UNK B 1326 101.08 4.73 -15.93
C UNK B 1326 102.51 5.17 -15.61
N UNK B 1327 102.89 6.34 -16.14
CA UNK B 1327 104.23 6.88 -15.98
C UNK B 1327 104.20 7.99 -14.92
N UNK B 1328 105.02 7.86 -13.86
CA UNK B 1328 104.95 8.78 -12.71
C UNK B 1328 105.47 10.19 -12.99
N UNK B 1329 106.57 10.30 -13.74
CA UNK B 1329 107.21 11.59 -13.99
C UNK B 1329 106.37 12.54 -14.84
N UNK B 1330 105.55 11.97 -15.74
CA UNK B 1330 104.76 12.77 -16.69
C UNK B 1330 103.52 13.44 -16.08
N UNK B 1331 103.07 12.98 -14.91
CA UNK B 1331 101.88 13.52 -14.24
C UNK B 1331 101.92 15.03 -14.03
N UNK B 1332 103.09 15.55 -13.63
CA UNK B 1332 103.32 16.99 -13.49
C UNK B 1332 103.22 17.72 -14.83
N UNK B 1333 103.69 17.06 -15.90
CA UNK B 1333 103.66 17.59 -17.27
C UNK B 1333 102.30 17.43 -18.00
N UNK B 1334 101.24 17.07 -17.28
CA UNK B 1334 99.98 16.70 -17.91
C UNK B 1334 99.16 17.97 -18.18
N UNK B 1335 99.10 18.83 -17.15
CA UNK B 1335 98.26 20.01 -17.16
C UNK B 1335 98.69 20.91 -18.34
N UNK B 1336 100.03 21.09 -18.47
CA UNK B 1336 100.46 21.97 -19.56
C UNK B 1336 100.16 21.39 -20.91
N UNK B 1337 100.30 20.07 -21.02
CA UNK B 1337 100.01 19.32 -22.25
C UNK B 1337 98.56 19.56 -22.67
N UNK B 1338 97.68 19.42 -21.68
CA UNK B 1338 96.24 19.60 -21.88
C UNK B 1338 95.96 21.00 -22.44
N UNK B 1339 96.59 21.98 -21.80
CA UNK B 1339 96.46 23.39 -22.18
C UNK B 1339 96.99 23.56 -23.61
N UNK B 1340 98.19 23.01 -23.82
CA UNK B 1340 98.97 23.22 -25.02
C UNK B 1340 98.18 22.77 -26.24
N UNK B 1341 97.61 21.56 -26.10
CA UNK B 1341 96.82 20.94 -27.17
C UNK B 1341 95.65 21.84 -27.53
N UNK B 1342 94.98 22.31 -26.48
CA UNK B 1342 93.81 23.18 -26.63
C UNK B 1342 94.19 24.44 -27.42
N UNK B 1343 95.31 25.02 -27.01
CA UNK B 1343 95.85 26.23 -27.64
C UNK B 1343 96.07 26.00 -29.13
N UNK B 1344 96.70 24.86 -29.41
CA UNK B 1344 97.02 24.46 -30.79
C UNK B 1344 95.75 24.37 -31.62
N UNK B 1345 94.75 23.73 -31.03
CA UNK B 1345 93.44 23.53 -31.65
C UNK B 1345 92.83 24.87 -32.01
N UNK B 1346 92.89 25.78 -31.04
CA UNK B 1346 92.33 27.13 -31.18
C UNK B 1346 93.01 27.84 -32.36
N UNK B 1347 94.33 27.72 -32.39
CA UNK B 1347 95.16 28.33 -33.43
C UNK B 1347 94.72 27.82 -34.81
N UNK B 1348 94.55 26.50 -34.87
CA UNK B 1348 94.14 25.83 -36.10
C UNK B 1348 92.81 26.36 -36.59
N UNK B 1349 91.88 26.48 -35.63
CA UNK B 1349 90.54 26.99 -35.90
C UNK B 1349 90.60 28.39 -36.48
N UNK B 1350 91.43 29.21 -35.86
CA UNK B 1350 91.65 30.60 -36.26
C UNK B 1350 92.13 30.66 -37.71
N UNK B 1351 93.11 29.80 -37.99
CA UNK B 1351 93.74 29.70 -39.31
C UNK B 1351 92.88 29.20 -40.49
N UNK B 1352 92.56 27.90 -40.47
CA UNK B 1352 92.05 27.18 -41.65
C UNK B 1352 90.53 27.13 -41.68
N UNK B 1353 89.95 28.29 -41.94
CA UNK B 1353 88.50 28.45 -42.05
C UNK B 1353 87.97 27.79 -43.33
N UNK B 1354 86.75 27.27 -43.23
CA UNK B 1354 86.16 26.39 -44.24
C UNK B 1354 86.12 26.96 -45.66
N UNK B 1355 85.99 28.28 -45.79
CA UNK B 1355 86.00 28.94 -47.11
C UNK B 1355 87.35 28.86 -47.83
N UNK B 1356 88.44 28.71 -47.08
CA UNK B 1356 89.78 28.54 -47.65
C UNK B 1356 89.89 27.26 -48.48
N UNK B 1357 89.35 26.16 -47.95
CA UNK B 1357 89.30 24.88 -48.64
C UNK B 1357 88.15 24.04 -48.05
N UNK B 1358 87.32 23.41 -48.91
CA UNK B 1358 86.02 22.83 -48.49
C UNK B 1358 86.06 21.82 -47.33
N UNK B 1359 87.12 21.03 -47.26
CA UNK B 1359 87.26 19.99 -46.23
C UNK B 1359 87.90 20.43 -44.90
N UNK B 1360 88.48 21.63 -44.84
CA UNK B 1360 89.04 22.19 -43.59
C UNK B 1360 87.95 22.51 -42.57
N UNK B 1361 87.67 21.55 -41.70
CA UNK B 1361 86.66 21.71 -40.65
C UNK B 1361 87.15 21.04 -39.39
N UNK B 1362 87.98 21.74 -38.65
CA UNK B 1362 88.53 21.19 -37.41
C UNK B 1362 87.45 21.12 -36.33
N UNK B 1363 87.64 20.20 -35.39
CA UNK B 1363 86.61 19.83 -34.43
C UNK B 1363 87.17 18.92 -33.33
N UNK B 1364 86.48 18.86 -32.16
CA UNK B 1364 86.95 18.05 -31.04
C UNK B 1364 87.10 16.56 -31.30
N UNK B 1365 86.59 16.11 -32.46
CA UNK B 1365 86.86 14.78 -32.96
C UNK B 1365 88.36 14.53 -33.09
N UNK B 1366 89.04 15.52 -33.65
CA UNK B 1366 90.48 15.48 -33.85
C UNK B 1366 91.20 15.26 -32.52
N UNK B 1367 90.77 16.04 -31.54
CA UNK B 1367 91.33 16.00 -30.19
C UNK B 1367 91.18 14.60 -29.61
N UNK B 1368 89.98 14.06 -29.77
CA UNK B 1368 89.65 12.71 -29.27
C UNK B 1368 90.57 11.68 -29.90
N UNK B 1369 90.75 11.82 -31.21
CA UNK B 1369 91.61 10.91 -31.97
C UNK B 1369 93.07 11.11 -31.62
N UNK B 1370 93.46 12.35 -31.38
CA UNK B 1370 94.82 12.73 -30.99
C UNK B 1370 95.19 11.98 -29.69
N UNK B 1371 94.25 12.05 -28.75
CA UNK B 1371 94.53 11.41 -27.45
C UNK B 1371 94.63 9.92 -27.59
N UNK B 1372 93.81 9.33 -28.44
CA UNK B 1372 93.85 7.89 -28.73
C UNK B 1372 95.22 7.52 -29.27
N UNK B 1373 95.69 8.33 -30.21
CA UNK B 1373 96.99 8.14 -30.85
C UNK B 1373 98.10 8.14 -29.81
N UNK B 1374 98.01 9.14 -28.94
CA UNK B 1374 98.98 9.32 -27.86
C UNK B 1374 99.02 8.08 -26.97
N UNK B 1375 97.84 7.60 -26.63
CA UNK B 1375 97.66 6.42 -25.78
C UNK B 1375 98.34 5.21 -26.42
N UNK B 1376 98.08 5.07 -27.72
CA UNK B 1376 98.64 3.97 -28.53
C UNK B 1376 100.15 4.00 -28.66
N UNK B 1377 100.70 5.21 -28.65
CA UNK B 1377 102.16 5.41 -28.57
C UNK B 1377 102.65 4.92 -27.21
N UNK B 1378 101.98 5.40 -26.19
CA UNK B 1378 102.26 5.03 -24.79
C UNK B 1378 102.11 3.53 -24.50
N UNK B 1379 100.93 3.01 -24.83
CA UNK B 1379 100.38 1.73 -24.32
C UNK B 1379 101.41 0.65 -23.91
N UNK B 1380 102.25 0.18 -24.86
CA UNK B 1380 103.12 -0.96 -24.55
C UNK B 1380 104.53 -0.58 -24.02
N UNK B 1381 104.77 0.70 -23.73
CA UNK B 1381 106.13 1.20 -23.54
C UNK B 1381 106.64 1.02 -22.10
N UNK B 1382 105.84 1.45 -21.13
CA UNK B 1382 106.15 1.35 -19.69
C UNK B 1382 107.32 2.26 -19.22
N UNK B 1383 107.76 3.19 -20.07
CA UNK B 1383 108.90 4.06 -19.77
C UNK B 1383 108.95 5.20 -20.80
N UNK B 1384 109.17 6.42 -20.32
CA UNK B 1384 109.33 7.58 -21.19
C UNK B 1384 110.12 8.68 -20.51
N UNK B 1385 110.98 9.38 -21.27
CA UNK B 1385 111.32 10.74 -20.90
C UNK B 1385 110.25 11.71 -21.38
N UNK B 1386 110.30 12.92 -20.87
CA UNK B 1386 109.42 14.00 -21.26
C UNK B 1386 109.60 14.36 -22.72
N UNK B 1387 110.86 14.39 -23.16
CA UNK B 1387 111.22 14.77 -24.51
C UNK B 1387 110.52 13.86 -25.52
N UNK B 1388 110.59 12.56 -25.24
CA UNK B 1388 109.98 11.54 -26.08
C UNK B 1388 108.48 11.79 -26.23
N UNK B 1389 107.86 12.06 -25.08
CA UNK B 1389 106.42 12.33 -25.02
C UNK B 1389 106.07 13.52 -25.89
N UNK B 1390 106.87 14.56 -25.75
CA UNK B 1390 106.71 15.81 -26.51
C UNK B 1390 106.76 15.52 -28.00
N UNK B 1391 107.76 14.74 -28.38
CA UNK B 1391 107.99 14.35 -29.78
C UNK B 1391 106.75 13.65 -30.32
N UNK B 1392 106.25 12.70 -29.52
CA UNK B 1392 105.09 11.92 -29.96
C UNK B 1392 103.88 12.82 -30.14
N UNK B 1393 103.71 13.77 -29.21
CA UNK B 1393 102.62 14.74 -29.28
C UNK B 1393 102.70 15.53 -30.58
N UNK B 1394 103.92 15.98 -30.87
CA UNK B 1394 104.21 16.77 -32.08
C UNK B 1394 103.81 15.98 -33.32
N UNK B 1395 104.22 14.72 -33.33
CA UNK B 1395 103.96 13.79 -34.43
C UNK B 1395 102.45 13.67 -34.65
N UNK B 1396 101.74 13.50 -33.54
CA UNK B 1396 100.28 13.34 -33.61
C UNK B 1396 99.64 14.60 -34.18
N UNK B 1397 100.13 15.75 -33.74
CA UNK B 1397 99.65 17.06 -34.21
C UNK B 1397 99.82 17.16 -35.72
N UNK B 1398 101.02 16.77 -36.15
CA UNK B 1398 101.39 16.84 -37.57
C UNK B 1398 100.42 15.95 -38.39
N UNK B 1399 100.17 14.76 -37.86
CA UNK B 1399 99.35 13.82 -38.59
C UNK B 1399 97.92 14.33 -38.67
N UNK B 1400 97.37 14.83 -37.57
CA UNK B 1400 95.97 15.28 -37.58
C UNK B 1400 95.74 16.57 -38.32
N UNK B 1401 96.71 17.48 -38.25
CA UNK B 1401 96.51 18.85 -38.72
C UNK B 1401 97.22 19.19 -40.02
N UNK B 1402 98.35 18.56 -40.30
CA UNK B 1402 99.12 18.89 -41.50
C UNK B 1402 98.60 18.15 -42.74
N UNK B 1403 98.25 16.86 -42.60
CA UNK B 1403 97.81 16.02 -43.73
C UNK B 1403 96.69 16.63 -44.57
N UNK B 1404 95.67 17.14 -43.89
CA UNK B 1404 94.55 17.80 -44.55
C UNK B 1404 95.04 18.91 -45.47
N UNK B 1405 96.04 19.66 -45.01
CA UNK B 1405 96.47 20.88 -45.68
C UNK B 1405 96.96 20.63 -47.11
N UNK B 1406 96.70 21.60 -47.97
CA UNK B 1406 96.94 21.47 -49.41
C UNK B 1406 98.34 21.96 -49.76
N UNK B 1407 98.58 23.25 -49.57
CA UNK B 1407 99.77 23.94 -50.08
C UNK B 1407 101.04 23.57 -49.31
N UNK B 1408 102.19 24.04 -49.81
CA UNK B 1408 103.47 23.94 -49.11
C UNK B 1408 103.75 25.14 -48.21
N UNK B 1409 103.27 26.32 -48.64
CA UNK B 1409 103.33 27.55 -47.81
C UNK B 1409 102.39 27.47 -46.62
N UNK B 1410 101.37 26.62 -46.72
CA UNK B 1410 100.41 26.37 -45.66
C UNK B 1410 100.89 25.28 -44.68
N UNK B 1411 101.64 24.31 -45.18
CA UNK B 1411 102.18 23.21 -44.34
C UNK B 1411 103.26 23.68 -43.36
N UNK B 1412 104.17 24.52 -43.83
CA UNK B 1412 105.25 25.07 -42.98
C UNK B 1412 104.73 25.81 -41.76
N UNK B 1413 103.55 26.42 -41.91
CA UNK B 1413 102.90 27.15 -40.84
C UNK B 1413 102.72 26.32 -39.59
N UNK B 1414 102.22 25.10 -39.78
CA UNK B 1414 102.00 24.17 -38.68
C UNK B 1414 103.30 23.68 -38.07
N UNK B 1415 104.29 23.45 -38.94
CA UNK B 1415 105.63 23.04 -38.53
C UNK B 1415 106.22 24.06 -37.55
N UNK B 1416 106.08 25.33 -37.93
CA UNK B 1416 106.58 26.46 -37.15
C UNK B 1416 105.73 26.65 -35.91
N UNK B 1417 104.41 26.58 -36.12
CA UNK B 1417 103.44 26.82 -35.06
C UNK B 1417 103.66 25.84 -33.92
N UNK B 1418 103.85 24.58 -34.30
CA UNK B 1418 104.08 23.49 -33.33
C UNK B 1418 105.30 23.80 -32.48
N UNK B 1419 106.36 24.22 -33.18
CA UNK B 1419 107.64 24.55 -32.54
C UNK B 1419 107.44 25.67 -31.53
N UNK B 1420 106.69 26.68 -31.95
CA UNK B 1420 106.39 27.85 -31.13
C UNK B 1420 105.68 27.41 -29.84
N UNK B 1421 104.69 26.55 -30.05
CA UNK B 1421 103.87 26.01 -28.95
C UNK B 1421 104.77 25.29 -27.94
N UNK B 1422 105.67 24.48 -28.47
CA UNK B 1422 106.62 23.71 -27.68
C UNK B 1422 107.40 24.60 -26.70
N UNK B 1423 107.88 25.75 -27.17
CA UNK B 1423 108.63 26.63 -26.30
C UNK B 1423 107.70 27.17 -25.19
N UNK B 1424 106.53 27.62 -25.63
CA UNK B 1424 105.57 28.30 -24.80
C UNK B 1424 105.17 27.48 -23.59
N UNK B 1425 104.78 26.23 -23.80
CA UNK B 1425 104.19 25.41 -22.71
C UNK B 1425 105.17 24.48 -22.01
N UNK B 1426 106.38 24.33 -22.55
CA UNK B 1426 107.42 23.49 -21.95
C UNK B 1426 108.78 24.20 -22.00
N UNK B 1427 109.22 24.79 -20.86
CA UNK B 1427 110.59 25.32 -20.77
C UNK B 1427 111.63 24.21 -20.60
N UNK B 1428 112.90 24.61 -20.44
CA UNK B 1428 114.07 23.72 -20.20
C UNK B 1428 114.37 22.60 -21.22
N UNK B 1429 113.35 21.87 -21.66
CA UNK B 1429 113.43 20.90 -22.77
C UNK B 1429 114.24 21.38 -23.98
N UNK B 1430 115.05 20.49 -24.54
CA UNK B 1430 115.88 20.78 -25.72
C UNK B 1430 115.03 20.77 -26.98
N UNK B 1431 115.12 21.84 -27.77
CA UNK B 1431 114.35 21.95 -29.02
C UNK B 1431 114.81 20.94 -30.07
N UNK B 1432 116.13 20.75 -30.18
CA UNK B 1432 116.71 19.81 -31.15
C UNK B 1432 116.42 18.34 -30.82
N UNK B 1433 116.51 17.98 -29.54
CA UNK B 1433 116.25 16.62 -29.08
C UNK B 1433 114.78 16.20 -29.18
N UNK B 1434 113.89 17.17 -28.98
CA UNK B 1434 112.45 16.91 -28.90
C UNK B 1434 111.76 16.90 -30.26
N UNK B 1435 112.03 17.91 -31.08
CA UNK B 1435 111.34 18.07 -32.36
C UNK B 1435 111.60 16.94 -33.34
N UNK B 1436 112.87 16.59 -33.54
CA UNK B 1436 113.29 15.52 -34.47
C UNK B 1436 112.77 15.78 -35.89
N UNK B 1437 113.49 16.64 -36.61
CA UNK B 1437 113.04 17.15 -37.92
C UNK B 1437 112.79 16.09 -39.01
N UNK B 1438 113.53 14.96 -38.99
CA UNK B 1438 113.10 13.84 -39.82
C UNK B 1438 111.67 13.38 -39.51
N UNK B 1439 111.38 13.18 -38.22
CA UNK B 1439 110.08 12.73 -37.69
C UNK B 1439 109.83 11.22 -38.01
N UNK B 1440 108.57 10.79 -38.14
CA UNK B 1440 108.18 9.39 -38.41
C UNK B 1440 108.16 8.56 -37.14
N UNK B 1441 107.07 7.79 -36.99
CA UNK B 1441 106.98 6.69 -36.05
C UNK B 1441 106.47 5.47 -36.83
N UNK B 1442 106.72 4.28 -36.29
CA UNK B 1442 106.27 3.04 -36.92
C UNK B 1442 106.25 1.87 -35.96
N UNK B 1443 105.57 0.81 -36.36
CA UNK B 1443 105.60 -0.47 -35.67
C UNK B 1443 106.17 -1.59 -36.56
N UNK B 1444 106.82 -1.21 -37.67
CA UNK B 1444 107.37 -2.19 -38.62
C UNK B 1444 108.73 -2.74 -38.17
N UNK B 1445 109.57 -1.90 -37.59
CA UNK B 1445 110.92 -2.29 -37.20
C UNK B 1445 110.93 -3.12 -35.92
N UNK B 1446 110.36 -2.55 -34.86
CA UNK B 1446 110.24 -3.25 -33.57
C UNK B 1446 108.80 -3.72 -33.35
N UNK B 1447 108.56 -4.33 -32.19
CA UNK B 1447 107.19 -4.69 -31.78
C UNK B 1447 106.40 -3.45 -31.38
N UNK B 1448 107.02 -2.60 -30.57
CA UNK B 1448 106.38 -1.38 -30.07
C UNK B 1448 106.32 -0.29 -31.13
N UNK B 1449 105.31 0.57 -31.03
CA UNK B 1449 105.19 1.75 -31.88
C UNK B 1449 106.19 2.79 -31.38
N UNK B 1450 107.23 3.06 -32.17
CA UNK B 1450 108.39 3.84 -31.71
C UNK B 1450 108.98 4.71 -32.83
N UNK B 1451 109.81 5.72 -32.48
CA UNK B 1451 110.35 6.58 -33.54
C UNK B 1451 111.49 5.95 -34.32
N UNK B 1452 111.71 6.46 -35.53
CA UNK B 1452 112.71 5.90 -36.45
C UNK B 1452 113.39 6.98 -37.30
N UNK B 1453 114.69 6.80 -37.54
CA UNK B 1453 115.41 7.59 -38.53
C UNK B 1453 115.08 7.03 -39.90
N UNK B 1454 115.10 7.91 -40.90
CA UNK B 1454 114.63 7.59 -42.24
C UNK B 1454 115.33 6.39 -42.87
N UNK B 1455 116.65 6.34 -42.77
CA UNK B 1455 117.48 5.55 -43.69
C UNK B 1455 117.16 4.07 -43.51
N UNK B 1456 117.13 3.66 -42.25
CA UNK B 1456 116.82 2.27 -41.87
C UNK B 1456 115.44 1.89 -42.39
N UNK B 1457 114.50 2.82 -42.16
CA UNK B 1457 113.10 2.63 -42.59
C UNK B 1457 113.03 2.46 -44.08
N UNK B 1458 113.77 3.31 -44.79
CA UNK B 1458 113.84 3.29 -46.26
C UNK B 1458 114.31 1.92 -46.74
N UNK B 1459 115.38 1.47 -46.09
CA UNK B 1459 116.00 0.17 -46.41
C UNK B 1459 114.98 -0.95 -46.26
N UNK B 1460 114.27 -0.89 -45.14
CA UNK B 1460 113.25 -1.89 -44.79
C UNK B 1460 112.18 -1.92 -45.88
N UNK B 1461 111.74 -0.73 -46.26
CA UNK B 1461 110.69 -0.61 -47.27
C UNK B 1461 111.16 -1.19 -48.60
N UNK B 1462 112.41 -0.90 -48.96
CA UNK B 1462 113.02 -1.43 -50.18
C UNK B 1462 112.99 -2.95 -50.17
N UNK B 1463 113.39 -3.49 -49.03
CA UNK B 1463 113.44 -4.95 -48.82
C UNK B 1463 112.05 -5.55 -49.04
N UNK B 1464 111.07 -4.90 -48.45
CA UNK B 1464 109.68 -5.32 -48.54
C UNK B 1464 109.22 -5.36 -49.99
N UNK B 1465 109.57 -4.29 -50.69
CA UNK B 1465 109.24 -4.12 -52.11
C UNK B 1465 109.82 -5.27 -52.92
N UNK B 1466 111.09 -5.57 -52.64
CA UNK B 1466 111.81 -6.66 -53.30
C UNK B 1466 111.07 -7.98 -53.15
N UNK B 1467 110.49 -8.23 -51.98
CA UNK B 1467 109.57 -9.38 -51.86
C UNK B 1467 108.31 -9.11 -52.69
N UNK B 1468 107.73 -7.93 -52.50
CA UNK B 1468 106.43 -7.52 -53.09
C UNK B 1468 106.30 -7.69 -54.60
N UNK B 1469 107.39 -7.49 -55.34
CA UNK B 1469 107.35 -7.62 -56.81
C UNK B 1469 107.19 -9.07 -57.30
N UNK B 1470 107.55 -10.03 -56.45
CA UNK B 1470 107.48 -11.45 -56.79
C UNK B 1470 106.14 -12.12 -56.45
N UNK B 1471 105.27 -11.43 -55.72
CA UNK B 1471 103.95 -11.96 -55.36
C UNK B 1471 102.80 -11.12 -55.94
N UNK B 1472 102.78 -9.83 -55.60
CA UNK B 1472 101.72 -8.90 -56.01
C UNK B 1472 102.12 -8.20 -57.32
N UNK B 1473 101.43 -7.12 -57.69
CA UNK B 1473 101.63 -6.44 -58.98
C UNK B 1473 103.07 -5.95 -59.18
N UNK B 1474 103.65 -6.32 -60.32
CA UNK B 1474 105.02 -5.98 -60.67
C UNK B 1474 105.08 -4.55 -61.20
N UNK B 1475 105.72 -3.68 -60.42
CA UNK B 1475 105.93 -2.29 -60.81
C UNK B 1475 107.28 -1.86 -60.24
N UNK B 1476 108.24 -1.46 -61.10
CA UNK B 1476 109.51 -0.99 -60.54
C UNK B 1476 109.36 0.35 -59.81
N UNK B 1477 108.89 0.28 -58.56
CA UNK B 1477 108.62 1.48 -57.77
C UNK B 1477 109.91 2.11 -57.25
N UNK B 1478 109.80 3.37 -56.84
CA UNK B 1478 110.92 4.16 -56.34
C UNK B 1478 110.52 4.86 -55.06
N UNK B 1479 111.46 4.92 -54.12
CA UNK B 1479 111.22 5.48 -52.82
C UNK B 1479 111.94 6.81 -52.70
N UNK B 1480 111.16 7.89 -52.61
CA UNK B 1480 111.65 9.18 -52.13
C UNK B 1480 111.00 9.49 -50.77
N UNK B 1481 111.46 10.54 -50.11
CA UNK B 1481 111.14 10.82 -48.72
C UNK B 1481 109.63 10.93 -48.52
N UNK B 1482 109.00 11.64 -49.45
CA UNK B 1482 107.55 11.85 -49.43
C UNK B 1482 106.83 10.51 -49.49
N UNK B 1483 107.31 9.65 -50.40
CA UNK B 1483 106.73 8.31 -50.58
C UNK B 1483 106.81 7.52 -49.28
N UNK B 1484 107.97 7.60 -48.65
CA UNK B 1484 108.24 6.91 -47.39
C UNK B 1484 107.25 7.37 -46.32
N UNK B 1485 107.08 8.69 -46.27
CA UNK B 1485 106.18 9.33 -45.31
C UNK B 1485 104.74 8.79 -45.51
N UNK B 1486 104.36 8.76 -46.78
CA UNK B 1486 103.00 8.45 -47.19
C UNK B 1486 102.59 7.09 -46.70
N UNK B 1487 103.50 6.11 -46.83
CA UNK B 1487 103.14 4.71 -46.48
C UNK B 1487 102.81 4.64 -45.01
N UNK B 1488 103.61 5.31 -44.18
CA UNK B 1488 103.40 5.33 -42.74
C UNK B 1488 102.03 5.91 -42.41
N UNK B 1489 101.73 7.01 -43.08
CA UNK B 1489 100.45 7.70 -42.90
C UNK B 1489 99.29 6.76 -43.23
N UNK B 1490 99.44 6.06 -44.34
CA UNK B 1490 98.43 5.13 -44.83
C UNK B 1490 98.20 4.02 -43.77
N UNK B 1491 99.30 3.52 -43.26
CA UNK B 1491 99.36 2.34 -42.45
C UNK B 1491 98.47 2.48 -41.22
N UNK B 1492 98.52 3.65 -40.60
CA UNK B 1492 97.86 3.91 -39.33
C UNK B 1492 96.36 3.65 -39.45
N UNK B 1493 95.80 4.18 -40.53
CA UNK B 1493 94.36 4.06 -40.80
C UNK B 1493 93.98 2.58 -40.91
N UNK B 1494 94.81 1.85 -41.66
CA UNK B 1494 94.54 0.42 -41.86
C UNK B 1494 94.59 -0.34 -40.55
N UNK B 1495 95.58 0.02 -39.72
CA UNK B 1495 95.72 -0.57 -38.38
C UNK B 1495 94.46 -0.35 -37.54
N UNK B 1496 93.92 0.87 -37.49
CA UNK B 1496 92.79 1.19 -36.60
C UNK B 1496 91.42 0.79 -37.20
N UNK B 1497 90.39 0.59 -36.37
CA UNK B 1497 89.12 0.08 -36.86
C UNK B 1497 88.20 1.17 -37.40
N UNK B 1498 87.22 0.76 -38.20
CA UNK B 1498 86.34 1.65 -38.97
C UNK B 1498 87.17 2.69 -39.74
N UNK B 1499 88.30 2.22 -40.26
CA UNK B 1499 89.31 3.06 -40.85
C UNK B 1499 89.04 3.20 -42.32
N UNK B 1500 88.70 4.41 -42.74
CA UNK B 1500 88.51 4.74 -44.14
C UNK B 1500 89.47 5.82 -44.55
N UNK B 1501 89.68 5.91 -45.85
CA UNK B 1501 90.73 6.72 -46.43
C UNK B 1501 90.16 7.52 -47.59
N UNK B 1502 90.90 8.53 -48.03
CA UNK B 1502 90.48 9.34 -49.15
C UNK B 1502 91.69 10.03 -49.75
N UNK B 1503 92.37 9.38 -50.69
CA UNK B 1503 93.63 9.92 -51.18
C UNK B 1503 93.40 10.90 -52.31
N UNK B 1504 93.48 12.18 -51.96
CA UNK B 1504 93.34 13.25 -52.93
C UNK B 1504 94.70 13.45 -53.60
N UNK B 1505 94.75 13.39 -54.92
CA UNK B 1505 96.00 13.70 -55.63
C UNK B 1505 95.91 13.60 -57.14
N UNK B 1506 97.07 13.68 -57.79
CA UNK B 1506 97.12 13.67 -59.24
C UNK B 1506 97.42 12.27 -59.75
N UNK B 1507 96.65 11.84 -60.76
CA UNK B 1507 96.79 10.48 -61.31
C UNK B 1507 98.20 10.24 -61.81
N UNK B 1508 98.65 9.01 -61.64
CA UNK B 1508 100.07 8.68 -61.74
C UNK B 1508 100.89 9.18 -60.56
N UNK B 1509 100.25 9.37 -59.40
CA UNK B 1509 100.96 9.71 -58.17
C UNK B 1509 101.53 8.46 -57.54
N UNK B 1510 100.79 7.36 -57.68
CA UNK B 1510 101.02 6.21 -56.85
C UNK B 1510 100.23 6.39 -55.58
N UNK B 1511 98.92 6.43 -55.73
CA UNK B 1511 98.04 6.49 -54.60
C UNK B 1511 97.59 5.05 -54.43
N UNK B 1512 96.91 4.53 -55.46
CA UNK B 1512 96.24 3.25 -55.36
C UNK B 1512 97.29 2.15 -55.13
N UNK B 1513 98.40 2.23 -55.87
CA UNK B 1513 99.40 1.19 -55.78
C UNK B 1513 100.04 1.18 -54.38
N UNK B 1514 100.31 2.38 -53.87
CA UNK B 1514 100.89 2.49 -52.53
C UNK B 1514 99.92 1.94 -51.50
N UNK B 1515 98.64 2.24 -51.67
CA UNK B 1515 97.60 1.73 -50.77
C UNK B 1515 97.61 0.20 -50.75
N UNK B 1516 97.69 -0.35 -51.95
CA UNK B 1516 97.72 -1.81 -52.15
C UNK B 1516 98.89 -2.41 -51.40
N UNK B 1517 100.05 -1.77 -51.56
CA UNK B 1517 101.30 -2.19 -50.95
C UNK B 1517 101.14 -2.23 -49.42
N UNK B 1518 100.54 -1.15 -48.91
CA UNK B 1518 100.34 -1.00 -47.47
C UNK B 1518 99.44 -2.12 -46.96
N UNK B 1519 98.37 -2.39 -47.71
CA UNK B 1519 97.43 -3.44 -47.38
C UNK B 1519 98.14 -4.79 -47.28
N UNK B 1520 98.97 -5.04 -48.28
CA UNK B 1520 99.76 -6.27 -48.36
C UNK B 1520 100.63 -6.42 -47.12
N UNK B 1521 101.28 -5.33 -46.77
CA UNK B 1521 102.18 -5.26 -45.61
C UNK B 1521 101.42 -5.62 -44.34
N UNK B 1522 100.24 -5.03 -44.22
CA UNK B 1522 99.36 -5.24 -43.08
C UNK B 1522 98.63 -6.55 -43.19
N UNK B 1523 98.38 -7.05 -44.39
CA UNK B 1523 97.75 -8.35 -44.58
C UNK B 1523 96.26 -8.21 -44.79
N UNK B 1524 95.89 -7.35 -45.74
CA UNK B 1524 94.51 -7.04 -46.10
C UNK B 1524 94.36 -7.36 -47.57
N UNK B 1525 93.32 -8.12 -47.89
CA UNK B 1525 93.03 -8.46 -49.28
C UNK B 1525 92.52 -7.20 -49.97
N UNK B 1526 93.23 -6.77 -51.01
CA UNK B 1526 92.75 -5.71 -51.86
C UNK B 1526 91.62 -6.26 -52.71
N UNK B 1527 90.62 -5.42 -52.95
CA UNK B 1527 89.57 -5.72 -53.92
C UNK B 1527 89.17 -4.45 -54.63
N UNK B 1528 89.23 -4.48 -55.96
CA UNK B 1528 88.77 -3.36 -56.79
C UNK B 1528 87.50 -3.79 -57.49
N UNK B 1529 86.86 -2.87 -58.21
CA UNK B 1529 85.52 -3.13 -58.76
C UNK B 1529 85.48 -3.60 -60.23
N UNK B 1530 86.57 -3.44 -60.98
CA UNK B 1530 86.67 -3.97 -62.37
C UNK B 1530 85.52 -3.51 -63.27
N UNK B 1531 85.31 -2.21 -63.31
CA UNK B 1531 84.19 -1.62 -64.03
C UNK B 1531 84.34 -1.77 -65.56
N UNK B 1532 83.21 -1.90 -66.26
CA UNK B 1532 83.15 -1.83 -67.73
C UNK B 1532 82.39 -0.58 -68.13
N UNK B 1533 82.33 -0.36 -69.44
CA UNK B 1533 81.20 0.33 -70.06
C UNK B 1533 80.17 -0.78 -70.28
N UNK B 1534 78.91 -0.48 -69.97
CA UNK B 1534 77.83 -1.48 -69.77
C UNK B 1534 78.00 -2.10 -68.38
N UNK B 1535 77.86 -1.25 -67.37
CA UNK B 1535 77.98 -1.63 -65.95
C UNK B 1535 76.97 -0.87 -65.11
N UNK B 1536 76.01 -1.58 -64.55
CA UNK B 1536 74.86 -0.97 -63.90
C UNK B 1536 75.15 -0.66 -62.46
N UNK B 1537 74.17 -0.02 -61.81
CA UNK B 1537 74.13 0.09 -60.38
C UNK B 1537 73.94 -1.26 -59.73
N UNK B 1538 73.12 -2.12 -60.34
CA UNK B 1538 72.82 -3.43 -59.81
C UNK B 1538 74.10 -4.24 -59.63
N UNK B 1539 74.93 -4.20 -60.67
CA UNK B 1539 76.21 -4.91 -60.69
C UNK B 1539 77.09 -4.45 -59.52
N UNK B 1540 77.14 -3.13 -59.37
CA UNK B 1540 77.93 -2.49 -58.31
C UNK B 1540 77.46 -2.98 -56.94
N UNK B 1541 76.15 -3.00 -56.78
CA UNK B 1541 75.53 -3.43 -55.53
C UNK B 1541 75.92 -4.88 -55.22
N UNK B 1542 75.86 -5.71 -56.26
CA UNK B 1542 76.21 -7.13 -56.16
C UNK B 1542 77.65 -7.27 -55.67
N UNK B 1543 78.52 -6.49 -56.30
CA UNK B 1543 79.95 -6.48 -55.99
C UNK B 1543 80.16 -6.14 -54.51
N UNK B 1544 79.45 -5.10 -54.09
CA UNK B 1544 79.50 -4.60 -52.71
C UNK B 1544 79.12 -5.69 -51.74
N UNK B 1545 78.03 -6.39 -52.09
CA UNK B 1545 77.48 -7.49 -51.29
C UNK B 1545 78.52 -8.55 -51.11
N UNK B 1546 79.23 -8.91 -52.19
CA UNK B 1546 80.26 -9.97 -52.13
C UNK B 1546 81.33 -9.57 -51.13
N UNK B 1547 81.75 -8.31 -51.23
CA UNK B 1547 82.79 -7.76 -50.35
C UNK B 1547 82.36 -7.86 -48.90
N UNK B 1548 81.11 -7.48 -48.67
CA UNK B 1548 80.51 -7.49 -47.33
C UNK B 1548 80.54 -8.91 -46.76
N UNK B 1549 80.15 -9.85 -47.60
CA UNK B 1549 80.10 -11.28 -47.27
C UNK B 1549 81.49 -11.75 -46.83
N UNK B 1550 82.48 -11.36 -47.64
CA UNK B 1550 83.87 -11.72 -47.41
C UNK B 1550 84.33 -11.20 -46.06
N UNK B 1551 83.98 -9.94 -45.80
CA UNK B 1551 84.31 -9.26 -44.55
C UNK B 1551 83.51 -9.83 -43.34
N UNK B 1552 82.20 -9.69 -43.42
CA UNK B 1552 81.32 -9.94 -42.28
C UNK B 1552 81.25 -11.37 -41.81
N UNK B 1553 81.20 -12.30 -42.76
CA UNK B 1553 81.00 -13.72 -42.47
C UNK B 1553 82.31 -14.51 -42.35
N UNK B 1554 83.26 -14.23 -43.24
CA UNK B 1554 84.53 -14.95 -43.28
C UNK B 1554 85.65 -14.17 -42.56
N UNK B 1555 85.28 -13.42 -41.50
CA UNK B 1555 86.12 -12.37 -40.88
C UNK B 1555 87.46 -12.02 -41.56
N UNK B 1556 87.37 -11.71 -42.87
CA UNK B 1556 88.52 -11.46 -43.70
C UNK B 1556 88.81 -9.97 -43.72
N UNK B 1557 90.06 -9.59 -43.46
CA UNK B 1557 90.50 -8.20 -43.55
C UNK B 1557 90.57 -7.81 -45.02
N UNK B 1558 89.81 -6.78 -45.39
CA UNK B 1558 89.69 -6.35 -46.78
C UNK B 1558 89.90 -4.86 -46.95
N UNK B 1559 90.85 -4.53 -47.81
CA UNK B 1559 90.99 -3.20 -48.37
C UNK B 1559 90.19 -3.16 -49.68
N UNK B 1560 89.41 -2.09 -49.82
CA UNK B 1560 88.52 -1.88 -50.94
C UNK B 1560 89.13 -0.63 -51.57
N UNK B 1561 89.66 -0.72 -52.78
CA UNK B 1561 90.34 0.42 -53.40
C UNK B 1561 89.55 0.86 -54.62
N UNK B 1562 89.02 2.07 -54.59
CA UNK B 1562 87.91 2.39 -55.47
C UNK B 1562 88.00 3.82 -55.99
N UNK B 1563 88.75 4.01 -57.07
CA UNK B 1563 89.01 5.37 -57.59
C UNK B 1563 87.69 6.02 -57.97
N UNK B 1564 87.53 7.31 -57.64
CA UNK B 1564 86.28 8.02 -57.97
C UNK B 1564 86.07 8.19 -59.47
N UNK B 1565 87.12 7.96 -60.25
CA UNK B 1565 86.97 7.71 -61.69
C UNK B 1565 86.10 6.48 -61.98
N UNK B 1566 86.36 5.38 -61.29
CA UNK B 1566 85.61 4.13 -61.46
C UNK B 1566 84.20 4.15 -60.85
N UNK B 1567 83.88 5.19 -60.07
CA UNK B 1567 82.49 5.52 -59.73
C UNK B 1567 81.83 6.20 -60.92
N UNK B 1568 80.60 5.80 -61.22
CA UNK B 1568 79.85 6.32 -62.36
C UNK B 1568 78.84 7.39 -61.93
N UNK B 1569 77.78 6.96 -61.25
CA UNK B 1569 76.62 7.79 -60.94
C UNK B 1569 76.45 7.96 -59.44
N UNK B 1570 75.63 8.92 -59.04
CA UNK B 1570 75.26 9.13 -57.63
C UNK B 1570 74.48 7.94 -57.03
N UNK B 1571 73.89 7.09 -57.88
CA UNK B 1571 73.34 5.81 -57.47
C UNK B 1571 74.34 4.86 -56.81
N UNK B 1572 75.61 4.98 -57.18
CA UNK B 1572 76.69 4.24 -56.52
C UNK B 1572 76.90 4.81 -55.12
N UNK B 1573 77.02 6.13 -55.04
CA UNK B 1573 77.64 6.75 -53.92
C UNK B 1573 76.80 6.69 -52.69
N UNK B 1574 75.47 6.67 -52.82
CA UNK B 1574 74.56 6.58 -51.70
C UNK B 1574 74.85 5.32 -50.88
N UNK B 1575 75.00 4.21 -51.61
CA UNK B 1575 75.27 2.91 -51.00
C UNK B 1575 76.57 2.96 -50.22
N UNK B 1576 77.58 3.56 -50.85
CA UNK B 1576 78.91 3.71 -50.26
C UNK B 1576 78.81 4.49 -48.95
N UNK B 1577 78.05 5.57 -49.00
CA UNK B 1577 77.90 6.52 -47.91
C UNK B 1577 77.46 5.82 -46.64
N UNK B 1578 76.43 5.01 -46.78
CA UNK B 1578 75.84 4.27 -45.64
C UNK B 1578 76.89 3.35 -45.04
N UNK B 1579 77.64 2.67 -45.91
CA UNK B 1579 78.61 1.67 -45.52
C UNK B 1579 79.66 2.29 -44.59
N UNK B 1580 80.13 3.46 -44.99
CA UNK B 1580 81.21 4.15 -44.29
C UNK B 1580 80.73 4.72 -42.97
N UNK B 1581 79.55 5.34 -43.02
CA UNK B 1581 78.92 5.95 -41.84
C UNK B 1581 78.63 4.97 -40.72
N UNK B 1582 77.89 3.91 -41.04
CA UNK B 1582 77.38 2.98 -40.02
C UNK B 1582 77.24 1.52 -40.50
N UNK B 1583 78.28 1.03 -41.16
CA UNK B 1583 78.54 -0.41 -41.27
C UNK B 1583 77.66 -1.26 -42.19
N UNK B 1584 76.35 -1.17 -41.99
CA UNK B 1584 75.38 -1.90 -42.80
C UNK B 1584 74.82 -1.01 -43.89
N UNK B 1585 74.37 -1.62 -44.98
CA UNK B 1585 73.72 -0.94 -46.07
C UNK B 1585 72.28 -1.43 -46.07
N UNK B 1586 71.33 -0.60 -45.62
CA UNK B 1586 69.94 -1.07 -45.59
C UNK B 1586 69.39 -1.32 -46.99
N UNK B 1587 68.81 -2.50 -47.19
CA UNK B 1587 68.23 -2.91 -48.47
C UNK B 1587 69.18 -3.52 -49.49
N UNK B 1588 70.43 -3.74 -49.10
CA UNK B 1588 71.43 -4.33 -49.99
C UNK B 1588 71.16 -5.81 -50.13
N UNK B 1589 70.88 -6.46 -49.00
CA UNK B 1589 70.44 -7.85 -48.95
C UNK B 1589 68.94 -7.88 -48.73
N UNK B 1590 68.22 -8.60 -49.59
CA UNK B 1590 66.77 -8.73 -49.47
C UNK B 1590 66.26 -9.92 -50.25
N UNK B 1591 65.28 -10.62 -49.68
CA UNK B 1591 64.68 -11.79 -50.32
C UNK B 1591 65.60 -13.00 -50.31
N UNK B 1592 65.67 -13.68 -51.45
CA UNK B 1592 66.51 -14.89 -51.61
C UNK B 1592 67.95 -14.77 -51.08
N UNK B 1593 68.57 -13.61 -51.30
CA UNK B 1593 69.93 -13.36 -50.89
C UNK B 1593 70.02 -13.23 -49.39
N UNK B 1594 69.02 -12.58 -48.77
CA UNK B 1594 69.04 -12.29 -47.36
C UNK B 1594 69.19 -13.56 -46.54
N UNK B 1595 68.39 -14.56 -46.93
CA UNK B 1595 68.38 -15.87 -46.27
C UNK B 1595 69.78 -16.48 -46.30
N UNK B 1596 70.36 -16.42 -47.50
CA UNK B 1596 71.71 -16.97 -47.75
C UNK B 1596 72.72 -16.29 -46.83
N UNK B 1597 72.61 -14.97 -46.78
CA UNK B 1597 73.49 -14.13 -45.95
C UNK B 1597 73.40 -14.56 -44.50
N UNK B 1598 72.17 -14.75 -44.04
CA UNK B 1598 71.90 -15.16 -42.66
C UNK B 1598 72.59 -16.49 -42.35
N UNK B 1599 72.43 -17.41 -43.30
CA UNK B 1599 73.03 -18.75 -43.18
C UNK B 1599 74.54 -18.65 -43.05
N UNK B 1600 75.11 -17.81 -43.90
CA UNK B 1600 76.55 -17.56 -43.95
C UNK B 1600 77.03 -17.06 -42.59
N UNK B 1601 76.29 -16.10 -42.07
CA UNK B 1601 76.84 -15.39 -40.97
C UNK B 1601 76.80 -16.22 -39.71
N UNK B 1602 75.80 -17.09 -39.55
CA UNK B 1602 75.70 -17.87 -38.33
C UNK B 1602 76.91 -18.78 -38.16
N UNK B 1603 77.32 -19.39 -39.28
CA UNK B 1603 78.50 -20.26 -39.29
C UNK B 1603 79.73 -19.49 -38.84
N UNK B 1604 79.87 -18.29 -39.38
CA UNK B 1604 80.98 -17.39 -39.07
C UNK B 1604 81.02 -17.10 -37.58
N UNK B 1605 79.84 -16.77 -37.06
CA UNK B 1605 79.65 -16.46 -35.64
C UNK B 1605 80.12 -17.63 -34.77
N UNK B 1606 79.68 -18.82 -35.18
CA UNK B 1606 80.02 -20.06 -34.49
C UNK B 1606 81.53 -20.24 -34.43
N UNK B 1607 82.14 -20.03 -35.59
CA UNK B 1607 83.60 -20.16 -35.75
C UNK B 1607 84.31 -19.22 -34.79
N UNK B 1608 83.82 -17.98 -34.76
CA UNK B 1608 84.37 -16.93 -33.90
C UNK B 1608 84.32 -17.37 -32.43
N UNK B 1609 83.17 -17.94 -32.03
CA UNK B 1609 82.94 -18.40 -30.65
C UNK B 1609 81.65 -17.90 -30.00
N UNK B 1610 80.98 -16.95 -30.64
CA UNK B 1610 79.77 -16.33 -30.08
C UNK B 1610 78.54 -17.23 -30.11
N UNK B 1611 77.50 -16.79 -29.39
CA UNK B 1611 76.20 -17.44 -29.33
C UNK B 1611 75.14 -16.48 -29.89
N UNK B 1612 74.74 -16.71 -31.14
CA UNK B 1612 73.66 -15.93 -31.76
C UNK B 1612 72.57 -16.85 -32.29
N UNK B 1613 71.39 -16.26 -32.50
CA UNK B 1613 70.18 -17.03 -32.85
C UNK B 1613 69.14 -16.23 -33.64
N UNK B 1614 68.71 -15.10 -33.09
CA UNK B 1614 67.70 -14.27 -33.73
C UNK B 1614 68.35 -13.57 -34.91
N UNK B 1615 67.56 -13.32 -35.94
CA UNK B 1615 68.07 -12.74 -37.17
C UNK B 1615 68.60 -11.34 -36.93
N UNK B 1616 68.02 -10.60 -35.97
CA UNK B 1616 68.35 -9.22 -35.72
C UNK B 1616 69.72 -9.11 -35.05
N UNK B 1617 69.86 -9.92 -34.00
CA UNK B 1617 71.11 -9.99 -33.23
C UNK B 1617 72.27 -10.39 -34.14
N UNK B 1618 72.00 -11.41 -34.95
CA UNK B 1618 72.98 -11.93 -35.90
C UNK B 1618 73.44 -10.83 -36.85
N UNK B 1619 72.46 -10.11 -37.36
CA UNK B 1619 72.70 -8.98 -38.29
C UNK B 1619 73.60 -7.95 -37.65
N UNK B 1620 73.29 -7.63 -36.40
CA UNK B 1620 74.06 -6.66 -35.60
C UNK B 1620 75.52 -7.08 -35.53
N UNK B 1621 75.69 -8.37 -35.20
CA UNK B 1621 77.03 -8.97 -35.07
C UNK B 1621 77.80 -8.84 -36.37
N UNK B 1622 77.11 -9.16 -37.45
CA UNK B 1622 77.66 -9.10 -38.81
C UNK B 1622 78.16 -7.68 -39.11
N UNK B 1623 77.31 -6.72 -38.77
CA UNK B 1623 77.59 -5.30 -38.98
C UNK B 1623 78.87 -4.90 -38.23
N UNK B 1624 78.92 -5.35 -36.98
CA UNK B 1624 80.05 -5.09 -36.10
C UNK B 1624 81.35 -5.62 -36.72
N UNK B 1625 81.25 -6.85 -37.21
CA UNK B 1625 82.36 -7.55 -37.85
C UNK B 1625 82.87 -6.73 -39.04
N UNK B 1626 81.91 -6.28 -39.84
CA UNK B 1626 82.18 -5.50 -41.05
C UNK B 1626 82.94 -4.23 -40.67
N UNK B 1627 82.47 -3.57 -39.62
CA UNK B 1627 83.15 -2.32 -39.22
C UNK B 1627 84.57 -2.58 -38.78
N UNK B 1628 84.77 -3.68 -38.06
CA UNK B 1628 86.10 -4.10 -37.62
C UNK B 1628 87.02 -4.30 -38.82
N UNK B 1629 86.47 -4.99 -39.82
CA UNK B 1629 87.28 -5.46 -40.97
C UNK B 1629 87.52 -4.45 -42.07
N UNK B 1630 86.42 -4.12 -42.76
CA UNK B 1630 86.43 -3.42 -44.03
C UNK B 1630 87.04 -2.03 -43.98
N UNK B 1631 87.95 -1.79 -44.91
CA UNK B 1631 88.55 -0.49 -45.11
C UNK B 1631 88.30 -0.07 -46.54
N UNK B 1632 87.91 1.19 -46.70
CA UNK B 1632 87.66 1.75 -48.00
C UNK B 1632 88.75 2.73 -48.28
N UNK B 1633 89.20 2.72 -49.53
CA UNK B 1633 90.20 3.64 -49.99
C UNK B 1633 89.69 4.24 -51.28
N UNK B 1634 89.11 5.44 -51.13
CA UNK B 1634 88.80 6.28 -52.26
C UNK B 1634 90.06 6.97 -52.73
N UNK B 1635 90.08 7.20 -54.03
CA UNK B 1635 91.17 7.88 -54.67
C UNK B 1635 90.52 8.81 -55.67
N UNK B 1636 90.56 10.11 -55.39
CA UNK B 1636 89.94 11.11 -56.25
C UNK B 1636 90.86 12.27 -56.60
N UNK B 1637 90.49 12.94 -57.69
CA UNK B 1637 91.43 13.70 -58.49
C UNK B 1637 90.89 15.07 -58.93
N UNK B 1638 91.23 16.15 -58.23
CA UNK B 1638 91.53 16.16 -56.81
C UNK B 1638 90.91 17.43 -56.20
N UNK B 1639 91.53 18.60 -56.43
CA UNK B 1639 91.08 19.87 -55.86
C UNK B 1639 90.02 20.62 -56.69
N UNK B 1640 89.87 20.25 -57.97
CA UNK B 1640 89.03 20.96 -58.95
C UNK B 1640 87.83 21.77 -58.43
N UNK B 1641 87.01 21.11 -57.60
CA UNK B 1641 85.64 21.52 -57.15
C UNK B 1641 84.68 20.32 -57.16
N UNK B 1642 85.12 19.24 -57.82
CA UNK B 1642 84.57 17.90 -57.59
C UNK B 1642 84.55 17.54 -56.12
N UNK B 1643 85.64 17.89 -55.44
CA UNK B 1643 85.77 17.65 -53.99
C UNK B 1643 84.66 18.38 -53.25
N UNK B 1644 84.46 19.63 -53.62
CA UNK B 1644 83.43 20.50 -53.03
C UNK B 1644 82.06 19.85 -53.19
N UNK B 1645 81.81 19.39 -54.41
CA UNK B 1645 80.54 18.75 -54.77
C UNK B 1645 80.31 17.53 -53.86
N UNK B 1646 81.36 16.74 -53.71
CA UNK B 1646 81.31 15.49 -52.96
C UNK B 1646 80.82 15.64 -51.53
N UNK B 1647 81.08 16.79 -50.90
CA UNK B 1647 80.55 17.10 -49.57
C UNK B 1647 79.07 16.76 -49.44
N UNK B 1648 78.27 17.26 -50.38
CA UNK B 1648 76.84 16.99 -50.44
C UNK B 1648 76.55 15.54 -50.88
N UNK B 1649 77.22 15.10 -51.94
CA UNK B 1649 76.93 13.80 -52.55
C UNK B 1649 77.23 12.62 -51.65
N UNK B 1650 78.16 12.79 -50.71
CA UNK B 1650 78.44 11.75 -49.71
C UNK B 1650 79.08 12.35 -48.48
N UNK B 1651 78.44 12.20 -47.33
CA UNK B 1651 79.15 12.39 -46.09
C UNK B 1651 78.89 11.26 -45.04
N UNK B 1652 79.82 10.30 -44.81
CA UNK B 1652 81.15 10.19 -45.43
C UNK B 1652 81.78 11.59 -45.40
N UNK B 1653 82.45 12.05 -46.44
CA UNK B 1653 83.58 11.39 -47.05
C UNK B 1653 84.74 12.10 -46.38
N UNK B 1654 84.45 13.28 -45.84
CA UNK B 1654 85.38 14.08 -45.04
C UNK B 1654 85.02 14.08 -43.55
N UNK B 1655 83.76 13.78 -43.23
CA UNK B 1655 83.30 13.68 -41.83
C UNK B 1655 83.74 12.37 -41.17
N UNK B 1656 83.74 11.27 -41.93
CA UNK B 1656 84.10 9.95 -41.41
C UNK B 1656 85.54 9.57 -41.73
N UNK B 1657 85.87 9.59 -43.03
CA UNK B 1657 87.15 9.10 -43.53
C UNK B 1657 88.30 10.04 -43.19
N UNK B 1658 89.52 9.51 -43.28
CA UNK B 1658 90.75 10.24 -42.95
C UNK B 1658 91.37 10.81 -44.22
N UNK B 1659 91.11 12.10 -44.46
CA UNK B 1659 91.46 12.74 -45.72
C UNK B 1659 92.96 13.02 -45.80
N UNK B 1660 93.67 12.19 -46.55
CA UNK B 1660 95.07 12.47 -46.91
C UNK B 1660 95.10 13.37 -48.12
N UNK B 1661 96.30 13.75 -48.55
CA UNK B 1661 96.47 14.57 -49.74
C UNK B 1661 97.88 14.40 -50.30
N UNK B 1662 97.99 13.56 -51.32
CA UNK B 1662 99.23 13.38 -52.08
C UNK B 1662 99.48 14.62 -52.90
N UNK B 1663 98.40 15.14 -53.51
CA UNK B 1663 98.50 16.24 -54.45
C UNK B 1663 99.21 15.78 -55.70
N UNK B 1664 99.93 16.69 -56.32
CA UNK B 1664 100.96 16.32 -57.29
C UNK B 1664 102.27 16.16 -56.51
N UNK B 1665 103.27 15.59 -57.17
CA UNK B 1665 104.59 15.44 -56.58
C UNK B 1665 105.28 16.78 -56.43
N UNK B 1666 106.02 16.91 -55.33
CA UNK B 1666 106.80 18.10 -55.03
C UNK B 1666 108.04 18.17 -55.92
N UNK B 1667 108.59 19.37 -56.04
CA UNK B 1667 109.82 19.58 -56.79
C UNK B 1667 110.95 18.74 -56.22
N UNK B 1668 111.03 18.74 -54.89
CA UNK B 1668 112.04 17.98 -54.16
C UNK B 1668 111.92 16.50 -54.51
N UNK B 1669 110.67 16.02 -54.49
CA UNK B 1669 110.36 14.62 -54.78
C UNK B 1669 110.86 14.26 -56.18
N UNK B 1670 110.57 15.16 -57.13
CA UNK B 1670 110.91 14.95 -58.53
C UNK B 1670 112.42 14.78 -58.68
N UNK B 1671 113.14 15.68 -58.03
CA UNK B 1671 114.60 15.68 -58.07
C UNK B 1671 115.14 14.34 -57.54
N UNK B 1672 114.56 13.95 -56.41
CA UNK B 1672 114.97 12.73 -55.71
C UNK B 1672 114.79 11.52 -56.64
N UNK B 1673 113.63 11.48 -57.27
CA UNK B 1673 113.30 10.35 -58.15
C UNK B 1673 114.26 10.33 -59.32
N UNK B 1674 114.55 11.52 -59.87
CA UNK B 1674 115.44 11.62 -61.04
C UNK B 1674 116.83 11.08 -60.66
N UNK B 1675 117.28 11.50 -59.48
CA UNK B 1675 118.66 11.31 -59.07
C UNK B 1675 118.98 9.84 -58.97
N UNK B 1676 118.07 9.12 -58.31
CA UNK B 1676 118.21 7.67 -58.10
C UNK B 1676 118.31 6.96 -59.45
N UNK B 1677 117.41 7.36 -60.35
CA UNK B 1677 117.36 6.78 -61.70
C UNK B 1677 118.69 6.98 -62.41
N UNK B 1678 119.19 8.20 -62.31
CA UNK B 1678 120.47 8.57 -62.92
C UNK B 1678 121.60 7.70 -62.40
N UNK B 1679 121.66 7.46 -61.09
CA UNK B 1679 122.82 6.79 -60.45
C UNK B 1679 123.39 5.55 -61.16
N UNK B 1680 122.55 4.82 -61.89
CA UNK B 1680 122.99 3.64 -62.64
C UNK B 1680 123.85 4.02 -63.86
N UNK B 1681 123.31 4.88 -64.71
CA UNK B 1681 124.04 5.35 -65.91
C UNK B 1681 125.25 6.22 -65.55
N UNK B 1682 126.33 6.07 -66.32
CA UNK B 1682 127.58 6.80 -66.09
C UNK B 1682 127.54 8.19 -66.71
N UNK B 1683 127.54 9.22 -65.87
CA UNK B 1683 127.45 10.63 -66.30
C UNK B 1683 128.64 11.49 -65.90
N UNK B 1684 129.57 10.93 -65.11
CA UNK B 1684 130.48 11.75 -64.32
C UNK B 1684 131.63 12.33 -65.14
N UNK B 1685 131.49 13.61 -65.50
CA UNK B 1685 132.61 14.39 -66.03
C UNK B 1685 133.28 15.10 -64.85
N UNK B 1686 134.60 14.88 -64.65
CA UNK B 1686 135.33 15.66 -63.64
C UNK B 1686 135.38 17.16 -63.94
N UNK B 1687 135.70 17.50 -65.20
CA UNK B 1687 135.80 18.89 -65.62
C UNK B 1687 134.43 19.47 -66.01
N UNK B 1688 133.71 19.94 -65.01
CA UNK B 1688 132.44 20.66 -65.21
C UNK B 1688 132.16 21.59 -64.02
N UNK B 1689 132.48 22.87 -64.19
CA UNK B 1689 132.11 23.91 -63.23
C UNK B 1689 131.81 25.21 -63.98
N UNK B 1690 130.52 25.49 -64.21
CA UNK B 1690 130.06 26.81 -64.68
C UNK B 1690 128.79 27.28 -63.95
N UNK B 1691 128.84 27.41 -62.61
CA UNK B 1691 127.76 28.13 -61.92
C UNK B 1691 127.83 29.66 -62.11
N UNK B 1692 127.05 30.16 -63.06
CA UNK B 1692 126.84 31.61 -63.24
C UNK B 1692 125.38 31.82 -63.64
N UNK B 1693 124.63 32.54 -62.80
CA UNK B 1693 123.17 32.53 -62.81
C UNK B 1693 122.68 31.12 -62.43
N UNK B 1694 122.44 30.26 -63.42
CA UNK B 1694 122.06 28.86 -63.20
C UNK B 1694 120.85 28.72 -62.26
N UNK B 1695 119.64 29.02 -62.78
CA UNK B 1695 118.47 29.12 -61.89
C UNK B 1695 118.07 27.77 -61.31
N UNK B 1696 118.52 27.51 -60.08
CA UNK B 1696 118.20 26.27 -59.38
C UNK B 1696 116.70 26.16 -59.06
N UNK B 1697 116.04 25.19 -59.69
CA UNK B 1697 114.61 24.96 -59.51
C UNK B 1697 114.39 24.21 -58.21
N UNK B 1698 115.07 23.07 -58.07
CA UNK B 1698 115.10 22.34 -56.80
C UNK B 1698 116.06 23.06 -55.84
N UNK B 1699 115.52 23.59 -54.74
CA UNK B 1699 116.34 24.18 -53.67
C UNK B 1699 116.88 23.08 -52.76
N UNK B 1700 117.82 23.46 -51.90
CA UNK B 1700 118.48 22.53 -50.97
C UNK B 1700 119.42 21.50 -51.65
N UNK B 1701 119.79 21.75 -52.91
CA UNK B 1701 120.80 20.95 -53.60
C UNK B 1701 122.21 21.37 -53.14
N UNK B 1702 123.22 20.52 -53.35
CA UNK B 1702 124.60 20.93 -53.02
C UNK B 1702 125.16 22.04 -53.93
N UNK B 1703 125.93 22.95 -53.34
CA UNK B 1703 126.59 24.04 -54.07
C UNK B 1703 128.09 24.06 -53.71
N UNK B 1704 129.00 23.94 -54.68
CA UNK B 1704 128.71 23.77 -56.12
C UNK B 1704 128.25 22.34 -56.46
N UNK B 1705 127.33 22.22 -57.45
CA UNK B 1705 126.83 20.90 -57.83
C UNK B 1705 127.79 20.17 -58.78
N UNK B 1706 127.82 18.85 -58.69
CA UNK B 1706 128.53 18.01 -59.65
C UNK B 1706 127.78 17.96 -60.99
N UNK B 1707 128.24 17.13 -61.93
CA UNK B 1707 127.54 16.94 -63.20
C UNK B 1707 126.27 16.11 -63.06
N UNK B 1708 126.33 15.02 -62.29
CA UNK B 1708 125.14 14.18 -62.05
C UNK B 1708 124.02 14.95 -61.35
N UNK B 1709 124.38 15.95 -60.55
CA UNK B 1709 123.43 16.80 -59.86
C UNK B 1709 122.79 17.78 -60.85
N UNK B 1710 123.63 18.36 -61.71
CA UNK B 1710 123.22 19.36 -62.66
C UNK B 1710 122.09 18.89 -63.54
N UNK B 1711 122.24 17.68 -64.08
CA UNK B 1711 121.31 17.16 -65.10
C UNK B 1711 119.99 16.78 -64.48
N UNK B 1712 119.99 16.30 -63.25
CA UNK B 1712 118.71 16.05 -62.56
C UNK B 1712 117.91 17.32 -62.40
N UNK B 1713 118.61 18.39 -62.04
CA UNK B 1713 118.01 19.73 -61.92
C UNK B 1713 117.38 20.14 -63.26
N UNK B 1714 118.14 19.92 -64.32
CA UNK B 1714 117.70 20.25 -65.68
C UNK B 1714 116.41 19.50 -66.02
N UNK B 1715 116.41 18.21 -65.68
CA UNK B 1715 115.28 17.32 -65.90
C UNK B 1715 114.04 17.87 -65.20
N UNK B 1716 114.25 18.24 -63.94
CA UNK B 1716 113.20 18.80 -63.09
C UNK B 1716 112.59 20.04 -63.74
N UNK B 1717 113.49 20.90 -64.20
CA UNK B 1717 113.12 22.15 -64.87
C UNK B 1717 112.24 21.87 -66.08
N UNK B 1718 112.69 20.91 -66.86
CA UNK B 1718 112.00 20.47 -68.08
C UNK B 1718 110.57 20.03 -67.74
N UNK B 1719 110.50 19.21 -66.70
CA UNK B 1719 109.23 18.68 -66.21
C UNK B 1719 108.27 19.81 -65.85
N UNK B 1720 108.83 20.77 -65.11
CA UNK B 1720 108.09 21.94 -64.64
C UNK B 1720 107.52 22.71 -65.84
N UNK B 1721 108.37 22.89 -66.85
CA UNK B 1721 108.03 23.67 -68.02
C UNK B 1721 106.74 23.18 -68.68
N UNK B 1722 106.57 21.86 -68.71
CA UNK B 1722 105.37 21.30 -69.32
C UNK B 1722 104.14 21.70 -68.51
N UNK B 1723 104.27 21.55 -67.20
CA UNK B 1723 103.20 21.88 -66.26
C UNK B 1723 102.78 23.35 -66.42
N UNK B 1724 103.78 24.19 -66.49
CA UNK B 1724 103.61 25.64 -66.64
C UNK B 1724 102.96 25.96 -68.00
N UNK B 1725 103.47 25.30 -69.04
CA UNK B 1725 103.00 25.50 -70.41
C UNK B 1725 101.51 25.35 -70.55
N UNK B 1726 100.92 24.45 -69.75
CA UNK B 1726 99.47 24.25 -69.74
C UNK B 1726 98.76 25.54 -69.39
N UNK B 1727 99.28 26.21 -68.37
CA UNK B 1727 98.72 27.49 -67.90
C UNK B 1727 98.72 28.51 -69.03
N UNK B 1728 99.86 28.58 -69.70
CA UNK B 1728 100.08 29.49 -70.83
C UNK B 1728 99.03 29.24 -71.91
N UNK B 1729 98.87 27.96 -72.22
CA UNK B 1729 97.92 27.49 -73.24
C UNK B 1729 96.49 27.72 -72.78
N UNK B 1730 96.21 27.52 -71.49
CA UNK B 1730 94.88 27.72 -70.90
C UNK B 1730 94.33 29.15 -70.96
N UNK B 1731 95.21 30.15 -71.12
CA UNK B 1731 94.79 31.53 -71.37
C UNK B 1731 94.08 31.67 -72.72
N UNK B 1732 94.63 31.03 -73.76
CA UNK B 1732 93.98 30.95 -75.07
C UNK B 1732 92.68 30.15 -75.00
N UNK B 1733 92.65 29.12 -74.15
CA UNK B 1733 91.46 28.31 -73.92
C UNK B 1733 91.37 27.11 -74.83
N UNK B 1734 92.52 26.49 -75.12
CA UNK B 1734 92.57 25.24 -75.88
C UNK B 1734 92.40 24.05 -74.98
N UNK B 1735 92.52 22.85 -75.55
CA UNK B 1735 92.38 21.61 -74.81
C UNK B 1735 93.74 21.24 -74.25
N UNK B 1736 93.80 21.07 -72.93
CA UNK B 1736 95.01 20.62 -72.24
C UNK B 1736 94.72 19.34 -71.49
N UNK B 1737 95.77 18.55 -71.25
CA UNK B 1737 95.63 17.24 -70.62
C UNK B 1737 96.72 17.06 -69.58
N UNK B 1738 96.36 16.30 -68.54
CA UNK B 1738 97.10 16.26 -67.28
C UNK B 1738 98.54 15.80 -67.43
N UNK B 1739 99.46 16.71 -67.09
CA UNK B 1739 100.85 16.38 -66.91
C UNK B 1739 100.93 15.74 -65.53
N UNK B 1740 101.52 14.56 -65.48
CA UNK B 1740 101.53 13.74 -64.29
C UNK B 1740 102.95 13.37 -63.92
N UNK B 1741 103.15 12.88 -62.68
CA UNK B 1741 104.45 12.27 -62.38
C UNK B 1741 104.71 10.96 -63.14
N UNK B 1742 103.66 10.36 -63.70
CA UNK B 1742 103.85 9.21 -64.55
C UNK B 1742 104.67 9.53 -65.77
N UNK B 1743 104.42 10.70 -66.36
CA UNK B 1743 105.19 11.19 -67.50
C UNK B 1743 106.68 11.27 -67.15
N UNK B 1744 106.93 11.85 -65.98
CA UNK B 1744 108.29 12.04 -65.46
C UNK B 1744 108.98 10.70 -65.33
N UNK B 1745 108.25 9.74 -64.77
CA UNK B 1745 108.75 8.37 -64.60
C UNK B 1745 109.04 7.68 -65.91
N UNK B 1746 108.25 7.98 -66.93
CA UNK B 1746 108.54 7.56 -68.31
C UNK B 1746 109.80 8.30 -68.74
N UNK B 1747 109.76 9.62 -68.62
CA UNK B 1747 110.78 10.49 -69.18
C UNK B 1747 112.21 10.12 -68.86
N UNK B 1748 112.47 9.80 -67.58
CA UNK B 1748 113.80 9.34 -67.16
C UNK B 1748 114.08 7.94 -67.61
N UNK B 1749 113.06 7.08 -67.64
CA UNK B 1749 113.22 5.75 -68.28
C UNK B 1749 113.59 5.90 -69.74
N UNK B 1750 112.91 6.82 -70.40
CA UNK B 1750 113.16 7.18 -71.81
C UNK B 1750 114.63 7.61 -71.96
N UNK B 1751 115.03 8.48 -71.05
CA UNK B 1751 116.36 9.09 -71.04
C UNK B 1751 117.48 8.08 -70.89
N UNK B 1752 117.40 7.27 -69.86
CA UNK B 1752 118.44 6.31 -69.48
C UNK B 1752 118.69 5.35 -70.65
N UNK B 1753 117.58 4.85 -71.20
CA UNK B 1753 117.66 3.91 -72.32
C UNK B 1753 118.35 4.54 -73.51
N UNK B 1754 117.98 5.78 -73.78
CA UNK B 1754 118.49 6.56 -74.90
C UNK B 1754 120.02 6.69 -74.78
N UNK B 1755 120.39 7.16 -73.60
CA UNK B 1755 121.80 7.43 -73.25
C UNK B 1755 122.62 6.17 -73.41
N UNK B 1756 122.09 5.09 -72.88
CA UNK B 1756 122.74 3.77 -72.91
C UNK B 1756 122.98 3.36 -74.35
N UNK B 1757 121.95 3.53 -75.17
CA UNK B 1757 122.02 3.20 -76.59
C UNK B 1757 123.12 3.98 -77.30
N UNK B 1758 122.89 5.30 -77.32
CA UNK B 1758 123.63 6.20 -78.24
C UNK B 1758 125.11 6.13 -77.93
N UNK B 1759 125.44 6.15 -76.64
CA UNK B 1759 126.83 6.08 -76.19
C UNK B 1759 127.49 4.80 -76.71
N UNK B 1760 126.75 3.71 -76.55
CA UNK B 1760 127.21 2.38 -76.98
C UNK B 1760 127.51 2.39 -78.47
N UNK B 1761 126.58 2.96 -79.22
CA UNK B 1761 126.68 3.07 -80.67
C UNK B 1761 127.95 3.82 -81.06
N UNK B 1762 128.14 4.94 -80.37
CA UNK B 1762 129.31 5.82 -80.58
C UNK B 1762 130.59 5.04 -80.37
N UNK B 1763 130.61 4.30 -79.27
CA UNK B 1763 131.76 3.47 -78.88
C UNK B 1763 132.09 2.47 -80.01
N UNK B 1764 131.02 1.83 -80.48
CA UNK B 1764 131.13 0.83 -81.54
C UNK B 1764 131.76 1.44 -82.79
N UNK B 1765 131.24 2.62 -83.12
CA UNK B 1765 131.70 3.38 -84.29
C UNK B 1765 133.18 3.68 -84.18
N UNK B 1766 133.57 4.13 -82.99
CA UNK B 1766 134.96 4.47 -82.67
C UNK B 1766 135.85 3.26 -82.89
N UNK B 1767 135.39 2.13 -82.36
CA UNK B 1767 136.11 0.86 -82.47
C UNK B 1767 136.35 0.50 -83.94
N UNK B 1768 135.27 0.64 -84.71
CA UNK B 1768 135.29 0.34 -86.13
C UNK B 1768 136.33 1.20 -86.84
N UNK B 1769 136.31 2.48 -86.50
CA UNK B 1769 137.23 3.47 -87.07
C UNK B 1769 138.67 3.07 -86.79
N UNK B 1770 138.90 2.69 -85.53
CA UNK B 1770 140.23 2.26 -85.07
C UNK B 1770 140.71 1.08 -85.89
N UNK B 1771 139.81 0.12 -86.06
CA UNK B 1771 140.08 -1.10 -86.81
C UNK B 1771 140.50 -0.75 -88.24
N UNK B 1772 139.73 0.15 -88.83
CA UNK B 1772 139.97 0.62 -90.20
C UNK B 1772 141.39 1.22 -90.32
N UNK B 1773 141.68 2.06 -89.34
CA UNK B 1773 142.87 2.88 -89.28
C UNK B 1773 144.07 1.98 -89.19
N UNK B 1774 144.01 1.01 -88.29
CA UNK B 1774 145.10 0.03 -88.10
C UNK B 1774 145.37 -0.69 -89.42
N UNK B 1775 144.26 -1.12 -90.04
CA UNK B 1775 144.30 -1.93 -91.25
C UNK B 1775 145.01 -1.19 -92.36
N UNK B 1776 144.65 0.10 -92.51
CA UNK B 1776 145.25 0.92 -93.57
C UNK B 1776 146.77 1.01 -93.37
N UNK B 1777 147.15 1.24 -92.13
CA UNK B 1777 148.55 1.35 -91.74
C UNK B 1777 149.31 0.07 -92.10
N UNK B 1778 148.68 -1.05 -91.76
CA UNK B 1778 149.23 -2.38 -92.02
C UNK B 1778 149.47 -2.56 -93.51
N UNK B 1779 148.46 -2.17 -94.28
CA UNK B 1779 148.50 -2.27 -95.74
C UNK B 1779 149.68 -1.48 -96.30
N UNK B 1780 149.82 -0.27 -95.77
CA UNK B 1780 150.88 0.65 -96.16
C UNK B 1780 152.25 0.01 -95.91
N UNK B 1781 152.36 -0.56 -94.72
CA UNK B 1781 153.59 -1.23 -94.28
C UNK B 1781 153.95 -2.35 -95.24
N UNK B 1782 152.93 -3.14 -95.57
CA UNK B 1782 153.07 -4.28 -96.49
C UNK B 1782 153.60 -3.81 -97.83
N UNK B 1783 153.00 -2.73 -98.31
CA UNK B 1783 153.36 -2.12 -99.59
C UNK B 1783 154.83 -1.73 -99.59
N UNK B 1784 155.21 -1.08 -98.49
CA UNK B 1784 156.59 -0.60 -98.29
C UNK B 1784 157.55 -1.78 -98.30
N UNK B 1785 157.16 -2.78 -97.50
CA UNK B 1785 157.92 -4.05 -97.38
C UNK B 1785 157.98 -4.71 -98.77
N UNK B 1786 156.83 -4.72 -99.44
CA UNK B 1786 156.59 -5.49 -100.62
C UNK B 1786 157.46 -5.00 -101.71
N UNK B 1787 157.58 -3.67 -101.90
CA UNK B 1787 158.41 -3.12 -102.96
C UNK B 1787 159.86 -3.59 -102.81
N UNK B 1788 160.33 -3.49 -101.57
CA UNK B 1788 161.69 -3.89 -101.20
C UNK B 1788 161.92 -5.36 -101.55
N UNK B 1789 160.94 -6.17 -101.16
CA UNK B 1789 160.97 -7.61 -101.40
C UNK B 1789 161.10 -7.90 -102.90
N UNK B 1790 160.28 -7.19 -103.66
CA UNK B 1790 160.25 -7.31 -105.12
C UNK B 1790 161.62 -7.01 -105.70
N UNK B 1791 162.20 -5.91 -105.22
CA UNK B 1791 163.52 -5.45 -105.65
C UNK B 1791 164.56 -6.55 -105.40
N UNK B 1792 164.49 -7.09 -104.20
CA UNK B 1792 165.40 -8.16 -103.76
C UNK B 1792 165.31 -9.36 -104.70
N UNK B 1793 164.06 -9.73 -105.00
CA UNK B 1793 163.76 -10.86 -105.88
C UNK B 1793 164.38 -10.63 -107.25
N UNK B 1794 164.19 -9.41 -107.74
CA UNK B 1794 164.71 -9.00 -109.06
C UNK B 1794 166.23 -9.16 -109.09
N UNK B 1795 166.86 -8.68 -108.01
CA UNK B 1795 168.32 -8.75 -107.86
C UNK B 1795 168.79 -10.21 -107.94
N UNK B 1796 168.08 -11.03 -107.18
CA UNK B 1796 168.36 -12.47 -107.09
C UNK B 1796 168.24 -13.11 -108.46
N UNK B 1797 167.19 -12.74 -109.16
CA UNK B 1797 166.90 -13.25 -110.52
C UNK B 1797 168.07 -12.92 -111.44
N UNK B 1798 168.50 -11.67 -111.35
CA UNK B 1798 169.62 -11.16 -112.17
C UNK B 1798 170.87 -11.99 -111.91
N UNK B 1799 171.12 -12.21 -110.63
CA UNK B 1799 172.29 -12.97 -110.18
C UNK B 1799 172.25 -14.38 -110.79
N UNK B 1800 171.08 -14.98 -110.70
CA UNK B 1800 170.84 -16.33 -111.22
C UNK B 1800 171.14 -16.39 -112.71
N UNK B 1801 170.64 -15.39 -113.41
CA UNK B 1801 170.82 -15.25 -114.86
C UNK B 1801 172.30 -15.20 -115.19
N UNK B 1802 173.01 -14.38 -114.44
CA UNK B 1802 174.45 -14.18 -114.60
C UNK B 1802 175.18 -15.53 -114.44
N UNK B 1803 174.79 -16.23 -113.40
CA UNK B 1803 175.36 -17.54 -113.07
C UNK B 1803 175.17 -18.50 -114.23
N UNK B 1804 173.96 -18.51 -114.75
CA UNK B 1804 173.55 -19.36 -115.87
C UNK B 1804 174.44 -19.07 -117.08
N UNK B 1805 174.61 -17.79 -117.34
CA UNK B 1805 175.43 -17.30 -118.46
C UNK B 1805 176.86 -17.82 -118.32
N UNK B 1806 177.37 -17.68 -117.12
CA UNK B 1806 178.73 -18.13 -116.77
C UNK B 1806 178.90 -19.61 -117.07
N UNK B 1807 177.90 -20.37 -116.61
CA UNK B 1807 177.87 -21.83 -116.79
C UNK B 1807 177.92 -22.18 -118.27
N UNK B 1808 177.10 -21.47 -119.03
CA UNK B 1808 177.01 -21.65 -120.48
C UNK B 1808 178.37 -21.43 -121.14
N UNK B 1809 179.00 -20.34 -120.71
CA UNK B 1809 180.32 -19.95 -121.21
C UNK B 1809 181.34 -21.06 -120.96
N UNK B 1810 181.29 -21.56 -119.73
CA UNK B 1810 182.17 -22.64 -119.28
C UNK B 1810 182.00 -23.87 -120.17
N UNK B 1811 180.74 -24.20 -120.40
CA UNK B 1811 180.36 -25.35 -121.23
C UNK B 1811 180.95 -25.20 -122.62
N UNK B 1812 180.79 -24.00 -123.16
CA UNK B 1812 181.27 -23.65 -124.50
C UNK B 1812 182.79 -23.88 -124.58
N UNK B 1813 183.46 -23.37 -123.55
CA UNK B 1813 184.93 -23.48 -123.43
C UNK B 1813 185.35 -24.94 -123.44
N UNK B 1814 184.64 -25.72 -122.65
CA UNK B 1814 184.89 -27.16 -122.53
C UNK B 1814 184.78 -27.84 -123.89
N UNK B 1815 183.70 -27.49 -124.58
CA UNK B 1815 183.41 -28.02 -125.92
C UNK B 1815 184.56 -27.72 -126.87
N UNK B 1816 184.99 -26.47 -126.82
CA UNK B 1816 186.10 -25.97 -127.66
C UNK B 1816 187.36 -26.80 -127.40
N UNK B 1817 187.62 -27.00 -126.12
CA UNK B 1817 188.79 -27.77 -125.67
C UNK B 1817 188.74 -29.18 -126.24
N UNK B 1818 187.56 -29.77 -126.14
CA UNK B 1818 187.31 -31.14 -126.62
C UNK B 1818 187.61 -31.22 -128.11
N UNK B 1819 187.10 -30.23 -128.84
CA UNK B 1819 187.26 -30.12 -130.28
C UNK B 1819 188.76 -30.07 -130.63
N UNK B 1820 189.52 -29.41 -129.78
CA UNK B 1820 190.98 -29.41 -129.92
C UNK B 1820 191.39 -30.90 -129.81
N UNK B 1821 190.71 -31.65 -128.94
CA UNK B 1821 190.86 -33.09 -128.79
C UNK B 1821 190.45 -33.81 -130.09
N UNK B 1822 189.42 -33.28 -130.76
CA UNK B 1822 189.05 -33.69 -132.11
C UNK B 1822 190.20 -33.43 -133.09
N UNK B 1823 190.91 -32.32 -132.95
CA UNK B 1823 192.09 -32.01 -133.77
C UNK B 1823 193.19 -33.06 -133.50
N UNK B 1824 193.32 -33.46 -132.24
CA UNK B 1824 194.25 -34.52 -131.81
C UNK B 1824 193.85 -35.85 -132.48
N UNK B 1825 192.54 -36.09 -132.57
CA UNK B 1825 191.97 -37.26 -133.24
C UNK B 1825 192.33 -37.23 -134.73
N UNK B 1826 192.31 -36.03 -135.32
CA UNK B 1826 192.71 -35.81 -136.72
C UNK B 1826 194.19 -36.15 -136.87
N UNK B 1827 194.99 -35.79 -135.87
CA UNK B 1827 196.42 -36.11 -135.82
C UNK B 1827 196.59 -37.64 -135.75
N UNK B 1828 195.71 -38.29 -134.99
CA UNK B 1828 195.67 -39.75 -134.86
C UNK B 1828 195.35 -40.37 -136.23
N UNK B 1829 194.45 -39.73 -136.99
CA UNK B 1829 194.09 -40.14 -138.34
C UNK B 1829 195.31 -40.02 -139.26
N UNK B 1830 196.10 -38.97 -139.04
CA UNK B 1830 197.35 -38.76 -139.77
C UNK B 1830 198.31 -39.90 -139.44
N UNK B 1831 198.34 -40.32 -138.17
CA UNK B 1831 199.14 -41.46 -137.70
C UNK B 1831 198.67 -42.74 -138.39
N UNK B 1832 197.35 -42.86 -138.56
CA UNK B 1832 196.69 -43.98 -139.23
C UNK B 1832 197.15 -44.04 -140.69
N UNK B 1833 197.31 -42.87 -141.33
CA UNK B 1833 197.89 -42.84 -142.68
C UNK B 1833 199.23 -43.41 -142.30
N UNK B 1834 199.68 -42.99 -141.12
CA UNK B 1834 200.86 -43.55 -140.44
C UNK B 1834 200.78 -45.07 -140.25
N UNK B 1835 199.62 -45.54 -139.75
CA UNK B 1835 199.40 -46.97 -139.51
C UNK B 1835 199.35 -47.75 -140.83
N UNK B 1836 198.74 -47.14 -141.86
CA UNK B 1836 198.79 -47.74 -143.22
C UNK B 1836 200.25 -47.95 -143.66
N UNK B 1837 201.03 -46.87 -143.59
CA UNK B 1837 202.49 -46.93 -143.84
C UNK B 1837 203.19 -48.05 -143.04
N UNK B 1838 202.94 -48.07 -141.72
CA UNK B 1838 203.47 -49.11 -140.82
C UNK B 1838 203.11 -50.52 -141.30
N UNK B 1839 201.83 -50.74 -141.63
CA UNK B 1839 201.35 -52.05 -142.13
C UNK B 1839 202.00 -52.43 -143.47
N UNK B 1840 202.07 -51.48 -144.40
CA UNK B 1840 202.77 -51.74 -145.67
C UNK B 1840 204.20 -52.26 -145.49
N UNK B 1841 205.04 -51.49 -144.80
CA UNK B 1841 206.45 -51.88 -144.56
C UNK B 1841 206.61 -53.11 -143.67
N UNK B 1842 205.71 -53.22 -142.69
CA UNK B 1842 205.66 -54.34 -141.74
C UNK B 1842 205.17 -55.65 -142.38
N UNK B 1843 204.18 -55.51 -143.27
CA UNK B 1843 203.71 -56.62 -144.11
C UNK B 1843 204.86 -57.15 -144.97
N UNK B 1844 205.56 -56.23 -145.64
CA UNK B 1844 206.74 -56.54 -146.45
C UNK B 1844 207.90 -57.19 -145.65
N UNK B 1845 208.26 -56.55 -144.51
CA UNK B 1845 209.26 -57.10 -143.57
C UNK B 1845 208.85 -58.52 -143.10
N UNK B 1846 207.57 -58.69 -142.78
CA UNK B 1846 207.07 -60.01 -142.39
C UNK B 1846 207.08 -61.03 -143.55
N UNK B 1847 206.77 -60.58 -144.77
CA UNK B 1847 206.92 -61.43 -145.97
C UNK B 1847 208.38 -61.87 -146.10
N UNK B 1848 209.30 -60.92 -145.95
CA UNK B 1848 210.73 -61.29 -145.95
C UNK B 1848 211.10 -62.29 -144.83
N UNK B 1849 210.55 -62.07 -143.63
CA UNK B 1849 210.76 -63.00 -142.51
C UNK B 1849 210.23 -64.40 -142.84
N UNK B 1850 209.02 -64.48 -143.40
CA UNK B 1850 208.45 -65.75 -143.85
C UNK B 1850 209.37 -66.38 -144.89
N UNK B 1851 209.87 -65.54 -145.80
CA UNK B 1851 210.84 -66.00 -146.80
C UNK B 1851 212.09 -66.62 -146.15
N UNK B 1852 212.62 -65.97 -145.11
CA UNK B 1852 213.88 -66.46 -144.49
C UNK B 1852 213.73 -67.45 -143.32
N UNK B 1853 212.83 -67.13 -142.41
CA UNK B 1853 212.95 -67.55 -140.98
C UNK B 1853 212.31 -68.89 -140.54
N UNK B 1854 211.17 -69.32 -141.14
CA UNK B 1854 210.59 -70.61 -140.75
C UNK B 1854 211.63 -71.73 -140.81
N UNK B 1855 212.50 -71.61 -141.80
CA UNK B 1855 213.60 -72.54 -142.02
C UNK B 1855 214.60 -72.42 -140.84
N UNK B 1856 214.97 -71.17 -140.49
CA UNK B 1856 215.83 -70.87 -139.31
C UNK B 1856 215.28 -71.54 -138.06
N UNK B 1857 213.97 -71.42 -137.87
CA UNK B 1857 213.30 -72.07 -136.74
C UNK B 1857 213.32 -73.61 -136.85
N UNK B 1858 212.87 -74.17 -137.98
CA UNK B 1858 212.82 -75.65 -138.19
C UNK B 1858 214.11 -76.33 -137.76
N UNK B 1859 215.20 -75.79 -138.30
CA UNK B 1859 216.55 -76.25 -137.97
C UNK B 1859 216.78 -76.20 -136.48
N UNK B 1860 216.45 -75.07 -135.87
CA UNK B 1860 216.72 -74.85 -134.44
C UNK B 1860 215.73 -75.63 -133.54
N UNK B 1861 214.69 -76.21 -134.12
CA UNK B 1861 213.81 -77.18 -133.45
C UNK B 1861 214.47 -78.57 -133.57
N UNK B 1862 214.84 -78.92 -134.79
CA UNK B 1862 215.63 -80.14 -135.00
C UNK B 1862 216.86 -80.19 -134.05
N UNK B 1863 217.49 -79.03 -133.82
CA UNK B 1863 218.53 -78.87 -132.76
C UNK B 1863 218.09 -79.44 -131.41
N UNK B 1864 216.94 -78.99 -130.94
CA UNK B 1864 216.41 -79.41 -129.66
C UNK B 1864 216.14 -80.90 -129.74
N UNK B 1865 215.60 -81.34 -130.88
CA UNK B 1865 215.32 -82.76 -131.11
C UNK B 1865 216.52 -83.71 -130.90
N UNK B 1866 217.71 -83.31 -131.34
CA UNK B 1866 218.83 -84.27 -131.45
C UNK B 1866 219.38 -84.81 -130.13
N UNK B 1867 219.53 -86.14 -130.14
CA UNK B 1867 219.63 -86.98 -128.96
C UNK B 1867 220.96 -86.82 -128.26
N UNK B 1868 221.12 -87.48 -127.10
CA UNK B 1868 222.46 -87.61 -126.52
C UNK B 1868 223.31 -88.64 -127.26
N UNK B 1869 222.74 -89.82 -127.53
CA UNK B 1869 223.47 -90.92 -128.14
C UNK B 1869 224.20 -90.52 -129.41
N UNK B 1870 223.42 -89.98 -130.34
CA UNK B 1870 223.86 -89.68 -131.71
C UNK B 1870 225.13 -88.82 -131.77
N UNK B 1871 225.27 -87.94 -130.80
CA UNK B 1871 226.39 -87.02 -130.74
C UNK B 1871 227.48 -87.50 -129.76
N UNK B 1872 227.04 -88.03 -128.62
CA UNK B 1872 227.94 -88.60 -127.60
C UNK B 1872 228.79 -89.72 -128.17
N UNK B 1873 228.17 -90.59 -128.96
CA UNK B 1873 228.88 -91.69 -129.63
C UNK B 1873 229.98 -91.18 -130.57
N UNK B 1874 229.66 -90.16 -131.39
CA UNK B 1874 230.58 -89.68 -132.42
C UNK B 1874 231.65 -88.78 -131.83
N UNK B 1875 231.30 -87.99 -130.82
CA UNK B 1875 232.31 -87.21 -130.09
C UNK B 1875 233.51 -88.09 -129.69
N UNK B 1876 233.24 -89.33 -129.28
CA UNK B 1876 234.29 -90.26 -128.82
C UNK B 1876 235.07 -90.97 -129.93
N UNK B 1877 234.71 -90.72 -131.19
CA UNK B 1877 235.32 -91.44 -132.32
C UNK B 1877 236.80 -91.07 -132.53
N UNK B 1878 237.64 -92.06 -132.87
CA UNK B 1878 239.07 -91.82 -133.15
C UNK B 1878 239.33 -90.78 -134.23
N UNK B 1879 238.76 -91.03 -135.40
CA UNK B 1879 238.95 -90.17 -136.56
C UNK B 1879 237.65 -89.45 -136.87
N UNK B 1880 237.76 -88.28 -137.51
CA UNK B 1880 236.58 -87.61 -138.04
C UNK B 1880 236.44 -87.83 -139.53
N UNK B 1881 235.25 -88.24 -139.99
CA UNK B 1881 235.01 -88.20 -141.43
C UNK B 1881 235.12 -86.79 -142.03
N UNK B 1882 235.12 -86.75 -143.37
CA UNK B 1882 235.42 -85.52 -144.10
C UNK B 1882 234.20 -84.63 -144.21
N UNK B 1883 233.04 -85.18 -144.54
CA UNK B 1883 231.80 -84.40 -144.57
C UNK B 1883 231.56 -83.79 -143.20
N UNK B 1884 231.71 -84.63 -142.18
CA UNK B 1884 231.62 -84.21 -140.78
C UNK B 1884 232.63 -83.13 -140.39
N UNK B 1885 233.94 -83.37 -140.55
CA UNK B 1885 234.94 -82.32 -140.21
C UNK B 1885 234.65 -81.04 -141.00
N UNK B 1886 234.33 -81.22 -142.29
CA UNK B 1886 233.94 -80.13 -143.20
C UNK B 1886 232.78 -79.27 -142.69
N UNK B 1887 231.61 -79.86 -142.47
CA UNK B 1887 230.46 -79.05 -142.02
C UNK B 1887 230.63 -78.62 -140.54
N UNK B 1888 231.35 -79.41 -139.74
CA UNK B 1888 231.60 -79.09 -138.32
C UNK B 1888 232.57 -77.93 -138.07
N UNK B 1889 233.76 -77.97 -138.68
CA UNK B 1889 234.85 -77.05 -138.31
C UNK B 1889 234.44 -75.56 -138.27
N UNK B 1890 233.70 -75.11 -139.29
CA UNK B 1890 233.34 -73.68 -139.44
C UNK B 1890 232.40 -73.15 -138.37
N UNK B 1891 231.51 -74.02 -137.90
CA UNK B 1891 230.58 -73.68 -136.83
C UNK B 1891 231.33 -73.26 -135.57
N UNK B 1892 232.50 -73.85 -135.32
CA UNK B 1892 233.36 -73.41 -134.21
C UNK B 1892 234.13 -72.09 -134.51
N UNK B 1893 234.28 -71.73 -135.80
CA UNK B 1893 234.68 -70.35 -136.16
C UNK B 1893 233.54 -69.41 -135.84
N UNK B 1894 232.32 -69.89 -136.09
CA UNK B 1894 231.12 -69.13 -135.69
C UNK B 1894 230.96 -69.03 -134.16
N UNK B 1895 231.39 -70.04 -133.41
CA UNK B 1895 231.22 -70.09 -131.94
C UNK B 1895 232.46 -69.72 -131.09
N UNK B 1896 233.42 -69.00 -131.66
CA UNK B 1896 234.34 -68.21 -130.84
C UNK B 1896 235.71 -68.75 -130.49
N UNK B 1897 235.86 -70.07 -130.38
CA UNK B 1897 237.20 -70.65 -130.33
C UNK B 1897 237.46 -71.19 -131.74
N UNK B 1898 237.71 -70.26 -132.66
CA UNK B 1898 238.01 -70.57 -134.07
C UNK B 1898 239.25 -71.44 -134.11
N UNK B 1899 239.01 -72.73 -134.27
CA UNK B 1899 240.04 -73.73 -134.11
C UNK B 1899 239.76 -74.89 -135.05
N UNK B 1900 240.68 -75.07 -135.98
CA UNK B 1900 240.58 -76.13 -136.97
C UNK B 1900 240.80 -77.50 -136.34
N UNK B 1901 241.33 -77.49 -135.12
CA UNK B 1901 241.69 -78.70 -134.38
C UNK B 1901 240.51 -79.59 -134.07
N UNK B 1902 240.69 -80.91 -134.24
CA UNK B 1902 239.68 -81.88 -133.85
C UNK B 1902 239.47 -81.88 -132.33
N UNK B 1903 240.55 -81.97 -131.55
CA UNK B 1903 240.46 -82.05 -130.09
C UNK B 1903 239.89 -80.76 -129.48
N UNK B 1904 240.06 -79.63 -130.17
CA UNK B 1904 239.36 -78.40 -129.78
C UNK B 1904 237.84 -78.58 -129.95
N UNK B 1905 237.42 -79.27 -131.01
CA UNK B 1905 236.01 -79.65 -131.17
C UNK B 1905 235.60 -80.63 -130.07
N UNK B 1906 236.46 -81.61 -129.78
CA UNK B 1906 236.23 -82.52 -128.63
C UNK B 1906 235.95 -81.75 -127.34
N UNK B 1907 236.94 -80.98 -126.90
CA UNK B 1907 236.84 -80.20 -125.66
C UNK B 1907 235.67 -79.21 -125.71
N UNK B 1908 235.52 -78.48 -126.82
CA UNK B 1908 234.47 -77.47 -126.98
C UNK B 1908 233.09 -78.09 -126.88
N UNK B 1909 232.92 -79.22 -127.56
CA UNK B 1909 231.63 -79.84 -127.69
C UNK B 1909 231.36 -80.84 -126.54
N UNK B 1910 232.37 -81.11 -125.72
CA UNK B 1910 232.23 -82.00 -124.57
C UNK B 1910 231.37 -81.40 -123.44
N UNK B 1911 231.20 -80.08 -123.41
CA UNK B 1911 230.45 -79.39 -122.33
C UNK B 1911 228.94 -79.65 -122.38
N UNK B 1912 228.32 -79.92 -121.22
CA UNK B 1912 226.86 -80.10 -121.12
C UNK B 1912 226.14 -78.77 -121.44
N UNK B 1913 226.76 -77.67 -121.05
CA UNK B 1913 226.29 -76.32 -121.40
C UNK B 1913 226.09 -76.09 -122.88
N UNK B 1914 226.82 -76.85 -123.71
CA UNK B 1914 226.57 -76.84 -125.15
C UNK B 1914 225.11 -77.20 -125.44
N UNK B 1915 224.56 -78.19 -124.73
CA UNK B 1915 223.13 -78.54 -124.87
C UNK B 1915 222.23 -77.32 -124.65
N UNK B 1916 222.75 -76.33 -123.91
CA UNK B 1916 222.14 -75.00 -123.83
C UNK B 1916 222.53 -74.16 -125.06
N UNK B 1917 223.81 -74.18 -125.43
CA UNK B 1917 224.33 -73.33 -126.53
C UNK B 1917 223.72 -73.59 -127.90
N UNK B 1918 223.31 -74.84 -128.13
CA UNK B 1918 222.77 -75.33 -129.42
C UNK B 1918 221.68 -74.43 -130.03
N UNK B 1919 220.78 -73.92 -129.19
CA UNK B 1919 219.72 -73.03 -129.64
C UNK B 1919 220.05 -71.56 -129.45
N UNK B 1920 221.18 -71.25 -128.77
CA UNK B 1920 221.44 -69.86 -128.31
C UNK B 1920 221.99 -68.89 -129.34
N UNK B 1921 222.73 -69.38 -130.31
CA UNK B 1921 223.38 -68.50 -131.27
C UNK B 1921 222.36 -67.70 -132.09
N UNK B 1922 222.72 -66.45 -132.39
CA UNK B 1922 221.83 -65.53 -133.10
C UNK B 1922 222.51 -65.02 -134.37
N UNK B 1923 221.75 -64.36 -135.23
CA UNK B 1923 222.19 -64.08 -136.61
C UNK B 1923 222.91 -62.73 -136.80
N UNK B 1924 222.41 -61.69 -136.15
CA UNK B 1924 223.03 -60.35 -136.26
C UNK B 1924 224.45 -60.31 -135.66
N UNK B 1925 224.81 -61.31 -134.85
CA UNK B 1925 226.17 -61.43 -134.26
C UNK B 1925 227.28 -61.69 -135.28
N UNK B 1926 226.92 -62.33 -136.40
CA UNK B 1926 227.92 -62.79 -137.38
C UNK B 1926 228.62 -61.60 -138.03
N UNK B 1927 229.90 -61.78 -138.38
CA UNK B 1927 230.72 -60.74 -139.04
C UNK B 1927 230.99 -61.07 -140.51
N UNK B 1928 231.06 -60.03 -141.35
CA UNK B 1928 231.09 -60.18 -142.81
C UNK B 1928 232.26 -61.00 -143.35
N UNK B 1929 233.43 -60.84 -142.75
CA UNK B 1929 234.57 -61.69 -143.13
C UNK B 1929 234.28 -63.16 -142.75
N UNK B 1930 233.61 -63.38 -141.62
CA UNK B 1930 233.18 -64.73 -141.22
C UNK B 1930 232.18 -65.26 -142.27
N UNK B 1931 231.20 -64.43 -142.63
CA UNK B 1931 230.20 -64.74 -143.70
C UNK B 1931 230.83 -65.10 -145.04
N UNK B 1932 231.76 -64.26 -145.50
CA UNK B 1932 232.46 -64.51 -146.77
C UNK B 1932 233.38 -65.73 -146.71
N UNK B 1933 234.13 -65.86 -145.61
CA UNK B 1933 234.97 -67.05 -145.37
C UNK B 1933 234.13 -68.32 -145.44
N UNK B 1934 233.01 -68.30 -144.73
CA UNK B 1934 232.08 -69.43 -144.78
C UNK B 1934 231.39 -69.60 -146.15
N UNK B 1935 231.14 -68.52 -146.89
CA UNK B 1935 230.60 -68.62 -148.27
C UNK B 1935 231.62 -69.26 -149.27
N UNK B 1936 232.88 -68.85 -149.19
CA UNK B 1936 233.93 -69.55 -149.95
C UNK B 1936 234.09 -71.00 -149.43
N UNK B 1937 233.95 -71.19 -148.11
CA UNK B 1937 233.93 -72.54 -147.51
C UNK B 1937 232.77 -73.39 -148.05
N UNK B 1938 231.67 -72.72 -148.40
CA UNK B 1938 230.53 -73.32 -149.11
C UNK B 1938 230.99 -73.67 -150.51
N UNK B 1939 231.55 -72.70 -151.23
CA UNK B 1939 232.10 -73.01 -152.57
C UNK B 1939 233.00 -74.27 -152.53
N UNK B 1940 233.87 -74.38 -151.52
CA UNK B 1940 234.67 -75.60 -151.31
C UNK B 1940 233.78 -76.80 -151.03
N UNK B 1941 232.84 -76.66 -150.08
CA UNK B 1941 232.00 -77.79 -149.64
C UNK B 1941 230.58 -77.76 -150.17
N UNK B 1942 230.36 -77.12 -151.32
CA UNK B 1942 229.01 -76.94 -151.88
C UNK B 1942 228.32 -78.28 -152.12
N UNK B 1943 229.07 -79.23 -152.68
CA UNK B 1943 228.61 -80.61 -152.74
C UNK B 1943 228.48 -81.24 -151.36
N UNK B 1944 229.45 -80.97 -150.47
CA UNK B 1944 229.51 -81.60 -149.12
C UNK B 1944 228.41 -81.06 -148.22
N UNK B 1945 228.02 -79.82 -148.49
CA UNK B 1945 226.92 -79.23 -147.79
C UNK B 1945 225.61 -79.55 -148.50
N UNK B 1946 225.07 -80.72 -148.21
CA UNK B 1946 223.71 -81.04 -148.62
C UNK B 1946 223.16 -81.78 -147.42
N UNK B 1947 222.10 -81.26 -146.79
CA UNK B 1947 221.61 -81.85 -145.54
C UNK B 1947 221.32 -83.36 -145.63
N UNK B 1948 220.55 -83.77 -146.64
CA UNK B 1948 220.17 -85.17 -146.78
C UNK B 1948 221.37 -86.05 -147.03
N UNK B 1949 222.32 -85.53 -147.81
CA UNK B 1949 223.56 -86.21 -148.08
C UNK B 1949 224.39 -86.36 -146.80
N UNK B 1950 224.39 -85.30 -146.01
CA UNK B 1950 225.12 -85.27 -144.76
C UNK B 1950 224.51 -86.19 -143.70
N UNK B 1951 223.16 -86.28 -143.65
CA UNK B 1951 222.48 -87.11 -142.61
C UNK B 1951 223.02 -88.52 -142.59
N UNK B 1952 223.37 -88.99 -143.78
CA UNK B 1952 223.80 -90.35 -143.97
C UNK B 1952 225.13 -90.60 -143.27
N UNK B 1953 225.92 -89.54 -143.09
CA UNK B 1953 227.11 -89.62 -142.24
C UNK B 1953 226.71 -89.83 -140.77
N UNK B 1954 225.62 -89.20 -140.33
CA UNK B 1954 225.16 -89.31 -138.95
C UNK B 1954 223.73 -88.79 -138.78
N UNK B 1955 222.92 -89.55 -138.06
CA UNK B 1955 221.57 -89.12 -137.65
C UNK B 1955 221.66 -87.73 -137.03
N UNK B 1956 222.68 -87.55 -136.20
CA UNK B 1956 222.98 -86.28 -135.54
C UNK B 1956 223.29 -85.14 -136.51
N UNK B 1957 223.84 -85.47 -137.68
CA UNK B 1957 224.39 -84.49 -138.62
C UNK B 1957 223.38 -83.57 -139.28
N UNK B 1958 222.47 -84.16 -140.06
CA UNK B 1958 221.66 -83.41 -141.03
C UNK B 1958 220.99 -82.15 -140.52
N UNK B 1959 220.36 -82.23 -139.33
CA UNK B 1959 219.71 -81.05 -138.80
C UNK B 1959 220.63 -79.82 -138.76
N UNK B 1960 221.92 -80.04 -138.55
CA UNK B 1960 222.87 -78.95 -138.33
C UNK B 1960 223.43 -78.41 -139.62
N UNK B 1961 223.03 -79.00 -140.75
CA UNK B 1961 223.44 -78.50 -142.06
C UNK B 1961 222.59 -77.28 -142.41
N UNK B 1962 221.29 -77.48 -142.61
CA UNK B 1962 220.42 -76.35 -142.94
C UNK B 1962 220.52 -75.23 -141.88
N UNK B 1963 220.83 -75.61 -140.62
CA UNK B 1963 221.10 -74.67 -139.52
C UNK B 1963 222.07 -73.57 -139.92
N UNK B 1964 223.19 -73.94 -140.56
CA UNK B 1964 224.19 -72.93 -140.91
C UNK B 1964 223.69 -72.09 -142.08
N UNK B 1965 223.24 -72.79 -143.13
CA UNK B 1965 222.68 -72.19 -144.35
C UNK B 1965 221.68 -71.06 -144.02
N UNK B 1966 220.68 -71.40 -143.19
CA UNK B 1966 219.65 -70.41 -142.85
C UNK B 1966 220.25 -69.16 -142.20
N UNK B 1967 221.12 -69.37 -141.21
CA UNK B 1967 221.68 -68.27 -140.40
C UNK B 1967 222.36 -67.20 -141.25
N UNK B 1968 223.19 -67.67 -142.18
CA UNK B 1968 224.00 -66.80 -143.00
C UNK B 1968 223.14 -66.09 -144.05
N UNK B 1969 222.17 -66.82 -144.60
CA UNK B 1969 221.29 -66.26 -145.61
C UNK B 1969 220.54 -65.07 -145.03
N UNK B 1970 220.15 -65.18 -143.76
CA UNK B 1970 219.53 -64.06 -143.07
C UNK B 1970 220.52 -62.92 -143.03
N UNK B 1971 221.78 -63.26 -142.79
CA UNK B 1971 222.87 -62.29 -142.73
C UNK B 1971 223.06 -61.61 -144.09
N UNK B 1972 223.45 -60.35 -144.06
CA UNK B 1972 223.54 -59.54 -145.27
C UNK B 1972 222.14 -59.15 -145.71
N UNK B 1973 221.30 -60.15 -145.91
CA UNK B 1973 219.89 -59.91 -146.20
C UNK B 1973 219.26 -59.19 -145.00
N UNK B 1974 219.63 -59.62 -143.81
CA UNK B 1974 219.17 -58.99 -142.59
C UNK B 1974 219.52 -57.50 -142.55
N UNK B 1975 220.69 -57.15 -143.05
CA UNK B 1975 221.14 -55.77 -143.06
C UNK B 1975 220.17 -54.92 -143.88
N UNK B 1976 219.73 -55.45 -145.01
CA UNK B 1976 218.66 -54.83 -145.78
C UNK B 1976 217.53 -54.51 -144.81
N UNK B 1977 217.18 -55.50 -144.02
CA UNK B 1977 216.13 -55.33 -143.01
C UNK B 1977 216.49 -54.27 -141.95
N UNK B 1978 217.78 -53.90 -141.83
CA UNK B 1978 218.21 -52.79 -140.94
C UNK B 1978 217.55 -51.43 -141.28
N UNK B 1979 217.79 -50.89 -142.50
CA UNK B 1979 217.07 -49.63 -142.73
C UNK B 1979 215.56 -49.82 -142.54
N UNK B 1980 214.98 -50.86 -143.13
CA UNK B 1980 213.54 -51.10 -143.02
C UNK B 1980 213.03 -51.19 -141.58
N UNK B 1981 213.75 -51.95 -140.76
CA UNK B 1981 213.36 -52.19 -139.38
C UNK B 1981 213.61 -50.97 -138.49
N UNK B 1982 214.70 -50.23 -138.72
CA UNK B 1982 214.91 -48.94 -138.01
C UNK B 1982 213.84 -47.90 -138.41
N UNK B 1983 213.52 -47.86 -139.71
CA UNK B 1983 212.39 -47.08 -140.22
C UNK B 1983 211.12 -47.46 -139.47
N UNK B 1984 210.87 -48.77 -139.39
CA UNK B 1984 209.71 -49.27 -138.67
C UNK B 1984 209.69 -48.85 -137.19
N UNK B 1985 210.83 -49.00 -136.51
CA UNK B 1985 210.96 -48.55 -135.10
C UNK B 1985 210.56 -47.08 -134.97
N UNK B 1986 211.17 -46.23 -135.79
CA UNK B 1986 210.81 -44.81 -135.85
C UNK B 1986 209.32 -44.57 -135.98
N UNK B 1987 208.72 -45.11 -137.06
CA UNK B 1987 207.25 -44.98 -137.28
C UNK B 1987 206.45 -45.41 -136.07
N UNK B 1988 206.73 -46.64 -135.63
CA UNK B 1988 206.02 -47.23 -134.50
C UNK B 1988 206.11 -46.37 -133.24
N UNK B 1989 207.32 -45.95 -132.86
CA UNK B 1989 207.51 -45.11 -131.66
C UNK B 1989 206.62 -43.86 -131.68
N UNK B 1990 206.84 -43.06 -132.72
CA UNK B 1990 206.09 -41.84 -132.95
C UNK B 1990 204.64 -42.18 -133.26
N UNK B 1991 204.45 -43.19 -134.08
CA UNK B 1991 203.11 -43.63 -134.44
C UNK B 1991 202.37 -44.14 -133.22
N UNK B 1992 203.08 -44.92 -132.40
CA UNK B 1992 202.49 -45.47 -131.19
C UNK B 1992 202.10 -44.35 -130.25
N UNK B 1993 202.98 -43.36 -130.13
CA UNK B 1993 202.73 -42.22 -129.26
C UNK B 1993 201.50 -41.45 -129.75
N UNK B 1994 201.40 -41.29 -131.07
CA UNK B 1994 200.27 -40.58 -131.66
C UNK B 1994 198.98 -41.34 -131.37
N UNK B 1995 199.03 -42.66 -131.48
CA UNK B 1995 197.87 -43.50 -131.21
C UNK B 1995 197.45 -43.35 -129.75
N UNK B 1996 198.44 -43.33 -128.86
CA UNK B 1996 198.17 -43.18 -127.44
C UNK B 1996 197.51 -41.82 -127.17
N UNK B 1997 198.00 -40.78 -127.84
CA UNK B 1997 197.46 -39.45 -127.68
C UNK B 1997 196.00 -39.42 -128.15
N UNK B 1998 195.74 -40.09 -129.27
CA UNK B 1998 194.39 -40.15 -129.82
C UNK B 1998 193.47 -40.86 -128.84
N UNK B 1999 193.96 -41.94 -128.25
CA UNK B 1999 193.19 -42.70 -127.29
C UNK B 1999 192.87 -41.84 -126.08
N UNK B 2000 193.85 -41.06 -125.62
CA UNK B 2000 193.66 -40.19 -124.48
C UNK B 2000 192.61 -39.14 -124.80
N UNK B 2001 192.66 -38.60 -126.02
CA UNK B 2001 191.70 -37.59 -126.44
C UNK B 2001 190.30 -38.18 -126.45
N UNK B 2002 190.17 -39.42 -126.93
CA UNK B 2002 188.86 -40.07 -126.95
C UNK B 2002 188.37 -40.27 -125.53
N UNK B 2003 189.28 -40.71 -124.66
CA UNK B 2003 189.07 -40.73 -123.23
C UNK B 2003 188.88 -39.35 -122.63
N UNK B 2004 189.66 -38.38 -123.09
CA UNK B 2004 189.52 -37.04 -122.53
C UNK B 2004 188.33 -36.33 -123.12
N UNK B 2005 188.14 -36.51 -124.44
CA UNK B 2005 187.03 -35.88 -125.16
C UNK B 2005 185.70 -36.30 -124.55
N UNK B 2006 185.59 -37.60 -124.30
CA UNK B 2006 184.38 -38.18 -123.71
C UNK B 2006 184.08 -37.54 -122.36
N UNK B 2007 185.14 -37.42 -121.56
CA UNK B 2007 185.06 -36.83 -120.22
C UNK B 2007 184.54 -35.39 -120.32
N UNK B 2008 185.12 -34.67 -121.26
CA UNK B 2008 184.76 -33.26 -121.51
C UNK B 2008 183.28 -33.16 -121.84
N UNK B 2009 182.84 -34.05 -122.72
CA UNK B 2009 181.44 -34.11 -123.17
C UNK B 2009 180.52 -34.33 -121.97
N UNK B 2010 180.92 -35.27 -121.14
CA UNK B 2010 180.18 -35.63 -119.93
C UNK B 2010 180.02 -34.40 -119.03
N UNK B 2011 181.14 -33.71 -118.85
CA UNK B 2011 181.20 -32.50 -118.02
C UNK B 2011 180.21 -31.46 -118.54
N UNK B 2012 180.26 -31.28 -119.86
CA UNK B 2012 179.40 -30.32 -120.56
C UNK B 2012 177.93 -30.65 -120.30
N UNK B 2013 177.62 -31.93 -120.42
CA UNK B 2013 176.27 -32.45 -120.21
C UNK B 2013 175.80 -32.11 -118.79
N UNK B 2014 176.69 -32.37 -117.85
CA UNK B 2014 176.43 -32.12 -116.43
C UNK B 2014 176.10 -30.62 -116.21
N UNK B 2015 176.92 -29.79 -116.83
CA UNK B 2015 176.78 -28.34 -116.75
C UNK B 2015 175.45 -27.91 -117.29
N UNK B 2016 175.05 -28.48 -118.41
CA UNK B 2016 173.78 -28.22 -119.08
C UNK B 2016 172.65 -28.52 -118.15
N UNK B 2017 172.73 -29.64 -117.43
CA UNK B 2017 171.71 -30.03 -116.44
C UNK B 2017 171.63 -28.95 -115.36
N UNK B 2018 172.78 -28.50 -114.91
CA UNK B 2018 172.85 -27.47 -113.87
C UNK B 2018 172.15 -26.19 -114.35
N UNK B 2019 172.46 -25.83 -115.58
CA UNK B 2019 171.91 -24.65 -116.24
C UNK B 2019 170.42 -24.75 -116.30
N UNK B 2020 169.90 -25.92 -116.65
CA UNK B 2020 168.47 -26.20 -116.74
C UNK B 2020 167.78 -25.86 -115.42
N UNK B 2021 168.38 -26.35 -114.36
CA UNK B 2021 167.91 -26.12 -112.98
C UNK B 2021 167.87 -24.62 -112.70
N UNK B 2022 168.98 -23.98 -113.06
CA UNK B 2022 169.16 -22.54 -112.85
C UNK B 2022 168.07 -21.78 -113.61
N UNK B 2023 167.84 -22.20 -114.84
CA UNK B 2023 166.83 -21.58 -115.71
C UNK B 2023 165.45 -21.67 -115.06
N UNK B 2024 165.16 -22.85 -114.55
CA UNK B 2024 163.89 -23.14 -113.86
C UNK B 2024 163.70 -22.19 -112.70
N UNK B 2025 164.77 -22.07 -111.91
CA UNK B 2025 164.79 -21.20 -110.73
C UNK B 2025 164.46 -19.75 -111.14
N UNK B 2026 165.14 -19.33 -112.19
CA UNK B 2026 164.97 -17.98 -112.74
C UNK B 2026 163.52 -17.74 -113.13
N UNK B 2027 162.95 -18.73 -113.81
CA UNK B 2027 161.57 -18.68 -114.27
C UNK B 2027 160.63 -18.54 -113.11
N UNK B 2028 160.88 -19.32 -112.07
CA UNK B 2028 160.09 -19.29 -110.83
C UNK B 2028 160.08 -17.87 -110.25
N UNK B 2029 161.31 -17.36 -110.17
CA UNK B 2029 161.55 -16.00 -109.63
C UNK B 2029 160.84 -14.98 -110.50
N UNK B 2030 160.92 -15.16 -111.81
CA UNK B 2030 160.28 -14.27 -112.78
C UNK B 2030 158.77 -14.22 -112.53
N UNK B 2031 158.21 -15.41 -112.35
CA UNK B 2031 156.78 -15.59 -112.11
C UNK B 2031 156.37 -14.82 -110.86
N UNK B 2032 157.18 -15.00 -109.82
CA UNK B 2032 156.95 -14.36 -108.52
C UNK B 2032 156.92 -12.83 -108.69
N UNK B 2033 157.91 -12.36 -109.44
CA UNK B 2033 158.06 -10.93 -109.72
C UNK B 2033 156.81 -10.39 -110.41
N UNK B 2034 156.36 -11.15 -111.40
CA UNK B 2034 155.17 -10.81 -112.19
C UNK B 2034 153.96 -10.68 -111.28
N UNK B 2035 153.83 -11.66 -110.40
CA UNK B 2035 152.74 -11.73 -109.43
C UNK B 2035 152.74 -10.47 -108.56
N UNK B 2036 153.93 -10.14 -108.08
CA UNK B 2036 154.15 -8.99 -107.21
C UNK B 2036 153.71 -7.71 -107.93
N UNK B 2037 154.09 -7.60 -109.20
CA UNK B 2037 154.00 -6.30 -109.91
C UNK B 2037 152.57 -5.84 -110.01
N UNK B 2038 151.69 -6.77 -110.41
CA UNK B 2038 150.24 -6.54 -110.42
C UNK B 2038 149.76 -6.09 -109.04
N UNK B 2039 150.23 -6.83 -108.04
CA UNK B 2039 149.93 -6.51 -106.63
C UNK B 2039 150.27 -5.09 -106.27
N UNK B 2040 151.41 -4.59 -106.71
CA UNK B 2040 151.86 -3.24 -106.38
C UNK B 2040 150.85 -2.21 -106.87
N UNK B 2041 150.41 -2.40 -108.10
CA UNK B 2041 149.41 -1.51 -108.72
C UNK B 2041 148.12 -1.57 -107.93
N UNK B 2042 147.69 -2.82 -107.70
CA UNK B 2042 146.44 -3.10 -106.95
C UNK B 2042 146.56 -2.51 -105.56
N UNK B 2043 147.71 -2.71 -104.94
CA UNK B 2043 147.98 -2.20 -103.59
C UNK B 2043 147.84 -0.69 -103.55
N UNK B 2044 148.43 -0.06 -104.56
CA UNK B 2044 148.40 1.40 -104.70
C UNK B 2044 146.96 1.89 -104.79
N UNK B 2045 146.19 1.19 -105.62
CA UNK B 2045 144.77 1.49 -105.84
C UNK B 2045 144.01 1.44 -104.51
N UNK B 2046 144.28 0.36 -103.78
CA UNK B 2046 143.66 0.10 -102.48
C UNK B 2046 143.95 1.26 -101.52
N UNK B 2047 145.22 1.65 -101.51
CA UNK B 2047 145.71 2.74 -100.66
C UNK B 2047 144.95 4.02 -100.98
N UNK B 2048 144.83 4.29 -102.27
CA UNK B 2048 144.14 5.48 -102.78
C UNK B 2048 142.69 5.49 -102.28
N UNK B 2049 142.05 4.34 -102.41
CA UNK B 2049 140.68 4.14 -102.00
C UNK B 2049 140.51 4.47 -100.51
N UNK B 2050 141.44 3.92 -99.74
CA UNK B 2050 141.47 4.11 -98.29
C UNK B 2050 141.57 5.59 -97.95
N UNK B 2051 142.47 6.26 -98.65
CA UNK B 2051 142.70 7.69 -98.48
C UNK B 2051 141.42 8.47 -98.73
N UNK B 2052 140.77 8.11 -99.82
CA UNK B 2052 139.50 8.73 -100.24
C UNK B 2052 138.46 8.58 -99.13
N UNK B 2053 138.38 7.37 -98.62
CA UNK B 2053 137.61 7.03 -97.42
C UNK B 2053 138.14 7.77 -96.17
N UNK B 2054 139.43 7.61 -95.90
CA UNK B 2054 140.08 8.02 -94.63
C UNK B 2054 139.94 9.49 -94.28
N UNK B 2055 139.81 10.36 -95.29
CA UNK B 2055 139.48 11.77 -95.08
C UNK B 2055 138.21 11.96 -94.23
N UNK B 2056 137.24 11.06 -94.41
CA UNK B 2056 136.06 11.00 -93.54
C UNK B 2056 136.42 10.37 -92.19
N UNK B 2057 137.07 9.21 -92.22
CA UNK B 2057 137.35 8.41 -91.01
C UNK B 2057 138.39 9.04 -90.07
N UNK B 2058 139.21 9.96 -90.58
CA UNK B 2058 140.15 10.72 -89.77
C UNK B 2058 139.42 11.67 -88.81
N UNK B 2059 138.49 12.43 -89.37
CA UNK B 2059 137.67 13.37 -88.60
C UNK B 2059 136.70 12.67 -87.64
N UNK B 2060 136.24 11.48 -88.06
CA UNK B 2060 135.24 10.75 -87.33
C UNK B 2060 135.72 10.43 -85.91
N UNK B 2061 136.97 10.00 -85.83
CA UNK B 2061 137.60 9.67 -84.55
C UNK B 2061 137.60 10.88 -83.63
N UNK B 2062 137.99 12.01 -84.21
CA UNK B 2062 138.06 13.28 -83.49
C UNK B 2062 136.68 13.64 -82.93
N UNK B 2063 135.68 13.49 -83.79
CA UNK B 2063 134.28 13.77 -83.44
C UNK B 2063 133.86 12.93 -82.25
N UNK B 2064 134.20 11.64 -82.33
CA UNK B 2064 133.88 10.66 -81.30
C UNK B 2064 134.48 11.10 -79.97
N UNK B 2065 135.75 11.49 -80.04
CA UNK B 2065 136.48 11.98 -78.86
C UNK B 2065 135.77 13.16 -78.22
N UNK B 2066 135.36 14.08 -79.10
CA UNK B 2066 134.56 15.26 -78.72
C UNK B 2066 133.06 14.97 -78.40
N UNK B 2067 132.48 13.97 -79.05
CA UNK B 2067 131.03 13.65 -78.94
C UNK B 2067 130.61 13.12 -77.58
N UNK B 2068 131.25 12.04 -77.15
CA UNK B 2068 130.84 11.32 -75.93
C UNK B 2068 130.66 12.21 -74.68
N UNK B 2069 131.37 13.34 -74.64
CA UNK B 2069 131.14 14.38 -73.62
C UNK B 2069 129.75 15.03 -73.75
N UNK B 2070 129.36 15.36 -74.98
CA UNK B 2070 128.10 16.07 -75.26
C UNK B 2070 126.84 15.17 -75.34
N UNK B 2071 126.96 13.90 -74.99
CA UNK B 2071 125.93 12.91 -75.30
C UNK B 2071 124.76 13.05 -74.34
N UNK B 2072 125.07 13.25 -73.06
CA UNK B 2072 124.07 13.35 -72.02
C UNK B 2072 123.10 14.49 -72.32
N UNK B 2073 123.68 15.63 -72.68
CA UNK B 2073 122.92 16.84 -73.01
C UNK B 2073 121.96 16.56 -74.17
N UNK B 2074 122.52 15.92 -75.18
CA UNK B 2074 121.83 15.57 -76.42
C UNK B 2074 120.61 14.72 -76.09
N UNK B 2075 120.84 13.72 -75.25
CA UNK B 2075 119.80 12.76 -74.87
C UNK B 2075 118.67 13.51 -74.16
N UNK B 2076 119.06 14.42 -73.27
CA UNK B 2076 118.13 15.00 -72.30
C UNK B 2076 117.03 15.76 -73.05
N UNK B 2077 117.40 16.50 -74.08
CA UNK B 2077 116.40 17.24 -74.84
C UNK B 2077 115.55 16.23 -75.60
N UNK B 2078 116.25 15.35 -76.31
CA UNK B 2078 115.61 14.40 -77.22
C UNK B 2078 114.62 13.53 -76.47
N UNK B 2079 115.08 13.04 -75.33
CA UNK B 2079 114.29 12.16 -74.46
C UNK B 2079 113.03 12.89 -74.02
N UNK B 2080 113.21 14.14 -73.61
CA UNK B 2080 112.12 15.00 -73.14
C UNK B 2080 111.08 15.15 -74.24
N UNK B 2081 111.57 15.40 -75.45
CA UNK B 2081 110.73 15.59 -76.62
C UNK B 2081 109.74 14.47 -76.83
N UNK B 2082 110.17 13.23 -76.63
CA UNK B 2082 109.26 12.10 -76.86
C UNK B 2082 108.17 12.05 -75.79
N UNK B 2083 108.57 11.80 -74.56
CA UNK B 2083 107.62 11.52 -73.49
C UNK B 2083 106.73 12.70 -73.17
N UNK B 2084 107.20 13.92 -73.41
CA UNK B 2084 106.48 15.12 -73.01
C UNK B 2084 105.75 15.85 -74.15
N UNK B 2085 106.31 15.88 -75.35
CA UNK B 2085 105.78 16.73 -76.43
C UNK B 2085 104.77 16.04 -77.36
N UNK B 2086 104.13 14.98 -76.88
CA UNK B 2086 103.28 14.16 -77.71
C UNK B 2086 102.12 14.91 -78.34
N UNK B 2087 101.29 15.53 -77.52
CA UNK B 2087 100.01 16.11 -77.97
C UNK B 2087 100.14 17.36 -78.83
N UNK B 2088 101.23 18.10 -78.65
CA UNK B 2088 101.28 19.50 -79.06
C UNK B 2088 101.40 19.66 -80.59
N UNK B 2089 101.27 20.90 -81.05
CA UNK B 2089 101.36 21.24 -82.47
C UNK B 2089 102.79 21.66 -82.78
N UNK B 2090 103.03 22.13 -84.01
CA UNK B 2090 104.34 22.61 -84.44
C UNK B 2090 104.93 23.67 -83.52
N UNK B 2091 104.15 24.71 -83.25
CA UNK B 2091 104.66 25.93 -82.62
C UNK B 2091 105.17 25.58 -81.22
N UNK B 2092 104.38 24.78 -80.50
CA UNK B 2092 104.56 24.59 -79.07
C UNK B 2092 105.64 23.60 -78.76
N UNK B 2093 105.75 22.55 -79.56
CA UNK B 2093 106.79 21.54 -79.43
C UNK B 2093 108.17 22.19 -79.48
N UNK B 2094 108.31 23.03 -80.50
CA UNK B 2094 109.57 23.76 -80.75
C UNK B 2094 109.90 24.62 -79.53
N UNK B 2095 108.88 25.33 -79.07
CA UNK B 2095 108.98 26.27 -77.97
C UNK B 2095 109.48 25.59 -76.73
N UNK B 2096 108.89 24.43 -76.45
CA UNK B 2096 109.25 23.60 -75.28
C UNK B 2096 110.73 23.21 -75.38
N UNK B 2097 111.02 22.68 -76.57
CA UNK B 2097 112.40 22.20 -76.86
C UNK B 2097 113.37 23.35 -76.76
N UNK B 2098 112.97 24.48 -77.32
CA UNK B 2098 113.80 25.69 -77.32
C UNK B 2098 114.12 26.11 -75.89
N UNK B 2099 113.06 26.10 -75.07
CA UNK B 2099 113.17 26.49 -73.67
C UNK B 2099 114.17 25.58 -72.95
N UNK B 2100 114.02 24.28 -73.21
CA UNK B 2100 114.89 23.27 -72.60
C UNK B 2100 116.35 23.52 -72.98
N UNK B 2101 116.54 23.81 -74.26
CA UNK B 2101 117.87 24.10 -74.80
C UNK B 2101 118.50 25.28 -74.08
N UNK B 2102 117.68 26.32 -73.93
CA UNK B 2102 118.10 27.56 -73.27
C UNK B 2102 118.55 27.26 -71.84
N UNK B 2103 117.73 26.45 -71.16
CA UNK B 2103 117.99 26.06 -69.78
C UNK B 2103 119.33 25.35 -69.68
N UNK B 2104 119.53 24.42 -70.61
CA UNK B 2104 120.76 23.62 -70.69
C UNK B 2104 121.97 24.52 -70.84
N UNK B 2105 121.82 25.49 -71.74
CA UNK B 2105 122.88 26.48 -72.04
C UNK B 2105 123.24 27.23 -70.77
N UNK B 2106 122.20 27.67 -70.07
CA UNK B 2106 122.35 28.42 -68.82
C UNK B 2106 123.14 27.61 -67.80
N UNK B 2107 122.74 26.35 -67.69
CA UNK B 2107 123.36 25.38 -66.77
C UNK B 2107 124.84 25.25 -67.09
N UNK B 2108 125.05 25.00 -68.39
CA UNK B 2108 126.31 24.64 -69.03
C UNK B 2108 126.56 23.13 -69.06
N UNK B 2109 125.48 22.37 -69.27
CA UNK B 2109 125.60 21.02 -69.81
C UNK B 2109 125.71 21.20 -71.32
N UNK B 2110 126.78 20.69 -71.92
CA UNK B 2110 127.00 20.86 -73.36
C UNK B 2110 126.16 19.85 -74.15
N UNK B 2111 125.57 20.32 -75.24
CA UNK B 2111 124.72 19.52 -76.13
C UNK B 2111 124.99 19.96 -77.56
N UNK B 2112 124.67 19.11 -78.52
CA UNK B 2112 124.82 19.46 -79.94
C UNK B 2112 123.85 20.57 -80.32
N UNK B 2113 124.38 21.74 -80.66
CA UNK B 2113 123.58 22.92 -80.99
C UNK B 2113 122.78 22.70 -82.27
N UNK B 2114 123.49 22.30 -83.33
CA UNK B 2114 122.85 21.90 -84.59
C UNK B 2114 122.36 20.45 -84.49
N UNK B 2115 121.04 20.30 -84.31
CA UNK B 2115 120.42 18.97 -84.28
C UNK B 2115 118.93 19.04 -84.61
N UNK B 2116 118.57 18.44 -85.75
CA UNK B 2116 117.19 18.10 -86.04
C UNK B 2116 116.92 16.77 -85.38
N UNK B 2117 116.30 16.80 -84.20
CA UNK B 2117 116.09 15.59 -83.38
C UNK B 2117 115.53 14.42 -84.20
N UNK B 2118 114.60 14.72 -85.11
CA UNK B 2118 114.06 13.70 -86.02
C UNK B 2118 115.13 12.86 -86.74
N UNK B 2119 116.22 13.51 -87.17
CA UNK B 2119 117.33 12.81 -87.82
C UNK B 2119 118.18 12.04 -86.83
N UNK B 2120 118.29 12.54 -85.60
CA UNK B 2120 119.12 11.91 -84.56
C UNK B 2120 118.57 10.56 -84.08
N UNK B 2121 117.28 10.49 -83.80
CA UNK B 2121 116.70 9.30 -83.16
C UNK B 2121 116.49 8.16 -84.14
N UNK B 2122 115.85 8.44 -85.26
CA UNK B 2122 115.70 7.44 -86.32
C UNK B 2122 116.98 7.26 -87.11
N UNK B 2123 117.06 6.15 -87.84
CA UNK B 2123 118.12 5.91 -88.83
C UNK B 2123 117.69 6.57 -90.14
N UNK B 2124 118.40 6.28 -91.22
CA UNK B 2124 117.98 6.70 -92.56
C UNK B 2124 117.09 5.65 -93.20
N UNK B 2125 117.53 4.39 -93.07
CA UNK B 2125 116.80 3.23 -93.60
C UNK B 2125 115.39 3.19 -93.02
N UNK B 2126 115.34 3.37 -91.71
CA UNK B 2126 114.08 3.36 -90.96
C UNK B 2126 113.12 4.43 -91.51
N UNK B 2127 113.69 5.61 -91.70
CA UNK B 2127 112.96 6.76 -92.22
C UNK B 2127 112.37 6.44 -93.59
N UNK B 2128 113.21 5.85 -94.43
CA UNK B 2128 112.84 5.45 -95.79
C UNK B 2128 111.66 4.49 -95.75
N UNK B 2129 111.77 3.51 -94.85
CA UNK B 2129 110.74 2.49 -94.66
C UNK B 2129 109.39 3.12 -94.36
N UNK B 2130 109.38 4.08 -93.44
CA UNK B 2130 108.12 4.74 -93.05
C UNK B 2130 107.50 5.44 -94.25
N UNK B 2131 108.36 6.12 -95.01
CA UNK B 2131 107.94 6.84 -96.21
C UNK B 2131 107.28 5.88 -97.20
N UNK B 2132 107.93 4.74 -97.38
CA UNK B 2132 107.44 3.69 -98.27
C UNK B 2132 106.04 3.23 -97.83
N UNK B 2133 105.84 3.06 -96.51
CA UNK B 2133 104.57 2.60 -95.95
C UNK B 2133 103.60 3.73 -95.57
N UNK B 2134 103.25 4.56 -96.55
CA UNK B 2134 102.19 5.59 -96.43
C UNK B 2134 102.40 6.76 -95.45
N UNK B 2135 103.49 6.76 -94.68
CA UNK B 2135 103.74 7.80 -93.69
C UNK B 2135 104.21 9.05 -94.43
N UNK B 2136 103.60 10.22 -94.15
CA UNK B 2136 103.99 11.43 -94.89
C UNK B 2136 105.45 11.90 -94.71
N UNK B 2137 105.85 12.87 -95.53
CA UNK B 2137 107.24 13.33 -95.60
C UNK B 2137 107.65 14.29 -94.48
N UNK B 2138 106.70 15.07 -93.97
CA UNK B 2138 107.00 16.17 -93.04
C UNK B 2138 107.64 15.74 -91.71
N UNK B 2139 108.27 16.71 -91.05
CA UNK B 2139 109.08 16.48 -89.87
C UNK B 2139 108.24 16.08 -88.69
N UNK B 2140 107.06 16.69 -88.55
CA UNK B 2140 106.12 16.37 -87.49
C UNK B 2140 105.73 14.89 -87.55
N UNK B 2141 105.43 14.46 -88.77
CA UNK B 2141 105.04 13.06 -89.02
C UNK B 2141 106.15 12.12 -88.59
N UNK B 2142 107.36 12.48 -88.98
CA UNK B 2142 108.57 11.70 -88.65
C UNK B 2142 108.71 11.55 -87.14
N UNK B 2143 108.53 12.68 -86.46
CA UNK B 2143 108.62 12.75 -85.00
C UNK B 2143 107.61 11.79 -84.37
N UNK B 2144 106.39 11.86 -84.90
CA UNK B 2144 105.28 11.02 -84.43
C UNK B 2144 105.63 9.54 -84.58
N UNK B 2145 106.17 9.22 -85.74
CA UNK B 2145 106.59 7.85 -86.08
C UNK B 2145 107.63 7.36 -85.07
N UNK B 2146 108.58 8.22 -84.80
CA UNK B 2146 109.67 7.95 -83.85
C UNK B 2146 109.08 7.62 -82.49
N UNK B 2147 108.15 8.46 -82.08
CA UNK B 2147 107.46 8.33 -80.78
C UNK B 2147 106.78 6.96 -80.69
N UNK B 2148 106.08 6.63 -81.78
CA UNK B 2148 105.35 5.37 -81.89
C UNK B 2148 106.31 4.19 -81.72
N UNK B 2149 107.43 4.30 -82.41
CA UNK B 2149 108.48 3.27 -82.38
C UNK B 2149 108.97 3.07 -80.94
N UNK B 2150 109.24 4.19 -80.26
CA UNK B 2150 110.00 4.22 -79.00
C UNK B 2150 109.17 4.26 -77.70
N UNK B 2151 107.85 4.18 -77.78
CA UNK B 2151 106.98 4.44 -76.62
C UNK B 2151 107.28 3.64 -75.35
N UNK B 2152 106.86 4.21 -74.21
CA UNK B 2152 106.82 3.50 -72.93
C UNK B 2152 105.36 3.27 -72.52
N UNK B 2153 104.63 4.34 -72.22
CA UNK B 2153 103.19 4.24 -71.98
C UNK B 2153 102.57 4.11 -73.35
N UNK B 2154 101.59 3.23 -73.50
CA UNK B 2154 101.12 2.84 -74.84
C UNK B 2154 100.62 4.02 -75.67
N UNK B 2155 100.81 3.96 -76.99
CA UNK B 2155 100.42 5.09 -77.79
C UNK B 2155 98.92 5.20 -77.99
N UNK B 2156 98.35 6.26 -77.43
CA UNK B 2156 97.05 6.77 -77.85
C UNK B 2156 97.27 7.70 -79.02
N UNK B 2157 96.43 7.60 -80.03
CA UNK B 2157 96.61 8.39 -81.24
C UNK B 2157 95.38 9.24 -81.53
N UNK B 2158 95.66 10.48 -81.91
CA UNK B 2158 94.70 11.33 -82.54
C UNK B 2158 95.03 11.29 -84.02
N UNK B 2159 94.02 11.10 -84.85
CA UNK B 2159 94.24 11.07 -86.28
C UNK B 2159 92.97 11.51 -87.03
N UNK B 2160 92.91 12.79 -87.43
CA UNK B 2160 91.74 13.24 -88.16
C UNK B 2160 91.61 12.62 -89.55
N UNK B 2161 92.72 12.53 -90.27
CA UNK B 2161 92.71 12.07 -91.65
C UNK B 2161 92.58 10.55 -91.80
N UNK B 2162 92.96 9.80 -90.77
CA UNK B 2162 93.15 8.34 -90.86
C UNK B 2162 94.47 7.86 -91.47
N UNK B 2163 95.24 8.82 -91.99
CA UNK B 2163 96.49 8.56 -92.67
C UNK B 2163 97.45 7.82 -91.74
N UNK B 2164 97.54 8.34 -90.52
CA UNK B 2164 98.42 7.77 -89.48
C UNK B 2164 98.03 6.31 -89.22
N UNK B 2165 96.73 6.10 -89.09
CA UNK B 2165 96.16 4.77 -88.84
C UNK B 2165 96.57 3.81 -89.94
N UNK B 2166 96.42 4.29 -91.17
CA UNK B 2166 96.75 3.53 -92.38
C UNK B 2166 98.22 3.11 -92.35
N UNK B 2167 99.05 4.08 -92.02
CA UNK B 2167 100.51 3.90 -91.93
C UNK B 2167 100.84 2.80 -90.93
N UNK B 2168 100.17 2.89 -89.77
CA UNK B 2168 100.36 1.92 -88.69
C UNK B 2168 100.03 0.52 -89.18
N UNK B 2169 98.89 0.43 -89.87
CA UNK B 2169 98.40 -0.84 -90.41
C UNK B 2169 99.44 -1.44 -91.36
N UNK B 2170 99.95 -0.57 -92.22
CA UNK B 2170 100.97 -0.95 -93.22
C UNK B 2170 102.19 -1.52 -92.53
N UNK B 2171 102.62 -0.81 -91.49
CA UNK B 2171 103.79 -1.19 -90.69
C UNK B 2171 103.60 -2.58 -90.09
N UNK B 2172 102.48 -2.83 -89.44
CA UNK B 2172 102.32 -4.09 -88.69
C UNK B 2172 101.64 -5.22 -89.48
N UNK B 2173 101.63 -5.13 -90.81
CA UNK B 2173 101.14 -6.22 -91.67
C UNK B 2173 102.02 -7.47 -91.55
N UNK B 2174 103.30 -7.26 -91.27
CA UNK B 2174 104.25 -8.35 -91.03
C UNK B 2174 103.89 -9.15 -89.77
N UNK B 2175 103.63 -8.45 -88.67
CA UNK B 2175 103.19 -9.08 -87.41
C UNK B 2175 101.72 -9.51 -87.41
N UNK B 2176 100.93 -8.99 -88.35
CA UNK B 2176 99.48 -9.22 -88.46
C UNK B 2176 98.74 -8.54 -87.31
N UNK B 2177 98.35 -7.29 -87.55
CA UNK B 2177 97.61 -6.48 -86.58
C UNK B 2177 96.11 -6.55 -86.82
N UNK B 2178 95.37 -6.54 -85.72
CA UNK B 2178 93.91 -6.64 -85.74
C UNK B 2178 93.33 -5.25 -85.50
N UNK B 2179 92.39 -4.86 -86.35
CA UNK B 2179 91.66 -3.61 -86.21
C UNK B 2179 90.36 -3.91 -85.47
N UNK B 2180 89.96 -3.02 -84.57
CA UNK B 2180 88.74 -3.18 -83.79
C UNK B 2180 88.29 -1.86 -83.16
N UNK B 2181 87.14 -1.89 -82.49
CA UNK B 2181 86.65 -0.73 -81.75
C UNK B 2181 86.48 -1.05 -80.28
N UNK B 2182 86.32 0.00 -79.49
CA UNK B 2182 85.89 -0.12 -78.10
C UNK B 2182 84.41 -0.45 -78.07
N UNK B 2183 83.62 0.34 -78.79
CA UNK B 2183 82.16 0.19 -78.81
C UNK B 2183 81.64 -1.07 -79.53
N UNK B 2184 82.48 -1.73 -80.32
CA UNK B 2184 82.10 -2.97 -81.00
C UNK B 2184 82.00 -4.13 -79.99
N UNK B 2185 81.04 -5.02 -80.20
CA UNK B 2185 80.82 -6.19 -79.32
C UNK B 2185 82.04 -7.10 -79.30
N UNK B 2186 82.61 -7.33 -80.47
CA UNK B 2186 83.82 -8.14 -80.61
C UNK B 2186 85.07 -7.32 -80.31
N UNK B 2187 85.12 -6.75 -79.11
CA UNK B 2187 86.25 -5.94 -78.70
C UNK B 2187 87.00 -6.79 -77.72
N UNK B 2188 86.31 -7.13 -76.64
CA UNK B 2188 86.92 -7.75 -75.47
C UNK B 2188 87.61 -9.05 -75.85
N UNK B 2189 86.88 -9.85 -76.61
CA UNK B 2189 87.36 -11.16 -77.08
C UNK B 2189 88.64 -10.98 -77.88
N UNK B 2190 88.60 -10.01 -78.78
CA UNK B 2190 89.74 -9.68 -79.66
C UNK B 2190 90.96 -9.33 -78.83
N UNK B 2191 90.71 -8.48 -77.83
CA UNK B 2191 91.76 -8.01 -76.92
C UNK B 2191 92.41 -9.20 -76.21
N UNK B 2192 91.55 -10.09 -75.73
CA UNK B 2192 91.97 -11.29 -75.01
C UNK B 2192 92.88 -12.13 -75.91
N UNK B 2193 92.43 -12.31 -77.14
CA UNK B 2193 93.16 -13.08 -78.15
C UNK B 2193 94.55 -12.49 -78.37
N UNK B 2194 94.57 -11.17 -78.51
CA UNK B 2194 95.81 -10.42 -78.73
C UNK B 2194 96.79 -10.67 -77.58
N UNK B 2195 96.24 -10.58 -76.38
CA UNK B 2195 97.01 -10.79 -75.14
C UNK B 2195 97.63 -12.17 -75.13
N UNK B 2196 96.81 -13.15 -75.49
CA UNK B 2196 97.23 -14.56 -75.55
C UNK B 2196 98.34 -14.86 -76.56
N UNK B 2197 98.04 -14.56 -77.82
CA UNK B 2197 98.86 -15.00 -78.95
C UNK B 2197 100.10 -14.14 -79.12
N UNK B 2198 100.07 -12.92 -78.59
CA UNK B 2198 101.19 -11.98 -78.73
C UNK B 2198 101.12 -11.29 -80.06
N UNK B 2199 100.01 -10.59 -80.27
CA UNK B 2199 99.82 -9.78 -81.45
C UNK B 2199 99.92 -8.30 -81.11
N UNK B 2200 100.02 -7.47 -82.15
CA UNK B 2200 99.68 -6.07 -82.00
C UNK B 2200 98.17 -5.90 -82.12
N UNK B 2201 97.65 -4.81 -81.59
CA UNK B 2201 96.22 -4.56 -81.57
C UNK B 2201 95.91 -3.08 -81.70
N UNK B 2202 95.40 -2.68 -82.86
CA UNK B 2202 94.93 -1.30 -83.02
C UNK B 2202 93.46 -1.28 -82.67
N UNK B 2203 93.09 -0.30 -81.85
CA UNK B 2203 91.73 -0.16 -81.35
C UNK B 2203 91.27 1.21 -81.75
N UNK B 2204 89.97 1.39 -81.92
CA UNK B 2204 89.39 2.65 -82.36
C UNK B 2204 88.31 3.18 -81.44
N UNK B 2205 87.95 4.44 -81.67
CA UNK B 2205 86.82 5.13 -81.04
C UNK B 2205 87.05 5.37 -79.55
N UNK B 2206 88.30 5.72 -79.22
CA UNK B 2206 88.76 5.91 -77.85
C UNK B 2206 88.01 6.99 -77.08
N UNK B 2207 87.41 7.94 -77.81
CA UNK B 2207 86.34 8.80 -77.29
C UNK B 2207 85.41 7.99 -76.37
N UNK B 2208 84.84 6.92 -76.95
CA UNK B 2208 83.99 5.99 -76.23
C UNK B 2208 84.84 4.83 -75.72
N UNK B 2209 85.52 5.07 -74.60
CA UNK B 2209 86.49 4.14 -74.03
C UNK B 2209 85.81 2.98 -73.29
N UNK B 2210 86.59 1.95 -72.98
CA UNK B 2210 86.17 0.87 -72.09
C UNK B 2210 87.28 0.62 -71.06
N UNK B 2211 87.01 0.89 -69.77
CA UNK B 2211 88.05 0.80 -68.75
C UNK B 2211 88.40 -0.61 -68.30
N UNK B 2212 87.95 -1.63 -69.03
CA UNK B 2212 88.49 -2.98 -68.90
C UNK B 2212 90.01 -3.04 -69.14
N UNK B 2213 90.51 -2.17 -70.01
CA UNK B 2213 91.92 -2.16 -70.40
C UNK B 2213 92.90 -1.55 -69.38
N UNK B 2214 92.41 -1.03 -68.25
CA UNK B 2214 93.22 -0.12 -67.43
C UNK B 2214 94.46 -0.81 -66.93
N UNK B 2215 94.29 -2.08 -66.47
CA UNK B 2215 95.43 -2.84 -65.97
C UNK B 2215 96.49 -3.00 -67.05
N UNK B 2216 96.01 -3.32 -68.26
CA UNK B 2216 96.87 -3.54 -69.42
C UNK B 2216 97.68 -2.24 -69.69
N UNK B 2217 96.98 -1.12 -69.66
CA UNK B 2217 97.65 0.15 -69.93
C UNK B 2217 98.69 0.46 -68.88
N UNK B 2218 98.36 0.15 -67.62
CA UNK B 2218 99.28 0.33 -66.51
C UNK B 2218 100.40 -0.68 -66.56
N UNK B 2219 100.11 -1.88 -67.03
CA UNK B 2219 101.04 -3.03 -67.02
C UNK B 2219 101.18 -3.53 -65.59
N UNK B 2220 100.02 -3.87 -65.01
CA UNK B 2220 99.94 -4.47 -63.70
C UNK B 2220 99.94 -5.98 -63.93
N UNK B 2221 101.01 -6.64 -63.48
CA UNK B 2221 101.32 -8.02 -63.87
C UNK B 2221 101.64 -8.89 -62.63
N UNK B 2222 100.69 -9.75 -62.27
CA UNK B 2222 100.95 -10.78 -61.26
C UNK B 2222 101.91 -11.81 -61.84
N UNK B 2223 102.75 -12.37 -60.98
CA UNK B 2223 103.73 -13.39 -61.39
C UNK B 2223 103.79 -14.57 -60.43
N UNK B 2224 102.87 -15.52 -60.65
CA UNK B 2224 102.85 -16.80 -59.95
C UNK B 2224 103.91 -17.70 -60.59
N UNK B 2225 105.15 -17.50 -60.18
CA UNK B 2225 106.29 -18.25 -60.72
C UNK B 2225 106.60 -17.83 -62.15
N UNK B 2226 106.79 -18.80 -63.02
CA UNK B 2226 107.09 -18.56 -64.43
C UNK B 2226 105.94 -17.95 -65.22
N UNK B 2227 104.71 -18.11 -64.71
CA UNK B 2227 103.54 -17.48 -65.32
C UNK B 2227 103.61 -15.96 -65.23
N UNK B 2228 102.95 -15.30 -66.19
CA UNK B 2228 102.97 -13.85 -66.33
C UNK B 2228 101.54 -13.38 -66.52
N UNK B 2229 100.82 -13.19 -65.42
CA UNK B 2229 99.39 -12.92 -65.45
C UNK B 2229 99.07 -11.46 -65.79
N UNK B 2230 97.81 -11.19 -66.08
CA UNK B 2230 97.33 -9.82 -66.28
C UNK B 2230 95.80 -9.73 -66.08
N UNK B 2231 95.40 -9.70 -64.81
CA UNK B 2231 94.01 -9.88 -64.40
C UNK B 2231 93.05 -8.88 -65.07
N UNK B 2232 92.55 -9.29 -66.23
CA UNK B 2232 91.67 -8.46 -67.04
C UNK B 2232 90.22 -8.83 -66.73
N UNK B 2233 89.62 -8.10 -65.80
CA UNK B 2233 88.22 -8.31 -65.41
C UNK B 2233 88.01 -9.59 -64.62
N UNK B 2234 86.96 -10.34 -64.96
CA UNK B 2234 86.67 -11.64 -64.35
C UNK B 2234 87.68 -12.71 -64.79
N UNK B 2235 88.23 -12.56 -66.00
CA UNK B 2235 89.19 -13.49 -66.57
C UNK B 2235 90.57 -13.35 -65.92
N UNK B 2236 91.44 -14.31 -66.25
CA UNK B 2236 92.88 -14.16 -66.09
C UNK B 2236 93.52 -14.69 -67.37
N UNK B 2237 94.54 -14.00 -67.86
CA UNK B 2237 95.19 -14.34 -69.12
C UNK B 2237 96.69 -14.30 -68.93
N UNK B 2238 97.40 -15.12 -69.71
CA UNK B 2238 98.86 -15.10 -69.75
C UNK B 2238 99.31 -14.02 -70.74
N UNK B 2239 99.98 -12.98 -70.23
CA UNK B 2239 100.46 -11.88 -71.04
C UNK B 2239 101.62 -12.32 -71.91
N UNK B 2240 101.50 -12.12 -73.23
CA UNK B 2240 102.60 -12.40 -74.15
C UNK B 2240 103.65 -11.29 -74.05
N UNK B 2241 104.94 -11.64 -74.20
CA UNK B 2241 105.99 -10.61 -74.19
C UNK B 2241 105.87 -9.56 -75.29
N UNK B 2242 105.44 -9.99 -76.49
CA UNK B 2242 105.34 -9.10 -77.65
C UNK B 2242 103.91 -8.64 -77.91
N UNK B 2243 103.25 -8.17 -76.86
CA UNK B 2243 101.97 -7.49 -76.98
C UNK B 2243 102.21 -6.00 -77.25
N UNK B 2244 101.28 -5.38 -77.96
CA UNK B 2244 101.30 -3.93 -78.16
C UNK B 2244 99.91 -3.48 -78.63
N UNK B 2245 99.54 -2.26 -78.23
CA UNK B 2245 98.20 -1.77 -78.47
C UNK B 2245 98.23 -0.35 -78.99
N UNK B 2246 97.19 0.06 -79.72
CA UNK B 2246 97.10 1.45 -80.25
C UNK B 2246 95.68 1.99 -80.26
N UNK B 2247 95.33 2.80 -79.26
CA UNK B 2247 93.96 3.31 -79.16
C UNK B 2247 93.90 4.59 -79.97
N UNK B 2248 93.13 4.59 -81.06
CA UNK B 2248 93.10 5.72 -81.99
C UNK B 2248 91.82 6.54 -81.90
N UNK B 2249 91.88 7.74 -82.46
CA UNK B 2249 90.75 8.66 -82.48
C UNK B 2249 90.63 9.38 -83.81
N UNK B 2250 89.39 9.66 -84.18
CA UNK B 2250 89.10 10.54 -85.30
C UNK B 2250 89.29 11.97 -84.83
N UNK B 2251 88.60 12.33 -83.74
CA UNK B 2251 88.51 13.71 -83.30
C UNK B 2251 89.70 14.17 -82.44
N UNK B 2252 90.38 15.26 -82.87
CA UNK B 2252 91.26 15.99 -81.95
C UNK B 2252 90.56 16.69 -80.79
N UNK B 2253 89.45 17.36 -81.06
CA UNK B 2253 88.77 18.18 -80.05
C UNK B 2253 88.00 17.34 -79.02
N UNK B 2254 88.74 16.59 -78.21
CA UNK B 2254 88.19 15.64 -77.25
C UNK B 2254 88.85 15.88 -75.91
N UNK B 2255 88.04 16.06 -74.86
CA UNK B 2255 88.57 16.18 -73.52
C UNK B 2255 88.60 14.80 -72.88
N UNK B 2256 89.79 14.20 -72.86
CA UNK B 2256 90.00 12.93 -72.21
C UNK B 2256 90.03 13.15 -70.70
N UNK B 2257 89.55 12.17 -69.90
CA UNK B 2257 89.64 12.30 -68.45
C UNK B 2257 91.09 12.13 -67.98
N UNK B 2258 91.52 12.92 -66.98
CA UNK B 2258 92.92 12.93 -66.54
C UNK B 2258 93.45 11.59 -66.00
N UNK B 2259 92.53 10.75 -65.51
CA UNK B 2259 92.87 9.41 -65.07
C UNK B 2259 93.42 8.56 -66.22
N UNK B 2260 92.72 8.54 -67.36
CA UNK B 2260 93.20 7.87 -68.58
C UNK B 2260 94.47 8.52 -69.12
N UNK B 2261 94.47 9.86 -69.14
CA UNK B 2261 95.57 10.66 -69.70
C UNK B 2261 96.96 10.25 -69.21
N UNK B 2262 97.07 9.97 -67.92
CA UNK B 2262 98.35 9.57 -67.35
C UNK B 2262 98.86 8.27 -67.94
N UNK B 2263 97.95 7.31 -68.11
CA UNK B 2263 98.31 5.93 -68.46
C UNK B 2263 98.77 5.70 -69.90
N UNK B 2264 98.63 6.71 -70.75
CA UNK B 2264 98.75 6.53 -72.18
C UNK B 2264 99.63 7.65 -72.74
N UNK B 2265 100.58 7.30 -73.62
CA UNK B 2265 101.35 8.33 -74.33
C UNK B 2265 100.51 8.88 -75.47
N UNK B 2266 100.19 10.17 -75.38
CA UNK B 2266 99.50 10.85 -76.47
C UNK B 2266 100.42 10.95 -77.67
N UNK B 2267 99.81 10.81 -78.84
CA UNK B 2267 100.45 11.24 -80.08
C UNK B 2267 99.38 11.99 -80.87
N UNK B 2268 99.78 13.09 -81.50
CA UNK B 2268 98.89 13.91 -82.29
C UNK B 2268 99.49 14.15 -83.67
N UNK B 2269 98.77 13.70 -84.69
CA UNK B 2269 99.13 13.98 -86.06
C UNK B 2269 98.40 15.25 -86.50
N UNK B 2270 99.00 16.38 -86.16
CA UNK B 2270 98.51 17.66 -86.59
C UNK B 2270 98.88 17.86 -88.07
N UNK B 2271 98.20 18.83 -88.68
CA UNK B 2271 98.53 19.31 -90.03
C UNK B 2271 99.31 20.63 -89.92
N UNK B 2272 100.55 20.63 -90.40
CA UNK B 2272 101.42 21.81 -90.36
C UNK B 2272 101.26 22.56 -91.67
N UNK B 2273 101.93 23.72 -91.78
CA UNK B 2273 101.75 24.59 -92.93
C UNK B 2273 102.59 24.08 -94.11
N UNK B 2274 103.84 23.80 -93.79
CA UNK B 2274 104.82 23.32 -94.77
C UNK B 2274 104.33 22.02 -95.40
N UNK B 2275 103.86 21.13 -94.53
CA UNK B 2275 103.33 19.81 -94.94
C UNK B 2275 102.18 20.00 -95.90
N UNK B 2276 101.29 20.91 -95.53
CA UNK B 2276 100.09 21.22 -96.34
C UNK B 2276 100.51 21.68 -97.72
N UNK B 2277 101.49 22.59 -97.74
CA UNK B 2277 102.03 23.15 -98.97
C UNK B 2277 102.55 22.03 -99.88
N UNK B 2278 103.32 21.15 -99.26
CA UNK B 2278 103.92 20.01 -99.94
C UNK B 2278 102.83 19.15 -100.60
N UNK B 2279 101.80 18.89 -99.81
CA UNK B 2279 100.66 18.08 -100.23
C UNK B 2279 100.01 18.71 -101.46
N UNK B 2280 99.81 20.02 -101.37
CA UNK B 2280 99.19 20.80 -102.45
C UNK B 2280 100.00 20.68 -103.72
N UNK B 2281 101.30 20.94 -103.59
CA UNK B 2281 102.16 21.23 -104.73
C UNK B 2281 102.10 20.06 -105.73
N UNK B 2282 102.27 18.87 -105.16
CA UNK B 2282 102.27 17.62 -105.93
C UNK B 2282 100.96 17.47 -106.69
N UNK B 2283 99.88 17.71 -105.94
CA UNK B 2283 98.52 17.59 -106.48
C UNK B 2283 98.29 18.56 -107.61
N UNK B 2284 98.83 19.77 -107.48
CA UNK B 2284 98.75 20.81 -108.51
C UNK B 2284 99.36 20.28 -109.81
N UNK B 2285 100.54 19.65 -109.67
CA UNK B 2285 101.26 19.11 -110.81
C UNK B 2285 100.43 18.08 -111.55
N UNK B 2286 99.83 17.13 -110.83
CA UNK B 2286 99.17 15.98 -111.48
C UNK B 2286 98.04 16.37 -112.43
N UNK B 2287 97.47 17.56 -112.21
CA UNK B 2287 96.56 18.18 -113.17
C UNK B 2287 97.31 19.01 -114.22
N UNK B 2288 98.22 19.86 -113.75
CA UNK B 2288 98.91 20.82 -114.62
C UNK B 2288 99.96 20.17 -115.54
N UNK B 2289 101.00 19.59 -114.93
CA UNK B 2289 102.10 18.97 -115.66
C UNK B 2289 102.09 17.44 -115.40
N UNK B 2290 101.24 16.69 -116.14
CA UNK B 2290 101.00 15.27 -115.85
C UNK B 2290 102.20 14.33 -116.02
N UNK B 2291 103.19 14.73 -116.83
CA UNK B 2291 104.40 13.97 -117.05
C UNK B 2291 105.43 14.34 -115.98
N UNK B 2292 105.52 15.64 -115.67
CA UNK B 2292 106.57 16.18 -114.85
C UNK B 2292 106.51 15.54 -113.46
N UNK B 2293 105.30 15.47 -112.92
CA UNK B 2293 105.09 14.96 -111.57
C UNK B 2293 105.59 13.53 -111.45
N UNK B 2294 105.23 12.74 -112.46
CA UNK B 2294 105.60 11.32 -112.52
C UNK B 2294 107.13 11.20 -112.51
N UNK B 2295 107.75 12.03 -113.34
CA UNK B 2295 109.21 12.05 -113.47
C UNK B 2295 109.87 12.35 -112.13
N UNK B 2296 109.30 13.35 -111.46
CA UNK B 2296 109.79 13.82 -110.16
C UNK B 2296 109.72 12.68 -109.17
N UNK B 2297 108.59 11.96 -109.17
CA UNK B 2297 108.35 10.89 -108.22
C UNK B 2297 109.41 9.80 -108.44
N UNK B 2298 109.46 9.37 -109.70
CA UNK B 2298 110.32 8.27 -110.15
C UNK B 2298 111.78 8.61 -109.83
N UNK B 2299 112.15 9.85 -110.15
CA UNK B 2299 113.53 10.27 -109.92
C UNK B 2299 113.86 10.26 -108.44
N UNK B 2300 112.91 10.69 -107.63
CA UNK B 2300 113.07 10.68 -106.16
C UNK B 2300 113.33 9.26 -105.67
N UNK B 2301 112.50 8.34 -106.20
CA UNK B 2301 112.59 6.93 -105.85
C UNK B 2301 113.98 6.38 -106.18
N UNK B 2302 114.43 6.74 -107.38
CA UNK B 2302 115.74 6.33 -107.90
C UNK B 2302 116.84 6.80 -106.96
N UNK B 2303 116.73 8.06 -106.58
CA UNK B 2303 117.69 8.71 -105.67
C UNK B 2303 117.77 7.94 -104.35
N UNK B 2304 116.58 7.63 -103.83
CA UNK B 2304 116.44 6.89 -102.58
C UNK B 2304 117.16 5.54 -102.66
N UNK B 2305 116.90 4.87 -103.79
CA UNK B 2305 117.47 3.56 -104.06
C UNK B 2305 119.01 3.65 -104.07
N UNK B 2306 119.50 4.67 -104.74
CA UNK B 2306 120.94 4.89 -104.86
C UNK B 2306 121.55 5.11 -103.49
N UNK B 2307 120.87 5.90 -102.68
CA UNK B 2307 121.30 6.19 -101.31
C UNK B 2307 121.43 4.89 -100.50
N UNK B 2308 120.39 4.06 -100.65
CA UNK B 2308 120.32 2.77 -99.97
C UNK B 2308 121.50 1.89 -100.36
N UNK B 2309 121.76 1.88 -101.66
CA UNK B 2309 122.86 1.10 -102.24
C UNK B 2309 124.19 1.54 -101.65
N UNK B 2310 124.36 2.85 -101.58
CA UNK B 2310 125.56 3.48 -101.03
C UNK B 2310 125.77 3.02 -99.58
N UNK B 2311 124.68 3.07 -98.83
CA UNK B 2311 124.68 2.68 -97.42
C UNK B 2311 125.15 1.22 -97.28
N UNK B 2312 124.57 0.39 -98.14
CA UNK B 2312 124.87 -1.05 -98.18
C UNK B 2312 126.35 -1.27 -98.43
N UNK B 2313 126.85 -0.54 -99.41
CA UNK B 2313 128.27 -0.59 -99.82
C UNK B 2313 129.16 -0.26 -98.63
N UNK B 2314 128.79 0.82 -97.94
CA UNK B 2314 129.52 1.30 -96.77
C UNK B 2314 129.59 0.21 -95.71
N UNK B 2315 128.43 -0.40 -95.48
CA UNK B 2315 128.28 -1.47 -94.50
C UNK B 2315 129.22 -2.62 -94.83
N UNK B 2316 129.20 -2.99 -96.11
CA UNK B 2316 130.03 -4.07 -96.63
C UNK B 2316 131.50 -3.80 -96.37
N UNK B 2317 131.89 -2.56 -96.67
CA UNK B 2317 133.26 -2.08 -96.49
C UNK B 2317 133.68 -2.24 -95.03
N UNK B 2318 132.79 -1.80 -94.16
CA UNK B 2318 133.00 -1.85 -92.71
C UNK B 2318 133.24 -3.31 -92.27
N UNK B 2319 132.38 -4.18 -92.78
CA UNK B 2319 132.43 -5.61 -92.48
C UNK B 2319 133.80 -6.18 -92.88
N UNK B 2320 134.23 -5.80 -94.08
CA UNK B 2320 135.38 -6.47 -94.72
C UNK B 2320 136.62 -6.24 -93.90
N UNK B 2321 136.81 -4.98 -93.48
CA UNK B 2321 137.96 -4.60 -92.65
C UNK B 2321 137.96 -5.19 -91.23
N UNK B 2322 136.82 -5.71 -90.75
CA UNK B 2322 136.77 -6.40 -89.44
C UNK B 2322 137.18 -7.89 -89.48
N UNK B 2323 137.27 -8.49 -90.67
CA UNK B 2323 137.64 -9.91 -90.80
C UNK B 2323 139.13 -10.13 -90.54
N UNK B 2324 139.98 -9.58 -91.41
CA UNK B 2324 141.44 -9.66 -91.29
C UNK B 2324 141.97 -11.11 -91.36
N UNK B 2325 142.38 -11.69 -90.22
CA UNK B 2325 143.01 -13.02 -90.16
C UNK B 2325 144.15 -13.20 -91.18
N UNK B 2326 145.19 -12.37 -91.05
CA UNK B 2326 146.39 -12.44 -91.88
C UNK B 2326 146.74 -11.14 -92.56
N UNK B 2327 147.56 -11.23 -93.62
CA UNK B 2327 147.95 -10.08 -94.43
C UNK B 2327 146.79 -9.62 -95.31
N UNK B 2328 146.95 -8.44 -95.91
CA UNK B 2328 145.92 -7.83 -96.75
C UNK B 2328 145.98 -8.43 -98.17
N UNK B 2329 147.17 -8.44 -98.76
CA UNK B 2329 147.35 -8.95 -100.13
C UNK B 2329 147.29 -10.47 -100.24
N UNK B 2330 147.62 -11.19 -99.16
CA UNK B 2330 147.51 -12.65 -99.14
C UNK B 2330 146.07 -13.13 -99.32
N UNK B 2331 145.12 -12.33 -98.81
CA UNK B 2331 143.70 -12.52 -99.13
C UNK B 2331 143.39 -11.98 -100.53
N UNK B 2332 142.48 -12.67 -101.22
CA UNK B 2332 141.99 -12.30 -102.53
C UNK B 2332 140.59 -11.72 -102.47
N UNK B 2333 139.76 -12.29 -101.58
CA UNK B 2333 138.38 -11.87 -101.39
C UNK B 2333 138.32 -10.39 -101.04
N UNK B 2334 139.19 -9.99 -100.12
CA UNK B 2334 139.27 -8.62 -99.64
C UNK B 2334 139.56 -7.68 -100.83
N UNK B 2335 140.53 -8.10 -101.62
CA UNK B 2335 140.97 -7.34 -102.80
C UNK B 2335 139.80 -7.15 -103.76
N UNK B 2336 139.09 -8.25 -103.98
CA UNK B 2336 137.92 -8.26 -104.88
C UNK B 2336 136.79 -7.35 -104.42
N UNK B 2337 136.63 -7.30 -103.09
CA UNK B 2337 135.68 -6.41 -102.44
C UNK B 2337 135.97 -4.98 -102.80
N UNK B 2338 137.24 -4.60 -102.90
CA UNK B 2338 137.63 -3.23 -103.21
C UNK B 2338 137.02 -2.80 -104.54
N UNK B 2339 137.14 -3.70 -105.53
CA UNK B 2339 136.63 -3.46 -106.87
C UNK B 2339 135.12 -3.20 -106.83
N UNK B 2340 134.45 -4.05 -106.07
CA UNK B 2340 132.99 -3.97 -105.88
C UNK B 2340 132.61 -2.61 -105.30
N UNK B 2341 133.37 -2.22 -104.29
CA UNK B 2341 133.16 -0.94 -103.59
C UNK B 2341 133.28 0.22 -104.58
N UNK B 2342 134.33 0.14 -105.39
CA UNK B 2342 134.63 1.15 -106.40
C UNK B 2342 133.48 1.26 -107.38
N UNK B 2343 132.97 0.11 -107.80
CA UNK B 2343 131.78 0.02 -108.64
C UNK B 2343 130.59 0.67 -107.94
N UNK B 2344 130.46 0.44 -106.64
CA UNK B 2344 129.41 1.11 -105.86
C UNK B 2344 129.60 2.61 -105.88
N UNK B 2345 130.85 3.05 -105.76
CA UNK B 2345 131.18 4.48 -105.84
C UNK B 2345 130.75 5.05 -107.17
N UNK B 2346 131.05 4.30 -108.23
CA UNK B 2346 130.71 4.69 -109.60
C UNK B 2346 129.18 4.89 -109.72
N UNK B 2347 128.47 3.92 -109.17
CA UNK B 2347 127.01 3.92 -109.17
C UNK B 2347 126.48 5.18 -108.48
N UNK B 2348 127.07 5.45 -107.33
CA UNK B 2348 126.72 6.61 -106.51
C UNK B 2348 126.91 7.89 -107.31
N UNK B 2349 128.04 7.97 -107.99
CA UNK B 2349 128.40 9.11 -108.83
C UNK B 2349 127.32 9.40 -109.86
N UNK B 2350 126.68 8.36 -110.39
CA UNK B 2350 125.63 8.50 -111.38
C UNK B 2350 124.46 9.25 -110.80
N UNK B 2351 124.13 9.00 -109.52
CA UNK B 2351 123.01 9.62 -108.86
C UNK B 2351 123.19 11.08 -108.64
N UNK B 2352 124.42 11.58 -108.56
CA UNK B 2352 124.70 13.00 -108.47
C UNK B 2352 124.08 13.74 -109.65
N UNK B 2353 124.31 13.17 -110.84
CA UNK B 2353 123.79 13.75 -112.09
C UNK B 2353 122.26 13.79 -112.06
N UNK B 2354 121.72 12.63 -111.67
CA UNK B 2354 120.27 12.44 -111.55
C UNK B 2354 119.69 13.46 -110.57
N UNK B 2355 120.38 13.60 -109.44
CA UNK B 2355 119.98 14.53 -108.38
C UNK B 2355 119.92 15.94 -108.93
N UNK B 2356 120.96 16.30 -109.66
CA UNK B 2356 121.09 17.63 -110.28
C UNK B 2356 119.91 17.89 -111.21
N UNK B 2357 119.62 16.88 -112.02
CA UNK B 2357 118.52 16.92 -112.99
C UNK B 2357 117.20 17.20 -112.27
N UNK B 2358 117.01 16.45 -111.19
CA UNK B 2358 115.81 16.55 -110.35
C UNK B 2358 115.65 17.97 -109.82
N UNK B 2359 116.77 18.49 -109.33
CA UNK B 2359 116.84 19.85 -108.76
C UNK B 2359 116.40 20.87 -109.82
N UNK B 2360 116.96 20.69 -111.01
CA UNK B 2360 116.71 21.58 -112.15
C UNK B 2360 115.20 21.57 -112.46
N UNK B 2361 114.63 20.36 -112.49
CA UNK B 2361 113.26 20.22 -112.90
C UNK B 2361 112.37 20.85 -111.78
N UNK B 2362 112.62 20.28 -110.58
CA UNK B 2362 111.81 20.55 -109.41
C UNK B 2362 111.84 22.00 -109.03
N UNK B 2363 113.02 22.64 -109.16
CA UNK B 2363 113.19 24.06 -108.88
C UNK B 2363 112.23 24.88 -109.73
N UNK B 2364 112.20 24.54 -111.01
CA UNK B 2364 111.34 25.21 -111.99
C UNK B 2364 109.88 25.13 -111.56
N UNK B 2365 109.49 23.93 -111.17
CA UNK B 2365 108.13 23.64 -110.71
C UNK B 2365 107.78 24.51 -109.51
N UNK B 2366 108.63 24.45 -108.51
CA UNK B 2366 108.42 25.15 -107.23
C UNK B 2366 108.27 26.65 -107.48
N UNK B 2367 109.18 27.16 -108.31
CA UNK B 2367 109.22 28.58 -108.66
C UNK B 2367 107.90 28.98 -109.33
N UNK B 2368 107.45 28.13 -110.25
CA UNK B 2368 106.20 28.40 -110.95
C UNK B 2368 105.02 28.42 -110.01
N UNK B 2369 104.92 27.39 -109.18
CA UNK B 2369 103.65 27.00 -108.54
C UNK B 2369 103.55 27.17 -107.02
N UNK B 2370 104.66 27.19 -106.29
CA UNK B 2370 104.61 27.06 -104.84
C UNK B 2370 103.97 28.24 -104.18
N UNK B 2371 103.89 29.43 -104.83
CA UNK B 2371 103.10 30.49 -104.24
C UNK B 2371 101.64 30.13 -104.14
N UNK B 2372 101.13 29.45 -105.17
CA UNK B 2372 99.75 28.95 -105.16
C UNK B 2372 99.53 28.02 -103.98
N UNK B 2373 100.50 27.12 -103.80
CA UNK B 2373 100.48 26.14 -102.71
C UNK B 2373 100.39 26.84 -101.36
N UNK B 2374 101.24 27.86 -101.22
CA UNK B 2374 101.32 28.68 -100.00
C UNK B 2374 99.96 29.31 -99.71
N UNK B 2375 99.38 29.86 -100.76
CA UNK B 2375 98.07 30.54 -100.69
C UNK B 2375 97.02 29.55 -100.18
N UNK B 2376 97.04 28.37 -100.78
CA UNK B 2376 96.12 27.28 -100.44
C UNK B 2376 96.23 26.94 -98.97
N UNK B 2377 97.47 26.80 -98.53
CA UNK B 2377 97.79 26.47 -97.13
C UNK B 2377 97.19 27.52 -96.19
N UNK B 2378 97.41 28.77 -96.57
CA UNK B 2378 96.92 29.92 -95.81
C UNK B 2378 95.40 29.86 -95.67
N UNK B 2379 94.76 29.58 -96.79
CA UNK B 2379 93.30 29.47 -96.88
C UNK B 2379 92.80 28.40 -95.92
N UNK B 2380 93.49 27.26 -95.97
CA UNK B 2380 93.12 26.10 -95.15
C UNK B 2380 93.22 26.49 -93.66
N UNK B 2381 94.31 27.17 -93.32
CA UNK B 2381 94.52 27.55 -91.93
C UNK B 2381 93.45 28.53 -91.48
N UNK B 2382 93.08 29.46 -92.35
CA UNK B 2382 92.03 30.43 -92.05
C UNK B 2382 90.72 29.69 -91.76
N UNK B 2383 90.43 28.71 -92.62
CA UNK B 2383 89.18 27.97 -92.47
C UNK B 2383 89.19 27.19 -91.16
N UNK B 2384 90.33 26.62 -90.81
CA UNK B 2384 90.49 25.91 -89.54
C UNK B 2384 90.21 26.81 -88.36
N UNK B 2385 90.77 28.01 -88.45
CA UNK B 2385 90.61 29.06 -87.42
C UNK B 2385 89.23 29.68 -87.32
N UNK B 2386 88.46 29.54 -88.37
CA UNK B 2386 87.04 29.87 -88.41
C UNK B 2386 86.28 29.27 -87.21
N UNK B 2387 86.57 28.01 -86.92
CA UNK B 2387 86.24 27.31 -85.65
C UNK B 2387 86.17 28.15 -84.36
N UNK B 2388 87.06 29.13 -84.20
CA UNK B 2388 87.05 29.99 -83.01
C UNK B 2388 85.86 30.94 -82.93
N UNK B 2389 85.19 31.21 -84.04
CA UNK B 2389 84.19 32.28 -84.07
C UNK B 2389 82.81 31.84 -83.59
N UNK B 2390 82.47 30.56 -83.83
CA UNK B 2390 81.14 30.01 -83.53
C UNK B 2390 81.12 28.52 -83.85
N UNK B 2391 80.79 27.68 -82.87
CA UNK B 2391 80.50 26.26 -83.13
C UNK B 2391 79.57 26.18 -84.34
N UNK B 2392 79.74 25.14 -85.15
CA UNK B 2392 79.13 25.03 -86.50
C UNK B 2392 80.16 25.26 -87.61
N UNK B 2393 81.40 25.54 -87.22
CA UNK B 2393 82.47 25.77 -88.18
C UNK B 2393 83.66 24.88 -87.92
N UNK B 2394 83.42 23.58 -87.89
CA UNK B 2394 84.51 22.65 -88.10
C UNK B 2394 84.54 22.24 -89.57
N UNK B 2395 85.75 22.19 -90.13
CA UNK B 2395 85.97 21.87 -91.53
C UNK B 2395 87.21 20.99 -91.64
N UNK B 2396 87.06 19.81 -92.22
CA UNK B 2396 88.18 18.87 -92.35
C UNK B 2396 89.17 19.26 -93.45
N UNK B 2397 90.30 18.57 -93.47
CA UNK B 2397 91.23 18.59 -94.58
C UNK B 2397 90.63 17.97 -95.81
N UNK B 2398 89.88 16.90 -95.63
CA UNK B 2398 89.20 16.21 -96.73
C UNK B 2398 88.27 17.17 -97.45
N UNK B 2399 87.51 17.93 -96.67
CA UNK B 2399 86.57 18.92 -97.19
C UNK B 2399 87.30 19.93 -98.08
N UNK B 2400 88.42 20.41 -97.55
CA UNK B 2400 89.26 21.40 -98.21
C UNK B 2400 89.89 20.80 -99.46
N UNK B 2401 90.37 19.58 -99.34
CA UNK B 2401 90.98 18.90 -100.49
C UNK B 2401 89.97 18.73 -101.62
N UNK B 2402 88.74 18.41 -101.27
CA UNK B 2402 87.65 18.36 -102.24
C UNK B 2402 87.13 19.76 -102.64
N UNK B 2403 87.94 20.80 -102.44
CA UNK B 2403 87.92 21.99 -103.29
C UNK B 2403 88.95 21.78 -104.42
N UNK B 2404 90.17 21.39 -104.08
CA UNK B 2404 91.21 21.02 -105.07
C UNK B 2404 90.70 20.09 -106.16
N UNK B 2405 90.27 18.90 -105.73
CA UNK B 2405 89.77 17.89 -106.66
C UNK B 2405 88.50 18.32 -107.40
N UNK B 2406 87.81 19.33 -106.86
CA UNK B 2406 86.72 20.02 -107.57
C UNK B 2406 87.06 21.45 -108.02
N UNK B 2407 88.33 21.66 -108.39
CA UNK B 2407 88.81 22.92 -109.01
C UNK B 2407 89.66 22.60 -110.24
N UNK B 2408 90.78 21.92 -110.01
CA UNK B 2408 91.71 21.50 -111.08
C UNK B 2408 91.03 20.70 -112.20
N UNK B 2409 90.01 19.92 -111.85
CA UNK B 2409 89.28 19.08 -112.82
C UNK B 2409 87.92 19.63 -113.27
N UNK B 2410 87.28 20.49 -112.46
CA UNK B 2410 85.95 21.02 -112.77
C UNK B 2410 85.97 22.28 -113.65
N UNK B 2411 86.80 23.25 -113.28
CA UNK B 2411 86.79 24.59 -113.90
C UNK B 2411 87.16 24.61 -115.40
N UNK B 2412 86.87 25.73 -116.10
CA UNK B 2412 87.27 25.96 -117.50
C UNK B 2412 88.72 25.51 -117.86
N UNK B 2413 88.93 24.74 -118.93
CA UNK B 2413 87.88 24.29 -119.89
C UNK B 2413 88.31 23.11 -120.78
N UNK B 2414 89.29 23.25 -121.68
CA UNK B 2414 90.05 24.48 -121.98
C UNK B 2414 89.59 25.07 -123.30
N UNK B 2415 92.04 27.28 -122.91
CA UNK B 2415 93.32 27.93 -122.63
C UNK B 2415 94.48 27.05 -123.09
N UNK B 2416 94.57 25.86 -122.51
CA UNK B 2416 95.55 24.81 -122.86
C UNK B 2416 97.02 25.24 -123.08
N UNK B 2417 97.50 26.13 -122.21
CA UNK B 2417 98.92 26.47 -122.11
C UNK B 2417 99.29 26.78 -120.65
N UNK B 2418 100.52 26.47 -120.29
CA UNK B 2418 100.92 26.36 -118.87
C UNK B 2418 101.11 27.71 -118.12
N UNK B 2419 101.16 28.82 -118.85
CA UNK B 2419 101.40 30.14 -118.24
C UNK B 2419 100.14 30.71 -117.57
N UNK B 2420 99.08 30.84 -118.36
CA UNK B 2420 97.84 31.43 -117.92
C UNK B 2420 97.02 30.48 -117.10
N UNK B 2421 97.17 29.16 -117.32
CA UNK B 2421 96.33 28.16 -116.70
C UNK B 2421 96.40 28.26 -115.19
N UNK B 2422 97.63 28.39 -114.70
CA UNK B 2422 97.90 28.49 -113.27
C UNK B 2422 97.16 29.69 -112.68
N UNK B 2423 97.29 30.81 -113.40
CA UNK B 2423 96.66 32.08 -113.00
C UNK B 2423 95.15 31.91 -112.90
N UNK B 2424 94.60 31.25 -113.92
CA UNK B 2424 93.16 30.97 -114.00
C UNK B 2424 92.71 30.17 -112.77
N UNK B 2425 93.49 29.15 -112.47
CA UNK B 2425 93.23 28.25 -111.34
C UNK B 2425 93.19 29.05 -110.04
N UNK B 2426 94.18 29.92 -109.90
CA UNK B 2426 94.37 30.69 -108.67
C UNK B 2426 93.15 31.53 -108.36
N UNK B 2427 92.62 32.16 -109.40
CA UNK B 2427 91.41 33.00 -109.28
C UNK B 2427 90.16 32.23 -108.87
N UNK B 2428 89.79 31.23 -109.66
CA UNK B 2428 88.53 30.52 -109.47
C UNK B 2428 88.52 29.66 -108.22
N UNK B 2429 89.68 29.14 -107.85
CA UNK B 2429 89.84 28.26 -106.71
C UNK B 2429 89.31 28.91 -105.44
N UNK B 2430 89.75 30.15 -105.26
CA UNK B 2430 89.36 30.98 -104.10
C UNK B 2430 87.86 31.10 -104.03
N UNK B 2431 87.28 31.43 -105.18
CA UNK B 2431 85.83 31.60 -105.33
C UNK B 2431 85.10 30.34 -104.90
N UNK B 2432 85.61 29.22 -105.40
CA UNK B 2432 85.04 27.89 -105.12
C UNK B 2432 85.05 27.63 -103.63
N UNK B 2433 86.19 27.94 -103.01
CA UNK B 2433 86.38 27.75 -101.58
C UNK B 2433 85.34 28.55 -100.79
N UNK B 2434 85.21 29.80 -101.21
CA UNK B 2434 84.37 30.79 -100.54
C UNK B 2434 82.94 30.34 -100.60
N UNK B 2435 82.51 29.88 -101.77
CA UNK B 2435 81.12 29.43 -101.98
C UNK B 2435 80.83 28.27 -101.04
N UNK B 2436 81.78 27.33 -100.97
CA UNK B 2436 81.61 26.16 -100.11
C UNK B 2436 81.48 26.58 -98.65
N UNK B 2437 82.32 27.53 -98.25
CA UNK B 2437 82.30 28.06 -96.89
C UNK B 2437 80.91 28.66 -96.57
N UNK B 2438 80.44 29.43 -97.52
CA UNK B 2438 79.24 30.22 -97.45
C UNK B 2438 78.05 29.35 -97.15
N UNK B 2439 77.97 28.21 -97.84
CA UNK B 2439 76.87 27.27 -97.67
C UNK B 2439 76.70 26.85 -96.21
N UNK B 2440 77.82 26.60 -95.53
CA UNK B 2440 77.84 26.27 -94.11
C UNK B 2440 77.93 27.42 -93.12
N UNK B 2441 77.89 28.67 -93.62
CA UNK B 2441 78.09 29.87 -92.79
C UNK B 2441 76.80 30.60 -92.46
N UNK B 2442 76.92 31.65 -91.67
CA UNK B 2442 75.82 32.58 -91.43
C UNK B 2442 76.17 33.96 -91.98
N UNK B 2443 75.15 34.71 -92.40
CA UNK B 2443 75.36 35.94 -93.20
C UNK B 2443 76.10 37.07 -92.48
N UNK B 2444 76.02 37.11 -91.15
CA UNK B 2444 76.81 38.05 -90.35
C UNK B 2444 78.32 37.78 -90.44
N UNK B 2445 78.69 36.52 -90.60
CA UNK B 2445 80.10 36.09 -90.68
C UNK B 2445 80.67 36.13 -92.09
N UNK B 2446 79.80 36.07 -93.10
CA UNK B 2446 80.16 35.89 -94.51
C UNK B 2446 81.26 36.87 -94.88
N UNK B 2447 81.03 38.13 -94.48
CA UNK B 2447 81.91 39.22 -94.87
C UNK B 2447 83.32 38.96 -94.33
N UNK B 2448 83.38 38.54 -93.07
CA UNK B 2448 84.62 38.45 -92.33
C UNK B 2448 85.59 37.49 -93.02
N UNK B 2449 85.03 36.32 -93.35
CA UNK B 2449 85.78 35.25 -94.01
C UNK B 2449 86.35 35.75 -95.33
N UNK B 2450 85.50 36.43 -96.08
CA UNK B 2450 85.86 36.99 -97.39
C UNK B 2450 87.04 37.95 -97.23
N UNK B 2451 86.92 38.81 -96.23
CA UNK B 2451 87.93 39.81 -95.91
C UNK B 2451 89.27 39.14 -95.63
N UNK B 2452 89.20 38.08 -94.82
CA UNK B 2452 90.37 37.29 -94.43
C UNK B 2452 91.05 36.73 -95.66
N UNK B 2453 89.31 35.52 -97.32
CA UNK B 2453 90.31 35.01 -98.25
C UNK B 2453 91.13 36.15 -98.88
N UNK B 2454 90.65 37.39 -98.76
CA UNK B 2454 91.27 38.54 -99.44
C UNK B 2454 92.60 38.95 -98.80
N UNK B 2455 92.62 39.08 -97.47
CA UNK B 2455 93.86 39.46 -96.77
C UNK B 2455 94.99 38.49 -97.12
N UNK B 2456 94.66 37.21 -97.29
CA UNK B 2456 95.62 36.24 -97.84
C UNK B 2456 95.98 36.53 -99.32
N UNK B 2457 94.98 36.87 -100.14
CA UNK B 2457 95.22 37.15 -101.56
C UNK B 2457 96.12 38.37 -101.85
N UNK B 2458 96.28 39.26 -100.88
CA UNK B 2458 97.25 40.36 -100.97
C UNK B 2458 98.69 39.86 -100.89
N UNK B 2459 98.97 39.01 -99.90
CA UNK B 2459 100.30 38.42 -99.70
C UNK B 2459 100.90 37.84 -100.98
N UNK B 2460 100.11 37.06 -101.71
CA UNK B 2460 100.55 36.43 -102.95
C UNK B 2460 100.83 37.39 -104.09
N UNK B 2461 99.95 38.39 -104.25
CA UNK B 2461 100.08 39.39 -105.33
C UNK B 2461 101.17 40.39 -105.02
N UNK B 2462 103.67 42.92 -106.18
CA UNK B 2462 102.70 43.79 -106.84
C UNK B 2462 102.28 44.95 -105.95
N UNK B 2463 101.80 44.62 -104.75
CA UNK B 2463 101.30 45.61 -103.78
C UNK B 2463 102.27 45.94 -102.63
N UNK B 2464 103.11 44.97 -102.20
CA UNK B 2464 103.57 44.82 -100.83
C UNK B 2464 102.77 45.58 -99.76
N UNK B 2465 101.75 44.93 -99.20
CA UNK B 2465 100.82 45.54 -98.26
C UNK B 2465 101.50 45.88 -96.94
N UNK B 2466 101.22 47.07 -96.43
CA UNK B 2466 101.77 47.54 -95.17
C UNK B 2466 100.91 47.01 -94.03
N UNK B 2467 101.56 46.31 -93.10
CA UNK B 2467 100.89 45.54 -92.09
C UNK B 2467 100.46 46.39 -90.93
N UNK B 2468 101.21 47.47 -90.62
CA UNK B 2468 100.94 48.30 -89.47
C UNK B 2468 99.51 48.86 -89.53
N UNK B 2469 99.18 49.37 -90.71
CA UNK B 2469 97.87 49.95 -90.98
C UNK B 2469 96.76 48.92 -90.70
N UNK B 2470 97.01 47.73 -91.24
CA UNK B 2470 96.07 46.60 -91.09
C UNK B 2470 95.85 46.29 -89.62
N UNK B 2471 96.95 46.25 -88.90
CA UNK B 2471 96.96 45.96 -87.46
C UNK B 2471 96.10 46.98 -86.72
N UNK B 2472 96.32 48.24 -87.08
CA UNK B 2472 95.60 49.37 -86.49
C UNK B 2472 94.09 49.21 -86.72
N UNK B 2473 93.76 48.88 -87.95
CA UNK B 2473 92.37 48.67 -88.38
C UNK B 2473 91.72 47.58 -87.52
N UNK B 2474 92.44 46.46 -87.37
CA UNK B 2474 91.85 45.17 -87.02
C UNK B 2474 91.72 44.93 -85.52
N UNK B 2475 92.77 45.28 -84.77
CA UNK B 2475 92.71 45.25 -83.30
C UNK B 2475 93.14 46.56 -82.62
N UNK B 2476 93.53 47.57 -83.40
CA UNK B 2476 94.07 48.82 -82.86
C UNK B 2476 93.05 49.85 -82.40
N UNK B 2477 91.75 49.53 -82.49
CA UNK B 2477 90.70 50.37 -81.89
C UNK B 2477 90.75 50.42 -80.36
N UNK B 2478 91.32 49.38 -79.75
CA UNK B 2478 91.55 49.34 -78.30
C UNK B 2478 92.75 50.19 -77.82
N UNK B 2479 93.45 50.87 -78.73
CA UNK B 2479 94.54 51.80 -78.38
C UNK B 2479 94.09 52.85 -77.36
N UNK B 2480 94.91 53.07 -76.34
CA UNK B 2480 94.66 54.09 -75.32
C UNK B 2480 95.22 55.43 -75.79
N UNK B 2481 94.41 56.47 -75.69
CA UNK B 2481 94.85 57.84 -75.96
C UNK B 2481 95.61 58.35 -74.73
N UNK B 2482 96.60 59.21 -74.97
CA UNK B 2482 97.36 59.83 -73.88
C UNK B 2482 96.42 60.70 -73.04
N UNK B 2483 96.19 60.28 -71.80
CA UNK B 2483 95.10 60.77 -70.94
C UNK B 2483 94.80 62.27 -71.05
N UNK B 2484 93.55 62.60 -71.39
CA UNK B 2484 93.07 63.98 -71.44
C UNK B 2484 92.99 64.63 -72.82
N UNK B 2485 93.36 63.92 -73.87
CA UNK B 2485 93.36 64.46 -75.24
C UNK B 2485 91.95 64.47 -75.81
N UNK B 2486 91.39 65.67 -76.02
CA UNK B 2486 90.08 65.86 -76.63
C UNK B 2486 90.17 67.01 -77.64
N UNK B 2487 90.53 66.70 -78.91
CA UNK B 2487 90.68 67.67 -80.03
C UNK B 2487 89.44 68.51 -80.41
N UNK B 2488 89.55 69.21 -81.54
CA UNK B 2488 88.50 70.09 -82.05
C UNK B 2488 87.20 69.37 -82.35
N UNK B 2489 86.08 70.03 -82.06
CA UNK B 2489 84.73 69.46 -82.16
C UNK B 2489 83.82 70.40 -82.96
N UNK B 2490 84.34 70.99 -84.03
CA UNK B 2490 83.57 71.91 -84.88
C UNK B 2490 82.65 71.11 -85.80
N UNK B 2491 83.25 70.27 -86.64
CA UNK B 2491 82.52 69.33 -87.48
C UNK B 2491 82.28 68.00 -86.79
N UNK B 2492 83.29 67.52 -86.06
CA UNK B 2492 83.24 66.21 -85.39
C UNK B 2492 82.32 66.19 -84.16
N UNK B 2493 82.05 64.97 -83.70
CA UNK B 2493 81.46 64.71 -82.38
C UNK B 2493 82.49 63.95 -81.55
N UNK B 2494 82.19 63.75 -80.27
CA UNK B 2494 83.12 63.07 -79.33
C UNK B 2494 83.33 61.60 -79.71
N UNK B 2495 82.30 60.97 -80.27
CA UNK B 2495 82.41 59.60 -80.79
C UNK B 2495 83.42 59.51 -81.95
N UNK B 2496 83.31 60.45 -82.89
CA UNK B 2496 84.18 60.49 -84.07
C UNK B 2496 85.58 61.03 -83.74
N UNK B 2497 85.63 62.05 -82.90
CA UNK B 2497 86.90 62.67 -82.50
C UNK B 2497 87.77 61.80 -81.60
N UNK B 2498 87.17 60.84 -80.89
CA UNK B 2498 87.90 59.92 -80.01
C UNK B 2498 88.92 59.05 -80.75
N UNK B 2499 88.55 58.62 -81.96
CA UNK B 2499 89.41 57.76 -82.79
C UNK B 2499 90.44 58.51 -83.63
N UNK B 2500 90.22 59.82 -83.87
CA UNK B 2500 91.05 60.60 -84.80
C UNK B 2500 92.50 60.77 -84.32
N UNK B 2501 92.69 60.97 -83.02
CA UNK B 2501 94.04 61.00 -82.43
C UNK B 2501 94.66 59.61 -82.50
N UNK B 2502 93.88 58.58 -82.16
CA UNK B 2502 94.29 57.18 -82.32
C UNK B 2502 94.72 56.85 -83.75
N UNK B 2503 93.94 57.36 -84.72
CA UNK B 2503 94.22 57.15 -86.14
C UNK B 2503 95.47 57.93 -86.57
N UNK B 2504 95.57 59.19 -86.15
CA UNK B 2504 96.65 60.09 -86.59
C UNK B 2504 98.06 59.76 -86.04
N UNK B 2505 98.14 58.83 -85.07
CA UNK B 2505 99.43 58.29 -84.62
C UNK B 2505 100.19 57.46 -85.67
N UNK B 2506 99.47 56.98 -86.70
CA UNK B 2506 100.10 56.24 -87.81
C UNK B 2506 101.01 57.14 -88.66
N UNK B 2507 101.92 56.54 -89.46
CA UNK B 2507 102.83 57.35 -90.28
C UNK B 2507 102.16 58.15 -91.41
N UNK B 2508 101.30 57.50 -92.19
CA UNK B 2508 100.68 58.11 -93.38
C UNK B 2508 99.56 59.13 -93.07
N UNK B 2509 99.05 59.12 -91.83
CA UNK B 2509 97.97 60.03 -91.41
C UNK B 2509 98.45 61.03 -90.35
N UNK B 2510 99.63 61.61 -90.56
CA UNK B 2510 100.17 62.66 -89.69
C UNK B 2510 99.35 63.94 -89.79
N UNK B 2511 98.88 64.26 -90.99
CA UNK B 2511 98.14 65.50 -91.27
C UNK B 2511 96.61 65.32 -91.28
N UNK B 2512 96.09 64.40 -90.45
CA UNK B 2512 94.66 64.12 -90.39
C UNK B 2512 93.89 65.21 -89.64
N UNK B 2513 94.43 65.64 -88.50
CA UNK B 2513 93.81 66.69 -87.68
C UNK B 2513 93.91 68.06 -88.36
N UNK B 2514 94.91 68.25 -89.22
CA UNK B 2514 94.99 69.43 -90.09
C UNK B 2514 93.96 69.38 -91.23
N UNK B 2515 93.73 68.18 -91.77
CA UNK B 2515 92.81 67.98 -92.90
C UNK B 2515 91.33 68.25 -92.57
N UNK B 2516 90.93 68.09 -91.30
CA UNK B 2516 89.53 68.33 -90.89
C UNK B 2516 89.14 69.81 -90.98
N UNK B 2517 90.09 70.70 -90.71
CA UNK B 2517 89.89 72.15 -90.83
C UNK B 2517 90.18 72.64 -92.25
N UNK B 2518 91.18 72.04 -92.90
CA UNK B 2518 91.51 72.35 -94.29
C UNK B 2518 90.40 71.94 -95.26
N UNK B 2519 89.82 70.76 -95.02
CA UNK B 2519 88.65 70.28 -95.75
C UNK B 2519 87.39 70.39 -94.88
N UNK B 2520 87.19 71.58 -94.29
CA UNK B 2520 86.03 71.87 -93.44
C UNK B 2520 84.79 72.23 -94.26
N UNK B 2521 85.00 72.66 -95.51
CA UNK B 2521 83.89 72.97 -96.43
C UNK B 2521 83.12 71.72 -96.83
N UNK B 2522 83.84 70.65 -97.16
CA UNK B 2522 83.23 69.37 -97.54
C UNK B 2522 82.83 68.55 -96.31
N UNK B 2523 81.56 68.66 -95.93
CA UNK B 2523 80.97 67.86 -94.84
C UNK B 2523 79.73 67.11 -95.30
N UNK B 2524 79.79 66.55 -96.51
CA UNK B 2524 78.68 65.81 -97.10
C UNK B 2524 78.79 64.31 -96.79
N UNK B 2525 80.00 63.76 -96.91
CA UNK B 2525 80.28 62.39 -96.48
C UNK B 2525 80.28 62.26 -94.96
N UNK B 2526 80.67 63.33 -94.27
CA UNK B 2526 80.59 63.38 -92.80
C UNK B 2526 79.14 63.36 -92.30
N UNK B 2527 78.21 63.93 -93.07
CA UNK B 2527 76.80 64.01 -92.70
C UNK B 2527 75.88 63.38 -93.77
N UNK B 2528 75.38 62.17 -93.47
CA UNK B 2528 74.34 61.49 -94.26
C UNK B 2528 74.87 60.86 -95.57
N UNK B 2529 73.94 60.38 -96.40
CA UNK B 2529 74.24 59.81 -97.73
C UNK B 2529 74.84 58.40 -97.62
N UNK B 2530 75.57 57.97 -98.66
CA UNK B 2530 76.31 56.70 -98.65
C UNK B 2530 77.83 56.98 -98.80
N UNK B 2531 78.52 57.29 -97.68
CA UNK B 2531 79.97 57.59 -97.68
C UNK B 2531 80.91 56.50 -98.22
N UNK B 2532 80.47 55.25 -98.28
CA UNK B 2532 81.27 54.17 -98.84
C UNK B 2532 81.60 54.35 -100.32
N UNK B 2533 80.66 54.90 -101.09
CA UNK B 2533 80.85 55.15 -102.52
C UNK B 2533 81.78 56.33 -102.79
N UNK B 2534 81.52 57.47 -102.15
CA UNK B 2534 82.31 58.69 -102.29
C UNK B 2534 83.03 59.03 -100.98
N UNK B 2535 84.33 58.78 -100.94
CA UNK B 2535 85.16 59.05 -99.76
C UNK B 2535 85.99 60.32 -99.98
N UNK B 2536 85.80 61.36 -99.13
CA UNK B 2536 86.64 62.57 -99.22
C UNK B 2536 88.10 62.36 -98.79
N UNK B 2537 88.93 63.37 -99.07
CA UNK B 2537 90.35 63.37 -98.69
C UNK B 2537 91.18 62.32 -99.45
N UNK B 2538 92.43 62.13 -99.02
CA UNK B 2538 93.28 61.05 -99.50
C UNK B 2538 94.11 60.47 -98.36
N UNK B 2539 94.90 59.44 -98.67
CA UNK B 2539 95.73 58.76 -97.66
C UNK B 2539 96.92 59.63 -97.23
N UNK B 2540 103.19 59.29 -101.51
CA UNK B 2540 102.61 58.90 -102.80
C UNK B 2540 101.42 57.94 -102.60
N UNK B 2541 100.33 58.11 -103.38
CA UNK B 2541 99.16 57.23 -103.25
C UNK B 2541 99.34 55.82 -103.85
N UNK B 2542 99.95 55.76 -105.04
CA UNK B 2542 100.24 54.50 -105.74
C UNK B 2542 98.98 53.67 -106.12
N UNK B 2543 98.80 52.50 -105.50
CA UNK B 2543 97.82 51.51 -105.97
C UNK B 2543 96.40 51.78 -105.47
N UNK B 2544 95.37 51.26 -106.19
CA UNK B 2544 93.98 51.44 -105.76
C UNK B 2544 93.55 50.53 -104.60
N UNK B 2545 94.26 49.43 -104.38
CA UNK B 2545 94.04 48.56 -103.21
C UNK B 2545 94.48 49.28 -101.93
N UNK B 2546 95.62 49.95 -102.01
CA UNK B 2546 96.10 50.85 -100.96
C UNK B 2546 95.06 51.93 -100.68
N UNK B 2547 94.55 52.51 -101.77
CA UNK B 2547 93.54 53.56 -101.70
C UNK B 2547 92.31 53.05 -100.95
N UNK B 2548 91.88 51.86 -101.33
CA UNK B 2548 90.72 51.19 -100.73
C UNK B 2548 90.91 51.04 -99.22
N UNK B 2549 92.11 50.57 -98.87
CA UNK B 2549 92.50 50.34 -97.48
C UNK B 2549 92.39 51.65 -96.70
N UNK B 2550 92.93 52.71 -97.30
CA UNK B 2550 92.93 54.05 -96.72
C UNK B 2550 91.49 54.49 -96.44
N UNK B 2551 90.65 54.29 -97.44
CA UNK B 2551 89.23 54.65 -97.37
C UNK B 2551 88.57 53.94 -96.20
N UNK B 2552 88.86 52.64 -96.10
CA UNK B 2552 88.33 51.78 -95.04
C UNK B 2552 88.72 52.33 -93.67
N UNK B 2553 89.99 52.68 -93.57
CA UNK B 2553 90.57 53.23 -92.34
C UNK B 2553 89.83 54.49 -91.93
N UNK B 2554 89.63 55.36 -92.92
CA UNK B 2554 88.94 56.64 -92.75
C UNK B 2554 87.53 56.40 -92.20
N UNK B 2555 86.85 55.44 -92.82
CA UNK B 2555 85.49 55.06 -92.46
C UNK B 2555 85.43 54.63 -90.99
N UNK B 2556 86.12 53.54 -90.65
CA UNK B 2556 86.05 52.96 -89.28
C UNK B 2556 86.09 54.03 -88.17
N UNK B 2557 86.98 55.01 -88.32
CA UNK B 2557 87.13 56.08 -87.33
C UNK B 2557 85.94 57.04 -87.36
N UNK B 2558 85.66 57.59 -88.55
CA UNK B 2558 84.64 58.63 -88.71
C UNK B 2558 83.23 58.03 -88.77
N UNK B 2559 82.99 57.21 -89.79
CA UNK B 2559 81.68 56.66 -90.10
C UNK B 2559 81.57 55.18 -89.69
N UNK B 2560 80.83 54.88 -88.60
CA UNK B 2560 80.73 53.49 -88.17
C UNK B 2560 79.73 52.63 -88.97
N UNK B 2561 78.61 53.21 -89.39
CA UNK B 2561 77.48 52.44 -89.94
C UNK B 2561 77.74 51.77 -91.29
N UNK B 2562 78.60 52.36 -92.12
CA UNK B 2562 78.86 51.85 -93.47
C UNK B 2562 80.00 50.81 -93.49
N UNK B 2563 80.44 50.33 -92.33
CA UNK B 2563 81.72 49.63 -92.25
C UNK B 2563 81.66 48.29 -92.95
N UNK B 2564 80.54 47.59 -92.75
CA UNK B 2564 80.29 46.30 -93.42
C UNK B 2564 80.33 46.49 -94.92
N UNK B 2565 79.63 47.53 -95.37
CA UNK B 2565 79.54 47.87 -96.80
C UNK B 2565 80.93 48.10 -97.37
N UNK B 2566 81.72 48.88 -96.63
CA UNK B 2566 83.09 49.20 -97.01
C UNK B 2566 83.91 47.94 -97.18
N UNK B 2567 83.77 47.04 -96.20
CA UNK B 2567 84.47 45.76 -96.19
C UNK B 2567 84.12 44.96 -97.45
N UNK B 2568 82.83 44.93 -97.73
CA UNK B 2568 82.29 44.22 -98.90
C UNK B 2568 82.93 44.76 -100.18
N UNK B 2569 82.97 46.08 -100.25
CA UNK B 2569 83.54 46.79 -101.41
C UNK B 2569 85.00 46.39 -101.60
N UNK B 2570 85.71 46.39 -100.49
CA UNK B 2570 87.14 46.04 -100.45
C UNK B 2570 87.35 44.63 -101.00
N UNK B 2571 86.50 43.73 -100.53
CA UNK B 2571 86.52 42.32 -100.93
C UNK B 2571 86.33 42.20 -102.43
N UNK B 2572 85.35 42.94 -102.92
CA UNK B 2572 85.00 42.96 -104.34
C UNK B 2572 86.22 43.40 -105.17
N UNK B 2573 86.84 44.47 -104.69
CA UNK B 2573 87.94 45.12 -105.42
C UNK B 2573 89.08 44.14 -105.57
N UNK B 2574 89.39 43.46 -104.46
CA UNK B 2574 90.53 42.52 -104.41
C UNK B 2574 90.30 41.25 -105.24
N UNK B 2575 89.22 40.55 -104.90
CA UNK B 2575 88.95 39.18 -105.40
C UNK B 2575 88.22 39.18 -106.74
N UNK B 2576 87.16 39.98 -106.84
CA UNK B 2576 86.34 40.06 -108.06
C UNK B 2576 84.99 40.73 -107.81
N UNK B 2577 84.47 41.41 -108.82
CA UNK B 2577 83.22 42.18 -108.70
C UNK B 2577 82.02 41.32 -108.31
N UNK B 2578 81.93 40.12 -108.89
CA UNK B 2578 80.87 39.16 -108.60
C UNK B 2578 81.44 37.92 -107.90
N UNK B 2579 82.19 38.15 -106.84
CA UNK B 2579 82.79 37.09 -106.02
C UNK B 2579 81.80 36.68 -104.93
N UNK B 2580 81.34 37.70 -104.19
CA UNK B 2580 80.35 37.52 -103.11
C UNK B 2580 78.92 37.35 -103.61
N UNK B 2581 78.66 37.71 -104.87
CA UNK B 2581 77.29 37.86 -105.39
C UNK B 2581 76.45 36.59 -105.45
N UNK B 2582 77.09 35.42 -105.57
CA UNK B 2582 76.38 34.15 -105.76
C UNK B 2582 75.57 33.65 -104.55
N UNK B 2583 75.79 34.20 -103.36
CA UNK B 2583 75.05 33.81 -102.15
C UNK B 2583 73.82 34.67 -101.86
N UNK B 2584 73.83 35.93 -102.31
CA UNK B 2584 72.62 36.75 -102.31
C UNK B 2584 71.61 36.24 -103.34
N UNK B 2585 72.11 35.57 -104.37
CA UNK B 2585 71.27 34.77 -105.28
C UNK B 2585 70.70 33.57 -104.50
N UNK B 2586 69.58 32.99 -104.98
CA UNK B 2586 68.98 31.85 -104.28
C UNK B 2586 69.81 30.58 -104.43
N UNK B 2587 69.85 29.77 -103.38
CA UNK B 2587 70.76 28.62 -103.31
C UNK B 2587 70.24 27.42 -104.10
N UNK B 2588 71.06 26.94 -105.04
CA UNK B 2588 70.79 25.70 -105.77
C UNK B 2588 71.14 24.52 -104.89
N UNK B 2589 70.15 23.66 -104.65
CA UNK B 2589 70.34 22.46 -103.84
C UNK B 2589 70.55 21.21 -104.70
N UNK B 2590 69.90 21.17 -105.86
CA UNK B 2590 69.91 20.01 -106.75
C UNK B 2590 71.32 19.61 -107.18
N UNK B 2591 72.03 20.58 -107.74
CA UNK B 2591 73.35 20.34 -108.34
C UNK B 2591 74.31 19.79 -107.27
N UNK B 2592 74.27 20.44 -106.11
CA UNK B 2592 75.33 20.26 -105.11
C UNK B 2592 75.25 18.83 -104.59
N UNK B 2593 74.04 18.42 -104.21
CA UNK B 2593 73.85 17.05 -103.70
C UNK B 2593 74.21 16.03 -104.77
N UNK B 2594 73.82 16.33 -106.01
CA UNK B 2594 74.06 15.43 -107.13
C UNK B 2594 75.54 15.15 -107.31
N UNK B 2595 76.35 16.21 -107.29
CA UNK B 2595 77.74 16.16 -107.75
C UNK B 2595 78.80 16.31 -106.64
N UNK B 2596 78.74 17.42 -105.90
CA UNK B 2596 79.80 17.81 -104.96
C UNK B 2596 80.02 16.80 -103.82
N UNK B 2597 78.95 16.42 -103.14
CA UNK B 2597 79.05 15.61 -101.93
C UNK B 2597 79.28 14.13 -102.22
N UNK B 2598 80.00 13.46 -101.32
CA UNK B 2598 80.30 12.03 -101.46
C UNK B 2598 79.23 11.24 -100.71
N UNK B 2599 78.78 10.10 -101.28
CA UNK B 2599 77.66 9.31 -100.71
C UNK B 2599 77.88 8.71 -99.31
N UNK B 2600 79.14 8.58 -98.89
CA UNK B 2600 79.46 8.23 -97.49
C UNK B 2600 79.62 9.45 -96.55
N UNK B 2601 79.28 10.65 -97.06
CA UNK B 2601 79.37 11.91 -96.31
C UNK B 2601 78.03 12.64 -96.39
N UNK B 2602 77.33 12.78 -95.26
CA UNK B 2602 75.94 13.18 -95.32
C UNK B 2602 75.76 14.65 -95.60
N UNK B 2603 74.60 15.00 -96.15
CA UNK B 2603 74.17 16.39 -96.21
C UNK B 2603 73.70 16.72 -94.80
N UNK B 2604 74.04 17.91 -94.31
CA UNK B 2604 73.73 18.31 -92.94
C UNK B 2604 73.08 19.68 -92.93
N UNK B 2605 71.76 19.71 -92.70
CA UNK B 2605 70.97 20.94 -92.90
C UNK B 2605 70.70 21.71 -91.62
N UNK B 2606 71.68 22.52 -91.24
CA UNK B 2606 71.57 23.36 -90.07
C UNK B 2606 70.70 24.54 -90.40
N UNK B 2607 69.88 24.97 -89.44
CA UNK B 2607 69.06 26.17 -89.62
C UNK B 2607 68.82 26.90 -88.32
N UNK B 2608 68.85 28.22 -88.38
CA UNK B 2608 68.46 29.05 -87.24
C UNK B 2608 66.96 28.88 -86.96
N UNK B 2609 66.51 29.15 -85.72
CA UNK B 2609 65.11 28.87 -85.37
C UNK B 2609 64.10 29.75 -86.09
N UNK B 2610 62.87 29.24 -86.24
CA UNK B 2610 61.84 29.88 -87.04
C UNK B 2610 62.09 29.73 -88.54
N UNK B 2611 62.81 28.68 -88.93
CA UNK B 2611 63.06 28.38 -90.33
C UNK B 2611 63.58 26.95 -90.44
N UNK B 2612 62.93 26.14 -91.27
CA UNK B 2612 63.26 24.70 -91.38
C UNK B 2612 63.55 24.31 -92.83
N UNK B 2613 64.34 23.24 -92.99
CA UNK B 2613 64.76 22.74 -94.29
C UNK B 2613 64.29 21.30 -94.58
N UNK B 2614 63.30 20.82 -93.83
CA UNK B 2614 62.75 19.48 -94.07
C UNK B 2614 62.06 19.38 -95.42
N UNK B 2615 61.33 20.44 -95.78
CA UNK B 2615 60.54 20.51 -96.97
C UNK B 2615 61.39 20.61 -98.20
N UNK B 2616 62.54 21.27 -98.12
CA UNK B 2616 63.44 21.48 -99.24
C UNK B 2616 63.83 20.14 -99.86
N UNK B 2617 64.21 19.22 -98.97
CA UNK B 2617 64.64 17.88 -99.36
C UNK B 2617 63.53 17.17 -100.13
N UNK B 2618 62.32 17.28 -99.56
CA UNK B 2618 61.13 16.67 -100.14
C UNK B 2618 60.91 17.20 -101.55
N UNK B 2619 61.01 18.51 -101.67
CA UNK B 2619 60.84 19.23 -102.94
C UNK B 2619 61.82 18.69 -103.98
N UNK B 2620 63.06 18.57 -103.54
CA UNK B 2620 64.16 18.07 -104.38
C UNK B 2620 63.84 16.67 -104.90
N UNK B 2621 63.38 15.84 -103.97
CA UNK B 2621 63.00 14.46 -104.26
C UNK B 2621 61.99 14.37 -105.40
N UNK B 2622 60.97 15.22 -105.33
CA UNK B 2622 59.92 15.25 -106.34
C UNK B 2622 60.54 15.57 -107.72
N UNK B 2623 61.40 16.57 -107.70
CA UNK B 2623 62.01 17.12 -108.90
C UNK B 2623 62.83 16.03 -109.59
N UNK B 2624 63.63 15.33 -108.77
CA UNK B 2624 64.58 14.35 -109.28
C UNK B 2624 64.04 12.93 -109.47
N UNK B 2625 62.84 12.67 -108.94
CA UNK B 2625 62.21 11.34 -108.90
C UNK B 2625 63.04 10.29 -108.14
N UNK B 2626 63.69 10.74 -107.06
CA UNK B 2626 64.43 9.86 -106.17
C UNK B 2626 63.50 9.39 -105.06
N UNK B 2627 63.65 8.12 -104.68
CA UNK B 2627 62.89 7.52 -103.58
C UNK B 2627 63.58 7.85 -102.25
N UNK B 2628 62.92 8.65 -101.41
CA UNK B 2628 63.46 8.99 -100.07
C UNK B 2628 62.73 8.21 -98.98
N UNK B 2629 63.21 8.36 -97.75
CA UNK B 2629 62.63 7.73 -96.58
C UNK B 2629 62.69 8.72 -95.42
N UNK B 2630 61.63 9.51 -95.25
CA UNK B 2630 61.59 10.55 -94.23
C UNK B 2630 61.29 9.96 -92.85
N UNK B 2631 62.16 10.27 -91.88
CA UNK B 2631 62.03 9.77 -90.52
C UNK B 2631 62.39 10.88 -89.52
N UNK B 2632 61.57 11.02 -88.48
CA UNK B 2632 61.84 11.97 -87.40
C UNK B 2632 62.59 11.27 -86.29
N UNK B 2633 63.69 11.88 -85.85
CA UNK B 2633 64.47 11.36 -84.73
C UNK B 2633 63.75 11.70 -83.44
N UNK B 2634 63.49 10.67 -82.64
CA UNK B 2634 62.88 10.88 -81.34
C UNK B 2634 62.84 9.62 -80.51
N UNK B 2635 61.79 8.84 -80.70
CA UNK B 2635 61.53 7.66 -79.87
C UNK B 2635 62.51 6.52 -80.14
N UNK B 2636 62.44 5.50 -79.29
CA UNK B 2636 63.18 4.25 -79.50
C UNK B 2636 62.68 3.50 -80.74
N UNK B 2637 61.38 3.64 -81.04
CA UNK B 2637 60.79 3.12 -82.26
C UNK B 2637 61.37 3.76 -83.53
N UNK B 2638 61.78 5.02 -83.42
CA UNK B 2638 62.25 5.78 -84.55
C UNK B 2638 63.68 5.42 -84.90
N UNK B 2639 64.51 5.22 -83.88
CA UNK B 2639 65.93 4.98 -84.08
C UNK B 2639 66.16 3.75 -84.95
N UNK B 2640 65.42 2.70 -84.62
CA UNK B 2640 65.51 1.43 -85.36
C UNK B 2640 65.15 1.65 -86.82
N UNK B 2641 64.07 2.39 -87.02
CA UNK B 2641 63.57 2.72 -88.37
C UNK B 2641 64.67 3.45 -89.16
N UNK B 2642 65.22 4.44 -88.48
CA UNK B 2642 66.27 5.31 -89.04
C UNK B 2642 67.45 4.50 -89.52
N UNK B 2643 67.86 3.56 -88.65
CA UNK B 2643 68.90 2.57 -88.98
C UNK B 2643 68.54 1.79 -90.24
N UNK B 2644 67.39 1.13 -90.18
CA UNK B 2644 67.01 0.14 -91.20
C UNK B 2644 66.94 0.81 -92.57
N UNK B 2645 66.31 1.97 -92.58
CA UNK B 2645 66.13 2.77 -93.81
C UNK B 2645 67.48 3.11 -94.39
N UNK B 2646 68.38 3.56 -93.51
CA UNK B 2646 69.74 3.93 -93.90
C UNK B 2646 70.45 2.76 -94.55
N UNK B 2647 70.32 1.61 -93.91
CA UNK B 2647 70.93 0.36 -94.38
C UNK B 2647 70.44 0.04 -95.79
N UNK B 2648 69.13 0.16 -95.95
CA UNK B 2648 68.46 -0.12 -97.22
C UNK B 2648 69.02 0.82 -98.31
N UNK B 2649 69.02 2.10 -97.93
CA UNK B 2649 69.38 3.19 -98.83
C UNK B 2649 70.79 3.00 -99.36
N UNK B 2650 71.68 2.68 -98.43
CA UNK B 2650 73.10 2.46 -98.76
C UNK B 2650 73.24 1.34 -99.77
N UNK B 2651 72.50 0.26 -99.51
CA UNK B 2651 72.52 -0.93 -100.37
C UNK B 2651 72.00 -0.68 -101.79
N UNK B 2652 70.76 -0.19 -101.86
CA UNK B 2652 70.03 -0.02 -103.11
C UNK B 2652 70.40 1.27 -103.84
N UNK B 2653 70.29 2.38 -103.11
CA UNK B 2653 70.46 3.71 -103.68
C UNK B 2653 69.30 4.69 -103.48
N UNK B 2654 68.45 4.43 -102.48
CA UNK B 2654 67.44 5.40 -102.05
C UNK B 2654 68.08 6.54 -101.27
N UNK B 2655 67.26 7.53 -100.89
CA UNK B 2655 67.68 8.56 -99.94
C UNK B 2655 67.04 8.32 -98.57
N UNK B 2656 67.50 9.09 -97.61
CA UNK B 2656 66.91 9.12 -96.27
C UNK B 2656 67.26 10.44 -95.59
N UNK B 2657 66.22 11.21 -95.24
CA UNK B 2657 66.36 12.39 -94.43
C UNK B 2657 65.93 12.04 -93.03
N UNK B 2658 66.82 12.22 -92.07
CA UNK B 2658 66.47 12.18 -90.66
C UNK B 2658 66.23 13.61 -90.17
N UNK B 2659 65.09 13.80 -89.50
CA UNK B 2659 64.66 15.13 -89.06
C UNK B 2659 64.83 15.30 -87.54
N UNK B 2660 65.17 16.52 -87.12
CA UNK B 2660 65.39 16.85 -85.71
C UNK B 2660 66.48 15.99 -85.08
N UNK B 2661 67.60 15.90 -85.77
CA UNK B 2661 68.72 15.05 -85.35
C UNK B 2661 69.44 15.62 -84.12
N UNK B 2662 69.46 16.94 -84.01
CA UNK B 2662 69.98 17.65 -82.83
C UNK B 2662 69.33 17.29 -81.49
N UNK B 2663 68.14 16.68 -81.52
CA UNK B 2663 67.46 16.27 -80.29
C UNK B 2663 67.86 14.88 -79.76
N UNK B 2664 68.97 14.31 -80.24
CA UNK B 2664 69.52 13.10 -79.64
C UNK B 2664 71.02 12.99 -79.93
N UNK B 2665 71.82 13.89 -79.35
CA UNK B 2665 73.26 13.99 -79.64
C UNK B 2665 74.03 12.70 -79.47
N UNK B 2666 73.69 11.91 -78.45
CA UNK B 2666 74.33 10.62 -78.23
C UNK B 2666 74.33 9.71 -79.44
N UNK B 2667 73.21 9.73 -80.18
CA UNK B 2667 73.01 8.87 -81.31
C UNK B 2667 73.79 9.36 -82.50
N UNK B 2668 73.88 10.69 -82.68
CA UNK B 2668 74.47 11.27 -83.87
C UNK B 2668 75.90 10.81 -84.05
N UNK B 2669 76.64 10.85 -82.95
CA UNK B 2669 78.04 10.44 -82.93
C UNK B 2669 78.18 8.98 -83.39
N UNK B 2670 77.31 8.16 -82.83
CA UNK B 2670 77.27 6.72 -83.15
C UNK B 2670 77.04 6.52 -84.64
N UNK B 2671 76.06 7.26 -85.14
CA UNK B 2671 75.68 7.21 -86.56
C UNK B 2671 76.88 7.55 -87.44
N UNK B 2672 77.57 8.61 -87.04
CA UNK B 2672 78.77 9.08 -87.75
C UNK B 2672 79.80 7.98 -87.90
N UNK B 2673 80.06 7.26 -86.81
CA UNK B 2673 81.06 6.18 -86.82
C UNK B 2673 80.68 5.12 -87.85
N UNK B 2674 79.40 4.76 -87.81
CA UNK B 2674 78.83 3.77 -88.73
C UNK B 2674 79.04 4.20 -90.17
N UNK B 2675 78.73 5.47 -90.41
CA UNK B 2675 78.84 6.08 -91.73
C UNK B 2675 80.27 5.97 -92.24
N UNK B 2676 81.20 6.31 -91.34
CA UNK B 2676 82.62 6.33 -91.68
C UNK B 2676 83.08 4.95 -92.12
N UNK B 2677 82.65 3.94 -91.36
CA UNK B 2677 83.02 2.55 -91.63
C UNK B 2677 82.35 2.06 -92.92
N UNK B 2678 81.10 2.45 -93.13
CA UNK B 2678 80.28 1.97 -94.24
C UNK B 2678 80.71 2.53 -95.59
N UNK B 2679 80.82 1.65 -96.59
CA UNK B 2679 81.10 2.04 -97.98
C UNK B 2679 79.86 1.78 -98.86
N UNK B 2680 79.27 2.85 -99.43
CA UNK B 2680 77.93 2.73 -100.00
C UNK B 2680 77.82 2.65 -101.53
N UNK B 2681 76.58 2.54 -101.99
CA UNK B 2681 76.20 2.68 -103.39
C UNK B 2681 76.18 4.16 -103.72
N UNK B 2682 76.51 4.49 -104.97
CA UNK B 2682 76.75 5.89 -105.37
C UNK B 2682 75.51 6.79 -105.47
N UNK B 2683 74.32 6.20 -105.47
CA UNK B 2683 73.06 6.95 -105.65
C UNK B 2683 72.38 7.37 -104.34
N UNK B 2684 73.07 7.23 -103.21
CA UNK B 2684 72.50 7.44 -101.87
C UNK B 2684 73.12 8.66 -101.20
N UNK B 2685 72.27 9.47 -100.58
CA UNK B 2685 72.69 10.71 -99.93
C UNK B 2685 71.90 10.84 -98.62
N UNK B 2686 72.57 10.61 -97.49
CA UNK B 2686 71.93 10.74 -96.18
C UNK B 2686 71.76 12.21 -95.83
N UNK B 2687 70.51 12.65 -95.70
CA UNK B 2687 70.21 14.00 -95.21
C UNK B 2687 69.93 13.96 -93.70
N UNK B 2688 70.46 14.91 -92.94
CA UNK B 2688 70.11 15.09 -91.51
C UNK B 2688 69.76 16.56 -91.30
N UNK B 2689 68.55 16.85 -90.81
CA UNK B 2689 68.16 18.27 -90.61
C UNK B 2689 68.20 18.72 -89.13
N UNK B 2690 68.76 19.91 -88.95
CA UNK B 2690 69.27 20.40 -87.66
C UNK B 2690 68.84 21.83 -87.36
N UNK B 2691 68.64 22.12 -86.08
CA UNK B 2691 68.74 23.49 -85.59
C UNK B 2691 70.21 23.78 -85.40
N UNK B 2692 70.53 25.01 -85.06
CA UNK B 2692 71.89 25.36 -84.70
C UNK B 2692 71.98 25.24 -83.19
N UNK B 2693 72.44 24.07 -82.75
CA UNK B 2693 72.34 23.61 -81.37
C UNK B 2693 73.66 22.98 -80.94
N UNK B 2694 74.37 23.61 -79.98
CA UNK B 2694 75.74 23.17 -79.65
C UNK B 2694 75.85 21.79 -79.00
N UNK B 2695 74.73 21.20 -78.58
CA UNK B 2695 74.71 19.80 -78.14
C UNK B 2695 75.11 18.84 -79.27
N UNK B 2696 74.81 19.22 -80.51
CA UNK B 2696 75.24 18.48 -81.71
C UNK B 2696 76.73 18.18 -81.64
N UNK B 2697 77.13 16.90 -81.74
CA UNK B 2697 78.56 16.61 -81.68
C UNK B 2697 79.35 17.14 -82.87
N UNK B 2698 80.64 17.35 -82.64
CA UNK B 2698 81.50 18.05 -83.55
C UNK B 2698 81.94 17.16 -84.69
N UNK B 2699 82.14 15.86 -84.41
CA UNK B 2699 82.62 14.92 -85.39
C UNK B 2699 81.70 14.89 -86.61
N UNK B 2700 80.41 14.80 -86.31
CA UNK B 2700 79.36 14.74 -87.33
C UNK B 2700 79.42 16.00 -88.19
N UNK B 2701 79.55 17.13 -87.53
CA UNK B 2701 79.62 18.44 -88.20
C UNK B 2701 80.79 18.46 -89.17
N UNK B 2702 81.93 17.98 -88.67
CA UNK B 2702 83.17 17.94 -89.45
C UNK B 2702 82.97 17.10 -90.70
N UNK B 2703 82.33 15.94 -90.51
CA UNK B 2703 82.12 14.97 -91.58
C UNK B 2703 81.28 15.58 -92.67
N UNK B 2704 80.03 15.88 -92.34
CA UNK B 2704 79.05 16.29 -93.34
C UNK B 2704 79.24 17.69 -93.87
N UNK B 2705 78.98 17.85 -95.17
CA UNK B 2705 78.88 19.17 -95.78
C UNK B 2705 77.72 19.89 -95.13
N UNK B 2706 77.98 21.07 -94.57
CA UNK B 2706 76.98 21.79 -93.78
C UNK B 2706 76.25 22.71 -94.73
N UNK B 2707 74.94 22.83 -94.54
CA UNK B 2707 74.16 23.86 -95.23
C UNK B 2707 73.38 24.65 -94.19
N UNK B 2708 73.24 25.94 -94.47
CA UNK B 2708 72.62 26.86 -93.54
C UNK B 2708 71.49 27.55 -94.24
N UNK B 2709 70.45 27.81 -93.46
CA UNK B 2709 69.28 28.51 -93.91
C UNK B 2709 69.02 29.61 -92.91
N UNK B 2710 69.61 30.76 -93.19
CA UNK B 2710 69.15 32.01 -92.61
C UNK B 2710 67.86 32.28 -93.38
N UNK B 2711 66.81 32.77 -92.71
CA UNK B 2711 65.77 33.40 -93.52
C UNK B 2711 66.42 34.57 -94.25
N UNK B 2712 66.39 34.56 -95.61
CA UNK B 2712 67.38 35.27 -96.42
C UNK B 2712 67.56 36.76 -96.11
N UNK B 2713 68.78 37.30 -96.34
CA UNK B 2713 69.07 38.70 -96.02
C UNK B 2713 68.63 39.63 -97.16
N UNK B 2714 67.93 40.71 -96.82
CA UNK B 2714 67.49 41.68 -97.83
C UNK B 2714 66.24 41.27 -98.59
N UNK B 2715 65.65 42.25 -99.28
CA UNK B 2715 64.33 42.10 -99.87
C UNK B 2715 64.45 41.26 -101.15
N UNK B 2716 65.40 41.69 -101.98
CA UNK B 2716 65.61 41.14 -103.31
C UNK B 2716 65.83 39.64 -103.25
N UNK B 2717 66.72 39.26 -102.32
CA UNK B 2717 67.08 37.86 -102.10
C UNK B 2717 65.85 37.04 -101.74
N UNK B 2718 65.07 37.61 -100.83
CA UNK B 2718 63.83 36.98 -100.34
C UNK B 2718 62.88 36.74 -101.51
N UNK B 2719 62.74 37.77 -102.34
CA UNK B 2719 61.86 37.72 -103.51
C UNK B 2719 62.29 36.59 -104.44
N UNK B 2720 63.60 36.53 -104.66
CA UNK B 2720 64.18 35.55 -105.58
C UNK B 2720 63.87 34.14 -105.12
N UNK B 2721 64.03 33.92 -103.82
CA UNK B 2721 63.75 32.61 -103.22
C UNK B 2721 62.31 32.15 -103.52
N UNK B 2722 61.37 33.06 -103.32
CA UNK B 2722 59.95 32.70 -103.31
C UNK B 2722 59.55 32.13 -104.66
N UNK B 2723 59.96 32.86 -105.70
CA UNK B 2723 59.66 32.48 -107.08
C UNK B 2723 60.23 31.11 -107.39
N UNK B 2724 61.47 30.90 -106.96
CA UNK B 2724 62.17 29.64 -107.16
C UNK B 2724 61.41 28.49 -106.52
N UNK B 2725 60.96 28.74 -105.29
CA UNK B 2725 60.20 27.77 -104.50
C UNK B 2725 58.91 27.38 -105.25
N UNK B 2726 58.17 28.36 -105.75
CA UNK B 2726 56.85 28.11 -106.37
C UNK B 2726 57.02 27.47 -107.76
N UNK B 2727 56.31 26.36 -108.05
CA UNK B 2727 56.42 25.75 -109.38
C UNK B 2727 55.83 26.62 -110.51
N UNK B 2728 56.33 26.41 -111.72
CA UNK B 2728 56.02 27.27 -112.86
C UNK B 2728 54.64 26.97 -113.44
N UNK B 2729 54.27 25.70 -113.51
CA UNK B 2729 52.95 25.29 -114.01
C UNK B 2729 51.78 25.83 -113.19
N UNK B 2730 52.00 26.01 -111.88
CA UNK B 2730 50.98 26.53 -110.98
C UNK B 2730 50.68 28.01 -111.24
N UNK B 2731 51.73 28.83 -111.22
CA UNK B 2731 51.58 30.29 -111.43
C UNK B 2731 51.18 30.69 -112.86
N UNK B 2732 51.63 29.93 -113.85
CA UNK B 2732 51.34 30.23 -115.27
C UNK B 2732 49.89 29.99 -115.69
N UNK B 2733 49.13 29.21 -114.91
CA UNK B 2733 47.73 28.91 -115.24
C UNK B 2733 46.84 30.15 -115.20
N UNK B 2734 45.83 30.19 -116.08
CA UNK B 2734 44.88 31.30 -116.17
C UNK B 2734 44.10 31.49 -114.86
N UNK B 2735 43.74 32.72 -114.50
CA UNK B 2735 43.94 33.94 -115.30
C UNK B 2735 45.35 34.53 -115.24
N UNK B 2736 45.60 35.54 -116.08
CA UNK B 2736 46.91 36.20 -116.18
C UNK B 2736 47.26 37.07 -114.97
N UNK B 2737 46.24 37.56 -114.26
CA UNK B 2737 46.43 38.34 -113.03
C UNK B 2737 46.97 37.55 -111.83
N UNK B 2738 46.87 36.22 -111.94
CA UNK B 2738 47.27 35.30 -110.90
C UNK B 2738 48.74 35.52 -110.53
N UNK B 2739 49.56 35.61 -111.58
CA UNK B 2739 51.00 35.82 -111.44
C UNK B 2739 51.27 37.10 -110.67
N UNK B 2740 50.56 38.15 -111.08
CA UNK B 2740 50.69 39.47 -110.46
C UNK B 2740 50.36 39.40 -108.97
N UNK B 2741 49.28 38.71 -108.68
CA UNK B 2741 48.80 38.52 -107.31
C UNK B 2741 49.88 37.84 -106.47
N UNK B 2742 50.44 36.79 -107.06
CA UNK B 2742 51.50 36.00 -106.41
C UNK B 2742 52.69 36.89 -106.07
N UNK B 2743 53.06 37.70 -107.06
CA UNK B 2743 54.18 38.64 -106.93
C UNK B 2743 53.94 39.58 -105.76
N UNK B 2744 52.73 40.12 -105.73
CA UNK B 2744 52.29 41.05 -104.68
C UNK B 2744 52.44 40.42 -103.32
N UNK B 2745 51.95 39.18 -103.24
CA UNK B 2745 52.00 38.39 -102.00
C UNK B 2745 53.45 38.25 -101.51
N UNK B 2746 54.27 37.88 -102.47
CA UNK B 2746 55.68 37.58 -102.27
C UNK B 2746 56.39 38.79 -101.70
N UNK B 2747 56.12 39.94 -102.32
CA UNK B 2747 56.71 41.22 -101.91
C UNK B 2747 56.37 41.50 -100.45
N UNK B 2748 55.08 41.32 -100.15
CA UNK B 2748 54.53 41.55 -98.81
C UNK B 2748 55.26 40.69 -97.79
N UNK B 2749 55.41 39.42 -98.15
CA UNK B 2749 56.07 38.42 -97.31
C UNK B 2749 57.50 38.85 -97.02
N UNK B 2750 58.18 39.28 -98.07
CA UNK B 2750 59.56 39.75 -97.99
C UNK B 2750 59.67 40.89 -97.01
N UNK B 2751 58.75 41.83 -97.15
CA UNK B 2751 58.89 43.14 -96.45
C UNK B 2751 58.84 42.91 -94.95
N UNK B 2752 57.87 42.10 -94.54
CA UNK B 2752 57.66 41.80 -93.12
C UNK B 2752 58.91 41.14 -92.54
N UNK B 2753 59.45 40.18 -93.31
CA UNK B 2753 60.65 39.46 -92.92
C UNK B 2753 61.81 40.43 -92.70
N UNK B 2754 61.94 41.34 -93.65
CA UNK B 2754 63.00 42.36 -93.62
C UNK B 2754 62.89 43.20 -92.36
N UNK B 2755 61.65 43.61 -92.09
CA UNK B 2755 61.32 44.42 -90.91
C UNK B 2755 61.75 43.71 -89.63
N UNK B 2756 61.41 42.42 -89.59
CA UNK B 2756 61.76 41.57 -88.45
C UNK B 2756 63.16 41.75 -87.89
N UNK B 2757 64.19 41.89 -88.72
CA UNK B 2757 65.57 42.19 -88.25
C UNK B 2757 65.65 43.51 -87.49
N UNK B 2758 64.97 44.53 -88.01
CA UNK B 2758 64.99 45.88 -87.44
C UNK B 2758 64.10 46.04 -86.20
N UNK B 2759 63.49 44.94 -85.74
CA UNK B 2759 62.76 44.89 -84.46
C UNK B 2759 63.61 45.43 -83.29
N UNK B 2760 63.00 46.07 -82.29
CA UNK B 2760 61.56 46.05 -82.03
C UNK B 2760 60.72 47.15 -82.71
N UNK B 2761 61.26 47.91 -83.65
CA UNK B 2761 60.46 48.93 -84.36
C UNK B 2761 59.57 48.30 -85.41
N UNK B 2762 60.17 47.43 -86.24
CA UNK B 2762 59.48 46.76 -87.35
C UNK B 2762 58.23 46.03 -86.93
N UNK B 2763 58.33 45.32 -85.81
CA UNK B 2763 57.18 44.80 -85.09
C UNK B 2763 57.57 44.76 -83.63
N UNK B 2764 56.59 44.68 -82.74
CA UNK B 2764 56.88 44.64 -81.30
C UNK B 2764 57.73 43.43 -80.93
N UNK B 2765 57.23 42.24 -81.24
CA UNK B 2765 57.95 41.00 -80.97
C UNK B 2765 58.41 40.35 -82.26
N UNK B 2766 59.41 39.48 -82.13
CA UNK B 2766 59.98 38.76 -83.27
C UNK B 2766 59.18 37.49 -83.55
N UNK B 2767 58.19 37.61 -84.44
CA UNK B 2767 57.29 36.51 -84.77
C UNK B 2767 57.93 35.53 -85.74
N UNK B 2768 57.19 34.50 -86.12
CA UNK B 2768 57.61 33.55 -87.14
C UNK B 2768 56.79 33.72 -88.40
N UNK B 2769 57.40 34.34 -89.40
CA UNK B 2769 56.86 34.36 -90.75
C UNK B 2769 57.80 33.54 -91.61
N UNK B 2770 57.25 32.59 -92.37
CA UNK B 2770 58.07 31.74 -93.25
C UNK B 2770 57.26 31.12 -94.36
N UNK B 2771 57.86 30.16 -95.07
CA UNK B 2771 57.19 29.47 -96.18
C UNK B 2771 55.97 28.64 -95.75
N UNK B 2772 55.92 28.26 -94.48
CA UNK B 2772 54.73 27.64 -93.88
C UNK B 2772 53.49 28.51 -94.08
N UNK B 2773 53.65 29.82 -93.89
CA UNK B 2773 52.58 30.78 -94.00
C UNK B 2773 52.39 31.17 -95.47
N UNK B 2774 53.49 31.38 -96.17
CA UNK B 2774 53.45 31.87 -97.53
C UNK B 2774 52.69 30.92 -98.43
N UNK B 2775 52.97 29.62 -98.25
CA UNK B 2775 52.29 28.57 -99.03
C UNK B 2775 50.80 28.63 -98.80
N UNK B 2776 50.43 28.76 -97.53
CA UNK B 2776 49.03 28.85 -97.11
C UNK B 2776 48.33 30.02 -97.79
N UNK B 2777 49.03 31.15 -97.77
CA UNK B 2777 48.54 32.39 -98.38
C UNK B 2777 48.27 32.18 -99.86
N UNK B 2778 49.24 31.54 -100.51
CA UNK B 2778 49.17 31.24 -101.95
C UNK B 2778 47.94 30.39 -102.25
N UNK B 2779 47.76 29.37 -101.42
CA UNK B 2779 46.63 28.44 -101.53
C UNK B 2779 45.32 29.20 -101.45
N UNK B 2780 45.25 30.09 -100.46
CA UNK B 2780 44.06 30.91 -100.24
C UNK B 2780 43.73 31.72 -101.49
N UNK B 2781 44.77 32.33 -102.03
CA UNK B 2781 44.67 33.16 -103.23
C UNK B 2781 44.10 32.35 -104.38
N UNK B 2782 44.74 31.22 -104.63
CA UNK B 2782 44.41 30.35 -105.76
C UNK B 2782 42.96 29.91 -105.66
N UNK B 2783 42.59 29.50 -104.45
CA UNK B 2783 41.23 29.02 -104.18
C UNK B 2783 40.22 30.13 -104.49
N UNK B 2784 40.55 31.34 -104.04
CA UNK B 2784 39.66 32.49 -104.26
C UNK B 2784 39.50 32.75 -105.75
N UNK B 2785 40.60 32.67 -106.47
CA UNK B 2785 40.62 32.95 -107.91
C UNK B 2785 39.87 31.92 -108.74
N UNK B 2786 39.81 30.69 -108.24
CA UNK B 2786 38.99 29.63 -108.83
C UNK B 2786 37.52 29.86 -108.55
N UNK B 2787 37.23 30.25 -107.30
CA UNK B 2787 35.86 30.55 -106.87
C UNK B 2787 35.26 31.65 -107.75
N UNK B 2788 36.07 32.69 -107.96
CA UNK B 2788 35.64 33.87 -108.70
C UNK B 2788 35.28 33.63 -110.17
N UNK B 2789 36.23 33.13 -110.96
CA UNK B 2789 36.08 33.04 -112.42
C UNK B 2789 36.22 31.60 -112.92
N UNK B 2790 36.01 31.42 -114.22
CA UNK B 2790 36.16 30.11 -114.86
C UNK B 2790 36.51 30.28 -116.34
N UNK B 2791 37.71 29.83 -116.72
CA UNK B 2791 38.12 29.78 -118.13
C UNK B 2791 38.65 31.08 -118.75
N UNK B 2792 38.53 32.20 -118.04
CA UNK B 2792 38.91 33.50 -118.58
C UNK B 2792 40.43 33.67 -118.53
N UNK B 2793 40.99 34.21 -119.61
CA UNK B 2793 42.40 34.56 -119.65
C UNK B 2793 42.70 35.77 -118.75
N UNK B 2794 41.74 36.68 -118.60
CA UNK B 2794 41.87 37.83 -117.70
C UNK B 2794 40.55 38.21 -117.05
N UNK B 2795 40.64 38.79 -115.85
CA UNK B 2795 39.50 39.27 -115.07
C UNK B 2795 39.73 40.76 -114.77
N UNK B 2796 38.64 41.50 -114.61
CA UNK B 2796 38.72 42.92 -114.25
C UNK B 2796 39.34 43.08 -112.86
N UNK B 2797 40.18 44.13 -112.65
CA UNK B 2797 40.84 44.38 -111.36
C UNK B 2797 39.91 44.35 -110.14
N UNK B 2798 38.80 45.08 -110.23
CA UNK B 2798 37.84 45.18 -109.12
C UNK B 2798 37.10 43.87 -108.78
N UNK B 2799 36.86 43.03 -109.79
CA UNK B 2799 36.12 41.77 -109.60
C UNK B 2799 36.86 40.69 -108.81
N UNK B 2800 38.20 40.78 -108.75
CA UNK B 2800 38.98 39.92 -107.87
C UNK B 2800 38.72 40.42 -106.45
N UNK B 2801 38.02 39.60 -105.63
CA UNK B 2801 37.51 40.09 -104.34
C UNK B 2801 38.65 40.51 -103.41
N UNK B 2802 38.95 41.81 -103.43
CA UNK B 2802 40.18 42.32 -102.79
C UNK B 2802 40.02 42.33 -101.28
N UNK B 2803 38.85 42.81 -100.85
CA UNK B 2803 38.54 42.89 -99.41
C UNK B 2803 38.61 41.48 -98.79
N UNK B 2804 38.00 40.53 -99.50
CA UNK B 2804 37.76 39.20 -98.99
C UNK B 2804 39.06 38.51 -98.68
N UNK B 2805 39.94 38.55 -99.69
CA UNK B 2805 41.29 37.96 -99.59
C UNK B 2805 42.04 38.58 -98.42
N UNK B 2806 41.96 39.91 -98.37
CA UNK B 2806 42.68 40.72 -97.39
C UNK B 2806 42.32 40.41 -95.95
N UNK B 2807 41.03 40.45 -95.66
CA UNK B 2807 40.50 40.16 -94.33
C UNK B 2807 40.92 38.76 -93.89
N UNK B 2808 40.74 37.82 -94.81
CA UNK B 2808 41.08 36.41 -94.60
C UNK B 2808 42.55 36.28 -94.25
N UNK B 2809 43.37 36.98 -95.02
CA UNK B 2809 44.83 36.97 -94.85
C UNK B 2809 45.18 37.47 -93.45
N UNK B 2810 44.54 38.56 -93.07
CA UNK B 2810 44.82 39.23 -91.81
C UNK B 2810 44.66 38.32 -90.61
N UNK B 2811 43.55 37.58 -90.57
CA UNK B 2811 43.13 36.85 -89.37
C UNK B 2811 43.63 35.40 -89.36
N UNK B 2812 43.33 34.67 -90.43
CA UNK B 2812 43.74 33.26 -90.56
C UNK B 2812 45.25 33.09 -90.63
N UNK B 2813 45.94 34.04 -91.25
CA UNK B 2813 47.32 33.85 -91.66
C UNK B 2813 48.29 34.73 -90.87
N UNK B 2814 48.69 35.88 -91.40
CA UNK B 2814 49.86 36.57 -90.85
C UNK B 2814 49.60 37.30 -89.53
N UNK B 2815 48.36 37.71 -89.27
CA UNK B 2815 47.98 38.17 -87.92
C UNK B 2815 47.71 37.02 -86.98
N UNK B 2816 47.46 35.83 -87.54
CA UNK B 2816 47.31 34.59 -86.79
C UNK B 2816 48.28 34.39 -85.64
N UNK B 2817 49.54 34.79 -85.85
CA UNK B 2817 50.54 34.77 -84.79
C UNK B 2817 51.02 36.20 -84.51
N UNK B 2818 50.07 37.04 -84.08
CA UNK B 2818 50.35 38.41 -83.67
C UNK B 2818 49.50 38.73 -82.44
N UNK B 2819 50.17 38.98 -81.32
CA UNK B 2819 49.49 39.19 -80.02
C UNK B 2819 48.89 40.59 -79.89
N UNK B 2820 49.67 41.61 -80.26
CA UNK B 2820 49.33 42.98 -79.95
C UNK B 2820 48.38 43.53 -81.02
N UNK B 2821 47.40 44.32 -80.59
CA UNK B 2821 46.43 44.96 -81.48
C UNK B 2821 47.12 45.88 -82.46
N UNK B 2822 48.11 46.63 -81.95
CA UNK B 2822 48.87 47.58 -82.76
C UNK B 2822 49.53 46.87 -83.92
N UNK B 2823 50.16 45.74 -83.59
CA UNK B 2823 50.87 44.91 -84.58
C UNK B 2823 49.91 44.47 -85.68
N UNK B 2824 48.73 44.02 -85.24
CA UNK B 2824 47.68 43.54 -86.14
C UNK B 2824 47.28 44.65 -87.10
N UNK B 2825 47.09 45.83 -86.52
CA UNK B 2825 46.70 47.04 -87.27
C UNK B 2825 47.74 47.34 -88.36
N UNK B 2826 48.99 47.28 -87.95
CA UNK B 2826 50.14 47.52 -88.83
C UNK B 2826 50.10 46.56 -90.01
N UNK B 2827 49.89 45.29 -89.67
CA UNK B 2827 49.83 44.21 -90.65
C UNK B 2827 48.73 44.49 -91.68
N UNK B 2828 47.58 44.90 -91.15
CA UNK B 2828 46.40 45.20 -91.97
C UNK B 2828 46.73 46.32 -92.94
N UNK B 2829 47.40 47.35 -92.43
CA UNK B 2829 47.66 48.58 -93.14
C UNK B 2829 48.38 48.30 -94.46
N UNK B 2830 49.41 47.48 -94.33
CA UNK B 2830 50.25 47.09 -95.48
C UNK B 2830 49.39 46.42 -96.55
N UNK B 2831 48.56 45.50 -96.08
CA UNK B 2831 47.66 44.73 -96.93
C UNK B 2831 46.73 45.68 -97.70
N UNK B 2832 46.19 46.63 -96.96
CA UNK B 2832 45.27 47.65 -97.50
C UNK B 2832 45.96 48.43 -98.61
N UNK B 2833 47.19 48.83 -98.32
CA UNK B 2833 48.01 49.61 -99.25
C UNK B 2833 48.21 48.83 -100.54
N UNK B 2834 48.53 47.54 -100.37
CA UNK B 2834 48.98 46.71 -101.51
C UNK B 2834 47.87 46.13 -102.35
N UNK B 2835 46.91 45.47 -101.71
CA UNK B 2835 45.92 44.67 -102.44
C UNK B 2835 44.90 45.52 -103.23
N UNK B 2836 44.51 46.66 -102.68
CA UNK B 2836 43.35 47.43 -103.18
C UNK B 2836 43.48 48.02 -104.59
N UNK B 2837 44.35 49.01 -104.74
CA UNK B 2837 44.46 49.84 -105.97
C UNK B 2837 44.65 48.99 -107.24
N UNK B 2838 45.42 47.92 -107.11
CA UNK B 2838 45.32 46.76 -108.01
C UNK B 2838 46.24 46.77 -109.23
N UNK B 2839 45.96 45.86 -110.17
CA UNK B 2839 46.77 45.62 -111.36
C UNK B 2839 46.76 46.75 -112.38
N UNK B 2840 45.57 47.21 -112.75
CA UNK B 2840 45.39 48.18 -113.83
C UNK B 2840 46.09 49.53 -113.63
N UNK B 2841 46.25 49.95 -112.37
CA UNK B 2841 46.88 51.23 -112.04
C UNK B 2841 48.37 51.24 -112.38
N UNK B 2842 48.74 51.93 -113.45
CA UNK B 2842 50.13 52.12 -113.84
C UNK B 2842 50.79 53.16 -112.95
N UNK B 2843 52.10 53.05 -112.78
CA UNK B 2843 52.88 53.88 -111.86
C UNK B 2843 52.43 53.72 -110.40
N UNK B 2844 52.08 52.49 -110.02
CA UNK B 2844 51.64 52.18 -108.66
C UNK B 2844 52.86 52.02 -107.74
N UNK B 2845 52.85 52.77 -106.65
CA UNK B 2845 54.03 52.89 -105.78
C UNK B 2845 54.02 51.82 -104.68
N UNK B 2846 55.20 51.26 -104.41
CA UNK B 2846 55.42 50.39 -103.25
C UNK B 2846 56.13 51.18 -102.16
N UNK B 2847 57.31 51.71 -102.50
CA UNK B 2847 58.14 52.47 -101.58
C UNK B 2847 58.23 53.92 -102.03
N UNK B 2848 57.69 54.83 -101.22
CA UNK B 2848 57.83 56.27 -101.38
C UNK B 2848 58.76 56.78 -100.28
N UNK B 2849 59.96 56.20 -100.24
CA UNK B 2849 60.90 56.39 -99.14
C UNK B 2849 61.65 57.71 -99.25
N UNK B 2850 62.60 57.76 -100.19
CA UNK B 2850 63.49 58.91 -100.35
C UNK B 2850 63.01 59.74 -101.54
N UNK B 2851 63.03 61.06 -101.40
CA UNK B 2851 62.62 61.99 -102.45
C UNK B 2851 63.64 61.99 -103.59
N UNK B 2852 64.90 62.22 -103.22
CA UNK B 2852 66.00 62.22 -104.19
C UNK B 2852 66.41 60.82 -104.61
N UNK B 2853 65.80 60.35 -105.70
CA UNK B 2853 66.14 59.06 -106.32
C UNK B 2853 65.79 57.85 -105.44
N UNK B 2854 64.50 57.49 -105.44
CA UNK B 2854 64.03 56.26 -104.81
C UNK B 2854 62.66 55.85 -105.34
N UNK B 2855 61.61 56.57 -104.89
CA UNK B 2855 60.21 56.36 -105.32
C UNK B 2855 59.98 55.17 -106.25
N UNK B 2856 59.93 53.97 -105.65
CA UNK B 2856 59.93 52.72 -106.43
C UNK B 2856 58.56 52.51 -107.11
N UNK B 2857 58.59 52.06 -108.35
CA UNK B 2857 57.39 51.78 -109.14
C UNK B 2857 57.28 50.28 -109.44
N UNK B 2858 56.05 49.81 -109.57
CA UNK B 2858 55.77 48.40 -109.82
C UNK B 2858 55.88 48.10 -111.31
N UNK B 2859 56.42 46.91 -111.69
CA UNK B 2859 56.48 46.57 -113.11
C UNK B 2859 55.12 46.18 -113.69
N UNK B 2860 54.89 46.58 -114.94
CA UNK B 2860 53.62 46.33 -115.63
C UNK B 2860 53.46 44.90 -116.15
N UNK B 2861 54.59 44.29 -116.55
CA UNK B 2861 54.61 42.96 -117.17
C UNK B 2861 53.68 41.93 -116.54
N UNK B 2862 52.58 41.64 -117.23
CA UNK B 2862 51.49 40.81 -116.69
C UNK B 2862 51.88 39.38 -116.28
N UNK B 2863 52.82 38.77 -116.99
CA UNK B 2863 53.14 37.35 -116.80
C UNK B 2863 54.48 37.11 -116.09
N UNK B 2864 54.68 35.85 -115.70
CA UNK B 2864 55.74 35.41 -114.76
C UNK B 2864 57.16 35.98 -114.96
N UNK B 2865 57.69 35.85 -116.18
CA UNK B 2865 59.12 36.07 -116.43
C UNK B 2865 59.53 37.54 -116.32
N UNK B 2866 58.60 38.42 -116.69
CA UNK B 2866 58.81 39.86 -116.63
C UNK B 2866 59.15 40.29 -115.20
N UNK B 2867 58.37 39.75 -114.27
CA UNK B 2867 58.53 40.04 -112.84
C UNK B 2867 59.92 39.65 -112.38
N UNK B 2868 60.33 38.45 -112.81
CA UNK B 2868 61.63 37.89 -112.44
C UNK B 2868 62.74 38.83 -112.92
N UNK B 2869 62.60 39.28 -114.16
CA UNK B 2869 63.59 40.18 -114.77
C UNK B 2869 63.72 41.46 -113.95
N UNK B 2870 62.56 41.99 -113.58
CA UNK B 2870 62.47 43.22 -112.79
C UNK B 2870 63.21 43.04 -111.46
N UNK B 2871 62.93 41.91 -110.84
CA UNK B 2871 63.54 41.54 -109.55
C UNK B 2871 65.06 41.53 -109.67
N UNK B 2872 65.51 40.89 -110.74
CA UNK B 2872 66.94 40.76 -111.05
C UNK B 2872 67.58 42.13 -111.16
N UNK B 2873 66.90 42.99 -111.91
CA UNK B 2873 67.33 44.36 -112.16
C UNK B 2873 67.42 45.33 -110.96
N UNK B 2874 66.84 44.96 -109.81
CA UNK B 2874 66.72 45.89 -108.67
C UNK B 2874 68.06 46.41 -108.15
N UNK B 2875 68.05 47.60 -107.52
CA UNK B 2875 69.27 48.13 -106.90
C UNK B 2875 69.77 47.23 -105.77
N UNK B 2876 71.08 47.08 -105.67
CA UNK B 2876 71.70 46.13 -104.73
C UNK B 2876 71.55 46.59 -103.29
N UNK B 2877 71.95 47.85 -103.03
CA UNK B 2877 71.94 48.41 -101.68
C UNK B 2877 70.54 48.84 -101.25
N UNK B 2878 69.84 47.93 -100.57
CA UNK B 2878 68.54 48.26 -99.95
C UNK B 2878 68.75 49.03 -98.65
N UNK B 2879 67.69 49.69 -98.19
CA UNK B 2879 67.68 50.42 -96.93
C UNK B 2879 66.47 49.99 -96.10
N UNK B 2880 66.45 50.33 -94.80
CA UNK B 2880 65.22 50.17 -94.03
C UNK B 2880 64.07 51.08 -94.50
N UNK B 2881 64.42 52.19 -95.15
CA UNK B 2881 63.44 53.14 -95.69
C UNK B 2881 62.49 52.52 -96.74
N UNK B 2882 62.94 51.48 -97.42
CA UNK B 2882 62.09 50.69 -98.34
C UNK B 2882 60.87 50.11 -97.62
N UNK B 2883 61.10 49.64 -96.39
CA UNK B 2883 60.09 48.97 -95.57
C UNK B 2883 59.20 49.97 -94.82
N UNK B 2884 59.56 51.25 -94.86
CA UNK B 2884 58.79 52.34 -94.26
C UNK B 2884 59.52 53.02 -93.12
N UNK B 2885 60.49 52.32 -92.52
CA UNK B 2885 61.08 52.72 -91.24
C UNK B 2885 62.04 53.93 -91.38
N UNK B 2886 62.36 54.59 -90.25
CA UNK B 2886 63.44 55.58 -90.27
C UNK B 2886 64.81 54.94 -90.42
N UNK B 2887 65.84 55.77 -90.62
CA UNK B 2887 67.22 55.30 -90.81
C UNK B 2887 68.12 55.74 -89.66
N UNK B 2888 68.02 55.03 -88.53
CA UNK B 2888 68.86 55.30 -87.34
C UNK B 2888 69.12 54.02 -86.52
N UNK B 2889 68.03 53.30 -86.27
CA UNK B 2889 68.08 51.95 -85.70
C UNK B 2889 68.93 51.04 -86.57
N UNK B 2890 68.66 51.12 -87.87
CA UNK B 2890 69.38 50.33 -88.88
C UNK B 2890 70.87 50.61 -88.82
N UNK B 2891 71.18 51.90 -88.76
CA UNK B 2891 72.56 52.39 -88.68
C UNK B 2891 73.26 51.79 -87.48
N UNK B 2892 72.56 51.84 -86.35
CA UNK B 2892 73.06 51.33 -85.08
C UNK B 2892 73.40 49.84 -85.21
N UNK B 2893 72.45 49.12 -85.81
CA UNK B 2893 72.58 47.69 -86.04
C UNK B 2893 73.83 47.39 -86.87
N UNK B 2894 73.99 48.16 -87.92
CA UNK B 2894 75.12 48.05 -88.84
C UNK B 2894 76.42 48.22 -88.08
N UNK B 2895 76.45 49.26 -87.26
CA UNK B 2895 77.61 49.60 -86.43
C UNK B 2895 77.99 48.42 -85.53
N UNK B 2896 76.95 47.87 -84.90
CA UNK B 2896 77.10 46.73 -84.00
C UNK B 2896 77.74 45.55 -84.73
N UNK B 2897 77.20 45.30 -85.92
CA UNK B 2897 77.66 44.21 -86.79
C UNK B 2897 79.14 44.38 -87.10
N UNK B 2898 79.49 45.61 -87.47
CA UNK B 2898 80.87 45.99 -87.80
C UNK B 2898 81.80 45.69 -86.64
N UNK B 2899 81.35 46.10 -85.46
CA UNK B 2899 82.10 45.92 -84.21
C UNK B 2899 82.36 44.42 -83.99
N UNK B 2900 81.29 43.65 -84.17
CA UNK B 2900 81.34 42.19 -84.01
C UNK B 2900 82.38 41.58 -84.94
N UNK B 2901 82.33 42.04 -86.18
CA UNK B 2901 83.25 41.58 -87.24
C UNK B 2901 84.68 41.84 -86.83
N UNK B 2902 84.90 43.06 -86.34
CA UNK B 2902 86.22 43.52 -85.89
C UNK B 2902 86.74 42.59 -84.79
N UNK B 2903 85.85 42.32 -83.84
CA UNK B 2903 86.16 41.45 -82.71
C UNK B 2903 86.59 40.07 -83.18
N UNK B 2904 85.82 39.56 -84.13
CA UNK B 2904 86.06 38.24 -84.74
C UNK B 2904 87.45 38.21 -85.36
N UNK B 2905 87.74 39.26 -86.10
CA UNK B 2905 89.02 39.41 -86.80
C UNK B 2905 90.16 39.38 -85.80
N UNK B 2906 89.98 40.11 -84.71
CA UNK B 2906 90.97 40.12 -83.61
C UNK B 2906 91.37 38.73 -83.13
N UNK B 2907 90.41 37.85 -82.95
CA UNK B 2907 90.66 36.48 -82.48
C UNK B 2907 91.65 35.77 -83.41
N UNK B 2908 91.35 35.89 -84.70
CA UNK B 2908 92.15 35.28 -85.76
C UNK B 2908 93.60 35.78 -85.68
N UNK B 2909 93.69 37.11 -85.54
CA UNK B 2909 94.99 37.79 -85.44
C UNK B 2909 95.79 37.24 -84.26
N UNK B 2910 95.10 37.11 -83.13
CA UNK B 2910 95.67 36.61 -81.89
C UNK B 2910 96.39 35.30 -82.02
N UNK B 2911 95.71 34.33 -82.64
CA UNK B 2911 96.27 32.98 -82.84
C UNK B 2911 97.57 33.07 -83.63
N UNK B 2912 97.52 33.85 -84.70
CA UNK B 2912 98.66 34.06 -85.60
C UNK B 2912 99.89 34.71 -84.94
N UNK B 2913 99.69 35.89 -84.37
CA UNK B 2913 100.79 36.77 -83.92
C UNK B 2913 101.62 36.20 -82.77
N UNK B 2914 100.94 35.79 -81.70
CA UNK B 2914 101.60 35.28 -80.50
C UNK B 2914 102.18 33.88 -80.72
N UNK B 2915 103.41 33.83 -81.21
CA UNK B 2915 104.16 32.58 -81.40
C UNK B 2915 105.61 32.72 -80.92
N UNK B 2916 105.81 33.50 -79.85
CA UNK B 2916 107.13 33.78 -79.30
C UNK B 2916 107.11 33.77 -77.77
N UNK B 2917 108.29 33.95 -77.17
CA UNK B 2917 108.46 33.97 -75.70
C UNK B 2917 108.23 32.58 -75.09
N UNK B 2918 107.17 32.42 -74.28
CA UNK B 2918 106.84 31.15 -73.59
C UNK B 2918 107.85 30.78 -72.47
N UNK B 2919 107.33 30.10 -71.45
CA UNK B 2919 108.13 29.62 -70.31
C UNK B 2919 108.74 30.78 -69.49
N UNK B 2920 110.07 30.75 -69.26
CA UNK B 2920 110.77 31.76 -68.46
C UNK B 2920 110.29 31.84 -67.00
N UNK B 2921 110.16 30.67 -66.37
CA UNK B 2921 109.70 30.53 -64.97
C UNK B 2921 108.24 30.95 -64.77
N UNK B 2922 107.75 30.79 -63.54
CA UNK B 2922 106.36 31.12 -63.21
C UNK B 2922 106.13 32.64 -63.14
N UNK B 2923 106.68 33.28 -62.08
CA UNK B 2923 106.54 34.71 -61.85
C UNK B 2923 105.09 35.18 -61.75
N UNK B 2924 92.83 42.36 -54.08
CA UNK B 2924 91.98 41.22 -54.36
C UNK B 2924 90.62 41.65 -54.93
N UNK B 2925 89.83 40.67 -55.36
CA UNK B 2925 88.49 40.90 -55.90
C UNK B 2925 87.54 41.31 -54.78
N UNK B 2926 87.66 40.63 -53.64
CA UNK B 2926 86.79 40.87 -52.50
C UNK B 2926 86.92 42.32 -52.04
N UNK B 2927 88.16 42.79 -51.97
CA UNK B 2927 88.46 44.16 -51.54
C UNK B 2927 87.79 45.15 -52.48
N UNK B 2928 87.92 44.87 -53.78
CA UNK B 2928 87.34 45.72 -54.82
C UNK B 2928 85.83 45.82 -54.65
N UNK B 2929 85.24 44.65 -54.41
CA UNK B 2929 83.78 44.53 -54.22
C UNK B 2929 83.34 45.40 -53.04
N UNK B 2930 84.11 45.27 -51.96
CA UNK B 2930 83.86 46.02 -50.72
C UNK B 2930 83.87 47.52 -51.00
N UNK B 2931 84.90 47.93 -51.73
CA UNK B 2931 85.10 49.33 -52.12
C UNK B 2931 83.89 49.85 -52.88
N UNK B 2932 83.45 49.02 -53.84
CA UNK B 2932 82.30 49.32 -54.69
C UNK B 2932 81.06 49.55 -53.83
N UNK B 2933 80.87 48.64 -52.90
CA UNK B 2933 79.74 48.64 -51.98
C UNK B 2933 79.71 49.91 -51.18
N UNK B 2934 80.84 50.46 -50.75
CA UNK B 2934 80.84 51.64 -49.92
C UNK B 2934 80.23 52.81 -50.65
N UNK B 2935 80.52 52.93 -51.96
CA UNK B 2935 80.04 54.04 -52.76
C UNK B 2935 78.51 54.11 -52.73
N UNK B 2936 77.90 52.93 -52.89
CA UNK B 2936 76.46 52.87 -53.27
C UNK B 2936 75.45 53.32 -52.20
N UNK B 2937 75.43 52.76 -50.97
CA UNK B 2937 74.36 53.12 -50.03
C UNK B 2937 74.53 54.54 -49.46
N UNK B 2938 74.07 55.51 -50.25
CA UNK B 2938 74.09 56.93 -49.89
C UNK B 2938 72.76 57.61 -50.24
N UNK B 2939 72.25 57.34 -51.44
CA UNK B 2939 70.87 57.68 -51.82
C UNK B 2939 69.81 56.96 -50.98
N UNK B 2940 70.13 55.76 -50.49
CA UNK B 2940 69.18 54.90 -49.76
C UNK B 2940 69.40 54.98 -48.24
N UNK B 2941 69.43 56.19 -47.71
CA UNK B 2941 69.74 56.42 -46.29
C UNK B 2941 68.54 56.09 -45.41
N UNK B 2942 67.41 56.73 -45.68
CA UNK B 2942 66.17 56.56 -44.92
C UNK B 2942 64.99 56.33 -45.85
N UNK B 2943 63.83 56.02 -45.26
CA UNK B 2943 62.56 55.93 -46.00
C UNK B 2943 61.38 55.99 -45.02
N UNK B 2944 60.42 56.89 -45.29
CA UNK B 2944 59.24 57.07 -44.44
C UNK B 2944 58.08 56.20 -44.94
N UNK B 2945 57.58 55.30 -44.07
CA UNK B 2945 56.50 54.37 -44.43
C UNK B 2945 55.14 55.04 -44.65
N UNK B 2946 54.94 56.23 -44.06
CA UNK B 2946 53.71 57.02 -44.18
C UNK B 2946 52.46 56.29 -43.68
N UNK B 2947 47.05 57.88 -41.75
CA UNK B 2947 47.39 57.01 -42.87
C UNK B 2947 46.21 56.12 -43.29
N UNK B 2948 45.06 56.76 -43.52
CA UNK B 2948 43.84 56.06 -43.94
C UNK B 2948 42.79 57.02 -44.50
N UNK B 2949 42.59 56.96 -45.83
CA UNK B 2949 41.62 57.81 -46.54
C UNK B 2949 40.84 56.99 -47.57
N UNK B 2950 39.68 57.53 -47.96
CA UNK B 2950 38.76 56.86 -48.90
C UNK B 2950 39.17 57.01 -50.36
N UNK B 2951 39.86 58.11 -50.69
CA UNK B 2951 40.23 58.43 -52.07
C UNK B 2951 41.27 57.47 -52.63
N UNK B 2952 41.28 57.26 -53.97
CA UNK B 2952 42.10 56.20 -54.57
C UNK B 2952 43.60 56.50 -54.65
N UNK B 2953 43.95 57.78 -54.69
CA UNK B 2953 45.32 58.19 -54.99
C UNK B 2953 46.28 57.93 -53.83
N UNK B 2954 45.92 58.49 -52.68
CA UNK B 2954 46.80 58.47 -51.50
C UNK B 2954 47.08 57.03 -51.10
N UNK B 2955 46.03 56.22 -51.08
CA UNK B 2955 46.18 54.82 -50.69
C UNK B 2955 47.08 54.08 -51.65
N UNK B 2956 46.91 54.36 -52.94
CA UNK B 2956 47.73 53.78 -54.00
C UNK B 2956 49.22 54.11 -53.76
N UNK B 2957 49.44 55.38 -53.47
CA UNK B 2957 50.80 55.84 -53.23
C UNK B 2957 51.41 55.17 -52.03
N UNK B 2958 50.62 55.01 -50.98
CA UNK B 2958 51.04 54.31 -49.76
C UNK B 2958 51.46 52.89 -50.09
N UNK B 2959 50.63 52.24 -50.88
CA UNK B 2959 50.86 50.86 -51.32
C UNK B 2959 52.18 50.75 -52.05
N UNK B 2960 52.40 51.70 -52.95
CA UNK B 2960 53.63 51.79 -53.75
C UNK B 2960 54.82 52.11 -52.86
N UNK B 2961 54.59 53.05 -51.94
CA UNK B 2961 55.62 53.46 -50.97
C UNK B 2961 55.93 52.28 -50.04
N UNK B 2962 54.91 51.53 -49.64
CA UNK B 2962 55.07 50.32 -48.82
C UNK B 2962 55.99 49.33 -49.53
N UNK B 2963 55.70 49.14 -50.81
CA UNK B 2963 56.47 48.22 -51.66
C UNK B 2963 57.93 48.65 -51.69
N UNK B 2964 58.13 49.95 -51.88
CA UNK B 2964 59.45 50.56 -51.94
C UNK B 2964 60.23 50.26 -50.66
N UNK B 2965 59.54 50.47 -49.55
CA UNK B 2965 60.09 50.25 -48.20
C UNK B 2965 60.54 48.80 -48.05
N UNK B 2966 59.63 47.90 -48.41
CA UNK B 2966 59.82 46.46 -48.28
C UNK B 2966 61.06 45.96 -49.02
N UNK B 2967 61.32 46.53 -50.18
CA UNK B 2967 62.40 46.08 -51.06
C UNK B 2967 63.69 46.82 -50.72
N UNK B 2968 63.55 48.14 -50.59
CA UNK B 2968 64.67 49.04 -50.36
C UNK B 2968 65.42 48.63 -49.10
N UNK B 2969 64.62 48.41 -48.05
CA UNK B 2969 65.15 48.02 -46.73
C UNK B 2969 65.95 46.74 -46.85
N UNK B 2970 65.37 45.79 -47.57
CA UNK B 2970 65.98 44.47 -47.79
C UNK B 2970 67.34 44.64 -48.46
N UNK B 2971 67.34 45.48 -49.50
CA UNK B 2971 68.53 45.77 -50.29
C UNK B 2971 69.62 46.34 -49.38
N UNK B 2972 69.22 47.28 -48.54
CA UNK B 2972 70.11 47.95 -47.60
C UNK B 2972 70.76 46.92 -46.67
N UNK B 2973 69.91 46.03 -46.17
CA UNK B 2973 70.32 44.97 -45.25
C UNK B 2973 71.38 44.09 -45.92
N UNK B 2974 71.09 43.73 -47.16
CA UNK B 2974 71.98 42.89 -47.97
C UNK B 2974 73.34 43.56 -48.11
N UNK B 2975 73.30 44.84 -48.42
CA UNK B 2975 74.50 45.66 -48.60
C UNK B 2975 75.34 45.64 -47.34
N UNK B 2976 74.66 45.83 -46.21
CA UNK B 2976 75.28 45.85 -44.89
C UNK B 2976 75.99 44.52 -44.64
N UNK B 2977 75.29 43.44 -44.94
CA UNK B 2977 75.78 42.08 -44.76
C UNK B 2977 77.07 41.89 -45.58
N UNK B 2978 77.02 42.34 -46.82
CA UNK B 2978 78.13 42.19 -47.73
C UNK B 2978 79.35 42.98 -47.19
N UNK B 2979 79.09 44.18 -46.68
CA UNK B 2979 80.12 45.03 -46.07
C UNK B 2979 80.80 44.29 -44.93
N UNK B 2980 79.95 43.70 -44.09
CA UNK B 2980 80.39 42.94 -42.91
C UNK B 2980 81.33 41.80 -43.34
N UNK B 2981 80.87 41.10 -44.37
CA UNK B 2981 81.62 39.96 -44.93
C UNK B 2981 83.00 40.41 -45.40
N UNK B 2982 83.00 41.53 -46.11
CA UNK B 2982 84.22 42.14 -46.64
C UNK B 2982 85.20 42.43 -45.51
N UNK B 2983 84.73 43.10 -44.47
CA UNK B 2983 85.58 43.54 -43.34
C UNK B 2983 85.00 42.97 -42.06
N UNK B 2984 85.57 41.84 -41.60
CA UNK B 2984 85.03 41.06 -40.49
C UNK B 2984 84.76 41.84 -39.21
N UNK B 2985 83.89 41.34 -38.32
CA UNK B 2985 83.39 39.96 -38.32
C UNK B 2985 82.19 39.69 -39.23
N UNK B 2986 82.33 38.69 -40.10
CA UNK B 2986 81.24 37.77 -40.48
C UNK B 2986 81.73 36.64 -41.39
N UNK B 2987 81.54 35.39 -40.93
CA UNK B 2987 81.72 34.21 -41.78
C UNK B 2987 80.52 34.12 -42.72
N UNK B 2988 80.76 33.65 -43.93
CA UNK B 2988 79.76 33.68 -45.01
C UNK B 2988 78.68 32.62 -44.83
N UNK B 2989 77.45 32.96 -45.20
CA UNK B 2989 76.36 32.00 -45.36
C UNK B 2989 76.21 31.66 -46.84
N UNK B 2990 75.23 30.83 -47.19
CA UNK B 2990 75.02 30.42 -48.58
C UNK B 2990 74.46 31.57 -49.40
N UNK B 2991 73.46 32.23 -48.82
CA UNK B 2991 72.78 33.37 -49.44
C UNK B 2991 73.79 34.47 -49.75
N UNK B 2992 74.61 34.74 -48.73
CA UNK B 2992 75.64 35.79 -48.83
C UNK B 2992 76.59 35.48 -49.97
N UNK B 2993 77.01 34.22 -50.02
CA UNK B 2993 77.93 33.72 -51.05
C UNK B 2993 77.34 33.96 -52.43
N UNK B 2994 76.06 33.59 -52.55
CA UNK B 2994 75.32 33.73 -53.81
C UNK B 2994 75.31 35.19 -54.26
N UNK B 2995 75.03 36.06 -53.29
CA UNK B 2995 74.97 37.51 -53.51
C UNK B 2995 76.31 38.01 -54.05
N UNK B 2996 77.36 37.55 -53.39
CA UNK B 2996 78.74 37.91 -53.74
C UNK B 2996 79.03 37.53 -55.18
N UNK B 2997 78.65 36.29 -55.50
CA UNK B 2997 78.83 35.72 -56.84
C UNK B 2997 78.15 36.61 -57.89
N UNK B 2998 76.91 36.96 -57.56
CA UNK B 2998 76.08 37.80 -58.43
C UNK B 2998 76.77 39.14 -58.70
N UNK B 2999 77.27 39.71 -57.62
CA UNK B 2999 77.99 41.00 -57.65
C UNK B 2999 79.17 40.91 -58.58
N UNK B 3000 79.92 39.83 -58.42
CA UNK B 3000 81.13 39.55 -59.22
C UNK B 3000 80.76 39.49 -60.70
N UNK B 3001 79.69 38.77 -60.97
CA UNK B 3001 79.17 38.60 -62.33
C UNK B 3001 78.85 39.96 -62.96
N UNK B 3002 78.19 40.80 -62.17
CA UNK B 3002 77.60 42.05 -62.65
C UNK B 3002 76.11 41.90 -62.90
N UNK B 3003 75.57 40.71 -62.64
CA UNK B 3003 74.18 40.39 -62.88
C UNK B 3003 73.38 40.73 -61.63
N UNK B 3004 72.27 41.43 -61.81
CA UNK B 3004 71.35 41.71 -60.71
C UNK B 3004 70.74 40.41 -60.21
N UNK B 3005 70.72 40.20 -58.88
CA UNK B 3005 70.24 38.94 -58.33
C UNK B 3005 68.72 38.79 -58.37
N UNK B 3006 68.26 37.55 -58.32
CA UNK B 3006 66.82 37.24 -58.39
C UNK B 3006 66.03 37.74 -57.17
N UNK B 3007 66.72 37.95 -56.04
CA UNK B 3007 66.10 38.52 -54.84
C UNK B 3007 65.55 39.92 -55.08
N UNK B 3008 66.36 40.77 -55.70
CA UNK B 3008 66.00 42.19 -55.90
C UNK B 3008 65.15 42.43 -57.17
N UNK B 3009 65.06 41.41 -58.04
CA UNK B 3009 64.32 41.55 -59.29
C UNK B 3009 62.81 41.58 -59.03
N UNK B 3010 62.23 42.76 -59.21
CA UNK B 3010 60.79 42.95 -59.19
C UNK B 3010 60.45 43.84 -60.38
N UNK B 3011 59.18 44.25 -60.50
CA UNK B 3011 58.70 45.10 -61.61
C UNK B 3011 59.22 44.59 -62.99
N UNK B 3012 59.85 45.43 -63.80
CA UNK B 3012 60.55 45.00 -65.01
C UNK B 3012 62.00 45.48 -64.92
N UNK B 3013 62.94 44.65 -65.40
CA UNK B 3013 64.37 44.94 -65.23
C UNK B 3013 64.87 46.12 -66.08
N UNK B 3014 64.70 46.13 -67.41
CA UNK B 3014 64.38 44.98 -68.27
C UNK B 3014 65.63 44.50 -69.03
N UNK B 3015 65.49 43.35 -69.70
CA UNK B 3015 66.49 42.84 -70.64
C UNK B 3015 67.87 42.51 -70.06
N UNK B 3016 67.93 42.22 -68.76
CA UNK B 3016 69.17 41.86 -68.08
C UNK B 3016 70.23 42.96 -68.06
N UNK B 3017 69.82 44.16 -67.67
CA UNK B 3017 70.75 45.28 -67.46
C UNK B 3017 71.66 44.96 -66.28
N UNK B 3018 72.93 45.38 -66.37
CA UNK B 3018 73.91 45.10 -65.32
C UNK B 3018 73.58 45.79 -64.01
N UNK B 3019 74.14 45.28 -62.92
CA UNK B 3019 73.82 45.76 -61.58
C UNK B 3019 74.10 47.26 -61.37
N UNK B 3020 75.16 47.79 -61.98
CA UNK B 3020 75.54 49.20 -61.84
C UNK B 3020 74.57 50.13 -62.59
N UNK B 3021 74.05 49.65 -63.72
CA UNK B 3021 73.02 50.36 -64.49
C UNK B 3021 71.70 50.46 -63.71
N UNK B 3022 71.37 49.40 -62.98
CA UNK B 3022 70.09 49.23 -62.34
C UNK B 3022 70.07 49.87 -60.98
N UNK B 3023 71.21 49.85 -60.26
CA UNK B 3023 71.24 50.41 -58.92
C UNK B 3023 70.90 51.89 -58.94
N UNK B 3024 71.45 52.60 -59.91
CA UNK B 3024 71.17 54.03 -60.09
C UNK B 3024 69.68 54.28 -60.26
N UNK B 3025 69.09 53.45 -61.12
CA UNK B 3025 67.67 53.52 -61.43
C UNK B 3025 66.84 53.34 -60.16
N UNK B 3026 67.23 52.32 -59.40
CA UNK B 3026 66.59 51.98 -58.14
C UNK B 3026 66.60 53.17 -57.18
N UNK B 3027 67.79 53.77 -57.09
CA UNK B 3027 68.03 54.93 -56.24
C UNK B 3027 67.09 56.07 -56.62
N UNK B 3028 67.02 56.29 -57.92
CA UNK B 3028 66.17 57.34 -58.51
C UNK B 3028 64.71 57.13 -58.10
N UNK B 3029 64.29 55.88 -58.25
CA UNK B 3029 62.93 55.45 -57.92
C UNK B 3029 62.62 55.76 -56.44
N UNK B 3030 63.58 55.39 -55.61
CA UNK B 3030 63.49 55.58 -54.16
C UNK B 3030 63.36 57.04 -53.84
N UNK B 3031 64.13 57.88 -54.51
CA UNK B 3031 64.10 59.33 -54.34
C UNK B 3031 62.69 59.86 -54.59
N UNK B 3032 62.12 59.38 -55.70
CA UNK B 3032 60.77 59.78 -56.10
C UNK B 3032 59.77 59.39 -55.03
N UNK B 3033 59.93 58.16 -54.53
CA UNK B 3033 59.05 57.62 -53.47
C UNK B 3033 59.10 58.53 -52.24
N UNK B 3034 60.32 58.89 -51.88
CA UNK B 3034 60.59 59.77 -50.73
C UNK B 3034 59.86 61.08 -50.89
N UNK B 3035 60.00 61.64 -52.09
CA UNK B 3035 59.38 62.92 -52.44
C UNK B 3035 57.87 62.84 -52.27
N UNK B 3036 57.31 61.74 -52.78
CA UNK B 3036 55.88 61.47 -52.71
C UNK B 3036 55.42 61.45 -51.26
N UNK B 3037 56.19 60.74 -50.46
CA UNK B 3037 55.92 60.59 -49.02
C UNK B 3037 55.87 61.96 -48.35
N UNK B 3038 56.87 62.77 -48.69
CA UNK B 3038 57.01 64.13 -48.16
C UNK B 3038 55.78 64.95 -48.49
N UNK B 3039 55.37 64.84 -49.75
CA UNK B 3039 54.20 65.55 -50.27
C UNK B 3039 52.95 65.26 -49.46
N UNK B 3040 52.69 63.99 -49.14
CA UNK B 3040 51.46 63.59 -48.43
C UNK B 3040 51.24 64.29 -47.07
N UNK B 3041 52.33 64.48 -46.32
CA UNK B 3041 52.27 65.16 -45.02
C UNK B 3041 52.09 66.67 -45.17
N UNK B 3042 52.85 67.27 -46.09
CA UNK B 3042 52.84 68.72 -46.37
C UNK B 3042 53.27 69.55 -45.16
N UNK B 3043 43.09 66.93 -52.13
CA UNK B 3043 44.30 66.52 -51.41
C UNK B 3043 45.54 67.21 -51.96
N UNK B 3044 46.61 67.20 -51.17
CA UNK B 3044 47.90 67.79 -51.56
C UNK B 3044 48.66 66.96 -52.59
N UNK B 3045 48.41 65.65 -52.63
CA UNK B 3045 49.16 64.71 -53.48
C UNK B 3045 48.77 64.75 -54.98
N UNK B 3046 47.63 65.34 -55.30
CA UNK B 3046 47.26 65.60 -56.71
C UNK B 3046 48.19 66.62 -57.37
N UNK B 3047 48.60 67.63 -56.59
CA UNK B 3047 49.35 68.77 -57.12
C UNK B 3047 50.76 68.47 -57.65
N UNK B 3048 51.40 67.41 -57.14
CA UNK B 3048 52.78 67.09 -57.52
C UNK B 3048 52.91 66.57 -58.95
N UNK B 3049 54.04 66.85 -59.58
CA UNK B 3049 54.35 66.35 -60.91
C UNK B 3049 54.99 64.97 -60.80
N UNK B 3050 54.21 63.95 -61.13
CA UNK B 3050 54.67 62.55 -61.11
C UNK B 3050 55.57 62.27 -62.32
N UNK B 3051 56.54 61.38 -62.13
CA UNK B 3051 57.28 60.77 -63.24
C UNK B 3051 56.91 59.29 -63.26
N UNK B 3052 56.62 58.77 -64.46
CA UNK B 3052 56.10 57.41 -64.61
C UNK B 3052 57.22 56.37 -64.43
N UNK B 3053 58.38 56.65 -65.00
CA UNK B 3053 59.54 55.76 -64.90
C UNK B 3053 59.97 55.43 -63.48
N UNK B 3054 59.89 56.42 -62.59
CA UNK B 3054 60.26 56.23 -61.18
C UNK B 3054 59.32 55.37 -60.35
N UNK B 3055 58.07 55.21 -60.78
CA UNK B 3055 57.11 54.35 -60.09
C UNK B 3055 57.26 52.90 -60.54
N UNK B 3056 56.97 51.98 -59.63
CA UNK B 3056 57.09 50.55 -59.92
C UNK B 3056 56.04 50.10 -60.94
N UNK B 3057 54.79 49.93 -60.48
CA UNK B 3057 53.73 49.42 -61.34
C UNK B 3057 53.14 50.63 -62.09
N UNK B 3058 53.38 50.72 -63.41
CA UNK B 3058 53.08 51.94 -64.16
C UNK B 3058 51.61 52.13 -64.53
N UNK B 3059 51.00 51.13 -65.16
CA UNK B 3059 49.58 51.18 -65.55
C UNK B 3059 48.61 51.42 -64.38
N UNK B 3060 49.05 51.01 -63.19
CA UNK B 3060 48.30 51.16 -61.97
C UNK B 3060 47.98 52.61 -61.71
N UNK B 3061 48.97 53.49 -61.94
CA UNK B 3061 48.82 54.92 -61.70
C UNK B 3061 47.65 55.47 -62.54
N UNK B 3062 47.61 55.06 -63.80
CA UNK B 3062 46.58 55.51 -64.71
C UNK B 3062 45.20 55.10 -64.20
N UNK B 3063 45.12 53.85 -63.74
CA UNK B 3063 43.85 53.34 -63.22
C UNK B 3063 43.42 54.12 -62.00
N UNK B 3064 44.37 54.43 -61.13
CA UNK B 3064 44.14 55.22 -59.92
C UNK B 3064 43.55 56.59 -60.30
N UNK B 3065 44.18 57.19 -61.30
CA UNK B 3065 43.78 58.50 -61.81
C UNK B 3065 42.33 58.46 -62.28
N UNK B 3066 42.03 57.41 -63.05
CA UNK B 3066 40.70 57.17 -63.61
C UNK B 3066 39.67 57.09 -62.48
N UNK B 3067 40.04 56.32 -61.46
CA UNK B 3067 39.19 56.10 -60.29
C UNK B 3067 38.88 57.43 -59.62
N UNK B 3068 39.92 58.23 -59.46
CA UNK B 3068 39.84 59.56 -58.83
C UNK B 3068 38.86 60.43 -59.59
N UNK B 3069 39.02 60.40 -60.91
CA UNK B 3069 38.18 61.18 -61.83
C UNK B 3069 36.72 60.79 -61.64
N UNK B 3070 36.49 59.48 -61.60
CA UNK B 3070 35.16 58.91 -61.44
C UNK B 3070 34.52 59.42 -60.14
N UNK B 3071 35.33 59.36 -59.08
CA UNK B 3071 34.92 59.81 -57.75
C UNK B 3071 34.48 61.26 -57.78
N UNK B 3072 35.32 62.07 -58.44
CA UNK B 3072 35.08 63.51 -58.59
C UNK B 3072 33.80 63.89 -59.35
N UNK B 3073 33.66 63.43 -60.59
CA UNK B 3073 32.47 63.73 -61.39
C UNK B 3073 31.25 62.86 -61.07
N UNK B 3074 31.44 61.79 -60.30
CA UNK B 3074 30.41 60.78 -60.03
C UNK B 3074 29.96 60.10 -61.33
N UNK B 3075 30.96 59.74 -62.13
CA UNK B 3075 30.77 59.23 -63.50
C UNK B 3075 31.18 57.75 -63.58
N UNK B 3076 30.73 57.08 -64.63
CA UNK B 3076 31.03 55.67 -64.86
C UNK B 3076 32.48 55.47 -65.32
N UNK B 3077 33.08 54.36 -64.89
CA UNK B 3077 34.51 54.10 -65.13
C UNK B 3077 34.83 53.77 -66.59
N UNK B 3078 33.98 52.96 -67.23
CA UNK B 3078 34.19 52.54 -68.61
C UNK B 3078 34.02 53.67 -69.63
N UNK B 3079 33.16 54.63 -69.34
CA UNK B 3079 32.85 55.73 -70.26
C UNK B 3079 33.99 56.75 -70.45
N UNK B 3080 34.90 56.86 -69.49
CA UNK B 3080 35.94 57.89 -69.51
C UNK B 3080 37.01 57.61 -70.57
N UNK B 3081 37.25 58.60 -71.45
CA UNK B 3081 38.28 58.55 -72.48
C UNK B 3081 39.51 59.35 -72.04
N UNK B 3082 40.55 59.35 -72.87
CA UNK B 3082 41.76 60.13 -72.62
C UNK B 3082 42.07 61.04 -73.82
N UNK B 3083 42.61 62.22 -73.53
CA UNK B 3083 43.03 63.20 -74.55
C UNK B 3083 44.26 63.94 -74.06
N UNK B 3084 45.43 63.54 -74.55
CA UNK B 3084 46.72 63.98 -74.01
C UNK B 3084 47.21 65.27 -74.68
N UNK B 3085 47.65 66.22 -73.87
CA UNK B 3085 48.30 67.45 -74.32
C UNK B 3085 49.75 67.50 -73.83
N UNK B 3086 50.57 68.32 -74.50
CA UNK B 3086 51.99 68.44 -74.17
C UNK B 3086 52.20 69.40 -73.00
N UNK B 3087 43.23 65.35 -65.67
CA UNK B 3087 43.99 66.60 -65.65
C UNK B 3087 45.27 66.42 -64.83
N UNK B 3088 46.14 65.52 -65.29
CA UNK B 3088 47.38 65.16 -64.58
C UNK B 3088 48.59 65.20 -65.52
N UNK B 3089 49.65 65.85 -65.06
CA UNK B 3089 50.91 65.94 -65.83
C UNK B 3089 51.87 64.82 -65.46
N UNK B 3090 52.49 64.22 -66.48
CA UNK B 3090 53.49 63.16 -66.30
C UNK B 3090 54.80 63.55 -67.00
N UNK B 3091 55.93 63.24 -66.36
CA UNK B 3091 57.25 63.67 -66.82
C UNK B 3091 58.21 62.50 -67.05
N UNK B 3092 59.28 62.79 -67.80
CA UNK B 3092 60.40 61.85 -67.96
C UNK B 3092 60.06 60.60 -68.74
N UNK B 3093 57.78 61.88 -70.29
CA UNK B 3093 57.82 60.80 -71.27
C UNK B 3093 58.81 61.07 -72.39
N UNK B 3094 59.09 60.03 -73.17
CA UNK B 3094 59.89 60.14 -74.38
C UNK B 3094 59.04 59.69 -75.56
N UNK B 3095 59.35 60.22 -76.74
CA UNK B 3095 58.80 59.70 -77.99
C UNK B 3095 59.84 58.85 -78.69
N UNK B 3096 59.37 57.95 -79.54
CA UNK B 3096 60.20 57.18 -80.46
C UNK B 3096 59.67 57.47 -81.84
N UNK B 3097 60.49 58.15 -82.65
CA UNK B 3097 60.18 58.42 -84.06
C UNK B 3097 59.34 59.65 -84.35
N UNK B 3098 59.33 60.63 -83.43
CA UNK B 3098 58.51 61.84 -83.61
C UNK B 3098 58.94 63.00 -82.72
N UNK B 3099 58.48 64.20 -83.09
CA UNK B 3099 58.69 65.44 -82.31
C UNK B 3099 57.39 66.25 -82.19
N UNK B 3100 57.17 66.79 -80.99
CA UNK B 3100 55.92 67.49 -80.65
C UNK B 3100 56.07 69.00 -80.81
N UNK B 3101 55.03 69.62 -81.37
CA UNK B 3101 54.89 71.07 -81.35
C UNK B 3101 53.43 71.46 -81.60
N UNK B 3102 52.84 72.19 -80.66
CA UNK B 3102 51.42 72.59 -80.71
C UNK B 3102 50.44 71.40 -80.79
N UNK B 3103 50.81 70.29 -80.16
CA UNK B 3103 50.08 69.03 -80.23
C UNK B 3103 49.82 68.57 -81.68
N UNK B 3104 50.90 68.55 -82.45
CA UNK B 3104 50.90 68.04 -83.82
C UNK B 3104 52.23 67.30 -84.04
N UNK B 3105 52.19 65.97 -83.99
CA UNK B 3105 53.41 65.17 -84.00
C UNK B 3105 54.05 65.13 -85.38
N UNK B 3106 55.22 65.77 -85.50
CA UNK B 3106 55.98 65.76 -86.74
C UNK B 3106 56.93 64.57 -86.75
N UNK B 3107 57.05 63.92 -87.91
CA UNK B 3107 58.01 62.84 -88.10
C UNK B 3107 59.42 63.39 -88.12
N UNK B 3108 60.38 62.55 -87.73
CA UNK B 3108 61.79 62.94 -87.64
C UNK B 3108 62.72 61.79 -87.97
N UNK B 3109 63.80 62.11 -88.67
CA UNK B 3109 64.88 61.15 -88.92
C UNK B 3109 65.71 60.87 -87.65
N UNK B 3110 65.63 61.76 -86.66
CA UNK B 3110 66.17 61.50 -85.32
C UNK B 3110 65.40 60.39 -84.60
N UNK B 3111 66.03 59.81 -83.60
CA UNK B 3111 65.49 58.63 -82.90
C UNK B 3111 64.36 59.02 -81.96
N UNK B 3112 64.71 59.83 -80.95
CA UNK B 3112 63.83 60.11 -79.82
C UNK B 3112 63.92 61.55 -79.33
N UNK B 3113 62.93 61.95 -78.54
CA UNK B 3113 62.93 63.23 -77.85
C UNK B 3113 62.09 63.14 -76.58
N UNK B 3114 62.50 63.88 -75.56
CA UNK B 3114 61.81 63.90 -74.26
C UNK B 3114 60.78 65.03 -74.21
N UNK B 3115 59.58 64.69 -73.76
CA UNK B 3115 58.53 65.69 -73.55
C UNK B 3115 58.63 66.11 -72.07
N UNK B 3116 58.73 67.42 -71.79
CA UNK B 3116 59.03 67.84 -70.41
C UNK B 3116 57.92 67.48 -69.41
N UNK B 3117 56.70 67.85 -69.75
CA UNK B 3117 55.51 67.40 -69.01
C UNK B 3117 54.33 67.31 -69.96
N UNK B 3118 53.47 66.32 -69.75
CA UNK B 3118 52.36 66.02 -70.66
C UNK B 3118 51.04 65.82 -69.89
N UNK B 3119 50.17 66.82 -69.97
CA UNK B 3119 48.88 66.82 -69.28
C UNK B 3119 47.87 65.99 -70.07
N UNK B 3120 46.91 65.38 -69.37
CA UNK B 3120 45.78 64.73 -70.04
C UNK B 3120 44.51 64.83 -69.20
N UNK B 3121 43.44 65.32 -69.83
CA UNK B 3121 42.14 65.50 -69.19
C UNK B 3121 41.21 64.35 -69.60
N UNK B 3122 40.25 64.04 -68.72
CA UNK B 3122 39.34 62.89 -68.90
C UNK B 3122 37.93 63.37 -69.23
N UNK B 3123 37.40 62.91 -70.36
CA UNK B 3123 36.06 63.27 -70.83
C UNK B 3123 35.31 62.02 -71.28
N UNK B 3124 33.98 62.02 -71.15
CA UNK B 3124 33.15 60.88 -71.55
C UNK B 3124 33.09 60.66 -73.06
N UNK B 3125 32.80 61.74 -73.79
CA UNK B 3125 32.67 61.71 -75.25
C UNK B 3125 33.52 62.81 -75.88
N UNK B 3126 41.10 62.90 -88.38
CA UNK B 3126 42.31 62.13 -88.66
C UNK B 3126 43.31 62.27 -87.52
N UNK B 3127 43.35 61.24 -86.66
CA UNK B 3127 44.26 61.20 -85.50
C UNK B 3127 45.01 59.86 -85.43
N UNK B 3128 46.25 59.92 -84.95
CA UNK B 3128 47.08 58.74 -84.75
C UNK B 3128 46.89 58.24 -83.33
N UNK B 3129 46.65 56.94 -83.18
CA UNK B 3129 46.60 56.30 -81.87
C UNK B 3129 47.92 55.54 -81.66
N UNK B 3130 48.77 56.08 -80.79
CA UNK B 3130 50.01 55.44 -80.42
C UNK B 3130 49.81 54.49 -79.24
N UNK B 3131 50.72 53.52 -79.09
CA UNK B 3131 50.89 52.82 -77.83
C UNK B 3131 51.85 53.57 -76.95
N UNK B 3132 51.67 53.43 -75.64
CA UNK B 3132 52.67 53.85 -74.66
C UNK B 3132 53.22 52.59 -73.98
N UNK B 3133 54.40 52.17 -74.41
CA UNK B 3133 55.07 51.02 -73.84
C UNK B 3133 55.79 51.39 -72.55
N UNK B 3134 56.23 50.37 -71.82
CA UNK B 3134 56.99 50.56 -70.59
C UNK B 3134 58.39 51.11 -70.86
N UNK B 3135 59.13 50.47 -71.77
CA UNK B 3135 60.53 50.79 -72.03
C UNK B 3135 60.93 50.54 -73.50
N UNK B 3136 62.23 50.58 -73.78
CA UNK B 3136 62.74 50.41 -75.15
C UNK B 3136 62.46 49.05 -75.81
N UNK B 3137 62.29 48.00 -75.00
CA UNK B 3137 62.00 46.65 -75.52
C UNK B 3137 60.65 46.54 -76.23
N UNK B 3138 59.71 47.40 -75.84
CA UNK B 3138 58.38 47.48 -76.43
C UNK B 3138 57.59 46.23 -76.13
N UNK B 3139 57.79 45.69 -74.92
CA UNK B 3139 57.17 44.44 -74.47
C UNK B 3139 55.87 44.72 -73.73
N UNK B 3140 55.98 45.36 -72.57
CA UNK B 3140 54.83 45.61 -71.70
C UNK B 3140 54.14 46.93 -72.08
N UNK B 3141 52.90 46.81 -72.58
CA UNK B 3141 52.10 47.98 -72.97
C UNK B 3141 51.42 48.58 -71.74
N UNK B 3142 51.39 49.91 -71.69
CA UNK B 3142 50.73 50.64 -70.61
C UNK B 3142 49.34 51.04 -71.11
N UNK B 3143 49.27 51.97 -72.06
CA UNK B 3143 48.01 52.56 -72.51
C UNK B 3143 48.09 53.23 -73.88
N UNK B 3144 46.92 53.46 -74.47
CA UNK B 3144 46.82 54.09 -75.78
C UNK B 3144 46.90 55.62 -75.66
N UNK B 3145 47.39 56.28 -76.71
CA UNK B 3145 47.47 57.75 -76.74
C UNK B 3145 47.04 58.29 -78.10
N UNK B 3146 45.95 59.06 -78.10
CA UNK B 3146 45.46 59.75 -79.30
C UNK B 3146 46.22 61.06 -79.51
N UNK B 3147 46.52 61.38 -80.77
CA UNK B 3147 47.13 62.65 -81.15
C UNK B 3147 46.69 63.09 -82.54
N UNK B 3148 46.44 64.39 -82.71
CA UNK B 3148 46.19 64.97 -84.03
C UNK B 3148 47.52 65.03 -84.79
N UNK B 3149 47.54 64.46 -85.99
CA UNK B 3149 48.77 64.35 -86.78
C UNK B 3149 49.21 65.71 -87.33
N UNK B 3150 50.50 65.81 -87.69
CA UNK B 3150 51.04 66.98 -88.39
C UNK B 3150 50.30 67.29 -89.70
N UNK B 3151 50.53 68.49 -90.23
CA UNK B 3151 49.73 69.05 -91.33
C UNK B 3151 49.72 68.19 -92.60
N UNK B 3152 50.91 67.94 -93.15
CA UNK B 3152 51.05 67.24 -94.44
C UNK B 3152 51.15 65.71 -94.34
N UNK B 3153 51.63 65.20 -93.20
CA UNK B 3153 51.95 63.77 -93.05
C UNK B 3153 50.71 62.88 -92.92
N UNK B 3154 50.83 61.64 -93.40
CA UNK B 3154 49.73 60.67 -93.46
C UNK B 3154 49.76 59.73 -92.23
N UNK B 3155 48.60 59.17 -91.83
CA UNK B 3155 48.59 58.28 -90.68
C UNK B 3155 49.19 56.94 -91.01
N UNK B 3156 48.93 56.44 -92.21
CA UNK B 3156 49.38 55.10 -92.63
C UNK B 3156 50.90 55.01 -92.52
N UNK B 3157 51.54 56.04 -93.05
CA UNK B 3157 53.01 56.14 -93.05
C UNK B 3157 53.55 56.09 -91.63
N UNK B 3158 52.90 56.88 -90.78
CA UNK B 3158 53.25 56.98 -89.35
C UNK B 3158 53.18 55.59 -88.70
N UNK B 3159 52.08 54.91 -88.99
CA UNK B 3159 51.81 53.57 -88.46
C UNK B 3159 52.94 52.62 -88.87
N UNK B 3160 53.27 52.69 -90.15
CA UNK B 3160 54.33 51.87 -90.74
C UNK B 3160 55.65 52.09 -90.01
N UNK B 3161 55.94 53.37 -89.80
CA UNK B 3161 57.16 53.79 -89.11
C UNK B 3161 57.22 53.19 -87.71
N UNK B 3162 56.09 53.22 -87.02
CA UNK B 3162 55.98 52.63 -85.69
C UNK B 3162 56.46 53.64 -84.67
N UNK B 3163 55.85 54.82 -84.71
CA UNK B 3163 56.15 55.89 -83.77
C UNK B 3163 55.52 55.47 -82.45
N UNK B 3164 56.17 55.79 -81.33
CA UNK B 3164 55.65 55.33 -80.02
C UNK B 3164 56.03 56.21 -78.83
N UNK B 3165 55.58 55.82 -77.64
CA UNK B 3165 55.84 56.56 -76.41
C UNK B 3165 56.54 55.68 -75.36
N UNK B 3166 57.65 56.17 -74.82
CA UNK B 3166 58.51 55.43 -73.91
C UNK B 3166 58.69 56.17 -72.59
N UNK B 3167 58.28 55.58 -71.48
CA UNK B 3167 58.45 56.18 -70.16
C UNK B 3167 59.84 55.91 -69.60
N UNK B 3168 60.14 54.64 -69.38
CA UNK B 3168 61.36 54.22 -68.70
C UNK B 3168 62.58 54.27 -69.64
N UNK B 3169 63.37 55.34 -69.51
CA UNK B 3169 64.63 55.46 -70.24
C UNK B 3169 65.54 56.49 -69.57
N UNK C 1 -191.20 53.57 209.18
CA UNK C 1 -190.64 54.56 210.08
C UNK C 1 -191.75 55.05 211.02
N UNK C 2 -191.41 55.19 212.30
CA UNK C 2 -192.18 56.00 213.27
C UNK C 2 -191.15 56.80 214.06
N UNK C 3 -191.48 58.06 214.37
CA UNK C 3 -190.58 58.98 215.07
C UNK C 3 -191.25 59.47 216.36
N UNK C 4 -190.52 59.43 217.48
CA UNK C 4 -191.10 59.68 218.80
C UNK C 4 -190.58 61.00 219.42
N UNK C 5 -191.52 61.86 219.78
CA UNK C 5 -191.18 63.19 220.34
C UNK C 5 -191.55 63.05 221.79
N UNK C 6 -190.60 63.33 222.68
CA UNK C 6 -190.76 63.00 224.11
C UNK C 6 -191.08 64.22 224.99
N UNK C 7 -192.29 64.29 225.54
CA UNK C 7 -192.73 65.46 226.32
C UNK C 7 -193.14 64.96 227.70
N UNK C 8 -192.21 65.04 228.66
CA UNK C 8 -192.38 64.27 229.90
C UNK C 8 -193.40 64.83 230.88
N UNK C 9 -193.27 66.11 231.23
CA UNK C 9 -193.99 66.65 232.42
C UNK C 9 -194.52 68.09 232.30
N UNK C 10 -195.61 68.37 232.99
CA UNK C 10 -196.24 69.71 232.96
C UNK C 10 -195.33 70.75 233.60
N UNK C 11 -194.72 70.39 234.72
CA UNK C 11 -193.74 71.29 235.35
C UNK C 11 -192.55 71.45 234.43
N UNK C 12 -192.18 70.37 233.73
CA UNK C 12 -191.09 70.46 232.78
C UNK C 12 -191.45 71.44 231.66
N UNK C 13 -192.68 71.37 231.17
CA UNK C 13 -193.17 72.30 230.14
C UNK C 13 -193.14 73.74 230.65
N UNK C 14 -193.60 73.94 231.91
CA UNK C 14 -193.51 75.28 232.51
C UNK C 14 -192.06 75.77 232.59
N UNK C 15 -191.17 74.86 232.99
CA UNK C 15 -189.74 75.16 233.03
C UNK C 15 -189.21 75.52 231.64
N UNK C 16 -189.65 74.79 230.63
CA UNK C 16 -189.28 75.08 229.24
C UNK C 16 -189.79 76.45 228.81
N UNK C 17 -191.02 76.78 229.20
CA UNK C 17 -191.55 78.13 228.96
C UNK C 17 -190.67 79.16 229.65
N UNK C 18 -190.25 78.84 230.88
CA UNK C 18 -189.24 79.60 231.63
C UNK C 18 -187.81 79.29 231.16
N UNK C 19 -186.84 79.88 231.87
CA UNK C 19 -185.36 79.72 231.63
C UNK C 19 -184.86 78.27 231.52
N UNK C 20 -183.72 78.07 230.85
CA UNK C 20 -183.22 76.72 230.54
C UNK C 20 -182.78 75.98 231.80
N UNK C 21 -182.91 74.67 231.76
CA UNK C 21 -182.69 73.87 232.95
C UNK C 21 -181.23 73.83 233.35
N UNK C 22 -180.32 74.00 232.38
CA UNK C 22 -178.90 74.30 232.68
C UNK C 22 -178.86 75.46 233.67
N UNK C 23 -179.62 76.49 233.31
CA UNK C 23 -179.90 77.60 234.21
C UNK C 23 -180.76 77.07 235.36
N UNK C 24 -180.63 77.64 236.56
CA UNK C 24 -181.54 77.28 237.66
C UNK C 24 -183.01 77.35 237.23
N UNK C 25 -183.79 76.40 237.74
CA UNK C 25 -185.20 76.29 237.40
C UNK C 25 -185.96 77.54 237.79
N UNK C 26 -185.51 78.16 238.88
CA UNK C 26 -186.03 79.41 239.39
C UNK C 26 -187.32 79.14 240.16
N UNK C 27 -187.54 77.90 240.60
CA UNK C 27 -188.35 77.68 241.82
C UNK C 27 -187.40 77.95 242.99
N UNK C 28 -187.80 78.65 244.06
CA UNK C 28 -186.82 78.91 245.15
C UNK C 28 -186.37 77.57 245.73
N UNK C 29 -187.23 76.55 245.72
CA UNK C 29 -186.81 75.15 245.84
C UNK C 29 -187.12 74.39 244.53
N UNK C 30 -186.05 73.97 243.85
CA UNK C 30 -186.08 73.43 242.48
C UNK C 30 -186.52 71.97 242.42
N UNK C 31 -186.51 71.29 243.58
CA UNK C 31 -186.89 69.91 243.69
C UNK C 31 -187.86 69.70 244.84
N UNK C 32 -188.81 68.79 244.61
CA UNK C 32 -189.67 68.29 245.67
C UNK C 32 -189.25 66.84 245.93
N UNK C 33 -188.94 66.54 247.19
CA UNK C 33 -188.40 65.23 247.55
C UNK C 33 -189.38 64.07 247.54
N UNK C 34 -190.67 64.36 247.68
CA UNK C 34 -191.70 63.34 247.93
C UNK C 34 -191.88 62.36 246.78
N UNK C 35 -191.89 62.84 245.54
CA UNK C 35 -192.21 61.94 244.39
C UNK C 35 -191.41 62.13 243.09
N UNK C 36 -190.08 62.08 243.20
CA UNK C 36 -189.20 61.96 242.01
C UNK C 36 -189.42 60.64 241.34
N UNK C 37 -189.91 59.70 242.14
CA UNK C 37 -190.33 58.42 241.64
C UNK C 37 -190.86 58.67 240.25
N UNK C 38 -191.71 59.70 240.06
CA UNK C 38 -192.21 60.04 238.74
C UNK C 38 -191.07 60.42 237.86
N UNK C 39 -190.11 61.20 238.36
CA UNK C 39 -188.89 61.56 237.60
C UNK C 39 -188.15 60.32 237.08
N UNK C 40 -187.82 59.42 238.00
CA UNK C 40 -187.22 58.13 237.63
C UNK C 40 -188.05 57.40 236.59
N UNK C 41 -189.35 57.27 236.85
CA UNK C 41 -190.26 56.56 235.95
C UNK C 41 -190.23 57.18 234.57
N UNK C 42 -190.27 58.51 234.50
CA UNK C 42 -190.17 59.22 233.22
C UNK C 42 -188.80 59.06 232.60
N UNK C 43 -187.77 58.92 233.45
CA UNK C 43 -186.39 58.79 232.96
C UNK C 43 -186.10 57.35 232.42
N UNK C 44 -186.47 56.37 233.24
CA UNK C 44 -186.30 54.97 232.88
C UNK C 44 -187.02 54.61 231.57
N UNK C 45 -188.27 55.04 231.47
CA UNK C 45 -189.09 54.79 230.26
C UNK C 45 -188.43 55.39 229.05
N UNK C 46 -187.98 56.65 229.18
CA UNK C 46 -187.32 57.35 228.07
C UNK C 46 -186.08 56.57 227.67
N UNK C 47 -185.28 56.19 228.67
CA UNK C 47 -184.07 55.38 228.39
C UNK C 47 -184.41 54.09 227.65
N UNK C 48 -185.43 53.39 228.15
CA UNK C 48 -185.87 52.15 227.50
C UNK C 48 -186.31 52.39 226.07
N UNK C 49 -187.14 53.43 225.84
CA UNK C 49 -187.65 53.73 224.50
C UNK C 49 -186.51 54.08 223.55
N UNK C 50 -185.59 54.92 224.03
CA UNK C 50 -184.40 55.29 223.23
C UNK C 50 -183.59 54.04 222.90
N UNK C 51 -183.40 53.15 223.89
CA UNK C 51 -182.69 51.87 223.60
C UNK C 51 -183.37 51.06 222.51
N UNK C 52 -184.70 50.95 222.61
CA UNK C 52 -185.48 50.23 221.60
C UNK C 52 -185.33 50.90 220.24
N UNK C 53 -185.36 52.24 220.22
CA UNK C 53 -185.24 52.97 218.97
C UNK C 53 -183.87 52.69 218.37
N UNK C 54 -182.84 52.72 219.23
CA UNK C 54 -181.47 52.46 218.81
C UNK C 54 -181.37 51.06 218.22
N UNK C 55 -181.93 50.09 218.93
CA UNK C 55 -181.93 48.70 218.45
C UNK C 55 -182.65 48.58 217.08
N UNK C 56 -183.82 49.22 216.99
CA UNK C 56 -184.59 49.20 215.73
C UNK C 56 -183.79 49.81 214.60
N UNK C 57 -183.11 50.92 214.89
CA UNK C 57 -182.25 51.55 213.88
C UNK C 57 -181.23 50.55 213.27
N UNK C 58 -184.92 48.76 199.52
CA UNK C 58 -184.00 49.39 198.54
C UNK C 58 -184.10 50.93 198.57
N UNK C 59 -184.39 51.60 197.45
CA UNK C 59 -184.48 53.06 197.50
C UNK C 59 -185.32 53.37 198.71
N UNK C 60 -186.33 52.53 198.91
CA UNK C 60 -187.10 52.50 200.14
C UNK C 60 -186.19 52.38 201.36
N UNK C 61 -185.24 51.46 201.31
CA UNK C 61 -184.29 51.27 202.40
C UNK C 61 -183.52 52.56 202.70
N UNK C 62 -183.03 53.22 201.65
CA UNK C 62 -182.33 54.49 201.80
C UNK C 62 -183.25 55.56 202.38
N UNK C 63 -184.49 55.63 201.89
CA UNK C 63 -185.47 56.58 202.42
C UNK C 63 -185.73 56.32 203.91
N UNK C 64 -185.83 55.04 204.26
CA UNK C 64 -186.00 54.61 205.66
C UNK C 64 -184.81 55.00 206.50
N UNK C 65 -183.59 54.80 205.97
CA UNK C 65 -182.39 55.25 206.66
C UNK C 65 -182.42 56.77 206.85
N UNK C 66 -182.89 57.49 205.83
CA UNK C 66 -183.06 58.97 205.93
C UNK C 66 -184.06 59.36 207.02
N UNK C 67 -185.18 58.63 207.05
CA UNK C 67 -186.17 58.81 208.11
C UNK C 67 -185.54 58.55 209.47
N UNK C 68 -184.71 57.50 209.55
CA UNK C 68 -183.96 57.19 210.77
C UNK C 68 -183.05 58.35 211.16
N UNK C 69 -182.36 58.92 210.17
CA UNK C 69 -181.52 60.11 210.41
C UNK C 69 -182.33 61.27 210.97
N UNK C 70 -183.49 61.51 210.34
CA UNK C 70 -184.37 62.59 210.81
C UNK C 70 -184.87 62.31 212.23
N UNK C 71 -185.16 61.04 212.53
CA UNK C 71 -185.57 60.64 213.87
C UNK C 71 -184.44 60.85 214.88
N UNK C 72 -183.22 60.52 214.48
CA UNK C 72 -182.06 60.78 215.30
C UNK C 72 -181.94 62.30 215.55
N UNK C 73 -182.17 63.08 214.50
CA UNK C 73 -182.17 64.55 214.63
C UNK C 73 -183.24 64.94 215.62
N UNK C 74 -184.40 64.27 215.54
CA UNK C 74 -185.40 64.41 216.59
C UNK C 74 -184.79 63.92 217.88
N UNK C 75 -184.00 62.85 217.78
CA UNK C 75 -183.25 62.31 218.91
C UNK C 75 -182.25 63.30 219.47
N UNK C 76 -181.60 64.05 218.59
CA UNK C 76 -180.72 65.11 219.02
C UNK C 76 -181.49 66.29 219.67
N UNK C 77 -182.66 66.63 219.12
CA UNK C 77 -183.55 67.63 219.77
C UNK C 77 -183.97 67.12 221.15
N UNK C 78 -184.22 65.82 221.24
CA UNK C 78 -184.51 65.14 222.54
C UNK C 78 -183.31 65.18 223.49
N UNK C 79 -182.12 65.11 222.91
CA UNK C 79 -180.88 65.16 223.65
C UNK C 79 -180.81 66.47 224.42
N UNK C 80 -181.37 67.52 223.83
CA UNK C 80 -181.29 68.88 224.33
C UNK C 80 -182.19 69.11 225.55
N UNK C 81 -181.95 70.27 226.13
CA UNK C 81 -182.36 70.60 227.49
C UNK C 81 -183.85 70.79 227.65
N UNK C 82 -184.48 71.43 226.66
CA UNK C 82 -185.87 71.80 226.76
C UNK C 82 -186.70 70.60 227.12
N UNK C 83 -186.38 69.50 226.46
CA UNK C 83 -186.88 68.23 226.93
C UNK C 83 -186.61 68.13 228.44
N UNK C 84 -185.59 68.84 228.89
CA UNK C 84 -185.15 68.84 230.25
C UNK C 84 -184.39 67.56 230.43
N UNK C 85 -183.73 67.14 229.36
CA UNK C 85 -182.67 66.15 229.44
C UNK C 85 -181.58 66.70 230.36
N UNK C 86 -181.38 68.02 230.27
CA UNK C 86 -180.57 68.72 231.25
C UNK C 86 -181.20 68.58 232.65
N UNK C 87 -182.54 68.59 232.75
CA UNK C 87 -183.21 68.35 234.05
C UNK C 87 -182.86 66.96 234.58
N UNK C 88 -182.92 66.00 233.66
CA UNK C 88 -182.54 64.64 233.97
C UNK C 88 -181.08 64.58 234.42
N UNK C 89 -180.19 65.29 233.73
CA UNK C 89 -178.76 65.33 234.09
C UNK C 89 -178.58 65.93 235.47
N UNK C 90 -179.34 66.98 235.75
CA UNK C 90 -179.35 67.61 237.07
C UNK C 90 -179.86 66.65 238.15
N UNK C 91 -180.89 65.89 237.85
CA UNK C 91 -181.35 64.84 238.78
C UNK C 91 -180.27 63.77 238.96
N UNK C 92 -179.62 63.40 237.87
CA UNK C 92 -178.51 62.45 237.88
C UNK C 92 -177.40 62.99 238.77
N UNK C 93 -177.23 64.30 238.76
CA UNK C 93 -176.58 64.98 239.86
C UNK C 93 -177.35 64.62 241.12
N UNK C 94 -178.67 64.57 241.00
CA UNK C 94 -179.50 64.00 242.04
C UNK C 94 -179.21 62.49 242.17
N UNK C 95 -179.30 61.99 243.40
CA UNK C 95 -178.74 60.67 243.76
C UNK C 95 -179.18 59.47 242.92
N UNK C 96 -180.47 59.39 242.59
CA UNK C 96 -181.02 58.16 241.99
C UNK C 96 -180.53 57.96 240.57
N UNK C 97 -180.11 56.73 240.24
CA UNK C 97 -179.65 56.36 238.92
C UNK C 97 -178.61 57.33 238.31
N UNK C 98 -177.62 57.65 239.11
CA UNK C 98 -176.67 58.69 238.69
C UNK C 98 -175.75 58.25 237.54
N UNK C 99 -175.22 57.03 237.60
CA UNK C 99 -174.23 56.62 236.62
C UNK C 99 -174.78 57.00 235.26
N UNK C 100 -176.03 56.60 235.01
CA UNK C 100 -176.75 57.02 233.83
C UNK C 100 -175.88 56.73 232.56
N UNK C 101 -174.94 55.80 232.72
CA UNK C 101 -173.96 55.50 231.71
C UNK C 101 -174.66 54.91 230.50
N UNK C 102 -175.69 54.12 230.75
CA UNK C 102 -176.42 53.46 229.67
C UNK C 102 -177.22 54.44 228.84
N UNK C 103 -177.89 55.38 229.50
CA UNK C 103 -178.39 56.60 228.82
C UNK C 103 -177.27 57.41 228.15
N UNK C 104 -176.19 57.64 228.88
CA UNK C 104 -175.04 58.41 228.35
C UNK C 104 -174.25 57.65 227.25
N UNK C 105 -174.05 56.35 227.50
CA UNK C 105 -173.48 55.44 226.51
C UNK C 105 -174.44 55.38 225.33
N UNK C 106 -175.73 55.49 225.64
CA UNK C 106 -176.79 55.51 224.64
C UNK C 106 -176.69 56.75 223.78
N UNK C 107 -176.37 57.90 224.39
CA UNK C 107 -176.09 59.12 223.62
C UNK C 107 -174.91 58.92 222.69
N UNK C 108 -173.86 58.30 223.21
CA UNK C 108 -172.69 57.96 222.37
C UNK C 108 -173.10 57.05 221.20
N UNK C 109 -173.94 56.07 221.52
CA UNK C 109 -174.48 55.15 220.53
C UNK C 109 -175.35 55.86 219.49
N UNK C 110 -176.12 56.84 219.93
CA UNK C 110 -176.95 57.68 219.07
C UNK C 110 -176.08 58.54 218.17
N UNK C 111 -174.98 59.07 218.72
CA UNK C 111 -173.99 59.79 217.90
C UNK C 111 -173.45 58.84 216.85
N UNK C 112 -173.10 57.62 217.28
CA UNK C 112 -172.64 56.58 216.34
C UNK C 112 -173.66 56.30 215.25
N UNK C 113 -174.94 56.25 215.64
CA UNK C 113 -176.04 56.01 214.71
C UNK C 113 -176.19 57.17 213.74
N UNK C 114 -176.06 58.40 214.23
CA UNK C 114 -176.07 59.57 213.37
C UNK C 114 -174.90 59.49 212.39
N UNK C 115 -173.73 59.07 212.90
CA UNK C 115 -172.56 58.86 212.04
C UNK C 115 -172.83 57.79 210.97
N UNK C 116 -173.53 56.72 211.35
CA UNK C 116 -173.92 55.67 210.41
C UNK C 116 -174.91 56.21 209.38
N UNK C 117 -175.86 57.02 209.82
CA UNK C 117 -176.81 57.65 208.92
C UNK C 117 -176.03 58.50 207.95
N UNK C 118 -175.03 59.19 208.47
CA UNK C 118 -174.08 59.87 207.62
C UNK C 118 -173.47 58.86 206.65
N UNK C 119 -173.14 57.68 207.15
CA UNK C 119 -172.61 56.61 206.31
C UNK C 119 -173.67 56.00 205.40
N UNK C 120 -174.87 55.76 205.94
CA UNK C 120 -175.96 55.22 205.16
C UNK C 120 -176.36 56.28 204.16
N UNK C 121 -176.42 57.54 204.60
CA UNK C 121 -176.86 58.65 203.72
C UNK C 121 -176.20 58.74 202.35
N UNK C 122 -174.92 58.40 202.24
CA UNK C 122 -174.21 58.46 200.94
C UNK C 122 -174.71 57.37 200.02
N UNK C 123 -175.09 57.75 198.80
CA UNK C 123 -175.52 56.80 197.80
C UNK C 123 -175.12 57.24 196.40
N UNK C 124 -174.38 56.39 195.68
CA UNK C 124 -174.20 56.59 194.24
C UNK C 124 -175.57 56.54 193.56
N UNK C 125 -175.82 57.46 192.64
CA UNK C 125 -177.10 57.52 191.95
C UNK C 125 -177.32 56.28 191.10
N UNK C 126 -178.53 55.71 191.18
CA UNK C 126 -179.05 54.79 190.18
C UNK C 126 -180.19 55.52 189.43
N UNK C 127 -180.10 55.54 188.10
CA UNK C 127 -180.76 56.57 187.33
C UNK C 127 -181.70 56.00 186.27
N UNK C 128 -182.87 56.61 186.16
CA UNK C 128 -183.82 56.26 185.12
C UNK C 128 -183.30 56.71 183.77
N UNK C 129 -183.63 55.96 182.72
CA UNK C 129 -183.15 56.27 181.37
C UNK C 129 -184.01 57.39 180.78
N UNK C 130 -174.07 52.58 178.03
CA UNK C 130 -172.78 51.93 178.21
C UNK C 130 -172.94 50.63 179.01
N UNK C 131 -172.99 49.53 178.26
CA UNK C 131 -173.09 48.19 178.84
C UNK C 131 -171.91 47.88 179.76
N UNK C 132 -170.73 48.32 179.32
CA UNK C 132 -169.53 48.33 180.16
C UNK C 132 -169.77 49.13 181.43
N UNK C 133 -170.44 50.28 181.28
CA UNK C 133 -170.76 51.11 182.45
C UNK C 133 -171.68 50.36 183.40
N UNK C 134 -172.66 49.65 182.84
CA UNK C 134 -173.57 48.81 183.61
C UNK C 134 -172.82 47.72 184.34
N UNK C 135 -171.88 47.09 183.63
CA UNK C 135 -171.00 46.08 184.25
C UNK C 135 -170.15 46.67 185.39
N UNK C 136 -169.62 47.88 185.18
CA UNK C 136 -168.86 48.60 186.23
C UNK C 136 -169.76 48.84 187.44
N UNK C 137 -171.00 49.28 187.16
CA UNK C 137 -171.99 49.50 188.23
C UNK C 137 -172.26 48.20 188.99
N UNK C 138 -172.41 47.11 188.24
CA UNK C 138 -172.59 45.77 188.85
C UNK C 138 -171.40 45.37 189.71
N UNK C 139 -170.19 45.63 189.21
CA UNK C 139 -168.99 45.35 190.01
C UNK C 139 -169.01 46.18 191.29
N UNK C 140 -169.39 47.46 191.15
CA UNK C 140 -169.50 48.33 192.32
C UNK C 140 -170.55 47.77 193.31
N UNK C 141 -171.66 47.29 192.78
CA UNK C 141 -172.69 46.68 193.61
C UNK C 141 -172.19 45.42 194.31
N UNK C 142 -171.42 44.63 193.58
CA UNK C 142 -170.78 43.46 194.17
C UNK C 142 -169.83 43.88 195.29
N UNK C 143 -169.05 44.94 195.06
CA UNK C 143 -168.18 45.49 196.11
C UNK C 143 -169.01 45.93 197.32
N UNK C 144 -170.15 46.56 197.05
CA UNK C 144 -171.07 46.96 198.13
C UNK C 144 -171.63 45.75 198.89
N UNK C 145 -171.97 44.68 198.17
CA UNK C 145 -172.38 43.44 198.82
C UNK C 145 -171.23 42.88 199.66
N UNK C 146 -170.02 42.99 199.13
CA UNK C 146 -168.82 42.55 199.87
C UNK C 146 -168.61 43.34 201.17
N UNK C 147 -168.82 44.67 201.10
CA UNK C 147 -168.45 45.63 202.20
C UNK C 147 -168.70 45.16 203.64
N UNK C 148 -167.83 45.57 204.54
CA UNK C 148 -167.78 45.11 205.94
C UNK C 148 -169.14 45.15 206.63
N UNK C 149 -169.41 44.12 207.43
CA UNK C 149 -170.73 44.02 208.07
C UNK C 149 -171.04 45.17 209.01
N UNK C 150 -172.26 45.67 208.89
CA UNK C 150 -172.87 46.49 209.93
C UNK C 150 -174.29 45.96 210.09
N UNK C 151 -174.85 46.10 211.30
CA UNK C 151 -176.08 45.34 211.65
C UNK C 151 -177.17 45.45 210.56
N UNK C 152 -177.49 44.33 209.92
CA UNK C 152 -178.54 44.25 208.91
C UNK C 152 -179.68 43.39 209.44
N UNK C 153 -180.84 44.00 209.63
CA UNK C 153 -182.11 43.27 209.76
C UNK C 153 -182.58 42.96 208.36
N UNK C 154 -183.68 42.22 208.26
CA UNK C 154 -184.27 41.93 206.95
C UNK C 154 -184.10 43.21 206.13
N UNK C 155 -184.11 44.35 206.81
CA UNK C 155 -184.06 45.63 206.12
C UNK C 155 -182.99 45.67 205.03
N UNK C 156 -181.85 45.06 205.29
CA UNK C 156 -180.79 45.01 204.29
C UNK C 156 -181.30 44.19 203.12
N UNK C 157 -181.96 43.08 203.40
CA UNK C 157 -182.56 42.26 202.34
C UNK C 157 -183.60 43.04 201.55
N UNK C 158 -184.47 43.77 202.25
CA UNK C 158 -185.49 44.58 201.55
C UNK C 158 -184.80 45.61 200.65
N UNK C 159 -183.75 46.25 201.17
CA UNK C 159 -182.97 47.20 200.38
C UNK C 159 -182.36 46.50 199.17
N UNK C 160 -181.86 45.31 199.38
CA UNK C 160 -181.26 44.53 198.31
C UNK C 160 -182.29 44.30 197.26
N UNK C 161 -183.50 43.89 197.67
CA UNK C 161 -184.61 43.68 196.74
C UNK C 161 -184.99 44.94 195.98
N UNK C 162 -185.12 46.05 196.71
CA UNK C 162 -185.44 47.32 196.06
C UNK C 162 -184.35 47.70 195.03
N UNK C 163 -183.08 47.46 195.39
CA UNK C 163 -181.95 47.75 194.48
C UNK C 163 -182.03 46.94 193.21
N UNK C 164 -182.35 45.65 193.35
CA UNK C 164 -182.51 44.76 192.18
C UNK C 164 -183.63 45.28 191.29
N UNK C 165 -184.75 45.69 191.92
CA UNK C 165 -185.88 46.23 191.17
C UNK C 165 -185.48 47.52 190.44
N UNK C 166 -184.75 48.37 191.14
CA UNK C 166 -184.25 49.60 190.52
C UNK C 166 -183.30 49.29 189.35
N UNK C 167 -182.44 48.30 189.54
CA UNK C 167 -181.51 47.86 188.49
C UNK C 167 -182.25 47.37 187.25
N UNK C 168 -183.32 46.60 187.48
CA UNK C 168 -184.21 46.24 186.37
C UNK C 168 -184.69 47.53 185.74
N UNK C 169 -185.05 48.49 186.60
CA UNK C 169 -185.43 49.81 186.10
C UNK C 169 -184.32 50.42 185.23
N UNK C 170 -183.07 50.18 185.63
CA UNK C 170 -181.93 50.62 184.83
C UNK C 170 -181.90 49.87 183.50
N UNK C 171 -182.26 48.58 183.53
CA UNK C 171 -182.35 47.82 182.28
C UNK C 171 -183.41 48.44 181.37
N UNK C 172 -184.51 48.89 182.00
CA UNK C 172 -185.57 49.59 181.30
C UNK C 172 -185.09 50.91 180.69
N UNK C 173 -184.32 51.66 181.47
CA UNK C 173 -183.75 52.93 181.04
C UNK C 173 -182.82 52.69 179.85
N UNK C 174 -182.01 51.63 179.96
CA UNK C 174 -181.15 51.21 178.84
C UNK C 174 -181.96 50.81 177.63
N UNK C 175 -183.08 50.12 177.86
CA UNK C 175 -183.95 49.72 176.74
C UNK C 175 -184.53 50.96 176.06
N UNK C 176 -184.92 51.93 176.88
CA UNK C 176 -185.46 53.21 176.39
C UNK C 176 -184.58 53.87 175.32
N UNK C 177 -186.36 46.07 161.16
CA UNK C 177 -185.03 46.48 160.75
C UNK C 177 -183.99 45.45 161.16
N UNK C 178 -183.21 44.96 160.19
CA UNK C 178 -182.19 43.94 160.43
C UNK C 178 -181.12 44.43 161.41
N UNK C 179 -180.68 45.68 161.22
CA UNK C 179 -179.73 46.31 162.13
C UNK C 179 -180.31 46.39 163.54
N UNK C 180 -181.58 46.77 163.63
CA UNK C 180 -182.28 46.82 164.92
C UNK C 180 -182.34 45.43 165.55
N UNK C 181 -182.64 44.42 164.75
CA UNK C 181 -182.63 43.02 165.22
C UNK C 181 -181.24 42.62 165.73
N UNK C 182 -180.20 43.00 164.99
CA UNK C 182 -178.82 42.75 165.42
C UNK C 182 -178.52 43.46 166.75
N UNK C 183 -178.97 44.70 166.86
CA UNK C 183 -178.82 45.46 168.12
C UNK C 183 -179.56 44.76 169.25
N UNK C 184 -180.76 44.26 168.97
CA UNK C 184 -181.53 43.48 169.95
C UNK C 184 -180.77 42.23 170.36
N UNK C 185 -180.19 41.54 169.38
CA UNK C 185 -179.36 40.36 169.68
C UNK C 185 -178.16 40.73 170.55
N UNK C 186 -177.59 41.91 170.36
CA UNK C 186 -176.48 42.33 171.21
C UNK C 186 -177.02 42.30 172.64
N UNK C 187 -178.29 42.68 172.77
CA UNK C 187 -179.00 42.70 174.03
C UNK C 187 -179.06 41.30 174.65
N UNK C 188 -179.22 40.26 173.84
CA UNK C 188 -179.25 38.89 174.34
C UNK C 188 -177.90 38.54 174.98
N UNK C 189 -176.81 38.97 174.36
CA UNK C 189 -175.48 38.75 174.90
C UNK C 189 -175.33 39.46 176.23
N UNK C 190 -175.85 40.68 176.29
CA UNK C 190 -175.81 41.45 177.53
C UNK C 190 -176.59 40.72 178.60
N UNK C 191 -177.75 40.17 178.25
CA UNK C 191 -178.58 39.44 179.18
C UNK C 191 -177.85 38.21 179.71
N UNK C 192 -177.10 37.52 178.84
CA UNK C 192 -176.34 36.34 179.27
C UNK C 192 -175.28 36.76 180.30
N UNK C 193 -174.64 37.90 180.03
CA UNK C 193 -173.64 38.44 180.94
C UNK C 193 -174.29 38.79 182.28
N UNK C 194 -175.49 39.37 182.21
CA UNK C 194 -176.28 39.75 183.37
C UNK C 194 -176.63 38.52 184.19
N UNK C 195 -176.95 37.41 183.52
CA UNK C 195 -177.28 36.14 184.18
C UNK C 195 -176.07 35.64 184.95
N UNK C 196 -174.90 35.77 184.33
CA UNK C 196 -173.65 35.38 184.98
C UNK C 196 -173.44 36.26 186.23
N UNK C 197 -173.72 37.56 186.08
CA UNK C 197 -173.61 38.52 187.15
C UNK C 197 -174.58 38.18 188.29
N UNK C 198 -175.78 37.72 187.95
CA UNK C 198 -176.80 37.31 188.91
C UNK C 198 -176.29 36.14 189.71
N UNK C 199 -175.64 35.20 189.02
CA UNK C 199 -175.06 34.04 189.69
C UNK C 199 -173.98 34.51 190.69
N UNK C 200 -173.17 35.48 190.24
CA UNK C 200 -172.13 36.05 191.07
C UNK C 200 -172.73 36.75 192.30
N UNK C 201 -173.86 37.42 192.10
CA UNK C 201 -174.59 38.13 193.14
C UNK C 201 -175.09 37.13 194.16
N UNK C 202 -175.56 35.99 193.68
CA UNK C 202 -176.02 34.92 194.56
C UNK C 202 -174.84 34.42 195.41
N UNK C 203 -173.68 34.27 194.77
CA UNK C 203 -172.48 33.84 195.49
C UNK C 203 -172.03 34.84 196.56
N UNK C 204 -172.08 36.13 196.25
CA UNK C 204 -171.70 37.19 197.16
C UNK C 204 -172.71 37.30 198.29
N UNK C 205 -173.99 37.16 197.97
CA UNK C 205 -175.04 37.22 198.98
C UNK C 205 -174.85 36.07 199.95
N UNK C 206 -174.55 34.88 199.42
CA UNK C 206 -174.33 33.74 200.30
C UNK C 206 -173.12 34.00 201.21
N UNK C 207 -172.06 34.56 200.63
CA UNK C 207 -170.85 34.87 201.37
C UNK C 207 -171.11 35.90 202.46
N UNK C 208 -171.94 36.89 202.15
CA UNK C 208 -172.32 37.96 203.06
C UNK C 208 -173.06 37.37 204.24
N UNK C 209 -173.96 36.42 203.94
CA UNK C 209 -174.72 35.76 205.00
C UNK C 209 -173.75 35.01 205.91
N UNK C 210 -172.78 34.33 205.32
CA UNK C 210 -171.79 33.59 206.10
C UNK C 210 -170.99 34.54 206.99
N UNK C 211 -170.62 35.70 206.44
CA UNK C 211 -169.86 36.70 207.18
C UNK C 211 -170.66 37.20 208.37
N UNK C 212 -171.95 37.42 208.15
CA UNK C 212 -172.84 37.89 209.20
C UNK C 212 -172.92 36.84 210.31
N UNK C 213 -173.01 35.57 209.91
CA UNK C 213 -173.08 34.48 210.87
C UNK C 213 -171.89 34.53 211.81
N UNK C 214 -185.02 36.89 199.29
CA UNK C 214 -185.72 37.61 198.24
C UNK C 214 -186.41 36.65 197.28
N UNK C 215 -187.46 36.00 197.74
CA UNK C 215 -188.20 35.05 196.92
C UNK C 215 -188.83 35.75 195.72
N UNK C 216 -189.37 36.95 195.95
CA UNK C 216 -189.99 37.72 194.89
C UNK C 216 -188.93 38.08 193.84
N UNK C 217 -187.75 38.46 194.31
CA UNK C 217 -186.66 38.82 193.42
C UNK C 217 -186.26 37.61 192.58
N UNK C 218 -186.23 36.44 193.22
CA UNK C 218 -185.87 35.21 192.52
C UNK C 218 -186.91 34.92 191.44
N UNK C 219 -188.17 35.13 191.77
CA UNK C 219 -189.25 34.91 190.82
C UNK C 219 -189.10 35.85 189.63
N UNK C 220 -188.74 37.10 189.92
CA UNK C 220 -188.56 38.09 188.87
C UNK C 220 -187.42 37.66 187.96
N UNK C 221 -186.36 37.14 188.56
CA UNK C 221 -185.21 36.69 187.79
C UNK C 221 -185.60 35.53 186.88
N UNK C 222 -186.42 34.63 187.42
CA UNK C 222 -186.89 33.48 186.66
C UNK C 222 -187.73 33.96 185.48
N UNK C 223 -188.55 34.96 185.71
CA UNK C 223 -189.40 35.52 184.66
C UNK C 223 -188.52 36.14 183.57
N UNK C 224 -187.46 36.82 183.98
CA UNK C 224 -186.55 37.45 183.04
C UNK C 224 -185.88 36.37 182.19
N UNK C 225 -185.51 35.27 182.85
CA UNK C 225 -184.87 34.15 182.17
C UNK C 225 -185.81 33.55 181.13
N UNK C 226 -187.09 33.44 181.51
CA UNK C 226 -188.10 32.89 180.61
C UNK C 226 -188.43 33.85 179.48
N UNK C 227 -189.47 34.65 179.68
CA UNK C 227 -189.90 35.63 178.68
C UNK C 227 -188.84 35.76 177.58
N UNK C 228 -187.62 35.89 178.05
CA UNK C 228 -186.43 36.03 177.18
C UNK C 228 -186.34 34.83 176.23
N UNK C 229 -186.50 33.66 176.84
CA UNK C 229 -186.44 32.38 176.12
C UNK C 229 -187.50 32.34 175.02
N UNK C 230 -188.69 32.75 175.40
CA UNK C 230 -189.85 32.81 174.50
C UNK C 230 -189.53 33.70 173.30
N UNK C 231 -188.99 34.86 173.62
CA UNK C 231 -188.61 35.87 172.62
C UNK C 231 -187.61 35.27 171.62
N UNK C 232 -186.63 34.59 172.17
CA UNK C 232 -185.58 33.94 171.40
C UNK C 232 -186.18 32.93 170.42
N UNK C 233 -187.10 32.14 170.97
CA UNK C 233 -187.81 31.10 170.21
C UNK C 233 -188.55 31.73 169.02
N UNK C 234 -189.23 32.82 169.34
CA UNK C 234 -190.01 33.58 168.35
C UNK C 234 -189.10 34.05 167.21
N UNK C 235 -187.97 34.60 167.61
CA UNK C 235 -186.95 35.11 166.69
C UNK C 235 -186.49 33.99 165.74
N UNK C 236 -186.21 32.86 166.35
CA UNK C 236 -185.75 31.65 165.63
C UNK C 236 -186.78 31.26 164.58
N UNK C 237 -188.03 31.24 165.01
CA UNK C 237 -189.17 30.89 164.16
C UNK C 237 -189.23 31.82 162.95
N UNK C 238 -189.10 33.10 163.25
CA UNK C 238 -189.12 34.17 162.24
C UNK C 238 -188.03 33.92 161.20
N UNK C 239 -186.85 33.63 161.71
CA UNK C 239 -185.66 33.35 160.88
C UNK C 239 -185.94 32.19 159.93
N UNK C 240 -186.51 31.15 160.51
CA UNK C 240 -186.86 29.92 159.78
C UNK C 240 -187.81 30.25 158.64
N UNK C 241 -188.81 31.04 158.97
CA UNK C 241 -189.84 31.47 158.02
C UNK C 241 -189.19 32.22 156.85
N UNK C 242 -188.30 33.11 157.20
CA UNK C 242 -187.56 33.93 156.24
C UNK C 242 -186.79 33.02 155.27
N UNK C 243 -186.09 32.05 155.82
CA UNK C 243 -185.32 31.11 155.02
C UNK C 243 -186.22 30.14 154.27
N UNK C 244 -187.41 29.90 154.81
CA UNK C 244 -188.36 28.99 154.19
C UNK C 244 -188.77 29.51 152.82
N UNK C 245 -189.00 30.81 152.72
CA UNK C 245 -189.40 31.43 151.46
C UNK C 245 -188.28 31.25 150.43
N UNK C 246 -187.03 31.43 150.87
CA UNK C 246 -185.88 31.28 149.99
C UNK C 246 -185.80 29.84 149.50
N UNK C 247 -186.05 28.90 150.40
CA UNK C 247 -186.02 27.48 150.04
C UNK C 247 -187.09 27.18 149.00
N UNK C 248 -188.27 27.76 149.19
CA UNK C 248 -189.37 27.57 148.25
C UNK C 248 -189.01 28.12 146.88
N UNK C 249 -188.35 29.28 146.88
CA UNK C 249 -187.92 29.95 145.65
C UNK C 249 -189.06 30.06 144.63
N UNK C 250 -195.42 32.67 144.74
CA UNK C 250 -195.78 34.06 145.03
C UNK C 250 -196.42 34.17 146.40
N UNK C 251 -195.92 35.10 147.21
CA UNK C 251 -196.44 35.30 148.56
C UNK C 251 -197.88 35.78 148.52
N UNK C 252 -198.69 35.33 149.47
CA UNK C 252 -198.19 34.56 150.61
C UNK C 252 -197.45 35.44 151.61
N UNK C 253 -196.56 36.29 151.09
CA UNK C 253 -195.79 37.19 151.94
C UNK C 253 -196.71 38.09 152.77
N UNK C 254 -197.71 38.67 152.11
CA UNK C 254 -198.67 39.56 152.80
C UNK C 254 -199.36 38.81 153.94
N UNK C 255 -199.80 37.62 153.60
CA UNK C 255 -200.49 36.73 154.55
C UNK C 255 -199.60 36.46 155.76
N UNK C 256 -198.35 36.14 155.46
CA UNK C 256 -197.33 35.83 156.46
C UNK C 256 -197.16 37.02 157.41
N UNK C 257 -197.06 38.19 156.80
CA UNK C 257 -196.90 39.46 157.51
C UNK C 257 -198.05 39.67 158.49
N UNK C 258 -199.24 39.44 157.96
CA UNK C 258 -200.50 39.57 158.72
C UNK C 258 -200.47 38.66 159.95
N UNK C 259 -200.07 37.43 159.69
CA UNK C 259 -199.98 36.39 160.73
C UNK C 259 -199.03 36.85 161.83
N UNK C 260 -197.90 37.36 161.40
CA UNK C 260 -196.84 37.86 162.31
C UNK C 260 -197.40 38.96 163.20
N UNK C 261 -198.12 39.87 162.56
CA UNK C 261 -198.75 41.01 163.23
C UNK C 261 -199.71 40.52 164.32
N UNK C 262 -200.53 39.55 163.91
CA UNK C 262 -201.53 38.92 164.75
C UNK C 262 -200.90 38.16 165.89
N UNK C 263 -199.88 37.35 165.59
CA UNK C 263 -199.18 36.61 166.63
C UNK C 263 -198.51 37.59 167.58
N UNK C 264 -197.89 38.62 167.01
CA UNK C 264 -197.22 39.66 167.77
C UNK C 264 -198.25 40.40 168.62
N UNK C 265 -199.41 40.66 168.04
CA UNK C 265 -200.48 41.36 168.75
C UNK C 265 -200.94 40.53 169.94
N UNK C 266 -201.04 39.21 169.75
CA UNK C 266 -201.45 38.30 170.80
C UNK C 266 -200.42 38.32 171.92
N UNK C 267 -199.15 38.34 171.53
CA UNK C 267 -198.06 38.39 172.50
C UNK C 267 -198.15 39.67 173.32
N UNK C 268 -198.44 40.78 172.64
CA UNK C 268 -198.57 42.08 173.29
C UNK C 268 -199.72 42.04 174.29
N UNK C 269 -200.82 41.41 173.88
CA UNK C 269 -202.00 41.29 174.73
C UNK C 269 -201.65 40.49 175.98
N UNK C 270 -200.88 39.42 175.80
CA UNK C 270 -200.46 38.58 176.91
C UNK C 270 -199.58 39.39 177.87
N UNK C 271 -198.70 40.21 177.31
CA UNK C 271 -197.82 41.05 178.10
C UNK C 271 -198.62 41.89 179.10
N UNK C 272 -199.78 41.38 179.48
CA UNK C 272 -200.63 42.06 180.46
C UNK C 272 -200.58 41.37 181.81
N UNK C 273 -199.44 28.96 179.82
CA UNK C 273 -200.27 29.38 178.70
C UNK C 273 -199.43 29.96 177.58
N UNK C 274 -198.20 30.36 177.91
CA UNK C 274 -197.29 30.94 176.93
C UNK C 274 -196.98 29.94 175.83
N UNK C 275 -196.77 28.69 176.23
CA UNK C 275 -196.48 27.63 175.29
C UNK C 275 -197.66 27.43 174.35
N UNK C 276 -198.87 27.47 174.92
CA UNK C 276 -200.08 27.31 174.13
C UNK C 276 -200.19 28.44 173.12
N UNK C 277 -199.87 29.67 173.53
CA UNK C 277 -199.93 30.81 172.64
C UNK C 277 -198.94 30.66 171.50
N UNK C 278 -197.75 30.16 171.83
CA UNK C 278 -196.71 29.93 170.85
C UNK C 278 -197.17 28.88 169.83
N UNK C 279 -197.82 27.85 170.34
CA UNK C 279 -198.34 26.78 169.52
C UNK C 279 -199.40 27.34 168.59
N UNK C 280 -200.25 28.23 169.09
CA UNK C 280 -201.29 28.83 168.26
C UNK C 280 -200.65 29.64 167.13
N UNK C 281 -199.61 30.39 167.45
CA UNK C 281 -198.95 31.18 166.40
C UNK C 281 -198.34 30.26 165.34
N UNK C 282 -197.74 29.17 165.80
CA UNK C 282 -197.12 28.18 164.91
C UNK C 282 -198.17 27.53 164.02
N UNK C 283 -199.34 27.26 164.60
CA UNK C 283 -200.47 26.67 163.91
C UNK C 283 -200.94 27.60 162.83
N UNK C 284 -201.01 28.89 163.14
CA UNK C 284 -201.44 29.90 162.19
C UNK C 284 -200.51 29.93 160.98
N UNK C 285 -199.42 30.68 161.10
CA UNK C 285 -198.45 30.80 160.02
C UNK C 285 -197.82 29.43 159.73
N UNK C 286 -197.53 28.70 160.79
CA UNK C 286 -196.94 27.37 160.64
C UNK C 286 -197.91 26.45 159.92
N UNK C 287 -199.18 26.56 160.27
CA UNK C 287 -200.22 25.75 159.64
C UNK C 287 -200.30 26.08 158.16
N UNK C 288 -200.20 27.37 157.84
CA UNK C 288 -200.26 27.81 156.46
C UNK C 288 -199.08 27.25 155.68
N UNK C 289 -197.91 27.24 156.32
CA UNK C 289 -196.71 26.72 155.69
C UNK C 289 -196.88 25.23 155.42
N UNK C 290 -197.47 24.52 156.38
CA UNK C 290 -197.71 23.10 156.23
C UNK C 290 -198.65 22.85 155.05
N UNK C 291 -199.67 23.69 154.94
CA UNK C 291 -200.64 23.56 153.86
C UNK C 291 -199.95 23.78 152.52
N UNK C 292 -199.05 24.76 152.48
CA UNK C 292 -198.31 25.06 151.27
C UNK C 292 -197.44 23.86 150.89
N UNK C 293 -196.82 23.24 151.88
CA UNK C 293 -195.97 22.08 151.66
C UNK C 293 -196.81 20.94 151.08
N UNK C 294 -198.02 20.77 151.63
CA UNK C 294 -198.92 19.73 151.18
C UNK C 294 -199.29 19.97 149.71
N UNK C 295 -199.54 21.24 149.38
CA UNK C 295 -199.91 21.61 148.03
C UNK C 295 -198.76 21.29 147.08
N UNK C 296 -197.54 21.58 147.53
CA UNK C 296 -196.35 21.31 146.74
C UNK C 296 -196.22 19.82 146.49
N UNK C 297 -196.48 19.03 147.52
CA UNK C 297 -196.39 17.58 147.42
C UNK C 297 -197.42 17.09 146.41
N UNK C 298 -198.61 17.67 146.45
CA UNK C 298 -199.68 17.30 145.53
C UNK C 298 -199.29 17.62 144.09
N UNK C 299 -198.63 18.76 143.91
CA UNK C 299 -198.19 19.18 142.59
C UNK C 299 -196.81 18.61 142.27
N UNK C 300 -180.86 6.22 142.93
CA UNK C 300 -182.09 5.44 142.88
C UNK C 300 -183.20 5.89 143.85
N UNK C 301 -183.73 4.94 144.60
CA UNK C 301 -184.82 5.16 145.58
C UNK C 301 -184.37 6.10 146.68
N UNK C 302 -183.13 5.91 147.09
CA UNK C 302 -182.52 6.74 148.09
C UNK C 302 -182.46 8.17 147.54
N UNK C 303 -182.06 8.31 146.29
CA UNK C 303 -182.02 9.58 145.61
C UNK C 303 -183.41 10.22 145.55
N UNK C 304 -184.44 9.42 145.30
CA UNK C 304 -185.80 9.95 145.25
C UNK C 304 -186.19 10.55 146.60
N UNK C 305 -185.92 9.80 147.66
CA UNK C 305 -186.23 10.24 149.01
C UNK C 305 -185.26 11.31 149.49
N UNK C 306 -183.98 11.08 149.27
CA UNK C 306 -182.94 12.03 149.68
C UNK C 306 -183.11 13.35 148.95
N UNK C 307 -183.43 13.29 147.66
CA UNK C 307 -183.62 14.49 146.86
C UNK C 307 -184.80 15.29 147.41
N UNK C 308 -185.87 14.58 147.77
CA UNK C 308 -187.06 15.22 148.31
C UNK C 308 -186.71 15.90 149.64
N UNK C 309 -185.90 15.21 150.43
CA UNK C 309 -185.49 15.74 151.73
C UNK C 309 -184.69 17.03 151.52
N UNK C 310 -183.82 17.03 150.52
CA UNK C 310 -183.03 18.22 150.23
C UNK C 310 -183.94 19.36 149.79
N UNK C 311 -184.92 19.02 148.96
CA UNK C 311 -185.88 19.97 148.42
C UNK C 311 -186.61 20.62 149.57
N UNK C 312 -186.85 19.83 150.61
CA UNK C 312 -187.52 20.34 151.79
C UNK C 312 -186.56 19.99 152.93
N UNK C 313 -185.46 20.73 153.02
CA UNK C 313 -185.14 21.86 152.15
C UNK C 313 -183.82 22.51 152.54
N UNK C 314 -195.19 17.68 154.69
CA UNK C 314 -195.56 17.36 156.08
C UNK C 314 -196.49 16.13 156.14
N UNK C 315 -196.64 15.43 157.28
CA UNK C 315 -197.40 14.20 157.09
C UNK C 315 -196.71 13.31 156.07
N UNK C 316 -196.20 13.92 155.00
CA UNK C 316 -195.49 13.18 153.96
C UNK C 316 -194.24 12.55 154.54
N UNK C 317 -193.53 13.29 155.39
CA UNK C 317 -192.33 12.79 156.03
C UNK C 317 -192.66 11.60 156.92
N UNK C 318 -193.77 11.71 157.64
CA UNK C 318 -194.20 10.63 158.53
C UNK C 318 -194.51 9.38 157.70
N UNK C 319 -195.40 9.51 156.72
CA UNK C 319 -195.67 8.39 155.84
C UNK C 319 -194.43 8.19 154.99
N UNK C 320 -193.93 9.33 154.51
CA UNK C 320 -192.75 9.39 153.66
C UNK C 320 -191.51 8.92 154.40
N UNK C 321 -191.36 9.34 155.65
CA UNK C 321 -190.19 8.95 156.42
C UNK C 321 -190.17 7.44 156.60
N UNK C 322 -191.32 6.86 156.91
CA UNK C 322 -191.42 5.42 157.09
C UNK C 322 -191.09 4.71 155.79
N UNK C 323 -191.61 5.24 154.69
CA UNK C 323 -191.34 4.62 153.39
C UNK C 323 -189.85 4.65 153.08
N UNK C 324 -189.22 5.79 153.37
CA UNK C 324 -187.80 5.95 153.11
C UNK C 324 -187.00 4.98 153.96
N UNK C 325 -187.40 4.81 155.20
CA UNK C 325 -186.70 3.89 156.09
C UNK C 325 -186.80 2.47 155.55
N UNK C 326 -187.99 2.10 155.09
CA UNK C 326 -188.18 0.76 154.55
C UNK C 326 -187.30 0.55 153.33
N UNK C 327 -187.25 1.57 152.46
CA UNK C 327 -186.44 1.49 151.25
C UNK C 327 -184.98 1.33 151.61
N UNK C 328 -184.53 2.09 152.61
CA UNK C 328 -183.14 2.05 153.04
C UNK C 328 -182.81 0.66 153.55
N UNK C 329 -183.73 0.08 154.32
CA UNK C 329 -183.49 -1.25 154.87
C UNK C 329 -183.37 -2.26 153.74
N UNK C 330 -184.25 -2.14 152.76
CA UNK C 330 -184.23 -3.06 151.63
C UNK C 330 -182.90 -2.94 150.88
N UNK C 331 -182.45 -1.70 150.69
CA UNK C 331 -181.20 -1.45 149.98
C UNK C 331 -180.03 -2.05 150.75
N UNK C 332 -180.07 -1.89 152.07
CA UNK C 332 -179.01 -2.41 152.90
C UNK C 332 -178.95 -3.92 152.80
N UNK C 333 -180.11 -4.58 152.80
CA UNK C 333 -180.06 -6.04 152.68
C UNK C 333 -179.47 -6.38 151.31
N UNK C 334 -179.98 -5.70 150.29
CA UNK C 334 -179.53 -5.86 148.91
C UNK C 334 -178.12 -5.33 148.69
N UNK C 335 -177.86 -4.17 149.31
CA UNK C 335 -176.60 -3.45 149.16
C UNK C 335 -175.57 -4.05 150.06
N UNK C 336 -175.92 -4.35 151.31
CA UNK C 336 -174.85 -5.00 152.08
C UNK C 336 -174.42 -6.30 151.39
N UNK C 337 -175.44 -7.07 151.03
CA UNK C 337 -175.26 -8.37 150.37
C UNK C 337 -174.47 -8.17 149.07
N UNK C 338 -174.91 -7.18 148.31
CA UNK C 338 -174.30 -6.82 147.02
C UNK C 338 -172.82 -6.51 147.22
N UNK C 339 -172.56 -5.70 148.23
CA UNK C 339 -171.20 -5.26 148.60
C UNK C 339 -170.33 -6.48 148.88
N UNK C 340 -170.90 -7.38 149.68
CA UNK C 340 -170.23 -8.63 150.08
C UNK C 340 -169.85 -9.44 148.85
N UNK C 341 -170.81 -9.56 147.95
CA UNK C 341 -170.65 -10.29 146.69
C UNK C 341 -169.48 -9.71 145.88
N UNK C 342 -169.50 -8.40 145.80
CA UNK C 342 -168.47 -7.64 145.07
C UNK C 342 -167.08 -7.94 145.65
N UNK C 343 -167.03 -7.90 146.96
CA UNK C 343 -165.80 -8.16 147.72
C UNK C 343 -165.26 -9.56 147.38
N UNK C 344 -166.19 -10.51 147.41
CA UNK C 344 -165.89 -11.92 147.11
C UNK C 344 -165.28 -12.05 145.71
N UNK C 345 -165.93 -11.37 144.79
CA UNK C 345 -165.52 -11.35 143.37
C UNK C 345 -164.09 -10.83 143.25
N UNK C 346 -163.80 -9.73 143.93
CA UNK C 346 -162.47 -9.14 143.91
C UNK C 346 -161.41 -10.14 144.38
N UNK C 347 -161.69 -10.80 145.49
CA UNK C 347 -160.76 -11.78 146.05
C UNK C 347 -160.46 -12.88 145.04
N UNK C 348 -161.50 -13.42 144.42
CA UNK C 348 -161.34 -14.48 143.43
C UNK C 348 -160.42 -14.04 142.29
N UNK C 349 -160.68 -12.85 141.77
CA UNK C 349 -159.88 -12.31 140.67
C UNK C 349 -158.40 -12.23 141.04
N UNK C 350 -152.25 -6.87 151.38
CA UNK C 350 -152.54 -5.51 150.95
C UNK C 350 -153.98 -5.39 150.44
N UNK C 351 -154.38 -6.33 149.60
CA UNK C 351 -155.72 -6.34 149.03
C UNK C 351 -156.77 -6.37 150.12
N UNK C 352 -156.59 -7.27 151.09
CA UNK C 352 -157.52 -7.41 152.21
C UNK C 352 -157.68 -6.09 152.97
N UNK C 353 -156.55 -5.45 153.27
CA UNK C 353 -156.56 -4.19 154.00
C UNK C 353 -157.37 -3.14 153.25
N UNK C 354 -157.13 -3.02 151.95
CA UNK C 354 -157.83 -2.05 151.12
C UNK C 354 -159.34 -2.27 151.18
N UNK C 355 -159.76 -3.52 151.04
CA UNK C 355 -161.19 -3.86 151.07
C UNK C 355 -161.80 -3.42 152.39
N UNK C 356 -161.09 -3.75 153.46
CA UNK C 356 -161.49 -3.43 154.83
C UNK C 356 -161.67 -1.91 154.98
N UNK C 357 -160.67 -1.21 154.48
CA UNK C 357 -160.63 0.26 154.50
C UNK C 357 -161.87 0.83 153.80
N UNK C 358 -162.13 0.27 152.63
CA UNK C 358 -163.27 0.67 151.81
C UNK C 358 -164.57 0.50 152.58
N UNK C 359 -164.68 -0.65 153.20
CA UNK C 359 -165.85 -1.02 154.00
C UNK C 359 -166.07 0.00 155.11
N UNK C 360 -164.98 0.32 155.78
CA UNK C 360 -164.96 1.28 156.89
C UNK C 360 -165.49 2.64 156.41
N UNK C 361 -164.97 3.05 155.27
CA UNK C 361 -165.33 4.32 154.62
C UNK C 361 -166.83 4.36 154.36
N UNK C 362 -167.31 3.26 153.81
CA UNK C 362 -168.73 3.09 153.47
C UNK C 362 -169.59 3.26 154.72
N UNK C 363 -169.15 2.59 155.77
CA UNK C 363 -169.83 2.62 157.08
C UNK C 363 -169.93 4.06 157.59
N UNK C 364 -168.80 4.75 157.49
CA UNK C 364 -168.69 6.15 157.92
C UNK C 364 -169.70 7.01 157.17
N UNK C 365 -169.73 6.80 155.87
CA UNK C 365 -170.63 7.52 154.97
C UNK C 365 -172.07 7.32 155.40
N UNK C 366 -172.40 6.06 155.66
CA UNK C 366 -173.74 5.65 156.09
C UNK C 366 -174.12 6.39 157.37
N UNK C 367 -173.18 6.40 158.30
CA UNK C 367 -173.36 7.06 159.60
C UNK C 367 -173.67 8.54 159.40
N UNK C 368 -172.89 9.15 158.53
CA UNK C 368 -173.02 10.57 158.19
C UNK C 368 -174.43 10.85 157.67
N UNK C 369 -174.84 9.99 156.75
CA UNK C 369 -176.16 10.08 156.12
C UNK C 369 -177.26 10.04 157.18
N UNK C 370 -177.10 9.08 158.07
CA UNK C 370 -178.04 8.86 159.18
C UNK C 370 -178.16 10.13 160.03
N UNK C 371 -177.00 10.69 160.34
CA UNK C 371 -176.88 11.91 161.14
C UNK C 371 -177.65 13.05 160.47
N UNK C 372 -177.42 13.17 159.17
CA UNK C 372 -178.05 14.20 158.34
C UNK C 372 -179.57 14.07 158.40
N UNK C 373 -180.02 12.83 158.26
CA UNK C 373 -181.44 12.49 158.29
C UNK C 373 -182.05 12.94 159.63
N UNK C 374 -181.35 12.60 160.68
CA UNK C 374 -181.74 12.93 162.06
C UNK C 374 -181.92 14.44 162.21
N UNK C 375 -180.94 15.20 161.71
CA UNK C 375 -180.99 16.65 161.79
C UNK C 375 -182.23 17.21 161.11
N UNK C 376 -182.52 16.71 159.91
CA UNK C 376 -183.69 17.15 159.15
C UNK C 376 -184.98 16.93 159.94
N UNK C 377 -185.11 15.73 160.51
CA UNK C 377 -186.29 15.38 161.29
C UNK C 377 -186.48 16.35 162.46
N UNK C 378 -185.41 16.62 163.18
CA UNK C 378 -185.46 17.53 164.33
C UNK C 378 -185.96 18.91 163.90
N UNK C 379 -187.97 4.79 165.83
CA UNK C 379 -186.87 5.74 166.01
C UNK C 379 -185.58 5.16 166.63
N UNK C 380 -185.67 4.26 167.62
CA UNK C 380 -186.90 3.74 168.23
C UNK C 380 -187.56 2.62 167.42
N UNK C 381 -186.87 2.17 166.38
CA UNK C 381 -187.37 1.10 165.52
C UNK C 381 -186.48 -0.13 165.57
N UNK C 382 -187.09 -1.29 165.79
CA UNK C 382 -186.34 -2.54 165.86
C UNK C 382 -185.65 -2.85 164.54
N UNK C 383 -186.35 -2.59 163.44
CA UNK C 383 -185.81 -2.85 162.11
C UNK C 383 -184.47 -2.14 161.91
N UNK C 384 -184.53 -0.84 161.65
CA UNK C 384 -183.32 -0.05 161.45
C UNK C 384 -182.16 -0.66 162.24
N UNK C 385 -182.44 -1.10 163.45
CA UNK C 385 -181.42 -1.69 164.31
C UNK C 385 -180.70 -2.83 163.61
N UNK C 386 -181.39 -3.48 162.68
CA UNK C 386 -180.80 -4.59 161.93
C UNK C 386 -179.70 -4.10 161.01
N UNK C 387 -179.97 -3.04 160.27
CA UNK C 387 -178.99 -2.47 159.35
C UNK C 387 -177.71 -2.09 160.07
N UNK C 388 -177.85 -1.40 161.20
CA UNK C 388 -176.69 -0.97 162.00
C UNK C 388 -175.85 -2.18 162.39
N UNK C 389 -176.55 -3.18 162.88
CA UNK C 389 -175.95 -4.44 163.33
C UNK C 389 -175.16 -5.09 162.18
N UNK C 390 -175.82 -5.12 161.03
CA UNK C 390 -175.24 -5.69 159.80
C UNK C 390 -173.94 -4.97 159.46
N UNK C 391 -174.02 -3.65 159.51
CA UNK C 391 -172.89 -2.76 159.21
C UNK C 391 -171.70 -3.09 160.13
N UNK C 392 -172.04 -3.22 161.40
CA UNK C 392 -171.06 -3.52 162.46
C UNK C 392 -170.35 -4.85 162.14
N UNK C 393 -171.18 -5.82 161.79
CA UNK C 393 -170.70 -7.18 161.44
C UNK C 393 -169.72 -7.10 160.28
N UNK C 394 -170.11 -6.34 159.28
CA UNK C 394 -169.31 -6.14 158.06
C UNK C 394 -167.94 -5.55 158.44
N UNK C 395 -168.00 -4.54 159.28
CA UNK C 395 -166.80 -3.84 159.77
C UNK C 395 -165.85 -4.84 160.45
N UNK C 396 -166.45 -5.65 161.30
CA UNK C 396 -165.73 -6.66 162.07
C UNK C 396 -165.01 -7.62 161.12
N UNK C 397 -165.76 -8.05 160.12
CA UNK C 397 -165.26 -8.98 159.09
C UNK C 397 -164.04 -8.37 158.38
N UNK C 398 -164.19 -7.10 158.02
CA UNK C 398 -163.15 -6.33 157.34
C UNK C 398 -161.88 -6.31 158.19
N UNK C 399 -162.09 -6.02 159.46
CA UNK C 399 -161.01 -5.94 160.45
C UNK C 399 -160.25 -7.26 160.50
N UNK C 400 -161.03 -8.34 160.57
CA UNK C 400 -160.51 -9.71 160.63
C UNK C 400 -159.63 -9.98 159.42
N UNK C 401 -160.16 -9.61 158.26
CA UNK C 401 -159.48 -9.79 156.98
C UNK C 401 -158.13 -9.07 156.99
N UNK C 402 -158.18 -7.85 157.47
CA UNK C 402 -156.98 -6.98 157.58
C UNK C 402 -155.92 -7.66 158.44
N UNK C 403 -156.39 -8.17 159.57
CA UNK C 403 -155.54 -8.87 160.55
C UNK C 403 -154.84 -10.06 159.87
N UNK C 404 -155.65 -10.81 159.15
CA UNK C 404 -155.20 -12.00 158.43
C UNK C 404 -154.08 -11.62 157.44
N UNK C 405 -154.34 -10.56 156.71
CA UNK C 405 -153.42 -10.02 155.72
C UNK C 405 -152.08 -9.68 156.38
N UNK C 406 -152.19 -8.99 157.49
CA UNK C 406 -151.03 -8.56 158.29
C UNK C 406 -150.19 -9.77 158.69
N UNK C 407 -150.89 -10.78 159.18
CA UNK C 407 -150.29 -12.05 159.63
C UNK C 407 -149.50 -12.68 158.48
N UNK C 408 -150.12 -12.74 157.30
CA UNK C 408 -149.48 -13.32 156.13
C UNK C 408 -148.16 -12.61 155.81
N UNK C 409 -148.20 -11.28 155.81
CA UNK C 409 -147.02 -10.48 155.51
C UNK C 409 -145.88 -10.81 156.48
N UNK C 410 -146.20 -10.85 157.77
CA UNK C 410 -145.21 -11.15 158.79
C UNK C 410 -144.55 -12.50 158.54
N UNK C 411 -145.36 -13.52 158.25
CA UNK C 411 -144.86 -14.86 158.00
C UNK C 411 -143.88 -14.86 156.83
N UNK C 412 -144.05 -6.12 160.80
CA UNK C 412 -143.43 -5.70 162.05
C UNK C 412 -143.13 -4.20 162.03
N UNK C 413 -143.32 -3.53 163.16
CA UNK C 413 -143.03 -2.10 163.28
C UNK C 413 -141.53 -1.86 163.13
N UNK C 414 -140.75 -2.77 163.69
CA UNK C 414 -139.29 -2.77 163.59
C UNK C 414 -138.88 -2.99 162.16
N UNK C 415 -139.63 -3.87 161.50
CA UNK C 415 -139.45 -4.15 160.08
C UNK C 415 -139.74 -2.86 159.33
N UNK C 416 -140.78 -2.12 159.71
CA UNK C 416 -141.15 -0.86 159.11
C UNK C 416 -140.03 0.17 159.32
N UNK C 417 -139.38 0.17 160.47
CA UNK C 417 -138.25 1.09 160.72
C UNK C 417 -137.11 0.76 159.76
N UNK C 418 -136.90 -0.54 159.61
CA UNK C 418 -135.91 -1.08 158.70
C UNK C 418 -136.28 -0.70 157.28
N UNK C 419 -137.57 -0.76 156.98
CA UNK C 419 -138.22 -0.41 155.74
C UNK C 419 -138.06 1.06 155.44
N UNK C 420 -138.05 1.92 156.45
CA UNK C 420 -137.82 3.36 156.28
C UNK C 420 -136.40 3.53 155.76
N UNK C 421 -135.49 2.78 156.38
CA UNK C 421 -134.10 2.77 155.90
C UNK C 421 -134.06 2.20 154.45
N UNK C 422 -134.86 1.16 154.24
CA UNK C 422 -135.04 0.46 153.01
C UNK C 422 -135.60 1.38 151.94
N UNK C 423 -136.48 2.30 152.31
CA UNK C 423 -137.12 3.31 151.46
C UNK C 423 -136.06 4.26 150.96
N UNK C 424 -135.24 4.90 151.78
CA UNK C 424 -134.35 5.81 151.02
C UNK C 424 -133.37 5.01 150.17
N UNK C 425 -132.82 4.07 150.91
CA UNK C 425 -131.83 3.16 150.44
C UNK C 425 -132.41 2.32 149.37
N UNK C 426 -133.64 1.86 149.58
CA UNK C 426 -134.25 1.00 148.62
C UNK C 426 -134.37 1.68 147.28
N UNK C 427 -134.77 2.95 147.24
CA UNK C 427 -134.93 3.60 145.94
C UNK C 427 -133.62 3.66 145.22
N UNK C 428 -132.62 4.10 145.96
CA UNK C 428 -131.33 4.23 145.30
C UNK C 428 -130.80 2.88 144.81
N UNK C 429 -130.93 1.89 145.67
CA UNK C 429 -130.44 0.55 145.40
C UNK C 429 -131.12 -0.08 144.22
N UNK C 430 -132.42 0.12 144.16
CA UNK C 430 -133.18 -0.49 143.11
C UNK C 430 -132.72 0.05 141.78
N UNK C 431 -132.55 1.37 141.72
CA UNK C 431 -132.13 1.95 140.46
C UNK C 431 -130.76 1.39 140.04
N UNK C 432 -129.84 1.33 141.00
CA UNK C 432 -128.52 0.83 140.66
C UNK C 432 -128.52 -0.61 140.16
N UNK C 433 -129.26 -1.48 140.84
CA UNK C 433 -129.26 -2.87 140.44
C UNK C 433 -129.81 -3.04 139.05
N UNK C 434 -130.90 -2.32 138.78
CA UNK C 434 -131.53 -2.44 137.50
C UNK C 434 -130.58 -2.03 136.41
N UNK C 435 -129.92 -0.90 136.62
CA UNK C 435 -129.02 -0.40 135.62
C UNK C 435 -127.90 -1.37 135.36
N UNK C 436 -127.35 -1.92 136.43
CA UNK C 436 -126.25 -2.82 136.26
C UNK C 436 -126.62 -4.04 135.45
N UNK C 437 -127.74 -4.66 135.78
CA UNK C 437 -128.10 -5.86 135.03
C UNK C 437 -128.41 -5.50 133.60
N UNK C 438 -129.06 -4.36 133.49
CA UNK C 438 -129.66 -3.86 132.31
C UNK C 438 -128.56 -3.38 131.38
N UNK C 439 -127.55 -2.73 131.92
CA UNK C 439 -126.42 -2.25 131.13
C UNK C 439 -125.67 -3.39 130.49
N UNK C 440 -125.53 -4.50 131.19
CA UNK C 440 -124.86 -5.68 130.71
C UNK C 440 -125.63 -6.18 129.52
N UNK C 441 -126.95 -6.24 129.67
CA UNK C 441 -127.76 -6.64 128.55
C UNK C 441 -127.62 -5.68 127.36
N UNK C 442 -127.53 -4.37 127.63
CA UNK C 442 -127.37 -3.32 126.62
C UNK C 442 -126.06 -3.46 125.89
N UNK C 443 -125.07 -3.81 126.68
CA UNK C 443 -123.73 -4.07 126.25
C UNK C 443 -123.78 -5.27 125.35
N UNK C 444 -124.54 -6.29 125.72
CA UNK C 444 -124.71 -7.46 124.93
C UNK C 444 -125.37 -7.08 123.60
N UNK C 445 -126.33 -6.17 123.60
CA UNK C 445 -126.96 -5.73 122.34
C UNK C 445 -125.91 -5.08 121.44
N UNK C 446 -125.10 -4.24 122.07
CA UNK C 446 -124.03 -3.55 121.39
C UNK C 446 -123.01 -4.55 120.82
N UNK C 447 -122.73 -5.57 121.62
CA UNK C 447 -121.83 -6.67 121.36
C UNK C 447 -122.29 -7.47 120.18
N UNK C 448 -123.61 -7.65 120.10
CA UNK C 448 -124.25 -8.35 119.02
C UNK C 448 -123.97 -7.58 117.76
N UNK C 449 -124.12 -6.25 117.83
CA UNK C 449 -123.81 -5.43 116.67
C UNK C 449 -122.34 -5.61 116.27
N UNK C 450 -121.43 -5.63 117.26
CA UNK C 450 -120.02 -5.82 116.96
C UNK C 450 -119.69 -7.16 116.33
N UNK C 451 -120.34 -8.22 116.78
CA UNK C 451 -120.08 -9.55 116.26
C UNK C 451 -120.28 -9.58 114.75
N UNK C 452 -115.06 1.10 126.58
CA UNK C 452 -114.42 1.12 127.88
C UNK C 452 -114.57 -0.22 128.60
N UNK C 453 -114.15 -1.28 127.94
CA UNK C 453 -114.23 -2.62 128.52
C UNK C 453 -113.40 -2.72 129.79
N UNK C 454 -112.20 -2.12 129.75
CA UNK C 454 -111.32 -2.14 130.90
C UNK C 454 -111.95 -1.40 132.07
N UNK C 455 -112.59 -0.27 131.77
CA UNK C 455 -113.27 0.53 132.79
C UNK C 455 -114.43 -0.27 133.40
N UNK C 456 -115.14 -1.00 132.55
CA UNK C 456 -116.28 -1.81 133.00
C UNK C 456 -115.87 -2.74 134.14
N UNK C 457 -114.60 -3.14 134.15
CA UNK C 457 -114.08 -4.04 135.18
C UNK C 457 -114.07 -3.35 136.55
N UNK C 458 -113.56 -2.13 136.58
CA UNK C 458 -113.49 -1.36 137.82
C UNK C 458 -114.86 -1.19 138.45
N UNK C 459 -115.84 -0.81 137.62
CA UNK C 459 -117.22 -0.61 138.10
C UNK C 459 -117.74 -1.89 138.73
N UNK C 460 -117.52 -2.97 138.01
CA UNK C 460 -117.95 -4.32 138.43
C UNK C 460 -117.34 -4.66 139.79
N UNK C 461 -116.04 -4.40 139.87
CA UNK C 461 -115.26 -4.66 141.08
C UNK C 461 -115.85 -3.90 142.27
N UNK C 462 -116.14 -2.64 142.00
CA UNK C 462 -116.73 -1.72 143.00
C UNK C 462 -118.05 -2.28 143.52
N UNK C 463 -118.86 -2.71 142.56
CA UNK C 463 -120.18 -3.29 142.84
C UNK C 463 -120.03 -4.51 143.76
N UNK C 464 -119.09 -5.34 143.40
CA UNK C 464 -118.78 -6.58 144.14
C UNK C 464 -118.42 -6.23 145.59
N UNK C 465 -117.56 -5.25 145.71
CA UNK C 465 -117.09 -4.75 147.01
C UNK C 465 -118.27 -4.31 147.87
N UNK C 466 -119.13 -3.54 147.23
CA UNK C 466 -120.34 -3.00 147.87
C UNK C 466 -121.20 -4.14 148.41
N UNK C 467 -117.79 -12.17 152.03
CA UNK C 467 -117.60 -13.13 150.94
C UNK C 467 -116.44 -12.73 150.05
N UNK C 468 -115.26 -12.54 150.66
CA UNK C 468 -114.07 -12.16 149.92
C UNK C 468 -113.70 -13.24 148.91
N UNK C 469 -113.81 -14.49 149.34
CA UNK C 469 -113.47 -15.62 148.48
C UNK C 469 -114.42 -15.66 147.28
N UNK C 470 -115.70 -15.39 147.54
CA UNK C 470 -116.71 -15.38 146.50
C UNK C 470 -116.42 -14.26 145.50
N UNK C 471 -116.00 -13.11 146.03
CA UNK C 471 -115.69 -11.96 145.19
C UNK C 471 -114.69 -12.31 144.10
N UNK C 472 -113.85 -13.30 144.37
CA UNK C 472 -112.84 -13.74 143.41
C UNK C 472 -113.49 -14.39 142.20
N UNK C 473 -114.44 -15.30 142.46
CA UNK C 473 -115.14 -16.00 141.38
C UNK C 473 -115.84 -15.02 140.44
N UNK C 474 -116.54 -14.05 141.02
CA UNK C 474 -117.25 -13.04 140.22
C UNK C 474 -116.27 -12.30 139.31
N UNK C 475 -115.18 -11.90 139.93
CA UNK C 475 -114.10 -11.17 139.25
C UNK C 475 -113.57 -11.98 138.06
N UNK C 476 -113.34 -13.25 138.35
CA UNK C 476 -112.82 -14.22 137.37
C UNK C 476 -113.77 -14.30 136.18
N UNK C 477 -115.05 -14.42 136.52
CA UNK C 477 -116.13 -14.51 135.53
C UNK C 477 -116.11 -13.30 134.61
N UNK C 478 -116.00 -12.14 135.26
CA UNK C 478 -115.98 -10.85 134.58
C UNK C 478 -114.81 -10.81 133.57
N UNK C 479 -113.66 -11.25 134.06
CA UNK C 479 -112.42 -11.30 133.27
C UNK C 479 -112.64 -12.17 132.03
N UNK C 480 -113.23 -13.32 132.27
CA UNK C 480 -113.53 -14.30 131.21
C UNK C 480 -114.41 -13.66 130.13
N UNK C 481 -115.43 -12.98 130.61
CA UNK C 481 -116.40 -12.28 129.75
C UNK C 481 -115.68 -11.27 128.86
N UNK C 482 -126.74 -26.10 127.26
CA UNK C 482 -125.32 -26.34 127.05
C UNK C 482 -124.50 -25.73 128.17
N UNK C 483 -123.18 -25.70 127.97
CA UNK C 483 -122.24 -25.13 128.95
C UNK C 483 -122.51 -23.65 129.10
N UNK C 484 -122.77 -23.01 127.97
CA UNK C 484 -123.12 -21.62 127.94
C UNK C 484 -124.43 -21.41 128.69
N UNK C 485 -125.39 -22.33 128.52
CA UNK C 485 -126.67 -22.24 129.23
C UNK C 485 -126.46 -22.34 130.74
N UNK C 486 -125.54 -23.21 131.16
CA UNK C 486 -125.21 -23.38 132.57
C UNK C 486 -124.62 -22.08 133.11
N UNK C 487 -123.76 -21.48 132.30
CA UNK C 487 -123.13 -20.22 132.64
C UNK C 487 -124.20 -19.14 132.76
N UNK C 488 -125.20 -19.16 131.87
CA UNK C 488 -126.33 -18.24 131.84
C UNK C 488 -127.18 -18.37 133.09
N UNK C 489 -127.37 -19.60 133.56
CA UNK C 489 -128.12 -19.84 134.79
C UNK C 489 -127.34 -19.21 135.94
N UNK C 490 -126.01 -19.41 135.91
CA UNK C 490 -125.13 -18.85 136.89
C UNK C 490 -125.19 -17.32 136.85
N UNK C 491 -125.25 -16.75 135.66
CA UNK C 491 -125.33 -15.32 135.42
C UNK C 491 -126.60 -14.76 136.01
N UNK C 492 -127.68 -15.50 135.85
CA UNK C 492 -128.96 -15.11 136.39
C UNK C 492 -128.85 -15.09 137.91
N UNK C 493 -128.21 -16.11 138.46
CA UNK C 493 -127.99 -16.20 139.89
C UNK C 493 -127.12 -15.03 140.39
N UNK C 494 -126.13 -14.67 139.59
CA UNK C 494 -125.22 -13.58 139.87
C UNK C 494 -125.99 -12.29 139.92
N UNK C 495 -126.92 -12.11 138.98
CA UNK C 495 -127.77 -10.94 138.94
C UNK C 495 -128.60 -10.89 140.22
N UNK C 496 -129.12 -12.03 140.66
CA UNK C 496 -129.88 -12.09 141.90
C UNK C 496 -129.05 -11.53 143.06
N UNK C 497 -122.97 0.00 154.14
CA UNK C 497 -123.67 1.29 154.07
C UNK C 497 -122.98 2.23 153.08
N UNK C 498 -122.00 2.35 153.42
CA UNK C 498 -121.07 3.05 152.54
C UNK C 498 -120.77 2.25 151.28
N UNK C 499 -120.93 0.93 151.38
CA UNK C 499 -120.67 0.06 150.24
C UNK C 499 -121.63 0.38 149.11
N UNK C 500 -122.89 0.61 149.44
CA UNK C 500 -123.91 0.94 148.45
C UNK C 500 -123.56 2.25 147.75
N UNK C 501 -123.11 3.22 148.55
CA UNK C 501 -122.72 4.51 148.00
C UNK C 501 -121.55 4.36 147.04
N UNK C 502 -120.59 3.50 147.42
CA UNK C 502 -119.43 3.25 146.58
C UNK C 502 -119.87 2.61 145.28
N UNK C 503 -120.82 1.68 145.35
CA UNK C 503 -121.33 1.01 144.18
C UNK C 503 -122.00 2.03 143.26
N UNK C 504 -122.76 2.95 143.85
CA UNK C 504 -123.45 3.97 143.07
C UNK C 504 -122.42 4.85 142.36
N UNK C 505 -121.35 5.19 143.07
CA UNK C 505 -120.29 6.02 142.50
C UNK C 505 -119.65 5.30 141.33
N UNK C 506 -119.41 4.00 141.49
CA UNK C 506 -118.80 3.20 140.43
C UNK C 506 -119.71 3.17 139.20
N UNK C 507 -121.01 3.03 139.45
CA UNK C 507 -121.99 3.00 138.37
C UNK C 507 -121.97 4.32 137.62
N UNK C 508 -121.87 5.42 138.36
CA UNK C 508 -121.82 6.76 137.76
C UNK C 508 -120.57 6.90 136.90
N UNK C 509 -119.46 6.37 137.41
CA UNK C 509 -118.19 6.41 136.71
C UNK C 509 -118.26 5.62 135.40
N UNK C 510 -118.96 4.49 135.42
CA UNK C 510 -119.08 3.65 134.23
C UNK C 510 -120.09 4.15 133.19
N UNK C 511 -121.23 3.48 133.12
CA UNK C 511 -122.27 3.85 132.18
C UNK C 511 -121.76 4.92 131.23
N UNK C 512 -121.03 5.89 131.78
CA UNK C 512 -120.46 6.94 130.95
C UNK C 512 -119.54 6.28 129.94
N UNK C 513 -119.02 5.12 130.32
CA UNK C 513 -118.14 4.34 129.47
C UNK C 513 -118.92 3.64 128.36
N UNK C 514 -120.08 3.10 128.73
CA UNK C 514 -120.94 2.40 127.77
C UNK C 514 -121.40 3.37 126.68
N UNK C 515 -121.75 4.58 127.08
CA UNK C 515 -122.20 5.58 126.12
C UNK C 515 -121.14 5.78 125.06
N UNK C 516 -119.92 6.04 125.51
CA UNK C 516 -118.78 6.26 124.64
C UNK C 516 -118.64 5.13 123.64
N UNK C 517 -118.85 3.90 124.10
CA UNK C 517 -118.78 2.74 123.22
C UNK C 517 -119.82 2.90 122.13
N UNK C 518 -121.08 2.94 122.55
CA UNK C 518 -122.19 3.13 121.63
C UNK C 518 -121.75 3.95 120.41
N UNK C 519 -120.96 5.00 120.67
CA UNK C 519 -120.43 5.83 119.59
C UNK C 519 -119.51 5.01 118.70
N UNK C 520 -118.69 4.18 119.33
CA UNK C 520 -117.72 3.33 118.61
C UNK C 520 -118.42 2.35 117.68
N UNK C 521 -119.51 1.77 118.16
CA UNK C 521 -120.24 0.76 117.40
C UNK C 521 -120.78 1.34 116.11
N UNK C 522 -121.31 2.55 116.18
CA UNK C 522 -121.81 3.22 114.99
C UNK C 522 -120.67 3.46 114.01
N UNK C 523 -119.52 3.86 114.55
CA UNK C 523 -118.33 4.08 113.74
C UNK C 523 -117.85 2.78 113.10
N UNK C 524 -117.91 1.70 113.87
CA UNK C 524 -117.47 0.40 113.39
C UNK C 524 -118.35 -0.07 112.24
N UNK C 525 -119.65 0.15 112.37
CA UNK C 525 -120.59 -0.18 111.30
C UNK C 525 -120.29 0.65 110.07
N UNK C 526 -119.99 1.94 110.29
CA UNK C 526 -119.65 2.84 109.21
C UNK C 526 -118.38 2.42 108.50
N UNK C 527 -117.39 1.98 109.28
CA UNK C 527 -116.13 1.53 108.71
C UNK C 527 -116.33 0.31 107.83
N UNK C 528 -117.18 -0.60 108.29
CA UNK C 528 -117.53 -1.78 107.51
C UNK C 528 -118.24 -1.37 106.23
N UNK C 529 -119.13 -0.40 106.35
CA UNK C 529 -119.89 0.10 105.21
C UNK C 529 -118.98 0.71 104.16
N UNK C 530 -117.99 1.47 104.60
CA UNK C 530 -117.06 2.12 103.68
C UNK C 530 -116.30 1.08 102.87
N UNK C 531 -115.81 0.07 103.58
CA UNK C 531 -115.02 -1.02 103.03
C UNK C 531 -115.83 -1.90 102.11
N UNK C 532 -116.92 -2.46 102.62
CA UNK C 532 -117.79 -3.31 101.82
C UNK C 532 -118.39 -2.47 100.69
N UNK C 533 -118.82 -1.26 101.05
CA UNK C 533 -119.38 -0.34 100.08
C UNK C 533 -118.32 0.01 99.04
N UNK C 534 -117.08 0.22 99.47
CA UNK C 534 -116.01 0.55 98.55
C UNK C 534 -115.77 -0.59 97.56
N UNK C 535 -115.81 -1.83 98.06
CA UNK C 535 -115.62 -3.00 97.22
C UNK C 535 -116.74 -3.08 96.19
N UNK C 536 -117.96 -2.80 96.65
CA UNK C 536 -119.13 -2.82 95.80
C UNK C 536 -119.00 -1.76 94.71
N UNK C 537 -118.49 -0.59 95.09
CA UNK C 537 -118.29 0.53 94.16
C UNK C 537 -117.27 0.13 93.11
N UNK C 538 -116.22 -0.57 93.52
CA UNK C 538 -115.19 -1.03 92.60
C UNK C 538 -115.82 -2.00 91.61
N UNK C 539 -116.66 -2.89 92.12
CA UNK C 539 -117.34 -3.86 91.28
C UNK C 539 -118.24 -3.15 90.28
N UNK C 540 -118.94 -2.11 90.74
CA UNK C 540 -119.83 -1.34 89.89
C UNK C 540 -119.05 -0.66 88.78
N UNK C 541 -117.88 -0.13 89.12
CA UNK C 541 -117.04 0.53 88.14
C UNK C 541 -116.59 -0.49 87.09
N UNK C 542 -116.24 -1.68 87.55
CA UNK C 542 -115.82 -2.74 86.64
C UNK C 542 -116.96 -3.12 85.71
N UNK C 543 -118.18 -3.19 86.25
CA UNK C 543 -119.37 -3.53 85.48
C UNK C 543 -119.61 -2.46 84.41
N UNK C 544 -119.42 -1.20 84.80
CA UNK C 544 -119.60 -0.09 83.89
C UNK C 544 -118.59 -0.20 82.75
N UNK C 545 -117.35 -0.57 83.10
CA UNK C 545 -116.30 -0.73 82.11
C UNK C 545 -116.66 -1.86 81.15
N UNK C 546 -117.20 -2.94 81.69
CA UNK C 546 -117.59 -4.10 80.88
C UNK C 546 -119.05 -4.00 80.44
N UNK C 547 -113.12 4.18 87.86
CA UNK C 547 -111.90 4.47 87.13
C UNK C 547 -110.80 4.93 88.06
N UNK C 548 -109.72 5.47 87.49
CA UNK C 548 -108.60 5.94 88.28
C UNK C 548 -109.04 7.09 89.19
N UNK C 549 -109.86 7.98 88.65
CA UNK C 549 -110.38 9.11 89.41
C UNK C 549 -111.24 8.60 90.56
N UNK C 550 -112.04 7.56 90.30
CA UNK C 550 -112.88 6.96 91.32
C UNK C 550 -112.02 6.37 92.42
N UNK C 551 -110.92 5.72 92.03
CA UNK C 551 -109.98 5.13 92.97
C UNK C 551 -109.38 6.21 93.84
N UNK C 552 -109.03 7.34 93.22
CA UNK C 552 -108.46 8.46 93.94
C UNK C 552 -109.46 9.01 94.95
N UNK C 553 -110.73 9.07 94.54
CA UNK C 553 -111.80 9.55 95.41
C UNK C 553 -111.94 8.62 96.61
N UNK C 554 -111.86 7.33 96.35
CA UNK C 554 -111.95 6.32 97.40
C UNK C 554 -110.79 6.50 98.38
N UNK C 555 -109.60 6.76 97.84
CA UNK C 555 -108.42 6.96 98.65
C UNK C 555 -108.60 8.19 99.53
N UNK C 556 -109.18 9.25 98.96
CA UNK C 556 -109.44 10.47 99.70
C UNK C 556 -110.41 10.21 100.84
N UNK C 557 -111.43 9.40 100.56
CA UNK C 557 -112.42 9.03 101.56
C UNK C 557 -111.75 8.25 102.68
N UNK C 558 -110.84 7.36 102.32
CA UNK C 558 -110.08 6.56 103.26
C UNK C 558 -109.23 7.46 104.14
N UNK C 559 -108.54 8.38 103.46
CA UNK C 559 -107.65 9.34 104.08
C UNK C 559 -108.52 10.23 104.92
N UNK C 560 -109.50 10.81 104.22
CA UNK C 560 -110.52 11.65 104.81
C UNK C 560 -111.23 10.76 105.79
N UNK C 561 -111.58 9.55 105.34
CA UNK C 561 -112.21 8.56 106.21
C UNK C 561 -111.20 8.19 107.29
N UNK C 562 -109.94 8.01 106.91
CA UNK C 562 -108.87 7.68 107.84
C UNK C 562 -108.70 8.79 108.85
N UNK C 563 -108.76 10.04 108.36
CA UNK C 563 -108.63 11.22 109.22
C UNK C 563 -109.77 11.26 110.24
N UNK C 564 -110.97 10.92 109.77
CA UNK C 564 -112.17 10.89 110.59
C UNK C 564 -112.01 9.83 111.67
N UNK C 565 -111.44 8.69 111.29
CA UNK C 565 -111.20 7.60 112.20
C UNK C 565 -110.21 8.05 113.27
N UNK C 566 -109.19 8.79 112.86
CA UNK C 566 -108.21 9.31 113.80
C UNK C 566 -108.88 10.25 114.79
N UNK C 567 -109.78 11.10 114.29
CA UNK C 567 -110.50 12.03 115.16
C UNK C 567 -111.35 11.26 116.17
N UNK C 568 -111.99 10.20 115.70
CA UNK C 568 -112.83 9.37 116.54
C UNK C 568 -111.99 8.70 117.63
N UNK C 569 -110.79 8.26 117.26
CA UNK C 569 -109.87 7.62 118.18
C UNK C 569 -109.44 8.62 119.25
N UNK C 570 -109.21 9.87 118.82
CA UNK C 570 -108.83 10.93 119.73
C UNK C 570 -109.96 11.18 120.72
N UNK C 571 -111.20 11.16 120.21
CA UNK C 571 -112.37 11.35 121.06
C UNK C 571 -112.47 10.22 122.09
N UNK C 572 -112.19 9.00 121.64
CA UNK C 572 -112.23 7.83 122.50
C UNK C 572 -110.88 7.58 123.17
N UNK C 573 -101.89 -1.83 121.87
CA UNK C 573 -103.12 -2.60 122.08
C UNK C 573 -104.19 -2.21 121.06
N UNK C 574 -105.08 -1.31 121.46
CA UNK C 574 -106.15 -0.86 120.60
C UNK C 574 -105.60 -0.15 119.36
N UNK C 575 -104.57 0.66 119.56
CA UNK C 575 -103.95 1.39 118.47
C UNK C 575 -103.35 0.39 117.49
N UNK C 576 -102.72 -0.64 118.05
CA UNK C 576 -102.09 -1.68 117.24
C UNK C 576 -103.16 -2.38 116.41
N UNK C 577 -104.31 -2.64 117.04
CA UNK C 577 -105.42 -3.31 116.36
C UNK C 577 -105.93 -2.44 115.21
N UNK C 578 -106.01 -1.13 115.44
CA UNK C 578 -106.47 -0.22 114.42
C UNK C 578 -105.49 -0.23 113.25
N UNK C 579 -104.21 -0.25 113.58
CA UNK C 579 -103.16 -0.28 112.57
C UNK C 579 -103.29 -1.55 111.74
N UNK C 580 -103.58 -2.65 112.42
CA UNK C 580 -103.74 -3.94 111.77
C UNK C 580 -104.93 -3.90 110.82
N UNK C 581 -106.01 -3.26 111.25
CA UNK C 581 -107.20 -3.15 110.41
C UNK C 581 -106.86 -2.34 109.17
N UNK C 582 -106.09 -1.28 109.35
CA UNK C 582 -105.69 -0.43 108.24
C UNK C 582 -104.85 -1.23 107.26
N UNK C 583 -103.93 -2.03 107.79
CA UNK C 583 -103.07 -2.87 106.98
C UNK C 583 -103.86 -3.95 106.24
N UNK C 584 -104.76 -4.60 106.98
CA UNK C 584 -105.57 -5.69 106.43
C UNK C 584 -106.50 -5.23 105.32
N UNK C 585 -107.12 -4.07 105.52
CA UNK C 585 -108.02 -3.53 104.53
C UNK C 585 -107.16 -3.30 103.30
N UNK C 586 -105.94 -2.83 103.55
CA UNK C 586 -105.00 -2.56 102.49
C UNK C 586 -104.68 -3.86 101.75
N UNK C 587 -104.51 -4.95 102.49
CA UNK C 587 -104.21 -6.24 101.87
C UNK C 587 -105.34 -6.69 100.96
N UNK C 588 -106.58 -6.51 101.43
CA UNK C 588 -107.74 -6.91 100.64
C UNK C 588 -107.77 -6.07 99.37
N UNK C 589 -107.47 -4.79 99.54
CA UNK C 589 -107.46 -3.86 98.43
C UNK C 589 -106.42 -4.29 97.41
N UNK C 590 -105.26 -4.72 97.89
CA UNK C 590 -104.18 -5.17 97.04
C UNK C 590 -104.60 -6.39 96.25
N UNK C 591 -105.30 -7.31 96.90
CA UNK C 591 -105.76 -8.51 96.20
C UNK C 591 -106.73 -8.11 95.10
N UNK C 592 -107.62 -7.17 95.43
CA UNK C 592 -108.61 -6.71 94.46
C UNK C 592 -107.92 -6.06 93.28
N UNK C 593 -106.87 -5.30 93.58
CA UNK C 593 -106.08 -4.60 92.57
C UNK C 593 -105.41 -5.60 91.64
N UNK C 594 -104.88 -6.67 92.22
CA UNK C 594 -104.22 -7.70 91.42
C UNK C 594 -105.26 -8.31 90.48
N UNK C 595 -106.44 -8.56 91.01
CA UNK C 595 -107.50 -9.15 90.20
C UNK C 595 -107.85 -8.21 89.04
N UNK C 596 -107.92 -6.92 89.34
CA UNK C 596 -108.23 -5.92 88.32
C UNK C 596 -107.17 -5.86 87.24
N UNK C 597 -105.91 -5.95 87.66
CA UNK C 597 -104.77 -5.91 86.76
C UNK C 597 -104.88 -7.10 85.83
N UNK C 598 -105.29 -8.22 86.40
CA UNK C 598 -105.46 -9.44 85.63
C UNK C 598 -106.55 -9.25 84.59
N UNK C 599 -107.60 -8.52 84.96
CA UNK C 599 -108.71 -8.27 84.05
C UNK C 599 -108.30 -7.35 82.91
N UNK C 600 -107.40 -6.40 83.21
CA UNK C 600 -106.93 -5.46 82.20
C UNK C 600 -106.21 -6.20 81.08
N UNK C 601 -105.40 -7.18 81.46
CA UNK C 601 -104.65 -7.96 80.47
C UNK C 601 -105.62 -8.71 79.57
N UNK C 602 -106.67 -9.27 80.16
CA UNK C 602 -107.67 -10.00 79.41
C UNK C 602 -108.37 -9.07 78.43
N UNK C 603 -108.67 -7.85 78.89
CA UNK C 603 -109.32 -6.87 78.04
C UNK C 603 -108.44 -6.51 76.86
N UNK C 604 -107.14 -6.37 77.14
CA UNK C 604 -106.17 -6.05 76.09
C UNK C 604 -106.12 -7.17 75.06
N UNK C 605 -106.16 -8.42 75.55
CA UNK C 605 -106.13 -9.58 74.68
C UNK C 605 -107.38 -9.59 73.79
N UNK C 606 -108.52 -9.25 74.37
CA UNK C 606 -109.77 -9.21 73.64
C UNK C 606 -109.70 -8.14 72.55
N UNK C 607 -109.11 -7.00 72.89
CA UNK C 607 -108.96 -5.90 71.94
C UNK C 607 -108.06 -6.34 70.78
N UNK C 608 -107.01 -7.07 71.10
CA UNK C 608 -106.07 -7.55 70.08
C UNK C 608 -106.62 -8.76 69.35
N UNK C 609 -79.07 2.04 51.09
CA UNK C 609 -78.33 3.30 51.33
C UNK C 609 -79.08 4.29 52.21
N UNK C 610 -79.24 5.52 51.73
CA UNK C 610 -79.96 6.57 52.45
C UNK C 610 -81.41 6.19 52.63
N UNK C 611 -81.99 5.56 51.61
CA UNK C 611 -83.37 5.09 51.67
C UNK C 611 -83.47 4.01 52.75
N UNK C 612 -82.48 3.13 52.83
CA UNK C 612 -82.46 2.12 53.88
C UNK C 612 -82.37 2.80 55.22
N UNK C 613 -81.56 3.85 55.33
CA UNK C 613 -81.44 4.58 56.56
C UNK C 613 -82.79 5.18 56.96
N UNK C 614 -83.54 5.75 56.01
CA UNK C 614 -84.86 6.32 56.29
C UNK C 614 -85.84 5.26 56.75
N UNK C 615 -85.73 4.09 56.11
CA UNK C 615 -86.55 2.92 56.42
C UNK C 615 -86.26 2.46 57.83
N UNK C 616 -84.98 2.48 58.15
CA UNK C 616 -84.43 2.16 59.43
C UNK C 616 -84.93 3.15 60.45
N UNK C 617 -85.05 4.42 60.10
CA UNK C 617 -85.56 5.45 60.99
C UNK C 617 -86.99 5.11 61.35
N UNK C 618 -87.78 4.71 60.35
CA UNK C 618 -89.16 4.33 60.66
C UNK C 618 -89.17 3.08 61.57
N UNK C 619 -88.27 2.15 61.27
CA UNK C 619 -88.10 0.94 62.05
C UNK C 619 -87.67 1.37 63.45
N UNK C 620 -86.80 2.37 63.51
CA UNK C 620 -86.32 2.92 64.78
C UNK C 620 -87.50 3.52 65.54
N UNK C 621 -88.38 4.22 64.81
CA UNK C 621 -89.59 4.80 65.39
C UNK C 621 -90.48 3.67 65.90
N UNK C 622 -90.58 2.61 65.11
CA UNK C 622 -91.35 1.43 65.50
C UNK C 622 -90.71 0.80 66.74
N UNK C 623 -89.38 0.74 66.75
CA UNK C 623 -88.63 0.22 67.89
C UNK C 623 -88.87 1.14 69.08
N UNK C 624 -88.86 2.45 68.83
CA UNK C 624 -89.13 3.45 69.85
C UNK C 624 -90.57 3.29 70.35
N UNK C 625 -91.48 3.03 69.41
CA UNK C 625 -92.89 2.80 69.72
C UNK C 625 -93.01 1.55 70.58
N UNK C 626 -92.25 0.52 70.25
CA UNK C 626 -92.24 -0.72 71.02
C UNK C 626 -91.73 -0.42 72.43
N UNK C 627 -90.68 0.40 72.52
CA UNK C 627 -90.13 0.84 73.80
C UNK C 627 -91.18 1.66 74.54
N UNK C 628 -91.87 2.52 73.79
CA UNK C 628 -92.95 3.35 74.32
C UNK C 628 -94.09 2.47 74.80
N UNK C 629 -94.37 1.41 74.04
CA UNK C 629 -95.42 0.45 74.37
C UNK C 629 -95.07 -0.23 75.69
N UNK C 630 -93.80 -0.58 75.87
CA UNK C 630 -93.33 -1.20 77.11
C UNK C 630 -93.54 -0.20 78.25
N UNK C 631 -93.21 1.06 78.00
CA UNK C 631 -93.41 2.12 78.98
C UNK C 631 -94.91 2.29 79.22
N UNK C 632 -95.69 2.23 78.14
CA UNK C 632 -97.14 2.31 78.21
C UNK C 632 -97.69 1.13 79.01
N UNK C 633 -97.10 -0.05 78.78
CA UNK C 633 -97.48 -1.27 79.50
C UNK C 633 -97.20 -1.08 80.99
N UNK C 634 -96.06 -0.48 81.31
CA UNK C 634 -95.71 -0.21 82.69
C UNK C 634 -96.81 0.74 83.16
N UNK C 635 -97.18 1.66 82.27
CA UNK C 635 -98.27 2.60 82.57
C UNK C 635 -98.18 3.03 84.02
N UNK C 636 -99.31 2.99 84.72
CA UNK C 636 -99.69 1.97 85.71
C UNK C 636 -100.89 2.46 86.49
N UNK C 637 -101.09 1.90 87.69
CA UNK C 637 -102.20 2.34 88.51
C UNK C 637 -101.78 3.56 89.32
N UNK C 638 -102.41 4.70 89.04
CA UNK C 638 -102.10 5.96 89.70
C UNK C 638 -102.42 5.98 91.19
N UNK C 639 -103.55 5.39 91.55
CA UNK C 639 -104.01 5.32 92.93
C UNK C 639 -103.06 4.54 93.84
N UNK C 640 -102.51 3.46 93.31
CA UNK C 640 -101.53 2.70 94.08
C UNK C 640 -100.41 3.60 94.62
N UNK C 641 -100.38 4.85 94.16
CA UNK C 641 -99.37 5.79 94.56
C UNK C 641 -99.43 6.04 96.04
N UNK C 642 -100.63 6.19 96.61
CA UNK C 642 -100.69 6.48 98.04
C UNK C 642 -100.10 5.36 98.87
N UNK C 643 -100.46 4.12 98.56
CA UNK C 643 -99.95 2.99 99.32
C UNK C 643 -98.45 2.86 99.15
N UNK C 644 -98.00 3.08 97.92
CA UNK C 644 -96.58 2.98 97.62
C UNK C 644 -95.80 4.03 98.39
N UNK C 645 -96.36 5.22 98.43
CA UNK C 645 -95.78 6.36 99.10
C UNK C 645 -95.70 6.06 100.58
N UNK C 646 -96.75 5.47 101.13
CA UNK C 646 -96.75 5.13 102.54
C UNK C 646 -95.63 4.17 102.82
N UNK C 647 -95.48 3.15 101.98
CA UNK C 647 -94.42 2.19 102.20
C UNK C 647 -93.06 2.85 102.15
N UNK C 648 -92.88 3.72 101.15
CA UNK C 648 -91.60 4.40 100.97
C UNK C 648 -91.28 5.31 102.15
N UNK C 649 -92.30 6.00 102.64
CA UNK C 649 -92.15 6.93 103.76
C UNK C 649 -91.76 6.16 104.99
N UNK C 650 -92.38 4.99 105.18
CA UNK C 650 -92.07 4.15 106.31
C UNK C 650 -90.63 3.70 106.22
N UNK C 651 -90.23 3.31 105.00
CA UNK C 651 -88.89 2.86 104.70
C UNK C 651 -88.44 1.79 105.70
N UNK C 652 -108.37 0.56 79.51
CA UNK C 652 -108.29 -0.30 78.31
C UNK C 652 -108.31 0.56 77.04
N UNK C 653 -109.26 1.48 77.04
CA UNK C 653 -109.46 2.43 75.94
C UNK C 653 -108.18 3.22 75.68
N UNK C 654 -107.62 3.72 76.78
CA UNK C 654 -106.39 4.52 76.77
C UNK C 654 -105.26 3.72 76.14
N UNK C 655 -105.16 2.48 76.58
CA UNK C 655 -104.13 1.54 76.10
C UNK C 655 -104.25 1.36 74.59
N UNK C 656 -105.48 1.15 74.17
CA UNK C 656 -105.83 0.95 72.76
C UNK C 656 -105.36 2.15 71.93
N UNK C 657 -105.69 3.32 72.46
CA UNK C 657 -105.34 4.61 71.84
C UNK C 657 -103.83 4.71 71.65
N UNK C 658 -103.14 4.37 72.72
CA UNK C 658 -101.67 4.39 72.76
C UNK C 658 -101.09 3.49 71.66
N UNK C 659 -101.66 2.31 71.59
CA UNK C 659 -101.26 1.29 70.61
C UNK C 659 -101.42 1.84 69.19
N UNK C 660 -102.57 2.45 68.97
CA UNK C 660 -102.93 3.05 67.68
C UNK C 660 -101.89 4.10 67.29
N UNK C 661 -101.57 4.94 68.27
CA UNK C 661 -100.60 6.02 68.10
C UNK C 661 -99.24 5.45 67.67
N UNK C 662 -98.86 4.40 68.39
CA UNK C 662 -97.59 3.69 68.14
C UNK C 662 -97.54 3.19 66.69
N UNK C 663 -98.65 2.57 66.31
CA UNK C 663 -98.82 2.00 64.96
C UNK C 663 -98.62 3.10 63.91
N UNK C 664 -99.29 4.21 64.17
CA UNK C 664 -99.24 5.38 63.28
C UNK C 664 -97.80 5.85 63.11
N UNK C 665 -97.11 5.94 64.23
CA UNK C 665 -95.71 6.37 64.30
C UNK C 665 -94.85 5.46 63.42
N UNK C 666 -96.38 -10.74 83.69
CA UNK C 666 -95.58 -11.63 82.85
C UNK C 666 -96.31 -11.97 81.55
N UNK C 667 -97.62 -12.20 81.66
CA UNK C 667 -98.41 -12.54 80.49
C UNK C 667 -98.41 -11.39 79.49
N UNK C 668 -98.52 -10.17 80.00
CA UNK C 668 -98.51 -8.99 79.14
C UNK C 668 -97.17 -8.87 78.41
N UNK C 669 -96.09 -9.14 79.14
CA UNK C 669 -94.76 -9.08 78.55
C UNK C 669 -94.63 -10.13 77.46
N UNK C 670 -95.17 -11.33 77.70
CA UNK C 670 -95.13 -12.40 76.73
C UNK C 670 -95.89 -11.99 75.47
N UNK C 671 -97.04 -11.35 75.66
CA UNK C 671 -97.86 -10.89 74.55
C UNK C 671 -97.09 -9.86 73.73
N UNK C 672 -96.40 -8.96 74.43
CA UNK C 672 -95.60 -7.94 73.76
C UNK C 672 -94.50 -8.58 72.94
N UNK C 673 -93.86 -9.60 73.51
CA UNK C 673 -92.80 -10.31 72.81
C UNK C 673 -93.34 -10.98 71.55
N UNK C 674 -94.54 -11.55 71.66
CA UNK C 674 -95.18 -12.21 70.53
C UNK C 674 -95.47 -11.18 69.44
N UNK C 675 -95.93 -10.00 69.84
CA UNK C 675 -96.23 -8.94 68.90
C UNK C 675 -94.95 -8.51 68.18
N UNK C 676 -93.86 -8.42 68.93
CA UNK C 676 -92.58 -8.03 68.37
C UNK C 676 -92.13 -9.07 67.34
N UNK C 677 -92.33 -10.35 67.67
CA UNK C 677 -91.96 -11.43 66.77
C UNK C 677 -92.78 -11.35 65.49
N UNK C 678 -94.06 -11.04 65.62
CA UNK C 678 -94.95 -10.90 64.49
C UNK C 678 -94.49 -9.76 63.59
N UNK C 679 -94.07 -8.66 64.21
CA UNK C 679 -93.61 -7.48 63.49
C UNK C 679 -92.36 -7.81 62.67
N UNK C 680 -91.37 -8.39 63.32
CA UNK C 680 -90.12 -8.74 62.66
C UNK C 680 -90.40 -9.59 61.43
N UNK C 681 -91.35 -10.51 61.54
CA UNK C 681 -91.71 -11.38 60.43
C UNK C 681 -92.07 -10.57 59.20
N UNK C 682 -92.92 -9.57 59.37
CA UNK C 682 -93.34 -8.72 58.26
C UNK C 682 -92.31 -7.62 57.98
N UNK C 683 -92.13 -6.74 58.95
CA UNK C 683 -91.18 -5.64 58.82
C UNK C 683 -89.91 -6.22 58.21
N UNK C 684 -89.53 -7.41 58.67
CA UNK C 684 -88.40 -8.14 58.15
C UNK C 684 -88.65 -8.46 56.68
N UNK C 685 -89.88 -8.82 56.30
CA UNK C 685 -90.17 -9.09 54.90
C UNK C 685 -89.94 -7.84 54.08
N UNK C 686 -90.39 -6.69 54.59
CA UNK C 686 -90.19 -5.42 53.87
C UNK C 686 -88.69 -5.10 53.74
N UNK C 687 -87.95 -5.39 54.80
CA UNK C 687 -86.50 -5.18 54.88
C UNK C 687 -85.79 -6.07 53.87
N UNK C 688 -86.30 -7.29 53.74
CA UNK C 688 -85.81 -8.29 52.81
C UNK C 688 -86.01 -7.77 51.40
N UNK C 689 -87.16 -7.14 51.16
CA UNK C 689 -87.42 -6.54 49.86
C UNK C 689 -86.37 -5.45 49.58
N UNK C 690 -86.07 -4.63 50.58
CA UNK C 690 -85.06 -3.59 50.39
C UNK C 690 -83.68 -4.19 50.05
N UNK C 691 -83.34 -5.28 50.74
CA UNK C 691 -82.07 -5.98 50.52
C UNK C 691 -82.00 -6.55 49.10
N UNK C 692 -83.14 -7.07 48.65
CA UNK C 692 -83.29 -7.63 47.32
C UNK C 692 -83.07 -6.53 46.29
N UNK C 693 -83.60 -5.34 46.57
CA UNK C 693 -83.44 -4.18 45.70
C UNK C 693 -81.95 -3.84 45.61
N UNK C 694 -81.27 -3.90 46.75
CA UNK C 694 -79.83 -3.68 46.77
C UNK C 694 -79.01 -4.71 45.95
N UNK C 695 -79.34 -6.00 46.01
CA UNK C 695 -78.52 -6.98 45.25
C UNK C 695 -78.52 -6.76 43.73
N UNK C 696 -79.71 -6.55 43.19
CA UNK C 696 -80.01 -6.16 41.82
C UNK C 696 -78.88 -5.30 41.28
N UNK C 697 -78.39 -4.38 42.11
CA UNK C 697 -77.28 -3.54 41.69
C UNK C 697 -76.04 -4.39 41.41
N UNK C 698 -75.79 -5.36 42.29
CA UNK C 698 -74.67 -6.26 42.12
C UNK C 698 -74.81 -7.08 40.84
N UNK C 699 -76.03 -7.52 40.57
CA UNK C 699 -76.35 -8.31 39.38
C UNK C 699 -76.12 -7.48 38.13
N UNK C 700 -76.48 -6.20 38.20
CA UNK C 700 -76.30 -5.28 37.09
C UNK C 700 -74.81 -5.13 36.83
N UNK C 701 -74.03 -5.03 37.92
CA UNK C 701 -72.58 -4.94 37.80
C UNK C 701 -72.03 -6.21 37.15
N UNK C 702 -72.58 -7.35 37.56
CA UNK C 702 -72.18 -8.65 37.03
C UNK C 702 -72.48 -8.75 35.55
N UNK C 703 -73.61 -8.20 35.14
CA UNK C 703 -74.02 -8.21 33.75
C UNK C 703 -73.62 -6.90 33.10
N UNK C 704 -105.54 -6.98 64.92
CA UNK C 704 -104.54 -6.56 63.94
C UNK C 704 -104.39 -5.04 63.92
N UNK C 705 -104.30 -4.43 65.10
CA UNK C 705 -104.11 -2.99 65.23
C UNK C 705 -102.77 -2.59 64.62
N UNK C 706 -101.77 -3.41 64.91
CA UNK C 706 -100.44 -3.26 64.38
C UNK C 706 -100.49 -3.42 62.86
N UNK C 707 -101.29 -4.37 62.38
CA UNK C 707 -101.46 -4.59 60.95
C UNK C 707 -102.06 -3.34 60.31
N UNK C 708 -103.04 -2.72 60.96
CA UNK C 708 -103.66 -1.50 60.44
C UNK C 708 -102.64 -0.37 60.36
N UNK C 709 -101.80 -0.29 61.39
CA UNK C 709 -100.74 0.72 61.43
C UNK C 709 -99.76 0.49 60.28
N UNK C 710 -99.46 -0.78 60.05
CA UNK C 710 -98.58 -1.23 59.00
C UNK C 710 -99.18 -0.87 57.65
N UNK C 711 -100.49 -1.01 57.50
CA UNK C 711 -101.19 -0.67 56.27
C UNK C 711 -101.03 0.82 55.99
N UNK C 712 -101.17 1.63 57.05
CA UNK C 712 -100.99 3.07 56.87
C UNK C 712 -99.56 3.37 56.42
N UNK C 713 -98.61 2.68 57.05
CA UNK C 713 -97.20 2.83 56.72
C UNK C 713 -96.92 2.40 55.28
N UNK C 714 -97.59 1.34 54.83
CA UNK C 714 -97.48 0.78 53.50
C UNK C 714 -97.98 1.79 52.49
N UNK C 715 -99.06 2.47 52.85
CA UNK C 715 -99.62 3.51 52.00
C UNK C 715 -98.57 4.61 51.87
N UNK C 716 -97.93 4.97 52.99
CA UNK C 716 -96.87 5.96 52.98
C UNK C 716 -95.67 5.52 52.13
N UNK C 717 -95.32 4.24 52.19
CA UNK C 717 -94.16 3.71 51.48
C UNK C 717 -94.39 2.79 50.28
N UNK C 718 -94.48 1.47 50.50
CA UNK C 718 -94.63 0.59 49.34
C UNK C 718 -94.49 1.41 48.07
N UNK C 719 -95.09 2.60 48.06
CA UNK C 719 -95.01 3.47 46.90
C UNK C 719 -93.57 3.88 46.65
N UNK C 720 -92.85 4.17 47.73
CA UNK C 720 -91.46 4.56 47.62
C UNK C 720 -90.65 3.42 47.03
N UNK C 721 -90.94 2.20 47.48
CA UNK C 721 -90.25 1.02 46.99
C UNK C 721 -90.51 0.81 45.50
N UNK C 722 -91.76 1.06 45.10
CA UNK C 722 -92.18 0.90 43.71
C UNK C 722 -91.29 1.69 42.76
N UNK C 723 -91.34 3.01 42.87
CA UNK C 723 -90.54 3.86 42.01
C UNK C 723 -89.21 3.19 41.70
N UNK C 724 -88.63 2.57 42.72
CA UNK C 724 -87.35 1.88 42.57
C UNK C 724 -87.52 0.72 41.60
N UNK C 725 -88.63 0.01 41.72
CA UNK C 725 -88.91 -1.12 40.85
C UNK C 725 -89.03 -0.64 39.41
N UNK C 726 -89.70 0.50 39.24
CA UNK C 726 -89.89 1.08 37.92
C UNK C 726 -88.55 1.41 37.25
N UNK C 727 -87.74 2.20 37.93
CA UNK C 727 -86.43 2.59 37.39
C UNK C 727 -85.54 1.37 37.22
N UNK C 728 -85.57 0.47 38.19
CA UNK C 728 -84.76 -0.74 38.12
C UNK C 728 -85.19 -1.59 36.93
N UNK C 729 -86.51 -1.67 36.73
CA UNK C 729 -87.05 -2.44 35.62
C UNK C 729 -86.54 -1.86 34.32
N UNK C 730 -86.50 -0.53 34.25
CA UNK C 730 -86.03 0.15 33.05
C UNK C 730 -84.57 -0.17 32.77
N UNK C 731 -83.75 -0.21 33.83
CA UNK C 731 -82.33 -0.51 33.68
C UNK C 731 -82.16 -1.92 33.14
N UNK C 732 -82.97 -2.85 33.66
CA UNK C 732 -82.91 -4.24 33.23
C UNK C 732 -83.29 -4.32 31.76
N UNK C 733 -84.30 -3.55 31.38
CA UNK C 733 -84.76 -3.53 30.00
C UNK C 733 -83.64 -3.06 29.08
N UNK C 734 -82.86 -2.08 29.54
CA UNK C 734 -81.76 -1.55 28.74
C UNK C 734 -80.70 -2.60 28.46
N UNK C 735 -80.31 -3.33 29.49
CA UNK C 735 -79.35 -4.41 29.34
C UNK C 735 -79.86 -5.29 28.21
N UNK C 736 -81.18 -5.53 28.22
CA UNK C 736 -81.85 -6.31 27.21
C UNK C 736 -81.71 -5.62 25.86
N UNK C 737 -81.84 -4.29 25.85
CA UNK C 737 -81.69 -3.54 24.62
C UNK C 737 -80.29 -3.72 24.06
N UNK C 738 -79.28 -3.68 24.94
CA UNK C 738 -77.90 -3.85 24.51
C UNK C 738 -77.69 -5.24 23.92
N UNK C 739 -78.30 -6.23 24.58
CA UNK C 739 -78.22 -7.61 24.13
C UNK C 739 -78.87 -7.75 22.76
N UNK C 740 -79.99 -7.08 22.57
CA UNK C 740 -80.75 -7.08 21.34
C UNK C 740 -79.91 -6.47 20.24
N UNK C 741 -79.18 -5.40 20.56
CA UNK C 741 -78.32 -4.73 19.59
C UNK C 741 -77.23 -5.70 19.16
N UNK C 742 -76.62 -6.32 20.16
CA UNK C 742 -75.56 -7.29 19.94
C UNK C 742 -76.18 -8.42 19.15
N UNK C 743 -77.38 -8.84 19.56
CA UNK C 743 -78.07 -9.91 18.86
C UNK C 743 -78.41 -9.47 17.44
N UNK C 744 -78.98 -8.27 17.36
CA UNK C 744 -79.38 -7.65 16.11
C UNK C 744 -78.14 -7.45 15.28
N UNK C 745 -77.07 -7.00 15.93
CA UNK C 745 -75.81 -6.81 15.24
C UNK C 745 -75.32 -8.17 14.76
N UNK C 746 -75.41 -9.16 15.65
CA UNK C 746 -74.99 -10.51 15.34
C UNK C 746 -75.85 -11.08 14.22
N UNK C 747 -77.15 -10.82 14.29
CA UNK C 747 -78.07 -11.31 13.28
C UNK C 747 -77.73 -10.71 11.93
N UNK C 748 -77.41 -9.42 11.93
CA UNK C 748 -77.06 -8.71 10.71
C UNK C 748 -75.79 -9.30 10.13
N UNK C 749 -74.82 -9.57 10.99
CA UNK C 749 -73.55 -10.13 10.56
C UNK C 749 -73.74 -11.54 10.00
N UNK C 750 -74.44 -12.39 10.75
CA UNK C 750 -74.67 -13.76 10.33
C UNK C 750 -75.49 -13.78 9.05
N UNK C 751 -76.50 -12.92 8.96
CA UNK C 751 -77.34 -12.83 7.78
C UNK C 751 -76.51 -12.42 6.57
N UNK C 752 -75.61 -11.46 6.78
CA UNK C 752 -74.74 -10.99 5.71
C UNK C 752 -73.84 -12.12 5.25
N UNK C 753 -73.32 -12.90 6.19
CA UNK C 753 -72.46 -14.03 5.86
C UNK C 753 -73.23 -15.06 5.03
N UNK C 754 -74.48 -15.29 5.42
CA UNK C 754 -75.33 -16.24 4.70
C UNK C 754 -75.56 -15.76 3.27
N UNK C 755 -75.78 -14.46 3.12
CA UNK C 755 -75.98 -13.87 1.80
C UNK C 755 -74.62 -13.71 1.12
N UNK C 756 -73.68 -13.10 1.85
CA UNK C 756 -72.34 -12.88 1.33
C UNK C 756 -71.63 -14.19 1.04
N UNK C 757 -71.79 -15.17 1.93
CA UNK C 757 -71.15 -16.46 1.78
C UNK C 757 -71.26 -17.02 0.36
N UNK C 758 -72.37 -16.74 -0.31
CA UNK C 758 -72.56 -17.22 -1.68
C UNK C 758 -71.52 -16.64 -2.61
N UNK C 759 -71.21 -15.36 -2.43
CA UNK C 759 -70.22 -14.67 -3.25
C UNK C 759 -68.82 -15.24 -3.07
N UNK C 760 -68.49 -15.60 -1.83
CA UNK C 760 -67.17 -16.11 -1.48
C UNK C 760 -66.79 -17.43 -2.17
N UNK C 761 -67.74 -18.35 -2.29
CA UNK C 761 -67.44 -19.64 -2.92
C UNK C 761 -68.07 -19.77 -4.30
N UNK C 762 -67.24 -20.10 -5.29
CA UNK C 762 -67.71 -20.25 -6.66
C UNK C 762 -68.43 -21.58 -6.83
N UNK C 763 -101.64 -3.20 46.72
CA UNK C 763 -100.97 -3.98 47.75
C UNK C 763 -100.66 -5.39 47.22
N UNK C 764 -101.63 -6.29 47.36
CA UNK C 764 -101.46 -7.66 46.89
C UNK C 764 -101.27 -7.68 45.38
N UNK C 765 -102.03 -6.85 44.68
CA UNK C 765 -101.93 -6.75 43.23
C UNK C 765 -100.54 -6.26 42.85
N UNK C 766 -100.04 -5.27 43.58
CA UNK C 766 -98.71 -4.74 43.32
C UNK C 766 -97.66 -5.81 43.51
N UNK C 767 -97.81 -6.61 44.57
CA UNK C 767 -96.88 -7.70 44.85
C UNK C 767 -96.89 -8.72 43.72
N UNK C 768 -98.09 -9.01 43.23
CA UNK C 768 -98.28 -9.96 42.14
C UNK C 768 -97.60 -9.43 40.88
N UNK C 769 -97.74 -8.12 40.64
CA UNK C 769 -97.12 -7.48 39.50
C UNK C 769 -95.61 -7.59 39.59
N UNK C 770 -95.08 -7.40 40.79
CA UNK C 770 -93.63 -7.51 41.01
C UNK C 770 -93.18 -8.92 40.69
N UNK C 771 -93.96 -9.90 41.14
CA UNK C 771 -93.62 -11.29 40.89
C UNK C 771 -93.62 -11.58 39.39
N UNK C 772 -94.61 -11.02 38.69
CA UNK C 772 -94.74 -11.20 37.25
C UNK C 772 -93.55 -10.59 36.53
N UNK C 773 -93.12 -9.43 37.01
CA UNK C 773 -91.97 -8.74 36.46
C UNK C 773 -90.73 -9.59 36.64
N UNK C 774 -90.59 -10.20 37.81
CA UNK C 774 -89.46 -11.08 38.10
C UNK C 774 -89.49 -12.28 37.16
N UNK C 775 -90.68 -12.81 36.93
CA UNK C 775 -90.86 -13.96 36.05
C UNK C 775 -90.43 -13.58 34.64
N UNK C 776 -90.80 -12.38 34.20
CA UNK C 776 -90.43 -11.89 32.87
C UNK C 776 -88.92 -11.77 32.81
N UNK C 777 -88.35 -11.23 33.89
CA UNK C 777 -86.93 -11.07 34.04
C UNK C 777 -86.35 -12.46 34.10
N UNK C 778 -86.72 -13.21 35.14
CA UNK C 778 -86.18 -14.57 35.23
C UNK C 778 -86.39 -15.28 33.90
N UNK C 779 -87.55 -15.08 33.30
CA UNK C 779 -87.91 -15.68 32.03
C UNK C 779 -86.96 -15.19 30.96
N UNK C 780 -86.65 -13.89 30.98
CA UNK C 780 -85.73 -13.34 30.01
C UNK C 780 -84.35 -13.97 30.18
N UNK C 781 -83.94 -14.12 31.44
CA UNK C 781 -82.65 -14.71 31.74
C UNK C 781 -82.61 -16.15 31.24
N UNK C 782 -83.70 -16.87 31.45
CA UNK C 782 -83.83 -18.26 31.04
C UNK C 782 -83.78 -18.36 29.53
N UNK C 783 -84.41 -17.41 28.86
CA UNK C 783 -84.43 -17.38 27.41
C UNK C 783 -83.01 -17.22 26.91
N UNK C 784 -82.24 -16.33 27.53
CA UNK C 784 -80.86 -16.17 27.09
C UNK C 784 -80.12 -17.48 27.35
N UNK C 785 -80.31 -18.01 28.56
CA UNK C 785 -79.73 -19.27 29.00
C UNK C 785 -80.30 -20.51 28.33
N UNK C 786 -81.63 -20.53 28.15
CA UNK C 786 -82.31 -21.68 27.58
C UNK C 786 -82.24 -21.63 26.05
N UNK C 787 -82.43 -20.43 25.50
CA UNK C 787 -82.38 -20.22 24.07
C UNK C 787 -80.97 -20.54 23.56
N UNK C 788 -79.96 -20.12 24.31
CA UNK C 788 -78.57 -20.37 23.95
C UNK C 788 -78.32 -21.88 23.93
N UNK C 789 -78.86 -22.59 24.92
CA UNK C 789 -78.68 -24.03 24.99
C UNK C 789 -79.34 -24.69 23.77
N UNK C 790 -80.52 -24.21 23.40
CA UNK C 790 -81.23 -24.73 22.26
C UNK C 790 -80.43 -24.51 20.98
N UNK C 791 -79.83 -23.32 20.86
CA UNK C 791 -79.01 -22.98 19.71
C UNK C 791 -77.81 -23.92 19.62
N UNK C 792 -77.20 -24.20 20.78
CA UNK C 792 -76.05 -25.09 20.85
C UNK C 792 -76.46 -26.48 20.38
N UNK C 793 -77.63 -26.93 20.82
CA UNK C 793 -78.14 -28.23 20.42
C UNK C 793 -78.36 -28.28 18.91
N UNK C 794 -78.89 -27.20 18.36
CA UNK C 794 -79.13 -27.09 16.92
C UNK C 794 -77.81 -27.17 16.17
N UNK C 795 -76.79 -26.51 16.70
CA UNK C 795 -75.47 -26.51 16.08
C UNK C 795 -74.90 -27.92 16.09
N UNK C 796 -75.10 -28.62 17.20
CA UNK C 796 -74.62 -29.99 17.37
C UNK C 796 -73.15 -30.14 16.98
N UNK C 797 -96.19 0.95 29.43
CA UNK C 797 -95.36 -0.22 29.75
C UNK C 797 -95.42 -1.23 28.62
N UNK C 798 -96.65 -1.48 28.18
CA UNK C 798 -96.94 -2.43 27.10
C UNK C 798 -96.19 -2.02 25.83
N UNK C 799 -96.26 -0.73 25.49
CA UNK C 799 -95.59 -0.20 24.31
C UNK C 799 -94.14 -0.64 24.25
N UNK C 800 -93.32 -0.07 25.14
CA UNK C 800 -91.90 -0.40 25.19
C UNK C 800 -91.71 -1.87 25.54
N UNK C 801 -92.50 -2.36 26.48
CA UNK C 801 -92.41 -3.75 26.90
C UNK C 801 -92.77 -4.66 25.72
N UNK C 802 -93.79 -4.27 24.97
CA UNK C 802 -94.22 -5.04 23.82
C UNK C 802 -93.11 -5.08 22.78
N UNK C 803 -92.45 -3.94 22.59
CA UNK C 803 -91.36 -3.84 21.63
C UNK C 803 -90.23 -4.77 22.06
N UNK C 804 -89.95 -4.81 23.36
CA UNK C 804 -88.90 -5.64 23.90
C UNK C 804 -89.16 -7.12 23.63
N UNK C 805 -90.33 -7.60 24.05
CA UNK C 805 -90.70 -9.00 23.85
C UNK C 805 -90.80 -9.33 22.36
N UNK C 806 -91.38 -8.41 21.60
CA UNK C 806 -91.53 -8.61 20.16
C UNK C 806 -90.15 -8.69 19.51
N UNK C 807 -89.24 -7.82 19.96
CA UNK C 807 -87.89 -7.81 19.44
C UNK C 807 -87.23 -9.15 19.70
N UNK C 808 -87.47 -9.69 20.88
CA UNK C 808 -86.91 -10.98 21.27
C UNK C 808 -87.43 -12.09 20.36
N UNK C 809 -88.72 -12.05 20.05
CA UNK C 809 -89.31 -13.06 19.18
C UNK C 809 -88.68 -13.01 17.80
N UNK C 810 -88.47 -11.78 17.31
CA UNK C 810 -87.87 -11.59 16.00
C UNK C 810 -86.45 -12.15 16.01
N UNK C 811 -85.74 -11.91 17.11
CA UNK C 811 -84.38 -12.39 17.25
C UNK C 811 -84.35 -13.92 17.18
N UNK C 812 -85.33 -14.54 17.81
CA UNK C 812 -85.46 -16.00 17.88
C UNK C 812 -85.55 -16.60 16.49
N UNK C 813 -86.51 -16.12 15.70
CA UNK C 813 -86.70 -16.59 14.33
C UNK C 813 -85.46 -16.23 13.51
N UNK C 814 -84.95 -15.02 13.73
CA UNK C 814 -83.75 -14.56 13.07
C UNK C 814 -82.57 -15.43 13.47
N UNK C 815 -82.50 -15.82 14.74
CA UNK C 815 -81.43 -16.67 15.23
C UNK C 815 -81.50 -18.03 14.53
N UNK C 816 -82.71 -18.56 14.37
CA UNK C 816 -82.90 -19.84 13.69
C UNK C 816 -82.44 -19.74 12.25
N UNK C 817 -82.76 -18.61 11.61
CA UNK C 817 -82.37 -18.36 10.23
C UNK C 817 -80.85 -18.30 10.13
N UNK C 818 -80.22 -17.66 11.11
CA UNK C 818 -78.78 -17.53 11.19
C UNK C 818 -78.15 -18.91 11.31
N UNK C 819 -78.77 -19.77 12.12
CA UNK C 819 -78.28 -21.14 12.31
C UNK C 819 -78.35 -21.88 10.97
N UNK C 820 -79.45 -21.68 10.25
CA UNK C 820 -79.62 -22.31 8.94
C UNK C 820 -78.53 -21.82 7.97
N UNK C 821 -78.25 -20.52 8.04
CA UNK C 821 -77.23 -19.90 7.21
C UNK C 821 -75.86 -20.48 7.52
N UNK C 822 -75.60 -20.70 8.80
CA UNK C 822 -74.35 -21.27 9.28
C UNK C 822 -74.21 -22.69 8.73
N UNK C 823 -75.31 -23.44 8.73
CA UNK C 823 -75.30 -24.79 8.19
C UNK C 823 -74.99 -24.76 6.70
N UNK C 824 -75.57 -23.79 6.00
CA UNK C 824 -75.32 -23.63 4.57
C UNK C 824 -73.85 -23.30 4.32
N UNK C 825 -73.28 -22.45 5.18
CA UNK C 825 -71.88 -22.06 5.09
C UNK C 825 -70.99 -23.28 5.30
N UNK C 826 -71.37 -24.13 6.24
CA UNK C 826 -70.64 -25.36 6.54
C UNK C 826 -70.66 -26.26 5.32
N UNK C 827 -71.82 -26.35 4.67
CA UNK C 827 -71.96 -27.16 3.47
C UNK C 827 -71.06 -26.61 2.36
N UNK C 828 -71.01 -25.28 2.24
CA UNK C 828 -70.19 -24.60 1.24
C UNK C 828 -70.37 -25.18 -0.16
N UNK C 829 -70.62 -18.49 -11.02
CA UNK C 829 -69.85 -17.39 -11.57
C UNK C 829 -68.54 -17.25 -10.82
N UNK C 830 -68.61 -17.39 -9.50
CA UNK C 830 -67.43 -17.29 -8.66
C UNK C 830 -66.45 -18.41 -9.00
N UNK C 831 -67.00 -19.60 -9.24
CA UNK C 831 -66.17 -20.76 -9.59
C UNK C 831 -65.48 -20.50 -10.92
N UNK C 832 -66.20 -19.90 -11.85
CA UNK C 832 -65.67 -19.59 -13.17
C UNK C 832 -64.49 -18.63 -13.07
N UNK C 833 -64.70 -17.48 -12.44
CA UNK C 833 -63.66 -16.48 -12.28
C UNK C 833 -62.50 -17.03 -11.47
N UNK C 834 -62.82 -17.75 -10.39
CA UNK C 834 -61.82 -18.33 -9.53
C UNK C 834 -60.99 -19.34 -10.32
N UNK C 835 -61.67 -20.13 -11.14
CA UNK C 835 -61.00 -21.13 -11.95
C UNK C 835 -60.01 -20.44 -12.88
N UNK C 836 -60.43 -19.31 -13.43
CA UNK C 836 -59.59 -18.54 -14.34
C UNK C 836 -58.34 -18.03 -13.63
N UNK C 837 -58.51 -17.57 -12.40
CA UNK C 837 -57.38 -17.08 -11.62
C UNK C 837 -56.38 -18.19 -11.36
N UNK C 838 -56.89 -19.37 -11.06
CA UNK C 838 -56.06 -20.53 -10.79
C UNK C 838 -55.29 -20.89 -12.06
N UNK C 839 -55.97 -20.81 -13.20
CA UNK C 839 -55.37 -21.10 -14.47
C UNK C 839 -54.20 -20.16 -14.75
N UNK C 840 -54.37 -18.89 -14.37
CA UNK C 840 -53.33 -17.89 -14.57
C UNK C 840 -52.06 -18.23 -13.80
N UNK C 841 -52.23 -18.56 -12.54
CA UNK C 841 -51.10 -18.95 -11.71
C UNK C 841 -50.35 -20.04 -12.48
N UNK C 842 -51.12 -20.94 -13.08
CA UNK C 842 -50.59 -22.02 -13.89
C UNK C 842 -49.87 -21.43 -15.09
N UNK C 843 -50.36 -20.33 -15.62
CA UNK C 843 -49.61 -19.64 -16.67
C UNK C 843 -48.28 -19.19 -16.01
N UNK C 844 -48.39 -18.75 -14.75
CA UNK C 844 -47.28 -18.33 -13.90
C UNK C 844 -46.33 -19.51 -13.68
N UNK C 845 -46.89 -20.71 -13.53
CA UNK C 845 -46.10 -21.93 -13.38
C UNK C 845 -45.25 -22.17 -14.64
N UNK C 846 -45.83 -21.91 -15.81
CA UNK C 846 -45.12 -22.01 -17.09
C UNK C 846 -43.98 -20.98 -17.12
N UNK C 847 -44.24 -19.79 -16.60
CA UNK C 847 -43.23 -18.74 -16.50
C UNK C 847 -42.08 -19.20 -15.58
N UNK C 848 -42.44 -19.89 -14.49
CA UNK C 848 -41.52 -20.46 -13.53
C UNK C 848 -40.66 -21.52 -14.21
N UNK C 849 -41.28 -22.30 -15.11
CA UNK C 849 -40.58 -23.32 -15.90
C UNK C 849 -39.55 -22.65 -16.80
N UNK C 850 -39.93 -21.50 -17.37
CA UNK C 850 -39.02 -20.70 -18.21
C UNK C 850 -37.83 -20.23 -17.36
N UNK C 851 -38.13 -19.83 -16.12
CA UNK C 851 -37.11 -19.40 -15.15
C UNK C 851 -36.16 -20.56 -14.83
N UNK C 852 -36.73 -21.77 -14.74
CA UNK C 852 -36.00 -23.00 -14.50
C UNK C 852 -35.05 -23.27 -15.67
N UNK C 853 -35.52 -23.00 -16.90
CA UNK C 853 -34.70 -23.13 -18.11
C UNK C 853 -33.53 -22.14 -18.05
N UNK C 854 -33.81 -20.94 -17.55
CA UNK C 854 -32.78 -19.92 -17.36
C UNK C 854 -31.74 -20.42 -16.36
N UNK C 855 -32.20 -21.07 -15.29
CA UNK C 855 -31.36 -21.68 -14.26
C UNK C 855 -30.49 -22.78 -14.87
N UNK C 856 -31.09 -23.54 -15.79
CA UNK C 856 -30.45 -24.62 -16.53
C UNK C 856 -29.31 -24.08 -17.37
N UNK C 857 -29.48 -22.88 -17.95
CA UNK C 857 -28.38 -22.24 -18.68
C UNK C 857 -27.34 -22.10 -17.58
N UNK C 858 -27.84 -21.77 -16.40
CA UNK C 858 -27.11 -21.69 -15.14
C UNK C 858 -26.55 -23.08 -14.80
N UNK C 859 -27.36 -24.10 -15.00
CA UNK C 859 -26.95 -25.47 -14.72
C UNK C 859 -25.77 -25.85 -15.62
N UNK C 860 -25.84 -25.45 -16.88
CA UNK C 860 -24.77 -25.72 -17.84
C UNK C 860 -23.49 -25.04 -17.39
N UNK C 861 -23.61 -23.80 -16.92
CA UNK C 861 -22.46 -23.05 -16.45
C UNK C 861 -21.83 -23.75 -15.25
N UNK C 862 -22.68 -24.25 -14.36
CA UNK C 862 -22.21 -24.95 -13.17
C UNK C 862 -21.46 -26.21 -13.58
N UNK C 863 -21.99 -26.92 -14.58
CA UNK C 863 -21.36 -28.13 -15.07
C UNK C 863 -19.99 -27.80 -15.65
N UNK C 864 -19.92 -26.70 -16.39
CA UNK C 864 -18.66 -26.27 -17.00
C UNK C 864 -17.64 -25.95 -15.90
N UNK C 865 -18.10 -25.29 -14.84
CA UNK C 865 -17.24 -24.95 -13.72
C UNK C 865 -16.70 -26.22 -13.07
N UNK C 866 -17.57 -27.21 -12.91
CA UNK C 866 -17.19 -28.48 -12.32
C UNK C 866 -16.14 -29.17 -13.18
N UNK C 867 -16.33 -29.11 -14.50
CA UNK C 867 -15.39 -29.70 -15.43
C UNK C 867 -14.03 -29.02 -15.33
N UNK C 868 -65.77 -27.54 -4.86
CA UNK C 868 -66.15 -28.66 -5.70
C UNK C 868 -65.14 -29.81 -5.60
N UNK C 869 -65.60 -31.02 -5.90
CA UNK C 869 -64.73 -32.19 -5.83
C UNK C 869 -63.58 -32.08 -6.82
N UNK C 870 -63.89 -31.58 -8.01
CA UNK C 870 -62.86 -31.39 -9.04
C UNK C 870 -61.83 -30.37 -8.57
N UNK C 871 -62.30 -29.31 -7.93
CA UNK C 871 -61.42 -28.29 -7.39
C UNK C 871 -60.52 -28.88 -6.32
N UNK C 872 -61.08 -29.74 -5.48
CA UNK C 872 -60.32 -30.40 -4.44
C UNK C 872 -59.24 -31.28 -5.05
N UNK C 873 -59.60 -31.97 -6.13
CA UNK C 873 -58.65 -32.83 -6.83
C UNK C 873 -57.51 -32.00 -7.40
N UNK C 874 -57.85 -30.83 -7.94
CA UNK C 874 -56.86 -29.92 -8.49
C UNK C 874 -55.92 -29.45 -7.39
N UNK C 875 -56.47 -29.16 -6.22
CA UNK C 875 -55.67 -28.74 -5.08
C UNK C 875 -54.72 -29.84 -4.66
N UNK C 876 -55.21 -31.08 -4.68
CA UNK C 876 -54.39 -32.24 -4.35
C UNK C 876 -53.25 -32.38 -5.34
N UNK C 877 -53.54 -32.15 -6.62
CA UNK C 877 -52.53 -32.26 -7.67
C UNK C 877 -51.39 -31.27 -7.44
N UNK C 878 -51.74 -30.03 -7.14
CA UNK C 878 -50.75 -28.98 -6.89
C UNK C 878 -49.78 -29.44 -5.81
N UNK C 879 -50.28 -30.10 -4.78
CA UNK C 879 -49.41 -30.48 -3.67
C UNK C 879 -48.28 -31.39 -4.14
N UNK C 880 -48.61 -32.36 -4.98
CA UNK C 880 -47.60 -33.24 -5.56
C UNK C 880 -46.65 -32.43 -6.44
N UNK C 881 -47.22 -31.62 -7.34
CA UNK C 881 -46.38 -30.81 -8.23
C UNK C 881 -45.29 -30.12 -7.42
N UNK C 882 -45.65 -29.75 -6.20
CA UNK C 882 -44.75 -29.10 -5.27
C UNK C 882 -43.58 -30.01 -4.95
N UNK C 883 -43.86 -31.31 -4.92
CA UNK C 883 -42.85 -32.32 -4.65
C UNK C 883 -41.76 -32.39 -5.72
N UNK C 884 -42.18 -32.59 -6.96
CA UNK C 884 -41.27 -32.73 -8.10
C UNK C 884 -40.36 -31.53 -8.33
N UNK C 885 -40.98 -30.38 -8.62
CA UNK C 885 -40.20 -29.18 -8.88
C UNK C 885 -39.38 -28.78 -7.66
N UNK C 886 -39.98 -28.88 -6.48
CA UNK C 886 -39.28 -28.54 -5.25
C UNK C 886 -38.09 -29.45 -5.04
N UNK C 887 -38.28 -30.73 -5.32
CA UNK C 887 -37.23 -31.72 -5.18
C UNK C 887 -36.09 -31.40 -6.14
N UNK C 888 -36.45 -31.02 -7.36
CA UNK C 888 -35.46 -30.67 -8.37
C UNK C 888 -34.67 -29.46 -7.91
N UNK C 889 -35.36 -28.48 -7.33
CA UNK C 889 -34.71 -27.28 -6.84
C UNK C 889 -33.73 -27.64 -5.73
N UNK C 890 -34.13 -28.53 -4.85
CA UNK C 890 -33.27 -28.96 -3.75
C UNK C 890 -32.02 -29.64 -4.29
N UNK C 891 -32.23 -30.54 -5.25
CA UNK C 891 -31.12 -31.24 -5.88
C UNK C 891 -30.20 -30.21 -6.52
N UNK C 892 -30.81 -29.16 -7.09
CA UNK C 892 -30.07 -28.10 -7.73
C UNK C 892 -29.20 -27.39 -6.70
N UNK C 893 -29.72 -27.16 -5.50
CA UNK C 893 -28.94 -26.48 -4.47
C UNK C 893 -27.70 -27.29 -4.11
N UNK C 894 -27.90 -28.60 -3.99
CA UNK C 894 -26.80 -29.50 -3.65
C UNK C 894 -25.76 -29.48 -4.77
N UNK C 895 -26.23 -29.47 -6.01
CA UNK C 895 -25.35 -29.45 -7.17
C UNK C 895 -24.54 -28.17 -7.18
N UNK C 896 -25.19 -27.06 -6.85
CA UNK C 896 -24.55 -25.75 -6.80
C UNK C 896 -23.47 -25.75 -5.73
N UNK C 897 -23.77 -26.35 -4.59
CA UNK C 897 -22.81 -26.44 -3.51
C UNK C 897 -21.59 -27.24 -3.96
N UNK C 898 -21.84 -28.33 -4.66
CA UNK C 898 -20.75 -29.18 -5.16
C UNK C 898 -19.88 -28.40 -6.14
N UNK C 899 -20.53 -27.62 -7.01
CA UNK C 899 -19.82 -26.82 -7.99
C UNK C 899 -18.95 -25.79 -7.31
N UNK C 900 -19.48 -25.18 -6.25
CA UNK C 900 -18.75 -24.19 -5.49
C UNK C 900 -17.53 -24.82 -4.84
N UNK C 901 -17.72 -26.03 -4.31
CA UNK C 901 -16.65 -26.79 -3.66
C UNK C 901 -15.88 -25.95 -2.64
N UNK C 902 -62.59 -25.92 -23.05
CA UNK C 902 -61.70 -26.93 -23.63
C UNK C 902 -60.53 -26.25 -24.34
N UNK C 903 -60.83 -25.23 -25.13
CA UNK C 903 -59.81 -24.49 -25.85
C UNK C 903 -58.68 -24.07 -24.94
N UNK C 904 -58.95 -23.10 -24.07
CA UNK C 904 -57.94 -22.61 -23.13
C UNK C 904 -57.49 -23.71 -22.19
N UNK C 905 -58.45 -24.50 -21.73
CA UNK C 905 -58.16 -25.61 -20.82
C UNK C 905 -57.26 -26.62 -21.53
N UNK C 906 -57.57 -26.89 -22.79
CA UNK C 906 -56.79 -27.83 -23.58
C UNK C 906 -55.37 -27.32 -23.74
N UNK C 907 -55.24 -26.01 -23.97
CA UNK C 907 -53.93 -25.40 -24.12
C UNK C 907 -53.13 -25.54 -22.84
N UNK C 908 -53.82 -25.35 -21.71
CA UNK C 908 -53.18 -25.46 -20.41
C UNK C 908 -52.63 -26.85 -20.17
N UNK C 909 -53.49 -27.86 -20.29
CA UNK C 909 -53.06 -29.25 -20.10
C UNK C 909 -52.01 -29.65 -21.12
N UNK C 910 -52.21 -29.24 -22.37
CA UNK C 910 -51.28 -29.57 -23.43
C UNK C 910 -49.94 -28.92 -23.15
N UNK C 911 -49.97 -27.68 -22.67
CA UNK C 911 -48.75 -26.96 -22.34
C UNK C 911 -48.00 -27.73 -21.25
N UNK C 912 -48.74 -28.24 -20.28
CA UNK C 912 -48.15 -29.00 -19.19
C UNK C 912 -47.47 -30.26 -19.70
N UNK C 913 -48.10 -30.94 -20.65
CA UNK C 913 -47.54 -32.16 -21.21
C UNK C 913 -46.23 -31.85 -21.93
N UNK C 914 -46.22 -30.73 -22.66
CA UNK C 914 -45.03 -30.31 -23.39
C UNK C 914 -43.92 -30.01 -22.39
N UNK C 915 -44.28 -29.37 -21.29
CA UNK C 915 -43.31 -29.03 -20.26
C UNK C 915 -42.68 -30.30 -19.68
N UNK C 916 -43.48 -31.34 -19.54
CA UNK C 916 -43.00 -32.61 -19.00
C UNK C 916 -41.92 -33.23 -19.90
N UNK C 917 -42.14 -33.17 -21.20
CA UNK C 917 -41.19 -33.72 -22.15
C UNK C 917 -39.87 -32.96 -22.06
N UNK C 918 -39.97 -31.64 -21.92
CA UNK C 918 -38.78 -30.82 -21.80
C UNK C 918 -38.03 -31.22 -20.54
N UNK C 919 -38.77 -31.64 -19.53
CA UNK C 919 -38.19 -32.05 -18.26
C UNK C 919 -37.30 -33.27 -18.45
N UNK C 920 -37.75 -34.21 -19.27
CA UNK C 920 -36.98 -35.42 -19.54
C UNK C 920 -35.67 -35.04 -20.21
N UNK C 921 -35.73 -34.11 -21.15
CA UNK C 921 -34.55 -33.66 -21.87
C UNK C 921 -33.69 -32.74 -21.01
N UNK C 922 -34.34 -31.87 -20.25
CA UNK C 922 -33.64 -30.93 -19.38
C UNK C 922 -32.86 -31.69 -18.31
N UNK C 923 -33.47 -32.74 -17.76
CA UNK C 923 -32.83 -33.54 -16.73
C UNK C 923 -31.59 -34.22 -17.31
N UNK C 924 -31.71 -34.73 -18.53
CA UNK C 924 -30.60 -35.38 -19.20
C UNK C 924 -29.46 -34.38 -19.42
N UNK C 925 -29.82 -33.16 -19.81
CA UNK C 925 -28.83 -32.12 -20.04
C UNK C 925 -28.10 -31.81 -18.73
N UNK C 926 -28.86 -31.74 -17.64
CA UNK C 926 -28.28 -31.48 -16.33
C UNK C 926 -27.30 -32.58 -15.95
N UNK C 927 -27.69 -33.83 -16.23
CA UNK C 927 -26.85 -34.97 -15.92
C UNK C 927 -25.56 -34.89 -16.72
N UNK C 928 -25.66 -34.49 -17.99
CA UNK C 928 -24.50 -34.35 -18.86
C UNK C 928 -23.57 -33.28 -18.30
N UNK C 929 -24.16 -32.18 -17.84
CA UNK C 929 -23.38 -31.08 -17.28
C UNK C 929 -22.64 -31.56 -16.03
N UNK C 930 -23.32 -32.35 -15.20
CA UNK C 930 -22.72 -32.89 -13.99
C UNK C 930 -21.55 -33.81 -14.34
N UNK C 931 -21.72 -34.61 -15.39
CA UNK C 931 -20.69 -35.51 -15.84
C UNK C 931 -19.47 -34.72 -16.33
N UNK C 932 -19.73 -33.62 -17.04
CA UNK C 932 -18.68 -32.75 -17.56
C UNK C 932 -17.61 -33.53 -18.32
N UNK D 1 -150.08 46.38 134.65
CA UNK D 1 -150.51 46.87 133.32
C UNK D 1 -149.41 46.79 132.28
N UNK D 2 -149.77 46.30 131.09
CA UNK D 2 -148.82 46.11 130.01
C UNK D 2 -148.05 47.33 129.53
N UNK D 3 -146.77 47.11 129.26
CA UNK D 3 -145.88 48.14 128.75
C UNK D 3 -144.99 47.46 127.73
N UNK D 4 -144.57 48.19 126.71
CA UNK D 4 -143.70 47.60 125.70
C UNK D 4 -142.28 47.48 126.22
N UNK D 5 -141.73 46.26 126.26
CA UNK D 5 -140.36 46.02 126.76
C UNK D 5 -139.41 46.71 125.77
N UNK D 6 -138.44 47.47 126.28
CA UNK D 6 -137.50 48.17 125.39
C UNK D 6 -136.80 47.25 124.39
N UNK D 7 -136.81 45.95 124.67
CA UNK D 7 -136.19 44.96 123.81
C UNK D 7 -137.09 44.48 122.68
N UNK D 8 -138.37 44.81 122.75
CA UNK D 8 -139.32 44.39 121.72
C UNK D 8 -139.97 45.56 120.97
N UNK D 9 -139.36 46.73 121.06
CA UNK D 9 -139.87 47.90 120.40
C UNK D 9 -140.06 47.70 118.89
N UNK D 10 -139.02 47.19 118.22
CA UNK D 10 -139.07 46.94 116.78
C UNK D 10 -139.97 45.75 116.42
N UNK D 11 -140.16 44.86 117.39
CA UNK D 11 -140.96 43.66 117.19
C UNK D 11 -142.36 43.94 116.60
N UNK D 12 -142.59 43.39 115.42
CA UNK D 12 -143.86 43.58 114.74
C UNK D 12 -145.00 42.76 115.35
N UNK D 13 -144.69 41.62 115.94
CA UNK D 13 -145.74 40.77 116.48
C UNK D 13 -146.09 40.85 117.95
N UNK D 14 -145.98 42.02 118.56
CA UNK D 14 -146.39 42.11 119.95
C UNK D 14 -147.91 42.26 120.00
N UNK D 15 -148.51 42.04 121.18
CA UNK D 15 -149.96 42.13 121.34
C UNK D 15 -150.52 43.54 121.48
N UNK D 16 -151.82 43.66 121.24
CA UNK D 16 -152.53 44.93 121.39
C UNK D 16 -152.62 45.17 122.90
N UNK D 17 -152.29 46.39 123.35
CA UNK D 17 -152.40 46.60 124.80
C UNK D 17 -153.86 46.37 125.24
N UNK D 18 -154.06 45.66 126.36
CA UNK D 18 -155.39 45.37 126.89
C UNK D 18 -156.38 46.55 126.95
N UNK D 19 -155.89 47.73 127.27
CA UNK D 19 -156.78 48.88 127.36
C UNK D 19 -157.30 49.35 126.01
N UNK D 20 -156.73 48.82 124.93
CA UNK D 20 -157.16 49.18 123.59
C UNK D 20 -157.96 48.06 122.92
N UNK D 21 -158.00 46.88 123.54
CA UNK D 21 -158.70 45.74 122.98
C UNK D 21 -160.21 45.99 122.86
N UNK D 22 -160.74 46.84 123.74
CA UNK D 22 -162.16 47.17 123.70
C UNK D 22 -162.32 48.70 123.77
N UNK D 23 -162.67 49.31 122.65
CA UNK D 23 -162.82 50.76 122.58
C UNK D 23 -164.07 51.27 123.28
N UNK D 24 -164.85 50.38 123.88
CA UNK D 24 -166.07 50.77 124.58
C UNK D 24 -165.77 51.70 125.76
N UNK D 25 -166.31 52.91 125.71
CA UNK D 25 -166.09 53.90 126.77
C UNK D 25 -167.02 53.72 127.98
N UNK D 26 -168.04 52.89 127.86
CA UNK D 26 -168.89 52.62 129.01
C UNK D 26 -168.15 51.91 130.16
N UNK D 27 -167.33 50.92 129.79
CA UNK D 27 -166.65 50.06 130.76
C UNK D 27 -165.60 50.70 131.68
N UNK D 28 -164.77 51.58 131.13
CA UNK D 28 -163.58 52.08 131.82
C UNK D 28 -163.86 52.97 133.05
N UNK D 29 -163.00 52.85 134.07
CA UNK D 29 -163.06 53.75 135.22
C UNK D 29 -163.05 55.24 134.84
N UNK D 30 -163.79 56.05 135.59
CA UNK D 30 -163.86 57.48 135.35
C UNK D 30 -162.49 58.13 135.45
N UNK D 31 -161.55 57.41 136.05
CA UNK D 31 -160.18 57.93 136.22
C UNK D 31 -159.30 57.65 135.01
N UNK D 32 -159.73 56.73 134.16
CA UNK D 32 -158.97 56.38 132.97
C UNK D 32 -159.60 56.90 131.68
N UNK D 33 -160.62 57.74 131.79
CA UNK D 33 -161.24 58.27 130.58
C UNK D 33 -161.82 59.67 130.72
N UNK D 34 -161.80 60.41 129.61
CA UNK D 34 -162.35 61.76 129.57
C UNK D 34 -163.44 61.72 128.51
N UNK D 35 -164.66 62.00 128.93
CA UNK D 35 -165.80 61.95 128.01
C UNK D 35 -166.56 63.27 127.98
N UNK D 36 -167.00 63.67 126.80
CA UNK D 36 -167.80 64.86 126.60
C UNK D 36 -168.78 64.39 125.54
N UNK D 37 -169.75 65.23 125.17
CA UNK D 37 -170.72 64.81 124.19
C UNK D 37 -170.10 64.69 122.81
N UNK D 38 -168.97 65.36 122.59
CA UNK D 38 -168.32 65.35 121.29
C UNK D 38 -167.21 64.37 121.05
N UNK D 39 -166.64 63.81 122.13
CA UNK D 39 -165.52 62.88 122.01
C UNK D 39 -165.13 62.30 123.35
N UNK D 40 -164.38 61.22 123.32
CA UNK D 40 -163.89 60.65 124.57
C UNK D 40 -162.45 60.16 124.38
N UNK D 41 -161.71 60.13 125.47
CA UNK D 41 -160.34 59.72 125.45
C UNK D 41 -160.12 58.57 126.40
N UNK D 42 -159.33 57.59 125.98
CA UNK D 42 -158.98 56.46 126.81
C UNK D 42 -157.51 56.66 127.11
N UNK D 43 -157.14 56.59 128.40
CA UNK D 43 -155.75 56.75 128.79
C UNK D 43 -155.09 55.41 129.11
N UNK D 44 -153.80 55.29 128.83
CA UNK D 44 -153.09 54.06 129.14
C UNK D 44 -153.01 53.95 130.69
N UNK D 45 -153.55 52.87 131.25
CA UNK D 45 -153.52 52.70 132.71
C UNK D 45 -152.15 52.42 133.31
N UNK D 46 -151.14 52.17 132.48
CA UNK D 46 -149.80 51.87 132.97
C UNK D 46 -148.90 53.09 133.07
N UNK D 47 -149.38 54.24 132.60
CA UNK D 47 -148.56 55.42 132.65
C UNK D 47 -149.25 56.58 133.39
N UNK D 48 -148.50 57.64 133.73
CA UNK D 48 -149.08 58.80 134.42
C UNK D 48 -149.87 59.66 133.42
N UNK D 49 -151.18 59.78 133.62
CA UNK D 49 -151.98 60.60 132.72
C UNK D 49 -151.38 61.98 132.79
N UNK D 50 -150.77 62.41 131.69
CA UNK D 50 -150.17 63.71 131.62
C UNK D 50 -151.02 64.66 130.77
N UNK D 51 -150.92 64.46 129.45
CA UNK D 51 -151.60 65.23 128.39
C UNK D 51 -153.11 65.35 128.41
N UNK D 52 -153.61 66.58 128.20
CA UNK D 52 -155.05 66.79 128.12
C UNK D 52 -155.34 67.22 126.67
N UNK D 53 -156.44 66.73 126.13
CA UNK D 53 -156.81 67.06 124.75
C UNK D 53 -158.18 67.73 124.74
N UNK D 54 -158.32 68.80 123.98
CA UNK D 54 -159.61 69.46 123.88
C UNK D 54 -159.96 69.78 122.42
N UNK D 55 -161.26 69.80 122.18
CA UNK D 55 -161.81 70.14 120.89
C UNK D 55 -161.82 71.67 120.80
N UNK D 56 -161.22 72.22 119.75
CA UNK D 56 -161.17 73.67 119.54
C UNK D 56 -162.27 74.13 118.57
N UNK D 57 -162.35 73.49 117.40
CA UNK D 57 -163.40 73.82 116.42
C UNK D 57 -163.79 72.60 115.62
N UNK D 58 -165.06 72.50 115.31
CA UNK D 58 -165.53 71.38 114.50
C UNK D 58 -166.03 72.03 113.21
N UNK D 59 -165.50 71.60 112.06
CA UNK D 59 -165.89 72.21 110.77
C UNK D 59 -166.68 71.28 109.87
N UNK D 60 -167.93 71.66 109.58
CA UNK D 60 -168.81 70.86 108.74
C UNK D 60 -168.43 70.91 107.27
N UNK D 61 -168.47 69.76 106.63
CA UNK D 61 -168.20 69.63 105.21
C UNK D 61 -169.37 68.83 104.64
N UNK D 62 -169.71 69.04 103.37
CA UNK D 62 -170.82 68.28 102.83
C UNK D 62 -170.40 66.97 102.17
N UNK D 63 -169.18 66.54 102.43
CA UNK D 63 -168.68 65.27 101.91
C UNK D 63 -167.49 64.86 102.76
N UNK D 64 -166.99 63.64 102.55
CA UNK D 64 -165.85 63.11 103.29
C UNK D 64 -164.64 64.05 103.18
N UNK D 65 -163.98 64.31 104.32
CA UNK D 65 -162.80 65.18 104.30
C UNK D 65 -161.57 64.28 104.07
N UNK D 66 -161.02 64.36 102.86
CA UNK D 66 -159.87 63.54 102.48
C UNK D 66 -158.52 64.00 102.98
N UNK D 67 -158.40 65.27 103.31
CA UNK D 67 -157.11 65.73 103.76
C UNK D 67 -157.17 67.05 104.47
N UNK D 68 -156.26 67.21 105.41
CA UNK D 68 -156.16 68.43 106.20
C UNK D 68 -154.68 68.74 106.30
N UNK D 69 -154.35 70.01 106.25
CA UNK D 69 -152.94 70.41 106.35
C UNK D 69 -152.82 71.86 106.82
N UNK D 70 -151.86 72.10 107.70
CA UNK D 70 -151.66 73.45 108.20
C UNK D 70 -150.65 74.18 107.35
N UNK D 71 -150.76 75.50 107.34
CA UNK D 71 -149.80 76.33 106.61
C UNK D 71 -148.52 76.22 107.45
N UNK D 72 -147.40 76.60 106.88
CA UNK D 72 -146.11 76.52 107.55
C UNK D 72 -146.06 77.27 108.89
N UNK D 73 -146.69 78.44 108.92
CA UNK D 73 -146.72 79.26 110.14
C UNK D 73 -147.75 78.79 111.16
N UNK D 74 -148.59 77.82 110.78
CA UNK D 74 -149.58 77.30 111.70
C UNK D 74 -150.82 78.16 111.87
N UNK D 75 -150.91 79.24 111.11
CA UNK D 75 -152.07 80.12 111.23
C UNK D 75 -153.28 79.67 110.41
N UNK D 76 -153.05 78.80 109.42
CA UNK D 76 -154.17 78.33 108.60
C UNK D 76 -154.28 76.82 108.39
N UNK D 77 -155.52 76.39 108.17
CA UNK D 77 -155.79 74.99 107.92
C UNK D 77 -156.55 74.91 106.61
N UNK D 78 -156.09 74.03 105.74
CA UNK D 78 -156.75 73.80 104.46
C UNK D 78 -157.32 72.38 104.49
N UNK D 79 -158.54 72.21 103.97
CA UNK D 79 -159.14 70.89 103.92
C UNK D 79 -159.54 70.68 102.50
N UNK D 80 -159.65 69.41 102.12
CA UNK D 80 -160.12 69.02 100.81
C UNK D 80 -161.42 68.26 100.98
N UNK D 81 -162.42 68.69 100.23
CA UNK D 81 -163.70 68.01 100.13
C UNK D 81 -164.02 67.88 98.65
N UNK D 82 -164.84 66.91 98.26
CA UNK D 82 -165.06 66.70 96.83
C UNK D 82 -165.65 67.94 96.17
N UNK D 83 -165.07 68.34 95.05
CA UNK D 83 -165.54 69.49 94.28
C UNK D 83 -165.19 70.82 94.93
N UNK D 84 -164.34 70.78 95.96
CA UNK D 84 -164.02 71.98 96.72
C UNK D 84 -162.70 71.86 97.48
N UNK D 85 -162.20 72.98 98.01
CA UNK D 85 -161.08 72.92 98.96
C UNK D 85 -161.06 74.23 99.73
N UNK D 86 -160.96 74.15 101.05
CA UNK D 86 -161.21 75.32 101.89
C UNK D 86 -160.07 75.69 102.82
N UNK D 87 -160.00 76.99 103.10
CA UNK D 87 -159.00 77.55 103.99
C UNK D 87 -159.69 78.16 105.21
N UNK D 88 -159.24 77.77 106.41
CA UNK D 88 -159.79 78.27 107.66
C UNK D 88 -158.71 78.94 108.53
N UNK D 89 -159.12 79.96 109.28
CA UNK D 89 -158.22 80.64 110.20
C UNK D 89 -158.29 79.77 111.45
N UNK D 90 -157.13 79.25 111.87
CA UNK D 90 -157.04 78.38 113.02
C UNK D 90 -157.51 78.95 114.37
N UNK D 91 -157.05 80.16 114.69
CA UNK D 91 -157.40 80.79 115.97
C UNK D 91 -158.90 80.83 116.29
N UNK D 92 -159.73 81.16 115.30
CA UNK D 92 -161.15 81.24 115.55
C UNK D 92 -161.99 80.34 114.64
N UNK D 93 -161.31 79.49 113.89
CA UNK D 93 -161.99 78.59 112.97
C UNK D 93 -162.82 79.23 111.87
N UNK D 94 -162.60 80.51 111.57
CA UNK D 94 -163.38 81.17 110.53
C UNK D 94 -162.97 80.79 109.11
N UNK D 95 -163.97 80.73 108.23
CA UNK D 95 -163.76 80.40 106.83
C UNK D 95 -163.19 81.59 106.08
N UNK D 96 -161.96 81.42 105.59
CA UNK D 96 -161.25 82.45 104.85
C UNK D 96 -161.56 82.36 103.37
N UNK D 97 -161.65 81.13 102.85
CA UNK D 97 -161.96 80.95 101.43
C UNK D 97 -162.34 79.54 101.05
N UNK D 98 -163.28 79.41 100.12
CA UNK D 98 -163.70 78.11 99.62
C UNK D 98 -163.40 78.20 98.14
N UNK D 99 -162.48 77.36 97.66
CA UNK D 99 -162.06 77.36 96.27
C UNK D 99 -162.65 76.23 95.46
N UNK D 100 -163.18 76.58 94.30
CA UNK D 100 -163.80 75.61 93.42
C UNK D 100 -163.52 76.00 91.98
N UNK D 101 -163.12 75.02 91.17
CA UNK D 101 -162.84 75.30 89.77
C UNK D 101 -164.13 75.29 88.96
N UNK D 102 -167.46 61.64 84.68
CA UNK D 102 -167.01 61.97 86.03
C UNK D 102 -167.49 63.35 86.44
N UNK D 103 -168.81 63.50 86.57
CA UNK D 103 -169.40 64.78 86.96
C UNK D 103 -168.95 65.18 88.35
N UNK D 104 -168.90 64.22 89.26
CA UNK D 104 -168.49 64.47 90.64
C UNK D 104 -167.04 64.93 90.71
N UNK D 105 -166.77 65.88 91.60
CA UNK D 105 -165.41 66.42 91.77
C UNK D 105 -164.63 65.59 92.78
N UNK D 106 -163.33 65.45 92.54
CA UNK D 106 -162.46 64.71 93.43
C UNK D 106 -161.28 65.52 93.92
N UNK D 107 -161.13 65.59 95.24
CA UNK D 107 -159.97 66.22 95.86
C UNK D 107 -159.32 65.20 96.78
N UNK D 108 -158.01 65.03 96.65
CA UNK D 108 -157.31 64.04 97.48
C UNK D 108 -156.19 64.58 98.34
N UNK D 109 -155.51 65.62 97.86
CA UNK D 109 -154.42 66.17 98.65
C UNK D 109 -154.29 67.67 98.49
N UNK D 110 -153.89 68.32 99.57
CA UNK D 110 -153.68 69.76 99.55
C UNK D 110 -152.37 70.08 100.25
N UNK D 111 -151.76 71.20 99.88
CA UNK D 111 -150.53 71.60 100.54
C UNK D 111 -150.26 73.08 100.31
N UNK D 112 -149.93 73.79 101.38
CA UNK D 112 -149.61 75.21 101.28
C UNK D 112 -148.16 75.32 100.83
N UNK D 113 -147.85 76.40 100.11
CA UNK D 113 -146.46 76.66 99.70
C UNK D 113 -145.82 77.17 101.00
N UNK D 114 -144.48 77.09 101.13
CA UNK D 114 -143.79 77.56 102.34
C UNK D 114 -144.17 78.95 102.84
N UNK D 115 -144.39 79.89 101.94
CA UNK D 115 -144.73 81.25 102.34
C UNK D 115 -146.22 81.48 102.58
N UNK D 116 -147.02 80.41 102.48
CA UNK D 116 -148.46 80.51 102.71
C UNK D 116 -149.29 81.29 101.71
N UNK D 117 -148.73 81.66 100.58
CA UNK D 117 -149.53 82.43 99.63
C UNK D 117 -150.26 81.52 98.64
N UNK D 118 -149.69 80.35 98.38
CA UNK D 118 -150.31 79.43 97.43
C UNK D 118 -150.75 78.12 98.03
N UNK D 119 -151.73 77.51 97.38
CA UNK D 119 -152.27 76.22 97.83
C UNK D 119 -152.30 75.26 96.64
N UNK D 120 -151.60 74.15 96.75
CA UNK D 120 -151.60 73.17 95.67
C UNK D 120 -152.63 72.09 96.01
N UNK D 121 -153.40 71.68 95.00
CA UNK D 121 -154.40 70.63 95.20
C UNK D 121 -154.25 69.55 94.13
N UNK D 122 -154.53 68.32 94.54
CA UNK D 122 -154.46 67.19 93.64
C UNK D 122 -155.86 66.57 93.60
N UNK D 123 -156.45 66.47 92.41
CA UNK D 123 -157.80 65.91 92.30
C UNK D 123 -157.84 64.66 91.45
N UNK D 124 -159.04 64.07 91.37
CA UNK D 124 -159.25 62.85 90.61
C UNK D 124 -159.28 63.05 89.10
N UNK D 125 -159.26 64.31 88.66
CA UNK D 125 -159.26 64.57 87.24
C UNK D 125 -157.81 64.55 86.73
N UNK D 126 -156.89 64.08 87.59
CA UNK D 126 -155.47 63.95 87.25
C UNK D 126 -154.74 65.28 87.14
N UNK D 127 -155.37 66.35 87.59
CA UNK D 127 -154.73 67.64 87.51
C UNK D 127 -154.24 68.15 88.88
N UNK D 128 -153.16 68.93 88.85
CA UNK D 128 -152.63 69.56 90.04
C UNK D 128 -152.86 71.05 89.80
N UNK D 129 -153.61 71.67 90.68
CA UNK D 129 -153.90 73.10 90.56
C UNK D 129 -153.21 73.87 91.67
N UNK D 130 -152.63 75.01 91.29
CA UNK D 130 -151.95 75.87 92.26
C UNK D 130 -152.81 77.10 92.40
N UNK D 131 -153.36 77.32 93.59
CA UNK D 131 -154.22 78.47 93.83
C UNK D 131 -153.55 79.63 94.54
N UNK D 132 -153.87 80.83 94.09
CA UNK D 132 -153.39 82.06 94.69
C UNK D 132 -154.52 82.28 95.69
N UNK D 133 -154.24 82.08 96.98
CA UNK D 133 -155.28 82.20 97.99
C UNK D 133 -155.88 83.60 98.09
N UNK D 134 -155.00 84.60 98.18
CA UNK D 134 -155.37 86.00 98.29
C UNK D 134 -156.39 86.36 97.21
N UNK D 135 -156.02 86.15 95.96
CA UNK D 135 -156.89 86.48 94.85
C UNK D 135 -157.83 85.39 94.36
N UNK D 136 -157.91 84.28 95.11
CA UNK D 136 -158.79 83.17 94.77
C UNK D 136 -158.81 82.82 93.28
N UNK D 137 -157.63 82.62 92.70
CA UNK D 137 -157.53 82.29 91.29
C UNK D 137 -156.46 81.24 91.03
N UNK D 138 -156.69 80.36 90.06
CA UNK D 138 -155.71 79.34 89.74
C UNK D 138 -154.62 80.00 88.90
N UNK D 139 -153.36 79.90 89.36
CA UNK D 139 -152.27 80.52 88.62
C UNK D 139 -151.43 79.54 87.82
N UNK D 140 -151.67 78.24 88.00
CA UNK D 140 -150.93 77.24 87.26
C UNK D 140 -151.57 75.86 87.36
N UNK D 141 -151.56 75.13 86.26
CA UNK D 141 -152.13 73.79 86.23
C UNK D 141 -151.05 72.84 85.75
N UNK D 142 -150.78 71.79 86.54
CA UNK D 142 -149.77 70.81 86.19
C UNK D 142 -150.45 69.55 85.65
N UNK D 143 -150.11 69.19 84.41
CA UNK D 143 -150.76 68.06 83.75
C UNK D 143 -149.76 66.97 83.35
N UNK D 144 -150.24 65.74 83.26
CA UNK D 144 -149.37 64.62 82.93
C UNK D 144 -149.73 63.32 83.64
N UNK D 145 -150.18 63.40 84.89
CA UNK D 145 -150.52 62.20 85.65
C UNK D 145 -151.67 61.44 85.00
N UNK D 146 -151.53 60.12 84.94
CA UNK D 146 -152.52 59.27 84.28
C UNK D 146 -153.61 58.72 85.21
N UNK D 147 -153.51 59.01 86.51
CA UNK D 147 -154.46 58.47 87.47
C UNK D 147 -154.57 59.45 88.61
N UNK D 148 -155.46 59.15 89.56
CA UNK D 148 -155.68 60.02 90.70
C UNK D 148 -154.37 60.42 91.39
N UNK D 149 -154.32 61.67 91.81
CA UNK D 149 -153.19 62.20 92.53
C UNK D 149 -153.53 62.02 94.02
N UNK D 150 -152.81 61.15 94.71
CA UNK D 150 -153.08 60.87 96.11
C UNK D 150 -152.30 61.72 97.12
N UNK D 151 -151.20 62.33 96.70
CA UNK D 151 -150.37 63.09 97.63
C UNK D 151 -149.48 64.12 96.94
N UNK D 152 -149.28 65.23 97.64
CA UNK D 152 -148.47 66.34 97.16
C UNK D 152 -147.71 66.89 98.36
N UNK D 153 -146.55 67.48 98.09
CA UNK D 153 -145.75 68.12 99.13
C UNK D 153 -144.79 69.09 98.47
N UNK D 154 -144.66 70.29 99.03
CA UNK D 154 -143.75 71.29 98.50
C UNK D 154 -142.33 71.10 98.99
N UNK D 155 -141.37 71.53 98.19
CA UNK D 155 -139.98 71.51 98.59
C UNK D 155 -139.85 72.79 99.43
N UNK D 156 -138.99 72.77 100.47
CA UNK D 156 -138.79 73.95 101.33
C UNK D 156 -138.51 75.25 100.58
N UNK D 157 -137.84 75.13 99.44
CA UNK D 157 -137.47 76.29 98.65
C UNK D 157 -138.64 76.95 97.95
N UNK D 158 -139.77 76.25 97.87
CA UNK D 158 -140.96 76.80 97.24
C UNK D 158 -141.02 76.83 95.72
N UNK D 159 -139.98 76.37 95.04
CA UNK D 159 -140.02 76.39 93.58
C UNK D 159 -140.19 75.01 92.92
N UNK D 160 -140.39 73.99 93.75
CA UNK D 160 -140.60 72.64 93.27
C UNK D 160 -141.70 71.94 94.08
N UNK D 161 -142.35 70.98 93.43
CA UNK D 161 -143.43 70.26 94.04
C UNK D 161 -143.32 68.78 93.69
N UNK D 162 -143.60 67.92 94.66
CA UNK D 162 -143.56 66.50 94.37
C UNK D 162 -144.98 65.93 94.52
N UNK D 163 -145.34 65.01 93.62
CA UNK D 163 -146.66 64.40 93.64
C UNK D 163 -146.57 62.87 93.52
N UNK D 164 -147.57 62.20 94.08
CA UNK D 164 -147.65 60.75 94.06
C UNK D 164 -148.99 60.34 93.45
N UNK D 165 -148.97 59.34 92.57
CA UNK D 165 -150.21 58.92 91.90
C UNK D 165 -150.42 57.42 91.74
N UNK D 166 -151.69 57.08 91.47
CA UNK D 166 -152.08 55.70 91.25
C UNK D 166 -151.48 55.24 89.93
N UNK D 167 -150.91 56.15 89.14
CA UNK D 167 -150.29 55.74 87.88
C UNK D 167 -148.91 55.20 88.12
N UNK D 168 -148.59 54.91 89.38
CA UNK D 168 -147.29 54.33 89.72
C UNK D 168 -146.07 55.26 89.57
N UNK D 169 -146.27 56.56 89.59
CA UNK D 169 -145.14 57.47 89.48
C UNK D 169 -145.08 58.52 90.58
N UNK D 170 -143.89 59.05 90.78
CA UNK D 170 -143.64 60.12 91.70
C UNK D 170 -143.05 61.16 90.77
N UNK D 171 -143.60 62.36 90.78
CA UNK D 171 -143.07 63.38 89.88
C UNK D 171 -142.66 64.64 90.60
N UNK D 172 -141.58 65.24 90.11
CA UNK D 172 -141.07 66.49 90.65
C UNK D 172 -141.35 67.55 89.60
N UNK D 173 -142.06 68.59 90.03
CA UNK D 173 -142.44 69.68 89.13
C UNK D 173 -141.69 70.97 89.41
N UNK D 174 -141.22 71.60 88.34
CA UNK D 174 -140.50 72.86 88.45
C UNK D 174 -141.57 73.96 88.39
N UNK D 175 -141.84 74.61 89.50
CA UNK D 175 -142.87 75.66 89.50
C UNK D 175 -142.43 76.93 88.79
N UNK D 176 -141.14 77.04 88.48
CA UNK D 176 -140.64 78.21 87.78
C UNK D 176 -140.99 78.06 86.30
N UNK D 177 -140.83 76.83 85.79
CA UNK D 177 -141.09 76.52 84.38
C UNK D 177 -142.38 75.74 84.15
N UNK D 178 -143.14 75.51 85.22
CA UNK D 178 -144.40 74.80 85.10
C UNK D 178 -144.32 73.44 84.43
N UNK D 179 -143.12 72.87 84.37
CA UNK D 179 -142.92 71.57 83.73
C UNK D 179 -142.50 70.47 84.70
N UNK D 180 -142.74 69.22 84.28
CA UNK D 180 -142.35 68.06 85.06
C UNK D 180 -140.85 67.87 84.85
N UNK D 181 -140.07 68.08 85.91
CA UNK D 181 -138.61 67.94 85.83
C UNK D 181 -138.10 66.51 85.96
N UNK D 182 -138.83 65.68 86.70
CA UNK D 182 -138.39 64.30 86.88
C UNK D 182 -139.55 63.35 87.14
N UNK D 183 -139.44 62.16 86.59
CA UNK D 183 -140.46 61.14 86.75
C UNK D 183 -139.84 59.85 87.26
N UNK D 184 -140.26 59.43 88.45
CA UNK D 184 -139.76 58.19 89.04
C UNK D 184 -140.88 57.17 88.91
N UNK D 185 -140.56 56.02 88.32
CA UNK D 185 -141.56 54.98 88.13
C UNK D 185 -141.30 53.76 89.02
N UNK D 186 -142.34 53.25 89.66
CA UNK D 186 -142.17 52.06 90.47
C UNK D 186 -143.20 51.05 89.98
N UNK D 187 -143.30 49.91 90.66
CA UNK D 187 -144.20 48.83 90.22
C UNK D 187 -145.67 48.94 90.58
N UNK D 188 -145.97 49.61 91.68
CA UNK D 188 -147.36 49.74 92.12
C UNK D 188 -147.71 51.19 92.43
N UNK D 189 -148.98 51.40 92.75
CA UNK D 189 -149.46 52.74 93.05
C UNK D 189 -148.79 53.43 94.22
N UNK D 190 -148.65 54.75 94.09
CA UNK D 190 -148.05 55.59 95.10
C UNK D 190 -149.18 56.25 95.87
N UNK D 191 -149.18 56.07 97.18
CA UNK D 191 -150.24 56.61 98.02
C UNK D 191 -149.86 57.83 98.85
N UNK D 192 -148.57 58.08 99.01
CA UNK D 192 -148.13 59.17 99.85
C UNK D 192 -146.69 59.55 99.51
N UNK D 193 -146.37 60.83 99.60
CA UNK D 193 -145.04 61.34 99.32
C UNK D 193 -144.68 62.37 100.37
N UNK D 194 -143.38 62.54 100.61
CA UNK D 194 -142.91 63.50 101.58
C UNK D 194 -141.54 64.06 101.20
N UNK D 195 -141.30 65.33 101.53
CA UNK D 195 -140.01 65.95 101.24
C UNK D 195 -139.26 66.07 102.58
N UNK D 196 -137.98 65.75 102.62
CA UNK D 196 -137.24 65.87 103.87
C UNK D 196 -137.18 67.35 104.23
N UNK D 197 -137.24 67.68 105.53
CA UNK D 197 -137.21 69.07 105.97
C UNK D 197 -135.86 69.76 105.78
N UNK D 198 -135.88 71.10 105.80
CA UNK D 198 -134.67 71.87 105.66
C UNK D 198 -134.22 72.12 104.23
N UNK D 199 -133.41 71.21 103.71
CA UNK D 199 -132.90 71.36 102.34
C UNK D 199 -133.70 70.59 101.30
N UNK D 200 -134.53 69.65 101.72
CA UNK D 200 -135.31 68.86 100.78
C UNK D 200 -134.42 67.95 99.95
N UNK D 201 -133.38 67.42 100.57
CA UNK D 201 -132.43 66.55 99.86
C UNK D 201 -133.05 65.20 99.51
N UNK D 202 -134.00 64.75 100.31
CA UNK D 202 -134.61 63.46 100.06
C UNK D 202 -136.13 63.45 99.91
N UNK D 203 -136.62 62.51 99.11
CA UNK D 203 -138.04 62.37 98.91
C UNK D 203 -138.37 60.94 99.28
N UNK D 204 -139.45 60.77 100.02
CA UNK D 204 -139.88 59.44 100.41
C UNK D 204 -141.27 59.21 99.81
N UNK D 205 -141.58 57.95 99.53
CA UNK D 205 -142.89 57.60 98.99
C UNK D 205 -143.32 56.28 99.57
N UNK D 206 -144.61 56.18 99.92
CA UNK D 206 -145.17 54.96 100.45
C UNK D 206 -145.86 54.33 99.25
N UNK D 207 -145.91 53.01 99.21
CA UNK D 207 -146.49 52.36 98.07
C UNK D 207 -147.43 51.20 98.39
N UNK D 208 -148.34 50.91 97.45
CA UNK D 208 -149.29 49.80 97.63
C UNK D 208 -148.54 48.46 97.77
N UNK D 209 -147.30 48.41 97.30
CA UNK D 209 -146.50 47.18 97.39
C UNK D 209 -145.79 46.96 98.75
N UNK D 210 -146.28 47.62 99.80
CA UNK D 210 -145.72 47.43 101.14
C UNK D 210 -144.37 48.07 101.44
N UNK D 211 -143.78 48.77 100.48
CA UNK D 211 -142.47 49.37 100.73
C UNK D 211 -142.49 50.89 100.87
N UNK D 212 -141.41 51.40 101.42
CA UNK D 212 -141.22 52.83 101.56
C UNK D 212 -139.91 53.07 100.83
N UNK D 213 -139.91 53.99 99.88
CA UNK D 213 -138.70 54.28 99.13
C UNK D 213 -138.21 55.71 99.39
N UNK D 214 -136.90 55.88 99.38
CA UNK D 214 -136.31 57.20 99.57
C UNK D 214 -135.35 57.47 98.44
N UNK D 215 -135.53 58.60 97.76
CA UNK D 215 -134.69 58.99 96.63
C UNK D 215 -133.95 60.28 96.95
N UNK D 216 -132.76 60.41 96.34
CA UNK D 216 -131.97 61.62 96.44
C UNK D 216 -132.73 62.53 95.47
N UNK D 217 -133.28 63.63 95.96
CA UNK D 217 -134.09 64.49 95.09
C UNK D 217 -133.45 65.10 93.84
N UNK D 218 -132.14 65.38 93.87
CA UNK D 218 -131.49 65.99 92.70
C UNK D 218 -131.14 64.98 91.59
N UNK D 219 -130.74 63.78 91.99
CA UNK D 219 -130.35 62.76 91.03
C UNK D 219 -131.44 61.76 90.65
N UNK D 220 -132.40 61.55 91.54
CA UNK D 220 -133.45 60.60 91.25
C UNK D 220 -133.01 59.19 91.57
N UNK D 221 -131.82 59.06 92.16
CA UNK D 221 -131.33 57.73 92.53
C UNK D 221 -132.00 57.26 93.82
N UNK D 222 -132.37 55.99 93.84
CA UNK D 222 -133.02 55.38 94.99
C UNK D 222 -131.91 55.18 96.01
N UNK D 223 -132.08 55.79 97.17
CA UNK D 223 -131.06 55.67 98.20
C UNK D 223 -131.39 54.60 99.23
N UNK D 224 -132.68 54.36 99.43
CA UNK D 224 -133.11 53.38 100.42
C UNK D 224 -134.47 52.78 100.07
N UNK D 225 -134.63 51.50 100.35
CA UNK D 225 -135.88 50.80 100.09
C UNK D 225 -136.21 49.97 101.32
N UNK D 226 -137.22 50.40 102.08
CA UNK D 226 -137.62 49.70 103.28
C UNK D 226 -138.77 48.69 103.07
N UNK D 227 -138.49 47.39 103.02
CA UNK D 227 -139.57 46.41 102.84
C UNK D 227 -139.15 44.97 103.09
N UNK D 228 -139.30 42.88 109.56
CA UNK D 228 -139.78 44.11 110.17
C UNK D 228 -140.51 45.05 109.20
N UNK D 229 -140.64 44.62 107.93
CA UNK D 229 -141.33 45.44 106.96
C UNK D 229 -142.84 45.33 107.11
N UNK D 230 -143.57 46.27 106.51
CA UNK D 230 -145.04 46.24 106.59
C UNK D 230 -145.59 44.99 105.91
N UNK D 231 -146.74 44.52 106.40
CA UNK D 231 -147.37 43.32 105.86
C UNK D 231 -148.48 43.63 104.87
N UNK D 232 -148.76 44.92 104.68
CA UNK D 232 -149.79 45.34 103.75
C UNK D 232 -149.41 46.74 103.25
N UNK D 233 -150.22 47.26 102.34
CA UNK D 233 -149.98 48.57 101.74
C UNK D 233 -149.71 49.74 102.69
N UNK D 234 -148.77 50.58 102.30
CA UNK D 234 -148.44 51.75 103.10
C UNK D 234 -149.30 52.90 102.60
N UNK D 235 -149.92 53.62 103.52
CA UNK D 235 -150.81 54.73 103.14
C UNK D 235 -150.36 56.13 103.54
N UNK D 236 -149.36 56.21 104.41
CA UNK D 236 -148.85 57.50 104.84
C UNK D 236 -147.37 57.43 105.30
N UNK D 237 -146.63 58.48 104.99
CA UNK D 237 -145.23 58.57 105.38
C UNK D 237 -144.91 60.05 105.55
N UNK D 238 -144.03 60.34 106.52
CA UNK D 238 -143.56 61.70 106.78
C UNK D 238 -142.16 61.53 107.32
N UNK D 239 -141.35 62.58 107.23
CA UNK D 239 -140.01 62.52 107.79
C UNK D 239 -140.17 63.06 109.22
N UNK D 240 -139.25 62.69 110.10
CA UNK D 240 -139.30 63.23 111.44
C UNK D 240 -138.76 64.63 111.22
N UNK D 241 -139.06 65.58 112.10
CA UNK D 241 -138.60 66.94 111.90
C UNK D 241 -137.09 67.15 111.89
N UNK D 242 -136.34 66.18 112.39
CA UNK D 242 -134.89 66.30 112.39
C UNK D 242 -134.35 65.75 111.06
N UNK D 243 -135.26 65.29 110.20
CA UNK D 243 -134.87 64.74 108.92
C UNK D 243 -134.08 63.44 108.95
N UNK D 244 -133.94 62.86 110.13
CA UNK D 244 -133.17 61.62 110.29
C UNK D 244 -133.95 60.32 110.11
N UNK D 245 -135.26 60.36 110.28
CA UNK D 245 -136.06 59.16 110.13
C UNK D 245 -137.34 59.33 109.32
N UNK D 246 -137.98 58.21 109.04
CA UNK D 246 -139.23 58.18 108.32
C UNK D 246 -140.23 57.44 109.17
N UNK D 247 -141.47 57.90 109.15
CA UNK D 247 -142.53 57.26 109.92
C UNK D 247 -143.55 56.83 108.88
N UNK D 248 -143.98 55.58 108.96
CA UNK D 248 -144.94 55.07 107.99
C UNK D 248 -146.15 54.42 108.66
N UNK D 249 -147.31 54.62 108.03
CA UNK D 249 -148.56 54.03 108.50
C UNK D 249 -149.05 53.05 107.45
N UNK D 250 -149.53 51.89 107.88
CA UNK D 250 -149.98 50.87 106.93
C UNK D 250 -151.33 50.22 107.25
N UNK D 251 -151.91 49.57 106.24
CA UNK D 251 -153.18 48.87 106.38
C UNK D 251 -152.95 47.63 107.25
N UNK D 252 -151.68 47.28 107.50
CA UNK D 252 -151.41 46.13 108.36
C UNK D 252 -151.65 46.48 109.83
N UNK D 253 -152.18 47.69 110.04
CA UNK D 253 -152.54 48.22 111.35
C UNK D 253 -151.39 48.70 112.23
N UNK D 254 -150.21 48.84 111.64
CA UNK D 254 -149.07 49.30 112.41
C UNK D 254 -148.51 50.60 111.88
N UNK D 255 -147.74 51.25 112.74
CA UNK D 255 -147.02 52.47 112.38
C UNK D 255 -145.56 52.03 112.55
N UNK D 256 -144.64 52.56 111.77
CA UNK D 256 -143.24 52.17 111.96
C UNK D 256 -142.29 53.37 111.91
N UNK D 257 -141.23 53.31 112.73
CA UNK D 257 -140.22 54.36 112.76
C UNK D 257 -139.00 53.73 112.10
N UNK D 258 -138.51 54.36 111.03
CA UNK D 258 -137.35 53.84 110.31
C UNK D 258 -136.15 54.78 110.43
N UNK D 259 -135.00 54.24 110.78
CA UNK D 259 -133.77 55.03 110.90
C UNK D 259 -133.08 54.97 109.53
N UNK D 260 -132.78 56.12 108.96
CA UNK D 260 -132.13 56.14 107.65
C UNK D 260 -130.62 55.95 107.73
N UNK D 261 -133.49 50.52 108.28
CA UNK D 261 -133.74 49.63 109.42
C UNK D 261 -134.91 50.14 110.29
N UNK D 262 -135.78 49.22 110.72
CA UNK D 262 -136.95 49.54 111.55
C UNK D 262 -136.66 49.53 113.05
N UNK D 263 -136.65 50.73 113.66
CA UNK D 263 -136.38 50.88 115.07
C UNK D 263 -137.60 50.60 115.96
N UNK D 264 -138.78 51.07 115.57
CA UNK D 264 -139.97 50.84 116.36
C UNK D 264 -141.23 50.52 115.54
N UNK D 265 -142.00 49.53 116.01
CA UNK D 265 -143.23 49.12 115.34
C UNK D 265 -144.42 49.29 116.27
N UNK D 266 -145.50 49.87 115.76
CA UNK D 266 -146.69 50.09 116.57
C UNK D 266 -147.88 49.23 116.15
N UNK D 267 -148.42 48.49 117.12
CA UNK D 267 -149.57 47.61 116.90
C UNK D 267 -150.83 48.20 117.53
N UNK D 268 -150.77 49.48 117.87
CA UNK D 268 -151.87 50.16 118.51
C UNK D 268 -153.19 50.27 117.77
N UNK D 269 -153.15 50.50 116.46
CA UNK D 269 -154.39 50.62 115.70
C UNK D 269 -154.96 49.27 115.29
N UNK D 270 -156.18 48.99 115.72
CA UNK D 270 -156.86 47.75 115.41
C UNK D 270 -157.16 47.57 113.93
N UNK D 271 -157.60 48.65 113.28
CA UNK D 271 -157.95 48.63 111.88
C UNK D 271 -156.88 49.39 111.10
N UNK D 272 -157.10 49.56 109.80
CA UNK D 272 -156.17 50.28 108.92
C UNK D 272 -155.62 51.58 109.50
N UNK D 273 -154.31 51.78 109.36
CA UNK D 273 -153.72 53.03 109.79
C UNK D 273 -153.68 53.82 108.48
N UNK D 274 -154.29 54.99 108.49
CA UNK D 274 -154.38 55.80 107.28
C UNK D 274 -153.56 57.08 107.21
N UNK D 275 -153.07 57.55 108.36
CA UNK D 275 -152.33 58.80 108.38
C UNK D 275 -151.45 58.93 109.62
N UNK D 276 -150.26 59.48 109.45
CA UNK D 276 -149.35 59.66 110.57
C UNK D 276 -148.77 61.06 110.51
N UNK D 277 -148.25 61.54 111.64
CA UNK D 277 -147.63 62.86 111.74
C UNK D 277 -146.83 62.82 113.01
N UNK D 278 -145.91 63.76 113.16
CA UNK D 278 -145.14 63.84 114.40
C UNK D 278 -145.29 65.26 114.94
N UNK D 279 -145.28 65.37 116.26
CA UNK D 279 -145.38 66.67 116.94
C UNK D 279 -144.00 67.34 116.95
N UNK D 280 -143.90 68.58 117.42
CA UNK D 280 -142.59 69.27 117.45
C UNK D 280 -141.57 68.52 118.30
N UNK D 281 -140.30 68.60 117.90
CA UNK D 281 -139.25 67.90 118.62
C UNK D 281 -139.39 66.40 118.46
N UNK D 282 -140.44 65.98 117.75
CA UNK D 282 -140.69 64.56 117.50
C UNK D 282 -140.93 63.76 118.78
N UNK D 283 -141.38 64.42 119.84
CA UNK D 283 -141.64 63.74 121.09
C UNK D 283 -142.77 62.69 120.90
N UNK D 284 -143.81 63.04 120.14
CA UNK D 284 -144.92 62.12 119.94
C UNK D 284 -145.23 61.84 118.48
N UNK D 285 -145.83 60.69 118.23
CA UNK D 285 -146.25 60.33 116.89
C UNK D 285 -147.77 60.20 116.98
N UNK D 286 -148.49 60.83 116.05
CA UNK D 286 -149.95 60.73 116.04
C UNK D 286 -150.37 59.90 114.83
N UNK D 287 -151.34 59.02 115.02
CA UNK D 287 -151.82 58.20 113.91
C UNK D 287 -153.35 58.19 113.88
N UNK D 288 -153.89 58.25 112.66
CA UNK D 288 -155.33 58.23 112.49
C UNK D 288 -155.67 56.91 111.83
N UNK D 289 -156.79 56.32 112.26
CA UNK D 289 -157.13 55.02 111.73
C UNK D 289 -158.59 54.84 111.35
N UNK D 290 -158.85 53.77 110.62
CA UNK D 290 -160.19 53.42 110.21
C UNK D 290 -160.95 53.01 111.46
N UNK D 291 -160.24 52.77 112.57
CA UNK D 291 -160.93 52.41 113.80
C UNK D 291 -161.52 53.67 114.44
N UNK D 292 -161.54 54.77 113.68
CA UNK D 292 -162.13 56.03 114.11
C UNK D 292 -161.37 56.79 115.19
N UNK D 293 -160.23 56.24 115.61
CA UNK D 293 -159.43 56.89 116.63
C UNK D 293 -158.12 57.51 116.17
N UNK D 294 -157.55 58.30 117.06
CA UNK D 294 -156.26 58.89 116.84
C UNK D 294 -155.45 58.43 118.04
N UNK D 295 -154.30 57.81 117.79
CA UNK D 295 -153.43 57.39 118.89
C UNK D 295 -152.24 58.32 119.02
N UNK D 296 -151.85 58.57 120.26
CA UNK D 296 -150.69 59.42 120.58
C UNK D 296 -149.66 58.41 121.03
N UNK D 297 -148.49 58.41 120.41
CA UNK D 297 -147.48 57.45 120.80
C UNK D 297 -146.24 58.16 121.30
N UNK D 298 -145.63 57.60 122.35
CA UNK D 298 -144.39 58.12 122.84
C UNK D 298 -143.40 57.54 121.81
N UNK D 299 -142.82 58.39 120.97
CA UNK D 299 -141.94 57.93 119.91
C UNK D 299 -140.83 56.98 120.33
N UNK D 300 -140.13 57.32 121.41
CA UNK D 300 -139.02 56.51 121.89
C UNK D 300 -139.34 55.10 122.39
N UNK D 301 -140.34 54.98 123.26
CA UNK D 301 -140.67 53.66 123.81
C UNK D 301 -141.66 52.85 122.99
N UNK D 302 -142.48 53.51 122.18
CA UNK D 302 -143.46 52.79 121.39
C UNK D 302 -144.76 52.57 122.14
N UNK D 303 -144.83 53.05 123.39
CA UNK D 303 -146.05 52.90 124.18
C UNK D 303 -147.15 53.87 123.74
N UNK D 304 -148.39 53.36 123.63
CA UNK D 304 -149.45 54.29 123.23
C UNK D 304 -149.82 55.07 124.50
N UNK D 305 -149.93 56.39 124.43
CA UNK D 305 -150.27 57.20 125.61
C UNK D 305 -151.78 57.38 125.79
N UNK D 306 -152.50 57.60 124.69
CA UNK D 306 -153.95 57.78 124.78
C UNK D 306 -154.63 57.67 123.44
N UNK D 307 -155.86 57.18 123.46
CA UNK D 307 -156.61 57.08 122.23
C UNK D 307 -157.74 58.09 122.24
N UNK D 308 -157.77 58.92 121.20
CA UNK D 308 -158.81 59.91 121.08
C UNK D 308 -159.87 59.42 120.11
N UNK D 309 -161.09 59.26 120.60
CA UNK D 309 -162.22 58.86 119.74
C UNK D 309 -163.03 60.14 119.53
N UNK D 310 -162.78 60.85 118.44
CA UNK D 310 -163.50 62.09 118.22
C UNK D 310 -164.22 62.21 116.89
N UNK D 311 -164.53 61.08 116.28
CA UNK D 311 -165.20 61.07 114.99
C UNK D 311 -166.13 59.85 114.93
N UNK D 312 -167.14 59.91 114.05
CA UNK D 312 -168.07 58.78 113.94
C UNK D 312 -167.73 57.87 112.79
N UNK D 313 -166.57 58.11 112.19
CA UNK D 313 -166.10 57.30 111.09
C UNK D 313 -164.57 57.40 110.99
N UNK D 314 -164.01 56.79 109.96
CA UNK D 314 -162.56 56.76 109.73
C UNK D 314 -161.81 58.10 109.79
N UNK D 315 -160.69 58.09 110.49
CA UNK D 315 -159.87 59.30 110.55
C UNK D 315 -158.97 59.08 109.35
N UNK D 316 -159.22 59.83 108.29
CA UNK D 316 -158.50 59.70 107.03
C UNK D 316 -157.21 60.48 106.95
N UNK D 317 -157.14 61.60 107.68
CA UNK D 317 -155.98 62.46 107.62
C UNK D 317 -155.74 63.13 108.98
N UNK D 318 -154.45 63.22 109.32
CA UNK D 318 -154.02 63.85 110.56
C UNK D 318 -152.89 64.82 110.21
N UNK D 319 -152.96 66.02 110.77
CA UNK D 319 -151.93 67.01 110.53
C UNK D 319 -151.57 67.67 111.84
N UNK D 320 -150.32 68.08 111.96
CA UNK D 320 -149.85 68.77 113.16
C UNK D 320 -149.39 70.16 112.76
N UNK D 321 -149.66 71.14 113.61
CA UNK D 321 -149.29 72.51 113.32
C UNK D 321 -147.96 72.92 113.87
N UNK D 322 -147.32 73.86 113.18
CA UNK D 322 -146.07 74.41 113.68
C UNK D 322 -146.49 75.65 114.48
N UNK D 323 -145.52 76.36 115.04
CA UNK D 323 -145.84 77.55 115.80
C UNK D 323 -146.79 77.29 116.97
N UNK D 324 -147.64 78.27 117.27
CA UNK D 324 -148.61 78.16 118.36
C UNK D 324 -149.65 79.26 118.22
N UNK D 325 -150.58 79.07 117.30
CA UNK D 325 -151.62 80.06 117.06
C UNK D 325 -152.61 80.19 118.21
N UNK D 326 -152.72 79.16 119.06
CA UNK D 326 -153.65 79.24 120.19
C UNK D 326 -152.98 79.57 121.51
N UNK D 327 -151.77 80.12 121.44
CA UNK D 327 -151.05 80.47 122.66
C UNK D 327 -149.86 79.57 122.84
N UNK D 328 -148.89 79.96 123.68
CA UNK D 328 -147.67 79.18 123.93
C UNK D 328 -147.94 77.94 124.80
N UNK D 329 -149.15 77.85 125.35
CA UNK D 329 -149.50 76.73 126.22
C UNK D 329 -150.17 75.58 125.45
N UNK D 330 -150.37 75.75 124.15
CA UNK D 330 -151.02 74.71 123.37
C UNK D 330 -150.31 74.24 122.12
N UNK D 331 -150.52 72.98 121.81
CA UNK D 331 -150.03 72.40 120.58
C UNK D 331 -151.31 72.08 119.84
N UNK D 332 -151.28 72.31 118.54
CA UNK D 332 -152.44 72.10 117.70
C UNK D 332 -152.26 71.01 116.64
N UNK D 333 -153.29 70.20 116.46
CA UNK D 333 -153.28 69.19 115.42
C UNK D 333 -154.71 69.13 114.88
N UNK D 334 -154.89 68.53 113.71
CA UNK D 334 -156.21 68.48 113.11
C UNK D 334 -156.46 67.12 112.49
N UNK D 335 -157.75 66.78 112.39
CA UNK D 335 -158.19 65.51 111.81
C UNK D 335 -159.26 65.73 110.74
N UNK D 336 -159.21 64.90 109.70
CA UNK D 336 -160.19 64.95 108.63
C UNK D 336 -160.81 63.57 108.67
N UNK D 337 -162.14 63.51 108.64
CA UNK D 337 -162.80 62.22 108.73
C UNK D 337 -163.85 61.91 107.66
N UNK D 338 -164.20 60.62 107.61
CA UNK D 338 -165.21 60.15 106.70
C UNK D 338 -166.56 60.53 107.27
N UNK D 339 -166.58 61.11 108.48
CA UNK D 339 -167.87 61.52 109.02
C UNK D 339 -168.21 62.94 108.53
N UNK D 340 -167.43 63.42 107.57
CA UNK D 340 -167.62 64.75 106.96
C UNK D 340 -167.27 65.96 107.84
N UNK D 341 -166.50 65.71 108.90
CA UNK D 341 -166.08 66.83 109.75
C UNK D 341 -164.56 66.90 109.83
N UNK D 342 -164.05 68.13 109.95
CA UNK D 342 -162.64 68.35 110.12
C UNK D 342 -162.57 69.02 111.49
N UNK D 343 -161.75 68.51 112.38
CA UNK D 343 -161.66 69.12 113.70
C UNK D 343 -160.27 69.60 114.04
N UNK D 344 -160.22 70.71 114.77
CA UNK D 344 -158.97 71.29 115.22
C UNK D 344 -158.93 70.97 116.72
N UNK D 345 -157.84 70.34 117.15
CA UNK D 345 -157.67 69.97 118.54
C UNK D 345 -156.49 70.68 119.12
N UNK D 346 -156.56 70.93 120.43
CA UNK D 346 -155.47 71.58 121.18
C UNK D 346 -155.15 70.64 122.35
N UNK D 347 -153.87 70.50 122.67
CA UNK D 347 -153.47 69.62 123.77
C UNK D 347 -152.34 70.25 124.57
N UNK D 348 -152.26 69.88 125.85
CA UNK D 348 -151.22 70.41 126.72
C UNK D 348 -150.83 69.42 127.82
N UNK D 349 -149.73 69.70 128.52
CA UNK D 349 -149.27 68.85 129.61
C UNK D 349 -149.89 69.30 130.93
N UNK D 350 -150.42 68.35 131.69
CA UNK D 350 -151.04 68.63 132.97
C UNK D 350 -150.21 68.02 134.10
N UNK E 1 -185.10 20.67 139.30
CA UNK E 1 -183.62 20.89 139.23
C UNK E 1 -183.04 20.33 137.94
N UNK E 2 -182.16 21.12 137.33
CA UNK E 2 -181.53 20.76 136.07
C UNK E 2 -180.75 19.47 136.01
N UNK E 3 -180.92 18.75 134.91
CA UNK E 3 -180.22 17.51 134.65
C UNK E 3 -179.87 17.52 133.18
N UNK E 4 -178.76 16.88 132.82
CA UNK E 4 -178.37 16.85 131.41
C UNK E 4 -179.21 15.83 130.66
N UNK E 5 -179.94 16.27 129.62
CA UNK E 5 -180.78 15.38 128.81
C UNK E 5 -179.85 14.40 128.09
N UNK E 6 -180.17 13.10 128.12
CA UNK E 6 -179.31 12.12 127.46
C UNK E 6 -179.04 12.42 126.00
N UNK E 7 -179.87 13.27 125.40
CA UNK E 7 -179.73 13.65 123.99
C UNK E 7 -178.77 14.81 123.77
N UNK E 8 -178.37 15.48 124.86
CA UNK E 8 -177.45 16.62 124.74
C UNK E 8 -176.13 16.40 125.48
N UNK E 9 -175.83 15.16 125.78
CA UNK E 9 -174.59 14.82 126.47
C UNK E 9 -173.34 15.35 125.74
N UNK E 10 -173.26 15.09 124.45
CA UNK E 10 -172.11 15.53 123.63
C UNK E 10 -172.14 17.04 123.38
N UNK E 11 -173.33 17.62 123.47
CA UNK E 11 -173.52 19.05 123.23
C UNK E 11 -172.57 19.95 124.02
N UNK E 12 -171.74 20.69 123.30
CA UNK E 12 -170.77 21.57 123.92
C UNK E 12 -171.39 22.84 124.51
N UNK E 13 -172.50 23.30 123.94
CA UNK E 13 -173.10 24.54 124.41
C UNK E 13 -174.25 24.48 125.41
N UNK E 14 -174.27 23.49 126.29
CA UNK E 14 -175.31 23.49 127.29
C UNK E 14 -174.93 24.45 128.42
N UNK E 15 -175.90 24.84 129.26
CA UNK E 15 -175.66 25.77 130.35
C UNK E 15 -175.00 25.18 131.59
N UNK E 16 -174.44 26.05 132.41
CA UNK E 16 -173.81 25.67 133.68
C UNK E 16 -174.97 25.31 134.61
N UNK E 17 -174.88 24.16 135.30
CA UNK E 17 -176.00 23.84 136.19
C UNK E 17 -176.14 24.96 137.25
N UNK E 18 -177.37 25.40 137.52
CA UNK E 18 -177.66 26.46 138.50
C UNK E 18 -176.94 26.34 139.85
N UNK E 19 -176.78 25.12 140.36
CA UNK E 19 -176.12 24.95 141.65
C UNK E 19 -174.62 25.23 141.61
N UNK E 20 -174.08 25.38 140.40
CA UNK E 20 -172.66 25.67 140.24
C UNK E 20 -172.41 27.11 139.80
N UNK E 21 -173.47 27.84 139.46
CA UNK E 21 -173.34 29.22 139.01
C UNK E 21 -172.78 30.12 140.09
N UNK E 22 -173.02 29.78 141.36
CA UNK E 22 -172.50 30.56 142.48
C UNK E 22 -171.83 29.62 143.48
N UNK E 23 -170.50 29.63 143.51
CA UNK E 23 -169.74 28.77 144.41
C UNK E 23 -169.81 29.17 145.88
N UNK E 24 -170.55 30.23 146.17
CA UNK E 24 -170.68 30.71 147.54
C UNK E 24 -171.33 29.67 148.44
N UNK E 25 -170.61 29.23 149.47
CA UNK E 25 -171.12 28.21 150.40
C UNK E 25 -172.02 28.79 151.50
N UNK E 26 -172.06 30.10 151.66
CA UNK E 26 -172.98 30.70 152.62
C UNK E 26 -174.45 30.46 152.28
N UNK E 27 -174.79 30.62 151.00
CA UNK E 27 -176.17 30.56 150.53
C UNK E 27 -176.93 29.22 150.64
N UNK E 28 -176.24 28.13 150.33
CA UNK E 28 -176.89 26.82 150.16
C UNK E 28 -177.47 26.20 151.43
N UNK E 29 -178.59 25.51 151.30
CA UNK E 29 -179.15 24.73 152.40
C UNK E 29 -178.15 23.77 153.05
N UNK E 30 -178.26 23.61 154.38
CA UNK E 30 -177.37 22.73 155.12
C UNK E 30 -177.49 21.29 154.61
N UNK E 31 -178.56 21.02 153.87
CA UNK E 31 -178.78 19.66 153.35
C UNK E 31 -178.07 19.43 152.01
N UNK E 32 -177.67 20.52 151.36
CA UNK E 32 -176.99 20.42 150.08
C UNK E 32 -175.50 20.72 150.16
N UNK E 33 -174.96 20.85 151.38
CA UNK E 33 -173.54 21.13 151.50
C UNK E 33 -172.88 20.57 152.75
N UNK E 34 -171.60 20.24 152.62
CA UNK E 34 -170.82 19.71 153.74
C UNK E 34 -169.67 20.68 153.92
N UNK E 35 -169.61 21.29 155.10
CA UNK E 35 -168.58 22.28 155.38
C UNK E 35 -167.77 21.92 156.63
N UNK E 36 -166.46 22.17 156.56
CA UNK E 36 -165.56 21.95 157.67
C UNK E 36 -164.64 23.15 157.55
N UNK E 37 -163.72 23.32 158.49
CA UNK E 37 -162.84 24.47 158.41
C UNK E 37 -161.85 24.33 157.26
N UNK E 38 -161.63 23.11 156.79
CA UNK E 38 -160.66 22.88 155.72
C UNK E 38 -161.18 22.81 154.31
N UNK E 39 -162.48 22.61 154.14
CA UNK E 39 -163.07 22.47 152.79
C UNK E 39 -164.59 22.35 152.87
N UNK E 40 -165.23 22.58 151.73
CA UNK E 40 -166.67 22.41 151.69
C UNK E 40 -167.07 21.76 150.36
N UNK E 41 -168.20 21.07 150.40
CA UNK E 41 -168.69 20.38 149.23
C UNK E 41 -170.08 20.86 148.90
N UNK E 42 -170.35 21.02 147.61
CA UNK E 42 -171.67 21.43 147.14
C UNK E 42 -172.18 20.18 146.43
N UNK E 43 -173.40 19.76 146.76
CA UNK E 43 -173.99 18.59 146.12
C UNK E 43 -175.05 18.98 145.09
N UNK E 44 -175.15 18.20 144.01
CA UNK E 44 -176.16 18.49 142.99
C UNK E 44 -177.54 18.25 143.63
N UNK E 45 -178.40 19.27 143.65
CA UNK E 45 -179.74 19.11 144.24
C UNK E 45 -180.70 18.24 143.46
N UNK E 46 -180.33 17.84 142.24
CA UNK E 46 -181.22 17.01 141.42
C UNK E 46 -180.96 15.52 141.57
N UNK E 47 -179.92 15.15 142.30
CA UNK E 47 -179.61 13.74 142.46
C UNK E 47 -179.55 13.32 143.93
N UNK E 48 -179.54 12.00 144.20
CA UNK E 48 -179.46 11.51 145.59
C UNK E 48 -178.03 11.65 146.12
N UNK E 49 -177.84 12.47 147.15
CA UNK E 49 -176.49 12.61 147.71
C UNK E 49 -176.06 11.23 148.12
N UNK E 50 -175.07 10.70 147.42
CA UNK E 50 -174.56 9.38 147.74
C UNK E 50 -173.19 9.50 148.42
N UNK E 51 -172.19 9.79 147.60
CA UNK E 51 -170.76 9.91 147.98
C UNK E 51 -170.35 10.89 149.07
N UNK E 52 -169.50 10.44 149.98
CA UNK E 52 -168.99 11.33 151.02
C UNK E 52 -167.49 11.50 150.76
N UNK E 53 -166.98 12.71 150.95
CA UNK E 53 -165.57 12.97 150.72
C UNK E 53 -164.93 13.49 152.01
N UNK E 54 -163.76 12.99 152.33
CA UNK E 54 -163.07 13.46 153.51
C UNK E 54 -161.58 13.73 153.22
N UNK E 55 -161.06 14.68 153.98
CA UNK E 55 -159.68 15.06 153.91
C UNK E 55 -158.90 14.03 154.75
N UNK E 56 -157.88 13.42 154.15
CA UNK E 56 -157.06 12.42 154.84
C UNK E 56 -155.75 13.05 155.35
N UNK E 57 -155.01 13.74 154.48
CA UNK E 57 -153.79 14.42 154.89
C UNK E 57 -153.57 15.68 154.06
N UNK E 58 -153.03 16.70 154.70
CA UNK E 58 -152.75 17.94 153.99
C UNK E 58 -151.23 18.05 154.06
N UNK E 59 -150.56 18.17 152.91
CA UNK E 59 -149.09 18.25 152.89
C UNK E 59 -148.54 19.61 152.45
N UNK E 60 -147.83 20.28 153.36
CA UNK E 60 -147.28 21.60 153.07
C UNK E 60 -146.07 21.53 152.15
N UNK E 61 -146.04 22.47 151.21
CA UNK E 61 -144.94 22.61 150.27
C UNK E 61 -144.55 24.08 150.32
N UNK E 62 -143.29 24.39 150.03
CA UNK E 62 -142.90 25.79 150.09
C UNK E 62 -143.03 26.50 148.74
N UNK E 63 -143.75 25.88 147.81
CA UNK E 63 -144.00 26.49 146.50
C UNK E 63 -145.19 25.78 145.89
N UNK E 64 -145.69 26.30 144.77
CA UNK E 64 -146.84 25.72 144.06
C UNK E 64 -146.60 24.24 143.74
N UNK E 65 -147.61 23.39 144.00
CA UNK E 65 -147.48 21.97 143.69
C UNK E 65 -147.98 21.76 142.26
N UNK E 66 -147.04 21.53 141.35
CA UNK E 66 -147.35 21.34 139.94
C UNK E 66 -147.91 19.99 139.54
N UNK E 67 -147.64 18.97 140.35
CA UNK E 67 -148.10 17.66 139.97
C UNK E 67 -148.10 16.68 141.11
N UNK E 68 -149.05 15.77 141.05
CA UNK E 68 -149.18 14.73 142.05
C UNK E 68 -149.48 13.45 141.30
N UNK E 69 -148.93 12.34 141.77
CA UNK E 69 -149.16 11.06 141.11
C UNK E 69 -148.95 9.91 142.09
N UNK E 70 -149.82 8.91 142.00
CA UNK E 70 -149.68 7.76 142.88
C UNK E 70 -148.86 6.69 142.21
N UNK E 71 -148.22 5.86 143.03
CA UNK E 71 -147.43 4.74 142.51
C UNK E 71 -148.51 3.76 142.01
N UNK E 72 -148.11 2.81 141.19
CA UNK E 72 -149.03 1.83 140.62
C UNK E 72 -149.83 1.06 141.66
N UNK E 73 -149.18 0.69 142.77
CA UNK E 73 -149.85 -0.05 143.84
C UNK E 73 -150.70 0.83 144.75
N UNK E 74 -150.62 2.14 144.57
CA UNK E 74 -151.41 3.06 145.39
C UNK E 74 -150.86 3.31 146.78
N UNK E 75 -149.71 2.76 147.08
CA UNK E 75 -149.12 2.96 148.42
C UNK E 75 -148.34 4.27 148.56
N UNK E 76 -147.95 4.88 147.44
CA UNK E 76 -147.19 6.12 147.52
C UNK E 76 -147.67 7.27 146.63
N UNK E 77 -147.38 8.48 147.10
CA UNK E 77 -147.74 9.67 146.37
C UNK E 77 -146.49 10.49 146.19
N UNK E 78 -146.25 10.92 144.96
CA UNK E 78 -145.10 11.76 144.65
C UNK E 78 -145.64 13.13 144.24
N UNK E 79 -144.99 14.20 144.70
CA UNK E 79 -145.41 15.54 144.32
C UNK E 79 -144.18 16.21 143.78
N UNK E 80 -144.42 17.22 142.95
CA UNK E 80 -143.37 18.05 142.41
C UNK E 80 -143.55 19.45 142.92
N UNK E 81 -142.46 20.00 143.47
CA UNK E 81 -142.40 21.39 143.89
C UNK E 81 -141.11 21.95 143.30
N UNK E 82 -141.02 23.27 143.12
CA UNK E 82 -139.85 23.80 142.44
C UNK E 82 -138.58 23.49 143.22
N UNK E 83 -137.57 22.99 142.51
CA UNK E 83 -136.27 22.68 143.10
C UNK E 83 -136.30 21.40 143.94
N UNK E 84 -137.40 20.65 143.85
CA UNK E 84 -137.59 19.47 144.69
C UNK E 84 -138.61 18.49 144.12
N UNK E 85 -138.66 17.28 144.68
CA UNK E 85 -139.76 16.37 144.36
C UNK E 85 -139.83 15.33 145.46
N UNK E 86 -141.02 15.09 145.99
CA UNK E 86 -141.15 14.31 147.22
C UNK E 86 -142.05 13.10 147.14
N UNK E 87 -141.72 12.12 147.96
CA UNK E 87 -142.45 10.86 148.05
C UNK E 87 -143.06 10.72 149.45
N UNK E 88 -144.36 10.47 149.51
CA UNK E 88 -145.08 10.30 150.76
C UNK E 88 -145.79 8.94 150.85
N UNK E 89 -145.86 8.40 152.06
CA UNK E 89 -146.55 7.13 152.31
C UNK E 89 -148.01 7.57 152.45
N UNK E 90 -148.87 7.03 151.60
CA UNK E 90 -150.28 7.38 151.59
C UNK E 90 -151.06 7.09 152.89
N UNK E 91 -150.89 5.88 153.43
CA UNK E 91 -151.62 5.48 154.63
C UNK E 91 -151.52 6.45 155.81
N UNK E 92 -150.33 6.98 156.07
CA UNK E 92 -150.18 7.90 157.19
C UNK E 92 -149.60 9.25 156.78
N UNK E 93 -149.51 9.50 155.48
CA UNK E 93 -148.97 10.75 154.97
C UNK E 93 -147.54 11.09 155.36
N UNK E 94 -146.75 10.10 155.80
CA UNK E 94 -145.37 10.38 156.19
C UNK E 94 -144.42 10.59 155.01
N UNK E 95 -143.46 11.49 155.22
CA UNK E 95 -142.47 11.81 154.21
C UNK E 95 -141.42 10.70 154.13
N UNK E 96 -141.36 10.03 152.99
CA UNK E 96 -140.42 8.96 152.74
C UNK E 96 -139.13 9.49 152.17
N UNK E 97 -139.22 10.48 151.29
CA UNK E 97 -138.01 11.07 150.70
C UNK E 97 -138.23 12.38 149.97
N UNK E 98 -137.27 13.28 150.07
CA UNK E 98 -137.35 14.55 149.37
C UNK E 98 -136.10 14.53 148.49
N UNK E 99 -136.30 14.54 147.18
CA UNK E 99 -135.20 14.48 146.23
C UNK E 99 -134.88 15.81 145.59
N UNK E 100 -133.60 16.13 145.57
CA UNK E 100 -133.15 17.39 145.00
C UNK E 100 -131.80 17.17 144.34
N UNK E 101 -131.64 17.70 143.13
CA UNK E 101 -130.38 17.54 142.41
C UNK E 101 -129.39 18.61 142.87
N UNK E 102 -131.18 31.04 135.27
CA UNK E 102 -132.29 30.27 135.81
C UNK E 102 -131.89 29.59 137.12
N UNK E 103 -131.62 30.40 138.14
CA UNK E 103 -131.23 29.88 139.45
C UNK E 103 -132.35 29.04 140.06
N UNK E 104 -133.59 29.51 139.91
CA UNK E 104 -134.74 28.81 140.45
C UNK E 104 -134.93 27.46 139.78
N UNK E 105 -135.33 26.47 140.56
CA UNK E 105 -135.55 25.12 140.05
C UNK E 105 -136.97 24.94 139.56
N UNK E 106 -137.14 24.15 138.50
CA UNK E 106 -138.45 23.90 137.93
C UNK E 106 -138.77 22.42 137.85
N UNK E 107 -139.91 22.05 138.43
CA UNK E 107 -140.43 20.70 138.32
C UNK E 107 -141.84 20.78 137.75
N UNK E 108 -142.12 19.99 136.71
CA UNK E 108 -143.44 20.04 136.09
C UNK E 108 -144.20 18.72 136.07
N UNK E 109 -143.47 17.61 135.98
CA UNK E 109 -144.15 16.33 135.96
C UNK E 109 -143.36 15.23 136.63
N UNK E 110 -144.09 14.31 137.27
CA UNK E 110 -143.47 13.19 137.93
C UNK E 110 -144.22 11.92 137.57
N UNK E 111 -143.55 10.78 137.62
CA UNK E 111 -144.21 9.52 137.36
C UNK E 111 -143.40 8.35 137.91
N UNK E 112 -144.08 7.46 138.61
CA UNK E 112 -143.41 6.27 139.16
C UNK E 112 -143.33 5.25 138.03
N UNK E 113 -142.29 4.41 138.09
CA UNK E 113 -142.14 3.32 137.12
C UNK E 113 -143.17 2.29 137.61
N UNK E 114 -143.64 1.38 136.74
CA UNK E 114 -144.63 0.37 137.13
C UNK E 114 -144.33 -0.41 138.41
N UNK E 115 -143.07 -0.73 138.66
CA UNK E 115 -142.72 -1.50 139.86
C UNK E 115 -142.47 -0.64 141.09
N UNK E 116 -142.68 0.67 140.97
CA UNK E 116 -142.50 1.60 142.09
C UNK E 116 -141.08 1.82 142.61
N UNK E 117 -140.07 1.35 141.90
CA UNK E 117 -138.72 1.55 142.40
C UNK E 117 -138.11 2.86 141.89
N UNK E 118 -138.56 3.31 140.72
CA UNK E 118 -138.02 4.54 140.14
C UNK E 118 -139.04 5.65 139.98
N UNK E 119 -138.52 6.87 139.98
CA UNK E 119 -139.36 8.05 139.82
C UNK E 119 -138.77 8.94 138.72
N UNK E 120 -139.54 9.18 137.68
CA UNK E 120 -139.08 10.03 136.60
C UNK E 120 -139.60 11.44 136.84
N UNK E 121 -138.75 12.44 136.62
CA UNK E 121 -139.15 13.84 136.81
C UNK E 121 -138.78 14.65 135.56
N UNK E 122 -139.62 15.62 135.24
CA UNK E 122 -139.37 16.51 134.12
C UNK E 122 -139.30 17.93 134.68
N UNK E 123 -138.19 18.61 134.43
CA UNK E 123 -138.03 19.97 134.96
C UNK E 123 -137.86 21.01 133.87
N UNK E 124 -137.79 22.27 134.29
CA UNK E 124 -137.64 23.39 133.37
C UNK E 124 -136.24 23.52 132.77
N UNK E 125 -135.30 22.72 133.26
CA UNK E 125 -133.96 22.78 132.71
C UNK E 125 -133.88 21.85 131.49
N UNK E 126 -135.04 21.39 131.03
CA UNK E 126 -135.14 20.53 129.86
C UNK E 126 -134.61 19.11 130.06
N UNK E 127 -134.35 18.75 131.31
CA UNK E 127 -133.86 17.42 131.59
C UNK E 127 -134.91 16.50 132.21
N UNK E 128 -134.78 15.21 131.92
CA UNK E 128 -135.64 14.20 132.51
C UNK E 128 -134.70 13.39 133.37
N UNK E 129 -135.00 13.34 134.67
CA UNK E 129 -134.17 12.59 135.61
C UNK E 129 -134.93 11.37 136.12
N UNK E 130 -134.23 10.24 136.21
CA UNK E 130 -134.84 9.01 136.71
C UNK E 130 -134.18 8.75 138.05
N UNK E 131 -134.97 8.80 139.12
CA UNK E 131 -134.45 8.57 140.45
C UNK E 131 -134.70 7.18 141.01
N UNK E 132 -133.68 6.67 141.69
CA UNK E 132 -133.75 5.38 142.37
C UNK E 132 -134.24 5.86 143.73
N UNK E 133 -135.49 5.57 144.05
CA UNK E 133 -136.06 6.05 145.30
C UNK E 133 -135.37 5.51 146.54
N UNK E 134 -135.20 4.19 146.56
CA UNK E 134 -134.56 3.48 147.66
C UNK E 134 -133.23 4.13 148.02
N UNK E 135 -132.35 4.23 147.04
CA UNK E 135 -131.02 4.81 147.27
C UNK E 135 -130.89 6.30 147.04
N UNK E 136 -132.01 6.98 146.84
CA UNK E 136 -132.03 8.43 146.62
C UNK E 136 -130.91 8.95 145.71
N UNK E 137 -130.78 8.34 144.53
CA UNK E 137 -129.74 8.74 143.60
C UNK E 137 -130.26 8.73 142.16
N UNK E 138 -129.78 9.67 141.35
CA UNK E 138 -130.19 9.74 139.95
C UNK E 138 -129.44 8.64 139.20
N UNK E 139 -130.16 7.75 138.53
CA UNK E 139 -129.51 6.68 137.80
C UNK E 139 -129.46 6.89 136.29
N UNK E 140 -130.15 7.92 135.81
CA UNK E 140 -130.16 8.20 134.38
C UNK E 140 -130.72 9.58 134.08
N UNK E 141 -130.11 10.26 133.12
CA UNK E 141 -130.56 11.59 132.72
C UNK E 141 -130.85 11.56 131.23
N UNK E 142 -132.05 11.95 130.85
CA UNK E 142 -132.44 11.97 129.45
C UNK E 142 -132.40 13.40 128.91
N UNK E 143 -131.59 13.62 127.89
CA UNK E 143 -131.38 14.96 127.35
C UNK E 143 -131.77 15.07 125.88
N UNK E 144 -132.14 16.27 125.46
CA UNK E 144 -132.59 16.48 124.09
C UNK E 144 -133.69 17.50 123.92
N UNK E 145 -134.62 17.55 124.88
CA UNK E 145 -135.74 18.48 124.79
C UNK E 145 -135.26 19.93 124.81
N UNK E 146 -135.85 20.75 123.94
CA UNK E 146 -135.44 22.15 123.80
C UNK E 146 -136.22 23.13 124.66
N UNK E 147 -137.23 22.65 125.38
CA UNK E 147 -138.07 23.53 126.18
C UNK E 147 -138.58 22.74 127.37
N UNK E 148 -139.32 23.41 128.23
CA UNK E 148 -139.85 22.77 129.44
C UNK E 148 -140.57 21.46 129.12
N UNK E 149 -140.36 20.49 130.01
CA UNK E 149 -141.02 19.20 129.90
C UNK E 149 -142.29 19.32 130.77
N UNK E 150 -143.45 19.29 130.12
CA UNK E 150 -144.72 19.42 130.82
C UNK E 150 -145.38 18.12 131.27
N UNK E 151 -144.99 17.01 130.68
CA UNK E 151 -145.64 15.74 131.02
C UNK E 151 -144.80 14.51 130.68
N UNK E 152 -144.94 13.50 131.51
CA UNK E 152 -144.21 12.24 131.38
C UNK E 152 -145.16 11.13 131.76
N UNK E 153 -144.93 9.94 131.20
CA UNK E 153 -145.72 8.77 131.52
C UNK E 153 -144.93 7.52 131.11
N UNK E 154 -144.91 6.52 131.98
CA UNK E 154 -144.21 5.28 131.69
C UNK E 154 -145.06 4.32 130.88
N UNK E 155 -144.39 3.48 130.10
CA UNK E 155 -145.08 2.44 129.35
C UNK E 155 -145.24 1.33 130.40
N UNK E 156 -146.34 0.55 130.32
CA UNK E 156 -146.59 -0.54 131.27
C UNK E 156 -145.41 -1.50 131.45
N UNK E 157 -144.66 -1.70 130.39
CA UNK E 157 -143.53 -2.63 130.43
C UNK E 157 -142.36 -2.12 131.24
N UNK E 158 -142.35 -0.83 131.56
CA UNK E 158 -141.27 -0.26 132.35
C UNK E 158 -139.94 0.02 131.66
N UNK E 159 -139.81 -0.29 130.38
CA UNK E 159 -138.54 -0.02 129.71
C UNK E 159 -138.57 1.16 128.73
N UNK E 160 -139.69 1.85 128.68
CA UNK E 160 -139.85 3.02 127.82
C UNK E 160 -140.60 4.13 128.54
N UNK E 161 -140.33 5.35 128.12
CA UNK E 161 -140.94 6.52 128.73
C UNK E 161 -141.34 7.51 127.64
N UNK E 162 -142.49 8.13 127.81
CA UNK E 162 -142.90 9.13 126.84
C UNK E 162 -142.94 10.51 127.53
N UNK E 163 -142.52 11.54 126.82
CA UNK E 163 -142.50 12.89 127.35
C UNK E 163 -143.12 13.89 126.36
N UNK E 164 -143.67 14.96 126.92
CA UNK E 164 -144.31 16.02 126.15
C UNK E 164 -143.64 17.34 126.51
N UNK E 165 -143.34 18.18 125.51
CA UNK E 165 -142.68 19.44 125.76
C UNK E 165 -143.17 20.65 124.97
N UNK E 166 -142.81 21.83 125.49
CA UNK E 166 -143.15 23.08 124.85
C UNK E 166 -142.38 23.21 123.55
N UNK E 167 -141.41 22.32 123.31
CA UNK E 167 -140.65 22.37 122.06
C UNK E 167 -141.44 21.72 120.94
N UNK E 168 -142.73 21.48 121.18
CA UNK E 168 -143.59 20.88 120.16
C UNK E 168 -143.34 19.41 119.79
N UNK E 169 -142.70 18.66 120.68
CA UNK E 169 -142.46 17.26 120.38
C UNK E 169 -142.93 16.32 121.48
N UNK E 170 -143.15 15.07 121.08
CA UNK E 170 -143.52 14.01 121.99
C UNK E 170 -142.38 13.03 121.73
N UNK E 171 -141.70 12.59 122.77
CA UNK E 171 -140.60 11.68 122.57
C UNK E 171 -140.74 10.40 123.36
N UNK E 172 -140.29 9.31 122.74
CA UNK E 172 -140.30 8.01 123.37
C UNK E 172 -138.85 7.65 123.65
N UNK E 173 -138.57 7.37 124.92
CA UNK E 173 -137.22 7.05 125.35
C UNK E 173 -137.05 5.58 125.72
N UNK E 174 -135.95 5.00 125.24
CA UNK E 174 -135.63 3.61 125.55
C UNK E 174 -134.83 3.63 126.84
N UNK E 175 -135.42 3.18 127.93
CA UNK E 175 -134.70 3.20 129.20
C UNK E 175 -133.61 2.13 129.31
N UNK E 176 -133.60 1.20 128.35
CA UNK E 176 -132.58 0.16 128.35
C UNK E 176 -131.30 0.76 127.77
N UNK E 177 -131.47 1.58 126.72
CA UNK E 177 -130.34 2.22 126.03
C UNK E 177 -130.19 3.70 126.33
N UNK E 178 -131.03 4.21 127.23
CA UNK E 178 -130.97 5.61 127.61
C UNK E 178 -131.03 6.60 126.45
N UNK E 179 -131.51 6.15 125.30
CA UNK E 179 -131.60 7.02 124.13
C UNK E 179 -133.04 7.31 123.69
N UNK E 180 -133.19 8.39 122.93
CA UNK E 180 -134.49 8.78 122.40
C UNK E 180 -134.75 7.88 121.19
N UNK E 181 -135.75 7.02 121.29
CA UNK E 181 -136.09 6.07 120.22
C UNK E 181 -136.97 6.69 119.13
N UNK E 182 -137.81 7.64 119.50
CA UNK E 182 -138.69 8.24 118.52
C UNK E 182 -139.09 9.66 118.87
N UNK E 183 -139.18 10.50 117.86
CA UNK E 183 -139.55 11.89 118.04
C UNK E 183 -140.73 12.25 117.14
N UNK E 184 -141.84 12.64 117.75
CA UNK E 184 -143.02 13.03 117.01
C UNK E 184 -143.11 14.55 117.11
N UNK E 185 -143.21 15.21 115.96
CA UNK E 185 -143.29 16.67 115.94
C UNK E 185 -144.66 17.16 115.52
N UNK E 186 -145.20 18.14 116.22
CA UNK E 186 -146.48 18.69 115.83
C UNK E 186 -146.28 20.21 115.70
N UNK E 187 -147.36 20.93 115.44
CA UNK E 187 -147.26 22.38 115.22
C UNK E 187 -147.18 23.29 116.43
N UNK E 188 -147.74 22.86 117.55
CA UNK E 188 -147.73 23.68 118.75
C UNK E 188 -147.24 22.88 119.96
N UNK E 189 -147.13 23.58 121.09
CA UNK E 189 -146.66 22.96 122.31
C UNK E 189 -147.51 21.81 122.83
N UNK E 190 -146.82 20.83 123.41
CA UNK E 190 -147.46 19.65 123.98
C UNK E 190 -147.54 19.87 125.49
N UNK E 191 -148.75 19.78 126.02
CA UNK E 191 -148.98 20.01 127.43
C UNK E 191 -149.22 18.77 128.28
N UNK E 192 -149.55 17.66 127.64
CA UNK E 192 -149.88 16.45 128.38
C UNK E 192 -149.74 15.23 127.47
N UNK E 193 -149.31 14.11 128.04
CA UNK E 193 -149.16 12.86 127.29
C UNK E 193 -149.67 11.73 128.15
N UNK E 194 -150.10 10.65 127.50
CA UNK E 194 -150.61 9.49 128.21
C UNK E 194 -150.34 8.21 127.42
N UNK E 195 -150.10 7.11 128.15
CA UNK E 195 -149.88 5.82 127.51
C UNK E 195 -151.15 4.99 127.73
N UNK E 196 -151.63 4.28 126.70
CA UNK E 196 -152.82 3.46 126.89
C UNK E 196 -152.46 2.35 127.87
N UNK E 197 -153.42 1.95 128.72
CA UNK E 197 -153.17 0.89 129.70
C UNK E 197 -153.01 -0.50 129.11
N UNK E 198 -152.42 -1.40 129.89
CA UNK E 198 -152.22 -2.77 129.45
C UNK E 198 -151.00 -3.02 128.60
N UNK E 199 -151.15 -2.87 127.29
CA UNK E 199 -150.04 -3.11 126.39
C UNK E 199 -149.29 -1.85 125.96
N UNK E 200 -149.90 -0.67 126.19
CA UNK E 200 -149.27 0.58 125.81
C UNK E 200 -149.18 0.71 124.29
N UNK E 201 -150.20 0.23 123.60
CA UNK E 201 -150.21 0.27 122.14
C UNK E 201 -150.38 1.69 121.60
N UNK E 202 -151.05 2.54 122.38
CA UNK E 202 -151.27 3.91 121.92
C UNK E 202 -150.79 5.01 122.85
N UNK E 203 -150.42 6.13 122.26
CA UNK E 203 -149.98 7.27 123.02
C UNK E 203 -150.88 8.42 122.62
N UNK E 204 -151.34 9.18 123.59
CA UNK E 204 -152.17 10.33 123.31
C UNK E 204 -151.43 11.57 123.82
N UNK E 205 -151.69 12.71 123.18
CA UNK E 205 -151.08 13.96 123.59
C UNK E 205 -152.09 15.08 123.40
N UNK E 206 -152.12 15.99 124.38
CA UNK E 206 -153.01 17.14 124.31
C UNK E 206 -152.11 18.26 123.82
N UNK E 207 -152.67 19.20 123.09
CA UNK E 207 -151.84 20.26 122.55
C UNK E 207 -152.42 21.66 122.68
N UNK E 208 -151.55 22.66 122.66
CA UNK E 208 -151.97 24.07 122.75
C UNK E 208 -152.89 24.43 121.57
N UNK E 209 -152.80 23.67 120.47
CA UNK E 209 -153.62 23.93 119.30
C UNK E 209 -155.06 23.35 119.36
N UNK E 210 -155.55 23.06 120.56
CA UNK E 210 -156.91 22.56 120.73
C UNK E 210 -157.20 21.12 120.36
N UNK E 211 -156.19 20.38 119.89
CA UNK E 211 -156.43 19.01 119.49
C UNK E 211 -155.86 17.96 120.42
N UNK E 212 -156.36 16.73 120.26
CA UNK E 212 -155.87 15.61 121.01
C UNK E 212 -155.44 14.64 119.91
N UNK E 213 -154.21 14.18 119.98
CA UNK E 213 -153.70 13.24 118.98
C UNK E 213 -153.40 11.89 119.59
N UNK E 214 -153.61 10.83 118.82
CA UNK E 214 -153.32 9.47 119.26
C UNK E 214 -152.45 8.79 118.23
N UNK E 215 -151.31 8.27 118.67
CA UNK E 215 -150.37 7.60 117.77
C UNK E 215 -150.22 6.14 118.16
N UNK E 216 -149.92 5.31 117.15
CA UNK E 216 -149.64 3.90 117.37
C UNK E 216 -148.21 3.98 117.92
N UNK E 217 -147.99 3.54 119.15
CA UNK E 217 -146.67 3.67 119.74
C UNK E 217 -145.47 3.00 119.06
N UNK E 218 -145.67 1.89 118.36
CA UNK E 218 -144.55 1.21 117.70
C UNK E 218 -144.14 1.84 116.37
N UNK E 219 -145.12 2.31 115.62
CA UNK E 219 -144.86 2.90 114.31
C UNK E 219 -144.74 4.41 114.28
N UNK E 220 -145.36 5.08 115.24
CA UNK E 220 -145.31 6.53 115.25
C UNK E 220 -146.33 7.13 114.31
N UNK E 221 -147.17 6.29 113.73
CA UNK E 221 -148.22 6.77 112.83
C UNK E 221 -149.38 7.35 113.64
N UNK E 222 -149.88 8.50 113.17
CA UNK E 222 -151.00 9.17 113.82
C UNK E 222 -152.22 8.34 113.48
N UNK E 223 -152.91 7.84 114.49
CA UNK E 223 -154.09 7.04 114.24
C UNK E 223 -155.38 7.83 114.35
N UNK E 224 -155.36 8.87 115.18
CA UNK E 224 -156.55 9.68 115.38
C UNK E 224 -156.20 11.12 115.77
N UNK E 225 -157.00 12.06 115.28
CA UNK E 225 -156.80 13.46 115.59
C UNK E 225 -158.15 14.06 115.94
N UNK E 226 -158.37 14.35 117.22
CA UNK E 226 -159.63 14.91 117.69
C UNK E 226 -159.63 16.46 117.77
N UNK E 227 -160.25 17.15 116.83
CA UNK E 227 -160.29 18.61 116.89
C UNK E 227 -161.26 19.27 115.91
N UNK E 228 -167.72 19.70 117.97
CA UNK E 228 -167.57 19.09 119.29
C UNK E 228 -166.13 19.14 119.83
N UNK E 229 -165.22 19.73 119.07
CA UNK E 229 -163.85 19.83 119.51
C UNK E 229 -163.67 20.95 120.52
N UNK E 230 -162.55 20.93 121.26
CA UNK E 230 -162.29 21.97 122.25
C UNK E 230 -162.14 23.34 121.59
N UNK E 231 -162.51 24.38 122.32
CA UNK E 231 -162.44 25.75 121.79
C UNK E 231 -161.20 26.49 122.24
N UNK E 232 -160.38 25.84 123.05
CA UNK E 232 -159.14 26.43 123.52
C UNK E 232 -158.15 25.30 123.83
N UNK E 233 -156.95 25.66 124.21
CA UNK E 233 -155.90 24.70 124.51
C UNK E 233 -156.25 23.55 125.45
N UNK E 234 -155.75 22.36 125.12
CA UNK E 234 -155.97 21.20 125.94
C UNK E 234 -154.83 21.11 126.92
N UNK E 235 -155.14 20.91 128.21
CA UNK E 235 -154.10 20.83 129.23
C UNK E 235 -153.90 19.48 129.93
N UNK E 236 -154.83 18.57 129.72
CA UNK E 236 -154.75 17.25 130.34
C UNK E 236 -155.51 16.18 129.53
N UNK E 237 -154.94 14.99 129.48
CA UNK E 237 -155.56 13.87 128.80
C UNK E 237 -155.12 12.60 129.51
N UNK E 238 -156.02 11.61 129.56
CA UNK E 238 -155.74 10.31 130.14
C UNK E 238 -156.60 9.33 129.37
N UNK E 239 -156.24 8.06 129.38
CA UNK E 239 -157.07 7.06 128.74
C UNK E 239 -158.01 6.56 129.84
N UNK E 240 -159.15 6.01 129.45
CA UNK E 240 -160.04 5.45 130.44
C UNK E 240 -159.34 4.14 130.76
N UNK E 241 -159.58 3.56 131.93
CA UNK E 241 -158.91 2.33 132.31
C UNK E 241 -159.16 1.12 131.41
N UNK E 242 -160.21 1.16 130.60
CA UNK E 242 -160.48 0.07 129.70
C UNK E 242 -159.73 0.27 128.40
N UNK E 243 -158.99 1.38 128.32
CA UNK E 243 -158.22 1.70 127.12
C UNK E 243 -159.03 2.02 125.88
N UNK E 244 -160.35 2.12 126.02
CA UNK E 244 -161.24 2.40 124.89
C UNK E 244 -161.50 3.87 124.58
N UNK E 245 -161.30 4.74 125.56
CA UNK E 245 -161.55 6.16 125.34
C UNK E 245 -160.47 7.08 125.90
N UNK E 246 -160.59 8.36 125.54
CA UNK E 246 -159.68 9.39 126.01
C UNK E 246 -160.51 10.46 126.67
N UNK E 247 -160.00 11.03 127.75
CA UNK E 247 -160.71 12.08 128.46
C UNK E 247 -159.77 13.27 128.39
N UNK E 248 -160.31 14.42 128.00
CA UNK E 248 -159.49 15.61 127.88
C UNK E 248 -160.07 16.82 128.64
N UNK E 249 -159.16 17.60 129.22
CA UNK E 249 -159.54 18.81 129.95
C UNK E 249 -158.97 20.01 129.21
N UNK E 250 -159.75 21.07 129.08
CA UNK E 250 -159.30 22.25 128.34
C UNK E 250 -159.56 23.59 129.02
N UNK E 251 -158.84 24.61 128.55
CA UNK E 251 -158.99 25.97 129.05
C UNK E 251 -160.35 26.52 128.61
N UNK E 252 -161.02 25.82 127.70
CA UNK E 252 -162.35 26.26 127.29
C UNK E 252 -163.40 25.94 128.35
N UNK E 253 -162.90 25.46 129.50
CA UNK E 253 -163.70 25.12 130.68
C UNK E 253 -164.51 23.82 130.62
N UNK E 254 -164.21 22.99 129.62
CA UNK E 254 -164.93 21.74 129.50
C UNK E 254 -164.01 20.55 129.61
N UNK E 255 -164.63 19.41 129.88
CA UNK E 255 -163.94 18.13 129.92
C UNK E 255 -164.63 17.36 128.79
N UNK E 256 -163.93 16.47 128.09
CA UNK E 256 -164.60 15.71 127.03
C UNK E 256 -164.24 14.24 127.05
N UNK E 257 -165.22 13.39 126.71
CA UNK E 257 -165.00 11.95 126.65
C UNK E 257 -165.01 11.63 125.17
N UNK E 258 -163.93 11.03 124.67
CA UNK E 258 -163.83 10.68 123.26
C UNK E 258 -163.78 9.17 123.06
N UNK E 259 -164.60 8.67 122.15
CA UNK E 259 -164.63 7.23 121.84
C UNK E 259 -163.65 7.02 120.69
N UNK E 260 -162.70 6.12 120.86
CA UNK E 260 -161.72 5.87 119.80
C UNK E 260 -162.24 4.91 118.73
N UNK E 261 -164.51 10.56 117.83
CA UNK E 261 -165.83 11.16 118.05
C UNK E 261 -166.07 11.49 119.53
N UNK E 262 -166.65 12.67 119.80
CA UNK E 262 -166.94 13.13 121.15
C UNK E 262 -168.30 12.69 121.70
N UNK E 263 -168.27 11.76 122.65
CA UNK E 263 -169.49 11.22 123.25
C UNK E 263 -170.09 12.12 124.33
N UNK E 264 -169.26 12.70 125.19
CA UNK E 264 -169.76 13.58 126.24
C UNK E 264 -168.91 14.82 126.50
N UNK E 265 -169.57 15.96 126.67
CA UNK E 265 -168.91 17.23 126.93
C UNK E 265 -169.35 17.81 128.28
N UNK E 266 -168.39 18.25 129.08
CA UNK E 266 -168.70 18.81 130.38
C UNK E 266 -168.46 20.32 130.48
N UNK E 267 -169.49 21.05 130.90
CA UNK E 267 -169.43 22.50 131.05
C UNK E 267 -169.40 22.88 132.53
N UNK E 268 -169.13 21.90 133.38
CA UNK E 268 -169.11 22.10 134.82
C UNK E 268 -168.11 23.09 135.38
N UNK E 269 -166.89 23.13 134.86
CA UNK E 269 -165.89 24.05 135.39
C UNK E 269 -166.01 25.45 134.79
N UNK E 270 -166.23 26.43 135.66
CA UNK E 270 -166.37 27.82 135.25
C UNK E 270 -165.11 28.41 134.64
N UNK E 271 -163.97 28.09 135.23
CA UNK E 271 -162.69 28.58 134.75
C UNK E 271 -161.92 27.44 134.11
N UNK E 272 -160.67 27.70 133.72
CA UNK E 272 -159.81 26.70 133.08
C UNK E 272 -159.85 25.32 133.73
N UNK E 273 -159.95 24.29 132.91
CA UNK E 273 -159.88 22.93 133.44
C UNK E 273 -158.40 22.59 133.21
N UNK E 274 -157.73 22.21 134.29
CA UNK E 274 -156.31 21.92 134.22
C UNK E 274 -155.86 20.47 134.37
N UNK E 275 -156.74 19.61 134.88
CA UNK E 275 -156.37 18.23 135.09
C UNK E 275 -157.57 17.31 135.19
N UNK E 276 -157.46 16.12 134.63
CA UNK E 276 -158.56 15.16 134.68
C UNK E 276 -157.99 13.80 135.05
N UNK E 277 -158.87 12.92 135.53
CA UNK E 277 -158.50 11.56 135.91
C UNK E 277 -159.79 10.79 135.97
N UNK E 278 -159.71 9.47 135.98
CA UNK E 278 -160.92 8.67 136.11
C UNK E 278 -160.70 7.70 137.27
N UNK E 279 -161.78 7.39 137.98
CA UNK E 279 -161.74 6.46 139.10
C UNK E 279 -161.78 5.03 138.56
N UNK E 280 -161.63 4.02 139.43
CA UNK E 280 -161.65 2.63 138.97
C UNK E 280 -162.96 2.27 138.28
N UNK E 281 -162.88 1.38 137.29
CA UNK E 281 -164.07 0.98 136.54
C UNK E 281 -164.59 2.15 135.70
N UNK E 282 -163.92 3.29 135.81
CA UNK E 282 -164.30 4.49 135.07
C UNK E 282 -165.70 4.99 135.38
N UNK E 283 -166.20 4.67 136.57
CA UNK E 283 -167.52 5.12 136.96
C UNK E 283 -167.58 6.67 137.03
N UNK E 284 -166.53 7.29 137.55
CA UNK E 284 -166.52 8.74 137.66
C UNK E 284 -165.31 9.40 137.01
N UNK E 285 -165.49 10.66 136.63
CA UNK E 285 -164.40 11.43 136.06
C UNK E 285 -164.17 12.58 137.05
N UNK E 286 -162.92 12.83 137.42
CA UNK E 286 -162.62 13.93 138.34
C UNK E 286 -161.86 15.00 137.56
N UNK E 287 -162.19 16.26 137.78
CA UNK E 287 -161.50 17.35 137.11
C UNK E 287 -161.12 18.44 138.10
N UNK E 288 -159.92 19.00 137.91
CA UNK E 288 -159.43 20.04 138.77
C UNK E 288 -159.40 21.31 137.93
N UNK E 289 -159.77 22.43 138.54
CA UNK E 289 -159.83 23.65 137.77
C UNK E 289 -159.24 24.88 138.46
N UNK E 290 -159.04 25.92 137.66
CA UNK E 290 -158.53 27.17 138.16
C UNK E 290 -159.62 27.79 139.04
N UNK E 291 -160.85 27.25 138.97
CA UNK E 291 -161.91 27.78 139.82
C UNK E 291 -161.73 27.23 141.24
N UNK E 292 -160.58 26.61 141.51
CA UNK E 292 -160.23 26.10 142.83
C UNK E 292 -160.99 24.86 143.28
N UNK E 293 -161.88 24.35 142.40
CA UNK E 293 -162.64 23.17 142.75
C UNK E 293 -162.27 21.90 142.00
N UNK E 294 -162.81 20.80 142.51
CA UNK E 294 -162.65 19.52 141.88
C UNK E 294 -164.08 19.05 141.65
N UNK E 295 -164.43 18.71 140.42
CA UNK E 295 -165.76 18.19 140.13
C UNK E 295 -165.72 16.69 139.93
N UNK E 296 -166.77 16.03 140.42
CA UNK E 296 -166.93 14.58 140.29
C UNK E 296 -168.02 14.46 139.25
N UNK E 297 -167.77 13.73 138.16
CA UNK E 297 -168.78 13.60 137.14
C UNK E 297 -169.17 12.16 136.96
N UNK E 298 -170.46 11.94 136.74
CA UNK E 298 -170.95 10.61 136.45
C UNK E 298 -170.56 10.49 134.97
N UNK E 299 -169.59 9.64 134.66
CA UNK E 299 -169.10 9.50 133.30
C UNK E 299 -170.16 9.30 132.22
N UNK E 300 -171.10 8.38 132.47
CA UNK E 300 -172.14 8.07 131.51
C UNK E 300 -173.13 9.18 131.17
N UNK E 301 -173.71 9.82 132.18
CA UNK E 301 -174.69 10.87 131.93
C UNK E 301 -174.12 12.26 131.72
N UNK E 302 -172.94 12.53 132.25
CA UNK E 302 -172.36 13.84 132.11
C UNK E 302 -172.79 14.80 133.22
N UNK E 303 -173.63 14.31 134.14
CA UNK E 303 -174.09 15.13 135.26
C UNK E 303 -173.01 15.33 136.33
N UNK E 304 -172.86 16.56 136.80
CA UNK E 304 -171.83 16.75 137.84
C UNK E 304 -172.49 16.27 139.14
N UNK E 305 -171.79 15.45 139.93
CA UNK E 305 -172.35 14.94 141.19
C UNK E 305 -172.08 15.86 142.38
N UNK E 306 -170.86 16.40 142.45
CA UNK E 306 -170.50 17.29 143.57
C UNK E 306 -169.25 18.07 143.29
N UNK E 307 -169.20 19.28 143.86
CA UNK E 307 -168.01 20.09 143.69
C UNK E 307 -167.29 20.19 145.03
N UNK E 308 -166.02 19.83 145.01
CA UNK E 308 -165.22 19.91 146.21
C UNK E 308 -164.36 21.16 146.17
N UNK E 309 -164.57 22.06 147.12
CA UNK E 309 -163.75 23.26 147.22
C UNK E 309 -162.79 23.01 148.39
N UNK E 310 -161.59 22.52 148.09
CA UNK E 310 -160.66 22.24 149.17
C UNK E 310 -159.30 22.88 149.08
N UNK E 311 -159.22 23.98 148.33
CA UNK E 311 -157.96 24.68 148.16
C UNK E 311 -158.23 26.18 148.06
N UNK E 312 -157.23 27.01 148.33
CA UNK E 312 -157.43 28.45 148.25
C UNK E 312 -156.94 29.03 146.95
N UNK E 313 -156.59 28.15 146.03
CA UNK E 313 -156.12 28.55 144.73
C UNK E 313 -156.36 27.41 143.72
N UNK E 314 -155.88 27.62 142.48
CA UNK E 314 -156.03 26.65 141.40
C UNK E 314 -155.65 25.20 141.70
N UNK E 315 -156.53 24.28 141.28
CA UNK E 315 -156.22 22.87 141.44
C UNK E 315 -155.49 22.58 140.13
N UNK E 316 -154.18 22.42 140.23
CA UNK E 316 -153.34 22.21 139.06
C UNK E 316 -153.21 20.77 138.60
N UNK E 317 -153.35 19.84 139.54
CA UNK E 317 -153.18 18.45 139.23
C UNK E 317 -154.10 17.59 140.11
N UNK E 318 -154.64 16.55 139.48
CA UNK E 318 -155.52 15.60 140.15
C UNK E 318 -155.05 14.20 139.77
N UNK E 319 -154.96 13.34 140.78
CA UNK E 319 -154.54 11.97 140.53
C UNK E 319 -155.46 11.04 141.32
N UNK E 320 -155.67 9.83 140.77
CA UNK E 320 -156.49 8.83 141.42
C UNK E 320 -155.62 7.63 141.71
N UNK E 321 -155.84 7.00 142.87
CA UNK E 321 -155.04 5.85 143.26
C UNK E 321 -155.65 4.53 142.87
N UNK E 322 -154.78 3.56 142.66
CA UNK E 322 -155.25 2.21 142.37
C UNK E 322 -155.26 1.52 143.74
N UNK E 323 -155.65 0.26 143.78
CA UNK E 323 -155.69 -0.47 145.04
C UNK E 323 -156.59 0.18 146.08
N UNK E 324 -156.18 0.07 147.35
CA UNK E 324 -156.95 0.64 148.47
C UNK E 324 -156.08 0.65 149.71
N UNK E 325 -155.16 1.60 149.77
CA UNK E 325 -154.25 1.71 150.91
C UNK E 325 -154.95 2.12 152.20
N UNK E 326 -156.12 2.76 152.10
CA UNK E 326 -156.83 3.16 153.32
C UNK E 326 -157.98 2.23 153.70
N UNK E 327 -157.95 1.02 153.18
CA UNK E 327 -159.01 0.07 153.48
C UNK E 327 -159.85 -0.20 152.27
N UNK E 328 -160.62 -1.30 152.25
CA UNK E 328 -161.49 -1.66 151.12
C UNK E 328 -162.75 -0.77 151.01
N UNK E 329 -162.96 0.05 152.03
CA UNK E 329 -164.13 0.93 152.06
C UNK E 329 -163.84 2.31 151.49
N UNK E 330 -162.61 2.55 151.07
CA UNK E 330 -162.27 3.85 150.54
C UNK E 330 -161.57 3.89 149.19
N UNK E 331 -161.82 4.97 148.47
CA UNK E 331 -161.15 5.22 147.22
C UNK E 331 -160.35 6.47 147.52
N UNK E 332 -159.14 6.51 147.01
CA UNK E 332 -158.25 7.62 147.25
C UNK E 332 -157.88 8.42 145.99
N UNK E 333 -157.86 9.73 146.13
CA UNK E 333 -157.43 10.60 145.04
C UNK E 333 -156.66 11.74 145.71
N UNK E 334 -155.88 12.47 144.91
CA UNK E 334 -155.08 13.54 145.47
C UNK E 334 -155.11 14.76 144.56
N UNK E 335 -154.88 15.93 145.18
CA UNK E 335 -154.85 17.20 144.47
C UNK E 335 -153.59 18.00 144.78
N UNK E 336 -153.08 18.70 143.77
CA UNK E 336 -151.91 19.54 143.94
C UNK E 336 -152.42 20.92 143.59
N UNK E 337 -152.12 21.92 144.43
CA UNK E 337 -152.63 23.25 144.18
C UNK E 337 -151.60 24.39 144.18
N UNK E 338 -152.07 25.52 143.65
CA UNK E 338 -151.27 26.72 143.61
C UNK E 338 -151.27 27.31 145.02
N UNK E 339 -152.03 26.73 145.93
CA UNK E 339 -151.99 27.27 147.28
C UNK E 339 -150.86 26.63 148.08
N UNK E 340 -149.99 25.91 147.37
CA UNK E 340 -148.82 25.24 147.95
C UNK E 340 -149.11 24.01 148.84
N UNK E 341 -150.30 23.45 148.69
CA UNK E 341 -150.63 22.25 149.46
C UNK E 341 -151.02 21.10 148.54
N UNK E 342 -150.67 19.90 148.95
CA UNK E 342 -151.06 18.70 148.22
C UNK E 342 -151.94 17.97 149.22
N UNK E 343 -153.14 17.57 148.82
CA UNK E 343 -154.00 16.88 149.75
C UNK E 343 -154.41 15.51 149.25
N UNK E 344 -154.53 14.58 150.21
CA UNK E 344 -154.95 13.23 149.93
C UNK E 344 -156.39 13.16 150.44
N UNK E 345 -157.31 12.74 149.57
CA UNK E 345 -158.72 12.64 149.92
C UNK E 345 -159.17 11.22 149.83
N UNK E 346 -160.16 10.87 150.64
CA UNK E 346 -160.76 9.53 150.65
C UNK E 346 -162.27 9.75 150.47
N UNK E 347 -162.91 8.89 149.70
CA UNK E 347 -164.34 9.01 149.47
C UNK E 347 -165.00 7.64 149.47
N UNK E 348 -166.29 7.62 149.82
CA UNK E 348 -167.05 6.37 149.86
C UNK E 348 -168.53 6.60 149.56
N UNK E 349 -169.26 5.50 149.34
CA UNK E 349 -170.69 5.57 149.08
C UNK E 349 -171.48 5.48 150.39
N UNK E 350 -172.43 6.39 150.57
CA UNK E 350 -173.26 6.41 151.76
C UNK E 350 -174.71 6.05 151.41
N UNK F 1 -215.43 95.51 176.96
CA UNK F 1 -216.60 94.67 176.99
C UNK F 1 -216.88 94.28 178.44
N UNK F 2 -218.16 94.31 178.81
CA UNK F 2 -218.70 93.62 180.00
C UNK F 2 -219.99 92.93 179.58
N UNK F 3 -220.23 91.73 180.08
CA UNK F 3 -221.40 90.92 179.71
C UNK F 3 -222.22 90.59 180.96
N UNK F 4 -223.54 90.78 180.91
CA UNK F 4 -224.40 90.71 182.09
C UNK F 4 -225.33 89.49 182.03
N UNK F 5 -225.26 88.65 183.06
CA UNK F 5 -226.08 87.43 183.12
C UNK F 5 -227.11 87.74 184.18
N UNK F 6 -228.38 87.59 183.83
CA UNK F 6 -229.48 88.09 184.67
C UNK F 6 -230.21 87.01 185.46
N UNK F 7 -230.07 86.97 186.80
CA UNK F 7 -230.65 85.90 187.62
C UNK F 7 -231.55 86.58 188.65
N UNK F 8 -232.84 86.64 188.35
CA UNK F 8 -233.72 87.56 189.08
C UNK F 8 -234.10 87.10 190.49
N UNK F 9 -234.62 85.89 190.63
CA UNK F 9 -235.33 85.49 191.88
C UNK F 9 -235.12 84.04 192.33
N UNK F 10 -235.19 83.83 193.65
CA UNK F 10 -235.00 82.49 194.24
C UNK F 10 -236.13 81.55 193.83
N UNK F 11 -237.35 82.06 193.86
CA UNK F 11 -238.49 81.28 193.38
C UNK F 11 -238.36 81.02 191.90
N UNK F 12 -237.83 82.01 191.18
CA UNK F 12 -237.58 81.82 189.75
C UNK F 12 -236.56 80.70 189.55
N UNK F 13 -235.50 80.67 190.35
CA UNK F 13 -234.50 79.61 190.29
C UNK F 13 -235.11 78.25 190.60
N UNK F 14 -235.97 78.21 191.64
CA UNK F 14 -236.68 76.95 191.94
C UNK F 14 -237.56 76.51 190.76
N UNK F 15 -238.24 77.48 190.16
CA UNK F 15 -239.04 77.21 188.96
C UNK F 15 -238.18 76.69 187.81
N UNK F 16 -237.01 77.27 187.64
CA UNK F 16 -236.04 76.81 186.63
C UNK F 16 -235.58 75.38 186.91
N UNK F 17 -235.33 75.09 188.19
CA UNK F 17 -235.01 73.71 188.59
C UNK F 17 -236.19 72.79 188.24
N UNK F 18 -237.39 73.28 188.49
CA UNK F 18 -238.64 72.64 188.04
C UNK F 18 -238.94 72.91 186.56
N UNK F 19 -240.12 72.44 186.11
CA UNK F 19 -240.65 72.60 184.71
C UNK F 19 -240.64 74.03 184.16
N UNK F 20 -240.62 74.16 182.83
CA UNK F 20 -240.46 75.46 182.17
C UNK F 20 -241.65 76.37 182.40
N UNK F 21 -241.41 77.67 182.43
CA UNK F 21 -242.44 78.62 182.81
C UNK F 21 -243.52 78.73 181.74
N UNK F 22 -243.18 78.45 180.49
CA UNK F 22 -244.20 78.23 179.44
C UNK F 22 -245.20 77.20 179.97
N UNK F 23 -244.63 76.11 180.48
CA UNK F 23 -245.38 75.13 181.25
C UNK F 23 -245.87 75.79 182.54
N UNK F 24 -247.02 75.38 183.06
CA UNK F 24 -247.44 75.86 184.40
C UNK F 24 -246.33 75.71 185.44
N UNK F 25 -246.24 76.70 186.32
CA UNK F 25 -245.22 76.74 187.35
C UNK F 25 -245.32 75.54 188.26
N UNK F 26 -246.55 75.07 188.46
CA UNK F 26 -246.86 73.89 189.23
C UNK F 26 -246.83 74.23 190.71
N UNK F 27 -246.95 75.51 191.08
CA UNK F 27 -247.54 75.87 192.38
C UNK F 27 -249.05 75.77 192.17
N UNK F 28 -249.84 75.21 193.10
CA UNK F 28 -251.29 75.11 192.83
C UNK F 28 -251.86 76.52 192.67
N UNK F 29 -251.29 77.52 193.36
CA UNK F 29 -251.44 78.94 192.98
C UNK F 29 -250.07 79.50 192.54
N UNK F 30 -250.00 79.86 191.26
CA UNK F 30 -248.74 80.21 190.55
C UNK F 30 -248.29 81.64 190.84
N UNK F 31 -249.20 82.46 191.38
CA UNK F 31 -248.93 83.84 191.68
C UNK F 31 -249.38 84.18 193.11
N UNK F 32 -248.61 85.04 193.75
CA UNK F 32 -249.01 85.65 195.01
C UNK F 32 -249.26 87.13 194.71
N UNK F 33 -250.46 87.60 195.07
CA UNK F 33 -250.89 88.95 194.73
C UNK F 33 -250.23 90.09 195.51
N UNK F 34 -250.70 91.49 196.99
CA UNK F 34 -249.48 90.70 196.89
C UNK F 34 -248.29 91.57 196.50
N UNK F 35 -247.10 91.00 196.58
CA UNK F 35 -245.85 91.73 196.22
C UNK F 35 -245.18 91.39 194.87
N UNK F 36 -245.95 91.48 193.78
CA UNK F 36 -245.37 91.47 192.42
C UNK F 36 -244.52 92.68 192.21
N UNK F 37 -244.84 93.71 192.98
CA UNK F 37 -244.06 94.90 193.02
C UNK F 37 -242.62 94.47 192.79
N UNK F 38 -242.16 93.41 193.47
CA UNK F 38 -240.82 92.89 193.25
C UNK F 38 -240.69 92.42 191.83
N UNK F 39 -241.70 91.73 191.30
CA UNK F 39 -241.72 91.31 189.88
C UNK F 39 -241.51 92.47 188.93
N UNK F 40 -242.36 93.50 189.07
CA UNK F 40 -242.20 94.73 188.30
C UNK F 40 -240.80 95.32 188.43
N UNK F 41 -240.34 95.45 189.68
CA UNK F 41 -239.03 96.02 189.97
C UNK F 41 -237.94 95.23 189.27
N UNK F 42 -238.01 93.90 189.33
CA UNK F 42 -237.08 93.02 188.64
C UNK F 42 -237.22 93.14 187.13
N UNK F 43 -238.46 93.41 186.66
CA UNK F 43 -238.73 93.50 185.23
C UNK F 43 -238.25 94.85 184.63
N UNK F 44 -238.64 95.93 185.32
CA UNK F 44 -238.26 97.28 184.93
C UNK F 44 -236.73 97.45 184.85
N UNK F 45 -236.04 96.99 185.90
CA UNK F 45 -234.57 97.07 185.98
C UNK F 45 -233.95 96.32 184.82
N UNK F 46 -234.45 95.10 184.56
CA UNK F 46 -233.92 94.29 183.47
C UNK F 46 -234.14 95.03 182.16
N UNK F 47 -235.34 95.54 181.95
CA UNK F 47 -235.63 96.33 180.74
C UNK F 47 -234.66 97.51 180.59
N UNK F 48 -234.49 98.25 181.68
CA UNK F 48 -233.57 99.39 181.67
C UNK F 48 -232.14 98.96 181.34
N UNK F 49 -231.65 97.89 181.97
CA UNK F 49 -230.28 97.40 181.75
C UNK F 49 -230.11 96.96 180.30
N UNK F 50 -231.10 96.19 179.80
CA UNK F 50 -231.07 95.75 178.39
C UNK F 50 -231.05 96.96 177.46
N UNK F 51 -231.89 97.98 177.75
CA UNK F 51 -231.85 99.22 176.93
C UNK F 51 -230.47 99.87 176.92
N UNK F 52 -229.86 99.97 178.11
CA UNK F 52 -228.52 100.53 178.22
C UNK F 52 -227.52 99.69 177.44
N UNK F 53 -227.65 98.38 177.53
CA UNK F 53 -226.73 97.49 176.81
C UNK F 53 -226.89 97.71 175.32
N UNK F 54 -228.14 97.81 174.87
CA UNK F 54 -228.46 98.05 173.47
C UNK F 54 -227.85 99.36 173.01
N UNK F 55 -228.05 100.39 173.81
CA UNK F 55 -227.46 101.72 173.50
C UNK F 55 -225.92 101.64 173.41
N UNK F 56 -225.31 100.98 174.40
CA UNK F 56 -223.86 100.82 174.42
C UNK F 56 -223.38 100.09 173.19
N UNK F 57 -224.10 99.03 172.80
CA UNK F 57 -223.77 98.29 171.57
C UNK F 57 -223.65 99.22 170.34
N UNK F 58 -209.85 99.15 166.40
CA UNK F 58 -209.57 98.43 165.15
C UNK F 58 -209.72 96.90 165.31
N UNK F 59 -208.71 96.09 165.02
CA UNK F 59 -208.88 94.65 165.20
C UNK F 59 -209.52 94.48 166.57
N UNK F 60 -209.07 95.32 167.49
CA UNK F 60 -209.70 95.48 168.77
C UNK F 60 -211.20 95.78 168.61
N UNK F 61 -211.53 96.71 167.73
CA UNK F 61 -212.92 97.06 167.45
C UNK F 61 -213.73 95.83 167.00
N UNK F 62 -213.17 95.06 166.08
CA UNK F 62 -213.81 93.82 165.63
C UNK F 62 -213.97 92.82 166.77
N UNK F 63 -212.91 92.66 167.58
CA UNK F 63 -212.98 91.77 168.74
C UNK F 63 -214.08 92.21 169.71
N UNK F 64 -214.17 93.53 169.91
CA UNK F 64 -215.22 94.13 170.76
C UNK F 64 -216.60 93.87 170.18
N UNK F 65 -216.74 94.03 168.86
CA UNK F 65 -218.01 93.69 168.19
C UNK F 65 -218.33 92.21 168.40
N UNK F 66 -217.31 91.35 168.32
CA UNK F 66 -217.48 89.90 168.59
C UNK F 66 -217.94 89.63 170.02
N UNK F 67 -217.32 90.33 170.97
CA UNK F 67 -217.72 90.29 172.37
C UNK F 67 -219.18 90.72 172.49
N UNK F 68 -219.54 91.79 171.78
CA UNK F 68 -220.93 92.27 171.74
C UNK F 68 -221.87 91.18 171.21
N UNK F 69 -221.45 90.50 170.14
CA UNK F 69 -222.23 89.38 169.61
C UNK F 69 -222.42 88.29 170.64
N UNK F 70 -221.32 87.93 171.33
CA UNK F 70 -221.40 86.92 172.38
C UNK F 70 -222.32 87.36 173.51
N UNK F 71 -222.27 88.65 173.86
CA UNK F 71 -223.16 89.21 174.87
C UNK F 71 -224.61 89.16 174.44
N UNK F 72 -224.86 89.46 173.17
CA UNK F 72 -226.18 89.32 172.59
C UNK F 72 -226.64 87.85 172.70
N UNK F 73 -225.71 86.94 172.40
CA UNK F 73 -226.00 85.51 172.54
C UNK F 73 -226.35 85.23 173.98
N UNK F 74 -225.60 85.86 174.90
CA UNK F 74 -226.00 85.83 176.31
C UNK F 74 -227.35 86.50 176.41
N UNK F 75 -227.54 87.56 175.63
CA UNK F 75 -228.82 88.25 175.55
C UNK F 75 -229.93 87.36 175.02
N UNK F 76 -229.61 86.53 174.05
CA UNK F 76 -230.56 85.54 173.56
C UNK F 76 -230.84 84.44 174.61
N UNK F 77 -229.82 84.00 175.37
CA UNK F 77 -230.04 83.09 176.49
C UNK F 77 -230.94 83.76 177.53
N UNK F 78 -230.73 85.06 177.74
CA UNK F 78 -231.60 85.90 178.62
C UNK F 78 -233.04 86.00 178.08
N UNK F 79 -233.14 86.01 176.75
CA UNK F 79 -234.42 86.08 176.07
C UNK F 79 -235.27 84.89 176.47
N UNK F 80 -234.59 83.76 176.70
CA UNK F 80 -235.22 82.48 176.96
C UNK F 80 -235.83 82.39 178.35
N UNK F 81 -236.59 81.31 178.51
CA UNK F 81 -237.58 81.16 179.57
C UNK F 81 -236.96 80.95 180.94
N UNK F 82 -235.88 80.18 181.01
CA UNK F 82 -235.29 79.81 182.27
C UNK F 82 -235.04 81.02 183.11
N UNK F 83 -234.51 82.03 182.45
CA UNK F 83 -234.49 83.35 183.05
C UNK F 83 -235.90 83.65 183.58
N UNK F 84 -236.90 83.03 182.96
CA UNK F 84 -238.28 83.20 183.28
C UNK F 84 -238.66 84.52 182.66
N UNK F 85 -238.03 84.81 181.52
CA UNK F 85 -238.53 85.82 180.61
C UNK F 85 -239.94 85.41 180.17
N UNK F 86 -240.13 84.10 180.03
CA UNK F 86 -241.45 83.53 179.87
C UNK F 86 -242.32 83.85 181.10
N UNK F 87 -241.70 83.82 182.31
CA UNK F 87 -242.44 84.22 183.53
C UNK F 87 -242.90 85.67 183.44
N UNK F 88 -241.98 86.50 182.98
CA UNK F 88 -242.27 87.89 182.73
C UNK F 88 -243.39 88.05 181.71
N UNK F 89 -243.35 87.28 180.63
CA UNK F 89 -244.39 87.30 179.59
C UNK F 89 -245.74 86.89 180.17
N UNK F 90 -245.71 85.86 181.02
CA UNK F 90 -246.90 85.41 181.73
C UNK F 90 -247.43 86.49 182.66
N UNK F 91 -246.55 87.19 183.36
CA UNK F 91 -246.99 88.34 184.18
C UNK F 91 -247.58 89.44 183.29
N UNK F 92 -246.93 89.69 182.16
CA UNK F 92 -247.39 90.64 181.16
C UNK F 92 -248.78 90.26 180.69
N UNK F 93 -249.02 88.95 180.60
CA UNK F 93 -250.38 88.43 180.63
C UNK F 93 -251.01 88.94 181.93
N UNK F 94 -250.22 88.95 183.00
CA UNK F 94 -250.61 89.63 184.21
C UNK F 94 -250.70 91.14 183.96
N UNK F 95 -251.63 91.80 184.63
CA UNK F 95 -252.07 93.17 184.28
C UNK F 95 -250.98 94.25 184.17
N UNK F 96 -250.04 94.25 185.09
CA UNK F 96 -249.09 95.39 185.21
C UNK F 96 -248.11 95.41 184.05
N UNK F 97 -247.91 96.59 183.46
CA UNK F 97 -246.96 96.80 182.37
C UNK F 97 -247.09 95.79 181.22
N UNK F 98 -248.32 95.58 180.79
CA UNK F 98 -248.57 94.52 179.81
C UNK F 98 -248.01 94.83 178.42
N UNK F 99 -248.20 96.05 177.94
CA UNK F 99 -247.81 96.36 176.55
C UNK F 99 -246.42 95.79 176.36
N UNK F 100 -245.52 96.13 177.28
CA UNK F 100 -244.21 95.54 177.31
C UNK F 100 -243.52 95.69 175.90
N UNK F 101 -244.04 96.65 175.13
CA UNK F 101 -243.64 96.83 173.75
C UNK F 101 -242.19 97.25 173.72
N UNK F 102 -241.77 98.04 174.69
CA UNK F 102 -240.41 98.53 174.73
C UNK F 102 -239.42 97.45 175.04
N UNK F 103 -239.74 96.58 176.00
CA UNK F 103 -239.05 95.28 176.14
C UNK F 103 -239.15 94.42 174.88
N UNK F 104 -240.35 94.30 174.33
CA UNK F 104 -240.60 93.50 173.12
C UNK F 104 -239.97 94.13 171.84
N UNK F 105 -240.12 95.45 171.72
CA UNK F 105 -239.46 96.23 170.69
C UNK F 105 -237.97 96.13 170.91
N UNK F 106 -237.58 96.03 172.19
CA UNK F 106 -236.19 95.86 172.58
C UNK F 106 -235.66 94.52 172.11
N UNK F 107 -236.48 93.46 172.21
CA UNK F 107 -236.12 92.16 171.65
C UNK F 107 -235.90 92.26 170.15
N UNK F 108 -236.80 92.96 169.47
CA UNK F 108 -236.65 93.21 168.02
C UNK F 108 -235.33 93.94 167.73
N UNK F 109 -235.06 94.96 168.57
CA UNK F 109 -233.82 95.73 168.48
C UNK F 109 -232.59 94.88 168.73
N UNK F 110 -232.68 93.94 169.67
CA UNK F 110 -231.63 92.98 169.98
C UNK F 110 -231.42 92.04 168.82
N UNK F 111 -232.50 91.59 168.19
CA UNK F 111 -232.40 90.80 166.96
C UNK F 111 -231.68 91.62 165.89
N UNK F 112 -232.07 92.88 165.76
CA UNK F 112 -231.38 93.80 164.83
C UNK F 112 -229.90 93.92 165.15
N UNK F 113 -229.58 94.00 166.44
CA UNK F 113 -228.19 94.09 166.89
C UNK F 113 -227.42 92.81 166.59
N UNK F 114 -228.06 91.67 166.78
CA UNK F 114 -227.46 90.39 166.41
C UNK F 114 -227.23 90.37 164.90
N UNK F 115 -228.21 90.87 164.14
CA UNK F 115 -228.04 90.99 162.68
C UNK F 115 -226.87 91.90 162.32
N UNK F 116 -226.71 93.01 163.06
CA UNK F 116 -225.57 93.91 162.86
C UNK F 116 -224.26 93.24 163.21
N UNK F 117 -224.25 92.48 164.29
CA UNK F 117 -223.07 91.71 164.68
C UNK F 117 -222.75 90.75 163.56
N UNK F 118 -223.78 90.16 163.00
CA UNK F 118 -223.62 89.40 161.79
C UNK F 118 -222.99 90.27 160.71
N UNK F 119 -223.45 91.52 160.63
CA UNK F 119 -222.89 92.49 159.70
C UNK F 119 -221.49 92.95 160.11
N UNK F 120 -221.31 93.23 161.39
CA UNK F 120 -220.02 93.64 161.90
C UNK F 120 -219.09 92.46 161.79
N UNK F 121 -219.59 91.27 162.13
CA UNK F 121 -218.75 90.06 162.12
C UNK F 121 -217.92 89.79 160.86
N UNK F 122 -202.60 63.82 146.43
CA UNK F 122 -202.83 64.93 145.50
C UNK F 122 -202.42 66.26 146.16
N UNK F 123 -201.20 66.67 145.84
CA UNK F 123 -200.66 67.96 146.31
C UNK F 123 -201.54 69.13 145.87
N UNK F 124 -202.01 69.05 144.63
CA UNK F 124 -203.04 69.97 144.12
C UNK F 124 -204.28 69.91 145.00
N UNK F 125 -204.66 68.69 145.41
CA UNK F 125 -205.83 68.53 146.29
C UNK F 125 -205.58 69.23 147.63
N UNK F 126 -204.36 69.09 148.15
CA UNK F 126 -203.94 69.74 149.39
C UNK F 126 -204.00 71.26 149.22
N UNK F 127 -203.52 71.75 148.09
CA UNK F 127 -203.61 73.18 147.77
C UNK F 127 -205.08 73.66 147.69
N UNK F 128 -205.94 72.85 147.06
CA UNK F 128 -207.38 73.15 147.01
C UNK F 128 -207.96 73.22 148.42
N UNK F 129 -207.57 72.25 149.25
CA UNK F 129 -207.99 72.23 150.66
C UNK F 129 -207.52 73.50 151.39
N UNK F 130 -206.27 73.89 151.14
CA UNK F 130 -205.73 75.13 151.70
C UNK F 130 -206.50 76.36 151.23
N UNK F 131 -206.84 76.40 149.94
CA UNK F 131 -207.66 77.50 149.42
C UNK F 131 -209.01 77.52 150.12
N UNK F 132 -209.59 76.33 150.29
CA UNK F 132 -210.87 76.22 151.01
C UNK F 132 -210.73 76.73 152.45
N UNK F 133 -209.62 76.38 153.09
CA UNK F 133 -209.34 76.86 154.44
C UNK F 133 -209.17 78.37 154.49
N UNK F 134 -208.49 78.91 153.48
CA UNK F 134 -208.37 80.35 153.35
C UNK F 134 -209.75 80.99 153.18
N UNK F 135 -210.61 80.38 152.36
CA UNK F 135 -211.99 80.85 152.21
C UNK F 135 -212.73 80.80 153.55
N UNK F 136 -212.50 79.73 154.32
CA UNK F 136 -213.08 79.61 155.66
C UNK F 136 -212.56 80.70 156.61
N UNK F 137 -211.27 81.01 156.54
CA UNK F 137 -210.70 82.11 157.31
C UNK F 137 -211.34 83.42 156.87
N UNK F 138 -211.55 83.57 155.57
CA UNK F 138 -212.23 84.75 155.03
C UNK F 138 -213.68 84.91 155.54
N UNK F 139 -214.41 83.78 155.61
CA UNK F 139 -215.90 83.77 155.89
C UNK F 139 -216.41 84.76 156.94
N UNK F 140 -217.62 85.26 156.70
CA UNK F 140 -218.23 86.35 157.48
C UNK F 140 -218.15 86.14 158.99
N UNK F 141 -217.88 87.22 159.72
CA UNK F 141 -217.70 87.10 161.18
C UNK F 141 -218.93 86.58 161.91
N UNK F 142 -218.68 85.64 162.81
CA UNK F 142 -219.64 85.31 163.86
C UNK F 142 -218.83 85.22 165.14
N UNK F 143 -219.46 85.51 166.28
CA UNK F 143 -218.70 85.77 167.53
C UNK F 143 -217.63 84.69 167.80
N UNK F 144 -216.36 85.10 167.76
CA UNK F 144 -215.23 84.21 168.05
C UNK F 144 -214.56 84.68 169.33
N UNK F 145 -214.61 83.84 170.37
CA UNK F 145 -213.70 83.95 171.52
C UNK F 145 -212.40 83.27 171.13
N UNK F 146 -211.42 83.34 172.02
CA UNK F 146 -210.15 82.64 171.77
C UNK F 146 -210.52 81.33 171.10
N UNK F 147 -211.70 80.81 171.43
CA UNK F 147 -212.11 79.51 170.93
C UNK F 147 -211.86 79.35 169.44
N UNK F 148 -212.10 80.40 168.67
CA UNK F 148 -211.85 80.35 167.25
C UNK F 148 -210.35 80.16 167.04
N UNK F 149 -209.55 80.88 167.80
CA UNK F 149 -208.09 80.72 167.72
C UNK F 149 -207.68 79.30 168.10
N UNK F 150 -208.24 78.76 169.17
CA UNK F 150 -207.92 77.38 169.56
C UNK F 150 -208.28 76.41 168.44
N UNK F 151 -209.46 76.62 167.84
CA UNK F 151 -209.88 75.81 166.70
C UNK F 151 -208.90 75.95 165.55
N UNK F 152 -208.46 77.18 165.31
CA UNK F 152 -207.50 77.46 164.26
C UNK F 152 -206.26 76.68 164.53
N UNK F 153 -205.78 76.71 165.76
CA UNK F 153 -204.58 75.94 166.16
C UNK F 153 -204.77 74.43 165.97
N UNK F 154 -205.90 73.92 166.44
CA UNK F 154 -206.18 72.50 166.26
C UNK F 154 -206.21 72.12 164.77
N UNK F 155 -206.80 72.98 163.94
CA UNK F 155 -206.86 72.77 162.50
C UNK F 155 -205.48 72.70 161.87
N UNK F 156 -204.59 73.61 162.28
CA UNK F 156 -203.21 73.62 161.80
C UNK F 156 -202.52 72.33 162.18
N UNK F 157 -202.74 71.88 163.43
CA UNK F 157 -202.14 70.63 163.91
C UNK F 157 -202.68 69.45 163.10
N UNK F 158 -203.99 69.45 162.86
CA UNK F 158 -204.58 68.40 162.03
C UNK F 158 -204.01 68.42 160.60
N UNK F 159 -203.83 69.62 160.05
CA UNK F 159 -203.25 69.78 158.71
C UNK F 159 -201.84 69.22 158.65
N UNK F 160 -201.05 69.49 159.70
CA UNK F 160 -199.74 68.83 159.82
C UNK F 160 -199.98 67.34 159.79
N UNK F 161 -201.02 66.90 160.51
CA UNK F 161 -201.41 65.49 160.48
C UNK F 161 -201.67 65.04 159.05
N UNK F 162 -202.29 65.92 158.26
CA UNK F 162 -202.52 65.64 156.83
C UNK F 162 -201.18 65.53 156.11
N UNK F 163 -200.23 66.37 156.48
CA UNK F 163 -198.90 66.28 155.88
C UNK F 163 -198.28 64.91 156.21
N UNK F 164 -198.53 64.46 157.45
CA UNK F 164 -198.11 63.14 157.89
C UNK F 164 -198.77 62.02 157.07
N UNK F 165 -200.08 62.16 156.85
CA UNK F 165 -200.85 61.21 156.07
C UNK F 165 -200.31 61.16 154.65
N UNK F 166 -200.01 62.33 154.09
CA UNK F 166 -199.37 62.43 152.78
C UNK F 166 -198.00 61.77 152.78
N UNK F 167 -197.25 61.97 153.85
CA UNK F 167 -195.93 61.35 153.95
C UNK F 167 -196.06 59.82 153.98
N UNK F 168 -186.47 55.68 142.98
CA UNK F 168 -187.24 55.88 141.75
C UNK F 168 -187.14 57.33 141.28
N UNK F 169 -186.71 57.53 140.04
CA UNK F 169 -186.54 58.87 139.46
C UNK F 169 -187.87 59.63 139.41
N UNK F 170 -188.93 58.93 138.99
CA UNK F 170 -190.27 59.51 138.98
C UNK F 170 -190.70 59.91 140.39
N UNK F 171 -190.42 59.05 141.37
CA UNK F 171 -190.70 59.34 142.77
C UNK F 171 -189.91 60.58 143.23
N UNK F 172 -188.64 60.66 142.84
CA UNK F 172 -187.82 61.84 143.14
C UNK F 172 -188.41 63.10 142.50
N UNK F 173 -188.86 62.99 141.25
CA UNK F 173 -189.53 64.11 140.58
C UNK F 173 -190.81 64.52 141.32
N UNK F 174 -191.59 63.52 141.75
CA UNK F 174 -192.78 63.78 142.56
C UNK F 174 -192.42 64.48 143.86
N UNK F 175 -191.33 64.03 144.50
CA UNK F 175 -190.83 64.67 145.72
C UNK F 175 -190.43 66.11 145.44
N UNK F 176 -189.76 66.34 144.32
CA UNK F 176 -189.41 67.71 143.91
C UNK F 176 -190.66 68.57 143.70
N UNK F 177 -191.67 68.00 143.03
CA UNK F 177 -192.96 68.70 142.85
C UNK F 177 -193.58 69.01 144.21
N UNK F 178 -193.53 68.05 145.12
CA UNK F 178 -194.00 68.26 146.49
C UNK F 178 -193.21 69.40 147.17
N UNK F 179 -191.91 69.46 146.92
CA UNK F 179 -191.05 70.54 147.45
C UNK F 179 -191.44 71.92 146.91
N UNK F 180 -191.72 71.97 145.59
CA UNK F 180 -192.24 73.22 144.99
C UNK F 180 -193.55 73.64 145.65
N UNK F 181 -194.41 72.65 145.90
CA UNK F 181 -195.68 72.90 146.60
C UNK F 181 -195.40 73.42 147.99
N UNK F 182 -194.46 72.79 148.69
CA UNK F 182 -194.08 73.20 150.04
C UNK F 182 -193.58 74.64 150.04
N UNK F 183 -192.76 74.99 149.04
CA UNK F 183 -192.36 76.41 148.86
C UNK F 183 -193.57 77.34 148.70
N UNK F 184 -194.54 76.91 147.89
CA UNK F 184 -195.78 77.69 147.71
C UNK F 184 -196.57 77.83 149.02
N UNK F 185 -196.60 76.75 149.79
CA UNK F 185 -197.24 76.73 151.11
C UNK F 185 -196.52 77.67 152.06
N UNK F 186 -195.19 77.65 152.07
CA UNK F 186 -194.46 78.56 152.92
C UNK F 186 -194.77 79.97 152.43
N UNK F 187 -194.74 80.13 151.11
CA UNK F 187 -195.03 81.40 150.45
C UNK F 187 -196.48 81.85 150.63
N UNK F 188 -197.41 80.91 150.50
CA UNK F 188 -198.83 81.20 150.62
C UNK F 188 -199.15 81.81 151.98
N UNK F 189 -198.55 81.24 153.03
CA UNK F 189 -198.77 81.72 154.38
C UNK F 189 -198.29 83.15 154.53
N UNK F 190 -197.13 83.45 153.93
CA UNK F 190 -196.57 84.78 153.99
C UNK F 190 -197.49 85.77 153.31
N UNK F 191 -198.05 85.36 152.16
CA UNK F 191 -198.97 86.21 151.41
C UNK F 191 -200.21 86.49 152.25
N UNK F 192 -200.71 85.46 152.91
CA UNK F 192 -201.90 85.58 153.75
C UNK F 192 -201.65 86.49 154.94
N UNK F 193 -200.49 86.31 155.58
CA UNK F 193 -200.13 87.13 156.73
C UNK F 193 -200.02 88.59 156.34
N UNK F 194 -199.43 88.86 155.18
CA UNK F 194 -199.27 90.23 154.70
C UNK F 194 -200.63 90.86 154.46
N UNK F 195 -201.55 90.08 153.88
CA UNK F 195 -202.90 90.55 153.62
C UNK F 195 -203.60 90.88 154.93
N UNK F 196 -203.40 90.03 155.94
CA UNK F 196 -204.01 90.24 157.24
C UNK F 196 -203.47 91.53 157.86
N UNK F 197 -202.16 91.76 157.71
CA UNK F 197 -201.54 92.96 158.23
C UNK F 197 -202.12 94.20 157.55
N UNK F 198 -202.32 94.10 156.23
CA UNK F 198 -202.90 95.20 155.46
C UNK F 198 -204.30 95.50 155.96
N UNK F 199 -205.07 94.44 156.22
CA UNK F 199 -206.44 94.59 156.70
C UNK F 199 -206.43 95.28 158.07
N UNK F 200 -205.48 94.90 158.91
CA UNK F 200 -205.36 95.50 160.24
C UNK F 200 -205.04 96.98 160.11
N UNK F 201 -204.15 97.31 159.17
CA UNK F 201 -203.77 98.70 158.94
C UNK F 201 -204.98 99.50 158.48
N UNK F 202 -205.79 98.90 157.59
CA UNK F 202 -206.99 99.55 157.10
C UNK F 202 -207.96 99.81 158.23
N UNK F 203 -208.09 98.83 159.13
CA UNK F 203 -208.97 98.96 160.28
C UNK F 203 -208.50 100.09 161.18
N UNK F 204 -207.19 100.20 161.36
CA UNK F 204 -206.61 101.23 162.21
C UNK F 204 -206.24 102.47 161.39
N UNK F 205 -202.28 86.64 163.94
CA UNK F 205 -202.57 85.88 165.15
C UNK F 205 -201.30 85.21 165.69
N UNK F 206 -201.10 85.21 167.00
CA UNK F 206 -199.89 84.59 167.53
C UNK F 206 -199.79 83.07 167.24
N UNK F 207 -200.89 82.36 167.41
CA UNK F 207 -200.90 80.91 167.19
C UNK F 207 -200.61 80.45 165.77
N UNK F 208 -201.21 81.11 164.79
CA UNK F 208 -200.99 80.74 163.39
C UNK F 208 -199.53 80.95 163.02
N UNK F 209 -198.97 82.07 163.48
CA UNK F 209 -197.59 82.40 163.23
C UNK F 209 -196.69 81.35 163.87
N UNK F 210 -197.02 80.93 165.09
CA UNK F 210 -196.22 79.93 165.77
C UNK F 210 -196.23 78.61 164.99
N UNK F 211 -197.40 78.24 164.48
CA UNK F 211 -197.52 77.00 163.71
C UNK F 211 -196.67 77.08 162.45
N UNK F 212 -196.72 78.25 161.80
CA UNK F 212 -195.95 78.46 160.58
C UNK F 212 -194.46 78.34 160.88
N UNK F 213 -194.03 78.92 162.00
CA UNK F 213 -192.64 78.88 162.40
C UNK F 213 -192.20 77.45 162.64
N UNK F 214 -193.06 76.66 163.28
CA UNK F 214 -192.71 75.26 163.55
C UNK F 214 -192.54 74.51 162.23
N UNK F 215 -193.46 74.77 161.29
CA UNK F 215 -193.39 74.12 159.99
C UNK F 215 -192.10 74.49 159.26
N UNK F 216 -191.73 75.77 159.36
CA UNK F 216 -190.52 76.27 158.72
C UNK F 216 -189.30 75.59 159.32
N UNK F 217 -189.30 75.42 160.64
CA UNK F 217 -188.19 74.78 161.32
C UNK F 217 -188.06 73.35 160.82
N UNK F 218 -189.19 72.66 160.69
CA UNK F 218 -189.15 71.29 160.22
C UNK F 218 -188.60 71.23 158.79
N UNK F 219 -189.03 72.18 157.97
CA UNK F 219 -188.58 72.29 156.58
C UNK F 219 -187.08 72.56 156.43
N UNK F 220 -186.52 73.39 157.31
CA UNK F 220 -185.10 73.74 157.19
C UNK F 220 -184.24 72.49 157.33
N UNK F 221 -184.62 71.65 158.27
CA UNK F 221 -183.96 70.38 158.54
C UNK F 221 -183.89 69.54 157.27
N UNK F 222 -184.99 69.53 156.50
CA UNK F 222 -185.03 68.78 155.26
C UNK F 222 -183.98 69.30 154.28
N UNK F 223 -183.84 70.61 154.18
CA UNK F 223 -182.87 71.22 153.26
C UNK F 223 -181.45 70.82 153.65
N UNK F 224 -181.20 70.82 154.97
CA UNK F 224 -179.88 70.45 155.47
C UNK F 224 -179.58 69.01 155.07
N UNK F 225 -180.57 68.13 155.23
CA UNK F 225 -180.40 66.72 154.87
C UNK F 225 -180.14 66.57 153.38
N UNK F 226 -180.85 67.37 152.59
CA UNK F 226 -180.72 67.40 151.13
C UNK F 226 -179.34 67.80 150.63
N UNK F 227 -178.66 68.75 151.28
CA UNK F 227 -177.34 69.14 150.75
C UNK F 227 -176.34 67.97 150.71
N UNK F 228 -176.39 67.19 151.77
CA UNK F 228 -175.62 65.97 152.09
C UNK F 228 -175.55 65.06 150.85
N UNK F 229 -176.71 64.90 150.24
CA UNK F 229 -176.87 64.07 149.04
C UNK F 229 -175.95 64.58 147.93
N UNK F 230 -175.99 65.89 147.76
CA UNK F 230 -175.19 66.58 146.74
C UNK F 230 -173.71 66.30 146.97
N UNK F 231 -173.31 66.44 148.22
CA UNK F 231 -171.93 66.21 148.66
C UNK F 231 -171.49 64.80 148.30
N UNK F 232 -172.36 63.86 148.63
CA UNK F 232 -172.14 62.43 148.37
C UNK F 232 -171.91 62.20 146.87
N UNK F 233 -172.76 62.79 146.05
CA UNK F 233 -172.64 62.66 144.60
C UNK F 233 -171.28 63.12 144.10
N UNK F 234 -170.85 64.29 144.58
CA UNK F 234 -169.56 64.85 144.19
C UNK F 234 -168.42 63.90 144.52
N UNK F 235 -167.87 64.06 145.71
CA UNK F 235 -166.79 63.22 146.21
C UNK F 235 -165.46 63.49 145.53
N UNK F 236 -164.81 51.45 144.68
CA UNK F 236 -165.94 50.65 144.21
C UNK F 236 -167.15 50.86 145.12
N UNK F 237 -168.30 51.16 144.52
CA UNK F 237 -169.53 51.38 145.28
C UNK F 237 -169.97 50.09 145.98
N UNK F 238 -170.51 50.24 147.19
CA UNK F 238 -170.83 51.54 147.75
C UNK F 238 -172.07 52.14 147.09
N UNK F 239 -172.11 52.09 145.76
CA UNK F 239 -173.24 52.62 145.01
C UNK F 239 -174.54 51.96 145.43
N UNK F 240 -174.53 50.63 145.51
CA UNK F 240 -175.71 49.86 145.91
C UNK F 240 -176.20 50.32 147.28
N UNK F 241 -175.24 50.43 148.19
CA UNK F 241 -175.50 50.86 149.57
C UNK F 241 -176.15 52.24 149.58
N UNK F 242 -175.57 53.12 148.79
CA UNK F 242 -176.03 54.50 148.65
C UNK F 242 -177.49 54.52 148.19
N UNK F 243 -177.74 53.71 147.18
CA UNK F 243 -179.07 53.57 146.57
C UNK F 243 -180.09 53.14 147.63
N UNK F 244 -179.68 52.14 148.40
CA UNK F 244 -180.48 51.57 149.48
C UNK F 244 -180.86 52.66 150.49
N UNK F 245 -179.83 53.42 150.85
CA UNK F 245 -179.97 54.53 151.82
C UNK F 245 -181.00 55.53 151.30
N UNK F 246 -180.86 55.87 150.04
CA UNK F 246 -181.74 56.82 149.36
C UNK F 246 -183.19 56.34 149.43
N UNK F 247 -183.35 55.06 149.13
CA UNK F 247 -184.66 54.40 149.14
C UNK F 247 -185.29 54.51 150.53
N UNK F 248 -184.47 54.23 151.52
CA UNK F 248 -184.88 54.27 152.94
C UNK F 248 -185.39 55.68 153.28
N UNK F 249 -184.60 56.65 152.86
CA UNK F 249 -184.90 58.07 153.09
C UNK F 249 -186.26 58.42 152.50
N UNK F 250 -186.44 57.97 151.27
CA UNK F 250 -187.67 58.20 150.51
C UNK F 250 -188.88 57.64 151.28
N UNK F 251 -188.68 56.42 151.74
CA UNK F 251 -189.70 55.69 152.51
C UNK F 251 -190.10 56.49 153.75
N UNK F 252 -189.08 56.96 154.43
CA UNK F 252 -189.23 57.75 155.66
C UNK F 252 -190.07 59.00 155.37
N UNK F 253 -189.70 59.66 154.29
CA UNK F 253 -190.38 60.88 153.83
C UNK F 253 -191.86 60.60 153.60
N UNK F 254 -192.11 59.50 152.91
CA UNK F 254 -193.47 59.05 152.58
C UNK F 254 -194.28 58.86 153.86
N UNK F 255 -186.66 72.69 177.64
CA UNK F 255 -187.89 73.13 177.00
C UNK F 255 -188.43 72.04 176.07
N UNK F 256 -189.74 72.04 175.88
CA UNK F 256 -190.39 71.05 175.02
C UNK F 256 -189.92 71.21 173.58
N UNK F 257 -189.78 72.46 173.15
CA UNK F 257 -189.30 72.77 171.80
C UNK F 257 -187.88 72.24 171.65
N UNK F 258 -187.08 72.44 172.68
CA UNK F 258 -185.71 71.97 172.68
C UNK F 258 -185.71 70.46 172.55
N UNK F 259 -186.59 69.77 173.28
CA UNK F 259 -186.67 68.31 173.22
C UNK F 259 -187.07 67.80 171.83
N UNK F 260 -188.02 68.47 171.18
CA UNK F 260 -188.46 68.07 169.82
C UNK F 260 -187.31 68.25 168.85
N UNK F 261 -186.61 69.37 169.05
CA UNK F 261 -185.45 69.72 168.26
C UNK F 261 -184.39 68.67 168.47
N UNK F 262 -184.22 68.21 169.72
CA UNK F 262 -183.29 67.18 170.15
C UNK F 262 -183.62 65.85 169.51
N UNK F 263 -184.89 65.49 169.35
CA UNK F 263 -185.22 64.23 168.69
C UNK F 263 -184.75 64.33 167.24
N UNK F 264 -185.03 65.49 166.62
CA UNK F 264 -184.59 65.72 165.24
C UNK F 264 -183.05 65.71 165.16
N UNK F 265 -182.42 66.30 166.18
CA UNK F 265 -180.98 66.43 166.38
C UNK F 265 -180.34 65.09 166.55
N UNK F 266 -181.03 64.18 167.23
CA UNK F 266 -180.57 62.82 167.46
C UNK F 266 -180.50 62.18 166.10
N UNK F 267 -181.56 62.38 165.30
CA UNK F 267 -181.51 61.84 163.95
C UNK F 267 -180.34 62.46 163.17
N UNK F 268 -180.15 63.77 163.31
CA UNK F 268 -179.08 64.47 162.61
C UNK F 268 -177.69 63.99 163.02
N UNK F 269 -177.53 63.72 164.32
CA UNK F 269 -176.30 63.25 164.95
C UNK F 269 -175.99 61.91 164.37
N UNK F 270 -177.04 61.10 164.27
CA UNK F 270 -176.91 59.85 163.59
C UNK F 270 -176.69 60.43 162.21
N UNK F 271 -177.05 61.72 162.02
CA UNK F 271 -176.78 62.26 160.67
C UNK F 271 -175.29 62.59 160.53
N UNK F 272 -174.79 63.27 161.54
CA UNK F 272 -173.38 63.69 161.61
C UNK F 272 -172.47 62.48 161.49
N UNK F 273 -172.81 61.46 162.26
CA UNK F 273 -172.07 60.19 162.33
C UNK F 273 -172.02 59.57 160.94
N UNK F 274 -173.17 59.55 160.31
CA UNK F 274 -173.34 58.98 158.96
C UNK F 274 -172.43 59.70 157.97
N UNK F 275 -172.45 61.02 158.07
CA UNK F 275 -171.64 61.90 157.21
C UNK F 275 -170.17 61.56 157.37
N UNK F 276 -169.77 61.43 158.62
CA UNK F 276 -168.38 61.10 159.00
C UNK F 276 -167.96 59.78 158.35
N UNK F 277 -168.85 58.82 158.48
CA UNK F 277 -168.65 57.46 157.93
C UNK F 277 -168.41 57.54 156.42
N UNK F 278 -169.27 58.31 155.79
CA UNK F 278 -169.24 58.53 154.33
C UNK F 278 -167.88 59.10 153.93
N UNK F 279 -167.47 60.10 154.68
CA UNK F 279 -166.20 60.80 154.46
C UNK F 279 -165.04 59.81 154.53
N UNK F 280 -165.09 58.99 155.57
CA UNK F 280 -164.08 57.95 155.83
C UNK F 280 -163.98 57.00 154.63
N UNK F 281 -165.15 56.59 154.18
CA UNK F 281 -165.29 55.67 153.04
C UNK F 281 -164.62 56.28 151.80
N UNK F 282 -164.91 57.54 151.55
CA UNK F 282 -164.34 58.24 150.39
C UNK F 282 -162.81 58.22 150.44
N UNK F 283 -162.26 58.55 151.60
CA UNK F 283 -160.81 58.57 151.78
C UNK F 283 -160.19 57.22 151.45
N UNK F 284 -160.79 56.15 151.99
CA UNK F 284 -160.30 54.79 151.76
C UNK F 284 -160.27 54.48 150.27
N UNK F 285 -161.36 54.79 149.57
CA UNK F 285 -161.44 54.53 148.14
C UNK F 285 -160.32 55.23 147.38
N UNK F 286 -145.36 68.51 139.28
CA UNK F 286 -144.52 67.34 139.34
C UNK F 286 -145.32 66.07 139.04
N UNK F 287 -144.65 64.93 139.13
CA UNK F 287 -145.31 63.64 138.87
C UNK F 287 -146.43 63.41 139.87
N UNK F 288 -146.18 63.73 141.14
CA UNK F 288 -147.19 63.57 142.18
C UNK F 288 -148.39 64.45 141.89
N UNK F 289 -148.13 65.67 141.44
CA UNK F 289 -149.19 66.61 141.11
C UNK F 289 -150.02 66.07 139.96
N UNK F 290 -149.34 65.50 138.96
CA UNK F 290 -150.01 64.94 137.79
C UNK F 290 -150.99 63.85 138.19
N UNK F 291 -150.48 62.81 138.85
CA UNK F 291 -151.31 61.70 139.29
C UNK F 291 -152.36 62.18 140.29
N UNK F 292 -151.95 63.05 141.20
CA UNK F 292 -152.87 63.59 142.20
C UNK F 292 -153.97 64.39 141.51
N UNK F 293 -153.59 65.16 140.50
CA UNK F 293 -154.55 65.96 139.75
C UNK F 293 -155.55 65.04 139.05
N UNK F 294 -155.04 63.94 138.50
CA UNK F 294 -155.89 62.98 137.81
C UNK F 294 -156.88 62.38 138.79
N UNK F 295 -156.40 62.07 139.98
CA UNK F 295 -157.25 61.49 141.03
C UNK F 295 -158.35 62.47 141.39
N UNK F 296 -157.98 63.75 141.50
CA UNK F 296 -158.92 64.80 141.83
C UNK F 296 -159.99 64.92 140.76
N UNK F 297 -159.58 64.79 139.50
CA UNK F 297 -160.49 64.88 138.37
C UNK F 297 -161.76 64.06 138.62
N UNK F 298 -164.79 64.05 153.64
CA UNK F 298 -164.39 64.88 154.77
C UNK F 298 -163.15 64.31 155.45
N UNK F 299 -162.99 63.00 155.38
CA UNK F 299 -161.85 62.33 155.99
C UNK F 299 -160.75 62.13 154.95
N UNK F 300 -161.17 61.73 153.74
CA UNK F 300 -160.22 61.52 152.66
C UNK F 300 -159.51 62.83 152.31
N UNK F 301 -160.28 63.92 152.29
CA UNK F 301 -159.73 65.23 152.00
C UNK F 301 -158.72 65.62 153.06
N UNK F 302 -159.04 65.33 154.32
CA UNK F 302 -158.14 65.64 155.43
C UNK F 302 -156.84 64.86 155.28
N UNK F 303 -156.96 63.59 154.89
CA UNK F 303 -155.79 62.74 154.70
C UNK F 303 -154.92 63.30 153.58
N UNK F 304 -155.57 63.76 152.50
CA UNK F 304 -154.86 64.33 151.37
C UNK F 304 -154.10 65.59 151.81
N UNK F 305 -154.76 66.40 152.64
CA UNK F 305 -154.15 67.62 153.14
C UNK F 305 -152.93 67.29 153.98
N UNK F 306 -153.04 66.24 154.81
CA UNK F 306 -151.94 65.81 155.64
C UNK F 306 -150.77 65.37 154.77
N UNK F 307 -151.08 64.63 153.71
CA UNK F 307 -150.03 64.16 152.80
C UNK F 307 -149.34 65.35 152.13
N UNK F 308 -149.07 68.38 153.33
CA UNK F 308 -148.34 69.14 154.36
C UNK F 308 -146.82 69.16 154.27
N UNK F 309 -146.26 68.47 153.27
CA UNK F 309 -144.79 68.49 153.11
C UNK F 309 -144.42 67.96 151.73
N UNK F 310 -145.03 66.84 151.40
CA UNK F 310 -144.82 66.15 150.12
C UNK F 310 -145.14 67.09 148.96
N UNK F 311 -146.28 67.74 149.09
CA UNK F 311 -146.79 68.69 148.09
C UNK F 311 -145.77 69.81 147.88
N UNK F 312 -145.29 70.32 148.99
CA UNK F 312 -144.30 71.41 149.02
C UNK F 312 -143.04 70.99 148.25
N UNK F 313 -142.61 69.79 148.57
CA UNK F 313 -141.41 69.18 147.96
C UNK F 313 -141.58 69.12 146.44
N UNK F 314 -142.75 68.64 146.04
CA UNK F 314 -143.12 68.49 144.63
C UNK F 314 -143.03 69.85 143.92
N UNK F 315 -143.60 70.83 144.58
CA UNK F 315 -143.64 72.22 144.08
C UNK F 315 -142.21 72.72 143.85
N UNK F 316 -141.38 72.47 144.84
CA UNK F 316 -139.97 72.87 144.83
C UNK F 316 -139.26 72.25 143.62
N UNK F 317 -139.52 70.97 143.45
CA UNK F 317 -138.94 70.18 142.35
C UNK F 317 -139.33 70.80 141.01
N UNK F 318 -140.61 71.11 140.90
CA UNK F 318 -141.18 71.72 139.70
C UNK F 318 -140.47 73.03 139.38
N UNK F 319 -140.31 73.82 140.42
CA UNK F 319 -139.64 75.14 140.33
C UNK F 319 -138.23 74.97 139.78
N UNK F 320 -137.54 73.99 140.36
CA UNK F 320 -136.16 73.66 140.00
C UNK F 320 -136.08 73.33 138.51
N UNK F 321 -137.02 72.48 138.10
CA UNK F 321 -137.13 72.02 136.71
C UNK F 321 -137.29 73.21 135.77
N UNK F 322 -138.19 74.10 136.17
CA UNK F 322 -138.50 75.32 135.42
C UNK F 322 -137.23 76.15 135.24
N UNK F 323 -136.52 76.31 136.34
CA UNK F 323 -135.28 77.08 136.38
C UNK F 323 -134.26 76.49 135.39
N UNK F 324 -134.15 75.18 135.45
CA UNK F 324 -133.24 74.42 134.57
C UNK F 324 -133.57 74.69 133.10
N UNK F 325 -134.85 74.62 132.82
CA UNK F 325 -135.39 74.84 131.47
C UNK F 325 -135.00 76.23 130.98
N UNK F 326 -135.20 77.19 131.86
CA UNK F 326 -134.90 78.61 131.59
C UNK F 326 -133.42 78.76 131.23
N UNK F 327 -132.60 78.12 132.04
CA UNK F 327 -131.14 78.14 131.88
C UNK F 327 -130.75 77.60 130.50
N UNK F 328 -131.37 76.49 130.17
CA UNK F 328 -131.16 75.78 128.90
C UNK F 328 -131.48 76.73 127.73
N UNK F 329 -132.62 77.40 127.83
CA UNK F 329 -133.05 78.34 126.78
C UNK F 329 -132.01 79.43 126.56
N UNK F 330 -131.53 80.02 127.65
CA UNK F 330 -130.53 81.07 127.58
C UNK F 330 -129.27 80.61 126.86
N UNK F 331 -128.79 79.42 127.22
CA UNK F 331 -127.60 78.85 126.61
C UNK F 331 -127.77 78.71 125.10
N UNK F 332 -128.92 78.16 124.70
CA UNK F 332 -129.21 77.96 123.28
C UNK F 332 -129.15 79.28 122.51
N UNK F 333 -134.72 87.51 108.55
CA UNK F 333 -135.64 87.70 109.67
C UNK F 333 -136.01 86.36 110.31
N UNK F 334 -135.52 85.27 109.71
CA UNK F 334 -135.81 83.94 110.22
C UNK F 334 -135.24 83.77 111.62
N UNK F 335 -134.03 84.28 111.83
CA UNK F 335 -133.38 84.18 113.13
C UNK F 335 -134.19 84.95 114.17
N UNK F 336 -134.68 86.12 113.78
CA UNK F 336 -135.49 86.95 114.68
C UNK F 336 -136.78 86.21 115.04
N UNK F 337 -137.38 85.56 114.05
CA UNK F 337 -138.61 84.80 114.28
C UNK F 337 -138.34 83.66 115.26
N UNK F 338 -137.20 82.99 115.10
CA UNK F 338 -136.83 81.89 115.97
C UNK F 338 -136.65 82.41 117.40
N UNK F 339 -136.02 83.58 117.53
CA UNK F 339 -135.81 84.19 118.84
C UNK F 339 -137.16 84.51 119.49
N UNK F 340 -138.10 85.01 118.69
CA UNK F 340 -139.42 85.35 119.18
C UNK F 340 -140.12 84.08 119.68
N UNK F 341 -139.97 83.00 118.92
CA UNK F 341 -140.58 81.72 119.28
C UNK F 341 -140.00 81.23 120.60
N UNK F 342 -138.68 81.39 120.76
CA UNK F 342 -138.01 80.97 121.98
C UNK F 342 -138.53 81.78 123.16
N UNK F 343 -138.72 83.08 122.95
CA UNK F 343 -139.24 83.95 124.00
C UNK F 343 -140.64 83.52 124.40
N UNK F 344 -141.46 83.17 123.40
CA UNK F 344 -142.82 82.72 123.65
C UNK F 344 -142.80 81.43 124.47
N UNK F 345 -141.88 80.54 124.13
CA UNK F 345 -141.75 79.27 124.85
C UNK F 345 -141.37 79.53 126.30
N UNK F 346 -140.46 80.49 126.50
CA UNK F 346 -140.02 80.84 127.84
C UNK F 346 -141.19 81.40 128.65
N UNK F 347 -142.00 82.22 128.00
CA UNK F 347 -143.17 82.81 128.64
C UNK F 347 -144.16 81.72 129.05
N UNK F 348 -144.33 80.73 128.16
CA UNK F 348 -145.24 79.62 128.43
C UNK F 348 -144.85 78.87 129.69
N UNK F 349 -143.63 78.34 129.70
CA UNK F 349 -143.12 77.58 130.86
C UNK F 349 -143.53 78.28 132.16
N UNK F 350 -143.29 79.58 132.16
CA UNK F 350 -143.61 80.44 133.31
C UNK F 350 -145.09 80.35 133.65
N UNK F 351 -145.90 80.44 132.60
CA UNK F 351 -147.37 80.37 132.71
C UNK F 351 -147.78 79.05 133.36
N UNK F 352 -147.17 77.98 132.85
CA UNK F 352 -147.42 76.62 133.33
C UNK F 352 -147.12 76.53 134.83
N UNK F 353 -145.97 77.07 135.18
CA UNK F 353 -145.49 77.08 136.57
C UNK F 353 -146.52 77.78 137.47
N UNK F 354 -146.96 78.93 136.99
CA UNK F 354 -147.96 79.76 137.68
C UNK F 354 -149.22 78.96 137.94
N UNK F 355 -149.66 78.29 136.89
CA UNK F 355 -150.87 77.46 136.92
C UNK F 355 -150.73 76.38 138.00
N UNK F 356 -149.58 75.74 137.98
CA UNK F 356 -149.24 74.67 138.93
C UNK F 356 -149.35 75.19 140.36
N UNK F 357 -148.75 76.35 140.56
CA UNK F 357 -148.74 77.03 141.85
C UNK F 357 -150.16 77.27 142.35
N UNK F 358 -151.01 77.78 141.46
CA UNK F 358 -152.40 78.05 141.80
C UNK F 358 -153.11 76.80 142.29
N UNK F 359 -152.94 75.70 141.55
CA UNK F 359 -153.55 74.43 141.90
C UNK F 359 -153.15 73.98 143.30
N UNK F 360 -151.85 74.06 143.58
CA UNK F 360 -151.32 73.66 144.89
C UNK F 360 -151.98 74.46 146.00
N UNK F 361 -152.05 75.77 145.82
CA UNK F 361 -152.64 76.66 146.82
C UNK F 361 -154.09 76.25 147.11
N UNK F 362 -141.97 82.15 150.37
CA UNK F 362 -141.20 83.27 149.85
C UNK F 362 -140.33 82.84 148.68
N UNK F 363 -139.91 81.58 148.68
CA UNK F 363 -139.08 81.05 147.62
C UNK F 363 -139.82 81.09 146.30
N UNK F 364 -141.10 80.76 146.32
CA UNK F 364 -141.91 80.77 145.12
C UNK F 364 -142.00 82.19 144.58
N UNK F 365 -142.17 83.15 145.47
CA UNK F 365 -142.25 84.55 145.08
C UNK F 365 -140.95 84.99 144.43
N UNK F 366 -139.84 84.55 145.01
CA UNK F 366 -138.52 84.89 144.48
C UNK F 366 -138.36 84.31 143.08
N UNK F 367 -138.84 83.09 142.91
CA UNK F 367 -138.77 82.42 141.62
C UNK F 367 -139.59 83.19 140.59
N UNK F 368 -140.75 83.67 141.02
CA UNK F 368 -141.63 84.43 140.14
C UNK F 368 -140.93 85.73 139.72
N UNK F 369 -140.26 86.36 140.68
CA UNK F 369 -139.54 87.60 140.39
C UNK F 369 -138.44 87.33 139.38
N UNK F 370 -137.75 86.21 139.54
CA UNK F 370 -136.67 85.84 138.64
C UNK F 370 -137.23 85.62 137.24
N UNK F 371 -138.40 84.98 137.17
CA UNK F 371 -139.04 84.72 135.90
C UNK F 371 -139.42 86.03 135.21
N UNK F 372 -139.89 86.98 136.01
CA UNK F 372 -140.28 88.28 135.49
C UNK F 372 -139.05 88.97 134.93
N UNK F 373 -137.93 88.86 135.64
CA UNK F 373 -136.68 89.46 135.21
C UNK F 373 -136.24 88.85 133.88
N UNK F 374 -136.39 87.54 133.77
CA UNK F 374 -136.03 86.83 132.56
C UNK F 374 -136.88 87.31 131.39
N UNK F 375 -138.17 87.51 131.66
CA UNK F 375 -139.10 87.98 130.64
C UNK F 375 -138.69 89.37 130.18
N UNK F 376 -138.29 90.21 131.14
CA UNK F 376 -137.87 91.57 130.83
C UNK F 376 -136.63 91.52 129.95
N UNK F 377 -135.72 90.60 130.27
CA UNK F 377 -134.49 90.45 129.50
C UNK F 377 -134.82 90.02 128.07
N UNK F 378 -135.78 89.12 127.94
CA UNK F 378 -136.21 88.63 126.64
C UNK F 378 -136.77 89.78 125.84
N UNK F 379 -137.55 90.63 126.50
CA UNK F 379 -138.15 91.79 125.86
C UNK F 379 -137.08 92.83 125.54
N UNK F 380 -135.91 92.69 126.17
CA UNK F 380 -134.84 93.65 125.93
C UNK F 380 -133.80 93.01 125.01
N UNK F 381 -133.49 91.74 125.26
CA UNK F 381 -132.53 91.00 124.43
C UNK F 381 -133.04 90.92 122.99
N UNK F 382 -134.33 90.66 122.85
CA UNK F 382 -134.96 90.56 121.53
C UNK F 382 -134.88 91.90 120.81
N UNK F 383 -135.08 92.98 121.55
CA UNK F 383 -135.04 94.33 120.98
C UNK F 383 -133.63 94.73 120.60
N UNK F 384 -132.86 95.21 121.57
CA UNK F 384 -131.48 95.64 121.31
C UNK F 384 -131.02 95.08 119.96
N UNK F 385 -131.38 93.83 119.69
CA UNK F 385 -131.01 93.20 118.43
C UNK F 385 -131.68 93.94 117.28
N UNK F 386 -132.94 94.30 117.47
CA UNK F 386 -133.69 95.04 116.46
C UNK F 386 -133.04 96.40 116.21
N UNK F 387 -132.59 97.05 117.28
CA UNK F 387 -131.94 98.35 117.19
C UNK F 387 -130.65 98.22 116.40
N UNK F 388 -129.90 97.14 116.65
CA UNK F 388 -128.65 96.90 115.94
C UNK F 388 -128.94 96.71 114.46
N UNK F 389 -130.00 95.98 114.15
CA UNK F 389 -130.38 95.74 112.76
C UNK F 389 -130.75 97.08 112.09
N UNK F 390 -131.47 97.92 112.82
CA UNK F 390 -131.87 99.23 112.32
C UNK F 390 -130.65 100.08 112.03
N UNK F 391 -129.67 100.03 112.92
CA UNK F 391 -128.43 100.78 112.76
C UNK F 391 -127.70 100.30 111.51
N UNK F 392 -127.69 98.99 111.30
CA UNK F 392 -127.04 98.41 110.14
C UNK F 392 -127.74 98.88 108.87
N UNK F 393 -129.07 98.94 108.91
CA UNK F 393 -129.86 99.40 107.77
C UNK F 393 -129.55 100.85 107.46
N UNK F 394 -129.40 101.66 108.52
CA UNK F 394 -129.08 103.07 108.37
C UNK F 394 -127.71 103.22 107.73
N UNK F 395 -126.76 102.39 108.14
CA UNK F 395 -125.41 102.42 107.59
C UNK F 395 -125.43 102.34 106.07
N UNK F 396 -143.00 100.83 111.04
CA UNK F 396 -143.23 101.41 109.73
C UNK F 396 -143.95 100.43 108.81
N UNK F 397 -145.27 100.56 108.72
CA UNK F 397 -146.08 99.69 107.89
C UNK F 397 -145.71 99.84 106.41
N UNK F 398 -145.48 101.07 105.98
CA UNK F 398 -145.11 101.33 104.60
C UNK F 398 -143.77 100.68 104.31
N UNK F 399 -142.86 100.78 105.28
CA UNK F 399 -141.54 100.19 105.15
C UNK F 399 -141.68 98.69 105.01
N UNK F 400 -142.58 98.11 105.80
CA UNK F 400 -142.81 96.68 105.78
C UNK F 400 -143.35 96.24 104.42
N UNK F 401 -144.25 97.04 103.85
CA UNK F 401 -144.82 96.74 102.54
C UNK F 401 -143.73 96.79 101.48
N UNK F 402 -142.84 97.78 101.61
CA UNK F 402 -141.74 97.94 100.68
C UNK F 402 -140.85 96.71 100.77
N UNK F 403 -140.64 96.25 102.00
CA UNK F 403 -139.83 95.08 102.27
C UNK F 403 -140.43 93.85 101.62
N UNK F 404 -141.75 93.72 101.71
CA UNK F 404 -142.44 92.58 101.10
C UNK F 404 -142.26 92.61 99.59
N UNK F 405 -142.36 93.81 99.01
CA UNK F 405 -142.19 93.95 97.57
C UNK F 405 -140.78 93.55 97.18
N UNK F 406 -139.82 93.97 98.01
CA UNK F 406 -138.42 93.68 97.79
C UNK F 406 -138.20 92.18 97.84
N UNK F 407 -138.87 91.53 98.78
CA UNK F 407 -138.78 90.09 98.95
C UNK F 407 -139.31 89.39 97.72
N UNK F 408 -140.41 89.88 97.17
CA UNK F 408 -140.97 89.27 95.97
C UNK F 408 -139.97 89.41 94.82
N UNK F 409 -139.32 90.56 94.69
CA UNK F 409 -138.30 90.71 93.64
C UNK F 409 -137.13 89.76 93.95
N UNK F 410 -136.89 89.63 95.25
CA UNK F 410 -135.81 88.83 95.79
C UNK F 410 -135.85 87.35 95.44
N UNK F 411 -137.02 86.73 95.40
CA UNK F 411 -137.06 85.31 95.05
C UNK F 411 -136.52 85.08 93.63
N UNK F 412 -136.95 85.95 92.71
CA UNK F 412 -136.50 85.85 91.33
C UNK F 412 -135.01 86.09 91.28
N UNK F 413 -134.53 87.09 92.00
CA UNK F 413 -133.10 87.36 92.00
C UNK F 413 -132.31 86.17 92.56
N UNK F 414 -132.82 85.61 93.66
CA UNK F 414 -132.18 84.48 94.31
C UNK F 414 -132.14 83.25 93.41
N UNK F 415 -133.24 83.00 92.71
CA UNK F 415 -133.31 81.86 91.83
C UNK F 415 -132.28 82.02 90.72
N UNK F 416 -132.17 83.25 90.22
CA UNK F 416 -131.23 83.55 89.16
C UNK F 416 -129.81 83.31 89.64
N UNK F 417 -129.53 83.73 90.87
CA UNK F 417 -128.20 83.53 91.43
C UNK F 417 -127.88 82.05 91.56
N UNK F 418 -128.87 81.27 92.00
CA UNK F 418 -128.67 79.84 92.14
C UNK F 418 -128.38 79.22 90.79
N UNK F 419 -129.11 79.68 89.78
CA UNK F 419 -128.92 79.16 88.42
C UNK F 419 -127.52 79.48 87.93
N UNK F 420 -127.08 80.70 88.23
CA UNK F 420 -125.77 81.20 87.84
C UNK F 420 -124.64 80.41 88.49
N UNK F 421 -124.73 80.21 89.81
CA UNK F 421 -123.70 79.46 90.52
C UNK F 421 -123.68 78.03 89.97
N UNK F 422 -124.88 77.49 89.76
CA UNK F 422 -125.03 76.15 89.23
C UNK F 422 -124.40 76.12 87.85
N UNK F 423 -124.62 77.20 87.09
CA UNK F 423 -124.09 77.30 85.73
C UNK F 423 -122.57 77.26 85.77
N UNK F 424 -121.97 77.97 86.72
CA UNK F 424 -120.53 78.02 86.88
C UNK F 424 -120.00 76.64 87.22
N UNK F 425 -120.71 75.93 88.10
CA UNK F 425 -120.29 74.60 88.49
C UNK F 425 -120.32 73.70 87.26
N UNK F 426 -121.36 73.87 86.45
CA UNK F 426 -121.54 73.09 85.24
C UNK F 426 -120.40 73.37 84.28
N UNK F 427 -120.00 74.63 84.19
CA UNK F 427 -118.92 75.05 83.32
C UNK F 427 -117.62 74.39 83.76
N UNK F 428 -117.41 74.35 85.07
CA UNK F 428 -116.21 73.73 85.61
C UNK F 428 -116.19 72.25 85.25
N UNK F 429 -117.36 71.62 85.37
CA UNK F 429 -117.49 70.21 85.05
C UNK F 429 -117.18 69.97 83.58
N UNK F 430 -117.66 70.88 82.73
CA UNK F 430 -117.45 70.81 81.30
C UNK F 430 -115.97 70.93 80.98
N UNK F 431 -115.30 71.83 81.68
CA UNK F 431 -113.87 72.03 81.49
C UNK F 431 -113.15 70.75 81.86
N UNK F 432 -113.58 70.13 82.94
CA UNK F 432 -112.97 68.89 83.39
C UNK F 432 -113.16 67.80 82.34
N UNK F 433 -114.35 67.75 81.75
CA UNK F 433 -114.65 66.77 80.72
C UNK F 433 -113.77 67.00 79.50
N UNK F 434 -113.57 68.26 79.16
CA UNK F 434 -112.74 68.63 78.02
C UNK F 434 -111.32 68.18 78.28
N UNK F 435 -110.86 68.36 79.51
CA UNK F 435 -109.52 67.97 79.89
C UNK F 435 -109.50 66.54 80.43
N UNK F 436 -124.94 76.94 70.01
CA UNK F 436 -124.41 78.30 70.07
C UNK F 436 -124.03 78.70 71.49
N UNK F 437 -123.18 77.88 72.11
CA UNK F 437 -122.75 78.14 73.48
C UNK F 437 -121.99 79.46 73.55
N UNK F 438 -121.13 79.70 72.56
CA UNK F 438 -120.35 80.93 72.51
C UNK F 438 -121.28 82.14 72.39
N UNK F 439 -122.31 82.00 71.57
CA UNK F 439 -123.28 83.07 71.37
C UNK F 439 -124.03 83.34 72.67
N UNK F 440 -124.37 82.28 73.39
CA UNK F 440 -125.09 82.40 74.65
C UNK F 440 -124.38 83.34 75.61
N UNK F 441 -123.06 83.43 75.47
CA UNK F 441 -122.26 84.30 76.33
C UNK F 441 -122.56 85.78 76.06
N UNK F 442 -122.60 86.14 74.78
CA UNK F 442 -122.87 87.51 74.38
C UNK F 442 -124.22 87.98 74.91
N UNK F 443 -125.24 87.14 74.74
CA UNK F 443 -126.59 87.47 75.21
C UNK F 443 -126.58 87.73 76.71
N UNK F 444 -125.92 86.84 77.41
CA UNK F 444 -125.77 86.89 78.87
C UNK F 444 -125.12 88.21 79.28
N UNK F 445 -124.04 88.52 78.57
CA UNK F 445 -123.26 89.74 78.79
C UNK F 445 -124.16 90.97 78.64
N UNK F 446 -124.92 90.94 77.57
CA UNK F 446 -125.85 92.03 77.22
C UNK F 446 -126.85 92.25 78.36
N UNK F 447 -127.39 91.12 78.82
CA UNK F 447 -128.37 91.10 79.91
C UNK F 447 -127.78 91.75 81.17
N UNK F 448 -126.56 91.34 81.46
CA UNK F 448 -125.81 91.83 82.61
C UNK F 448 -125.67 93.36 82.54
N UNK F 449 -125.28 93.80 81.35
CA UNK F 449 -125.08 95.23 81.06
C UNK F 449 -126.37 96.01 81.33
N UNK F 450 -127.45 95.44 80.81
CA UNK F 450 -128.80 96.01 80.96
C UNK F 450 -129.14 96.19 82.44
N UNK F 451 -115.78 104.59 87.88
CA UNK F 451 -115.14 103.68 86.95
C UNK F 451 -116.04 102.51 86.60
N UNK F 452 -117.25 102.82 86.13
CA UNK F 452 -118.21 101.78 85.76
C UNK F 452 -117.67 100.93 84.62
N UNK F 453 -117.04 101.58 83.64
CA UNK F 453 -116.49 100.88 82.50
C UNK F 453 -115.38 99.94 82.97
N UNK F 454 -114.55 100.41 83.88
CA UNK F 454 -113.47 99.61 84.43
C UNK F 454 -114.02 98.39 85.17
N UNK F 455 -115.10 98.60 85.91
CA UNK F 455 -115.75 97.54 86.67
C UNK F 455 -116.06 96.34 85.78
N UNK F 456 -116.29 96.61 84.50
CA UNK F 456 -116.61 95.54 83.55
C UNK F 456 -115.41 94.63 83.32
N UNK F 457 -114.24 95.23 83.11
CA UNK F 457 -113.02 94.47 82.88
C UNK F 457 -112.73 93.54 84.05
N UNK F 458 -112.82 94.06 85.26
CA UNK F 458 -112.56 93.27 86.47
C UNK F 458 -113.50 92.07 86.52
N UNK F 459 -114.76 92.36 86.26
CA UNK F 459 -115.82 91.34 86.24
C UNK F 459 -115.50 90.25 85.24
N UNK F 460 -115.10 90.70 84.07
CA UNK F 460 -114.74 89.82 82.94
C UNK F 460 -113.60 88.88 83.36
N UNK F 461 -112.61 89.50 83.98
CA UNK F 461 -111.42 88.79 84.47
C UNK F 461 -111.82 87.69 85.45
N UNK F 462 -112.69 88.08 86.36
CA UNK F 462 -113.22 87.18 87.40
C UNK F 462 -113.90 85.98 86.75
N UNK F 463 -114.73 86.28 85.77
CA UNK F 463 -115.48 85.28 85.02
C UNK F 463 -114.52 84.28 84.37
N UNK F 464 -113.50 84.83 83.75
CA UNK F 464 -112.45 84.06 83.06
C UNK F 464 -111.80 83.08 84.04
N UNK F 465 -111.46 83.63 85.19
CA UNK F 465 -110.82 82.88 86.28
C UNK F 465 -111.68 81.70 86.69
N UNK F 466 -110.59 84.51 98.56
CA UNK F 466 -109.71 84.59 97.39
C UNK F 466 -110.26 85.55 96.36
N UNK F 467 -109.66 85.55 95.17
CA UNK F 467 -110.07 86.41 94.06
C UNK F 467 -111.48 86.04 93.64
N UNK F 468 -111.74 84.74 93.61
CA UNK F 468 -113.04 84.20 93.30
C UNK F 468 -114.01 84.67 94.37
N UNK F 469 -113.61 84.68 95.64
CA UNK F 469 -114.47 85.13 96.74
C UNK F 469 -114.82 86.60 96.55
N UNK F 470 -113.85 87.40 96.11
CA UNK F 470 -114.07 88.82 95.87
C UNK F 470 -115.08 88.99 94.75
N UNK F 471 -114.93 88.17 93.72
CA UNK F 471 -115.84 88.16 92.59
C UNK F 471 -117.25 87.78 93.08
N UNK F 472 -117.33 86.82 93.99
CA UNK F 472 -118.57 86.33 94.60
C UNK F 472 -119.26 87.43 95.38
N UNK F 473 -118.48 88.24 96.09
CA UNK F 473 -119.03 89.37 96.85
C UNK F 473 -119.62 90.35 95.84
N UNK F 474 -118.89 90.57 94.75
CA UNK F 474 -119.33 91.43 93.68
C UNK F 474 -120.61 90.89 93.05
N UNK F 475 -120.69 89.58 92.89
CA UNK F 475 -121.84 88.89 92.32
C UNK F 475 -123.05 89.09 93.19
N UNK F 476 -122.84 89.03 94.50
CA UNK F 476 -123.90 89.23 95.46
C UNK F 476 -124.41 90.66 95.32
N UNK F 477 -123.47 91.60 95.18
CA UNK F 477 -123.80 92.99 95.00
C UNK F 477 -124.58 93.20 93.69
N UNK F 478 -124.18 92.48 92.66
CA UNK F 478 -124.80 92.51 91.35
C UNK F 478 -126.23 92.04 91.47
N UNK F 479 -126.44 90.99 92.25
CA UNK F 479 -127.77 90.45 92.48
C UNK F 479 -128.61 91.51 93.17
N UNK F 480 -128.02 92.22 94.15
CA UNK F 480 -128.74 93.29 94.82
C UNK F 480 -129.25 94.32 93.80
N UNK F 481 -138.82 99.67 88.22
CA UNK F 481 -140.11 98.99 88.25
C UNK F 481 -140.26 98.03 87.08
N UNK F 482 -140.13 98.59 86.21
CA UNK F 482 -140.05 97.86 84.94
C UNK F 482 -138.75 97.07 84.86
N UNK F 483 -137.74 97.52 85.59
CA UNK F 483 -136.44 96.86 85.58
C UNK F 483 -136.58 95.44 86.13
N UNK F 484 -137.36 95.29 87.20
CA UNK F 484 -137.58 93.99 87.80
C UNK F 484 -138.27 93.05 86.81
N UNK F 485 -139.25 93.59 86.09
CA UNK F 485 -139.98 92.82 85.10
C UNK F 485 -139.04 92.37 83.99
N UNK F 486 -138.15 93.26 83.58
CA UNK F 486 -137.18 92.95 82.54
C UNK F 486 -136.26 91.83 83.01
N UNK F 487 -135.85 91.91 84.28
CA UNK F 487 -134.98 90.90 84.86
C UNK F 487 -135.69 89.56 84.86
N UNK F 488 -136.96 89.56 85.22
CA UNK F 488 -137.75 88.34 85.26
C UNK F 488 -137.84 87.74 83.85
N UNK F 489 -138.05 88.60 82.86
CA UNK F 489 -138.13 88.15 81.48
C UNK F 489 -136.82 87.51 81.05
N UNK F 490 -135.71 88.13 81.44
CA UNK F 490 -134.38 87.63 81.11
C UNK F 490 -134.16 86.26 81.74
N UNK F 491 -134.62 86.11 82.99
CA UNK F 491 -134.49 84.86 83.70
C UNK F 491 -135.29 83.77 82.99
N UNK F 492 -136.49 84.13 82.53
CA UNK F 492 -137.33 83.19 81.81
C UNK F 492 -136.65 82.76 80.51
N UNK F 493 -136.04 83.72 79.84
CA UNK F 493 -135.33 83.46 78.59
C UNK F 493 -134.16 82.51 78.81
N UNK F 494 -133.46 82.67 79.93
CA UNK F 494 -132.30 81.82 80.24
C UNK F 494 -132.65 80.43 80.75
N UNK F 495 -132.46 80.23 82.05
CA UNK F 495 -132.75 78.94 82.67
C UNK F 495 -133.07 77.91 81.60
N UNK F 496 -133.86 78.32 80.61
CA UNK F 496 -134.21 77.42 79.52
C UNK F 496 -132.91 77.00 78.85
N UNK F 497 -131.90 77.87 78.96
CA UNK F 497 -130.58 77.61 78.39
C UNK F 497 -129.82 76.60 79.24
N UNK F 498 -129.93 76.73 80.56
CA UNK F 498 -129.26 75.84 81.48
C UNK F 498 -129.78 74.41 81.31
N UNK F 499 -131.09 74.28 81.13
CA UNK F 499 -131.68 72.96 80.95
C UNK F 499 -131.04 72.27 79.76
N UNK F 500 -131.00 72.98 78.64
CA UNK F 500 -130.44 72.48 77.40
C UNK F 500 -129.03 71.97 77.63
N UNK F 501 -128.26 72.70 78.43
CA UNK F 501 -126.90 72.30 78.75
C UNK F 501 -126.95 70.94 79.44
N UNK F 502 -127.59 70.93 80.60
CA UNK F 502 -127.76 69.70 81.35
C UNK F 502 -127.80 68.49 80.43
N UNK F 503 -128.50 68.63 79.31
CA UNK F 503 -128.57 67.57 78.31
C UNK F 503 -127.20 67.30 77.72
N UNK F 504 -126.46 68.38 77.45
CA UNK F 504 -125.13 68.29 76.87
C UNK F 504 -124.16 67.56 77.80
N UNK F 505 -124.25 67.84 79.09
CA UNK F 505 -123.34 67.24 80.06
C UNK F 505 -123.48 65.73 80.09
N UNK F 506 -124.72 65.25 80.03
CA UNK F 506 -124.97 63.82 80.01
C UNK F 506 -124.36 63.22 78.74
N UNK F 507 -124.52 63.92 77.63
CA UNK F 507 -123.95 63.50 76.36
C UNK F 507 -122.43 63.47 76.43
N UNK F 508 -121.86 64.49 77.06
CA UNK F 508 -120.41 64.60 77.18
C UNK F 508 -119.86 63.43 77.99
N UNK F 509 -120.56 63.08 79.07
CA UNK F 509 -120.16 61.94 79.89
C UNK F 509 -120.26 60.67 79.06
N UNK F 510 -121.32 60.56 78.27
CA UNK F 510 -121.52 59.40 77.41
C UNK F 510 -120.41 59.29 76.37
N UNK F 511 -120.02 60.42 75.81
CA UNK F 511 -118.96 60.45 74.79
C UNK F 511 -117.65 59.96 75.40
N UNK F 512 -117.37 60.41 76.61
CA UNK F 512 -116.18 59.97 77.33
C UNK F 512 -116.25 58.47 77.59
N UNK F 513 -117.43 58.01 77.96
CA UNK F 513 -117.64 56.59 78.25
C UNK F 513 -117.41 55.72 77.02
N UNK F 514 -117.87 56.20 75.87
CA UNK F 514 -117.72 55.45 74.63
C UNK F 514 -116.24 55.27 74.30
N UNK F 515 -115.53 56.39 74.42
CA UNK F 515 -114.10 56.47 74.11
C UNK F 515 -113.26 55.67 75.08
N UNK F 516 -113.38 55.98 76.37
CA UNK F 516 -112.64 55.25 77.39
C UNK F 516 -113.09 53.79 77.40
N UNK F 517 -114.41 53.61 77.29
CA UNK F 517 -114.99 52.28 77.23
C UNK F 517 -114.48 51.55 75.99
N UNK F 518 -114.39 52.26 74.87
CA UNK F 518 -113.91 51.65 73.63
C UNK F 518 -112.46 51.19 73.78
N UNK F 519 -111.65 52.02 74.43
CA UNK F 519 -110.24 51.67 74.65
C UNK F 519 -110.15 50.45 75.53
N UNK F 520 -111.01 50.40 76.57
CA UNK F 520 -111.05 49.27 77.48
C UNK F 520 -111.45 48.01 76.73
N UNK F 521 -112.40 48.13 75.82
CA UNK F 521 -112.88 47.02 75.01
C UNK F 521 -111.77 46.51 74.13
N UNK F 522 -110.98 47.42 73.57
CA UNK F 522 -109.85 47.04 72.73
C UNK F 522 -108.85 46.27 73.57
N UNK F 523 -108.61 46.75 74.79
CA UNK F 523 -107.68 46.09 75.69
C UNK F 523 -108.19 44.68 76.03
N UNK F 524 -109.49 44.56 76.26
CA UNK F 524 -110.10 43.28 76.58
C UNK F 524 -109.94 42.32 75.43
N UNK F 525 -110.12 42.81 74.20
CA UNK F 525 -109.96 41.98 73.02
C UNK F 525 -108.53 41.49 72.92
N UNK F 526 -107.59 42.39 73.20
CA UNK F 526 -106.17 42.03 73.16
C UNK F 526 -105.87 40.96 74.21
N UNK F 527 -106.46 41.10 75.39
CA UNK F 527 -106.28 40.14 76.48
C UNK F 527 -106.82 38.78 76.07
N UNK F 528 -107.97 38.79 75.40
CA UNK F 528 -108.59 37.57 74.93
C UNK F 528 -107.67 36.90 73.92
N UNK F 529 -107.09 37.70 73.03
CA UNK F 529 -106.17 37.17 72.03
C UNK F 529 -104.94 36.55 72.71
N UNK F 530 -104.45 37.21 73.75
CA UNK F 530 -103.28 36.73 74.49
C UNK F 530 -103.69 35.87 75.67
N UNK F 531 -111.55 41.79 67.91
CA UNK F 531 -111.06 41.40 66.59
C UNK F 531 -111.44 42.44 65.53
N UNK F 532 -111.28 42.09 64.26
CA UNK F 532 -111.62 43.00 63.18
C UNK F 532 -113.10 43.32 63.19
N UNK F 533 -113.92 42.30 63.45
CA UNK F 533 -115.36 42.47 63.53
C UNK F 533 -115.71 43.41 64.68
N UNK F 534 -115.02 43.25 65.80
CA UNK F 534 -115.22 44.10 66.97
C UNK F 534 -114.87 45.54 66.62
N UNK F 535 -113.79 45.72 65.88
CA UNK F 535 -113.34 47.04 65.45
C UNK F 535 -114.40 47.67 64.56
N UNK F 536 -114.97 46.86 63.67
CA UNK F 536 -116.01 47.33 62.77
C UNK F 536 -117.23 47.77 63.58
N UNK F 537 -117.57 46.99 64.61
CA UNK F 537 -118.71 47.31 65.47
C UNK F 537 -118.47 48.63 66.18
N UNK F 538 -117.24 48.83 66.64
CA UNK F 538 -116.87 50.06 67.32
C UNK F 538 -117.00 51.23 66.37
N UNK F 539 -116.58 51.03 65.12
CA UNK F 539 -116.69 52.06 64.09
C UNK F 539 -118.14 52.40 63.84
N UNK F 540 -118.99 51.39 63.82
CA UNK F 540 -120.42 51.58 63.60
C UNK F 540 -121.01 52.40 64.75
N UNK F 541 -120.57 52.09 65.97
CA UNK F 541 -121.03 52.81 67.16
C UNK F 541 -120.60 54.27 67.07
N UNK F 542 -119.37 54.48 66.60
CA UNK F 542 -118.82 55.82 66.43
C UNK F 542 -119.64 56.59 65.39
N UNK F 543 -119.89 55.90 64.29
CA UNK F 543 -120.64 56.44 63.17
C UNK F 543 -122.05 56.64 63.67
N UNK F 544 -122.58 55.53 64.18
CA UNK F 544 -123.89 55.49 64.79
C UNK F 544 -123.80 56.43 65.97
N UNK F 545 -122.72 56.30 66.74
CA UNK F 545 -122.47 57.19 67.86
C UNK F 545 -122.24 58.59 67.29
N UNK F 546 -121.50 58.68 66.20
CA UNK F 546 -121.23 59.95 65.54
C UNK F 546 -122.53 60.56 65.04
N UNK F 547 -123.39 59.72 64.48
CA UNK F 547 -124.68 60.17 63.97
C UNK F 547 -125.54 60.71 65.10
N UNK F 548 -125.49 60.03 66.25
CA UNK F 548 -126.22 60.42 67.44
C UNK F 548 -125.72 61.76 67.92
N UNK F 549 -124.40 61.94 67.87
CA UNK F 549 -123.77 63.19 68.27
C UNK F 549 -124.25 64.31 67.36
N UNK F 550 -124.34 64.03 66.06
CA UNK F 550 -124.81 65.01 65.10
C UNK F 550 -126.25 65.40 65.43
N UNK F 551 -127.08 64.41 65.77
CA UNK F 551 -128.46 64.68 66.12
C UNK F 551 -128.54 65.56 67.37
N UNK F 552 -127.68 65.28 68.34
CA UNK F 552 -127.62 66.04 69.57
C UNK F 552 -127.22 67.48 69.28
N UNK F 553 -126.26 67.65 68.36
CA UNK F 553 -125.79 68.97 67.95
C UNK F 553 -126.93 69.74 67.30
N UNK F 554 -127.70 69.04 66.48
CA UNK F 554 -128.84 69.64 65.81
C UNK F 554 -129.86 70.11 66.85
N UNK F 555 -130.08 69.28 67.88
CA UNK F 555 -131.00 69.63 68.95
C UNK F 555 -130.50 70.86 69.69
N UNK F 556 -129.19 70.94 69.91
CA UNK F 556 -128.58 72.07 70.60
C UNK F 556 -128.16 73.15 69.60
N UNK F 557 -116.57 77.69 65.63
CA UNK F 557 -116.43 77.74 67.08
C UNK F 557 -116.72 76.38 67.71
N UNK F 558 -117.95 76.18 68.16
CA UNK F 558 -118.35 74.93 68.78
C UNK F 558 -118.25 73.76 67.80
N UNK F 559 -118.65 74.01 66.56
CA UNK F 559 -118.59 72.98 65.52
C UNK F 559 -117.13 72.61 65.29
N UNK F 560 -116.27 73.62 65.27
CA UNK F 560 -114.85 73.41 65.06
C UNK F 560 -114.29 72.56 66.19
N UNK F 561 -114.73 72.86 67.41
CA UNK F 561 -114.29 72.11 68.58
C UNK F 561 -114.71 70.65 68.49
N UNK F 562 -115.94 70.43 68.02
CA UNK F 562 -116.46 69.07 67.86
C UNK F 562 -115.63 68.32 66.84
N UNK F 563 -115.28 69.03 65.76
CA UNK F 563 -114.48 68.44 64.69
C UNK F 563 -113.12 68.06 65.25
N UNK F 564 -112.58 68.93 66.10
CA UNK F 564 -111.28 68.69 66.71
C UNK F 564 -111.34 67.46 67.60
N UNK F 565 -112.43 67.31 68.34
CA UNK F 565 -112.60 66.17 69.22
C UNK F 565 -112.65 64.90 68.38
N UNK F 566 -113.35 64.97 67.25
CA UNK F 566 -113.46 63.83 66.37
C UNK F 566 -112.08 63.45 65.83
N UNK F 567 -111.32 64.47 65.45
CA UNK F 567 -109.97 64.26 64.93
C UNK F 567 -109.04 63.69 66.00
N UNK F 568 -109.10 64.28 67.20
CA UNK F 568 -108.25 63.87 68.32
C UNK F 568 -108.51 62.45 68.77
N UNK F 569 -109.77 62.08 68.84
CA UNK F 569 -110.14 60.74 69.25
C UNK F 569 -109.53 59.84 68.20
N UNK F 570 -109.60 60.28 66.96
CA UNK F 570 -109.05 59.54 65.85
C UNK F 570 -107.54 59.38 66.02
N UNK F 571 -106.87 60.43 66.48
CA UNK F 571 -105.43 60.37 66.69
C UNK F 571 -105.07 59.35 67.75
N UNK F 572 -105.85 59.34 68.84
CA UNK F 572 -105.60 58.39 69.93
C UNK F 572 -105.80 56.98 69.40
N UNK F 573 -106.83 56.82 68.58
CA UNK F 573 -107.15 55.53 68.01
C UNK F 573 -106.01 55.07 67.12
N UNK F 574 -105.44 55.99 66.36
CA UNK F 574 -104.34 55.70 65.47
C UNK F 574 -103.13 55.24 66.27
N UNK F 575 -102.87 55.90 67.39
CA UNK F 575 -101.74 55.51 68.23
C UNK F 575 -101.96 54.10 68.75
N UNK F 576 -103.19 53.83 69.17
CA UNK F 576 -103.52 52.51 69.70
C UNK F 576 -103.34 51.45 68.62
N UNK F 577 -103.74 51.81 67.40
CA UNK F 577 -103.63 50.92 66.25
C UNK F 577 -102.17 50.61 65.95
N UNK F 578 -101.32 51.62 66.04
CA UNK F 578 -99.91 51.42 65.80
C UNK F 578 -99.36 50.46 66.85
N UNK F 579 -99.79 50.66 68.09
CA UNK F 579 -99.34 49.79 69.16
C UNK F 579 -99.77 48.35 68.89
N UNK F 580 -100.99 48.18 68.42
CA UNK F 580 -101.53 46.86 68.11
C UNK F 580 -100.76 46.20 66.97
N UNK F 581 -100.41 47.00 65.96
CA UNK F 581 -99.68 46.50 64.81
C UNK F 581 -98.34 46.01 65.30
N UNK F 582 -97.76 46.75 66.23
CA UNK F 582 -96.48 46.39 66.81
C UNK F 582 -96.60 45.05 67.53
N UNK F 583 -97.73 44.84 68.21
CA UNK F 583 -97.93 43.61 68.98
C UNK F 583 -98.09 42.43 68.03
N UNK F 584 -98.84 42.64 66.95
CA UNK F 584 -99.09 41.61 65.97
C UNK F 584 -97.77 41.21 65.32
N UNK F 585 -96.93 42.19 65.02
CA UNK F 585 -95.65 41.95 64.40
C UNK F 585 -94.79 41.10 65.35
N UNK F 586 -94.85 41.44 66.63
CA UNK F 586 -94.08 40.71 67.63
C UNK F 586 -94.55 39.26 67.70
N UNK F 587 -95.87 39.08 67.61
CA UNK F 587 -96.44 37.74 67.64
C UNK F 587 -95.97 36.93 66.43
N UNK F 588 -95.93 37.60 65.27
CA UNK F 588 -95.48 36.94 64.06
C UNK F 588 -94.02 36.52 64.21
N UNK F 589 -93.23 37.40 64.81
CA UNK F 589 -91.82 37.13 65.04
C UNK F 589 -91.65 35.92 65.96
N UNK F 590 -92.50 35.84 66.99
CA UNK F 590 -92.45 34.75 67.95
C UNK F 590 -92.30 33.40 67.23
N UNK F 591 -92.47 32.32 67.99
CA UNK F 591 -92.40 30.98 67.43
C UNK F 591 -93.18 29.98 68.28
N UNK F 592 -93.74 28.96 67.63
CA UNK F 592 -94.52 27.96 68.34
C UNK F 592 -93.69 27.26 69.42
N UNK F 593 -86.36 21.09 31.55
CA UNK F 593 -87.62 20.78 30.90
C UNK F 593 -88.83 21.08 31.79
N UNK F 594 -89.77 20.16 31.84
CA UNK F 594 -90.35 19.61 33.06
C UNK F 594 -89.95 20.27 34.38
N UNK F 595 -88.85 19.79 34.94
CA UNK F 595 -88.35 20.24 36.24
C UNK F 595 -88.01 21.73 36.26
N UNK F 596 -87.40 22.23 35.19
CA UNK F 596 -87.06 23.65 35.16
C UNK F 596 -88.32 24.50 35.23
N UNK F 597 -89.34 24.09 34.48
CA UNK F 597 -90.62 24.78 34.46
C UNK F 597 -91.26 24.72 35.84
N UNK F 598 -91.17 23.57 36.49
CA UNK F 598 -91.73 23.41 37.82
C UNK F 598 -91.05 24.37 38.79
N UNK F 599 -89.73 24.48 38.68
CA UNK F 599 -88.96 25.37 39.54
C UNK F 599 -89.38 26.81 39.31
N UNK F 600 -89.59 27.18 38.05
CA UNK F 600 -90.01 28.54 37.72
C UNK F 600 -91.37 28.84 38.33
N UNK F 601 -92.27 27.85 38.24
CA UNK F 601 -93.61 27.97 38.79
C UNK F 601 -93.53 28.16 40.30
N UNK F 602 -92.65 27.39 40.94
CA UNK F 602 -92.46 27.49 42.37
C UNK F 602 -91.97 28.88 42.74
N UNK F 603 -91.05 29.43 41.95
CA UNK F 603 -90.51 30.76 42.22
C UNK F 603 -91.62 31.80 42.12
N UNK F 604 -92.46 31.64 41.10
CA UNK F 604 -93.58 32.56 40.90
C UNK F 604 -94.54 32.48 42.09
N UNK F 605 -94.78 31.25 42.55
CA UNK F 605 -95.66 30.98 43.67
C UNK F 605 -95.09 31.63 44.94
N UNK F 606 -93.78 31.55 45.10
CA UNK F 606 -93.11 32.14 46.24
C UNK F 606 -93.30 33.65 46.21
N UNK F 607 -93.17 34.24 45.03
CA UNK F 607 -93.36 35.68 44.89
C UNK F 607 -94.79 36.04 45.27
N UNK F 608 -95.75 35.23 44.81
CA UNK F 608 -97.16 35.43 45.12
C UNK F 608 -97.48 35.32 46.62
N UNK F 609 -96.87 34.34 47.30
CA UNK F 609 -97.10 34.12 48.73
C UNK F 609 -96.77 35.41 49.44
N UNK F 610 -95.51 35.78 49.36
CA UNK F 610 -95.09 37.08 49.88
C UNK F 610 -96.18 38.12 49.68
N UNK F 611 -96.79 38.09 48.50
CA UNK F 611 -97.85 39.05 48.21
C UNK F 611 -99.01 38.86 49.17
N UNK F 612 -99.37 37.61 49.42
CA UNK F 612 -100.47 37.33 50.31
C UNK F 612 -100.18 37.86 51.71
N UNK F 613 -98.96 37.63 52.19
CA UNK F 613 -98.64 38.11 53.53
C UNK F 613 -98.73 39.64 53.63
N UNK F 614 -98.22 40.30 52.58
CA UNK F 614 -98.24 41.75 52.58
C UNK F 614 -99.68 42.24 52.61
N UNK F 615 -100.53 41.63 51.81
CA UNK F 615 -101.94 42.02 51.76
C UNK F 615 -102.61 41.82 53.11
N UNK F 616 -102.28 40.70 53.75
CA UNK F 616 -102.84 40.35 55.04
C UNK F 616 -102.49 41.36 56.12
N UNK F 617 -101.28 41.90 56.10
CA UNK F 617 -100.92 42.85 57.16
C UNK F 617 -101.72 44.17 57.28
N UNK F 618 -101.99 44.80 56.15
CA UNK F 618 -102.68 46.09 56.01
C UNK F 618 -104.13 45.99 56.43
N UNK F 619 -104.81 44.88 56.20
CA UNK F 619 -106.19 44.82 56.68
C UNK F 619 -106.10 45.02 58.20
N UNK F 620 -107.02 45.78 58.79
CA UNK F 620 -108.27 46.24 58.17
C UNK F 620 -108.32 47.72 57.71
N UNK F 621 -109.47 48.32 57.99
CA UNK F 621 -110.10 49.43 57.28
C UNK F 621 -109.48 50.83 57.40
N UNK F 622 -108.53 51.01 58.30
CA UNK F 622 -108.06 52.36 58.60
C UNK F 622 -107.54 53.05 57.35
N UNK F 623 -106.85 52.29 56.49
CA UNK F 623 -106.39 52.83 55.21
C UNK F 623 -107.58 53.27 54.36
N UNK F 624 -108.65 52.48 54.40
CA UNK F 624 -109.88 52.80 53.68
C UNK F 624 -110.51 54.10 54.18
N UNK F 625 -110.49 54.29 55.50
CA UNK F 625 -110.98 55.51 56.12
C UNK F 625 -110.14 56.69 55.67
N UNK F 626 -108.84 56.46 55.57
CA UNK F 626 -107.91 57.49 55.10
C UNK F 626 -108.25 57.87 53.66
N UNK F 627 -108.60 56.87 52.85
CA UNK F 627 -108.99 57.11 51.46
C UNK F 627 -110.22 58.00 51.38
N UNK F 628 -111.20 57.75 52.26
CA UNK F 628 -112.37 58.62 52.36
C UNK F 628 -111.94 60.05 52.63
N UNK F 629 -110.94 60.21 53.49
CA UNK F 629 -110.40 61.53 53.82
C UNK F 629 -109.79 62.17 52.58
N UNK F 630 -109.09 61.37 51.78
CA UNK F 630 -108.46 61.86 50.57
C UNK F 630 -109.50 62.31 49.55
N UNK F 631 -110.49 61.46 49.34
CA UNK F 631 -111.39 61.65 48.23
C UNK F 631 -111.83 63.08 48.40
N UNK F 632 -112.12 63.47 49.62
CA UNK F 632 -112.07 64.88 49.96
C UNK F 632 -113.20 65.68 49.33
N UNK F 633 -113.06 67.00 49.44
CA UNK F 633 -114.06 68.06 49.18
C UNK F 633 -115.56 67.70 49.13
N UNK F 634 -116.35 68.46 49.88
CA UNK F 634 -117.81 68.28 49.93
C UNK F 634 -118.56 69.46 50.57
N UNK F 635 -89.04 38.58 58.12
CA UNK F 635 -88.23 38.90 56.94
C UNK F 635 -87.09 37.88 56.79
N UNK F 636 -86.44 37.63 57.90
CA UNK F 636 -85.32 36.69 57.98
C UNK F 636 -85.77 35.30 57.52
N UNK F 637 -86.91 34.90 58.04
CA UNK F 637 -87.53 33.60 57.73
C UNK F 637 -87.77 33.49 56.22
N UNK F 638 -88.33 34.55 55.68
CA UNK F 638 -88.65 34.66 54.25
C UNK F 638 -87.39 34.46 53.41
N UNK F 639 -86.35 35.16 53.85
CA UNK F 639 -85.04 35.13 53.19
C UNK F 639 -84.50 33.70 53.17
N UNK F 640 -84.60 33.07 54.31
CA UNK F 640 -84.16 31.68 54.51
C UNK F 640 -84.88 30.75 53.53
N UNK F 641 -86.20 30.91 53.43
CA UNK F 641 -86.99 30.09 52.54
C UNK F 641 -86.40 30.05 51.13
N UNK F 642 -86.50 31.18 50.42
CA UNK F 642 -85.97 31.25 49.06
C UNK F 642 -84.46 31.06 49.07
N UNK F 643 -83.79 31.67 50.04
CA UNK F 643 -82.35 31.56 50.15
C UNK F 643 -81.93 30.19 50.70
N UNK F 644 -82.36 29.89 51.93
CA UNK F 644 -82.04 28.62 52.55
C UNK F 644 -82.54 27.44 51.71
N UNK F 645 -83.86 27.38 51.51
CA UNK F 645 -84.43 26.31 50.72
C UNK F 645 -83.78 26.31 49.34
N UNK F 646 -83.37 27.50 48.90
CA UNK F 646 -82.74 27.66 47.61
C UNK F 646 -81.44 26.86 47.56
N UNK F 647 -80.68 26.90 48.65
CA UNK F 647 -79.41 26.18 48.70
C UNK F 647 -79.66 24.68 48.57
N UNK F 648 -80.68 24.20 49.27
CA UNK F 648 -81.03 22.78 49.24
C UNK F 648 -81.56 22.38 47.88
N UNK F 649 -82.53 23.13 47.37
CA UNK F 649 -83.12 22.85 46.08
C UNK F 649 -82.05 22.97 45.01
N UNK F 650 -81.19 23.97 45.15
CA UNK F 650 -80.11 24.18 44.20
C UNK F 650 -79.16 23.01 44.26
N UNK F 651 -78.99 22.46 45.46
CA UNK F 651 -78.11 21.32 45.66
C UNK F 651 -78.57 20.11 44.85
N UNK F 652 -79.87 19.86 44.87
CA UNK F 652 -80.44 18.72 44.14
C UNK F 652 -80.10 18.81 42.65
N UNK F 653 -80.40 19.96 42.06
CA UNK F 653 -80.14 20.17 40.64
C UNK F 653 -78.64 20.08 40.36
N UNK F 654 -77.85 20.67 41.24
CA UNK F 654 -76.39 20.68 41.10
C UNK F 654 -75.83 19.26 41.16
N UNK F 655 -76.35 18.46 42.10
CA UNK F 655 -75.89 17.09 42.27
C UNK F 655 -76.18 16.28 41.02
N UNK F 656 -77.36 16.48 40.44
CA UNK F 656 -77.76 15.78 39.23
C UNK F 656 -76.81 16.14 38.09
N UNK F 657 -76.47 17.42 38.01
CA UNK F 657 -75.57 17.91 36.97
C UNK F 657 -74.20 17.25 37.14
N UNK F 658 -73.75 17.15 38.39
CA UNK F 658 -72.46 16.53 38.67
C UNK F 658 -72.48 15.08 38.26
N UNK F 659 -73.60 14.41 38.52
CA UNK F 659 -73.76 13.01 38.15
C UNK F 659 -73.69 12.86 36.63
N UNK F 660 -74.33 13.77 35.91
CA UNK F 660 -74.34 13.74 34.46
C UNK F 660 -72.91 13.94 33.95
N UNK F 661 -72.19 14.83 34.61
CA UNK F 661 -70.82 15.12 34.26
C UNK F 661 -69.95 13.87 34.44
N UNK F 662 -70.15 13.14 35.52
CA UNK F 662 -69.34 11.93 35.70
C UNK F 662 -69.72 10.96 34.58
N UNK F 663 -71.03 10.86 34.37
CA UNK F 663 -71.68 9.95 33.45
C UNK F 663 -71.13 10.14 32.06
N UNK F 664 -70.58 11.32 31.83
CA UNK F 664 -69.90 11.63 30.59
C UNK F 664 -68.90 12.67 31.03
N UNK F 665 -67.65 12.34 31.40
CA UNK F 665 -66.92 11.06 31.37
C UNK F 665 -67.48 9.81 30.69
N UNK F 666 -68.18 8.98 31.47
CA UNK F 666 -68.76 7.76 30.95
C UNK F 666 -69.29 6.88 32.06
N UNK F 667 -94.04 22.06 53.14
CA UNK F 667 -94.67 20.81 52.75
C UNK F 667 -94.61 20.66 51.23
N UNK F 668 -94.86 21.75 50.52
CA UNK F 668 -94.82 21.74 49.06
C UNK F 668 -93.41 21.39 48.58
N UNK F 669 -92.41 21.96 49.24
CA UNK F 669 -91.02 21.71 48.90
C UNK F 669 -90.70 20.23 49.11
N UNK F 670 -91.19 19.68 50.21
CA UNK F 670 -90.98 18.27 50.53
C UNK F 670 -91.61 17.38 49.46
N UNK F 671 -92.80 17.77 49.02
CA UNK F 671 -93.52 17.01 48.00
C UNK F 671 -92.79 17.06 46.66
N UNK F 672 -91.74 17.86 46.60
CA UNK F 672 -90.95 18.00 45.38
C UNK F 672 -89.60 17.32 45.55
N UNK F 673 -89.00 17.49 46.72
CA UNK F 673 -87.71 16.88 47.01
C UNK F 673 -87.84 15.36 46.99
N UNK F 674 -88.94 14.85 47.56
CA UNK F 674 -89.18 13.42 47.59
C UNK F 674 -89.33 12.89 46.17
N UNK F 675 -90.03 13.64 45.32
CA UNK F 675 -90.22 13.25 43.93
C UNK F 675 -88.88 13.21 43.22
N UNK F 676 -88.02 14.19 43.49
CA UNK F 676 -86.69 14.24 42.89
C UNK F 676 -85.88 13.03 43.31
N UNK F 677 -85.99 12.67 44.59
CA UNK F 677 -85.27 11.51 45.12
C UNK F 677 -85.75 10.24 44.44
N UNK F 678 -87.06 10.14 44.22
CA UNK F 678 -87.64 8.97 43.57
C UNK F 678 -87.26 8.91 42.09
N UNK F 679 -86.55 9.93 41.64
CA UNK F 679 -86.13 10.00 40.24
C UNK F 679 -84.60 10.04 40.10
N UNK F 680 -83.93 10.77 41.00
CA UNK F 680 -82.48 10.94 40.93
C UNK F 680 -81.61 10.26 41.99
N UNK F 681 -81.34 10.91 43.12
CA UNK F 681 -80.46 10.28 44.09
C UNK F 681 -79.88 8.99 43.49
N UNK F 682 -80.74 8.25 42.80
CA UNK F 682 -80.32 7.00 42.18
C UNK F 682 -79.26 7.30 41.12
N UNK F 683 -79.48 8.36 40.36
CA UNK F 683 -78.54 8.75 39.31
C UNK F 683 -77.20 9.10 39.94
N UNK F 684 -77.25 9.82 41.06
CA UNK F 684 -76.03 10.21 41.76
C UNK F 684 -75.28 8.99 42.26
N UNK F 685 -76.03 8.01 42.77
CA UNK F 685 -75.45 6.78 43.29
C UNK F 685 -74.54 6.10 42.29
N UNK F 686 -75.10 5.64 41.18
CA UNK F 686 -74.31 4.97 40.16
C UNK F 686 -72.93 5.60 40.08
N UNK F 687 -72.90 6.93 40.16
CA UNK F 687 -71.63 7.66 40.10
C UNK F 687 -70.77 7.28 41.29
N UNK F 688 -71.40 7.16 42.46
CA UNK F 688 -70.68 6.78 43.68
C UNK F 688 -70.10 5.39 43.52
N UNK F 689 -70.88 4.49 42.92
CA UNK F 689 -70.44 3.12 42.71
C UNK F 689 -69.20 3.07 41.82
N UNK F 690 -69.28 3.67 40.63
CA UNK F 690 -68.16 3.68 39.70
C UNK F 690 -66.97 4.42 40.29
N UNK F 691 -67.25 5.55 40.94
CA UNK F 691 -66.19 6.35 41.55
C UNK F 691 -65.51 5.54 42.64
N UNK F 692 -66.32 4.82 43.43
CA UNK F 692 -65.79 4.00 44.50
C UNK F 692 -64.85 2.95 43.92
N UNK F 693 -65.24 2.38 42.79
CA UNK F 693 -64.44 1.37 42.11
C UNK F 693 -63.11 1.94 41.66
N UNK F 694 -63.12 3.17 41.14
CA UNK F 694 -61.90 3.81 40.68
C UNK F 694 -60.95 4.03 41.85
N UNK F 695 -61.52 4.45 42.98
CA UNK F 695 -60.73 4.68 44.19
C UNK F 695 -60.11 3.37 44.64
N UNK F 696 -60.88 2.30 44.57
CA UNK F 696 -60.41 0.99 44.96
C UNK F 696 -59.23 0.57 44.10
N UNK F 697 -59.27 0.91 42.82
CA UNK F 697 -58.20 0.56 41.90
C UNK F 697 -56.88 1.22 42.28
N UNK F 698 -56.96 2.53 42.55
CA UNK F 698 -55.79 3.27 42.98
C UNK F 698 -55.18 2.48 44.14
N UNK F 699 -56.05 2.00 45.02
CA UNK F 699 -55.67 1.20 46.17
C UNK F 699 -55.02 -0.08 45.68
N UNK F 700 -55.58 -0.68 44.63
CA UNK F 700 -55.01 -1.90 44.07
C UNK F 700 -53.59 -1.63 43.57
N UNK F 701 -53.39 -0.50 42.90
CA UNK F 701 -52.07 -0.14 42.38
C UNK F 701 -51.08 0.03 43.53
N UNK F 702 -51.56 0.68 44.60
CA UNK F 702 -50.75 0.92 45.78
C UNK F 702 -50.36 -0.42 46.42
N UNK F 703 -51.32 -1.35 46.45
CA UNK F 703 -51.13 -2.67 47.01
C UNK F 703 -50.08 -3.42 46.20
N UNK F 704 -50.13 -3.26 44.87
CA UNK F 704 -49.17 -3.90 43.99
C UNK F 704 -47.78 -3.37 44.30
N UNK F 705 -47.70 -2.04 44.38
CA UNK F 705 -46.47 -1.35 44.68
C UNK F 705 -46.05 -1.81 46.06
N UNK F 706 -47.00 -1.86 46.98
CA UNK F 706 -46.73 -2.30 48.33
C UNK F 706 -46.29 -3.77 48.32
N UNK F 707 -47.08 -4.56 47.62
CA UNK F 707 -46.85 -5.99 47.47
C UNK F 707 -45.54 -6.17 46.75
N UNK F 708 -45.30 -5.34 45.74
CA UNK F 708 -44.04 -5.40 45.02
C UNK F 708 -42.92 -5.01 45.97
N UNK F 709 -43.16 -3.95 46.74
CA UNK F 709 -42.19 -3.46 47.71
C UNK F 709 -41.96 -4.51 48.77
N UNK F 710 -43.03 -5.14 49.22
CA UNK F 710 -42.93 -6.18 50.25
C UNK F 710 -42.10 -7.34 49.74
N UNK F 711 -42.33 -7.72 48.48
CA UNK F 711 -41.61 -8.81 47.85
C UNK F 711 -40.13 -8.47 47.76
N UNK F 712 -39.84 -7.23 47.38
CA UNK F 712 -38.47 -6.77 47.26
C UNK F 712 -37.77 -6.73 48.61
N UNK F 713 -38.43 -6.12 49.59
CA UNK F 713 -37.87 -6.01 50.94
C UNK F 713 -37.69 -7.40 51.55
N UNK F 714 -38.67 -8.26 51.34
CA UNK F 714 -38.61 -9.62 51.86
C UNK F 714 -37.44 -10.37 51.25
N UNK F 715 -37.25 -10.19 49.94
CA UNK F 715 -36.16 -10.83 49.23
C UNK F 715 -34.83 -10.34 49.77
N UNK F 716 -34.73 -9.03 50.05
CA UNK F 716 -33.52 -8.46 50.59
C UNK F 716 -33.22 -9.06 51.97
N UNK F 717 -34.27 -9.22 52.77
CA UNK F 717 -34.13 -9.79 54.10
C UNK F 717 -33.63 -11.23 53.99
N UNK F 718 -34.15 -11.97 53.03
CA UNK F 718 -33.72 -13.35 52.81
C UNK F 718 -32.40 -13.34 52.06
N UNK F 719 -32.36 -12.58 50.98
CA UNK F 719 -31.16 -12.47 50.15
C UNK F 719 -30.01 -11.87 50.92
N UNK F 720 -30.30 -10.84 51.71
CA UNK F 720 -29.31 -10.14 52.51
C UNK F 720 -28.34 -11.10 53.21
N UNK F 721 -28.85 -12.24 53.63
CA UNK F 721 -28.01 -13.23 54.32
C UNK F 721 -26.91 -13.73 53.41
N UNK F 722 -27.25 -13.97 52.15
CA UNK F 722 -26.29 -14.44 51.15
C UNK F 722 -25.17 -13.43 50.89
N UNK F 723 -25.54 -12.15 50.85
CA UNK F 723 -24.60 -11.07 50.56
C UNK F 723 -23.45 -10.92 51.57
N UNK F 724 -23.75 -11.08 52.86
CA UNK F 724 -22.70 -10.93 53.87
C UNK F 724 -22.30 -12.25 54.49
N UNK F 725 -21.00 -12.55 54.45
CA UNK F 725 -20.47 -13.79 55.01
C UNK F 725 -20.42 -13.71 56.53
N UNK F 726 -77.36 16.96 49.17
CA UNK F 726 -77.43 17.50 50.52
C UNK F 726 -77.03 16.45 51.55
N UNK F 727 -78.03 15.84 52.17
CA UNK F 727 -77.79 14.82 53.19
C UNK F 727 -77.04 13.64 52.59
N UNK F 728 -77.44 13.25 51.39
CA UNK F 728 -76.81 12.15 50.69
C UNK F 728 -75.34 12.49 50.41
N UNK F 729 -75.07 13.73 50.01
CA UNK F 729 -73.70 14.17 49.74
C UNK F 729 -72.87 14.07 51.01
N UNK F 730 -73.45 14.49 52.13
CA UNK F 730 -72.78 14.42 53.40
C UNK F 730 -72.45 12.98 53.75
N UNK F 731 -73.41 12.08 53.50
CA UNK F 731 -73.24 10.66 53.77
C UNK F 731 -72.12 10.09 52.92
N UNK F 732 -72.05 10.52 51.66
CA UNK F 732 -71.01 10.08 50.74
C UNK F 732 -69.65 10.50 51.25
N UNK F 733 -69.65 11.72 51.77
CA UNK F 733 -68.45 12.30 52.32
C UNK F 733 -68.01 11.43 53.48
N UNK F 734 -68.93 10.94 54.31
CA UNK F 734 -68.56 10.10 55.47
C UNK F 734 -67.92 8.72 55.18
N UNK F 735 -68.54 7.95 54.28
CA UNK F 735 -68.01 6.63 53.91
C UNK F 735 -66.67 6.80 53.21
N UNK F 736 -66.64 7.82 52.37
CA UNK F 736 -65.45 8.19 51.62
C UNK F 736 -64.37 8.60 52.60
N UNK F 737 -64.72 9.34 53.65
CA UNK F 737 -63.76 9.76 54.65
C UNK F 737 -63.19 8.56 55.36
N UNK F 738 -64.01 7.57 55.69
CA UNK F 738 -63.47 6.39 56.36
C UNK F 738 -62.45 5.69 55.45
N UNK F 739 -62.83 5.56 54.18
CA UNK F 739 -61.94 4.92 53.23
C UNK F 739 -60.64 5.72 53.05
N UNK F 740 -60.78 7.04 53.02
CA UNK F 740 -59.71 7.99 52.86
C UNK F 740 -58.77 7.90 54.03
N UNK F 741 -59.31 7.73 55.22
CA UNK F 741 -58.50 7.60 56.43
C UNK F 741 -57.67 6.36 56.32
N UNK F 742 -58.29 5.27 55.85
CA UNK F 742 -57.53 4.04 55.70
C UNK F 742 -56.41 4.26 54.68
N UNK F 743 -56.73 4.93 53.57
CA UNK F 743 -55.75 5.21 52.51
C UNK F 743 -54.61 6.09 53.01
N UNK F 744 -54.96 7.07 53.83
CA UNK F 744 -54.01 8.01 54.39
C UNK F 744 -53.04 7.28 55.27
N UNK F 745 -53.55 6.34 56.07
CA UNK F 745 -52.65 5.54 56.89
C UNK F 745 -51.76 4.74 55.98
N UNK F 746 -52.37 4.13 54.97
CA UNK F 746 -51.68 3.36 53.96
C UNK F 746 -50.79 4.23 53.08
N UNK F 747 -51.26 5.43 52.71
CA UNK F 747 -50.45 6.23 51.80
C UNK F 747 -49.38 7.01 52.54
N UNK F 748 -49.74 7.55 53.70
CA UNK F 748 -48.84 8.32 54.52
C UNK F 748 -47.71 7.43 54.98
N UNK F 749 -48.03 6.20 55.39
CA UNK F 749 -46.99 5.28 55.79
C UNK F 749 -46.09 4.97 54.60
N UNK F 750 -46.75 4.74 53.47
CA UNK F 750 -46.11 4.42 52.20
C UNK F 750 -45.23 5.49 51.59
N UNK F 751 -45.66 6.76 51.59
CA UNK F 751 -44.78 7.72 50.93
C UNK F 751 -43.58 8.04 51.82
N UNK F 752 -43.83 8.21 53.11
CA UNK F 752 -42.78 8.51 54.07
C UNK F 752 -41.81 7.33 54.14
N UNK F 753 -42.35 6.13 54.14
CA UNK F 753 -41.54 4.92 54.20
C UNK F 753 -40.65 4.82 52.97
N UNK F 754 -41.21 5.15 51.81
CA UNK F 754 -40.50 5.13 50.56
C UNK F 754 -39.36 6.13 50.60
N UNK F 755 -39.63 7.30 51.15
CA UNK F 755 -38.61 8.34 51.26
C UNK F 755 -37.48 7.84 52.15
N UNK F 756 -37.83 7.19 53.25
CA UNK F 756 -36.83 6.66 54.17
C UNK F 756 -35.98 5.60 53.47
N UNK F 757 -36.62 4.75 52.68
CA UNK F 757 -35.93 3.70 51.95
C UNK F 757 -34.95 4.30 50.96
N UNK F 758 -35.38 5.37 50.29
CA UNK F 758 -34.54 6.06 49.32
C UNK F 758 -33.32 6.65 50.02
N UNK F 759 -33.56 7.22 51.21
CA UNK F 759 -32.50 7.83 52.00
C UNK F 759 -31.64 8.79 51.19
N UNK F 760 -69.95 -6.43 47.19
CA UNK F 760 -69.13 -5.33 47.70
C UNK F 760 -68.14 -5.87 48.74
N UNK F 761 -68.69 -6.66 49.64
CA UNK F 761 -67.91 -7.28 50.72
C UNK F 761 -66.76 -8.12 50.16
N UNK F 762 -67.09 -8.93 49.16
CA UNK F 762 -66.09 -9.78 48.52
C UNK F 762 -64.84 -8.98 48.13
N UNK F 763 -64.97 -8.15 47.11
CA UNK F 763 -63.86 -7.33 46.65
C UNK F 763 -63.40 -6.37 47.74
N UNK F 764 -64.36 -5.79 48.45
CA UNK F 764 -64.05 -4.86 49.53
C UNK F 764 -63.29 -5.59 50.63
N UNK F 765 -63.73 -6.81 50.93
CA UNK F 765 -63.09 -7.62 51.95
C UNK F 765 -61.66 -7.92 51.54
N UNK F 766 -61.47 -8.23 50.26
CA UNK F 766 -60.14 -8.53 49.74
C UNK F 766 -59.24 -7.31 49.89
N UNK F 767 -59.80 -6.14 49.60
CA UNK F 767 -59.06 -4.89 49.69
C UNK F 767 -58.57 -4.64 51.11
N UNK F 768 -59.50 -4.64 52.07
CA UNK F 768 -59.15 -4.41 53.46
C UNK F 768 -58.23 -5.50 53.99
N UNK F 769 -58.52 -6.74 53.61
CA UNK F 769 -57.71 -7.88 54.05
C UNK F 769 -56.30 -7.73 53.48
N UNK F 770 -56.21 -7.31 52.23
CA UNK F 770 -54.92 -7.13 51.58
C UNK F 770 -54.12 -6.08 52.34
N UNK F 771 -54.81 -5.03 52.77
CA UNK F 771 -54.18 -3.95 53.51
C UNK F 771 -53.62 -4.47 54.83
N UNK F 772 -54.38 -5.32 55.51
CA UNK F 772 -53.95 -5.87 56.79
C UNK F 772 -52.69 -6.71 56.59
N UNK F 773 -52.68 -7.49 55.52
CA UNK F 773 -51.54 -8.34 55.20
C UNK F 773 -50.33 -7.47 54.93
N UNK F 774 -50.54 -6.37 54.23
CA UNK F 774 -49.47 -5.44 53.91
C UNK F 774 -48.86 -4.88 55.19
N UNK F 775 -49.71 -4.60 56.17
CA UNK F 775 -49.26 -4.04 57.45
C UNK F 775 -48.32 -5.00 58.17
N UNK F 776 -48.65 -6.29 58.16
CA UNK F 776 -47.82 -7.30 58.81
C UNK F 776 -46.45 -7.34 58.13
N UNK F 777 -46.46 -7.26 56.81
CA UNK F 777 -45.21 -7.29 56.07
C UNK F 777 -44.37 -6.08 56.46
N UNK F 778 -45.05 -4.99 56.78
CA UNK F 778 -44.38 -3.76 57.19
C UNK F 778 -43.59 -3.97 58.47
N UNK F 779 -44.16 -4.70 59.41
CA UNK F 779 -43.49 -4.98 60.67
C UNK F 779 -42.23 -5.78 60.41
N UNK F 780 -42.33 -6.76 59.52
CA UNK F 780 -41.19 -7.60 59.18
C UNK F 780 -40.20 -6.86 58.30
N UNK F 781 -40.73 -6.10 57.34
CA UNK F 781 -39.89 -5.33 56.43
C UNK F 781 -39.07 -4.30 57.19
N UNK F 782 -39.70 -3.65 58.16
CA UNK F 782 -39.00 -2.65 58.96
C UNK F 782 -37.88 -3.30 59.75
N UNK F 783 -38.14 -4.48 60.30
CA UNK F 783 -37.13 -5.22 61.05
C UNK F 783 -35.96 -5.58 60.15
N UNK F 784 -36.28 -6.00 58.92
CA UNK F 784 -35.24 -6.36 57.95
C UNK F 784 -34.38 -5.14 57.63
N UNK F 785 -35.03 -3.98 57.48
CA UNK F 785 -34.32 -2.75 57.19
C UNK F 785 -33.39 -2.39 58.34
N UNK F 786 -33.88 -2.58 59.57
CA UNK F 786 -33.08 -2.30 60.75
C UNK F 786 -31.86 -3.21 60.80
N UNK F 787 -32.07 -4.48 60.45
CA UNK F 787 -30.97 -5.46 60.42
C UNK F 787 -29.94 -5.04 59.39
N UNK F 788 -30.41 -4.57 58.23
CA UNK F 788 -29.51 -4.13 57.17
C UNK F 788 -28.69 -2.94 57.64
N UNK F 789 -29.35 -2.02 58.36
CA UNK F 789 -28.68 -0.84 58.88
C UNK F 789 -27.59 -1.25 59.88
N UNK F 790 -27.92 -2.24 60.72
CA UNK F 790 -26.98 -2.74 61.70
C UNK F 790 -25.77 -3.36 61.02
N UNK F 791 -26.02 -4.09 59.94
CA UNK F 791 -24.98 -4.76 59.16
C UNK F 791 -24.03 -5.56 60.04
N UNK F 792 -25.29 -2.11 57.01
CA UNK F 792 -25.22 -3.43 56.38
C UNK F 792 -25.20 -3.27 54.86
N UNK F 793 -25.56 -3.95 52.28
CA UNK F 793 -25.69 -3.53 50.89
C UNK F 793 -24.39 -2.90 50.42
N UNK F 794 -23.80 -2.09 51.30
CA UNK F 794 -22.54 -1.42 50.98
C UNK F 794 -21.44 -2.47 50.75
N UNK F 795 -21.45 -3.50 51.58
CA UNK F 795 -20.47 -4.57 51.49
C UNK F 795 -20.56 -5.28 50.14
N UNK F 796 -21.75 -5.79 49.83
CA UNK F 796 -21.96 -6.50 48.57
C UNK F 796 -21.74 -5.58 47.38
N UNK F 797 -22.22 -4.35 47.48
CA UNK F 797 -22.05 -3.38 46.42
C UNK F 797 -20.57 -3.08 46.22
N UNK F 798 -19.84 -2.96 47.31
CA UNK F 798 -18.41 -2.70 47.25
C UNK F 798 -17.72 -3.84 46.52
N UNK F 799 -18.17 -5.06 46.80
CA UNK F 799 -17.59 -6.25 46.17
C UNK F 799 -17.83 -6.22 44.67
N UNK F 800 -19.03 -5.82 44.26
CA UNK F 800 -19.36 -5.75 42.84
C UNK F 800 -18.47 -4.74 42.14
N UNK F 801 -18.25 -3.61 42.80
CA UNK F 801 -17.41 -2.56 42.25
C UNK F 801 -15.99 -3.07 42.09
N UNK F 802 -15.54 -3.83 43.10
CA UNK F 802 -14.21 -4.40 43.07
C UNK F 802 -14.04 -5.34 41.88
N UNK F 803 -15.09 -6.08 41.57
CA UNK F 803 -15.07 -7.02 40.45
C UNK F 803 -14.86 -6.31 39.12
N UNK F 804 -15.63 -5.26 38.91
CA UNK F 804 -15.50 -4.46 37.70
C UNK F 804 -14.03 -4.11 37.58
N UNK F 805 -13.42 -3.75 38.72
CA UNK F 805 -12.02 -3.41 38.80
C UNK F 805 -11.20 -4.64 38.42
N UNK F 806 -11.65 -5.83 38.78
CA UNK F 806 -10.98 -7.03 38.30
C UNK F 806 -11.13 -7.00 36.76
N UNK F 807 -12.29 -6.57 36.29
CA UNK F 807 -12.64 -6.39 34.89
C UNK F 807 -11.72 -5.34 34.25
N UNK F 808 -11.39 -4.29 35.01
CA UNK F 808 -10.46 -3.26 34.56
C UNK F 808 -9.08 -3.88 34.30
N UNK F 809 -8.66 -4.80 35.17
CA UNK F 809 -7.40 -5.53 35.01
C UNK F 809 -7.45 -6.37 33.73
N UNK F 810 -8.62 -6.98 33.48
CA UNK F 810 -8.83 -7.76 32.27
C UNK F 810 -8.72 -6.85 31.03
N UNK F 811 -9.25 -5.63 31.15
CA UNK F 811 -9.19 -4.61 30.11
C UNK F 811 -7.74 -4.22 29.85
N UNK F 812 -6.94 -4.14 30.92
CA UNK F 812 -5.51 -3.84 30.84
C UNK F 812 -4.80 -4.96 30.06
N UNK F 813 -5.22 -6.21 30.31
CA UNK F 813 -4.69 -7.36 29.59
C UNK F 813 -5.03 -7.24 28.10
N UNK F 814 -6.26 -6.78 27.81
CA UNK F 814 -6.73 -6.53 26.45
C UNK F 814 -5.88 -5.44 25.79
N UNK F 815 -5.52 -4.42 26.57
CA UNK F 815 -4.67 -3.33 26.14
C UNK F 815 -3.29 -3.87 25.78
N UNK F 816 -2.79 -4.83 26.56
CA UNK F 816 -1.51 -5.49 26.28
C UNK F 816 -1.60 -6.25 24.96
N UNK F 817 -2.75 -6.88 24.72
CA UNK F 817 -3.01 -7.58 23.47
C UNK F 817 -2.97 -6.59 22.31
N UNK F 818 -3.55 -5.40 22.52
CA UNK F 818 -3.56 -4.32 21.53
C UNK F 818 -2.12 -3.84 21.27
N UNK F 819 -1.33 -3.80 22.32
CA UNK F 819 0.08 -3.43 22.29
C UNK F 819 0.87 -4.40 21.41
N UNK F 820 0.52 -5.70 21.46
CA UNK F 820 1.15 -6.67 20.58
C UNK F 820 0.76 -6.13 19.21
N UNK F 821 -0.48 -5.63 19.15
CA UNK F 821 -1.08 -4.93 18.03
C UNK F 821 -0.30 -3.65 17.76
N UNK F 822 0.08 -2.95 18.83
CA UNK F 822 0.84 -1.72 18.71
C UNK F 822 2.18 -2.00 18.06
N UNK F 823 2.81 -3.10 18.47
CA UNK F 823 4.11 -3.49 17.93
C UNK F 823 3.97 -3.78 16.43
N UNK F 824 2.89 -4.46 16.06
CA UNK F 824 2.63 -4.78 14.67
C UNK F 824 2.46 -3.50 13.85
N UNK F 825 1.73 -2.53 14.43
CA UNK F 825 1.52 -1.26 13.76
C UNK F 825 2.84 -0.54 13.56
N UNK F 826 3.70 -0.59 14.57
CA UNK F 826 5.02 0.04 14.48
C UNK F 826 5.84 -0.61 13.38
N UNK F 827 5.76 -1.93 13.29
CA UNK F 827 6.48 -2.67 12.26
C UNK F 827 5.99 -2.26 10.88
N UNK F 828 4.68 -2.11 10.75
CA UNK F 828 4.07 -1.70 9.49
C UNK F 828 4.56 -0.31 9.10
N UNK F 829 4.64 0.58 10.09
CA UNK F 829 5.11 1.94 9.86
C UNK F 829 6.56 1.92 9.39
N UNK F 830 7.36 1.06 10.01
CA UNK F 830 8.77 0.92 9.64
C UNK F 830 8.90 0.43 8.20
N UNK F 831 -19.07 8.90 51.78
CA UNK F 831 -18.08 9.85 51.28
C UNK F 831 -16.95 9.12 50.57
N UNK F 832 -16.53 8.00 51.13
CA UNK F 832 -15.47 7.19 50.53
C UNK F 832 -15.92 6.67 49.18
N UNK F 833 -17.19 6.24 49.10
CA UNK F 833 -17.75 5.75 47.85
C UNK F 833 -17.77 6.86 46.81
N UNK F 834 -18.12 8.06 47.25
CA UNK F 834 -18.14 9.22 46.36
C UNK F 834 -16.75 9.51 45.83
N UNK F 835 -15.75 9.39 46.71
CA UNK F 835 -14.36 9.60 46.33
C UNK F 835 -13.94 8.57 45.29
N UNK F 836 -14.37 7.33 45.49
CA UNK F 836 -14.07 6.25 44.55
C UNK F 836 -14.69 6.55 43.19
N UNK F 837 -15.92 7.05 43.21
CA UNK F 837 -16.61 7.42 41.98
C UNK F 837 -15.86 8.52 41.26
N UNK F 838 -15.36 9.49 42.02
CA UNK F 838 -14.58 10.58 41.47
C UNK F 838 -13.30 10.07 40.82
N UNK F 839 -12.67 9.10 41.48
CA UNK F 839 -11.43 8.51 40.96
C UNK F 839 -11.65 7.86 39.61
N UNK F 840 -12.71 7.07 39.51
CA UNK F 840 -13.04 6.39 38.26
C UNK F 840 -13.12 7.39 37.11
N UNK F 841 -13.69 8.57 37.38
CA UNK F 841 -13.88 9.52 36.29
C UNK F 841 -12.54 9.93 35.67
N UNK F 842 -11.55 10.17 36.53
CA UNK F 842 -10.20 10.48 36.04
C UNK F 842 -9.63 9.28 35.30
N UNK F 843 -9.71 8.10 35.91
CA UNK F 843 -9.17 6.90 35.27
C UNK F 843 -9.65 6.83 33.82
N UNK F 844 -10.88 7.32 33.62
CA UNK F 844 -11.51 7.36 32.32
C UNK F 844 -10.70 8.25 31.38
N UNK F 845 -10.11 9.29 31.95
CA UNK F 845 -9.29 10.23 31.21
C UNK F 845 -8.02 9.60 30.62
N UNK F 846 -7.22 9.00 31.49
CA UNK F 846 -5.96 8.38 31.11
C UNK F 846 -6.07 7.27 30.07
N UNK F 847 -6.79 6.21 30.43
CA UNK F 847 -6.95 5.08 29.52
C UNK F 847 -7.66 5.51 28.25
N UNK F 848 -8.69 6.34 28.39
CA UNK F 848 -9.46 6.81 27.24
C UNK F 848 -8.56 7.64 26.33
N UNK F 849 -7.73 8.47 26.94
CA UNK F 849 -6.80 9.32 26.18
C UNK F 849 -5.82 8.45 25.42
N UNK F 850 -5.34 7.39 26.08
CA UNK F 850 -4.40 6.48 25.46
C UNK F 850 -5.05 5.79 24.26
N UNK F 851 -6.32 5.40 24.43
CA UNK F 851 -7.05 4.75 23.36
C UNK F 851 -7.20 5.70 22.18
N UNK F 852 -7.49 6.97 22.46
CA UNK F 852 -7.63 7.96 21.41
C UNK F 852 -6.33 8.13 20.66
N UNK F 853 -5.24 8.24 21.41
CA UNK F 853 -3.92 8.37 20.81
C UNK F 853 -3.66 7.16 19.95
N UNK F 854 -4.11 6.00 20.43
CA UNK F 854 -3.95 4.75 19.71
C UNK F 854 -4.68 4.81 18.39
N UNK F 855 -5.88 5.39 18.38
CA UNK F 855 -6.65 5.47 17.14
C UNK F 855 -5.90 6.31 16.11
N UNK F 856 -5.34 7.41 16.56
CA UNK F 856 -4.58 8.30 15.69
C UNK F 856 -3.35 7.58 15.15
N UNK F 857 -2.69 6.82 16.02
CA UNK F 857 -1.52 6.05 15.62
C UNK F 857 -1.88 5.02 14.56
N UNK F 858 -3.02 4.38 14.75
CA UNK F 858 -3.51 3.37 13.82
C UNK F 858 -3.79 4.01 12.47
N UNK F 859 -4.38 5.20 12.50
CA UNK F 859 -4.67 5.91 11.26
C UNK F 859 -3.38 6.24 10.54
N UNK F 860 -2.36 6.67 11.29
CA UNK F 860 -1.07 7.00 10.71
C UNK F 860 -0.44 5.76 10.08
N UNK F 861 -0.56 4.63 10.77
CA UNK F 861 -0.02 3.37 10.28
C UNK F 861 -0.70 2.97 8.98
N UNK F 862 -2.01 3.16 8.92
CA UNK F 862 -2.79 2.84 7.74
C UNK F 862 -2.34 3.71 6.57
N UNK F 863 -2.11 4.99 6.86
CA UNK F 863 -1.68 5.96 5.88
C UNK F 863 -2.53 5.93 4.61
N UNK F 864 -6.80 -7.67 52.81
CA UNK F 864 -6.26 -8.72 51.96
C UNK F 864 -6.65 -8.51 50.50
N UNK F 865 -7.92 -8.72 50.19
CA UNK F 865 -8.42 -8.54 48.83
C UNK F 865 -8.26 -7.10 48.39
N UNK F 866 -8.56 -6.16 49.29
CA UNK F 866 -8.43 -4.75 48.98
C UNK F 866 -6.98 -4.41 48.68
N UNK F 867 -6.08 -4.98 49.47
CA UNK F 867 -4.65 -4.75 49.30
C UNK F 867 -4.21 -5.28 47.93
N UNK F 868 -4.72 -6.44 47.57
CA UNK F 868 -4.39 -7.05 46.29
C UNK F 868 -4.88 -6.16 45.16
N UNK F 869 -6.07 -5.60 45.32
CA UNK F 869 -6.65 -4.72 44.32
C UNK F 869 -5.78 -3.49 44.09
N UNK F 870 -5.49 -2.75 45.16
CA UNK F 870 -4.67 -1.55 45.06
C UNK F 870 -3.26 -1.89 44.59
N UNK F 871 -2.70 -2.98 45.11
CA UNK F 871 -1.37 -3.41 44.73
C UNK F 871 -1.35 -3.76 43.25
N UNK F 872 -2.41 -4.44 42.79
CA UNK F 872 -2.50 -4.82 41.40
C UNK F 872 -2.50 -3.57 40.53
N UNK F 873 -3.21 -2.54 40.99
CA UNK F 873 -3.30 -1.28 40.27
C UNK F 873 -1.93 -0.63 40.16
N UNK F 874 -1.16 -0.67 41.24
CA UNK F 874 0.17 -0.08 41.25
C UNK F 874 1.08 -0.79 40.24
N UNK F 875 0.95 -2.11 40.20
CA UNK F 875 1.74 -2.92 39.29
C UNK F 875 1.36 -2.57 37.85
N UNK F 876 0.08 -2.37 37.63
CA UNK F 876 -0.42 -2.02 36.30
C UNK F 876 0.17 -0.69 35.86
N UNK F 877 0.31 0.24 36.80
CA UNK F 877 0.86 1.56 36.49
C UNK F 877 2.30 1.46 36.00
N UNK F 878 3.09 0.61 36.65
CA UNK F 878 4.49 0.43 36.27
C UNK F 878 4.56 -0.12 34.85
N UNK F 879 3.68 -1.07 34.55
CA UNK F 879 3.65 -1.67 33.23
C UNK F 879 3.32 -0.59 32.20
N UNK F 880 2.52 0.39 32.62
CA UNK F 880 2.12 1.48 31.76
C UNK F 880 3.33 2.30 31.34
N UNK F 881 4.24 2.54 32.28
CA UNK F 881 5.45 3.30 31.98
C UNK F 881 6.28 2.57 30.94
N UNK F 882 6.38 1.25 31.10
CA UNK F 882 7.15 0.42 30.18
C UNK F 882 6.40 0.23 28.86
N UNK F 883 5.09 0.02 28.96
CA UNK F 883 4.26 -0.18 27.77
C UNK F 883 4.28 1.06 26.89
N UNK F 884 4.21 2.23 27.52
CA UNK F 884 4.24 3.49 26.78
C UNK F 884 5.56 3.63 26.04
N UNK F 885 6.65 3.27 26.72
CA UNK F 885 7.98 3.35 26.12
C UNK F 885 8.06 2.41 24.92
N UNK F 886 7.49 1.22 25.06
CA UNK F 886 7.49 0.24 23.99
C UNK F 886 6.72 0.78 22.79
N UNK F 887 5.58 1.43 23.07
CA UNK F 887 4.77 2.02 22.02
C UNK F 887 5.54 3.11 21.29
N UNK F 888 6.28 3.92 22.05
CA UNK F 888 7.08 4.99 21.48
C UNK F 888 8.17 4.40 20.58
N UNK F 889 8.77 3.30 21.03
CA UNK F 889 9.81 2.63 20.25
C UNK F 889 9.22 2.12 18.94
N UNK F 890 8.02 1.55 19.02
CA UNK F 890 7.35 1.03 17.84
C UNK F 890 7.06 2.16 16.86
N UNK F 891 6.64 3.31 17.38
CA UNK F 891 6.36 4.47 16.55
C UNK F 891 7.63 4.94 15.86
N UNK F 892 8.73 4.93 16.60
CA UNK F 892 10.02 5.33 16.04
C UNK F 892 10.44 4.39 14.92
N UNK F 893 10.20 3.10 15.12
CA UNK F 893 10.54 2.07 14.15
C UNK F 893 11.98 2.19 13.65
N UNK G 1 -83.33 29.09 40.38
CA UNK G 1 -82.25 28.84 39.42
C UNK G 1 -82.32 29.84 38.27
N UNK G 2 -83.43 30.55 38.19
CA UNK G 2 -83.62 31.56 37.17
C UNK G 2 -82.79 32.81 37.49
N UNK G 3 -82.18 33.42 36.46
CA UNK G 3 -81.65 34.77 36.68
C UNK G 3 -82.67 35.67 37.39
N UNK G 4 -82.20 36.41 38.40
CA UNK G 4 -83.05 37.28 39.17
C UNK G 4 -82.80 38.72 38.83
N UNK G 5 -83.90 39.41 38.58
CA UNK G 5 -83.94 40.85 38.36
C UNK G 5 -84.86 41.49 39.39
N UNK G 6 -84.55 42.74 39.78
CA UNK G 6 -85.36 43.55 40.69
C UNK G 6 -85.87 44.82 40.08
N UNK G 7 -87.13 45.11 40.35
CA UNK G 7 -87.68 46.43 40.16
C UNK G 7 -87.95 47.02 41.54
N UNK G 8 -87.48 48.23 41.75
CA UNK G 8 -87.85 49.06 42.88
C UNK G 8 -88.89 50.08 42.38
N UNK G 9 -90.14 49.84 42.76
CA UNK G 9 -91.27 50.55 42.25
C UNK G 9 -91.67 51.65 43.20
N UNK G 10 -91.54 52.89 42.76
CA UNK G 10 -91.78 54.04 43.62
C UNK G 10 -93.03 54.84 43.20
N UNK G 11 -93.95 55.06 44.14
CA UNK G 11 -95.02 56.01 43.94
C UNK G 11 -96.25 55.26 43.51
N UNK G 12 -97.20 56.00 42.95
CA UNK G 12 -98.45 55.43 42.51
C UNK G 12 -99.39 55.17 43.68
N UNK G 13 -100.49 54.47 43.41
CA UNK G 13 -101.47 54.09 44.40
C UNK G 13 -101.59 52.58 44.38
N UNK G 14 -102.46 52.08 45.23
CA UNK G 14 -102.66 50.65 45.34
C UNK G 14 -103.10 50.11 43.98
N UNK G 15 -104.06 50.77 43.35
CA UNK G 15 -104.62 50.31 42.07
C UNK G 15 -103.67 50.55 40.90
N UNK G 16 -102.89 51.63 40.93
CA UNK G 16 -102.02 51.98 39.79
C UNK G 16 -100.75 51.13 39.79
N UNK G 17 -100.38 50.67 40.97
CA UNK G 17 -99.29 49.71 41.07
C UNK G 17 -99.71 48.37 40.51
N UNK G 18 -100.91 47.92 40.87
CA UNK G 18 -101.44 46.71 40.29
C UNK G 18 -101.58 46.84 38.77
N UNK G 19 -102.08 47.99 38.30
CA UNK G 19 -102.19 48.24 36.85
C UNK G 19 -100.79 48.22 36.22
N UNK G 20 -99.80 48.84 36.86
CA UNK G 20 -98.43 48.72 36.38
C UNK G 20 -98.01 47.25 36.20
N UNK G 21 -98.28 46.45 37.23
CA UNK G 21 -97.88 45.05 37.24
C UNK G 21 -98.52 44.29 36.05
N UNK G 22 -99.80 44.51 35.83
CA UNK G 22 -100.51 43.88 34.71
C UNK G 22 -99.96 44.35 33.35
N UNK G 23 -99.79 45.66 33.22
CA UNK G 23 -99.24 46.21 31.99
C UNK G 23 -97.86 45.60 31.73
N UNK G 24 -97.06 45.50 32.78
CA UNK G 24 -95.71 44.96 32.66
C UNK G 24 -95.70 43.49 32.27
N UNK G 25 -96.58 42.70 32.87
CA UNK G 25 -96.39 41.26 32.88
C UNK G 25 -97.51 40.50 32.19
N UNK G 26 -98.45 41.22 31.61
CA UNK G 26 -99.60 40.61 30.93
C UNK G 26 -99.21 39.50 29.94
N UNK G 27 -98.56 39.85 28.83
CA UNK G 27 -98.30 38.85 27.79
C UNK G 27 -97.32 37.79 28.22
N UNK G 28 -96.13 38.27 28.61
CA UNK G 28 -94.93 37.46 28.69
C UNK G 28 -94.66 36.92 30.08
N UNK G 29 -95.72 36.68 30.86
CA UNK G 29 -95.56 36.09 32.19
C UNK G 29 -96.10 34.66 32.22
N UNK G 30 -95.43 33.79 32.96
CA UNK G 30 -95.93 32.44 33.28
C UNK G 30 -97.30 32.47 33.96
N UNK G 31 -93.25 46.18 59.33
CA UNK G 31 -92.23 47.02 58.73
C UNK G 31 -91.61 46.38 57.48
N UNK G 32 -92.29 46.47 56.33
CA UNK G 32 -91.74 45.90 55.09
C UNK G 32 -92.27 46.52 53.77
N UNK G 33 -91.44 46.43 52.74
CA UNK G 33 -91.83 46.86 51.40
C UNK G 33 -92.85 45.89 50.85
N UNK G 34 -93.70 46.35 49.93
CA UNK G 34 -94.59 45.45 49.23
C UNK G 34 -93.72 44.57 48.32
N UNK G 35 -94.16 43.35 48.06
CA UNK G 35 -93.39 42.40 47.32
C UNK G 35 -94.21 41.55 46.40
N UNK G 36 -93.75 41.41 45.17
CA UNK G 36 -94.29 40.39 44.31
C UNK G 36 -93.27 40.05 43.25
N UNK G 37 -93.64 39.13 42.39
CA UNK G 37 -92.73 38.69 41.35
C UNK G 37 -93.48 38.05 40.23
N UNK G 38 -92.73 37.80 39.16
CA UNK G 38 -93.24 37.03 38.04
C UNK G 38 -92.07 36.54 37.17
N UNK G 39 -92.33 35.46 36.46
CA UNK G 39 -91.35 34.86 35.58
C UNK G 39 -91.60 35.36 34.16
N UNK G 40 -90.57 35.93 33.53
CA UNK G 40 -90.76 36.51 32.18
C UNK G 40 -90.44 35.48 31.10
N UNK G 41 -91.37 35.36 30.15
CA UNK G 41 -91.22 34.46 29.01
C UNK G 41 -90.59 35.22 27.85
N UNK G 42 -89.96 34.47 26.94
CA UNK G 42 -89.44 35.03 25.70
C UNK G 42 -90.56 35.27 24.68
N UNK G 43 -90.19 35.83 23.54
CA UNK G 43 -91.16 36.44 22.62
C UNK G 43 -92.12 35.44 21.98
N UNK G 44 -91.86 34.15 22.14
CA UNK G 44 -92.78 33.14 21.64
C UNK G 44 -93.65 32.60 22.74
N UNK G 45 -93.57 33.22 23.91
N UNK G 45 -93.61 33.22 23.91
CA UNK G 45 -94.34 32.82 25.08
CA UNK G 45 -94.41 32.78 25.06
C UNK G 45 -94.09 31.36 25.48
C UNK G 45 -94.07 31.36 25.55
N UNK G 46 -92.88 30.87 25.20
CA UNK G 46 -92.51 29.49 25.60
C UNK G 46 -91.51 29.43 26.76
N UNK G 47 -90.27 29.80 26.53
CA UNK G 47 -89.21 29.62 27.51
C UNK G 47 -89.14 30.79 28.50
N UNK G 48 -88.81 30.47 29.74
CA UNK G 48 -88.66 31.46 30.79
C UNK G 48 -87.24 32.05 30.80
N UNK G 49 -87.15 33.38 30.81
CA UNK G 49 -85.87 34.06 30.68
C UNK G 49 -85.31 34.55 32.02
N UNK G 50 -86.20 34.99 32.90
CA UNK G 50 -85.81 35.60 34.17
C UNK G 50 -86.97 35.64 35.17
N UNK G 51 -86.62 35.78 36.45
CA UNK G 51 -87.62 36.06 37.47
C UNK G 51 -87.43 37.49 37.92
N UNK G 52 -88.48 38.26 37.81
CA UNK G 52 -88.47 39.66 38.22
C UNK G 52 -89.17 39.78 39.58
N UNK G 53 -88.43 40.30 40.54
CA UNK G 53 -88.94 40.63 41.85
C UNK G 53 -89.23 42.11 41.89
N UNK G 54 -90.42 42.47 42.34
CA UNK G 54 -90.80 43.88 42.51
C UNK G 54 -90.97 44.25 43.99
N UNK G 55 -90.22 45.26 44.41
CA UNK G 55 -90.34 45.87 45.74
C UNK G 55 -90.96 47.24 45.60
N UNK G 56 -92.00 47.47 46.38
CA UNK G 56 -92.87 48.64 46.24
C UNK G 56 -92.86 49.57 47.43
N UNK G 57 -92.69 50.86 47.15
CA UNK G 57 -92.80 51.88 48.15
C UNK G 57 -93.61 52.98 47.54
N UNK G 58 -94.85 53.07 48.00
CA UNK G 58 -95.84 54.06 47.59
C UNK G 58 -95.53 55.52 47.94
N UNK G 59 -95.00 55.74 49.14
CA UNK G 59 -94.78 57.10 49.67
C UNK G 59 -93.32 57.36 49.91
N UNK G 60 -92.86 58.60 49.71
CA UNK G 60 -91.44 58.81 49.90
C UNK G 60 -91.06 58.96 51.37
N UNK G 61 -91.21 57.88 52.15
N UNK G 61 -91.18 57.85 52.11
CA UNK G 61 -90.85 57.91 53.56
CA UNK G 61 -90.80 57.80 53.51
C UNK G 61 -89.41 57.43 53.77
C UNK G 61 -89.33 57.43 53.69
N UNK G 62 -88.58 58.25 54.43
CA UNK G 62 -87.18 57.89 54.73
C UNK G 62 -87.08 56.57 55.51
N UNK G 63 -88.00 56.37 56.45
CA UNK G 63 -88.03 55.14 57.21
C UNK G 63 -88.06 53.90 56.32
N UNK G 64 -89.04 53.82 55.42
CA UNK G 64 -89.20 52.61 54.64
C UNK G 64 -88.13 52.53 53.56
N UNK G 65 -87.64 53.70 53.12
CA UNK G 65 -86.58 53.76 52.11
C UNK G 65 -85.34 53.01 52.62
N UNK G 66 -85.03 53.17 53.91
CA UNK G 66 -83.98 52.38 54.56
C UNK G 66 -84.10 50.86 54.32
N UNK G 67 -85.32 50.35 54.10
CA UNK G 67 -85.49 48.91 53.88
C UNK G 67 -84.89 48.46 52.53
N UNK G 68 -84.55 49.41 51.70
CA UNK G 68 -83.93 49.14 50.40
C UNK G 68 -82.49 48.68 50.54
N UNK G 69 -81.84 49.08 51.64
CA UNK G 69 -80.42 48.78 51.85
C UNK G 69 -80.13 47.31 51.64
N UNK G 70 -80.81 46.42 52.38
CA UNK G 70 -80.53 44.99 52.25
C UNK G 70 -80.84 44.41 50.87
N UNK G 71 -81.69 45.07 50.10
CA UNK G 71 -82.06 44.59 48.76
C UNK G 71 -80.97 44.92 47.71
N UNK G 72 -80.21 45.98 47.97
CA UNK G 72 -79.17 46.45 47.06
C UNK G 72 -77.76 45.96 47.51
N UNK G 73 -77.34 44.83 46.93
CA UNK G 73 -76.05 44.23 47.23
C UNK G 73 -75.22 44.26 45.95
N UNK G 74 -73.92 43.91 46.05
CA UNK G 74 -73.07 43.87 44.87
C UNK G 74 -73.61 42.94 43.78
N UNK G 75 -74.27 41.85 44.19
CA UNK G 75 -74.84 40.91 43.23
C UNK G 75 -76.15 41.42 42.62
N UNK G 76 -76.96 42.10 43.41
CA UNK G 76 -78.27 42.54 42.90
C UNK G 76 -78.20 43.86 42.15
N UNK G 77 -77.20 44.67 42.46
CA UNK G 77 -77.19 46.04 41.94
C UNK G 77 -77.16 46.08 40.41
N UNK G 78 -76.37 45.20 39.75
CA UNK G 78 -76.34 45.23 38.27
C UNK G 78 -77.61 44.67 37.62
N UNK G 79 -78.54 44.21 38.46
CA UNK G 79 -79.79 43.55 38.03
C UNK G 79 -81.04 44.27 38.48
N UNK G 80 -80.87 45.55 38.82
CA UNK G 80 -81.92 46.35 39.42
C UNK G 80 -82.27 47.60 38.61
N UNK G 81 -83.57 47.82 38.47
CA UNK G 81 -84.11 49.02 37.84
C UNK G 81 -84.99 49.81 38.81
N UNK G 82 -84.84 51.13 38.82
CA UNK G 82 -85.75 52.00 39.56
C UNK G 82 -86.87 52.40 38.64
N UNK G 83 -88.11 52.22 39.08
CA UNK G 83 -89.26 52.70 38.35
C UNK G 83 -90.07 53.65 39.19
N UNK G 84 -90.26 54.87 38.67
CA UNK G 84 -91.15 55.86 39.32
C UNK G 84 -92.47 55.95 38.58
N UNK G 85 -93.57 55.82 39.33
CA UNK G 85 -94.91 56.01 38.80
C UNK G 85 -95.39 57.46 39.02
N UNK G 86 -95.71 58.13 37.92
CA UNK G 86 -96.36 59.43 37.95
C UNK G 86 -97.76 59.25 37.37
N UNK G 87 -98.59 60.27 37.52
CA UNK G 87 -100.03 60.14 37.25
C UNK G 87 -100.49 61.33 36.38
N UNK G 88 -101.05 61.05 35.20
CA UNK G 88 -101.54 62.13 34.31
C UNK G 88 -102.75 62.89 34.85
N UNK G 89 -103.34 62.42 35.95
CA UNK G 89 -104.37 63.22 36.62
C UNK G 89 -103.79 64.46 37.31
N UNK G 90 -102.47 64.52 37.53
CA UNK G 90 -101.89 65.63 38.30
C UNK G 90 -100.47 66.00 37.83
N UNK G 91 -100.29 66.30 36.50
CA UNK G 91 -98.96 66.56 35.94
C UNK G 91 -98.27 67.79 36.52
N UNK G 92 -99.03 68.69 37.12
CA UNK G 92 -98.46 69.87 37.76
C UNK G 92 -97.56 69.46 38.95
N UNK G 93 -97.82 68.30 39.53
CA UNK G 93 -97.02 67.76 40.64
C UNK G 93 -95.73 67.01 40.25
N UNK G 94 -95.54 66.74 38.96
CA UNK G 94 -94.53 65.80 38.55
C UNK G 94 -93.11 66.20 38.92
N UNK G 95 -92.72 67.42 38.65
CA UNK G 95 -91.30 67.75 38.79
C UNK G 95 -90.88 67.73 40.28
N UNK G 96 -91.76 68.23 41.15
CA UNK G 96 -91.59 68.18 42.60
C UNK G 96 -91.59 66.76 43.16
N UNK G 97 -92.48 65.91 42.65
CA UNK G 97 -92.51 64.50 43.06
C UNK G 97 -91.23 63.79 42.67
N UNK G 98 -90.78 64.09 41.44
CA UNK G 98 -89.59 63.45 40.90
C UNK G 98 -88.36 63.85 41.71
N UNK G 99 -88.26 65.14 42.03
CA UNK G 99 -87.15 65.62 42.80
C UNK G 99 -87.12 64.92 44.18
N UNK G 100 -88.29 64.75 44.78
CA UNK G 100 -88.38 64.16 46.11
C UNK G 100 -87.88 62.70 46.08
N UNK G 101 -88.34 61.94 45.09
CA UNK G 101 -87.94 60.54 44.97
C UNK G 101 -86.45 60.41 44.74
N UNK G 102 -85.88 61.28 43.91
CA UNK G 102 -84.48 61.18 43.60
C UNK G 102 -83.61 61.53 44.79
N UNK G 103 -83.98 62.59 45.51
CA UNK G 103 -83.30 62.92 46.76
C UNK G 103 -83.40 61.78 47.76
N UNK G 104 -84.60 61.20 47.89
CA UNK G 104 -84.80 60.05 48.79
C UNK G 104 -83.88 58.89 48.39
N UNK G 105 -83.89 58.58 47.10
CA UNK G 105 -83.12 57.45 46.58
C UNK G 105 -81.63 57.66 46.82
N UNK G 106 -81.16 58.87 46.54
CA UNK G 106 -79.75 59.22 46.73
C UNK G 106 -79.31 58.98 48.16
N UNK G 107 -80.21 59.25 49.08
CA UNK G 107 -79.96 59.07 50.49
C UNK G 107 -79.69 57.62 50.82
N UNK G 108 -80.47 56.75 50.21
CA UNK G 108 -80.22 55.31 50.38
C UNK G 108 -78.89 54.91 49.73
N UNK G 109 -78.66 55.34 48.50
CA UNK G 109 -77.53 54.84 47.74
C UNK G 109 -76.19 55.29 48.35
N UNK G 110 -76.08 56.54 48.80
CA UNK G 110 -74.84 56.96 49.46
C UNK G 110 -74.54 56.23 50.74
N UNK G 111 -75.52 55.48 51.25
CA UNK G 111 -75.35 54.84 52.55
C UNK G 111 -74.88 53.40 52.40
N UNK G 112 -74.81 52.91 51.17
CA UNK G 112 -74.39 51.53 50.91
C UNK G 112 -72.88 51.37 51.08
N UNK G 113 -72.42 50.13 51.13
CA UNK G 113 -71.01 49.84 51.37
C UNK G 113 -70.15 50.30 50.21
N UNK G 114 -68.85 50.39 50.44
CA UNK G 114 -67.95 50.81 49.38
C UNK G 114 -68.07 49.88 48.18
N UNK G 115 -68.15 48.57 48.44
CA UNK G 115 -68.28 47.59 47.35
C UNK G 115 -69.55 47.86 46.54
N UNK G 116 -70.65 48.18 47.21
CA UNK G 116 -71.91 48.51 46.52
C UNK G 116 -71.71 49.72 45.61
N UNK G 117 -70.96 50.69 46.10
CA UNK G 117 -70.80 51.94 45.35
C UNK G 117 -69.88 51.74 44.15
N UNK G 118 -68.87 50.88 44.31
CA UNK G 118 -67.98 50.50 43.23
C UNK G 118 -68.76 49.75 42.18
N UNK G 119 -69.73 48.97 42.62
CA UNK G 119 -70.53 48.21 41.68
C UNK G 119 -71.47 49.18 40.93
N UNK G 120 -72.00 50.17 41.62
CA UNK G 120 -72.86 51.17 40.97
C UNK G 120 -72.10 52.00 39.93
N UNK G 121 -70.83 52.27 40.20
CA UNK G 121 -69.98 53.00 39.26
C UNK G 121 -69.75 52.18 38.01
N UNK G 122 -69.53 50.88 38.19
CA UNK G 122 -69.40 49.94 37.08
C UNK G 122 -70.68 49.93 36.27
N UNK G 123 -71.82 49.89 36.95
CA UNK G 123 -73.11 49.85 36.25
C UNK G 123 -73.34 51.11 35.42
N UNK G 124 -73.02 52.26 36.02
CA UNK G 124 -73.15 53.53 35.32
C UNK G 124 -72.22 53.57 34.11
N UNK G 125 -70.96 53.13 34.28
CA UNK G 125 -70.03 53.14 33.14
C UNK G 125 -70.57 52.30 31.98
N UNK G 126 -71.09 51.11 32.28
CA UNK G 126 -71.56 50.21 31.23
C UNK G 126 -72.85 50.72 30.57
N UNK G 127 -73.64 51.52 31.27
CA UNK G 127 -74.87 52.09 30.71
C UNK G 127 -74.61 53.18 29.68
N UNK G 128 -73.41 53.72 29.64
CA UNK G 128 -73.16 54.86 28.77
C UNK G 128 -73.54 54.52 27.32
N UNK G 129 -73.32 53.27 26.93
CA UNK G 129 -73.47 52.86 25.53
C UNK G 129 -74.65 51.92 25.30
N UNK G 130 -75.35 51.51 26.35
CA UNK G 130 -76.44 50.56 26.15
C UNK G 130 -77.57 51.18 25.34
N UNK G 131 -77.74 50.72 24.11
CA UNK G 131 -78.86 51.18 23.30
C UNK G 131 -78.56 52.50 22.59
N UNK G 132 -77.26 52.84 22.48
CA UNK G 132 -76.80 54.14 21.98
C UNK G 132 -76.60 54.15 20.44
N UNK G 133 -76.69 52.98 19.81
CA UNK G 133 -76.55 52.87 18.36
C UNK G 133 -75.16 52.47 17.89
N UNK G 134 -74.23 52.31 18.83
CA UNK G 134 -72.89 51.81 18.53
C UNK G 134 -72.88 50.30 18.66
N UNK G 135 -71.91 49.74 19.38
CA UNK G 135 -71.84 48.30 19.56
C UNK G 135 -72.88 47.60 20.46
N UNK G 136 -73.49 48.32 21.41
CA UNK G 136 -74.20 47.68 22.53
C UNK G 136 -75.71 47.87 22.51
N UNK G 137 -76.44 46.76 22.53
CA UNK G 137 -77.88 46.84 22.56
C UNK G 137 -78.37 47.36 23.91
N UNK G 138 -79.63 47.77 23.92
CA UNK G 138 -80.24 48.34 25.09
C UNK G 138 -80.23 47.29 26.19
N UNK G 139 -80.36 46.02 25.80
CA UNK G 139 -80.44 44.93 26.80
C UNK G 139 -79.06 44.52 27.31
N UNK G 140 -78.01 45.16 26.83
CA UNK G 140 -76.68 44.88 27.31
C UNK G 140 -75.89 43.89 26.47
N UNK G 141 -76.55 43.22 25.53
CA UNK G 141 -75.89 42.28 24.60
C UNK G 141 -75.12 43.06 23.53
N UNK G 142 -74.10 42.43 22.95
CA UNK G 142 -73.22 43.03 21.95
C UNK G 142 -73.71 42.76 20.53
N UNK G 143 -73.24 43.57 19.58
CA UNK G 143 -73.55 43.39 18.17
C UNK G 143 -72.27 43.27 17.34
N UNK G 144 -69.27 58.10 19.32
CA UNK G 144 -69.24 59.55 19.47
C UNK G 144 -69.30 59.94 20.94
N UNK G 145 -68.75 61.12 21.29
CA UNK G 145 -68.79 61.61 22.68
C UNK G 145 -70.18 62.13 23.08
N UNK G 146 -70.43 62.29 24.37
CA UNK G 146 -71.78 62.60 24.85
C UNK G 146 -72.16 64.06 24.63
N UNK G 147 -73.42 64.27 24.26
CA UNK G 147 -73.96 65.59 24.12
C UNK G 147 -74.15 66.20 25.49
N UNK G 148 -74.48 67.49 25.52
CA UNK G 148 -74.68 68.20 26.78
C UNK G 148 -75.87 67.63 27.56
N UNK G 149 -75.73 67.62 28.88
CA UNK G 149 -76.79 67.14 29.75
C UNK G 149 -76.76 65.62 29.98
N UNK G 150 -76.38 64.86 28.96
CA UNK G 150 -76.47 63.40 29.01
C UNK G 150 -75.56 62.83 30.10
N UNK G 151 -76.18 62.07 31.00
CA UNK G 151 -75.48 61.36 32.08
C UNK G 151 -74.65 62.28 33.00
N UNK G 152 -74.96 63.58 33.01
CA UNK G 152 -74.31 64.49 33.95
C UNK G 152 -74.63 64.08 35.39
N UNK G 153 -75.72 63.35 35.57
CA UNK G 153 -76.17 63.01 36.92
C UNK G 153 -76.64 61.56 37.08
N UNK G 154 -75.81 60.61 36.70
CA UNK G 154 -76.09 59.20 36.97
C UNK G 154 -76.39 58.94 38.42
N UNK G 155 -77.41 58.14 38.67
CA UNK G 155 -77.85 57.90 40.01
C UNK G 155 -77.10 56.76 40.70
N UNK G 156 -76.42 55.93 39.92
CA UNK G 156 -75.85 54.68 40.40
C UNK G 156 -76.64 53.45 39.98
N UNK G 157 -77.93 53.68 39.66
CA UNK G 157 -78.85 52.68 39.12
C UNK G 157 -79.63 53.28 37.97
N UNK G 158 -80.02 52.44 37.00
CA UNK G 158 -80.88 52.99 35.94
C UNK G 158 -82.30 53.31 36.46
N UNK G 159 -82.91 54.32 35.85
CA UNK G 159 -84.25 54.78 36.16
C UNK G 159 -85.20 54.75 34.95
N UNK G 160 -86.42 54.29 35.19
CA UNK G 160 -87.52 54.41 34.23
C UNK G 160 -88.69 55.15 34.84
N UNK G 161 -89.16 56.20 34.18
CA UNK G 161 -90.34 56.93 34.67
C UNK G 161 -91.54 56.56 33.84
N UNK G 162 -92.61 56.13 34.51
CA UNK G 162 -93.80 55.64 33.86
C UNK G 162 -94.91 56.58 34.28
N UNK G 163 -95.47 57.29 33.30
CA UNK G 163 -96.57 58.22 33.54
C UNK G 163 -97.87 57.57 33.18
N UNK G 164 -98.63 57.23 34.22
CA UNK G 164 -99.81 56.41 34.08
C UNK G 164 -101.08 57.21 33.82
N UNK G 165 -102.11 56.50 33.38
CA UNK G 165 -103.44 57.08 33.14
C UNK G 165 -103.43 58.19 32.11
N UNK G 166 -102.75 57.93 31.00
CA UNK G 166 -102.56 58.92 29.94
C UNK G 166 -103.90 59.26 29.26
N UNK G 167 -104.94 58.46 29.51
CA UNK G 167 -106.25 58.84 28.99
C UNK G 167 -106.69 60.15 29.63
N UNK G 168 -106.04 60.58 30.71
CA UNK G 168 -106.43 61.83 31.37
C UNK G 168 -105.88 63.08 30.63
N UNK G 169 -104.99 62.86 29.69
CA UNK G 169 -104.58 63.95 28.77
C UNK G 169 -105.80 64.49 28.04
N UNK G 170 -106.61 63.59 27.50
CA UNK G 170 -107.82 63.99 26.82
C UNK G 170 -108.78 64.69 27.77
N UNK G 171 -108.77 64.26 29.02
CA UNK G 171 -109.58 64.90 30.02
C UNK G 171 -109.16 66.38 30.24
N UNK G 172 -107.86 66.61 30.31
CA UNK G 172 -107.33 67.95 30.50
C UNK G 172 -107.60 68.84 29.27
N UNK G 173 -107.53 68.25 28.08
CA UNK G 173 -107.86 69.00 26.89
C UNK G 173 -109.31 69.48 26.96
N UNK G 174 -110.24 68.61 27.34
CA UNK G 174 -111.65 68.95 27.22
C UNK G 174 -112.25 69.70 28.42
N UNK G 175 -111.66 69.57 29.61
CA UNK G 175 -112.22 70.22 30.78
C UNK G 175 -111.32 71.31 31.37
N UNK G 176 -110.04 71.33 31.00
CA UNK G 176 -109.15 72.37 31.52
C UNK G 176 -108.47 73.18 30.40
N UNK G 177 -108.97 73.03 29.19
CA UNK G 177 -108.50 73.85 28.08
C UNK G 177 -107.05 73.62 27.64
N UNK G 178 -106.47 72.48 27.97
CA UNK G 178 -105.07 72.24 27.61
C UNK G 178 -104.96 72.10 26.10
N UNK G 179 -103.92 72.70 25.52
CA UNK G 179 -103.65 72.64 24.10
C UNK G 179 -102.52 71.66 23.85
N UNK G 180 -102.36 71.23 22.61
CA UNK G 180 -101.30 70.26 22.26
C UNK G 180 -99.95 70.74 22.77
N UNK G 181 -99.71 72.04 22.63
N UNK G 181 -99.70 72.04 22.62
CA UNK G 181 -98.39 72.58 22.96
CA UNK G 181 -98.40 72.59 22.97
C UNK G 181 -98.09 72.52 24.46
C UNK G 181 -98.09 72.44 24.46
N UNK G 182 -99.12 72.47 25.31
CA UNK G 182 -98.90 72.34 26.76
C UNK G 182 -98.42 70.93 27.12
N UNK G 183 -99.02 69.92 26.48
CA UNK G 183 -98.51 68.56 26.65
C UNK G 183 -97.05 68.47 26.18
N UNK G 184 -96.74 69.15 25.08
CA UNK G 184 -95.37 69.09 24.59
C UNK G 184 -94.37 69.76 25.56
N UNK G 185 -94.79 70.81 26.26
CA UNK G 185 -93.89 71.52 27.18
C UNK G 185 -93.60 70.63 28.38
N UNK G 186 -94.63 69.99 28.90
CA UNK G 186 -94.44 68.95 29.93
C UNK G 186 -93.39 67.96 29.48
N UNK G 187 -93.56 67.50 28.25
CA UNK G 187 -92.63 66.53 27.70
C UNK G 187 -91.21 67.08 27.58
N UNK G 188 -91.06 68.32 27.10
CA UNK G 188 -89.74 68.91 27.04
C UNK G 188 -89.08 69.03 28.43
N UNK G 189 -89.83 69.48 29.44
CA UNK G 189 -89.34 69.50 30.82
C UNK G 189 -88.90 68.10 31.32
N UNK G 190 -89.75 67.11 31.13
CA UNK G 190 -89.44 65.76 31.62
C UNK G 190 -88.23 65.18 30.90
N UNK G 191 -88.16 65.30 29.58
CA UNK G 191 -87.05 64.77 28.81
C UNK G 191 -85.73 65.40 29.25
N UNK G 192 -85.76 66.68 29.53
CA UNK G 192 -84.54 67.39 29.90
C UNK G 192 -83.95 66.92 31.21
N UNK G 193 -84.77 66.79 32.26
CA UNK G 193 -84.19 66.43 33.56
C UNK G 193 -83.79 64.95 33.51
N UNK G 194 -84.62 64.11 32.88
CA UNK G 194 -84.41 62.65 32.85
C UNK G 194 -83.17 62.29 32.04
N UNK G 195 -82.84 63.12 31.04
CA UNK G 195 -81.64 62.96 30.25
C UNK G 195 -80.40 62.95 31.12
N UNK G 196 -80.42 63.74 32.19
CA UNK G 196 -79.27 63.85 33.09
C UNK G 196 -79.01 62.55 33.84
N UNK G 197 -80.06 61.74 33.99
CA UNK G 197 -79.94 60.46 34.71
C UNK G 197 -79.81 59.25 33.78
N UNK G 198 -79.72 59.53 32.49
CA UNK G 198 -79.78 58.49 31.48
C UNK G 198 -81.13 57.75 31.45
N UNK G 199 -82.17 58.38 31.97
CA UNK G 199 -83.42 57.67 32.25
C UNK G 199 -84.41 57.58 31.07
N UNK G 200 -85.26 56.56 31.10
CA UNK G 200 -86.33 56.42 30.14
C UNK G 200 -87.63 57.06 30.63
N UNK G 201 -88.53 57.27 29.67
CA UNK G 201 -89.84 57.88 29.90
C UNK G 201 -90.88 57.19 29.04
N UNK G 202 -92.00 56.80 29.63
CA UNK G 202 -93.06 56.16 28.87
C UNK G 202 -94.42 56.50 29.48
N UNK G 203 -95.39 56.73 28.60
CA UNK G 203 -96.75 56.98 29.02
C UNK G 203 -97.53 55.70 28.78
N UNK G 204 -98.41 55.38 29.71
CA UNK G 204 -99.29 54.24 29.57
C UNK G 204 -100.74 54.60 29.90
N UNK G 205 -101.63 53.80 29.34
CA UNK G 205 -103.06 53.84 29.62
C UNK G 205 -103.55 52.43 30.04
N UNK G 206 -104.36 52.35 31.12
CA UNK G 206 -104.83 51.00 31.49
C UNK G 206 -105.50 50.26 30.33
N UNK G 207 -105.14 48.99 30.14
CA UNK G 207 -105.68 48.14 29.10
C UNK G 207 -105.25 48.45 27.67
N UNK G 208 -104.40 49.46 27.44
CA UNK G 208 -103.91 49.79 26.09
C UNK G 208 -102.51 49.21 25.96
N UNK G 209 -102.30 48.29 25.00
CA UNK G 209 -100.97 47.69 24.91
C UNK G 209 -99.88 48.74 24.63
N UNK G 210 -98.68 48.53 25.18
CA UNK G 210 -97.60 49.51 25.04
C UNK G 210 -96.27 48.81 24.91
N UNK G 211 -95.20 49.59 24.79
CA UNK G 211 -93.85 49.04 24.81
C UNK G 211 -93.26 48.88 26.23
N UNK G 212 -94.11 48.98 27.24
CA UNK G 212 -93.63 48.92 28.61
C UNK G 212 -92.85 47.61 28.89
N UNK G 213 -93.44 46.42 28.57
CA UNK G 213 -92.68 45.18 28.80
C UNK G 213 -91.31 45.21 28.12
N UNK G 214 -91.24 45.56 26.82
CA UNK G 214 -89.94 45.55 26.12
C UNK G 214 -88.92 46.51 26.75
N UNK G 215 -89.37 47.72 27.09
CA UNK G 215 -88.53 48.73 27.74
C UNK G 215 -87.97 48.27 29.10
N UNK G 216 -88.85 47.81 29.96
CA UNK G 216 -88.50 47.36 31.29
C UNK G 216 -87.61 46.13 31.20
N UNK G 217 -88.01 45.14 30.40
CA UNK G 217 -87.21 43.93 30.32
C UNK G 217 -85.82 44.21 29.74
N UNK G 218 -85.72 45.10 28.74
CA UNK G 218 -84.42 45.39 28.14
C UNK G 218 -83.57 46.17 29.13
N UNK G 219 -84.20 47.11 29.83
CA UNK G 219 -83.49 47.89 30.85
C UNK G 219 -82.96 46.99 31.99
N UNK G 220 -83.65 45.89 32.26
CA UNK G 220 -83.24 44.94 33.30
C UNK G 220 -82.16 43.97 32.78
N UNK G 221 -81.76 44.12 31.52
CA UNK G 221 -80.74 43.27 30.94
C UNK G 221 -81.25 41.89 30.62
N UNK G 222 -82.54 41.76 30.35
CA UNK G 222 -83.11 40.49 29.91
C UNK G 222 -83.02 40.41 28.37
N UNK G 223 -82.32 39.38 27.92
CA UNK G 223 -81.94 39.22 26.52
C UNK G 223 -82.79 38.17 25.86
N UNK G 224 -83.62 38.61 24.92
CA UNK G 224 -84.38 37.67 24.11
C UNK G 224 -83.46 36.79 23.25
N UNK G 225 -83.77 35.50 23.14
CA UNK G 225 -83.06 34.61 22.21
C UNK G 225 -83.78 34.48 20.86
N UNK G 226 -84.85 35.26 20.67
CA UNK G 226 -85.67 35.17 19.47
C UNK G 226 -85.96 36.51 18.77
N UNK G 227 -85.96 37.62 19.51
CA UNK G 227 -86.44 38.90 18.97
C UNK G 227 -85.29 39.88 18.90
N UNK G 228 -85.12 40.51 17.75
CA UNK G 228 -84.13 41.57 17.59
C UNK G 228 -84.74 42.95 17.23
N UNK G 229 -86.05 43.06 17.23
CA UNK G 229 -86.70 44.35 16.98
C UNK G 229 -86.38 45.34 18.11
N UNK G 230 -85.77 46.50 17.79
CA UNK G 230 -85.53 47.42 18.92
C UNK G 230 -86.78 48.14 19.40
N UNK G 231 -86.68 48.88 20.50
CA UNK G 231 -87.79 49.71 20.97
C UNK G 231 -88.16 50.74 19.92
N UNK G 232 -89.43 51.14 19.87
CA UNK G 232 -89.82 52.20 18.95
C UNK G 232 -90.03 53.52 19.71
N UNK G 233 -89.13 54.48 19.55
CA UNK G 233 -89.25 55.76 20.25
C UNK G 233 -90.38 56.58 19.64
N UNK G 234 -91.05 57.35 20.47
CA UNK G 234 -92.07 58.29 20.00
C UNK G 234 -92.15 59.49 20.90
N UNK G 235 -92.07 60.69 20.31
CA UNK G 235 -92.29 61.93 21.05
C UNK G 235 -93.40 62.81 20.44
N UNK G 236 -94.15 62.25 19.49
CA UNK G 236 -95.11 63.01 18.71
C UNK G 236 -96.54 62.68 19.15
N UNK G 237 -96.92 61.40 19.08
CA UNK G 237 -98.30 60.99 19.40
C UNK G 237 -98.40 61.08 20.93
N UNK G 238 -99.12 62.09 21.40
CA UNK G 238 -98.93 62.64 22.73
C UNK G 238 -99.20 61.70 23.90
N UNK G 239 -100.10 60.73 23.76
CA UNK G 239 -100.41 59.87 24.88
C UNK G 239 -99.69 58.53 24.84
N UNK G 240 -98.80 58.37 23.84
CA UNK G 240 -98.02 57.13 23.68
C UNK G 240 -96.50 57.37 23.66
N UNK G 241 -96.09 58.34 24.46
CA UNK G 241 -94.68 58.71 24.51
C UNK G 241 -93.85 57.51 24.92
N UNK G 242 -92.73 57.33 24.22
CA UNK G 242 -91.71 56.34 24.57
C UNK G 242 -90.35 56.95 24.30
N UNK G 243 -89.57 57.16 25.36
CA UNK G 243 -88.23 57.72 25.26
C UNK G 243 -87.27 56.72 25.92
N UNK G 244 -86.64 55.87 25.11
CA UNK G 244 -85.69 54.89 25.65
C UNK G 244 -84.39 55.56 26.05
N UNK G 245 -83.62 54.92 26.93
CA UNK G 245 -82.32 55.47 27.33
C UNK G 245 -81.41 55.65 26.13
N UNK G 246 -80.50 56.61 26.25
CA UNK G 246 -79.40 56.80 25.30
C UNK G 246 -79.90 57.07 23.87
N UNK G 247 -81.11 57.61 23.76
CA UNK G 247 -81.68 58.02 22.48
C UNK G 247 -81.76 59.55 22.41
N UNK G 248 -82.27 60.16 23.47
CA UNK G 248 -82.59 61.60 23.45
C UNK G 248 -81.33 62.46 23.53
N UNK G 249 -81.53 63.74 23.28
CA UNK G 249 -80.47 64.75 23.28
C UNK G 249 -81.11 66.14 23.36
N UNK G 250 -80.33 67.14 23.74
CA UNK G 250 -80.82 68.49 23.70
C UNK G 250 -81.28 68.91 22.31
N UNK G 251 -80.53 68.49 21.29
CA UNK G 251 -80.87 68.85 19.91
C UNK G 251 -82.29 68.41 19.60
N UNK G 252 -82.63 67.21 20.05
CA UNK G 252 -83.95 66.64 19.81
C UNK G 252 -85.03 67.34 20.64
N UNK G 253 -84.75 67.51 21.93
CA UNK G 253 -85.69 68.18 22.81
C UNK G 253 -86.04 69.58 22.33
N UNK G 254 -85.03 70.34 21.90
N UNK G 254 -85.01 70.36 21.96
CA UNK G 254 -85.21 71.74 21.53
CA UNK G 254 -85.20 71.74 21.47
C UNK G 254 -86.15 71.97 20.32
C UNK G 254 -86.30 71.85 20.42
N UNK G 255 -86.24 70.99 19.42
CA UNK G 255 -87.06 71.16 18.19
C UNK G 255 -88.51 70.75 18.36
N UNK G 256 -88.87 70.10 19.47
CA UNK G 256 -90.25 69.66 19.63
C UNK G 256 -91.21 70.86 19.52
N UNK G 257 -90.89 71.93 20.24
CA UNK G 257 -91.57 73.23 20.16
C UNK G 257 -90.54 74.30 20.43
N UNK G 258 -90.78 75.46 19.87
CA UNK G 258 -89.87 76.59 20.04
C UNK G 258 -90.01 77.20 21.45
N UNK G 259 -89.03 78.02 21.82
CA UNK G 259 -89.08 78.77 23.06
C UNK G 259 -88.70 78.01 24.32
N UNK G 260 -88.08 76.85 24.17
CA UNK G 260 -87.72 76.06 25.36
C UNK G 260 -86.24 76.13 25.62
N UNK G 261 -85.91 76.79 26.73
CA UNK G 261 -84.53 76.98 27.13
C UNK G 261 -84.02 75.72 27.81
N UNK G 262 -83.54 74.78 27.01
N UNK G 262 -83.55 74.77 27.02
CA UNK G 262 -83.15 73.46 27.50
CA UNK G 262 -83.19 73.45 27.54
C UNK G 262 -82.07 73.57 28.57
C UNK G 262 -82.05 73.54 28.55
N UNK G 263 -81.07 74.39 28.28
CA UNK G 263 -79.94 74.53 29.17
C UNK G 263 -80.34 75.15 30.51
N UNK G 264 -81.22 76.13 30.48
CA UNK G 264 -81.69 76.72 31.73
C UNK G 264 -82.39 75.66 32.59
N UNK G 265 -83.23 74.84 31.97
CA UNK G 265 -83.97 73.83 32.68
C UNK G 265 -83.02 72.74 33.20
N UNK G 266 -82.00 72.41 32.43
CA UNK G 266 -81.04 71.38 32.85
C UNK G 266 -80.25 71.89 34.07
N UNK G 267 -79.82 73.16 34.04
CA UNK G 267 -79.10 73.76 35.16
C UNK G 267 -79.98 73.93 36.41
N UNK G 268 -81.24 74.28 36.20
CA UNK G 268 -82.20 74.34 37.28
C UNK G 268 -82.37 72.99 38.00
N UNK G 269 -82.09 71.88 37.32
CA UNK G 269 -82.24 70.56 37.93
C UNK G 269 -81.02 70.27 38.80
N UNK G 270 -79.87 70.83 38.43
CA UNK G 270 -78.71 70.81 39.30
C UNK G 270 -78.98 71.58 40.58
N UNK G 271 -79.58 72.75 40.45
CA UNK G 271 -79.97 73.52 41.62
C UNK G 271 -80.90 72.67 42.52
N UNK G 272 -81.91 72.05 41.92
CA UNK G 272 -82.89 71.26 42.68
C UNK G 272 -82.28 70.06 43.44
N UNK G 273 -81.33 69.37 42.83
CA UNK G 273 -80.79 68.15 43.41
C UNK G 273 -79.57 68.40 44.28
N UNK G 274 -79.06 69.62 44.30
CA UNK G 274 -78.01 69.96 45.26
C UNK G 274 -78.69 70.56 46.51
N UNK G 275 -79.42 69.72 47.21
CA UNK G 275 -80.17 70.10 48.41
C UNK G 275 -80.27 68.93 49.39
N UNK G 276 -80.30 69.21 50.70
CA UNK G 276 -80.40 68.16 51.71
C UNK G 276 -81.78 67.47 51.73
N UNK G 277 -81.82 66.19 52.12
CA UNK G 277 -83.08 65.45 52.26
C UNK G 277 -83.26 64.88 53.69
N UNK G 278 -84.41 65.19 54.33
CA UNK G 278 -85.52 65.95 53.74
C UNK G 278 -85.36 67.49 53.80
N UNK G 279 -86.12 74.94 53.67
CA UNK G 279 -87.51 74.67 53.29
C UNK G 279 -87.92 75.32 51.96
N UNK G 280 -87.51 76.59 51.69
CA UNK G 280 -87.97 77.23 50.44
C UNK G 280 -87.22 76.81 49.17
N UNK G 281 -87.83 77.07 48.01
CA UNK G 281 -87.30 76.67 46.71
C UNK G 281 -86.13 77.56 46.29
N UNK G 282 -84.98 76.97 45.94
CA UNK G 282 -83.78 77.76 45.63
C UNK G 282 -83.86 78.50 44.29
N UNK G 283 -83.17 79.63 44.20
CA UNK G 283 -83.09 80.41 42.99
C UNK G 283 -82.64 79.56 41.81
N UNK G 284 -83.38 79.63 40.70
CA UNK G 284 -83.08 78.90 39.48
C UNK G 284 -83.69 77.52 39.39
N UNK G 285 -84.46 77.14 40.40
CA UNK G 285 -85.06 75.81 40.49
C UNK G 285 -85.88 75.45 39.27
N UNK G 286 -85.68 74.23 38.78
CA UNK G 286 -86.50 73.77 37.66
C UNK G 286 -87.89 73.30 38.14
N UNK G 287 -88.01 72.85 39.39
CA UNK G 287 -89.35 72.61 39.95
C UNK G 287 -90.20 73.90 39.84
N UNK G 288 -89.59 75.05 40.11
CA UNK G 288 -90.34 76.34 40.08
C UNK G 288 -90.66 76.67 38.62
N UNK G 289 -89.69 76.46 37.73
CA UNK G 289 -89.88 76.73 36.31
C UNK G 289 -91.02 75.85 35.78
N UNK G 290 -91.01 74.59 36.18
CA UNK G 290 -92.06 73.65 35.74
C UNK G 290 -93.42 74.08 36.27
N UNK G 291 -93.46 74.39 37.56
CA UNK G 291 -94.74 74.71 38.22
C UNK G 291 -95.31 76.06 37.81
N UNK G 292 -94.47 76.95 37.30
CA UNK G 292 -94.95 78.18 36.66
C UNK G 292 -95.59 77.86 35.31
N UNK G 293 -94.94 76.95 34.58
CA UNK G 293 -95.35 76.58 33.22
C UNK G 293 -96.57 75.64 33.18
N UNK G 294 -96.67 74.78 34.17
CA UNK G 294 -97.70 73.74 34.23
C UNK G 294 -98.55 73.98 35.47
N UNK G 295 -99.60 74.76 35.33
CA UNK G 295 -100.26 75.24 36.52
C UNK G 295 -101.33 74.26 36.99
N UNK G 296 -101.47 74.21 38.29
CA UNK G 296 -102.50 73.47 38.99
C UNK G 296 -103.84 74.18 38.78
N UNK G 297 -104.89 73.46 38.33
CA UNK G 297 -106.23 74.10 38.33
C UNK G 297 -106.78 74.33 39.76
N UNK G 298 -105.88 74.28 40.75
CA UNK G 298 -106.15 74.61 42.14
C UNK G 298 -107.41 73.90 42.64
N UNK H 1 -70.22 -3.42 57.42
CA UNK H 1 -71.59 -3.58 56.93
C UNK H 1 -72.38 -4.54 57.81
N UNK H 2 -71.66 -5.42 58.51
CA UNK H 2 -72.30 -6.40 59.39
C UNK H 2 -73.02 -5.71 60.55
N UNK H 3 -74.17 -6.25 60.93
CA UNK H 3 -74.95 -5.69 62.03
C UNK H 3 -75.15 -6.70 63.17
N UNK H 4 -75.35 -6.20 64.38
CA UNK H 4 -75.55 -7.07 65.53
C UNK H 4 -76.62 -6.47 66.45
N UNK H 5 -76.66 -6.85 67.72
CA UNK H 5 -77.68 -6.24 68.58
C UNK H 5 -77.37 -6.56 70.03
N UNK H 6 -77.32 -5.58 70.93
CA UNK H 6 -76.78 -5.93 72.24
C UNK H 6 -77.84 -5.69 73.31
N UNK H 7 -77.78 -6.50 74.38
CA UNK H 7 -78.67 -6.36 75.54
C UNK H 7 -77.92 -6.10 76.83
N UNK H 8 -78.45 -5.18 77.62
CA UNK H 8 -78.10 -5.06 79.01
C UNK H 8 -79.33 -5.48 79.83
N UNK H 9 -79.08 -6.37 80.78
CA UNK H 9 -80.03 -6.69 81.83
C UNK H 9 -79.61 -5.93 83.10
N UNK H 10 -80.36 -4.89 83.39
CA UNK H 10 -80.03 -3.94 84.42
C UNK H 10 -80.76 -4.27 85.70
N UNK H 11 -80.00 -4.63 86.73
CA UNK H 11 -80.57 -5.09 88.00
C UNK H 11 -80.34 -4.09 89.14
N UNK H 12 -81.42 -3.69 89.81
CA UNK H 12 -81.29 -2.97 91.06
C UNK H 12 -81.42 -1.50 90.79
N UNK H 13 -80.99 -0.71 91.77
CA UNK H 13 -81.06 0.74 91.67
C UNK H 13 -82.48 1.23 91.95
N UNK H 14 -82.70 2.52 91.69
CA UNK H 14 -83.99 3.16 91.84
C UNK H 14 -84.39 3.75 90.50
N UNK H 15 -85.54 4.39 90.48
CA UNK H 15 -86.04 4.98 89.28
C UNK H 15 -85.04 6.02 88.76
N UNK H 16 -84.56 6.87 89.67
CA UNK H 16 -83.65 7.95 89.29
C UNK H 16 -82.23 7.46 89.00
N UNK H 17 -81.78 6.42 89.70
CA UNK H 17 -80.39 5.93 89.53
C UNK H 17 -80.25 5.09 88.26
N UNK H 18 -81.34 4.49 87.85
CA UNK H 18 -81.37 3.80 86.57
C UNK H 18 -81.31 4.79 85.43
N UNK H 19 -82.09 5.87 85.53
CA UNK H 19 -81.99 6.92 84.55
C UNK H 19 -80.59 7.54 84.53
N UNK H 20 -80.01 7.78 85.71
CA UNK H 20 -78.64 8.30 85.80
C UNK H 20 -77.66 7.30 85.16
N UNK H 21 -77.83 6.00 85.42
CA UNK H 21 -77.02 4.99 84.74
C UNK H 21 -77.11 5.16 83.20
N UNK H 22 -78.34 5.29 82.71
CA UNK H 22 -78.58 5.39 81.28
C UNK H 22 -77.85 6.61 80.67
N UNK H 23 -77.93 6.80 79.35
CA UNK H 23 -77.24 7.96 78.78
C UNK H 23 -78.03 9.20 79.14
N UNK H 24 -79.35 9.10 79.03
CA UNK H 24 -80.26 10.21 79.34
C UNK H 24 -80.17 10.70 80.79
N UNK H 25 -80.16 9.77 81.75
CA UNK H 25 -80.10 10.18 83.15
C UNK H 25 -78.69 10.65 83.54
N UNK H 26 -77.72 10.36 82.69
CA UNK H 26 -76.35 10.83 82.89
C UNK H 26 -76.20 12.29 82.49
N UNK H 27 -77.27 12.89 81.99
CA UNK H 27 -77.22 14.27 81.56
C UNK H 27 -76.09 14.55 80.57
N UNK H 28 -75.24 15.50 80.92
CA UNK H 28 -74.12 15.90 80.06
C UNK H 28 -73.00 14.87 80.00
N UNK H 29 -73.07 13.83 80.83
CA UNK H 29 -72.05 12.80 80.76
C UNK H 29 -72.27 11.87 79.56
N UNK H 30 -73.37 12.07 78.84
CA UNK H 30 -73.63 11.28 77.63
C UNK H 30 -72.64 11.66 76.53
N UNK H 31 -72.25 10.60 75.70
CA UNK H 31 -71.44 11.04 74.56
C UNK H 31 -71.84 10.36 73.26
N UNK H 32 -71.75 9.04 73.29
CA UNK H 32 -71.70 8.21 72.11
C UNK H 32 -73.06 7.66 71.69
N UNK H 33 -74.12 8.39 71.98
CA UNK H 33 -75.46 7.98 71.54
C UNK H 33 -75.99 8.91 70.45
N UNK H 34 -76.71 8.33 69.49
CA UNK H 34 -77.47 9.08 68.48
C UNK H 34 -78.48 10.05 69.13
N UNK H 35 -79.71 9.58 69.35
CA UNK H 35 -80.70 10.34 70.07
C UNK H 35 -80.94 9.54 71.33
N UNK H 36 -81.96 9.92 72.07
CA UNK H 36 -82.19 9.38 73.38
C UNK H 36 -83.33 8.37 73.42
N UNK H 37 -83.10 7.32 74.19
CA UNK H 37 -84.13 6.35 74.47
C UNK H 37 -83.70 5.68 75.76
N UNK H 38 -84.64 5.17 76.56
CA UNK H 38 -84.24 4.65 77.88
C UNK H 38 -84.04 3.15 78.08
N UNK H 39 -84.96 2.53 78.78
CA UNK H 39 -84.85 1.12 79.08
C UNK H 39 -84.78 0.25 77.84
N UNK H 40 -85.56 0.57 76.82
CA UNK H 40 -85.52 -0.26 75.62
C UNK H 40 -84.17 -0.31 74.93
N UNK H 41 -83.56 0.88 74.69
CA UNK H 41 -82.25 1.08 74.00
C UNK H 41 -81.80 2.52 73.70
N UNK H 42 -80.72 2.51 72.92
CA UNK H 42 -80.00 3.60 72.27
C UNK H 42 -79.01 3.03 71.26
N UNK H 43 -78.68 3.84 70.28
CA UNK H 43 -77.74 3.48 69.23
C UNK H 43 -76.36 4.03 69.62
N UNK H 44 -75.35 3.17 69.66
CA UNK H 44 -74.01 3.61 70.10
C UNK H 44 -73.18 4.05 68.89
N UNK H 45 -72.58 5.23 69.01
CA UNK H 45 -71.71 5.79 67.98
C UNK H 45 -70.27 5.39 68.28
N UNK H 46 -69.42 5.40 67.25
CA UNK H 46 -67.99 5.19 67.40
C UNK H 46 -67.30 6.46 67.92
N UNK H 47 -65.96 6.49 67.87
CA UNK H 47 -65.20 7.77 67.69
C UNK H 47 -65.88 8.89 66.83
N UNK H 48 -66.64 8.48 65.83
CA UNK H 48 -67.17 9.40 64.88
C UNK H 48 -68.66 9.62 65.01
N UNK H 49 -69.27 9.16 66.10
CA UNK H 49 -70.72 9.29 66.30
C UNK H 49 -71.60 8.40 65.44
N UNK H 50 -70.98 7.44 64.73
CA UNK H 50 -71.75 6.36 64.03
C UNK H 50 -72.10 5.20 64.95
N UNK H 51 -73.29 4.67 64.74
CA UNK H 51 -73.77 3.56 65.52
C UNK H 51 -72.91 2.34 65.32
N UNK H 52 -72.24 1.89 66.36
CA UNK H 52 -71.58 0.60 66.27
C UNK H 52 -72.50 -0.52 66.80
N UNK H 53 -73.79 -0.16 67.04
CA UNK H 53 -74.70 -1.14 67.61
C UNK H 53 -75.95 -0.48 68.22
N UNK H 54 -77.00 -1.29 68.39
CA UNK H 54 -78.16 -0.85 69.15
C UNK H 54 -78.17 -1.64 70.45
N UNK H 55 -78.17 -0.92 71.55
CA UNK H 55 -78.20 -1.52 72.87
C UNK H 55 -79.63 -1.41 73.41
N UNK H 56 -80.18 -2.56 73.73
CA UNK H 56 -81.46 -2.68 74.41
C UNK H 56 -81.21 -2.92 75.88
N UNK H 57 -81.88 -2.14 76.72
CA UNK H 57 -81.79 -2.31 78.17
C UNK H 57 -83.12 -2.80 78.76
N UNK H 58 -83.05 -3.92 79.47
CA UNK H 58 -84.16 -4.48 80.23
C UNK H 58 -83.87 -4.33 81.71
N UNK H 59 -84.83 -3.76 82.42
CA UNK H 59 -84.65 -3.31 83.80
C UNK H 59 -85.52 -4.03 84.80
N UNK H 60 -84.90 -4.44 85.90
CA UNK H 60 -85.57 -5.08 87.01
C UNK H 60 -85.19 -4.28 88.26
N UNK H 61 -86.17 -3.90 89.08
CA UNK H 61 -85.88 -3.13 90.28
C UNK H 61 -85.56 -4.05 91.45
N UNK H 62 -85.68 -5.35 91.22
CA UNK H 62 -85.42 -6.40 92.24
C UNK H 62 -86.67 -6.89 92.97
N UNK H 63 -87.67 -7.35 92.29
CA UNK H 63 -88.94 -7.79 92.88
C UNK H 63 -89.32 -9.26 92.88
N UNK H 64 -88.40 -10.12 92.53
CA UNK H 64 -88.62 -11.56 92.48
C UNK H 64 -89.52 -12.10 91.40
N UNK H 65 -90.74 -11.65 91.35
CA UNK H 65 -91.76 -12.05 90.38
C UNK H 65 -91.74 -11.16 89.13
N UNK H 66 -90.83 -11.56 88.25
CA UNK H 66 -90.45 -10.75 87.10
C UNK H 66 -89.16 -11.29 86.49
N UNK H 67 -88.33 -11.94 87.31
CA UNK H 67 -87.08 -12.55 86.83
C UNK H 67 -87.39 -13.57 85.73
N UNK H 68 -88.46 -14.35 85.93
CA UNK H 68 -88.97 -15.25 84.88
C UNK H 68 -89.16 -14.58 83.51
N UNK H 69 -89.43 -13.26 83.48
CA UNK H 69 -89.61 -12.56 82.20
C UNK H 69 -88.32 -12.48 81.38
N UNK H 70 -87.21 -12.80 82.02
CA UNK H 70 -85.90 -12.80 81.37
C UNK H 70 -85.75 -13.97 80.40
N UNK H 71 -86.48 -15.06 80.66
CA UNK H 71 -86.35 -16.29 79.87
C UNK H 71 -86.44 -16.00 78.39
N UNK H 72 -87.54 -15.37 77.94
CA UNK H 72 -87.68 -15.11 76.51
C UNK H 72 -86.64 -14.17 75.92
N UNK H 73 -86.00 -13.37 76.74
CA UNK H 73 -84.98 -12.43 76.28
C UNK H 73 -83.63 -13.11 76.03
N UNK H 74 -83.38 -14.21 76.74
CA UNK H 74 -82.14 -14.98 76.65
C UNK H 74 -82.27 -16.21 75.72
N UNK H 75 -81.90 -16.02 74.45
CA UNK H 75 -81.97 -17.07 73.45
C UNK H 75 -80.55 -17.35 72.99
N UNK H 76 -80.37 -18.42 72.18
CA UNK H 76 -79.04 -18.75 71.68
C UNK H 76 -78.42 -17.60 70.89
N UNK H 77 -79.24 -16.80 70.20
CA UNK H 77 -78.75 -15.67 69.43
C UNK H 77 -78.41 -14.48 70.32
N UNK H 78 -79.20 -14.25 71.36
CA UNK H 78 -78.99 -13.06 72.19
C UNK H 78 -77.95 -13.28 73.27
N UNK H 79 -77.75 -14.53 73.68
CA UNK H 79 -76.93 -14.79 74.86
C UNK H 79 -75.50 -14.29 74.69
N UNK H 80 -74.88 -14.48 73.49
CA UNK H 80 -73.50 -14.00 73.32
C UNK H 80 -73.38 -12.47 73.22
N UNK H 81 -74.52 -11.80 73.26
CA UNK H 81 -74.64 -10.34 73.08
C UNK H 81 -75.23 -9.62 74.28
N UNK H 82 -75.18 -10.30 75.42
CA UNK H 82 -75.84 -9.83 76.63
C UNK H 82 -74.87 -9.65 77.80
N UNK H 83 -75.06 -8.53 78.50
CA UNK H 83 -74.33 -8.22 79.71
C UNK H 83 -75.28 -8.04 80.90
N UNK H 84 -74.91 -8.60 82.05
CA UNK H 84 -75.64 -8.33 83.29
C UNK H 84 -74.99 -7.14 83.96
N UNK H 85 -75.80 -6.14 84.33
CA UNK H 85 -75.32 -5.03 85.13
C UNK H 85 -76.08 -4.91 86.41
N UNK H 86 -75.36 -4.97 87.53
CA UNK H 86 -75.97 -4.73 88.85
C UNK H 86 -75.63 -3.33 89.35
N UNK H 87 -76.66 -2.59 89.74
CA UNK H 87 -76.49 -1.27 90.37
C UNK H 87 -76.47 -1.39 91.91
N UNK H 88 -75.37 -0.94 92.49
CA UNK H 88 -75.27 -0.80 93.95
C UNK H 88 -75.16 0.69 94.24
N UNK H 89 -75.28 1.06 95.50
CA UNK H 89 -75.46 2.45 95.92
C UNK H 89 -74.50 2.78 97.06
N UNK H 90 -73.62 3.78 96.86
CA UNK H 90 -72.67 4.17 97.92
C UNK H 90 -73.32 4.81 99.15
N UNK H 91 -73.81 2.63 100.34
CA UNK H 91 -74.67 3.12 101.42
C UNK H 91 -75.21 2.00 102.31
N UNK H 92 -75.14 0.73 101.87
CA UNK H 92 -75.75 -0.36 102.63
C UNK H 92 -74.97 -1.69 102.47
N UNK H 93 -73.65 -1.69 102.76
CA UNK H 93 -72.80 -2.88 102.55
C UNK H 93 -73.21 -4.09 103.38
N UNK H 94 -73.93 -3.85 104.48
CA UNK H 94 -74.42 -4.95 105.31
C UNK H 94 -75.40 -5.85 104.53
N UNK H 95 -76.05 -5.29 103.51
CA UNK H 95 -76.99 -6.04 102.64
C UNK H 95 -76.34 -6.85 101.50
N UNK H 96 -75.05 -6.64 101.25
CA UNK H 96 -74.45 -7.13 100.04
C UNK H 96 -74.50 -8.63 99.86
N UNK H 97 -74.14 -9.40 100.86
CA UNK H 97 -73.97 -10.83 100.64
C UNK H 97 -75.33 -11.50 100.36
N UNK H 98 -76.36 -11.07 101.10
CA UNK H 98 -77.74 -11.49 100.89
C UNK H 98 -78.31 -11.07 99.54
N UNK H 99 -78.02 -9.86 99.13
CA UNK H 99 -78.45 -9.38 97.81
C UNK H 99 -77.80 -10.19 96.69
N UNK H 100 -76.52 -10.46 96.87
CA UNK H 100 -75.74 -11.18 95.88
C UNK H 100 -76.28 -12.60 95.74
N UNK H 101 -76.55 -13.25 96.87
CA UNK H 101 -77.06 -14.59 96.86
C UNK H 101 -78.41 -14.64 96.12
N UNK H 102 -79.24 -13.62 96.35
CA UNK H 102 -80.58 -13.59 95.75
C UNK H 102 -80.46 -13.49 94.22
N UNK H 103 -79.60 -12.59 93.74
CA UNK H 103 -79.43 -12.40 92.31
C UNK H 103 -78.90 -13.66 91.65
N UNK H 104 -77.95 -14.32 92.30
CA UNK H 104 -77.35 -15.49 91.70
C UNK H 104 -78.33 -16.65 91.64
N UNK H 105 -79.10 -16.86 92.70
CA UNK H 105 -80.17 -17.86 92.68
C UNK H 105 -81.19 -17.53 91.60
N UNK H 106 -81.57 -16.26 91.50
CA UNK H 106 -82.52 -15.83 90.46
C UNK H 106 -81.96 -16.14 89.07
N UNK H 107 -80.71 -15.76 88.87
CA UNK H 107 -80.06 -15.92 87.56
C UNK H 107 -79.97 -17.40 87.18
N UNK H 108 -79.58 -18.22 88.15
CA UNK H 108 -79.46 -19.66 87.94
C UNK H 108 -80.76 -20.26 87.45
N UNK H 109 -81.86 -19.73 87.99
CA UNK H 109 -83.19 -20.18 87.65
C UNK H 109 -83.48 -19.94 86.18
N UNK H 110 -83.06 -18.78 85.69
CA UNK H 110 -83.20 -18.50 84.26
C UNK H 110 -82.29 -19.43 83.44
N UNK H 111 -81.03 -19.55 83.83
CA UNK H 111 -80.06 -20.23 82.99
C UNK H 111 -80.37 -21.73 82.87
N UNK H 112 -80.76 -22.39 83.96
CA UNK H 112 -81.13 -23.81 83.85
C UNK H 112 -82.34 -24.05 82.97
N UNK H 113 -83.05 -23.00 82.61
CA UNK H 113 -84.31 -23.17 81.88
C UNK H 113 -84.10 -23.02 80.38
N UNK H 114 -83.27 -22.05 79.97
CA UNK H 114 -83.01 -21.90 78.53
C UNK H 114 -82.86 -23.28 77.89
N UNK H 115 -82.31 -24.21 78.66
CA UNK H 115 -82.09 -25.53 78.13
C UNK H 115 -83.32 -26.47 78.25
N UNK H 116 -84.41 -25.98 78.81
CA UNK H 116 -85.61 -26.82 78.95
C UNK H 116 -86.13 -27.19 77.59
N UNK H 117 -86.28 -26.18 76.73
CA UNK H 117 -86.83 -26.42 75.39
C UNK H 117 -85.90 -27.11 74.42
N UNK H 118 -79.01 -30.67 74.90
CA UNK H 118 -77.59 -30.41 75.10
C UNK H 118 -77.18 -29.20 74.26
N UNK H 119 -76.11 -29.19 73.62
CA UNK H 119 -75.49 -28.23 72.71
C UNK H 119 -75.25 -26.89 73.44
N UNK H 120 -76.22 -26.45 74.25
CA UNK H 120 -76.06 -25.23 75.04
C UNK H 120 -74.86 -25.34 75.97
N UNK H 121 -74.70 -26.51 76.56
CA UNK H 121 -73.65 -26.68 77.56
C UNK H 121 -72.28 -26.76 76.90
N UNK H 122 -72.23 -27.36 75.70
CA UNK H 122 -71.01 -27.39 74.91
C UNK H 122 -70.64 -26.00 74.50
N UNK H 123 -71.64 -25.18 74.23
CA UNK H 123 -71.38 -23.81 73.83
C UNK H 123 -70.86 -23.02 75.04
N UNK H 124 -71.42 -23.27 76.22
CA UNK H 124 -70.96 -22.60 77.44
C UNK H 124 -69.50 -22.98 77.78
N UNK H 125 -69.13 -24.22 77.51
CA UNK H 125 -67.75 -24.66 77.72
C UNK H 125 -66.79 -23.96 76.79
N UNK H 126 -67.21 -23.78 75.53
CA UNK H 126 -66.45 -23.01 74.57
C UNK H 126 -66.29 -21.58 75.05
N UNK H 127 -67.38 -20.99 75.55
CA UNK H 127 -67.33 -19.60 76.01
C UNK H 127 -66.37 -19.44 77.18
N UNK H 128 -66.44 -20.37 78.12
CA UNK H 128 -65.55 -20.36 79.27
C UNK H 128 -64.10 -20.51 78.82
N UNK H 129 -63.82 -21.45 77.91
CA UNK H 129 -62.44 -21.64 77.43
C UNK H 129 -61.91 -20.34 76.82
N UNK H 130 -62.70 -19.66 75.99
CA UNK H 130 -62.24 -18.45 75.31
C UNK H 130 -62.07 -17.27 76.26
N UNK H 131 -62.80 -17.27 77.38
CA UNK H 131 -62.68 -16.20 78.38
C UNK H 131 -61.39 -16.26 79.17
N UNK H 132 -60.70 -17.39 79.14
CA UNK H 132 -59.54 -17.54 80.00
C UNK H 132 -58.54 -16.41 79.76
N UNK H 133 -58.44 -15.95 78.50
CA UNK H 133 -57.41 -15.00 78.10
C UNK H 133 -57.95 -13.62 77.74
N UNK H 134 -59.28 -13.46 77.75
CA UNK H 134 -59.82 -12.16 77.34
C UNK H 134 -59.44 -11.07 78.32
N UNK H 135 -58.57 -10.15 77.90
CA UNK H 135 -58.22 -9.01 78.73
C UNK H 135 -57.11 -9.35 79.74
N UNK H 136 -56.38 -10.46 79.49
CA UNK H 136 -55.40 -11.01 80.43
C UNK H 136 -53.99 -10.41 80.23
N UNK H 137 -53.79 -9.62 79.17
CA UNK H 137 -52.51 -8.98 78.91
C UNK H 137 -51.62 -9.71 77.92
N UNK H 138 -53.11 -11.33 76.50
CA UNK H 138 -52.58 -12.24 75.49
C UNK H 138 -53.07 -11.80 74.11
N UNK H 139 -53.60 -12.74 73.33
CA UNK H 139 -54.12 -12.40 72.01
C UNK H 139 -55.41 -11.56 71.88
N UNK H 140 -56.29 -11.60 72.89
CA UNK H 140 -57.68 -11.16 72.72
C UNK H 140 -58.04 -9.89 73.48
N UNK H 141 -58.53 -8.89 72.74
CA UNK H 141 -58.95 -7.66 73.38
C UNK H 141 -60.20 -7.87 74.21
N UNK H 142 -61.19 -8.58 73.65
CA UNK H 142 -62.44 -8.80 74.38
C UNK H 142 -62.83 -10.24 74.73
N UNK H 143 -62.56 -11.19 73.84
CA UNK H 143 -62.92 -12.60 74.11
C UNK H 143 -61.90 -13.56 73.52
N UNK H 144 -60.66 -13.49 74.01
CA UNK H 144 -59.62 -14.36 73.48
C UNK H 144 -59.05 -15.38 74.46
N UNK H 145 -57.80 -15.75 74.20
CA UNK H 145 -57.08 -16.73 74.99
C UNK H 145 -56.12 -16.13 76.01
N UNK H 146 -56.00 -16.81 77.14
CA UNK H 146 -55.08 -16.40 78.19
C UNK H 146 -53.92 -17.38 78.08
N UNK H 147 -52.73 -16.88 77.80
CA UNK H 147 -51.58 -17.75 77.65
C UNK H 147 -51.09 -18.45 78.91
N UNK H 148 -50.75 -17.71 79.95
CA UNK H 148 -50.52 -18.26 81.29
C UNK H 148 -51.82 -18.85 81.86
N UNK H 149 -51.70 -19.82 82.78
CA UNK H 149 -52.88 -20.44 83.41
C UNK H 149 -53.50 -19.52 84.47
N UNK H 150 -54.73 -19.80 84.88
CA UNK H 150 -55.48 -18.89 85.75
C UNK H 150 -55.01 -18.93 87.19
N UNK H 151 -54.98 -17.76 87.82
CA UNK H 151 -54.66 -17.66 89.22
C UNK H 151 -55.84 -18.16 90.03
N UNK H 152 -55.65 -18.30 91.33
CA UNK H 152 -56.70 -18.79 92.23
C UNK H 152 -57.89 -17.82 92.26
N UNK H 153 -59.08 -18.41 92.36
CA UNK H 153 -60.31 -17.63 92.45
C UNK H 153 -60.89 -17.26 91.07
N UNK H 154 -60.02 -16.99 90.10
CA UNK H 154 -60.45 -16.46 88.80
C UNK H 154 -61.34 -17.45 88.07
N UNK H 155 -62.54 -16.97 87.72
CA UNK H 155 -63.52 -17.75 86.96
C UNK H 155 -63.92 -19.10 87.61
N UNK H 156 -63.70 -19.24 88.90
CA UNK H 156 -64.17 -20.44 89.60
C UNK H 156 -65.70 -20.53 89.53
N UNK H 157 -66.34 -19.40 89.31
CA UNK H 157 -67.79 -19.36 89.34
C UNK H 157 -68.45 -18.54 88.22
N UNK H 158 -68.08 -18.84 86.98
CA UNK H 158 -68.76 -18.23 85.83
C UNK H 158 -70.26 -18.39 85.90
N UNK H 159 -70.97 -17.32 85.58
CA UNK H 159 -72.40 -17.33 85.72
C UNK H 159 -73.11 -17.86 84.47
N UNK H 160 -72.39 -17.91 83.35
CA UNK H 160 -73.00 -18.19 82.06
C UNK H 160 -73.13 -16.95 81.18
N UNK H 161 -73.13 -15.79 81.84
CA UNK H 161 -73.14 -14.47 81.21
C UNK H 161 -72.15 -13.57 81.90
N UNK H 162 -71.56 -12.62 81.18
CA UNK H 162 -70.67 -11.67 81.87
C UNK H 162 -71.48 -10.70 82.75
N UNK H 163 -70.83 -10.27 83.83
CA UNK H 163 -71.38 -9.35 84.81
C UNK H 163 -70.53 -8.08 84.99
N UNK H 164 -71.21 -6.93 85.08
CA UNK H 164 -70.59 -5.67 85.48
C UNK H 164 -71.30 -5.11 86.69
N UNK H 165 -70.56 -4.78 87.75
CA UNK H 165 -71.16 -4.15 88.93
C UNK H 165 -70.81 -2.68 88.95
N UNK H 166 -71.84 -1.84 89.04
CA UNK H 166 -71.70 -0.40 88.97
C UNK H 166 -72.16 0.13 90.31
N UNK H 167 -71.23 0.74 91.04
CA UNK H 167 -71.52 1.31 92.35
C UNK H 167 -71.72 2.80 92.21
N UNK H 168 -72.98 3.21 92.32
CA UNK H 168 -73.38 4.56 92.00
C UNK H 168 -73.29 5.52 93.20
N UNK H 169 -73.35 6.80 92.89
CA UNK H 169 -73.36 7.87 93.89
C UNK H 169 -72.12 7.87 94.76
N UNK H 170 -70.97 7.74 94.11
CA UNK H 170 -69.69 7.63 94.82
C UNK H 170 -69.34 8.94 95.55
N UNK H 171 -70.07 10.02 95.27
CA UNK H 171 -69.86 11.22 96.04
C UNK H 171 -70.25 10.98 97.49
N UNK H 172 -70.96 9.89 97.78
CA UNK H 172 -71.37 9.59 99.15
C UNK H 172 -70.23 8.98 99.99
N UNK H 173 -69.15 8.59 99.32
CA UNK H 173 -67.93 8.21 100.05
C UNK H 173 -67.44 9.36 100.92
N UNK H 174 -67.40 10.55 100.33
CA UNK H 174 -67.00 11.73 101.08
C UNK H 174 -67.98 12.01 102.20
N UNK H 175 -69.24 11.72 101.96
CA UNK H 175 -70.24 11.87 103.00
C UNK H 175 -69.96 10.95 104.21
N UNK H 176 -69.60 9.70 103.93
CA UNK H 176 -69.31 8.74 104.99
C UNK H 176 -68.02 9.13 105.74
N UNK H 177 -67.05 9.67 105.03
CA UNK H 177 -65.85 10.14 105.69
C UNK H 177 -66.18 11.25 106.69
N UNK H 178 -67.02 12.19 106.30
CA UNK H 178 -67.22 13.38 107.13
C UNK H 178 -68.32 13.24 108.19
N UNK H 179 -69.28 12.36 108.01
CA UNK H 179 -70.37 12.22 108.98
C UNK H 179 -70.39 10.88 109.69
N UNK H 180 -69.69 9.87 109.19
CA UNK H 180 -69.67 8.58 109.85
C UNK H 180 -68.25 8.11 110.19
N UNK H 181 -67.28 9.02 110.09
CA UNK H 181 -65.93 8.74 110.51
C UNK H 181 -65.18 7.68 109.71
N UNK H 182 -65.60 7.42 108.48
CA UNK H 182 -64.94 6.39 107.66
C UNK H 182 -63.53 6.87 107.30
N UNK H 183 -62.56 5.96 107.38
CA UNK H 183 -61.18 6.24 107.03
C UNK H 183 -60.88 5.64 105.68
N UNK H 184 -59.78 6.08 105.06
CA UNK H 184 -59.41 5.57 103.72
C UNK H 184 -59.39 4.06 103.72
N UNK H 185 -58.87 3.47 104.79
CA UNK H 185 -58.67 2.03 104.83
C UNK H 185 -60.00 1.26 104.85
N UNK H 186 -61.09 1.88 105.31
CA UNK H 186 -62.40 1.22 105.29
C UNK H 186 -62.95 1.13 103.87
N UNK H 187 -62.78 2.21 103.09
CA UNK H 187 -63.13 2.13 101.66
C UNK H 187 -62.31 1.04 100.97
N UNK H 188 -61.04 0.92 101.33
CA UNK H 188 -60.21 -0.09 100.69
C UNK H 188 -60.67 -1.53 101.03
N UNK H 189 -61.17 -1.74 102.25
CA UNK H 189 -61.60 -3.07 102.67
C UNK H 189 -62.85 -3.46 101.91
N UNK H 190 -63.79 -2.53 101.77
CA UNK H 190 -64.94 -2.73 100.89
C UNK H 190 -64.47 -3.18 99.52
N UNK H 191 -63.49 -2.46 99.00
CA UNK H 191 -62.95 -2.77 97.69
C UNK H 191 -62.32 -4.16 97.64
N UNK H 192 -61.53 -4.51 98.64
CA UNK H 192 -60.96 -5.85 98.69
C UNK H 192 -62.04 -6.95 98.72
N UNK H 193 -63.07 -6.77 99.54
CA UNK H 193 -64.20 -7.72 99.55
C UNK H 193 -64.89 -7.82 98.17
N UNK H 194 -65.20 -6.69 97.55
CA UNK H 194 -65.90 -6.71 96.27
C UNK H 194 -65.04 -7.33 95.17
N UNK H 195 -63.76 -6.97 95.10
CA UNK H 195 -62.87 -7.50 94.09
C UNK H 195 -62.76 -9.02 94.21
N UNK H 196 -62.71 -9.51 95.44
CA UNK H 196 -62.53 -10.94 95.66
C UNK H 196 -63.71 -11.77 95.18
N UNK H 197 -64.94 -11.36 95.51
CA UNK H 197 -66.08 -12.21 95.12
C UNK H 197 -66.29 -12.08 93.60
N UNK H 198 -66.13 -10.86 93.07
CA UNK H 198 -66.41 -10.57 91.65
C UNK H 198 -65.40 -11.27 90.74
N UNK H 199 -64.19 -11.46 91.25
CA UNK H 199 -63.15 -12.20 90.55
C UNK H 199 -63.61 -13.59 90.18
N UNK H 200 -64.41 -14.20 91.04
CA UNK H 200 -64.90 -15.56 90.81
C UNK H 200 -65.85 -15.64 89.62
N UNK H 201 -66.47 -14.50 89.30
CA UNK H 201 -67.44 -14.45 88.17
C UNK H 201 -66.83 -13.86 86.90
N UNK H 202 -65.54 -13.58 86.95
CA UNK H 202 -64.87 -12.83 85.90
C UNK H 202 -65.41 -11.40 85.73
N UNK H 203 -66.01 -10.86 86.77
CA UNK H 203 -66.81 -9.64 86.63
C UNK H 203 -66.01 -8.33 86.79
N UNK H 204 -66.52 -7.27 86.19
CA UNK H 204 -65.96 -5.95 86.34
C UNK H 204 -66.62 -5.16 87.49
N UNK H 205 -65.93 -4.11 87.91
CA UNK H 205 -66.36 -3.23 88.99
C UNK H 205 -66.02 -1.79 88.65
N UNK H 206 -66.98 -0.89 88.80
CA UNK H 206 -66.72 0.52 88.52
C UNK H 206 -67.59 1.39 89.43
N UNK H 207 -66.98 2.47 89.90
CA UNK H 207 -67.69 3.46 90.70
C UNK H 207 -68.01 4.63 89.80
N UNK H 208 -69.19 5.19 89.96
CA UNK H 208 -69.59 6.37 89.24
C UNK H 208 -70.20 7.42 90.17
N UNK H 209 -70.13 8.65 89.70
CA UNK H 209 -70.78 9.80 90.33
C UNK H 209 -71.66 10.54 89.28
N UNK H 210 -72.90 10.91 89.64
CA UNK H 210 -73.72 11.62 88.64
C UNK H 210 -73.01 12.85 88.08
N UNK H 211 -73.05 13.00 86.76
CA UNK H 211 -72.44 14.12 86.06
C UNK H 211 -70.91 14.14 85.99
N UNK H 212 -70.21 13.15 86.55
CA UNK H 212 -68.74 13.09 86.50
C UNK H 212 -68.38 12.08 85.42
N UNK H 213 -67.66 12.53 84.37
CA UNK H 213 -67.34 11.58 83.30
C UNK H 213 -66.53 10.38 83.80
N UNK H 214 -66.76 9.20 83.22
CA UNK H 214 -66.08 7.98 83.69
C UNK H 214 -65.76 7.08 82.51
N UNK H 215 -65.16 5.93 82.80
CA UNK H 215 -64.94 4.91 81.78
C UNK H 215 -66.13 3.94 81.60
N UNK H 216 -67.28 4.32 82.15
CA UNK H 216 -68.43 3.42 82.08
C UNK H 216 -68.80 3.06 80.62
N UNK H 217 -68.96 4.07 79.71
CA UNK H 217 -69.26 3.72 78.32
C UNK H 217 -68.24 2.74 77.74
N UNK H 218 -66.94 3.02 77.87
CA UNK H 218 -65.93 2.12 77.28
C UNK H 218 -65.99 0.70 77.84
N UNK H 219 -66.13 0.60 79.16
CA UNK H 219 -66.25 -0.70 79.85
C UNK H 219 -67.47 -1.52 79.39
N UNK H 220 -68.58 -0.84 79.13
CA UNK H 220 -69.79 -1.51 78.67
C UNK H 220 -69.59 -2.03 77.25
N UNK H 221 -69.06 -1.19 76.37
CA UNK H 221 -68.79 -1.58 74.99
C UNK H 221 -67.78 -2.72 74.91
N UNK H 222 -66.74 -2.62 75.72
CA UNK H 222 -65.65 -3.60 75.73
C UNK H 222 -65.91 -4.87 76.55
N UNK H 223 -66.51 -4.72 77.73
CA UNK H 223 -66.74 -5.86 78.62
C UNK H 223 -68.15 -6.45 78.61
N UNK H 224 -69.14 -5.67 78.16
CA UNK H 224 -70.53 -6.13 78.16
C UNK H 224 -71.13 -6.44 76.80
N UNK H 225 -71.07 -5.48 75.89
CA UNK H 225 -71.71 -5.61 74.59
C UNK H 225 -70.84 -6.04 73.41
N UNK H 226 -69.57 -6.34 73.68
CA UNK H 226 -68.67 -6.79 72.64
C UNK H 226 -68.68 -5.90 71.39
N UNK H 227 -68.73 -4.65 71.52
CA UNK H 227 -68.79 -3.60 70.52
C UNK H 227 -67.35 -3.12 70.20
N UNK H 228 -66.99 -3.24 68.93
CA UNK H 228 -65.62 -3.05 68.46
C UNK H 228 -65.51 -1.72 67.74
N UNK H 229 -64.76 -0.80 68.34
CA UNK H 229 -64.46 0.45 67.67
C UNK H 229 -63.62 0.22 66.40
N UNK H 230 -63.92 0.96 65.33
CA UNK H 230 -63.09 0.93 64.12
C UNK H 230 -62.06 2.09 64.11
N UNK H 231 -61.99 2.84 65.21
CA UNK H 231 -61.12 4.00 65.29
C UNK H 231 -60.22 4.08 66.53
N UNK H 232 -60.64 3.47 67.63
CA UNK H 232 -59.95 3.66 68.93
C UNK H 232 -59.33 2.36 69.37
N UNK H 233 -58.06 2.42 69.74
CA UNK H 233 -57.37 1.26 70.30
C UNK H 233 -56.87 1.48 71.75
N UNK H 234 -57.20 2.60 72.37
CA UNK H 234 -56.84 2.85 73.76
C UNK H 234 -57.55 1.86 74.68
N UNK H 235 -56.80 1.07 75.47
CA UNK H 235 -57.54 0.16 76.36
C UNK H 235 -58.17 0.87 77.57
N UNK H 236 -58.29 0.21 78.72
CA UNK H 236 -58.74 0.90 79.92
C UNK H 236 -57.79 0.60 81.03
N UNK H 237 -57.85 1.36 82.10
CA UNK H 237 -57.00 1.12 83.25
C UNK H 237 -57.89 1.26 84.46
N UNK H 238 -57.32 0.89 85.61
CA UNK H 238 -58.04 1.06 86.89
C UNK H 238 -57.22 1.93 87.80
N UNK H 239 -57.88 2.90 88.45
CA UNK H 239 -57.31 3.87 89.40
C UNK H 239 -58.10 3.59 90.71
N UNK H 240 -57.43 3.61 91.85
CA UNK H 240 -58.15 3.41 93.09
C UNK H 240 -58.62 4.73 93.67
N UNK H 241 -59.94 4.91 93.67
CA UNK H 241 -60.52 6.10 94.28
C UNK H 241 -61.97 6.30 93.84
N UNK H 242 -62.81 7.03 94.75
CA UNK H 242 -64.16 7.20 94.22
C UNK H 242 -64.23 7.01 92.71
N UNK H 243 -63.12 6.63 92.10
CA UNK H 243 -63.04 6.39 90.65
C UNK H 243 -62.55 4.98 90.28
N UNK H 244 -62.93 4.03 91.11
CA UNK H 244 -62.51 2.66 90.91
C UNK H 244 -62.95 2.16 89.55
N UNK H 245 -62.03 1.47 88.87
CA UNK H 245 -62.31 0.78 87.62
C UNK H 245 -61.53 -0.52 87.62
N UNK H 246 -62.24 -1.64 87.65
CA UNK H 246 -61.66 -2.97 87.63
C UNK H 246 -62.24 -3.74 86.44
N UNK H 247 -61.52 -3.73 85.31
CA UNK H 247 -61.99 -4.44 84.13
C UNK H 247 -61.85 -5.94 84.29
N UNK H 248 -62.60 -6.72 83.52
CA UNK H 248 -62.47 -8.18 83.57
C UNK H 248 -61.07 -8.62 83.23
N UNK H 249 -60.68 -9.77 83.78
CA UNK H 249 -59.44 -10.47 83.42
C UNK H 249 -58.19 -9.62 83.67
N UNK H 250 -58.29 -8.68 84.61
CA UNK H 250 -57.16 -7.87 85.03
C UNK H 250 -56.75 -8.27 86.47
N UNK H 251 -57.72 -8.37 87.36
CA UNK H 251 -57.44 -8.55 88.79
C UNK H 251 -56.94 -9.96 89.11
N UNK H 252 -56.45 -10.11 90.33
CA UNK H 252 -55.91 -11.36 90.84
C UNK H 252 -55.82 -11.28 92.37
N UNK H 253 -55.71 -12.42 93.02
CA UNK H 253 -55.47 -12.40 94.45
C UNK H 253 -54.21 -11.64 94.83
N UNK H 254 -53.16 -11.81 94.04
CA UNK H 254 -51.89 -11.15 94.31
C UNK H 254 -52.10 -9.64 94.41
N UNK H 255 -52.91 -9.11 93.51
CA UNK H 255 -53.19 -7.69 93.46
C UNK H 255 -54.09 -7.26 94.62
N UNK H 256 -55.16 -8.00 94.82
CA UNK H 256 -56.08 -7.70 95.91
C UNK H 256 -55.39 -7.67 97.27
N UNK H 257 -54.53 -8.66 97.53
CA UNK H 257 -53.87 -8.81 98.83
C UNK H 257 -52.97 -7.63 99.24
N UNK H 258 -52.39 -6.92 98.26
CA UNK H 258 -51.44 -5.84 98.58
C UNK H 258 -52.11 -4.48 98.78
N UNK H 259 -53.38 -4.34 98.47
CA UNK H 259 -54.04 -3.05 98.61
C UNK H 259 -53.89 -2.54 100.05
N UNK H 260 -54.22 -3.42 101.00
CA UNK H 260 -54.01 -3.21 102.44
C UNK H 260 -53.72 -4.55 103.07
N UNK H 261 -52.97 -4.51 104.15
CA UNK H 261 -52.60 -5.73 104.86
C UNK H 261 -53.79 -6.30 105.65
N UNK H 262 -53.66 -7.56 106.07
CA UNK H 262 -54.65 -8.20 106.93
C UNK H 262 -55.89 -8.72 106.26
N UNK H 263 -55.87 -8.86 104.94
CA UNK H 263 -57.07 -9.31 104.23
C UNK H 263 -56.89 -10.74 103.76
N UNK H 264 -57.65 -11.62 104.38
CA UNK H 264 -57.60 -13.05 104.08
C UNK H 264 -58.40 -13.34 102.82
N UNK H 265 -57.76 -13.16 101.67
CA UNK H 265 -58.42 -13.26 100.38
C UNK H 265 -59.08 -14.62 100.20
N UNK H 266 -58.33 -15.67 100.53
CA UNK H 266 -58.82 -17.02 100.33
C UNK H 266 -60.02 -17.33 101.22
N UNK H 267 -60.00 -16.85 102.46
CA UNK H 267 -61.14 -17.07 103.34
C UNK H 267 -62.40 -16.42 102.76
N UNK H 268 -62.25 -15.20 102.24
CA UNK H 268 -63.38 -14.47 101.69
C UNK H 268 -63.86 -15.14 100.39
N UNK H 269 -62.93 -15.66 99.60
CA UNK H 269 -63.31 -16.33 98.35
C UNK H 269 -64.10 -17.62 98.67
N UNK H 270 -63.63 -18.38 99.66
CA UNK H 270 -64.33 -19.60 100.08
C UNK H 270 -65.70 -19.32 100.73
N UNK H 271 -65.76 -18.25 101.51
CA UNK H 271 -67.02 -17.79 102.06
C UNK H 271 -68.07 -17.46 101.00
N UNK H 272 -67.63 -17.12 99.79
CA UNK H 272 -68.57 -16.78 98.71
C UNK H 272 -69.10 -18.07 98.08
N UNK H 273 -68.30 -19.13 98.11
CA UNK H 273 -68.79 -20.46 97.77
C UNK H 273 -69.86 -20.91 98.73
N UNK H 274 -69.62 -20.70 100.02
CA UNK H 274 -70.62 -21.02 101.02
C UNK H 274 -71.93 -20.25 100.72
N UNK H 275 -71.81 -18.94 100.46
CA UNK H 275 -72.98 -18.10 100.21
C UNK H 275 -73.81 -18.51 98.98
N UNK H 276 -73.15 -18.92 97.90
CA UNK H 276 -73.85 -19.21 96.65
C UNK H 276 -74.25 -20.65 96.53
N UNK H 277 -73.83 -21.51 97.45
CA UNK H 277 -74.33 -22.88 97.49
C UNK H 277 -75.53 -22.91 98.46
N UNK H 278 -76.61 -22.23 98.05
CA UNK H 278 -77.83 -22.12 98.83
C UNK H 278 -79.05 -22.00 97.93
N UNK H 279 -80.21 -22.52 98.38
CA UNK H 279 -81.44 -22.46 97.58
C UNK H 279 -82.01 -21.02 97.47
N UNK H 280 -81.74 -20.10 98.42
CA UNK H 280 -81.23 -20.33 99.76
C UNK H 280 -82.36 -20.81 100.66
N UNK H 281 -81.99 -21.15 101.90
CA UNK H 281 -82.90 -21.70 102.92
C UNK H 281 -83.08 -20.73 104.11
N UNK H 282 -82.54 -21.09 105.28
CA UNK H 282 -82.61 -20.28 106.51
C UNK H 282 -81.24 -19.72 107.02
N UNK H 283 -81.31 -18.88 108.00
CA UNK H 283 -80.12 -18.24 108.61
C UNK H 283 -78.84 -18.32 107.77
N UNK H 284 -77.87 -17.46 108.10
CA UNK H 284 -76.62 -17.35 107.36
C UNK H 284 -75.67 -18.52 107.67
N UNK H 285 -75.17 -19.22 106.64
CA UNK H 285 -74.36 -20.42 106.87
C UNK H 285 -72.95 -20.12 107.41
N UNK H 286 -72.41 -21.07 108.17
CA UNK H 286 -71.06 -20.95 108.70
C UNK H 286 -70.05 -20.66 107.60
N UNK H 287 -69.21 -19.64 107.80
CA UNK H 287 -68.18 -19.26 106.86
C UNK H 287 -68.60 -18.25 105.82
N UNK H 288 -69.85 -17.80 105.89
CA UNK H 288 -70.44 -16.89 104.93
C UNK H 288 -69.62 -15.61 104.75
N UNK H 289 -69.40 -15.23 103.50
CA UNK H 289 -68.71 -13.97 103.24
C UNK H 289 -69.66 -12.76 103.42
N UNK H 290 -70.97 -12.95 103.21
CA UNK H 290 -71.92 -11.88 103.57
C UNK H 290 -71.73 -11.50 105.06
N UNK H 291 -71.53 -12.50 105.92
CA UNK H 291 -71.38 -12.25 107.36
C UNK H 291 -70.04 -11.56 107.61
N UNK H 292 -68.99 -12.04 106.94
CA UNK H 292 -67.66 -11.46 107.07
C UNK H 292 -67.71 -10.00 106.64
N UNK H 293 -68.39 -9.74 105.54
CA UNK H 293 -68.51 -8.37 105.03
C UNK H 293 -69.26 -7.48 106.00
N UNK H 294 -70.41 -8.00 106.46
CA UNK H 294 -71.29 -7.21 107.34
C UNK H 294 -70.74 -6.98 108.74
N UNK H 295 -69.81 -7.84 109.16
CA UNK H 295 -69.05 -7.58 110.39
C UNK H 295 -68.04 -6.45 110.16
N UNK I 1 -224.27 49.22 192.20
CA UNK I 1 -224.17 50.67 192.31
C UNK I 1 -224.49 51.34 190.98
N UNK I 2 -224.16 50.65 189.90
CA UNK I 2 -224.36 51.20 188.57
C UNK I 2 -225.85 51.43 188.31
N UNK I 3 -226.68 50.48 188.68
CA UNK I 3 -228.10 50.60 188.44
C UNK I 3 -228.67 51.80 189.17
N UNK I 4 -228.23 51.97 190.42
CA UNK I 4 -228.67 53.09 191.24
C UNK I 4 -228.22 54.42 190.64
N UNK I 5 -226.98 54.46 190.15
CA UNK I 5 -226.49 55.69 189.55
C UNK I 5 -227.32 56.02 188.32
N UNK I 6 -227.65 54.99 187.55
CA UNK I 6 -228.43 55.19 186.34
C UNK I 6 -229.79 55.73 186.69
N UNK I 7 -230.37 55.19 187.76
CA UNK I 7 -231.69 55.60 188.22
C UNK I 7 -231.65 57.06 188.64
N UNK I 8 -230.57 57.43 189.31
CA UNK I 8 -230.42 58.80 189.76
C UNK I 8 -230.36 59.72 188.56
N UNK I 9 -229.60 59.31 187.55
CA UNK I 9 -229.47 60.16 186.37
C UNK I 9 -230.83 60.31 185.73
N UNK I 10 -231.58 59.22 185.67
CA UNK I 10 -232.89 59.23 185.04
C UNK I 10 -233.83 60.16 185.78
N UNK I 11 -233.80 60.11 187.11
CA UNK I 11 -234.65 60.94 187.92
C UNK I 11 -234.31 62.40 187.69
N UNK I 12 -233.03 62.71 187.55
CA UNK I 12 -232.66 64.11 187.38
C UNK I 12 -233.30 64.66 186.11
N UNK I 13 -233.23 63.89 185.03
CA UNK I 13 -233.89 64.28 183.78
C UNK I 13 -235.41 64.30 183.91
N UNK I 14 -235.96 63.15 184.27
CA UNK I 14 -237.41 62.99 184.39
C UNK I 14 -238.03 63.76 185.55
N UNK I 15 -237.36 63.68 186.70
CA UNK I 15 -237.94 64.20 187.94
C UNK I 15 -236.96 65.03 188.76
N UNK I 16 -236.71 66.26 188.36
CA UNK I 16 -235.90 67.12 189.20
C UNK I 16 -236.67 67.28 190.49
N UNK I 17 -235.99 67.17 191.62
CA UNK I 17 -236.65 67.25 192.91
C UNK I 17 -237.46 68.53 193.02
N UNK I 18 -238.61 68.44 193.66
CA UNK I 18 -239.39 69.64 193.92
C UNK I 18 -238.50 70.49 194.81
N UNK I 19 -238.45 71.79 194.52
CA UNK I 19 -237.50 72.65 195.21
C UNK I 19 -238.17 73.66 196.12
N UNK I 20 -237.74 73.68 197.38
CA UNK I 20 -238.22 74.66 198.35
C UNK I 20 -237.69 76.04 197.99
N UNK I 21 -238.44 77.09 198.31
CA UNK I 21 -238.00 78.43 197.97
C UNK I 21 -237.05 78.90 199.06
N UNK I 22 -235.90 78.25 199.12
CA UNK I 22 -234.87 78.58 200.10
C UNK I 22 -233.80 79.49 199.51
N UNK I 23 -233.91 79.87 198.24
CA UNK I 23 -232.84 80.71 197.71
C UNK I 23 -231.58 79.91 197.97
N UNK I 24 -230.59 80.49 198.64
CA UNK I 24 -229.46 79.72 199.21
C UNK I 24 -228.70 78.80 198.23
N UNK I 25 -228.29 79.34 197.10
CA UNK I 25 -227.86 78.54 195.96
C UNK I 25 -226.88 77.50 196.47
N UNK I 26 -225.99 77.88 197.38
CA UNK I 26 -225.31 76.83 198.13
C UNK I 26 -226.36 75.97 198.82
N UNK I 27 -227.42 76.62 199.29
CA UNK I 27 -228.53 75.94 199.93
C UNK I 27 -229.21 74.99 198.96
N UNK I 28 -229.35 75.46 197.72
CA UNK I 28 -229.90 74.67 196.63
C UNK I 28 -229.02 73.47 196.34
N UNK I 29 -227.72 73.67 196.53
CA UNK I 29 -226.74 72.59 196.41
C UNK I 29 -226.96 71.53 197.49
N UNK I 30 -227.06 71.99 198.73
CA UNK I 30 -227.31 71.09 199.85
C UNK I 30 -228.65 70.43 199.59
N UNK I 31 -229.55 71.21 199.00
CA UNK I 31 -230.84 70.71 198.56
C UNK I 31 -230.60 69.63 197.52
N UNK I 32 -229.58 69.82 196.69
CA UNK I 32 -229.19 68.83 195.69
C UNK I 32 -228.73 67.50 196.31
N UNK I 33 -227.98 67.61 197.40
CA UNK I 33 -227.56 66.46 198.19
C UNK I 33 -228.79 65.77 198.76
N UNK I 34 -229.76 66.58 199.16
CA UNK I 34 -231.03 66.08 199.66
C UNK I 34 -231.77 65.29 198.58
N UNK I 35 -231.69 65.79 197.35
CA UNK I 35 -232.23 65.13 196.17
C UNK I 35 -231.55 63.80 195.95
N UNK I 36 -230.24 63.78 196.14
CA UNK I 36 -229.48 62.55 196.06
C UNK I 36 -229.96 61.55 197.12
N UNK I 37 -230.24 62.06 198.31
CA UNK I 37 -230.76 61.24 199.39
C UNK I 37 -232.11 60.65 199.00
N UNK I 38 -232.94 61.46 198.35
CA UNK I 38 -234.24 61.02 197.88
C UNK I 38 -234.08 59.91 196.86
N UNK I 39 -233.09 60.08 195.99
CA UNK I 39 -232.81 59.08 194.97
C UNK I 39 -232.41 57.79 195.64
N UNK I 40 -231.61 57.90 196.70
CA UNK I 40 -231.16 56.73 197.44
C UNK I 40 -232.35 56.01 198.05
N UNK I 41 -233.27 56.79 198.61
CA UNK I 41 -234.45 56.19 199.24
C UNK I 41 -235.25 55.45 198.17
N UNK I 42 -235.37 56.06 197.00
CA UNK I 42 -236.13 55.46 195.90
C UNK I 42 -235.49 54.15 195.46
N UNK I 43 -234.16 54.14 195.39
CA UNK I 43 -233.42 52.95 195.02
C UNK I 43 -233.65 51.85 196.04
N UNK I 44 -233.67 52.23 197.31
CA UNK I 44 -233.90 51.27 198.39
C UNK I 44 -235.34 50.80 198.47
N UNK I 45 -218.78 57.59 189.99
CA UNK I 45 -219.14 58.90 190.56
C UNK I 45 -219.47 60.02 189.52
N UNK I 46 -220.45 60.83 189.90
CA UNK I 46 -221.14 61.76 189.00
C UNK I 46 -221.00 63.23 189.38
N UNK I 47 -221.22 64.05 188.35
CA UNK I 47 -220.96 65.47 188.36
C UNK I 47 -222.11 66.22 187.68
N UNK I 48 -222.18 67.51 187.98
CA UNK I 48 -223.30 68.37 187.62
C UNK I 48 -222.71 69.75 187.43
N UNK I 49 -223.58 70.70 187.07
CA UNK I 49 -223.26 72.12 187.05
C UNK I 49 -224.51 72.87 187.46
N UNK I 50 -224.32 74.14 187.85
CA UNK I 50 -225.40 75.04 188.23
C UNK I 50 -225.24 76.44 187.61
N UNK I 51 -231.51 74.89 184.58
CA UNK I 51 -230.80 75.63 185.60
C UNK I 51 -229.58 74.88 186.15
N UNK I 52 -229.21 73.79 185.45
CA UNK I 52 -228.14 72.88 185.90
C UNK I 52 -227.52 71.97 184.81
N UNK I 53 -226.39 71.35 185.16
CA UNK I 53 -225.64 70.41 184.32
C UNK I 53 -225.70 69.02 185.02
N UNK I 54 -225.94 67.93 184.28
CA UNK I 54 -226.01 66.55 184.82
C UNK I 54 -224.85 65.75 184.15
N UNK I 55 -224.18 64.82 184.83
CA UNK I 55 -223.03 64.18 184.16
C UNK I 55 -222.30 63.06 184.94
N UNK I 56 -221.44 62.30 184.25
CA UNK I 56 -220.56 61.33 184.89
C UNK I 56 -219.19 61.96 185.04
N UNK I 57 -221.30 67.44 175.42
CA UNK I 57 -222.49 67.91 174.70
C UNK I 57 -223.06 69.16 175.34
N UNK I 58 -222.80 70.32 174.75
CA UNK I 58 -223.37 71.55 175.26
C UNK I 58 -222.58 72.02 176.48
N UNK I 59 -221.56 71.24 176.85
CA UNK I 59 -220.65 71.59 177.93
C UNK I 59 -219.85 72.82 177.54
N UNK I 60 -219.42 72.85 176.28
CA UNK I 60 -218.68 73.97 175.73
C UNK I 60 -219.56 75.22 175.73
N UNK I 61 -220.83 75.02 175.38
CA UNK I 61 -221.79 76.10 175.37
C UNK I 61 -221.95 76.63 176.78
N UNK I 62 -221.98 75.72 177.74
CA UNK I 62 -222.13 76.08 179.14
C UNK I 62 -220.94 76.91 179.61
N UNK I 63 -219.74 76.50 179.19
CA UNK I 63 -218.53 77.23 179.55
C UNK I 63 -218.61 78.61 178.96
N UNK I 64 -219.10 78.68 177.73
CA UNK I 64 -219.33 79.94 177.05
C UNK I 64 -220.38 80.79 177.75
N UNK I 65 -221.46 80.18 178.24
CA UNK I 65 -222.45 80.98 178.98
C UNK I 65 -222.25 80.97 180.51
N UNK I 66 -222.01 80.22 188.84
CA UNK I 66 -222.07 78.79 188.51
C UNK I 66 -221.22 77.89 189.44
N UNK I 67 -221.73 76.67 189.71
CA UNK I 67 -221.15 75.80 190.74
C UNK I 67 -221.16 74.28 190.41
N UNK I 68 -219.98 73.68 190.51
CA UNK I 68 -219.75 72.32 190.02
C UNK I 68 -219.65 71.31 191.16
N UNK I 69 -220.15 70.11 190.94
CA UNK I 69 -220.39 69.23 192.05
C UNK I 69 -219.83 67.84 191.86
N UNK I 70 -218.74 67.54 192.52
CA UNK I 70 -218.25 66.15 192.55
C UNK I 70 -218.80 65.34 193.71
N UNK I 71 -219.39 64.17 193.43
CA UNK I 71 -219.98 63.36 194.49
C UNK I 71 -219.65 61.85 194.44
N UNK I 72 -219.71 61.19 195.60
CA UNK I 72 -219.51 59.74 195.67
C UNK I 72 -218.07 59.28 195.83
N UNK I 73 -216.11 61.94 199.70
CA UNK I 73 -217.37 61.39 199.23
C UNK I 73 -218.48 62.43 199.23
N UNK I 74 -218.07 63.68 199.09
CA UNK I 74 -218.98 64.78 198.92
C UNK I 74 -218.13 65.90 198.36
N UNK I 75 -218.73 66.84 197.65
CA UNK I 75 -217.94 67.94 197.09
C UNK I 75 -218.79 69.14 196.66
N UNK I 76 -218.11 70.28 196.44
CA UNK I 76 -218.78 71.49 195.93
C UNK I 76 -217.95 72.66 195.32
N UNK I 77 -217.58 72.65 194.02
CA UNK I 77 -216.89 73.84 193.51
C UNK I 77 -217.81 75.06 193.60
N UNK I 78 -217.27 76.15 194.13
CA UNK I 78 -217.90 77.48 194.04
C UNK I 78 -216.87 78.62 193.99
N UNK I 79 -210.73 72.58 183.58
CA UNK I 79 -209.99 73.45 184.47
C UNK I 79 -209.56 72.72 185.72
N UNK I 80 -208.64 71.78 185.53
CA UNK I 80 -208.11 70.95 186.60
C UNK I 80 -207.38 71.77 187.62
N UNK I 81 -206.69 72.80 187.15
CA UNK I 81 -205.65 73.46 187.92
C UNK I 81 -206.21 73.99 189.23
N UNK I 82 -207.43 74.50 189.20
CA UNK I 82 -208.02 74.97 190.44
C UNK I 82 -208.11 73.79 191.37
N UNK I 83 -208.51 72.65 190.81
CA UNK I 83 -208.69 71.45 191.63
C UNK I 83 -207.37 71.02 192.23
N UNK I 84 -206.32 71.08 191.41
CA UNK I 84 -204.98 70.69 191.86
C UNK I 84 -204.46 71.58 192.97
N UNK I 85 -204.68 72.89 192.84
CA UNK I 85 -204.26 73.83 193.87
C UNK I 85 -205.02 73.54 195.16
N UNK I 86 -206.31 73.25 195.00
CA UNK I 86 -207.17 72.89 196.12
C UNK I 86 -206.68 71.59 196.78
N UNK I 87 -206.27 70.65 195.95
CA UNK I 87 -205.77 69.39 196.47
C UNK I 87 -204.54 69.68 197.29
N UNK I 88 -203.72 70.59 196.79
CA UNK I 88 -202.49 70.99 197.47
C UNK I 88 -202.79 71.64 198.81
N UNK I 89 -203.82 72.48 198.84
CA UNK I 89 -204.23 73.12 200.07
C UNK I 89 -204.68 72.07 201.09
N UNK I 90 -205.41 71.07 200.62
CA UNK I 90 -205.84 70.00 201.49
C UNK I 90 -204.67 69.23 202.06
N UNK I 91 -203.68 69.01 201.20
CA UNK I 91 -202.46 68.32 201.59
C UNK I 91 -201.73 69.12 202.67
N UNK I 92 -201.72 70.43 202.49
CA UNK I 92 -201.09 71.34 203.45
C UNK I 92 -201.80 71.27 204.79
N UNK I 93 -203.12 71.19 204.74
CA UNK I 93 -203.89 71.08 205.95
C UNK I 93 -203.51 69.80 206.67
N UNK I 94 -203.35 68.73 205.89
CA UNK I 94 -202.97 67.43 206.45
C UNK I 94 -201.61 67.51 207.12
N UNK I 95 -200.70 68.21 206.46
CA UNK I 95 -199.35 68.38 207.00
C UNK I 95 -199.37 69.13 208.32
N UNK I 96 -200.20 70.17 208.39
CA UNK I 96 -200.34 70.94 209.62
C UNK I 96 -200.89 70.06 210.72
N UNK I 97 -201.82 69.21 210.31
CA UNK I 97 -202.48 68.26 211.18
C UNK I 97 -201.49 67.27 211.77
N UNK I 98 -200.49 66.86 210.99
CA UNK I 98 -199.63 65.78 211.43
C UNK I 98 -198.97 66.15 212.75
N UNK I 99 -198.70 67.41 213.02
CA UNK I 99 -197.81 67.67 214.14
C UNK I 99 -198.35 66.89 215.33
N UNK I 100 -199.69 66.80 215.40
CA UNK I 100 -200.42 65.97 216.36
C UNK I 100 -201.67 65.40 215.65
N UNK I 101 -201.86 64.06 215.59
CA UNK I 101 -200.93 63.07 216.09
C UNK I 101 -200.67 62.02 215.01
N UNK I 102 -199.40 61.68 214.82
CA UNK I 102 -199.04 60.72 213.77
C UNK I 102 -198.51 59.40 214.34
N UNK I 103 -193.29 57.89 209.69
CA UNK I 103 -192.33 58.84 210.22
C UNK I 103 -191.52 59.49 209.10
N UNK I 104 -190.33 58.96 208.86
CA UNK I 104 -189.50 59.43 207.75
C UNK I 104 -190.29 59.18 206.49
N UNK I 105 -191.04 58.08 206.50
CA UNK I 105 -191.93 57.74 205.41
C UNK I 105 -193.00 58.81 205.25
N UNK I 106 -193.50 59.31 206.38
CA UNK I 106 -194.50 60.38 206.36
C UNK I 106 -193.93 61.64 205.74
N UNK I 107 -192.67 61.93 206.06
CA UNK I 107 -191.97 63.06 205.47
C UNK I 107 -191.86 62.82 203.97
N UNK I 108 -191.62 61.56 203.61
CA UNK I 108 -191.47 61.22 202.21
C UNK I 108 -192.77 61.53 201.51
N UNK I 109 -193.88 61.18 202.14
CA UNK I 109 -195.22 61.43 201.61
C UNK I 109 -195.51 62.91 201.44
N UNK I 110 -195.12 63.72 202.42
CA UNK I 110 -195.30 65.16 202.32
C UNK I 110 -194.50 65.72 201.14
N UNK I 111 -193.27 65.22 201.00
CA UNK I 111 -192.41 65.69 199.94
C UNK I 111 -193.08 65.31 198.63
N UNK I 112 -193.66 64.13 198.61
CA UNK I 112 -194.34 63.60 197.44
C UNK I 112 -195.53 64.44 197.06
N UNK I 113 -196.27 64.90 198.05
CA UNK I 113 -197.41 65.79 197.83
C UNK I 113 -196.95 67.11 197.21
N UNK I 114 -195.83 67.62 197.71
CA UNK I 114 -195.29 68.85 197.15
C UNK I 114 -194.90 68.61 195.69
N UNK I 115 -194.34 67.43 195.44
CA UNK I 115 -193.93 67.04 194.10
C UNK I 115 -195.12 66.95 193.17
N UNK I 116 -196.23 66.43 193.70
CA UNK I 116 -197.46 66.34 192.95
C UNK I 116 -197.96 67.71 192.57
N UNK I 117 -197.89 68.65 193.51
CA UNK I 117 -198.31 70.00 193.22
C UNK I 117 -197.44 70.55 192.11
N UNK I 118 -196.14 70.27 192.20
CA UNK I 118 -195.20 70.77 191.20
C UNK I 118 -195.52 70.20 189.83
N UNK I 119 -195.85 68.92 189.78
CA UNK I 119 -196.20 68.25 188.54
C UNK I 119 -197.45 68.88 187.94
N UNK I 120 -198.41 69.16 188.81
CA UNK I 120 -199.67 69.75 188.38
C UNK I 120 -199.39 71.10 187.76
N UNK I 121 -198.45 71.83 188.35
CA UNK I 121 -198.07 73.15 187.85
C UNK I 121 -197.46 73.18 186.44
N UNK I 122 -196.64 72.18 186.13
CA UNK I 122 -196.08 72.03 184.79
C UNK I 122 -197.23 71.86 183.82
N UNK I 123 -198.28 71.22 184.31
CA UNK I 123 -199.46 70.90 183.52
C UNK I 123 -200.09 72.16 182.96
N UNK I 124 -200.08 73.23 183.75
CA UNK I 124 -200.74 74.46 183.31
C UNK I 124 -200.09 74.95 182.02
N UNK I 125 -198.78 74.80 181.88
CA UNK I 125 -198.19 75.01 180.58
C UNK I 125 -198.79 73.93 179.70
N UNK J 1 -207.49 89.96 208.25
CA UNK J 1 -208.54 90.22 207.26
C UNK J 1 -209.37 88.97 207.03
N UNK J 2 -208.96 88.15 206.08
CA UNK J 2 -209.66 86.92 205.79
C UNK J 2 -209.62 86.06 207.05
N UNK J 3 -208.47 86.07 207.70
CA UNK J 3 -208.29 85.33 208.94
C UNK J 3 -209.26 85.87 209.98
N UNK J 4 -209.40 87.18 210.04
CA UNK J 4 -210.29 87.78 211.03
C UNK J 4 -211.73 87.33 210.79
N UNK J 5 -212.13 87.31 209.53
CA UNK J 5 -213.47 86.87 209.16
C UNK J 5 -213.69 85.42 209.55
N UNK J 6 -212.68 84.59 209.29
CA UNK J 6 -212.78 83.18 209.63
C UNK J 6 -212.94 83.04 211.13
N UNK J 7 -212.19 83.84 211.88
CA UNK J 7 -212.24 83.81 213.34
C UNK J 7 -213.61 84.21 213.85
N UNK J 8 -214.19 85.22 213.21
CA UNK J 8 -215.52 85.69 213.58
C UNK J 8 -216.51 84.58 213.34
N UNK J 9 -216.33 83.88 212.22
CA UNK J 9 -217.21 82.79 211.88
C UNK J 9 -217.11 81.71 212.94
N UNK J 10 -215.89 81.42 213.37
CA UNK J 10 -215.67 80.40 214.37
C UNK J 10 -216.38 80.80 215.65
N UNK J 11 -216.27 82.06 216.03
CA UNK J 11 -216.89 82.53 217.27
C UNK J 11 -218.39 82.39 217.19
N UNK J 12 -218.96 82.75 216.05
CA UNK J 12 -220.39 82.68 215.87
C UNK J 12 -220.85 81.23 215.98
N UNK J 13 -220.08 80.33 215.38
CA UNK J 13 -220.41 78.92 215.40
C UNK J 13 -220.38 78.40 216.82
N UNK J 14 -219.38 78.83 217.58
CA UNK J 14 -219.21 78.39 218.94
C UNK J 14 -220.43 78.85 219.74
N UNK J 15 -220.88 80.07 219.44
CA UNK J 15 -222.08 80.59 220.09
C UNK J 15 -223.19 80.90 219.09
N UNK J 16 -222.97 80.46 217.85
CA UNK J 16 -223.96 80.56 216.79
C UNK J 16 -224.68 79.23 216.76
N UNK J 17 -225.99 79.30 216.95
CA UNK J 17 -226.86 78.15 216.99
C UNK J 17 -227.17 77.68 215.59
N UNK J 18 -227.71 76.48 215.46
CA UNK J 18 -228.25 76.08 214.18
C UNK J 18 -229.67 76.60 214.15
N UNK J 19 -229.93 77.60 213.32
CA UNK J 19 -231.25 78.21 213.31
C UNK J 19 -232.38 77.23 212.96
N UNK J 20 -232.16 76.33 212.00
CA UNK J 20 -233.21 75.39 211.60
C UNK J 20 -232.82 73.91 211.80
N UNK J 21 -233.69 73.16 212.49
CA UNK J 21 -233.45 71.74 212.75
C UNK J 21 -234.26 70.74 211.91
N UNK J 22 -235.06 71.26 210.97
CA UNK J 22 -235.98 70.41 210.20
C UNK J 22 -235.33 69.45 209.20
N UNK J 23 -235.94 68.29 209.01
CA UNK J 23 -235.51 67.33 207.97
C UNK J 23 -234.04 66.96 208.09
N UNK J 24 -233.61 66.69 209.32
CA UNK J 24 -232.20 66.58 209.64
C UNK J 24 -231.63 65.25 209.21
N UNK J 25 -230.86 65.32 208.13
CA UNK J 25 -230.05 64.23 207.63
C UNK J 25 -228.69 64.89 207.47
N UNK J 26 -227.62 64.10 207.47
CA UNK J 26 -226.29 64.69 207.58
C UNK J 26 -226.01 65.65 206.43
N UNK J 27 -226.43 65.29 205.23
CA UNK J 27 -226.26 66.17 204.09
C UNK J 27 -227.02 67.46 204.34
N UNK J 28 -228.21 67.34 204.91
CA UNK J 28 -229.04 68.50 205.19
C UNK J 28 -228.34 69.44 206.15
N UNK J 29 -227.75 68.84 207.18
CA UNK J 29 -227.03 69.59 208.20
C UNK J 29 -225.86 70.31 207.57
N UNK J 30 -225.18 69.64 206.65
CA UNK J 30 -224.05 70.23 205.96
C UNK J 30 -224.47 71.44 205.12
N UNK J 31 -225.60 71.30 204.43
CA UNK J 31 -226.11 72.41 203.63
C UNK J 31 -226.46 73.57 204.54
N UNK J 32 -227.03 73.25 205.70
CA UNK J 32 -227.40 74.25 206.68
C UNK J 32 -226.18 74.98 207.19
N UNK J 33 -225.09 74.23 207.38
CA UNK J 33 -223.80 74.76 207.80
C UNK J 33 -223.24 75.71 206.75
N UNK J 34 -223.41 75.34 205.49
CA UNK J 34 -223.01 76.21 204.38
C UNK J 34 -223.81 77.50 204.45
N UNK J 35 -225.09 77.38 204.79
CA UNK J 35 -225.96 78.54 204.96
C UNK J 35 -225.47 79.43 206.11
N UNK J 36 -225.03 78.77 207.19
CA UNK J 36 -224.50 79.44 208.38
C UNK J 36 -223.30 80.22 207.95
N UNK J 37 -222.53 79.64 207.05
CA UNK J 37 -221.41 80.33 206.47
C UNK J 37 -221.98 81.55 205.77
N UNK J 38 -223.12 81.38 205.11
CA UNK J 38 -223.79 82.55 204.55
C UNK J 38 -223.89 83.64 205.61
N UNK J 39 -224.24 83.26 206.84
CA UNK J 39 -224.36 84.24 207.91
C UNK J 39 -223.02 84.91 208.17
N UNK J 40 -221.97 84.11 208.18
CA UNK J 40 -220.64 84.65 208.45
C UNK J 40 -220.26 85.64 207.35
N UNK J 41 -220.61 85.28 206.12
CA UNK J 41 -220.29 86.12 204.98
C UNK J 41 -221.01 87.45 205.11
N UNK J 42 -222.28 87.39 205.50
CA UNK J 42 -223.07 88.60 205.63
C UNK J 42 -222.43 89.49 206.70
N UNK J 43 -221.99 88.87 207.78
CA UNK J 43 -221.36 89.64 208.85
C UNK J 43 -220.07 90.32 208.40
N UNK J 44 -219.23 89.62 207.63
CA UNK J 44 -218.03 90.24 207.06
C UNK J 44 -218.39 91.32 206.04
N UNK J 45 -219.39 91.00 205.23
CA UNK J 45 -219.95 91.82 204.17
C UNK J 45 -218.95 92.79 203.60
N UNK J 46 -205.00 80.62 201.50
CA UNK J 46 -206.13 79.68 201.47
C UNK J 46 -206.41 79.04 202.85
N UNK J 47 -207.67 79.11 203.27
CA UNK J 47 -208.09 78.68 204.61
C UNK J 47 -208.91 77.39 204.58
N UNK J 48 -208.89 76.67 205.69
CA UNK J 48 -209.74 75.51 205.88
C UNK J 48 -210.40 75.56 207.25
N UNK J 49 -211.71 75.40 207.27
CA UNK J 49 -212.45 75.11 208.50
C UNK J 49 -212.97 73.69 208.51
N UNK J 50 -212.34 72.80 209.27
CA UNK J 50 -212.96 71.49 209.54
C UNK J 50 -214.18 71.68 210.45
N UNK J 51 -215.14 70.78 210.37
CA UNK J 51 -216.22 70.72 211.35
C UNK J 51 -216.52 69.26 211.55
N UNK J 52 -217.81 70.09 217.43
CA UNK J 52 -216.54 70.83 217.21
C UNK J 52 -216.52 71.55 215.84
N UNK J 53 -215.74 72.62 215.81
CA UNK J 53 -215.31 73.29 214.60
C UNK J 53 -213.98 73.98 214.86
N UNK J 54 -213.05 73.87 213.92
CA UNK J 54 -211.79 74.63 214.02
C UNK J 54 -211.32 75.19 212.68
N UNK J 55 -210.10 75.73 212.66
CA UNK J 55 -209.55 76.34 211.46
C UNK J 55 -208.06 76.01 211.25
N UNK J 56 -207.54 76.25 210.03
CA UNK J 56 -206.09 76.29 209.68
C UNK J 56 -205.81 77.11 208.38
N UNK J 57 -204.64 77.78 208.28
CA UNK J 57 -204.40 78.79 207.20
C UNK J 57 -203.00 78.70 206.56
N UNK J 58 -207.12 67.80 221.73
CA UNK J 58 -207.71 66.91 222.73
C UNK J 58 -209.06 66.38 222.24
N UNK J 59 -209.95 67.30 221.86
CA UNK J 59 -211.27 66.92 221.39
C UNK J 59 -211.15 66.08 220.13
N UNK J 60 -210.23 66.45 219.26
CA UNK J 60 -210.01 65.71 218.02
C UNK J 60 -209.52 64.30 218.33
N UNK J 61 -208.64 64.18 219.31
CA UNK J 61 -208.13 62.88 219.72
C UNK J 61 -209.26 62.02 220.26
N UNK J 62 -210.14 62.64 221.03
CA UNK J 62 -211.28 61.93 221.60
C UNK J 62 -212.17 61.43 220.48
N UNK J 63 -212.37 62.27 219.46
CA UNK J 63 -213.17 61.90 218.31
C UNK J 63 -212.56 60.71 217.58
N UNK J 64 -211.23 60.75 217.45
CA UNK J 64 -210.51 59.66 216.78
C UNK J 64 -210.71 58.37 217.56
N UNK J 65 -210.66 58.48 218.89
CA UNK J 65 -210.82 57.31 219.74
C UNK J 65 -212.23 56.73 219.67
N UNK J 66 -213.23 57.58 219.94
CA UNK J 66 -214.62 57.13 219.98
C UNK J 66 -214.95 56.40 218.68
N UNK J 67 -215.72 65.15 209.31
CA UNK J 67 -216.98 64.97 208.62
C UNK J 67 -217.03 65.92 207.45
N UNK J 68 -216.58 67.15 207.65
CA UNK J 68 -216.52 68.05 206.53
C UNK J 68 -215.40 69.05 206.70
N UNK J 69 -214.78 69.41 205.60
CA UNK J 69 -213.92 70.56 205.60
C UNK J 69 -214.34 71.41 204.43
N UNK J 70 -214.57 72.68 204.67
CA UNK J 70 -214.87 73.57 203.56
C UNK J 70 -213.69 74.46 203.36
N UNK J 71 -213.01 74.32 202.23
CA UNK J 71 -211.89 75.18 202.02
C UNK J 71 -212.42 76.57 201.74
N UNK J 72 -211.51 77.52 201.87
CA UNK J 72 -211.73 78.84 201.35
C UNK J 72 -210.53 79.27 200.47
N UNK J 73 -213.93 81.44 197.02
CA UNK J 73 -213.97 80.16 196.30
C UNK J 73 -213.83 78.92 197.20
N UNK J 74 -214.96 78.28 197.48
CA UNK J 74 -215.03 77.20 198.45
C UNK J 74 -215.03 75.90 197.73
N UNK J 75 -214.39 74.95 198.34
CA UNK J 75 -214.56 73.58 197.96
C UNK J 75 -215.06 72.89 199.23
N UNK J 76 -216.37 72.80 199.36
CA UNK J 76 -216.98 72.26 200.57
C UNK J 76 -217.19 70.75 200.53
N UNK J 77 -216.13 70.03 200.85
CA UNK J 77 -216.21 68.59 200.84
C UNK J 77 -216.91 68.00 202.05
N UNK J 78 -217.43 66.79 201.86
CA UNK J 78 -217.92 65.86 202.89
C UNK J 78 -217.21 64.54 202.66
N UNK J 79 -207.99 59.67 208.06
CA UNK J 79 -208.54 59.12 206.83
C UNK J 79 -207.68 59.45 205.64
N UNK J 80 -206.37 59.29 205.80
CA UNK J 80 -205.43 59.65 204.76
C UNK J 80 -205.70 58.82 203.53
N UNK J 81 -205.97 57.54 203.74
CA UNK J 81 -206.23 56.66 202.62
C UNK J 81 -207.47 57.07 201.86
N UNK J 82 -208.51 57.45 202.60
CA UNK J 82 -209.74 57.85 201.97
C UNK J 82 -209.49 59.08 201.13
N UNK J 83 -208.72 60.01 201.70
CA UNK J 83 -208.46 61.25 200.99
C UNK J 83 -207.72 60.96 199.70
N UNK J 84 -206.73 60.07 199.79
CA UNK J 84 -205.94 59.74 198.62
C UNK J 84 -206.80 59.10 197.54
N UNK J 85 -207.68 58.19 197.95
CA UNK J 85 -208.54 57.51 197.00
C UNK J 85 -209.44 58.52 196.32
N UNK J 86 -209.96 59.46 197.10
CA UNK J 86 -210.86 60.47 196.58
C UNK J 86 -210.13 61.34 195.56
N UNK J 87 -208.89 61.68 195.89
CA UNK J 87 -208.11 62.53 195.02
C UNK J 87 -207.91 61.80 193.71
N UNK J 88 -207.63 60.50 193.82
CA UNK J 88 -207.38 59.68 192.66
C UNK J 88 -208.62 59.61 191.77
N UNK J 89 -209.78 59.47 192.40
CA UNK J 89 -211.03 59.40 191.65
C UNK J 89 -211.25 60.71 190.91
N UNK J 90 -210.98 61.83 191.58
CA UNK J 90 -211.18 63.12 190.95
C UNK J 90 -210.27 63.26 189.75
N UNK J 91 -209.03 62.80 189.92
CA UNK J 91 -208.03 62.90 188.87
C UNK J 91 -208.48 62.08 187.68
N UNK J 92 -209.02 60.90 187.96
CA UNK J 92 -209.49 60.00 186.92
C UNK J 92 -210.63 60.64 186.14
N UNK J 93 -211.54 61.29 186.86
CA UNK J 93 -212.65 61.95 186.20
C UNK J 93 -212.11 63.03 185.28
N UNK J 94 -211.12 63.76 185.78
CA UNK J 94 -210.55 64.85 185.01
C UNK J 94 -209.93 64.30 183.73
N UNK J 95 -209.22 63.18 183.86
CA UNK J 95 -208.55 62.57 182.73
C UNK J 95 -209.57 62.12 181.70
N UNK J 96 -210.67 61.55 182.18
CA UNK J 96 -211.72 61.05 181.32
C UNK J 96 -212.30 62.19 180.53
N UNK J 97 -212.47 63.33 181.18
CA UNK J 97 -212.93 64.51 180.47
C UNK J 97 -212.00 64.79 179.29
N UNK J 98 -210.73 64.40 179.42
CA UNK J 98 -209.76 64.74 178.41
C UNK J 98 -210.20 64.31 177.01
N UNK J 99 -210.92 63.23 176.87
CA UNK J 99 -211.03 62.67 175.55
C UNK J 99 -211.38 63.91 174.71
N UNK J 100 -212.00 64.89 175.35
CA UNK J 100 -212.45 66.08 174.64
C UNK J 100 -211.33 66.77 173.87
N UNK J 101 -210.14 66.83 174.48
CA UNK J 101 -209.01 67.50 173.87
C UNK J 101 -209.12 69.02 174.00
N UNK J 102 -200.55 67.64 174.33
CA UNK J 102 -201.23 66.38 174.59
C UNK J 102 -200.33 65.37 175.29
N UNK J 103 -199.09 65.28 174.82
CA UNK J 103 -198.12 64.38 175.42
C UNK J 103 -197.96 64.85 176.86
N UNK J 104 -197.99 66.17 177.03
CA UNK J 104 -197.90 66.79 178.34
C UNK J 104 -199.08 66.35 179.20
N UNK J 105 -200.27 66.27 178.59
CA UNK J 105 -201.46 65.81 179.29
C UNK J 105 -201.32 64.36 179.76
N UNK J 106 -200.73 63.53 178.90
CA UNK J 106 -200.48 62.14 179.25
C UNK J 106 -199.51 62.09 180.42
N UNK J 107 -198.53 62.97 180.38
CA UNK J 107 -197.53 63.03 181.42
C UNK J 107 -198.23 63.35 182.72
N UNK J 108 -199.16 64.29 182.66
CA UNK J 108 -199.94 64.70 183.81
C UNK J 108 -200.79 63.57 184.38
N UNK J 109 -201.41 62.79 183.51
CA UNK J 109 -202.20 61.64 183.96
C UNK J 109 -201.30 60.62 184.67
N UNK J 110 -200.10 60.40 184.14
CA UNK J 110 -199.23 59.43 184.78
C UNK J 110 -198.95 59.89 186.21
N UNK J 111 -198.77 61.19 186.34
CA UNK J 111 -198.41 61.80 187.61
C UNK J 111 -199.49 61.54 188.64
N UNK J 112 -200.75 61.57 188.21
CA UNK J 112 -201.85 61.32 189.12
C UNK J 112 -201.78 59.90 189.69
N UNK J 113 -201.46 58.94 188.84
CA UNK J 113 -201.30 57.56 189.26
C UNK J 113 -200.16 57.45 190.25
N UNK J 114 -199.08 58.18 189.97
CA UNK J 114 -197.94 58.16 190.87
C UNK J 114 -198.35 58.68 192.24
N UNK J 115 -199.16 59.74 192.24
CA UNK J 115 -199.65 60.34 193.48
C UNK J 115 -200.50 59.34 194.26
N UNK J 116 -201.35 58.62 193.55
CA UNK J 116 -202.21 57.65 194.21
C UNK J 116 -201.33 56.58 194.86
N UNK J 117 -200.30 56.17 194.13
CA UNK J 117 -199.41 55.14 194.64
C UNK J 117 -198.71 55.62 195.91
N UNK J 118 -198.28 56.87 195.87
CA UNK J 118 -197.58 57.43 197.01
C UNK J 118 -198.51 57.46 198.21
N UNK J 119 -199.76 57.84 197.98
CA UNK J 119 -200.74 57.93 199.06
C UNK J 119 -200.98 56.56 199.67
N UNK J 120 -201.07 55.54 198.82
CA UNK J 120 -201.30 54.19 199.29
C UNK J 120 -200.13 53.72 200.16
N UNK J 121 -198.92 54.04 199.71
CA UNK J 121 -197.73 53.67 200.45
C UNK J 121 -197.73 54.36 201.81
N UNK J 122 -198.16 55.61 201.81
CA UNK J 122 -198.22 56.39 203.04
C UNK J 122 -199.18 55.75 204.01
N UNK J 123 -200.32 55.29 203.52
CA UNK J 123 -201.27 54.63 204.40
C UNK J 123 -200.68 53.34 204.96
N UNK J 124 -200.02 52.59 204.09
CA UNK J 124 -199.44 51.29 204.46
C UNK J 124 -198.31 51.30 205.49
N UNK K 1 -104.27 9.50 21.68
CA UNK K 1 -103.49 8.23 21.78
C UNK K 1 -103.33 7.52 20.43
N UNK K 2 -102.08 7.28 20.03
CA UNK K 2 -101.78 6.63 18.77
C UNK K 2 -101.52 5.14 18.97
N UNK K 3 -102.09 4.31 18.12
CA UNK K 3 -101.90 2.88 18.25
C UNK K 3 -101.47 2.28 16.91
N UNK K 4 -100.20 1.92 16.80
CA UNK K 4 -99.67 1.33 15.58
C UNK K 4 -100.06 -0.15 15.51
N UNK K 5 -101.14 -0.44 14.79
CA UNK K 5 -101.61 -1.81 14.67
C UNK K 5 -100.69 -2.67 13.82
N UNK K 6 -100.46 -2.27 12.58
CA UNK K 6 -99.60 -3.01 11.67
C UNK K 6 -98.72 -2.06 10.91
N UNK K 7 -97.41 -2.13 11.11
CA UNK K 7 -96.53 -1.20 10.42
C UNK K 7 -95.32 -1.86 9.78
N UNK K 8 -94.78 -1.20 8.77
CA UNK K 8 -93.61 -1.68 8.06
C UNK K 8 -92.90 -0.48 7.48
N UNK K 9 -92.29 0.32 8.34
CA UNK K 9 -91.57 1.50 7.88
C UNK K 9 -90.66 2.09 8.94
N UNK K 10 -89.70 2.88 8.47
CA UNK K 10 -88.73 3.55 9.33
C UNK K 10 -89.40 4.01 10.61
N UNK K 11 -88.72 3.80 11.73
CA UNK K 11 -89.28 4.24 13.00
C UNK K 11 -89.52 5.73 12.88
N UNK K 12 -88.60 6.42 12.21
CA UNK K 12 -88.73 7.86 12.04
C UNK K 12 -89.92 8.16 11.15
N UNK K 13 -90.05 7.39 10.09
CA UNK K 13 -91.13 7.59 9.13
C UNK K 13 -92.48 7.30 9.79
N UNK K 14 -92.51 6.39 10.76
CA UNK K 14 -93.76 6.08 11.44
C UNK K 14 -94.20 7.29 12.24
N UNK K 15 -93.28 7.85 13.00
CA UNK K 15 -93.56 9.02 13.81
C UNK K 15 -94.08 10.11 12.89
N UNK K 16 -93.34 10.32 11.82
CA UNK K 16 -93.69 11.31 10.81
C UNK K 16 -95.13 11.13 10.37
N UNK K 17 -95.53 9.86 10.24
CA UNK K 17 -96.88 9.53 9.83
C UNK K 17 -97.87 10.00 10.88
N UNK K 18 -97.70 9.52 12.12
CA UNK K 18 -98.59 9.90 13.23
C UNK K 18 -98.73 11.41 13.40
N UNK K 19 -97.62 12.13 13.32
CA UNK K 19 -97.65 13.59 13.45
C UNK K 19 -98.60 14.14 12.41
N UNK K 20 -98.25 13.94 11.15
CA UNK K 20 -99.05 14.43 10.03
C UNK K 20 -100.53 14.10 10.16
N UNK K 21 -100.82 12.90 10.65
CA UNK K 21 -102.20 12.47 10.83
C UNK K 21 -102.90 13.35 11.86
N UNK K 22 -102.25 13.55 12.99
CA UNK K 22 -102.81 14.37 14.05
C UNK K 22 -103.15 15.74 13.48
N UNK K 23 -102.17 16.40 12.87
CA UNK K 23 -102.44 17.72 12.30
C UNK K 23 -103.60 17.70 11.33
N UNK K 24 -103.66 16.67 10.51
CA UNK K 24 -104.74 16.55 9.55
C UNK K 24 -106.08 16.55 10.27
N UNK K 25 -106.18 15.71 11.28
CA UNK K 25 -107.40 15.58 12.08
C UNK K 25 -107.88 16.86 12.73
N UNK K 26 -106.99 17.83 12.93
CA UNK K 26 -107.37 19.08 13.55
C UNK K 26 -107.35 20.22 12.56
N UNK K 27 -107.56 19.89 11.29
CA UNK K 27 -107.60 20.90 10.25
C UNK K 27 -108.82 20.60 9.40
N UNK K 28 -109.20 19.33 9.36
CA UNK K 28 -110.36 18.88 8.58
C UNK K 28 -111.21 17.92 9.37
N UNK K 29 -112.50 17.88 9.01
CA UNK K 29 -113.45 16.99 9.67
C UNK K 29 -113.86 15.89 8.70
N UNK K 30 -113.73 16.18 7.40
CA UNK K 30 -114.10 15.20 6.38
C UNK K 30 -112.96 14.22 6.18
N UNK K 31 -113.24 12.93 6.34
CA UNK K 31 -112.21 11.90 6.17
C UNK K 31 -111.47 12.07 4.87
N UNK K 32 -112.23 12.23 3.78
CA UNK K 32 -111.69 12.42 2.45
C UNK K 32 -110.56 13.47 2.44
N UNK K 33 -110.78 14.58 3.13
CA UNK K 33 -109.77 15.64 3.18
C UNK K 33 -108.65 15.25 4.11
N UNK K 34 -108.97 14.46 5.12
CA UNK K 34 -107.96 14.02 6.09
C UNK K 34 -106.91 13.25 5.29
N UNK K 35 -107.39 12.29 4.50
CA UNK K 35 -106.52 11.48 3.68
C UNK K 35 -105.64 12.38 2.82
N UNK K 36 -106.27 13.22 2.02
CA UNK K 36 -105.55 14.13 1.14
C UNK K 36 -104.38 14.82 1.81
N UNK K 37 -104.61 15.38 3.00
CA UNK K 37 -103.54 16.07 3.70
C UNK K 37 -102.33 15.16 3.91
N UNK K 38 -102.59 13.96 4.42
CA UNK K 38 -101.55 12.99 4.70
C UNK K 38 -100.81 12.53 3.45
N UNK K 39 -101.58 12.03 2.47
CA UNK K 39 -101.02 11.54 1.23
C UNK K 39 -100.12 12.58 0.56
N UNK K 40 -100.51 13.84 0.63
CA UNK K 40 -99.72 14.89 0.00
C UNK K 40 -98.40 15.16 0.70
N UNK K 41 -98.34 14.94 2.00
CA UNK K 41 -97.10 15.20 2.73
C UNK K 41 -96.08 14.14 2.39
N UNK K 42 -96.55 12.91 2.23
CA UNK K 42 -95.64 11.83 1.92
C UNK K 42 -95.23 11.80 0.46
N UNK K 43 -96.01 12.40 -0.41
CA UNK K 43 -95.61 12.40 -1.79
C UNK K 43 -94.54 13.46 -1.92
N UNK K 44 -94.62 14.43 -1.03
CA UNK K 44 -93.69 15.55 -1.04
C UNK K 44 -92.36 15.23 -0.37
N UNK K 45 -92.43 14.80 0.89
CA UNK K 45 -91.25 14.50 1.68
C UNK K 45 -90.67 13.13 1.44
N UNK K 46 -91.41 12.24 0.81
CA UNK K 46 -90.89 10.89 0.59
C UNK K 46 -91.09 10.34 -0.82
N UNK K 47 -91.40 11.24 -1.76
CA UNK K 47 -91.62 10.92 -3.16
C UNK K 47 -92.91 10.18 -3.40
N UNK K 48 -93.45 10.32 -4.62
CA UNK K 48 -94.69 9.64 -4.98
C UNK K 48 -94.30 8.15 -5.09
N UNK K 49 -95.28 7.25 -5.14
CA UNK K 49 -96.72 7.57 -5.09
C UNK K 49 -97.40 6.97 -3.86
N UNK K 50 -97.89 7.82 -2.96
CA UNK K 50 -98.53 7.37 -1.72
C UNK K 50 -100.04 7.36 -1.82
N UNK K 51 -100.67 6.54 -0.99
CA UNK K 51 -102.14 6.40 -0.96
C UNK K 51 -102.60 6.36 0.49
N UNK K 52 -103.65 7.12 0.81
CA UNK K 52 -104.17 7.15 2.17
C UNK K 52 -105.67 6.91 2.28
N UNK K 53 -106.07 6.12 3.28
CA UNK K 53 -107.47 5.81 3.52
C UNK K 53 -107.74 6.13 4.96
N UNK K 54 -108.61 7.10 5.22
CA UNK K 54 -108.95 7.50 6.58
C UNK K 54 -110.42 7.23 6.91
N UNK K 55 -110.68 6.26 7.79
CA UNK K 55 -112.06 5.96 8.14
C UNK K 55 -112.28 5.36 9.53
N UNK K 56 -113.52 4.99 9.84
CA UNK K 56 -113.83 4.43 11.14
C UNK K 56 -114.37 3.02 10.99
N UNK K 57 -114.55 2.60 9.74
CA UNK K 57 -115.08 1.29 9.47
C UNK K 57 -114.79 0.83 8.05
N UNK K 58 -113.76 0.00 7.89
CA UNK K 58 -113.40 -0.49 6.55
C UNK K 58 -112.36 -1.60 6.55
N UNK K 59 -112.39 -2.42 5.50
CA UNK K 59 -111.45 -3.51 5.40
C UNK K 59 -110.73 -3.32 4.08
N UNK K 60 -109.51 -3.84 3.98
CA UNK K 60 -108.75 -3.68 2.74
C UNK K 60 -107.75 -4.78 2.52
N UNK K 61 -107.22 -4.81 1.31
CA UNK K 61 -106.23 -5.78 0.88
C UNK K 61 -105.47 -5.08 -0.24
N UNK K 62 -104.32 -4.52 0.11
CA UNK K 62 -103.50 -3.77 -0.84
C UNK K 62 -102.09 -4.32 -0.96
N UNK K 63 -101.39 -3.90 -2.00
CA UNK K 63 -100.00 -4.29 -2.22
C UNK K 63 -99.14 -3.05 -2.03
N UNK K 64 -97.92 -3.20 -1.55
CA UNK K 64 -97.05 -2.04 -1.32
C UNK K 64 -95.55 -2.36 -1.43
N UNK K 65 -94.73 -1.31 -1.50
CA UNK K 65 -93.28 -1.44 -1.57
C UNK K 65 -92.79 -1.69 -0.16
N UNK K 66 -91.73 -2.47 0.00
CA UNK K 66 -91.22 -2.74 1.33
C UNK K 66 -90.95 -1.47 2.09
N UNK K 67 -91.00 -1.55 3.41
CA UNK K 67 -90.71 -0.40 4.24
C UNK K 67 -91.60 0.81 4.02
N UNK K 68 -92.62 0.67 3.19
CA UNK K 68 -93.51 1.80 2.94
C UNK K 68 -94.97 1.45 3.17
N UNK K 69 -95.28 1.12 4.41
CA UNK K 69 -96.63 0.77 4.80
C UNK K 69 -96.82 1.02 6.28
N UNK K 70 -98.06 1.31 6.66
CA UNK K 70 -98.39 1.57 8.05
C UNK K 70 -99.90 1.66 8.21
N UNK K 71 -100.42 1.03 9.26
CA UNK K 71 -101.84 1.05 9.54
C UNK K 71 -101.99 1.31 11.02
N UNK K 72 -102.12 2.58 11.37
CA UNK K 72 -102.25 2.96 12.77
C UNK K 72 -103.55 3.68 13.09
N UNK K 73 -104.06 3.48 14.29
CA UNK K 73 -105.29 4.13 14.72
C UNK K 73 -104.93 5.37 15.52
N UNK K 74 -105.73 6.41 15.35
CA UNK K 74 -105.51 7.63 16.07
C UNK K 74 -106.88 7.94 16.66
N UNK K 75 -107.07 7.46 17.88
CA UNK K 75 -108.36 7.64 18.52
C UNK K 75 -109.27 6.57 17.94
N UNK K 76 -110.47 6.98 17.55
CA UNK K 76 -111.45 6.06 16.98
C UNK K 76 -111.19 5.93 15.47
N UNK K 77 -110.41 6.86 14.94
CA UNK K 77 -110.10 6.90 13.50
C UNK K 77 -108.96 5.99 13.07
N UNK K 78 -109.15 5.30 11.94
CA UNK K 78 -108.14 4.40 11.41
C UNK K 78 -107.46 5.01 10.17
N UNK K 79 -106.13 4.94 10.11
CA UNK K 79 -105.37 5.48 8.99
C UNK K 79 -104.53 4.43 8.28
N UNK K 80 -104.74 4.33 6.97
CA UNK K 80 -104.01 3.41 6.10
C UNK K 80 -103.22 4.27 5.13
N UNK K 81 -101.90 4.21 5.23
CA UNK K 81 -101.02 5.01 4.39
C UNK K 81 -99.89 4.17 3.83
N UNK K 82 -100.02 3.74 2.59
CA UNK K 82 -98.98 2.94 1.97
C UNK K 82 -98.52 3.50 0.63
N UNK K 83 -97.36 3.02 0.20
CA UNK K 83 -96.80 3.45 -1.06
C UNK K 83 -96.80 2.33 -2.08
N UNK K 84 -97.18 2.68 -3.29
CA UNK K 84 -97.21 1.72 -4.38
C UNK K 84 -97.13 2.54 -5.66
N UNK K 85 -95.90 2.77 -6.12
CA UNK K 85 -95.70 3.53 -7.34
C UNK K 85 -96.48 2.93 -8.49
N UNK L 1 -128.83 -2.97 -9.31
CA UNK L 1 -128.28 -3.51 -8.03
C UNK L 1 -127.17 -2.63 -7.47
N UNK L 2 -126.13 -2.40 -8.28
CA UNK L 2 -125.02 -1.59 -7.84
C UNK L 2 -125.11 -0.16 -8.32
N UNK L 3 -124.40 0.73 -7.63
CA UNK L 3 -124.41 2.13 -8.01
C UNK L 3 -122.98 2.61 -8.20
N UNK L 4 -122.62 2.93 -9.43
CA UNK L 4 -121.27 3.41 -9.68
C UNK L 4 -121.21 4.88 -9.33
N UNK L 5 -120.45 5.22 -8.30
CA UNK L 5 -120.34 6.59 -7.88
C UNK L 5 -119.39 7.37 -8.76
N UNK L 6 -118.16 6.87 -8.86
CA UNK L 6 -117.13 7.52 -9.65
C UNK L 6 -116.33 6.48 -10.38
N UNK L 7 -116.05 6.68 -11.65
CA UNK L 7 -115.27 5.68 -12.38
C UNK L 7 -114.48 6.17 -13.58
N UNK L 8 -113.40 5.44 -13.87
CA UNK L 8 -112.54 5.67 -15.02
C UNK L 8 -112.09 4.26 -15.38
N UNK L 9 -112.98 3.54 -16.05
CA UNK L 9 -112.72 2.16 -16.42
C UNK L 9 -113.71 1.81 -17.52
N UNK L 10 -113.32 0.91 -18.42
CA UNK L 10 -114.22 0.52 -19.51
C UNK L 10 -115.53 -0.01 -18.93
N UNK L 11 -116.56 -0.14 -19.76
CA UNK L 11 -117.84 -0.63 -19.30
C UNK L 11 -117.80 -2.09 -18.92
N UNK L 12 -117.17 -2.90 -19.76
CA UNK L 12 -117.10 -4.33 -19.48
C UNK L 12 -116.30 -4.57 -18.21
N UNK L 13 -115.21 -3.84 -18.03
CA UNK L 13 -114.40 -4.00 -16.84
C UNK L 13 -115.21 -3.55 -15.61
N UNK L 14 -116.05 -2.54 -15.78
CA UNK L 14 -116.89 -2.05 -14.68
C UNK L 14 -117.86 -3.16 -14.31
N UNK L 15 -118.49 -3.75 -15.32
CA UNK L 15 -119.45 -4.83 -15.12
C UNK L 15 -118.77 -5.95 -14.36
N UNK L 16 -117.55 -6.27 -14.80
CA UNK L 16 -116.74 -7.29 -14.19
C UNK L 16 -116.50 -7.01 -12.72
N UNK L 17 -116.26 -5.74 -12.38
CA UNK L 17 -115.99 -5.37 -11.01
C UNK L 17 -117.24 -5.61 -10.16
N UNK L 18 -118.39 -5.34 -10.74
CA UNK L 18 -119.64 -5.52 -10.02
C UNK L 18 -119.87 -7.01 -9.84
N UNK L 19 -119.73 -7.76 -10.93
CA UNK L 19 -119.92 -9.19 -10.88
C UNK L 19 -119.05 -9.80 -9.80
N UNK L 20 -117.75 -9.49 -9.84
CA UNK L 20 -116.81 -10.02 -8.87
C UNK L 20 -117.20 -9.63 -7.44
N UNK L 21 -117.64 -8.39 -7.24
CA UNK L 21 -118.03 -7.94 -5.91
C UNK L 21 -119.30 -8.65 -5.45
N UNK L 22 -120.21 -8.86 -6.37
CA UNK L 22 -121.46 -9.53 -6.05
C UNK L 22 -121.18 -10.88 -5.42
N UNK L 23 -120.33 -11.66 -6.05
CA UNK L 23 -119.98 -12.97 -5.55
C UNK L 23 -119.18 -12.92 -4.26
N UNK L 24 -118.33 -11.92 -4.15
CA UNK L 24 -117.49 -11.77 -2.95
C UNK L 24 -118.37 -11.57 -1.73
N UNK L 25 -119.51 -10.92 -1.91
CA UNK L 25 -120.42 -10.67 -0.81
C UNK L 25 -121.18 -11.93 -0.44
N UNK L 26 -121.40 -12.80 -1.42
CA UNK L 26 -122.12 -14.06 -1.20
C UNK L 26 -121.28 -15.08 -0.45
N UNK L 27 -119.98 -14.83 -0.37
CA UNK L 27 -119.08 -15.76 0.28
C UNK L 27 -118.40 -15.23 1.52
N UNK L 28 -118.45 -13.92 1.75
CA UNK L 28 -117.78 -13.37 2.92
C UNK L 28 -118.59 -12.33 3.67
N UNK L 29 -118.23 -12.14 4.94
CA UNK L 29 -118.95 -11.22 5.79
C UNK L 29 -118.10 -10.06 6.24
N UNK L 30 -116.85 -10.33 6.59
CA UNK L 30 -115.95 -9.27 7.04
C UNK L 30 -115.45 -8.47 5.84
N UNK L 31 -115.37 -7.15 6.03
CA UNK L 31 -114.94 -6.25 4.98
C UNK L 31 -113.59 -6.64 4.36
N UNK L 32 -112.57 -6.81 5.19
CA UNK L 32 -111.24 -7.18 4.71
C UNK L 32 -111.21 -8.39 3.77
N UNK L 33 -112.16 -9.30 3.94
CA UNK L 33 -112.21 -10.49 3.11
C UNK L 33 -112.81 -10.24 1.76
N UNK L 34 -113.81 -9.35 1.72
CA UNK L 34 -114.48 -9.02 0.47
C UNK L 34 -113.44 -8.39 -0.45
N UNK L 35 -112.62 -7.53 0.14
CA UNK L 35 -111.57 -6.84 -0.58
C UNK L 35 -110.62 -7.84 -1.24
N UNK L 36 -110.11 -8.77 -0.44
CA UNK L 36 -109.19 -9.78 -0.92
C UNK L 36 -109.75 -10.53 -2.11
N UNK L 37 -110.99 -11.00 -2.00
CA UNK L 37 -111.56 -11.76 -3.11
C UNK L 37 -111.50 -10.92 -4.38
N UNK L 38 -111.84 -9.64 -4.24
CA UNK L 38 -111.83 -8.71 -5.36
C UNK L 38 -110.41 -8.46 -5.86
N UNK L 39 -109.55 -7.99 -4.97
CA UNK L 39 -108.14 -7.70 -5.29
C UNK L 39 -107.43 -8.86 -5.98
N UNK L 40 -107.59 -10.06 -5.45
CA UNK L 40 -106.97 -11.25 -6.01
C UNK L 40 -107.58 -11.55 -7.36
N UNK L 41 -108.89 -11.43 -7.45
CA UNK L 41 -109.55 -11.72 -8.72
C UNK L 41 -109.08 -10.82 -9.84
N UNK L 42 -108.94 -9.53 -9.54
CA UNK L 42 -108.49 -8.60 -10.56
C UNK L 42 -107.06 -8.79 -10.93
N UNK L 43 -106.21 -8.99 -9.94
CA UNK L 43 -104.78 -9.22 -10.18
C UNK L 43 -104.58 -10.34 -11.20
N UNK L 44 -105.41 -11.38 -11.10
CA UNK L 44 -105.31 -12.53 -11.99
C UNK L 44 -105.78 -12.24 -13.40
N UNK L 45 -107.04 -11.83 -13.54
CA UNK L 45 -107.62 -11.54 -14.84
C UNK L 45 -107.15 -10.26 -15.54
N UNK L 46 -106.93 -9.19 -14.78
CA UNK L 46 -106.49 -7.93 -15.39
C UNK L 46 -105.08 -7.48 -15.03
N UNK L 47 -104.29 -8.36 -14.39
CA UNK L 47 -102.89 -8.09 -14.02
C UNK L 47 -102.63 -7.19 -12.82
N UNK L 48 -101.56 -7.43 -12.06
CA UNK L 48 -101.14 -6.67 -10.86
C UNK L 48 -100.86 -5.28 -11.41
N UNK L 49 -100.85 -4.25 -10.56
CA UNK L 49 -101.14 -4.38 -9.13
C UNK L 49 -102.45 -3.66 -8.74
N UNK L 50 -103.39 -4.41 -8.16
CA UNK L 50 -104.69 -3.83 -7.75
C UNK L 50 -104.79 -3.62 -6.24
N UNK L 51 -105.71 -2.75 -5.84
CA UNK L 51 -105.93 -2.42 -4.44
C UNK L 51 -107.45 -2.30 -4.25
N UNK L 52 -107.94 -2.86 -3.13
CA UNK L 52 -109.36 -2.83 -2.82
C UNK L 52 -109.65 -2.50 -1.39
N UNK L 53 -110.56 -1.55 -1.19
CA UNK L 53 -110.97 -1.14 0.14
C UNK L 53 -112.48 -1.26 0.19
N UNK L 54 -112.97 -1.98 1.19
CA UNK L 54 -114.40 -2.19 1.36
C UNK L 54 -114.84 -1.75 2.72
N UNK L 55 -115.84 -0.88 2.77
CA UNK L 55 -116.29 -0.43 4.07
C UNK L 55 -117.58 0.36 4.04
N UNK L 56 -117.96 0.87 5.20
CA UNK L 56 -119.19 1.64 5.34
C UNK L 56 -118.85 3.05 5.78
N UNK L 57 -117.61 3.27 6.18
CA UNK L 57 -117.25 4.61 6.60
C UNK L 57 -115.79 4.91 6.42
N UNK L 58 -115.46 5.61 5.33
CA UNK L 58 -114.08 5.98 5.05
C UNK L 58 -113.91 6.98 3.91
N UNK L 59 -112.84 7.76 4.02
CA UNK L 59 -112.49 8.73 3.01
C UNK L 59 -111.23 8.19 2.35
N UNK L 60 -110.91 8.68 1.14
CA UNK L 60 -109.72 8.20 0.45
C UNK L 60 -109.11 9.24 -0.46
N UNK L 61 -107.81 9.06 -0.74
CA UNK L 61 -107.09 9.95 -1.64
C UNK L 61 -105.99 9.07 -2.24
N UNK L 62 -106.27 8.56 -3.44
CA UNK L 62 -105.35 7.66 -4.11
C UNK L 62 -104.99 8.07 -5.52
N UNK L 63 -103.85 7.58 -6.01
CA UNK L 63 -103.42 7.89 -7.36
C UNK L 63 -103.51 6.62 -8.19
N UNK L 64 -103.98 6.72 -9.42
CA UNK L 64 -104.16 5.51 -10.23
C UNK L 64 -103.81 5.56 -11.71
N UNK L 65 -103.57 4.38 -12.25
CA UNK L 65 -103.29 4.17 -13.65
C UNK L 65 -104.54 4.56 -14.40
N UNK L 66 -104.38 5.21 -15.55
CA UNK L 66 -105.54 5.60 -16.31
C UNK L 66 -106.38 4.39 -16.69
N UNK L 67 -107.68 4.61 -16.85
CA UNK L 67 -108.60 3.54 -17.23
C UNK L 67 -108.68 2.38 -16.22
N UNK L 68 -108.14 2.58 -15.03
CA UNK L 68 -108.18 1.54 -14.00
C UNK L 68 -108.53 2.07 -12.63
N UNK L 69 -109.78 2.52 -12.50
CA UNK L 69 -110.28 3.05 -11.24
C UNK L 69 -111.79 3.02 -11.19
N UNK L 70 -112.33 2.65 -10.03
CA UNK L 70 -113.77 2.60 -9.85
C UNK L 70 -114.16 2.61 -8.37
N UNK L 71 -115.18 3.41 -8.03
CA UNK L 71 -115.69 3.52 -6.67
C UNK L 71 -117.18 3.34 -6.76
N UNK L 72 -117.69 2.25 -6.18
CA UNK L 72 -119.13 2.01 -6.24
C UNK L 72 -119.73 1.46 -4.97
N UNK L 73 -121.04 1.50 -4.91
CA UNK L 73 -121.81 1.02 -3.77
C UNK L 73 -122.52 -0.26 -4.19
N UNK L 74 -122.52 -1.23 -3.29
CA UNK L 74 -123.16 -2.50 -3.54
C UNK L 74 -123.47 -3.09 -2.20
N UNK L 75 -124.68 -3.60 -2.04
CA UNK L 75 -125.07 -4.18 -0.77
C UNK L 75 -124.98 -3.10 0.30
N UNK L 76 -124.48 -3.47 1.46
CA UNK L 76 -124.37 -2.52 2.56
C UNK L 76 -122.96 -1.92 2.69
N UNK L 77 -122.19 -1.97 1.62
CA UNK L 77 -120.84 -1.41 1.66
C UNK L 77 -120.38 -0.72 0.39
N UNK L 78 -119.43 0.20 0.58
CA UNK L 78 -118.80 0.95 -0.51
C UNK L 78 -117.58 0.15 -0.94
N UNK L 79 -117.26 0.21 -2.23
CA UNK L 79 -116.11 -0.52 -2.75
C UNK L 79 -115.23 0.35 -3.62
N UNK L 80 -113.95 0.40 -3.24
CA UNK L 80 -112.92 1.17 -3.95
C UNK L 80 -111.91 0.17 -4.53
N UNK L 81 -111.79 0.15 -5.85
CA UNK L 81 -110.87 -0.75 -6.49
C UNK L 81 -110.06 0.04 -7.51
N UNK L 82 -108.75 0.01 -7.38
CA UNK L 82 -107.91 0.74 -8.33
C UNK L 82 -106.54 0.13 -8.54
N UNK L 83 -106.00 0.37 -9.73
CA UNK L 83 -104.70 -0.14 -10.10
C UNK L 83 -103.68 0.99 -9.93
N UNK L 84 -102.50 0.61 -9.44
CA UNK L 84 -101.38 1.52 -9.22
C UNK L 84 -100.15 0.65 -8.89
N UNK L 85 -99.32 0.44 -9.92
CA UNK L 85 -98.13 -0.38 -9.77
C UNK L 85 -98.33 -1.71 -10.51
N UNK M 1 -67.75 -16.28 -45.83
CA UNK M 1 -67.27 -14.93 -46.26
C UNK M 1 -67.64 -13.79 -45.31
N UNK M 2 -68.47 -14.10 -44.30
CA UNK M 2 -68.92 -13.12 -43.31
C UNK M 2 -68.24 -13.40 -41.98
N UNK M 3 -67.27 -12.57 -41.63
CA UNK M 3 -66.54 -12.75 -40.38
C UNK M 3 -67.20 -11.97 -39.26
N UNK M 4 -67.76 -12.68 -38.29
CA UNK M 4 -68.43 -12.03 -37.18
C UNK M 4 -67.51 -11.15 -36.32
N UNK M 5 -66.28 -11.60 -36.08
CA UNK M 5 -65.36 -10.80 -35.26
C UNK M 5 -65.06 -9.47 -35.91
N UNK M 6 -65.03 -9.46 -37.23
CA UNK M 6 -64.76 -8.24 -37.96
C UNK M 6 -65.86 -7.21 -37.75
N UNK M 7 -67.08 -7.59 -38.11
CA UNK M 7 -68.22 -6.70 -37.99
C UNK M 7 -68.48 -6.25 -36.56
N UNK M 8 -68.31 -7.16 -35.61
CA UNK M 8 -68.54 -6.80 -34.23
C UNK M 8 -67.65 -5.63 -33.82
N UNK M 9 -66.42 -5.67 -34.29
CA UNK M 9 -65.45 -4.62 -34.00
C UNK M 9 -65.90 -3.31 -34.63
N UNK M 10 -66.37 -3.37 -35.86
CA UNK M 10 -66.86 -2.19 -36.56
C UNK M 10 -68.05 -1.57 -35.82
N UNK M 11 -68.99 -2.41 -35.40
CA UNK M 11 -70.17 -1.97 -34.68
C UNK M 11 -69.76 -1.20 -33.44
N UNK M 12 -69.04 -1.88 -32.56
CA UNK M 12 -68.60 -1.27 -31.32
C UNK M 12 -67.92 0.07 -31.55
N UNK M 13 -67.05 0.13 -32.55
CA UNK M 13 -66.38 1.38 -32.82
C UNK M 13 -67.37 2.45 -33.20
N UNK M 14 -68.29 2.10 -34.10
CA UNK M 14 -69.31 3.03 -34.57
C UNK M 14 -70.13 3.53 -33.39
N UNK M 15 -70.39 2.66 -32.43
CA UNK M 15 -71.17 3.07 -31.26
C UNK M 15 -70.40 4.10 -30.49
N UNK M 16 -69.15 3.78 -30.15
CA UNK M 16 -68.29 4.69 -29.39
C UNK M 16 -68.08 6.04 -30.07
N UNK M 17 -67.75 5.98 -31.35
CA UNK M 17 -67.51 7.20 -32.12
C UNK M 17 -68.70 8.14 -32.09
N UNK M 18 -69.90 7.58 -32.09
CA UNK M 18 -71.12 8.39 -32.13
C UNK M 18 -71.76 8.79 -30.82
N UNK M 19 -71.93 7.84 -29.91
CA UNK M 19 -72.56 8.15 -28.64
C UNK M 19 -71.65 7.93 -27.45
N UNK M 20 -70.50 7.30 -27.68
CA UNK M 20 -69.56 7.07 -26.58
C UNK M 20 -69.20 8.35 -25.86
N UNK M 21 -69.55 8.44 -24.58
CA UNK M 21 -69.22 9.62 -23.80
C UNK M 21 -70.25 10.74 -23.84
N UNK M 22 -71.49 10.42 -24.17
CA UNK M 22 -72.53 11.44 -24.19
C UNK M 22 -73.72 10.88 -23.43
N UNK M 23 -74.67 11.75 -23.10
CA UNK M 23 -75.85 11.32 -22.37
C UNK M 23 -77.08 11.47 -23.24
N UNK M 24 -78.13 10.72 -22.94
CA UNK M 24 -79.34 10.80 -23.72
C UNK M 24 -79.87 12.23 -23.83
N UNK M 25 -80.22 12.64 -25.04
CA UNK M 25 -80.76 13.97 -25.34
C UNK M 25 -81.73 13.79 -26.50
N UNK M 26 -83.02 13.69 -26.20
CA UNK M 26 -84.04 13.48 -27.22
C UNK M 26 -83.72 13.95 -28.63
N UNK M 27 -83.61 15.27 -28.78
CA UNK M 27 -83.36 15.86 -30.08
C UNK M 27 -81.93 15.75 -30.58
N UNK M 28 -81.26 14.65 -30.26
CA UNK M 28 -79.91 14.43 -30.72
C UNK M 28 -79.75 12.97 -31.01
N UNK M 29 -80.62 12.17 -30.40
CA UNK M 29 -80.57 10.73 -30.57
C UNK M 29 -80.96 10.32 -31.99
N UNK M 30 -81.93 11.00 -32.58
CA UNK M 30 -82.30 10.61 -33.92
C UNK M 30 -81.14 10.77 -34.88
N UNK M 31 -80.29 11.75 -34.62
CA UNK M 31 -79.14 11.98 -35.46
C UNK M 31 -78.14 10.86 -35.20
N UNK M 32 -78.02 10.42 -33.94
CA UNK M 32 -77.10 9.37 -33.57
C UNK M 32 -77.40 7.99 -34.14
N UNK M 33 -78.65 7.54 -34.07
CA UNK M 33 -78.95 6.20 -34.60
C UNK M 33 -78.62 6.18 -36.08
N UNK M 34 -78.93 7.28 -36.76
CA UNK M 34 -78.65 7.37 -38.18
C UNK M 34 -77.16 7.26 -38.49
N UNK M 35 -76.34 7.95 -37.70
CA UNK M 35 -74.89 7.92 -37.89
C UNK M 35 -74.39 6.52 -37.68
N UNK M 36 -74.75 5.92 -36.56
CA UNK M 36 -74.32 4.57 -36.31
C UNK M 36 -74.65 3.67 -37.49
N UNK M 37 -75.83 3.85 -38.09
CA UNK M 37 -76.20 3.02 -39.22
C UNK M 37 -75.34 3.33 -40.43
N UNK M 38 -75.15 4.61 -40.74
CA UNK M 38 -74.31 5.02 -41.87
C UNK M 38 -72.85 4.59 -41.66
N UNK M 39 -72.34 4.84 -40.46
CA UNK M 39 -70.97 4.47 -40.11
C UNK M 39 -70.74 3.01 -40.45
N UNK M 40 -71.48 2.13 -39.79
CA UNK M 40 -71.35 0.71 -40.02
C UNK M 40 -71.54 0.36 -41.51
N UNK M 41 -72.55 0.93 -42.13
CA UNK M 41 -72.82 0.64 -43.52
C UNK M 41 -71.71 1.08 -44.49
N UNK M 42 -71.09 2.21 -44.19
CA UNK M 42 -70.00 2.73 -45.02
C UNK M 42 -68.81 1.78 -45.00
N UNK M 43 -68.38 1.45 -43.80
CA UNK M 43 -67.26 0.54 -43.62
C UNK M 43 -67.48 -0.80 -44.29
N UNK M 44 -68.68 -1.35 -44.14
CA UNK M 44 -69.00 -2.64 -44.71
C UNK M 44 -69.06 -2.70 -46.22
N UNK M 45 -69.45 -1.60 -46.84
CA UNK M 45 -69.58 -1.60 -48.28
C UNK M 45 -68.31 -1.36 -49.10
N UNK M 46 -67.28 -0.77 -48.49
CA UNK M 46 -66.03 -0.54 -49.21
C UNK M 46 -65.53 -1.79 -49.95
N UNK M 47 -65.20 -2.81 -49.16
CA UNK M 47 -64.70 -4.09 -49.66
C UNK M 47 -65.70 -4.73 -50.62
N UNK M 48 -66.17 -4.00 -51.61
CA UNK M 48 -67.17 -4.47 -52.56
C UNK M 48 -67.37 -5.98 -52.79
N UNK M 49 -67.96 -6.67 -51.81
CA UNK M 49 -68.22 -8.10 -51.88
C UNK M 49 -69.60 -8.34 -52.50
N UNK M 50 -69.85 -9.56 -53.02
CA UNK M 50 -71.15 -9.86 -53.62
C UNK M 50 -72.22 -10.10 -52.52
N UNK M 51 -72.04 -9.39 -51.41
CA UNK M 51 -72.91 -9.45 -50.24
C UNK M 51 -73.85 -8.26 -50.07
N UNK M 52 -74.99 -8.55 -49.45
CA UNK M 52 -75.98 -7.53 -49.15
C UNK M 52 -75.93 -7.35 -47.65
N UNK M 53 -76.10 -6.12 -47.19
CA UNK M 53 -76.05 -5.84 -45.77
C UNK M 53 -77.29 -5.12 -45.28
N UNK M 54 -77.73 -5.46 -44.07
CA UNK M 54 -78.88 -4.81 -43.44
C UNK M 54 -78.40 -4.36 -42.06
N UNK M 55 -78.53 -3.07 -41.78
CA UNK M 55 -78.07 -2.51 -40.50
C UNK M 55 -79.16 -1.77 -39.71
N UNK M 56 -79.39 -2.18 -38.48
CA UNK M 56 -80.41 -1.55 -37.63
C UNK M 56 -79.79 -1.10 -36.31
N UNK M 57 -80.16 0.08 -35.86
CA UNK M 57 -79.63 0.58 -34.60
C UNK M 57 -80.74 1.19 -33.78
N UNK M 58 -80.75 0.92 -32.48
CA UNK M 58 -81.76 1.49 -31.63
C UNK M 58 -81.18 1.94 -30.30
N UNK M 59 -81.61 3.10 -29.85
CA UNK M 59 -81.14 3.66 -28.60
C UNK M 59 -82.33 3.96 -27.71
N UNK M 60 -82.34 3.38 -26.51
CA UNK M 60 -83.42 3.63 -25.57
C UNK M 60 -82.86 4.34 -24.35
N UNK M 61 -83.60 5.33 -23.89
CA UNK M 61 -83.23 6.10 -22.71
C UNK M 61 -83.40 5.23 -21.45
N UNK M 62 -82.33 5.05 -20.69
CA UNK M 62 -82.42 4.27 -19.46
C UNK M 62 -83.43 4.98 -18.56
N UNK M 63 -84.48 4.25 -18.20
CA UNK M 63 -85.57 4.79 -17.39
C UNK M 63 -86.27 3.65 -16.69
N UNK M 64 -85.50 2.61 -16.34
CA UNK M 64 -86.08 1.46 -15.67
C UNK M 64 -87.12 0.71 -16.49
N UNK M 65 -87.28 1.11 -17.75
CA UNK M 65 -88.25 0.44 -18.62
C UNK M 65 -87.67 -0.88 -19.13
N UNK M 66 -88.54 -1.84 -19.44
CA UNK M 66 -88.07 -3.11 -19.95
C UNK M 66 -87.92 -3.04 -21.46
N UNK M 67 -87.01 -3.83 -22.01
CA UNK M 67 -86.78 -3.86 -23.46
C UNK M 67 -86.33 -5.25 -23.89
N UNK M 68 -87.01 -5.80 -24.91
CA UNK M 68 -86.64 -7.12 -25.38
C UNK M 68 -86.65 -7.13 -26.90
N UNK M 69 -85.64 -7.73 -27.50
CA UNK M 69 -85.58 -7.81 -28.95
C UNK M 69 -85.37 -9.26 -29.35
N UNK M 70 -85.75 -9.61 -30.57
CA UNK M 70 -85.61 -10.96 -31.09
C UNK M 70 -85.46 -10.89 -32.60
N UNK M 71 -84.68 -11.80 -33.18
CA UNK M 71 -84.50 -11.78 -34.62
C UNK M 71 -84.06 -13.12 -35.13
N UNK M 72 -84.33 -13.37 -36.41
CA UNK M 72 -83.91 -14.61 -37.00
C UNK M 72 -84.02 -14.49 -38.51
N UNK M 73 -83.54 -15.49 -39.24
CA UNK M 73 -83.55 -15.40 -40.67
C UNK M 73 -83.83 -16.71 -41.38
N UNK M 74 -84.03 -16.60 -42.69
CA UNK M 74 -84.23 -17.73 -43.57
C UNK M 74 -83.23 -17.40 -44.67
N UNK M 75 -82.02 -17.90 -44.51
CA UNK M 75 -80.98 -17.61 -45.46
C UNK M 75 -80.16 -18.85 -45.74
N UNK M 76 -78.92 -18.63 -46.16
CA UNK M 76 -77.96 -19.67 -46.43
C UNK M 76 -77.03 -19.73 -45.23
N UNK M 77 -77.21 -20.74 -44.39
CA UNK M 77 -76.40 -20.90 -43.19
C UNK M 77 -74.92 -21.06 -43.45
N UNK M 78 -74.58 -21.46 -44.66
CA UNK M 78 -73.17 -21.66 -44.98
C UNK M 78 -72.47 -20.40 -45.44
N UNK M 79 -73.23 -19.39 -45.84
CA UNK M 79 -72.62 -18.15 -46.30
C UNK M 79 -73.02 -16.91 -45.51
N UNK M 80 -74.31 -16.73 -45.29
CA UNK M 80 -74.81 -15.56 -44.57
C UNK M 80 -74.66 -15.61 -43.05
N UNK M 81 -74.31 -14.46 -42.45
CA UNK M 81 -74.13 -14.38 -41.02
C UNK M 81 -74.63 -13.08 -40.45
N UNK M 82 -74.42 -12.87 -39.14
CA UNK M 82 -74.88 -11.64 -38.49
C UNK M 82 -74.24 -11.37 -37.12
N UNK M 83 -74.30 -10.13 -36.67
CA UNK M 83 -73.73 -9.77 -35.37
C UNK M 83 -74.61 -8.72 -34.68
N UNK M 84 -75.01 -9.00 -33.44
CA UNK M 84 -75.83 -8.06 -32.68
C UNK M 84 -75.03 -7.62 -31.48
N UNK M 85 -75.00 -6.33 -31.20
CA UNK M 85 -74.23 -5.83 -30.08
C UNK M 85 -75.05 -5.05 -29.08
N UNK M 86 -74.95 -5.44 -27.81
CA UNK M 86 -75.65 -4.76 -26.72
C UNK M 86 -74.66 -3.71 -26.22
N UNK M 87 -75.16 -2.56 -25.82
CA UNK M 87 -74.27 -1.52 -25.34
C UNK M 87 -75.06 -0.65 -24.41
N UNK M 88 -74.36 0.02 -23.51
CA UNK M 88 -75.06 0.88 -22.57
C UNK M 88 -74.09 1.75 -21.79
N UNK M 89 -74.61 2.87 -21.34
CA UNK M 89 -73.83 3.78 -20.55
C UNK M 89 -74.76 4.30 -19.46
N UNK M 90 -74.35 5.36 -18.78
CA UNK M 90 -75.16 5.91 -17.71
C UNK M 90 -76.60 6.22 -18.09
N UNK M 91 -76.83 6.81 -19.25
CA UNK M 91 -78.16 7.20 -19.63
C UNK M 91 -78.95 6.44 -20.68
N UNK M 92 -78.27 5.64 -21.51
CA UNK M 92 -78.99 4.94 -22.55
C UNK M 92 -78.52 3.55 -22.93
N UNK M 93 -79.43 2.77 -23.50
CA UNK M 93 -79.14 1.41 -23.98
C UNK M 93 -79.05 1.51 -25.49
N UNK M 94 -78.20 0.68 -26.08
CA UNK M 94 -78.05 0.70 -27.52
C UNK M 94 -77.98 -0.73 -28.06
N UNK M 95 -78.62 -0.96 -29.18
CA UNK M 95 -78.57 -2.28 -29.76
C UNK M 95 -78.39 -2.11 -31.25
N UNK M 96 -77.32 -2.69 -31.79
CA UNK M 96 -77.06 -2.58 -33.19
C UNK M 96 -76.97 -3.98 -33.80
N UNK M 97 -77.46 -4.14 -35.01
CA UNK M 97 -77.42 -5.45 -35.64
C UNK M 97 -77.01 -5.28 -37.07
N UNK M 98 -76.28 -6.26 -37.56
CA UNK M 98 -75.81 -6.26 -38.93
C UNK M 98 -76.05 -7.66 -39.47
N UNK M 99 -76.54 -7.75 -40.70
CA UNK M 99 -76.81 -9.02 -41.31
C UNK M 99 -76.12 -9.03 -42.65
N UNK M 100 -75.54 -10.17 -43.02
CA UNK M 100 -74.87 -10.23 -44.30
C UNK M 100 -75.37 -11.39 -45.13
N UNK M 101 -75.77 -11.12 -46.36
CA UNK M 101 -76.25 -12.18 -47.23
C UNK M 101 -75.53 -12.11 -48.56
N UNK M 102 -75.02 -13.24 -49.02
CA UNK M 102 -74.32 -13.27 -50.29
C UNK M 102 -75.27 -13.23 -51.47
N UNK M 103 -74.68 -13.32 -52.67
CA UNK M 103 -75.40 -13.32 -53.94
C UNK M 103 -75.95 -11.91 -54.21
N UNK N 1 -91.62 -14.81 -56.46
CA UNK N 1 -92.09 -13.77 -57.41
C UNK N 1 -91.45 -12.42 -57.07
N UNK N 2 -91.95 -11.77 -56.02
CA UNK N 2 -91.44 -10.47 -55.58
C UNK N 2 -91.95 -10.08 -54.19
N UNK N 3 -91.23 -9.17 -53.54
CA UNK N 3 -91.59 -8.71 -52.20
C UNK N 3 -92.80 -7.78 -52.25
N UNK N 4 -93.91 -8.22 -51.69
CA UNK N 4 -95.14 -7.44 -51.68
C UNK N 4 -95.40 -6.82 -50.31
N UNK N 5 -95.02 -5.56 -50.16
CA UNK N 5 -95.17 -4.82 -48.92
C UNK N 5 -96.50 -5.00 -48.20
N UNK N 6 -97.61 -4.93 -48.93
CA UNK N 6 -98.93 -5.05 -48.33
C UNK N 6 -99.17 -6.39 -47.67
N UNK N 7 -98.73 -7.47 -48.29
CA UNK N 7 -98.90 -8.79 -47.72
C UNK N 7 -98.07 -8.87 -46.45
N UNK N 8 -96.78 -8.59 -46.61
CA UNK N 8 -95.88 -8.65 -45.48
C UNK N 8 -96.38 -7.85 -44.29
N UNK N 9 -96.97 -6.70 -44.56
CA UNK N 9 -97.48 -5.85 -43.49
C UNK N 9 -98.65 -6.55 -42.80
N UNK N 10 -99.40 -7.32 -43.58
CA UNK N 10 -100.55 -8.02 -43.05
C UNK N 10 -100.09 -9.14 -42.12
N UNK N 11 -99.08 -9.88 -42.55
CA UNK N 11 -98.52 -10.96 -41.76
C UNK N 11 -98.00 -10.43 -40.43
N UNK N 12 -97.37 -9.27 -40.46
CA UNK N 12 -96.84 -8.73 -39.25
C UNK N 12 -97.96 -8.35 -38.30
N UNK N 13 -98.87 -7.49 -38.76
CA UNK N 13 -99.95 -7.06 -37.90
C UNK N 13 -100.64 -8.29 -37.32
N UNK N 14 -100.87 -9.29 -38.17
CA UNK N 14 -101.52 -10.52 -37.72
C UNK N 14 -100.73 -11.11 -36.55
N UNK N 15 -99.49 -11.50 -36.83
CA UNK N 15 -98.61 -12.07 -35.83
C UNK N 15 -98.64 -11.26 -34.54
N UNK N 16 -98.52 -9.95 -34.67
CA UNK N 16 -98.52 -9.13 -33.47
C UNK N 16 -99.79 -9.34 -32.68
N UNK N 17 -100.94 -9.22 -33.35
CA UNK N 17 -102.23 -9.35 -32.68
C UNK N 17 -102.39 -10.66 -31.94
N UNK N 18 -101.96 -11.75 -32.56
CA UNK N 18 -102.05 -13.05 -31.92
C UNK N 18 -101.26 -13.10 -30.63
N UNK N 19 -99.95 -12.96 -30.77
CA UNK N 19 -99.03 -13.02 -29.66
C UNK N 19 -99.32 -12.09 -28.49
N UNK N 20 -99.37 -10.79 -28.77
CA UNK N 20 -99.58 -9.84 -27.70
C UNK N 20 -100.92 -9.13 -27.73
N UNK N 21 -101.67 -9.31 -28.81
CA UNK N 21 -102.97 -8.65 -28.90
C UNK N 21 -103.80 -8.91 -27.65
N UNK N 22 -104.06 -7.85 -26.90
CA UNK N 22 -104.86 -8.00 -25.69
C UNK N 22 -104.10 -8.57 -24.51
N UNK N 23 -102.99 -7.93 -24.15
CA UNK N 23 -102.19 -8.35 -23.01
C UNK N 23 -101.49 -7.14 -22.42
N UNK N 24 -100.78 -7.35 -21.33
CA UNK N 24 -100.06 -6.26 -20.69
C UNK N 24 -98.61 -6.67 -20.56
N UNK N 25 -97.71 -5.70 -20.65
CA UNK N 25 -96.30 -6.01 -20.53
C UNK N 25 -96.08 -6.89 -19.30
N UNK N 26 -95.33 -7.97 -19.48
CA UNK N 26 -95.01 -8.90 -18.41
C UNK N 26 -93.70 -9.58 -18.79
N UNK N 27 -92.59 -9.14 -18.18
CA UNK N 27 -91.27 -9.68 -18.47
C UNK N 27 -91.34 -11.20 -18.62
N UNK N 28 -92.32 -11.78 -17.94
CA UNK N 28 -92.54 -13.22 -17.97
C UNK N 28 -92.67 -13.74 -19.41
N UNK N 29 -93.78 -13.36 -20.05
CA UNK N 29 -94.08 -13.81 -21.41
C UNK N 29 -93.41 -13.03 -22.54
N UNK N 30 -92.82 -11.89 -22.24
CA UNK N 30 -92.17 -11.07 -23.26
C UNK N 30 -91.15 -11.81 -24.13
N UNK N 31 -90.18 -12.48 -23.52
CA UNK N 31 -89.17 -13.20 -24.27
C UNK N 31 -89.83 -14.14 -25.25
N UNK N 32 -90.85 -14.87 -24.79
CA UNK N 32 -91.53 -15.81 -25.66
C UNK N 32 -92.40 -15.13 -26.72
N UNK N 33 -92.95 -13.96 -26.41
CA UNK N 33 -93.78 -13.23 -27.36
C UNK N 33 -92.94 -12.77 -28.56
N UNK N 34 -91.94 -11.92 -28.28
CA UNK N 34 -91.07 -11.43 -29.34
C UNK N 34 -90.56 -12.59 -30.16
N UNK N 35 -90.25 -13.70 -29.49
CA UNK N 35 -89.75 -14.84 -30.22
C UNK N 35 -90.80 -15.40 -31.15
N UNK N 36 -92.02 -15.58 -30.64
CA UNK N 36 -93.11 -16.13 -31.45
C UNK N 36 -93.44 -15.24 -32.62
N UNK N 37 -93.35 -13.93 -32.40
CA UNK N 37 -93.64 -12.99 -33.48
C UNK N 37 -92.74 -13.19 -34.68
N UNK N 38 -91.44 -13.28 -34.46
CA UNK N 38 -90.56 -13.46 -35.59
C UNK N 38 -90.78 -14.82 -36.20
N UNK N 39 -90.91 -15.85 -35.36
CA UNK N 39 -91.11 -17.20 -35.84
C UNK N 39 -92.40 -17.34 -36.67
N UNK N 40 -93.47 -16.66 -36.25
CA UNK N 40 -94.72 -16.73 -37.00
C UNK N 40 -94.54 -16.11 -38.36
N UNK N 41 -94.12 -14.85 -38.39
CA UNK N 41 -93.90 -14.17 -39.67
C UNK N 41 -93.06 -15.09 -40.59
N UNK N 42 -91.94 -15.55 -40.07
CA UNK N 42 -91.07 -16.44 -40.81
C UNK N 42 -91.80 -17.66 -41.32
N UNK N 43 -92.64 -18.25 -40.47
CA UNK N 43 -93.39 -19.44 -40.85
C UNK N 43 -94.23 -19.13 -42.08
N UNK N 44 -94.97 -18.03 -42.00
CA UNK N 44 -95.84 -17.61 -43.09
C UNK N 44 -95.09 -17.23 -44.35
N UNK N 45 -94.08 -16.39 -44.20
CA UNK N 45 -93.28 -15.91 -45.34
C UNK N 45 -92.68 -17.04 -46.15
N UNK N 46 -92.02 -17.96 -45.47
CA UNK N 46 -91.39 -19.08 -46.15
C UNK N 46 -92.38 -20.00 -46.82
N UNK N 47 -93.52 -20.23 -46.17
CA UNK N 47 -94.53 -21.11 -46.73
C UNK N 47 -94.95 -20.75 -48.14
N UNK N 48 -94.90 -19.47 -48.49
CA UNK N 48 -95.29 -19.02 -49.83
C UNK N 48 -94.34 -19.48 -50.93
N UNK N 49 -93.33 -20.25 -50.55
CA UNK N 49 -92.36 -20.77 -51.52
C UNK N 49 -91.73 -19.75 -52.49
N UNK N 50 -91.71 -18.48 -52.13
CA UNK N 50 -91.11 -17.47 -53.00
C UNK N 50 -89.58 -17.57 -52.99
N UNK N 51 -88.92 -17.05 -54.03
CA UNK N 51 -87.46 -17.11 -54.12
C UNK N 51 -86.75 -16.02 -53.30
N UNK N 52 -87.05 -15.95 -52.00
CA UNK N 52 -86.45 -14.93 -51.16
C UNK N 52 -85.86 -15.37 -49.83
N UNK N 53 -84.90 -14.57 -49.36
CA UNK N 53 -84.30 -14.79 -48.06
C UNK N 53 -85.04 -13.76 -47.22
N UNK N 54 -85.34 -14.09 -45.98
CA UNK N 54 -86.05 -13.13 -45.13
C UNK N 54 -85.33 -12.91 -43.82
N UNK N 55 -85.48 -11.70 -43.28
CA UNK N 55 -84.90 -11.38 -41.98
C UNK N 55 -86.03 -10.72 -41.21
N UNK N 56 -86.28 -11.21 -40.01
CA UNK N 56 -87.36 -10.68 -39.18
C UNK N 56 -86.83 -10.29 -37.80
N UNK N 57 -87.18 -9.10 -37.34
CA UNK N 57 -86.73 -8.66 -36.02
C UNK N 57 -87.92 -8.01 -35.37
N UNK N 58 -88.02 -8.18 -34.06
CA UNK N 58 -89.12 -7.63 -33.32
C UNK N 58 -88.57 -7.14 -32.00
N UNK N 59 -89.19 -6.10 -31.47
CA UNK N 59 -88.76 -5.58 -30.19
C UNK N 59 -89.97 -5.01 -29.49
N UNK N 60 -90.05 -5.30 -28.19
CA UNK N 60 -91.13 -4.84 -27.38
C UNK N 60 -90.57 -4.05 -26.24
N UNK N 61 -91.04 -2.83 -26.08
CA UNK N 61 -90.59 -1.99 -25.00
C UNK N 61 -91.76 -1.73 -24.10
N UNK N 62 -91.53 -1.87 -22.81
CA UNK N 62 -92.57 -1.64 -21.81
C UNK N 62 -92.86 -0.15 -21.80
N UNK N 63 -94.07 0.21 -22.24
CA UNK N 63 -94.46 1.61 -22.27
C UNK N 63 -94.19 2.16 -20.89
N UNK N 64 -93.50 3.29 -20.81
CA UNK N 64 -93.17 3.84 -19.51
C UNK N 64 -92.65 5.26 -19.57
N UNK N 65 -92.87 5.92 -20.70
CA UNK N 65 -92.42 7.29 -20.86
C UNK N 65 -90.92 7.43 -21.12
N UNK N 66 -90.34 6.41 -21.73
CA UNK N 66 -88.92 6.42 -22.05
C UNK N 66 -88.77 6.73 -23.53
N UNK N 67 -87.72 7.45 -23.90
CA UNK N 67 -87.49 7.77 -25.29
C UNK N 67 -86.93 6.56 -26.03
N UNK N 68 -87.42 6.31 -27.23
CA UNK N 68 -86.96 5.19 -28.03
C UNK N 68 -86.69 5.68 -29.46
N UNK N 69 -85.57 5.27 -30.03
CA UNK N 69 -85.23 5.72 -31.38
C UNK N 69 -84.59 4.59 -32.16
N UNK N 70 -85.05 4.37 -33.38
CA UNK N 70 -84.47 3.32 -34.19
C UNK N 70 -84.22 3.84 -35.58
N UNK N 71 -83.33 3.17 -36.31
CA UNK N 71 -82.99 3.55 -37.68
C UNK N 71 -82.51 2.32 -38.43
N UNK N 72 -82.83 2.24 -39.70
CA UNK N 72 -82.36 1.11 -40.46
C UNK N 72 -82.21 1.44 -41.94
N UNK N 73 -81.18 0.89 -42.55
CA UNK N 73 -80.93 1.07 -43.97
C UNK N 73 -80.28 -0.20 -44.51
N UNK N 74 -80.14 -0.28 -45.83
CA UNK N 74 -79.58 -1.47 -46.44
C UNK N 74 -78.71 -1.17 -47.65
N UNK N 75 -77.93 -2.17 -48.04
CA UNK N 75 -77.10 -2.09 -49.23
C UNK N 75 -77.52 -3.38 -49.91
N UNK N 76 -78.44 -3.28 -50.85
CA UNK N 76 -78.98 -4.45 -51.53
C UNK N 76 -79.40 -4.11 -52.96
N UNK N 77 -80.26 -4.94 -53.52
CA UNK N 77 -80.76 -4.73 -54.87
C UNK N 77 -82.04 -3.93 -54.74
N UNK N 78 -81.95 -2.63 -54.91
CA UNK N 78 -83.12 -1.78 -54.77
C UNK N 78 -84.23 -2.10 -55.74
N UNK N 79 -83.99 -3.07 -56.60
CA UNK N 79 -84.99 -3.42 -57.58
C UNK N 79 -85.77 -4.69 -57.24
N UNK N 80 -85.12 -5.62 -56.56
CA UNK N 80 -85.76 -6.88 -56.22
C UNK N 80 -85.95 -7.09 -54.74
N UNK N 81 -85.29 -6.29 -53.91
CA UNK N 81 -85.43 -6.48 -52.48
C UNK N 81 -86.42 -5.50 -51.86
N UNK N 82 -86.86 -5.78 -50.63
CA UNK N 82 -87.83 -4.92 -49.97
C UNK N 82 -87.88 -5.08 -48.47
N UNK N 83 -88.70 -4.27 -47.82
CA UNK N 83 -88.82 -4.31 -46.37
C UNK N 83 -90.09 -3.61 -45.92
N UNK N 84 -90.53 -3.94 -44.72
CA UNK N 84 -91.72 -3.34 -44.14
C UNK N 84 -91.53 -3.30 -42.62
N UNK N 85 -91.75 -2.14 -42.05
CA UNK N 85 -91.60 -1.98 -40.61
C UNK N 85 -92.95 -1.56 -40.05
N UNK N 86 -93.48 -2.35 -39.12
CA UNK N 86 -94.77 -2.02 -38.53
C UNK N 86 -94.64 -1.58 -37.10
N UNK N 87 -95.33 -0.49 -36.76
CA UNK N 87 -95.34 0.02 -35.39
C UNK N 87 -96.67 -0.46 -34.81
N UNK N 88 -96.66 -0.87 -33.54
CA UNK N 88 -97.87 -1.35 -32.88
C UNK N 88 -97.72 -1.03 -31.42
N UNK N 89 -98.78 -0.48 -30.82
CA UNK N 89 -98.71 -0.15 -29.41
C UNK N 89 -100.07 -0.32 -28.79
N UNK N 90 -100.08 -0.41 -27.47
CA UNK N 90 -101.31 -0.55 -26.70
C UNK N 90 -101.07 0.12 -25.37
N UNK N 91 -101.94 -0.20 -24.41
CA UNK N 91 -101.87 0.35 -23.07
C UNK N 91 -100.48 0.32 -22.43
N UNK N 92 -99.84 -0.84 -22.46
CA UNK N 92 -98.54 -0.99 -21.83
C UNK N 92 -97.35 -1.37 -22.73
N UNK N 93 -97.57 -1.53 -24.02
CA UNK N 93 -96.46 -1.93 -24.88
C UNK N 93 -96.21 -1.19 -26.18
N UNK N 94 -94.93 -0.96 -26.48
CA UNK N 94 -94.54 -0.34 -27.73
C UNK N 94 -93.95 -1.52 -28.47
N UNK N 95 -94.41 -1.77 -29.68
CA UNK N 95 -93.87 -2.89 -30.42
C UNK N 95 -93.49 -2.49 -31.83
N UNK N 96 -92.27 -2.84 -32.24
CA UNK N 96 -91.82 -2.55 -33.59
C UNK N 96 -91.38 -3.85 -34.21
N UNK N 97 -91.76 -4.06 -35.46
CA UNK N 97 -91.36 -5.27 -36.17
C UNK N 97 -90.92 -4.97 -37.60
N UNK N 98 -89.94 -5.71 -38.09
CA UNK N 98 -89.47 -5.46 -39.42
C UNK N 98 -89.16 -6.75 -40.12
N UNK N 99 -89.38 -6.75 -41.43
CA UNK N 99 -89.08 -7.93 -42.20
C UNK N 99 -88.39 -7.43 -43.46
N UNK N 100 -87.27 -8.06 -43.79
CA UNK N 100 -86.49 -7.69 -44.95
C UNK N 100 -86.44 -8.87 -45.90
N UNK N 101 -86.83 -8.62 -47.15
CA UNK N 101 -86.82 -9.67 -48.14
C UNK N 101 -85.73 -9.44 -49.17
N UNK N 102 -84.77 -10.37 -49.25
CA UNK N 102 -83.69 -10.24 -50.20
C UNK N 102 -83.77 -11.39 -51.19
N UNK N 103 -83.75 -11.03 -52.47
CA UNK N 103 -83.84 -12.00 -53.54
C UNK N 103 -82.72 -13.04 -53.51
N UNK N 104 -83.03 -14.20 -54.10
CA UNK N 104 -82.12 -15.35 -54.20
C UNK N 104 -80.69 -15.01 -54.61
N UNK O 1 -79.70 -26.18 -48.92
CA UNK O 1 -79.47 -24.79 -49.39
C UNK O 1 -79.86 -23.75 -48.33
N UNK O 2 -81.14 -23.40 -48.28
CA UNK O 2 -81.63 -22.41 -47.32
C UNK O 2 -82.27 -22.99 -46.06
N UNK O 3 -81.95 -22.40 -44.91
CA UNK O 3 -82.52 -22.87 -43.66
C UNK O 3 -82.67 -21.72 -42.68
N UNK O 4 -83.18 -22.00 -41.49
CA UNK O 4 -83.36 -20.95 -40.48
C UNK O 4 -82.10 -20.77 -39.67
N UNK O 5 -82.04 -19.68 -38.92
CA UNK O 5 -80.89 -19.41 -38.10
C UNK O 5 -81.32 -19.46 -36.65
N UNK O 6 -80.41 -19.11 -35.75
CA UNK O 6 -80.72 -19.11 -34.33
C UNK O 6 -81.66 -17.96 -34.09
N UNK O 7 -82.29 -17.94 -32.92
CA UNK O 7 -83.17 -16.84 -32.60
C UNK O 7 -82.36 -16.00 -31.62
N UNK O 8 -81.68 -14.98 -32.12
CA UNK O 8 -80.91 -14.13 -31.24
C UNK O 8 -81.85 -13.25 -30.44
N UNK O 9 -81.65 -13.17 -29.12
CA UNK O 9 -82.51 -12.36 -28.29
C UNK O 9 -81.73 -11.50 -27.31
N UNK O 10 -82.23 -10.31 -27.05
CA UNK O 10 -81.58 -9.43 -26.11
C UNK O 10 -82.62 -9.13 -25.05
N UNK O 11 -82.17 -8.91 -23.82
CA UNK O 11 -83.09 -8.67 -22.73
C UNK O 11 -82.56 -7.64 -21.73
N UNK O 12 -83.34 -6.58 -21.57
CA UNK O 12 -83.00 -5.52 -20.63
C UNK O 12 -84.24 -5.54 -19.75
N UNK O 13 -84.14 -6.17 -18.57
CA UNK O 13 -85.23 -6.29 -17.60
C UNK O 13 -85.61 -4.98 -16.93
N UNK O 14 -86.89 -4.84 -16.52
CA UNK O 14 -87.34 -3.61 -15.87
C UNK O 14 -86.86 -3.64 -14.44
N UNK O 15 -86.69 -2.47 -13.82
CA UNK O 15 -86.25 -2.46 -12.44
C UNK O 15 -87.40 -3.00 -11.61
N UNK O 16 -87.06 -3.72 -10.54
CA UNK O 16 -88.07 -4.30 -9.67
C UNK O 16 -87.92 -3.78 -8.27
N UNK O 17 -89.02 -3.80 -7.52
CA UNK O 17 -89.01 -3.38 -6.14
C UNK O 17 -89.59 -4.53 -5.34
N UNK O 18 -89.14 -4.72 -4.11
CA UNK O 18 -89.68 -5.80 -3.32
C UNK O 18 -91.02 -5.31 -2.78
N UNK O 19 -92.06 -6.14 -2.93
CA UNK O 19 -93.38 -5.76 -2.48
C UNK O 19 -94.06 -6.76 -1.55
N UNK O 20 -95.16 -6.32 -0.92
CA UNK O 20 -95.95 -7.14 0.00
C UNK O 20 -97.44 -6.84 -0.16
N UNK O 21 -98.27 -7.79 0.26
CA UNK O 21 -99.71 -7.62 0.19
C UNK O 21 -100.22 -7.75 1.61
N UNK O 22 -100.81 -6.66 2.13
CA UNK O 22 -101.33 -6.62 3.49
C UNK O 22 -102.85 -6.50 3.53
N UNK O 23 -103.42 -6.75 4.69
CA UNK O 23 -104.87 -6.65 4.89
C UNK O 23 -105.12 -5.88 6.18
N UNK O 24 -106.20 -5.12 6.23
CA UNK O 24 -106.52 -4.37 7.43
C UNK O 24 -108.00 -4.53 7.69
N UNK O 25 -108.41 -4.31 8.94
CA UNK O 25 -109.81 -4.42 9.28
C UNK O 25 -110.10 -3.71 10.58
N UNK O 26 -111.08 -2.82 10.58
CA UNK O 26 -111.43 -2.09 11.79
C UNK O 26 -112.03 -3.07 12.79
N UNK O 27 -111.79 -2.83 14.09
CA UNK O 27 -112.34 -3.73 15.11
C UNK O 27 -113.84 -3.55 15.32
N UNK P 1 -75.60 -8.32 -60.84
CA UNK P 1 -76.57 -7.54 -60.01
C UNK P 1 -76.03 -6.15 -59.66
N UNK P 2 -76.96 -5.20 -59.54
CA UNK P 2 -76.65 -3.82 -59.19
C UNK P 2 -77.05 -3.54 -57.74
N UNK P 3 -76.06 -3.41 -56.87
CA UNK P 3 -76.32 -3.14 -55.46
C UNK P 3 -76.24 -1.66 -55.20
N UNK P 4 -76.96 -1.21 -54.18
CA UNK P 4 -76.97 0.20 -53.84
C UNK P 4 -77.65 0.40 -52.52
N UNK P 5 -77.63 1.64 -52.02
CA UNK P 5 -78.26 1.95 -50.75
C UNK P 5 -79.75 2.12 -50.81
N UNK P 6 -80.41 1.69 -49.74
CA UNK P 6 -81.86 1.79 -49.64
C UNK P 6 -82.20 3.12 -48.96
N UNK P 7 -83.49 3.47 -48.91
CA UNK P 7 -83.88 4.70 -48.23
C UNK P 7 -83.61 4.48 -46.73
N UNK P 8 -83.60 5.54 -45.93
CA UNK P 8 -83.37 5.36 -44.50
C UNK P 8 -84.68 5.48 -43.75
N UNK P 9 -84.93 4.55 -42.83
CA UNK P 9 -86.16 4.60 -42.07
C UNK P 9 -85.89 4.87 -40.61
N UNK P 10 -86.69 5.75 -40.01
CA UNK P 10 -86.51 6.03 -38.60
C UNK P 10 -87.81 6.07 -37.81
N UNK P 11 -87.75 5.57 -36.59
CA UNK P 11 -88.88 5.54 -35.70
C UNK P 11 -88.47 6.33 -34.47
N UNK P 12 -89.33 7.23 -34.01
CA UNK P 12 -89.01 8.05 -32.84
C UNK P 12 -90.17 8.25 -31.88
N UNK P 13 -90.13 7.54 -30.75
CA UNK P 13 -91.14 7.68 -29.71
C UNK P 13 -90.49 8.60 -28.69
N UNK P 14 -90.93 9.86 -28.64
CA UNK P 14 -90.34 10.82 -27.69
C UNK P 14 -90.63 10.48 -26.24
N UNK P 15 -89.75 10.90 -25.34
CA UNK P 15 -89.95 10.62 -23.92
C UNK P 15 -91.13 11.46 -23.45
N UNK P 16 -92.03 10.85 -22.67
CA UNK P 16 -93.21 11.55 -22.15
C UNK P 16 -93.48 11.28 -20.68
N UNK P 17 -93.90 12.34 -19.96
CA UNK P 17 -94.23 12.21 -18.54
C UNK P 17 -95.58 11.53 -18.51
N UNK P 18 -95.64 10.37 -17.87
CA UNK P 18 -96.88 9.62 -17.81
C UNK P 18 -97.94 10.44 -17.08
N UNK P 19 -99.19 10.30 -17.54
CA UNK P 19 -100.28 11.04 -16.93
C UNK P 19 -101.08 10.19 -15.96
N UNK P 20 -101.01 10.56 -14.70
CA UNK P 20 -101.73 9.83 -13.68
C UNK P 20 -102.84 10.68 -13.10
N UNK P 21 -103.84 10.01 -12.52
CA UNK P 21 -104.95 10.70 -11.90
C UNK P 21 -105.05 10.43 -10.42
N UNK P 22 -105.48 11.45 -9.69
CA UNK P 22 -105.64 11.34 -8.25
C UNK P 22 -107.10 11.56 -7.91
N UNK P 23 -107.75 10.54 -7.39
CA UNK P 23 -109.15 10.64 -7.03
C UNK P 23 -109.34 10.71 -5.53
N UNK P 24 -110.53 11.10 -5.13
CA UNK P 24 -110.88 11.20 -3.73
C UNK P 24 -112.27 10.62 -3.60
N UNK P 25 -112.50 9.79 -2.60
CA UNK P 25 -113.82 9.22 -2.42
C UNK P 25 -114.21 9.44 -0.99
N UNK P 26 -115.51 9.46 -0.72
CA UNK P 26 -116.00 9.66 0.63
C UNK P 26 -117.32 8.93 0.85
N UNK P 27 -117.42 8.22 1.95
CA UNK P 27 -118.65 7.53 2.28
C UNK P 27 -119.57 8.57 2.86
N UNK P 28 -120.86 8.47 2.53
CA UNK P 28 -121.89 9.39 3.00
C UNK P 28 -122.32 9.09 4.43
N UNK P 29 -122.90 10.09 5.08
CA UNK P 29 -123.36 9.92 6.46
C UNK P 29 -122.72 10.93 7.39
N UNK Q 1 -172.30 27.22 69.70
CA UNK Q 1 -170.85 27.31 69.69
C UNK Q 1 -170.31 28.38 70.65
N UNK Q 2 -171.03 29.48 70.85
CA UNK Q 2 -170.46 30.43 71.79
C UNK Q 2 -170.87 30.12 73.26
N UNK Q 3 -169.99 29.48 73.99
CA UNK Q 3 -170.40 29.06 75.33
C UNK Q 3 -169.66 29.80 76.44
N UNK Q 4 -169.06 30.94 76.14
CA UNK Q 4 -168.24 31.62 77.16
C UNK Q 4 -169.11 31.99 78.35
N UNK Q 5 -170.40 32.19 78.10
CA UNK Q 5 -171.33 32.59 79.15
C UNK Q 5 -171.58 31.47 80.17
N UNK Q 6 -171.40 30.21 79.77
CA UNK Q 6 -171.43 29.12 80.77
C UNK Q 6 -170.13 29.11 81.57
N UNK Q 7 -169.02 29.35 80.88
CA UNK Q 7 -167.69 29.37 81.57
C UNK Q 7 -167.70 30.47 82.65
N UNK Q 8 -168.15 31.67 82.30
CA UNK Q 8 -168.26 32.76 83.28
C UNK Q 8 -169.19 32.46 84.42
N UNK Q 9 -170.35 31.89 84.09
CA UNK Q 9 -171.36 31.57 85.08
C UNK Q 9 -170.73 30.74 86.18
N UNK Q 10 -170.02 29.68 85.78
CA UNK Q 10 -169.30 28.82 86.71
C UNK Q 10 -168.34 29.65 87.59
N UNK Q 11 -167.45 30.40 86.95
CA UNK Q 11 -166.44 31.13 87.71
C UNK Q 11 -167.08 32.12 88.72
N UNK Q 12 -168.12 32.84 88.31
CA UNK Q 12 -168.74 33.81 89.22
C UNK Q 12 -169.54 33.13 90.34
N UNK Q 13 -170.01 31.91 90.10
CA UNK Q 13 -170.67 31.18 91.18
C UNK Q 13 -169.77 30.48 92.18
N UNK Q 14 -168.51 30.23 91.83
CA UNK Q 14 -167.62 29.54 92.78
C UNK Q 14 -166.47 30.43 93.29
N UNK Q 15 -166.60 30.95 94.51
CA UNK Q 15 -165.52 31.71 95.14
C UNK Q 15 -164.15 31.07 94.95
N UNK Q 16 -163.17 31.87 94.52
CA UNK Q 16 -161.76 31.44 94.41
C UNK Q 16 -161.42 30.71 93.12
N UNK Q 17 -162.40 30.51 92.25
CA UNK Q 17 -162.07 29.98 90.93
C UNK Q 17 -161.66 31.14 90.05
N UNK Q 18 -160.71 30.90 89.16
CA UNK Q 18 -160.18 31.95 88.33
C UNK Q 18 -160.45 31.72 86.83
N UNK Q 19 -160.52 30.46 86.39
CA UNK Q 19 -160.84 30.21 85.00
C UNK Q 19 -161.46 28.85 84.70
N UNK Q 20 -162.09 28.77 83.53
CA UNK Q 20 -162.74 27.57 83.06
C UNK Q 20 -162.56 27.52 81.54
N UNK Q 21 -162.18 26.35 81.01
CA UNK Q 21 -161.87 26.17 79.61
C UNK Q 21 -162.60 24.91 79.18
N UNK Q 22 -163.39 25.03 78.13
CA UNK Q 22 -163.98 23.85 77.55
C UNK Q 22 -163.11 23.52 76.36
N UNK Q 23 -162.70 22.27 76.26
CA UNK Q 23 -161.79 21.92 75.19
C UNK Q 23 -162.17 20.58 74.61
N UNK Q 24 -161.83 20.33 73.34
CA UNK Q 24 -161.95 18.99 72.78
C UNK Q 24 -160.77 18.16 73.33
N UNK Q 25 -160.90 16.83 73.32
CA UNK Q 25 -159.95 15.91 73.96
C UNK Q 25 -158.61 15.81 73.24
N UNK Q 26 -158.57 16.28 72.00
CA UNK Q 26 -157.31 16.37 71.27
C UNK Q 26 -156.58 17.66 71.67
N UNK Q 27 -157.22 18.47 72.50
CA UNK Q 27 -156.54 19.62 73.10
C UNK Q 27 -156.83 20.99 72.52
N UNK Q 28 -157.94 21.16 71.82
CA UNK Q 28 -158.27 22.46 71.22
C UNK Q 28 -159.33 23.22 72.03
N UNK Q 29 -159.17 24.53 72.13
CA UNK Q 29 -160.04 25.37 72.95
C UNK Q 29 -161.39 25.55 72.24
N UNK Q 30 -162.50 25.31 72.95
CA UNK Q 30 -163.86 25.56 72.41
C UNK Q 30 -164.52 26.78 73.06
N UNK Q 31 -164.25 26.99 74.34
CA UNK Q 31 -164.87 28.08 75.10
C UNK Q 31 -163.97 28.39 76.33
N UNK Q 32 -163.87 29.67 76.71
CA UNK Q 32 -162.98 30.05 77.80
C UNK Q 32 -163.58 31.19 78.57
N UNK Q 33 -163.46 31.15 79.89
CA UNK Q 33 -163.50 32.37 80.68
C UNK Q 33 -162.29 32.51 81.60
N UNK Q 34 -161.63 33.66 81.60
CA UNK Q 34 -160.64 33.97 82.61
C UNK Q 34 -159.19 33.85 82.20
N UNK Q 35 -158.90 33.38 80.99
CA UNK Q 35 -157.52 33.31 80.51
C UNK Q 35 -157.49 34.01 79.17
N UNK Q 36 -156.37 34.65 78.85
CA UNK Q 36 -156.20 35.25 77.54
C UNK Q 36 -156.08 34.08 76.54
N UNK Q 37 -156.27 34.36 75.24
CA UNK Q 37 -156.29 33.30 74.21
C UNK Q 37 -155.09 32.34 74.22
N UNK Q 38 -153.89 32.88 74.19
CA UNK Q 38 -152.69 32.04 74.23
C UNK Q 38 -152.56 31.14 75.51
N UNK Q 39 -152.83 31.71 76.67
CA UNK Q 39 -152.81 30.93 77.90
C UNK Q 39 -153.85 29.81 77.83
N UNK Q 40 -155.05 30.15 77.36
CA UNK Q 40 -156.07 29.11 77.19
C UNK Q 40 -155.64 27.96 76.27
N UNK Q 41 -154.89 28.24 75.20
CA UNK Q 41 -154.39 27.17 74.35
C UNK Q 41 -153.48 26.26 75.14
N UNK Q 42 -152.60 26.88 75.92
CA UNK Q 42 -151.67 26.08 76.73
C UNK Q 42 -152.42 25.27 77.78
N UNK Q 43 -153.42 25.87 78.44
CA UNK Q 43 -154.28 25.13 79.39
C UNK Q 43 -154.93 23.92 78.73
N UNK Q 44 -155.44 24.09 77.52
CA UNK Q 44 -156.14 22.99 76.87
C UNK Q 44 -155.20 21.86 76.49
N UNK Q 45 -154.00 22.20 76.02
CA UNK Q 45 -153.00 21.19 75.69
C UNK Q 45 -152.73 20.36 76.93
N UNK Q 46 -152.52 21.03 78.06
CA UNK Q 46 -152.16 20.30 79.26
C UNK Q 46 -153.34 19.48 79.77
N UNK Q 47 -154.52 20.09 79.77
CA UNK Q 47 -155.68 19.38 80.26
C UNK Q 47 -155.97 18.13 79.43
N UNK Q 48 -155.80 18.21 78.11
CA UNK Q 48 -156.10 17.01 77.32
C UNK Q 48 -155.02 15.93 77.57
N UNK Q 49 -153.79 16.34 77.87
CA UNK Q 49 -152.73 15.39 78.20
C UNK Q 49 -153.11 14.62 79.45
N UNK Q 50 -153.48 15.39 80.49
CA UNK Q 50 -153.82 14.83 81.80
C UNK Q 50 -154.98 13.87 81.67
N UNK Q 51 -155.97 14.29 80.89
CA UNK Q 51 -157.11 13.45 80.59
C UNK Q 51 -156.78 12.12 79.88
N UNK Q 52 -156.01 12.12 78.78
CA UNK Q 52 -155.70 10.82 78.12
C UNK Q 52 -154.92 9.92 79.07
N UNK Q 53 -153.91 10.50 79.72
CA UNK Q 53 -153.07 9.69 80.65
C UNK Q 53 -153.94 9.10 81.75
N UNK Q 54 -154.84 9.91 82.30
CA UNK Q 54 -155.72 9.42 83.33
C UNK Q 54 -156.55 8.25 82.79
N UNK Q 55 -157.06 8.42 81.58
CA UNK Q 55 -157.88 7.36 81.02
C UNK Q 55 -157.07 6.07 80.79
N UNK Q 56 -155.88 6.21 80.23
CA UNK Q 56 -155.00 5.07 80.01
C UNK Q 56 -154.64 4.29 81.29
N UNK Q 57 -154.50 5.01 82.39
CA UNK Q 57 -154.29 4.33 83.66
C UNK Q 57 -155.52 3.46 83.97
N UNK Q 58 -156.73 4.01 83.79
CA UNK Q 58 -157.94 3.20 83.89
C UNK Q 58 -157.93 1.96 83.02
N UNK Q 59 -157.40 2.10 81.82
CA UNK Q 59 -157.31 0.99 80.87
C UNK Q 59 -156.26 -0.03 81.29
N UNK Q 60 -155.07 0.43 81.69
CA UNK Q 60 -154.00 -0.50 81.96
C UNK Q 60 -154.14 -1.16 83.35
N UNK Q 61 -154.82 -0.50 84.28
CA UNK Q 61 -154.81 -0.95 85.69
C UNK Q 61 -156.18 -1.13 86.29
N UNK Q 62 -157.18 -0.53 85.67
CA UNK Q 62 -158.54 -0.72 86.14
C UNK Q 62 -159.33 -1.62 85.19
N UNK Q 63 -160.62 -1.36 85.09
CA UNK Q 63 -161.43 -2.13 84.14
C UNK Q 63 -161.81 -1.26 82.95
N UNK Q 64 -161.01 -0.22 82.71
CA UNK Q 64 -161.19 0.63 81.56
C UNK Q 64 -162.45 1.47 81.72
N UNK Q 65 -162.77 1.79 82.97
CA UNK Q 65 -163.89 2.68 83.25
C UNK Q 65 -163.61 4.08 82.70
N UNK Q 66 -164.63 4.93 82.75
CA UNK Q 66 -164.45 6.30 82.34
C UNK Q 66 -163.84 7.18 83.43
N UNK Q 67 -162.95 8.09 83.03
CA UNK Q 67 -162.46 9.09 83.96
C UNK Q 67 -163.61 9.93 84.50
N UNK Q 68 -163.71 10.03 85.83
CA UNK Q 68 -164.57 11.04 86.46
C UNK Q 68 -163.85 12.39 86.41
N UNK Q 69 -162.67 12.47 87.06
CA UNK Q 69 -161.84 13.66 86.91
C UNK Q 69 -160.35 13.43 87.19
N UNK Q 70 -159.53 14.34 86.66
CA UNK Q 70 -158.14 14.47 87.03
C UNK Q 70 -157.95 15.79 87.77
N UNK Q 71 -157.25 15.73 88.90
CA UNK Q 71 -156.96 16.90 89.72
C UNK Q 71 -155.45 17.06 89.98
N UNK Q 72 -154.90 18.18 89.55
CA UNK Q 72 -153.51 18.54 89.87
C UNK Q 72 -153.53 19.49 91.05
N UNK Q 73 -152.90 19.08 92.14
CA UNK Q 73 -152.82 19.94 93.30
C UNK Q 73 -151.48 20.67 93.29
N UNK Q 74 -151.53 21.98 93.14
CA UNK Q 74 -150.30 22.79 93.13
C UNK Q 74 -150.09 23.38 94.50
N UNK Q 75 -149.08 24.23 94.67
CA UNK Q 75 -148.82 24.84 95.98
C UNK Q 75 -150.07 25.45 96.63
N UNK Q 76 -150.70 26.38 95.92
CA UNK Q 76 -151.90 27.02 96.45
C UNK Q 76 -153.05 27.12 95.43
N UNK Q 77 -152.90 26.53 94.26
CA UNK Q 77 -154.01 26.43 93.33
C UNK Q 77 -154.25 24.96 93.00
N UNK Q 78 -155.41 24.70 92.39
CA UNK Q 78 -155.77 23.38 91.89
C UNK Q 78 -156.32 23.49 90.48
N UNK Q 79 -155.97 22.50 89.66
CA UNK Q 79 -156.49 22.36 88.33
C UNK Q 79 -157.36 21.13 88.29
N UNK Q 80 -158.65 21.33 87.96
CA UNK Q 80 -159.60 20.24 87.81
C UNK Q 80 -159.89 20.03 86.33
N UNK Q 81 -159.78 18.78 85.87
CA UNK Q 81 -160.12 18.40 84.48
C UNK Q 81 -161.16 17.29 84.50
N UNK Q 82 -162.32 17.54 83.92
CA UNK Q 82 -163.34 16.48 83.89
C UNK Q 82 -163.88 16.22 82.51
N UNK Q 83 -164.50 15.06 82.38
CA UNK Q 83 -165.14 14.63 81.17
C UNK Q 83 -166.31 15.59 80.97
N UNK Q 84 -166.47 16.10 79.77
CA UNK Q 84 -167.55 17.05 79.52
C UNK Q 84 -168.46 16.56 78.41
N UNK Q 85 -168.45 15.25 78.17
CA UNK Q 85 -169.25 14.70 77.11
C UNK Q 85 -168.32 14.26 76.00
N UNK Q 86 -168.89 13.67 74.96
CA UNK Q 86 -168.15 13.06 73.87
C UNK Q 86 -167.09 13.96 73.26
N UNK Q 87 -165.85 13.53 73.39
CA UNK Q 87 -164.73 14.22 72.78
C UNK Q 87 -164.36 15.52 73.47
N UNK Q 88 -164.93 15.77 74.65
CA UNK Q 88 -164.82 17.08 75.29
C UNK Q 88 -164.45 16.94 76.75
N UNK Q 89 -163.66 17.90 77.25
CA UNK Q 89 -163.29 18.01 78.65
C UNK Q 89 -163.49 19.44 79.15
N UNK Q 90 -163.64 19.58 80.45
CA UNK Q 90 -163.76 20.86 81.09
C UNK Q 90 -162.60 20.99 82.07
N UNK Q 91 -161.91 22.13 82.05
CA UNK Q 91 -160.76 22.38 82.89
C UNK Q 91 -160.96 23.66 83.71
N UNK Q 92 -160.82 23.53 85.02
CA UNK Q 92 -161.04 24.65 85.92
C UNK Q 92 -159.84 24.87 86.83
N UNK Q 93 -159.42 26.14 86.90
CA UNK Q 93 -158.37 26.57 87.84
C UNK Q 93 -159.01 27.28 89.00
N UNK Q 94 -158.62 26.91 90.22
CA UNK Q 94 -159.18 27.51 91.41
C UNK Q 94 -158.12 27.61 92.51
N UNK Q 95 -158.33 28.54 93.43
CA UNK Q 95 -157.53 28.62 94.64
C UNK Q 95 -157.86 27.47 95.57
N UNK Q 96 -156.87 27.08 96.36
CA UNK Q 96 -157.01 26.13 97.45
C UNK Q 96 -158.16 26.49 98.39
N UNK Q 97 -158.42 27.79 98.54
CA UNK Q 97 -159.57 28.22 99.34
C UNK Q 97 -160.90 27.70 98.79
N UNK Q 98 -160.99 27.50 97.47
CA UNK Q 98 -162.26 27.06 96.86
C UNK Q 98 -162.75 25.78 97.53
N UNK Q 99 -164.04 25.77 97.84
CA UNK Q 99 -164.73 24.58 98.31
C UNK Q 99 -164.84 23.58 97.16
N UNK Q 100 -164.16 22.42 97.24
CA UNK Q 100 -164.12 21.49 96.10
C UNK Q 100 -165.42 20.70 95.94
N UNK Q 101 -166.26 20.78 96.96
CA UNK Q 101 -167.59 20.19 96.90
C UNK Q 101 -168.55 21.04 96.06
N UNK Q 102 -168.55 22.35 96.29
CA UNK Q 102 -169.37 23.26 95.51
C UNK Q 102 -168.84 23.26 94.08
N UNK Q 103 -167.52 23.38 93.99
CA UNK Q 103 -166.87 23.35 92.69
C UNK Q 103 -167.23 22.09 91.91
N UNK Q 104 -167.21 20.94 92.58
CA UNK Q 104 -167.54 19.69 91.93
C UNK Q 104 -168.97 19.67 91.38
N UNK Q 105 -169.93 20.16 92.16
CA UNK Q 105 -171.28 20.14 91.63
C UNK Q 105 -171.52 21.20 90.55
N UNK Q 106 -170.84 22.34 90.63
CA UNK Q 106 -171.04 23.36 89.61
C UNK Q 106 -170.44 22.85 88.31
N UNK Q 107 -169.32 22.12 88.41
CA UNK Q 107 -168.72 21.55 87.22
C UNK Q 107 -169.65 20.53 86.58
N UNK Q 108 -170.23 19.68 87.42
CA UNK Q 108 -171.14 18.67 86.90
C UNK Q 108 -172.33 19.36 86.25
N UNK Q 109 -172.73 20.50 86.79
CA UNK Q 109 -173.87 21.19 86.22
C UNK Q 109 -173.57 21.85 84.89
N UNK Q 110 -172.35 22.39 84.77
CA UNK Q 110 -171.90 22.96 83.52
C UNK Q 110 -171.90 21.90 82.41
N UNK Q 111 -171.43 20.69 82.75
CA UNK Q 111 -171.41 19.55 81.84
C UNK Q 111 -172.81 19.16 81.35
N UNK Q 112 -173.78 19.12 82.26
CA UNK Q 112 -175.13 18.80 81.82
C UNK Q 112 -175.67 19.88 80.86
N UNK Q 113 -175.21 21.13 81.02
CA UNK Q 113 -175.75 22.19 80.16
C UNK Q 113 -175.09 22.25 78.80
N UNK Q 114 -173.82 21.86 78.74
CA UNK Q 114 -173.04 21.85 77.51
C UNK Q 114 -173.57 20.75 76.61
N UNK Q 115 -174.09 19.70 77.23
CA UNK Q 115 -174.49 18.51 76.52
C UNK Q 115 -175.37 18.75 75.26
N UNK Q 116 -176.47 19.51 75.38
CA UNK Q 116 -177.27 19.54 74.13
C UNK Q 116 -176.52 20.23 73.02
N UNK Q 117 -175.51 21.07 73.34
CA UNK Q 117 -174.73 21.73 72.29
C UNK Q 117 -173.81 20.78 71.54
N UNK Q 118 -173.23 19.85 72.27
CA UNK Q 118 -172.36 18.87 71.64
C UNK Q 118 -173.17 17.81 70.92
N UNK Q 119 -174.43 17.64 71.34
CA UNK Q 119 -175.35 16.70 70.68
C UNK Q 119 -176.11 17.33 69.50
N UNK Q 120 -175.68 18.53 69.08
CA UNK Q 120 -176.40 19.26 68.05
C UNK Q 120 -175.97 18.85 66.65
N UNK R 1 -127.77 -0.15 98.93
CA UNK R 1 -129.16 0.29 98.81
C UNK R 1 -130.11 -0.68 99.52
N UNK R 2 -131.01 -0.15 100.34
CA UNK R 2 -131.98 -0.99 101.06
C UNK R 2 -133.31 -1.14 100.32
N UNK R 3 -133.92 -2.31 100.49
CA UNK R 3 -135.14 -2.66 99.75
C UNK R 3 -136.35 -2.07 100.46
N UNK R 4 -137.06 -1.21 99.73
CA UNK R 4 -138.20 -0.51 100.29
C UNK R 4 -139.51 -1.17 99.92
N UNK R 5 -139.45 -2.30 99.23
CA UNK R 5 -140.68 -3.00 98.92
C UNK R 5 -141.55 -3.22 100.17
N UNK R 6 -140.92 -3.51 101.32
CA UNK R 6 -141.68 -3.82 102.54
C UNK R 6 -142.41 -2.59 103.01
N UNK R 7 -141.76 -1.43 102.86
CA UNK R 7 -142.44 -0.16 103.15
C UNK R 7 -143.64 0.08 102.24
N UNK R 8 -143.54 -0.34 100.98
CA UNK R 8 -144.67 -0.21 100.06
C UNK R 8 -145.82 -1.12 100.54
N UNK R 9 -145.50 -2.37 100.90
CA UNK R 9 -146.54 -3.26 101.43
C UNK R 9 -147.21 -2.66 102.63
N UNK R 10 -146.41 -2.10 103.52
CA UNK R 10 -146.94 -1.56 104.76
C UNK R 10 -148.07 -0.62 104.45
N UNK R 11 -147.86 0.24 103.45
CA UNK R 11 -148.91 1.20 103.09
C UNK R 11 -150.14 0.49 102.57
N UNK R 12 -149.95 -0.48 101.69
CA UNK R 12 -151.07 -1.24 101.15
C UNK R 12 -151.88 -1.96 102.25
N UNK R 13 -151.19 -2.48 103.27
CA UNK R 13 -151.84 -3.14 104.41
C UNK R 13 -152.67 -2.22 105.33
N UNK R 14 -152.11 -1.07 105.66
CA UNK R 14 -152.72 -0.12 106.59
C UNK R 14 -153.95 0.64 106.06
N UNK R 15 -154.18 0.61 104.74
CA UNK R 15 -155.27 1.37 104.19
C UNK R 15 -156.13 0.46 103.32
N UNK R 16 -157.28 0.07 103.86
CA UNK R 16 -158.28 -0.79 103.21
C UNK R 16 -158.64 -0.27 101.84
N UNK R 17 -158.72 -1.16 100.87
CA UNK R 17 -159.07 -0.85 99.48
C UNK R 17 -157.90 -0.30 98.64
N UNK R 18 -156.79 0.01 99.29
CA UNK R 18 -155.56 0.28 98.57
C UNK R 18 -155.13 -1.01 97.91
N UNK R 19 -154.34 -0.91 96.86
CA UNK R 19 -154.15 -2.06 95.98
C UNK R 19 -152.66 -2.25 95.56
N UNK R 20 -151.93 -1.15 95.39
CA UNK R 20 -150.53 -1.22 95.01
C UNK R 20 -149.89 0.12 95.27
N UNK R 21 -148.56 0.14 95.41
CA UNK R 21 -147.81 1.35 95.68
C UNK R 21 -146.51 1.22 94.92
N UNK R 22 -146.15 2.24 94.13
CA UNK R 22 -144.91 2.23 93.39
C UNK R 22 -144.14 3.51 93.74
N UNK R 23 -142.86 3.35 94.09
CA UNK R 23 -141.94 4.46 94.18
C UNK R 23 -141.21 4.53 92.86
N UNK R 24 -141.15 5.69 92.23
CA UNK R 24 -140.48 5.82 90.94
C UNK R 24 -139.64 7.10 90.88
N UNK R 25 -138.62 7.09 90.03
CA UNK R 25 -137.90 8.31 89.71
C UNK R 25 -138.82 9.17 88.83
N UNK R 26 -138.61 10.47 88.87
CA UNK R 26 -139.44 11.36 88.06
C UNK R 26 -139.27 11.13 86.56
N UNK R 27 -138.19 10.45 86.18
CA UNK R 27 -137.97 10.10 84.77
C UNK R 27 -138.59 8.74 84.44
N UNK R 28 -139.29 8.16 85.41
CA UNK R 28 -140.14 7.02 85.14
C UNK R 28 -139.59 5.63 85.38
N UNK R 29 -138.55 5.54 86.22
CA UNK R 29 -137.96 4.25 86.53
C UNK R 29 -138.40 3.77 87.90
N UNK R 30 -138.79 2.50 87.97
CA UNK R 30 -139.26 1.91 89.20
C UNK R 30 -138.12 1.76 90.20
N UNK R 31 -138.35 2.18 91.44
CA UNK R 31 -137.37 1.98 92.51
C UNK R 31 -137.87 0.92 93.51
N UNK R 32 -139.16 0.89 93.74
CA UNK R 32 -139.69 -0.02 94.73
C UNK R 32 -141.18 -0.21 94.48
N UNK R 33 -141.72 -1.37 94.84
CA UNK R 33 -143.11 -1.65 94.49
C UNK R 33 -143.72 -2.70 95.38
N UNK R 34 -145.01 -2.58 95.62
CA UNK R 34 -145.76 -3.70 96.11
C UNK R 34 -147.14 -3.75 95.42
N UNK R 35 -147.56 -4.94 94.99
CA UNK R 35 -148.91 -5.13 94.47
C UNK R 35 -148.99 -5.15 92.95
N UNK R 36 -147.87 -4.91 92.30
CA UNK R 36 -147.80 -5.01 90.83
C UNK R 36 -146.64 -5.90 90.42
N UNK R 37 -146.90 -6.80 89.47
CA UNK R 37 -145.82 -7.54 88.83
C UNK R 37 -144.88 -6.55 88.11
N UNK R 38 -143.66 -6.99 87.77
CA UNK R 38 -142.64 -6.04 87.32
C UNK R 38 -142.92 -5.29 86.00
N UNK R 39 -143.63 -5.91 85.07
CA UNK R 39 -143.99 -5.22 83.84
C UNK R 39 -145.07 -4.18 84.07
N UNK R 40 -146.05 -4.51 84.91
CA UNK R 40 -147.07 -3.55 85.26
C UNK R 40 -146.46 -2.36 86.02
N UNK R 41 -145.50 -2.67 86.91
CA UNK R 41 -144.86 -1.63 87.70
C UNK R 41 -144.12 -0.68 86.76
N UNK R 42 -143.49 -1.22 85.72
CA UNK R 42 -142.85 -0.39 84.71
C UNK R 42 -143.84 0.53 84.02
N UNK R 43 -145.03 0.01 83.73
CA UNK R 43 -146.04 0.82 83.09
C UNK R 43 -146.55 1.87 84.05
N UNK R 44 -146.80 1.48 85.29
CA UNK R 44 -147.20 2.45 86.30
C UNK R 44 -146.19 3.61 86.40
N UNK R 45 -144.91 3.28 86.44
CA UNK R 45 -143.89 4.32 86.54
C UNK R 45 -143.94 5.23 85.32
N UNK R 46 -144.20 4.65 84.15
CA UNK R 46 -144.23 5.42 82.93
C UNK R 46 -145.42 6.38 82.99
N UNK R 47 -146.62 5.85 83.17
CA UNK R 47 -147.79 6.70 83.28
C UNK R 47 -147.65 7.74 84.38
N UNK R 48 -147.19 7.32 85.57
CA UNK R 48 -147.17 8.23 86.70
C UNK R 48 -146.15 9.36 86.47
N UNK R 49 -145.01 9.04 85.85
CA UNK R 49 -144.05 10.09 85.54
C UNK R 49 -144.62 11.07 84.48
N UNK R 50 -145.45 10.58 83.57
CA UNK R 50 -146.13 11.47 82.63
C UNK R 50 -147.12 12.41 83.34
N UNK R 51 -147.90 11.87 84.28
CA UNK R 51 -148.86 12.68 85.04
C UNK R 51 -148.11 13.75 85.82
N UNK R 52 -147.04 13.32 86.46
CA UNK R 52 -146.22 14.18 87.28
C UNK R 52 -145.59 15.29 86.40
N UNK R 53 -145.17 14.93 85.19
CA UNK R 53 -144.58 15.92 84.29
C UNK R 53 -145.60 17.01 83.80
N UNK R 54 -146.83 16.59 83.54
CA UNK R 54 -147.88 17.53 83.14
C UNK R 54 -148.27 18.43 84.31
N UNK R 55 -148.42 17.83 85.49
CA UNK R 55 -148.63 18.60 86.69
C UNK R 55 -147.53 19.66 86.87
N UNK R 56 -146.29 19.27 86.62
CA UNK R 56 -145.18 20.18 86.80
C UNK R 56 -145.34 21.35 85.87
N UNK R 57 -145.63 21.04 84.59
CA UNK R 57 -145.83 22.10 83.61
C UNK R 57 -146.96 23.03 84.02
N UNK R 58 -148.04 22.47 84.52
CA UNK R 58 -149.16 23.28 85.01
C UNK R 58 -148.64 24.20 86.12
N UNK R 59 -147.93 23.65 87.11
CA UNK R 59 -147.39 24.47 88.18
C UNK R 59 -146.58 25.64 87.65
N UNK R 60 -145.63 25.34 86.76
CA UNK R 60 -144.77 26.35 86.19
C UNK R 60 -145.58 27.48 85.56
N UNK R 61 -146.65 27.12 84.87
CA UNK R 61 -147.37 28.07 84.04
C UNK R 61 -148.53 28.76 84.77
N UNK R 62 -149.26 28.00 85.56
CA UNK R 62 -150.49 28.51 86.16
C UNK R 62 -150.39 28.48 87.70
N UNK R 63 -149.31 27.94 88.25
CA UNK R 63 -149.20 27.83 89.68
C UNK R 63 -148.26 28.89 90.23
N UNK R 64 -147.81 28.69 91.45
CA UNK R 64 -146.82 29.61 91.99
C UNK R 64 -145.44 29.09 91.62
N UNK R 65 -145.33 28.60 90.39
CA UNK R 65 -144.09 28.08 89.85
C UNK R 65 -143.52 26.93 90.65
N UNK R 66 -144.04 26.75 91.86
CA UNK R 66 -143.60 25.69 92.75
C UNK R 66 -143.97 24.32 92.23
N UNK R 67 -143.55 23.29 92.95
CA UNK R 67 -143.76 21.93 92.50
C UNK R 67 -145.18 21.48 92.69
N UNK R 68 -145.54 20.44 91.96
CA UNK R 68 -146.83 19.79 92.09
C UNK R 68 -146.81 19.12 93.44
N UNK R 69 -147.91 19.17 94.17
CA UNK R 69 -148.02 18.37 95.40
C UNK R 69 -148.47 16.97 95.06
N UNK R 70 -149.52 16.86 94.23
CA UNK R 70 -150.11 15.57 93.88
C UNK R 70 -150.99 15.65 92.62
N UNK R 71 -151.03 14.55 91.87
CA UNK R 71 -151.99 14.40 90.78
C UNK R 71 -152.84 13.22 91.18
N UNK R 72 -154.15 13.44 91.09
CA UNK R 72 -155.13 12.41 91.44
C UNK R 72 -156.02 12.14 90.24
N UNK R 73 -156.02 10.88 89.78
CA UNK R 73 -156.94 10.41 88.74
C UNK R 73 -158.07 9.62 89.39
N UNK R 74 -159.28 10.15 89.23
CA UNK R 74 -160.46 9.50 89.75
C UNK R 74 -161.19 8.84 88.60
N UNK R 75 -161.20 7.50 88.59
CA UNK R 75 -161.95 6.79 87.57
C UNK R 75 -163.21 6.26 88.17
N UNK R 76 -163.95 5.51 87.38
CA UNK R 76 -165.23 5.03 87.85
C UNK R 76 -165.18 4.17 89.10
N UNK R 77 -164.26 3.22 89.18
CA UNK R 77 -164.19 2.32 90.33
C UNK R 77 -162.88 2.42 91.10
N UNK R 78 -161.92 3.12 90.53
CA UNK R 78 -160.60 3.19 91.16
C UNK R 78 -160.00 4.62 91.19
N UNK R 79 -158.97 4.80 92.01
CA UNK R 79 -158.23 6.05 92.14
C UNK R 79 -156.75 5.82 91.94
N UNK R 80 -156.08 6.81 91.36
CA UNK R 80 -154.65 6.76 91.27
C UNK R 80 -154.16 8.08 91.85
N UNK R 81 -153.32 7.97 92.90
CA UNK R 81 -152.70 9.14 93.54
C UNK R 81 -151.24 9.14 93.19
N UNK R 82 -150.77 10.24 92.63
CA UNK R 82 -149.34 10.36 92.36
C UNK R 82 -148.82 11.56 93.17
N UNK R 83 -147.98 11.33 94.19
CA UNK R 83 -147.43 12.46 94.95
C UNK R 83 -145.92 12.62 94.85
N UNK R 84 -145.45 13.84 95.08
CA UNK R 84 -144.02 14.10 95.20
C UNK R 84 -143.44 13.43 96.44
N UNK R 85 -142.21 12.95 96.34
CA UNK R 85 -141.63 12.08 97.35
C UNK R 85 -140.19 12.48 97.67
N UNK R 86 -139.80 13.67 97.21
CA UNK R 86 -138.46 14.17 97.45
C UNK R 86 -137.42 13.50 96.56
N UNK R 87 -136.25 14.11 96.46
CA UNK R 87 -135.12 13.49 95.80
C UNK R 87 -135.48 13.03 94.39
N UNK R 88 -136.36 13.79 93.73
CA UNK R 88 -136.68 13.54 92.34
C UNK R 88 -137.39 12.21 92.14
N UNK R 89 -138.33 11.90 93.03
CA UNK R 89 -139.09 10.66 92.96
C UNK R 89 -140.57 10.93 93.24
N UNK R 90 -141.42 9.96 92.94
CA UNK R 90 -142.87 10.09 93.10
C UNK R 90 -143.36 8.78 93.67
N UNK R 91 -144.48 8.86 94.37
CA UNK R 91 -145.11 7.68 94.92
C UNK R 91 -146.44 7.59 94.19
N UNK R 92 -146.71 6.46 93.53
CA UNK R 92 -147.96 6.26 92.84
C UNK R 92 -148.69 5.13 93.55
N UNK R 93 -149.91 5.42 93.98
CA UNK R 93 -150.78 4.46 94.67
C UNK R 93 -152.16 4.28 94.00
N UNK R 94 -152.54 3.03 93.76
CA UNK R 94 -153.86 2.67 93.26
C UNK R 94 -154.77 2.16 94.38
N UNK R 95 -156.03 2.57 94.39
CA UNK R 95 -156.99 2.09 95.38
C UNK R 95 -158.39 2.11 94.79
N UNK R 96 -159.27 1.27 95.34
CA UNK R 96 -160.68 1.29 95.01
C UNK R 96 -161.28 2.58 95.55
N UNK R 97 -162.35 3.09 94.93
CA UNK R 97 -162.92 4.36 95.40
C UNK R 97 -163.54 4.26 96.79
N UNK R 98 -163.65 3.05 97.32
CA UNK R 98 -164.13 2.86 98.69
C UNK R 98 -163.14 3.29 99.75
N UNK R 99 -161.92 3.63 99.33
CA UNK R 99 -160.90 4.01 100.30
C UNK R 99 -161.17 5.43 100.79
N UNK R 100 -160.80 5.72 102.04
CA UNK R 100 -160.89 7.07 102.60
C UNK R 100 -159.68 7.89 102.21
N UNK R 101 -159.88 8.90 101.37
CA UNK R 101 -158.78 9.61 100.72
C UNK R 101 -158.12 10.65 101.62
N UNK R 102 -158.74 10.92 102.77
CA UNK R 102 -158.11 11.75 103.77
C UNK R 102 -157.08 10.88 104.48
N UNK R 103 -157.53 9.73 104.97
CA UNK R 103 -156.64 8.70 105.55
C UNK R 103 -155.51 8.31 104.59
N UNK R 104 -155.87 7.96 103.36
CA UNK R 104 -154.91 7.43 102.44
C UNK R 104 -153.89 8.50 102.17
N UNK R 105 -154.33 9.75 102.25
CA UNK R 105 -153.46 10.86 101.95
C UNK R 105 -152.51 11.08 103.11
N UNK R 106 -153.00 10.84 104.33
CA UNK R 106 -152.17 11.00 105.53
C UNK R 106 -151.08 9.93 105.56
N UNK R 107 -151.48 8.68 105.41
CA UNK R 107 -150.58 7.53 105.27
C UNK R 107 -149.55 7.64 104.14
N UNK R 108 -149.97 8.16 102.99
CA UNK R 108 -149.03 8.40 101.90
C UNK R 108 -147.97 9.45 102.27
N UNK R 109 -148.39 10.56 102.87
CA UNK R 109 -147.41 11.54 103.33
C UNK R 109 -146.51 10.93 104.41
N UNK R 110 -147.06 10.11 105.32
CA UNK R 110 -146.22 9.46 106.34
C UNK R 110 -145.17 8.56 105.66
N UNK R 111 -145.64 7.76 104.71
CA UNK R 111 -144.75 6.90 103.93
C UNK R 111 -143.62 7.67 103.26
N UNK R 112 -143.97 8.75 102.58
CA UNK R 112 -142.95 9.62 102.00
C UNK R 112 -141.90 10.08 103.03
N UNK R 113 -142.35 10.53 104.19
CA UNK R 113 -141.38 10.96 105.17
C UNK R 113 -140.55 9.78 105.68
N UNK R 114 -141.13 8.59 105.71
CA UNK R 114 -140.40 7.45 106.29
C UNK R 114 -139.34 6.97 105.29
N UNK R 115 -139.61 7.10 103.99
CA UNK R 115 -138.62 6.65 103.00
C UNK R 115 -137.54 7.69 102.74
N UNK R 116 -137.77 8.91 103.18
CA UNK R 116 -136.87 10.04 102.93
C UNK R 116 -135.39 9.73 103.16
N UNK R 117 -135.02 9.18 104.33
CA UNK R 117 -133.61 8.95 104.61
C UNK R 117 -132.93 7.98 103.65
N UNK R 118 -133.71 7.07 103.06
CA UNK R 118 -133.12 6.05 102.21
C UNK R 118 -132.90 6.73 100.87
N UNK R 119 -133.84 7.59 100.49
CA UNK R 119 -133.74 8.33 99.23
C UNK R 119 -132.56 9.29 99.18
N UNK R 120 -131.84 9.45 100.28
CA UNK R 120 -130.69 10.33 100.29
C UNK R 120 -129.43 9.52 100.48
#